data_6YFE
#
_entry.id   6YFE
#
_cell.length_a   298.111
_cell.length_b   325.048
_cell.length_c   346.016
_cell.angle_alpha   90.000
_cell.angle_beta   90.000
_cell.angle_gamma   90.000
#
_symmetry.space_group_name_H-M   'P 21 21 2'
#
loop_
_entity.id
_entity.type
_entity.pdbx_description
1 polymer 'coat protein'
2 non-polymer 'CALCIUM ION'
#
_entity_poly.entity_id   1
_entity_poly.type   'polypeptide(L)'
_entity_poly.pdbx_seq_one_letter_code
;PALKPITLTDHSSADVIFTPTQIDKNGVAYFRHLQANGKPIGAYTVSSHVKEPGTNGDVFRVKLFVNVPEVATITPNGSD
TSSVEIARTNRAQVEFILPAQSAATVREDLVALLASALADTAIKSTIVNVEHFY
;
_entity_poly.pdbx_strand_id   AA,AB,AC,AD,AE,AF,AG,AH,AI,AJ,AK,AL,AM,AN,AO,AP,AQ,AR,AS,AT,AU,AV,AW,AX,AY,AZ,BA,BB,BC,BD,BE,BF,BG,BH,BI,BJ,BK,BL,BM,BN,BO,BP,BQ,BR,BS,BT,BU,BV,BW,BX,BY,BZ,CA,CB,CC,CD,CE,CF,CG,CH,CI,CJ,CK,CL,CM,CN,CO,CP,CQ,CR,CS,CT,CU,CV,CW,CX,CY,CZ,DA,DB,DC,DD,DE,DF,DG,DH,DI,DJ,DK,DL
#
loop_
_chem_comp.id
_chem_comp.type
_chem_comp.name
_chem_comp.formula
CA non-polymer 'CALCIUM ION' 'Ca 2'
#
# COMPACT_ATOMS: atom_id res chain seq x y z
N PRO A 1 -3.18 70.13 -21.62
CA PRO A 1 -3.68 70.41 -22.98
C PRO A 1 -4.88 69.52 -23.29
N ALA A 2 -6.04 70.16 -23.45
CA ALA A 2 -7.24 69.47 -23.88
C ALA A 2 -6.98 68.70 -25.18
N LEU A 3 -7.30 67.41 -25.16
CA LEU A 3 -7.04 66.54 -26.30
C LEU A 3 -7.73 67.09 -27.54
N LYS A 4 -6.93 67.39 -28.56
CA LYS A 4 -7.39 68.02 -29.78
C LYS A 4 -6.58 67.47 -30.94
N PRO A 5 -7.20 67.27 -32.10
CA PRO A 5 -6.42 66.84 -33.27
C PRO A 5 -5.39 67.89 -33.61
N ILE A 6 -4.17 67.43 -33.87
CA ILE A 6 -3.07 68.36 -34.07
C ILE A 6 -2.53 68.16 -35.48
N THR A 7 -2.05 69.24 -36.07
CA THR A 7 -1.53 69.23 -37.44
C THR A 7 -0.02 69.37 -37.41
N LEU A 8 0.68 68.45 -38.08
CA LEU A 8 2.14 68.43 -38.16
C LEU A 8 2.57 68.44 -39.62
N THR A 9 3.73 69.03 -39.89
CA THR A 9 4.24 69.12 -41.25
C THR A 9 5.19 67.96 -41.58
N ASP A 10 5.02 67.38 -42.78
CA ASP A 10 5.86 66.28 -43.23
C ASP A 10 7.11 66.84 -43.90
N HIS A 11 7.78 66.02 -44.72
CA HIS A 11 9.00 66.50 -45.32
C HIS A 11 8.76 67.61 -46.33
N SER A 12 7.68 67.50 -47.10
CA SER A 12 7.32 68.52 -48.08
C SER A 12 6.64 69.73 -47.45
N SER A 13 6.66 69.84 -46.13
CA SER A 13 6.00 70.87 -45.34
C SER A 13 4.49 70.91 -45.54
N ALA A 14 3.92 69.86 -46.15
CA ALA A 14 2.48 69.72 -46.24
C ALA A 14 1.89 69.37 -44.88
N ASP A 15 0.61 69.67 -44.72
CA ASP A 15 -0.04 69.39 -43.45
C ASP A 15 -0.41 67.91 -43.33
N VAL A 16 -0.36 67.41 -42.11
CA VAL A 16 -0.67 66.02 -41.78
C VAL A 16 -1.44 66.05 -40.46
N ILE A 17 -2.72 65.69 -40.51
CA ILE A 17 -3.63 65.87 -39.39
C ILE A 17 -3.71 64.57 -38.61
N PHE A 18 -3.29 64.61 -37.34
CA PHE A 18 -3.40 63.49 -36.42
C PHE A 18 -4.63 63.69 -35.54
N THR A 19 -5.58 62.78 -35.64
CA THR A 19 -6.78 62.83 -34.81
C THR A 19 -6.56 62.03 -33.53
N PRO A 20 -7.08 62.49 -32.39
CA PRO A 20 -6.94 61.72 -31.16
C PRO A 20 -7.72 60.42 -31.26
N THR A 21 -7.08 59.34 -30.82
CA THR A 21 -7.65 58.00 -30.83
C THR A 21 -8.06 57.53 -29.45
N GLN A 22 -7.18 57.66 -28.46
CA GLN A 22 -7.39 56.97 -27.19
C GLN A 22 -6.53 57.63 -26.11
N ILE A 23 -7.05 57.60 -24.89
CA ILE A 23 -6.27 57.90 -23.70
C ILE A 23 -6.13 56.60 -22.92
N ASP A 24 -4.90 56.19 -22.66
CA ASP A 24 -4.60 54.85 -22.19
C ASP A 24 -4.95 54.70 -20.71
N LYS A 25 -4.87 53.45 -20.23
CA LYS A 25 -5.01 53.21 -18.80
C LYS A 25 -3.84 53.79 -18.03
N ASN A 26 -2.68 53.88 -18.65
CA ASN A 26 -1.47 54.37 -18.01
C ASN A 26 -1.28 55.87 -18.19
N GLY A 27 -2.21 56.54 -18.85
CA GLY A 27 -2.07 57.95 -19.14
C GLY A 27 -1.51 58.28 -20.50
N VAL A 28 -1.30 57.27 -21.35
CA VAL A 28 -0.77 57.50 -22.68
C VAL A 28 -1.87 58.00 -23.59
N ALA A 29 -1.59 59.08 -24.32
CA ALA A 29 -2.53 59.66 -25.27
C ALA A 29 -2.02 59.41 -26.68
N TYR A 30 -2.89 58.89 -27.55
CA TYR A 30 -2.52 58.47 -28.88
C TYR A 30 -3.22 59.32 -29.94
N PHE A 31 -2.45 59.87 -30.86
CA PHE A 31 -2.98 60.51 -32.06
C PHE A 31 -2.61 59.67 -33.27
N ARG A 32 -3.56 59.46 -34.18
CA ARG A 32 -3.33 58.63 -35.34
C ARG A 32 -3.66 59.37 -36.62
N HIS A 33 -2.95 58.98 -37.68
CA HIS A 33 -3.20 59.42 -39.04
C HIS A 33 -3.15 58.18 -39.91
N LEU A 34 -4.26 57.86 -40.58
CA LEU A 34 -4.40 56.62 -41.32
C LEU A 34 -3.50 56.63 -42.55
N GLN A 35 -3.24 55.43 -43.08
CA GLN A 35 -2.40 55.29 -44.27
C GLN A 35 -3.16 55.75 -45.51
N ALA A 36 -2.49 55.59 -46.66
CA ALA A 36 -3.12 55.89 -47.94
C ALA A 36 -4.44 55.14 -48.10
N ASN A 37 -4.41 53.82 -47.92
CA ASN A 37 -5.64 53.05 -47.92
C ASN A 37 -6.49 53.41 -46.71
N GLY A 38 -7.81 53.27 -46.87
CA GLY A 38 -8.73 53.59 -45.79
C GLY A 38 -8.64 52.64 -44.62
N LYS A 39 -7.85 51.60 -44.78
CA LYS A 39 -7.68 50.54 -43.80
C LYS A 39 -6.76 51.01 -42.68
N PRO A 40 -7.12 50.74 -41.42
CA PRO A 40 -6.36 51.29 -40.28
C PRO A 40 -5.25 50.39 -39.75
N ILE A 41 -4.86 49.32 -40.45
CA ILE A 41 -4.03 48.29 -39.83
C ILE A 41 -2.64 48.84 -39.49
N GLY A 42 -2.05 49.63 -40.38
CA GLY A 42 -0.84 50.35 -40.05
C GLY A 42 -1.14 51.83 -40.16
N ALA A 43 -0.68 52.62 -39.20
CA ALA A 43 -1.02 54.04 -39.23
C ALA A 43 0.05 54.84 -38.50
N TYR A 44 0.24 56.08 -38.96
CA TYR A 44 1.17 56.98 -38.29
C TYR A 44 0.63 57.34 -36.92
N THR A 45 1.48 57.30 -35.91
CA THR A 45 1.03 57.53 -34.54
C THR A 45 1.94 58.48 -33.79
N VAL A 46 1.35 59.21 -32.86
CA VAL A 46 2.06 60.08 -31.94
C VAL A 46 1.54 59.81 -30.54
N SER A 47 2.44 59.36 -29.66
CA SER A 47 2.11 58.99 -28.30
C SER A 47 2.69 60.03 -27.34
N SER A 48 1.89 60.44 -26.36
CA SER A 48 2.36 61.37 -25.35
C SER A 48 1.96 60.88 -23.98
N HIS A 49 2.95 60.70 -23.10
CA HIS A 49 2.67 60.30 -21.73
C HIS A 49 3.65 60.97 -20.79
N VAL A 50 3.13 61.63 -19.76
CA VAL A 50 3.98 62.26 -18.76
C VAL A 50 3.76 61.56 -17.43
N LYS A 51 4.86 61.17 -16.79
CA LYS A 51 4.86 60.42 -15.54
C LYS A 51 5.32 61.36 -14.43
N GLU A 52 4.40 61.68 -13.53
CA GLU A 52 4.71 62.55 -12.40
C GLU A 52 5.59 61.80 -11.41
N PRO A 53 6.37 62.52 -10.61
CA PRO A 53 7.28 61.86 -9.67
C PRO A 53 6.56 61.35 -8.43
N GLY A 54 7.22 60.40 -7.77
CA GLY A 54 6.68 59.80 -6.56
C GLY A 54 7.66 59.85 -5.42
N THR A 55 7.11 59.94 -4.20
CA THR A 55 7.93 60.10 -2.99
C THR A 55 8.86 61.30 -3.13
N ASN A 56 8.26 62.45 -3.46
CA ASN A 56 8.99 63.67 -3.76
C ASN A 56 10.12 63.42 -4.75
N GLY A 57 9.86 62.54 -5.72
CA GLY A 57 10.86 62.25 -6.73
C GLY A 57 11.27 63.53 -7.45
N ASP A 58 12.57 63.65 -7.70
CA ASP A 58 13.05 64.86 -8.32
C ASP A 58 12.56 65.03 -9.75
N VAL A 59 12.08 63.95 -10.38
CA VAL A 59 12.03 63.87 -11.84
C VAL A 59 10.60 63.63 -12.31
N PHE A 60 10.12 64.51 -13.19
CA PHE A 60 9.08 64.20 -14.17
C PHE A 60 9.72 63.47 -15.35
N ARG A 61 9.00 62.47 -15.88
CA ARG A 61 9.47 61.75 -17.08
C ARG A 61 8.41 61.89 -18.17
N VAL A 62 8.69 62.74 -19.16
CA VAL A 62 7.71 63.10 -20.18
C VAL A 62 8.17 62.51 -21.51
N LYS A 63 7.29 61.72 -22.14
CA LYS A 63 7.68 60.91 -23.28
C LYS A 63 6.82 61.23 -24.48
N LEU A 64 7.48 61.34 -25.64
CA LEU A 64 6.87 61.65 -26.92
C LEU A 64 7.36 60.63 -27.95
N PHE A 65 6.43 59.93 -28.59
CA PHE A 65 6.74 58.91 -29.57
C PHE A 65 6.12 59.27 -30.90
N VAL A 66 6.89 59.08 -31.98
CA VAL A 66 6.43 59.34 -33.34
C VAL A 66 6.75 58.10 -34.16
N ASN A 67 5.72 57.33 -34.52
CA ASN A 67 5.88 56.07 -35.23
C ASN A 67 5.35 56.22 -36.65
N VAL A 68 6.21 55.90 -37.62
CA VAL A 68 5.92 55.99 -39.04
C VAL A 68 6.05 54.60 -39.65
N PRO A 69 4.95 53.88 -39.83
CA PRO A 69 5.02 52.58 -40.51
C PRO A 69 4.91 52.70 -42.02
N GLU A 70 5.66 51.82 -42.69
CA GLU A 70 5.47 51.50 -44.10
C GLU A 70 4.71 50.19 -44.18
N VAL A 71 3.52 50.23 -44.78
CA VAL A 71 2.69 49.06 -44.96
C VAL A 71 2.85 48.55 -46.39
N ALA A 72 2.56 47.26 -46.57
CA ALA A 72 2.61 46.64 -47.89
C ALA A 72 1.31 45.90 -48.15
N THR A 73 0.84 46.00 -49.38
CA THR A 73 -0.42 45.38 -49.79
C THR A 73 -0.11 44.03 -50.42
N ILE A 74 -0.41 42.96 -49.69
CA ILE A 74 -0.17 41.60 -50.17
C ILE A 74 -1.46 41.04 -50.72
N THR A 75 -1.44 40.60 -51.98
CA THR A 75 -2.60 39.99 -52.61
C THR A 75 -2.17 38.61 -53.10
N PRO A 76 -2.77 37.53 -52.62
CA PRO A 76 -2.33 36.18 -53.01
C PRO A 76 -2.52 35.94 -54.50
N ASN A 77 -1.87 34.88 -54.98
CA ASN A 77 -1.80 34.63 -56.42
C ASN A 77 -3.18 34.36 -56.99
N GLY A 78 -3.59 35.20 -57.94
CA GLY A 78 -4.88 35.05 -58.61
C GLY A 78 -6.08 35.27 -57.72
N SER A 79 -5.99 36.22 -56.79
CA SER A 79 -7.05 36.48 -55.82
C SER A 79 -7.74 37.80 -56.12
N ASP A 80 -9.01 37.88 -55.73
CA ASP A 80 -9.78 39.10 -55.93
C ASP A 80 -9.35 40.18 -54.96
N THR A 81 -9.31 39.86 -53.67
CA THR A 81 -9.09 40.86 -52.63
C THR A 81 -7.69 40.75 -52.05
N SER A 82 -7.18 41.90 -51.59
CA SER A 82 -5.85 42.01 -51.01
C SER A 82 -5.96 42.37 -49.54
N SER A 83 -4.98 41.90 -48.76
CA SER A 83 -4.87 42.22 -47.35
C SER A 83 -3.62 43.06 -47.10
N VAL A 84 -3.67 43.91 -46.09
CA VAL A 84 -2.58 44.83 -45.81
C VAL A 84 -1.78 44.32 -44.61
N GLU A 85 -0.46 44.44 -44.70
CA GLU A 85 0.46 43.92 -43.69
C GLU A 85 1.45 45.02 -43.34
N ILE A 86 1.90 45.04 -42.09
CA ILE A 86 2.85 46.05 -41.63
C ILE A 86 4.25 45.62 -42.06
N ALA A 87 4.78 46.28 -43.09
CA ALA A 87 6.07 45.87 -43.65
C ALA A 87 7.21 46.21 -42.70
N ARG A 88 7.37 47.48 -42.35
CA ARG A 88 8.38 47.86 -41.37
C ARG A 88 7.97 49.20 -40.77
N THR A 89 8.69 49.62 -39.74
CA THR A 89 8.34 50.86 -39.05
C THR A 89 9.59 51.64 -38.71
N ASN A 90 9.60 52.93 -39.04
CA ASN A 90 10.56 53.86 -38.47
C ASN A 90 9.96 54.49 -37.21
N ARG A 91 10.80 54.76 -36.22
CA ARG A 91 10.31 55.30 -34.97
C ARG A 91 11.26 56.34 -34.43
N ALA A 92 10.69 57.30 -33.71
CA ALA A 92 11.45 58.28 -32.93
C ALA A 92 10.87 58.34 -31.53
N GLN A 93 11.73 58.19 -30.52
CA GLN A 93 11.28 58.05 -29.13
C GLN A 93 12.04 59.04 -28.27
N VAL A 94 11.33 59.98 -27.64
CA VAL A 94 11.93 61.07 -26.90
C VAL A 94 11.48 60.98 -25.45
N GLU A 95 12.43 60.94 -24.53
CA GLU A 95 12.17 61.01 -23.10
C GLU A 95 12.87 62.24 -22.56
N PHE A 96 12.10 63.22 -22.10
CA PHE A 96 12.66 64.32 -21.34
C PHE A 96 12.60 63.96 -19.87
N ILE A 97 13.73 64.07 -19.20
CA ILE A 97 13.84 63.91 -17.76
C ILE A 97 13.92 65.32 -17.20
N LEU A 98 12.82 65.81 -16.64
CA LEU A 98 12.83 67.17 -16.13
C LEU A 98 12.79 67.15 -14.61
N PRO A 99 13.56 67.97 -13.91
CA PRO A 99 13.40 68.04 -12.46
C PRO A 99 12.24 68.92 -12.02
N ALA A 100 11.58 68.51 -10.94
CA ALA A 100 10.45 69.28 -10.41
C ALA A 100 10.89 70.61 -9.81
N GLN A 101 12.19 70.83 -9.65
CA GLN A 101 12.72 72.01 -8.99
C GLN A 101 13.21 73.07 -9.97
N SER A 102 13.06 72.82 -11.27
CA SER A 102 13.58 73.73 -12.29
C SER A 102 12.56 74.84 -12.59
N ALA A 103 13.01 75.84 -13.33
CA ALA A 103 12.16 76.91 -13.82
C ALA A 103 11.82 76.68 -15.28
N ALA A 104 10.62 77.12 -15.67
CA ALA A 104 10.11 76.87 -17.02
C ALA A 104 11.03 77.42 -18.10
N THR A 105 11.83 78.45 -17.78
CA THR A 105 12.81 78.97 -18.73
C THR A 105 13.74 77.87 -19.20
N VAL A 106 14.22 77.06 -18.26
CA VAL A 106 15.16 76.00 -18.57
C VAL A 106 14.54 74.98 -19.50
N ARG A 107 13.30 74.56 -19.22
CA ARG A 107 12.64 73.59 -20.09
C ARG A 107 12.38 74.18 -21.46
N GLU A 108 12.02 75.46 -21.52
CA GLU A 108 11.77 76.10 -22.80
C GLU A 108 13.02 76.07 -23.67
N ASP A 109 14.17 76.50 -23.13
CA ASP A 109 15.34 76.48 -24.02
C ASP A 109 15.95 75.09 -24.17
N LEU A 110 15.63 74.13 -23.31
CA LEU A 110 16.00 72.74 -23.61
C LEU A 110 15.26 72.25 -24.84
N VAL A 111 13.94 72.48 -24.89
CA VAL A 111 13.17 72.08 -26.06
C VAL A 111 13.67 72.81 -27.30
N ALA A 112 13.95 74.12 -27.17
CA ALA A 112 14.45 74.88 -28.30
C ALA A 112 15.78 74.35 -28.79
N LEU A 113 16.67 73.98 -27.86
CA LEU A 113 17.95 73.39 -28.25
C LEU A 113 17.76 72.08 -28.96
N LEU A 114 16.83 71.24 -28.50
CA LEU A 114 16.59 69.98 -29.18
C LEU A 114 16.06 70.21 -30.60
N ALA A 115 15.11 71.14 -30.76
CA ALA A 115 14.57 71.41 -32.08
C ALA A 115 15.63 71.98 -33.01
N SER A 116 16.48 72.88 -32.50
CA SER A 116 17.54 73.43 -33.33
C SER A 116 18.60 72.38 -33.66
N ALA A 117 18.83 71.43 -32.77
CA ALA A 117 19.73 70.33 -33.09
C ALA A 117 19.17 69.46 -34.19
N LEU A 118 17.85 69.19 -34.15
CA LEU A 118 17.22 68.48 -35.24
C LEU A 118 17.29 69.27 -36.55
N ALA A 119 17.23 70.60 -36.46
CA ALA A 119 17.28 71.40 -37.68
C ALA A 119 18.69 71.53 -38.24
N ASP A 120 19.71 71.45 -37.39
CA ASP A 120 21.09 71.58 -37.87
C ASP A 120 21.40 70.47 -38.86
N THR A 121 22.08 70.82 -39.95
CA THR A 121 22.33 69.87 -41.01
C THR A 121 23.34 68.80 -40.58
N ALA A 122 24.36 69.20 -39.81
CA ALA A 122 25.35 68.24 -39.37
C ALA A 122 24.74 67.16 -38.49
N ILE A 123 23.81 67.55 -37.61
CA ILE A 123 23.13 66.59 -36.76
C ILE A 123 22.05 65.86 -37.55
N LYS A 124 21.44 66.51 -38.53
CA LYS A 124 20.37 65.88 -39.30
C LYS A 124 20.91 64.77 -40.19
N SER A 125 22.15 64.89 -40.65
CA SER A 125 22.75 63.80 -41.42
C SER A 125 22.93 62.57 -40.57
N THR A 126 23.14 62.75 -39.26
CA THR A 126 23.22 61.63 -38.33
C THR A 126 21.97 60.77 -38.40
N ILE A 127 20.80 61.39 -38.35
CA ILE A 127 19.55 60.63 -38.34
C ILE A 127 19.20 60.18 -39.75
N VAL A 128 19.13 61.13 -40.67
CA VAL A 128 18.59 60.85 -42.00
C VAL A 128 19.51 59.92 -42.76
N ASN A 129 20.84 60.18 -42.74
CA ASN A 129 21.81 59.53 -43.60
C ASN A 129 22.67 58.50 -42.87
N VAL A 130 22.52 58.37 -41.55
CA VAL A 130 23.19 57.35 -40.75
C VAL A 130 24.69 57.43 -40.98
N GLU A 131 25.21 58.63 -40.85
CA GLU A 131 26.64 58.87 -40.84
C GLU A 131 27.08 59.16 -39.41
N HIS A 132 28.15 58.48 -38.98
CA HIS A 132 28.78 58.72 -37.69
C HIS A 132 29.56 60.02 -37.70
N PHE A 133 29.76 60.58 -36.51
CA PHE A 133 30.71 61.65 -36.32
C PHE A 133 32.13 61.11 -36.29
N TYR A 134 33.05 61.83 -36.90
CA TYR A 134 34.44 61.40 -36.98
C TYR A 134 35.45 62.56 -36.96
N PRO B 1 -19.53 68.40 -15.41
CA PRO B 1 -18.44 69.38 -15.34
C PRO B 1 -17.26 68.96 -16.19
N ALA B 2 -17.28 69.35 -17.47
CA ALA B 2 -16.15 69.08 -18.34
C ALA B 2 -14.90 69.77 -17.79
N LEU B 3 -13.77 69.07 -17.90
CA LEU B 3 -12.51 69.57 -17.38
C LEU B 3 -12.17 70.91 -18.00
N LYS B 4 -11.97 71.92 -17.16
CA LYS B 4 -11.80 73.29 -17.63
C LYS B 4 -11.17 74.10 -16.52
N PRO B 5 -10.37 75.11 -16.85
CA PRO B 5 -9.68 75.86 -15.81
C PRO B 5 -10.67 76.60 -14.94
N ILE B 6 -10.37 76.68 -13.65
CA ILE B 6 -11.29 77.30 -12.71
C ILE B 6 -10.53 78.37 -11.94
N THR B 7 -11.24 79.43 -11.57
CA THR B 7 -10.66 80.57 -10.87
C THR B 7 -11.13 80.59 -9.43
N LEU B 8 -10.19 80.76 -8.49
CA LEU B 8 -10.47 80.78 -7.06
C LEU B 8 -9.81 82.00 -6.44
N THR B 9 -10.43 82.55 -5.41
CA THR B 9 -9.94 83.76 -4.76
C THR B 9 -9.06 83.39 -3.55
N ASP B 10 -7.89 84.02 -3.45
CA ASP B 10 -6.99 83.78 -2.33
C ASP B 10 -7.40 84.64 -1.14
N HIS B 11 -6.53 84.75 -0.14
CA HIS B 11 -6.87 85.52 1.05
C HIS B 11 -7.05 87.00 0.74
N SER B 12 -6.30 87.53 -0.21
CA SER B 12 -6.40 88.92 -0.62
C SER B 12 -7.54 89.16 -1.60
N SER B 13 -8.39 88.16 -1.83
CA SER B 13 -9.45 88.15 -2.82
C SER B 13 -8.93 88.26 -4.25
N ALA B 14 -7.63 88.14 -4.46
CA ALA B 14 -7.08 88.16 -5.81
C ALA B 14 -7.38 86.85 -6.52
N ASP B 15 -7.72 86.95 -7.81
CA ASP B 15 -8.04 85.77 -8.59
C ASP B 15 -6.80 84.89 -8.77
N VAL B 16 -7.03 83.59 -8.81
CA VAL B 16 -5.98 82.57 -8.91
C VAL B 16 -6.51 81.50 -9.84
N ILE B 17 -5.89 81.36 -11.00
CA ILE B 17 -6.43 80.54 -12.09
C ILE B 17 -5.72 79.20 -12.08
N PHE B 18 -6.46 78.13 -11.76
CA PHE B 18 -5.95 76.77 -11.83
C PHE B 18 -6.30 76.18 -13.19
N THR B 19 -5.28 75.82 -13.97
CA THR B 19 -5.56 75.16 -15.24
C THR B 19 -5.59 73.65 -15.03
N PRO B 20 -6.40 72.93 -15.81
CA PRO B 20 -6.44 71.47 -15.66
C PRO B 20 -5.10 70.86 -16.01
N THR B 21 -4.65 69.92 -15.16
CA THR B 21 -3.39 69.22 -15.36
C THR B 21 -3.59 67.79 -15.83
N GLN B 22 -4.36 66.99 -15.07
CA GLN B 22 -4.35 65.57 -15.35
C GLN B 22 -5.66 64.91 -14.93
N ILE B 23 -6.11 63.94 -15.72
CA ILE B 23 -7.15 63.02 -15.30
C ILE B 23 -6.45 61.70 -14.98
N ASP B 24 -6.66 61.22 -13.75
CA ASP B 24 -5.85 60.15 -13.19
C ASP B 24 -6.21 58.80 -13.82
N LYS B 25 -5.52 57.76 -13.36
CA LYS B 25 -5.93 56.40 -13.70
C LYS B 25 -7.18 55.99 -12.93
N ASN B 26 -7.30 56.45 -11.68
CA ASN B 26 -8.45 56.12 -10.84
C ASN B 26 -9.62 57.07 -11.02
N GLY B 27 -9.40 58.21 -11.68
CA GLY B 27 -10.45 59.21 -11.85
C GLY B 27 -10.14 60.54 -11.20
N VAL B 28 -8.98 60.70 -10.58
CA VAL B 28 -8.65 61.95 -9.91
C VAL B 28 -8.38 63.03 -10.94
N ALA B 29 -8.95 64.21 -10.72
CA ALA B 29 -8.74 65.36 -11.59
C ALA B 29 -7.81 66.33 -10.86
N TYR B 30 -6.71 66.69 -11.50
CA TYR B 30 -5.67 67.54 -10.95
C TYR B 30 -5.64 68.85 -11.71
N PHE B 31 -5.84 69.95 -10.98
CA PHE B 31 -5.64 71.31 -11.48
C PHE B 31 -4.42 71.91 -10.81
N ARG B 32 -3.65 72.67 -11.58
CA ARG B 32 -2.38 73.22 -11.13
C ARG B 32 -2.37 74.72 -11.42
N HIS B 33 -1.81 75.48 -10.48
CA HIS B 33 -1.57 76.91 -10.63
C HIS B 33 -0.08 77.13 -10.42
N LEU B 34 0.63 77.33 -11.52
CA LEU B 34 2.08 77.52 -11.45
C LEU B 34 2.40 78.90 -10.87
N GLN B 35 3.64 79.04 -10.41
CA GLN B 35 4.09 80.30 -9.86
C GLN B 35 4.54 81.23 -11.00
N ALA B 36 5.10 82.39 -10.63
CA ALA B 36 5.58 83.32 -11.64
C ALA B 36 6.65 82.67 -12.51
N ASN B 37 7.64 82.04 -11.86
CA ASN B 37 8.77 81.43 -12.56
C ASN B 37 8.44 80.07 -13.17
N GLY B 38 7.22 79.58 -13.01
CA GLY B 38 6.86 78.28 -13.52
C GLY B 38 7.59 77.12 -12.86
N LYS B 39 7.78 77.19 -11.55
CA LYS B 39 8.43 76.11 -10.82
C LYS B 39 7.39 75.09 -10.37
N PRO B 40 7.48 73.84 -10.82
CA PRO B 40 6.47 72.84 -10.40
C PRO B 40 6.37 72.69 -8.90
N ILE B 41 7.52 72.61 -8.22
CA ILE B 41 7.54 72.46 -6.79
C ILE B 41 6.77 73.58 -6.07
N GLY B 42 6.59 74.72 -6.73
CA GLY B 42 5.88 75.82 -6.13
C GLY B 42 4.42 75.94 -6.51
N ALA B 43 3.90 75.06 -7.35
CA ALA B 43 2.56 75.23 -7.88
C ALA B 43 1.51 74.78 -6.89
N TYR B 44 0.41 75.55 -6.80
CA TYR B 44 -0.76 75.11 -6.06
C TYR B 44 -1.47 74.00 -6.82
N THR B 45 -2.12 73.10 -6.08
CA THR B 45 -2.84 72.01 -6.73
C THR B 45 -4.21 71.84 -6.10
N VAL B 46 -5.16 71.39 -6.92
CA VAL B 46 -6.51 71.07 -6.47
C VAL B 46 -6.91 69.75 -7.11
N SER B 47 -7.27 68.77 -6.27
CA SER B 47 -7.66 67.45 -6.72
C SER B 47 -9.14 67.21 -6.45
N SER B 48 -9.82 66.60 -7.39
CA SER B 48 -11.23 66.25 -7.23
C SER B 48 -11.47 64.86 -7.78
N HIS B 49 -11.97 63.97 -6.91
CA HIS B 49 -12.26 62.60 -7.33
C HIS B 49 -13.54 62.13 -6.65
N VAL B 50 -14.43 61.52 -7.42
CA VAL B 50 -15.67 60.98 -6.85
C VAL B 50 -15.70 59.48 -7.08
N LYS B 51 -16.01 58.75 -6.00
CA LYS B 51 -16.05 57.29 -6.00
C LYS B 51 -17.51 56.87 -5.84
N GLU B 52 -18.05 56.24 -6.88
CA GLU B 52 -19.41 55.74 -6.92
C GLU B 52 -19.54 54.51 -6.03
N PRO B 53 -20.75 54.19 -5.57
CA PRO B 53 -20.95 52.98 -4.78
C PRO B 53 -20.98 51.73 -5.63
N GLY B 54 -20.59 50.63 -5.01
CA GLY B 54 -20.62 49.34 -5.69
C GLY B 54 -21.02 48.24 -4.72
N THR B 55 -21.47 47.13 -5.29
CA THR B 55 -21.98 46.00 -4.52
C THR B 55 -23.03 46.48 -3.51
N ASN B 56 -24.03 47.18 -4.06
CA ASN B 56 -25.16 47.69 -3.29
C ASN B 56 -24.70 48.47 -2.05
N GLY B 57 -23.73 49.36 -2.28
CA GLY B 57 -23.30 50.27 -1.24
C GLY B 57 -24.16 51.54 -1.27
N ASP B 58 -24.51 52.02 -0.09
CA ASP B 58 -25.37 53.18 -0.01
C ASP B 58 -24.63 54.49 -0.24
N VAL B 59 -23.30 54.47 -0.14
CA VAL B 59 -22.51 55.68 0.06
C VAL B 59 -21.82 56.11 -1.24
N PHE B 60 -21.63 57.42 -1.36
CA PHE B 60 -20.81 58.06 -2.37
C PHE B 60 -19.65 58.73 -1.64
N ARG B 61 -18.43 58.60 -2.17
CA ARG B 61 -17.26 59.21 -1.53
C ARG B 61 -16.63 60.24 -2.46
N VAL B 62 -16.87 61.51 -2.20
CA VAL B 62 -16.41 62.59 -3.07
C VAL B 62 -15.32 63.38 -2.33
N LYS B 63 -14.17 63.52 -2.96
CA LYS B 63 -12.98 64.04 -2.30
C LYS B 63 -12.47 65.28 -3.02
N LEU B 64 -12.08 66.27 -2.23
CA LEU B 64 -11.55 67.54 -2.71
C LEU B 64 -10.29 67.88 -1.91
N PHE B 65 -9.18 68.07 -2.61
CA PHE B 65 -7.89 68.38 -2.01
C PHE B 65 -7.41 69.72 -2.52
N VAL B 66 -6.87 70.55 -1.62
CA VAL B 66 -6.30 71.85 -1.96
C VAL B 66 -4.93 71.92 -1.30
N ASN B 67 -3.88 71.84 -2.10
CA ASN B 67 -2.51 71.80 -1.61
C ASN B 67 -1.82 73.11 -1.97
N VAL B 68 -1.30 73.80 -0.95
CA VAL B 68 -0.57 75.07 -1.09
C VAL B 68 0.87 74.84 -0.64
N PRO B 69 1.83 74.80 -1.54
CA PRO B 69 3.21 74.69 -1.11
C PRO B 69 3.84 76.05 -0.91
N GLU B 70 4.80 76.10 0.01
CA GLU B 70 5.72 77.23 0.12
C GLU B 70 7.13 76.70 -0.09
N VAL B 71 7.86 77.37 -0.98
CA VAL B 71 9.23 77.03 -1.34
C VAL B 71 10.18 77.56 -0.27
N ALA B 72 11.19 76.77 0.10
CA ALA B 72 12.22 77.24 1.02
C ALA B 72 13.51 77.40 0.24
N THR B 73 14.05 78.62 0.22
CA THR B 73 15.27 78.88 -0.53
C THR B 73 16.49 78.76 0.38
N GLU B 85 14.73 75.41 -2.85
CA GLU B 85 15.14 74.07 -3.26
C GLU B 85 14.16 72.98 -2.84
N ILE B 86 13.85 72.91 -1.56
CA ILE B 86 12.84 71.98 -1.05
C ILE B 86 11.71 72.82 -0.48
N ALA B 87 10.50 72.30 -0.55
CA ALA B 87 9.32 73.08 -0.24
C ALA B 87 8.41 72.26 0.67
N ARG B 88 7.75 72.92 1.60
CA ARG B 88 6.80 72.24 2.48
C ARG B 88 5.39 72.67 2.14
N THR B 89 4.45 71.74 2.25
CA THR B 89 3.12 71.94 1.69
C THR B 89 2.09 71.94 2.82
N ASN B 90 1.35 73.04 2.94
CA ASN B 90 0.10 73.03 3.69
C ASN B 90 -0.97 72.34 2.84
N ARG B 91 -1.80 71.51 3.46
CA ARG B 91 -2.82 70.81 2.72
C ARG B 91 -4.17 70.92 3.40
N ALA B 92 -5.22 70.94 2.59
CA ALA B 92 -6.59 70.76 3.03
C ALA B 92 -7.16 69.56 2.30
N GLN B 93 -7.76 68.63 3.04
CA GLN B 93 -8.25 67.38 2.47
C GLN B 93 -9.68 67.16 2.95
N VAL B 94 -10.65 67.20 2.05
CA VAL B 94 -12.06 67.08 2.38
C VAL B 94 -12.62 65.83 1.74
N GLU B 95 -13.33 65.03 2.52
CA GLU B 95 -14.05 63.86 2.04
C GLU B 95 -15.51 64.00 2.47
N PHE B 96 -16.40 64.08 1.49
CA PHE B 96 -17.85 64.05 1.74
C PHE B 96 -18.34 62.63 1.54
N ILE B 97 -19.12 62.14 2.49
CA ILE B 97 -19.77 60.84 2.43
C ILE B 97 -21.26 61.11 2.26
N LEU B 98 -21.80 60.76 1.09
CA LEU B 98 -23.16 61.14 0.72
C LEU B 98 -23.97 59.90 0.37
N PRO B 99 -25.00 59.54 1.14
CA PRO B 99 -25.85 58.41 0.75
C PRO B 99 -26.59 58.68 -0.55
N ALA B 100 -26.95 57.59 -1.23
CA ALA B 100 -27.56 57.68 -2.55
C ALA B 100 -29.03 58.07 -2.50
N GLN B 101 -29.72 57.80 -1.40
CA GLN B 101 -31.14 58.16 -1.31
C GLN B 101 -31.36 59.62 -0.91
N SER B 102 -30.35 60.29 -0.36
CA SER B 102 -30.52 61.67 0.06
C SER B 102 -30.85 62.55 -1.14
N ALA B 103 -31.96 63.29 -1.05
CA ALA B 103 -32.26 64.27 -2.08
C ALA B 103 -31.20 65.36 -2.08
N ALA B 104 -31.00 65.97 -3.26
CA ALA B 104 -29.93 66.95 -3.40
C ALA B 104 -30.07 68.13 -2.44
N THR B 105 -31.26 68.37 -1.89
CA THR B 105 -31.43 69.43 -0.89
C THR B 105 -30.43 69.28 0.25
N VAL B 106 -30.29 68.03 0.73
CA VAL B 106 -29.45 67.78 1.89
C VAL B 106 -28.00 68.09 1.55
N ARG B 107 -27.52 67.61 0.40
CA ARG B 107 -26.14 67.83 0.04
C ARG B 107 -25.86 69.31 -0.19
N GLU B 108 -26.82 70.02 -0.77
CA GLU B 108 -26.66 71.45 -0.97
C GLU B 108 -26.46 72.17 0.36
N ASP B 109 -27.37 71.97 1.34
CA ASP B 109 -27.17 72.70 2.60
C ASP B 109 -26.04 72.11 3.45
N LEU B 110 -25.61 70.87 3.19
CA LEU B 110 -24.41 70.38 3.88
C LEU B 110 -23.19 71.15 3.43
N VAL B 111 -23.02 71.29 2.11
CA VAL B 111 -21.94 72.12 1.58
C VAL B 111 -22.04 73.53 2.13
N ALA B 112 -23.26 74.10 2.14
CA ALA B 112 -23.42 75.46 2.63
C ALA B 112 -23.00 75.58 4.09
N LEU B 113 -23.32 74.55 4.88
CA LEU B 113 -22.89 74.48 6.28
C LEU B 113 -21.38 74.49 6.40
N LEU B 114 -20.72 73.67 5.57
CA LEU B 114 -19.26 73.58 5.65
C LEU B 114 -18.63 74.92 5.30
N ALA B 115 -19.12 75.56 4.25
CA ALA B 115 -18.55 76.83 3.83
C ALA B 115 -18.79 77.91 4.88
N SER B 116 -19.98 77.94 5.48
CA SER B 116 -20.25 78.92 6.53
C SER B 116 -19.42 78.64 7.77
N ALA B 117 -19.10 77.37 8.04
CA ALA B 117 -18.22 77.05 9.16
C ALA B 117 -16.81 77.54 8.90
N LEU B 118 -16.34 77.39 7.65
CA LEU B 118 -15.05 77.95 7.28
C LEU B 118 -15.04 79.48 7.38
N ALA B 119 -16.19 80.11 7.11
CA ALA B 119 -16.26 81.56 7.16
C ALA B 119 -16.39 82.08 8.59
N ASP B 120 -16.98 81.30 9.50
CA ASP B 120 -17.15 81.75 10.87
C ASP B 120 -15.80 82.03 11.51
N THR B 121 -15.72 83.15 12.25
CA THR B 121 -14.44 83.58 12.78
C THR B 121 -13.91 82.62 13.84
N ALA B 122 -14.78 82.10 14.69
CA ALA B 122 -14.35 81.19 15.76
C ALA B 122 -13.75 79.92 15.18
N ILE B 123 -14.44 79.32 14.21
CA ILE B 123 -13.95 78.10 13.57
C ILE B 123 -12.72 78.38 12.73
N LYS B 124 -12.71 79.52 12.03
CA LYS B 124 -11.57 79.86 11.19
C LYS B 124 -10.31 80.05 12.02
N SER B 125 -10.46 80.56 13.25
CA SER B 125 -9.31 80.69 14.15
C SER B 125 -8.65 79.34 14.38
N THR B 126 -9.46 78.30 14.49
CA THR B 126 -8.96 76.93 14.68
C THR B 126 -7.93 76.56 13.63
N ILE B 127 -8.19 76.90 12.38
CA ILE B 127 -7.28 76.52 11.31
C ILE B 127 -6.13 77.52 11.20
N VAL B 128 -6.48 78.80 11.12
CA VAL B 128 -5.50 79.82 10.79
C VAL B 128 -4.46 79.95 11.89
N ASN B 129 -4.90 80.03 13.14
CA ASN B 129 -4.03 80.28 14.29
C ASN B 129 -3.65 79.01 15.03
N VAL B 130 -4.03 77.84 14.51
CA VAL B 130 -3.83 76.53 15.12
C VAL B 130 -4.05 76.60 16.63
N GLU B 131 -5.23 77.08 17.02
CA GLU B 131 -5.65 77.13 18.43
C GLU B 131 -6.69 76.04 18.68
N HIS B 132 -6.57 75.36 19.83
CA HIS B 132 -7.58 74.41 20.30
C HIS B 132 -8.83 75.14 20.77
N PHE B 133 -9.97 74.45 20.72
CA PHE B 133 -11.15 74.95 21.40
C PHE B 133 -11.00 74.74 22.91
N TYR B 134 -11.38 75.76 23.68
CA TYR B 134 -11.24 75.70 25.13
C TYR B 134 -12.38 76.39 25.89
N PRO C 1 -14.12 61.10 -31.24
CA PRO C 1 -15.30 61.52 -30.49
C PRO C 1 -14.92 62.04 -29.12
N ALA C 2 -14.76 63.35 -29.00
CA ALA C 2 -14.53 63.94 -27.69
C ALA C 2 -15.75 63.74 -26.82
N LEU C 3 -15.52 63.63 -25.51
CA LEU C 3 -16.60 63.41 -24.57
C LEU C 3 -17.46 64.66 -24.47
N LYS C 4 -18.76 64.51 -24.72
CA LYS C 4 -19.72 65.60 -24.85
C LYS C 4 -21.08 65.07 -24.42
N PRO C 5 -21.91 65.88 -23.78
CA PRO C 5 -23.30 65.47 -23.55
C PRO C 5 -23.98 65.24 -24.89
N ILE C 6 -24.60 64.08 -25.02
CA ILE C 6 -25.23 63.71 -26.29
C ILE C 6 -26.73 63.63 -26.07
N THR C 7 -27.50 64.16 -27.01
CA THR C 7 -28.94 64.20 -26.92
C THR C 7 -29.50 63.06 -27.78
N LEU C 8 -30.37 62.26 -27.19
CA LEU C 8 -31.01 61.14 -27.88
C LEU C 8 -32.52 61.31 -27.81
N THR C 9 -33.22 60.89 -28.85
CA THR C 9 -34.66 61.06 -28.93
C THR C 9 -35.36 59.80 -28.44
N ASP C 10 -36.41 59.97 -27.62
CA ASP C 10 -37.12 58.83 -27.06
C ASP C 10 -38.27 58.42 -27.99
N HIS C 11 -39.24 57.70 -27.45
CA HIS C 11 -40.33 57.22 -28.31
C HIS C 11 -41.20 58.37 -28.79
N SER C 12 -41.46 59.35 -27.95
CA SER C 12 -42.27 60.50 -28.32
C SER C 12 -41.50 61.53 -29.15
N SER C 13 -40.26 61.21 -29.55
CA SER C 13 -39.31 62.07 -30.24
C SER C 13 -38.81 63.23 -29.37
N ALA C 14 -39.20 63.28 -28.10
CA ALA C 14 -38.66 64.27 -27.19
C ALA C 14 -37.17 64.03 -26.95
N ASP C 15 -36.44 65.12 -26.74
CA ASP C 15 -35.01 64.99 -26.50
C ASP C 15 -34.75 64.50 -25.08
N VAL C 16 -33.62 63.81 -24.93
CA VAL C 16 -33.18 63.21 -23.66
C VAL C 16 -31.67 63.40 -23.61
N ILE C 17 -31.20 64.25 -22.72
CA ILE C 17 -29.81 64.65 -22.69
C ILE C 17 -29.05 63.73 -21.74
N PHE C 18 -28.03 63.05 -22.27
CA PHE C 18 -27.14 62.21 -21.47
C PHE C 18 -25.85 62.98 -21.23
N THR C 19 -25.57 63.29 -19.97
CA THR C 19 -24.33 63.96 -19.60
C THR C 19 -23.24 62.92 -19.35
N PRO C 20 -22.01 63.21 -19.76
CA PRO C 20 -20.92 62.26 -19.53
C PRO C 20 -20.66 62.09 -18.04
N THR C 21 -20.57 60.84 -17.59
CA THR C 21 -20.33 60.51 -16.20
C THR C 21 -18.86 60.20 -15.92
N GLN C 22 -18.27 59.26 -16.66
CA GLN C 22 -17.01 58.69 -16.22
C GLN C 22 -16.37 57.94 -17.39
N ILE C 23 -15.04 57.92 -17.39
CA ILE C 23 -14.27 57.09 -18.31
C ILE C 23 -13.61 55.99 -17.48
N ASP C 24 -13.96 54.75 -17.78
CA ASP C 24 -13.62 53.62 -16.93
C ASP C 24 -12.11 53.34 -16.96
N LYS C 25 -11.67 52.45 -16.07
CA LYS C 25 -10.30 51.96 -16.12
C LYS C 25 -10.07 51.08 -17.34
N ASN C 26 -11.13 50.45 -17.85
CA ASN C 26 -11.03 49.57 -19.00
C ASN C 26 -11.30 50.29 -20.31
N GLY C 27 -11.59 51.58 -20.27
CA GLY C 27 -11.91 52.34 -21.45
C GLY C 27 -13.37 52.62 -21.65
N VAL C 28 -14.23 52.10 -20.77
CA VAL C 28 -15.67 52.29 -20.92
C VAL C 28 -16.03 53.73 -20.59
N ALA C 29 -16.82 54.35 -21.46
CA ALA C 29 -17.30 55.70 -21.27
C ALA C 29 -18.79 55.65 -20.98
N TYR C 30 -19.21 56.33 -19.91
CA TYR C 30 -20.57 56.27 -19.42
C TYR C 30 -21.26 57.63 -19.58
N PHE C 31 -22.45 57.63 -20.16
CA PHE C 31 -23.32 58.80 -20.21
C PHE C 31 -24.59 58.49 -19.45
N ARG C 32 -25.02 59.40 -18.58
CA ARG C 32 -26.17 59.15 -17.73
C ARG C 32 -27.22 60.23 -17.89
N HIS C 33 -28.47 59.84 -17.65
CA HIS C 33 -29.62 60.73 -17.56
C HIS C 33 -30.40 60.30 -16.33
N LEU C 34 -30.54 61.21 -15.37
CA LEU C 34 -31.13 60.86 -14.08
C LEU C 34 -32.63 60.60 -14.21
N GLN C 35 -33.18 59.92 -13.21
CA GLN C 35 -34.59 59.56 -13.20
C GLN C 35 -35.45 60.79 -12.90
N ALA C 36 -36.76 60.57 -12.84
CA ALA C 36 -37.70 61.65 -12.50
C ALA C 36 -37.32 62.30 -11.18
N ASN C 37 -37.16 61.49 -10.13
CA ASN C 37 -36.68 62.00 -8.86
C ASN C 37 -35.21 62.39 -8.96
N GLY C 38 -34.84 63.44 -8.23
CA GLY C 38 -33.46 63.89 -8.24
C GLY C 38 -32.48 62.89 -7.68
N LYS C 39 -32.95 61.79 -7.15
CA LYS C 39 -32.09 60.81 -6.49
C LYS C 39 -31.34 59.98 -7.52
N PRO C 40 -30.00 59.98 -7.51
CA PRO C 40 -29.20 59.25 -8.52
C PRO C 40 -28.92 57.82 -8.08
N ILE C 41 -29.96 57.00 -8.07
CA ILE C 41 -29.85 55.59 -7.72
C ILE C 41 -29.96 54.72 -8.96
N GLY C 42 -31.08 54.80 -9.66
CA GLY C 42 -31.24 54.19 -10.96
C GLY C 42 -31.30 55.29 -11.99
N ALA C 43 -30.56 55.11 -13.08
CA ALA C 43 -30.42 56.17 -14.05
C ALA C 43 -30.24 55.57 -15.42
N TYR C 44 -30.80 56.23 -16.44
CA TYR C 44 -30.62 55.78 -17.80
C TYR C 44 -29.17 55.94 -18.20
N THR C 45 -28.57 54.90 -18.78
CA THR C 45 -27.15 54.91 -19.06
C THR C 45 -26.86 54.47 -20.48
N VAL C 46 -25.75 54.99 -21.02
CA VAL C 46 -25.24 54.61 -22.33
C VAL C 46 -23.74 54.40 -22.17
N SER C 47 -23.29 53.17 -22.41
CA SER C 47 -21.88 52.78 -22.28
C SER C 47 -21.29 52.59 -23.67
N SER C 48 -20.08 53.11 -23.87
CA SER C 48 -19.37 52.92 -25.12
C SER C 48 -17.94 52.49 -24.84
N HIS C 49 -17.52 51.39 -25.45
CA HIS C 49 -16.16 50.90 -25.26
C HIS C 49 -15.67 50.24 -26.53
N VAL C 50 -14.51 50.66 -27.02
CA VAL C 50 -13.88 50.03 -28.17
C VAL C 50 -12.64 49.30 -27.70
N LYS C 51 -12.48 48.06 -28.18
CA LYS C 51 -11.37 47.20 -27.82
C LYS C 51 -10.51 47.00 -29.07
N GLU C 52 -9.28 47.51 -29.00
CA GLU C 52 -8.29 47.35 -30.05
C GLU C 52 -7.97 45.87 -30.23
N PRO C 53 -7.34 45.49 -31.35
CA PRO C 53 -6.99 44.08 -31.55
C PRO C 53 -5.63 43.71 -30.98
N GLY C 54 -5.54 42.50 -30.49
CA GLY C 54 -4.31 41.99 -29.89
C GLY C 54 -3.57 41.06 -30.84
N THR C 55 -2.28 41.33 -31.03
CA THR C 55 -1.43 40.55 -31.93
C THR C 55 -2.00 40.57 -33.34
N ASN C 56 -2.46 41.75 -33.77
CA ASN C 56 -3.01 41.98 -35.09
C ASN C 56 -4.12 40.99 -35.43
N GLY C 57 -4.81 40.50 -34.40
CA GLY C 57 -6.06 39.79 -34.66
C GLY C 57 -7.02 40.72 -35.39
N ASP C 58 -7.63 40.20 -36.46
CA ASP C 58 -8.37 41.05 -37.37
C ASP C 58 -9.47 41.87 -36.68
N VAL C 59 -9.93 41.45 -35.50
CA VAL C 59 -11.17 41.96 -34.92
C VAL C 59 -10.91 43.21 -34.08
N PHE C 60 -11.78 44.20 -34.28
CA PHE C 60 -12.01 45.31 -33.37
C PHE C 60 -13.35 45.05 -32.71
N ARG C 61 -13.41 45.17 -31.38
CA ARG C 61 -14.64 44.87 -30.65
C ARG C 61 -15.22 46.15 -30.06
N VAL C 62 -16.21 46.72 -30.73
CA VAL C 62 -16.75 48.02 -30.35
C VAL C 62 -18.17 47.81 -29.82
N LYS C 63 -18.42 48.25 -28.59
CA LYS C 63 -19.62 47.87 -27.87
C LYS C 63 -20.37 49.13 -27.43
N LEU C 64 -21.70 49.04 -27.53
CA LEU C 64 -22.63 50.11 -27.17
C LEU C 64 -23.75 49.51 -26.33
N PHE C 65 -23.95 50.04 -25.14
CA PHE C 65 -24.97 49.57 -24.21
C PHE C 65 -25.93 50.71 -23.89
N VAL C 66 -27.22 50.40 -23.86
CA VAL C 66 -28.26 51.35 -23.49
C VAL C 66 -29.13 50.69 -22.44
N ASN C 67 -29.02 51.16 -21.19
CA ASN C 67 -29.72 50.59 -20.06
C ASN C 67 -30.81 51.56 -19.59
N VAL C 68 -32.04 51.08 -19.57
CA VAL C 68 -33.19 51.85 -19.16
C VAL C 68 -33.76 51.20 -17.88
N PRO C 69 -33.43 51.74 -16.71
CA PRO C 69 -34.00 51.20 -15.47
C PRO C 69 -35.35 51.82 -15.13
N GLU C 70 -36.24 50.97 -14.64
CA GLU C 70 -37.50 51.38 -14.02
C GLU C 70 -37.34 51.27 -12.51
N VAL C 71 -37.59 52.37 -11.81
CA VAL C 71 -37.32 52.55 -10.40
C VAL C 71 -38.64 52.56 -9.63
N ALA C 72 -38.56 52.23 -8.34
CA ALA C 72 -39.71 52.22 -7.45
C ALA C 72 -39.35 52.93 -6.15
N THR C 73 -40.21 53.86 -5.73
CA THR C 73 -40.04 54.56 -4.47
C THR C 73 -40.86 53.83 -3.40
N ILE C 74 -40.17 53.13 -2.50
CA ILE C 74 -40.82 52.33 -1.47
C ILE C 74 -40.65 53.04 -0.13
N THR C 75 -41.75 53.30 0.55
CA THR C 75 -41.70 53.82 1.90
C THR C 75 -42.29 52.78 2.85
N PRO C 76 -41.50 52.28 3.82
CA PRO C 76 -41.99 51.19 4.68
C PRO C 76 -43.16 51.59 5.56
N ASN C 77 -43.70 50.63 6.30
CA ASN C 77 -44.89 50.88 7.10
C ASN C 77 -44.57 51.74 8.31
N GLY C 78 -45.35 52.80 8.49
CA GLY C 78 -45.21 53.68 9.64
C GLY C 78 -43.88 54.37 9.75
N SER C 79 -43.24 54.66 8.62
CA SER C 79 -41.92 55.28 8.58
C SER C 79 -42.00 56.64 7.92
N ASP C 80 -41.28 57.61 8.49
CA ASP C 80 -41.29 58.97 7.98
C ASP C 80 -40.71 59.03 6.56
N THR C 81 -39.62 58.31 6.32
CA THR C 81 -38.79 58.51 5.14
C THR C 81 -38.95 57.37 4.15
N SER C 82 -38.97 57.72 2.87
CA SER C 82 -39.03 56.77 1.77
C SER C 82 -37.64 56.56 1.18
N SER C 83 -37.38 55.35 0.71
CA SER C 83 -36.15 55.05 0.01
C SER C 83 -36.48 54.53 -1.39
N VAL C 84 -35.54 54.71 -2.29
CA VAL C 84 -35.73 54.35 -3.69
C VAL C 84 -34.99 53.05 -3.98
N GLU C 85 -35.50 52.29 -4.96
CA GLU C 85 -35.03 50.94 -5.22
C GLU C 85 -35.14 50.66 -6.71
N ILE C 86 -34.19 49.89 -7.23
CA ILE C 86 -34.19 49.56 -8.66
C ILE C 86 -35.15 48.41 -8.89
N ALA C 87 -36.29 48.70 -9.52
CA ALA C 87 -37.33 47.69 -9.70
C ALA C 87 -36.95 46.69 -10.77
N ARG C 88 -36.67 47.17 -11.99
CA ARG C 88 -36.19 46.28 -13.04
C ARG C 88 -35.48 47.13 -14.09
N THR C 89 -34.89 46.47 -15.07
CA THR C 89 -34.14 47.19 -16.09
C THR C 89 -34.37 46.54 -17.45
N ASN C 90 -34.68 47.37 -18.45
CA ASN C 90 -34.61 46.95 -19.84
C ASN C 90 -33.23 47.31 -20.38
N ARG C 91 -32.65 46.42 -21.18
CA ARG C 91 -31.31 46.66 -21.69
C ARG C 91 -31.24 46.35 -23.17
N ALA C 92 -30.40 47.13 -23.87
CA ALA C 92 -30.01 46.84 -25.23
C ALA C 92 -28.49 46.79 -25.26
N GLN C 93 -27.93 45.70 -25.80
CA GLN C 93 -26.49 45.49 -25.79
C GLN C 93 -26.05 45.17 -27.21
N VAL C 94 -25.16 45.99 -27.76
CA VAL C 94 -24.72 45.87 -29.14
C VAL C 94 -23.21 45.68 -29.16
N GLU C 95 -22.77 44.67 -29.90
CA GLU C 95 -21.35 44.44 -30.13
C GLU C 95 -21.12 44.38 -31.64
N PHE C 96 -20.31 45.29 -32.16
CA PHE C 96 -19.85 45.22 -33.53
C PHE C 96 -18.46 44.59 -33.54
N ILE C 97 -18.30 43.58 -34.38
CA ILE C 97 -17.02 42.95 -34.65
C ILE C 97 -16.57 43.44 -36.01
N LEU C 98 -15.50 44.23 -36.05
CA LEU C 98 -15.08 44.90 -37.28
C LEU C 98 -13.69 44.46 -37.65
N PRO C 99 -13.49 43.78 -38.78
CA PRO C 99 -12.13 43.38 -39.17
C PRO C 99 -11.25 44.59 -39.44
N ALA C 100 -9.97 44.46 -39.08
CA ALA C 100 -9.02 45.56 -39.15
C ALA C 100 -8.61 45.90 -40.57
N GLN C 101 -9.14 45.22 -41.57
CA GLN C 101 -8.77 45.48 -42.95
C GLN C 101 -9.91 45.98 -43.82
N SER C 102 -11.15 45.93 -43.36
CA SER C 102 -12.22 46.54 -44.12
C SER C 102 -12.15 48.05 -43.98
N ALA C 103 -12.38 48.76 -45.09
CA ALA C 103 -12.36 50.21 -45.06
C ALA C 103 -13.64 50.76 -44.44
N ALA C 104 -13.62 52.06 -44.16
CA ALA C 104 -14.73 52.68 -43.42
C ALA C 104 -16.07 52.54 -44.14
N THR C 105 -16.08 52.35 -45.45
CA THR C 105 -17.33 52.21 -46.19
C THR C 105 -18.15 51.06 -45.66
N VAL C 106 -17.49 49.93 -45.42
CA VAL C 106 -18.18 48.73 -44.95
C VAL C 106 -18.82 48.98 -43.59
N ARG C 107 -18.07 49.62 -42.68
CA ARG C 107 -18.63 49.86 -41.36
C ARG C 107 -19.78 50.87 -41.43
N GLU C 108 -19.66 51.86 -42.31
CA GLU C 108 -20.74 52.84 -42.46
C GLU C 108 -22.03 52.17 -42.89
N ASP C 109 -21.97 51.35 -43.95
CA ASP C 109 -23.24 50.75 -44.38
C ASP C 109 -23.68 49.61 -43.47
N LEU C 110 -22.79 49.03 -42.67
CA LEU C 110 -23.25 48.11 -41.63
C LEU C 110 -24.08 48.83 -40.59
N VAL C 111 -23.58 49.97 -40.10
CA VAL C 111 -24.35 50.77 -39.14
C VAL C 111 -25.69 51.18 -39.74
N ALA C 112 -25.67 51.61 -41.01
CA ALA C 112 -26.91 52.03 -41.66
C ALA C 112 -27.90 50.86 -41.76
N LEU C 113 -27.40 49.66 -42.07
CA LEU C 113 -28.26 48.49 -42.12
C LEU C 113 -28.87 48.21 -40.75
N LEU C 114 -28.07 48.32 -39.69
CA LEU C 114 -28.61 48.05 -38.36
C LEU C 114 -29.68 49.07 -37.97
N ALA C 115 -29.43 50.36 -38.24
CA ALA C 115 -30.41 51.38 -37.90
C ALA C 115 -31.69 51.21 -38.70
N SER C 116 -31.57 50.90 -40.00
CA SER C 116 -32.76 50.67 -40.81
C SER C 116 -33.51 49.41 -40.38
N ALA C 117 -32.78 48.40 -39.88
CA ALA C 117 -33.45 47.23 -39.33
C ALA C 117 -34.23 47.59 -38.07
N LEU C 118 -33.65 48.43 -37.22
CA LEU C 118 -34.38 48.90 -36.04
C LEU C 118 -35.59 49.73 -36.44
N ALA C 119 -35.51 50.44 -37.56
CA ALA C 119 -36.64 51.27 -37.99
C ALA C 119 -37.74 50.47 -38.67
N ASP C 120 -37.39 49.37 -39.35
CA ASP C 120 -38.40 48.56 -40.04
C ASP C 120 -39.45 48.09 -39.05
N THR C 121 -40.72 48.12 -39.48
CA THR C 121 -41.82 47.81 -38.57
C THR C 121 -41.84 46.33 -38.20
N ALA C 122 -41.56 45.45 -39.17
CA ALA C 122 -41.56 44.01 -38.91
C ALA C 122 -40.48 43.64 -37.90
N ILE C 123 -39.25 44.13 -38.13
CA ILE C 123 -38.17 43.88 -37.19
C ILE C 123 -38.45 44.57 -35.87
N LYS C 124 -39.12 45.72 -35.89
CA LYS C 124 -39.35 46.47 -34.67
C LYS C 124 -40.31 45.73 -33.75
N SER C 125 -41.41 45.21 -34.30
CA SER C 125 -42.36 44.46 -33.47
C SER C 125 -41.71 43.28 -32.78
N THR C 126 -40.69 42.70 -33.39
CA THR C 126 -39.89 41.65 -32.73
C THR C 126 -39.44 42.11 -31.35
N ILE C 127 -38.87 43.31 -31.27
CA ILE C 127 -38.35 43.82 -30.01
C ILE C 127 -39.49 44.36 -29.16
N VAL C 128 -40.25 45.29 -29.71
CA VAL C 128 -41.21 46.06 -28.93
C VAL C 128 -42.34 45.17 -28.43
N ASN C 129 -42.87 44.30 -29.30
CA ASN C 129 -44.09 43.55 -29.05
C ASN C 129 -43.82 42.13 -28.60
N VAL C 130 -42.56 41.69 -28.61
CA VAL C 130 -42.17 40.36 -28.16
C VAL C 130 -42.98 39.31 -28.93
N GLU C 131 -42.97 39.46 -30.24
CA GLU C 131 -43.57 38.54 -31.17
C GLU C 131 -42.45 37.83 -31.92
N HIS C 132 -42.63 36.53 -32.12
CA HIS C 132 -41.72 35.75 -32.96
C HIS C 132 -41.98 36.05 -34.44
N PHE C 133 -40.96 35.84 -35.25
CA PHE C 133 -41.15 35.84 -36.69
C PHE C 133 -41.79 34.53 -37.13
N TYR C 134 -42.69 34.62 -38.10
CA TYR C 134 -43.40 33.44 -38.60
C TYR C 134 -43.83 33.57 -40.07
N PRO D 1 54.56 61.86 101.21
CA PRO D 1 55.16 63.12 100.76
C PRO D 1 54.47 63.63 99.51
N ALA D 2 53.79 64.77 99.65
CA ALA D 2 53.17 65.45 98.52
C ALA D 2 54.19 65.67 97.42
N LEU D 3 53.84 65.24 96.21
CA LEU D 3 54.75 65.32 95.07
C LEU D 3 55.17 66.77 94.85
N LYS D 4 56.47 67.03 94.94
CA LYS D 4 57.04 68.36 94.85
C LYS D 4 58.37 68.26 94.13
N PRO D 5 58.72 69.23 93.31
CA PRO D 5 60.05 69.24 92.69
C PRO D 5 61.12 69.31 93.77
N ILE D 6 62.13 68.46 93.64
CA ILE D 6 63.14 68.34 94.68
C ILE D 6 64.48 68.74 94.09
N THR D 7 65.33 69.32 94.93
CA THR D 7 66.63 69.81 94.52
C THR D 7 67.72 68.91 95.11
N LEU D 8 68.61 68.41 94.24
CA LEU D 8 69.70 67.52 94.63
C LEU D 8 71.02 68.12 94.17
N THR D 9 72.09 67.84 94.91
CA THR D 9 73.41 68.37 94.59
C THR D 9 74.22 67.40 93.73
N ASP D 10 74.89 67.93 92.70
CA ASP D 10 75.71 67.13 91.81
C ASP D 10 77.13 67.01 92.39
N HIS D 11 78.09 66.68 91.55
CA HIS D 11 79.43 66.49 92.08
C HIS D 11 80.03 67.80 92.56
N SER D 12 79.79 68.89 91.84
CA SER D 12 80.30 70.20 92.22
C SER D 12 79.47 70.86 93.32
N SER D 13 78.59 70.11 93.96
CA SER D 13 77.64 70.57 94.98
C SER D 13 76.71 71.66 94.48
N ALA D 14 76.64 71.86 93.16
CA ALA D 14 75.66 72.77 92.58
C ALA D 14 74.26 72.15 92.65
N ASP D 15 73.25 73.01 92.59
CA ASP D 15 71.88 72.53 92.68
C ASP D 15 71.44 71.96 91.33
N VAL D 16 70.56 70.96 91.40
CA VAL D 16 70.01 70.26 90.25
C VAL D 16 68.55 69.99 90.58
N ILE D 17 67.64 70.65 89.87
CA ILE D 17 66.22 70.63 90.22
C ILE D 17 65.51 69.58 89.37
N PHE D 18 64.94 68.59 90.04
CA PHE D 18 64.13 67.55 89.41
C PHE D 18 62.67 67.90 89.59
N THR D 19 61.97 68.11 88.47
CA THR D 19 60.54 68.40 88.50
C THR D 19 59.75 67.10 88.39
N PRO D 20 58.63 66.98 89.10
CA PRO D 20 57.82 65.78 88.96
C PRO D 20 57.23 65.68 87.56
N THR D 21 57.29 64.48 87.01
CA THR D 21 56.79 64.19 85.67
C THR D 21 55.49 63.39 85.70
N GLN D 22 55.44 62.31 86.47
CA GLN D 22 54.37 61.34 86.33
C GLN D 22 54.27 60.48 87.58
N ILE D 23 53.06 60.07 87.90
CA ILE D 23 52.82 59.02 88.88
C ILE D 23 52.27 57.82 88.10
N ASP D 24 52.95 56.69 88.22
CA ASP D 24 52.73 55.56 87.33
C ASP D 24 51.44 54.82 87.70
N LYS D 25 51.06 53.87 86.83
CA LYS D 25 49.94 52.98 87.16
C LYS D 25 50.29 52.07 88.32
N ASN D 26 51.57 51.74 88.49
CA ASN D 26 52.03 50.84 89.53
C ASN D 26 52.40 51.57 90.81
N GLY D 27 52.26 52.89 90.85
CA GLY D 27 52.66 53.66 92.00
C GLY D 27 54.03 54.28 91.90
N VAL D 28 54.68 54.16 90.74
CA VAL D 28 56.02 54.73 90.56
C VAL D 28 55.90 56.22 90.30
N ALA D 29 56.69 57.01 91.02
CA ALA D 29 56.73 58.46 90.86
C ALA D 29 58.05 58.84 90.22
N TYR D 30 57.98 59.66 89.18
CA TYR D 30 59.14 60.01 88.37
C TYR D 30 59.44 61.51 88.47
N PHE D 31 60.68 61.85 88.81
CA PHE D 31 61.18 63.21 88.72
C PHE D 31 62.22 63.28 87.62
N ARG D 32 62.14 64.32 86.78
CA ARG D 32 63.05 64.45 85.65
C ARG D 32 63.76 65.79 85.69
N HIS D 33 64.97 65.79 85.14
CA HIS D 33 65.78 66.96 84.89
C HIS D 33 66.31 66.85 83.47
N LEU D 34 65.96 67.80 82.61
CA LEU D 34 66.28 67.71 81.19
C LEU D 34 67.78 67.87 80.97
N GLN D 35 68.23 67.43 79.80
CA GLN D 35 69.64 67.55 79.45
C GLN D 35 70.00 68.99 79.11
N ALA D 36 71.26 69.18 78.70
CA ALA D 36 71.73 70.49 78.26
C ALA D 36 70.83 71.04 77.16
N ASN D 37 70.62 70.26 76.11
CA ASN D 37 69.67 70.66 75.07
C ASN D 37 68.25 70.66 75.62
N GLY D 38 67.41 71.52 75.05
CA GLY D 38 66.03 71.62 75.49
C GLY D 38 65.21 70.40 75.16
N LYS D 39 65.80 69.47 74.43
CA LYS D 39 65.16 68.26 73.96
C LYS D 39 65.08 67.24 75.09
N PRO D 40 63.93 66.58 75.27
CA PRO D 40 63.72 65.69 76.41
C PRO D 40 64.08 64.23 76.18
N ILE D 41 64.76 63.88 75.09
CA ILE D 41 64.84 62.47 74.69
C ILE D 41 65.64 61.66 75.72
N GLY D 42 66.74 62.22 76.21
CA GLY D 42 67.44 61.61 77.33
C GLY D 42 67.42 62.59 78.48
N ALA D 43 67.15 62.12 79.69
CA ALA D 43 67.05 63.05 80.80
C ALA D 43 67.37 62.33 82.10
N TYR D 44 67.91 63.10 83.05
CA TYR D 44 68.20 62.55 84.37
C TYR D 44 66.88 62.26 85.09
N THR D 45 66.79 61.09 85.71
CA THR D 45 65.53 60.68 86.32
C THR D 45 65.74 60.13 87.72
N VAL D 46 64.72 60.31 88.56
CA VAL D 46 64.67 59.75 89.89
C VAL D 46 63.30 59.09 90.06
N SER D 47 63.30 57.78 90.29
CA SER D 47 62.08 57.00 90.43
C SER D 47 61.92 56.57 91.89
N SER D 48 60.71 56.69 92.40
CA SER D 48 60.42 56.25 93.77
C SER D 48 59.14 55.44 93.77
N HIS D 49 59.22 54.21 94.26
CA HIS D 49 58.05 53.37 94.38
C HIS D 49 58.14 52.53 95.63
N VAL D 50 57.11 52.56 96.47
CA VAL D 50 57.08 51.74 97.67
C VAL D 50 55.94 50.73 97.53
N LYS D 51 56.26 49.46 97.78
CA LYS D 51 55.33 48.35 97.63
C LYS D 51 54.96 47.87 99.03
N GLU D 52 53.70 48.07 99.41
CA GLU D 52 53.21 47.63 100.70
C GLU D 52 53.11 46.11 100.71
N PRO D 53 53.16 45.49 101.89
CA PRO D 53 53.10 44.03 101.97
C PRO D 53 51.70 43.49 101.81
N GLY D 54 51.63 42.21 101.45
CA GLY D 54 50.35 41.55 101.26
C GLY D 54 50.27 40.26 102.05
N THR D 55 49.04 39.92 102.46
CA THR D 55 48.79 38.78 103.33
C THR D 55 49.66 38.86 104.58
N ASN D 56 49.54 40.00 105.27
CA ASN D 56 50.37 40.32 106.44
C ASN D 56 51.85 40.07 106.14
N GLY D 57 52.26 40.38 104.91
CA GLY D 57 53.66 40.21 104.55
C GLY D 57 54.56 41.01 105.48
N ASP D 58 55.67 40.39 105.88
CA ASP D 58 56.55 41.06 106.82
C ASP D 58 57.19 42.30 106.24
N VAL D 59 57.21 42.44 104.91
CA VAL D 59 58.17 43.32 104.23
C VAL D 59 57.46 44.39 103.41
N PHE D 60 57.79 45.64 103.68
CA PHE D 60 57.70 46.73 102.71
C PHE D 60 58.91 46.67 101.78
N ARG D 61 58.70 46.94 100.50
CA ARG D 61 59.80 47.01 99.53
C ARG D 61 59.82 48.39 98.90
N VAL D 62 60.76 49.23 99.30
CA VAL D 62 60.79 50.63 98.93
C VAL D 62 62.00 50.85 98.01
N LYS D 63 61.75 51.39 96.82
CA LYS D 63 62.76 51.42 95.76
C LYS D 63 63.00 52.85 95.30
N LEU D 64 64.28 53.17 95.13
CA LEU D 64 64.76 54.47 94.69
C LEU D 64 65.73 54.27 93.54
N PHE D 65 65.47 54.90 92.41
CA PHE D 65 66.28 54.77 91.21
C PHE D 65 66.80 56.15 90.79
N VAL D 66 68.07 56.21 90.43
CA VAL D 66 68.70 57.44 89.96
C VAL D 66 69.41 57.11 88.65
N ASN D 67 68.87 57.60 87.55
CA ASN D 67 69.37 57.31 86.22
C ASN D 67 69.99 58.55 85.61
N VAL D 68 71.25 58.43 85.19
CA VAL D 68 72.03 59.51 84.62
C VAL D 68 72.43 59.10 83.21
N PRO D 69 71.72 59.55 82.18
CA PRO D 69 72.13 59.28 80.81
C PRO D 69 73.12 60.29 80.26
N GLU D 70 74.04 59.79 79.44
CA GLU D 70 74.86 60.60 78.56
C GLU D 70 74.26 60.48 77.16
N VAL D 71 73.84 61.60 76.60
CA VAL D 71 73.26 61.66 75.27
C VAL D 71 74.34 62.15 74.30
N ALA D 72 74.16 61.81 73.02
CA ALA D 72 75.05 62.26 71.97
C ALA D 72 74.25 62.87 70.84
N THR D 73 74.76 63.96 70.29
CA THR D 73 74.11 64.69 69.21
C THR D 73 74.66 64.20 67.88
N ILE D 74 73.85 63.43 67.15
CA ILE D 74 74.25 62.88 65.87
C ILE D 74 73.65 63.76 64.78
N THR D 75 74.51 64.27 63.89
CA THR D 75 74.06 65.08 62.76
C THR D 75 74.61 64.43 61.50
N PRO D 76 73.75 63.99 60.57
CA PRO D 76 74.24 63.27 59.39
C PRO D 76 75.11 64.17 58.51
N ASN D 77 75.83 63.52 57.59
CA ASN D 77 76.86 64.21 56.82
C ASN D 77 76.25 65.29 55.94
N GLY D 78 76.67 66.53 56.17
CA GLY D 78 76.20 67.67 55.39
C GLY D 78 74.74 68.01 55.59
N SER D 79 74.24 67.88 56.81
CA SER D 79 72.83 68.08 57.11
C SER D 79 72.64 69.35 57.93
N ASP D 80 71.47 69.96 57.78
CA ASP D 80 71.15 71.18 58.54
C ASP D 80 70.87 70.86 60.00
N THR D 81 69.98 69.89 60.25
CA THR D 81 69.49 69.64 61.60
C THR D 81 70.09 68.35 62.15
N SER D 82 70.22 68.32 63.47
CA SER D 82 70.79 67.19 64.21
C SER D 82 69.72 66.55 65.07
N SER D 83 69.85 65.25 65.28
CA SER D 83 68.96 64.50 66.15
C SER D 83 69.76 63.96 67.34
N VAL D 84 69.08 63.82 68.48
CA VAL D 84 69.74 63.41 69.71
C VAL D 84 69.45 61.94 69.98
N GLU D 85 70.47 61.21 70.44
CA GLU D 85 70.39 59.78 70.68
C GLU D 85 70.94 59.48 72.06
N ILE D 86 70.39 58.45 72.71
CA ILE D 86 70.84 58.09 74.06
C ILE D 86 72.11 57.25 73.92
N ALA D 87 73.25 57.85 74.23
CA ALA D 87 74.53 57.17 74.04
C ALA D 87 74.71 56.03 75.05
N ARG D 88 74.69 56.37 76.33
CA ARG D 88 74.76 55.33 77.36
C ARG D 88 74.15 55.89 78.64
N THR D 89 73.99 55.03 79.63
CA THR D 89 73.36 55.45 80.88
C THR D 89 74.09 54.84 82.06
N ASN D 90 74.42 55.67 83.06
CA ASN D 90 74.79 55.18 84.37
C ASN D 90 73.54 55.12 85.24
N ARG D 91 73.47 54.13 86.12
CA ARG D 91 72.29 53.95 86.95
C ARG D 91 72.68 53.56 88.36
N ALA D 92 71.84 53.95 89.32
CA ALA D 92 71.94 53.50 90.70
C ALA D 92 70.55 53.06 91.14
N GLN D 93 70.44 51.84 91.67
CA GLN D 93 69.16 51.23 91.99
C GLN D 93 69.19 50.72 93.42
N VAL D 94 68.33 51.26 94.26
CA VAL D 94 68.32 50.98 95.70
C VAL D 94 66.98 50.35 96.06
N GLU D 95 67.03 49.19 96.69
CA GLU D 95 65.85 48.53 97.24
C GLU D 95 66.08 48.37 98.74
N PHE D 96 65.28 49.06 99.54
CA PHE D 96 65.25 48.80 100.97
C PHE D 96 64.15 47.78 101.23
N ILE D 97 64.51 46.72 101.93
CA ILE D 97 63.58 45.72 102.41
C ILE D 97 63.36 46.03 103.88
N LEU D 98 62.22 46.64 104.20
CA LEU D 98 62.00 46.99 105.59
C LEU D 98 60.89 46.11 106.17
N PRO D 99 61.03 45.61 107.39
CA PRO D 99 59.91 44.87 107.99
C PRO D 99 58.86 45.78 108.60
N ALA D 100 57.59 45.35 108.48
CA ALA D 100 56.48 46.13 109.03
C ALA D 100 56.47 46.14 110.55
N GLN D 101 57.32 45.34 111.19
CA GLN D 101 57.34 45.20 112.64
C GLN D 101 58.45 46.00 113.30
N SER D 102 59.24 46.75 112.52
CA SER D 102 60.37 47.48 113.05
C SER D 102 59.94 48.84 113.59
N ALA D 103 60.86 49.50 114.28
CA ALA D 103 60.68 50.85 114.77
C ALA D 103 61.42 51.83 113.86
N ALA D 104 60.87 53.03 113.73
CA ALA D 104 61.43 54.03 112.82
C ALA D 104 62.88 54.37 113.14
N THR D 105 63.31 54.19 114.39
CA THR D 105 64.71 54.39 114.76
C THR D 105 65.62 53.54 113.88
N VAL D 106 65.23 52.28 113.70
CA VAL D 106 66.05 51.34 112.94
C VAL D 106 66.16 51.79 111.49
N ARG D 107 65.04 52.19 110.88
CA ARG D 107 65.10 52.64 109.49
C ARG D 107 65.92 53.92 109.37
N GLU D 108 65.80 54.82 110.35
CA GLU D 108 66.57 56.05 110.31
C GLU D 108 68.06 55.78 110.30
N ASP D 109 68.54 54.94 111.23
CA ASP D 109 69.99 54.72 111.20
C ASP D 109 70.42 53.73 110.12
N LEU D 110 69.51 52.94 109.54
CA LEU D 110 69.88 52.21 108.33
C LEU D 110 70.16 53.16 107.19
N VAL D 111 69.28 54.13 106.97
CA VAL D 111 69.50 55.13 105.93
C VAL D 111 70.78 55.92 106.21
N ALA D 112 70.99 56.30 107.48
CA ALA D 112 72.20 57.04 107.82
C ALA D 112 73.45 56.22 107.56
N LEU D 113 73.40 54.92 107.87
CA LEU D 113 74.54 54.06 107.60
C LEU D 113 74.81 53.95 106.11
N LEU D 114 73.75 53.85 105.30
CA LEU D 114 73.94 53.79 103.85
C LEU D 114 74.57 55.08 103.32
N ALA D 115 74.08 56.24 103.79
CA ALA D 115 74.63 57.51 103.33
C ALA D 115 76.08 57.67 103.76
N SER D 116 76.40 57.28 104.99
CA SER D 116 77.79 57.37 105.45
C SER D 116 78.68 56.38 104.72
N ALA D 117 78.15 55.22 104.32
CA ALA D 117 78.94 54.30 103.52
C ALA D 117 79.22 54.89 102.14
N LEU D 118 78.24 55.56 101.55
CA LEU D 118 78.48 56.27 100.29
C LEU D 118 79.50 57.38 100.47
N ALA D 119 79.50 58.03 101.64
CA ALA D 119 80.44 59.12 101.86
C ALA D 119 81.86 58.63 102.16
N ASP D 120 82.00 57.43 102.74
CA ASP D 120 83.32 56.92 103.06
C ASP D 120 84.14 56.76 101.79
N THR D 121 85.42 57.16 101.86
CA THR D 121 86.25 57.15 100.67
C THR D 121 86.59 55.74 100.21
N ALA D 122 86.82 54.83 101.17
CA ALA D 122 87.15 53.45 100.82
C ALA D 122 86.00 52.80 100.06
N ILE D 123 84.77 53.05 100.49
CA ILE D 123 83.61 52.51 99.79
C ILE D 123 83.33 53.29 98.52
N LYS D 124 83.63 54.59 98.51
CA LYS D 124 83.35 55.40 97.34
C LYS D 124 84.26 55.04 96.17
N SER D 125 85.48 54.59 96.46
CA SER D 125 86.36 54.14 95.39
C SER D 125 85.79 52.91 94.71
N THR D 126 85.06 52.09 95.46
CA THR D 126 84.37 50.93 94.89
C THR D 126 83.46 51.33 93.74
N ILE D 127 82.63 52.35 93.96
CA ILE D 127 81.68 52.76 92.94
C ILE D 127 82.37 53.60 91.87
N VAL D 128 83.03 54.66 92.30
CA VAL D 128 83.55 55.65 91.37
C VAL D 128 84.66 55.07 90.52
N ASN D 129 85.61 54.35 91.15
CA ASN D 129 86.85 53.93 90.52
C ASN D 129 86.88 52.45 90.18
N VAL D 130 85.85 51.68 90.56
CA VAL D 130 85.68 50.28 90.20
C VAL D 130 86.92 49.50 90.61
N GLU D 131 87.30 49.68 91.86
CA GLU D 131 88.34 48.90 92.50
C GLU D 131 87.68 47.90 93.45
N HIS D 132 88.11 46.64 93.36
CA HIS D 132 87.68 45.59 94.27
C HIS D 132 88.35 45.75 95.63
N PHE D 133 87.70 45.19 96.64
CA PHE D 133 88.34 45.00 97.94
C PHE D 133 89.29 43.81 97.88
N TYR D 134 90.44 43.95 98.54
CA TYR D 134 91.45 42.90 98.55
C TYR D 134 92.25 42.84 99.85
N PRO E 1 38.41 67.65 97.40
CA PRO E 1 39.22 67.40 98.60
C PRO E 1 40.62 66.95 98.23
N ALA E 2 41.53 67.91 98.05
CA ALA E 2 42.92 67.59 97.81
C ALA E 2 43.48 66.81 99.00
N LEU E 3 44.31 65.82 98.68
CA LEU E 3 44.89 64.95 99.69
C LEU E 3 45.68 65.78 100.70
N LYS E 4 45.32 65.65 101.97
CA LYS E 4 45.88 66.49 103.01
C LYS E 4 45.62 65.84 104.35
N PRO E 5 46.50 66.03 105.33
CA PRO E 5 46.33 65.34 106.60
C PRO E 5 45.08 65.81 107.31
N ILE E 6 44.41 64.89 107.98
CA ILE E 6 43.15 65.22 108.63
C ILE E 6 43.24 64.81 110.08
N THR E 7 42.55 65.55 110.95
CA THR E 7 42.59 65.33 112.38
C THR E 7 41.24 64.79 112.85
N LEU E 8 41.29 63.72 113.65
CA LEU E 8 40.10 63.05 114.16
C LEU E 8 40.23 62.87 115.66
N THR E 9 39.11 62.92 116.38
CA THR E 9 39.11 62.81 117.84
C THR E 9 38.87 61.36 118.26
N ASP E 10 39.69 60.87 119.19
CA ASP E 10 39.54 59.51 119.70
C ASP E 10 38.49 59.48 120.80
N HIS E 11 38.44 58.39 121.57
CA HIS E 11 37.42 58.29 122.61
C HIS E 11 37.62 59.31 123.71
N SER E 12 38.87 59.66 124.01
CA SER E 12 39.18 60.65 125.02
C SER E 12 39.07 62.08 124.50
N SER E 13 38.54 62.26 123.28
CA SER E 13 38.47 63.52 122.56
C SER E 13 39.84 64.10 122.23
N ALA E 14 40.92 63.33 122.42
CA ALA E 14 42.25 63.80 122.06
C ALA E 14 42.42 63.78 120.55
N ASP E 15 43.07 64.80 120.02
CA ASP E 15 43.29 64.88 118.58
C ASP E 15 44.23 63.78 118.12
N VAL E 16 43.99 63.30 116.90
CA VAL E 16 44.72 62.20 116.30
C VAL E 16 44.91 62.57 114.83
N ILE E 17 46.15 62.79 114.42
CA ILE E 17 46.45 63.38 113.12
C ILE E 17 46.84 62.26 112.16
N PHE E 18 46.01 62.00 111.16
CA PHE E 18 46.31 61.05 110.10
C PHE E 18 46.96 61.81 108.94
N THR E 19 48.22 61.44 108.61
CA THR E 19 48.83 62.04 107.45
C THR E 19 48.54 61.19 106.21
N PRO E 20 48.45 61.82 105.03
CA PRO E 20 48.19 61.03 103.83
C PRO E 20 49.36 60.08 103.55
N THR E 21 49.00 58.84 103.20
CA THR E 21 49.99 57.81 102.89
C THR E 21 50.06 57.51 101.40
N GLN E 22 48.93 57.15 100.80
CA GLN E 22 49.01 56.61 99.44
C GLN E 22 47.73 56.86 98.67
N ILE E 23 47.87 57.14 97.38
CA ILE E 23 46.76 57.09 96.44
C ILE E 23 46.94 55.80 95.63
N ASP E 24 45.90 54.97 95.65
CA ASP E 24 46.02 53.60 95.19
C ASP E 24 46.07 53.53 93.67
N LYS E 25 46.17 52.30 93.15
CA LYS E 25 46.00 52.09 91.72
C LYS E 25 44.54 52.23 91.31
N ASN E 26 43.63 51.78 92.17
CA ASN E 26 42.20 51.84 91.89
C ASN E 26 41.57 53.16 92.29
N GLY E 27 42.26 53.98 93.07
CA GLY E 27 41.72 55.24 93.56
C GLY E 27 41.59 55.32 95.06
N VAL E 28 42.00 54.28 95.80
CA VAL E 28 41.87 54.30 97.25
C VAL E 28 42.87 55.28 97.84
N ALA E 29 42.40 56.09 98.78
CA ALA E 29 43.24 57.04 99.50
C ALA E 29 43.47 56.50 100.91
N TYR E 30 44.75 56.36 101.28
CA TYR E 30 45.17 55.79 102.54
C TYR E 30 45.82 56.87 103.38
N PHE E 31 45.26 57.11 104.58
CA PHE E 31 45.85 57.96 105.60
C PHE E 31 46.32 57.08 106.75
N ARG E 32 47.47 57.42 107.33
CA ARG E 32 48.11 56.63 108.37
C ARG E 32 48.43 57.54 109.55
N HIS E 33 48.24 57.00 110.75
CA HIS E 33 48.62 57.64 112.00
C HIS E 33 49.56 56.68 112.71
N LEU E 34 50.86 56.98 112.65
CA LEU E 34 51.86 56.12 113.27
C LEU E 34 51.80 56.25 114.79
N GLN E 35 52.38 55.26 115.47
CA GLN E 35 52.43 55.27 116.92
C GLN E 35 53.60 56.13 117.39
N ALA E 36 53.84 56.13 118.71
CA ALA E 36 54.97 56.88 119.24
C ALA E 36 56.28 56.39 118.66
N ASN E 37 56.50 55.08 118.65
CA ASN E 37 57.73 54.47 118.18
C ASN E 37 57.81 54.38 116.67
N GLY E 38 56.78 54.81 115.94
CA GLY E 38 56.80 54.70 114.49
C GLY E 38 56.76 53.28 113.99
N LYS E 39 55.98 52.41 114.63
CA LYS E 39 55.86 51.03 114.19
C LYS E 39 54.73 50.91 113.18
N PRO E 40 55.00 50.51 111.93
CA PRO E 40 53.91 50.41 110.94
C PRO E 40 52.79 49.50 111.38
N ILE E 41 53.13 48.33 111.93
CA ILE E 41 52.13 47.38 112.39
C ILE E 41 51.19 47.99 113.41
N GLY E 42 51.59 49.06 114.08
CA GLY E 42 50.76 49.71 115.07
C GLY E 42 49.98 50.91 114.60
N ALA E 43 50.13 51.31 113.33
CA ALA E 43 49.55 52.56 112.87
C ALA E 43 48.07 52.41 112.57
N TYR E 44 47.29 53.43 112.95
CA TYR E 44 45.90 53.50 112.52
C TYR E 44 45.83 53.86 111.04
N THR E 45 44.79 53.39 110.38
CA THR E 45 44.62 53.69 108.95
C THR E 45 43.19 54.10 108.66
N VAL E 46 43.05 54.96 107.66
CA VAL E 46 41.74 55.39 107.16
C VAL E 46 41.79 55.39 105.64
N SER E 47 40.88 54.63 105.03
CA SER E 47 40.80 54.49 103.58
C SER E 47 39.54 55.14 103.06
N SER E 48 39.66 55.84 101.93
CA SER E 48 38.50 56.46 101.30
C SER E 48 38.60 56.24 99.80
N HIS E 49 37.58 55.61 99.23
CA HIS E 49 37.55 55.37 97.79
C HIS E 49 36.12 55.53 97.28
N VAL E 50 35.97 56.25 96.17
CA VAL E 50 34.65 56.44 95.58
C VAL E 50 34.66 55.84 94.18
N LYS E 51 33.64 55.04 93.88
CA LYS E 51 33.48 54.34 92.61
C LYS E 51 32.29 54.97 91.88
N GLU E 52 32.59 55.61 90.75
CA GLU E 52 31.60 56.25 89.91
C GLU E 52 30.79 55.19 89.17
N PRO E 53 29.58 55.54 88.71
CA PRO E 53 28.79 54.59 87.93
C PRO E 53 29.26 54.51 86.49
N GLY E 54 29.03 53.33 85.89
CA GLY E 54 29.37 53.11 84.51
C GLY E 54 28.32 52.26 83.84
N THR E 55 28.31 52.33 82.50
CA THR E 55 27.32 51.63 81.69
C THR E 55 25.91 51.93 82.19
N ASN E 56 25.62 53.24 82.29
CA ASN E 56 24.31 53.74 82.70
C ASN E 56 23.86 53.10 84.01
N GLY E 57 24.78 53.06 84.98
CA GLY E 57 24.45 52.62 86.33
C GLY E 57 23.95 53.81 87.15
N ASP E 58 22.91 53.56 87.94
CA ASP E 58 22.32 54.64 88.72
C ASP E 58 23.13 54.94 89.99
N VAL E 59 24.01 54.03 90.40
CA VAL E 59 24.54 54.02 91.76
C VAL E 59 25.96 54.57 91.81
N PHE E 60 26.29 55.18 92.95
CA PHE E 60 27.63 55.57 93.34
C PHE E 60 28.01 54.74 94.55
N ARG E 61 29.24 54.22 94.59
CA ARG E 61 29.67 53.40 95.73
C ARG E 61 30.85 54.05 96.42
N VAL E 62 30.60 54.68 97.56
CA VAL E 62 31.62 55.44 98.28
C VAL E 62 31.95 54.71 99.58
N LYS E 63 33.22 54.41 99.79
CA LYS E 63 33.66 53.53 100.85
C LYS E 63 34.62 54.25 101.78
N LEU E 64 34.43 54.03 103.09
CA LEU E 64 35.25 54.60 104.14
C LEU E 64 35.63 53.49 105.13
N PHE E 65 36.92 53.30 105.34
CA PHE E 65 37.45 52.28 106.23
C PHE E 65 38.26 52.95 107.33
N VAL E 66 38.07 52.48 108.57
CA VAL E 66 38.82 52.96 109.72
C VAL E 66 39.36 51.73 110.45
N ASN E 67 40.66 51.51 110.38
CA ASN E 67 41.29 50.33 110.95
C ASN E 67 42.15 50.75 112.13
N VAL E 68 41.87 50.17 113.30
CA VAL E 68 42.58 50.40 114.54
C VAL E 68 43.28 49.12 114.96
N PRO E 69 44.60 49.03 114.85
CA PRO E 69 45.27 47.83 115.33
C PRO E 69 45.70 47.99 116.78
N GLU E 70 45.75 46.86 117.48
CA GLU E 70 46.42 46.77 118.76
C GLU E 70 47.54 45.74 118.64
N VAL E 71 48.72 46.14 119.07
CA VAL E 71 49.93 45.33 119.04
C VAL E 71 49.93 44.35 120.21
N ALA E 72 50.31 43.09 119.99
CA ALA E 72 50.45 42.13 121.07
C ALA E 72 51.93 41.86 121.26
N THR E 73 52.43 42.13 122.47
CA THR E 73 53.84 41.93 122.76
C THR E 73 54.08 40.56 123.38
N GLU E 85 54.78 41.95 118.65
CA GLU E 85 55.27 41.27 117.45
C GLU E 85 54.18 41.11 116.38
N ILE E 86 53.06 40.49 116.75
CA ILE E 86 51.91 40.37 115.86
C ILE E 86 50.77 41.16 116.48
N ALA E 87 49.92 41.71 115.64
CA ALA E 87 48.91 42.66 116.09
C ALA E 87 47.57 42.28 115.48
N ARG E 88 46.50 42.47 116.24
CA ARG E 88 45.17 42.21 115.72
C ARG E 88 44.42 43.53 115.55
N THR E 89 43.60 43.59 114.50
CA THR E 89 43.05 44.86 114.06
C THR E 89 41.54 44.84 114.21
N ASN E 90 41.01 45.79 114.99
CA ASN E 90 39.59 46.13 114.92
C ASN E 90 39.36 46.96 113.67
N ARG E 91 38.27 46.70 112.96
CA ARG E 91 37.99 47.45 111.73
C ARG E 91 36.56 47.95 111.72
N ALA E 92 36.38 49.12 111.09
CA ALA E 92 35.07 49.62 110.71
C ALA E 92 35.08 49.84 109.21
N GLN E 93 34.06 49.32 108.53
CA GLN E 93 33.99 49.35 107.07
C GLN E 93 32.62 49.85 106.66
N VAL E 94 32.56 51.03 106.04
CA VAL E 94 31.31 51.65 105.65
C VAL E 94 31.26 51.77 104.13
N GLU E 95 30.14 51.36 103.56
CA GLU E 95 29.86 51.53 102.14
C GLU E 95 28.54 52.27 102.01
N PHE E 96 28.58 53.46 101.41
CA PHE E 96 27.38 54.20 101.06
C PHE E 96 27.06 53.93 99.60
N ILE E 97 25.79 53.62 99.33
CA ILE E 97 25.27 53.43 97.99
C ILE E 97 24.34 54.60 97.71
N LEU E 98 24.73 55.47 96.78
CA LEU E 98 24.05 56.73 96.56
C LEU E 98 23.60 56.85 95.11
N PRO E 99 22.31 56.86 94.81
CA PRO E 99 21.88 57.07 93.41
C PRO E 99 22.27 58.45 92.90
N ALA E 100 22.40 58.54 91.57
CA ALA E 100 22.89 59.76 90.94
C ALA E 100 21.83 60.86 90.88
N GLN E 101 20.54 60.50 90.87
CA GLN E 101 19.50 61.52 90.81
C GLN E 101 19.18 62.15 92.17
N SER E 102 19.58 61.51 93.26
CA SER E 102 19.27 62.05 94.57
C SER E 102 19.94 63.41 94.76
N ALA E 103 19.15 64.42 95.11
CA ALA E 103 19.72 65.70 95.45
C ALA E 103 20.58 65.57 96.71
N ALA E 104 21.58 66.45 96.82
CA ALA E 104 22.52 66.35 97.93
C ALA E 104 21.86 66.44 99.30
N THR E 105 20.63 66.98 99.37
CA THR E 105 19.90 67.02 100.64
C THR E 105 19.82 65.63 101.26
N VAL E 106 19.48 64.65 100.43
CA VAL E 106 19.27 63.29 100.92
C VAL E 106 20.56 62.73 101.49
N ARG E 107 21.66 62.89 100.75
CA ARG E 107 22.93 62.33 101.20
C ARG E 107 23.39 63.01 102.46
N GLU E 108 23.16 64.34 102.56
CA GLU E 108 23.53 65.06 103.77
C GLU E 108 22.81 64.49 104.99
N ASP E 109 21.46 64.37 104.94
CA ASP E 109 20.79 63.85 106.14
C ASP E 109 20.96 62.35 106.30
N LEU E 110 21.36 61.62 105.26
CA LEU E 110 21.69 60.21 105.47
C LEU E 110 22.94 60.09 106.32
N VAL E 111 24.00 60.83 105.95
CA VAL E 111 25.19 60.87 106.78
C VAL E 111 24.86 61.31 108.20
N ALA E 112 24.02 62.35 108.32
CA ALA E 112 23.68 62.84 109.66
C ALA E 112 22.98 61.76 110.46
N LEU E 113 22.11 60.98 109.81
CA LEU E 113 21.44 59.84 110.45
C LEU E 113 22.45 58.82 110.93
N LEU E 114 23.42 58.48 110.08
CA LEU E 114 24.41 57.47 110.47
C LEU E 114 25.21 57.94 111.67
N ALA E 115 25.64 59.20 111.66
CA ALA E 115 26.44 59.72 112.77
C ALA E 115 25.63 59.78 114.06
N SER E 116 24.36 60.19 113.97
CA SER E 116 23.52 60.21 115.16
C SER E 116 23.23 58.80 115.67
N ALA E 117 23.16 57.82 114.77
CA ALA E 117 22.99 56.44 115.21
C ALA E 117 24.22 55.94 115.94
N LEU E 118 25.41 56.31 115.44
CA LEU E 118 26.65 55.99 116.17
C LEU E 118 26.69 56.69 117.52
N ALA E 119 26.11 57.89 117.62
CA ALA E 119 26.14 58.61 118.88
C ALA E 119 25.11 58.10 119.87
N ASP E 120 23.99 57.55 119.38
CA ASP E 120 22.95 57.06 120.28
C ASP E 120 23.49 55.96 121.18
N THR E 121 23.13 56.02 122.46
CA THR E 121 23.71 55.11 123.44
C THR E 121 23.28 53.67 123.19
N ALA E 122 22.02 53.46 122.82
CA ALA E 122 21.53 52.10 122.60
C ALA E 122 22.26 51.43 121.43
N ILE E 123 22.38 52.15 120.32
CA ILE E 123 23.07 51.62 119.15
C ILE E 123 24.56 51.48 119.42
N LYS E 124 25.14 52.45 120.14
CA LYS E 124 26.58 52.40 120.42
C LYS E 124 26.92 51.21 121.30
N SER E 125 26.00 50.82 122.19
CA SER E 125 26.21 49.62 123.00
C SER E 125 26.41 48.40 122.12
N THR E 126 25.67 48.32 121.02
CA THR E 126 25.78 47.23 120.06
C THR E 126 27.22 47.01 119.63
N ILE E 127 27.93 48.09 119.33
CA ILE E 127 29.30 47.96 118.84
C ILE E 127 30.27 47.81 120.00
N VAL E 128 30.18 48.70 120.98
CA VAL E 128 31.21 48.78 122.02
C VAL E 128 31.19 47.53 122.87
N ASN E 129 30.02 47.10 123.31
CA ASN E 129 29.86 46.00 124.25
C ASN E 129 29.51 44.69 123.57
N VAL E 130 29.52 44.66 122.24
CA VAL E 130 29.13 43.52 121.40
C VAL E 130 27.93 42.80 122.02
N GLU E 131 26.84 43.55 122.24
CA GLU E 131 25.58 43.00 122.73
C GLU E 131 24.57 42.96 121.57
N HIS E 132 23.81 41.87 121.49
CA HIS E 132 22.69 41.77 120.57
C HIS E 132 21.51 42.64 121.01
N PHE E 133 20.69 43.03 120.05
CA PHE E 133 19.40 43.62 120.41
C PHE E 133 18.45 42.52 120.89
N TYR E 134 17.74 42.81 121.97
CA TYR E 134 16.81 41.83 122.55
C TYR E 134 15.52 42.44 123.11
N PRO F 1 52.68 70.07 86.28
CA PRO F 1 51.35 70.57 86.60
C PRO F 1 50.72 69.77 87.71
N ALA F 2 50.84 70.25 88.94
CA ALA F 2 50.16 69.61 90.05
C ALA F 2 48.65 69.77 89.86
N LEU F 3 47.91 68.78 90.37
CA LEU F 3 46.46 68.79 90.24
C LEU F 3 45.88 69.89 91.11
N LYS F 4 45.10 70.79 90.50
CA LYS F 4 44.60 72.01 91.10
C LYS F 4 43.29 72.35 90.41
N PRO F 5 42.31 72.90 91.14
CA PRO F 5 41.12 73.44 90.46
C PRO F 5 41.54 74.56 89.52
N ILE F 6 41.10 74.46 88.28
CA ILE F 6 41.50 75.43 87.26
C ILE F 6 40.26 76.20 86.84
N THR F 7 40.41 77.50 86.69
CA THR F 7 39.31 78.38 86.33
C THR F 7 39.42 78.70 84.85
N LEU F 8 38.32 78.49 84.12
CA LEU F 8 38.25 78.76 82.69
C LEU F 8 37.14 79.76 82.42
N THR F 9 37.33 80.62 81.43
CA THR F 9 36.36 81.67 81.12
C THR F 9 35.43 81.18 80.01
N ASP F 10 34.13 81.44 80.18
CA ASP F 10 33.13 80.99 79.22
C ASP F 10 32.92 82.07 78.15
N HIS F 11 31.79 82.01 77.44
CA HIS F 11 31.56 82.97 76.38
C HIS F 11 31.38 84.39 76.91
N SER F 12 30.68 84.53 78.02
CA SER F 12 30.46 85.84 78.64
C SER F 12 31.67 86.34 79.42
N SER F 13 32.80 85.64 79.34
CA SER F 13 34.03 85.88 80.10
C SER F 13 33.87 85.61 81.59
N ALA F 14 32.72 85.13 82.03
CA ALA F 14 32.55 84.73 83.42
C ALA F 14 33.43 83.53 83.75
N ASP F 15 33.90 83.48 84.98
CA ASP F 15 34.74 82.37 85.40
C ASP F 15 33.91 81.11 85.63
N VAL F 16 34.54 79.96 85.42
CA VAL F 16 33.94 78.64 85.55
C VAL F 16 35.00 77.75 86.17
N ILE F 17 34.78 77.34 87.41
CA ILE F 17 35.80 76.63 88.18
C ILE F 17 35.61 75.14 87.99
N PHE F 18 36.65 74.47 87.49
CA PHE F 18 36.67 73.02 87.35
C PHE F 18 37.49 72.44 88.49
N THR F 19 36.84 71.66 89.35
CA THR F 19 37.52 70.99 90.44
C THR F 19 38.05 69.64 89.97
N PRO F 20 39.23 69.24 90.42
CA PRO F 20 39.77 67.94 90.00
C PRO F 20 38.92 66.80 90.54
N THR F 21 38.58 65.87 89.67
CA THR F 21 37.76 64.72 90.02
C THR F 21 38.59 63.48 90.29
N GLN F 22 39.45 63.08 89.36
CA GLN F 22 40.00 61.73 89.41
C GLN F 22 41.21 61.66 88.49
N ILE F 23 42.16 60.81 88.85
CA ILE F 23 43.28 60.46 87.98
C ILE F 23 43.11 59.01 87.57
N ASP F 24 42.95 58.79 86.26
CA ASP F 24 42.52 57.51 85.73
C ASP F 24 43.60 56.44 85.92
N LYS F 25 43.22 55.19 85.64
CA LYS F 25 44.21 54.12 85.60
C LYS F 25 45.14 54.25 84.41
N ASN F 26 44.69 54.92 83.35
CA ASN F 26 45.49 55.11 82.15
C ASN F 26 46.26 56.41 82.16
N GLY F 27 46.12 57.21 83.22
CA GLY F 27 46.78 58.50 83.30
C GLY F 27 45.88 59.67 83.03
N VAL F 28 44.62 59.44 82.68
CA VAL F 28 43.71 60.52 82.36
C VAL F 28 43.35 61.28 83.64
N ALA F 29 43.43 62.60 83.59
CA ALA F 29 43.06 63.46 84.70
C ALA F 29 41.78 64.21 84.33
N TYR F 30 40.80 64.17 85.22
CA TYR F 30 39.47 64.71 84.97
C TYR F 30 39.20 65.90 85.88
N PHE F 31 38.75 67.01 85.29
CA PHE F 31 38.25 68.16 86.03
C PHE F 31 36.79 68.36 85.69
N ARG F 32 35.96 68.56 86.71
CA ARG F 32 34.52 68.66 86.49
C ARG F 32 33.97 69.97 87.06
N HIS F 33 32.88 70.42 86.44
CA HIS F 33 32.06 71.52 86.92
C HIS F 33 30.62 71.07 86.80
N LEU F 34 29.92 71.03 87.94
CA LEU F 34 28.58 70.47 87.98
C LEU F 34 27.57 71.37 87.27
N GLN F 35 26.43 70.78 86.92
CA GLN F 35 25.39 71.49 86.20
C GLN F 35 24.67 72.46 87.13
N ALA F 36 23.66 73.14 86.58
CA ALA F 36 22.85 74.07 87.38
C ALA F 36 22.24 73.36 88.58
N ASN F 37 21.57 72.24 88.34
CA ASN F 37 21.07 71.43 89.44
C ASN F 37 22.23 70.76 90.17
N GLY F 38 22.06 70.59 91.49
CA GLY F 38 23.10 69.96 92.28
C GLY F 38 23.34 68.51 91.94
N LYS F 39 22.55 67.93 91.05
CA LYS F 39 22.62 66.52 90.73
C LYS F 39 23.81 66.25 89.81
N PRO F 40 24.77 65.40 90.22
CA PRO F 40 25.97 65.13 89.41
C PRO F 40 25.76 63.99 88.43
N ILE F 41 24.94 64.24 87.42
CA ILE F 41 24.66 63.26 86.38
C ILE F 41 25.38 63.64 85.08
N GLY F 42 25.06 64.80 84.53
CA GLY F 42 25.81 65.37 83.43
C GLY F 42 26.57 66.57 83.96
N ALA F 43 27.83 66.66 83.58
CA ALA F 43 28.69 67.69 84.15
C ALA F 43 29.72 68.09 83.11
N TYR F 44 30.08 69.37 83.13
CA TYR F 44 31.12 69.85 82.23
C TYR F 44 32.46 69.25 82.65
N THR F 45 33.19 68.70 81.68
CA THR F 45 34.41 67.98 82.00
C THR F 45 35.57 68.43 81.13
N VAL F 46 36.77 68.31 81.68
CA VAL F 46 38.02 68.57 80.98
C VAL F 46 38.97 67.42 81.30
N SER F 47 39.36 66.67 80.27
CA SER F 47 40.25 65.52 80.41
C SER F 47 41.62 65.87 79.86
N SER F 48 42.66 65.49 80.57
CA SER F 48 44.03 65.69 80.11
C SER F 48 44.81 64.41 80.28
N HIS F 49 45.46 63.96 79.20
CA HIS F 49 46.26 62.75 79.26
C HIS F 49 47.44 62.87 78.32
N VAL F 50 48.64 62.63 78.84
CA VAL F 50 49.83 62.61 78.01
C VAL F 50 50.34 61.18 77.92
N LYS F 51 50.70 60.76 76.71
CA LYS F 51 51.17 59.42 76.44
C LYS F 51 52.64 59.51 76.01
N GLU F 52 53.51 58.94 76.85
CA GLU F 52 54.93 58.87 76.57
C GLU F 52 55.17 58.04 75.30
N PRO F 53 56.36 58.12 74.72
CA PRO F 53 56.64 57.33 73.52
C PRO F 53 57.19 55.95 73.83
N GLY F 54 56.82 54.99 73.01
CA GLY F 54 57.25 53.60 73.18
C GLY F 54 58.37 53.24 72.20
N THR F 55 59.44 52.67 72.75
CA THR F 55 60.60 52.29 71.94
C THR F 55 61.18 53.51 71.22
N ASN F 56 61.24 54.63 71.94
CA ASN F 56 61.79 55.88 71.44
C ASN F 56 61.14 56.30 70.12
N GLY F 57 59.89 55.88 69.90
CA GLY F 57 59.12 56.48 68.82
C GLY F 57 59.02 57.97 69.04
N ASP F 58 59.28 58.74 67.99
CA ASP F 58 59.45 60.18 68.13
C ASP F 58 58.26 60.86 68.79
N VAL F 59 57.07 60.24 68.77
CA VAL F 59 55.83 60.94 69.09
C VAL F 59 55.53 60.89 70.59
N PHE F 60 55.11 62.05 71.11
CA PHE F 60 54.41 62.20 72.37
C PHE F 60 52.97 62.52 72.02
N ARG F 61 52.02 61.82 72.64
CA ARG F 61 50.60 62.01 72.30
C ARG F 61 49.89 62.67 73.49
N VAL F 62 49.68 63.98 73.42
CA VAL F 62 49.13 64.73 74.54
C VAL F 62 47.74 65.21 74.15
N LYS F 63 46.75 64.85 74.96
CA LYS F 63 45.35 64.99 74.57
C LYS F 63 44.60 65.82 75.61
N LEU F 64 43.72 66.68 75.09
CA LEU F 64 42.90 67.59 75.89
C LEU F 64 41.46 67.50 75.39
N PHE F 65 40.53 67.18 76.27
CA PHE F 65 39.12 67.03 75.95
C PHE F 65 38.30 68.01 76.77
N VAL F 66 37.33 68.65 76.13
CA VAL F 66 36.40 69.57 76.80
C VAL F 66 35.00 69.17 76.40
N ASN F 67 34.25 68.59 77.34
CA ASN F 67 32.91 68.07 77.09
C ASN F 67 31.89 68.95 77.80
N VAL F 68 30.97 69.49 77.03
CA VAL F 68 29.90 70.35 77.52
C VAL F 68 28.57 69.63 77.31
N PRO F 69 28.03 68.98 78.35
CA PRO F 69 26.72 68.34 78.22
C PRO F 69 25.56 69.29 78.48
N GLU F 70 24.52 69.15 77.68
CA GLU F 70 23.22 69.77 77.91
C GLU F 70 22.28 68.72 78.48
N VAL F 71 21.71 69.01 79.65
CA VAL F 71 20.93 68.07 80.44
C VAL F 71 19.46 68.46 80.39
N ALA F 72 18.59 67.47 80.65
CA ALA F 72 17.15 67.67 80.65
C ALA F 72 16.56 67.02 81.90
N THR F 73 15.73 67.77 82.61
CA THR F 73 15.03 67.26 83.79
C THR F 73 13.65 66.78 83.35
N ILE F 74 13.46 65.46 83.30
CA ILE F 74 12.21 64.86 82.84
C ILE F 74 11.47 64.30 84.04
N THR F 75 10.22 64.72 84.21
CA THR F 75 9.36 64.15 85.23
C THR F 75 8.20 63.43 84.54
N PRO F 76 8.06 62.12 84.74
CA PRO F 76 7.02 61.37 84.00
C PRO F 76 5.61 61.78 84.35
N ASN F 77 4.63 61.20 83.66
CA ASN F 77 3.24 61.61 83.84
C ASN F 77 2.69 61.11 85.17
N GLY F 78 2.10 62.02 85.94
CA GLY F 78 1.47 61.67 87.19
C GLY F 78 2.41 61.11 88.23
N SER F 79 3.68 61.53 88.22
CA SER F 79 4.69 61.02 89.12
C SER F 79 5.20 62.14 90.02
N ASP F 80 5.40 61.81 91.30
CA ASP F 80 5.86 62.81 92.26
C ASP F 80 7.25 63.31 91.92
N THR F 81 8.15 62.41 91.52
CA THR F 81 9.58 62.69 91.46
C THR F 81 10.06 62.81 90.02
N SER F 82 10.97 63.76 89.81
CA SER F 82 11.61 63.98 88.52
C SER F 82 13.00 63.36 88.52
N SER F 83 13.41 62.89 87.34
CA SER F 83 14.75 62.37 87.17
C SER F 83 15.44 63.15 86.06
N VAL F 84 16.76 63.18 86.12
CA VAL F 84 17.55 63.96 85.18
C VAL F 84 18.18 63.03 84.16
N GLU F 85 18.43 63.56 82.97
CA GLU F 85 18.86 62.75 81.83
C GLU F 85 19.78 63.57 80.95
N ILE F 86 20.77 62.90 80.35
CA ILE F 86 21.73 63.59 79.49
C ILE F 86 21.10 63.76 78.11
N ALA F 87 20.75 65.01 77.78
CA ALA F 87 20.05 65.28 76.52
C ALA F 87 20.99 65.18 75.34
N ARG F 88 22.07 65.96 75.35
CA ARG F 88 23.07 65.85 74.29
C ARG F 88 24.37 66.44 74.82
N THR F 89 25.43 66.33 74.02
CA THR F 89 26.74 66.82 74.45
C THR F 89 27.46 67.45 73.27
N ASN F 90 27.99 68.66 73.49
CA ASN F 90 28.98 69.24 72.59
C ASN F 90 30.36 68.86 73.09
N ARG F 91 31.26 68.53 72.17
CA ARG F 91 32.59 68.09 72.56
C ARG F 91 33.66 68.78 71.72
N ALA F 92 34.79 69.06 72.36
CA ALA F 92 36.00 69.48 71.66
C ALA F 92 37.10 68.51 72.07
N GLN F 93 37.79 67.95 71.08
CA GLN F 93 38.80 66.93 71.32
C GLN F 93 40.08 67.33 70.59
N VAL F 94 41.16 67.50 71.34
CA VAL F 94 42.42 67.99 70.81
C VAL F 94 43.50 66.96 71.09
N GLU F 95 44.25 66.61 70.05
CA GLU F 95 45.41 65.74 70.17
C GLU F 95 46.60 66.47 69.57
N PHE F 96 47.62 66.72 70.39
CA PHE F 96 48.90 67.21 69.91
C PHE F 96 49.85 66.02 69.78
N ILE F 97 50.46 65.92 68.61
CA ILE F 97 51.53 64.96 68.33
C ILE F 97 52.83 65.74 68.33
N LEU F 98 53.68 65.47 69.32
CA LEU F 98 54.88 66.26 69.53
C LEU F 98 56.12 65.39 69.40
N PRO F 99 56.98 65.60 68.41
CA PRO F 99 58.19 64.78 68.31
C PRO F 99 59.11 64.98 69.51
N ALA F 100 59.76 63.89 69.93
CA ALA F 100 60.57 63.87 71.14
C ALA F 100 61.88 64.62 70.98
N GLN F 101 62.15 65.23 69.83
CA GLN F 101 63.39 65.94 69.60
C GLN F 101 63.21 67.43 69.34
N SER F 102 62.00 67.92 69.12
CA SER F 102 61.81 69.35 69.03
C SER F 102 61.88 69.97 70.41
N ALA F 103 62.54 71.12 70.51
CA ALA F 103 62.66 71.81 71.78
C ALA F 103 61.36 72.51 72.13
N ALA F 104 61.27 72.99 73.38
CA ALA F 104 60.02 73.55 73.88
C ALA F 104 59.54 74.75 73.08
N THR F 105 60.44 75.45 72.38
CA THR F 105 60.04 76.62 71.60
C THR F 105 58.99 76.25 70.57
N VAL F 106 59.20 75.13 69.88
CA VAL F 106 58.30 74.69 68.83
C VAL F 106 56.92 74.41 69.41
N ARG F 107 56.87 73.71 70.55
CA ARG F 107 55.57 73.39 71.13
C ARG F 107 54.88 74.66 71.63
N GLU F 108 55.65 75.61 72.17
CA GLU F 108 55.06 76.85 72.64
C GLU F 108 54.38 77.61 71.50
N ASP F 109 55.10 77.80 70.38
CA ASP F 109 54.44 78.56 69.32
C ASP F 109 53.40 77.74 68.56
N LEU F 110 53.44 76.40 68.65
CA LEU F 110 52.31 75.62 68.14
C LEU F 110 51.05 75.87 68.94
N VAL F 111 51.15 75.83 70.26
CA VAL F 111 50.01 76.13 71.12
C VAL F 111 49.51 77.55 70.85
N ALA F 112 50.43 78.51 70.71
CA ALA F 112 50.02 79.89 70.43
C ALA F 112 49.29 79.99 69.10
N LEU F 113 49.78 79.27 68.08
CA LEU F 113 49.09 79.26 66.79
C LEU F 113 47.69 78.69 66.91
N LEU F 114 47.53 77.62 67.68
CA LEU F 114 46.20 77.02 67.84
C LEU F 114 45.26 77.97 68.55
N ALA F 115 45.72 78.61 69.63
CA ALA F 115 44.86 79.54 70.37
C ALA F 115 44.49 80.74 69.51
N SER F 116 45.45 81.27 68.76
CA SER F 116 45.14 82.41 67.88
C SER F 116 44.20 82.00 66.75
N ALA F 117 44.30 80.75 66.28
CA ALA F 117 43.35 80.27 65.29
C ALA F 117 41.95 80.18 65.88
N LEU F 118 41.84 79.72 67.13
CA LEU F 118 40.54 79.72 67.80
C LEU F 118 40.00 81.13 67.99
N ALA F 119 40.89 82.10 68.18
CA ALA F 119 40.45 83.47 68.39
C ALA F 119 40.07 84.18 67.09
N ASP F 120 40.70 83.83 65.98
CA ASP F 120 40.40 84.47 64.70
C ASP F 120 38.92 84.32 64.38
N THR F 121 38.31 85.39 63.86
CA THR F 121 36.87 85.39 63.64
C THR F 121 36.49 84.45 62.49
N ALA F 122 37.29 84.42 61.43
CA ALA F 122 36.99 83.56 60.29
C ALA F 122 37.04 82.08 60.69
N ILE F 123 38.11 81.69 61.39
CA ILE F 123 38.21 80.32 61.86
C ILE F 123 37.15 80.04 62.93
N LYS F 124 36.77 81.05 63.70
CA LYS F 124 35.82 80.84 64.78
C LYS F 124 34.44 80.53 64.23
N SER F 125 33.99 81.29 63.23
CA SER F 125 32.68 81.04 62.63
C SER F 125 32.57 79.63 62.09
N THR F 126 33.69 79.05 61.63
CA THR F 126 33.71 77.65 61.24
C THR F 126 33.12 76.76 62.33
N ILE F 127 33.57 76.95 63.56
CA ILE F 127 33.10 76.12 64.66
C ILE F 127 31.73 76.59 65.13
N VAL F 128 31.65 77.87 65.50
CA VAL F 128 30.48 78.40 66.19
C VAL F 128 29.26 78.37 65.29
N ASN F 129 29.41 78.80 64.04
CA ASN F 129 28.30 79.04 63.13
C ASN F 129 28.07 77.90 62.15
N VAL F 130 28.95 76.89 62.15
CA VAL F 130 28.81 75.72 61.29
C VAL F 130 28.68 76.17 59.84
N GLU F 131 29.60 77.03 59.44
CA GLU F 131 29.75 77.51 58.08
C GLU F 131 31.01 76.90 57.50
N HIS F 132 30.92 76.48 56.23
CA HIS F 132 32.09 76.03 55.48
C HIS F 132 32.94 77.22 55.07
N PHE F 133 34.23 76.96 54.87
CA PHE F 133 35.10 77.93 54.23
C PHE F 133 34.83 77.95 52.73
N TYR F 134 34.87 79.15 52.14
CA TYR F 134 34.62 79.31 50.72
C TYR F 134 35.33 80.53 50.10
N PRO G 1 -56.02 -39.52 -69.91
CA PRO G 1 -55.84 -40.06 -71.27
C PRO G 1 -55.41 -41.52 -71.22
N ALA G 2 -56.29 -42.38 -71.71
CA ALA G 2 -55.98 -43.80 -71.85
C ALA G 2 -54.69 -43.98 -72.64
N LEU G 3 -53.76 -44.74 -72.06
CA LEU G 3 -52.45 -44.95 -72.67
C LEU G 3 -52.61 -45.53 -74.05
N LYS G 4 -52.12 -44.80 -75.05
CA LYS G 4 -52.26 -45.16 -76.46
C LYS G 4 -50.99 -44.75 -77.19
N PRO G 5 -50.55 -45.52 -78.17
CA PRO G 5 -49.40 -45.10 -78.97
C PRO G 5 -49.73 -43.81 -79.69
N ILE G 6 -48.80 -42.87 -79.64
CA ILE G 6 -49.05 -41.55 -80.18
C ILE G 6 -48.07 -41.29 -81.31
N THR G 7 -48.51 -40.53 -82.30
CA THR G 7 -47.71 -40.23 -83.48
C THR G 7 -47.28 -38.76 -83.44
N LEU G 8 -45.98 -38.53 -83.58
CA LEU G 8 -45.40 -37.19 -83.55
C LEU G 8 -44.60 -36.96 -84.83
N THR G 9 -44.53 -35.70 -85.27
CA THR G 9 -43.82 -35.36 -86.49
C THR G 9 -42.38 -34.94 -86.21
N ASP G 10 -41.44 -35.43 -87.02
CA ASP G 10 -40.03 -35.10 -86.89
C ASP G 10 -39.73 -33.82 -87.67
N HIS G 11 -38.46 -33.60 -87.98
CA HIS G 11 -38.12 -32.35 -88.67
C HIS G 11 -38.68 -32.32 -90.07
N SER G 12 -38.66 -33.45 -90.77
CA SER G 12 -39.19 -33.54 -92.12
C SER G 12 -40.71 -33.68 -92.16
N SER G 13 -41.37 -33.45 -91.02
CA SER G 13 -42.81 -33.60 -90.83
C SER G 13 -43.30 -35.01 -91.11
N ALA G 14 -42.39 -35.98 -91.21
CA ALA G 14 -42.77 -37.38 -91.31
C ALA G 14 -43.30 -37.89 -89.97
N ASP G 15 -44.09 -38.96 -90.03
CA ASP G 15 -44.66 -39.51 -88.82
C ASP G 15 -43.63 -40.35 -88.07
N VAL G 16 -43.74 -40.34 -86.75
CA VAL G 16 -42.87 -41.08 -85.84
C VAL G 16 -43.76 -41.63 -84.74
N ILE G 17 -43.91 -42.95 -84.68
CA ILE G 17 -44.89 -43.59 -83.82
C ILE G 17 -44.19 -44.02 -82.54
N PHE G 18 -44.63 -43.47 -81.40
CA PHE G 18 -44.15 -43.87 -80.08
C PHE G 18 -45.16 -44.81 -79.47
N THR G 19 -44.72 -46.04 -79.19
CA THR G 19 -45.57 -47.04 -78.54
C THR G 19 -45.40 -46.96 -77.03
N PRO G 20 -46.47 -47.14 -76.27
CA PRO G 20 -46.32 -47.14 -74.80
C PRO G 20 -45.50 -48.32 -74.36
N THR G 21 -44.58 -48.06 -73.43
CA THR G 21 -43.69 -49.07 -72.87
C THR G 21 -44.06 -49.45 -71.45
N GLN G 22 -44.28 -48.47 -70.57
CA GLN G 22 -44.35 -48.75 -69.15
C GLN G 22 -45.05 -47.60 -68.44
N ILE G 23 -45.75 -47.94 -67.37
CA ILE G 23 -46.24 -46.96 -66.40
C ILE G 23 -45.46 -47.21 -65.10
N ASP G 24 -44.79 -46.17 -64.63
CA ASP G 24 -43.79 -46.32 -63.58
C ASP G 24 -44.44 -46.52 -62.21
N LYS G 25 -43.60 -46.83 -61.22
CA LYS G 25 -44.08 -46.87 -59.84
C LYS G 25 -44.47 -45.49 -59.35
N ASN G 26 -43.83 -44.45 -59.88
CA ASN G 26 -44.08 -43.07 -59.46
C ASN G 26 -45.16 -42.39 -60.29
N GLY G 27 -45.76 -43.10 -61.24
CA GLY G 27 -46.73 -42.50 -62.13
C GLY G 27 -46.20 -42.03 -63.45
N VAL G 28 -44.92 -42.31 -63.74
CA VAL G 28 -44.32 -41.88 -65.00
C VAL G 28 -44.75 -42.84 -66.11
N ALA G 29 -45.20 -42.28 -67.22
CA ALA G 29 -45.60 -43.06 -68.38
C ALA G 29 -44.59 -42.84 -69.49
N TYR G 30 -44.11 -43.94 -70.08
CA TYR G 30 -43.03 -43.90 -71.06
C TYR G 30 -43.52 -44.39 -72.41
N PHE G 31 -43.29 -43.59 -73.45
CA PHE G 31 -43.48 -44.00 -74.84
C PHE G 31 -42.12 -44.10 -75.52
N ARG G 32 -41.90 -45.17 -76.27
CA ARG G 32 -40.62 -45.39 -76.91
C ARG G 32 -40.79 -45.58 -78.42
N HIS G 33 -39.74 -45.18 -79.14
CA HIS G 33 -39.60 -45.43 -80.56
C HIS G 33 -38.18 -45.93 -80.77
N LEU G 34 -38.05 -47.15 -81.29
CA LEU G 34 -36.74 -47.80 -81.40
C LEU G 34 -35.87 -47.11 -82.44
N GLN G 35 -34.57 -47.36 -82.35
CA GLN G 35 -33.63 -46.78 -83.31
C GLN G 35 -33.73 -47.47 -84.67
N ALA G 36 -32.85 -47.05 -85.58
CA ALA G 36 -32.77 -47.67 -86.89
C ALA G 36 -32.56 -49.18 -86.77
N ASN G 37 -31.55 -49.60 -86.00
CA ASN G 37 -31.37 -51.01 -85.71
C ASN G 37 -32.52 -51.53 -84.86
N GLY G 38 -32.82 -52.81 -85.02
CA GLY G 38 -33.90 -53.43 -84.26
C GLY G 38 -33.60 -53.54 -82.78
N LYS G 39 -32.38 -53.20 -82.40
CA LYS G 39 -31.90 -53.30 -81.04
C LYS G 39 -32.43 -52.14 -80.20
N PRO G 40 -32.90 -52.41 -78.98
CA PRO G 40 -33.55 -51.39 -78.16
C PRO G 40 -32.65 -50.60 -77.22
N ILE G 41 -31.33 -50.70 -77.35
CA ILE G 41 -30.45 -50.23 -76.29
C ILE G 41 -30.54 -48.71 -76.15
N GLY G 42 -30.56 -47.99 -77.27
CA GLY G 42 -30.85 -46.57 -77.22
C GLY G 42 -32.13 -46.33 -78.01
N ALA G 43 -33.03 -45.51 -77.49
CA ALA G 43 -34.30 -45.32 -78.18
C ALA G 43 -34.89 -43.97 -77.83
N TYR G 44 -35.63 -43.40 -78.78
CA TYR G 44 -36.32 -42.15 -78.55
C TYR G 44 -37.43 -42.35 -77.53
N THR G 45 -37.52 -41.45 -76.56
CA THR G 45 -38.47 -41.64 -75.46
C THR G 45 -39.24 -40.36 -75.18
N VAL G 46 -40.47 -40.54 -74.71
CA VAL G 46 -41.32 -39.46 -74.25
C VAL G 46 -41.90 -39.87 -72.90
N SER G 47 -41.59 -39.09 -71.87
CA SER G 47 -42.01 -39.36 -70.50
C SER G 47 -43.07 -38.34 -70.09
N SER G 48 -44.13 -38.81 -69.45
CA SER G 48 -45.17 -37.93 -68.95
C SER G 48 -45.51 -38.30 -67.52
N HIS G 49 -45.39 -37.35 -66.61
CA HIS G 49 -45.76 -37.59 -65.22
C HIS G 49 -46.37 -36.32 -64.64
N VAL G 50 -47.55 -36.45 -64.05
CA VAL G 50 -48.19 -35.32 -63.40
C VAL G 50 -48.28 -35.62 -61.90
N LYS G 51 -47.84 -34.66 -61.09
CA LYS G 51 -47.78 -34.77 -59.65
C LYS G 51 -48.86 -33.88 -59.05
N GLU G 52 -49.87 -34.51 -58.45
CA GLU G 52 -50.95 -33.78 -57.83
C GLU G 52 -50.45 -33.10 -56.55
N PRO G 53 -51.11 -32.03 -56.13
CA PRO G 53 -50.65 -31.30 -54.94
C PRO G 53 -51.03 -32.01 -53.64
N GLY G 54 -50.30 -31.65 -52.58
CA GLY G 54 -50.55 -32.23 -51.27
C GLY G 54 -50.72 -31.16 -50.22
N THR G 55 -51.53 -31.48 -49.20
CA THR G 55 -51.91 -30.54 -48.15
C THR G 55 -52.47 -29.25 -48.78
N ASN G 56 -53.50 -29.44 -49.61
CA ASN G 56 -54.10 -28.36 -50.39
C ASN G 56 -53.03 -27.54 -51.10
N GLY G 57 -51.98 -28.20 -51.58
CA GLY G 57 -50.94 -27.50 -52.29
C GLY G 57 -51.51 -26.76 -53.48
N ASP G 58 -51.03 -25.53 -53.68
CA ASP G 58 -51.57 -24.73 -54.76
C ASP G 58 -51.25 -25.30 -56.13
N VAL G 59 -50.27 -26.19 -56.25
CA VAL G 59 -49.59 -26.46 -57.51
C VAL G 59 -49.71 -27.92 -57.90
N PHE G 60 -50.22 -28.16 -59.11
CA PHE G 60 -49.92 -29.34 -59.89
C PHE G 60 -48.57 -29.16 -60.57
N ARG G 61 -47.78 -30.24 -60.64
CA ARG G 61 -46.49 -30.21 -61.35
C ARG G 61 -46.51 -31.26 -62.45
N VAL G 62 -46.67 -30.84 -63.69
CA VAL G 62 -46.89 -31.73 -64.82
C VAL G 62 -45.65 -31.69 -65.71
N LYS G 63 -45.04 -32.84 -65.97
CA LYS G 63 -43.73 -32.90 -66.59
C LYS G 63 -43.79 -33.75 -67.86
N LEU G 64 -43.13 -33.22 -68.89
CA LEU G 64 -43.03 -33.84 -70.21
C LEU G 64 -41.58 -33.87 -70.63
N PHE G 65 -41.06 -35.05 -70.95
CA PHE G 65 -39.68 -35.24 -71.33
C PHE G 65 -39.61 -35.86 -72.73
N VAL G 66 -38.70 -35.34 -73.56
CA VAL G 66 -38.48 -35.84 -74.90
C VAL G 66 -36.99 -36.07 -75.06
N ASN G 67 -36.59 -37.35 -75.10
CA ASN G 67 -35.18 -37.73 -75.15
C ASN G 67 -34.87 -38.34 -76.51
N VAL G 68 -33.87 -37.77 -77.17
CA VAL G 68 -33.43 -38.18 -78.49
C VAL G 68 -31.97 -38.62 -78.40
N PRO G 69 -31.71 -39.93 -78.30
CA PRO G 69 -30.32 -40.40 -78.31
C PRO G 69 -29.79 -40.63 -79.71
N GLU G 70 -28.51 -40.34 -79.87
CA GLU G 70 -27.70 -40.80 -81.00
C GLU G 70 -26.86 -41.97 -80.51
N VAL G 71 -27.06 -43.13 -81.14
CA VAL G 71 -26.35 -44.34 -80.81
C VAL G 71 -25.23 -44.54 -81.84
N ALA G 72 -24.21 -45.29 -81.45
CA ALA G 72 -23.09 -45.62 -82.33
C ALA G 72 -22.85 -47.11 -82.30
N THR G 73 -22.57 -47.67 -83.47
CA THR G 73 -22.34 -49.11 -83.62
C THR G 73 -20.85 -49.37 -83.55
N ILE G 74 -20.40 -49.95 -82.45
CA ILE G 74 -18.99 -50.26 -82.23
C ILE G 74 -18.77 -51.72 -82.55
N THR G 75 -17.85 -52.00 -83.46
CA THR G 75 -17.51 -53.37 -83.81
C THR G 75 -15.99 -53.52 -83.61
N PRO G 76 -15.54 -54.41 -82.72
CA PRO G 76 -14.11 -54.51 -82.44
C PRO G 76 -13.32 -54.97 -83.66
N ASN G 77 -12.00 -54.79 -83.59
CA ASN G 77 -11.15 -54.98 -84.74
C ASN G 77 -11.17 -56.43 -85.21
N GLY G 78 -11.60 -56.63 -86.45
CA GLY G 78 -11.66 -57.96 -87.05
C GLY G 78 -12.68 -58.88 -86.43
N SER G 79 -13.83 -58.35 -86.03
CA SER G 79 -14.85 -59.12 -85.35
C SER G 79 -16.06 -59.33 -86.25
N ASP G 80 -16.77 -60.45 -86.00
CA ASP G 80 -17.97 -60.75 -86.79
C ASP G 80 -19.12 -59.84 -86.38
N THR G 81 -19.41 -59.76 -85.08
CA THR G 81 -20.61 -59.09 -84.60
C THR G 81 -20.25 -57.76 -83.96
N SER G 82 -21.20 -56.82 -84.03
CA SER G 82 -21.06 -55.49 -83.50
C SER G 82 -22.04 -55.27 -82.35
N SER G 83 -21.64 -54.44 -81.40
CA SER G 83 -22.49 -54.06 -80.27
C SER G 83 -22.81 -52.58 -80.36
N VAL G 84 -23.98 -52.20 -79.85
CA VAL G 84 -24.46 -50.82 -79.95
C VAL G 84 -24.26 -50.13 -78.61
N GLU G 85 -23.83 -48.86 -78.67
CA GLU G 85 -23.52 -48.07 -77.49
C GLU G 85 -24.20 -46.72 -77.61
N ILE G 86 -24.60 -46.15 -76.48
CA ILE G 86 -25.29 -44.86 -76.49
C ILE G 86 -24.22 -43.76 -76.59
N ALA G 87 -24.11 -43.15 -77.78
CA ALA G 87 -23.06 -42.17 -78.01
C ALA G 87 -23.33 -40.88 -77.24
N ARG G 88 -24.46 -40.25 -77.51
CA ARG G 88 -24.84 -39.05 -76.75
C ARG G 88 -26.34 -38.90 -76.85
N THR G 89 -26.88 -37.94 -76.08
CA THR G 89 -28.32 -37.76 -76.04
C THR G 89 -28.65 -36.27 -76.03
N ASN G 90 -29.56 -35.84 -76.90
CA ASN G 90 -30.22 -34.56 -76.76
C ASN G 90 -31.50 -34.74 -75.96
N ARG G 91 -31.85 -33.75 -75.14
CA ARG G 91 -33.03 -33.87 -74.31
C ARG G 91 -33.77 -32.54 -74.25
N ALA G 92 -35.09 -32.65 -74.07
CA ALA G 92 -35.95 -31.50 -73.78
C ALA G 92 -36.82 -31.86 -72.59
N GLN G 93 -36.83 -31.00 -71.57
CA GLN G 93 -37.50 -31.29 -70.30
C GLN G 93 -38.39 -30.12 -69.94
N VAL G 94 -39.70 -30.38 -69.85
CA VAL G 94 -40.71 -29.35 -69.65
C VAL G 94 -41.43 -29.63 -68.35
N GLU G 95 -41.45 -28.64 -67.46
CA GLU G 95 -42.24 -28.70 -66.23
C GLU G 95 -43.22 -27.54 -66.26
N PHE G 96 -44.51 -27.85 -66.34
CA PHE G 96 -45.55 -26.85 -66.13
C PHE G 96 -45.91 -26.86 -64.66
N ILE G 97 -45.87 -25.69 -64.05
CA ILE G 97 -46.35 -25.47 -62.69
C ILE G 97 -47.72 -24.82 -62.82
N LEU G 98 -48.76 -25.61 -62.62
CA LEU G 98 -50.10 -25.06 -62.77
C LEU G 98 -50.76 -24.93 -61.41
N PRO G 99 -51.47 -23.84 -61.12
CA PRO G 99 -52.21 -23.79 -59.86
C PRO G 99 -53.56 -24.49 -59.94
N ALA G 100 -53.95 -25.13 -58.83
CA ALA G 100 -55.23 -25.83 -58.76
C ALA G 100 -56.42 -24.88 -58.80
N GLN G 101 -56.18 -23.58 -58.69
CA GLN G 101 -57.25 -22.60 -58.61
C GLN G 101 -57.50 -21.88 -59.94
N SER G 102 -56.78 -22.26 -60.99
CA SER G 102 -56.89 -21.59 -62.28
C SER G 102 -58.04 -22.17 -63.10
N ALA G 103 -58.36 -21.49 -64.19
CA ALA G 103 -59.34 -21.95 -65.16
C ALA G 103 -58.63 -22.54 -66.37
N ALA G 104 -59.27 -23.54 -66.99
CA ALA G 104 -58.65 -24.25 -68.10
C ALA G 104 -58.30 -23.34 -69.26
N THR G 105 -58.98 -22.20 -69.40
CA THR G 105 -58.63 -21.22 -70.42
C THR G 105 -57.17 -20.80 -70.30
N VAL G 106 -56.75 -20.54 -69.06
CA VAL G 106 -55.40 -20.06 -68.81
C VAL G 106 -54.38 -21.13 -69.21
N ARG G 107 -54.62 -22.38 -68.83
CA ARG G 107 -53.69 -23.44 -69.21
C ARG G 107 -53.66 -23.64 -70.71
N GLU G 108 -54.82 -23.53 -71.36
CA GLU G 108 -54.87 -23.69 -72.81
C GLU G 108 -54.00 -22.64 -73.50
N ASP G 109 -54.17 -21.37 -73.15
CA ASP G 109 -53.33 -20.40 -73.86
C ASP G 109 -51.90 -20.33 -73.33
N LEU G 110 -51.61 -20.87 -72.15
CA LEU G 110 -50.21 -21.05 -71.77
C LEU G 110 -49.53 -22.06 -72.68
N VAL G 111 -50.18 -23.21 -72.90
CA VAL G 111 -49.63 -24.21 -73.82
C VAL G 111 -49.51 -23.63 -75.22
N ALA G 112 -50.52 -22.89 -75.66
CA ALA G 112 -50.47 -22.30 -77.00
C ALA G 112 -49.32 -21.31 -77.12
N LEU G 113 -49.10 -20.51 -76.07
CA LEU G 113 -47.98 -19.57 -76.07
C LEU G 113 -46.65 -20.30 -76.13
N LEU G 114 -46.52 -21.40 -75.40
CA LEU G 114 -45.28 -22.16 -75.44
C LEU G 114 -45.04 -22.73 -76.83
N ALA G 115 -46.08 -23.30 -77.45
CA ALA G 115 -45.92 -23.86 -78.79
C ALA G 115 -45.59 -22.79 -79.82
N SER G 116 -46.23 -21.63 -79.72
CA SER G 116 -45.92 -20.55 -80.64
C SER G 116 -44.53 -19.98 -80.40
N ALA G 117 -44.06 -20.00 -79.15
CA ALA G 117 -42.69 -19.57 -78.89
C ALA G 117 -41.70 -20.55 -79.51
N LEU G 118 -41.98 -21.85 -79.43
CA LEU G 118 -41.15 -22.84 -80.13
C LEU G 118 -41.20 -22.64 -81.63
N ALA G 119 -42.34 -22.22 -82.17
CA ALA G 119 -42.45 -22.04 -83.61
C ALA G 119 -41.79 -20.75 -84.09
N ASP G 120 -41.72 -19.72 -83.23
CA ASP G 120 -41.10 -18.46 -83.64
C ASP G 120 -39.64 -18.68 -84.00
N THR G 121 -39.21 -18.06 -85.09
CA THR G 121 -37.86 -18.29 -85.59
C THR G 121 -36.80 -17.68 -84.67
N ALA G 122 -37.08 -16.50 -84.11
CA ALA G 122 -36.14 -15.86 -83.21
C ALA G 122 -35.87 -16.72 -81.98
N ILE G 123 -36.92 -17.32 -81.43
CA ILE G 123 -36.76 -18.20 -80.28
C ILE G 123 -36.21 -19.55 -80.71
N LYS G 124 -36.53 -20.01 -81.92
CA LYS G 124 -36.08 -21.31 -82.38
C LYS G 124 -34.58 -21.31 -82.62
N SER G 125 -34.02 -20.17 -83.03
CA SER G 125 -32.56 -20.09 -83.20
C SER G 125 -31.86 -20.26 -81.85
N THR G 126 -32.51 -19.84 -80.77
CA THR G 126 -31.98 -20.05 -79.43
C THR G 126 -31.69 -21.53 -79.17
N ILE G 127 -32.66 -22.39 -79.48
CA ILE G 127 -32.50 -23.81 -79.20
C ILE G 127 -31.63 -24.46 -80.26
N VAL G 128 -32.04 -24.31 -81.52
CA VAL G 128 -31.42 -25.06 -82.59
C VAL G 128 -29.98 -24.63 -82.81
N ASN G 129 -29.72 -23.32 -82.83
CA ASN G 129 -28.45 -22.74 -83.24
C ASN G 129 -27.62 -22.22 -82.09
N VAL G 130 -28.14 -22.25 -80.87
CA VAL G 130 -27.42 -21.89 -79.65
C VAL G 130 -26.82 -20.49 -79.80
N GLU G 131 -27.67 -19.57 -80.20
CA GLU G 131 -27.34 -18.16 -80.22
C GLU G 131 -28.04 -17.48 -79.05
N HIS G 132 -27.28 -16.67 -78.30
CA HIS G 132 -27.81 -15.85 -77.22
C HIS G 132 -28.59 -14.66 -77.78
N PHE G 133 -29.50 -14.14 -76.96
CA PHE G 133 -30.11 -12.85 -77.22
C PHE G 133 -29.15 -11.73 -76.87
N TYR G 134 -29.14 -10.68 -77.69
CA TYR G 134 -28.23 -9.56 -77.47
C TYR G 134 -28.82 -8.22 -77.94
N PRO H 1 -63.37 -54.56 -64.53
CA PRO H 1 -63.80 -53.19 -64.85
C PRO H 1 -62.65 -52.35 -65.35
N ALA H 2 -62.41 -52.38 -66.66
CA ALA H 2 -61.39 -51.52 -67.25
C ALA H 2 -61.74 -50.06 -67.00
N LEU H 3 -60.70 -49.28 -66.72
CA LEU H 3 -60.88 -47.87 -66.40
C LEU H 3 -61.57 -47.15 -67.54
N LYS H 4 -62.70 -46.50 -67.24
CA LYS H 4 -63.54 -45.92 -68.28
C LYS H 4 -64.46 -44.92 -67.62
N PRO H 5 -64.85 -43.86 -68.32
CA PRO H 5 -65.67 -42.82 -67.69
C PRO H 5 -67.02 -43.38 -67.31
N ILE H 6 -67.54 -42.92 -66.19
CA ILE H 6 -68.80 -43.43 -65.68
C ILE H 6 -69.74 -42.27 -65.43
N THR H 7 -71.03 -42.50 -65.62
CA THR H 7 -72.05 -41.47 -65.49
C THR H 7 -72.89 -41.74 -64.24
N LEU H 8 -73.08 -40.69 -63.44
CA LEU H 8 -73.83 -40.77 -62.19
C LEU H 8 -74.87 -39.65 -62.15
N THR H 9 -76.00 -39.91 -61.50
CA THR H 9 -77.08 -38.94 -61.44
C THR H 9 -76.99 -38.12 -60.16
N ASP H 10 -77.13 -36.80 -60.29
CA ASP H 10 -77.09 -35.92 -59.13
C ASP H 10 -78.47 -35.84 -58.49
N HIS H 11 -78.67 -34.88 -57.60
CA HIS H 11 -79.96 -34.79 -56.91
C HIS H 11 -81.10 -34.46 -57.87
N SER H 12 -80.83 -33.70 -58.90
CA SER H 12 -81.83 -33.34 -59.89
C SER H 12 -82.02 -34.43 -60.94
N SER H 13 -81.41 -35.60 -60.75
CA SER H 13 -81.36 -36.71 -61.69
C SER H 13 -80.63 -36.36 -62.98
N ALA H 14 -79.95 -35.21 -63.03
CA ALA H 14 -79.17 -34.85 -64.21
C ALA H 14 -77.89 -35.69 -64.27
N ASP H 15 -77.55 -36.13 -65.49
CA ASP H 15 -76.35 -36.93 -65.65
C ASP H 15 -75.09 -36.12 -65.36
N VAL H 16 -74.09 -36.79 -64.81
CA VAL H 16 -72.83 -36.20 -64.38
C VAL H 16 -71.74 -37.18 -64.76
N ILE H 17 -70.89 -36.80 -65.69
CA ILE H 17 -69.94 -37.72 -66.32
C ILE H 17 -68.57 -37.53 -65.66
N PHE H 18 -68.13 -38.54 -64.93
CA PHE H 18 -66.79 -38.57 -64.35
C PHE H 18 -65.84 -39.27 -65.32
N THR H 19 -64.82 -38.53 -65.79
CA THR H 19 -63.83 -39.18 -66.63
C THR H 19 -62.70 -39.73 -65.77
N PRO H 20 -62.06 -40.83 -66.19
CA PRO H 20 -60.95 -41.35 -65.39
C PRO H 20 -59.80 -40.36 -65.35
N THR H 21 -59.23 -40.20 -64.15
CA THR H 21 -58.11 -39.30 -63.94
C THR H 21 -56.80 -40.04 -63.72
N GLN H 22 -56.76 -40.93 -62.72
CA GLN H 22 -55.47 -41.47 -62.33
C GLN H 22 -55.61 -42.86 -61.73
N ILE H 23 -54.63 -43.72 -62.02
CA ILE H 23 -54.45 -44.96 -61.29
C ILE H 23 -53.25 -44.75 -60.36
N ASP H 24 -53.46 -44.96 -59.07
CA ASP H 24 -52.54 -44.51 -58.04
C ASP H 24 -51.31 -45.40 -58.01
N LYS H 25 -50.39 -45.08 -57.09
CA LYS H 25 -49.27 -45.98 -56.79
C LYS H 25 -49.75 -47.19 -56.01
N ASN H 26 -50.72 -46.99 -55.10
CA ASN H 26 -51.24 -48.06 -54.27
C ASN H 26 -52.36 -48.84 -54.93
N GLY H 27 -52.93 -48.31 -56.02
CA GLY H 27 -54.06 -48.95 -56.68
C GLY H 27 -55.32 -48.13 -56.70
N VAL H 28 -55.30 -46.91 -56.15
CA VAL H 28 -56.50 -46.08 -56.10
C VAL H 28 -56.83 -45.58 -57.49
N ALA H 29 -58.10 -45.66 -57.87
CA ALA H 29 -58.59 -45.16 -59.13
C ALA H 29 -59.36 -43.88 -58.87
N TYR H 30 -58.95 -42.80 -59.54
CA TYR H 30 -59.51 -41.47 -59.38
C TYR H 30 -60.24 -41.07 -60.65
N PHE H 31 -61.54 -40.78 -60.51
CA PHE H 31 -62.36 -40.18 -61.56
C PHE H 31 -62.69 -38.75 -61.16
N ARG H 32 -62.69 -37.85 -62.16
CA ARG H 32 -62.88 -36.43 -61.93
C ARG H 32 -63.97 -35.93 -62.86
N HIS H 33 -64.80 -35.03 -62.33
CA HIS H 33 -65.82 -34.32 -63.10
C HIS H 33 -65.53 -32.83 -62.93
N LEU H 34 -64.95 -32.22 -63.96
CA LEU H 34 -64.60 -30.82 -63.90
C LEU H 34 -65.86 -29.95 -63.99
N GLN H 35 -65.73 -28.69 -63.57
CA GLN H 35 -66.84 -27.76 -63.63
C GLN H 35 -66.93 -27.17 -65.03
N ALA H 36 -67.83 -26.20 -65.20
CA ALA H 36 -67.97 -25.53 -66.49
C ALA H 36 -66.67 -24.87 -66.91
N ASN H 37 -66.06 -24.10 -65.99
CA ASN H 37 -64.85 -23.36 -66.28
C ASN H 37 -63.58 -24.21 -66.22
N GLY H 38 -63.71 -25.51 -65.93
CA GLY H 38 -62.54 -26.36 -65.82
C GLY H 38 -61.62 -26.00 -64.66
N LYS H 39 -62.19 -25.66 -63.52
CA LYS H 39 -61.38 -25.34 -62.34
C LYS H 39 -61.13 -26.61 -61.54
N PRO H 40 -59.88 -27.03 -61.37
CA PRO H 40 -59.62 -28.27 -60.61
C PRO H 40 -60.18 -28.24 -59.20
N ILE H 41 -60.00 -27.11 -58.49
CA ILE H 41 -60.50 -26.97 -57.15
C ILE H 41 -62.00 -27.20 -57.06
N GLY H 42 -62.72 -27.05 -58.18
CA GLY H 42 -64.15 -27.25 -58.19
C GLY H 42 -64.62 -28.60 -58.65
N ALA H 43 -63.71 -29.49 -59.03
CA ALA H 43 -64.12 -30.75 -59.66
C ALA H 43 -64.58 -31.77 -58.63
N TYR H 44 -65.65 -32.50 -58.97
CA TYR H 44 -66.04 -33.65 -58.17
C TYR H 44 -65.06 -34.78 -58.39
N THR H 45 -64.89 -35.62 -57.36
CA THR H 45 -63.98 -36.75 -57.47
C THR H 45 -64.63 -38.01 -56.93
N VAL H 46 -64.24 -39.14 -57.50
CA VAL H 46 -64.68 -40.46 -57.03
C VAL H 46 -63.47 -41.38 -57.03
N SER H 47 -63.16 -41.96 -55.87
CA SER H 47 -62.03 -42.85 -55.68
C SER H 47 -62.51 -44.26 -55.42
N SER H 48 -61.83 -45.22 -56.02
CA SER H 48 -62.15 -46.64 -55.80
C SER H 48 -60.85 -47.42 -55.67
N HIS H 49 -60.69 -48.10 -54.54
CA HIS H 49 -59.49 -48.90 -54.30
C HIS H 49 -59.87 -50.16 -53.55
N VAL H 50 -59.37 -51.30 -54.01
CA VAL H 50 -59.64 -52.57 -53.34
C VAL H 50 -58.32 -53.15 -52.86
N LYS H 51 -58.30 -53.57 -51.60
CA LYS H 51 -57.13 -54.13 -50.93
C LYS H 51 -57.40 -55.61 -50.68
N GLU H 52 -56.62 -56.45 -51.35
CA GLU H 52 -56.70 -57.90 -51.23
C GLU H 52 -56.13 -58.35 -49.89
N PRO H 53 -56.52 -59.53 -49.41
CA PRO H 53 -55.95 -60.04 -48.17
C PRO H 53 -54.56 -60.62 -48.37
N GLY H 54 -53.78 -60.57 -47.29
CA GLY H 54 -52.44 -61.13 -47.31
C GLY H 54 -52.13 -61.78 -45.98
N THR H 55 -51.12 -62.66 -46.01
CA THR H 55 -50.73 -63.43 -44.84
C THR H 55 -51.95 -64.12 -44.22
N ASN H 56 -52.65 -64.87 -45.08
CA ASN H 56 -53.83 -65.65 -44.68
C ASN H 56 -54.83 -64.79 -43.92
N GLY H 57 -55.11 -63.61 -44.47
CA GLY H 57 -56.16 -62.76 -43.94
C GLY H 57 -57.48 -63.11 -44.58
N ASP H 58 -58.53 -63.13 -43.76
CA ASP H 58 -59.85 -63.51 -44.26
C ASP H 58 -60.54 -62.37 -45.02
N VAL H 59 -60.07 -61.13 -44.85
CA VAL H 59 -60.86 -59.96 -45.18
C VAL H 59 -60.39 -59.31 -46.48
N PHE H 60 -61.34 -58.70 -47.19
CA PHE H 60 -61.11 -57.82 -48.32
C PHE H 60 -61.56 -56.42 -47.91
N ARG H 61 -60.76 -55.40 -48.26
CA ARG H 61 -61.12 -54.03 -47.88
C ARG H 61 -61.32 -53.20 -49.14
N VAL H 62 -62.57 -52.94 -49.49
CA VAL H 62 -62.89 -52.23 -50.73
C VAL H 62 -63.47 -50.86 -50.38
N LYS H 63 -62.88 -49.80 -50.93
CA LYS H 63 -63.15 -48.45 -50.51
C LYS H 63 -63.65 -47.63 -51.69
N LEU H 64 -64.68 -46.82 -51.42
CA LEU H 64 -65.32 -45.92 -52.38
C LEU H 64 -65.47 -44.55 -51.76
N PHE H 65 -64.90 -43.54 -52.41
CA PHE H 65 -64.95 -42.16 -51.93
C PHE H 65 -65.65 -41.29 -52.96
N VAL H 66 -66.53 -40.40 -52.50
CA VAL H 66 -67.23 -39.45 -53.36
C VAL H 66 -67.07 -38.07 -52.72
N ASN H 67 -66.27 -37.22 -53.34
CA ASN H 67 -65.95 -35.91 -52.81
C ASN H 67 -66.60 -34.84 -53.69
N VAL H 68 -67.42 -34.00 -53.07
CA VAL H 68 -68.13 -32.90 -53.72
C VAL H 68 -67.61 -31.58 -53.13
N PRO H 69 -66.82 -30.81 -53.87
CA PRO H 69 -66.41 -29.51 -53.34
C PRO H 69 -67.39 -28.42 -53.76
N GLU H 70 -67.48 -27.41 -52.90
CA GLU H 70 -68.11 -26.14 -53.26
C GLU H 70 -67.06 -25.05 -53.13
N VAL H 71 -66.95 -24.24 -54.18
CA VAL H 71 -66.00 -23.13 -54.26
C VAL H 71 -66.56 -21.93 -53.52
N ALA H 72 -65.71 -21.23 -52.76
CA ALA H 72 -66.12 -20.00 -52.10
C ALA H 72 -65.42 -18.83 -52.79
N THR H 73 -66.21 -17.91 -53.33
CA THR H 73 -65.66 -16.77 -54.05
C THR H 73 -65.50 -15.57 -53.12
N GLU H 85 -61.99 -18.79 -54.57
CA GLU H 85 -60.56 -18.92 -54.31
C GLU H 85 -60.21 -20.18 -53.50
N ILE H 86 -60.84 -20.34 -52.33
CA ILE H 86 -60.67 -21.53 -51.53
C ILE H 86 -62.03 -22.21 -51.46
N ALA H 87 -62.02 -23.53 -51.35
CA ALA H 87 -63.23 -24.32 -51.49
C ALA H 87 -63.29 -25.34 -50.36
N ARG H 88 -64.49 -25.62 -49.88
CA ARG H 88 -64.65 -26.62 -48.85
C ARG H 88 -65.39 -27.82 -49.42
N THR H 89 -65.03 -29.00 -48.96
CA THR H 89 -65.43 -30.23 -49.62
C THR H 89 -66.31 -31.05 -48.68
N ASN H 90 -67.53 -31.34 -49.11
CA ASN H 90 -68.32 -32.41 -48.51
C ASN H 90 -67.78 -33.75 -49.02
N ARG H 91 -67.67 -34.73 -48.13
CA ARG H 91 -67.15 -36.03 -48.53
C ARG H 91 -68.04 -37.16 -48.05
N ALA H 92 -68.08 -38.22 -48.85
CA ALA H 92 -68.64 -39.49 -48.44
C ALA H 92 -67.55 -40.54 -48.59
N GLN H 93 -67.33 -41.34 -47.54
CA GLN H 93 -66.24 -42.31 -47.51
C GLN H 93 -66.80 -43.65 -47.06
N VAL H 94 -66.79 -44.64 -47.95
CA VAL H 94 -67.36 -45.95 -47.66
C VAL H 94 -66.25 -46.99 -47.71
N GLU H 95 -66.21 -47.84 -46.69
CA GLU H 95 -65.31 -48.98 -46.63
C GLU H 95 -66.15 -50.23 -46.40
N PHE H 96 -66.12 -51.15 -47.35
CA PHE H 96 -66.73 -52.47 -47.20
C PHE H 96 -65.65 -53.44 -46.77
N ILE H 97 -65.96 -54.23 -45.74
CA ILE H 97 -65.11 -55.31 -45.25
C ILE H 97 -65.81 -56.61 -45.61
N LEU H 98 -65.21 -57.38 -46.52
CA LEU H 98 -65.86 -58.55 -47.10
C LEU H 98 -65.00 -59.78 -46.90
N PRO H 99 -65.42 -60.78 -46.11
CA PRO H 99 -64.63 -62.01 -45.99
C PRO H 99 -64.55 -62.76 -47.31
N ALA H 100 -63.49 -63.56 -47.44
CA ALA H 100 -63.21 -64.24 -48.69
C ALA H 100 -64.10 -65.46 -48.90
N GLN H 101 -64.62 -66.08 -47.84
CA GLN H 101 -65.48 -67.25 -48.01
C GLN H 101 -66.92 -66.89 -48.32
N SER H 102 -67.34 -65.65 -48.08
CA SER H 102 -68.72 -65.28 -48.34
C SER H 102 -69.04 -65.40 -49.83
N ALA H 103 -70.08 -66.16 -50.15
CA ALA H 103 -70.55 -66.22 -51.52
C ALA H 103 -71.05 -64.85 -51.96
N ALA H 104 -70.96 -64.59 -53.27
CA ALA H 104 -71.30 -63.27 -53.78
C ALA H 104 -72.74 -62.86 -53.46
N THR H 105 -73.63 -63.82 -53.14
CA THR H 105 -74.99 -63.48 -52.75
C THR H 105 -74.99 -62.48 -51.60
N VAL H 106 -74.14 -62.72 -50.61
CA VAL H 106 -74.13 -61.89 -49.42
C VAL H 106 -73.70 -60.47 -49.77
N ARG H 107 -72.63 -60.35 -50.56
CA ARG H 107 -72.13 -59.03 -50.90
C ARG H 107 -73.14 -58.28 -51.75
N GLU H 108 -73.83 -58.99 -52.65
CA GLU H 108 -74.85 -58.36 -53.46
C GLU H 108 -75.95 -57.76 -52.59
N ASP H 109 -76.55 -58.55 -51.68
CA ASP H 109 -77.63 -57.96 -50.87
C ASP H 109 -77.11 -57.03 -49.79
N LEU H 110 -75.82 -57.08 -49.44
CA LEU H 110 -75.28 -56.07 -48.54
C LEU H 110 -75.26 -54.71 -49.22
N VAL H 111 -74.73 -54.66 -50.44
CA VAL H 111 -74.78 -53.42 -51.22
C VAL H 111 -76.22 -52.96 -51.38
N ALA H 112 -77.14 -53.89 -51.70
CA ALA H 112 -78.52 -53.49 -51.90
C ALA H 112 -79.10 -52.89 -50.62
N LEU H 113 -78.73 -53.45 -49.46
CA LEU H 113 -79.14 -52.91 -48.17
C LEU H 113 -78.62 -51.50 -47.98
N LEU H 114 -77.35 -51.27 -48.30
CA LEU H 114 -76.78 -49.94 -48.11
C LEU H 114 -77.48 -48.92 -49.00
N ALA H 115 -77.73 -49.28 -50.25
CA ALA H 115 -78.38 -48.35 -51.17
C ALA H 115 -79.81 -48.06 -50.73
N SER H 116 -80.54 -49.09 -50.28
CA SER H 116 -81.90 -48.86 -49.80
C SER H 116 -81.91 -48.04 -48.52
N ALA H 117 -80.87 -48.16 -47.69
CA ALA H 117 -80.78 -47.33 -46.50
C ALA H 117 -80.53 -45.88 -46.87
N LEU H 118 -79.69 -45.65 -47.88
CA LEU H 118 -79.52 -44.29 -48.39
C LEU H 118 -80.81 -43.74 -49.00
N ALA H 119 -81.63 -44.61 -49.59
CA ALA H 119 -82.86 -44.15 -50.20
C ALA H 119 -83.98 -43.91 -49.18
N ASP H 120 -83.94 -44.62 -48.05
CA ASP H 120 -84.98 -44.47 -47.04
C ASP H 120 -85.00 -43.04 -46.53
N THR H 121 -86.20 -42.48 -46.37
CA THR H 121 -86.33 -41.08 -46.02
C THR H 121 -85.80 -40.79 -44.62
N ALA H 122 -86.08 -41.69 -43.67
CA ALA H 122 -85.64 -41.48 -42.28
C ALA H 122 -84.11 -41.44 -42.19
N ILE H 123 -83.46 -42.41 -42.82
CA ILE H 123 -82.00 -42.48 -42.80
C ILE H 123 -81.40 -41.33 -43.61
N LYS H 124 -82.04 -40.99 -44.74
CA LYS H 124 -81.52 -39.91 -45.59
C LYS H 124 -81.58 -38.58 -44.87
N SER H 125 -82.58 -38.39 -44.00
CA SER H 125 -82.65 -37.17 -43.20
C SER H 125 -81.41 -37.01 -42.34
N THR H 126 -80.90 -38.12 -41.82
CA THR H 126 -79.70 -38.11 -41.00
C THR H 126 -78.54 -37.40 -41.71
N ILE H 127 -78.36 -37.69 -42.99
CA ILE H 127 -77.25 -37.10 -43.72
C ILE H 127 -77.60 -35.70 -44.21
N VAL H 128 -78.74 -35.58 -44.88
CA VAL H 128 -79.06 -34.35 -45.58
C VAL H 128 -79.26 -33.20 -44.60
N ASN H 129 -80.04 -33.44 -43.54
CA ASN H 129 -80.43 -32.41 -42.60
C ASN H 129 -79.58 -32.41 -41.33
N VAL H 130 -78.53 -33.24 -41.29
CA VAL H 130 -77.66 -33.45 -40.15
C VAL H 130 -78.47 -33.44 -38.84
N GLU H 131 -79.47 -34.32 -38.77
CA GLU H 131 -80.28 -34.53 -37.57
C GLU H 131 -79.88 -35.84 -36.91
N HIS H 132 -79.78 -35.83 -35.58
CA HIS H 132 -79.59 -37.05 -34.80
C HIS H 132 -80.86 -37.89 -34.77
N PHE H 133 -80.68 -39.19 -34.57
CA PHE H 133 -81.83 -40.04 -34.25
C PHE H 133 -82.27 -39.79 -32.81
N TYR H 134 -83.58 -39.69 -32.60
CA TYR H 134 -84.12 -39.41 -31.27
C TYR H 134 -85.44 -40.12 -30.98
N PRO I 1 -48.43 -54.03 -75.01
CA PRO I 1 -49.55 -54.88 -74.60
C PRO I 1 -50.43 -54.17 -73.59
N ALA I 2 -51.50 -53.56 -74.07
CA ALA I 2 -52.47 -52.97 -73.16
C ALA I 2 -53.15 -54.08 -72.36
N LEU I 3 -53.54 -53.75 -71.14
CA LEU I 3 -54.18 -54.71 -70.25
C LEU I 3 -55.56 -55.05 -70.78
N LYS I 4 -55.80 -56.34 -71.00
CA LYS I 4 -57.00 -56.85 -71.67
C LYS I 4 -57.25 -58.26 -71.14
N PRO I 5 -58.51 -58.66 -70.97
CA PRO I 5 -58.78 -60.07 -70.67
C PRO I 5 -58.27 -60.94 -71.79
N ILE I 6 -57.47 -61.95 -71.42
CA ILE I 6 -56.85 -62.81 -72.41
C ILE I 6 -57.44 -64.21 -72.26
N THR I 7 -57.75 -64.83 -73.39
CA THR I 7 -58.34 -66.15 -73.40
C THR I 7 -57.25 -67.18 -73.69
N LEU I 8 -57.16 -68.21 -72.85
CA LEU I 8 -56.18 -69.28 -72.99
C LEU I 8 -56.92 -70.60 -73.10
N THR I 9 -56.37 -71.52 -73.88
CA THR I 9 -57.00 -72.82 -74.10
C THR I 9 -56.44 -73.86 -73.14
N ASP I 10 -57.32 -74.66 -72.54
CA ASP I 10 -56.91 -75.66 -71.56
C ASP I 10 -56.59 -76.98 -72.28
N HIS I 11 -56.58 -78.08 -71.52
CA HIS I 11 -56.23 -79.36 -72.13
C HIS I 11 -57.28 -79.82 -73.14
N SER I 12 -58.55 -79.60 -72.84
CA SER I 12 -59.62 -79.99 -73.75
C SER I 12 -59.81 -79.01 -74.90
N SER I 13 -58.92 -78.03 -75.04
CA SER I 13 -58.97 -76.93 -76.00
C SER I 13 -60.10 -75.95 -75.72
N ALA I 14 -60.85 -76.14 -74.63
CA ALA I 14 -61.88 -75.18 -74.24
C ALA I 14 -61.24 -73.86 -73.82
N ASP I 15 -61.94 -72.76 -74.09
CA ASP I 15 -61.42 -71.46 -73.74
C ASP I 15 -61.54 -71.21 -72.24
N VAL I 16 -60.63 -70.40 -71.71
CA VAL I 16 -60.54 -70.05 -70.30
C VAL I 16 -60.15 -68.58 -70.25
N ILE I 17 -61.07 -67.73 -69.82
CA ILE I 17 -60.90 -66.29 -69.90
C ILE I 17 -60.28 -65.80 -68.60
N PHE I 18 -59.12 -65.16 -68.69
CA PHE I 18 -58.45 -64.53 -67.56
C PHE I 18 -58.71 -63.03 -67.62
N THR I 19 -59.41 -62.51 -66.62
CA THR I 19 -59.66 -61.09 -66.52
C THR I 19 -58.52 -60.41 -65.77
N PRO I 20 -58.12 -59.21 -66.19
CA PRO I 20 -57.05 -58.52 -65.49
C PRO I 20 -57.47 -58.15 -64.08
N THR I 21 -56.60 -58.46 -63.11
CA THR I 21 -56.86 -58.18 -61.71
C THR I 21 -56.19 -56.90 -61.24
N GLN I 22 -54.88 -56.77 -61.44
CA GLN I 22 -54.13 -55.75 -60.71
C GLN I 22 -52.78 -55.56 -61.37
N ILE I 23 -52.26 -54.33 -61.30
CA ILE I 23 -50.89 -54.03 -61.69
C ILE I 23 -50.12 -53.70 -60.43
N ASP I 24 -49.09 -54.50 -60.14
CA ASP I 24 -48.41 -54.48 -58.86
C ASP I 24 -47.62 -53.18 -58.68
N LYS I 25 -47.12 -52.98 -57.45
CA LYS I 25 -46.19 -51.89 -57.20
C LYS I 25 -44.85 -52.14 -57.87
N ASN I 26 -44.50 -53.40 -58.11
CA ASN I 26 -43.24 -53.77 -58.72
C ASN I 26 -43.34 -53.91 -60.23
N GLY I 27 -44.53 -53.73 -60.79
CA GLY I 27 -44.75 -53.89 -62.21
C GLY I 27 -45.43 -55.18 -62.59
N VAL I 28 -45.72 -56.05 -61.62
CA VAL I 28 -46.33 -57.33 -61.92
C VAL I 28 -47.79 -57.11 -62.30
N ALA I 29 -48.21 -57.74 -63.40
CA ALA I 29 -49.57 -57.68 -63.87
C ALA I 29 -50.21 -59.05 -63.67
N TYR I 30 -51.39 -59.06 -63.06
CA TYR I 30 -52.07 -60.30 -62.67
C TYR I 30 -53.36 -60.47 -63.46
N PHE I 31 -53.55 -61.65 -64.05
CA PHE I 31 -54.80 -62.04 -64.67
C PHE I 31 -55.35 -63.25 -63.92
N ARG I 32 -56.63 -63.21 -63.59
CA ARG I 32 -57.22 -64.27 -62.79
C ARG I 32 -58.44 -64.88 -63.49
N HIS I 33 -58.67 -66.15 -63.17
CA HIS I 33 -59.87 -66.88 -63.54
C HIS I 33 -60.35 -67.62 -62.31
N LEU I 34 -61.57 -67.31 -61.86
CA LEU I 34 -62.06 -67.83 -60.59
C LEU I 34 -62.35 -69.32 -60.68
N GLN I 35 -62.43 -69.95 -59.51
CA GLN I 35 -62.67 -71.38 -59.43
C GLN I 35 -64.13 -71.71 -59.76
N ALA I 36 -64.46 -73.00 -59.67
CA ALA I 36 -65.82 -73.44 -59.93
C ALA I 36 -66.81 -72.71 -59.01
N ASN I 37 -66.54 -72.72 -57.71
CA ASN I 37 -67.34 -71.94 -56.77
C ASN I 37 -67.08 -70.45 -56.97
N GLY I 38 -68.11 -69.65 -56.76
CA GLY I 38 -67.98 -68.22 -56.90
C GLY I 38 -67.05 -67.58 -55.90
N LYS I 39 -66.54 -68.35 -54.96
CA LYS I 39 -65.72 -67.82 -53.87
C LYS I 39 -64.31 -67.54 -54.36
N PRO I 40 -63.82 -66.29 -54.29
CA PRO I 40 -62.48 -65.92 -54.80
C PRO I 40 -61.40 -66.14 -53.75
N ILE I 41 -61.12 -67.39 -53.43
CA ILE I 41 -60.08 -67.73 -52.48
C ILE I 41 -58.86 -68.29 -53.20
N GLY I 42 -59.02 -69.40 -53.91
CA GLY I 42 -58.00 -69.91 -54.80
C GLY I 42 -58.49 -69.70 -56.23
N ALA I 43 -57.59 -69.20 -57.07
CA ALA I 43 -57.98 -68.82 -58.41
C ALA I 43 -56.81 -69.03 -59.34
N TYR I 44 -57.11 -69.43 -60.57
CA TYR I 44 -56.07 -69.59 -61.58
C TYR I 44 -55.50 -68.23 -61.93
N THR I 45 -54.17 -68.12 -61.93
CA THR I 45 -53.54 -66.83 -62.11
C THR I 45 -52.44 -66.90 -63.16
N VAL I 46 -52.22 -65.75 -63.81
CA VAL I 46 -51.15 -65.56 -64.77
C VAL I 46 -50.49 -64.23 -64.45
N SER I 47 -49.21 -64.27 -64.08
CA SER I 47 -48.43 -63.09 -63.72
C SER I 47 -47.45 -62.77 -64.82
N SER I 48 -47.34 -61.50 -65.17
CA SER I 48 -46.37 -61.06 -66.16
C SER I 48 -45.62 -59.85 -65.63
N HIS I 49 -44.28 -59.92 -65.66
CA HIS I 49 -43.47 -58.81 -65.19
C HIS I 49 -42.19 -58.74 -65.99
N VAL I 50 -41.90 -57.57 -66.55
CA VAL I 50 -40.63 -57.35 -67.25
C VAL I 50 -39.78 -56.40 -66.43
N LYS I 51 -38.50 -56.74 -66.30
CA LYS I 51 -37.54 -55.97 -65.52
C LYS I 51 -36.51 -55.40 -66.49
N GLU I 52 -36.50 -54.06 -66.58
CA GLU I 52 -35.55 -53.34 -67.39
C GLU I 52 -34.14 -53.59 -66.86
N PRO I 53 -33.10 -53.27 -67.65
CA PRO I 53 -31.73 -53.47 -67.18
C PRO I 53 -31.19 -52.27 -66.42
N GLY I 54 -30.36 -52.54 -65.43
CA GLY I 54 -29.76 -51.51 -64.60
C GLY I 54 -28.31 -51.27 -64.98
N THR I 55 -27.98 -50.00 -65.20
CA THR I 55 -26.62 -49.60 -65.59
C THR I 55 -26.23 -50.29 -66.90
N ASN I 56 -27.17 -50.35 -67.83
CA ASN I 56 -26.98 -50.94 -69.15
C ASN I 56 -26.44 -52.37 -69.07
N GLY I 57 -26.74 -53.06 -67.97
CA GLY I 57 -26.52 -54.49 -67.96
C GLY I 57 -27.30 -55.15 -69.07
N ASP I 58 -26.63 -56.03 -69.82
CA ASP I 58 -27.21 -56.52 -71.07
C ASP I 58 -28.58 -57.17 -70.89
N VAL I 59 -28.92 -57.60 -69.67
CA VAL I 59 -30.05 -58.49 -69.46
C VAL I 59 -31.36 -57.72 -69.27
N PHE I 60 -32.41 -58.19 -69.94
CA PHE I 60 -33.80 -57.91 -69.64
C PHE I 60 -34.38 -59.16 -69.01
N ARG I 61 -35.07 -59.01 -67.89
CA ARG I 61 -35.60 -60.18 -67.16
C ARG I 61 -37.12 -60.18 -67.26
N VAL I 62 -37.66 -60.99 -68.17
CA VAL I 62 -39.09 -60.98 -68.45
C VAL I 62 -39.68 -62.31 -67.96
N LYS I 63 -40.66 -62.23 -67.08
CA LYS I 63 -41.13 -63.40 -66.33
C LYS I 63 -42.61 -63.60 -66.55
N LEU I 64 -42.98 -64.87 -66.68
CA LEU I 64 -44.36 -65.32 -66.89
C LEU I 64 -44.66 -66.46 -65.95
N PHE I 65 -45.70 -66.31 -65.14
CA PHE I 65 -46.09 -67.31 -64.15
C PHE I 65 -47.52 -67.76 -64.43
N VAL I 66 -47.76 -69.07 -64.34
CA VAL I 66 -49.08 -69.65 -64.51
C VAL I 66 -49.33 -70.57 -63.32
N ASN I 67 -50.22 -70.14 -62.42
CA ASN I 67 -50.50 -70.88 -61.19
C ASN I 67 -51.90 -71.47 -61.27
N VAL I 68 -51.99 -72.78 -61.11
CA VAL I 68 -53.23 -73.54 -61.15
C VAL I 68 -53.45 -74.13 -59.76
N PRO I 69 -54.29 -73.49 -58.94
CA PRO I 69 -54.60 -74.07 -57.62
C PRO I 69 -55.76 -75.06 -57.67
N GLU I 70 -55.61 -76.13 -56.90
CA GLU I 70 -56.68 -77.08 -56.61
C GLU I 70 -57.18 -76.78 -55.21
N VAL I 71 -58.49 -76.55 -55.10
CA VAL I 71 -59.16 -76.07 -53.91
C VAL I 71 -60.00 -77.19 -53.30
N ALA I 72 -60.28 -77.07 -52.00
CA ALA I 72 -61.08 -78.04 -51.26
C ALA I 72 -62.10 -77.29 -50.41
N THR I 73 -63.35 -77.72 -50.52
CA THR I 73 -64.43 -77.16 -49.70
C THR I 73 -64.60 -78.05 -48.47
N ILE I 74 -64.17 -77.54 -47.31
CA ILE I 74 -64.20 -78.31 -46.06
C ILE I 74 -65.31 -77.74 -45.18
N THR I 75 -66.23 -78.59 -44.76
CA THR I 75 -67.23 -78.20 -43.78
C THR I 75 -67.01 -78.99 -42.50
N PRO I 76 -66.75 -78.32 -41.37
CA PRO I 76 -66.41 -79.05 -40.13
C PRO I 76 -67.56 -79.90 -39.60
N ASN I 77 -67.30 -80.64 -38.53
CA ASN I 77 -68.30 -81.57 -38.01
C ASN I 77 -69.41 -80.82 -37.31
N GLY I 78 -70.64 -81.15 -37.68
CA GLY I 78 -71.82 -80.57 -37.03
C GLY I 78 -71.94 -79.08 -37.18
N SER I 79 -71.44 -78.52 -38.29
CA SER I 79 -71.44 -77.08 -38.52
C SER I 79 -72.30 -76.75 -39.72
N ASP I 80 -73.08 -75.67 -39.61
CA ASP I 80 -73.97 -75.26 -40.69
C ASP I 80 -73.18 -74.87 -41.94
N THR I 81 -72.09 -74.14 -41.77
CA THR I 81 -71.42 -73.45 -42.86
C THR I 81 -70.11 -74.11 -43.23
N SER I 82 -69.84 -74.16 -44.54
CA SER I 82 -68.60 -74.68 -45.08
C SER I 82 -67.66 -73.54 -45.43
N SER I 83 -66.36 -73.80 -45.30
CA SER I 83 -65.36 -72.84 -45.71
C SER I 83 -64.44 -73.49 -46.74
N VAL I 84 -63.84 -72.67 -47.57
CA VAL I 84 -63.00 -73.15 -48.66
C VAL I 84 -61.54 -72.96 -48.29
N GLU I 85 -60.68 -73.82 -48.85
CA GLU I 85 -59.28 -73.88 -48.44
C GLU I 85 -58.43 -74.27 -49.65
N ILE I 86 -57.22 -73.72 -49.72
CA ILE I 86 -56.32 -74.00 -50.83
C ILE I 86 -55.64 -75.34 -50.57
N ALA I 87 -56.03 -76.36 -51.33
CA ALA I 87 -55.51 -77.71 -51.09
C ALA I 87 -54.07 -77.84 -51.58
N ARG I 88 -53.83 -77.55 -52.86
CA ARG I 88 -52.46 -77.55 -53.37
C ARG I 88 -52.42 -76.72 -54.64
N THR I 89 -51.24 -76.51 -55.18
CA THR I 89 -51.09 -75.69 -56.38
C THR I 89 -50.06 -76.29 -57.31
N ASN I 90 -50.41 -76.41 -58.59
CA ASN I 90 -49.43 -76.66 -59.63
C ASN I 90 -48.97 -75.32 -60.18
N ARG I 91 -47.69 -75.20 -60.46
CA ARG I 91 -47.16 -73.92 -60.95
C ARG I 91 -46.23 -74.14 -62.13
N ALA I 92 -46.25 -73.19 -63.05
CA ALA I 92 -45.27 -73.08 -64.11
C ALA I 92 -44.65 -71.69 -64.03
N GLN I 93 -43.33 -71.63 -63.99
CA GLN I 93 -42.63 -70.36 -63.80
C GLN I 93 -41.56 -70.24 -64.89
N VAL I 94 -41.67 -69.19 -65.71
CA VAL I 94 -40.80 -68.99 -66.86
C VAL I 94 -40.08 -67.67 -66.70
N GLU I 95 -38.77 -67.69 -66.88
CA GLU I 95 -37.95 -66.49 -66.90
C GLU I 95 -37.16 -66.49 -68.20
N PHE I 96 -37.38 -65.47 -69.03
CA PHE I 96 -36.54 -65.22 -70.19
C PHE I 96 -35.51 -64.16 -69.83
N ILE I 97 -34.26 -64.48 -70.10
CA ILE I 97 -33.15 -63.54 -70.00
C ILE I 97 -32.78 -63.12 -71.41
N LEU I 98 -33.02 -61.85 -71.74
CA LEU I 98 -32.88 -61.38 -73.10
C LEU I 98 -31.83 -60.28 -73.16
N PRO I 99 -30.70 -60.47 -73.85
CA PRO I 99 -29.70 -59.40 -73.94
C PRO I 99 -30.25 -58.19 -74.68
N ALA I 100 -29.84 -57.01 -74.22
CA ALA I 100 -30.36 -55.75 -74.72
C ALA I 100 -29.86 -55.40 -76.12
N GLN I 101 -29.05 -56.27 -76.74
CA GLN I 101 -28.52 -55.99 -78.06
C GLN I 101 -28.96 -56.98 -79.13
N SER I 102 -29.59 -58.10 -78.76
CA SER I 102 -30.15 -58.97 -79.77
C SER I 102 -31.43 -58.35 -80.34
N ALA I 103 -31.60 -58.44 -81.65
CA ALA I 103 -32.79 -57.91 -82.28
C ALA I 103 -33.99 -58.82 -82.05
N ALA I 104 -35.18 -58.32 -82.39
CA ALA I 104 -36.41 -59.03 -82.07
C ALA I 104 -36.48 -60.42 -82.72
N THR I 105 -35.74 -60.65 -83.81
CA THR I 105 -35.77 -61.94 -84.49
C THR I 105 -35.36 -63.06 -83.53
N VAL I 106 -34.30 -62.82 -82.76
CA VAL I 106 -33.77 -63.81 -81.84
C VAL I 106 -34.82 -64.16 -80.78
N ARG I 107 -35.46 -63.14 -80.22
CA ARG I 107 -36.45 -63.40 -79.19
C ARG I 107 -37.67 -64.12 -79.76
N GLU I 108 -38.05 -63.77 -81.00
CA GLU I 108 -39.19 -64.43 -81.63
C GLU I 108 -38.92 -65.93 -81.79
N ASP I 109 -37.76 -66.29 -82.36
CA ASP I 109 -37.56 -67.72 -82.55
C ASP I 109 -37.18 -68.44 -81.24
N LEU I 110 -36.73 -67.71 -80.21
CA LEU I 110 -36.60 -68.34 -78.89
C LEU I 110 -37.96 -68.73 -78.34
N VAL I 111 -38.92 -67.81 -78.40
CA VAL I 111 -40.28 -68.12 -77.94
C VAL I 111 -40.85 -69.28 -78.75
N ALA I 112 -40.63 -69.28 -80.07
CA ALA I 112 -41.14 -70.36 -80.90
C ALA I 112 -40.51 -71.69 -80.52
N LEU I 113 -39.21 -71.69 -80.23
CA LEU I 113 -38.55 -72.91 -79.78
C LEU I 113 -39.14 -73.41 -78.48
N LEU I 114 -39.41 -72.50 -77.54
CA LEU I 114 -39.98 -72.93 -76.26
C LEU I 114 -41.37 -73.51 -76.43
N ALA I 115 -42.21 -72.86 -77.25
CA ALA I 115 -43.56 -73.38 -77.46
C ALA I 115 -43.54 -74.71 -78.18
N SER I 116 -42.67 -74.87 -79.18
CA SER I 116 -42.58 -76.15 -79.87
C SER I 116 -42.01 -77.24 -78.95
N ALA I 117 -41.13 -76.87 -78.01
CA ALA I 117 -40.65 -77.83 -77.04
C ALA I 117 -41.78 -78.28 -76.12
N LEU I 118 -42.64 -77.34 -75.71
CA LEU I 118 -43.81 -77.71 -74.91
C LEU I 118 -44.77 -78.60 -75.72
N ALA I 119 -44.83 -78.41 -77.03
CA ALA I 119 -45.74 -79.20 -77.85
C ALA I 119 -45.18 -80.59 -78.15
N ASP I 120 -43.86 -80.74 -78.25
CA ASP I 120 -43.27 -82.04 -78.55
C ASP I 120 -43.70 -83.06 -77.51
N THR I 121 -44.01 -84.27 -77.98
CA THR I 121 -44.55 -85.30 -77.10
C THR I 121 -43.51 -85.80 -76.10
N ALA I 122 -42.26 -85.97 -76.55
CA ALA I 122 -41.21 -86.44 -75.66
C ALA I 122 -40.94 -85.45 -74.54
N ILE I 123 -40.79 -84.17 -74.89
CA ILE I 123 -40.60 -83.13 -73.88
C ILE I 123 -41.85 -82.99 -73.03
N LYS I 124 -43.03 -83.21 -73.61
CA LYS I 124 -44.27 -83.02 -72.87
C LYS I 124 -44.42 -84.05 -71.77
N SER I 125 -44.15 -85.33 -72.09
CA SER I 125 -44.26 -86.37 -71.08
C SER I 125 -43.35 -86.10 -69.88
N THR I 126 -42.23 -85.43 -70.10
CA THR I 126 -41.38 -84.99 -69.01
C THR I 126 -42.19 -84.23 -67.96
N ILE I 127 -42.99 -83.27 -68.40
CA ILE I 127 -43.77 -82.47 -67.48
C ILE I 127 -45.01 -83.23 -67.01
N VAL I 128 -45.81 -83.67 -67.98
CA VAL I 128 -47.14 -84.20 -67.70
C VAL I 128 -47.04 -85.49 -66.91
N ASN I 129 -46.16 -86.40 -67.32
CA ASN I 129 -46.10 -87.77 -66.82
C ASN I 129 -45.02 -87.97 -65.76
N VAL I 130 -44.20 -86.94 -65.50
CA VAL I 130 -43.16 -87.01 -64.47
C VAL I 130 -42.27 -88.21 -64.73
N GLU I 131 -41.82 -88.32 -65.98
CA GLU I 131 -40.86 -89.32 -66.42
C GLU I 131 -39.54 -88.62 -66.70
N HIS I 132 -38.44 -89.26 -66.30
CA HIS I 132 -37.11 -88.80 -66.65
C HIS I 132 -36.80 -89.12 -68.10
N PHE I 133 -35.90 -88.34 -68.68
CA PHE I 133 -35.33 -88.68 -69.97
C PHE I 133 -34.31 -89.80 -69.81
N TYR I 134 -34.28 -90.72 -70.77
CA TYR I 134 -33.36 -91.85 -70.71
C TYR I 134 -32.98 -92.38 -72.10
N PRO J 1 136.42 11.52 -14.30
CA PRO J 1 137.13 11.26 -15.57
C PRO J 1 136.16 11.28 -16.73
N ALA J 2 136.34 12.28 -17.60
CA ALA J 2 135.57 12.37 -18.83
C ALA J 2 135.66 11.07 -19.61
N LEU J 3 134.51 10.52 -19.98
CA LEU J 3 134.44 9.24 -20.67
C LEU J 3 135.26 9.31 -21.96
N LYS J 4 136.27 8.46 -22.06
CA LYS J 4 137.21 8.44 -23.17
C LYS J 4 137.59 7.00 -23.44
N PRO J 5 137.78 6.63 -24.70
CA PRO J 5 138.27 5.27 -25.00
C PRO J 5 139.64 5.08 -24.40
N ILE J 6 139.81 3.94 -23.74
CA ILE J 6 141.04 3.69 -23.00
C ILE J 6 141.74 2.50 -23.61
N THR J 7 143.07 2.51 -23.55
CA THR J 7 143.89 1.46 -24.13
C THR J 7 144.52 0.64 -23.02
N LEU J 8 144.34 -0.68 -23.07
CA LEU J 8 144.87 -1.61 -22.09
C LEU J 8 145.73 -2.66 -22.78
N THR J 9 146.74 -3.17 -22.07
CA THR J 9 147.65 -4.16 -22.64
C THR J 9 147.20 -5.59 -22.31
N ASP J 10 147.26 -6.47 -23.31
CA ASP J 10 146.88 -7.86 -23.14
C ASP J 10 148.09 -8.66 -22.65
N HIS J 11 148.05 -9.98 -22.83
CA HIS J 11 149.15 -10.78 -22.31
C HIS J 11 150.44 -10.52 -23.07
N SER J 12 150.35 -10.34 -24.38
CA SER J 12 151.52 -10.07 -25.21
C SER J 12 151.95 -8.61 -25.14
N SER J 13 151.41 -7.84 -24.20
CA SER J 13 151.64 -6.41 -24.02
C SER J 13 151.24 -5.59 -25.24
N ALA J 14 150.50 -6.18 -26.17
CA ALA J 14 149.93 -5.43 -27.28
C ALA J 14 148.78 -4.55 -26.80
N ASP J 15 148.49 -3.51 -27.57
CA ASP J 15 147.43 -2.58 -27.20
C ASP J 15 146.07 -3.18 -27.53
N VAL J 16 145.08 -2.83 -26.71
CA VAL J 16 143.70 -3.27 -26.84
C VAL J 16 142.83 -2.08 -26.49
N ILE J 17 142.12 -1.55 -27.47
CA ILE J 17 141.41 -0.28 -27.32
C ILE J 17 139.95 -0.58 -26.98
N PHE J 18 139.51 -0.12 -25.81
CA PHE J 18 138.14 -0.21 -25.37
C PHE J 18 137.45 1.12 -25.62
N THR J 19 136.43 1.12 -26.47
CA THR J 19 135.66 2.32 -26.74
C THR J 19 134.47 2.41 -25.79
N PRO J 20 134.12 3.61 -25.33
CA PRO J 20 132.96 3.73 -24.46
C PRO J 20 131.69 3.39 -25.22
N THR J 21 130.83 2.61 -24.56
CA THR J 21 129.56 2.18 -25.12
C THR J 21 128.36 2.89 -24.51
N GLN J 22 128.30 2.97 -23.19
CA GLN J 22 127.06 3.37 -22.53
C GLN J 22 127.37 3.83 -21.11
N ILE J 23 126.58 4.79 -20.63
CA ILE J 23 126.52 5.13 -19.23
C ILE J 23 125.14 4.71 -18.73
N ASP J 24 125.12 3.85 -17.70
CA ASP J 24 123.91 3.15 -17.31
C ASP J 24 122.96 4.07 -16.55
N LYS J 25 121.74 3.56 -16.30
CA LYS J 25 120.81 4.27 -15.44
C LYS J 25 121.32 4.32 -14.00
N ASN J 26 122.08 3.32 -13.59
CA ASN J 26 122.60 3.22 -12.23
C ASN J 26 123.95 3.89 -12.06
N GLY J 27 124.49 4.49 -13.12
CA GLY J 27 125.81 5.08 -13.07
C GLY J 27 126.93 4.19 -13.57
N VAL J 28 126.60 3.02 -14.12
CA VAL J 28 127.61 2.11 -14.63
C VAL J 28 128.07 2.59 -16.00
N ALA J 29 129.39 2.65 -16.18
CA ALA J 29 129.99 3.04 -17.45
C ALA J 29 130.64 1.81 -18.07
N TYR J 30 130.34 1.58 -19.35
CA TYR J 30 130.77 0.38 -20.06
C TYR J 30 131.71 0.74 -21.20
N PHE J 31 132.88 0.09 -21.24
CA PHE J 31 133.78 0.14 -22.38
C PHE J 31 133.83 -1.22 -23.03
N ARG J 32 133.76 -1.26 -24.35
CA ARG J 32 133.73 -2.52 -25.08
C ARG J 32 134.84 -2.57 -26.12
N HIS J 33 135.27 -3.80 -26.38
CA HIS J 33 136.20 -4.13 -27.46
C HIS J 33 135.63 -5.35 -28.16
N LEU J 34 135.31 -5.21 -29.45
CA LEU J 34 134.63 -6.27 -30.18
C LEU J 34 135.54 -7.47 -30.39
N GLN J 35 134.92 -8.62 -30.69
CA GLN J 35 135.68 -9.84 -30.93
C GLN J 35 136.38 -9.79 -32.28
N ALA J 36 137.03 -10.91 -32.62
CA ALA J 36 137.67 -11.04 -33.91
C ALA J 36 136.70 -10.77 -35.05
N ASN J 37 135.55 -11.46 -35.03
CA ASN J 37 134.49 -11.17 -35.99
C ASN J 37 133.92 -9.77 -35.74
N GLY J 38 133.42 -9.15 -36.80
CA GLY J 38 132.85 -7.82 -36.68
C GLY J 38 131.54 -7.81 -35.93
N LYS J 39 131.05 -8.98 -35.58
CA LYS J 39 129.79 -9.16 -34.88
C LYS J 39 129.95 -8.84 -33.40
N PRO J 40 129.01 -8.11 -32.82
CA PRO J 40 129.15 -7.64 -31.43
C PRO J 40 128.55 -8.54 -30.36
N ILE J 41 128.18 -9.78 -30.68
CA ILE J 41 127.34 -10.56 -29.76
C ILE J 41 128.09 -10.88 -28.48
N GLY J 42 129.36 -11.27 -28.59
CA GLY J 42 130.20 -11.40 -27.42
C GLY J 42 131.34 -10.42 -27.55
N ALA J 43 131.68 -9.72 -26.48
CA ALA J 43 132.72 -8.70 -26.59
C ALA J 43 133.38 -8.48 -25.24
N TYR J 44 134.66 -8.12 -25.29
CA TYR J 44 135.39 -7.80 -24.06
C TYR J 44 134.83 -6.51 -23.47
N THR J 45 134.60 -6.51 -22.17
CA THR J 45 133.96 -5.36 -21.53
C THR J 45 134.69 -4.96 -20.26
N VAL J 46 134.62 -3.67 -19.96
CA VAL J 46 135.14 -3.09 -18.72
C VAL J 46 134.05 -2.19 -18.16
N SER J 47 133.58 -2.52 -16.96
CA SER J 47 132.51 -1.79 -16.28
C SER J 47 133.08 -1.03 -15.10
N SER J 48 132.67 0.23 -14.95
CA SER J 48 133.10 1.04 -13.82
C SER J 48 131.90 1.73 -13.21
N HIS J 49 131.68 1.50 -11.92
CA HIS J 49 130.59 2.17 -11.21
C HIS J 49 131.03 2.48 -9.79
N VAL J 50 130.88 3.73 -9.38
CA VAL J 50 131.20 4.13 -8.02
C VAL J 50 129.91 4.56 -7.34
N LYS J 51 129.68 4.02 -6.15
CA LYS J 51 128.47 4.26 -5.37
C LYS J 51 128.84 5.13 -4.17
N GLU J 52 128.35 6.36 -4.18
CA GLU J 52 128.61 7.28 -3.08
C GLU J 52 127.84 6.85 -1.84
N PRO J 53 128.31 7.23 -0.66
CA PRO J 53 127.64 6.80 0.58
C PRO J 53 126.38 7.60 0.86
N GLY J 54 125.52 7.01 1.69
CA GLY J 54 124.27 7.63 2.06
C GLY J 54 124.10 7.69 3.57
N THR J 55 123.39 8.73 4.03
CA THR J 55 123.22 8.99 5.46
C THR J 55 124.59 9.04 6.16
N ASN J 56 125.46 9.90 5.62
CA ASN J 56 126.84 10.01 6.07
C ASN J 56 127.50 8.64 6.17
N GLY J 57 127.17 7.76 5.22
CA GLY J 57 127.77 6.45 5.20
C GLY J 57 129.28 6.55 5.13
N ASP J 58 129.96 5.71 5.91
CA ASP J 58 131.41 5.79 5.96
C ASP J 58 132.06 5.41 4.64
N VAL J 59 131.33 4.72 3.75
CA VAL J 59 131.94 3.93 2.68
C VAL J 59 131.48 4.40 1.30
N PHE J 60 132.46 4.73 0.45
CA PHE J 60 132.31 4.64 -0.99
C PHE J 60 132.51 3.20 -1.43
N ARG J 61 131.72 2.76 -2.41
CA ARG J 61 131.87 1.42 -2.98
C ARG J 61 132.15 1.54 -4.48
N VAL J 62 133.41 1.34 -4.88
CA VAL J 62 133.85 1.60 -6.24
C VAL J 62 134.17 0.26 -6.89
N LYS J 63 133.54 -0.02 -8.03
CA LYS J 63 133.57 -1.34 -8.63
C LYS J 63 134.11 -1.28 -10.05
N LEU J 64 134.99 -2.24 -10.36
CA LEU J 64 135.64 -2.38 -11.65
C LEU J 64 135.48 -3.83 -12.11
N PHE J 65 134.91 -4.02 -13.29
CA PHE J 65 134.66 -5.34 -13.85
C PHE J 65 135.38 -5.48 -15.19
N VAL J 66 136.02 -6.62 -15.39
CA VAL J 66 136.71 -6.93 -16.64
C VAL J 66 136.23 -8.30 -17.11
N ASN J 67 135.43 -8.31 -18.17
CA ASN J 67 134.82 -9.53 -18.68
C ASN J 67 135.44 -9.89 -20.03
N VAL J 68 135.94 -11.12 -20.10
CA VAL J 68 136.60 -11.65 -21.29
C VAL J 68 135.82 -12.87 -21.76
N PRO J 69 134.94 -12.73 -22.75
CA PRO J 69 134.25 -13.89 -23.30
C PRO J 69 135.04 -14.58 -24.41
N GLU J 70 134.91 -15.90 -24.43
CA GLU J 70 135.28 -16.73 -25.58
C GLU J 70 133.99 -17.08 -26.31
N VAL J 71 133.90 -16.67 -27.57
CA VAL J 71 132.76 -16.94 -28.41
C VAL J 71 133.08 -18.11 -29.33
N ALA J 72 132.04 -18.79 -29.81
CA ALA J 72 132.19 -19.89 -30.74
C ALA J 72 131.27 -19.68 -31.93
N THR J 73 131.78 -19.99 -33.12
CA THR J 73 131.04 -19.82 -34.36
C THR J 73 130.37 -21.14 -34.71
N ILE J 74 129.05 -21.19 -34.54
CA ILE J 74 128.27 -22.38 -34.83
C ILE J 74 127.64 -22.22 -36.21
N THR J 75 127.90 -23.17 -37.10
CA THR J 75 127.31 -23.17 -38.43
C THR J 75 126.58 -24.50 -38.62
N PRO J 76 125.27 -24.51 -38.82
CA PRO J 76 124.53 -25.78 -38.91
C PRO J 76 124.99 -26.60 -40.11
N ASN J 77 124.60 -27.87 -40.09
CA ASN J 77 125.12 -28.85 -41.05
C ASN J 77 124.69 -28.47 -42.47
N GLY J 78 125.68 -28.24 -43.33
CA GLY J 78 125.44 -27.91 -44.73
C GLY J 78 124.76 -26.57 -44.94
N SER J 79 125.12 -25.57 -44.14
CA SER J 79 124.50 -24.26 -44.20
C SER J 79 125.46 -23.22 -44.76
N ASP J 80 124.89 -22.19 -45.39
CA ASP J 80 125.71 -21.13 -45.96
C ASP J 80 126.26 -20.22 -44.86
N THR J 81 125.40 -19.75 -43.97
CA THR J 81 125.76 -18.73 -43.01
C THR J 81 125.89 -19.33 -41.61
N SER J 82 126.77 -18.72 -40.81
CA SER J 82 127.04 -19.15 -39.45
C SER J 82 126.58 -18.08 -38.46
N SER J 83 126.18 -18.53 -37.29
CA SER J 83 125.78 -17.64 -36.20
C SER J 83 126.77 -17.78 -35.05
N VAL J 84 126.95 -16.70 -34.29
CA VAL J 84 127.93 -16.67 -33.22
C VAL J 84 127.21 -16.82 -31.88
N GLU J 85 127.81 -17.60 -30.97
CA GLU J 85 127.24 -17.91 -29.67
C GLU J 85 128.30 -17.68 -28.61
N ILE J 86 127.86 -17.27 -27.42
CA ILE J 86 128.79 -17.00 -26.33
C ILE J 86 129.13 -18.34 -25.66
N ALA J 87 130.35 -18.83 -25.91
CA ALA J 87 130.73 -20.15 -25.42
C ALA J 87 130.93 -20.13 -23.92
N ARG J 88 131.85 -19.30 -23.43
CA ARG J 88 132.03 -19.15 -22.00
C ARG J 88 132.67 -17.80 -21.73
N THR J 89 132.78 -17.43 -20.46
CA THR J 89 133.31 -16.12 -20.11
C THR J 89 134.21 -16.25 -18.89
N ASN J 90 135.41 -15.67 -18.97
CA ASN J 90 136.22 -15.40 -17.80
C ASN J 90 135.91 -14.00 -17.29
N ARG J 91 135.94 -13.81 -15.98
CA ARG J 91 135.60 -12.52 -15.41
C ARG J 91 136.51 -12.19 -14.25
N ALA J 92 136.74 -10.89 -14.04
CA ALA J 92 137.41 -10.37 -12.87
C ALA J 92 136.59 -9.23 -12.31
N GLN J 93 136.27 -9.28 -11.02
CA GLN J 93 135.34 -8.35 -10.40
C GLN J 93 135.98 -7.77 -9.15
N VAL J 94 136.19 -6.46 -9.14
CA VAL J 94 136.93 -5.78 -8.08
C VAL J 94 135.99 -4.77 -7.41
N GLU J 95 135.85 -4.88 -6.10
CA GLU J 95 135.12 -3.90 -5.29
C GLU J 95 136.10 -3.32 -4.28
N PHE J 96 136.39 -2.03 -4.41
CA PHE J 96 137.11 -1.32 -3.37
C PHE J 96 136.08 -0.70 -2.44
N ILE J 97 136.24 -0.97 -1.16
CA ILE J 97 135.46 -0.34 -0.10
C ILE J 97 136.36 0.74 0.50
N LEU J 98 136.10 1.99 0.14
CA LEU J 98 136.95 3.05 0.64
C LEU J 98 136.18 3.88 1.65
N PRO J 99 136.77 4.27 2.78
CA PRO J 99 136.06 5.20 3.68
C PRO J 99 136.17 6.65 3.25
N ALA J 100 135.09 7.40 3.47
CA ALA J 100 135.06 8.82 3.12
C ALA J 100 135.99 9.65 3.99
N GLN J 101 136.55 9.08 5.05
CA GLN J 101 137.36 9.80 6.00
C GLN J 101 138.85 9.60 5.79
N SER J 102 139.24 8.84 4.76
CA SER J 102 140.63 8.52 4.52
C SER J 102 141.31 9.62 3.70
N ALA J 103 142.63 9.52 3.62
CA ALA J 103 143.45 10.40 2.79
C ALA J 103 143.84 9.68 1.50
N ALA J 104 143.97 10.46 0.42
CA ALA J 104 144.23 9.89 -0.89
C ALA J 104 145.52 9.07 -0.93
N THR J 105 146.47 9.37 -0.03
CA THR J 105 147.69 8.57 0.08
C THR J 105 147.36 7.10 0.30
N VAL J 106 146.41 6.85 1.21
CA VAL J 106 146.04 5.49 1.56
C VAL J 106 145.45 4.77 0.35
N ARG J 107 144.54 5.42 -0.37
CA ARG J 107 143.95 4.78 -1.54
C ARG J 107 145.00 4.54 -2.63
N GLU J 108 145.93 5.49 -2.78
CA GLU J 108 146.98 5.31 -3.78
C GLU J 108 147.81 4.07 -3.49
N ASP J 109 148.29 3.92 -2.25
CA ASP J 109 149.11 2.72 -2.03
C ASP J 109 148.28 1.46 -1.84
N LEU J 110 146.97 1.55 -1.57
CA LEU J 110 146.14 0.36 -1.66
C LEU J 110 146.08 -0.16 -3.10
N VAL J 111 145.82 0.75 -4.05
CA VAL J 111 145.81 0.36 -5.46
C VAL J 111 147.16 -0.19 -5.87
N ALA J 112 148.24 0.48 -5.44
CA ALA J 112 149.58 0.01 -5.79
C ALA J 112 149.85 -1.38 -5.22
N LEU J 113 149.40 -1.62 -3.99
CA LEU J 113 149.57 -2.94 -3.40
C LEU J 113 148.80 -4.00 -4.17
N LEU J 114 147.58 -3.67 -4.60
CA LEU J 114 146.80 -4.62 -5.38
C LEU J 114 147.48 -4.94 -6.71
N ALA J 115 147.98 -3.91 -7.40
CA ALA J 115 148.65 -4.13 -8.68
C ALA J 115 149.93 -4.94 -8.50
N SER J 116 150.70 -4.66 -7.44
CA SER J 116 151.90 -5.42 -7.20
C SER J 116 151.60 -6.85 -6.78
N ALA J 117 150.46 -7.08 -6.09
CA ALA J 117 150.05 -8.43 -5.78
C ALA J 117 149.69 -9.19 -7.04
N LEU J 118 149.00 -8.53 -7.97
CA LEU J 118 148.73 -9.15 -9.27
C LEU J 118 150.02 -9.44 -10.03
N ALA J 119 151.03 -8.59 -9.87
CA ALA J 119 152.28 -8.79 -10.60
C ALA J 119 153.15 -9.88 -9.97
N ASP J 120 153.03 -10.08 -8.65
CA ASP J 120 153.83 -11.11 -7.99
C ASP J 120 153.52 -12.48 -8.57
N THR J 121 154.57 -13.27 -8.79
CA THR J 121 154.40 -14.56 -9.44
C THR J 121 153.69 -15.56 -8.54
N ALA J 122 153.99 -15.53 -7.24
CA ALA J 122 153.35 -16.45 -6.31
C ALA J 122 151.84 -16.23 -6.27
N ILE J 123 151.42 -14.97 -6.27
CA ILE J 123 149.99 -14.65 -6.28
C ILE J 123 149.41 -14.87 -7.68
N LYS J 124 150.20 -14.64 -8.72
CA LYS J 124 149.69 -14.77 -10.08
C LYS J 124 149.41 -16.23 -10.42
N SER J 125 150.17 -17.16 -9.85
CA SER J 125 149.87 -18.58 -10.06
C SER J 125 148.52 -18.95 -9.48
N THR J 126 148.12 -18.26 -8.41
CA THR J 126 146.79 -18.45 -7.82
C THR J 126 145.70 -18.25 -8.85
N ILE J 127 145.77 -17.15 -9.59
CA ILE J 127 144.71 -16.83 -10.56
C ILE J 127 144.91 -17.64 -11.83
N VAL J 128 146.10 -17.54 -12.42
CA VAL J 128 146.33 -18.09 -13.74
C VAL J 128 146.27 -19.61 -13.71
N ASN J 129 146.92 -20.23 -12.72
CA ASN J 129 147.15 -21.67 -12.69
C ASN J 129 146.28 -22.40 -11.68
N VAL J 130 145.48 -21.68 -10.89
CA VAL J 130 144.51 -22.25 -9.97
C VAL J 130 145.20 -23.23 -9.04
N GLU J 131 146.28 -22.78 -8.45
CA GLU J 131 146.97 -23.50 -7.39
C GLU J 131 146.66 -22.82 -6.06
N HIS J 132 146.28 -23.65 -5.07
CA HIS J 132 146.07 -23.19 -3.70
C HIS J 132 147.40 -22.90 -3.01
N PHE J 133 147.34 -22.05 -1.99
CA PHE J 133 148.44 -21.90 -1.07
C PHE J 133 148.47 -23.07 -0.09
N TYR J 134 149.68 -23.53 0.23
CA TYR J 134 149.84 -24.67 1.13
C TYR J 134 151.12 -24.59 1.97
N PRO K 1 126.38 23.78 -21.90
CA PRO K 1 127.51 23.73 -20.97
C PRO K 1 127.99 22.30 -20.76
N ALA K 2 128.91 21.85 -21.60
CA ALA K 2 129.51 20.53 -21.42
C ALA K 2 130.22 20.48 -20.08
N LEU K 3 130.11 19.33 -19.42
CA LEU K 3 130.69 19.14 -18.10
C LEU K 3 132.19 19.38 -18.15
N LYS K 4 132.67 20.31 -17.32
CA LYS K 4 134.06 20.74 -17.39
C LYS K 4 134.38 21.44 -16.08
N PRO K 5 135.64 21.37 -15.63
CA PRO K 5 135.98 21.95 -14.33
C PRO K 5 135.83 23.45 -14.37
N ILE K 6 135.36 24.01 -13.25
CA ILE K 6 135.08 25.43 -13.20
C ILE K 6 135.84 26.02 -12.01
N THR K 7 136.27 27.26 -12.15
CA THR K 7 137.05 27.95 -11.13
C THR K 7 136.21 29.04 -10.48
N LEU K 8 136.22 29.06 -9.14
CA LEU K 8 135.45 30.02 -8.35
C LEU K 8 136.36 30.67 -7.32
N THR K 9 136.09 31.93 -6.99
CA THR K 9 136.92 32.68 -6.05
C THR K 9 136.35 32.59 -4.64
N ASP K 10 137.21 32.30 -3.67
CA ASP K 10 136.78 32.22 -2.27
C ASP K 10 136.77 33.62 -1.66
N HIS K 11 136.67 33.68 -0.33
CA HIS K 11 136.61 34.99 0.32
C HIS K 11 137.88 35.80 0.13
N SER K 12 139.02 35.13 0.07
CA SER K 12 140.30 35.79 -0.13
C SER K 12 140.58 36.10 -1.60
N SER K 13 139.59 35.89 -2.47
CA SER K 13 139.69 36.00 -3.92
C SER K 13 140.65 34.98 -4.52
N ALA K 14 141.10 34.00 -3.75
CA ALA K 14 141.96 32.95 -4.27
C ALA K 14 141.15 31.98 -5.12
N ASP K 15 141.73 31.56 -6.24
CA ASP K 15 141.04 30.64 -7.13
C ASP K 15 140.85 29.28 -6.47
N VAL K 16 139.74 28.64 -6.80
CA VAL K 16 139.33 27.35 -6.23
C VAL K 16 138.74 26.55 -7.36
N ILE K 17 139.39 25.46 -7.74
CA ILE K 17 139.08 24.73 -8.95
C ILE K 17 138.24 23.51 -8.58
N PHE K 18 136.97 23.51 -9.00
CA PHE K 18 136.08 22.37 -8.83
C PHE K 18 136.15 21.51 -10.08
N THR K 19 136.60 20.25 -9.91
CA THR K 19 136.56 19.35 -11.06
C THR K 19 135.24 18.60 -11.11
N PRO K 20 134.76 18.24 -12.29
CA PRO K 20 133.50 17.50 -12.37
C PRO K 20 133.64 16.14 -11.71
N THR K 21 132.63 15.77 -10.92
CA THR K 21 132.60 14.50 -10.23
C THR K 21 131.61 13.53 -10.84
N GLN K 22 130.34 13.94 -10.94
CA GLN K 22 129.33 12.95 -11.28
C GLN K 22 128.15 13.58 -12.00
N ILE K 23 127.59 12.87 -12.97
CA ILE K 23 126.28 13.19 -13.52
C ILE K 23 125.30 12.16 -12.94
N ASP K 24 124.26 12.67 -12.29
CA ASP K 24 123.41 11.86 -11.43
C ASP K 24 122.50 10.95 -12.26
N LYS K 25 121.68 10.17 -11.56
CA LYS K 25 120.60 9.44 -12.24
C LYS K 25 119.48 10.38 -12.64
N ASN K 26 119.20 11.39 -11.82
CA ASN K 26 118.13 12.34 -12.09
C ASN K 26 118.58 13.51 -12.96
N GLY K 27 119.88 13.70 -13.14
CA GLY K 27 120.41 14.81 -13.90
C GLY K 27 121.27 15.76 -13.10
N VAL K 28 121.51 15.49 -11.82
CA VAL K 28 122.30 16.39 -10.98
C VAL K 28 123.76 16.29 -11.39
N ALA K 29 124.41 17.44 -11.53
CA ALA K 29 125.82 17.52 -11.84
C ALA K 29 126.58 17.93 -10.59
N TYR K 30 127.55 17.10 -10.21
CA TYR K 30 128.33 17.27 -8.98
C TYR K 30 129.77 17.61 -9.35
N PHE K 31 130.23 18.77 -8.88
CA PHE K 31 131.63 19.18 -8.94
C PHE K 31 132.22 19.15 -7.54
N ARG K 32 133.47 18.70 -7.44
CA ARG K 32 134.14 18.51 -6.16
C ARG K 32 135.49 19.22 -6.19
N HIS K 33 135.83 19.84 -5.06
CA HIS K 33 137.13 20.45 -4.84
C HIS K 33 137.73 19.78 -3.61
N LEU K 34 138.68 18.87 -3.83
CA LEU K 34 139.29 18.15 -2.73
C LEU K 34 140.23 19.07 -1.96
N GLN K 35 140.55 18.64 -0.74
CA GLN K 35 141.47 19.40 0.10
C GLN K 35 142.91 19.06 -0.27
N ALA K 36 143.86 19.60 0.49
CA ALA K 36 145.26 19.30 0.24
C ALA K 36 145.53 17.81 0.36
N ASN K 37 145.05 17.18 1.44
CA ASN K 37 145.29 15.77 1.70
C ASN K 37 144.38 14.85 0.90
N GLY K 38 143.48 15.39 0.08
CA GLY K 38 142.56 14.56 -0.66
C GLY K 38 141.57 13.81 0.20
N LYS K 39 141.05 14.45 1.24
CA LYS K 39 140.06 13.82 2.10
C LYS K 39 138.67 14.09 1.57
N PRO K 40 137.90 13.06 1.18
CA PRO K 40 136.55 13.31 0.64
C PRO K 40 135.67 14.09 1.59
N ILE K 41 135.68 13.72 2.87
CA ILE K 41 134.86 14.39 3.87
C ILE K 41 135.16 15.89 3.92
N GLY K 42 136.33 16.32 3.46
CA GLY K 42 136.68 17.72 3.47
C GLY K 42 136.45 18.47 2.19
N ALA K 43 135.96 17.81 1.14
CA ALA K 43 135.90 18.44 -0.17
C ALA K 43 134.68 19.36 -0.28
N TYR K 44 134.89 20.50 -0.92
CA TYR K 44 133.77 21.36 -1.30
C TYR K 44 133.00 20.74 -2.45
N THR K 45 131.69 21.00 -2.50
CA THR K 45 130.87 20.45 -3.57
C THR K 45 129.96 21.53 -4.14
N VAL K 46 129.66 21.39 -5.43
CA VAL K 46 128.72 22.27 -6.12
C VAL K 46 127.83 21.40 -6.99
N SER K 47 126.51 21.49 -6.78
CA SER K 47 125.52 20.71 -7.50
C SER K 47 124.70 21.62 -8.39
N SER K 48 124.42 21.16 -9.60
CA SER K 48 123.57 21.90 -10.54
C SER K 48 122.63 20.94 -11.24
N HIS K 49 121.33 21.18 -11.09
CA HIS K 49 120.34 20.34 -11.73
C HIS K 49 119.18 21.20 -12.22
N VAL K 50 118.74 20.98 -13.45
CA VAL K 50 117.62 21.72 -14.01
C VAL K 50 116.51 20.74 -14.34
N LYS K 51 115.29 21.07 -13.90
CA LYS K 51 114.10 20.26 -14.08
C LYS K 51 113.18 20.98 -15.06
N GLU K 52 112.99 20.36 -16.22
CA GLU K 52 112.13 20.88 -17.27
C GLU K 52 110.66 20.73 -16.88
N PRO K 53 109.78 21.51 -17.47
CA PRO K 53 108.35 21.36 -17.19
C PRO K 53 107.74 20.19 -17.94
N GLY K 54 106.69 19.63 -17.35
CA GLY K 54 105.97 18.54 -17.96
C GLY K 54 104.48 18.67 -17.70
N THR K 55 103.71 17.98 -18.53
CA THR K 55 102.24 18.05 -18.48
C THR K 55 101.79 19.50 -18.49
N ASN K 56 102.26 20.23 -19.50
CA ASN K 56 101.91 21.63 -19.73
C ASN K 56 102.11 22.46 -18.47
N GLY K 57 103.26 22.27 -17.84
CA GLY K 57 103.66 23.11 -16.71
C GLY K 57 104.39 24.34 -17.22
N ASP K 58 104.07 25.48 -16.61
CA ASP K 58 104.67 26.74 -17.04
C ASP K 58 106.09 26.92 -16.53
N VAL K 59 106.49 26.16 -15.51
CA VAL K 59 107.65 26.50 -14.69
C VAL K 59 108.86 25.62 -15.04
N PHE K 60 110.04 26.21 -14.87
CA PHE K 60 111.33 25.54 -14.90
C PHE K 60 111.91 25.62 -13.50
N ARG K 61 112.49 24.52 -13.00
CA ARG K 61 113.07 24.52 -11.65
C ARG K 61 114.56 24.24 -11.74
N VAL K 62 115.39 25.26 -11.59
CA VAL K 62 116.83 25.15 -11.75
C VAL K 62 117.48 25.35 -10.39
N LYS K 63 118.31 24.39 -9.98
CA LYS K 63 118.81 24.33 -8.62
C LYS K 63 120.33 24.36 -8.62
N LEU K 64 120.89 25.13 -7.69
CA LEU K 64 122.33 25.28 -7.51
C LEU K 64 122.65 25.15 -6.02
N PHE K 65 123.53 24.21 -5.69
CA PHE K 65 123.93 23.94 -4.32
C PHE K 65 125.43 24.15 -4.18
N VAL K 66 125.84 24.80 -3.09
CA VAL K 66 127.25 25.03 -2.78
C VAL K 66 127.46 24.60 -1.34
N ASN K 67 128.15 23.48 -1.15
CA ASN K 67 128.36 22.90 0.17
C ASN K 67 129.82 23.05 0.55
N VAL K 68 130.07 23.69 1.69
CA VAL K 68 131.40 23.90 2.25
C VAL K 68 131.50 23.15 3.57
N PRO K 69 132.24 22.04 3.64
CA PRO K 69 132.42 21.37 4.92
C PRO K 69 133.64 21.91 5.65
N GLU K 70 133.57 21.85 6.97
CA GLU K 70 134.74 22.01 7.82
C GLU K 70 134.90 20.73 8.63
N VAL K 71 136.12 20.20 8.61
CA VAL K 71 136.50 18.98 9.31
C VAL K 71 136.75 19.28 10.78
N ALA K 72 136.28 18.43 11.69
CA ALA K 72 136.58 18.57 13.11
C ALA K 72 137.53 17.44 13.50
N THR K 73 138.70 17.82 14.00
CA THR K 73 139.70 16.84 14.39
C THR K 73 139.59 16.52 15.88
N GLU K 85 137.84 13.89 12.03
CA GLU K 85 137.10 12.63 11.91
C GLU K 85 135.68 12.82 11.38
N ILE K 86 134.89 13.66 12.04
CA ILE K 86 133.56 14.00 11.56
C ILE K 86 133.56 15.49 11.24
N ALA K 87 132.76 15.87 10.27
CA ALA K 87 132.82 17.21 9.71
C ALA K 87 131.41 17.77 9.62
N ARG K 88 131.26 19.07 9.85
CA ARG K 88 129.97 19.70 9.70
C ARG K 88 129.99 20.64 8.50
N THR K 89 128.86 20.73 7.81
CA THR K 89 128.83 21.34 6.50
C THR K 89 127.93 22.57 6.54
N ASN K 90 128.50 23.73 6.21
CA ASN K 90 127.69 24.88 5.82
C ASN K 90 127.19 24.67 4.40
N ARG K 91 125.93 25.03 4.16
CA ARG K 91 125.36 24.84 2.83
C ARG K 91 124.65 26.09 2.35
N ALA K 92 124.71 26.30 1.04
CA ALA K 92 123.87 27.26 0.35
C ALA K 92 123.06 26.52 -0.70
N GLN K 93 121.75 26.74 -0.71
CA GLN K 93 120.84 26.00 -1.59
C GLN K 93 119.94 26.99 -2.30
N VAL K 94 120.07 27.11 -3.62
CA VAL K 94 119.32 28.08 -4.40
C VAL K 94 118.43 27.33 -5.38
N GLU K 95 117.17 27.73 -5.43
CA GLU K 95 116.21 27.22 -6.41
C GLU K 95 115.62 28.42 -7.14
N PHE K 96 115.83 28.48 -8.45
CA PHE K 96 115.18 29.46 -9.30
C PHE K 96 113.97 28.82 -9.95
N ILE K 97 112.85 29.53 -9.91
CA ILE K 97 111.61 29.12 -10.55
C ILE K 97 111.38 30.09 -11.70
N LEU K 98 111.49 29.58 -12.94
CA LEU K 98 111.50 30.43 -14.12
C LEU K 98 110.39 30.02 -15.08
N PRO K 99 109.37 30.85 -15.32
CA PRO K 99 108.36 30.49 -16.32
C PRO K 99 108.93 30.39 -17.72
N ALA K 100 108.27 29.60 -18.56
CA ALA K 100 108.76 29.31 -19.90
C ALA K 100 108.54 30.46 -20.87
N GLN K 101 107.55 31.31 -20.64
CA GLN K 101 107.31 32.43 -21.55
C GLN K 101 108.21 33.63 -21.28
N SER K 102 108.84 33.70 -20.11
CA SER K 102 109.69 34.85 -19.80
C SER K 102 110.87 34.91 -20.77
N ALA K 103 111.03 36.06 -21.42
CA ALA K 103 112.21 36.26 -22.24
C ALA K 103 113.45 36.26 -21.37
N ALA K 104 114.58 35.86 -21.97
CA ALA K 104 115.81 35.70 -21.20
C ALA K 104 116.26 36.99 -20.52
N THR K 105 115.75 38.16 -20.96
CA THR K 105 116.07 39.41 -20.29
C THR K 105 115.74 39.34 -18.80
N VAL K 106 114.57 38.79 -18.50
CA VAL K 106 114.10 38.75 -17.12
C VAL K 106 115.01 37.87 -16.28
N ARG K 107 115.35 36.69 -16.80
CA ARG K 107 116.18 35.78 -16.02
C ARG K 107 117.57 36.35 -15.83
N GLU K 108 118.09 37.04 -16.85
CA GLU K 108 119.39 37.67 -16.72
C GLU K 108 119.40 38.69 -15.58
N ASP K 109 118.45 39.64 -15.57
CA ASP K 109 118.49 40.63 -14.48
C ASP K 109 118.00 40.06 -13.15
N LEU K 110 117.29 38.93 -13.15
CA LEU K 110 116.97 38.30 -11.87
C LEU K 110 118.24 37.76 -11.23
N VAL K 111 119.04 37.03 -12.00
CA VAL K 111 120.34 36.57 -11.50
C VAL K 111 121.18 37.77 -11.05
N ALA K 112 121.20 38.84 -11.85
CA ALA K 112 122.02 39.99 -11.50
C ALA K 112 121.54 40.58 -10.17
N LEU K 113 120.22 40.62 -9.96
CA LEU K 113 119.65 41.07 -8.69
C LEU K 113 120.12 40.22 -7.53
N LEU K 114 120.08 38.89 -7.71
CA LEU K 114 120.48 38.01 -6.62
C LEU K 114 121.94 38.21 -6.27
N ALA K 115 122.80 38.32 -7.29
CA ALA K 115 124.23 38.49 -7.04
C ALA K 115 124.51 39.83 -6.36
N SER K 116 123.83 40.89 -6.81
CA SER K 116 124.02 42.19 -6.17
C SER K 116 123.48 42.20 -4.74
N ALA K 117 122.43 41.41 -4.47
CA ALA K 117 121.94 41.30 -3.10
C ALA K 117 122.95 40.58 -2.21
N LEU K 118 123.59 39.54 -2.74
CA LEU K 118 124.68 38.89 -2.02
C LEU K 118 125.85 39.83 -1.79
N ALA K 119 126.10 40.74 -2.73
CA ALA K 119 127.22 41.66 -2.59
C ALA K 119 126.90 42.81 -1.65
N ASP K 120 125.63 43.21 -1.52
CA ASP K 120 125.27 44.31 -0.65
C ASP K 120 125.66 44.00 0.78
N THR K 121 126.23 45.01 1.47
CA THR K 121 126.76 44.78 2.80
C THR K 121 125.67 44.46 3.81
N ALA K 122 124.53 45.15 3.72
CA ALA K 122 123.44 44.93 4.67
C ALA K 122 122.90 43.50 4.56
N ILE K 123 122.65 43.05 3.33
CA ILE K 123 122.13 41.70 3.11
C ILE K 123 123.20 40.66 3.45
N LYS K 124 124.46 40.95 3.11
CA LYS K 124 125.53 40.00 3.36
C LYS K 124 125.73 39.80 4.86
N SER K 125 125.48 40.85 5.66
CA SER K 125 125.56 40.71 7.12
C SER K 125 124.59 39.64 7.60
N THR K 126 123.41 39.58 6.99
CA THR K 126 122.39 38.60 7.34
C THR K 126 122.97 37.19 7.32
N ILE K 127 123.74 36.86 6.29
CA ILE K 127 124.27 35.51 6.17
C ILE K 127 125.53 35.35 7.02
N VAL K 128 126.47 36.26 6.85
CA VAL K 128 127.80 36.08 7.42
C VAL K 128 127.74 36.11 8.95
N ASN K 129 127.03 37.10 9.51
CA ASN K 129 126.99 37.34 10.94
C ASN K 129 125.74 36.78 11.60
N VAL K 130 124.92 36.04 10.84
CA VAL K 130 123.64 35.48 11.27
C VAL K 130 122.90 36.48 12.16
N GLU K 131 122.68 37.68 11.64
CA GLU K 131 121.90 38.73 12.31
C GLU K 131 120.54 38.85 11.63
N HIS K 132 119.48 39.00 12.43
CA HIS K 132 118.15 39.32 11.93
C HIS K 132 118.07 40.76 11.44
N PHE K 133 117.14 41.01 10.52
CA PHE K 133 116.80 42.39 10.20
C PHE K 133 115.96 42.98 11.32
N TYR K 134 116.28 44.22 11.69
CA TYR K 134 115.57 44.90 12.79
C TYR K 134 115.38 46.39 12.57
N PRO L 1 130.00 7.68 -29.72
CA PRO L 1 129.57 9.06 -30.00
C PRO L 1 129.47 9.85 -28.73
N ALA L 2 130.52 10.60 -28.40
CA ALA L 2 130.43 11.51 -27.26
C ALA L 2 129.42 12.61 -27.56
N LEU L 3 128.79 13.10 -26.50
CA LEU L 3 127.78 14.13 -26.65
C LEU L 3 128.44 15.44 -27.06
N LYS L 4 127.99 16.02 -28.18
CA LYS L 4 128.61 17.15 -28.84
C LYS L 4 127.50 17.89 -29.58
N PRO L 5 127.55 19.22 -29.64
CA PRO L 5 126.63 19.94 -30.52
C PRO L 5 126.85 19.51 -31.96
N ILE L 6 125.78 19.12 -32.62
CA ILE L 6 125.87 18.62 -33.97
C ILE L 6 125.17 19.60 -34.90
N THR L 7 125.79 19.86 -36.04
CA THR L 7 125.27 20.81 -37.02
C THR L 7 124.59 20.03 -38.13
N LEU L 8 123.35 20.40 -38.44
CA LEU L 8 122.56 19.76 -39.48
C LEU L 8 122.14 20.81 -40.50
N THR L 9 122.06 20.43 -41.77
CA THR L 9 121.74 21.36 -42.83
C THR L 9 120.25 21.30 -43.14
N ASP L 10 119.62 22.48 -43.29
CA ASP L 10 118.19 22.56 -43.54
C ASP L 10 117.90 22.51 -45.04
N HIS L 11 116.73 22.96 -45.44
CA HIS L 11 116.38 22.89 -46.86
C HIS L 11 117.24 23.82 -47.70
N SER L 12 117.53 25.02 -47.20
CA SER L 12 118.36 25.96 -47.91
C SER L 12 119.85 25.65 -47.83
N SER L 13 120.22 24.51 -47.25
CA SER L 13 121.57 24.05 -46.96
C SER L 13 122.26 24.90 -45.88
N ALA L 14 121.55 25.85 -45.27
CA ALA L 14 122.10 26.59 -44.16
C ALA L 14 122.30 25.68 -42.96
N ASP L 15 123.32 25.98 -42.17
CA ASP L 15 123.61 25.18 -40.99
C ASP L 15 122.62 25.50 -39.87
N VAL L 16 122.37 24.49 -39.03
CA VAL L 16 121.44 24.57 -37.91
C VAL L 16 122.09 23.78 -36.78
N ILE L 17 122.51 24.48 -35.73
CA ILE L 17 123.30 23.88 -34.67
C ILE L 17 122.36 23.40 -33.57
N PHE L 18 122.42 22.10 -33.28
CA PHE L 18 121.68 21.50 -32.18
C PHE L 18 122.63 21.29 -31.01
N THR L 19 122.36 21.99 -29.90
CA THR L 19 123.15 21.82 -28.70
C THR L 19 122.58 20.69 -27.85
N PRO L 20 123.43 19.90 -27.22
CA PRO L 20 122.93 18.81 -26.37
C PRO L 20 122.17 19.36 -25.17
N THR L 21 120.98 18.80 -24.94
CA THR L 21 120.13 19.22 -23.84
C THR L 21 120.25 18.30 -22.64
N GLN L 22 120.06 16.99 -22.82
CA GLN L 22 119.81 16.13 -21.67
C GLN L 22 120.01 14.67 -22.10
N ILE L 23 120.44 13.86 -21.15
CA ILE L 23 120.49 12.41 -21.33
C ILE L 23 119.44 11.81 -20.39
N ASP L 24 118.45 11.14 -20.97
CA ASP L 24 117.26 10.72 -20.26
C ASP L 24 117.58 9.63 -19.24
N LYS L 25 116.58 9.34 -18.39
CA LYS L 25 116.69 8.19 -17.50
C LYS L 25 116.65 6.87 -18.28
N ASN L 26 116.02 6.87 -19.44
CA ASN L 26 115.90 5.68 -20.27
C ASN L 26 117.01 5.55 -21.29
N GLY L 27 117.93 6.51 -21.33
CA GLY L 27 119.01 6.51 -22.30
C GLY L 27 118.81 7.46 -23.45
N VAL L 28 117.67 8.15 -23.50
CA VAL L 28 117.41 9.05 -24.62
C VAL L 28 118.28 10.28 -24.50
N ALA L 29 118.92 10.65 -25.61
CA ALA L 29 119.75 11.84 -25.68
C ALA L 29 119.05 12.87 -26.55
N TYR L 30 118.93 14.09 -26.04
CA TYR L 30 118.18 15.15 -26.69
C TYR L 30 119.11 16.28 -27.14
N PHE L 31 118.98 16.69 -28.40
CA PHE L 31 119.65 17.87 -28.93
C PHE L 31 118.58 18.87 -29.35
N ARG L 32 118.75 20.13 -28.96
CA ARG L 32 117.74 21.14 -29.23
C ARG L 32 118.33 22.32 -29.98
N HIS L 33 117.46 22.97 -30.74
CA HIS L 33 117.74 24.24 -31.41
C HIS L 33 116.52 25.13 -31.17
N LEU L 34 116.74 26.27 -30.51
CA LEU L 34 115.64 27.11 -30.08
C LEU L 34 114.98 27.81 -31.27
N GLN L 35 113.75 28.28 -31.05
CA GLN L 35 112.97 28.92 -32.09
C GLN L 35 113.52 30.33 -32.36
N ALA L 36 112.86 31.03 -33.28
CA ALA L 36 113.24 32.40 -33.60
C ALA L 36 113.25 33.27 -32.35
N ASN L 37 112.16 33.27 -31.61
CA ASN L 37 112.11 33.96 -30.33
C ASN L 37 113.00 33.24 -29.30
N GLY L 38 113.60 34.02 -28.42
CA GLY L 38 114.45 33.45 -27.40
C GLY L 38 113.74 32.57 -26.40
N LYS L 39 112.41 32.49 -26.50
CA LYS L 39 111.61 31.76 -25.52
C LYS L 39 111.70 30.27 -25.79
N PRO L 40 112.16 29.46 -24.82
CA PRO L 40 112.34 28.00 -25.02
C PRO L 40 111.07 27.24 -24.67
N ILE L 41 110.04 27.40 -25.50
CA ILE L 41 108.78 26.69 -25.32
C ILE L 41 108.64 25.58 -26.34
N GLY L 42 108.64 25.92 -27.63
CA GLY L 42 108.72 24.96 -28.70
C GLY L 42 110.09 25.09 -29.34
N ALA L 43 110.73 23.95 -29.58
CA ALA L 43 112.10 23.97 -30.04
C ALA L 43 112.34 22.75 -30.93
N TYR L 44 113.16 22.93 -31.95
CA TYR L 44 113.52 21.83 -32.82
C TYR L 44 114.35 20.82 -32.02
N THR L 45 113.99 19.54 -32.11
CA THR L 45 114.64 18.53 -31.29
C THR L 45 115.07 17.33 -32.11
N VAL L 46 116.12 16.68 -31.63
CA VAL L 46 116.63 15.44 -32.20
C VAL L 46 116.90 14.48 -31.04
N SER L 47 116.19 13.37 -31.02
CA SER L 47 116.30 12.37 -29.97
C SER L 47 117.02 11.14 -30.51
N SER L 48 117.95 10.61 -29.74
CA SER L 48 118.66 9.39 -30.12
C SER L 48 118.66 8.43 -28.94
N HIS L 49 118.22 7.20 -29.18
CA HIS L 49 118.22 6.19 -28.12
C HIS L 49 118.46 4.82 -28.72
N VAL L 50 119.43 4.10 -28.18
CA VAL L 50 119.70 2.73 -28.59
C VAL L 50 119.30 1.80 -27.45
N LYS L 51 118.61 0.73 -27.80
CA LYS L 51 118.13 -0.27 -26.85
C LYS L 51 118.86 -1.57 -27.11
N GLU L 52 119.67 -1.98 -26.13
CA GLU L 52 120.39 -3.25 -26.17
C GLU L 52 119.39 -4.40 -26.22
N PRO L 53 119.84 -5.61 -26.57
CA PRO L 53 118.93 -6.75 -26.62
C PRO L 53 118.82 -7.48 -25.28
N GLY L 54 117.65 -7.99 -25.00
CA GLY L 54 117.38 -8.70 -23.76
C GLY L 54 117.34 -10.21 -23.99
N THR L 55 118.10 -10.92 -23.17
CA THR L 55 118.18 -12.39 -23.26
C THR L 55 118.70 -12.79 -24.65
N ASN L 56 119.69 -12.05 -25.14
CA ASN L 56 120.33 -12.30 -26.43
C ASN L 56 119.30 -12.39 -27.56
N GLY L 57 118.18 -11.70 -27.40
CA GLY L 57 117.30 -11.49 -28.55
C GLY L 57 118.06 -10.77 -29.64
N ASP L 58 117.95 -11.28 -30.86
CA ASP L 58 118.82 -10.83 -31.94
C ASP L 58 118.77 -9.31 -32.17
N VAL L 59 117.70 -8.64 -31.72
CA VAL L 59 117.41 -7.28 -32.16
C VAL L 59 118.10 -6.25 -31.27
N PHE L 60 118.69 -5.26 -31.92
CA PHE L 60 119.06 -3.97 -31.33
C PHE L 60 118.07 -2.95 -31.86
N ARG L 61 117.49 -2.13 -30.97
CA ARG L 61 116.47 -1.16 -31.38
C ARG L 61 117.03 0.25 -31.26
N VAL L 62 117.46 0.82 -32.38
CA VAL L 62 118.14 2.11 -32.37
C VAL L 62 117.23 3.14 -33.03
N LYS L 63 116.90 4.20 -32.32
CA LYS L 63 115.83 5.11 -32.71
C LYS L 63 116.36 6.54 -32.82
N LEU L 64 115.88 7.23 -33.84
CA LEU L 64 116.25 8.61 -34.15
C LEU L 64 114.97 9.40 -34.44
N PHE L 65 114.76 10.48 -33.70
CA PHE L 65 113.58 11.32 -33.83
C PHE L 65 114.01 12.73 -34.19
N VAL L 66 113.29 13.35 -35.12
CA VAL L 66 113.53 14.74 -35.52
C VAL L 66 112.18 15.45 -35.47
N ASN L 67 112.01 16.32 -34.49
CA ASN L 67 110.75 17.03 -34.27
C ASN L 67 110.93 18.50 -34.62
N VAL L 68 110.11 18.98 -35.54
CA VAL L 68 110.12 20.37 -36.00
C VAL L 68 108.80 21.01 -35.59
N PRO L 69 108.77 21.76 -34.49
CA PRO L 69 107.54 22.46 -34.10
C PRO L 69 107.41 23.82 -34.76
N GLU L 70 106.18 24.13 -35.16
CA GLU L 70 105.77 25.46 -35.59
C GLU L 70 105.01 26.11 -34.44
N VAL L 71 105.48 27.29 -34.03
CA VAL L 71 105.03 27.99 -32.83
C VAL L 71 104.21 29.21 -33.25
N ALA L 72 103.36 29.67 -32.32
CA ALA L 72 102.52 30.85 -32.54
C ALA L 72 102.58 31.75 -31.33
N THR L 73 102.83 33.02 -31.55
CA THR L 73 102.85 34.02 -30.48
C THR L 73 101.47 34.66 -30.41
N ILE L 74 100.70 34.33 -29.37
CA ILE L 74 99.34 34.81 -29.20
C ILE L 74 99.33 35.84 -28.08
N THR L 75 98.82 37.02 -28.38
CA THR L 75 98.61 38.03 -27.36
C THR L 75 97.10 38.28 -27.23
N PRO L 76 96.52 38.05 -26.04
CA PRO L 76 95.05 38.16 -25.92
C PRO L 76 94.55 39.58 -26.10
N ASN L 77 93.23 39.76 -26.08
CA ASN L 77 92.63 41.05 -26.36
C ASN L 77 92.85 42.01 -25.21
N GLY L 78 93.35 43.21 -25.53
CA GLY L 78 93.54 44.25 -24.54
C GLY L 78 94.52 43.90 -23.44
N SER L 79 95.52 43.08 -23.74
CA SER L 79 96.48 42.62 -22.75
C SER L 79 97.87 43.11 -23.12
N ASP L 80 98.63 43.55 -22.10
CA ASP L 80 99.97 44.07 -22.33
C ASP L 80 100.89 42.99 -22.88
N THR L 81 100.82 41.78 -22.33
CA THR L 81 101.84 40.76 -22.54
C THR L 81 101.33 39.65 -23.46
N SER L 82 102.24 39.17 -24.32
CA SER L 82 101.97 38.05 -25.21
C SER L 82 102.57 36.78 -24.66
N SER L 83 101.91 35.67 -24.93
CA SER L 83 102.44 34.36 -24.55
C SER L 83 102.58 33.51 -25.80
N VAL L 84 103.48 32.55 -25.74
CA VAL L 84 103.79 31.71 -26.89
C VAL L 84 103.14 30.35 -26.69
N GLU L 85 102.83 29.68 -27.81
CA GLU L 85 102.04 28.45 -27.79
C GLU L 85 102.49 27.56 -28.93
N ILE L 86 102.45 26.25 -28.70
CA ILE L 86 102.88 25.29 -29.71
C ILE L 86 101.72 25.08 -30.68
N ALA L 87 101.87 25.60 -31.90
CA ALA L 87 100.79 25.55 -32.88
C ALA L 87 100.63 24.14 -33.45
N ARG L 88 101.70 23.60 -34.03
CA ARG L 88 101.66 22.22 -34.52
C ARG L 88 103.09 21.73 -34.63
N THR L 89 103.24 20.45 -34.96
CA THR L 89 104.57 19.85 -35.06
C THR L 89 104.63 18.89 -36.22
N ASN L 90 105.66 19.02 -37.06
CA ASN L 90 106.02 17.98 -38.00
C ASN L 90 107.05 17.07 -37.35
N ARG L 91 106.91 15.77 -37.57
CA ARG L 91 107.81 14.82 -36.95
C ARG L 91 108.31 13.79 -37.94
N ALA L 92 109.56 13.37 -37.75
CA ALA L 92 110.13 12.22 -38.44
C ALA L 92 110.62 11.25 -37.37
N GLN L 93 110.20 10.00 -37.47
CA GLN L 93 110.53 9.00 -36.45
C GLN L 93 111.11 7.78 -37.15
N VAL L 94 112.34 7.42 -36.81
CA VAL L 94 113.06 6.34 -37.46
C VAL L 94 113.44 5.30 -36.41
N GLU L 95 113.14 4.05 -36.71
CA GLU L 95 113.56 2.92 -35.88
C GLU L 95 114.31 1.94 -36.76
N PHE L 96 115.58 1.71 -36.45
CA PHE L 96 116.35 0.64 -37.06
C PHE L 96 116.32 -0.57 -36.14
N ILE L 97 115.97 -1.71 -36.72
CA ILE L 97 116.03 -3.01 -36.05
C ILE L 97 117.24 -3.73 -36.63
N LEU L 98 118.27 -3.93 -35.80
CA LEU L 98 119.54 -4.45 -36.27
C LEU L 98 119.85 -5.77 -35.58
N PRO L 99 119.92 -6.89 -36.30
CA PRO L 99 120.26 -8.16 -35.63
C PRO L 99 121.66 -8.13 -35.06
N ALA L 100 121.83 -8.78 -33.90
CA ALA L 100 123.08 -8.75 -33.16
C ALA L 100 124.18 -9.58 -33.80
N GLN L 101 123.93 -10.19 -34.95
CA GLN L 101 124.94 -11.01 -35.61
C GLN L 101 125.36 -10.50 -36.98
N SER L 102 124.67 -9.52 -37.55
CA SER L 102 125.15 -8.92 -38.78
C SER L 102 126.33 -8.01 -38.47
N ALA L 103 127.34 -8.05 -39.33
CA ALA L 103 128.52 -7.21 -39.14
C ALA L 103 128.21 -5.78 -39.57
N ALA L 104 129.13 -4.87 -39.24
CA ALA L 104 128.89 -3.45 -39.45
C ALA L 104 128.66 -3.09 -40.91
N THR L 105 129.14 -3.92 -41.85
CA THR L 105 128.96 -3.63 -43.27
C THR L 105 127.47 -3.52 -43.62
N VAL L 106 126.68 -4.45 -43.09
CA VAL L 106 125.25 -4.48 -43.38
C VAL L 106 124.58 -3.22 -42.87
N ARG L 107 124.91 -2.81 -41.65
CA ARG L 107 124.28 -1.61 -41.11
C ARG L 107 124.72 -0.37 -41.87
N GLU L 108 125.99 -0.33 -42.30
CA GLU L 108 126.47 0.82 -43.07
C GLU L 108 125.69 0.97 -44.36
N ASP L 109 125.57 -0.12 -45.14
CA ASP L 109 124.86 0.07 -46.40
C ASP L 109 123.34 0.16 -46.21
N LEU L 110 122.80 -0.28 -45.08
CA LEU L 110 121.39 0.01 -44.79
C LEU L 110 121.18 1.51 -44.58
N VAL L 111 122.03 2.14 -43.78
CA VAL L 111 121.95 3.58 -43.58
C VAL L 111 122.12 4.31 -44.90
N ALA L 112 123.07 3.86 -45.72
CA ALA L 112 123.28 4.51 -47.02
C ALA L 112 122.06 4.38 -47.91
N LEU L 113 121.42 3.20 -47.90
CA LEU L 113 120.19 3.01 -48.67
C LEU L 113 119.10 3.96 -48.20
N LEU L 114 118.95 4.11 -46.88
CA LEU L 114 117.91 4.99 -46.37
C LEU L 114 118.18 6.45 -46.76
N ALA L 115 119.43 6.90 -46.63
CA ALA L 115 119.74 8.28 -47.00
C ALA L 115 119.56 8.52 -48.48
N SER L 116 119.96 7.57 -49.33
CA SER L 116 119.76 7.72 -50.76
C SER L 116 118.29 7.66 -51.13
N ALA L 117 117.49 6.91 -50.38
CA ALA L 117 116.04 6.93 -50.61
C ALA L 117 115.45 8.28 -50.25
N LEU L 118 115.92 8.89 -49.16
CA LEU L 118 115.48 10.23 -48.81
C LEU L 118 115.91 11.25 -49.87
N ALA L 119 117.05 11.01 -50.52
CA ALA L 119 117.54 11.94 -51.53
C ALA L 119 116.83 11.78 -52.88
N ASP L 120 116.41 10.56 -53.22
CA ASP L 120 115.74 10.33 -54.49
C ASP L 120 114.52 11.22 -54.61
N THR L 121 114.31 11.77 -55.80
CA THR L 121 113.24 12.75 -56.00
C THR L 121 111.86 12.09 -55.92
N ALA L 122 111.73 10.89 -56.48
CA ALA L 122 110.43 10.20 -56.46
C ALA L 122 110.03 9.86 -55.02
N ILE L 123 110.95 9.28 -54.24
CA ILE L 123 110.68 8.98 -52.84
C ILE L 123 110.50 10.28 -52.06
N LYS L 124 111.20 11.34 -52.44
CA LYS L 124 111.13 12.58 -51.68
C LYS L 124 109.76 13.22 -51.81
N SER L 125 109.23 13.28 -53.03
CA SER L 125 107.90 13.88 -53.23
C SER L 125 106.84 13.16 -52.40
N THR L 126 107.03 11.87 -52.15
CA THR L 126 106.15 11.14 -51.24
C THR L 126 106.01 11.88 -49.92
N ILE L 127 107.13 12.27 -49.32
CA ILE L 127 107.10 12.94 -48.03
C ILE L 127 106.73 14.40 -48.20
N VAL L 128 107.48 15.11 -49.03
CA VAL L 128 107.40 16.55 -49.11
C VAL L 128 106.05 16.98 -49.65
N ASN L 129 105.59 16.35 -50.73
CA ASN L 129 104.44 16.77 -51.50
C ASN L 129 103.17 16.02 -51.15
N VAL L 130 103.26 14.99 -50.30
CA VAL L 130 102.10 14.21 -49.85
C VAL L 130 101.35 13.69 -51.07
N GLU L 131 102.11 13.07 -51.95
CA GLU L 131 101.61 12.38 -53.13
C GLU L 131 101.78 10.89 -52.91
N HIS L 132 100.78 10.12 -53.31
CA HIS L 132 100.86 8.66 -53.33
C HIS L 132 101.72 8.21 -54.50
N PHE L 133 102.31 7.02 -54.36
CA PHE L 133 102.94 6.36 -55.48
C PHE L 133 101.86 5.75 -56.38
N TYR L 134 102.10 5.82 -57.69
CA TYR L 134 101.14 5.29 -58.66
C TYR L 134 101.81 4.83 -59.97
N PRO M 1 93.90 -37.47 -82.37
CA PRO M 1 95.34 -37.72 -82.61
C PRO M 1 95.75 -39.05 -82.01
N ALA M 2 96.13 -39.98 -82.89
CA ALA M 2 96.67 -41.26 -82.47
C ALA M 2 97.84 -41.05 -81.52
N LEU M 3 97.76 -41.70 -80.36
CA LEU M 3 98.78 -41.54 -79.33
C LEU M 3 100.15 -41.90 -79.89
N LYS M 4 101.06 -40.94 -79.87
CA LYS M 4 102.39 -41.07 -80.45
C LYS M 4 103.37 -40.30 -79.57
N PRO M 5 104.58 -40.79 -79.39
CA PRO M 5 105.59 -40.03 -78.66
C PRO M 5 105.87 -38.72 -79.37
N ILE M 6 105.89 -37.64 -78.61
CA ILE M 6 106.01 -36.32 -79.20
C ILE M 6 107.30 -35.68 -78.71
N THR M 7 107.91 -34.87 -79.56
CA THR M 7 109.17 -34.22 -79.26
C THR M 7 108.95 -32.73 -79.03
N LEU M 8 109.42 -32.22 -77.89
CA LEU M 8 109.28 -30.82 -77.51
C LEU M 8 110.66 -30.23 -77.23
N THR M 9 110.81 -28.93 -77.48
CA THR M 9 112.08 -28.25 -77.29
C THR M 9 112.17 -27.62 -75.90
N ASP M 10 113.33 -27.78 -75.25
CA ASP M 10 113.56 -27.20 -73.93
C ASP M 10 114.09 -25.77 -74.08
N HIS M 11 114.73 -25.26 -73.04
CA HIS M 11 115.19 -23.88 -73.12
C HIS M 11 116.30 -23.71 -74.14
N SER M 12 117.20 -24.67 -74.22
CA SER M 12 118.31 -24.63 -75.16
C SER M 12 117.89 -25.05 -76.56
N SER M 13 116.59 -25.15 -76.82
CA SER M 13 116.00 -25.61 -78.07
C SER M 13 116.42 -27.02 -78.45
N ALA M 14 117.02 -27.77 -77.52
CA ALA M 14 117.31 -29.18 -77.73
C ALA M 14 116.02 -29.99 -77.69
N ASP M 15 116.07 -31.17 -78.32
CA ASP M 15 114.90 -32.02 -78.35
C ASP M 15 114.72 -32.76 -77.03
N VAL M 16 113.46 -33.01 -76.68
CA VAL M 16 113.07 -33.70 -75.46
C VAL M 16 111.89 -34.59 -75.84
N ILE M 17 112.09 -35.91 -75.80
CA ILE M 17 111.13 -36.86 -76.33
C ILE M 17 110.27 -37.37 -75.18
N PHE M 18 108.96 -37.12 -75.27
CA PHE M 18 107.98 -37.63 -74.32
C PHE M 18 107.30 -38.85 -74.92
N THR M 19 107.47 -39.99 -74.27
CA THR M 19 106.82 -41.23 -74.72
C THR M 19 105.47 -41.38 -74.04
N PRO M 20 104.47 -41.89 -74.75
CA PRO M 20 103.17 -42.11 -74.10
C PRO M 20 103.28 -43.18 -73.03
N THR M 21 102.66 -42.90 -71.89
CA THR M 21 102.64 -43.80 -70.75
C THR M 21 101.31 -44.48 -70.55
N GLN M 22 100.21 -43.72 -70.57
CA GLN M 22 98.93 -44.25 -70.11
C GLN M 22 97.80 -43.40 -70.65
N ILE M 23 96.67 -44.04 -70.90
CA ILE M 23 95.40 -43.36 -71.13
C ILE M 23 94.51 -43.67 -69.95
N ASP M 24 94.04 -42.62 -69.27
CA ASP M 24 93.43 -42.74 -67.96
C ASP M 24 92.01 -43.30 -68.07
N LYS M 25 91.42 -43.60 -66.91
CA LYS M 25 90.01 -43.98 -66.87
C LYS M 25 89.12 -42.80 -67.24
N ASN M 26 89.58 -41.58 -66.95
CA ASN M 26 88.81 -40.38 -67.21
C ASN M 26 89.08 -39.78 -68.58
N GLY M 27 89.92 -40.41 -69.39
CA GLY M 27 90.29 -39.88 -70.68
C GLY M 27 91.59 -39.09 -70.69
N VAL M 28 92.31 -39.06 -69.57
CA VAL M 28 93.57 -38.32 -69.50
C VAL M 28 94.66 -39.13 -70.16
N ALA M 29 95.43 -38.50 -71.04
CA ALA M 29 96.55 -39.13 -71.72
C ALA M 29 97.85 -38.53 -71.18
N TYR M 30 98.79 -39.39 -70.81
CA TYR M 30 100.01 -38.99 -70.15
C TYR M 30 101.22 -39.32 -71.01
N PHE M 31 102.07 -38.33 -71.25
CA PHE M 31 103.38 -38.52 -71.86
C PHE M 31 104.46 -38.24 -70.81
N ARG M 32 105.46 -39.10 -70.75
CA ARG M 32 106.51 -38.95 -69.75
C ARG M 32 107.88 -38.91 -70.40
N HIS M 33 108.79 -38.21 -69.72
CA HIS M 33 110.21 -38.17 -70.05
C HIS M 33 110.95 -38.35 -68.74
N LEU M 34 111.74 -39.41 -68.65
CA LEU M 34 112.39 -39.78 -67.39
C LEU M 34 113.49 -38.76 -67.03
N GLN M 35 113.87 -38.75 -65.76
CA GLN M 35 114.91 -37.84 -65.29
C GLN M 35 116.28 -38.31 -65.77
N ALA M 36 117.30 -37.58 -65.31
CA ALA M 36 118.68 -37.94 -65.61
C ALA M 36 118.98 -39.37 -65.19
N ASN M 37 118.68 -39.71 -63.93
CA ASN M 37 118.79 -41.10 -63.50
C ASN M 37 117.76 -41.96 -64.20
N GLY M 38 118.10 -43.25 -64.37
CA GLY M 38 117.20 -44.17 -65.03
C GLY M 38 115.96 -44.48 -64.22
N LYS M 39 115.91 -43.97 -63.01
CA LYS M 39 114.82 -44.21 -62.07
C LYS M 39 113.62 -43.33 -62.42
N PRO M 40 112.42 -43.90 -62.40
CA PRO M 40 111.23 -43.17 -62.86
C PRO M 40 110.47 -42.40 -61.79
N ILE M 41 111.02 -42.22 -60.59
CA ILE M 41 110.20 -41.77 -59.46
C ILE M 41 109.70 -40.34 -59.70
N GLY M 42 110.57 -39.47 -60.20
CA GLY M 42 110.12 -38.15 -60.63
C GLY M 42 110.39 -38.04 -62.11
N ALA M 43 109.44 -37.50 -62.88
CA ALA M 43 109.64 -37.45 -64.32
C ALA M 43 108.82 -36.32 -64.91
N TYR M 44 109.34 -35.76 -66.00
CA TYR M 44 108.63 -34.71 -66.72
C TYR M 44 107.39 -35.30 -67.36
N THR M 45 106.25 -34.61 -67.23
CA THR M 45 105.00 -35.16 -67.71
C THR M 45 104.20 -34.13 -68.49
N VAL M 46 103.43 -34.63 -69.45
CA VAL M 46 102.49 -33.81 -70.22
C VAL M 46 101.16 -34.55 -70.23
N SER M 47 100.13 -33.92 -69.68
CA SER M 47 98.80 -34.50 -69.58
C SER M 47 97.85 -33.79 -70.54
N SER M 48 97.04 -34.56 -71.25
CA SER M 48 96.05 -33.99 -72.15
C SER M 48 94.71 -34.67 -71.93
N HIS M 49 93.69 -33.87 -71.62
CA HIS M 49 92.35 -34.41 -71.46
C HIS M 49 91.33 -33.41 -71.98
N VAL M 50 90.45 -33.86 -72.85
CA VAL M 50 89.39 -33.00 -73.37
C VAL M 50 88.05 -33.56 -72.90
N LYS M 51 87.23 -32.69 -72.32
CA LYS M 51 85.93 -33.03 -71.75
C LYS M 51 84.85 -32.49 -72.67
N GLU M 52 84.12 -33.40 -73.31
CA GLU M 52 83.04 -33.00 -74.20
C GLU M 52 81.87 -32.47 -73.38
N PRO M 53 81.02 -31.63 -73.97
CA PRO M 53 79.91 -31.04 -73.22
C PRO M 53 78.75 -32.02 -73.05
N GLY M 54 77.93 -31.72 -72.05
CA GLY M 54 76.77 -32.54 -71.75
C GLY M 54 75.50 -31.72 -71.68
N THR M 55 74.39 -32.37 -72.05
CA THR M 55 73.09 -31.71 -72.14
C THR M 55 73.20 -30.47 -73.05
N ASN M 56 73.69 -30.71 -74.26
CA ASN M 56 73.98 -29.65 -75.23
C ASN M 56 74.77 -28.52 -74.59
N GLY M 57 75.69 -28.88 -73.69
CA GLY M 57 76.52 -27.88 -73.06
C GLY M 57 77.27 -27.06 -74.09
N ASP M 58 77.34 -25.75 -73.86
CA ASP M 58 77.97 -24.90 -74.84
C ASP M 58 79.47 -25.16 -74.95
N VAL M 59 80.08 -25.81 -73.96
CA VAL M 59 81.52 -25.71 -73.73
C VAL M 59 82.18 -27.09 -73.80
N PHE M 60 83.18 -27.21 -74.67
CA PHE M 60 84.27 -28.16 -74.50
C PHE M 60 85.28 -27.61 -73.51
N ARG M 61 85.83 -28.48 -72.67
CA ARG M 61 86.88 -28.09 -71.72
C ARG M 61 88.13 -28.93 -71.98
N VAL M 62 89.12 -28.32 -72.61
CA VAL M 62 90.31 -29.04 -73.09
C VAL M 62 91.50 -28.60 -72.26
N LYS M 63 92.19 -29.56 -71.64
CA LYS M 63 93.19 -29.27 -70.62
C LYS M 63 94.53 -29.86 -71.02
N LEU M 64 95.58 -29.06 -70.82
CA LEU M 64 96.96 -29.41 -71.12
C LEU M 64 97.81 -29.08 -69.90
N PHE M 65 98.53 -30.08 -69.39
CA PHE M 65 99.36 -29.93 -68.21
C PHE M 65 100.80 -30.27 -68.54
N VAL M 66 101.74 -29.45 -68.06
CA VAL M 66 103.16 -29.66 -68.25
C VAL M 66 103.83 -29.58 -66.89
N ASN M 67 104.27 -30.72 -66.37
CA ASN M 67 104.85 -30.80 -65.03
C ASN M 67 106.34 -31.10 -65.15
N VAL M 68 107.14 -30.25 -64.50
CA VAL M 68 108.59 -30.34 -64.51
C VAL M 68 109.06 -30.49 -63.06
N PRO M 69 109.34 -31.72 -62.62
CA PRO M 69 109.89 -31.91 -61.28
C PRO M 69 111.41 -31.79 -61.24
N GLU M 70 111.89 -31.23 -60.13
CA GLU M 70 113.28 -31.32 -59.72
C GLU M 70 113.35 -32.38 -58.63
N VAL M 71 114.13 -33.43 -58.89
CA VAL M 71 114.34 -34.52 -57.95
C VAL M 71 115.67 -34.32 -57.25
N ALA M 72 115.80 -34.91 -56.07
CA ALA M 72 117.03 -34.86 -55.30
C ALA M 72 117.42 -36.27 -54.87
N THR M 73 118.71 -36.55 -54.95
CA THR M 73 119.25 -37.87 -54.61
C THR M 73 119.71 -37.85 -53.16
N ILE M 74 118.96 -38.50 -52.29
CA ILE M 74 119.28 -38.56 -50.87
C ILE M 74 119.97 -39.89 -50.60
N THR M 75 121.17 -39.82 -50.01
CA THR M 75 121.90 -41.02 -49.64
C THR M 75 122.23 -40.91 -48.15
N PRO M 76 121.74 -41.83 -47.31
CA PRO M 76 121.96 -41.70 -45.86
C PRO M 76 123.43 -41.77 -45.51
N ASN M 77 123.74 -41.37 -44.27
CA ASN M 77 125.12 -41.19 -43.84
C ASN M 77 125.87 -42.51 -43.85
N GLY M 78 126.93 -42.57 -44.66
CA GLY M 78 127.76 -43.77 -44.75
C GLY M 78 127.08 -44.96 -45.37
N SER M 79 126.22 -44.75 -46.37
CA SER M 79 125.46 -45.80 -46.99
C SER M 79 125.94 -46.09 -48.40
N ASP M 80 125.76 -47.34 -48.83
CA ASP M 80 126.17 -47.73 -50.18
C ASP M 80 125.23 -47.15 -51.22
N THR M 81 123.92 -47.35 -51.05
CA THR M 81 122.96 -47.01 -52.09
C THR M 81 122.16 -45.76 -51.71
N SER M 82 121.73 -45.03 -52.72
CA SER M 82 120.98 -43.80 -52.57
C SER M 82 119.57 -43.99 -53.11
N SER M 83 118.63 -43.26 -52.52
CA SER M 83 117.24 -43.26 -52.97
C SER M 83 116.89 -41.87 -53.48
N VAL M 84 115.96 -41.81 -54.44
CA VAL M 84 115.59 -40.56 -55.08
C VAL M 84 114.26 -40.08 -54.53
N GLU M 85 114.17 -38.76 -54.30
CA GLU M 85 112.99 -38.14 -53.71
C GLU M 85 112.59 -36.95 -54.56
N ILE M 86 111.28 -36.67 -54.60
CA ILE M 86 110.79 -35.55 -55.41
C ILE M 86 110.97 -34.27 -54.59
N ALA M 87 111.96 -33.46 -54.97
CA ALA M 87 112.29 -32.27 -54.20
C ALA M 87 111.20 -31.20 -54.35
N ARG M 88 110.95 -30.77 -55.58
CA ARG M 88 109.87 -29.81 -55.81
C ARG M 88 109.45 -29.93 -57.27
N THR M 89 108.36 -29.26 -57.61
CA THR M 89 107.83 -29.35 -58.97
C THR M 89 107.37 -27.99 -59.45
N ASN M 90 107.79 -27.60 -60.65
CA ASN M 90 107.17 -26.50 -61.38
C ASN M 90 106.07 -27.08 -62.27
N ARG M 91 104.99 -26.32 -62.43
CA ARG M 91 103.87 -26.81 -63.23
C ARG M 91 103.29 -25.68 -64.06
N ALA M 92 102.74 -26.06 -65.21
CA ALA M 92 101.94 -25.17 -66.04
C ALA M 92 100.64 -25.88 -66.41
N GLN M 93 99.51 -25.23 -66.17
CA GLN M 93 98.21 -25.86 -66.31
C GLN M 93 97.32 -24.97 -67.18
N VAL M 94 96.89 -25.48 -68.33
CA VAL M 94 96.16 -24.72 -69.32
C VAL M 94 94.78 -25.35 -69.51
N GLU M 95 93.74 -24.55 -69.34
CA GLU M 95 92.37 -24.97 -69.64
C GLU M 95 91.84 -24.03 -70.71
N PHE M 96 91.57 -24.58 -71.90
CA PHE M 96 90.83 -23.84 -72.90
C PHE M 96 89.36 -24.17 -72.75
N ILE M 97 88.54 -23.14 -72.65
CA ILE M 97 87.09 -23.25 -72.64
C ILE M 97 86.64 -22.87 -74.04
N LEU M 98 86.30 -23.87 -74.84
CA LEU M 98 85.90 -23.56 -76.20
C LEU M 98 84.41 -23.80 -76.37
N PRO M 99 83.67 -22.93 -77.05
CA PRO M 99 82.26 -23.24 -77.33
C PRO M 99 82.07 -24.16 -78.51
N ALA M 100 81.07 -25.05 -78.41
CA ALA M 100 80.77 -25.99 -79.48
C ALA M 100 80.22 -25.30 -80.73
N GLN M 101 79.90 -24.01 -80.64
CA GLN M 101 79.27 -23.28 -81.72
C GLN M 101 80.25 -22.41 -82.50
N SER M 102 81.54 -22.45 -82.15
CA SER M 102 82.54 -21.62 -82.79
C SER M 102 83.07 -22.26 -84.06
N ALA M 103 83.82 -21.47 -84.83
CA ALA M 103 84.51 -21.94 -86.01
C ALA M 103 85.99 -22.16 -85.70
N ALA M 104 86.57 -23.15 -86.38
CA ALA M 104 87.95 -23.53 -86.10
C ALA M 104 88.94 -22.38 -86.29
N THR M 105 88.59 -21.39 -87.12
CA THR M 105 89.42 -20.20 -87.26
C THR M 105 89.66 -19.54 -85.92
N VAL M 106 88.59 -19.41 -85.13
CA VAL M 106 88.68 -18.74 -83.84
C VAL M 106 89.61 -19.50 -82.91
N ARG M 107 89.48 -20.82 -82.85
CA ARG M 107 90.35 -21.59 -81.97
C ARG M 107 91.79 -21.53 -82.45
N GLU M 108 92.00 -21.54 -83.76
CA GLU M 108 93.36 -21.45 -84.29
C GLU M 108 94.03 -20.15 -83.85
N ASP M 109 93.37 -19.01 -84.03
CA ASP M 109 94.06 -17.79 -83.64
C ASP M 109 94.01 -17.55 -82.12
N LEU M 110 93.12 -18.21 -81.38
CA LEU M 110 93.26 -18.18 -79.92
C LEU M 110 94.54 -18.86 -79.48
N VAL M 111 94.80 -20.07 -80.02
CA VAL M 111 96.04 -20.77 -79.71
C VAL M 111 97.24 -19.94 -80.14
N ALA M 112 97.18 -19.35 -81.34
CA ALA M 112 98.29 -18.54 -81.82
C ALA M 112 98.53 -17.34 -80.92
N LEU M 113 97.45 -16.70 -80.44
CA LEU M 113 97.59 -15.58 -79.53
C LEU M 113 98.24 -16.01 -78.22
N LEU M 114 97.84 -17.18 -77.71
CA LEU M 114 98.45 -17.66 -76.47
C LEU M 114 99.93 -17.94 -76.65
N ALA M 115 100.30 -18.57 -77.76
CA ALA M 115 101.71 -18.88 -78.01
C ALA M 115 102.53 -17.59 -78.19
N SER M 116 101.96 -16.61 -78.90
CA SER M 116 102.68 -15.34 -79.07
C SER M 116 102.76 -14.57 -77.77
N ALA M 117 101.77 -14.70 -76.89
CA ALA M 117 101.85 -14.08 -75.57
C ALA M 117 102.96 -14.72 -74.75
N LEU M 118 103.09 -16.05 -74.83
CA LEU M 118 104.20 -16.72 -74.17
C LEU M 118 105.54 -16.29 -74.75
N ALA M 119 105.58 -16.01 -76.06
CA ALA M 119 106.83 -15.61 -76.69
C ALA M 119 107.19 -14.15 -76.39
N ASP M 120 106.20 -13.29 -76.16
CA ASP M 120 106.47 -11.89 -75.88
C ASP M 120 107.32 -11.76 -74.63
N THR M 121 108.31 -10.88 -74.68
CA THR M 121 109.26 -10.76 -73.56
C THR M 121 108.60 -10.12 -72.35
N ALA M 122 107.73 -9.14 -72.56
CA ALA M 122 107.05 -8.48 -71.44
C ALA M 122 106.20 -9.47 -70.67
N ILE M 123 105.50 -10.36 -71.37
CA ILE M 123 104.68 -11.37 -70.72
C ILE M 123 105.56 -12.50 -70.19
N LYS M 124 106.67 -12.79 -70.85
CA LYS M 124 107.53 -13.88 -70.41
C LYS M 124 108.24 -13.55 -69.11
N SER M 125 108.53 -12.27 -68.87
CA SER M 125 109.10 -11.89 -67.59
C SER M 125 108.14 -12.14 -66.44
N THR M 126 106.84 -12.05 -66.73
CA THR M 126 105.80 -12.38 -65.75
C THR M 126 105.99 -13.79 -65.20
N ILE M 127 106.17 -14.76 -66.10
CA ILE M 127 106.27 -16.15 -65.68
C ILE M 127 107.67 -16.43 -65.17
N VAL M 128 108.67 -16.14 -65.99
CA VAL M 128 110.04 -16.56 -65.70
C VAL M 128 110.58 -15.83 -64.48
N ASN M 129 110.39 -14.51 -64.42
CA ASN M 129 111.04 -13.64 -63.46
C ASN M 129 110.12 -13.17 -62.34
N VAL M 130 108.82 -13.51 -62.40
CA VAL M 130 107.85 -13.23 -61.35
C VAL M 130 107.87 -11.75 -61.03
N GLU M 131 107.76 -10.95 -62.06
CA GLU M 131 107.56 -9.51 -61.96
C GLU M 131 106.11 -9.19 -62.28
N HIS M 132 105.47 -8.39 -61.41
CA HIS M 132 104.13 -7.89 -61.63
C HIS M 132 104.13 -6.80 -62.70
N PHE M 133 102.97 -6.61 -63.32
CA PHE M 133 102.74 -5.43 -64.14
C PHE M 133 102.46 -4.23 -63.26
N TYR M 134 102.99 -3.08 -63.67
CA TYR M 134 102.81 -1.85 -62.90
C TYR M 134 102.75 -0.59 -63.77
N PRO N 1 90.03 -54.34 -85.48
CA PRO N 1 89.88 -53.04 -86.15
C PRO N 1 90.51 -51.92 -85.35
N ALA N 2 91.80 -51.68 -85.59
CA ALA N 2 92.48 -50.56 -84.95
C ALA N 2 91.81 -49.25 -85.37
N LEU N 3 91.70 -48.34 -84.41
CA LEU N 3 91.03 -47.06 -84.63
C LEU N 3 91.71 -46.31 -85.77
N LYS N 4 90.93 -45.96 -86.79
CA LYS N 4 91.49 -45.39 -88.01
C LYS N 4 90.36 -44.70 -88.76
N PRO N 5 90.65 -43.64 -89.50
CA PRO N 5 89.58 -42.90 -90.17
C PRO N 5 88.94 -43.77 -91.23
N ILE N 6 87.63 -43.62 -91.37
CA ILE N 6 86.88 -44.44 -92.30
C ILE N 6 86.10 -43.53 -93.24
N THR N 7 85.92 -43.98 -94.48
CA THR N 7 85.24 -43.20 -95.51
C THR N 7 83.89 -43.83 -95.82
N LEU N 8 82.85 -43.00 -95.85
CA LEU N 8 81.48 -43.43 -96.10
C LEU N 8 80.88 -42.56 -97.20
N THR N 9 79.98 -43.14 -98.00
CA THR N 9 79.36 -42.42 -99.11
C THR N 9 78.02 -41.84 -98.68
N ASP N 10 77.80 -40.56 -99.00
CA ASP N 10 76.54 -39.90 -98.68
C ASP N 10 75.50 -40.21 -99.76
N HIS N 11 74.39 -39.46 -99.76
CA HIS N 11 73.35 -39.73 -100.72
C HIS N 11 73.79 -39.49 -102.16
N SER N 12 74.66 -38.51 -102.36
CA SER N 12 75.19 -38.20 -103.68
C SER N 12 76.33 -39.11 -104.09
N SER N 13 76.62 -40.15 -103.30
CA SER N 13 77.74 -41.05 -103.44
C SER N 13 79.09 -40.36 -103.26
N ALA N 14 79.10 -39.11 -102.79
CA ALA N 14 80.34 -38.41 -102.51
C ALA N 14 80.99 -38.95 -101.25
N ASP N 15 82.31 -39.11 -101.28
CA ASP N 15 83.03 -39.62 -100.13
C ASP N 15 82.95 -38.65 -98.96
N VAL N 16 82.92 -39.20 -97.75
CA VAL N 16 82.78 -38.45 -96.51
C VAL N 16 83.69 -39.13 -95.50
N ILE N 17 84.74 -38.43 -95.07
CA ILE N 17 85.82 -39.03 -94.31
C ILE N 17 85.60 -38.70 -92.83
N PHE N 18 85.30 -39.72 -92.03
CA PHE N 18 85.19 -39.58 -90.58
C PHE N 18 86.54 -39.91 -89.95
N THR N 19 87.12 -38.92 -89.26
CA THR N 19 88.35 -39.21 -88.55
C THR N 19 88.04 -39.66 -87.12
N PRO N 20 88.87 -40.52 -86.53
CA PRO N 20 88.60 -40.96 -85.16
C PRO N 20 88.69 -39.79 -84.20
N THR N 21 87.72 -39.72 -83.28
CA THR N 21 87.68 -38.67 -82.28
C THR N 21 88.05 -39.18 -80.90
N GLN N 22 87.36 -40.20 -80.41
CA GLN N 22 87.52 -40.53 -79.00
C GLN N 22 87.24 -42.01 -78.74
N ILE N 23 88.00 -42.59 -77.83
CA ILE N 23 87.66 -43.88 -77.25
C ILE N 23 87.14 -43.60 -75.84
N ASP N 24 85.92 -44.07 -75.58
CA ASP N 24 85.17 -43.64 -74.41
C ASP N 24 85.73 -44.27 -73.14
N LYS N 25 85.09 -43.94 -72.01
CA LYS N 25 85.37 -44.63 -70.76
C LYS N 25 84.76 -46.03 -70.77
N ASN N 26 83.59 -46.18 -71.39
CA ASN N 26 82.89 -47.46 -71.45
C ASN N 26 83.34 -48.32 -72.63
N GLY N 27 84.03 -47.74 -73.60
CA GLY N 27 84.44 -48.45 -74.79
C GLY N 27 83.87 -47.90 -76.08
N VAL N 28 83.09 -46.81 -76.02
CA VAL N 28 82.48 -46.26 -77.22
C VAL N 28 83.55 -45.59 -78.07
N ALA N 29 83.52 -45.86 -79.37
CA ALA N 29 84.43 -45.25 -80.33
C ALA N 29 83.66 -44.20 -81.11
N TYR N 30 84.16 -42.97 -81.11
CA TYR N 30 83.52 -41.82 -81.73
C TYR N 30 84.38 -41.35 -82.90
N PHE N 31 83.78 -41.35 -84.10
CA PHE N 31 84.36 -40.75 -85.29
C PHE N 31 83.56 -39.50 -85.66
N ARG N 32 84.28 -38.46 -86.10
CA ARG N 32 83.70 -37.16 -86.38
C ARG N 32 84.09 -36.73 -87.77
N HIS N 33 83.15 -36.11 -88.47
CA HIS N 33 83.37 -35.49 -89.78
C HIS N 33 82.97 -34.03 -89.63
N LEU N 34 83.96 -33.16 -89.53
CA LEU N 34 83.70 -31.74 -89.37
C LEU N 34 83.20 -31.14 -90.68
N GLN N 35 82.57 -29.97 -90.56
CA GLN N 35 82.07 -29.27 -91.73
C GLN N 35 83.19 -28.47 -92.38
N ALA N 36 82.85 -27.68 -93.40
CA ALA N 36 83.85 -26.85 -94.05
C ALA N 36 84.48 -25.88 -93.07
N ASN N 37 83.66 -25.18 -92.28
CA ASN N 37 84.13 -24.17 -91.34
C ASN N 37 84.67 -24.77 -90.05
N GLY N 38 84.66 -26.09 -89.90
CA GLY N 38 85.11 -26.70 -88.67
C GLY N 38 84.26 -26.38 -87.46
N LYS N 39 82.93 -26.36 -87.63
CA LYS N 39 82.03 -26.09 -86.51
C LYS N 39 81.66 -27.40 -85.84
N PRO N 40 81.99 -27.59 -84.56
CA PRO N 40 81.65 -28.88 -83.90
C PRO N 40 80.17 -29.18 -83.95
N ILE N 41 79.32 -28.19 -83.67
CA ILE N 41 77.88 -28.38 -83.68
C ILE N 41 77.39 -28.92 -85.03
N GLY N 42 78.16 -28.71 -86.10
CA GLY N 42 77.77 -29.18 -87.41
C GLY N 42 78.35 -30.50 -87.84
N ALA N 43 79.19 -31.12 -87.02
CA ALA N 43 79.93 -32.30 -87.46
C ALA N 43 79.07 -33.55 -87.40
N TYR N 44 79.20 -34.40 -88.42
CA TYR N 44 78.60 -35.73 -88.37
C TYR N 44 79.37 -36.61 -87.39
N THR N 45 78.67 -37.54 -86.77
CA THR N 45 79.31 -38.45 -85.82
C THR N 45 78.87 -39.89 -86.07
N VAL N 46 79.79 -40.81 -85.78
CA VAL N 46 79.52 -42.25 -85.86
C VAL N 46 80.11 -42.91 -84.61
N SER N 47 79.26 -43.60 -83.85
CA SER N 47 79.64 -44.27 -82.63
C SER N 47 79.57 -45.77 -82.80
N SER N 48 80.56 -46.47 -82.26
CA SER N 48 80.58 -47.93 -82.30
C SER N 48 81.03 -48.47 -80.96
N HIS N 49 80.19 -49.28 -80.32
CA HIS N 49 80.53 -49.86 -79.04
C HIS N 49 80.01 -51.28 -78.97
N VAL N 50 80.84 -52.21 -78.51
CA VAL N 50 80.42 -53.60 -78.37
C VAL N 50 80.53 -54.00 -76.91
N LYS N 51 79.46 -54.61 -76.40
CA LYS N 51 79.34 -55.04 -75.02
C LYS N 51 79.37 -56.56 -75.00
N GLU N 52 80.42 -57.10 -74.39
CA GLU N 52 80.61 -58.54 -74.25
C GLU N 52 79.65 -59.09 -73.20
N PRO N 53 79.35 -60.39 -73.24
CA PRO N 53 78.50 -60.99 -72.23
C PRO N 53 79.25 -61.24 -70.92
N GLY N 54 78.49 -61.23 -69.83
CA GLY N 54 79.05 -61.51 -68.53
C GLY N 54 78.07 -62.30 -67.69
N THR N 55 78.60 -62.96 -66.66
CA THR N 55 77.83 -63.83 -65.79
C THR N 55 77.04 -64.83 -66.63
N ASN N 56 77.77 -65.54 -67.49
CA ASN N 56 77.21 -66.59 -68.34
C ASN N 56 76.00 -66.09 -69.12
N GLY N 57 76.15 -64.90 -69.72
CA GLY N 57 75.14 -64.37 -70.61
C GLY N 57 75.39 -64.87 -72.02
N ASP N 58 74.32 -65.23 -72.72
CA ASP N 58 74.46 -65.75 -74.06
C ASP N 58 74.67 -64.67 -75.11
N VAL N 59 74.40 -63.41 -74.77
CA VAL N 59 74.19 -62.37 -75.77
C VAL N 59 75.39 -61.44 -75.86
N PHE N 60 75.60 -60.90 -77.06
CA PHE N 60 76.52 -59.83 -77.36
C PHE N 60 75.70 -58.63 -77.80
N ARG N 61 76.03 -57.43 -77.31
CA ARG N 61 75.26 -56.23 -77.68
C ARG N 61 76.17 -55.25 -78.40
N VAL N 62 76.04 -55.17 -79.72
CA VAL N 62 76.93 -54.35 -80.54
C VAL N 62 76.11 -53.20 -81.12
N LYS N 63 76.57 -51.96 -80.90
CA LYS N 63 75.79 -50.78 -81.18
C LYS N 63 76.54 -49.88 -82.15
N LEU N 64 75.77 -49.35 -83.12
CA LEU N 64 76.27 -48.44 -84.15
C LEU N 64 75.33 -47.25 -84.25
N PHE N 65 75.87 -46.05 -84.08
CA PHE N 65 75.11 -44.82 -84.13
C PHE N 65 75.65 -43.93 -85.25
N VAL N 66 74.75 -43.32 -86.01
CA VAL N 66 75.11 -42.39 -87.08
C VAL N 66 74.26 -41.14 -86.88
N ASN N 67 74.89 -40.05 -86.45
CA ASN N 67 74.21 -38.81 -86.14
C ASN N 67 74.57 -37.77 -87.18
N VAL N 68 73.55 -37.22 -87.84
CA VAL N 68 73.67 -36.17 -88.85
C VAL N 68 73.00 -34.91 -88.34
N PRO N 69 73.76 -33.88 -87.96
CA PRO N 69 73.11 -32.63 -87.56
C PRO N 69 72.93 -31.70 -88.74
N GLU N 70 71.90 -30.88 -88.66
CA GLU N 70 71.74 -29.73 -89.53
C GLU N 70 71.69 -28.48 -88.65
N VAL N 71 72.52 -27.50 -89.00
CA VAL N 71 72.64 -26.24 -88.29
C VAL N 71 71.50 -25.31 -88.70
N ALA N 72 70.91 -24.60 -87.74
CA ALA N 72 69.90 -23.60 -88.04
C ALA N 72 70.50 -22.22 -87.78
N THR N 73 70.53 -21.39 -88.82
CA THR N 73 71.11 -20.06 -88.68
C THR N 73 70.03 -19.03 -88.37
N GLU N 85 73.19 -21.21 -85.21
CA GLU N 85 73.43 -21.11 -83.77
C GLU N 85 73.08 -22.38 -83.02
N ILE N 86 71.85 -22.86 -83.17
CA ILE N 86 71.42 -24.13 -82.59
C ILE N 86 71.09 -25.06 -83.74
N ALA N 87 71.30 -26.35 -83.53
CA ALA N 87 71.22 -27.32 -84.60
C ALA N 87 70.40 -28.51 -84.14
N ARG N 88 69.62 -29.09 -85.05
CA ARG N 88 68.85 -30.27 -84.73
C ARG N 88 69.42 -31.47 -85.46
N THR N 89 69.38 -32.62 -84.81
CA THR N 89 70.14 -33.78 -85.27
C THR N 89 69.17 -34.90 -85.65
N ASN N 90 69.26 -35.34 -86.90
CA ASN N 90 68.70 -36.63 -87.29
C ASN N 90 69.64 -37.73 -86.79
N ARG N 91 69.08 -38.81 -86.28
CA ARG N 91 69.91 -39.89 -85.76
C ARG N 91 69.43 -41.24 -86.28
N ALA N 92 70.39 -42.14 -86.46
CA ALA N 92 70.14 -43.55 -86.69
C ALA N 92 70.85 -44.32 -85.58
N GLN N 93 70.13 -45.23 -84.93
CA GLN N 93 70.67 -45.96 -83.78
C GLN N 93 70.38 -47.44 -83.98
N VAL N 94 71.42 -48.24 -84.15
CA VAL N 94 71.28 -49.67 -84.42
C VAL N 94 71.90 -50.45 -83.27
N GLU N 95 71.16 -51.44 -82.78
CA GLU N 95 71.65 -52.37 -81.78
C GLU N 95 71.46 -53.79 -82.33
N PHE N 96 72.55 -54.51 -82.51
CA PHE N 96 72.51 -55.92 -82.85
C PHE N 96 72.68 -56.74 -81.58
N ILE N 97 71.81 -57.73 -81.42
CA ILE N 97 71.86 -58.69 -80.33
C ILE N 97 72.27 -60.03 -80.93
N LEU N 98 73.47 -60.49 -80.60
CA LEU N 98 74.07 -61.65 -81.26
C LEU N 98 74.43 -62.71 -80.23
N PRO N 99 73.80 -63.88 -80.22
CA PRO N 99 74.22 -64.94 -79.30
C PRO N 99 75.62 -65.43 -79.59
N ALA N 100 76.26 -65.97 -78.54
CA ALA N 100 77.66 -66.37 -78.63
C ALA N 100 77.85 -67.68 -79.38
N GLN N 101 76.85 -68.56 -79.41
CA GLN N 101 77.00 -69.82 -80.13
C GLN N 101 76.75 -69.70 -81.63
N SER N 102 76.13 -68.62 -82.09
CA SER N 102 75.85 -68.49 -83.51
C SER N 102 77.14 -68.42 -84.30
N ALA N 103 77.28 -69.30 -85.28
CA ALA N 103 78.42 -69.22 -86.19
C ALA N 103 78.36 -67.91 -86.98
N ALA N 104 79.53 -67.41 -87.38
CA ALA N 104 79.60 -66.12 -88.04
C ALA N 104 78.77 -66.05 -89.32
N THR N 105 78.40 -67.21 -89.90
CA THR N 105 77.54 -67.22 -91.08
C THR N 105 76.26 -66.44 -90.81
N VAL N 106 75.66 -66.68 -89.65
CA VAL N 106 74.38 -66.08 -89.33
C VAL N 106 74.52 -64.57 -89.23
N ARG N 107 75.56 -64.10 -88.52
CA ARG N 107 75.72 -62.66 -88.35
C ARG N 107 76.02 -62.00 -89.67
N GLU N 108 76.80 -62.67 -90.53
CA GLU N 108 77.08 -62.11 -91.85
C GLU N 108 75.80 -61.90 -92.64
N ASP N 109 74.95 -62.93 -92.78
CA ASP N 109 73.74 -62.71 -93.58
C ASP N 109 72.69 -61.89 -92.83
N LEU N 110 72.78 -61.75 -91.50
CA LEU N 110 71.89 -60.83 -90.82
C LEU N 110 72.22 -59.40 -91.21
N VAL N 111 73.51 -59.04 -91.15
CA VAL N 111 73.93 -57.73 -91.62
C VAL N 111 73.52 -57.52 -93.07
N ALA N 112 73.73 -58.55 -93.91
CA ALA N 112 73.39 -58.40 -95.32
C ALA N 112 71.90 -58.14 -95.49
N LEU N 113 71.08 -58.81 -94.68
CA LEU N 113 69.63 -58.59 -94.67
C LEU N 113 69.30 -57.15 -94.31
N LEU N 114 69.94 -56.63 -93.26
CA LEU N 114 69.65 -55.28 -92.83
C LEU N 114 70.01 -54.27 -93.92
N ALA N 115 71.17 -54.45 -94.54
CA ALA N 115 71.60 -53.52 -95.58
C ALA N 115 70.69 -53.59 -96.79
N SER N 116 70.28 -54.81 -97.18
CA SER N 116 69.36 -54.93 -98.31
C SER N 116 67.99 -54.35 -97.98
N ALA N 117 67.58 -54.42 -96.71
CA ALA N 117 66.32 -53.80 -96.32
C ALA N 117 66.40 -52.28 -96.40
N LEU N 118 67.55 -51.72 -96.00
CA LEU N 118 67.77 -50.29 -96.19
C LEU N 118 67.80 -49.91 -97.66
N ALA N 119 68.29 -50.80 -98.52
CA ALA N 119 68.36 -50.49 -99.94
C ALA N 119 67.01 -50.66 -100.64
N ASP N 120 66.15 -51.53 -100.14
CA ASP N 120 64.85 -51.75 -100.77
C ASP N 120 64.05 -50.46 -100.79
N THR N 121 63.40 -50.19 -101.92
CA THR N 121 62.72 -48.91 -102.10
C THR N 121 61.53 -48.78 -101.15
N ALA N 122 60.77 -49.85 -100.97
CA ALA N 122 59.59 -49.81 -100.11
C ALA N 122 59.96 -49.49 -98.67
N ILE N 123 60.97 -50.19 -98.15
CA ILE N 123 61.42 -49.97 -96.78
C ILE N 123 62.10 -48.62 -96.65
N LYS N 124 62.88 -48.22 -97.67
CA LYS N 124 63.57 -46.94 -97.62
C LYS N 124 62.58 -45.78 -97.59
N SER N 125 61.43 -45.94 -98.25
CA SER N 125 60.39 -44.91 -98.19
C SER N 125 59.96 -44.66 -96.76
N THR N 126 59.87 -45.72 -95.97
CA THR N 126 59.51 -45.62 -94.56
C THR N 126 60.35 -44.60 -93.83
N ILE N 127 61.66 -44.61 -94.06
CA ILE N 127 62.55 -43.71 -93.35
C ILE N 127 62.57 -42.34 -94.02
N VAL N 128 62.80 -42.33 -95.33
CA VAL N 128 63.08 -41.08 -96.03
C VAL N 128 61.85 -40.18 -96.02
N ASN N 129 60.68 -40.74 -96.34
CA ASN N 129 59.45 -39.98 -96.51
C ASN N 129 58.56 -40.03 -95.29
N VAL N 130 59.03 -40.64 -94.20
CA VAL N 130 58.29 -40.87 -92.96
C VAL N 130 56.84 -41.24 -93.25
N GLU N 131 56.66 -42.29 -94.06
CA GLU N 131 55.35 -42.85 -94.37
C GLU N 131 55.17 -44.16 -93.60
N HIS N 132 53.95 -44.36 -93.05
CA HIS N 132 53.57 -45.63 -92.45
C HIS N 132 53.34 -46.70 -93.51
N PHE N 133 53.51 -47.96 -93.11
CA PHE N 133 53.04 -49.05 -93.97
C PHE N 133 51.52 -49.14 -93.91
N TYR N 134 50.90 -49.32 -95.07
CA TYR N 134 49.44 -49.40 -95.15
C TYR N 134 48.91 -50.39 -96.19
N PRO O 1 104.26 -49.14 -75.28
CA PRO O 1 103.72 -50.25 -76.07
C PRO O 1 102.36 -49.91 -76.62
N ALA O 2 102.31 -49.44 -77.86
CA ALA O 2 101.05 -49.22 -78.52
C ALA O 2 100.34 -50.56 -78.73
N LEU O 3 99.02 -50.51 -78.72
CA LEU O 3 98.22 -51.72 -78.88
C LEU O 3 98.35 -52.23 -80.31
N LYS O 4 98.77 -53.48 -80.45
CA LYS O 4 99.13 -54.10 -81.73
C LYS O 4 98.88 -55.59 -81.60
N PRO O 5 98.42 -56.25 -82.66
CA PRO O 5 98.37 -57.72 -82.64
C PRO O 5 99.77 -58.28 -82.43
N ILE O 6 99.90 -59.15 -81.45
CA ILE O 6 101.20 -59.70 -81.10
C ILE O 6 101.20 -61.19 -81.42
N THR O 7 102.29 -61.65 -82.02
CA THR O 7 102.41 -63.05 -82.41
C THR O 7 103.25 -63.78 -81.37
N LEU O 8 102.73 -64.89 -80.87
CA LEU O 8 103.41 -65.72 -79.87
C LEU O 8 103.57 -67.12 -80.42
N THR O 9 104.67 -67.77 -80.07
CA THR O 9 104.98 -69.11 -80.58
C THR O 9 104.50 -70.17 -79.59
N ASP O 10 103.86 -71.21 -80.11
CA ASP O 10 103.31 -72.27 -79.26
C ASP O 10 104.37 -73.36 -79.04
N HIS O 11 103.92 -74.55 -78.64
CA HIS O 11 104.87 -75.61 -78.36
C HIS O 11 105.58 -76.09 -79.63
N SER O 12 104.86 -76.18 -80.73
CA SER O 12 105.46 -76.61 -82.00
C SER O 12 106.24 -75.50 -82.69
N SER O 13 106.42 -74.35 -82.04
CA SER O 13 107.04 -73.13 -82.55
C SER O 13 106.21 -72.46 -83.63
N ALA O 14 105.01 -72.96 -83.93
CA ALA O 14 104.11 -72.31 -84.86
C ALA O 14 103.63 -70.98 -84.29
N ASP O 15 103.41 -70.01 -85.18
CA ASP O 15 102.95 -68.71 -84.74
C ASP O 15 101.47 -68.76 -84.36
N VAL O 16 101.10 -67.87 -83.43
CA VAL O 16 99.74 -67.77 -82.90
C VAL O 16 99.49 -66.28 -82.71
N ILE O 17 98.61 -65.71 -83.52
CA ILE O 17 98.40 -64.26 -83.56
C ILE O 17 97.28 -63.90 -82.60
N PHE O 18 97.60 -63.05 -81.62
CA PHE O 18 96.61 -62.50 -80.70
C PHE O 18 96.26 -61.09 -81.14
N THR O 19 95.00 -60.90 -81.52
CA THR O 19 94.51 -59.59 -81.89
C THR O 19 94.02 -58.83 -80.66
N PRO O 20 94.26 -57.54 -80.58
CA PRO O 20 93.78 -56.76 -79.42
C PRO O 20 92.26 -56.74 -79.38
N THR O 21 91.72 -57.04 -78.20
CA THR O 21 90.28 -57.06 -77.98
C THR O 21 89.77 -55.77 -77.36
N GLN O 22 90.33 -55.35 -76.22
CA GLN O 22 89.67 -54.35 -75.41
C GLN O 22 90.66 -53.79 -74.40
N ILE O 23 90.47 -52.52 -74.05
CA ILE O 23 91.20 -51.90 -72.95
C ILE O 23 90.20 -51.64 -71.83
N ASP O 24 90.44 -52.27 -70.68
CA ASP O 24 89.47 -52.33 -69.60
C ASP O 24 89.25 -50.95 -68.96
N LYS O 25 88.24 -50.87 -68.11
CA LYS O 25 88.05 -49.68 -67.29
C LYS O 25 89.14 -49.54 -66.24
N ASN O 26 89.75 -50.66 -65.85
CA ASN O 26 90.80 -50.66 -64.83
C ASN O 26 92.18 -50.57 -65.44
N GLY O 27 92.29 -50.52 -66.77
CA GLY O 27 93.57 -50.48 -67.44
C GLY O 27 94.00 -51.80 -68.04
N VAL O 28 93.21 -52.85 -67.87
CA VAL O 28 93.58 -54.16 -68.38
C VAL O 28 93.43 -54.16 -69.89
N ALA O 29 94.46 -54.66 -70.58
CA ALA O 29 94.45 -54.79 -72.03
C ALA O 29 94.38 -56.27 -72.38
N TYR O 30 93.44 -56.62 -73.26
CA TYR O 30 93.15 -58.01 -73.59
C TYR O 30 93.51 -58.29 -75.05
N PHE O 31 94.27 -59.37 -75.28
CA PHE O 31 94.53 -59.88 -76.61
C PHE O 31 93.94 -61.28 -76.71
N ARG O 32 93.23 -61.55 -77.80
CA ARG O 32 92.54 -62.82 -77.94
C ARG O 32 92.94 -63.53 -79.23
N HIS O 33 92.86 -64.85 -79.18
CA HIS O 33 93.00 -65.73 -80.33
C HIS O 33 91.87 -66.74 -80.26
N LEU O 34 91.01 -66.76 -81.28
CA LEU O 34 89.81 -67.57 -81.23
C LEU O 34 90.14 -69.06 -81.35
N GLN O 35 89.17 -69.88 -80.94
CA GLN O 35 89.34 -71.33 -80.95
C GLN O 35 89.27 -71.86 -82.37
N ALA O 36 89.37 -73.19 -82.49
CA ALA O 36 89.28 -73.84 -83.80
C ALA O 36 87.97 -73.47 -84.49
N ASN O 37 86.85 -73.66 -83.79
CA ASN O 37 85.56 -73.22 -84.31
C ASN O 37 85.49 -71.70 -84.32
N GLY O 38 84.79 -71.16 -85.31
CA GLY O 38 84.64 -69.72 -85.41
C GLY O 38 83.85 -69.09 -84.27
N LYS O 39 83.32 -69.91 -83.38
CA LYS O 39 82.45 -69.42 -82.30
C LYS O 39 83.30 -68.79 -81.20
N PRO O 40 83.09 -67.51 -80.88
CA PRO O 40 83.91 -66.81 -79.85
C PRO O 40 83.32 -66.98 -78.46
N ILE O 41 83.39 -68.19 -77.94
CA ILE O 41 82.92 -68.47 -76.59
C ILE O 41 84.09 -68.66 -75.63
N GLY O 42 84.95 -69.63 -75.90
CA GLY O 42 86.20 -69.79 -75.20
C GLY O 42 87.32 -69.43 -76.17
N ALA O 43 88.27 -68.64 -75.68
CA ALA O 43 89.29 -68.12 -76.56
C ALA O 43 90.57 -67.93 -75.76
N TYR O 44 91.69 -68.17 -76.43
CA TYR O 44 92.98 -67.95 -75.79
C TYR O 44 93.18 -66.47 -75.54
N THR O 45 93.58 -66.11 -74.33
CA THR O 45 93.65 -64.71 -73.95
C THR O 45 94.97 -64.37 -73.30
N VAL O 46 95.38 -63.11 -73.45
CA VAL O 46 96.56 -62.55 -72.81
C VAL O 46 96.17 -61.19 -72.26
N SER O 47 96.24 -61.05 -70.94
CA SER O 47 95.88 -59.83 -70.24
C SER O 47 97.14 -59.14 -69.74
N SER O 48 97.21 -57.82 -69.91
CA SER O 48 98.33 -57.04 -69.42
C SER O 48 97.80 -55.82 -68.68
N HIS O 49 98.25 -55.63 -67.45
CA HIS O 49 97.82 -54.47 -66.67
C HIS O 49 98.96 -54.02 -65.75
N VAL O 50 99.29 -52.75 -65.83
CA VAL O 50 100.29 -52.17 -64.92
C VAL O 50 99.58 -51.22 -63.97
N LYS O 51 99.93 -51.33 -62.68
CA LYS O 51 99.35 -50.53 -61.62
C LYS O 51 100.44 -49.62 -61.07
N GLU O 52 100.23 -48.30 -61.26
CA GLU O 52 101.11 -47.28 -60.75
C GLU O 52 101.12 -47.35 -59.21
N PRO O 53 102.09 -46.70 -58.57
CA PRO O 53 102.13 -46.71 -57.10
C PRO O 53 101.34 -45.57 -56.48
N GLY O 54 100.74 -45.85 -55.34
CA GLY O 54 99.93 -44.88 -54.63
C GLY O 54 100.69 -44.30 -53.44
N THR O 55 100.69 -42.97 -53.36
CA THR O 55 101.40 -42.26 -52.29
C THR O 55 102.88 -42.63 -52.28
N ASN O 56 103.45 -42.70 -53.49
CA ASN O 56 104.87 -43.01 -53.69
C ASN O 56 105.28 -44.29 -52.97
N GLY O 57 104.34 -45.22 -52.79
CA GLY O 57 104.71 -46.56 -52.39
C GLY O 57 105.64 -47.15 -53.43
N ASP O 58 106.74 -47.73 -52.95
CA ASP O 58 107.83 -48.12 -53.86
C ASP O 58 107.37 -49.04 -54.99
N VAL O 59 106.25 -49.73 -54.84
CA VAL O 59 105.90 -50.85 -55.71
C VAL O 59 105.14 -50.38 -56.95
N PHE O 60 105.54 -50.93 -58.09
CA PHE O 60 104.76 -50.97 -59.32
C PHE O 60 104.28 -52.41 -59.48
N ARG O 61 102.99 -52.59 -59.76
CA ARG O 61 102.43 -53.94 -59.85
C ARG O 61 102.03 -54.23 -61.30
N VAL O 62 102.89 -54.95 -62.01
CA VAL O 62 102.70 -55.18 -63.44
C VAL O 62 102.37 -56.65 -63.65
N LYS O 63 101.23 -56.92 -64.28
CA LYS O 63 100.65 -58.25 -64.31
C LYS O 63 100.43 -58.71 -65.74
N LEU O 64 100.72 -59.99 -65.97
CA LEU O 64 100.60 -60.64 -67.27
C LEU O 64 99.88 -61.97 -67.07
N PHE O 65 98.77 -62.17 -67.78
CA PHE O 65 97.97 -63.38 -67.68
C PHE O 65 97.89 -64.04 -69.04
N VAL O 66 98.02 -65.37 -69.07
CA VAL O 66 97.89 -66.16 -70.29
C VAL O 66 96.92 -67.29 -69.99
N ASN O 67 95.72 -67.21 -70.57
CA ASN O 67 94.66 -68.17 -70.31
C ASN O 67 94.43 -69.01 -71.57
N VAL O 68 94.56 -70.32 -71.42
CA VAL O 68 94.37 -71.28 -72.49
C VAL O 68 93.15 -72.14 -72.15
N PRO O 69 91.99 -71.83 -72.72
CA PRO O 69 90.81 -72.67 -72.49
C PRO O 69 90.72 -73.83 -73.45
N GLU O 70 90.30 -74.97 -72.92
CA GLU O 70 89.91 -76.15 -73.69
C GLU O 70 88.38 -76.20 -73.72
N VAL O 71 87.82 -76.25 -74.93
CA VAL O 71 86.40 -76.11 -75.19
C VAL O 71 85.84 -77.46 -75.62
N ALA O 72 84.52 -77.63 -75.44
CA ALA O 72 83.82 -78.84 -75.81
C ALA O 72 82.54 -78.47 -76.56
N THR O 73 82.34 -79.10 -77.71
CA THR O 73 81.12 -78.90 -78.49
C THR O 73 80.13 -80.01 -78.12
N ILE O 74 79.09 -79.64 -77.39
CA ILE O 74 78.10 -80.60 -76.89
C ILE O 74 76.81 -80.40 -77.68
N THR O 75 76.32 -81.48 -78.29
CA THR O 75 75.02 -81.46 -78.93
C THR O 75 74.09 -82.41 -78.17
N PRO O 76 72.98 -81.90 -77.63
CA PRO O 76 72.11 -82.75 -76.79
C PRO O 76 71.45 -83.88 -77.57
N ASN O 77 70.71 -84.73 -76.86
CA ASN O 77 70.13 -85.91 -77.49
C ASN O 77 68.96 -85.53 -78.38
N GLY O 78 68.99 -86.02 -79.62
CA GLY O 78 67.89 -85.80 -80.55
C GLY O 78 67.66 -84.35 -80.91
N SER O 79 68.71 -83.53 -80.90
CA SER O 79 68.59 -82.10 -81.16
C SER O 79 69.37 -81.74 -82.42
N ASP O 80 68.77 -80.87 -83.23
CA ASP O 80 69.41 -80.46 -84.49
C ASP O 80 70.71 -79.71 -84.24
N THR O 81 70.72 -78.83 -83.25
CA THR O 81 71.78 -77.84 -83.11
C THR O 81 72.70 -78.17 -81.92
N SER O 82 73.99 -77.94 -82.11
CA SER O 82 75.00 -78.11 -81.09
C SER O 82 75.36 -76.77 -80.48
N SER O 83 75.70 -76.78 -79.20
CA SER O 83 76.18 -75.59 -78.52
C SER O 83 77.55 -75.87 -77.94
N VAL O 84 78.32 -74.82 -77.78
CA VAL O 84 79.70 -74.94 -77.31
C VAL O 84 79.78 -74.52 -75.85
N GLU O 85 80.75 -75.09 -75.14
CA GLU O 85 80.84 -74.96 -73.68
C GLU O 85 82.30 -74.96 -73.27
N ILE O 86 82.62 -74.18 -72.23
CA ILE O 86 83.99 -74.09 -71.75
C ILE O 86 84.26 -75.30 -70.86
N ALA O 87 85.07 -76.24 -71.35
CA ALA O 87 85.33 -77.47 -70.61
C ALA O 87 86.25 -77.24 -69.43
N ARG O 88 87.44 -76.70 -69.68
CA ARG O 88 88.34 -76.34 -68.59
C ARG O 88 89.32 -75.32 -69.10
N THR O 89 90.17 -74.79 -68.21
CA THR O 89 91.12 -73.76 -68.59
C THR O 89 92.44 -73.99 -67.88
N ASN O 90 93.54 -73.96 -68.63
CA ASN O 90 94.87 -73.82 -68.06
C ASN O 90 95.23 -72.35 -67.99
N ARG O 91 95.85 -71.93 -66.90
CA ARG O 91 96.18 -70.52 -66.73
C ARG O 91 97.60 -70.35 -66.25
N ALA O 92 98.22 -69.27 -66.71
CA ALA O 92 99.49 -68.80 -66.17
C ALA O 92 99.30 -67.35 -65.75
N GLN O 93 99.66 -67.04 -64.52
CA GLN O 93 99.42 -65.72 -63.95
C GLN O 93 100.72 -65.20 -63.36
N VAL O 94 101.21 -64.07 -63.87
CA VAL O 94 102.50 -63.52 -63.49
C VAL O 94 102.28 -62.12 -62.94
N GLU O 95 102.86 -61.86 -61.76
CA GLU O 95 102.87 -60.54 -61.17
C GLU O 95 104.31 -60.16 -60.87
N PHE O 96 104.78 -59.07 -61.49
CA PHE O 96 106.06 -58.48 -61.15
C PHE O 96 105.81 -57.32 -60.20
N ILE O 97 106.53 -57.33 -59.09
CA ILE O 97 106.56 -56.23 -58.14
C ILE O 97 107.89 -55.51 -58.34
N LEU O 98 107.82 -54.28 -58.83
CA LEU O 98 109.03 -53.56 -59.23
C LEU O 98 109.16 -52.28 -58.41
N PRO O 99 110.19 -52.13 -57.58
CA PRO O 99 110.34 -50.89 -56.81
C PRO O 99 110.58 -49.70 -57.73
N ALA O 100 110.02 -48.55 -57.33
CA ALA O 100 110.03 -47.35 -58.15
C ALA O 100 111.40 -46.69 -58.22
N GLN O 101 112.42 -47.26 -57.57
CA GLN O 101 113.74 -46.67 -57.57
C GLN O 101 114.82 -47.52 -58.23
N SER O 102 114.52 -48.78 -58.54
CA SER O 102 115.48 -49.56 -59.31
C SER O 102 115.46 -49.12 -60.76
N ALA O 103 116.65 -49.02 -61.37
CA ALA O 103 116.73 -48.61 -62.76
C ALA O 103 116.35 -49.78 -63.68
N ALA O 104 116.19 -49.46 -64.96
CA ALA O 104 115.67 -50.44 -65.91
C ALA O 104 116.55 -51.68 -66.03
N THR O 105 117.84 -51.58 -65.69
CA THR O 105 118.74 -52.72 -65.78
C THR O 105 118.24 -53.89 -64.95
N VAL O 106 117.81 -53.57 -63.73
CA VAL O 106 117.36 -54.59 -62.79
C VAL O 106 116.12 -55.30 -63.35
N ARG O 107 115.18 -54.54 -63.88
CA ARG O 107 113.98 -55.17 -64.41
C ARG O 107 114.29 -55.99 -65.64
N GLU O 108 115.23 -55.51 -66.47
CA GLU O 108 115.60 -56.27 -67.66
C GLU O 108 116.18 -57.63 -67.29
N ASP O 109 117.15 -57.67 -66.36
CA ASP O 109 117.70 -58.98 -66.05
C ASP O 109 116.78 -59.81 -65.16
N LEU O 110 115.80 -59.21 -64.48
CA LEU O 110 114.78 -60.01 -63.83
C LEU O 110 113.93 -60.75 -64.85
N VAL O 111 113.47 -60.03 -65.88
CA VAL O 111 112.69 -60.67 -66.94
C VAL O 111 113.52 -61.77 -67.60
N ALA O 112 114.80 -61.50 -67.86
CA ALA O 112 115.65 -62.50 -68.49
C ALA O 112 115.80 -63.73 -67.61
N LEU O 113 115.96 -63.53 -66.30
CA LEU O 113 116.01 -64.65 -65.37
C LEU O 113 114.74 -65.48 -65.41
N LEU O 114 113.59 -64.81 -65.44
CA LEU O 114 112.33 -65.55 -65.47
C LEU O 114 112.18 -66.35 -66.77
N ALA O 115 112.52 -65.75 -67.91
CA ALA O 115 112.41 -66.47 -69.17
C ALA O 115 113.38 -67.64 -69.24
N SER O 116 114.61 -67.45 -68.75
CA SER O 116 115.57 -68.55 -68.74
C SER O 116 115.15 -69.64 -67.76
N ALA O 117 114.48 -69.28 -66.67
CA ALA O 117 113.94 -70.29 -65.76
C ALA O 117 112.85 -71.10 -66.45
N LEU O 118 111.98 -70.42 -67.22
CA LEU O 118 110.97 -71.14 -67.99
C LEU O 118 111.60 -72.04 -69.04
N ALA O 119 112.75 -71.65 -69.57
CA ALA O 119 113.41 -72.45 -70.60
C ALA O 119 114.16 -73.64 -70.02
N ASP O 120 114.70 -73.50 -68.80
CA ASP O 120 115.46 -74.60 -68.20
C ASP O 120 114.60 -75.85 -68.11
N THR O 121 115.21 -77.00 -68.41
CA THR O 121 114.45 -78.24 -68.48
C THR O 121 113.97 -78.70 -67.10
N ALA O 122 114.82 -78.54 -66.08
CA ALA O 122 114.44 -78.95 -64.73
C ALA O 122 113.26 -78.13 -64.23
N ILE O 123 113.35 -76.80 -64.36
CA ILE O 123 112.24 -75.94 -63.96
C ILE O 123 111.03 -76.19 -64.85
N LYS O 124 111.25 -76.53 -66.11
CA LYS O 124 110.13 -76.71 -67.04
C LYS O 124 109.30 -77.93 -66.67
N SER O 125 109.97 -79.05 -66.36
CA SER O 125 109.23 -80.26 -65.99
C SER O 125 108.36 -80.02 -64.77
N THR O 126 108.76 -79.12 -63.88
CA THR O 126 107.92 -78.71 -62.76
C THR O 126 106.52 -78.32 -63.26
N ILE O 127 106.47 -77.48 -64.28
CA ILE O 127 105.18 -77.00 -64.79
C ILE O 127 104.54 -78.06 -65.68
N VAL O 128 105.28 -78.46 -66.70
CA VAL O 128 104.73 -79.29 -67.77
C VAL O 128 104.33 -80.66 -67.24
N ASN O 129 105.19 -81.29 -66.45
CA ASN O 129 105.05 -82.67 -66.06
C ASN O 129 104.45 -82.85 -64.67
N VAL O 130 104.25 -81.75 -63.93
CA VAL O 130 103.63 -81.78 -62.60
C VAL O 130 104.43 -82.73 -61.71
N GLU O 131 105.73 -82.53 -61.71
CA GLU O 131 106.67 -83.23 -60.86
C GLU O 131 107.18 -82.26 -59.80
N HIS O 132 107.30 -82.74 -58.57
CA HIS O 132 107.94 -81.98 -57.50
C HIS O 132 109.45 -81.97 -57.69
N PHE O 133 110.09 -80.94 -57.14
CA PHE O 133 111.53 -80.95 -57.02
C PHE O 133 111.95 -81.86 -55.86
N TYR O 134 113.05 -82.58 -56.06
CA TYR O 134 113.55 -83.50 -55.04
C TYR O 134 115.07 -83.71 -55.10
N PRO P 1 40.23 69.19 -28.46
CA PRO P 1 41.27 69.61 -29.43
C PRO P 1 41.40 68.59 -30.54
N ALA P 2 41.04 69.02 -31.75
CA ALA P 2 41.23 68.21 -32.95
C ALA P 2 42.67 67.74 -33.05
N LEU P 3 42.84 66.42 -33.19
CA LEU P 3 44.15 65.82 -33.25
C LEU P 3 44.97 66.45 -34.36
N LYS P 4 46.10 67.06 -33.99
CA LYS P 4 46.96 67.78 -34.91
C LYS P 4 48.40 67.58 -34.48
N PRO P 5 49.33 67.48 -35.42
CA PRO P 5 50.75 67.40 -35.04
C PRO P 5 51.16 68.66 -34.31
N ILE P 6 51.86 68.48 -33.20
CA ILE P 6 52.18 69.61 -32.34
C ILE P 6 53.70 69.75 -32.28
N THR P 7 54.16 70.97 -32.15
CA THR P 7 55.58 71.28 -32.13
C THR P 7 55.99 71.69 -30.72
N LEU P 8 57.03 71.03 -30.19
CA LEU P 8 57.55 71.29 -28.85
C LEU P 8 59.03 71.62 -28.93
N THR P 9 59.51 72.44 -28.01
CA THR P 9 60.91 72.85 -28.00
C THR P 9 61.75 71.96 -27.09
N ASP P 10 62.94 71.57 -27.58
CA ASP P 10 63.86 70.73 -26.82
C ASP P 10 64.74 71.60 -25.94
N HIS P 11 65.88 71.06 -25.51
CA HIS P 11 66.71 71.85 -24.60
C HIS P 11 67.32 73.05 -25.30
N SER P 12 67.72 72.89 -26.56
CA SER P 12 68.31 73.97 -27.33
C SER P 12 67.26 74.92 -27.90
N SER P 13 66.01 74.80 -27.44
CA SER P 13 64.86 75.56 -27.91
C SER P 13 64.59 75.35 -29.40
N ALA P 14 65.19 74.34 -30.01
CA ALA P 14 64.87 73.97 -31.38
C ALA P 14 63.50 73.30 -31.44
N ASP P 15 62.89 73.33 -32.61
CA ASP P 15 61.57 72.72 -32.77
C ASP P 15 61.69 71.21 -32.90
N VAL P 16 60.66 70.52 -32.40
CA VAL P 16 60.56 69.06 -32.41
C VAL P 16 59.11 68.74 -32.70
N ILE P 17 58.84 68.16 -33.87
CA ILE P 17 57.48 67.99 -34.36
C ILE P 17 57.02 66.58 -34.03
N PHE P 18 55.96 66.48 -33.22
CA PHE P 18 55.31 65.22 -32.89
C PHE P 18 54.08 65.06 -33.77
N THR P 19 54.09 64.01 -34.59
CA THR P 19 52.94 63.71 -35.43
C THR P 19 51.99 62.76 -34.71
N PRO P 20 50.68 62.93 -34.86
CA PRO P 20 49.75 61.99 -34.24
C PRO P 20 49.89 60.61 -34.85
N THR P 21 49.91 59.60 -33.98
CA THR P 21 50.03 58.20 -34.37
C THR P 21 48.73 57.44 -34.24
N GLN P 22 48.04 57.55 -33.10
CA GLN P 22 46.96 56.63 -32.78
C GLN P 22 46.08 57.24 -31.70
N ILE P 23 44.79 56.91 -31.77
CA ILE P 23 43.86 57.15 -30.67
C ILE P 23 43.46 55.78 -30.13
N ASP P 24 43.70 55.56 -28.85
CA ASP P 24 43.65 54.23 -28.26
C ASP P 24 42.21 53.77 -28.08
N LYS P 25 42.05 52.49 -27.70
CA LYS P 25 40.73 51.99 -27.32
C LYS P 25 40.24 52.63 -26.04
N ASN P 26 41.16 53.02 -25.16
CA ASN P 26 40.83 53.61 -23.88
C ASN P 26 40.73 55.13 -23.93
N GLY P 27 40.92 55.73 -25.10
CA GLY P 27 40.91 57.17 -25.23
C GLY P 27 42.28 57.81 -25.19
N VAL P 28 43.35 57.02 -25.17
CA VAL P 28 44.70 57.56 -25.14
C VAL P 28 45.09 58.01 -26.54
N ALA P 29 45.61 59.22 -26.64
CA ALA P 29 46.09 59.78 -27.90
C ALA P 29 47.61 59.86 -27.87
N TYR P 30 48.25 59.36 -28.91
CA TYR P 30 49.70 59.24 -28.97
C TYR P 30 50.27 60.11 -30.07
N PHE P 31 51.26 60.94 -29.73
CA PHE P 31 52.06 61.67 -30.70
C PHE P 31 53.48 61.13 -30.65
N ARG P 32 54.06 60.91 -31.83
CA ARG P 32 55.40 60.33 -31.91
C ARG P 32 56.32 61.22 -32.73
N HIS P 33 57.60 61.14 -32.38
CA HIS P 33 58.70 61.75 -33.11
C HIS P 33 59.79 60.70 -33.22
N LEU P 34 60.13 60.32 -34.46
CA LEU P 34 61.05 59.21 -34.68
C LEU P 34 62.46 59.59 -34.26
N GLN P 35 63.30 58.56 -34.06
CA GLN P 35 64.68 58.78 -33.65
C GLN P 35 65.51 59.30 -34.83
N ALA P 36 66.80 59.45 -34.59
CA ALA P 36 67.74 59.86 -35.63
C ALA P 36 67.65 58.91 -36.83
N ASN P 37 67.77 57.61 -36.59
CA ASN P 37 67.56 56.64 -37.65
C ASN P 37 66.10 56.64 -38.09
N GLY P 38 65.88 56.30 -39.36
CA GLY P 38 64.52 56.27 -39.90
C GLY P 38 63.68 55.16 -39.32
N LYS P 39 64.30 54.32 -38.51
CA LYS P 39 63.66 53.16 -37.91
C LYS P 39 62.80 53.58 -36.72
N PRO P 40 61.59 53.06 -36.59
CA PRO P 40 60.64 53.52 -35.57
C PRO P 40 60.69 52.76 -34.25
N ILE P 41 61.69 51.92 -34.01
CA ILE P 41 61.59 50.96 -32.91
C ILE P 41 61.58 51.68 -31.56
N GLY P 42 62.42 52.69 -31.39
CA GLY P 42 62.32 53.55 -30.23
C GLY P 42 62.02 54.95 -30.71
N ALA P 43 61.10 55.65 -30.04
CA ALA P 43 60.72 56.96 -30.53
C ALA P 43 60.19 57.81 -29.38
N TYR P 44 60.40 59.11 -29.50
CA TYR P 44 59.88 60.04 -28.50
C TYR P 44 58.35 60.07 -28.60
N THR P 45 57.68 60.00 -27.45
CA THR P 45 56.23 59.91 -27.44
C THR P 45 55.62 60.87 -26.45
N VAL P 46 54.40 61.32 -26.77
CA VAL P 46 53.59 62.14 -25.90
C VAL P 46 52.19 61.53 -25.87
N SER P 47 51.75 61.12 -24.70
CA SER P 47 50.45 60.47 -24.50
C SER P 47 49.52 61.41 -23.75
N SER P 48 48.29 61.51 -24.21
CA SER P 48 47.29 62.33 -23.54
C SER P 48 45.99 61.53 -23.40
N HIS P 49 45.53 61.40 -22.16
CA HIS P 49 44.25 60.72 -21.92
C HIS P 49 43.53 61.40 -20.77
N VAL P 50 42.29 61.76 -20.98
CA VAL P 50 41.48 62.36 -19.92
C VAL P 50 40.33 61.40 -19.60
N LYS P 51 40.16 61.12 -18.32
CA LYS P 51 39.16 60.19 -17.82
C LYS P 51 38.07 60.98 -17.12
N GLU P 52 36.88 60.98 -17.71
CA GLU P 52 35.75 61.69 -17.14
C GLU P 52 35.26 60.95 -15.90
N PRO P 53 34.60 61.66 -14.98
CA PRO P 53 34.14 61.03 -13.74
C PRO P 53 32.89 60.18 -13.94
N GLY P 54 32.69 59.27 -12.99
CA GLY P 54 31.53 58.38 -13.03
C GLY P 54 30.77 58.42 -11.73
N THR P 55 29.46 58.20 -11.85
CA THR P 55 28.54 58.29 -10.70
C THR P 55 28.70 59.65 -10.01
N ASN P 56 28.57 60.72 -10.81
CA ASN P 56 28.80 62.08 -10.36
C ASN P 56 30.13 62.20 -9.61
N GLY P 57 31.13 61.46 -10.08
CA GLY P 57 32.43 61.53 -9.45
C GLY P 57 32.95 62.96 -9.45
N ASP P 58 33.55 63.36 -8.33
CA ASP P 58 34.01 64.73 -8.22
C ASP P 58 35.15 65.03 -9.18
N VAL P 59 35.83 64.02 -9.72
CA VAL P 59 37.17 64.18 -10.26
C VAL P 59 37.23 63.77 -11.73
N PHE P 60 37.71 64.70 -12.56
CA PHE P 60 38.36 64.36 -13.82
C PHE P 60 39.80 63.97 -13.55
N ARG P 61 40.30 62.97 -14.27
CA ARG P 61 41.71 62.55 -14.16
C ARG P 61 42.37 62.69 -15.53
N VAL P 62 43.19 63.72 -15.70
CA VAL P 62 43.75 64.08 -17.00
C VAL P 62 45.25 63.81 -16.96
N LYS P 63 45.74 63.00 -17.89
CA LYS P 63 47.09 62.46 -17.82
C LYS P 63 47.88 62.83 -19.07
N LEU P 64 49.12 63.26 -18.85
CA LEU P 64 50.06 63.65 -19.89
C LEU P 64 51.39 62.93 -19.66
N PHE P 65 51.84 62.20 -20.67
CA PHE P 65 53.07 61.43 -20.59
C PHE P 65 54.04 61.89 -21.66
N VAL P 66 55.31 62.03 -21.28
CA VAL P 66 56.37 62.41 -22.19
C VAL P 66 57.50 61.42 -22.02
N ASN P 67 57.69 60.55 -23.02
CA ASN P 67 58.67 59.48 -22.97
C ASN P 67 59.80 59.77 -23.95
N VAL P 68 61.03 59.77 -23.44
CA VAL P 68 62.23 60.05 -24.20
C VAL P 68 63.14 58.83 -24.12
N PRO P 69 63.12 57.97 -25.13
CA PRO P 69 64.05 56.84 -25.16
C PRO P 69 65.40 57.19 -25.77
N GLU P 70 66.44 56.57 -25.20
CA GLU P 70 67.76 56.47 -25.81
C GLU P 70 67.88 55.08 -26.40
N VAL P 71 68.08 55.01 -27.71
CA VAL P 71 68.24 53.76 -28.43
C VAL P 71 69.72 53.53 -28.69
N ALA P 72 70.09 52.26 -28.89
CA ALA P 72 71.46 51.90 -29.20
C ALA P 72 71.46 51.00 -30.43
N THR P 73 72.43 51.21 -31.30
CA THR P 73 72.57 50.46 -32.53
C THR P 73 73.53 49.31 -32.31
N ILE P 74 73.00 48.09 -32.22
CA ILE P 74 73.81 46.90 -32.00
C ILE P 74 74.05 46.22 -33.34
N THR P 75 75.32 46.01 -33.68
CA THR P 75 75.68 45.31 -34.91
C THR P 75 76.57 44.14 -34.52
N PRO P 76 76.17 42.91 -34.80
CA PRO P 76 76.97 41.75 -34.37
C PRO P 76 78.34 41.72 -35.02
N ASN P 77 79.22 40.90 -34.46
CA ASN P 77 80.63 40.91 -34.84
C ASN P 77 80.80 40.50 -36.30
N GLY P 78 81.36 41.40 -37.10
CA GLY P 78 81.62 41.13 -38.50
C GLY P 78 80.38 40.99 -39.35
N SER P 79 79.34 41.77 -39.07
CA SER P 79 78.07 41.67 -39.76
C SER P 79 77.84 42.88 -40.65
N ASP P 80 77.07 42.66 -41.72
CA ASP P 80 76.76 43.74 -42.65
C ASP P 80 75.75 44.70 -42.04
N THR P 81 74.64 44.19 -41.53
CA THR P 81 73.52 45.02 -41.10
C THR P 81 73.44 45.06 -39.58
N SER P 82 72.92 46.18 -39.07
CA SER P 82 72.77 46.44 -37.65
C SER P 82 71.29 46.52 -37.29
N SER P 83 70.98 46.11 -36.07
CA SER P 83 69.63 46.19 -35.53
C SER P 83 69.60 47.18 -34.37
N VAL P 84 68.46 47.83 -34.18
CA VAL P 84 68.33 48.87 -33.16
C VAL P 84 67.58 48.31 -31.96
N GLU P 85 68.05 48.67 -30.76
CA GLU P 85 67.50 48.17 -29.50
C GLU P 85 67.23 49.36 -28.58
N ILE P 86 66.21 49.22 -27.74
CA ILE P 86 65.87 50.31 -26.82
C ILE P 86 66.78 50.21 -25.61
N ALA P 87 67.75 51.12 -25.52
CA ALA P 87 68.75 51.05 -24.46
C ALA P 87 68.14 51.41 -23.12
N ARG P 88 67.60 52.62 -23.00
CA ARG P 88 66.92 53.00 -21.77
C ARG P 88 65.95 54.12 -22.10
N THR P 89 65.11 54.49 -21.13
CA THR P 89 64.10 55.51 -21.36
C THR P 89 64.00 56.43 -20.16
N ASN P 90 64.02 57.74 -20.42
CA ASN P 90 63.59 58.72 -19.43
C ASN P 90 62.11 59.00 -19.64
N ARG P 91 61.38 59.25 -18.55
CA ARG P 91 59.95 59.46 -18.66
C ARG P 91 59.52 60.56 -17.70
N ALA P 92 58.46 61.28 -18.09
CA ALA P 92 57.76 62.22 -17.23
C ALA P 92 56.27 61.94 -17.31
N GLN P 93 55.63 61.77 -16.17
CA GLN P 93 54.23 61.33 -16.10
C GLN P 93 53.46 62.27 -15.20
N VAL P 94 52.47 62.95 -15.77
CA VAL P 94 51.71 64.00 -15.08
C VAL P 94 50.25 63.58 -15.02
N GLU P 95 49.71 63.56 -13.80
CA GLU P 95 48.29 63.33 -13.58
C GLU P 95 47.73 64.57 -12.88
N PHE P 96 46.85 65.29 -13.55
CA PHE P 96 46.08 66.34 -12.90
C PHE P 96 44.77 65.72 -12.42
N ILE P 97 44.48 65.91 -11.15
CA ILE P 97 43.21 65.54 -10.55
C ILE P 97 42.41 66.83 -10.44
N LEU P 98 41.45 67.02 -11.35
CA LEU P 98 40.68 68.24 -11.32
C LEU P 98 39.27 67.96 -10.85
N PRO P 99 38.67 68.78 -9.98
CA PRO P 99 37.26 68.56 -9.66
C PRO P 99 36.31 69.15 -10.68
N ALA P 100 35.19 68.44 -10.90
CA ALA P 100 34.19 68.90 -11.85
C ALA P 100 33.47 70.16 -11.39
N GLN P 101 33.68 70.58 -10.16
CA GLN P 101 32.98 71.71 -9.57
C GLN P 101 33.81 72.99 -9.57
N SER P 102 35.02 72.95 -10.10
CA SER P 102 35.92 74.10 -10.08
C SER P 102 35.64 75.03 -11.25
N ALA P 103 36.26 76.21 -11.19
CA ALA P 103 36.22 77.19 -12.27
C ALA P 103 37.52 77.14 -13.05
N ALA P 104 37.41 77.42 -14.35
CA ALA P 104 38.56 77.31 -15.24
C ALA P 104 39.72 78.20 -14.82
N THR P 105 39.45 79.28 -14.08
CA THR P 105 40.52 80.12 -13.54
C THR P 105 41.48 79.29 -12.70
N VAL P 106 40.92 78.44 -11.85
CA VAL P 106 41.73 77.63 -10.95
C VAL P 106 42.63 76.69 -11.74
N ARG P 107 42.07 76.02 -12.75
CA ARG P 107 42.89 75.10 -13.53
C ARG P 107 43.96 75.86 -14.32
N GLU P 108 43.62 77.05 -14.82
CA GLU P 108 44.60 77.84 -15.56
C GLU P 108 45.80 78.18 -14.68
N ASP P 109 45.55 78.71 -13.47
CA ASP P 109 46.73 79.05 -12.67
C ASP P 109 47.36 77.84 -11.99
N LEU P 110 46.67 76.70 -11.89
CA LEU P 110 47.36 75.48 -11.50
C LEU P 110 48.39 75.07 -12.54
N VAL P 111 47.98 75.06 -13.82
CA VAL P 111 48.92 74.74 -14.89
C VAL P 111 50.06 75.75 -14.91
N ALA P 112 49.75 77.04 -14.75
CA ALA P 112 50.78 78.06 -14.77
C ALA P 112 51.76 77.87 -13.61
N LEU P 113 51.25 77.51 -12.43
CA LEU P 113 52.11 77.24 -11.29
C LEU P 113 53.02 76.05 -11.56
N LEU P 114 52.48 75.00 -12.18
CA LEU P 114 53.31 73.83 -12.50
C LEU P 114 54.42 74.20 -13.50
N ALA P 115 54.07 74.97 -14.53
CA ALA P 115 55.07 75.36 -15.52
C ALA P 115 56.13 76.26 -14.91
N SER P 116 55.72 77.19 -14.04
CA SER P 116 56.70 78.06 -13.38
C SER P 116 57.56 77.29 -12.39
N ALA P 117 57.01 76.24 -11.77
CA ALA P 117 57.82 75.40 -10.90
C ALA P 117 58.86 74.64 -11.71
N LEU P 118 58.48 74.14 -12.88
CA LEU P 118 59.45 73.52 -13.78
C LEU P 118 60.51 74.52 -14.22
N ALA P 119 60.13 75.79 -14.41
CA ALA P 119 61.09 76.78 -14.86
C ALA P 119 62.01 77.25 -13.75
N ASP P 120 61.56 77.21 -12.49
CA ASP P 120 62.40 77.66 -11.38
C ASP P 120 63.65 76.80 -11.30
N THR P 121 64.79 77.45 -11.06
CA THR P 121 66.07 76.74 -11.08
C THR P 121 66.21 75.82 -9.87
N ALA P 122 65.72 76.26 -8.71
CA ALA P 122 65.82 75.43 -7.51
C ALA P 122 65.05 74.13 -7.69
N ILE P 123 63.86 74.19 -8.30
CA ILE P 123 63.07 73.00 -8.55
C ILE P 123 63.64 72.23 -9.73
N LYS P 124 64.22 72.92 -10.70
CA LYS P 124 64.74 72.25 -11.89
C LYS P 124 65.97 71.42 -11.56
N SER P 125 66.76 71.84 -10.56
CA SER P 125 67.89 71.02 -10.14
C SER P 125 67.42 69.71 -9.55
N THR P 126 66.24 69.70 -8.93
CA THR P 126 65.64 68.48 -8.42
C THR P 126 65.51 67.42 -9.51
N ILE P 127 64.97 67.81 -10.67
CA ILE P 127 64.75 66.85 -11.74
C ILE P 127 66.04 66.58 -12.49
N VAL P 128 66.67 67.65 -12.97
CA VAL P 128 67.80 67.52 -13.89
C VAL P 128 68.99 66.90 -13.17
N ASN P 129 69.31 67.39 -11.97
CA ASN P 129 70.55 67.08 -11.27
C ASN P 129 70.36 66.10 -10.11
N VAL P 130 69.12 65.74 -9.79
CA VAL P 130 68.80 64.73 -8.78
C VAL P 130 69.46 65.10 -7.46
N GLU P 131 69.24 66.34 -7.06
CA GLU P 131 69.61 66.83 -5.75
C GLU P 131 68.36 66.94 -4.89
N HIS P 132 68.44 66.40 -3.67
CA HIS P 132 67.39 66.53 -2.68
C HIS P 132 67.34 67.94 -2.09
N PHE P 133 66.17 68.30 -1.58
CA PHE P 133 66.07 69.48 -0.74
C PHE P 133 66.59 69.20 0.66
N TYR P 134 67.28 70.17 1.24
CA TYR P 134 67.88 70.00 2.56
C TYR P 134 67.91 71.31 3.37
N PRO Q 1 29.84 63.57 -41.48
CA PRO Q 1 29.90 64.70 -40.55
C PRO Q 1 31.13 64.64 -39.69
N ALA Q 2 32.24 65.23 -40.17
CA ALA Q 2 33.44 65.33 -39.37
C ALA Q 2 33.17 66.12 -38.10
N LEU Q 3 33.77 65.67 -37.01
CA LEU Q 3 33.56 66.28 -35.70
C LEU Q 3 33.95 67.75 -35.75
N LYS Q 4 33.01 68.62 -35.39
CA LYS Q 4 33.21 70.05 -35.55
C LYS Q 4 32.19 70.77 -34.67
N PRO Q 5 32.52 71.94 -34.16
CA PRO Q 5 31.60 72.62 -33.24
C PRO Q 5 30.33 73.02 -33.96
N ILE Q 6 29.21 72.92 -33.25
CA ILE Q 6 27.92 73.20 -33.86
C ILE Q 6 27.20 74.24 -33.02
N THR Q 7 26.41 75.08 -33.68
CA THR Q 7 25.70 76.17 -33.03
C THR Q 7 24.21 75.87 -32.99
N LEU Q 8 23.60 76.04 -31.82
CA LEU Q 8 22.18 75.77 -31.60
C LEU Q 8 21.54 76.96 -30.92
N THR Q 9 20.28 77.21 -31.21
CA THR Q 9 19.56 78.36 -30.66
C THR Q 9 18.79 77.96 -29.41
N ASP Q 10 18.92 78.76 -28.35
CA ASP Q 10 18.21 78.49 -27.10
C ASP Q 10 16.79 79.05 -27.18
N HIS Q 11 16.11 79.14 -26.04
CA HIS Q 11 14.73 79.64 -26.06
C HIS Q 11 14.65 81.09 -26.49
N SER Q 12 15.64 81.89 -26.16
CA SER Q 12 15.68 83.28 -26.55
C SER Q 12 16.19 83.49 -27.97
N SER Q 13 16.37 82.40 -28.73
CA SER Q 13 16.96 82.38 -30.07
C SER Q 13 18.42 82.82 -30.07
N ALA Q 14 19.04 82.96 -28.90
CA ALA Q 14 20.46 83.31 -28.84
C ALA Q 14 21.31 82.11 -29.22
N ASP Q 15 22.37 82.37 -29.98
CA ASP Q 15 23.25 81.29 -30.40
C ASP Q 15 23.99 80.70 -29.20
N VAL Q 16 24.25 79.39 -29.29
CA VAL Q 16 24.87 78.61 -28.23
C VAL Q 16 25.81 77.63 -28.92
N ILE Q 17 27.11 77.80 -28.71
CA ILE Q 17 28.12 77.10 -29.48
C ILE Q 17 28.64 75.92 -28.67
N PHE Q 18 28.34 74.71 -29.12
CA PHE Q 18 28.85 73.49 -28.52
C PHE Q 18 30.13 73.09 -29.25
N THR Q 19 31.25 73.06 -28.50
CA THR Q 19 32.48 72.57 -29.12
C THR Q 19 32.61 71.07 -28.92
N PRO Q 20 33.25 70.36 -29.84
CA PRO Q 20 33.41 68.91 -29.66
C PRO Q 20 34.27 68.61 -28.45
N THR Q 21 33.84 67.64 -27.66
CA THR Q 21 34.56 67.22 -26.46
C THR Q 21 35.24 65.88 -26.64
N GLN Q 22 34.48 64.84 -27.02
CA GLN Q 22 35.05 63.50 -26.95
C GLN Q 22 34.40 62.57 -27.95
N ILE Q 23 35.21 61.69 -28.53
CA ILE Q 23 34.69 60.53 -29.25
C ILE Q 23 34.90 59.32 -28.35
N ASP Q 24 33.81 58.61 -28.08
CA ASP Q 24 33.77 57.63 -27.00
C ASP Q 24 34.53 56.36 -27.41
N LYS Q 25 34.54 55.39 -26.49
CA LYS Q 25 35.03 54.05 -26.83
C LYS Q 25 34.02 53.31 -27.70
N ASN Q 26 32.73 53.53 -27.45
CA ASN Q 26 31.67 52.86 -28.19
C ASN Q 26 31.28 53.60 -29.46
N GLY Q 27 31.70 54.85 -29.61
CA GLY Q 27 31.33 55.67 -30.75
C GLY Q 27 30.53 56.90 -30.40
N VAL Q 28 30.27 57.16 -29.12
CA VAL Q 28 29.47 58.31 -28.73
C VAL Q 28 30.28 59.59 -28.95
N ALA Q 29 29.65 60.59 -29.54
CA ALA Q 29 30.26 61.90 -29.76
C ALA Q 29 29.66 62.88 -28.77
N TYR Q 30 30.53 63.52 -27.99
CA TYR Q 30 30.14 64.43 -26.92
C TYR Q 30 30.56 65.85 -27.29
N PHE Q 31 29.59 66.76 -27.37
CA PHE Q 31 29.82 68.19 -27.50
C PHE Q 31 29.44 68.88 -26.21
N ARG Q 32 30.23 69.88 -25.83
CA ARG Q 32 30.08 70.57 -24.55
C ARG Q 32 30.02 72.07 -24.81
N HIS Q 33 29.15 72.74 -24.06
CA HIS Q 33 29.05 74.20 -24.04
C HIS Q 33 29.28 74.64 -22.60
N LEU Q 34 30.47 75.15 -22.32
CA LEU Q 34 30.80 75.57 -20.98
C LEU Q 34 30.06 76.87 -20.63
N GLN Q 35 29.99 77.15 -19.33
CA GLN Q 35 29.34 78.37 -18.86
C GLN Q 35 30.32 79.53 -18.94
N ALA Q 36 29.91 80.68 -18.43
CA ALA Q 36 30.79 81.85 -18.41
C ALA Q 36 32.06 81.55 -17.62
N ASN Q 37 31.91 81.01 -16.41
CA ASN Q 37 33.02 80.74 -15.53
C ASN Q 37 33.78 79.46 -15.88
N GLY Q 38 33.37 78.76 -16.92
CA GLY Q 38 34.03 77.51 -17.27
C GLY Q 38 33.88 76.42 -16.24
N LYS Q 39 32.71 76.29 -15.64
CA LYS Q 39 32.47 75.23 -14.65
C LYS Q 39 31.96 73.99 -15.36
N PRO Q 40 32.67 72.87 -15.29
CA PRO Q 40 32.20 71.65 -15.99
C PRO Q 40 30.80 71.22 -15.55
N ILE Q 41 30.54 71.24 -14.25
CA ILE Q 41 29.24 70.85 -13.72
C ILE Q 41 28.12 71.68 -14.32
N GLY Q 42 28.42 72.87 -14.85
CA GLY Q 42 27.41 73.71 -15.44
C GLY Q 42 27.28 73.63 -16.94
N ALA Q 43 28.10 72.83 -17.61
CA ALA Q 43 28.14 72.84 -19.07
C ALA Q 43 26.99 72.05 -19.67
N TYR Q 44 26.41 72.58 -20.75
CA TYR Q 44 25.46 71.83 -21.54
C TYR Q 44 26.20 70.75 -22.34
N THR Q 45 25.51 69.63 -22.60
CA THR Q 45 26.11 68.56 -23.36
C THR Q 45 25.15 68.04 -24.41
N VAL Q 46 25.72 67.58 -25.53
CA VAL Q 46 24.95 66.95 -26.60
C VAL Q 46 25.71 65.71 -27.05
N SER Q 47 25.05 64.56 -27.00
CA SER Q 47 25.63 63.28 -27.36
C SER Q 47 24.97 62.75 -28.62
N SER Q 48 25.78 62.19 -29.51
CA SER Q 48 25.26 61.58 -30.73
C SER Q 48 26.00 60.27 -30.99
N HIS Q 49 25.25 59.17 -31.07
CA HIS Q 49 25.84 57.87 -31.32
C HIS Q 49 24.93 57.07 -32.23
N VAL Q 50 25.49 56.45 -33.26
CA VAL Q 50 24.71 55.61 -34.16
C VAL Q 50 25.23 54.19 -34.09
N LYS Q 51 24.31 53.24 -33.94
CA LYS Q 51 24.60 51.82 -33.82
C LYS Q 51 24.10 51.13 -35.09
N GLU Q 52 25.04 50.60 -35.86
CA GLU Q 52 24.76 49.89 -37.09
C GLU Q 52 24.16 48.51 -36.77
N PRO Q 53 23.44 47.91 -37.72
CA PRO Q 53 22.91 46.57 -37.50
C PRO Q 53 23.96 45.50 -37.68
N GLY Q 54 23.75 44.39 -36.98
CA GLY Q 54 24.65 43.25 -37.08
C GLY Q 54 23.86 41.96 -37.01
N THR Q 55 24.50 40.90 -37.50
CA THR Q 55 23.87 39.57 -37.59
C THR Q 55 22.52 39.68 -38.30
N ASN Q 56 22.56 40.28 -39.48
CA ASN Q 56 21.38 40.44 -40.35
C ASN Q 56 20.22 41.07 -39.58
N GLY Q 57 20.53 42.14 -38.86
CA GLY Q 57 19.50 42.94 -38.20
C GLY Q 57 19.00 44.01 -39.15
N ASP Q 58 17.68 44.21 -39.16
CA ASP Q 58 17.09 45.17 -40.06
C ASP Q 58 17.25 46.61 -39.58
N VAL Q 59 17.57 46.81 -38.31
CA VAL Q 59 17.36 48.09 -37.65
C VAL Q 59 18.68 48.85 -37.48
N PHE Q 60 18.57 50.17 -37.50
CA PHE Q 60 19.62 51.12 -37.13
C PHE Q 60 19.16 51.85 -35.89
N ARG Q 61 20.05 52.03 -34.91
CA ARG Q 61 19.67 52.71 -33.67
C ARG Q 61 20.51 53.97 -33.50
N VAL Q 62 19.90 55.13 -33.78
CA VAL Q 62 20.62 56.40 -33.76
C VAL Q 62 20.10 57.24 -32.60
N LYS Q 63 21.01 57.69 -31.74
CA LYS Q 63 20.64 58.28 -30.47
C LYS Q 63 21.20 59.70 -30.37
N LEU Q 64 20.37 60.60 -29.86
CA LEU Q 64 20.70 62.01 -29.66
C LEU Q 64 20.28 62.42 -28.25
N PHE Q 65 21.23 62.92 -27.47
CA PHE Q 65 20.99 63.35 -26.10
C PHE Q 65 21.32 64.83 -25.97
N VAL Q 66 20.46 65.56 -25.27
CA VAL Q 66 20.67 66.98 -24.99
C VAL Q 66 20.47 67.18 -23.49
N ASN Q 67 21.55 67.43 -22.77
CA ASN Q 67 21.51 67.56 -21.32
C ASN Q 67 21.78 69.01 -20.95
N VAL Q 68 20.85 69.59 -20.19
CA VAL Q 68 20.92 70.97 -19.71
C VAL Q 68 20.99 70.93 -18.18
N PRO Q 69 22.14 71.22 -17.58
CA PRO Q 69 22.18 71.28 -16.12
C PRO Q 69 21.89 72.69 -15.61
N GLU Q 70 21.32 72.74 -14.42
CA GLU Q 70 21.25 73.98 -13.65
C GLU Q 70 22.00 73.75 -12.34
N VAL Q 71 22.90 74.68 -12.03
CA VAL Q 71 23.73 74.66 -10.83
C VAL Q 71 22.92 75.17 -9.65
N ALA Q 72 23.04 74.51 -8.49
CA ALA Q 72 22.41 75.01 -7.27
C ALA Q 72 23.50 75.51 -6.35
N THR Q 73 23.41 76.79 -5.99
CA THR Q 73 24.42 77.40 -5.12
C THR Q 73 23.98 77.34 -3.66
N GLU Q 85 27.16 74.32 -6.01
CA GLU Q 85 27.96 73.17 -5.61
C GLU Q 85 27.51 71.87 -6.28
N ILE Q 86 26.24 71.52 -6.13
CA ILE Q 86 25.66 70.37 -6.80
C ILE Q 86 24.60 70.88 -7.76
N ALA Q 87 24.42 70.17 -8.85
CA ALA Q 87 23.59 70.65 -9.94
C ALA Q 87 22.65 69.55 -10.39
N ARG Q 88 21.43 69.92 -10.77
CA ARG Q 88 20.49 68.94 -11.29
C ARG Q 88 20.27 69.17 -12.77
N THR Q 89 20.09 68.08 -13.50
CA THR Q 89 20.16 68.14 -14.96
C THR Q 89 18.80 67.76 -15.54
N ASN Q 90 18.21 68.67 -16.32
CA ASN Q 90 17.15 68.31 -17.25
C ASN Q 90 17.75 67.60 -18.44
N ARG Q 91 17.09 66.55 -18.92
CA ARG Q 91 17.63 65.81 -20.05
C ARG Q 91 16.56 65.56 -21.09
N ALA Q 92 16.99 65.53 -22.34
CA ALA Q 92 16.20 65.04 -23.45
C ALA Q 92 16.96 63.90 -24.10
N GLN Q 93 16.30 62.76 -24.31
CA GLN Q 93 16.94 61.55 -24.83
C GLN Q 93 16.10 61.01 -25.97
N VAL Q 94 16.64 61.03 -27.18
CA VAL Q 94 15.92 60.61 -28.38
C VAL Q 94 16.62 59.40 -28.97
N GLU Q 95 15.85 58.37 -29.29
CA GLU Q 95 16.33 57.20 -30.00
C GLU Q 95 15.46 57.00 -31.23
N PHE Q 96 16.07 57.08 -32.40
CA PHE Q 96 15.41 56.75 -33.66
C PHE Q 96 15.76 55.31 -34.03
N ILE Q 97 14.74 54.55 -34.39
CA ILE Q 97 14.88 53.18 -34.87
C ILE Q 97 14.53 53.20 -36.35
N LEU Q 98 15.52 52.96 -37.21
CA LEU Q 98 15.36 53.16 -38.64
C LEU Q 98 15.71 51.87 -39.38
N PRO Q 99 14.76 51.21 -40.05
CA PRO Q 99 15.11 50.02 -40.85
C PRO Q 99 16.02 50.38 -42.01
N ALA Q 100 16.78 49.37 -42.44
CA ALA Q 100 17.80 49.58 -43.47
C ALA Q 100 17.22 49.69 -44.87
N GLN Q 101 16.04 49.10 -45.13
CA GLN Q 101 15.45 49.19 -46.45
C GLN Q 101 14.69 50.50 -46.69
N SER Q 102 14.35 51.24 -45.64
CA SER Q 102 13.61 52.47 -45.82
C SER Q 102 14.42 53.48 -46.62
N ALA Q 103 13.85 53.98 -47.71
CA ALA Q 103 14.50 55.05 -48.45
C ALA Q 103 14.58 56.30 -47.58
N ALA Q 104 15.59 57.12 -47.86
CA ALA Q 104 15.85 58.29 -47.02
C ALA Q 104 14.66 59.25 -46.96
N THR Q 105 13.72 59.16 -47.91
CA THR Q 105 12.52 59.99 -47.86
C THR Q 105 11.80 59.83 -46.52
N VAL Q 106 11.67 58.57 -46.09
CA VAL Q 106 10.92 58.28 -44.88
C VAL Q 106 11.60 58.90 -43.68
N ARG Q 107 12.92 58.71 -43.57
CA ARG Q 107 13.63 59.24 -42.41
C ARG Q 107 13.60 60.75 -42.40
N GLU Q 108 13.69 61.37 -43.58
CA GLU Q 108 13.61 62.82 -43.65
C GLU Q 108 12.28 63.32 -43.11
N ASP Q 109 11.14 62.80 -43.59
CA ASP Q 109 9.87 63.32 -43.07
C ASP Q 109 9.56 62.82 -41.67
N LEU Q 110 10.21 61.74 -41.20
CA LEU Q 110 10.04 61.37 -39.81
C LEU Q 110 10.66 62.40 -38.90
N VAL Q 111 11.91 62.78 -39.19
CA VAL Q 111 12.54 63.87 -38.46
C VAL Q 111 11.69 65.13 -38.53
N ALA Q 112 11.19 65.46 -39.73
CA ALA Q 112 10.40 66.68 -39.87
C ALA Q 112 9.16 66.62 -39.00
N LEU Q 113 8.53 65.42 -38.92
CA LEU Q 113 7.38 65.21 -38.04
C LEU Q 113 7.74 65.45 -36.59
N LEU Q 114 8.88 64.92 -36.15
CA LEU Q 114 9.28 65.07 -34.75
C LEU Q 114 9.50 66.55 -34.42
N ALA Q 115 10.19 67.26 -35.32
CA ALA Q 115 10.48 68.67 -35.07
C ALA Q 115 9.19 69.49 -35.06
N SER Q 116 8.26 69.21 -35.97
CA SER Q 116 7.00 69.92 -35.98
C SER Q 116 6.16 69.60 -34.76
N ALA Q 117 6.29 68.38 -34.23
CA ALA Q 117 5.59 68.03 -33.00
C ALA Q 117 6.15 68.79 -31.81
N LEU Q 118 7.48 68.95 -31.78
CA LEU Q 118 8.10 69.78 -30.76
C LEU Q 118 7.68 71.25 -30.90
N ALA Q 119 7.45 71.71 -32.12
CA ALA Q 119 7.05 73.09 -32.33
C ALA Q 119 5.58 73.33 -32.03
N ASP Q 120 4.74 72.32 -32.19
CA ASP Q 120 3.31 72.49 -31.95
C ASP Q 120 3.07 72.89 -30.50
N THR Q 121 2.17 73.86 -30.31
CA THR Q 121 1.96 74.42 -28.98
C THR Q 121 1.36 73.41 -28.02
N ALA Q 122 0.41 72.60 -28.50
CA ALA Q 122 -0.24 71.62 -27.63
C ALA Q 122 0.76 70.59 -27.12
N ILE Q 123 1.58 70.05 -28.02
CA ILE Q 123 2.57 69.05 -27.64
C ILE Q 123 3.68 69.70 -26.80
N LYS Q 124 4.07 70.92 -27.15
CA LYS Q 124 5.13 71.60 -26.40
C LYS Q 124 4.70 71.87 -24.97
N SER Q 125 3.41 72.12 -24.75
CA SER Q 125 2.91 72.30 -23.39
C SER Q 125 3.19 71.07 -22.55
N THR Q 126 3.06 69.89 -23.15
CA THR Q 126 3.33 68.63 -22.47
C THR Q 126 4.70 68.63 -21.80
N ILE Q 127 5.71 69.11 -22.51
CA ILE Q 127 7.06 69.09 -21.97
C ILE Q 127 7.29 70.29 -21.05
N VAL Q 128 6.98 71.49 -21.55
CA VAL Q 128 7.38 72.71 -20.86
C VAL Q 128 6.64 72.83 -19.53
N ASN Q 129 5.33 72.60 -19.53
CA ASN Q 129 4.48 72.82 -18.36
C ASN Q 129 4.18 71.53 -17.62
N VAL Q 130 4.81 70.42 -18.01
CA VAL Q 130 4.58 69.07 -17.48
C VAL Q 130 3.10 68.85 -17.19
N GLU Q 131 2.26 69.04 -18.21
CA GLU Q 131 0.83 68.78 -18.14
C GLU Q 131 0.51 67.49 -18.90
N HIS Q 132 -0.36 66.66 -18.32
CA HIS Q 132 -0.90 65.49 -19.00
C HIS Q 132 -1.89 65.89 -20.10
N PHE Q 133 -2.03 65.02 -21.10
CA PHE Q 133 -3.14 65.18 -22.03
C PHE Q 133 -4.45 64.75 -21.37
N TYR Q 134 -5.49 65.55 -21.57
CA TYR Q 134 -6.79 65.26 -20.96
C TYR Q 134 -7.99 65.61 -21.84
N PRO R 1 47.76 60.13 -40.91
CA PRO R 1 46.62 60.20 -41.81
C PRO R 1 45.35 60.54 -41.04
N ALA R 2 44.99 61.82 -41.02
CA ALA R 2 43.72 62.21 -40.43
C ALA R 2 42.59 61.65 -41.25
N LEU R 3 41.48 61.36 -40.59
CA LEU R 3 40.31 60.79 -41.25
C LEU R 3 39.69 61.84 -42.17
N LYS R 4 39.55 61.51 -43.44
CA LYS R 4 39.14 62.42 -44.50
C LYS R 4 38.46 61.59 -45.57
N PRO R 5 37.42 62.12 -46.23
CA PRO R 5 36.87 61.43 -47.41
C PRO R 5 37.95 61.32 -48.47
N ILE R 6 38.14 60.10 -48.96
CA ILE R 6 39.20 59.84 -49.93
C ILE R 6 38.55 59.47 -51.25
N THR R 7 39.07 60.01 -52.33
CA THR R 7 38.54 59.76 -53.66
C THR R 7 39.41 58.71 -54.35
N LEU R 8 38.78 57.67 -54.88
CA LEU R 8 39.46 56.59 -55.58
C LEU R 8 38.89 56.48 -56.99
N THR R 9 39.75 56.13 -57.94
CA THR R 9 39.34 56.06 -59.35
C THR R 9 38.95 54.62 -59.69
N ASP R 10 37.83 54.46 -60.41
CA ASP R 10 37.34 53.13 -60.76
C ASP R 10 37.93 52.70 -62.10
N HIS R 11 37.30 51.72 -62.75
CA HIS R 11 37.86 51.22 -64.00
C HIS R 11 37.80 52.26 -65.11
N SER R 12 36.71 53.02 -65.17
CA SER R 12 36.57 54.06 -66.19
C SER R 12 37.35 55.33 -65.86
N SER R 13 38.17 55.31 -64.80
CA SER R 13 38.92 56.43 -64.24
C SER R 13 38.01 57.49 -63.61
N ALA R 14 36.70 57.26 -63.55
CA ALA R 14 35.81 58.17 -62.86
C ALA R 14 36.08 58.15 -61.35
N ASP R 15 35.88 59.30 -60.73
CA ASP R 15 36.12 59.39 -59.30
C ASP R 15 35.00 58.72 -58.51
N VAL R 16 35.35 58.22 -57.33
CA VAL R 16 34.44 57.51 -56.43
C VAL R 16 34.81 57.94 -55.02
N ILE R 17 33.95 58.71 -54.38
CA ILE R 17 34.25 59.34 -53.11
C ILE R 17 33.82 58.42 -51.98
N PHE R 18 34.75 58.03 -51.13
CA PHE R 18 34.47 57.25 -49.94
C PHE R 18 34.49 58.18 -48.74
N THR R 19 33.33 58.32 -48.08
CA THR R 19 33.23 59.11 -46.88
C THR R 19 33.55 58.26 -45.66
N PRO R 20 34.25 58.83 -44.67
CA PRO R 20 34.57 58.06 -43.47
C PRO R 20 33.30 57.69 -42.70
N THR R 21 33.20 56.43 -42.33
CA THR R 21 32.05 55.91 -41.60
C THR R 21 32.30 55.82 -40.11
N GLN R 22 33.37 55.15 -39.69
CA GLN R 22 33.48 54.74 -38.30
C GLN R 22 34.92 54.33 -38.00
N ILE R 23 35.33 54.54 -36.76
CA ILE R 23 36.60 54.03 -36.26
C ILE R 23 36.28 52.95 -35.23
N ASP R 24 36.72 51.72 -35.52
CA ASP R 24 36.28 50.55 -34.79
C ASP R 24 36.83 50.55 -33.36
N LYS R 25 36.33 49.61 -32.55
CA LYS R 25 36.91 49.40 -31.23
C LYS R 25 38.30 48.78 -31.33
N ASN R 26 38.59 48.07 -32.41
CA ASN R 26 39.87 47.43 -32.61
C ASN R 26 40.85 48.29 -33.38
N GLY R 27 40.44 49.49 -33.78
CA GLY R 27 41.27 50.39 -34.56
C GLY R 27 40.94 50.41 -36.04
N VAL R 28 39.97 49.61 -36.48
CA VAL R 28 39.63 49.56 -37.89
C VAL R 28 38.91 50.85 -38.28
N ALA R 29 39.33 51.45 -39.39
CA ALA R 29 38.72 52.65 -39.92
C ALA R 29 38.00 52.28 -41.22
N TYR R 30 36.74 52.69 -41.33
CA TYR R 30 35.88 52.30 -42.43
C TYR R 30 35.52 53.53 -43.28
N PHE R 31 35.69 53.41 -44.60
CA PHE R 31 35.22 54.40 -45.56
C PHE R 31 34.19 53.73 -46.46
N ARG R 32 33.06 54.40 -46.66
CA ARG R 32 31.98 53.80 -47.43
C ARG R 32 31.57 54.70 -48.59
N HIS R 33 31.05 54.06 -49.63
CA HIS R 33 30.41 54.70 -50.76
C HIS R 33 29.13 53.94 -51.04
N LEU R 34 28.00 54.64 -50.96
CA LEU R 34 26.70 53.97 -51.04
C LEU R 34 26.42 53.48 -52.46
N GLN R 35 25.47 52.55 -52.56
CA GLN R 35 25.11 51.96 -53.83
C GLN R 35 24.30 52.94 -54.67
N ALA R 36 23.88 52.48 -55.85
CA ALA R 36 23.06 53.30 -56.73
C ALA R 36 21.80 53.77 -56.01
N ASN R 37 21.06 52.84 -55.42
CA ASN R 37 19.91 53.21 -54.60
C ASN R 37 20.38 53.88 -53.31
N GLY R 38 19.58 54.82 -52.83
CA GLY R 38 19.91 55.50 -51.60
C GLY R 38 19.91 54.63 -50.37
N LYS R 39 19.52 53.38 -50.51
CA LYS R 39 19.38 52.48 -49.38
C LYS R 39 20.75 51.97 -48.93
N PRO R 40 21.16 52.21 -47.67
CA PRO R 40 22.48 51.82 -47.18
C PRO R 40 22.48 50.40 -46.61
N ILE R 41 22.33 49.43 -47.49
CA ILE R 41 22.34 48.01 -47.11
C ILE R 41 23.66 47.36 -47.53
N GLY R 42 23.93 47.35 -48.83
CA GLY R 42 25.23 46.95 -49.33
C GLY R 42 25.92 48.19 -49.86
N ALA R 43 27.20 48.33 -49.52
CA ALA R 43 27.91 49.55 -49.83
C ALA R 43 29.38 49.22 -50.06
N TYR R 44 29.99 49.95 -50.98
CA TYR R 44 31.41 49.77 -51.23
C TYR R 44 32.19 50.25 -50.01
N THR R 45 33.14 49.43 -49.55
CA THR R 45 33.83 49.75 -48.31
C THR R 45 35.34 49.62 -48.47
N VAL R 46 36.06 50.41 -47.68
CA VAL R 46 37.51 50.36 -47.58
C VAL R 46 37.86 50.39 -46.11
N SER R 47 38.49 49.32 -45.62
CA SER R 47 38.88 49.17 -44.23
C SER R 47 40.39 49.32 -44.12
N SER R 48 40.84 50.08 -43.12
CA SER R 48 42.27 50.23 -42.85
C SER R 48 42.53 50.02 -41.37
N HIS R 49 43.47 49.14 -41.06
CA HIS R 49 43.81 48.87 -39.67
C HIS R 49 45.28 48.53 -39.56
N VAL R 50 46.00 49.22 -38.68
CA VAL R 50 47.39 48.92 -38.40
C VAL R 50 47.50 48.34 -37.00
N LYS R 51 48.26 47.27 -36.87
CA LYS R 51 48.46 46.56 -35.61
C LYS R 51 49.92 46.73 -35.21
N GLU R 52 50.12 47.44 -34.09
CA GLU R 52 51.43 47.63 -33.50
C GLU R 52 52.02 46.27 -33.10
N PRO R 53 53.32 46.21 -32.84
CA PRO R 53 53.93 44.95 -32.43
C PRO R 53 53.90 44.74 -30.91
N GLY R 54 53.73 43.49 -30.52
CA GLY R 54 53.67 43.12 -29.12
C GLY R 54 54.97 42.50 -28.64
N THR R 55 55.48 43.04 -27.52
CA THR R 55 56.75 42.56 -26.95
C THR R 55 57.89 42.73 -27.96
N ASN R 56 57.88 43.87 -28.66
CA ASN R 56 58.90 44.22 -29.65
C ASN R 56 59.08 43.11 -30.69
N GLY R 57 58.02 42.34 -30.95
CA GLY R 57 58.03 41.48 -32.12
C GLY R 57 58.22 42.33 -33.36
N ASP R 58 59.13 41.89 -34.22
CA ASP R 58 59.57 42.75 -35.33
C ASP R 58 58.42 43.23 -36.21
N VAL R 59 57.28 42.54 -36.20
CA VAL R 59 56.24 42.72 -37.22
C VAL R 59 55.27 43.84 -36.84
N PHE R 60 54.97 44.67 -37.83
CA PHE R 60 53.81 45.56 -37.86
C PHE R 60 52.84 44.95 -38.86
N ARG R 61 51.57 44.84 -38.49
CA ARG R 61 50.58 44.20 -39.36
C ARG R 61 49.58 45.24 -39.85
N VAL R 62 49.77 45.73 -41.07
CA VAL R 62 48.98 46.83 -41.60
C VAL R 62 48.10 46.29 -42.71
N LYS R 63 46.79 46.46 -42.59
CA LYS R 63 45.82 45.76 -43.42
C LYS R 63 44.92 46.77 -44.12
N LEU R 64 44.63 46.46 -45.38
CA LEU R 64 43.78 47.27 -46.25
C LEU R 64 42.79 46.35 -46.96
N PHE R 65 41.50 46.63 -46.80
CA PHE R 65 40.43 45.84 -47.39
C PHE R 65 39.60 46.71 -48.31
N VAL R 66 39.24 46.18 -49.47
CA VAL R 66 38.38 46.86 -50.43
C VAL R 66 37.27 45.89 -50.81
N ASN R 67 36.04 46.15 -50.35
CA ASN R 67 34.91 45.27 -50.57
C ASN R 67 33.94 45.94 -51.53
N VAL R 68 33.64 45.27 -52.62
CA VAL R 68 32.73 45.73 -53.65
C VAL R 68 31.52 44.79 -53.67
N PRO R 69 30.41 45.17 -53.03
CA PRO R 69 29.21 44.33 -53.09
C PRO R 69 28.35 44.64 -54.31
N GLU R 70 27.80 43.57 -54.89
CA GLU R 70 26.76 43.64 -55.90
C GLU R 70 25.44 43.30 -55.22
N VAL R 71 24.47 44.22 -55.37
CA VAL R 71 23.20 44.18 -54.64
C VAL R 71 22.08 43.84 -55.62
N ALA R 72 20.97 43.32 -55.08
CA ALA R 72 19.81 42.95 -55.86
C ALA R 72 18.55 43.48 -55.17
N THR R 73 17.71 44.16 -55.94
CA THR R 73 16.43 44.66 -55.43
C THR R 73 15.36 43.63 -55.76
N ILE R 74 14.88 42.92 -54.74
CA ILE R 74 13.91 41.85 -54.90
C ILE R 74 12.56 42.34 -54.36
N THR R 75 11.53 42.28 -55.22
CA THR R 75 10.18 42.57 -54.77
C THR R 75 9.35 41.29 -54.88
N PRO R 76 8.80 40.80 -53.77
CA PRO R 76 8.10 39.50 -53.80
C PRO R 76 6.83 39.53 -54.65
N ASN R 77 6.19 38.38 -54.79
CA ASN R 77 5.03 38.27 -55.68
C ASN R 77 3.82 38.96 -55.07
N GLY R 78 3.18 39.82 -55.86
CA GLY R 78 1.97 40.50 -55.44
C GLY R 78 2.13 41.39 -54.24
N SER R 79 3.31 41.97 -54.05
CA SER R 79 3.61 42.81 -52.90
C SER R 79 3.90 44.23 -53.34
N ASP R 80 3.38 45.20 -52.59
CA ASP R 80 3.57 46.61 -52.93
C ASP R 80 5.03 47.00 -52.86
N THR R 81 5.75 46.55 -51.84
CA THR R 81 7.05 47.09 -51.49
C THR R 81 8.17 46.11 -51.84
N SER R 82 9.28 46.67 -52.32
CA SER R 82 10.48 45.92 -52.63
C SER R 82 11.50 46.07 -51.51
N SER R 83 12.28 45.02 -51.31
CA SER R 83 13.37 45.07 -50.34
C SER R 83 14.67 44.74 -51.06
N VAL R 84 15.76 45.23 -50.51
CA VAL R 84 17.08 45.09 -51.12
C VAL R 84 17.85 44.00 -50.38
N GLU R 85 18.77 43.35 -51.10
CA GLU R 85 19.46 42.17 -50.59
C GLU R 85 20.87 42.12 -51.16
N ILE R 86 21.81 41.63 -50.36
CA ILE R 86 23.20 41.56 -50.81
C ILE R 86 23.37 40.31 -51.65
N ALA R 87 23.54 40.49 -52.97
CA ALA R 87 23.60 39.37 -53.88
C ALA R 87 24.94 38.64 -53.78
N ARG R 88 26.05 39.37 -53.97
CA ARG R 88 27.37 38.76 -53.78
C ARG R 88 28.37 39.89 -53.56
N THR R 89 29.60 39.52 -53.25
CA THR R 89 30.63 40.53 -52.97
C THR R 89 31.95 40.09 -53.58
N ASN R 90 32.61 41.00 -54.30
CA ASN R 90 34.00 40.85 -54.65
C ASN R 90 34.85 41.53 -53.58
N ARG R 91 35.96 40.90 -53.21
CA ARG R 91 36.79 41.46 -52.15
C ARG R 91 38.25 41.43 -52.54
N ALA R 92 38.98 42.44 -52.08
CA ALA R 92 40.43 42.46 -52.14
C ALA R 92 40.94 42.69 -50.72
N GLN R 93 41.84 41.83 -50.27
CA GLN R 93 42.32 41.88 -48.89
C GLN R 93 43.84 41.88 -48.91
N VAL R 94 44.44 42.93 -48.36
CA VAL R 94 45.89 43.13 -48.40
C VAL R 94 46.41 43.22 -46.97
N GLU R 95 47.44 42.44 -46.69
CA GLU R 95 48.15 42.51 -45.41
C GLU R 95 49.62 42.74 -45.71
N PHE R 96 50.15 43.85 -45.22
CA PHE R 96 51.59 44.11 -45.24
C PHE R 96 52.15 43.75 -43.87
N ILE R 97 53.20 42.93 -43.88
CA ILE R 97 53.98 42.60 -42.72
C ILE R 97 55.27 43.38 -42.82
N LEU R 98 55.46 44.34 -41.91
CA LEU R 98 56.58 45.27 -42.01
C LEU R 98 57.46 45.15 -40.77
N PRO R 99 58.72 44.72 -40.90
CA PRO R 99 59.58 44.65 -39.70
C PRO R 99 59.83 46.02 -39.11
N ALA R 100 59.91 46.06 -37.77
CA ALA R 100 60.03 47.31 -37.04
C ALA R 100 61.40 47.95 -37.15
N GLN R 101 62.31 47.37 -37.92
CA GLN R 101 63.65 47.92 -38.06
C GLN R 101 64.00 48.34 -39.48
N SER R 102 63.21 47.99 -40.48
CA SER R 102 63.44 48.53 -41.82
C SER R 102 63.00 49.98 -41.87
N ALA R 103 63.81 50.81 -42.53
CA ALA R 103 63.48 52.23 -42.67
C ALA R 103 62.39 52.42 -43.72
N ALA R 104 61.85 53.64 -43.76
CA ALA R 104 60.70 53.92 -44.61
C ALA R 104 60.98 53.66 -46.09
N THR R 105 62.23 53.70 -46.51
CA THR R 105 62.57 53.47 -47.92
C THR R 105 62.07 52.11 -48.39
N VAL R 106 62.30 51.10 -47.56
CA VAL R 106 61.92 49.74 -47.91
C VAL R 106 60.41 49.64 -48.07
N ARG R 107 59.66 50.23 -47.15
CA ARG R 107 58.21 50.15 -47.25
C ARG R 107 57.69 50.93 -48.46
N GLU R 108 58.33 52.06 -48.76
CA GLU R 108 57.93 52.84 -49.93
C GLU R 108 58.08 52.03 -51.21
N ASP R 109 59.26 51.43 -51.42
CA ASP R 109 59.40 50.70 -52.67
C ASP R 109 58.67 49.36 -52.66
N LEU R 110 58.32 48.82 -51.49
CA LEU R 110 57.42 47.67 -51.46
C LEU R 110 56.04 48.04 -51.97
N VAL R 111 55.49 49.16 -51.47
CA VAL R 111 54.20 49.62 -51.96
C VAL R 111 54.26 49.90 -53.46
N ALA R 112 55.34 50.53 -53.92
CA ALA R 112 55.47 50.82 -55.34
C ALA R 112 55.52 49.53 -56.16
N LEU R 113 56.22 48.51 -55.67
CA LEU R 113 56.25 47.23 -56.35
C LEU R 113 54.86 46.61 -56.44
N LEU R 114 54.10 46.68 -55.35
CA LEU R 114 52.76 46.11 -55.37
C LEU R 114 51.85 46.84 -56.35
N ALA R 115 51.90 48.18 -56.35
CA ALA R 115 51.06 48.94 -57.27
C ALA R 115 51.45 48.68 -58.73
N SER R 116 52.76 48.62 -59.01
CA SER R 116 53.20 48.33 -60.37
C SER R 116 52.84 46.91 -60.79
N ALA R 117 52.82 45.97 -59.83
CA ALA R 117 52.36 44.62 -60.14
C ALA R 117 50.88 44.61 -60.48
N LEU R 118 50.08 45.39 -59.74
CA LEU R 118 48.66 45.51 -60.09
C LEU R 118 48.48 46.17 -61.45
N ALA R 119 49.39 47.06 -61.84
CA ALA R 119 49.26 47.75 -63.12
C ALA R 119 49.72 46.88 -64.29
N ASP R 120 50.71 45.99 -64.07
CA ASP R 120 51.20 45.15 -65.15
C ASP R 120 50.08 44.34 -65.75
N THR R 121 50.08 44.22 -67.08
CA THR R 121 48.97 43.56 -67.77
C THR R 121 48.94 42.07 -67.50
N ALA R 122 50.12 41.43 -67.47
CA ALA R 122 50.19 39.99 -67.22
C ALA R 122 49.67 39.65 -65.82
N ILE R 123 50.15 40.38 -64.81
CA ILE R 123 49.66 40.17 -63.45
C ILE R 123 48.20 40.56 -63.34
N LYS R 124 47.77 41.56 -64.12
CA LYS R 124 46.39 42.04 -64.00
C LYS R 124 45.41 41.00 -64.50
N SER R 125 45.69 40.39 -65.66
CA SER R 125 44.80 39.36 -66.19
C SER R 125 44.61 38.21 -65.22
N THR R 126 45.62 37.93 -64.39
CA THR R 126 45.48 36.95 -63.32
C THR R 126 44.25 37.24 -62.48
N ILE R 127 44.09 38.49 -62.05
CA ILE R 127 42.96 38.87 -61.21
C ILE R 127 41.71 39.04 -62.05
N VAL R 128 41.79 39.91 -63.04
CA VAL R 128 40.61 40.35 -63.78
C VAL R 128 39.99 39.20 -64.56
N ASN R 129 40.81 38.41 -65.25
CA ASN R 129 40.37 37.43 -66.22
C ASN R 129 40.35 36.01 -65.65
N VAL R 130 40.84 35.82 -64.42
CA VAL R 130 40.83 34.51 -63.76
C VAL R 130 41.53 33.50 -64.66
N GLU R 131 42.71 33.86 -65.12
CA GLU R 131 43.60 33.01 -65.88
C GLU R 131 44.78 32.65 -65.01
N HIS R 132 45.20 31.40 -65.09
CA HIS R 132 46.43 30.94 -64.44
C HIS R 132 47.65 31.43 -65.22
N PHE R 133 48.76 31.56 -64.51
CA PHE R 133 50.04 31.76 -65.16
C PHE R 133 50.54 30.45 -65.76
N TYR R 134 51.14 30.55 -66.94
CA TYR R 134 51.65 29.35 -67.64
C TYR R 134 52.84 29.66 -68.55
N PRO S 1 60.43 78.40 9.27
CA PRO S 1 61.56 79.18 9.83
C PRO S 1 62.85 78.40 9.69
N ALA S 2 63.75 78.93 8.87
CA ALA S 2 65.10 78.37 8.75
C ALA S 2 65.75 78.25 10.10
N LEU S 3 66.24 77.04 10.41
CA LEU S 3 66.84 76.76 11.70
C LEU S 3 67.99 77.71 11.97
N LYS S 4 67.87 78.49 13.04
CA LYS S 4 68.83 79.53 13.39
C LYS S 4 68.94 79.58 14.90
N PRO S 5 70.13 79.83 15.44
CA PRO S 5 70.25 80.01 16.90
C PRO S 5 69.42 81.20 17.34
N ILE S 6 68.67 81.01 18.40
CA ILE S 6 67.74 82.04 18.85
C ILE S 6 68.14 82.49 20.23
N THR S 7 67.89 83.76 20.52
CA THR S 7 68.26 84.37 21.80
C THR S 7 67.00 84.63 22.61
N LEU S 8 67.00 84.14 23.85
CA LEU S 8 65.87 84.30 24.77
C LEU S 8 66.35 84.95 26.06
N THR S 9 65.46 85.71 26.71
CA THR S 9 65.81 86.41 27.93
C THR S 9 65.45 85.58 29.17
N ASP S 10 66.37 85.56 30.15
CA ASP S 10 66.15 84.83 31.40
C ASP S 10 65.42 85.73 32.39
N HIS S 11 65.50 85.39 33.68
CA HIS S 11 64.78 86.19 34.65
C HIS S 11 65.34 87.59 34.78
N SER S 12 66.67 87.72 34.72
CA SER S 12 67.33 89.00 34.82
C SER S 12 67.31 89.78 33.51
N SER S 13 66.51 89.33 32.53
CA SER S 13 66.41 89.88 31.19
C SER S 13 67.73 89.84 30.44
N ALA S 14 68.72 89.10 30.93
CA ALA S 14 69.95 88.88 30.19
C ALA S 14 69.71 87.94 29.02
N ASP S 15 70.60 88.01 28.04
CA ASP S 15 70.45 87.17 26.86
C ASP S 15 70.95 85.76 27.15
N VAL S 16 70.30 84.78 26.49
CA VAL S 16 70.61 83.37 26.62
C VAL S 16 70.48 82.78 25.22
N ILE S 17 71.60 82.34 24.65
CA ILE S 17 71.65 81.95 23.25
C ILE S 17 71.51 80.44 23.15
N PHE S 18 70.45 79.99 22.48
CA PHE S 18 70.22 78.58 22.20
C PHE S 18 70.66 78.28 20.78
N THR S 19 71.66 77.41 20.64
CA THR S 19 72.13 77.00 19.32
C THR S 19 71.37 75.76 18.86
N PRO S 20 71.06 75.65 17.57
CA PRO S 20 70.39 74.45 17.09
C PRO S 20 71.30 73.25 17.21
N THR S 21 70.72 72.15 17.69
CA THR S 21 71.43 70.89 17.89
C THR S 21 71.07 69.84 16.84
N GLN S 22 69.77 69.63 16.61
CA GLN S 22 69.33 68.46 15.86
C GLN S 22 67.92 68.68 15.34
N ILE S 23 67.64 68.10 14.18
CA ILE S 23 66.29 67.94 13.68
C ILE S 23 65.97 66.45 13.72
N ASP S 24 64.90 66.10 14.42
CA ASP S 24 64.65 64.71 14.79
C ASP S 24 64.11 63.92 13.59
N LYS S 25 64.00 62.60 13.78
CA LYS S 25 63.34 61.77 12.78
C LYS S 25 61.86 62.08 12.69
N ASN S 26 61.26 62.53 13.79
CA ASN S 26 59.84 62.82 13.86
C ASN S 26 59.52 64.26 13.50
N GLY S 27 60.52 65.07 13.18
CA GLY S 27 60.31 66.47 12.90
C GLY S 27 60.58 67.38 14.08
N VAL S 28 61.09 66.86 15.18
CA VAL S 28 61.37 67.66 16.36
C VAL S 28 62.68 68.40 16.15
N ALA S 29 62.68 69.71 16.41
CA ALA S 29 63.86 70.54 16.32
C ALA S 29 64.30 70.95 17.71
N TYR S 30 65.58 70.77 18.01
CA TYR S 30 66.12 70.97 19.35
C TYR S 30 67.14 72.12 19.35
N PHE S 31 66.95 73.08 20.24
CA PHE S 31 67.94 74.11 20.53
C PHE S 31 68.48 73.90 21.93
N ARG S 32 69.79 73.98 22.08
CA ARG S 32 70.42 73.74 23.38
C ARG S 32 71.27 74.93 23.80
N HIS S 33 71.38 75.08 25.11
CA HIS S 33 72.27 76.02 25.76
C HIS S 33 72.96 75.27 26.89
N LEU S 34 74.28 75.16 26.83
CA LEU S 34 75.03 74.33 27.76
C LEU S 34 75.01 74.94 29.17
N GLN S 35 75.32 74.10 30.16
CA GLN S 35 75.35 74.56 31.54
C GLN S 35 76.58 75.42 31.80
N ALA S 36 76.73 75.81 33.07
CA ALA S 36 77.90 76.57 33.49
C ALA S 36 79.19 75.83 33.13
N ASN S 37 79.29 74.56 33.52
CA ASN S 37 80.42 73.75 33.09
C ASN S 37 80.37 73.50 31.59
N GLY S 38 81.53 73.31 30.99
CA GLY S 38 81.60 73.08 29.56
C GLY S 38 81.04 71.72 29.16
N LYS S 39 80.68 70.93 30.14
CA LYS S 39 80.18 69.58 29.95
C LYS S 39 78.70 69.62 29.52
N PRO S 40 78.33 68.82 28.52
CA PRO S 40 76.98 68.89 27.95
C PRO S 40 75.95 67.97 28.58
N ILE S 41 76.23 67.34 29.72
CA ILE S 41 75.39 66.23 30.17
C ILE S 41 73.98 66.71 30.53
N GLY S 42 73.88 67.85 31.20
CA GLY S 42 72.59 68.47 31.40
C GLY S 42 72.62 69.83 30.73
N ALA S 43 71.57 70.19 30.01
CA ALA S 43 71.60 71.45 29.29
C ALA S 43 70.19 71.96 29.08
N TYR S 44 70.07 73.30 29.03
CA TYR S 44 68.78 73.92 28.77
C TYR S 44 68.37 73.62 27.33
N THR S 45 67.11 73.24 27.13
CA THR S 45 66.66 72.82 25.80
C THR S 45 65.34 73.46 25.44
N VAL S 46 65.15 73.68 24.14
CA VAL S 46 63.90 74.15 23.58
C VAL S 46 63.57 73.26 22.39
N SER S 47 62.43 72.58 22.47
CA SER S 47 61.98 71.64 21.44
C SER S 47 60.79 72.23 20.71
N SER S 48 60.79 72.12 19.39
CA SER S 48 59.67 72.58 18.58
C SER S 48 59.30 71.52 17.57
N HIS S 49 58.04 71.09 17.59
CA HIS S 49 57.56 70.12 16.63
C HIS S 49 56.13 70.44 16.27
N VAL S 50 55.83 70.55 14.98
CA VAL S 50 54.47 70.77 14.52
C VAL S 50 54.02 69.56 13.73
N LYS S 51 52.84 69.05 14.07
CA LYS S 51 52.27 67.85 13.47
C LYS S 51 51.10 68.27 12.59
N GLU S 52 51.26 68.10 11.29
CA GLU S 52 50.22 68.44 10.34
C GLU S 52 49.08 67.44 10.44
N PRO S 53 47.87 67.82 10.06
CA PRO S 53 46.73 66.92 10.18
C PRO S 53 46.69 65.87 9.08
N GLY S 54 45.96 64.79 9.37
CA GLY S 54 45.82 63.70 8.43
C GLY S 54 44.36 63.35 8.19
N THR S 55 44.10 62.87 6.96
CA THR S 55 42.73 62.58 6.52
C THR S 55 41.85 63.82 6.71
N ASN S 56 42.30 64.94 6.13
CA ASN S 56 41.66 66.24 6.30
C ASN S 56 41.37 66.53 7.77
N GLY S 57 42.29 66.12 8.65
CA GLY S 57 42.11 66.37 10.06
C GLY S 57 41.96 67.86 10.31
N ASP S 58 41.04 68.21 11.21
CA ASP S 58 40.78 69.61 11.46
C ASP S 58 41.96 70.30 12.12
N VAL S 59 42.90 69.56 12.71
CA VAL S 59 43.79 70.09 13.73
C VAL S 59 45.24 69.94 13.32
N PHE S 60 45.97 71.06 13.32
CA PHE S 60 47.41 71.08 13.52
C PHE S 60 47.71 70.98 15.01
N ARG S 61 48.76 70.24 15.36
CA ARG S 61 49.20 70.13 16.75
C ARG S 61 50.65 70.61 16.86
N VAL S 62 50.83 71.81 17.39
CA VAL S 62 52.13 72.48 17.40
C VAL S 62 52.63 72.54 18.84
N LYS S 63 53.82 72.01 19.08
CA LYS S 63 54.31 71.79 20.43
C LYS S 63 55.63 72.51 20.65
N LEU S 64 55.73 73.16 21.81
CA LEU S 64 56.91 73.91 22.24
C LEU S 64 57.27 73.46 23.65
N PHE S 65 58.50 73.02 23.83
CA PHE S 65 59.00 72.53 25.11
C PHE S 65 60.20 73.35 25.56
N VAL S 66 60.22 73.72 26.83
CA VAL S 66 61.32 74.46 27.43
C VAL S 66 61.75 73.72 28.68
N ASN S 67 62.92 73.08 28.63
CA ASN S 67 63.43 72.26 29.72
C ASN S 67 64.63 72.94 30.36
N VAL S 68 64.54 73.13 31.67
CA VAL S 68 65.57 73.78 32.47
C VAL S 68 66.06 72.79 33.51
N PRO S 69 67.18 72.12 33.27
CA PRO S 69 67.74 71.23 34.30
C PRO S 69 68.67 71.96 35.27
N GLU S 70 68.61 71.52 36.52
CA GLU S 70 69.62 71.81 37.53
C GLU S 70 70.51 70.58 37.65
N VAL S 71 71.80 70.76 37.37
CA VAL S 71 72.78 69.69 37.45
C VAL S 71 73.55 69.85 38.76
N ALA S 72 74.12 68.74 39.23
CA ALA S 72 74.94 68.73 40.44
C ALA S 72 76.26 68.05 40.14
N THR S 73 77.33 68.61 40.69
CA THR S 73 78.68 68.11 40.48
C THR S 73 79.03 67.17 41.63
N ILE S 74 79.06 65.87 41.37
CA ILE S 74 79.37 64.86 42.37
C ILE S 74 80.83 64.48 42.21
N THR S 75 81.59 64.61 43.30
CA THR S 75 83.00 64.20 43.30
C THR S 75 83.19 63.21 44.44
N PRO S 76 83.59 61.97 44.16
CA PRO S 76 83.70 60.97 45.22
C PRO S 76 84.75 61.35 46.25
N ASN S 77 84.69 60.66 47.40
CA ASN S 77 85.49 61.04 48.55
C ASN S 77 86.98 60.91 48.26
N GLY S 78 87.70 62.02 48.35
CA GLY S 78 89.13 62.04 48.12
C GLY S 78 89.55 61.76 46.70
N SER S 79 88.78 62.25 45.73
CA SER S 79 89.03 61.97 44.32
C SER S 79 89.52 63.22 43.60
N ASP S 80 90.30 63.01 42.55
CA ASP S 80 90.82 64.12 41.77
C ASP S 80 89.72 64.73 40.90
N THR S 81 89.01 63.91 40.14
CA THR S 81 88.08 64.39 39.14
C THR S 81 86.63 64.19 39.60
N SER S 82 85.75 65.08 39.13
CA SER S 82 84.35 65.06 39.46
C SER S 82 83.52 64.75 38.21
N SER S 83 82.38 64.11 38.42
CA SER S 83 81.44 63.81 37.36
C SER S 83 80.14 64.58 37.60
N VAL S 84 79.45 64.92 36.51
CA VAL S 84 78.24 65.73 36.60
C VAL S 84 77.03 64.84 36.42
N GLU S 85 75.99 65.11 37.23
CA GLU S 85 74.77 64.32 37.25
C GLU S 85 73.57 65.26 37.16
N ILE S 86 72.50 64.78 36.53
CA ILE S 86 71.31 65.60 36.37
C ILE S 86 70.50 65.52 37.67
N ALA S 87 70.53 66.60 38.46
CA ALA S 87 69.89 66.59 39.76
C ALA S 87 68.37 66.59 39.63
N ARG S 88 67.83 67.61 38.98
CA ARG S 88 66.39 67.65 38.73
C ARG S 88 66.14 68.56 37.55
N THR S 89 64.89 68.59 37.08
CA THR S 89 64.56 69.38 35.90
C THR S 89 63.22 70.06 36.09
N ASN S 90 63.17 71.36 35.83
CA ASN S 90 61.90 72.06 35.63
C ASN S 90 61.56 72.03 34.14
N ARG S 91 60.26 71.95 33.83
CA ARG S 91 59.86 71.86 32.44
C ARG S 91 58.60 72.68 32.21
N ALA S 92 58.46 73.19 30.99
CA ALA S 92 57.24 73.81 30.51
C ALA S 92 56.90 73.22 29.15
N GLN S 93 55.68 72.74 28.99
CA GLN S 93 55.27 72.00 27.80
C GLN S 93 53.98 72.60 27.25
N VAL S 94 54.03 73.13 26.03
CA VAL S 94 52.93 73.86 25.43
C VAL S 94 52.49 73.12 24.18
N GLU S 95 51.21 72.80 24.10
CA GLU S 95 50.60 72.23 22.91
C GLU S 95 49.50 73.19 22.46
N PHE S 96 49.68 73.80 21.30
CA PHE S 96 48.60 74.53 20.65
C PHE S 96 47.87 73.58 19.72
N ILE S 97 46.56 73.51 19.88
CA ILE S 97 45.68 72.78 18.97
C ILE S 97 45.04 73.82 18.08
N LEU S 98 45.54 73.93 16.85
CA LEU S 98 44.98 74.94 15.96
C LEU S 98 44.17 74.27 14.87
N PRO S 99 43.00 74.81 14.51
CA PRO S 99 42.29 74.23 13.36
C PRO S 99 42.81 74.75 12.02
N ALA S 100 42.80 73.86 11.02
CA ALA S 100 43.26 74.23 9.69
C ALA S 100 42.33 75.21 9.00
N GLN S 101 41.16 75.47 9.57
CA GLN S 101 40.15 76.31 8.95
C GLN S 101 40.12 77.73 9.53
N SER S 102 41.02 78.04 10.46
CA SER S 102 41.02 79.33 11.12
C SER S 102 41.81 80.36 10.30
N ALA S 103 41.68 81.62 10.72
CA ALA S 103 42.45 82.71 10.14
C ALA S 103 43.61 83.07 11.06
N ALA S 104 44.71 83.53 10.46
CA ALA S 104 45.92 83.82 11.21
C ALA S 104 45.70 84.86 12.30
N THR S 105 44.70 85.72 12.15
CA THR S 105 44.36 86.69 13.19
C THR S 105 44.08 85.98 14.50
N VAL S 106 43.30 84.89 14.43
CA VAL S 106 42.91 84.16 15.62
C VAL S 106 44.14 83.57 16.31
N ARG S 107 45.03 82.96 15.55
CA ARG S 107 46.23 82.38 16.16
C ARG S 107 47.11 83.46 16.74
N GLU S 108 47.20 84.61 16.07
CA GLU S 108 48.02 85.70 16.58
C GLU S 108 47.53 86.16 17.95
N ASP S 109 46.22 86.42 18.08
CA ASP S 109 45.78 86.89 19.39
C ASP S 109 45.63 85.75 20.40
N LEU S 110 45.57 84.49 19.98
CA LEU S 110 45.69 83.41 20.95
C LEU S 110 47.08 83.41 21.58
N VAL S 111 48.12 83.50 20.75
CA VAL S 111 49.49 83.57 21.28
C VAL S 111 49.65 84.79 22.17
N ALA S 112 49.11 85.93 21.73
CA ALA S 112 49.22 87.15 22.53
C ALA S 112 48.52 87.00 23.87
N LEU S 113 47.35 86.35 23.88
CA LEU S 113 46.64 86.12 25.13
C LEU S 113 47.44 85.21 26.05
N LEU S 114 48.08 84.17 25.49
CA LEU S 114 48.89 83.29 26.32
C LEU S 114 50.07 84.04 26.93
N ALA S 115 50.75 84.86 26.12
CA ALA S 115 51.90 85.61 26.63
C ALA S 115 51.47 86.61 27.70
N SER S 116 50.34 87.29 27.48
CA SER S 116 49.86 88.24 28.48
C SER S 116 49.38 87.53 29.74
N ALA S 117 48.86 86.31 29.61
CA ALA S 117 48.51 85.54 30.80
C ALA S 117 49.76 85.17 31.59
N LEU S 118 50.83 84.78 30.89
CA LEU S 118 52.10 84.53 31.57
C LEU S 118 52.63 85.79 32.23
N ALA S 119 52.40 86.96 31.61
CA ALA S 119 52.90 88.20 32.18
C ALA S 119 52.06 88.68 33.37
N ASP S 120 50.77 88.35 33.40
CA ASP S 120 49.93 88.79 34.50
C ASP S 120 50.45 88.24 35.82
N THR S 121 50.44 89.08 36.85
CA THR S 121 51.02 88.68 38.13
C THR S 121 50.16 87.64 38.83
N ALA S 122 48.84 87.77 38.73
CA ALA S 122 47.95 86.80 39.38
C ALA S 122 48.15 85.41 38.81
N ILE S 123 48.31 85.31 37.49
CA ILE S 123 48.56 84.02 36.86
C ILE S 123 50.00 83.58 37.07
N LYS S 124 50.93 84.53 37.15
CA LYS S 124 52.34 84.18 37.31
C LYS S 124 52.61 83.60 38.69
N SER S 125 51.85 84.03 39.70
CA SER S 125 52.01 83.41 41.02
C SER S 125 51.60 81.96 41.00
N THR S 126 50.66 81.60 40.13
CA THR S 126 50.26 80.21 39.95
C THR S 126 51.46 79.34 39.62
N ILE S 127 52.26 79.77 38.64
CA ILE S 127 53.40 78.96 38.20
C ILE S 127 54.56 79.10 39.16
N VAL S 128 54.98 80.34 39.41
CA VAL S 128 56.20 80.60 40.13
C VAL S 128 56.07 80.16 41.59
N ASN S 129 54.95 80.52 42.24
CA ASN S 129 54.78 80.38 43.68
C ASN S 129 53.85 79.23 44.07
N VAL S 130 53.25 78.55 43.10
CA VAL S 130 52.44 77.36 43.31
C VAL S 130 51.35 77.65 44.33
N GLU S 131 50.63 78.73 44.08
CA GLU S 131 49.44 79.09 44.82
C GLU S 131 48.23 78.78 43.96
N HIS S 132 47.24 78.10 44.55
CA HIS S 132 45.96 77.82 43.92
C HIS S 132 45.11 79.09 43.87
N PHE S 133 44.17 79.10 42.92
CA PHE S 133 43.11 80.09 42.94
C PHE S 133 42.05 79.72 43.97
N TYR S 134 41.52 80.72 44.66
CA TYR S 134 40.52 80.48 45.70
C TYR S 134 39.50 81.62 45.82
N PRO T 1 70.34 72.71 -4.08
CA PRO T 1 69.24 73.68 -3.87
C PRO T 1 68.86 73.76 -2.41
N ALA T 2 69.52 74.64 -1.67
CA ALA T 2 69.16 74.87 -0.28
C ALA T 2 67.72 75.38 -0.20
N LEU T 3 67.01 74.90 0.81
CA LEU T 3 65.60 75.24 0.99
C LEU T 3 65.44 76.75 1.10
N LYS T 4 64.63 77.34 0.24
CA LYS T 4 64.51 78.79 0.14
C LYS T 4 63.23 79.11 -0.59
N PRO T 5 62.59 80.23 -0.28
CA PRO T 5 61.31 80.54 -0.91
C PRO T 5 61.48 80.76 -2.40
N ILE T 6 60.49 80.31 -3.15
CA ILE T 6 60.57 80.39 -4.61
C ILE T 6 59.34 81.11 -5.12
N THR T 7 59.51 81.84 -6.22
CA THR T 7 58.44 82.64 -6.81
C THR T 7 58.00 82.01 -8.12
N LEU T 8 56.68 81.86 -8.30
CA LEU T 8 56.09 81.25 -9.48
C LEU T 8 54.98 82.16 -10.01
N THR T 9 54.80 82.16 -11.32
CA THR T 9 53.81 83.02 -11.96
C THR T 9 52.49 82.27 -12.15
N ASP T 10 51.37 82.90 -11.79
CA ASP T 10 50.06 82.30 -11.95
C ASP T 10 49.56 82.55 -13.38
N HIS T 11 48.27 82.31 -13.61
CA HIS T 11 47.74 82.49 -14.96
C HIS T 11 47.79 83.93 -15.42
N SER T 12 47.63 84.87 -14.50
CA SER T 12 47.69 86.28 -14.82
C SER T 12 49.12 86.81 -14.90
N SER T 13 50.11 85.92 -14.83
CA SER T 13 51.53 86.23 -14.75
C SER T 13 51.91 86.98 -13.48
N ALA T 14 51.00 87.07 -12.52
CA ALA T 14 51.32 87.71 -11.24
C ALA T 14 52.21 86.80 -10.40
N ASP T 15 53.19 87.40 -9.74
CA ASP T 15 54.10 86.62 -8.92
C ASP T 15 53.37 86.03 -7.71
N VAL T 16 53.81 84.83 -7.31
CA VAL T 16 53.21 84.06 -6.23
C VAL T 16 54.36 83.43 -5.46
N ILE T 17 54.55 83.84 -4.23
CA ILE T 17 55.74 83.52 -3.45
C ILE T 17 55.42 82.36 -2.51
N PHE T 18 56.01 81.20 -2.77
CA PHE T 18 55.89 80.05 -1.89
C PHE T 18 57.05 80.05 -0.90
N THR T 19 56.74 80.15 0.40
CA THR T 19 57.80 80.06 1.38
C THR T 19 57.99 78.60 1.81
N PRO T 20 59.21 78.21 2.17
CA PRO T 20 59.41 76.82 2.60
C PRO T 20 58.64 76.53 3.88
N THR T 21 57.99 75.37 3.91
CA THR T 21 57.20 74.94 5.06
C THR T 21 57.89 73.83 5.84
N GLN T 22 58.21 72.72 5.16
CA GLN T 22 58.62 71.55 5.92
C GLN T 22 59.55 70.66 5.10
N ILE T 23 60.54 70.08 5.78
CA ILE T 23 61.30 68.96 5.22
C ILE T 23 60.79 67.70 5.92
N ASP T 24 60.35 66.74 5.12
CA ASP T 24 59.57 65.61 5.61
C ASP T 24 60.47 64.63 6.37
N LYS T 25 59.84 63.55 6.85
CA LYS T 25 60.60 62.43 7.39
C LYS T 25 61.24 61.63 6.26
N ASN T 26 60.55 61.50 5.13
CA ASN T 26 61.04 60.75 3.99
C ASN T 26 61.92 61.57 3.06
N GLY T 27 61.92 62.89 3.20
CA GLY T 27 62.67 63.78 2.33
C GLY T 27 61.82 64.74 1.53
N VAL T 28 60.50 64.73 1.71
CA VAL T 28 59.63 65.61 0.93
C VAL T 28 59.81 67.03 1.41
N ALA T 29 59.93 67.96 0.45
CA ALA T 29 60.04 69.39 0.74
C ALA T 29 58.71 70.04 0.40
N TYR T 30 58.13 70.73 1.37
CA TYR T 30 56.82 71.36 1.26
C TYR T 30 57.00 72.88 1.30
N PHE T 31 56.54 73.55 0.24
CA PHE T 31 56.42 75.00 0.18
C PHE T 31 54.96 75.38 0.19
N ARG T 32 54.64 76.46 0.90
CA ARG T 32 53.27 76.89 1.11
C ARG T 32 53.15 78.36 0.73
N HIS T 33 52.04 78.71 0.10
CA HIS T 33 51.67 80.08 -0.21
C HIS T 33 50.32 80.33 0.44
N LEU T 34 50.33 81.05 1.56
CA LEU T 34 49.09 81.32 2.28
C LEU T 34 48.26 82.35 1.53
N GLN T 35 46.97 82.40 1.88
CA GLN T 35 46.07 83.36 1.27
C GLN T 35 46.20 84.72 1.96
N ALA T 36 45.34 85.65 1.59
CA ALA T 36 45.35 86.96 2.23
C ALA T 36 45.09 86.85 3.72
N ASN T 37 44.05 86.10 4.10
CA ASN T 37 43.65 85.95 5.49
C ASN T 37 44.51 84.94 6.25
N GLY T 38 45.48 84.31 5.61
CA GLY T 38 46.30 83.32 6.28
C GLY T 38 45.54 82.07 6.69
N LYS T 39 44.64 81.60 5.83
CA LYS T 39 43.89 80.39 6.13
C LYS T 39 44.65 79.18 5.59
N PRO T 40 45.07 78.24 6.45
CA PRO T 40 45.82 77.07 5.95
C PRO T 40 45.07 76.29 4.89
N ILE T 41 43.78 76.05 5.11
CA ILE T 41 42.97 75.31 4.17
C ILE T 41 42.98 75.94 2.78
N GLY T 42 43.29 77.24 2.69
CA GLY T 42 43.33 77.92 1.42
C GLY T 42 44.69 78.04 0.78
N ALA T 43 45.74 77.56 1.42
CA ALA T 43 47.09 77.81 0.93
C ALA T 43 47.45 76.88 -0.22
N TYR T 44 48.14 77.44 -1.21
CA TYR T 44 48.74 76.62 -2.26
C TYR T 44 49.94 75.87 -1.71
N THR T 45 50.20 74.68 -2.26
CA THR T 45 51.34 73.90 -1.82
C THR T 45 52.12 73.35 -3.00
N VAL T 46 53.43 73.20 -2.80
CA VAL T 46 54.31 72.59 -3.79
C VAL T 46 55.25 71.63 -3.07
N SER T 47 55.24 70.38 -3.48
CA SER T 47 56.05 69.32 -2.88
C SER T 47 57.11 68.87 -3.86
N SER T 48 58.31 68.64 -3.34
CA SER T 48 59.41 68.13 -4.16
C SER T 48 60.16 67.07 -3.37
N HIS T 49 60.23 65.87 -3.92
CA HIS T 49 60.95 64.77 -3.26
C HIS T 49 61.67 63.94 -4.32
N VAL T 50 62.94 63.63 -4.07
CA VAL T 50 63.70 62.79 -4.98
C VAL T 50 64.12 61.53 -4.25
N LYS T 51 63.90 60.38 -4.91
CA LYS T 51 64.19 59.06 -4.38
C LYS T 51 65.35 58.49 -5.19
N GLU T 52 66.49 58.29 -4.52
CA GLU T 52 67.68 57.73 -5.10
C GLU T 52 67.50 56.23 -5.33
N PRO T 53 68.27 55.65 -6.24
CA PRO T 53 68.20 54.20 -6.45
C PRO T 53 68.94 53.42 -5.37
N GLY T 54 68.47 52.21 -5.15
CA GLY T 54 69.10 51.32 -4.19
C GLY T 54 69.08 49.89 -4.70
N THR T 55 69.97 49.08 -4.12
CA THR T 55 70.14 47.69 -4.51
C THR T 55 70.33 47.60 -6.04
N ASN T 56 71.31 48.37 -6.51
CA ASN T 56 71.69 48.39 -7.92
C ASN T 56 70.47 48.63 -8.82
N GLY T 57 69.66 49.63 -8.44
CA GLY T 57 68.57 50.06 -9.27
C GLY T 57 69.04 51.12 -10.25
N ASP T 58 68.57 51.03 -11.49
CA ASP T 58 69.00 51.97 -12.51
C ASP T 58 68.30 53.31 -12.41
N VAL T 59 67.18 53.39 -11.69
CA VAL T 59 66.22 54.47 -11.84
C VAL T 59 66.32 55.46 -10.68
N PHE T 60 66.01 56.71 -10.99
CA PHE T 60 65.81 57.79 -10.04
C PHE T 60 64.34 58.21 -10.13
N ARG T 61 63.69 58.42 -9.00
CA ARG T 61 62.27 58.81 -9.00
C ARG T 61 62.12 60.18 -8.37
N VAL T 62 61.92 61.21 -9.19
CA VAL T 62 61.85 62.58 -8.72
C VAL T 62 60.43 63.09 -8.91
N LYS T 63 59.83 63.60 -7.85
CA LYS T 63 58.40 63.90 -7.82
C LYS T 63 58.19 65.37 -7.48
N LEU T 64 57.25 65.97 -8.21
CA LEU T 64 56.86 67.37 -8.05
C LEU T 64 55.34 67.46 -8.00
N PHE T 65 54.81 68.03 -6.92
CA PHE T 65 53.37 68.18 -6.72
C PHE T 65 53.03 69.66 -6.59
N VAL T 66 51.95 70.06 -7.24
CA VAL T 66 51.45 71.44 -7.17
C VAL T 66 49.96 71.35 -6.85
N ASN T 67 49.59 71.72 -5.63
CA ASN T 67 48.21 71.60 -5.17
C ASN T 67 47.62 73.01 -5.00
N VAL T 68 46.52 73.25 -5.69
CA VAL T 68 45.78 74.51 -5.66
C VAL T 68 44.41 74.26 -5.05
N PRO T 69 44.16 74.69 -3.81
CA PRO T 69 42.81 74.54 -3.27
C PRO T 69 41.95 75.75 -3.57
N GLU T 70 40.65 75.50 -3.67
CA GLU T 70 39.64 76.55 -3.65
C GLU T 70 38.73 76.30 -2.47
N VAL T 71 38.52 77.34 -1.67
CA VAL T 71 37.69 77.31 -0.47
C VAL T 71 36.23 77.44 -0.88
N ALA T 72 35.34 76.66 -0.25
CA ALA T 72 33.91 76.81 -0.47
C ALA T 72 33.29 77.39 0.79
N THR T 73 32.65 78.55 0.65
CA THR T 73 32.05 79.22 1.79
C THR T 73 30.58 78.85 1.91
N GLU T 85 34.43 77.00 4.46
CA GLU T 85 34.57 76.01 5.53
C GLU T 85 35.32 74.75 5.06
N ILE T 86 34.86 74.12 4.01
CA ILE T 86 35.54 72.98 3.41
C ILE T 86 35.97 73.39 2.02
N ALA T 87 37.07 72.83 1.56
CA ALA T 87 37.71 73.29 0.34
C ALA T 87 38.07 72.09 -0.52
N ARG T 88 37.95 72.23 -1.83
CA ARG T 88 38.33 71.16 -2.73
C ARG T 88 39.58 71.56 -3.50
N THR T 89 40.44 70.59 -3.77
CA THR T 89 41.79 70.88 -4.23
C THR T 89 41.97 70.31 -5.64
N ASN T 90 42.30 71.18 -6.59
CA ASN T 90 42.89 70.75 -7.85
C ASN T 90 44.35 70.39 -7.61
N ARG T 91 44.80 69.29 -8.22
CA ARG T 91 46.18 68.86 -8.02
C ARG T 91 46.86 68.56 -9.35
N ALA T 92 48.16 68.81 -9.39
CA ALA T 92 49.04 68.34 -10.45
C ALA T 92 50.13 67.51 -9.79
N GLN T 93 50.36 66.30 -10.31
CA GLN T 93 51.31 65.37 -9.71
C GLN T 93 52.21 64.83 -10.81
N VAL T 94 53.50 65.16 -10.75
CA VAL T 94 54.46 64.78 -11.77
C VAL T 94 55.49 63.85 -11.15
N GLU T 95 55.77 62.74 -11.83
CA GLU T 95 56.83 61.82 -11.45
C GLU T 95 57.73 61.64 -12.67
N PHE T 96 59.00 62.02 -12.53
CA PHE T 96 60.01 61.76 -13.54
C PHE T 96 60.78 60.52 -13.13
N ILE T 97 60.96 59.60 -14.07
CA ILE T 97 61.75 58.39 -13.92
C ILE T 97 62.99 58.56 -14.77
N LEU T 98 64.15 58.69 -14.13
CA LEU T 98 65.38 59.06 -14.81
C LEU T 98 66.46 58.01 -14.57
N PRO T 99 66.92 57.27 -15.58
CA PRO T 99 68.02 56.33 -15.36
C PRO T 99 69.31 57.04 -14.99
N ALA T 100 70.17 56.31 -14.29
CA ALA T 100 71.40 56.89 -13.74
C ALA T 100 72.48 57.09 -14.80
N GLN T 101 72.46 56.30 -15.89
CA GLN T 101 73.48 56.48 -16.92
C GLN T 101 73.17 57.60 -17.90
N SER T 102 71.93 58.07 -17.95
CA SER T 102 71.58 59.12 -18.90
C SER T 102 72.36 60.39 -18.58
N ALA T 103 73.06 60.92 -19.58
CA ALA T 103 73.72 62.21 -19.41
C ALA T 103 72.67 63.29 -19.21
N ALA T 104 73.07 64.35 -18.50
CA ALA T 104 72.11 65.40 -18.15
C ALA T 104 71.47 66.05 -19.37
N THR T 105 72.06 65.92 -20.55
CA THR T 105 71.44 66.44 -21.78
C THR T 105 70.03 65.92 -21.93
N VAL T 106 69.86 64.62 -21.71
CA VAL T 106 68.57 63.98 -21.93
C VAL T 106 67.54 64.54 -20.96
N ARG T 107 67.90 64.63 -19.68
CA ARG T 107 66.96 65.11 -18.69
C ARG T 107 66.60 66.57 -18.94
N GLU T 108 67.58 67.36 -19.37
CA GLU T 108 67.30 68.76 -19.70
C GLU T 108 66.26 68.87 -20.81
N ASP T 109 66.46 68.18 -21.95
CA ASP T 109 65.45 68.33 -23.02
C ASP T 109 64.18 67.55 -22.72
N LEU T 110 64.20 66.59 -21.80
CA LEU T 110 62.93 65.97 -21.40
C LEU T 110 62.06 66.97 -20.65
N VAL T 111 62.65 67.66 -19.67
CA VAL T 111 61.93 68.73 -18.99
C VAL T 111 61.46 69.77 -19.99
N ALA T 112 62.32 70.16 -20.93
CA ALA T 112 61.93 71.17 -21.90
C ALA T 112 60.74 70.71 -22.73
N LEU T 113 60.74 69.42 -23.09
CA LEU T 113 59.61 68.82 -23.80
C LEU T 113 58.33 68.91 -22.98
N LEU T 114 58.41 68.57 -21.70
CA LEU T 114 57.21 68.61 -20.86
C LEU T 114 56.66 70.02 -20.76
N ALA T 115 57.55 70.99 -20.56
CA ALA T 115 57.09 72.37 -20.42
C ALA T 115 56.49 72.89 -21.72
N SER T 116 57.11 72.55 -22.86
CA SER T 116 56.54 72.96 -24.14
C SER T 116 55.22 72.27 -24.42
N ALA T 117 55.04 71.04 -23.93
CA ALA T 117 53.76 70.36 -24.09
C ALA T 117 52.68 71.04 -23.25
N LEU T 118 53.04 71.47 -22.05
CA LEU T 118 52.12 72.26 -21.23
C LEU T 118 51.79 73.60 -21.90
N ALA T 119 52.74 74.17 -22.63
CA ALA T 119 52.50 75.45 -23.27
C ALA T 119 51.70 75.32 -24.56
N ASP T 120 51.80 74.18 -25.24
CA ASP T 120 51.08 73.99 -26.49
C ASP T 120 49.58 74.11 -26.26
N THR T 121 48.90 74.81 -27.17
CA THR T 121 47.48 75.11 -26.97
C THR T 121 46.64 73.84 -27.03
N ALA T 122 46.94 72.93 -27.95
CA ALA T 122 46.15 71.71 -28.09
C ALA T 122 46.23 70.86 -26.83
N ILE T 123 47.45 70.66 -26.32
CA ILE T 123 47.64 69.86 -25.11
C ILE T 123 47.08 70.59 -23.89
N LYS T 124 47.25 71.91 -23.83
CA LYS T 124 46.75 72.67 -22.70
C LYS T 124 45.24 72.63 -22.62
N SER T 125 44.56 72.55 -23.78
CA SER T 125 43.11 72.40 -23.78
C SER T 125 42.69 71.15 -23.03
N THR T 126 43.47 70.07 -23.19
CA THR T 126 43.20 68.81 -22.50
C THR T 126 43.03 69.01 -21.00
N ILE T 127 43.91 69.81 -20.40
CA ILE T 127 43.84 70.01 -18.95
C ILE T 127 42.81 71.07 -18.59
N VAL T 128 42.90 72.23 -19.24
CA VAL T 128 42.12 73.38 -18.82
C VAL T 128 40.63 73.13 -19.03
N ASN T 129 40.26 72.63 -20.21
CA ASN T 129 38.87 72.47 -20.61
C ASN T 129 38.37 71.05 -20.42
N VAL T 130 39.18 70.18 -19.82
CA VAL T 130 38.91 68.75 -19.63
C VAL T 130 38.21 68.16 -20.86
N GLU T 131 38.86 68.32 -22.02
CA GLU T 131 38.39 67.74 -23.28
C GLU T 131 39.27 66.55 -23.64
N HIS T 132 38.64 65.47 -24.12
CA HIS T 132 39.36 64.33 -24.68
C HIS T 132 39.96 64.66 -26.04
N PHE T 133 41.03 63.95 -26.39
CA PHE T 133 41.50 64.00 -27.77
C PHE T 133 40.56 63.21 -28.67
N TYR T 134 40.24 63.76 -29.83
CA TYR T 134 39.32 63.11 -30.76
C TYR T 134 39.67 63.32 -32.24
N PRO U 1 76.30 73.25 13.15
CA PRO U 1 76.75 73.21 11.76
C PRO U 1 75.57 73.14 10.82
N ALA U 2 75.14 74.29 10.31
CA ALA U 2 74.11 74.29 9.29
C ALA U 2 74.63 73.63 8.03
N LEU U 3 73.72 73.01 7.29
CA LEU U 3 74.09 72.31 6.07
C LEU U 3 74.50 73.32 5.01
N LYS U 4 75.71 73.16 4.47
CA LYS U 4 76.36 74.12 3.58
C LYS U 4 77.30 73.33 2.69
N PRO U 5 77.45 73.72 1.42
CA PRO U 5 78.51 73.12 0.61
C PRO U 5 79.87 73.41 1.24
N ILE U 6 80.65 72.36 1.43
CA ILE U 6 81.94 72.49 2.08
C ILE U 6 83.03 72.18 1.07
N THR U 7 84.08 72.99 1.09
CA THR U 7 85.19 72.84 0.16
C THR U 7 86.33 72.14 0.87
N LEU U 8 86.84 71.07 0.26
CA LEU U 8 87.94 70.30 0.81
C LEU U 8 89.08 70.28 -0.20
N THR U 9 90.31 70.27 0.29
CA THR U 9 91.50 70.32 -0.56
C THR U 9 92.00 68.92 -0.83
N ASP U 10 92.34 68.62 -2.09
CA ASP U 10 92.81 67.29 -2.46
C ASP U 10 94.32 67.20 -2.33
N HIS U 11 94.93 66.23 -3.00
CA HIS U 11 96.37 66.06 -2.85
C HIS U 11 97.14 67.21 -3.46
N SER U 12 96.69 67.73 -4.60
CA SER U 12 97.34 68.85 -5.25
C SER U 12 97.01 70.19 -4.61
N SER U 13 96.31 70.19 -3.48
CA SER U 13 95.79 71.35 -2.76
C SER U 13 94.68 72.07 -3.52
N ALA U 14 94.26 71.55 -4.68
CA ALA U 14 93.13 72.12 -5.40
C ALA U 14 91.84 71.94 -4.61
N ASP U 15 90.94 72.90 -4.73
CA ASP U 15 89.67 72.82 -4.02
C ASP U 15 88.75 71.81 -4.68
N VAL U 16 87.88 71.22 -3.86
CA VAL U 16 86.92 70.20 -4.27
C VAL U 16 85.64 70.49 -3.48
N ILE U 17 84.61 70.93 -4.17
CA ILE U 17 83.39 71.41 -3.52
C ILE U 17 82.42 70.25 -3.39
N PHE U 18 82.01 69.94 -2.15
CA PHE U 18 81.00 68.95 -1.87
C PHE U 18 79.69 69.66 -1.57
N THR U 19 78.69 69.44 -2.43
CA THR U 19 77.37 70.00 -2.21
C THR U 19 76.55 69.07 -1.35
N PRO U 20 75.73 69.61 -0.44
CA PRO U 20 74.90 68.76 0.40
C PRO U 20 73.87 68.00 -0.44
N THR U 21 73.77 66.70 -0.20
CA THR U 21 72.84 65.84 -0.92
C THR U 21 71.56 65.58 -0.14
N GLN U 22 71.67 65.10 1.10
CA GLN U 22 70.52 64.51 1.76
C GLN U 22 70.80 64.39 3.25
N ILE U 23 69.74 64.49 4.04
CA ILE U 23 69.81 64.20 5.47
C ILE U 23 68.99 62.94 5.70
N ASP U 24 69.67 61.89 6.19
CA ASP U 24 69.11 60.55 6.23
C ASP U 24 67.97 60.46 7.25
N LYS U 25 67.27 59.32 7.23
CA LYS U 25 66.28 59.04 8.27
C LYS U 25 66.96 58.76 9.60
N ASN U 26 68.21 58.31 9.59
CA ASN U 26 68.94 58.00 10.80
C ASN U 26 69.77 59.17 11.29
N GLY U 27 69.75 60.30 10.58
CA GLY U 27 70.54 61.46 10.93
C GLY U 27 71.78 61.64 10.10
N VAL U 28 72.06 60.73 9.17
CA VAL U 28 73.26 60.83 8.36
C VAL U 28 73.10 61.97 7.36
N ALA U 29 74.13 62.80 7.27
CA ALA U 29 74.17 63.91 6.32
C ALA U 29 75.20 63.60 5.26
N TYR U 30 74.80 63.72 4.00
CA TYR U 30 75.64 63.33 2.86
C TYR U 30 76.02 64.56 2.04
N PHE U 31 77.32 64.69 1.75
CA PHE U 31 77.83 65.69 0.82
C PHE U 31 78.48 64.97 -0.35
N ARG U 32 78.17 65.39 -1.57
CA ARG U 32 78.65 64.70 -2.75
C ARG U 32 79.39 65.65 -3.67
N HIS U 33 80.33 65.08 -4.42
CA HIS U 33 81.03 65.74 -5.51
C HIS U 33 81.04 64.77 -6.69
N LEU U 34 80.45 65.17 -7.81
CA LEU U 34 80.25 64.25 -8.92
C LEU U 34 81.58 63.94 -9.62
N GLN U 35 81.57 62.85 -10.38
CA GLN U 35 82.76 62.39 -11.08
C GLN U 35 83.05 63.29 -12.27
N ALA U 36 84.11 62.94 -13.01
CA ALA U 36 84.48 63.69 -14.21
C ALA U 36 83.31 63.75 -15.19
N ASN U 37 82.73 62.60 -15.51
CA ASN U 37 81.53 62.58 -16.33
C ASN U 37 80.34 63.12 -15.55
N GLY U 38 79.44 63.78 -16.25
CA GLY U 38 78.25 64.32 -15.61
C GLY U 38 77.31 63.29 -15.04
N LYS U 39 77.60 62.01 -15.26
CA LYS U 39 76.71 60.94 -14.84
C LYS U 39 76.84 60.69 -13.34
N PRO U 40 75.76 60.82 -12.56
CA PRO U 40 75.82 60.65 -11.10
C PRO U 40 75.62 59.20 -10.69
N ILE U 41 76.58 58.36 -10.99
CA ILE U 41 76.55 56.95 -10.62
C ILE U 41 77.50 56.68 -9.47
N GLY U 42 78.79 56.93 -9.66
CA GLY U 42 79.76 56.91 -8.59
C GLY U 42 80.19 58.33 -8.33
N ALA U 43 80.25 58.69 -7.05
CA ALA U 43 80.50 60.08 -6.70
C ALA U 43 81.25 60.12 -5.39
N TYR U 44 82.15 61.09 -5.26
CA TYR U 44 82.87 61.27 -4.01
C TYR U 44 81.90 61.72 -2.93
N THR U 45 81.94 61.07 -1.76
CA THR U 45 80.96 61.34 -0.73
C THR U 45 81.61 61.57 0.62
N VAL U 46 80.94 62.36 1.44
CA VAL U 46 81.33 62.62 2.82
C VAL U 46 80.08 62.49 3.68
N SER U 47 80.07 61.53 4.59
CA SER U 47 78.94 61.27 5.48
C SER U 47 79.29 61.72 6.88
N SER U 48 78.34 62.39 7.53
CA SER U 48 78.52 62.81 8.92
C SER U 48 77.28 62.43 9.72
N HIS U 49 77.49 61.74 10.83
CA HIS U 49 76.38 61.35 11.69
C HIS U 49 76.82 61.33 13.13
N VAL U 50 76.10 62.02 13.99
CA VAL U 50 76.36 61.99 15.43
C VAL U 50 75.23 61.24 16.12
N LYS U 51 75.60 60.36 17.03
CA LYS U 51 74.65 59.53 17.77
C LYS U 51 74.70 59.95 19.24
N GLU U 52 73.59 60.50 19.71
CA GLU U 52 73.42 60.88 21.10
C GLU U 52 73.54 59.64 21.99
N PRO U 53 73.73 59.83 23.30
CA PRO U 53 73.82 58.68 24.20
C PRO U 53 72.48 58.23 24.74
N GLY U 54 72.33 56.94 24.92
CA GLY U 54 71.09 56.35 25.42
C GLY U 54 71.21 55.98 26.89
N THR U 55 70.23 56.42 27.67
CA THR U 55 70.21 56.16 29.12
C THR U 55 71.47 56.72 29.78
N ASN U 56 71.87 57.92 29.35
CA ASN U 56 73.02 58.63 29.88
C ASN U 56 74.28 57.77 29.84
N GLY U 57 74.35 56.84 28.90
CA GLY U 57 75.61 56.19 28.62
C GLY U 57 76.63 57.23 28.21
N ASP U 58 77.82 57.16 28.81
CA ASP U 58 78.79 58.25 28.68
C ASP U 58 79.14 58.59 27.24
N VAL U 59 78.91 57.68 26.30
CA VAL U 59 79.48 57.78 24.96
C VAL U 59 78.57 58.59 24.03
N PHE U 60 79.20 59.48 23.27
CA PHE U 60 78.67 60.07 22.05
C PHE U 60 79.41 59.44 20.89
N ARG U 61 78.68 58.99 19.88
CA ARG U 61 79.31 58.29 18.75
C ARG U 61 79.20 59.15 17.49
N VAL U 62 80.29 59.85 17.16
CA VAL U 62 80.27 60.82 16.07
C VAL U 62 81.14 60.28 14.94
N LYS U 63 80.57 60.13 13.75
CA LYS U 63 81.18 59.38 12.68
C LYS U 63 81.31 60.25 11.44
N LEU U 64 82.45 60.09 10.76
CA LEU U 64 82.80 60.82 9.55
C LEU U 64 83.33 59.82 8.53
N PHE U 65 82.71 59.79 7.35
CA PHE U 65 83.08 58.88 6.28
C PHE U 65 83.47 59.68 5.05
N VAL U 66 84.54 59.26 4.38
CA VAL U 66 85.00 59.87 3.14
C VAL U 66 85.22 58.76 2.13
N ASN U 67 84.34 58.68 1.14
CA ASN U 67 84.37 57.61 0.14
C ASN U 67 84.79 58.19 -1.20
N VAL U 68 85.86 57.63 -1.76
CA VAL U 68 86.42 58.04 -3.04
C VAL U 68 86.26 56.88 -4.01
N PRO U 69 85.23 56.90 -4.87
CA PRO U 69 85.08 55.84 -5.86
C PRO U 69 85.85 56.12 -7.14
N GLU U 70 86.45 55.07 -7.69
CA GLU U 70 87.04 55.07 -9.02
C GLU U 70 86.06 54.35 -9.95
N VAL U 71 85.68 55.03 -11.03
CA VAL U 71 84.61 54.62 -11.94
C VAL U 71 85.23 54.19 -13.26
N ALA U 72 84.49 53.36 -14.01
CA ALA U 72 84.92 52.87 -15.31
C ALA U 72 83.77 53.00 -16.29
N THR U 73 84.05 53.58 -17.46
CA THR U 73 83.07 53.70 -18.53
C THR U 73 83.25 52.53 -19.47
N ILE U 74 82.31 51.58 -19.44
CA ILE U 74 82.39 50.36 -20.24
C ILE U 74 81.36 50.45 -21.35
N THR U 75 81.81 50.30 -22.59
CA THR U 75 80.92 50.21 -23.73
C THR U 75 81.03 48.82 -24.33
N PRO U 76 79.94 48.04 -24.37
CA PRO U 76 80.04 46.65 -24.84
C PRO U 76 80.41 46.53 -26.31
N ASN U 77 80.58 45.30 -26.77
CA ASN U 77 81.05 45.08 -28.14
C ASN U 77 79.95 45.38 -29.15
N GLY U 78 80.28 46.20 -30.14
CA GLY U 78 79.36 46.51 -31.21
C GLY U 78 78.10 47.23 -30.78
N SER U 79 78.18 48.02 -29.71
CA SER U 79 77.04 48.71 -29.15
C SER U 79 77.22 50.21 -29.27
N ASP U 80 76.14 50.91 -29.62
CA ASP U 80 76.21 52.37 -29.79
C ASP U 80 76.53 53.06 -28.47
N THR U 81 75.92 52.62 -27.38
CA THR U 81 75.90 53.37 -26.14
C THR U 81 76.79 52.74 -25.07
N SER U 82 77.46 53.59 -24.31
CA SER U 82 78.31 53.18 -23.20
C SER U 82 77.57 53.37 -21.88
N SER U 83 77.85 52.50 -20.93
CA SER U 83 77.32 52.64 -19.59
C SER U 83 78.46 52.72 -18.60
N VAL U 84 78.19 53.35 -17.47
CA VAL U 84 79.21 53.59 -16.46
C VAL U 84 79.01 52.61 -15.31
N GLU U 85 80.12 52.28 -14.62
CA GLU U 85 80.12 51.23 -13.63
C GLU U 85 81.11 51.58 -12.53
N ILE U 86 80.79 51.19 -11.30
CA ILE U 86 81.66 51.50 -10.16
C ILE U 86 82.77 50.45 -10.12
N ALA U 87 83.99 50.88 -10.46
CA ALA U 87 85.11 49.95 -10.55
C ALA U 87 85.60 49.53 -9.17
N ARG U 88 85.97 50.49 -8.33
CA ARG U 88 86.35 50.17 -6.97
C ARG U 88 86.21 51.45 -6.13
N THR U 89 86.41 51.31 -4.82
CA THR U 89 86.27 52.46 -3.93
C THR U 89 87.34 52.43 -2.86
N ASN U 90 88.01 53.57 -2.66
CA ASN U 90 88.82 53.78 -1.47
C ASN U 90 87.96 54.45 -0.42
N ARG U 91 88.10 54.04 0.83
CA ARG U 91 87.27 54.59 1.89
C ARG U 91 88.10 54.94 3.11
N ALA U 92 87.70 56.02 3.78
CA ALA U 92 88.22 56.36 5.09
C ALA U 92 87.02 56.47 6.03
N GLN U 93 87.08 55.77 7.16
CA GLN U 93 85.95 55.72 8.08
C GLN U 93 86.45 56.05 9.48
N VAL U 94 85.91 57.11 10.08
CA VAL U 94 86.36 57.63 11.36
C VAL U 94 85.20 57.60 12.33
N GLU U 95 85.44 57.04 13.51
CA GLU U 95 84.48 57.06 14.60
C GLU U 95 85.16 57.66 15.82
N PHE U 96 84.64 58.78 16.31
CA PHE U 96 85.06 59.33 17.59
C PHE U 96 84.07 58.89 18.65
N ILE U 97 84.60 58.35 19.74
CA ILE U 97 83.84 58.01 20.93
C ILE U 97 84.17 59.07 21.97
N LEU U 98 83.19 59.89 22.31
CA LEU U 98 83.43 61.05 23.17
C LEU U 98 82.60 60.94 24.44
N PRO U 99 83.21 60.82 25.62
CA PRO U 99 82.40 60.76 26.85
C PRO U 99 81.64 62.04 27.09
N ALA U 100 80.42 61.89 27.63
CA ALA U 100 79.50 63.01 27.80
C ALA U 100 79.91 63.95 28.93
N GLN U 101 81.04 63.70 29.58
CA GLN U 101 81.48 64.54 30.68
C GLN U 101 82.80 65.25 30.43
N SER U 102 83.55 64.90 29.39
CA SER U 102 84.73 65.67 29.06
C SER U 102 84.31 66.99 28.42
N ALA U 103 85.01 68.06 28.79
CA ALA U 103 84.72 69.37 28.23
C ALA U 103 85.28 69.48 26.82
N ALA U 104 84.88 70.54 26.11
CA ALA U 104 85.24 70.69 24.71
C ALA U 104 86.74 70.73 24.47
N THR U 105 87.53 71.11 25.48
CA THR U 105 88.98 71.19 25.32
C THR U 105 89.56 69.84 24.90
N VAL U 106 89.08 68.77 25.56
CA VAL U 106 89.59 67.43 25.29
C VAL U 106 89.28 67.03 23.86
N ARG U 107 88.05 67.30 23.41
CA ARG U 107 87.70 66.91 22.04
C ARG U 107 88.48 67.74 21.02
N GLU U 108 88.71 69.02 21.32
CA GLU U 108 89.48 69.87 20.42
C GLU U 108 90.89 69.32 20.23
N ASP U 109 91.60 69.03 21.33
CA ASP U 109 92.96 68.55 21.12
C ASP U 109 93.01 67.10 20.67
N LEU U 110 91.93 66.31 20.84
CA LEU U 110 91.87 65.01 20.19
C LEU U 110 91.82 65.14 18.68
N VAL U 111 90.94 66.01 18.19
CA VAL U 111 90.87 66.26 16.74
C VAL U 111 92.20 66.77 16.23
N ALA U 112 92.83 67.68 16.97
CA ALA U 112 94.13 68.21 16.53
C ALA U 112 95.18 67.11 16.48
N LEU U 113 95.18 66.22 17.47
CA LEU U 113 96.11 65.08 17.44
C LEU U 113 95.87 64.20 16.23
N LEU U 114 94.61 63.93 15.90
CA LEU U 114 94.32 63.08 14.74
C LEU U 114 94.78 63.75 13.45
N ALA U 115 94.51 65.04 13.28
CA ALA U 115 94.92 65.73 12.07
C ALA U 115 96.43 65.79 11.95
N SER U 116 97.12 66.06 13.06
CA SER U 116 98.58 66.09 13.02
C SER U 116 99.17 64.70 12.77
N ALA U 117 98.49 63.65 13.22
CA ALA U 117 98.92 62.29 12.90
C ALA U 117 98.76 62.01 11.42
N LEU U 118 97.66 62.47 10.82
CA LEU U 118 97.50 62.34 9.38
C LEU U 118 98.55 63.14 8.62
N ALA U 119 99.00 64.26 9.19
CA ALA U 119 99.99 65.08 8.50
C ALA U 119 101.40 64.54 8.65
N ASP U 120 101.71 63.87 9.76
CA ASP U 120 103.05 63.33 9.97
C ASP U 120 103.43 62.39 8.83
N THR U 121 104.68 62.48 8.37
CA THR U 121 105.10 61.71 7.21
C THR U 121 105.17 60.22 7.52
N ALA U 122 105.65 59.86 8.71
CA ALA U 122 105.76 58.45 9.07
C ALA U 122 104.39 57.80 9.15
N ILE U 123 103.45 58.44 9.84
CA ILE U 123 102.09 57.93 9.91
C ILE U 123 101.43 57.97 8.53
N LYS U 124 101.79 58.96 7.72
CA LYS U 124 101.14 59.10 6.42
C LYS U 124 101.52 57.95 5.49
N SER U 125 102.81 57.61 5.44
CA SER U 125 103.24 56.51 4.58
C SER U 125 102.53 55.21 4.94
N THR U 126 102.16 55.03 6.20
CA THR U 126 101.34 53.90 6.60
C THR U 126 100.11 53.77 5.72
N ILE U 127 99.39 54.87 5.54
CA ILE U 127 98.17 54.86 4.74
C ILE U 127 98.49 54.87 3.26
N VAL U 128 99.25 55.88 2.84
CA VAL U 128 99.45 56.16 1.43
C VAL U 128 100.23 55.03 0.75
N ASN U 129 101.30 54.57 1.39
CA ASN U 129 102.28 53.67 0.78
C ASN U 129 102.06 52.22 1.18
N VAL U 130 101.13 51.94 2.10
CA VAL U 130 100.80 50.59 2.53
C VAL U 130 102.07 49.89 3.01
N GLU U 131 102.79 50.58 3.88
CA GLU U 131 103.97 50.07 4.55
C GLU U 131 103.63 49.86 6.01
N HIS U 132 104.11 48.75 6.56
CA HIS U 132 104.00 48.48 7.99
C HIS U 132 105.00 49.34 8.77
N PHE U 133 104.67 49.60 10.02
CA PHE U 133 105.65 50.17 10.93
C PHE U 133 106.65 49.12 11.38
N TYR U 134 107.91 49.52 11.51
CA TYR U 134 108.97 48.60 11.90
C TYR U 134 110.13 49.29 12.63
N PRO V 1 11.97 -101.97 -87.17
CA PRO V 1 11.79 -101.31 -88.47
C PRO V 1 12.82 -100.24 -88.67
N ALA V 2 13.69 -100.45 -89.67
CA ALA V 2 14.67 -99.45 -90.08
C ALA V 2 13.98 -98.14 -90.37
N LEU V 3 14.46 -97.07 -89.74
CA LEU V 3 13.87 -95.75 -89.88
C LEU V 3 13.84 -95.34 -91.34
N LYS V 4 12.64 -95.11 -91.87
CA LYS V 4 12.42 -94.80 -93.27
C LYS V 4 11.28 -93.81 -93.35
N PRO V 5 11.33 -92.86 -94.29
CA PRO V 5 10.19 -91.96 -94.48
C PRO V 5 8.96 -92.76 -94.90
N ILE V 6 7.85 -92.44 -94.26
CA ILE V 6 6.64 -93.23 -94.46
C ILE V 6 5.57 -92.33 -95.06
N THR V 7 4.71 -92.91 -95.89
CA THR V 7 3.67 -92.17 -96.58
C THR V 7 2.32 -92.55 -95.98
N LEU V 8 1.54 -91.54 -95.58
CA LEU V 8 0.22 -91.71 -94.98
C LEU V 8 -0.81 -90.93 -95.78
N THR V 9 -2.04 -91.42 -95.81
CA THR V 9 -3.11 -90.77 -96.56
C THR V 9 -3.91 -89.82 -95.68
N ASP V 10 -4.21 -88.63 -96.21
CA ASP V 10 -4.99 -87.61 -95.50
C ASP V 10 -6.48 -87.86 -95.73
N HIS V 11 -7.31 -86.84 -95.50
CA HIS V 11 -8.73 -87.06 -95.66
C HIS V 11 -9.12 -87.31 -97.10
N SER V 12 -8.49 -86.59 -98.03
CA SER V 12 -8.77 -86.76 -99.45
C SER V 12 -8.07 -87.97 -100.05
N SER V 13 -7.52 -88.84 -99.22
CA SER V 13 -6.74 -90.02 -99.59
C SER V 13 -5.51 -89.68 -100.40
N ALA V 14 -5.11 -88.41 -100.44
CA ALA V 14 -3.85 -88.01 -101.05
C ALA V 14 -2.67 -88.45 -100.18
N ASP V 15 -1.52 -88.57 -100.81
CA ASP V 15 -0.33 -88.99 -100.07
C ASP V 15 0.26 -87.83 -99.28
N VAL V 16 0.84 -88.17 -98.13
CA VAL V 16 1.47 -87.22 -97.21
C VAL V 16 2.73 -87.89 -96.69
N ILE V 17 3.88 -87.37 -97.06
CA ILE V 17 5.15 -88.04 -96.81
C ILE V 17 5.77 -87.45 -95.55
N PHE V 18 5.96 -88.31 -94.54
CA PHE V 18 6.64 -87.94 -93.30
C PHE V 18 8.07 -88.43 -93.36
N THR V 19 9.01 -87.48 -93.30
CA THR V 19 10.42 -87.83 -93.30
C THR V 19 10.93 -87.99 -91.87
N PRO V 20 11.81 -88.94 -91.60
CA PRO V 20 12.35 -89.08 -90.25
C PRO V 20 13.18 -87.87 -89.88
N THR V 21 12.97 -87.38 -88.67
CA THR V 21 13.67 -86.23 -88.12
C THR V 21 14.72 -86.60 -87.09
N GLN V 22 14.36 -87.43 -86.12
CA GLN V 22 15.20 -87.61 -84.95
C GLN V 22 14.84 -88.90 -84.23
N ILE V 23 15.83 -89.53 -83.62
CA ILE V 23 15.62 -90.59 -82.65
C ILE V 23 16.04 -90.04 -81.30
N ASP V 24 15.13 -90.07 -80.34
CA ASP V 24 15.27 -89.34 -79.09
C ASP V 24 16.26 -90.04 -78.15
N LYS V 25 16.59 -89.34 -77.06
CA LYS V 25 17.38 -89.98 -76.01
C LYS V 25 16.60 -91.09 -75.32
N ASN V 26 15.28 -90.97 -75.29
CA ASN V 26 14.42 -91.94 -74.61
C ASN V 26 13.95 -93.05 -75.54
N GLY V 27 14.37 -93.03 -76.80
CA GLY V 27 13.92 -94.00 -77.77
C GLY V 27 12.78 -93.55 -78.63
N VAL V 28 12.37 -92.28 -78.52
CA VAL V 28 11.27 -91.76 -79.32
C VAL V 28 11.77 -91.44 -80.72
N ALA V 29 11.04 -91.91 -81.72
CA ALA V 29 11.36 -91.66 -83.12
C ALA V 29 10.32 -90.70 -83.69
N TYR V 30 10.78 -89.64 -84.36
CA TYR V 30 9.93 -88.57 -84.84
C TYR V 30 9.96 -88.51 -86.37
N PHE V 31 8.78 -88.52 -86.99
CA PHE V 31 8.62 -88.23 -88.41
C PHE V 31 7.89 -86.91 -88.56
N ARG V 32 8.37 -86.06 -89.45
CA ARG V 32 7.77 -84.75 -89.64
C ARG V 32 7.38 -84.53 -91.09
N HIS V 33 6.35 -83.71 -91.26
CA HIS V 33 5.90 -83.21 -92.56
C HIS V 33 5.66 -81.72 -92.38
N LEU V 34 6.40 -80.90 -93.14
CA LEU V 34 6.38 -79.46 -92.96
C LEU V 34 5.03 -78.88 -93.40
N GLN V 35 4.74 -77.66 -92.92
CA GLN V 35 3.50 -76.99 -93.28
C GLN V 35 3.55 -76.50 -94.72
N ALA V 36 2.48 -75.79 -95.11
CA ALA V 36 2.42 -75.17 -96.43
C ALA V 36 3.63 -74.26 -96.67
N ASN V 37 3.88 -73.34 -95.74
CA ASN V 37 5.09 -72.53 -95.82
C ASN V 37 6.32 -73.40 -95.60
N GLY V 38 7.43 -72.98 -96.19
CA GLY V 38 8.68 -73.73 -96.07
C GLY V 38 9.26 -73.67 -94.68
N LYS V 39 8.65 -72.88 -93.81
CA LYS V 39 9.09 -72.66 -92.45
C LYS V 39 8.70 -73.84 -91.56
N PRO V 40 9.61 -74.32 -90.71
CA PRO V 40 9.37 -75.53 -89.93
C PRO V 40 8.75 -75.33 -88.56
N ILE V 41 8.26 -74.14 -88.23
CA ILE V 41 7.95 -73.82 -86.84
C ILE V 41 6.80 -74.68 -86.33
N GLY V 42 5.76 -74.87 -87.14
CA GLY V 42 4.73 -75.83 -86.81
C GLY V 42 4.72 -76.89 -87.90
N ALA V 43 4.62 -78.15 -87.53
CA ALA V 43 4.69 -79.20 -88.53
C ALA V 43 3.95 -80.44 -88.05
N TYR V 44 3.39 -81.17 -89.01
CA TYR V 44 2.73 -82.43 -88.69
C TYR V 44 3.76 -83.45 -88.22
N THR V 45 3.46 -84.15 -87.14
CA THR V 45 4.43 -85.06 -86.55
C THR V 45 3.81 -86.40 -86.22
N VAL V 46 4.65 -87.44 -86.27
CA VAL V 46 4.28 -88.78 -85.87
C VAL V 46 5.41 -89.30 -84.97
N SER V 47 5.07 -89.62 -83.72
CA SER V 47 6.02 -90.09 -82.73
C SER V 47 5.77 -91.57 -82.45
N SER V 48 6.85 -92.34 -82.38
CA SER V 48 6.74 -93.76 -82.05
C SER V 48 7.77 -94.11 -81.00
N HIS V 49 7.31 -94.64 -79.88
CA HIS V 49 8.23 -95.09 -78.83
C HIS V 49 7.68 -96.34 -78.17
N VAL V 50 8.48 -97.39 -78.09
CA VAL V 50 8.09 -98.61 -77.43
C VAL V 50 8.98 -98.80 -76.21
N LYS V 51 8.35 -99.05 -75.07
CA LYS V 51 9.01 -99.21 -73.78
C LYS V 51 8.96 -100.68 -73.38
N GLU V 52 10.13 -101.31 -73.37
CA GLU V 52 10.21 -102.71 -73.00
C GLU V 52 9.98 -102.85 -71.49
N PRO V 53 9.53 -104.02 -71.04
CA PRO V 53 9.24 -104.20 -69.62
C PRO V 53 10.51 -104.41 -68.78
N GLY V 54 10.36 -104.16 -67.48
CA GLY V 54 11.47 -104.31 -66.55
C GLY V 54 11.09 -105.19 -65.38
N THR V 55 12.10 -105.89 -64.85
CA THR V 55 11.89 -106.86 -63.78
C THR V 55 10.82 -107.88 -64.18
N ASN V 56 11.05 -108.50 -65.34
CA ASN V 56 10.07 -109.41 -65.95
C ASN V 56 8.68 -108.79 -65.97
N GLY V 57 8.62 -107.49 -66.21
CA GLY V 57 7.33 -106.83 -66.29
C GLY V 57 6.45 -107.47 -67.36
N ASP V 58 5.18 -107.64 -67.02
CA ASP V 58 4.28 -108.31 -67.96
C ASP V 58 4.07 -107.51 -69.23
N VAL V 59 4.36 -106.21 -69.23
CA VAL V 59 3.79 -105.27 -70.19
C VAL V 59 4.89 -104.58 -71.00
N PHE V 60 4.78 -104.68 -72.33
CA PHE V 60 5.31 -103.68 -73.25
C PHE V 60 4.35 -102.51 -73.32
N ARG V 61 4.88 -101.29 -73.41
CA ARG V 61 4.06 -100.09 -73.58
C ARG V 61 4.48 -99.39 -74.87
N VAL V 62 3.68 -99.52 -75.92
CA VAL V 62 4.04 -99.03 -77.25
C VAL V 62 3.14 -97.86 -77.60
N LYS V 63 3.74 -96.72 -77.93
CA LYS V 63 3.02 -95.47 -78.05
C LYS V 63 3.20 -94.87 -79.43
N LEU V 64 2.10 -94.39 -79.98
CA LEU V 64 2.01 -93.76 -81.30
C LEU V 64 1.29 -92.44 -81.17
N PHE V 65 1.93 -91.36 -81.61
CA PHE V 65 1.38 -90.02 -81.51
C PHE V 65 1.28 -89.41 -82.90
N VAL V 66 0.15 -88.75 -83.17
CA VAL V 66 -0.08 -88.08 -84.44
C VAL V 66 -0.54 -86.66 -84.12
N ASN V 67 0.32 -85.68 -84.36
CA ASN V 67 0.05 -84.29 -84.03
C ASN V 67 -0.13 -83.47 -85.30
N VAL V 68 -1.27 -82.80 -85.38
CA VAL V 68 -1.65 -81.98 -86.53
C VAL V 68 -1.83 -80.54 -86.05
N PRO V 69 -0.82 -79.69 -86.23
CA PRO V 69 -0.98 -78.27 -85.88
C PRO V 69 -1.59 -77.45 -87.02
N GLU V 70 -2.40 -76.48 -86.63
CA GLU V 70 -2.82 -75.37 -87.47
C GLU V 70 -1.98 -74.16 -87.07
N VAL V 71 -1.21 -73.64 -88.02
CA VAL V 71 -0.37 -72.48 -87.81
C VAL V 71 -1.07 -71.26 -88.39
N ALA V 72 -0.70 -70.08 -87.89
CA ALA V 72 -1.24 -68.82 -88.39
C ALA V 72 -0.10 -67.88 -88.69
N THR V 73 -0.23 -67.14 -89.78
CA THR V 73 0.79 -66.21 -90.24
C THR V 73 0.44 -64.82 -89.73
N ILE V 74 1.19 -64.35 -88.74
CA ILE V 74 0.97 -63.04 -88.14
C ILE V 74 1.96 -62.07 -88.75
N THR V 75 1.44 -60.99 -89.32
CA THR V 75 2.28 -59.94 -89.88
C THR V 75 1.89 -58.62 -89.22
N PRO V 76 2.80 -57.96 -88.52
CA PRO V 76 2.43 -56.73 -87.79
C PRO V 76 1.99 -55.62 -88.73
N ASN V 77 1.35 -54.61 -88.15
CA ASN V 77 0.69 -53.57 -88.93
C ASN V 77 1.70 -52.80 -89.76
N GLY V 78 1.52 -52.83 -91.07
CA GLY V 78 2.39 -52.12 -92.00
C GLY V 78 3.81 -52.63 -92.06
N SER V 79 4.00 -53.93 -91.97
CA SER V 79 5.32 -54.54 -91.92
C SER V 79 5.61 -55.30 -93.21
N ASP V 80 6.90 -55.38 -93.55
CA ASP V 80 7.30 -56.10 -94.75
C ASP V 80 7.19 -57.61 -94.55
N THR V 81 7.76 -58.12 -93.47
CA THR V 81 7.89 -59.57 -93.27
C THR V 81 6.91 -60.05 -92.20
N SER V 82 6.50 -61.30 -92.34
CA SER V 82 5.56 -61.95 -91.44
C SER V 82 6.26 -63.09 -90.71
N SER V 83 5.80 -63.34 -89.49
CA SER V 83 6.29 -64.44 -88.67
C SER V 83 5.16 -65.44 -88.45
N VAL V 84 5.53 -66.71 -88.31
CA VAL V 84 4.55 -67.78 -88.18
C VAL V 84 4.45 -68.22 -86.72
N GLU V 85 3.21 -68.47 -86.26
CA GLU V 85 2.93 -68.81 -84.88
C GLU V 85 2.04 -70.05 -84.86
N ILE V 86 2.20 -70.87 -83.83
CA ILE V 86 1.41 -72.09 -83.72
C ILE V 86 0.05 -71.73 -83.13
N ALA V 87 -0.98 -71.73 -83.99
CA ALA V 87 -2.31 -71.28 -83.56
C ALA V 87 -2.94 -72.29 -82.61
N ARG V 88 -3.12 -73.53 -83.07
CA ARG V 88 -3.64 -74.58 -82.19
C ARG V 88 -3.21 -75.92 -82.76
N THR V 89 -3.46 -76.98 -82.01
CA THR V 89 -3.03 -78.31 -82.43
C THR V 89 -4.10 -79.32 -82.11
N ASN V 90 -4.44 -80.16 -83.09
CA ASN V 90 -5.18 -81.39 -82.84
C ASN V 90 -4.19 -82.52 -82.63
N ARG V 91 -4.55 -83.46 -81.75
CA ARG V 91 -3.63 -84.55 -81.44
C ARG V 91 -4.39 -85.85 -81.30
N ALA V 92 -3.71 -86.94 -81.62
CA ALA V 92 -4.18 -88.29 -81.34
C ALA V 92 -3.06 -89.08 -80.69
N GLN V 93 -3.34 -89.69 -79.54
CA GLN V 93 -2.32 -90.34 -78.72
C GLN V 93 -2.76 -91.75 -78.39
N VAL V 94 -2.00 -92.74 -78.85
CA VAL V 94 -2.36 -94.15 -78.73
C VAL V 94 -1.30 -94.85 -77.89
N GLU V 95 -1.74 -95.52 -76.84
CA GLU V 95 -0.89 -96.38 -76.03
C GLU V 95 -1.45 -97.78 -76.09
N PHE V 96 -0.71 -98.71 -76.69
CA PHE V 96 -1.04 -100.12 -76.59
C PHE V 96 -0.27 -100.70 -75.41
N ILE V 97 -1.01 -101.36 -74.52
CA ILE V 97 -0.44 -102.10 -73.41
C ILE V 97 -0.47 -103.57 -73.84
N LEU V 98 0.67 -104.09 -74.24
CA LEU V 98 0.68 -105.47 -74.69
C LEU V 98 1.41 -106.35 -73.68
N PRO V 99 0.90 -107.54 -73.36
CA PRO V 99 1.69 -108.42 -72.48
C PRO V 99 2.76 -109.20 -73.23
N ALA V 100 3.89 -109.40 -72.54
CA ALA V 100 5.00 -110.14 -73.13
C ALA V 100 4.69 -111.62 -73.32
N GLN V 101 3.57 -112.10 -72.78
CA GLN V 101 3.22 -113.50 -72.81
C GLN V 101 2.19 -113.83 -73.89
N SER V 102 1.78 -112.85 -74.68
CA SER V 102 0.75 -113.06 -75.69
C SER V 102 1.35 -113.58 -76.99
N ALA V 103 0.47 -114.01 -77.88
CA ALA V 103 0.84 -114.43 -79.23
C ALA V 103 0.54 -113.32 -80.22
N ALA V 104 1.36 -113.25 -81.27
CA ALA V 104 1.24 -112.18 -82.25
C ALA V 104 -0.12 -112.12 -82.91
N THR V 105 -0.84 -113.25 -82.96
CA THR V 105 -2.21 -113.26 -83.47
C THR V 105 -3.08 -112.26 -82.73
N VAL V 106 -2.95 -112.26 -81.40
CA VAL V 106 -3.78 -111.39 -80.57
C VAL V 106 -3.48 -109.93 -80.87
N ARG V 107 -2.20 -109.57 -80.96
CA ARG V 107 -1.86 -108.18 -81.26
C ARG V 107 -2.32 -107.78 -82.65
N GLU V 108 -2.22 -108.70 -83.61
CA GLU V 108 -2.66 -108.41 -84.97
C GLU V 108 -4.14 -108.07 -84.99
N ASP V 109 -4.99 -108.92 -84.38
CA ASP V 109 -6.41 -108.57 -84.45
C ASP V 109 -6.81 -107.48 -83.47
N LEU V 110 -6.01 -107.18 -82.45
CA LEU V 110 -6.26 -105.97 -81.67
C LEU V 110 -6.07 -104.72 -82.53
N VAL V 111 -4.96 -104.66 -83.26
CA VAL V 111 -4.73 -103.53 -84.17
C VAL V 111 -5.84 -103.47 -85.22
N ALA V 112 -6.22 -104.62 -85.78
CA ALA V 112 -7.27 -104.63 -86.79
C ALA V 112 -8.60 -104.14 -86.21
N LEU V 113 -8.91 -104.53 -84.97
CA LEU V 113 -10.13 -104.05 -84.32
C LEU V 113 -10.09 -102.56 -84.12
N LEU V 114 -8.93 -102.02 -83.71
CA LEU V 114 -8.82 -100.58 -83.52
C LEU V 114 -9.02 -99.84 -84.84
N ALA V 115 -8.39 -100.33 -85.92
CA ALA V 115 -8.53 -99.67 -87.22
C ALA V 115 -9.97 -99.74 -87.72
N SER V 116 -10.63 -100.90 -87.53
CA SER V 116 -12.02 -101.01 -87.95
C SER V 116 -12.95 -100.16 -87.09
N ALA V 117 -12.61 -99.97 -85.82
CA ALA V 117 -13.39 -99.06 -84.98
C ALA V 117 -13.24 -97.63 -85.46
N LEU V 118 -12.02 -97.23 -85.85
CA LEU V 118 -11.83 -95.92 -86.45
C LEU V 118 -12.59 -95.78 -87.76
N ALA V 119 -12.70 -96.86 -88.52
CA ALA V 119 -13.41 -96.79 -89.80
C ALA V 119 -14.92 -96.79 -89.64
N ASP V 120 -15.44 -97.40 -88.57
CA ASP V 120 -16.88 -97.43 -88.36
C ASP V 120 -17.43 -96.02 -88.23
N THR V 121 -18.57 -95.77 -88.88
CA THR V 121 -19.11 -94.42 -88.91
C THR V 121 -19.66 -93.99 -87.56
N ALA V 122 -20.28 -94.93 -86.83
CA ALA V 122 -20.82 -94.60 -85.51
C ALA V 122 -19.72 -94.16 -84.56
N ILE V 123 -18.58 -94.85 -84.60
CA ILE V 123 -17.45 -94.49 -83.76
C ILE V 123 -16.73 -93.26 -84.32
N LYS V 124 -16.73 -93.10 -85.65
CA LYS V 124 -16.03 -91.98 -86.25
C LYS V 124 -16.73 -90.66 -85.95
N SER V 125 -18.06 -90.68 -85.79
CA SER V 125 -18.76 -89.47 -85.41
C SER V 125 -18.35 -89.02 -84.02
N THR V 126 -17.99 -89.97 -83.16
CA THR V 126 -17.48 -89.65 -81.83
C THR V 126 -16.28 -88.73 -81.91
N ILE V 127 -15.31 -89.06 -82.76
CA ILE V 127 -14.10 -88.26 -82.85
C ILE V 127 -14.34 -87.00 -83.67
N VAL V 128 -14.82 -87.20 -84.90
CA VAL V 128 -14.90 -86.12 -85.85
C VAL V 128 -15.91 -85.07 -85.42
N ASN V 129 -17.10 -85.51 -84.98
CA ASN V 129 -18.24 -84.64 -84.75
C ASN V 129 -18.54 -84.40 -83.27
N VAL V 130 -17.80 -85.06 -82.37
CA VAL V 130 -17.88 -84.83 -80.93
C VAL V 130 -19.32 -85.00 -80.47
N GLU V 131 -19.90 -86.11 -80.86
CA GLU V 131 -21.20 -86.54 -80.38
C GLU V 131 -21.00 -87.68 -79.39
N HIS V 132 -21.66 -87.58 -78.23
CA HIS V 132 -21.68 -88.62 -77.22
C HIS V 132 -22.57 -89.79 -77.67
N PHE V 133 -22.30 -90.95 -77.12
CA PHE V 133 -23.23 -92.07 -77.20
C PHE V 133 -24.38 -91.88 -76.24
N TYR V 134 -25.57 -92.25 -76.68
CA TYR V 134 -26.78 -92.08 -75.85
C TYR V 134 -27.83 -93.17 -76.10
N PRO W 1 29.44 -101.64 -89.12
CA PRO W 1 28.37 -102.63 -89.17
C PRO W 1 27.01 -101.99 -88.98
N ALA W 2 26.40 -101.53 -90.07
CA ALA W 2 25.05 -100.99 -90.00
C ALA W 2 24.09 -102.06 -89.50
N LEU W 3 23.15 -101.63 -88.67
CA LEU W 3 22.18 -102.54 -88.05
C LEU W 3 21.41 -103.28 -89.13
N LYS W 4 21.45 -104.61 -89.07
CA LYS W 4 20.89 -105.44 -90.13
C LYS W 4 20.71 -106.84 -89.59
N PRO W 5 19.70 -107.57 -90.06
CA PRO W 5 19.44 -108.89 -89.50
C PRO W 5 20.59 -109.83 -89.80
N ILE W 6 20.88 -110.70 -88.83
CA ILE W 6 22.01 -111.60 -88.97
C ILE W 6 21.52 -113.02 -88.75
N THR W 7 22.16 -113.97 -89.44
CA THR W 7 21.78 -115.37 -89.40
C THR W 7 22.83 -116.17 -88.64
N LEU W 8 22.39 -117.01 -87.70
CA LEU W 8 23.26 -117.82 -86.87
C LEU W 8 22.78 -119.26 -86.89
N THR W 9 23.70 -120.20 -86.79
CA THR W 9 23.36 -121.63 -86.85
C THR W 9 23.18 -122.18 -85.44
N ASP W 10 22.09 -122.94 -85.23
CA ASP W 10 21.84 -123.55 -83.93
C ASP W 10 22.59 -124.87 -83.83
N HIS W 11 22.24 -125.69 -82.83
CA HIS W 11 22.95 -126.95 -82.65
C HIS W 11 22.76 -127.90 -83.81
N SER W 12 21.59 -127.88 -84.43
CA SER W 12 21.30 -128.72 -85.58
C SER W 12 21.83 -128.15 -86.88
N SER W 13 22.62 -127.08 -86.82
CA SER W 13 23.13 -126.32 -87.95
C SER W 13 22.03 -125.65 -88.75
N ALA W 14 20.79 -125.63 -88.25
CA ALA W 14 19.71 -124.94 -88.92
C ALA W 14 19.86 -123.44 -88.77
N ASP W 15 19.57 -122.70 -89.84
CA ASP W 15 19.69 -121.25 -89.80
C ASP W 15 18.64 -120.66 -88.86
N VAL W 16 19.03 -119.56 -88.21
CA VAL W 16 18.21 -118.88 -87.21
C VAL W 16 18.43 -117.39 -87.44
N ILE W 17 17.39 -116.68 -87.87
CA ILE W 17 17.51 -115.32 -88.36
C ILE W 17 17.08 -114.37 -87.24
N PHE W 18 18.04 -113.61 -86.71
CA PHE W 18 17.77 -112.56 -85.72
C PHE W 18 17.57 -111.24 -86.45
N THR W 19 16.35 -110.66 -86.31
CA THR W 19 16.15 -109.34 -86.89
C THR W 19 16.49 -108.27 -85.87
N PRO W 20 16.97 -107.10 -86.32
CA PRO W 20 17.30 -106.03 -85.37
C PRO W 20 16.05 -105.57 -84.65
N THR W 21 16.17 -105.38 -83.33
CA THR W 21 15.07 -104.93 -82.50
C THR W 21 15.26 -103.48 -82.05
N GLN W 22 16.38 -103.18 -81.41
CA GLN W 22 16.47 -101.89 -80.74
C GLN W 22 17.90 -101.42 -80.64
N ILE W 23 18.10 -100.10 -80.79
CA ILE W 23 19.35 -99.46 -80.41
C ILE W 23 19.08 -98.72 -79.11
N ASP W 24 19.87 -99.03 -78.08
CA ASP W 24 19.55 -98.65 -76.72
C ASP W 24 19.81 -97.16 -76.50
N LYS W 25 19.56 -96.71 -75.26
CA LYS W 25 19.96 -95.37 -74.86
C LYS W 25 21.48 -95.30 -74.65
N ASN W 26 22.06 -96.38 -74.13
CA ASN W 26 23.50 -96.44 -73.87
C ASN W 26 24.31 -96.88 -75.08
N GLY W 27 23.66 -97.44 -76.10
CA GLY W 27 24.35 -97.95 -77.27
C GLY W 27 24.18 -99.44 -77.49
N VAL W 28 23.40 -100.12 -76.65
CA VAL W 28 23.22 -101.56 -76.80
C VAL W 28 22.36 -101.85 -78.02
N ALA W 29 22.79 -102.81 -78.83
CA ALA W 29 22.04 -103.25 -80.00
C ALA W 29 21.40 -104.59 -79.68
N TYR W 30 20.08 -104.67 -79.84
CA TYR W 30 19.28 -105.83 -79.52
C TYR W 30 18.73 -106.44 -80.80
N PHE W 31 19.06 -107.70 -81.05
CA PHE W 31 18.47 -108.51 -82.11
C PHE W 31 17.59 -109.58 -81.48
N ARG W 32 16.45 -109.84 -82.12
CA ARG W 32 15.44 -110.75 -81.59
C ARG W 32 15.08 -111.77 -82.67
N HIS W 33 14.90 -113.01 -82.23
CA HIS W 33 14.40 -114.10 -83.08
C HIS W 33 13.14 -114.62 -82.42
N LEU W 34 11.98 -114.26 -82.96
CA LEU W 34 10.72 -114.68 -82.40
C LEU W 34 10.48 -116.16 -82.68
N GLN W 35 9.57 -116.75 -81.91
CA GLN W 35 9.22 -118.15 -82.10
C GLN W 35 8.19 -118.27 -83.22
N ALA W 36 7.68 -119.49 -83.42
CA ALA W 36 6.66 -119.71 -84.44
C ALA W 36 5.43 -118.86 -84.17
N ASN W 37 4.93 -118.91 -82.92
CA ASN W 37 3.72 -118.19 -82.54
C ASN W 37 3.95 -116.71 -82.29
N GLY W 38 5.17 -116.22 -82.42
CA GLY W 38 5.45 -114.82 -82.15
C GLY W 38 5.27 -114.42 -80.70
N LYS W 39 5.68 -115.28 -79.77
CA LYS W 39 5.59 -114.97 -78.36
C LYS W 39 6.85 -114.27 -77.90
N PRO W 40 6.77 -113.02 -77.42
CA PRO W 40 7.99 -112.31 -76.99
C PRO W 40 8.77 -113.06 -75.93
N ILE W 41 8.07 -113.59 -74.93
CA ILE W 41 8.71 -114.33 -73.85
C ILE W 41 9.53 -115.51 -74.37
N GLY W 42 9.23 -115.99 -75.57
CA GLY W 42 9.96 -117.09 -76.14
C GLY W 42 11.06 -116.73 -77.10
N ALA W 43 11.28 -115.46 -77.38
CA ALA W 43 12.21 -115.07 -78.43
C ALA W 43 13.65 -115.12 -77.95
N TYR W 44 14.54 -115.60 -78.82
CA TYR W 44 15.96 -115.50 -78.57
C TYR W 44 16.43 -114.06 -78.73
N THR W 45 17.46 -113.68 -77.99
CA THR W 45 17.98 -112.33 -78.09
C THR W 45 19.49 -112.34 -78.16
N VAL W 46 20.03 -111.35 -78.87
CA VAL W 46 21.48 -111.14 -78.96
C VAL W 46 21.76 -109.65 -78.79
N SER W 47 22.58 -109.32 -77.81
CA SER W 47 22.93 -107.95 -77.48
C SER W 47 24.40 -107.68 -77.81
N SER W 48 24.67 -106.52 -78.39
CA SER W 48 26.04 -106.13 -78.68
C SER W 48 26.22 -104.66 -78.33
N HIS W 49 27.18 -104.38 -77.45
CA HIS W 49 27.46 -103.01 -77.03
C HIS W 49 28.95 -102.83 -76.85
N VAL W 50 29.50 -101.75 -77.39
CA VAL W 50 30.91 -101.46 -77.25
C VAL W 50 31.08 -100.14 -76.50
N LYS W 51 31.93 -100.14 -75.49
CA LYS W 51 32.19 -99.00 -74.63
C LYS W 51 33.62 -98.52 -74.92
N GLU W 52 33.73 -97.31 -75.48
CA GLU W 52 34.98 -96.68 -75.81
C GLU W 52 35.68 -96.22 -74.52
N PRO W 53 37.00 -96.04 -74.56
CA PRO W 53 37.71 -95.52 -73.39
C PRO W 53 37.55 -94.01 -73.24
N GLY W 54 37.64 -93.57 -71.99
CA GLY W 54 37.55 -92.16 -71.69
C GLY W 54 38.51 -91.80 -70.57
N THR W 55 38.82 -90.51 -70.49
CA THR W 55 39.78 -89.99 -69.52
C THR W 55 41.08 -90.78 -69.59
N ASN W 56 41.63 -90.86 -70.81
CA ASN W 56 42.89 -91.54 -71.08
C ASN W 56 42.90 -92.96 -70.51
N GLY W 57 41.81 -93.69 -70.77
CA GLY W 57 41.75 -95.09 -70.43
C GLY W 57 42.31 -95.93 -71.57
N ASP W 58 43.08 -96.95 -71.21
CA ASP W 58 43.70 -97.78 -72.23
C ASP W 58 42.74 -98.80 -72.83
N VAL W 59 41.61 -99.05 -72.18
CA VAL W 59 40.82 -100.25 -72.43
C VAL W 59 39.58 -99.94 -73.25
N PHE W 60 39.16 -100.93 -74.04
CA PHE W 60 37.88 -100.97 -74.73
C PHE W 60 37.08 -102.12 -74.13
N ARG W 61 35.78 -101.91 -73.88
CA ARG W 61 34.95 -102.96 -73.29
C ARG W 61 33.83 -103.31 -74.25
N VAL W 62 33.96 -104.45 -74.93
CA VAL W 62 33.01 -104.85 -75.96
C VAL W 62 32.26 -106.09 -75.46
N LYS W 63 30.93 -106.02 -75.46
CA LYS W 63 30.10 -107.01 -74.81
C LYS W 63 29.14 -107.64 -75.81
N LEU W 64 29.00 -108.96 -75.70
CA LEU W 64 28.13 -109.77 -76.54
C LEU W 64 27.31 -110.70 -75.65
N PHE W 65 25.99 -110.61 -75.75
CA PHE W 65 25.08 -111.43 -74.97
C PHE W 65 24.22 -112.27 -75.90
N VAL W 66 24.03 -113.54 -75.55
CA VAL W 66 23.17 -114.45 -76.29
C VAL W 66 22.24 -115.12 -75.29
N ASN W 67 20.97 -114.76 -75.32
CA ASN W 67 19.98 -115.24 -74.37
C ASN W 67 19.01 -116.18 -75.09
N VAL W 68 18.91 -117.40 -74.60
CA VAL W 68 18.02 -118.43 -75.12
C VAL W 68 16.97 -118.76 -74.05
N PRO W 69 15.72 -118.35 -74.21
CA PRO W 69 14.70 -118.74 -73.24
C PRO W 69 14.03 -120.04 -73.64
N GLU W 70 13.59 -120.77 -72.63
CA GLU W 70 12.66 -121.88 -72.83
C GLU W 70 11.40 -121.56 -72.04
N VAL W 71 10.25 -121.69 -72.71
CA VAL W 71 8.94 -121.42 -72.15
C VAL W 71 8.48 -122.63 -71.35
N ALA W 72 7.88 -122.40 -70.17
CA ALA W 72 7.30 -123.48 -69.39
C ALA W 72 5.78 -123.35 -69.44
N THR W 73 5.12 -124.38 -69.94
CA THR W 73 3.66 -124.35 -70.07
C THR W 73 3.01 -124.99 -68.84
N GLU W 85 3.66 -120.15 -69.81
CA GLU W 85 3.29 -118.92 -69.10
C GLU W 85 4.52 -118.14 -68.60
N ILE W 86 5.38 -118.79 -67.83
CA ILE W 86 6.62 -118.20 -67.38
C ILE W 86 7.75 -119.02 -67.99
N ALA W 87 8.87 -118.36 -68.25
CA ALA W 87 9.94 -118.97 -69.02
C ALA W 87 11.27 -118.71 -68.32
N ARG W 88 12.16 -119.68 -68.38
CA ARG W 88 13.48 -119.51 -67.80
C ARG W 88 14.52 -119.42 -68.90
N THR W 89 15.54 -118.60 -68.69
CA THR W 89 16.44 -118.21 -69.76
C THR W 89 17.84 -118.71 -69.46
N ASN W 90 18.39 -119.53 -70.35
CA ASN W 90 19.83 -119.76 -70.39
C ASN W 90 20.50 -118.55 -71.02
N ARG W 91 21.63 -118.13 -70.46
CA ARG W 91 22.32 -116.96 -71.00
C ARG W 91 23.80 -117.24 -71.20
N ALA W 92 24.36 -116.60 -72.22
CA ALA W 92 25.79 -116.51 -72.40
C ALA W 92 26.16 -115.03 -72.44
N GLN W 93 27.16 -114.64 -71.65
CA GLN W 93 27.53 -113.23 -71.51
C GLN W 93 29.03 -113.11 -71.67
N VAL W 94 29.49 -112.45 -72.74
CA VAL W 94 30.90 -112.33 -73.06
C VAL W 94 31.29 -110.86 -72.99
N GLU W 95 32.39 -110.59 -72.29
CA GLU W 95 32.99 -109.27 -72.24
C GLU W 95 34.45 -109.39 -72.68
N PHE W 96 34.79 -108.73 -73.78
CA PHE W 96 36.18 -108.62 -74.22
C PHE W 96 36.74 -107.29 -73.72
N ILE W 97 37.93 -107.34 -73.14
CA ILE W 97 38.68 -106.17 -72.69
C ILE W 97 39.87 -106.05 -73.62
N LEU W 98 39.88 -104.99 -74.43
CA LEU W 98 40.86 -104.85 -75.50
C LEU W 98 41.62 -103.54 -75.36
N PRO W 99 42.92 -103.55 -75.09
CA PRO W 99 43.67 -102.27 -75.04
C PRO W 99 43.72 -101.60 -76.40
N ALA W 100 43.89 -100.28 -76.36
CA ALA W 100 43.84 -99.47 -77.57
C ALA W 100 45.10 -99.58 -78.42
N GLN W 101 46.24 -99.90 -77.82
CA GLN W 101 47.48 -100.01 -78.60
C GLN W 101 47.63 -101.36 -79.28
N SER W 102 46.88 -102.38 -78.88
CA SER W 102 47.01 -103.69 -79.50
C SER W 102 46.64 -103.63 -80.97
N ALA W 103 47.54 -104.08 -81.82
CA ALA W 103 47.21 -104.20 -83.23
C ALA W 103 46.11 -105.23 -83.42
N ALA W 104 45.32 -105.05 -84.49
CA ALA W 104 44.16 -105.91 -84.70
C ALA W 104 44.53 -107.39 -84.82
N THR W 105 45.80 -107.71 -85.10
CA THR W 105 46.23 -109.11 -85.13
C THR W 105 45.87 -109.83 -83.84
N VAL W 106 46.14 -109.16 -82.72
CA VAL W 106 45.94 -109.77 -81.42
C VAL W 106 44.47 -110.05 -81.19
N ARG W 107 43.62 -109.07 -81.48
CA ARG W 107 42.19 -109.26 -81.24
C ARG W 107 41.63 -110.34 -82.16
N GLU W 108 42.12 -110.39 -83.40
CA GLU W 108 41.67 -111.44 -84.31
C GLU W 108 41.98 -112.83 -83.74
N ASP W 109 43.24 -113.09 -83.36
CA ASP W 109 43.52 -114.45 -82.86
C ASP W 109 42.98 -114.66 -81.44
N LEU W 110 42.67 -113.61 -80.69
CA LEU W 110 41.99 -113.83 -79.41
C LEU W 110 40.59 -114.36 -79.64
N VAL W 111 39.84 -113.72 -80.54
CA VAL W 111 38.53 -114.25 -80.91
C VAL W 111 38.65 -115.67 -81.44
N ALA W 112 39.65 -115.92 -82.29
CA ALA W 112 39.80 -117.26 -82.85
C ALA W 112 40.06 -118.27 -81.75
N LEU W 113 40.85 -117.89 -80.74
CA LEU W 113 41.10 -118.73 -79.57
C LEU W 113 39.80 -119.04 -78.83
N LEU W 114 38.98 -118.02 -78.61
CA LEU W 114 37.74 -118.23 -77.87
C LEU W 114 36.82 -119.18 -78.62
N ALA W 115 36.71 -118.99 -79.93
CA ALA W 115 35.82 -119.84 -80.72
C ALA W 115 36.32 -121.27 -80.76
N SER W 116 37.65 -121.46 -80.89
CA SER W 116 38.20 -122.80 -80.88
C SER W 116 38.05 -123.45 -79.51
N ALA W 117 38.09 -122.67 -78.44
CA ALA W 117 37.85 -123.22 -77.11
C ALA W 117 36.41 -123.67 -76.96
N LEU W 118 35.47 -122.89 -77.50
CA LEU W 118 34.07 -123.33 -77.52
C LEU W 118 33.89 -124.59 -78.36
N ALA W 119 34.68 -124.74 -79.41
CA ALA W 119 34.55 -125.92 -80.27
C ALA W 119 35.22 -127.15 -79.68
N ASP W 120 36.25 -126.97 -78.86
CA ASP W 120 36.96 -128.11 -78.28
C ASP W 120 36.00 -128.93 -77.42
N THR W 121 36.09 -130.26 -77.55
CA THR W 121 35.13 -131.13 -76.89
C THR W 121 35.27 -131.07 -75.37
N ALA W 122 36.51 -131.03 -74.87
CA ALA W 122 36.72 -131.02 -73.43
C ALA W 122 36.12 -129.76 -72.80
N ILE W 123 36.39 -128.60 -73.40
CA ILE W 123 35.87 -127.34 -72.89
C ILE W 123 34.36 -127.27 -73.09
N LYS W 124 33.87 -127.76 -74.22
CA LYS W 124 32.45 -127.71 -74.50
C LYS W 124 31.66 -128.57 -73.50
N SER W 125 32.26 -129.67 -73.03
CA SER W 125 31.63 -130.48 -72.01
C SER W 125 31.34 -129.66 -70.76
N THR W 126 32.27 -128.77 -70.41
CA THR W 126 32.12 -127.89 -69.26
C THR W 126 30.79 -127.15 -69.28
N ILE W 127 30.42 -126.62 -70.45
CA ILE W 127 29.19 -125.84 -70.54
C ILE W 127 27.99 -126.75 -70.72
N VAL W 128 28.07 -127.65 -71.69
CA VAL W 128 26.90 -128.42 -72.09
C VAL W 128 26.44 -129.34 -70.96
N ASN W 129 27.38 -130.08 -70.36
CA ASN W 129 27.08 -131.09 -69.36
C ASN W 129 27.26 -130.59 -67.94
N VAL W 130 27.54 -129.29 -67.76
CA VAL W 130 27.83 -128.66 -66.48
C VAL W 130 28.68 -129.57 -65.59
N GLU W 131 29.83 -129.99 -66.13
CA GLU W 131 30.81 -130.79 -65.40
C GLU W 131 32.01 -129.91 -65.03
N HIS W 132 32.51 -130.07 -63.80
CA HIS W 132 33.76 -129.44 -63.37
C HIS W 132 34.96 -130.09 -64.03
N PHE W 133 36.04 -129.33 -64.15
CA PHE W 133 37.32 -129.94 -64.50
C PHE W 133 37.88 -130.69 -63.30
N TYR W 134 38.41 -131.89 -63.55
CA TYR W 134 38.94 -132.72 -62.48
C TYR W 134 40.18 -133.53 -62.88
N PRO X 1 18.75 -87.39 -93.08
CA PRO X 1 20.07 -87.98 -93.34
C PRO X 1 20.25 -89.25 -92.56
N ALA X 2 19.98 -90.39 -93.19
CA ALA X 2 20.26 -91.65 -92.55
C ALA X 2 21.77 -91.82 -92.38
N LEU X 3 22.14 -92.54 -91.33
CA LEU X 3 23.56 -92.75 -91.03
C LEU X 3 24.17 -93.66 -92.09
N LYS X 4 25.23 -93.19 -92.73
CA LYS X 4 25.86 -93.81 -93.89
C LYS X 4 27.32 -93.43 -93.89
N PRO X 5 28.23 -94.32 -94.30
CA PRO X 5 29.61 -93.90 -94.51
C PRO X 5 29.67 -92.82 -95.58
N ILE X 6 30.33 -91.72 -95.25
CA ILE X 6 30.38 -90.59 -96.15
C ILE X 6 31.81 -90.41 -96.61
N THR X 7 31.98 -90.15 -97.90
CA THR X 7 33.30 -89.99 -98.49
C THR X 7 33.59 -88.50 -98.65
N LEU X 8 34.74 -88.07 -98.15
CA LEU X 8 35.17 -86.68 -98.23
C LEU X 8 36.51 -86.61 -98.95
N THR X 9 36.73 -85.55 -99.71
CA THR X 9 37.95 -85.40 -100.50
C THR X 9 38.97 -84.57 -99.72
N ASP X 10 40.23 -85.03 -99.73
CA ASP X 10 41.28 -84.34 -98.98
C ASP X 10 41.95 -83.29 -99.87
N HIS X 11 43.15 -82.87 -99.49
CA HIS X 11 43.81 -81.82 -100.27
C HIS X 11 44.19 -82.29 -101.66
N SER X 12 44.65 -83.54 -101.79
CA SER X 12 45.02 -84.08 -103.08
C SER X 12 43.82 -84.54 -103.91
N SER X 13 42.60 -84.24 -103.45
CA SER X 13 41.32 -84.67 -104.02
C SER X 13 41.09 -86.17 -103.89
N ALA X 14 41.99 -86.91 -103.24
CA ALA X 14 41.77 -88.32 -102.98
C ALA X 14 40.60 -88.51 -102.02
N ASP X 15 39.87 -89.61 -102.20
CA ASP X 15 38.74 -89.89 -101.34
C ASP X 15 39.21 -90.38 -99.98
N VAL X 16 38.38 -90.10 -98.96
CA VAL X 16 38.65 -90.46 -97.57
C VAL X 16 37.31 -90.87 -96.99
N ILE X 17 37.16 -92.15 -96.69
CA ILE X 17 35.87 -92.72 -96.29
C ILE X 17 35.76 -92.67 -94.77
N PHE X 18 34.74 -91.98 -94.28
CA PHE X 18 34.43 -91.94 -92.85
C PHE X 18 33.26 -92.90 -92.58
N THR X 19 33.53 -93.93 -91.80
CA THR X 19 32.50 -94.88 -91.40
C THR X 19 31.80 -94.38 -90.14
N PRO X 20 30.49 -94.56 -90.04
CA PRO X 20 29.76 -94.13 -88.83
C PRO X 20 30.22 -94.92 -87.63
N THR X 21 30.52 -94.20 -86.55
CA THR X 21 30.97 -94.81 -85.30
C THR X 21 29.85 -94.96 -84.29
N GLN X 22 29.14 -93.89 -83.97
CA GLN X 22 28.31 -93.89 -82.78
C GLN X 22 27.34 -92.73 -82.84
N ILE X 23 26.16 -92.92 -82.24
CA ILE X 23 25.21 -91.84 -82.04
C ILE X 23 25.14 -91.56 -80.54
N ASP X 24 25.51 -90.35 -80.15
CA ASP X 24 25.75 -90.01 -78.76
C ASP X 24 24.45 -90.02 -77.96
N LYS X 25 24.59 -89.92 -76.63
CA LYS X 25 23.42 -89.72 -75.77
C LYS X 25 22.81 -88.34 -75.97
N ASN X 26 23.62 -87.38 -76.40
CA ASN X 26 23.16 -86.02 -76.62
C ASN X 26 22.71 -85.76 -78.04
N GLY X 27 22.80 -86.76 -78.91
CA GLY X 27 22.43 -86.61 -80.30
C GLY X 27 23.61 -86.48 -81.24
N VAL X 28 24.84 -86.45 -80.71
CA VAL X 28 26.01 -86.29 -81.55
C VAL X 28 26.25 -87.56 -82.35
N ALA X 29 26.48 -87.40 -83.65
CA ALA X 29 26.78 -88.51 -84.54
C ALA X 29 28.24 -88.40 -84.97
N TYR X 30 28.98 -89.50 -84.83
CA TYR X 30 30.42 -89.52 -85.07
C TYR X 30 30.74 -90.39 -86.27
N PHE X 31 31.54 -89.85 -87.19
CA PHE X 31 32.11 -90.60 -88.30
C PHE X 31 33.63 -90.60 -88.16
N ARG X 32 34.24 -91.77 -88.30
CA ARG X 32 35.68 -91.88 -88.08
C ARG X 32 36.37 -92.47 -89.29
N HIS X 33 37.63 -92.10 -89.45
CA HIS X 33 38.56 -92.68 -90.42
C HIS X 33 39.86 -92.94 -89.69
N LEU X 34 40.29 -94.21 -89.64
CA LEU X 34 41.42 -94.58 -88.81
C LEU X 34 42.73 -94.07 -89.40
N GLN X 35 43.76 -94.04 -88.56
CA GLN X 35 45.06 -93.52 -88.97
C GLN X 35 45.77 -94.54 -89.87
N ALA X 36 47.00 -94.18 -90.27
CA ALA X 36 47.80 -95.09 -91.08
C ALA X 36 47.96 -96.45 -90.41
N ASN X 37 48.41 -96.44 -89.16
CA ASN X 37 48.47 -97.68 -88.39
C ASN X 37 47.06 -98.17 -88.06
N GLY X 38 46.90 -99.49 -88.01
CA GLY X 38 45.61 -100.06 -87.69
C GLY X 38 45.13 -99.77 -86.29
N LYS X 39 45.95 -99.13 -85.48
CA LYS X 39 45.63 -98.89 -84.07
C LYS X 39 44.63 -97.74 -83.95
N PRO X 40 43.45 -97.97 -83.36
CA PRO X 40 42.41 -96.92 -83.25
C PRO X 40 42.58 -96.09 -81.99
N ILE X 41 43.63 -95.29 -81.95
CA ILE X 41 43.88 -94.40 -80.83
C ILE X 41 43.56 -92.95 -81.19
N GLY X 42 44.24 -92.42 -82.20
CA GLY X 42 43.90 -91.15 -82.78
C GLY X 42 43.32 -91.40 -84.16
N ALA X 43 42.22 -90.73 -84.46
CA ALA X 43 41.51 -91.02 -85.70
C ALA X 43 40.83 -89.76 -86.18
N TYR X 44 40.78 -89.60 -87.49
CA TYR X 44 40.08 -88.46 -88.07
C TYR X 44 38.59 -88.58 -87.80
N THR X 45 37.97 -87.52 -87.31
CA THR X 45 36.58 -87.59 -86.89
C THR X 45 35.76 -86.45 -87.47
N VAL X 46 34.48 -86.72 -87.64
CA VAL X 46 33.50 -85.74 -88.07
C VAL X 46 32.27 -85.90 -87.18
N SER X 47 31.96 -84.86 -86.43
CA SER X 47 30.83 -84.86 -85.50
C SER X 47 29.71 -83.98 -86.05
N SER X 48 28.49 -84.47 -85.97
CA SER X 48 27.33 -83.69 -86.39
C SER X 48 26.26 -83.75 -85.32
N HIS X 49 25.78 -82.58 -84.89
CA HIS X 49 24.73 -82.54 -83.88
C HIS X 49 23.82 -81.34 -84.13
N VAL X 50 22.53 -81.57 -84.20
CA VAL X 50 21.56 -80.50 -84.32
C VAL X 50 20.78 -80.39 -83.02
N LYS X 51 20.61 -79.17 -82.55
CA LYS X 51 19.91 -78.87 -81.30
C LYS X 51 18.63 -78.11 -81.66
N GLU X 52 17.49 -78.76 -81.36
CA GLU X 52 16.18 -78.17 -81.55
C GLU X 52 16.05 -76.94 -80.65
N PRO X 53 15.05 -76.08 -80.89
CA PRO X 53 14.86 -74.91 -80.06
C PRO X 53 13.97 -75.17 -78.85
N GLY X 54 14.28 -74.52 -77.75
CA GLY X 54 13.53 -74.68 -76.51
C GLY X 54 12.61 -73.50 -76.27
N THR X 55 11.33 -73.81 -76.00
CA THR X 55 10.31 -72.79 -75.77
C THR X 55 10.19 -71.88 -76.99
N ASN X 56 10.23 -72.49 -78.16
CA ASN X 56 10.08 -71.80 -79.45
C ASN X 56 11.07 -70.63 -79.57
N GLY X 57 12.22 -70.74 -78.89
CA GLY X 57 13.31 -69.84 -79.19
C GLY X 57 13.70 -69.98 -80.65
N ASP X 58 13.83 -68.84 -81.33
CA ASP X 58 13.97 -68.85 -82.79
C ASP X 58 15.12 -69.72 -83.27
N VAL X 59 16.11 -70.02 -82.44
CA VAL X 59 17.38 -70.56 -82.90
C VAL X 59 17.34 -72.08 -82.96
N PHE X 60 17.87 -72.62 -84.06
CA PHE X 60 18.31 -73.99 -84.21
C PHE X 60 19.83 -73.96 -84.19
N ARG X 61 20.44 -74.83 -83.39
CA ARG X 61 21.91 -74.83 -83.25
C ARG X 61 22.48 -76.10 -83.88
N VAL X 62 22.98 -75.99 -85.10
CA VAL X 62 23.44 -77.15 -85.86
C VAL X 62 24.95 -77.08 -86.00
N LYS X 63 25.65 -78.10 -85.53
CA LYS X 63 27.09 -78.05 -85.34
C LYS X 63 27.76 -79.17 -86.12
N LEU X 64 28.91 -78.83 -86.72
CA LEU X 64 29.72 -79.72 -87.52
C LEU X 64 31.18 -79.58 -87.09
N PHE X 65 31.80 -80.68 -86.69
CA PHE X 65 33.18 -80.69 -86.23
C PHE X 65 34.00 -81.62 -87.11
N VAL X 66 35.21 -81.18 -87.47
CA VAL X 66 36.14 -81.98 -88.24
C VAL X 66 37.48 -81.95 -87.53
N ASN X 67 37.86 -83.07 -86.92
CA ASN X 67 39.07 -83.17 -86.13
C ASN X 67 40.09 -84.04 -86.86
N VAL X 68 41.26 -83.48 -87.10
CA VAL X 68 42.36 -84.14 -87.78
C VAL X 68 43.51 -84.29 -86.79
N PRO X 69 43.66 -85.46 -86.17
CA PRO X 69 44.80 -85.68 -85.26
C PRO X 69 46.04 -86.14 -85.99
N GLU X 70 47.18 -85.62 -85.54
CA GLU X 70 48.49 -86.10 -85.92
C GLU X 70 49.04 -86.94 -84.76
N VAL X 71 49.40 -88.18 -85.07
CA VAL X 71 49.77 -89.20 -84.09
C VAL X 71 51.27 -89.46 -84.16
N ALA X 72 51.82 -89.98 -83.06
CA ALA X 72 53.24 -90.31 -82.95
C ALA X 72 53.39 -91.69 -82.34
N THR X 73 54.19 -92.52 -82.99
CA THR X 73 54.49 -93.86 -82.49
C THR X 73 55.79 -93.78 -81.69
N ILE X 74 55.69 -93.88 -80.37
CA ILE X 74 56.84 -93.75 -79.48
C ILE X 74 57.18 -95.13 -78.92
N THR X 75 58.42 -95.55 -79.09
CA THR X 75 58.89 -96.77 -78.47
C THR X 75 59.98 -96.41 -77.47
N PRO X 76 59.79 -96.73 -76.18
CA PRO X 76 60.76 -96.29 -75.16
C PRO X 76 62.13 -96.95 -75.32
N ASN X 77 63.08 -96.54 -74.48
CA ASN X 77 64.45 -97.01 -74.62
C ASN X 77 64.57 -98.46 -74.17
N GLY X 78 65.18 -99.28 -75.03
CA GLY X 78 65.44 -100.67 -74.70
C GLY X 78 64.20 -101.49 -74.46
N SER X 79 63.09 -101.16 -75.13
CA SER X 79 61.82 -101.84 -74.93
C SER X 79 61.39 -102.51 -76.22
N ASP X 80 60.86 -103.74 -76.09
CA ASP X 80 60.43 -104.50 -77.26
C ASP X 80 59.30 -103.81 -77.99
N THR X 81 58.32 -103.27 -77.24
CA THR X 81 57.04 -102.87 -77.81
C THR X 81 56.92 -101.35 -77.86
N SER X 82 56.31 -100.86 -78.94
CA SER X 82 56.02 -99.46 -79.14
C SER X 82 54.56 -99.17 -78.81
N SER X 83 54.31 -97.97 -78.30
CA SER X 83 52.96 -97.52 -78.05
C SER X 83 52.70 -96.24 -78.82
N VAL X 84 51.45 -95.99 -79.13
CA VAL X 84 51.06 -94.86 -79.94
C VAL X 84 50.47 -93.77 -79.04
N GLU X 85 50.60 -92.51 -79.48
CA GLU X 85 50.27 -91.37 -78.65
C GLU X 85 49.75 -90.24 -79.53
N ILE X 86 48.80 -89.48 -79.01
CA ILE X 86 48.21 -88.37 -79.77
C ILE X 86 49.14 -87.17 -79.67
N ALA X 87 49.82 -86.85 -80.77
CA ALA X 87 50.82 -85.78 -80.75
C ALA X 87 50.15 -84.42 -80.71
N ARG X 88 49.30 -84.12 -81.68
CA ARG X 88 48.54 -82.87 -81.66
C ARG X 88 47.32 -83.05 -82.55
N THR X 89 46.45 -82.03 -82.56
CA THR X 89 45.23 -82.11 -83.36
C THR X 89 44.94 -80.77 -83.99
N ASN X 90 44.65 -80.77 -85.30
CA ASN X 90 44.03 -79.63 -85.95
C ASN X 90 42.52 -79.82 -85.92
N ARG X 91 41.80 -78.74 -85.68
CA ARG X 91 40.34 -78.84 -85.57
C ARG X 91 39.67 -77.74 -86.36
N ALA X 92 38.51 -78.08 -86.93
CA ALA X 92 37.60 -77.10 -87.50
C ALA X 92 36.25 -77.30 -86.83
N GLN X 93 35.68 -76.21 -86.31
CA GLN X 93 34.44 -76.28 -85.54
C GLN X 93 33.48 -75.25 -86.11
N VAL X 94 32.32 -75.72 -86.58
CA VAL X 94 31.34 -74.88 -87.25
C VAL X 94 30.02 -74.96 -86.50
N GLU X 95 29.46 -73.80 -86.19
CA GLU X 95 28.13 -73.71 -85.60
C GLU X 95 27.28 -72.81 -86.48
N PHE X 96 26.19 -73.35 -87.01
CA PHE X 96 25.19 -72.56 -87.69
C PHE X 96 24.06 -72.29 -86.72
N ILE X 97 23.69 -71.02 -86.61
CA ILE X 97 22.53 -70.56 -85.86
C ILE X 97 21.46 -70.22 -86.88
N LEU X 98 20.38 -70.99 -86.90
CA LEU X 98 19.37 -70.86 -87.93
C LEU X 98 18.03 -70.51 -87.32
N PRO X 99 17.46 -69.34 -87.59
CA PRO X 99 16.14 -69.02 -87.02
C PRO X 99 15.07 -69.96 -87.54
N ALA X 100 14.12 -70.28 -86.65
CA ALA X 100 13.08 -71.26 -86.94
C ALA X 100 12.03 -70.76 -87.92
N GLN X 101 12.17 -69.54 -88.42
CA GLN X 101 11.18 -68.98 -89.35
C GLN X 101 11.73 -68.67 -90.73
N SER X 102 13.05 -68.71 -90.93
CA SER X 102 13.57 -68.57 -92.28
C SER X 102 13.34 -69.86 -93.06
N ALA X 103 12.95 -69.72 -94.32
CA ALA X 103 12.72 -70.89 -95.15
C ALA X 103 14.04 -71.49 -95.62
N ALA X 104 13.96 -72.69 -96.21
CA ALA X 104 15.16 -73.43 -96.56
C ALA X 104 16.06 -72.68 -97.54
N THR X 105 15.51 -71.75 -98.32
CA THR X 105 16.32 -71.01 -99.29
C THR X 105 17.46 -70.27 -98.60
N VAL X 106 17.15 -69.63 -97.48
CA VAL X 106 18.14 -68.85 -96.75
C VAL X 106 19.26 -69.75 -96.26
N ARG X 107 18.91 -70.91 -95.70
CA ARG X 107 19.96 -71.80 -95.20
C ARG X 107 20.78 -72.36 -96.34
N GLU X 108 20.15 -72.64 -97.48
CA GLU X 108 20.89 -73.16 -98.63
C GLU X 108 21.94 -72.16 -99.09
N ASP X 109 21.54 -70.90 -99.30
CA ASP X 109 22.56 -69.97 -99.79
C ASP X 109 23.53 -69.53 -98.68
N LEU X 110 23.18 -69.69 -97.40
CA LEU X 110 24.18 -69.50 -96.36
C LEU X 110 25.27 -70.56 -96.45
N VAL X 111 24.88 -71.83 -96.58
CA VAL X 111 25.86 -72.89 -96.74
C VAL X 111 26.70 -72.66 -97.98
N ALA X 112 26.07 -72.25 -99.08
CA ALA X 112 26.83 -71.99 -100.31
C ALA X 112 27.82 -70.85 -100.12
N LEU X 113 27.43 -69.80 -99.41
CA LEU X 113 28.34 -68.70 -99.11
C LEU X 113 29.53 -69.19 -98.29
N LEU X 114 29.27 -70.03 -97.28
CA LEU X 114 30.38 -70.53 -96.46
C LEU X 114 31.33 -71.39 -97.28
N ALA X 115 30.80 -72.29 -98.12
CA ALA X 115 31.67 -73.14 -98.92
C ALA X 115 32.48 -72.32 -99.93
N SER X 116 31.84 -71.32 -100.55
CA SER X 116 32.57 -70.48 -101.50
C SER X 116 33.61 -69.62 -100.78
N ALA X 117 33.34 -69.23 -99.53
CA ALA X 117 34.35 -68.51 -98.76
C ALA X 117 35.54 -69.42 -98.46
N LEU X 118 35.28 -70.68 -98.13
CA LEU X 118 36.38 -71.63 -97.94
C LEU X 118 37.15 -71.85 -99.23
N ALA X 119 36.48 -71.76 -100.37
CA ALA X 119 37.16 -71.99 -101.64
C ALA X 119 37.96 -70.78 -102.11
N ASP X 120 37.51 -69.56 -101.77
CA ASP X 120 38.22 -68.36 -102.18
C ASP X 120 39.65 -68.39 -101.70
N THR X 121 40.58 -67.96 -102.57
CA THR X 121 42.00 -68.07 -102.25
C THR X 121 42.40 -67.11 -101.13
N ALA X 122 41.85 -65.90 -101.14
CA ALA X 122 42.20 -64.91 -100.11
C ALA X 122 41.73 -65.40 -98.73
N ILE X 123 40.48 -65.84 -98.63
CA ILE X 123 39.97 -66.37 -97.39
C ILE X 123 40.70 -67.66 -97.02
N LYS X 124 41.12 -68.44 -98.02
CA LYS X 124 41.75 -69.72 -97.73
C LYS X 124 43.11 -69.53 -97.10
N SER X 125 43.92 -68.61 -97.63
CA SER X 125 45.24 -68.36 -97.06
C SER X 125 45.14 -67.94 -95.60
N THR X 126 44.05 -67.28 -95.22
CA THR X 126 43.81 -66.98 -93.82
C THR X 126 43.94 -68.22 -92.95
N ILE X 127 43.29 -69.31 -93.36
CA ILE X 127 43.32 -70.55 -92.58
C ILE X 127 44.62 -71.29 -92.82
N VAL X 128 44.91 -71.58 -94.09
CA VAL X 128 45.99 -72.48 -94.45
C VAL X 128 47.34 -71.89 -94.07
N ASN X 129 47.56 -70.62 -94.38
CA ASN X 129 48.86 -69.97 -94.29
C ASN X 129 49.03 -69.15 -93.02
N VAL X 130 47.98 -69.01 -92.21
CA VAL X 130 48.03 -68.29 -90.95
C VAL X 130 48.56 -66.88 -91.20
N GLU X 131 47.95 -66.22 -92.18
CA GLU X 131 48.21 -64.84 -92.51
C GLU X 131 47.00 -64.02 -92.11
N HIS X 132 47.25 -62.84 -91.54
CA HIS X 132 46.20 -61.87 -91.26
C HIS X 132 45.74 -61.20 -92.54
N PHE X 133 44.51 -60.72 -92.52
CA PHE X 133 44.03 -59.83 -93.57
C PHE X 133 44.61 -58.44 -93.37
N TYR X 134 44.96 -57.79 -94.48
CA TYR X 134 45.54 -56.44 -94.42
C TYR X 134 45.25 -55.61 -95.68
N PRO Y 1 -36.71 -0.37 -73.79
CA PRO Y 1 -36.25 0.61 -74.80
C PRO Y 1 -34.88 0.24 -75.30
N ALA Y 2 -34.83 -0.12 -76.60
CA ALA Y 2 -33.56 -0.38 -77.27
C ALA Y 2 -32.62 0.80 -77.09
N LEU Y 3 -31.41 0.50 -76.62
CA LEU Y 3 -30.42 1.52 -76.33
C LEU Y 3 -30.14 2.34 -77.58
N LYS Y 4 -30.41 3.64 -77.50
CA LYS Y 4 -30.30 4.57 -78.62
C LYS Y 4 -29.81 5.90 -78.09
N PRO Y 5 -28.97 6.61 -78.84
CA PRO Y 5 -28.57 7.96 -78.42
C PRO Y 5 -29.79 8.85 -78.35
N ILE Y 6 -29.87 9.60 -77.26
CA ILE Y 6 -31.06 10.40 -77.00
C ILE Y 6 -30.65 11.86 -76.96
N THR Y 7 -31.56 12.73 -77.39
CA THR Y 7 -31.31 14.16 -77.47
C THR Y 7 -32.13 14.87 -76.39
N LEU Y 8 -31.45 15.68 -75.58
CA LEU Y 8 -32.07 16.44 -74.49
C LEU Y 8 -31.77 17.92 -74.67
N THR Y 9 -32.68 18.77 -74.20
CA THR Y 9 -32.53 20.21 -74.34
C THR Y 9 -31.88 20.82 -73.10
N ASP Y 10 -30.93 21.74 -73.31
CA ASP Y 10 -30.24 22.42 -72.22
C ASP Y 10 -31.03 23.65 -71.80
N HIS Y 11 -30.38 24.59 -71.14
CA HIS Y 11 -31.12 25.75 -70.67
C HIS Y 11 -31.58 26.63 -71.82
N SER Y 12 -30.75 26.78 -72.84
CA SER Y 12 -31.08 27.58 -74.01
C SER Y 12 -31.99 26.83 -75.00
N SER Y 13 -32.54 25.70 -74.58
CA SER Y 13 -33.38 24.81 -75.38
C SER Y 13 -32.65 24.28 -76.61
N ALA Y 14 -31.33 24.43 -76.68
CA ALA Y 14 -30.54 23.81 -77.73
C ALA Y 14 -30.44 22.31 -77.51
N ASP Y 15 -30.17 21.58 -78.59
CA ASP Y 15 -30.07 20.13 -78.49
C ASP Y 15 -28.73 19.72 -77.91
N VAL Y 16 -28.75 18.61 -77.17
CA VAL Y 16 -27.57 18.02 -76.53
C VAL Y 16 -27.71 16.52 -76.68
N ILE Y 17 -26.82 15.91 -77.46
CA ILE Y 17 -26.94 14.52 -77.87
C ILE Y 17 -26.09 13.67 -76.94
N PHE Y 18 -26.75 12.75 -76.22
CA PHE Y 18 -26.09 11.79 -75.36
C PHE Y 18 -26.00 10.46 -76.10
N THR Y 19 -24.79 10.00 -76.35
CA THR Y 19 -24.58 8.70 -77.00
C THR Y 19 -24.45 7.61 -75.95
N PRO Y 20 -24.99 6.42 -76.21
CA PRO Y 20 -24.83 5.33 -75.25
C PRO Y 20 -23.37 4.92 -75.15
N THR Y 21 -22.92 4.72 -73.92
CA THR Y 21 -21.55 4.32 -73.62
C THR Y 21 -21.45 2.87 -73.20
N GLN Y 22 -22.29 2.42 -72.26
CA GLN Y 22 -22.06 1.14 -71.59
C GLN Y 22 -23.36 0.67 -70.94
N ILE Y 23 -23.52 -0.64 -70.90
CA ILE Y 23 -24.53 -1.28 -70.07
C ILE Y 23 -23.78 -2.04 -68.98
N ASP Y 24 -24.08 -1.71 -67.72
CA ASP Y 24 -23.26 -2.13 -66.59
C ASP Y 24 -23.48 -3.60 -66.26
N LYS Y 25 -22.65 -4.13 -65.35
CA LYS Y 25 -22.87 -5.47 -64.83
C LYS Y 25 -24.15 -5.53 -64.01
N ASN Y 26 -24.53 -4.42 -63.38
CA ASN Y 26 -25.70 -4.37 -62.52
C ASN Y 26 -26.96 -3.96 -63.26
N GLY Y 27 -26.87 -3.75 -64.57
CA GLY Y 27 -28.00 -3.29 -65.35
C GLY Y 27 -28.05 -1.80 -65.56
N VAL Y 28 -27.03 -1.06 -65.15
CA VAL Y 28 -27.00 0.39 -65.32
C VAL Y 28 -26.62 0.71 -66.76
N ALA Y 29 -27.39 1.59 -67.39
CA ALA Y 29 -27.12 2.04 -68.75
C ALA Y 29 -26.66 3.49 -68.70
N TYR Y 30 -25.55 3.79 -69.38
CA TYR Y 30 -24.91 5.09 -69.31
C TYR Y 30 -24.93 5.76 -70.68
N PHE Y 31 -25.42 7.00 -70.73
CA PHE Y 31 -25.30 7.86 -71.89
C PHE Y 31 -24.36 9.01 -71.55
N ARG Y 32 -23.45 9.32 -72.47
CA ARG Y 32 -22.47 10.37 -72.23
C ARG Y 32 -22.51 11.42 -73.33
N HIS Y 33 -22.14 12.63 -72.95
CA HIS Y 33 -21.93 13.76 -73.85
C HIS Y 33 -20.62 14.41 -73.42
N LEU Y 34 -19.65 14.43 -74.32
CA LEU Y 34 -18.30 14.89 -73.98
C LEU Y 34 -18.29 16.39 -73.73
N GLN Y 35 -17.24 16.86 -73.05
CA GLN Y 35 -17.10 18.28 -72.75
C GLN Y 35 -16.71 19.05 -74.01
N ALA Y 36 -16.48 20.36 -73.80
CA ALA Y 36 -16.01 21.22 -74.88
C ALA Y 36 -14.75 20.66 -75.52
N ASN Y 37 -13.73 20.37 -74.70
CA ASN Y 37 -12.54 19.70 -75.21
C ASN Y 37 -12.88 18.28 -75.64
N GLY Y 38 -12.11 17.79 -76.62
CA GLY Y 38 -12.34 16.45 -77.13
C GLY Y 38 -11.97 15.36 -76.13
N LYS Y 39 -11.42 15.77 -75.01
CA LYS Y 39 -10.96 14.88 -73.96
C LYS Y 39 -12.14 14.38 -73.12
N PRO Y 40 -12.19 13.09 -72.82
CA PRO Y 40 -13.36 12.50 -72.16
C PRO Y 40 -13.31 12.46 -70.63
N ILE Y 41 -12.36 13.16 -70.00
CA ILE Y 41 -12.10 12.89 -68.58
C ILE Y 41 -13.29 13.30 -67.72
N GLY Y 42 -13.90 14.45 -68.01
CA GLY Y 42 -15.15 14.80 -67.38
C GLY Y 42 -16.20 14.92 -68.45
N ALA Y 43 -17.39 14.38 -68.22
CA ALA Y 43 -18.40 14.40 -69.27
C ALA Y 43 -19.79 14.34 -68.66
N TYR Y 44 -20.74 14.96 -69.35
CA TYR Y 44 -22.13 14.91 -68.92
C TYR Y 44 -22.66 13.49 -69.07
N THR Y 45 -23.35 13.00 -68.05
CA THR Y 45 -23.80 11.62 -68.04
C THR Y 45 -25.25 11.49 -67.63
N VAL Y 46 -25.90 10.47 -68.16
CA VAL Y 46 -27.26 10.09 -67.79
C VAL Y 46 -27.27 8.60 -67.54
N SER Y 47 -27.60 8.20 -66.31
CA SER Y 47 -27.62 6.80 -65.90
C SER Y 47 -29.06 6.36 -65.70
N SER Y 48 -29.38 5.16 -66.20
CA SER Y 48 -30.71 4.59 -66.01
C SER Y 48 -30.58 3.15 -65.57
N HIS Y 49 -31.18 2.84 -64.43
CA HIS Y 49 -31.18 1.46 -63.94
C HIS Y 49 -32.50 1.17 -63.25
N VAL Y 50 -33.17 0.10 -63.65
CA VAL Y 50 -34.41 -0.31 -63.02
C VAL Y 50 -34.18 -1.65 -62.34
N LYS Y 51 -34.58 -1.73 -61.07
CA LYS Y 51 -34.38 -2.91 -60.22
C LYS Y 51 -35.73 -3.56 -60.02
N GLU Y 52 -35.90 -4.76 -60.59
CA GLU Y 52 -37.14 -5.50 -60.44
C GLU Y 52 -37.25 -6.03 -59.02
N PRO Y 53 -38.48 -6.29 -58.56
CA PRO Y 53 -38.66 -6.75 -57.17
C PRO Y 53 -38.34 -8.23 -57.00
N GLY Y 54 -38.07 -8.60 -55.75
CA GLY Y 54 -37.74 -9.97 -55.42
C GLY Y 54 -38.62 -10.50 -54.31
N THR Y 55 -38.85 -11.82 -54.36
CA THR Y 55 -39.77 -12.47 -53.41
C THR Y 55 -41.12 -11.79 -53.42
N ASN Y 56 -41.70 -11.66 -54.62
CA ASN Y 56 -42.94 -10.93 -54.85
C ASN Y 56 -42.89 -9.55 -54.19
N GLY Y 57 -41.72 -8.92 -54.23
CA GLY Y 57 -41.59 -7.59 -53.67
C GLY Y 57 -42.58 -6.63 -54.30
N ASP Y 58 -43.19 -5.79 -53.48
CA ASP Y 58 -44.20 -4.89 -53.99
C ASP Y 58 -43.62 -3.86 -54.95
N VAL Y 59 -42.30 -3.64 -54.93
CA VAL Y 59 -41.71 -2.40 -55.43
C VAL Y 59 -40.72 -2.69 -56.55
N PHE Y 60 -40.92 -2.05 -57.70
CA PHE Y 60 -39.87 -1.72 -58.65
C PHE Y 60 -39.15 -0.47 -58.17
N ARG Y 61 -37.83 -0.44 -58.33
CA ARG Y 61 -37.03 0.75 -57.99
C ARG Y 61 -36.30 1.23 -59.25
N VAL Y 62 -36.79 2.32 -59.85
CA VAL Y 62 -36.30 2.77 -61.14
C VAL Y 62 -35.56 4.09 -60.93
N LYS Y 63 -34.31 4.15 -61.36
CA LYS Y 63 -33.42 5.25 -61.01
C LYS Y 63 -32.89 5.93 -62.26
N LEU Y 64 -32.89 7.27 -62.21
CA LEU Y 64 -32.42 8.14 -63.29
C LEU Y 64 -31.45 9.15 -62.70
N PHE Y 65 -30.24 9.21 -63.25
CA PHE Y 65 -29.20 10.10 -62.77
C PHE Y 65 -28.76 11.02 -63.91
N VAL Y 66 -28.59 12.30 -63.59
CA VAL Y 66 -28.12 13.30 -64.55
C VAL Y 66 -26.97 14.04 -63.90
N ASN Y 67 -25.76 13.79 -64.38
CA ASN Y 67 -24.54 14.36 -63.80
C ASN Y 67 -23.94 15.37 -64.77
N VAL Y 68 -23.74 16.59 -64.27
CA VAL Y 68 -23.20 17.70 -65.03
C VAL Y 68 -21.90 18.15 -64.37
N PRO Y 69 -20.74 17.72 -64.87
CA PRO Y 69 -19.47 18.20 -64.34
C PRO Y 69 -19.01 19.50 -64.99
N GLU Y 70 -18.38 20.34 -64.17
CA GLU Y 70 -17.57 21.45 -64.63
C GLU Y 70 -16.11 21.02 -64.50
N VAL Y 71 -15.40 21.00 -65.62
CA VAL Y 71 -14.00 20.64 -65.67
C VAL Y 71 -13.17 21.91 -65.75
N ALA Y 72 -11.91 21.81 -65.33
CA ALA Y 72 -10.97 22.91 -65.39
C ALA Y 72 -9.69 22.45 -66.06
N THR Y 73 -9.13 23.32 -66.90
CA THR Y 73 -7.92 23.01 -67.65
C THR Y 73 -6.73 23.57 -66.88
N ILE Y 74 -5.95 22.68 -66.26
CA ILE Y 74 -4.78 23.07 -65.49
C ILE Y 74 -3.56 22.88 -66.35
N THR Y 75 -2.78 23.94 -66.52
CA THR Y 75 -1.52 23.89 -67.27
C THR Y 75 -0.41 24.38 -66.36
N PRO Y 76 0.58 23.56 -66.05
CA PRO Y 76 1.63 23.98 -65.10
C PRO Y 76 2.43 25.17 -65.62
N ASN Y 77 3.18 25.79 -64.71
CA ASN Y 77 3.84 27.05 -65.01
C ASN Y 77 4.88 26.87 -66.11
N GLY Y 78 4.69 27.59 -67.21
CA GLY Y 78 5.62 27.55 -68.32
C GLY Y 78 5.67 26.23 -69.06
N SER Y 79 4.53 25.56 -69.20
CA SER Y 79 4.46 24.24 -69.80
C SER Y 79 3.78 24.31 -71.17
N ASP Y 80 4.16 23.37 -72.04
CA ASP Y 80 3.56 23.32 -73.37
C ASP Y 80 2.14 22.77 -73.31
N THR Y 81 1.96 21.64 -72.66
CA THR Y 81 0.68 20.93 -72.69
C THR Y 81 -0.06 21.08 -71.37
N SER Y 82 -1.39 21.04 -71.46
CA SER Y 82 -2.29 21.17 -70.32
C SER Y 82 -3.03 19.86 -70.09
N SER Y 83 -3.36 19.60 -68.82
CA SER Y 83 -4.15 18.44 -68.43
C SER Y 83 -5.47 18.91 -67.86
N VAL Y 84 -6.50 18.08 -68.03
CA VAL Y 84 -7.85 18.44 -67.62
C VAL Y 84 -8.19 17.72 -66.31
N GLU Y 85 -8.85 18.44 -65.40
CA GLU Y 85 -9.19 17.94 -64.07
C GLU Y 85 -10.67 18.21 -63.82
N ILE Y 86 -11.30 17.33 -63.05
CA ILE Y 86 -12.73 17.49 -62.74
C ILE Y 86 -12.85 18.48 -61.58
N ALA Y 87 -13.28 19.71 -61.90
CA ALA Y 87 -13.34 20.76 -60.89
C ALA Y 87 -14.45 20.50 -59.88
N ARG Y 88 -15.69 20.40 -60.35
CA ARG Y 88 -16.80 20.06 -59.46
C ARG Y 88 -17.91 19.48 -60.31
N THR Y 89 -18.94 18.96 -59.64
CA THR Y 89 -20.04 18.32 -60.36
C THR Y 89 -21.36 18.69 -59.72
N ASN Y 90 -22.32 19.12 -60.54
CA ASN Y 90 -23.72 19.18 -60.14
C ASN Y 90 -24.39 17.86 -60.51
N ARG Y 91 -25.32 17.41 -59.68
CA ARG Y 91 -25.98 16.14 -59.92
C ARG Y 91 -27.46 16.22 -59.60
N ALA Y 92 -28.24 15.42 -60.31
CA ALA Y 92 -29.65 15.21 -60.00
C ALA Y 92 -29.92 13.71 -60.00
N GLN Y 93 -30.52 13.21 -58.92
CA GLN Y 93 -30.68 11.77 -58.72
C GLN Y 93 -32.14 11.48 -58.38
N VAL Y 94 -32.80 10.71 -59.23
CA VAL Y 94 -34.23 10.44 -59.13
C VAL Y 94 -34.44 8.96 -58.92
N GLU Y 95 -35.15 8.60 -57.86
CA GLU Y 95 -35.58 7.23 -57.61
C GLU Y 95 -37.09 7.21 -57.57
N PHE Y 96 -37.71 6.54 -58.53
CA PHE Y 96 -39.14 6.25 -58.47
C PHE Y 96 -39.31 4.90 -57.81
N ILE Y 97 -40.14 4.88 -56.77
CA ILE Y 97 -40.55 3.64 -56.11
C ILE Y 97 -41.94 3.34 -56.64
N LEU Y 98 -42.04 2.38 -57.56
CA LEU Y 98 -43.33 2.08 -58.12
C LEU Y 98 -43.81 0.72 -57.63
N PRO Y 99 -45.08 0.57 -57.26
CA PRO Y 99 -45.55 -0.78 -56.91
C PRO Y 99 -45.92 -1.61 -58.13
N ALA Y 100 -45.64 -2.92 -58.04
CA ALA Y 100 -45.95 -3.84 -59.13
C ALA Y 100 -47.45 -4.02 -59.32
N GLN Y 101 -48.28 -3.52 -58.41
CA GLN Y 101 -49.71 -3.72 -58.45
C GLN Y 101 -50.47 -2.52 -58.99
N SER Y 102 -49.77 -1.47 -59.41
CA SER Y 102 -50.40 -0.26 -59.89
C SER Y 102 -50.75 -0.36 -61.37
N ALA Y 103 -51.53 0.62 -61.83
CA ALA Y 103 -51.87 0.76 -63.24
C ALA Y 103 -51.02 1.85 -63.87
N ALA Y 104 -50.71 1.66 -65.16
CA ALA Y 104 -49.82 2.58 -65.86
C ALA Y 104 -50.32 4.02 -65.84
N THR Y 105 -51.64 4.22 -65.71
CA THR Y 105 -52.19 5.56 -65.57
C THR Y 105 -51.53 6.31 -64.41
N VAL Y 106 -51.40 5.61 -63.29
CA VAL Y 106 -50.84 6.23 -62.09
C VAL Y 106 -49.40 6.65 -62.32
N ARG Y 107 -48.60 5.77 -62.92
CA ARG Y 107 -47.21 6.12 -63.18
C ARG Y 107 -47.11 7.26 -64.18
N GLU Y 108 -47.98 7.27 -65.18
CA GLU Y 108 -47.95 8.35 -66.17
C GLU Y 108 -48.20 9.70 -65.51
N ASP Y 109 -49.25 9.81 -64.69
CA ASP Y 109 -49.47 11.14 -64.09
C ASP Y 109 -48.54 11.41 -62.91
N LEU Y 110 -47.90 10.40 -62.33
CA LEU Y 110 -46.81 10.70 -61.39
C LEU Y 110 -45.65 11.38 -62.09
N VAL Y 111 -45.23 10.82 -63.23
CA VAL Y 111 -44.16 11.45 -64.01
C VAL Y 111 -44.57 12.84 -64.45
N ALA Y 112 -45.82 12.99 -64.91
CA ALA Y 112 -46.28 14.30 -65.36
C ALA Y 112 -46.29 15.30 -64.21
N LEU Y 113 -46.68 14.87 -63.01
CA LEU Y 113 -46.65 15.74 -61.85
C LEU Y 113 -45.23 16.15 -61.51
N LEU Y 114 -44.29 15.21 -61.59
CA LEU Y 114 -42.90 15.56 -61.32
C LEU Y 114 -42.37 16.57 -62.33
N ALA Y 115 -42.66 16.37 -63.61
CA ALA Y 115 -42.19 17.30 -64.63
C ALA Y 115 -42.82 18.68 -64.47
N SER Y 116 -44.11 18.72 -64.14
CA SER Y 116 -44.76 20.01 -63.93
C SER Y 116 -44.27 20.68 -62.67
N ALA Y 117 -43.88 19.91 -61.64
CA ALA Y 117 -43.28 20.51 -60.46
C ALA Y 117 -41.92 21.12 -60.79
N LEU Y 118 -41.13 20.42 -61.62
CA LEU Y 118 -39.88 21.01 -62.09
C LEU Y 118 -40.12 22.26 -62.91
N ALA Y 119 -41.21 22.31 -63.67
CA ALA Y 119 -41.48 23.48 -64.50
C ALA Y 119 -42.04 24.65 -63.69
N ASP Y 120 -42.72 24.38 -62.58
CA ASP Y 120 -43.28 25.46 -61.77
C ASP Y 120 -42.16 26.36 -61.26
N THR Y 121 -42.40 27.66 -61.31
CA THR Y 121 -41.35 28.62 -60.96
C THR Y 121 -41.07 28.61 -59.46
N ALA Y 122 -42.12 28.46 -58.63
CA ALA Y 122 -41.93 28.44 -57.19
C ALA Y 122 -41.06 27.27 -56.77
N ILE Y 123 -41.27 26.10 -57.39
CA ILE Y 123 -40.45 24.94 -57.08
C ILE Y 123 -39.10 25.04 -57.76
N LYS Y 124 -39.03 25.68 -58.92
CA LYS Y 124 -37.77 25.78 -59.64
C LYS Y 124 -36.79 26.69 -58.92
N SER Y 125 -37.29 27.70 -58.21
CA SER Y 125 -36.40 28.55 -57.42
C SER Y 125 -35.75 27.75 -56.30
N THR Y 126 -36.44 26.73 -55.80
CA THR Y 126 -35.87 25.83 -54.80
C THR Y 126 -34.57 25.23 -55.29
N ILE Y 127 -34.57 24.68 -56.51
CA ILE Y 127 -33.39 24.00 -57.03
C ILE Y 127 -32.38 25.03 -57.52
N VAL Y 128 -32.82 25.90 -58.42
CA VAL Y 128 -31.89 26.78 -59.13
C VAL Y 128 -31.27 27.80 -58.18
N ASN Y 129 -32.10 28.42 -57.31
CA ASN Y 129 -31.70 29.57 -56.52
C ASN Y 129 -31.49 29.22 -55.04
N VAL Y 130 -31.77 27.99 -54.63
CA VAL Y 130 -31.50 27.50 -53.28
C VAL Y 130 -32.15 28.41 -52.27
N GLU Y 131 -33.43 28.67 -52.49
CA GLU Y 131 -34.28 29.36 -51.54
C GLU Y 131 -35.19 28.35 -50.87
N HIS Y 132 -35.26 28.41 -49.54
CA HIS Y 132 -36.18 27.60 -48.74
C HIS Y 132 -37.61 28.11 -48.88
N PHE Y 133 -38.56 27.22 -48.63
CA PHE Y 133 -39.94 27.62 -48.44
C PHE Y 133 -40.13 28.20 -47.05
N TYR Y 134 -40.94 29.26 -46.96
CA TYR Y 134 -41.19 29.93 -45.69
C TYR Y 134 -42.60 30.51 -45.57
N PRO Z 1 -30.05 -13.71 -83.10
CA PRO Z 1 -31.38 -13.16 -82.79
C PRO Z 1 -31.26 -11.90 -81.96
N ALA Z 2 -31.14 -10.74 -82.61
CA ALA Z 2 -31.14 -9.48 -81.91
C ALA Z 2 -32.45 -9.30 -81.16
N LEU Z 3 -32.35 -8.74 -79.96
CA LEU Z 3 -33.51 -8.55 -79.10
C LEU Z 3 -34.55 -7.71 -79.80
N LYS Z 4 -35.76 -8.25 -79.92
CA LYS Z 4 -36.80 -7.60 -80.71
C LYS Z 4 -38.14 -8.20 -80.30
N PRO Z 5 -39.22 -7.43 -80.37
CA PRO Z 5 -40.51 -7.93 -79.90
C PRO Z 5 -40.97 -9.08 -80.77
N ILE Z 6 -41.60 -10.06 -80.13
CA ILE Z 6 -42.02 -11.26 -80.85
C ILE Z 6 -43.51 -11.46 -80.61
N THR Z 7 -44.20 -12.01 -81.61
CA THR Z 7 -45.64 -12.22 -81.56
C THR Z 7 -45.93 -13.71 -81.43
N LEU Z 8 -46.81 -14.07 -80.50
CA LEU Z 8 -47.18 -15.45 -80.23
C LEU Z 8 -48.71 -15.55 -80.19
N THR Z 9 -49.23 -16.70 -80.62
CA THR Z 9 -50.68 -16.90 -80.68
C THR Z 9 -51.17 -17.58 -79.40
N ASP Z 10 -52.26 -17.06 -78.82
CA ASP Z 10 -52.84 -17.64 -77.62
C ASP Z 10 -53.78 -18.79 -78.01
N HIS Z 11 -54.60 -19.24 -77.06
CA HIS Z 11 -55.48 -20.35 -77.34
C HIS Z 11 -56.52 -20.02 -78.41
N SER Z 12 -56.97 -18.78 -78.45
CA SER Z 12 -57.93 -18.32 -79.43
C SER Z 12 -57.30 -17.98 -80.78
N SER Z 13 -56.00 -18.27 -80.94
CA SER Z 13 -55.18 -17.91 -82.09
C SER Z 13 -55.02 -16.40 -82.25
N ALA Z 14 -55.43 -15.62 -81.25
CA ALA Z 14 -55.24 -14.17 -81.30
C ALA Z 14 -53.78 -13.82 -81.06
N ASP Z 15 -53.27 -12.86 -81.81
CA ASP Z 15 -51.89 -12.45 -81.67
C ASP Z 15 -51.66 -11.80 -80.31
N VAL Z 16 -50.46 -12.01 -79.77
CA VAL Z 16 -50.06 -11.53 -78.45
C VAL Z 16 -48.62 -11.08 -78.57
N ILE Z 17 -48.38 -9.78 -78.42
CA ILE Z 17 -47.10 -9.17 -78.76
C ILE Z 17 -46.30 -8.98 -77.47
N PHE Z 18 -45.21 -9.72 -77.32
CA PHE Z 18 -44.29 -9.57 -76.21
C PHE Z 18 -43.18 -8.60 -76.62
N THR Z 19 -43.08 -7.46 -75.91
CA THR Z 19 -41.97 -6.56 -76.19
C THR Z 19 -40.78 -6.92 -75.31
N PRO Z 20 -39.56 -6.68 -75.78
CA PRO Z 20 -38.39 -6.99 -74.96
C PRO Z 20 -38.37 -6.12 -73.71
N THR Z 21 -38.07 -6.74 -72.57
CA THR Z 21 -38.00 -6.05 -71.30
C THR Z 21 -36.56 -5.89 -70.82
N GLN Z 22 -35.83 -6.98 -70.70
CA GLN Z 22 -34.56 -6.88 -69.99
C GLN Z 22 -33.57 -7.93 -70.47
N ILE Z 23 -32.30 -7.56 -70.55
CA ILE Z 23 -31.21 -8.52 -70.68
C ILE Z 23 -30.55 -8.61 -69.32
N ASP Z 24 -30.48 -9.83 -68.78
CA ASP Z 24 -30.15 -10.04 -67.38
C ASP Z 24 -28.65 -9.81 -67.13
N LYS Z 25 -28.26 -10.00 -65.88
CA LYS Z 25 -26.84 -10.04 -65.55
C LYS Z 25 -26.21 -11.35 -66.01
N ASN Z 26 -26.95 -12.44 -65.92
CA ASN Z 26 -26.46 -13.75 -66.31
C ASN Z 26 -26.65 -14.05 -67.79
N GLY Z 27 -27.46 -13.26 -68.49
CA GLY Z 27 -27.76 -13.49 -69.89
C GLY Z 27 -29.21 -13.77 -70.17
N VAL Z 28 -30.09 -13.76 -69.17
CA VAL Z 28 -31.49 -14.07 -69.38
C VAL Z 28 -32.15 -12.91 -70.13
N ALA Z 29 -32.95 -13.25 -71.14
CA ALA Z 29 -33.70 -12.28 -71.92
C ALA Z 29 -35.16 -12.38 -71.51
N TYR Z 30 -35.72 -11.25 -71.08
CA TYR Z 30 -37.08 -11.16 -70.57
C TYR Z 30 -37.93 -10.34 -71.55
N PHE Z 31 -39.00 -10.96 -72.06
CA PHE Z 31 -40.03 -10.30 -72.83
C PHE Z 31 -41.31 -10.24 -72.01
N ARG Z 32 -42.02 -9.12 -72.11
CA ARG Z 32 -43.20 -8.84 -71.31
C ARG Z 32 -44.35 -8.44 -72.22
N HIS Z 33 -45.55 -8.92 -71.89
CA HIS Z 33 -46.78 -8.53 -72.56
C HIS Z 33 -47.70 -7.98 -71.48
N LEU Z 34 -47.82 -6.66 -71.42
CA LEU Z 34 -48.65 -6.02 -70.41
C LEU Z 34 -50.12 -6.23 -70.73
N GLN Z 35 -50.96 -6.04 -69.71
CA GLN Z 35 -52.39 -6.16 -69.87
C GLN Z 35 -52.97 -4.87 -70.44
N ALA Z 36 -54.30 -4.81 -70.54
CA ALA Z 36 -54.94 -3.60 -71.03
C ALA Z 36 -54.60 -2.40 -70.15
N ASN Z 37 -54.73 -2.56 -68.83
CA ASN Z 37 -54.50 -1.48 -67.88
C ASN Z 37 -53.02 -1.25 -67.59
N GLY Z 38 -52.12 -2.02 -68.19
CA GLY Z 38 -50.71 -1.86 -67.91
C GLY Z 38 -50.31 -2.22 -66.50
N LYS Z 39 -50.90 -3.28 -65.94
CA LYS Z 39 -50.56 -3.72 -64.60
C LYS Z 39 -49.41 -4.71 -64.66
N PRO Z 40 -48.25 -4.40 -64.06
CA PRO Z 40 -47.11 -5.34 -64.13
C PRO Z 40 -47.45 -6.72 -63.61
N ILE Z 41 -48.13 -6.79 -62.46
CA ILE Z 41 -48.51 -8.05 -61.86
C ILE Z 41 -49.33 -8.92 -62.81
N GLY Z 42 -49.97 -8.31 -63.81
CA GLY Z 42 -50.76 -9.06 -64.76
C GLY Z 42 -50.08 -9.41 -66.06
N ALA Z 43 -48.83 -9.00 -66.25
CA ALA Z 43 -48.19 -9.15 -67.55
C ALA Z 43 -47.69 -10.58 -67.76
N TYR Z 44 -47.85 -11.08 -68.98
CA TYR Z 44 -47.22 -12.33 -69.36
C TYR Z 44 -45.73 -12.12 -69.56
N THR Z 45 -44.94 -13.16 -69.29
CA THR Z 45 -43.49 -13.05 -69.46
C THR Z 45 -42.95 -14.27 -70.19
N VAL Z 46 -41.87 -14.05 -70.94
CA VAL Z 46 -41.16 -15.11 -71.63
C VAL Z 46 -39.66 -14.88 -71.43
N SER Z 47 -38.98 -15.87 -70.87
CA SER Z 47 -37.55 -15.81 -70.59
C SER Z 47 -36.80 -16.77 -71.48
N SER Z 48 -35.66 -16.33 -71.98
CA SER Z 48 -34.80 -17.18 -72.80
C SER Z 48 -33.35 -16.96 -72.40
N HIS Z 49 -32.68 -18.03 -72.00
CA HIS Z 49 -31.28 -17.95 -71.60
C HIS Z 49 -30.55 -19.19 -72.08
N VAL Z 50 -29.38 -19.01 -72.67
CA VAL Z 50 -28.58 -20.14 -73.12
C VAL Z 50 -27.25 -20.12 -72.38
N LYS Z 51 -26.86 -21.28 -71.85
CA LYS Z 51 -25.64 -21.47 -71.07
C LYS Z 51 -24.70 -22.33 -71.89
N GLU Z 52 -23.58 -21.74 -72.30
CA GLU Z 52 -22.54 -22.40 -73.07
C GLU Z 52 -21.77 -23.38 -72.18
N PRO Z 53 -21.13 -24.37 -72.77
CA PRO Z 53 -20.31 -25.29 -71.97
C PRO Z 53 -18.97 -24.68 -71.61
N GLY Z 54 -18.44 -25.15 -70.47
CA GLY Z 54 -17.14 -24.72 -70.01
C GLY Z 54 -16.38 -25.87 -69.39
N THR Z 55 -15.06 -25.69 -69.31
CA THR Z 55 -14.17 -26.73 -68.80
C THR Z 55 -14.43 -28.05 -69.52
N ASN Z 56 -14.37 -27.99 -70.85
CA ASN Z 56 -14.55 -29.14 -71.72
C ASN Z 56 -15.83 -29.91 -71.38
N GLY Z 57 -16.92 -29.17 -71.22
CA GLY Z 57 -18.23 -29.77 -71.05
C GLY Z 57 -18.86 -30.02 -72.40
N ASP Z 58 -19.50 -31.18 -72.53
CA ASP Z 58 -20.11 -31.53 -73.81
C ASP Z 58 -21.44 -30.85 -74.03
N VAL Z 59 -22.06 -30.30 -72.99
CA VAL Z 59 -23.48 -29.98 -73.00
C VAL Z 59 -23.71 -28.48 -73.15
N PHE Z 60 -24.83 -28.14 -73.79
CA PHE Z 60 -25.38 -26.80 -73.85
C PHE Z 60 -26.70 -26.82 -73.11
N ARG Z 61 -26.96 -25.79 -72.29
CA ARG Z 61 -28.21 -25.75 -71.52
C ARG Z 61 -29.02 -24.52 -71.92
N VAL Z 62 -30.07 -24.73 -72.73
CA VAL Z 62 -30.87 -23.64 -73.27
C VAL Z 62 -32.25 -23.69 -72.64
N LYS Z 63 -32.67 -22.58 -72.05
CA LYS Z 63 -33.86 -22.54 -71.21
C LYS Z 63 -34.86 -21.54 -71.77
N LEU Z 64 -36.14 -21.95 -71.75
CA LEU Z 64 -37.26 -21.15 -72.21
C LEU Z 64 -38.37 -21.22 -71.17
N PHE Z 65 -38.79 -20.06 -70.67
CA PHE Z 65 -39.83 -19.94 -69.67
C PHE Z 65 -40.99 -19.13 -70.21
N VAL Z 66 -42.21 -19.59 -69.96
CA VAL Z 66 -43.43 -18.88 -70.36
C VAL Z 66 -44.33 -18.80 -69.14
N ASN Z 67 -44.46 -17.61 -68.56
CA ASN Z 67 -45.22 -17.40 -67.34
C ASN Z 67 -46.48 -16.61 -67.67
N VAL Z 68 -47.63 -17.19 -67.31
CA VAL Z 68 -48.96 -16.60 -67.50
C VAL Z 68 -49.57 -16.34 -66.14
N PRO Z 69 -49.66 -15.09 -65.69
CA PRO Z 69 -50.34 -14.83 -64.42
C PRO Z 69 -51.81 -14.56 -64.64
N GLU Z 70 -52.61 -14.91 -63.63
CA GLU Z 70 -53.98 -14.46 -63.51
C GLU Z 70 -54.11 -13.67 -62.22
N VAL Z 71 -54.68 -12.48 -62.34
CA VAL Z 71 -54.89 -11.54 -61.24
C VAL Z 71 -56.12 -11.97 -60.45
N ALA Z 72 -56.07 -11.91 -59.12
CA ALA Z 72 -57.22 -12.17 -58.28
C ALA Z 72 -57.67 -10.86 -57.66
N THR Z 73 -58.90 -10.46 -57.93
CA THR Z 73 -59.43 -9.21 -57.41
C THR Z 73 -60.18 -9.44 -56.11
N GLU Z 85 -55.51 -7.80 -56.69
CA GLU Z 85 -54.47 -7.37 -55.78
C GLU Z 85 -53.27 -8.32 -55.78
N ILE Z 86 -53.49 -9.60 -55.54
CA ILE Z 86 -52.45 -10.62 -55.61
C ILE Z 86 -52.83 -11.56 -56.73
N ALA Z 87 -51.83 -12.13 -57.39
CA ALA Z 87 -52.04 -12.88 -58.61
C ALA Z 87 -51.28 -14.19 -58.52
N ARG Z 88 -51.85 -15.24 -59.08
CA ARG Z 88 -51.15 -16.53 -59.11
C ARG Z 88 -50.77 -16.86 -60.55
N THR Z 89 -49.61 -17.49 -60.71
CA THR Z 89 -48.98 -17.61 -62.02
C THR Z 89 -48.91 -19.08 -62.41
N ASN Z 90 -49.52 -19.42 -63.54
CA ASN Z 90 -49.20 -20.67 -64.23
C ASN Z 90 -47.87 -20.50 -64.95
N ARG Z 91 -47.03 -21.53 -64.90
CA ARG Z 91 -45.72 -21.43 -65.54
C ARG Z 91 -45.45 -22.66 -66.39
N ALA Z 92 -44.72 -22.43 -67.48
CA ALA Z 92 -44.10 -23.50 -68.26
C ALA Z 92 -42.60 -23.24 -68.28
N GLN Z 93 -41.82 -24.28 -67.97
CA GLN Z 93 -40.37 -24.14 -67.85
C GLN Z 93 -39.71 -25.27 -68.64
N VAL Z 94 -39.00 -24.91 -69.70
CA VAL Z 94 -38.38 -25.90 -70.60
C VAL Z 94 -36.87 -25.72 -70.53
N GLU Z 95 -36.17 -26.83 -70.37
CA GLU Z 95 -34.71 -26.87 -70.44
C GLU Z 95 -34.32 -27.92 -71.47
N PHE Z 96 -33.65 -27.47 -72.54
CA PHE Z 96 -33.06 -28.37 -73.52
C PHE Z 96 -31.59 -28.57 -73.17
N ILE Z 97 -31.17 -29.83 -73.17
CA ILE Z 97 -29.78 -30.22 -72.97
C ILE Z 97 -29.27 -30.75 -74.30
N LEU Z 98 -28.34 -30.02 -74.92
CA LEU Z 98 -27.92 -30.29 -76.29
C LEU Z 98 -26.42 -30.50 -76.35
N PRO Z 99 -25.91 -31.70 -76.66
CA PRO Z 99 -24.47 -31.87 -76.80
C PRO Z 99 -23.90 -31.07 -77.97
N ALA Z 100 -22.61 -30.75 -77.86
CA ALA Z 100 -21.97 -29.87 -78.83
C ALA Z 100 -21.66 -30.57 -80.14
N GLN Z 101 -21.49 -31.90 -80.13
CA GLN Z 101 -21.19 -32.60 -81.39
C GLN Z 101 -22.43 -32.91 -82.22
N SER Z 102 -23.62 -32.82 -81.64
CA SER Z 102 -24.82 -33.14 -82.40
C SER Z 102 -24.99 -32.15 -83.54
N ALA Z 103 -25.13 -32.67 -84.75
CA ALA Z 103 -25.46 -31.82 -85.88
C ALA Z 103 -26.84 -31.20 -85.68
N ALA Z 104 -27.03 -30.02 -86.27
CA ALA Z 104 -28.27 -29.27 -86.05
C ALA Z 104 -29.51 -30.06 -86.48
N THR Z 105 -29.36 -31.09 -87.33
CA THR Z 105 -30.49 -31.93 -87.70
C THR Z 105 -31.21 -32.47 -86.47
N VAL Z 106 -30.41 -32.95 -85.51
CA VAL Z 106 -30.97 -33.59 -84.33
C VAL Z 106 -31.77 -32.58 -83.52
N ARG Z 107 -31.19 -31.40 -83.30
CA ARG Z 107 -31.88 -30.40 -82.48
C ARG Z 107 -33.14 -29.93 -83.17
N GLU Z 108 -33.09 -29.80 -84.50
CA GLU Z 108 -34.29 -29.40 -85.24
C GLU Z 108 -35.42 -30.40 -85.03
N ASP Z 109 -35.18 -31.70 -85.26
CA ASP Z 109 -36.29 -32.64 -85.09
C ASP Z 109 -36.60 -32.91 -83.61
N LEU Z 110 -35.70 -32.61 -82.69
CA LEU Z 110 -36.06 -32.70 -81.29
C LEU Z 110 -37.10 -31.63 -80.93
N VAL Z 111 -36.84 -30.39 -81.33
CA VAL Z 111 -37.84 -29.33 -81.15
C VAL Z 111 -39.14 -29.72 -81.83
N ALA Z 112 -39.06 -30.24 -83.06
CA ALA Z 112 -40.28 -30.60 -83.78
C ALA Z 112 -41.06 -31.66 -83.01
N LEU Z 113 -40.34 -32.63 -82.42
CA LEU Z 113 -40.96 -33.65 -81.58
C LEU Z 113 -41.67 -33.03 -80.39
N LEU Z 114 -41.02 -32.09 -79.72
CA LEU Z 114 -41.62 -31.48 -78.54
C LEU Z 114 -42.90 -30.73 -78.91
N ALA Z 115 -42.84 -29.98 -80.02
CA ALA Z 115 -44.01 -29.21 -80.43
C ALA Z 115 -45.16 -30.13 -80.85
N SER Z 116 -44.84 -31.21 -81.56
CA SER Z 116 -45.88 -32.15 -81.94
C SER Z 116 -46.45 -32.88 -80.72
N ALA Z 117 -45.64 -33.10 -79.70
CA ALA Z 117 -46.15 -33.70 -78.47
C ALA Z 117 -47.09 -32.75 -77.75
N LEU Z 118 -46.77 -31.46 -77.74
CA LEU Z 118 -47.68 -30.46 -77.20
C LEU Z 118 -48.97 -30.39 -78.01
N ALA Z 119 -48.89 -30.62 -79.32
CA ALA Z 119 -50.08 -30.55 -80.16
C ALA Z 119 -50.95 -31.81 -80.06
N ASP Z 120 -50.34 -32.96 -79.76
CA ASP Z 120 -51.10 -34.20 -79.68
C ASP Z 120 -52.16 -34.09 -78.58
N THR Z 121 -53.36 -34.58 -78.89
CA THR Z 121 -54.49 -34.40 -77.98
C THR Z 121 -54.29 -35.18 -76.68
N ALA Z 122 -53.75 -36.40 -76.76
CA ALA Z 122 -53.56 -37.21 -75.56
C ALA Z 122 -52.58 -36.55 -74.60
N ILE Z 123 -51.45 -36.09 -75.12
CA ILE Z 123 -50.44 -35.44 -74.30
C ILE Z 123 -50.94 -34.08 -73.81
N LYS Z 124 -51.65 -33.35 -74.67
CA LYS Z 124 -52.16 -32.04 -74.28
C LYS Z 124 -53.17 -32.15 -73.15
N SER Z 125 -53.94 -33.25 -73.12
CA SER Z 125 -54.86 -33.48 -72.02
C SER Z 125 -54.12 -33.50 -70.68
N THR Z 126 -52.93 -34.10 -70.68
CA THR Z 126 -52.10 -34.17 -69.49
C THR Z 126 -51.91 -32.80 -68.85
N ILE Z 127 -51.63 -31.80 -69.66
CA ILE Z 127 -51.37 -30.46 -69.13
C ILE Z 127 -52.67 -29.72 -68.86
N VAL Z 128 -53.55 -29.69 -69.86
CA VAL Z 128 -54.71 -28.82 -69.80
C VAL Z 128 -55.67 -29.27 -68.69
N ASN Z 129 -55.95 -30.58 -68.64
CA ASN Z 129 -56.94 -31.15 -67.74
C ASN Z 129 -56.32 -31.74 -66.49
N VAL Z 130 -55.01 -31.58 -66.30
CA VAL Z 130 -54.22 -32.16 -65.22
C VAL Z 130 -54.70 -33.59 -64.91
N GLU Z 131 -54.69 -34.45 -65.94
CA GLU Z 131 -55.03 -35.86 -65.80
C GLU Z 131 -53.75 -36.69 -65.89
N HIS Z 132 -53.63 -37.70 -65.03
CA HIS Z 132 -52.56 -38.69 -65.12
C HIS Z 132 -52.76 -39.62 -66.31
N PHE Z 133 -51.65 -40.19 -66.79
CA PHE Z 133 -51.77 -41.29 -67.73
C PHE Z 133 -52.18 -42.56 -66.99
N TYR Z 134 -53.11 -43.30 -67.57
CA TYR Z 134 -53.62 -44.53 -66.94
C TYR Z 134 -53.94 -45.65 -67.93
N PRO AA 1 -21.06 1.94 -80.39
CA PRO AA 1 -21.14 0.78 -81.25
C PRO AA 1 -22.21 -0.19 -80.78
N ALA AA 2 -23.40 -0.09 -81.35
CA ALA AA 2 -24.43 -1.06 -81.06
C ALA AA 2 -24.01 -2.43 -81.57
N LEU AA 3 -24.47 -3.47 -80.88
CA LEU AA 3 -24.13 -4.83 -81.25
C LEU AA 3 -24.80 -5.19 -82.57
N LYS AA 4 -24.01 -5.61 -83.55
CA LYS AA 4 -24.43 -5.83 -84.92
C LYS AA 4 -23.54 -6.89 -85.52
N PRO AA 5 -24.05 -7.77 -86.37
CA PRO AA 5 -23.16 -8.66 -87.13
C PRO AA 5 -22.22 -7.84 -87.98
N ILE AA 6 -20.93 -8.13 -87.85
CA ILE AA 6 -19.91 -7.38 -88.55
C ILE AA 6 -19.25 -8.29 -89.56
N THR AA 7 -19.02 -7.76 -90.76
CA THR AA 7 -18.43 -8.52 -91.85
C THR AA 7 -16.96 -8.15 -91.95
N LEU AA 8 -16.09 -9.17 -91.96
CA LEU AA 8 -14.64 -8.98 -92.06
C LEU AA 8 -14.13 -9.73 -93.27
N THR AA 9 -13.12 -9.19 -93.92
CA THR AA 9 -12.58 -9.78 -95.15
C THR AA 9 -11.39 -10.67 -94.81
N ASP AA 10 -11.34 -11.86 -95.41
CA ASP AA 10 -10.27 -12.82 -95.13
C ASP AA 10 -9.10 -12.59 -96.10
N HIS AA 11 -8.24 -13.60 -96.24
CA HIS AA 11 -7.08 -13.42 -97.10
C HIS AA 11 -7.47 -13.27 -98.56
N SER AA 12 -8.45 -14.04 -99.01
CA SER AA 12 -8.91 -13.97 -100.39
C SER AA 12 -9.82 -12.76 -100.66
N SER AA 13 -9.98 -11.88 -99.69
CA SER AA 13 -10.88 -10.72 -99.68
C SER AA 13 -12.35 -11.12 -99.64
N ALA AA 14 -12.65 -12.42 -99.52
CA ALA AA 14 -14.03 -12.86 -99.36
C ALA AA 14 -14.58 -12.40 -98.01
N ASP AA 15 -15.88 -12.11 -97.98
CA ASP AA 15 -16.50 -11.67 -96.75
C ASP AA 15 -16.70 -12.84 -95.79
N VAL AA 16 -16.68 -12.52 -94.50
CA VAL AA 16 -16.82 -13.48 -93.41
C VAL AA 16 -17.67 -12.79 -92.35
N ILE AA 17 -18.89 -13.27 -92.15
CA ILE AA 17 -19.86 -12.58 -91.30
C ILE AA 17 -19.77 -13.15 -89.90
N PHE AA 18 -19.47 -12.28 -88.93
CA PHE AA 18 -19.46 -12.65 -87.52
C PHE AA 18 -20.75 -12.16 -86.88
N THR AA 19 -21.56 -13.10 -86.41
CA THR AA 19 -22.79 -12.77 -85.71
C THR AA 19 -22.52 -12.58 -84.23
N PRO AA 20 -23.16 -11.61 -83.59
CA PRO AA 20 -22.95 -11.40 -82.15
C PRO AA 20 -23.44 -12.60 -81.36
N THR AA 21 -22.60 -13.07 -80.44
CA THR AA 21 -22.91 -14.21 -79.60
C THR AA 21 -23.40 -13.80 -78.22
N GLN AA 22 -22.65 -12.98 -77.50
CA GLN AA 22 -22.89 -12.82 -76.08
C GLN AA 22 -22.16 -11.57 -75.57
N ILE AA 23 -22.74 -10.95 -74.56
CA ILE AA 23 -22.09 -9.86 -73.83
C ILE AA 23 -21.76 -10.38 -72.44
N ASP AA 24 -20.47 -10.42 -72.11
CA ASP AA 24 -19.99 -11.12 -70.93
C ASP AA 24 -20.42 -10.40 -69.65
N LYS AA 25 -20.19 -11.08 -68.53
CA LYS AA 25 -20.39 -10.44 -67.23
C LYS AA 25 -19.34 -9.36 -66.98
N ASN AA 26 -18.18 -9.47 -67.62
CA ASN AA 26 -17.10 -8.51 -67.44
C ASN AA 26 -17.12 -7.42 -68.49
N GLY AA 27 -18.08 -7.46 -69.42
CA GLY AA 27 -18.17 -6.49 -70.50
C GLY AA 27 -17.66 -6.98 -71.82
N VAL AA 28 -17.15 -8.21 -71.88
CA VAL AA 28 -16.62 -8.74 -73.12
C VAL AA 28 -17.75 -9.05 -74.09
N ALA AA 29 -17.61 -8.59 -75.33
CA ALA AA 29 -18.57 -8.85 -76.38
C ALA AA 29 -17.96 -9.81 -77.38
N TYR AA 30 -18.70 -10.87 -77.71
CA TYR AA 30 -18.20 -11.95 -78.54
C TYR AA 30 -18.96 -12.00 -79.87
N PHE AA 31 -18.23 -12.06 -80.98
CA PHE AA 31 -18.78 -12.30 -82.30
C PHE AA 31 -18.21 -13.60 -82.83
N ARG AA 32 -19.07 -14.46 -83.35
CA ARG AA 32 -18.63 -15.78 -83.80
C ARG AA 32 -19.00 -16.02 -85.25
N HIS AA 33 -18.20 -16.86 -85.90
CA HIS AA 33 -18.45 -17.39 -87.23
C HIS AA 33 -18.16 -18.88 -87.16
N LEU AA 34 -19.17 -19.70 -87.45
CA LEU AA 34 -19.05 -21.13 -87.26
C LEU AA 34 -18.14 -21.76 -88.30
N GLN AA 35 -17.66 -22.97 -87.99
CA GLN AA 35 -16.73 -23.67 -88.87
C GLN AA 35 -17.47 -24.22 -90.08
N ALA AA 36 -16.72 -24.92 -90.94
CA ALA AA 36 -17.31 -25.53 -92.13
C ALA AA 36 -18.46 -26.45 -91.75
N ASN AA 37 -18.22 -27.37 -90.82
CA ASN AA 37 -19.29 -28.21 -90.30
C ASN AA 37 -20.24 -27.38 -89.44
N GLY AA 38 -21.51 -27.75 -89.49
CA GLY AA 38 -22.50 -27.03 -88.70
C GLY AA 38 -22.33 -27.16 -87.21
N LYS AA 39 -21.37 -27.96 -86.77
CA LYS AA 39 -21.18 -28.25 -85.35
C LYS AA 39 -20.48 -27.07 -84.67
N PRO AA 40 -21.08 -26.44 -83.65
CA PRO AA 40 -20.50 -25.27 -82.99
C PRO AA 40 -19.59 -25.67 -81.84
N ILE AA 41 -18.45 -26.25 -82.17
CA ILE AA 41 -17.46 -26.65 -81.18
C ILE AA 41 -16.26 -25.70 -81.20
N GLY AA 42 -15.58 -25.62 -82.34
CA GLY AA 42 -14.57 -24.61 -82.56
C GLY AA 42 -15.10 -23.62 -83.57
N ALA AA 43 -14.91 -22.34 -83.29
CA ALA AA 43 -15.52 -21.32 -84.12
C ALA AA 43 -14.63 -20.09 -84.10
N TYR AA 44 -14.59 -19.40 -85.24
CA TYR AA 44 -13.83 -18.17 -85.33
C TYR AA 44 -14.48 -17.11 -84.45
N THR AA 45 -13.69 -16.44 -83.62
CA THR AA 45 -14.25 -15.51 -82.65
C THR AA 45 -13.53 -14.17 -82.68
N VAL AA 46 -14.27 -13.14 -82.31
CA VAL AA 46 -13.74 -11.79 -82.15
C VAL AA 46 -14.29 -11.23 -80.84
N SER AA 47 -13.40 -10.95 -79.91
CA SER AA 47 -13.76 -10.44 -78.59
C SER AA 47 -13.39 -8.96 -78.50
N SER AA 48 -14.29 -8.15 -77.95
CA SER AA 48 -14.03 -6.74 -77.73
C SER AA 48 -14.41 -6.37 -76.31
N HIS AA 49 -13.49 -5.74 -75.60
CA HIS AA 49 -13.77 -5.31 -74.23
C HIS AA 49 -13.01 -4.04 -73.92
N VAL AA 50 -13.71 -3.03 -73.44
CA VAL AA 50 -13.07 -1.79 -73.01
C VAL AA 50 -13.18 -1.69 -71.50
N LYS AA 51 -12.09 -1.31 -70.86
CA LYS AA 51 -11.99 -1.19 -69.41
C LYS AA 51 -11.78 0.28 -69.08
N GLU AA 52 -12.79 0.86 -68.41
CA GLU AA 52 -12.73 2.22 -67.93
C GLU AA 52 -11.59 2.37 -66.92
N PRO AA 53 -11.18 3.61 -66.62
CA PRO AA 53 -10.11 3.81 -65.65
C PRO AA 53 -10.61 3.92 -64.22
N GLY AA 54 -9.82 3.40 -63.30
CA GLY AA 54 -10.16 3.41 -61.88
C GLY AA 54 -9.40 4.49 -61.13
N THR AA 55 -10.14 5.29 -60.37
CA THR AA 55 -9.56 6.39 -59.60
C THR AA 55 -8.83 7.38 -60.53
N ASN AA 56 -9.46 7.65 -61.68
CA ASN AA 56 -8.96 8.58 -62.68
C ASN AA 56 -7.52 8.24 -63.08
N GLY AA 57 -7.15 6.96 -62.99
CA GLY AA 57 -5.93 6.52 -63.63
C GLY AA 57 -6.01 6.80 -65.12
N ASP AA 58 -4.94 7.40 -65.66
CA ASP AA 58 -5.00 7.94 -67.02
C ASP AA 58 -5.41 6.91 -68.06
N VAL AA 59 -5.26 5.61 -67.77
CA VAL AA 59 -5.33 4.58 -68.80
C VAL AA 59 -6.76 4.09 -69.01
N PHE AA 60 -7.12 3.95 -70.28
CA PHE AA 60 -8.24 3.16 -70.76
C PHE AA 60 -7.65 1.92 -71.41
N ARG AA 61 -8.19 0.75 -71.06
CA ARG AA 61 -7.62 -0.51 -71.57
C ARG AA 61 -8.63 -1.16 -72.52
N VAL AA 62 -8.42 -0.99 -73.82
CA VAL AA 62 -9.39 -1.44 -74.82
C VAL AA 62 -8.75 -2.59 -75.60
N LYS AA 63 -9.42 -3.74 -75.60
CA LYS AA 63 -8.82 -4.99 -76.07
C LYS AA 63 -9.66 -5.60 -77.17
N LEU AA 64 -8.96 -6.14 -78.17
CA LEU AA 64 -9.55 -6.78 -79.34
C LEU AA 64 -8.84 -8.10 -79.57
N PHE AA 65 -9.60 -9.19 -79.61
CA PHE AA 65 -9.07 -10.54 -79.80
C PHE AA 65 -9.68 -11.15 -81.05
N VAL AA 66 -8.86 -11.82 -81.85
CA VAL AA 66 -9.29 -12.53 -83.04
C VAL AA 66 -8.72 -13.94 -82.97
N ASN AA 67 -9.59 -14.92 -82.72
CA ASN AA 67 -9.18 -16.31 -82.55
C ASN AA 67 -9.65 -17.12 -83.74
N VAL AA 68 -8.71 -17.78 -84.41
CA VAL AA 68 -8.96 -18.61 -85.56
C VAL AA 68 -8.61 -20.05 -85.20
N PRO AA 69 -9.61 -20.87 -84.85
CA PRO AA 69 -9.32 -22.28 -84.55
C PRO AA 69 -9.34 -23.16 -85.80
N GLU AA 70 -8.41 -24.09 -85.84
CA GLU AA 70 -8.39 -25.19 -86.81
C GLU AA 70 -8.88 -26.43 -86.10
N VAL AA 71 -9.92 -27.05 -86.67
CA VAL AA 71 -10.67 -28.15 -86.07
C VAL AA 71 -10.35 -29.44 -86.82
N ALA AA 72 -10.56 -30.57 -86.13
CA ALA AA 72 -10.34 -31.89 -86.69
C ALA AA 72 -11.52 -32.79 -86.37
N THR AA 73 -12.05 -33.46 -87.39
CA THR AA 73 -13.13 -34.41 -87.22
C THR AA 73 -12.52 -35.81 -87.07
N ILE AA 74 -12.57 -36.35 -85.85
CA ILE AA 74 -11.96 -37.64 -85.55
C ILE AA 74 -13.08 -38.65 -85.35
N THR AA 75 -13.03 -39.75 -86.10
CA THR AA 75 -13.95 -40.85 -85.89
C THR AA 75 -13.14 -42.07 -85.42
N PRO AA 76 -13.42 -42.60 -84.23
CA PRO AA 76 -12.59 -43.69 -83.69
C PRO AA 76 -12.70 -44.97 -84.50
N ASN AA 77 -11.92 -45.98 -84.11
CA ASN AA 77 -11.85 -47.21 -84.89
C ASN AA 77 -13.12 -48.04 -84.71
N GLY AA 78 -13.71 -48.45 -85.83
CA GLY AA 78 -14.88 -49.31 -85.80
C GLY AA 78 -16.09 -48.68 -85.15
N SER AA 79 -16.23 -47.36 -85.22
CA SER AA 79 -17.32 -46.65 -84.57
C SER AA 79 -18.19 -45.97 -85.60
N ASP AA 80 -19.51 -46.02 -85.40
CA ASP AA 80 -20.45 -45.43 -86.34
C ASP AA 80 -20.28 -43.92 -86.42
N THR AA 81 -20.10 -43.27 -85.27
CA THR AA 81 -20.23 -41.82 -85.17
C THR AA 81 -18.88 -41.15 -84.99
N SER AA 82 -18.72 -39.99 -85.64
CA SER AA 82 -17.53 -39.17 -85.52
C SER AA 82 -17.79 -38.02 -84.57
N SER AA 83 -16.74 -37.60 -83.87
CA SER AA 83 -16.80 -36.44 -83.00
C SER AA 83 -15.76 -35.43 -83.45
N VAL AA 84 -16.02 -34.18 -83.14
CA VAL AA 84 -15.15 -33.08 -83.57
C VAL AA 84 -14.31 -32.62 -82.40
N GLU AA 85 -13.13 -32.08 -82.69
CA GLU AA 85 -12.14 -31.76 -81.67
C GLU AA 85 -11.34 -30.54 -82.11
N ILE AA 86 -10.96 -29.71 -81.15
CA ILE AA 86 -10.20 -28.50 -81.45
C ILE AA 86 -8.73 -28.88 -81.62
N ALA AA 87 -8.26 -28.84 -82.87
CA ALA AA 87 -6.89 -29.27 -83.16
C ALA AA 87 -5.88 -28.24 -82.68
N ARG AA 88 -5.98 -27.01 -83.15
CA ARG AA 88 -5.11 -25.95 -82.66
C ARG AA 88 -5.77 -24.62 -82.95
N THR AA 89 -5.16 -23.54 -82.46
CA THR AA 89 -5.74 -22.21 -82.65
C THR AA 89 -4.64 -21.20 -82.93
N ASN AA 90 -4.83 -20.39 -83.97
CA ASN AA 90 -4.06 -19.18 -84.17
C ASN AA 90 -4.78 -18.02 -83.49
N ARG AA 91 -4.04 -17.14 -82.84
CA ARG AA 91 -4.66 -16.05 -82.12
C ARG AA 91 -3.95 -14.74 -82.41
N ALA AA 92 -4.72 -13.66 -82.45
CA ALA AA 92 -4.19 -12.31 -82.46
C ALA AA 92 -4.83 -11.57 -81.29
N GLN AA 93 -4.00 -10.94 -80.45
CA GLN AA 93 -4.47 -10.29 -79.24
C GLN AA 93 -3.92 -8.88 -79.21
N VAL AA 94 -4.81 -7.89 -79.18
CA VAL AA 94 -4.43 -6.49 -79.26
C VAL AA 94 -4.95 -5.77 -78.02
N GLU AA 95 -4.08 -5.03 -77.37
CA GLU AA 95 -4.43 -4.17 -76.25
C GLU AA 95 -3.97 -2.76 -76.56
N PHE AA 96 -4.91 -1.82 -76.63
CA PHE AA 96 -4.60 -0.41 -76.71
C PHE AA 96 -4.70 0.18 -75.31
N ILE AA 97 -3.65 0.89 -74.92
CA ILE AA 97 -3.61 1.67 -73.69
C ILE AA 97 -3.75 3.13 -74.10
N LEU AA 98 -4.87 3.74 -73.73
CA LEU AA 98 -5.19 5.08 -74.21
C LEU AA 98 -5.32 6.03 -73.03
N PRO AA 99 -4.47 7.04 -72.89
CA PRO AA 99 -4.62 7.98 -71.77
C PRO AA 99 -5.92 8.76 -71.87
N ALA AA 100 -6.52 9.03 -70.71
CA ALA AA 100 -7.83 9.66 -70.62
C ALA AA 100 -7.82 11.13 -70.97
N GLN AA 101 -6.67 11.69 -71.35
CA GLN AA 101 -6.58 13.09 -71.68
C GLN AA 101 -6.18 13.37 -73.13
N SER AA 102 -5.74 12.38 -73.88
CA SER AA 102 -5.51 12.60 -75.30
C SER AA 102 -6.84 12.66 -76.03
N ALA AA 103 -6.93 13.60 -76.98
CA ALA AA 103 -8.15 13.74 -77.75
C ALA AA 103 -8.25 12.65 -78.81
N ALA AA 104 -9.42 12.55 -79.43
CA ALA AA 104 -9.69 11.44 -80.36
C ALA AA 104 -8.72 11.42 -81.54
N THR AA 105 -8.11 12.55 -81.90
CA THR AA 105 -7.19 12.59 -83.03
C THR AA 105 -6.04 11.61 -82.82
N VAL AA 106 -5.49 11.59 -81.62
CA VAL AA 106 -4.35 10.74 -81.31
C VAL AA 106 -4.74 9.28 -81.47
N ARG AA 107 -5.90 8.89 -80.94
CA ARG AA 107 -6.31 7.50 -81.04
C ARG AA 107 -6.61 7.12 -82.50
N GLU AA 108 -7.17 8.06 -83.27
CA GLU AA 108 -7.45 7.77 -84.67
C GLU AA 108 -6.16 7.48 -85.43
N ASP AA 109 -5.15 8.34 -85.29
CA ASP AA 109 -3.95 8.07 -86.07
C ASP AA 109 -3.11 6.94 -85.46
N LEU AA 110 -3.30 6.59 -84.18
CA LEU AA 110 -2.69 5.37 -83.67
C LEU AA 110 -3.26 4.14 -84.34
N VAL AA 111 -4.60 4.06 -84.42
CA VAL AA 111 -5.24 2.95 -85.11
C VAL AA 111 -4.78 2.89 -86.57
N ALA AA 112 -4.70 4.05 -87.23
CA ALA AA 112 -4.26 4.07 -88.63
C ALA AA 112 -2.83 3.57 -88.76
N LEU AA 113 -1.96 3.96 -87.83
CA LEU AA 113 -0.58 3.47 -87.84
C LEU AA 113 -0.54 1.96 -87.69
N LEU AA 114 -1.36 1.42 -86.78
CA LEU AA 114 -1.35 -0.03 -86.58
C LEU AA 114 -1.85 -0.76 -87.82
N ALA AA 115 -2.93 -0.28 -88.43
CA ALA AA 115 -3.45 -0.94 -89.63
C ALA AA 115 -2.45 -0.85 -90.79
N SER AA 116 -1.81 0.30 -90.96
CA SER AA 116 -0.81 0.43 -92.02
C SER AA 116 0.41 -0.43 -91.74
N ALA AA 117 0.76 -0.63 -90.46
CA ALA AA 117 1.84 -1.54 -90.12
C ALA AA 117 1.47 -2.98 -90.48
N LEU AA 118 0.22 -3.37 -90.22
CA LEU AA 118 -0.24 -4.69 -90.63
C LEU AA 118 -0.25 -4.83 -92.15
N ALA AA 119 -0.49 -3.74 -92.86
CA ALA AA 119 -0.53 -3.81 -94.32
C ALA AA 119 0.87 -3.82 -94.94
N ASP AA 120 1.84 -3.16 -94.32
CA ASP AA 120 3.21 -3.13 -94.86
C ASP AA 120 3.73 -4.55 -95.06
N THR AA 121 4.41 -4.76 -96.19
CA THR AA 121 4.86 -6.11 -96.53
C THR AA 121 5.97 -6.59 -95.59
N ALA AA 122 6.89 -5.70 -95.23
CA ALA AA 122 7.99 -6.08 -94.35
C ALA AA 122 7.47 -6.49 -92.98
N ILE AA 123 6.60 -5.66 -92.39
CA ILE AA 123 6.00 -6.00 -91.11
C ILE AA 123 5.10 -7.22 -91.25
N LYS AA 124 4.46 -7.39 -92.41
CA LYS AA 124 3.53 -8.50 -92.58
C LYS AA 124 4.26 -9.83 -92.58
N SER AA 125 5.37 -9.93 -93.30
CA SER AA 125 6.13 -11.17 -93.34
C SER AA 125 6.58 -11.60 -91.95
N THR AA 126 6.81 -10.63 -91.05
CA THR AA 126 7.09 -10.95 -89.65
C THR AA 126 6.04 -11.89 -89.09
N ILE AA 127 4.77 -11.56 -89.30
CA ILE AA 127 3.68 -12.37 -88.75
C ILE AA 127 3.45 -13.61 -89.62
N VAL AA 128 3.21 -13.38 -90.90
CA VAL AA 128 2.75 -14.44 -91.80
C VAL AA 128 3.82 -15.50 -91.98
N ASN AA 129 5.07 -15.09 -92.21
CA ASN AA 129 6.15 -15.96 -92.63
C ASN AA 129 7.06 -16.37 -91.48
N VAL AA 130 6.85 -15.81 -90.28
CA VAL AA 130 7.62 -16.16 -89.08
C VAL AA 130 9.11 -15.97 -89.38
N GLU AA 131 9.43 -14.80 -89.93
CA GLU AA 131 10.79 -14.37 -90.18
C GLU AA 131 11.11 -13.27 -89.20
N HIS AA 132 12.34 -13.29 -88.67
CA HIS AA 132 12.86 -12.22 -87.85
C HIS AA 132 13.25 -11.03 -88.72
N PHE AA 133 13.22 -9.85 -88.11
CA PHE AA 133 13.80 -8.67 -88.74
C PHE AA 133 15.33 -8.74 -88.66
N TYR AA 134 15.98 -8.30 -89.72
CA TYR AA 134 17.45 -8.32 -89.77
C TYR AA 134 18.04 -7.23 -90.67
N PRO BA 1 -45.55 32.81 107.03
CA PRO BA 1 -45.33 33.13 108.46
C PRO BA 1 -43.88 33.53 108.69
N ALA BA 2 -43.70 34.80 109.06
CA ALA BA 2 -42.38 35.30 109.44
C ALA BA 2 -41.80 34.43 110.54
N LEU BA 3 -40.56 33.97 110.31
CA LEU BA 3 -39.89 33.07 111.24
C LEU BA 3 -39.80 33.71 112.61
N LYS BA 4 -40.41 33.06 113.60
CA LYS BA 4 -40.50 33.58 114.96
C LYS BA 4 -40.41 32.40 115.92
N PRO BA 5 -39.77 32.58 117.07
CA PRO BA 5 -39.75 31.51 118.07
C PRO BA 5 -41.17 31.22 118.52
N ILE BA 6 -41.50 29.93 118.58
CA ILE BA 6 -42.86 29.53 118.87
C ILE BA 6 -42.86 28.73 120.17
N THR BA 7 -43.95 28.85 120.91
CA THR BA 7 -44.09 28.19 122.20
C THR BA 7 -45.10 27.06 122.08
N LEU BA 8 -44.70 25.85 122.51
CA LEU BA 8 -45.53 24.65 122.46
C LEU BA 8 -45.64 24.05 123.86
N THR BA 9 -46.76 23.40 124.14
CA THR BA 9 -46.99 22.80 125.46
C THR BA 9 -46.58 21.33 125.48
N ASP BA 10 -45.89 20.93 126.55
CA ASP BA 10 -45.45 19.55 126.72
C ASP BA 10 -46.56 18.74 127.38
N HIS BA 11 -46.20 17.60 127.97
CA HIS BA 11 -47.25 16.76 128.56
C HIS BA 11 -47.88 17.42 129.77
N SER BA 12 -47.08 18.10 130.59
CA SER BA 12 -47.58 18.78 131.77
C SER BA 12 -48.21 20.12 131.44
N SER BA 13 -48.46 20.40 130.16
CA SER BA 13 -49.00 21.66 129.64
C SER BA 13 -48.11 22.86 129.97
N ALA BA 14 -46.87 22.62 130.41
CA ALA BA 14 -45.91 23.69 130.59
C ALA BA 14 -45.43 24.20 129.24
N ASP BA 15 -44.93 25.43 129.23
CA ASP BA 15 -44.46 26.02 127.99
C ASP BA 15 -43.07 25.50 127.64
N VAL BA 16 -42.82 25.40 126.33
CA VAL BA 16 -41.57 24.92 125.77
C VAL BA 16 -41.28 25.79 124.56
N ILE BA 17 -40.23 26.61 124.64
CA ILE BA 17 -39.96 27.64 123.64
C ILE BA 17 -38.96 27.10 122.64
N PHE BA 18 -39.37 27.01 121.38
CA PHE BA 18 -38.50 26.63 120.27
C PHE BA 18 -38.04 27.89 119.55
N THR BA 19 -36.73 28.12 119.55
CA THR BA 19 -36.16 29.26 118.84
C THR BA 19 -35.79 28.86 117.43
N PRO BA 20 -35.98 29.74 116.44
CA PRO BA 20 -35.57 29.41 115.07
C PRO BA 20 -34.06 29.28 115.00
N THR BA 21 -33.62 28.23 114.31
CA THR BA 21 -32.21 27.93 114.10
C THR BA 21 -31.73 28.23 112.70
N GLN BA 22 -32.46 27.78 111.68
CA GLN BA 22 -31.92 27.78 110.33
C GLN BA 22 -33.06 27.65 109.32
N ILE BA 23 -32.87 28.27 108.16
CA ILE BA 23 -33.70 28.02 107.00
C ILE BA 23 -32.82 27.31 105.97
N ASP BA 24 -33.24 26.12 105.55
CA ASP BA 24 -32.38 25.20 104.81
C ASP BA 24 -32.22 25.66 103.36
N LYS BA 25 -31.31 24.99 102.65
CA LYS BA 25 -31.19 25.20 101.21
C LYS BA 25 -32.43 24.74 100.47
N ASN BA 26 -33.12 23.73 101.00
CA ASN BA 26 -34.29 23.15 100.37
C ASN BA 26 -35.58 23.81 100.82
N GLY BA 27 -35.51 24.82 101.67
CA GLY BA 27 -36.69 25.46 102.20
C GLY BA 27 -37.13 24.95 103.55
N VAL BA 28 -36.36 24.07 104.18
CA VAL BA 28 -36.71 23.52 105.49
C VAL BA 28 -36.37 24.55 106.56
N ALA BA 29 -37.32 24.80 107.45
CA ALA BA 29 -37.13 25.71 108.57
C ALA BA 29 -37.08 24.91 109.85
N TYR BA 30 -36.07 25.18 110.68
CA TYR BA 30 -35.79 24.40 111.88
C TYR BA 30 -35.95 25.26 113.12
N PHE BA 31 -36.74 24.79 114.08
CA PHE BA 31 -36.83 25.37 115.41
C PHE BA 31 -36.24 24.37 116.41
N ARG BA 32 -35.42 24.87 117.32
CA ARG BA 32 -34.75 24.00 118.29
C ARG BA 32 -35.03 24.47 119.71
N HIS BA 33 -35.02 23.49 120.61
CA HIS BA 33 -35.08 23.70 122.05
C HIS BA 33 -34.01 22.81 122.67
N LEU BA 34 -33.04 23.42 123.35
CA LEU BA 34 -31.89 22.69 123.85
C LEU BA 34 -32.29 21.74 124.99
N GLN BA 35 -31.42 20.76 125.25
CA GLN BA 35 -31.67 19.81 126.32
C GLN BA 35 -31.46 20.46 127.68
N ALA BA 36 -31.60 19.63 128.72
CA ALA BA 36 -31.34 20.08 130.08
C ALA BA 36 -29.94 20.69 130.21
N ASN BA 37 -28.92 19.95 129.77
CA ASN BA 37 -27.58 20.50 129.72
C ASN BA 37 -27.50 21.62 128.68
N GLY BA 38 -26.61 22.56 128.92
CA GLY BA 38 -26.43 23.67 128.00
C GLY BA 38 -25.84 23.27 126.68
N LYS BA 39 -25.45 22.01 126.57
CA LYS BA 39 -24.81 21.46 125.38
C LYS BA 39 -25.85 21.18 124.30
N PRO BA 40 -25.56 21.53 123.05
CA PRO BA 40 -26.56 21.42 121.98
C PRO BA 40 -26.55 20.12 121.20
N ILE BA 41 -25.84 19.09 121.66
CA ILE BA 41 -25.57 17.95 120.79
C ILE BA 41 -26.86 17.20 120.44
N GLY BA 42 -27.75 17.01 121.42
CA GLY BA 42 -29.07 16.50 121.14
C GLY BA 42 -30.07 17.55 121.54
N ALA BA 43 -31.08 17.80 120.72
CA ALA BA 43 -32.02 18.86 121.05
C ALA BA 43 -33.36 18.59 120.40
N TYR BA 44 -34.42 19.05 121.05
CA TYR BA 44 -35.76 18.93 120.51
C TYR BA 44 -35.89 19.82 119.28
N THR BA 45 -36.46 19.28 118.20
CA THR BA 45 -36.51 20.02 116.95
C THR BA 45 -37.90 19.95 116.33
N VAL BA 46 -38.23 21.01 115.60
CA VAL BA 46 -39.45 21.09 114.81
C VAL BA 46 -39.08 21.59 113.43
N SER BA 47 -39.33 20.77 112.41
CA SER BA 47 -39.00 21.08 111.02
C SER BA 47 -40.27 21.36 110.24
N SER BA 48 -40.25 22.40 109.42
CA SER BA 48 -41.37 22.73 108.57
C SER BA 48 -40.88 23.01 107.16
N HIS BA 49 -41.42 22.27 106.19
CA HIS BA 49 -41.08 22.51 104.80
C HIS BA 49 -42.29 22.27 103.94
N VAL BA 50 -42.63 23.24 103.09
CA VAL BA 50 -43.74 23.09 102.16
C VAL BA 50 -43.18 23.09 100.75
N LYS BA 51 -43.59 22.11 99.95
CA LYS BA 51 -43.12 21.91 98.59
C LYS BA 51 -44.26 22.26 97.65
N GLU BA 52 -44.08 23.35 96.90
CA GLU BA 52 -45.08 23.78 95.95
C GLU BA 52 -45.10 22.82 94.75
N PRO BA 53 -46.22 22.74 94.04
CA PRO BA 53 -46.33 21.80 92.92
C PRO BA 53 -45.62 22.30 91.67
N GLY BA 54 -45.31 21.35 90.79
CA GLY BA 54 -44.64 21.66 89.55
C GLY BA 54 -45.38 21.09 88.36
N THR BA 55 -45.26 21.80 87.23
CA THR BA 55 -46.00 21.45 86.00
C THR BA 55 -47.50 21.35 86.30
N ASN BA 56 -48.03 22.43 86.88
CA ASN BA 56 -49.41 22.48 87.34
C ASN BA 56 -49.76 21.25 88.18
N GLY BA 57 -48.80 20.79 88.98
CA GLY BA 57 -49.05 19.65 89.84
C GLY BA 57 -50.23 19.91 90.74
N ASP BA 58 -51.07 18.89 90.91
CA ASP BA 58 -52.27 19.08 91.71
C ASP BA 58 -51.96 19.32 93.18
N VAL BA 59 -50.74 18.98 93.63
CA VAL BA 59 -50.49 18.72 95.05
C VAL BA 59 -49.40 19.66 95.59
N PHE BA 60 -49.75 20.39 96.65
CA PHE BA 60 -48.78 20.87 97.63
C PHE BA 60 -48.44 19.75 98.59
N ARG BA 61 -47.16 19.66 98.98
CA ARG BA 61 -46.73 18.67 99.97
C ARG BA 61 -46.11 19.40 101.16
N VAL BA 62 -46.84 19.49 102.27
CA VAL BA 62 -46.45 20.31 103.41
C VAL BA 62 -46.09 19.38 104.56
N LYS BA 63 -44.89 19.52 105.10
CA LYS BA 63 -44.34 18.54 106.03
C LYS BA 63 -43.96 19.21 107.34
N LEU BA 64 -44.32 18.55 108.43
CA LEU BA 64 -44.06 18.98 109.80
C LEU BA 64 -43.43 17.83 110.57
N PHE BA 65 -42.25 18.07 111.14
CA PHE BA 65 -41.51 17.07 111.88
C PHE BA 65 -41.29 17.54 113.30
N VAL BA 66 -41.48 16.63 114.26
CA VAL BA 66 -41.27 16.90 115.68
C VAL BA 66 -40.38 15.79 116.22
N ASN BA 67 -39.12 16.13 116.51
CA ASN BA 67 -38.13 15.17 116.97
C ASN BA 67 -37.78 15.42 118.43
N VAL BA 68 -37.92 14.38 119.23
CA VAL BA 68 -37.67 14.42 120.67
C VAL BA 68 -36.57 13.42 120.99
N PRO BA 69 -35.33 13.87 121.12
CA PRO BA 69 -34.24 12.96 121.53
C PRO BA 69 -34.13 12.84 123.05
N GLU BA 70 -33.78 11.63 123.47
CA GLU BA 70 -33.27 11.35 124.81
C GLU BA 70 -31.76 11.21 124.70
N VAL BA 71 -31.03 12.08 125.39
CA VAL BA 71 -29.59 12.07 125.41
C VAL BA 71 -29.11 11.39 126.69
N ALA BA 72 -27.89 10.86 126.66
CA ALA BA 72 -27.28 10.24 127.82
C ALA BA 72 -25.90 10.82 128.05
N THR BA 73 -25.56 11.04 129.30
CA THR BA 73 -24.29 11.64 129.69
C THR BA 73 -23.32 10.51 130.02
N ILE BA 74 -22.36 10.27 129.14
CA ILE BA 74 -21.36 9.23 129.32
C ILE BA 74 -20.10 9.87 129.87
N THR BA 75 -19.62 9.37 131.01
CA THR BA 75 -18.38 9.85 131.60
C THR BA 75 -17.47 8.64 131.80
N PRO BA 76 -16.30 8.59 131.16
CA PRO BA 76 -15.44 7.41 131.26
C PRO BA 76 -14.96 7.17 132.68
N ASN BA 77 -14.46 5.96 132.90
CA ASN BA 77 -14.14 5.50 134.26
C ASN BA 77 -13.05 6.36 134.88
N GLY BA 78 -13.37 7.01 136.00
CA GLY BA 78 -12.43 7.84 136.72
C GLY BA 78 -12.00 9.09 135.99
N SER BA 79 -12.92 9.73 135.27
CA SER BA 79 -12.61 10.89 134.44
C SER BA 79 -13.23 12.14 135.03
N ASP BA 80 -12.59 13.28 134.77
CA ASP BA 80 -13.09 14.55 135.26
C ASP BA 80 -14.33 14.98 134.48
N THR BA 81 -14.23 14.99 133.15
CA THR BA 81 -15.26 15.57 132.31
C THR BA 81 -16.07 14.48 131.61
N SER BA 82 -17.33 14.80 131.33
CA SER BA 82 -18.27 13.90 130.69
C SER BA 82 -18.65 14.44 129.32
N SER BA 83 -18.93 13.53 128.40
CA SER BA 83 -19.40 13.87 127.06
C SER BA 83 -20.82 13.38 126.87
N VAL BA 84 -21.60 14.08 126.05
CA VAL BA 84 -23.00 13.77 125.86
C VAL BA 84 -23.18 13.04 124.53
N GLU BA 85 -24.05 12.02 124.53
CA GLU BA 85 -24.28 11.18 123.38
C GLU BA 85 -25.79 11.06 123.15
N ILE BA 86 -26.19 10.92 121.90
CA ILE BA 86 -27.61 10.82 121.57
C ILE BA 86 -28.04 9.37 121.80
N ALA BA 87 -28.78 9.13 122.88
CA ALA BA 87 -29.15 7.77 123.26
C ALA BA 87 -30.18 7.20 122.29
N ARG BA 88 -31.33 7.87 122.18
CA ARG BA 88 -32.34 7.43 121.22
C ARG BA 88 -33.24 8.62 120.91
N THR BA 89 -34.11 8.46 119.93
CA THR BA 89 -34.97 9.57 119.51
C THR BA 89 -36.37 9.06 119.22
N ASN BA 90 -37.38 9.72 119.79
CA ASN BA 90 -38.75 9.57 119.33
C ASN BA 90 -39.02 10.63 118.27
N ARG BA 91 -39.84 10.28 117.29
CA ARG BA 91 -40.12 11.21 116.19
C ARG BA 91 -41.58 11.13 115.79
N ALA BA 92 -42.10 12.25 115.31
CA ALA BA 92 -43.41 12.32 114.68
C ALA BA 92 -43.26 13.08 113.36
N GLN BA 93 -43.75 12.48 112.27
CA GLN BA 93 -43.53 13.01 110.93
C GLN BA 93 -44.87 13.10 110.20
N VAL BA 94 -45.27 14.31 109.83
CA VAL BA 94 -46.58 14.59 109.27
C VAL BA 94 -46.39 15.14 107.87
N GLU BA 95 -47.03 14.51 106.88
CA GLU BA 95 -47.07 15.02 105.52
C GLU BA 95 -48.53 15.24 105.16
N PHE BA 96 -48.91 16.50 104.96
CA PHE BA 96 -50.21 16.81 104.38
C PHE BA 96 -50.04 16.91 102.88
N ILE BA 97 -50.86 16.17 102.15
CA ILE BA 97 -50.96 16.25 100.70
C ILE BA 97 -52.20 17.08 100.42
N LEU BA 98 -52.00 18.35 100.06
CA LEU BA 98 -53.15 19.19 99.81
C LEU BA 98 -53.26 19.48 98.32
N PRO BA 99 -54.46 19.45 97.74
CA PRO BA 99 -54.57 19.87 96.33
C PRO BA 99 -54.66 21.38 96.17
N ALA BA 100 -54.05 21.88 95.08
CA ALA BA 100 -54.06 23.30 94.80
C ALA BA 100 -55.45 23.81 94.41
N GLN BA 101 -56.40 22.92 94.20
CA GLN BA 101 -57.74 23.27 93.74
C GLN BA 101 -58.77 23.31 94.87
N SER BA 102 -58.34 23.05 96.10
CA SER BA 102 -59.26 22.98 97.23
C SER BA 102 -59.52 24.37 97.82
N ALA BA 103 -60.52 24.44 98.70
CA ALA BA 103 -60.83 25.65 99.44
C ALA BA 103 -60.28 25.53 100.86
N ALA BA 104 -59.89 26.69 101.42
CA ALA BA 104 -59.25 26.70 102.73
C ALA BA 104 -60.12 26.09 103.82
N THR BA 105 -61.44 26.09 103.64
CA THR BA 105 -62.34 25.42 104.58
C THR BA 105 -61.94 23.97 104.76
N VAL BA 106 -61.67 23.30 103.65
CA VAL BA 106 -61.35 21.88 103.68
C VAL BA 106 -60.07 21.65 104.45
N ARG BA 107 -59.03 22.45 104.19
CA ARG BA 107 -57.77 22.28 104.91
C ARG BA 107 -57.95 22.58 106.39
N GLU BA 108 -58.75 23.59 106.71
CA GLU BA 108 -58.99 23.92 108.11
C GLU BA 108 -59.60 22.75 108.87
N ASP BA 109 -60.68 22.16 108.32
CA ASP BA 109 -61.26 21.05 109.09
C ASP BA 109 -60.48 19.75 108.92
N LEU BA 110 -59.61 19.61 107.92
CA LEU BA 110 -58.69 18.48 107.93
C LEU BA 110 -57.71 18.58 109.10
N VAL BA 111 -57.13 19.76 109.29
CA VAL BA 111 -56.23 19.96 110.43
C VAL BA 111 -56.98 19.75 111.73
N ALA BA 112 -58.20 20.29 111.83
CA ALA BA 112 -58.99 20.12 113.06
C ALA BA 112 -59.30 18.65 113.32
N LEU BA 113 -59.60 17.89 112.26
CA LEU BA 113 -59.86 16.46 112.42
C LEU BA 113 -58.61 15.74 112.90
N LEU BA 114 -57.45 16.10 112.36
CA LEU BA 114 -56.21 15.46 112.81
C LEU BA 114 -55.94 15.76 114.28
N ALA BA 115 -56.11 17.03 114.69
CA ALA BA 115 -55.87 17.39 116.08
C ALA BA 115 -56.85 16.70 117.02
N SER BA 116 -58.12 16.61 116.62
CA SER BA 116 -59.10 15.92 117.44
C SER BA 116 -58.84 14.41 117.49
N ALA BA 117 -58.31 13.84 116.41
CA ALA BA 117 -57.92 12.44 116.44
C ALA BA 117 -56.78 12.21 117.40
N LEU BA 118 -55.80 13.12 117.42
CA LEU BA 118 -54.72 13.04 118.41
C LEU BA 118 -55.27 13.20 119.83
N ALA BA 119 -56.31 14.01 120.00
CA ALA BA 119 -56.85 14.22 121.33
C ALA BA 119 -57.73 13.06 121.79
N ASP BA 120 -58.36 12.34 120.87
CA ASP BA 120 -59.20 11.21 121.25
C ASP BA 120 -58.39 10.16 121.99
N THR BA 121 -58.97 9.62 123.06
CA THR BA 121 -58.22 8.69 123.91
C THR BA 121 -58.00 7.35 123.20
N ALA BA 122 -59.01 6.89 122.44
CA ALA BA 122 -58.87 5.62 121.73
C ALA BA 122 -57.74 5.67 120.73
N ILE BA 123 -57.61 6.79 120.02
CA ILE BA 123 -56.52 6.95 119.06
C ILE BA 123 -55.21 7.26 119.77
N LYS BA 124 -55.28 7.95 120.92
CA LYS BA 124 -54.06 8.32 121.62
C LYS BA 124 -53.39 7.10 122.24
N SER BA 125 -54.17 6.08 122.62
CA SER BA 125 -53.56 4.86 123.12
C SER BA 125 -52.76 4.16 122.04
N THR BA 126 -53.17 4.33 120.78
CA THR BA 126 -52.43 3.80 119.65
C THR BA 126 -50.99 4.30 119.66
N ILE BA 127 -50.81 5.60 119.82
CA ILE BA 127 -49.47 6.17 119.76
C ILE BA 127 -48.75 5.95 121.09
N VAL BA 128 -49.37 6.39 122.18
CA VAL BA 128 -48.69 6.43 123.46
C VAL BA 128 -48.40 5.02 123.96
N ASN BA 129 -49.39 4.12 123.88
CA ASN BA 129 -49.34 2.82 124.52
C ASN BA 129 -49.11 1.67 123.54
N VAL BA 130 -49.05 1.95 122.24
CA VAL BA 130 -48.71 0.98 121.20
C VAL BA 130 -49.63 -0.23 121.33
N GLU BA 131 -50.92 0.05 121.38
CA GLU BA 131 -51.95 -0.96 121.31
C GLU BA 131 -52.59 -0.91 119.92
N HIS BA 132 -52.72 -2.09 119.29
CA HIS BA 132 -53.42 -2.23 118.02
C HIS BA 132 -54.92 -2.12 118.21
N PHE BA 133 -55.61 -1.75 117.14
CA PHE BA 133 -57.06 -1.87 117.09
C PHE BA 133 -57.44 -3.33 116.83
N TYR BA 134 -58.51 -3.77 117.50
CA TYR BA 134 -58.97 -5.16 117.37
C TYR BA 134 -60.50 -5.29 117.50
N PRO CA 1 -35.23 46.10 101.95
CA PRO CA 1 -36.67 45.78 101.97
C PRO CA 1 -36.93 44.45 102.62
N ALA CA 2 -37.09 44.45 103.95
CA ALA CA 2 -37.46 43.23 104.66
C ALA CA 2 -38.79 42.72 104.15
N LEU CA 3 -38.89 41.39 104.04
CA LEU CA 3 -40.08 40.75 103.51
C LEU CA 3 -41.29 41.13 104.35
N LYS CA 4 -42.31 41.69 103.71
CA LYS CA 4 -43.45 42.24 104.42
C LYS CA 4 -44.59 42.39 103.43
N PRO CA 5 -45.84 42.26 103.88
CA PRO CA 5 -46.95 42.30 102.94
C PRO CA 5 -47.07 43.67 102.32
N ILE CA 6 -47.44 43.70 101.05
CA ILE CA 6 -47.50 44.95 100.31
C ILE CA 6 -48.88 45.08 99.71
N THR CA 7 -49.36 46.32 99.59
CA THR CA 7 -50.70 46.62 99.08
C THR CA 7 -50.58 47.27 97.71
N LEU CA 8 -51.37 46.77 96.76
CA LEU CA 8 -51.37 47.26 95.38
C LEU CA 8 -52.81 47.53 94.96
N THR CA 9 -53.00 48.53 94.10
CA THR CA 9 -54.32 48.91 93.64
C THR CA 9 -54.68 48.22 92.33
N ASP CA 10 -55.88 47.65 92.25
CA ASP CA 10 -56.32 46.98 91.04
C ASP CA 10 -56.91 48.01 90.07
N HIS CA 11 -57.62 47.54 89.04
CA HIS CA 11 -58.17 48.47 88.06
C HIS CA 11 -59.21 49.39 88.65
N SER CA 12 -59.97 48.91 89.63
CA SER CA 12 -60.99 49.71 90.28
C SER CA 12 -60.42 50.60 91.38
N SER CA 13 -59.09 50.67 91.49
CA SER CA 13 -58.34 51.35 92.55
C SER CA 13 -58.58 50.74 93.92
N ALA CA 14 -59.23 49.58 94.00
CA ALA CA 14 -59.43 48.91 95.27
C ALA CA 14 -58.12 48.30 95.76
N ASP CA 15 -57.87 48.40 97.06
CA ASP CA 15 -56.65 47.85 97.62
C ASP CA 15 -56.65 46.33 97.53
N VAL CA 16 -55.46 45.77 97.34
CA VAL CA 16 -55.25 44.34 97.16
C VAL CA 16 -53.97 43.99 97.92
N ILE CA 17 -54.10 43.20 98.97
CA ILE CA 17 -53.02 42.99 99.92
C ILE CA 17 -52.36 41.65 99.62
N PHE CA 18 -51.10 41.70 99.15
CA PHE CA 18 -50.29 40.52 98.92
C PHE CA 18 -49.47 40.23 100.17
N THR CA 19 -49.71 39.05 100.79
CA THR CA 19 -48.87 38.69 101.92
C THR CA 19 -47.66 37.90 101.44
N PRO CA 20 -46.53 38.00 102.13
CA PRO CA 20 -45.35 37.23 101.71
C PRO CA 20 -45.61 35.75 101.82
N THR CA 21 -45.20 35.01 100.78
CA THR CA 21 -45.36 33.56 100.74
C THR CA 21 -44.04 32.83 100.95
N GLN CA 22 -43.03 33.13 100.12
CA GLN CA 22 -41.87 32.27 100.13
C GLN CA 22 -40.62 33.02 99.69
N ILE CA 23 -39.50 32.70 100.32
CA ILE CA 23 -38.18 33.09 99.81
C ILE CA 23 -37.57 31.85 99.20
N ASP CA 24 -37.20 31.95 97.92
CA ASP CA 24 -36.88 30.78 97.11
C ASP CA 24 -35.51 30.21 97.49
N LYS CA 25 -35.13 29.15 96.78
CA LYS CA 25 -33.76 28.64 96.89
C LYS CA 25 -32.78 29.56 96.16
N ASN CA 26 -33.21 30.13 95.04
CA ASN CA 26 -32.37 31.01 94.24
C ASN CA 26 -32.42 32.46 94.70
N GLY CA 27 -33.39 32.82 95.54
CA GLY CA 27 -33.56 34.19 95.99
C GLY CA 27 -34.88 34.82 95.58
N VAL CA 28 -35.76 34.08 94.91
CA VAL CA 28 -37.03 34.65 94.45
C VAL CA 28 -37.94 34.86 95.65
N ALA CA 29 -38.58 36.02 95.71
CA ALA CA 29 -39.54 36.35 96.75
C ALA CA 29 -40.93 36.29 96.15
N TYR CA 30 -41.79 35.48 96.76
CA TYR CA 30 -43.15 35.21 96.29
C TYR CA 30 -44.14 35.80 97.28
N PHE CA 31 -44.98 36.72 96.80
CA PHE CA 31 -46.13 37.24 97.53
C PHE CA 31 -47.42 36.71 96.89
N ARG CA 32 -48.38 36.38 97.73
CA ARG CA 32 -49.63 35.75 97.29
C ARG CA 32 -50.80 36.54 97.84
N HIS CA 33 -51.83 36.68 97.03
CA HIS CA 33 -53.11 37.28 97.42
C HIS CA 33 -54.18 36.23 97.14
N LEU CA 34 -54.65 35.58 98.20
CA LEU CA 34 -55.66 34.54 98.04
C LEU CA 34 -57.01 35.15 97.72
N GLN CA 35 -57.90 34.32 97.19
CA GLN CA 35 -59.24 34.76 96.86
C GLN CA 35 -60.12 34.73 98.11
N ALA CA 36 -61.42 35.00 97.93
CA ALA CA 36 -62.34 34.95 99.06
C ALA CA 36 -62.36 33.57 99.69
N ASN CA 37 -62.50 32.53 98.86
CA ASN CA 37 -62.59 31.15 99.34
C ASN CA 37 -61.25 30.54 99.70
N GLY CA 38 -60.16 31.29 99.55
CA GLY CA 38 -58.84 30.74 99.84
C GLY CA 38 -58.43 29.61 98.92
N LYS CA 39 -58.72 29.74 97.63
CA LYS CA 39 -58.32 28.73 96.66
C LYS CA 39 -56.95 29.07 96.10
N PRO CA 40 -55.94 28.21 96.30
CA PRO CA 40 -54.59 28.54 95.79
C PRO CA 40 -54.56 28.79 94.30
N ILE CA 41 -55.25 27.94 93.53
CA ILE CA 41 -55.30 28.09 92.08
C ILE CA 41 -55.81 29.46 91.66
N GLY CA 42 -56.56 30.14 92.54
CA GLY CA 42 -57.09 31.45 92.21
C GLY CA 42 -56.30 32.62 92.73
N ALA CA 43 -55.19 32.39 93.43
CA ALA CA 43 -54.48 33.47 94.09
C ALA CA 43 -53.60 34.25 93.11
N TYR CA 44 -53.59 35.57 93.26
CA TYR CA 44 -52.63 36.40 92.55
C TYR CA 44 -51.24 36.22 93.14
N THR CA 45 -50.22 36.35 92.30
CA THR CA 45 -48.85 36.20 92.77
C THR CA 45 -47.98 37.33 92.24
N VAL CA 46 -46.97 37.69 93.04
CA VAL CA 46 -45.97 38.68 92.65
C VAL CA 46 -44.60 38.15 93.05
N SER CA 47 -43.70 38.02 92.09
CA SER CA 47 -42.35 37.52 92.30
C SER CA 47 -41.33 38.62 92.10
N SER CA 48 -40.33 38.65 92.98
CA SER CA 48 -39.25 39.62 92.86
C SER CA 48 -37.93 38.94 93.15
N HIS CA 49 -37.02 38.99 92.18
CA HIS CA 49 -35.70 38.38 92.35
C HIS CA 49 -34.65 39.25 91.70
N VAL CA 50 -33.55 39.50 92.40
CA VAL CA 50 -32.46 40.28 91.85
C VAL CA 50 -31.21 39.42 91.79
N LYS CA 51 -30.55 39.45 90.63
CA LYS CA 51 -29.36 38.66 90.35
C LYS CA 51 -28.18 39.63 90.23
N GLU CA 52 -27.26 39.52 91.17
CA GLU CA 52 -26.05 40.33 91.22
C GLU CA 52 -25.08 39.89 90.13
N PRO CA 53 -24.17 40.77 89.71
CA PRO CA 53 -23.16 40.38 88.73
C PRO CA 53 -22.05 39.55 89.34
N GLY CA 54 -21.45 38.71 88.48
CA GLY CA 54 -20.33 37.89 88.90
C GLY CA 54 -19.33 37.77 87.78
N THR CA 55 -18.10 37.40 88.17
CA THR CA 55 -16.98 37.31 87.24
C THR CA 55 -16.85 38.60 86.43
N ASN CA 56 -16.77 39.72 87.17
CA ASN CA 56 -16.59 41.04 86.60
C ASN CA 56 -17.63 41.33 85.51
N GLY CA 57 -18.89 41.02 85.82
CA GLY CA 57 -19.99 41.37 84.95
C GLY CA 57 -20.49 42.76 85.28
N ASP CA 58 -20.80 43.53 84.24
CA ASP CA 58 -21.24 44.90 84.45
C ASP CA 58 -22.70 44.99 84.87
N VAL CA 59 -23.48 43.93 84.67
CA VAL CA 59 -24.93 44.02 84.64
C VAL CA 59 -25.54 43.47 85.93
N PHE CA 60 -26.69 44.04 86.29
CA PHE CA 60 -27.58 43.56 87.33
C PHE CA 60 -28.87 43.14 86.66
N ARG CA 61 -29.42 41.99 87.05
CA ARG CA 61 -30.67 41.51 86.43
C ARG CA 61 -31.76 41.41 87.49
N VAL CA 62 -32.68 42.37 87.49
CA VAL CA 62 -33.72 42.46 88.51
C VAL CA 62 -35.07 42.16 87.85
N LYS CA 63 -35.80 41.20 88.40
CA LYS CA 63 -36.98 40.65 87.76
C LYS CA 63 -38.19 40.82 88.66
N LEU CA 64 -39.30 41.20 88.04
CA LEU CA 64 -40.58 41.41 88.70
C LEU CA 64 -41.67 40.72 87.89
N PHE CA 65 -42.41 39.81 88.53
CA PHE CA 65 -43.48 39.06 87.89
C PHE CA 65 -44.79 39.34 88.60
N VAL CA 66 -45.86 39.53 87.83
CA VAL CA 66 -47.19 39.74 88.36
C VAL CA 66 -48.13 38.80 87.62
N ASN CA 67 -48.60 37.76 88.31
CA ASN CA 67 -49.42 36.72 87.70
C ASN CA 67 -50.84 36.84 88.26
N VAL CA 68 -51.81 37.00 87.35
CA VAL CA 68 -53.23 37.10 87.66
C VAL CA 68 -53.94 35.90 87.07
N PRO CA 69 -54.39 34.93 87.86
CA PRO CA 69 -55.15 33.82 87.30
C PRO CA 69 -56.63 34.13 87.31
N GLU CA 70 -57.33 33.55 86.35
CA GLU CA 70 -58.79 33.46 86.38
C GLU CA 70 -59.17 32.00 86.37
N VAL CA 71 -60.04 31.63 87.30
CA VAL CA 71 -60.53 30.26 87.48
C VAL CA 71 -61.64 29.98 86.47
N ALA CA 72 -61.64 28.80 85.86
CA ALA CA 72 -62.72 28.39 84.98
C ALA CA 72 -63.51 27.30 85.67
N THR CA 73 -64.80 27.55 85.87
CA THR CA 73 -65.66 26.59 86.56
C THR CA 73 -66.38 25.69 85.55
N GLU CA 85 -62.29 24.66 88.21
CA GLU CA 85 -61.43 23.49 88.33
C GLU CA 85 -60.02 23.75 87.80
N ILE CA 86 -59.91 24.18 86.54
CA ILE CA 86 -58.64 24.55 85.96
C ILE CA 86 -58.71 26.04 85.64
N ALA CA 87 -57.57 26.71 85.72
CA ALA CA 87 -57.53 28.16 85.65
C ALA CA 87 -56.44 28.57 84.68
N ARG CA 88 -56.69 29.66 83.95
CA ARG CA 88 -55.67 30.18 83.04
C ARG CA 88 -55.17 31.51 83.57
N THR CA 89 -53.87 31.76 83.36
CA THR CA 89 -53.19 32.84 84.05
C THR CA 89 -52.71 33.87 83.03
N ASN CA 90 -53.17 35.11 83.18
CA ASN CA 90 -52.50 36.25 82.55
C ASN CA 90 -51.24 36.57 83.34
N ARG CA 91 -50.16 36.88 82.63
CA ARG CA 91 -48.90 37.18 83.31
C ARG CA 91 -48.27 38.44 82.77
N ALA CA 92 -47.59 39.15 83.65
CA ALA CA 92 -46.69 40.24 83.29
C ALA CA 92 -45.32 39.89 83.83
N GLN CA 93 -44.30 39.98 82.98
CA GLN CA 93 -42.94 39.57 83.35
C GLN CA 93 -41.98 40.68 82.94
N VAL CA 94 -41.35 41.33 83.92
CA VAL CA 94 -40.46 42.45 83.67
C VAL CA 94 -39.06 42.07 84.11
N GLU CA 95 -38.09 42.34 83.25
CA GLU CA 95 -36.67 42.18 83.56
C GLU CA 95 -35.98 43.50 83.29
N PHE CA 96 -35.41 44.10 84.33
CA PHE CA 96 -34.56 45.28 84.19
C PHE CA 96 -33.11 44.83 84.17
N ILE CA 97 -32.37 45.36 83.21
CA ILE CA 97 -30.93 45.14 83.07
C ILE CA 97 -30.25 46.46 83.41
N LEU CA 98 -29.53 46.50 84.53
CA LEU CA 98 -29.00 47.74 85.08
C LEU CA 98 -27.50 47.64 85.25
N PRO CA 99 -26.68 48.40 84.51
CA PRO CA 99 -25.23 48.37 84.74
C PRO CA 99 -24.87 48.90 86.12
N ALA CA 100 -23.71 48.45 86.61
CA ALA CA 100 -23.29 48.76 87.97
C ALA CA 100 -22.75 50.18 88.11
N GLN CA 101 -22.23 50.78 87.04
CA GLN CA 101 -21.71 52.14 87.13
C GLN CA 101 -22.79 53.20 87.03
N SER CA 102 -23.99 52.86 86.55
CA SER CA 102 -25.04 53.87 86.41
C SER CA 102 -25.43 54.41 87.78
N ALA CA 103 -25.38 55.74 87.93
CA ALA CA 103 -25.87 56.36 89.13
C ALA CA 103 -27.37 56.11 89.26
N ALA CA 104 -27.85 56.10 90.51
CA ALA CA 104 -29.25 55.76 90.75
C ALA CA 104 -30.22 56.71 90.05
N THR CA 105 -29.77 57.90 89.64
CA THR CA 105 -30.63 58.82 88.88
C THR CA 105 -31.21 58.12 87.66
N VAL CA 106 -30.35 57.38 86.95
CA VAL CA 106 -30.77 56.76 85.69
C VAL CA 106 -31.83 55.72 85.97
N ARG CA 107 -31.60 54.87 86.97
CA ARG CA 107 -32.55 53.80 87.25
C ARG CA 107 -33.88 54.37 87.73
N GLU CA 108 -33.81 55.46 88.52
CA GLU CA 108 -35.03 56.10 88.96
C GLU CA 108 -35.88 56.58 87.77
N ASP CA 109 -35.29 57.36 86.84
CA ASP CA 109 -36.13 57.84 85.74
C ASP CA 109 -36.41 56.75 84.70
N LEU CA 110 -35.64 55.65 84.69
CA LEU CA 110 -36.02 54.54 83.83
C LEU CA 110 -37.31 53.91 84.33
N VAL CA 111 -37.38 53.61 85.62
CA VAL CA 111 -38.62 53.12 86.20
C VAL CA 111 -39.75 54.10 85.94
N ALA CA 112 -39.49 55.40 86.14
CA ALA CA 112 -40.55 56.39 85.95
C ALA CA 112 -41.04 56.36 84.50
N LEU CA 113 -40.12 56.19 83.55
CA LEU CA 113 -40.47 56.06 82.14
C LEU CA 113 -41.37 54.86 81.90
N LEU CA 114 -41.01 53.72 82.49
CA LEU CA 114 -41.80 52.51 82.29
C LEU CA 114 -43.21 52.68 82.83
N ALA CA 115 -43.33 53.27 84.03
CA ALA CA 115 -44.64 53.45 84.63
C ALA CA 115 -45.48 54.43 83.83
N SER CA 116 -44.87 55.52 83.34
CA SER CA 116 -45.60 56.48 82.52
C SER CA 116 -45.99 55.86 81.18
N ALA CA 117 -45.19 54.95 80.65
CA ALA CA 117 -45.57 54.25 79.43
C ALA CA 117 -46.76 53.33 79.66
N LEU CA 118 -46.79 52.65 80.81
CA LEU CA 118 -47.96 51.86 81.18
C LEU CA 118 -49.19 52.74 81.37
N ALA CA 119 -49.00 53.98 81.85
CA ALA CA 119 -50.13 54.86 82.07
C ALA CA 119 -50.63 55.51 80.78
N ASP CA 120 -49.75 55.70 79.80
CA ASP CA 120 -50.15 56.34 78.55
C ASP CA 120 -51.24 55.53 77.88
N THR CA 121 -52.26 56.22 77.35
CA THR CA 121 -53.42 55.53 76.81
C THR CA 121 -53.07 54.74 75.56
N ALA CA 122 -52.23 55.31 74.69
CA ALA CA 122 -51.87 54.63 73.45
C ALA CA 122 -51.14 53.32 73.71
N ILE CA 123 -50.15 53.37 74.61
CA ILE CA 123 -49.38 52.17 74.96
C ILE CA 123 -50.25 51.19 75.74
N LYS CA 124 -51.10 51.71 76.63
CA LYS CA 124 -51.95 50.82 77.43
C LYS CA 124 -52.94 50.07 76.56
N SER CA 125 -53.39 50.69 75.46
CA SER CA 125 -54.25 50.00 74.52
C SER CA 125 -53.58 48.74 73.98
N THR CA 126 -52.28 48.82 73.74
CA THR CA 126 -51.50 47.69 73.25
C THR CA 126 -51.70 46.46 74.12
N ILE CA 127 -51.67 46.63 75.44
CA ILE CA 127 -51.79 45.50 76.34
C ILE CA 127 -53.26 45.12 76.54
N VAL CA 128 -54.08 46.12 76.89
CA VAL CA 128 -55.44 45.85 77.34
C VAL CA 128 -56.27 45.26 76.20
N ASN CA 129 -56.20 45.89 75.02
CA ASN CA 129 -57.03 45.53 73.89
C ASN CA 129 -56.33 44.64 72.88
N VAL CA 130 -55.10 44.19 73.20
CA VAL CA 130 -54.23 43.40 72.34
C VAL CA 130 -54.33 43.88 70.90
N GLU CA 131 -54.06 45.18 70.68
CA GLU CA 131 -54.00 45.79 69.36
C GLU CA 131 -52.54 46.05 68.99
N HIS CA 132 -52.19 45.76 67.73
CA HIS CA 132 -50.89 46.14 67.18
C HIS CA 132 -50.79 47.64 66.95
N PHE CA 133 -49.56 48.15 66.96
CA PHE CA 133 -49.35 49.51 66.48
C PHE CA 133 -49.42 49.53 64.95
N TYR CA 134 -50.10 50.55 64.42
CA TYR CA 134 -50.29 50.67 62.97
C TYR CA 134 -50.26 52.10 62.46
N PRO DA 1 -30.85 34.83 115.61
CA PRO DA 1 -30.58 36.15 115.05
C PRO DA 1 -31.36 36.37 113.78
N ALA DA 2 -32.52 37.01 113.90
CA ALA DA 2 -33.27 37.39 112.72
C ALA DA 2 -32.48 38.41 111.92
N LEU DA 3 -32.67 38.39 110.60
CA LEU DA 3 -31.97 39.30 109.72
C LEU DA 3 -32.47 40.72 109.94
N LYS DA 4 -31.56 41.64 110.25
CA LYS DA 4 -31.86 43.00 110.66
C LYS DA 4 -30.69 43.87 110.26
N PRO DA 5 -30.92 45.12 109.84
CA PRO DA 5 -29.79 46.04 109.66
C PRO DA 5 -29.07 46.23 110.97
N ILE DA 6 -27.76 46.04 110.94
CA ILE DA 6 -26.96 46.12 112.15
C ILE DA 6 -26.04 47.33 112.04
N THR DA 7 -25.92 48.08 113.13
CA THR DA 7 -25.10 49.27 113.16
C THR DA 7 -23.79 48.94 113.84
N LEU DA 8 -22.68 49.29 113.17
CA LEU DA 8 -21.34 49.05 113.69
C LEU DA 8 -20.60 50.38 113.77
N THR DA 9 -19.74 50.51 114.77
CA THR DA 9 -19.02 51.76 115.01
C THR DA 9 -17.64 51.70 114.34
N ASP DA 10 -17.25 52.78 113.66
CA ASP DA 10 -15.98 52.81 112.95
C ASP DA 10 -14.88 53.34 113.87
N HIS DA 11 -13.78 53.80 113.29
CA HIS DA 11 -12.68 54.27 114.11
C HIS DA 11 -13.03 55.53 114.88
N SER DA 12 -13.77 56.44 114.26
CA SER DA 12 -14.17 57.68 114.92
C SER DA 12 -15.36 57.49 115.85
N SER DA 13 -15.79 56.25 116.09
CA SER DA 13 -16.97 55.85 116.86
C SER DA 13 -18.27 56.25 116.18
N ALA DA 14 -18.23 56.82 114.97
CA ALA DA 14 -19.43 57.11 114.23
C ALA DA 14 -20.14 55.82 113.82
N ASP DA 15 -21.46 55.87 113.77
CA ASP DA 15 -22.23 54.70 113.39
C ASP DA 15 -22.14 54.45 111.89
N VAL DA 16 -22.26 53.18 111.51
CA VAL DA 16 -22.18 52.71 110.13
C VAL DA 16 -23.22 51.61 110.00
N ILE DA 17 -24.27 51.87 109.24
CA ILE DA 17 -25.43 50.98 109.18
C ILE DA 17 -25.22 50.01 108.01
N PHE DA 18 -25.21 48.72 108.32
CA PHE DA 18 -25.16 47.67 107.31
C PHE DA 18 -26.55 47.09 107.12
N THR DA 19 -27.09 47.27 105.92
CA THR DA 19 -28.40 46.71 105.59
C THR DA 19 -28.23 45.29 105.06
N PRO DA 20 -29.14 44.39 105.41
CA PRO DA 20 -29.04 43.02 104.91
C PRO DA 20 -29.23 42.98 103.40
N THR DA 21 -28.32 42.27 102.73
CA THR DA 21 -28.35 42.13 101.28
C THR DA 21 -28.99 40.83 100.84
N GLN DA 22 -28.51 39.69 101.33
CA GLN DA 22 -28.83 38.43 100.70
C GLN DA 22 -28.49 37.28 101.64
N ILE DA 23 -29.24 36.20 101.53
CA ILE DA 23 -28.93 34.95 102.21
C ILE DA 23 -28.53 33.94 101.14
N ASP DA 24 -27.29 33.47 101.22
CA ASP DA 24 -26.67 32.69 100.16
C ASP DA 24 -27.33 31.32 100.01
N LYS DA 25 -26.97 30.63 98.93
CA LYS DA 25 -27.38 29.22 98.79
C LYS DA 25 -26.67 28.33 99.79
N ASN DA 26 -25.50 28.74 100.25
CA ASN DA 26 -24.72 27.97 101.20
C ASN DA 26 -25.00 28.35 102.65
N GLY DA 27 -25.87 29.33 102.87
CA GLY DA 27 -26.17 29.81 104.20
C GLY DA 27 -25.51 31.11 104.56
N VAL DA 28 -24.69 31.67 103.67
CA VAL DA 28 -23.98 32.91 103.97
C VAL DA 28 -24.96 34.07 103.95
N ALA DA 29 -24.90 34.90 104.99
CA ALA DA 29 -25.73 36.09 105.10
C ALA DA 29 -24.84 37.31 104.92
N TYR DA 30 -25.25 38.22 104.04
CA TYR DA 30 -24.45 39.37 103.65
C TYR DA 30 -25.12 40.66 104.11
N PHE DA 31 -24.36 41.52 104.79
CA PHE DA 31 -24.79 42.87 105.12
C PHE DA 31 -23.87 43.86 104.42
N ARG DA 32 -24.44 44.87 103.77
CA ARG DA 32 -23.65 45.80 103.00
C ARG DA 32 -23.89 47.24 103.44
N HIS DA 33 -22.88 48.05 103.23
CA HIS DA 33 -22.93 49.50 103.40
C HIS DA 33 -22.26 50.11 102.18
N LEU DA 34 -23.00 50.92 101.43
CA LEU DA 34 -22.51 51.41 100.14
C LEU DA 34 -21.41 52.45 100.35
N GLN DA 35 -20.65 52.69 99.28
CA GLN DA 35 -19.53 53.62 99.32
C GLN DA 35 -20.05 55.06 99.32
N ALA DA 36 -19.12 56.01 99.32
CA ALA DA 36 -19.47 57.42 99.28
C ALA DA 36 -20.35 57.73 98.07
N ASN DA 37 -19.90 57.31 96.89
CA ASN DA 37 -20.73 57.45 95.70
C ASN DA 37 -21.90 56.46 95.76
N GLY DA 38 -23.04 56.88 95.20
CA GLY DA 38 -24.20 56.02 95.19
C GLY DA 38 -24.05 54.77 94.37
N LYS DA 39 -22.93 54.61 93.68
CA LYS DA 39 -22.72 53.49 92.78
C LYS DA 39 -22.38 52.23 93.57
N PRO DA 40 -23.17 51.15 93.46
CA PRO DA 40 -22.96 49.92 94.24
C PRO DA 40 -22.01 48.96 93.52
N ILE DA 41 -20.74 49.35 93.44
CA ILE DA 41 -19.72 48.52 92.82
C ILE DA 41 -18.82 47.89 93.88
N GLY DA 42 -18.14 48.71 94.66
CA GLY DA 42 -17.43 48.27 95.84
C GLY DA 42 -18.17 48.76 97.06
N ALA DA 43 -18.34 47.88 98.02
CA ALA DA 43 -19.17 48.20 99.17
C ALA DA 43 -18.64 47.46 100.38
N TYR DA 44 -18.74 48.10 101.54
CA TYR DA 44 -18.34 47.47 102.78
C TYR DA 44 -19.28 46.32 103.09
N THR DA 45 -18.72 45.15 103.41
CA THR DA 45 -19.54 43.96 103.58
C THR DA 45 -19.20 43.23 104.86
N VAL DA 46 -20.21 42.55 105.39
CA VAL DA 46 -20.07 41.68 106.56
C VAL DA 46 -20.80 40.38 106.24
N SER DA 47 -20.05 39.28 106.21
CA SER DA 47 -20.57 37.96 105.91
C SER DA 47 -20.62 37.13 107.17
N SER DA 48 -21.72 36.41 107.37
CA SER DA 48 -21.86 35.50 108.51
C SER DA 48 -22.38 34.17 108.03
N HIS DA 49 -21.68 33.10 108.39
CA HIS DA 49 -22.11 31.76 108.00
C HIS DA 49 -21.73 30.76 109.08
N VAL DA 50 -22.69 29.98 109.54
CA VAL DA 50 -22.44 28.91 110.49
C VAL DA 50 -22.62 27.58 109.80
N LYS DA 51 -21.68 26.67 110.02
CA LYS DA 51 -21.68 25.34 109.42
C LYS DA 51 -21.88 24.32 110.53
N GLU DA 52 -23.03 23.62 110.45
CA GLU DA 52 -23.35 22.56 111.38
C GLU DA 52 -22.33 21.43 111.25
N PRO DA 53 -22.29 20.52 112.22
CA PRO DA 53 -21.34 19.40 112.13
C PRO DA 53 -21.90 18.20 111.39
N GLY DA 54 -21.03 17.51 110.67
CA GLY DA 54 -21.42 16.35 109.88
C GLY DA 54 -21.00 15.06 110.58
N THR DA 55 -21.96 14.14 110.71
CA THR DA 55 -21.72 12.86 111.37
C THR DA 55 -21.26 13.08 112.82
N ASN DA 56 -21.89 14.04 113.49
CA ASN DA 56 -21.61 14.37 114.87
C ASN DA 56 -20.13 14.66 115.11
N GLY DA 57 -19.43 15.12 114.07
CA GLY DA 57 -18.12 15.68 114.28
C GLY DA 57 -18.21 16.84 115.25
N ASP DA 58 -17.32 16.85 116.24
CA ASP DA 58 -17.47 17.78 117.36
C ASP DA 58 -17.55 19.25 116.93
N VAL DA 59 -17.07 19.59 115.74
CA VAL DA 59 -16.83 20.98 115.36
C VAL DA 59 -18.06 21.62 114.76
N PHE DA 60 -18.33 22.85 115.21
CA PHE DA 60 -19.19 23.82 114.54
C PHE DA 60 -18.26 24.88 113.95
N ARG DA 61 -18.47 25.21 112.68
CA ARG DA 61 -17.58 26.17 112.00
C ARG DA 61 -18.34 27.46 111.72
N VAL DA 62 -18.14 28.46 112.56
CA VAL DA 62 -18.90 29.70 112.48
C VAL DA 62 -17.95 30.82 112.04
N LYS DA 63 -18.30 31.48 110.94
CA LYS DA 63 -17.38 32.36 110.25
C LYS DA 63 -17.98 33.76 110.12
N LEU DA 64 -17.12 34.76 110.30
CA LEU DA 64 -17.48 36.17 110.24
C LEU DA 64 -16.42 36.89 109.40
N PHE DA 65 -16.86 37.56 108.35
CA PHE DA 65 -15.99 38.28 107.43
C PHE DA 65 -16.37 39.76 107.41
N VAL DA 66 -15.37 40.63 107.42
CA VAL DA 66 -15.56 42.06 107.32
C VAL DA 66 -14.63 42.59 106.23
N ASN DA 67 -15.21 42.98 105.10
CA ASN DA 67 -14.46 43.42 103.94
C ASN DA 67 -14.65 44.91 103.75
N VAL DA 68 -13.55 45.64 103.74
CA VAL DA 68 -13.53 47.08 103.57
C VAL DA 68 -12.82 47.39 102.25
N PRO DA 69 -13.56 47.64 101.17
CA PRO DA 69 -12.93 48.01 99.90
C PRO DA 69 -12.67 49.51 99.79
N GLU DA 70 -11.52 49.84 99.22
CA GLU DA 70 -11.17 51.18 98.80
C GLU DA 70 -11.34 51.26 97.29
N VAL DA 71 -12.15 52.22 96.84
CA VAL DA 71 -12.60 52.34 95.46
C VAL DA 71 -11.93 53.55 94.81
N ALA DA 72 -11.85 53.53 93.49
CA ALA DA 72 -11.25 54.60 92.70
C ALA DA 72 -12.18 54.94 91.55
N THR DA 73 -12.46 56.23 91.39
CA THR DA 73 -13.26 56.72 90.26
C THR DA 73 -12.32 57.15 89.15
N ILE DA 74 -12.25 56.36 88.08
CA ILE DA 74 -11.34 56.61 86.96
C ILE DA 74 -12.15 57.10 85.78
N THR DA 75 -11.78 58.27 85.25
CA THR DA 75 -12.37 58.76 84.03
C THR DA 75 -11.29 58.79 82.94
N PRO DA 76 -11.46 58.07 81.84
CA PRO DA 76 -10.39 57.98 80.83
C PRO DA 76 -10.12 59.31 80.13
N ASN DA 77 -9.11 59.33 79.27
CA ASN DA 77 -8.70 60.57 78.63
C ASN DA 77 -9.70 61.01 77.59
N GLY DA 78 -10.12 62.28 77.68
CA GLY DA 78 -11.02 62.86 76.70
C GLY DA 78 -12.38 62.20 76.62
N SER DA 79 -12.86 61.65 77.74
CA SER DA 79 -14.13 60.93 77.78
C SER DA 79 -15.11 61.65 78.69
N ASP DA 80 -16.37 61.71 78.26
CA ASP DA 80 -17.40 62.40 79.03
C ASP DA 80 -17.63 61.72 80.36
N THR DA 81 -17.67 60.39 80.38
CA THR DA 81 -18.19 59.63 81.51
C THR DA 81 -17.08 58.93 82.27
N SER DA 82 -17.22 58.92 83.59
CA SER DA 82 -16.30 58.24 84.49
C SER DA 82 -16.88 56.90 84.92
N SER DA 83 -16.01 55.93 85.13
CA SER DA 83 -16.41 54.64 85.66
C SER DA 83 -15.66 54.36 86.95
N VAL DA 84 -16.25 53.56 87.80
CA VAL DA 84 -15.69 53.26 89.11
C VAL DA 84 -15.06 51.88 89.09
N GLU DA 85 -14.05 51.69 89.94
CA GLU DA 85 -13.21 50.49 89.91
C GLU DA 85 -12.76 50.16 91.33
N ILE DA 86 -12.64 48.88 91.62
CA ILE DA 86 -12.23 48.43 92.95
C ILE DA 86 -10.72 48.52 93.03
N ALA DA 87 -10.22 49.50 93.79
CA ALA DA 87 -8.77 49.73 93.87
C ALA DA 87 -8.08 48.67 94.70
N ARG DA 88 -8.50 48.50 95.95
CA ARG DA 88 -7.95 47.43 96.77
C ARG DA 88 -8.95 47.15 97.90
N THR DA 89 -8.66 46.12 98.69
CA THR DA 89 -9.56 45.74 99.77
C THR DA 89 -8.76 45.33 101.00
N ASN DA 90 -9.13 45.87 102.15
CA ASN DA 90 -8.70 45.34 103.43
C ASN DA 90 -9.73 44.33 103.91
N ARG DA 91 -9.27 43.22 104.48
CA ARG DA 91 -10.19 42.19 104.91
C ARG DA 91 -9.84 41.69 106.30
N ALA DA 92 -10.88 41.34 107.06
CA ALA DA 92 -10.72 40.61 108.31
C ALA DA 92 -11.57 39.36 108.21
N GLN DA 93 -10.97 38.20 108.49
CA GLN DA 93 -11.64 36.93 108.33
C GLN DA 93 -11.50 36.14 109.61
N VAL DA 94 -12.62 35.78 110.24
CA VAL DA 94 -12.63 35.12 111.53
C VAL DA 94 -13.37 33.80 111.40
N GLU DA 95 -12.74 32.74 111.88
CA GLU DA 95 -13.35 31.42 111.96
C GLU DA 95 -13.27 30.94 113.40
N PHE DA 96 -14.44 30.71 114.02
CA PHE DA 96 -14.50 30.06 115.31
C PHE DA 96 -14.81 28.59 115.08
N ILE DA 97 -14.00 27.74 115.70
CA ILE DA 97 -14.22 26.30 115.75
C ILE DA 97 -14.72 25.98 117.14
N LEU DA 98 -15.98 25.56 117.24
CA LEU DA 98 -16.64 25.38 118.54
C LEU DA 98 -17.06 23.93 118.71
N PRO DA 99 -16.51 23.20 119.67
CA PRO DA 99 -16.95 21.81 119.87
C PRO DA 99 -18.40 21.73 120.29
N ALA DA 100 -19.09 20.69 119.80
CA ALA DA 100 -20.53 20.54 120.01
C ALA DA 100 -20.89 20.15 121.42
N GLN DA 101 -19.92 20.02 122.32
CA GLN DA 101 -20.21 19.62 123.69
C GLN DA 101 -19.84 20.66 124.73
N SER DA 102 -19.12 21.72 124.36
CA SER DA 102 -18.90 22.80 125.31
C SER DA 102 -20.17 23.63 125.45
N ALA DA 103 -20.47 24.02 126.69
CA ALA DA 103 -21.67 24.82 126.95
C ALA DA 103 -21.43 26.27 126.54
N ALA DA 104 -22.51 27.05 126.51
CA ALA DA 104 -22.43 28.42 125.99
C ALA DA 104 -21.46 29.30 126.77
N THR DA 105 -21.16 28.95 128.02
CA THR DA 105 -20.24 29.76 128.83
C THR DA 105 -18.88 29.88 128.16
N VAL DA 106 -18.39 28.74 127.65
CA VAL DA 106 -17.08 28.69 127.02
C VAL DA 106 -17.05 29.59 125.78
N ARG DA 107 -18.09 29.51 124.96
CA ARG DA 107 -18.11 30.33 123.76
C ARG DA 107 -18.23 31.81 124.11
N GLU DA 108 -19.00 32.13 125.15
CA GLU DA 108 -19.14 33.52 125.56
C GLU DA 108 -17.79 34.10 125.97
N ASP DA 109 -17.06 33.40 126.84
CA ASP DA 109 -15.80 34.02 127.25
C ASP DA 109 -14.70 33.88 126.18
N LEU DA 110 -14.86 32.98 125.21
CA LEU DA 110 -13.96 33.00 124.06
C LEU DA 110 -14.16 34.28 123.24
N VAL DA 111 -15.42 34.60 122.94
CA VAL DA 111 -15.71 35.83 122.21
C VAL DA 111 -15.20 37.05 122.99
N ALA DA 112 -15.41 37.04 124.31
CA ALA DA 112 -14.95 38.17 125.12
C ALA DA 112 -13.42 38.29 125.08
N LEU DA 113 -12.72 37.16 125.12
CA LEU DA 113 -11.27 37.18 125.01
C LEU DA 113 -10.82 37.75 123.67
N LEU DA 114 -11.49 37.36 122.59
CA LEU DA 114 -11.12 37.86 121.28
C LEU DA 114 -11.35 39.37 121.17
N ALA DA 115 -12.50 39.85 121.67
CA ALA DA 115 -12.78 41.28 121.60
C ALA DA 115 -11.81 42.08 122.46
N SER DA 116 -11.49 41.58 123.66
CA SER DA 116 -10.52 42.27 124.51
C SER DA 116 -9.12 42.23 123.91
N ALA DA 117 -8.79 41.17 123.17
CA ALA DA 117 -7.51 41.14 122.46
C ALA DA 117 -7.47 42.18 121.37
N LEU DA 118 -8.58 42.35 120.64
CA LEU DA 118 -8.66 43.41 119.64
C LEU DA 118 -8.57 44.79 120.28
N ALA DA 119 -9.07 44.93 121.51
CA ALA DA 119 -9.03 46.23 122.17
C ALA DA 119 -7.66 46.54 122.76
N ASP DA 120 -6.91 45.52 123.21
CA ASP DA 120 -5.60 45.75 123.80
C ASP DA 120 -4.72 46.51 122.83
N THR DA 121 -3.95 47.48 123.36
CA THR DA 121 -3.15 48.34 122.50
C THR DA 121 -1.99 47.58 121.87
N ALA DA 122 -1.34 46.70 122.62
CA ALA DA 122 -0.22 45.93 122.09
C ALA DA 122 -0.66 45.02 120.96
N ILE DA 123 -1.74 44.27 121.17
CA ILE DA 123 -2.29 43.42 120.11
C ILE DA 123 -2.82 44.27 118.97
N LYS DA 124 -3.33 45.46 119.27
CA LYS DA 124 -3.94 46.28 118.23
C LYS DA 124 -2.88 46.80 117.26
N SER DA 125 -1.75 47.29 117.79
CA SER DA 125 -0.69 47.79 116.92
C SER DA 125 -0.20 46.71 115.97
N THR DA 126 -0.27 45.44 116.37
CA THR DA 126 0.03 44.34 115.47
C THR DA 126 -0.74 44.47 114.17
N ILE DA 127 -2.06 44.70 114.28
CA ILE DA 127 -2.90 44.79 113.09
C ILE DA 127 -2.75 46.17 112.44
N VAL DA 128 -3.00 47.21 113.23
CA VAL DA 128 -3.12 48.56 112.70
C VAL DA 128 -1.80 49.05 112.13
N ASN DA 129 -0.71 48.84 112.85
CA ASN DA 129 0.58 49.43 112.56
C ASN DA 129 1.52 48.49 111.83
N VAL DA 130 1.13 47.22 111.65
CA VAL DA 130 1.93 46.23 110.93
C VAL DA 130 3.31 46.16 111.55
N GLU DA 131 3.33 46.02 112.86
CA GLU DA 131 4.54 45.81 113.65
C GLU DA 131 4.52 44.38 114.15
N HIS DA 132 5.69 43.74 114.13
CA HIS DA 132 5.87 42.43 114.73
C HIS DA 132 5.95 42.55 116.24
N PHE DA 133 5.60 41.46 116.92
CA PHE DA 133 5.87 41.36 118.34
C PHE DA 133 7.34 41.06 118.58
N TYR DA 134 7.90 41.66 119.62
CA TYR DA 134 9.32 41.48 119.94
C TYR DA 134 9.62 41.65 121.44
N PRO EA 1 -98.33 -82.81 14.94
CA PRO EA 1 -99.48 -81.97 14.56
C PRO EA 1 -99.14 -81.14 13.34
N ALA EA 2 -99.85 -81.43 12.24
CA ALA EA 2 -99.73 -80.64 11.01
C ALA EA 2 -99.97 -79.17 11.32
N LEU EA 3 -99.03 -78.33 10.90
CA LEU EA 3 -99.09 -76.90 11.17
C LEU EA 3 -100.38 -76.32 10.63
N LYS EA 4 -101.19 -75.75 11.52
CA LYS EA 4 -102.51 -75.24 11.20
C LYS EA 4 -102.75 -74.01 12.06
N PRO EA 5 -103.42 -72.99 11.52
CA PRO EA 5 -103.78 -71.83 12.35
C PRO EA 5 -104.68 -72.26 13.48
N ILE EA 6 -104.37 -71.79 14.67
CA ILE EA 6 -105.08 -72.24 15.86
C ILE EA 6 -105.79 -71.05 16.48
N THR EA 7 -106.94 -71.32 17.10
CA THR EA 7 -107.75 -70.27 17.71
C THR EA 7 -107.68 -70.40 19.22
N LEU EA 8 -107.35 -69.30 19.90
CA LEU EA 8 -107.23 -69.24 21.35
C LEU EA 8 -108.14 -68.14 21.89
N THR EA 9 -108.63 -68.33 23.11
CA THR EA 9 -109.53 -67.36 23.73
C THR EA 9 -108.77 -66.36 24.60
N ASP EA 10 -109.13 -65.08 24.49
CA ASP EA 10 -108.51 -64.02 25.26
C ASP EA 10 -109.23 -63.90 26.61
N HIS EA 11 -109.07 -62.74 27.27
CA HIS EA 11 -109.69 -62.61 28.58
C HIS EA 11 -111.20 -62.58 28.48
N SER EA 12 -111.74 -61.92 27.46
CA SER EA 12 -113.18 -61.84 27.26
C SER EA 12 -113.76 -63.09 26.63
N SER EA 13 -112.98 -64.17 26.56
CA SER EA 13 -113.32 -65.44 25.92
C SER EA 13 -113.63 -65.29 24.45
N ALA EA 14 -113.31 -64.15 23.85
CA ALA EA 14 -113.42 -63.97 22.40
C ALA EA 14 -112.33 -64.78 21.69
N ASP EA 15 -112.58 -65.08 20.43
CA ASP EA 15 -111.62 -65.85 19.65
C ASP EA 15 -110.48 -64.97 19.17
N VAL EA 16 -109.29 -65.56 19.08
CA VAL EA 16 -108.06 -64.91 18.64
C VAL EA 16 -107.33 -65.91 17.78
N ILE EA 17 -107.22 -65.63 16.49
CA ILE EA 17 -106.72 -66.60 15.51
C ILE EA 17 -105.25 -66.33 15.27
N PHE EA 18 -104.41 -67.32 15.59
CA PHE EA 18 -102.98 -67.28 15.33
C PHE EA 18 -102.69 -68.07 14.05
N THR EA 19 -102.16 -67.39 13.04
CA THR EA 19 -101.80 -68.05 11.80
C THR EA 19 -100.35 -68.49 11.85
N PRO EA 20 -100.01 -69.65 11.29
CA PRO EA 20 -98.61 -70.07 11.27
C PRO EA 20 -97.79 -69.13 10.41
N THR EA 21 -96.62 -68.77 10.93
CA THR EA 21 -95.68 -67.88 10.26
C THR EA 21 -94.47 -68.62 9.71
N GLN EA 22 -93.82 -69.45 10.52
CA GLN EA 22 -92.51 -69.97 10.16
C GLN EA 22 -92.21 -71.21 10.98
N ILE EA 23 -91.45 -72.13 10.37
CA ILE EA 23 -90.82 -73.22 11.09
C ILE EA 23 -89.32 -72.96 11.05
N ASP EA 24 -88.71 -72.89 12.24
CA ASP EA 24 -87.37 -72.37 12.39
C ASP EA 24 -86.33 -73.39 11.92
N LYS EA 25 -85.06 -72.94 11.87
CA LYS EA 25 -83.96 -73.86 11.60
C LYS EA 25 -83.78 -74.84 12.74
N ASN EA 26 -84.12 -74.43 13.96
CA ASN EA 26 -83.95 -75.24 15.15
C ASN EA 26 -85.17 -76.09 15.46
N GLY EA 27 -86.20 -76.02 14.64
CA GLY EA 27 -87.44 -76.73 14.90
C GLY EA 27 -88.51 -75.92 15.60
N VAL EA 28 -88.28 -74.62 15.79
CA VAL EA 28 -89.26 -73.76 16.44
C VAL EA 28 -90.35 -73.40 15.45
N ALA EA 29 -91.60 -73.56 15.87
CA ALA EA 29 -92.76 -73.21 15.05
C ALA EA 29 -93.43 -71.98 15.66
N TYR EA 30 -93.70 -70.98 14.81
CA TYR EA 30 -94.21 -69.69 15.25
C TYR EA 30 -95.61 -69.45 14.69
N PHE EA 31 -96.54 -69.11 15.57
CA PHE EA 31 -97.86 -68.62 15.19
C PHE EA 31 -97.98 -67.16 15.58
N ARG EA 32 -98.50 -66.34 14.69
CA ARG EA 32 -98.61 -64.91 14.95
C ARG EA 32 -100.04 -64.43 14.77
N HIS EA 33 -100.35 -63.38 15.52
CA HIS EA 33 -101.60 -62.63 15.42
C HIS EA 33 -101.22 -61.16 15.44
N LEU EA 34 -101.55 -60.45 14.35
CA LEU EA 34 -101.10 -59.08 14.18
C LEU EA 34 -101.82 -58.16 15.17
N GLN EA 35 -101.23 -56.97 15.38
CA GLN EA 35 -101.82 -55.99 16.29
C GLN EA 35 -103.04 -55.34 15.67
N ALA EA 36 -103.59 -54.37 16.40
CA ALA EA 36 -104.72 -53.60 15.90
C ALA EA 36 -104.41 -52.98 14.55
N ASN EA 37 -103.30 -52.25 14.46
CA ASN EA 37 -102.84 -51.74 13.17
C ASN EA 37 -102.42 -52.89 12.26
N GLY EA 38 -102.57 -52.66 10.96
CA GLY EA 38 -102.21 -53.68 9.98
C GLY EA 38 -100.72 -53.93 9.90
N LYS EA 39 -99.96 -53.14 10.63
CA LYS EA 39 -98.50 -53.19 10.63
C LYS EA 39 -98.03 -54.36 11.50
N PRO EA 40 -97.05 -55.13 11.03
CA PRO EA 40 -96.63 -56.35 11.74
C PRO EA 40 -95.49 -56.18 12.74
N ILE EA 41 -95.11 -54.95 13.09
CA ILE EA 41 -93.84 -54.75 13.79
C ILE EA 41 -93.88 -55.38 15.18
N GLY EA 42 -94.98 -55.22 15.90
CA GLY EA 42 -95.18 -55.95 17.13
C GLY EA 42 -96.39 -56.84 16.97
N ALA EA 43 -96.32 -58.09 17.41
CA ALA EA 43 -97.45 -58.98 17.19
C ALA EA 43 -97.46 -60.07 18.25
N TYR EA 44 -98.66 -60.54 18.57
CA TYR EA 44 -98.81 -61.63 19.52
C TYR EA 44 -98.25 -62.91 18.90
N THR EA 45 -97.47 -63.65 19.67
CA THR EA 45 -96.79 -64.83 19.13
C THR EA 45 -96.93 -66.03 20.05
N VAL EA 46 -96.93 -67.21 19.45
CA VAL EA 46 -96.93 -68.48 20.15
C VAL EA 46 -95.85 -69.34 19.51
N SER EA 47 -94.85 -69.72 20.31
CA SER EA 47 -93.72 -70.53 19.84
C SER EA 47 -93.81 -71.92 20.43
N SER EA 48 -93.58 -72.92 19.59
CA SER EA 48 -93.57 -74.31 20.06
C SER EA 48 -92.35 -75.01 19.52
N HIS EA 49 -91.54 -75.57 20.42
CA HIS EA 49 -90.38 -76.34 20.00
C HIS EA 49 -90.17 -77.50 20.95
N VAL EA 50 -90.04 -78.70 20.42
CA VAL EA 50 -89.78 -79.88 21.23
C VAL EA 50 -88.41 -80.42 20.86
N LYS EA 51 -87.58 -80.66 21.87
CA LYS EA 51 -86.20 -81.11 21.71
C LYS EA 51 -86.14 -82.57 22.16
N GLU EA 52 -85.90 -83.46 21.19
CA GLU EA 52 -85.78 -84.88 21.49
C GLU EA 52 -84.48 -85.15 22.24
N PRO EA 53 -84.42 -86.23 23.01
CA PRO EA 53 -83.21 -86.52 23.79
C PRO EA 53 -82.09 -87.10 22.94
N GLY EA 54 -80.88 -86.99 23.47
CA GLY EA 54 -79.70 -87.51 22.80
C GLY EA 54 -78.88 -88.41 23.69
N THR EA 55 -78.23 -89.38 23.06
CA THR EA 55 -77.47 -90.41 23.78
C THR EA 55 -78.37 -91.09 24.82
N ASN EA 56 -79.50 -91.60 24.33
CA ASN EA 56 -80.54 -92.18 25.18
C ASN EA 56 -80.87 -91.27 26.36
N GLY EA 57 -80.87 -89.96 26.10
CA GLY EA 57 -81.20 -89.02 27.15
C GLY EA 57 -82.59 -89.31 27.71
N ASP EA 58 -82.70 -89.21 29.03
CA ASP EA 58 -83.97 -89.54 29.66
C ASP EA 58 -85.07 -88.57 29.29
N VAL EA 59 -84.72 -87.38 28.78
CA VAL EA 59 -85.62 -86.22 28.82
C VAL EA 59 -85.90 -85.70 27.42
N PHE EA 60 -87.19 -85.61 27.08
CA PHE EA 60 -87.70 -84.66 26.11
C PHE EA 60 -87.85 -83.29 26.76
N ARG EA 61 -87.52 -82.23 26.03
CA ARG EA 61 -87.71 -80.87 26.52
C ARG EA 61 -88.63 -80.11 25.56
N VAL EA 62 -89.89 -79.92 25.98
CA VAL EA 62 -90.93 -79.38 25.11
C VAL EA 62 -91.30 -78.00 25.62
N LYS EA 63 -91.21 -77.00 24.74
CA LYS EA 63 -91.30 -75.60 25.14
C LYS EA 63 -92.42 -74.90 24.40
N LEU EA 64 -93.18 -74.10 25.16
CA LEU EA 64 -94.31 -73.32 24.67
C LEU EA 64 -94.16 -71.89 25.16
N PHE EA 65 -94.15 -70.94 24.23
CA PHE EA 65 -93.98 -69.53 24.54
C PHE EA 65 -95.19 -68.74 24.05
N VAL EA 66 -95.67 -67.83 24.88
CA VAL EA 66 -96.79 -66.96 24.55
C VAL EA 66 -96.36 -65.53 24.83
N ASN EA 67 -96.13 -64.76 23.77
CA ASN EA 67 -95.63 -63.39 23.90
C ASN EA 67 -96.72 -62.41 23.49
N VAL EA 68 -97.01 -61.48 24.39
CA VAL EA 68 -98.04 -60.46 24.21
C VAL EA 68 -97.38 -59.09 24.29
N PRO EA 69 -97.07 -58.47 23.14
CA PRO EA 69 -96.53 -57.12 23.16
C PRO EA 69 -97.61 -56.05 23.19
N GLU EA 70 -97.30 -54.96 23.91
CA GLU EA 70 -98.00 -53.69 23.81
C GLU EA 70 -97.15 -52.77 22.96
N VAL EA 71 -97.70 -52.33 21.83
CA VAL EA 71 -97.03 -51.42 20.92
C VAL EA 71 -97.55 -50.01 21.16
N ALA EA 72 -96.74 -49.02 20.78
CA ALA EA 72 -97.12 -47.62 20.88
C ALA EA 72 -96.87 -46.93 19.56
N THR EA 73 -97.80 -46.06 19.18
CA THR EA 73 -97.74 -45.34 17.92
C THR EA 73 -97.08 -43.98 18.17
N ILE EA 74 -95.85 -43.82 17.73
CA ILE EA 74 -95.10 -42.59 17.91
C ILE EA 74 -95.18 -41.79 16.62
N THR EA 75 -95.67 -40.56 16.70
CA THR EA 75 -95.73 -39.67 15.55
C THR EA 75 -94.98 -38.39 15.91
N PRO EA 76 -93.91 -38.05 15.19
CA PRO EA 76 -93.11 -36.87 15.56
C PRO EA 76 -93.92 -35.58 15.45
N ASN EA 77 -93.37 -34.53 16.06
CA ASN EA 77 -94.11 -33.28 16.22
C ASN EA 77 -94.43 -32.65 14.87
N GLY EA 78 -95.72 -32.49 14.60
CA GLY EA 78 -96.18 -31.88 13.36
C GLY EA 78 -95.90 -32.69 12.11
N SER EA 79 -96.00 -34.01 12.21
CA SER EA 79 -95.68 -34.90 11.10
C SER EA 79 -96.94 -35.55 10.54
N ASP EA 80 -96.87 -35.88 9.25
CA ASP EA 80 -98.01 -36.52 8.59
C ASP EA 80 -98.14 -37.97 9.03
N THR EA 81 -97.07 -38.74 8.95
CA THR EA 81 -97.11 -40.18 9.17
C THR EA 81 -96.51 -40.56 10.51
N SER EA 82 -97.01 -41.66 11.07
CA SER EA 82 -96.58 -42.18 12.35
C SER EA 82 -95.90 -43.52 12.16
N SER EA 83 -94.95 -43.82 13.04
CA SER EA 83 -94.25 -45.09 13.05
C SER EA 83 -94.58 -45.83 14.35
N VAL EA 84 -94.57 -47.15 14.28
CA VAL EA 84 -94.96 -47.98 15.43
C VAL EA 84 -93.71 -48.55 16.08
N GLU EA 85 -93.71 -48.57 17.42
CA GLU EA 85 -92.58 -49.01 18.22
C GLU EA 85 -93.06 -50.00 19.26
N ILE EA 86 -92.21 -50.95 19.61
CA ILE EA 86 -92.58 -51.97 20.60
C ILE EA 86 -92.39 -51.37 21.99
N ALA EA 87 -93.49 -51.02 22.65
CA ALA EA 87 -93.41 -50.35 23.94
C ALA EA 87 -92.91 -51.29 25.02
N ARG EA 88 -93.63 -52.40 25.25
CA ARG EA 88 -93.18 -53.39 26.21
C ARG EA 88 -93.84 -54.72 25.86
N THR EA 89 -93.40 -55.78 26.53
CA THR EA 89 -93.93 -57.10 26.23
C THR EA 89 -94.15 -57.89 27.50
N ASN EA 90 -95.34 -58.49 27.64
CA ASN EA 90 -95.57 -59.53 28.62
C ASN EA 90 -95.28 -60.88 27.97
N ARG EA 91 -94.74 -61.81 28.76
CA ARG EA 91 -94.39 -63.11 28.21
C ARG EA 91 -94.73 -64.22 29.20
N ALA EA 92 -95.05 -65.39 28.66
CA ALA EA 92 -95.19 -66.61 29.43
C ALA EA 92 -94.38 -67.71 28.74
N GLN EA 93 -93.52 -68.39 29.51
CA GLN EA 93 -92.57 -69.34 28.95
C GLN EA 93 -92.67 -70.64 29.72
N VAL EA 94 -93.04 -71.72 29.04
CA VAL EA 94 -93.32 -73.01 29.66
C VAL EA 94 -92.35 -74.03 29.09
N GLU EA 95 -91.63 -74.71 29.97
CA GLU EA 95 -90.78 -75.83 29.59
C GLU EA 95 -91.28 -77.05 30.36
N PHE EA 96 -91.79 -78.04 29.63
CA PHE EA 96 -92.07 -79.34 30.22
C PHE EA 96 -90.84 -80.22 30.01
N ILE EA 97 -90.37 -80.79 31.10
CA ILE EA 97 -89.30 -81.79 31.09
C ILE EA 97 -89.99 -83.14 31.23
N LEU EA 98 -90.12 -83.86 30.14
CA LEU EA 98 -90.80 -85.14 30.21
C LEU EA 98 -89.80 -86.27 30.04
N PRO EA 99 -89.89 -87.35 30.83
CA PRO EA 99 -89.00 -88.49 30.55
C PRO EA 99 -89.51 -89.40 29.44
N ALA EA 100 -88.58 -89.94 28.67
CA ALA EA 100 -88.92 -90.83 27.57
C ALA EA 100 -89.48 -92.16 28.06
N GLN EA 101 -89.42 -92.43 29.36
CA GLN EA 101 -89.81 -93.71 29.93
C GLN EA 101 -91.20 -93.66 30.57
N SER EA 102 -91.88 -92.52 30.51
CA SER EA 102 -93.17 -92.35 31.16
C SER EA 102 -94.30 -92.84 30.26
N ALA EA 103 -95.49 -92.93 30.84
CA ALA EA 103 -96.70 -93.27 30.12
C ALA EA 103 -97.51 -92.00 29.87
N ALA EA 104 -98.23 -91.99 28.74
CA ALA EA 104 -98.96 -90.80 28.32
C ALA EA 104 -99.99 -90.35 29.37
N THR EA 105 -100.47 -91.28 30.21
CA THR EA 105 -101.37 -90.91 31.29
C THR EA 105 -100.75 -89.83 32.17
N VAL EA 106 -99.48 -90.02 32.51
CA VAL EA 106 -98.79 -89.10 33.39
C VAL EA 106 -98.69 -87.72 32.76
N ARG EA 107 -98.33 -87.65 31.48
CA ARG EA 107 -98.22 -86.35 30.82
C ARG EA 107 -99.59 -85.70 30.71
N GLU EA 108 -100.63 -86.49 30.45
CA GLU EA 108 -101.97 -85.93 30.35
C GLU EA 108 -102.39 -85.26 31.65
N ASP EA 109 -102.23 -85.96 32.78
CA ASP EA 109 -102.66 -85.29 34.02
C ASP EA 109 -101.66 -84.27 34.52
N LEU EA 110 -100.40 -84.29 34.06
CA LEU EA 110 -99.52 -83.16 34.35
C LEU EA 110 -100.02 -81.90 33.67
N VAL EA 111 -100.37 -82.00 32.38
CA VAL EA 111 -100.92 -80.86 31.67
C VAL EA 111 -102.22 -80.40 32.33
N ALA EA 112 -103.08 -81.36 32.70
CA ALA EA 112 -104.35 -81.00 33.33
C ALA EA 112 -104.11 -80.29 34.66
N LEU EA 113 -103.14 -80.76 35.44
CA LEU EA 113 -102.81 -80.10 36.69
C LEU EA 113 -102.31 -78.69 36.47
N LEU EA 114 -101.48 -78.49 35.44
CA LEU EA 114 -101.00 -77.14 35.15
C LEU EA 114 -102.15 -76.21 34.75
N ALA EA 115 -103.05 -76.70 33.90
CA ALA EA 115 -104.18 -75.87 33.47
C ALA EA 115 -105.10 -75.56 34.64
N SER EA 116 -105.35 -76.53 35.51
CA SER EA 116 -106.19 -76.27 36.68
C SER EA 116 -105.51 -75.35 37.67
N ALA EA 117 -104.17 -75.40 37.76
CA ALA EA 117 -103.45 -74.44 38.60
C ALA EA 117 -103.58 -73.04 38.05
N LEU EA 118 -103.49 -72.89 36.72
CA LEU EA 118 -103.75 -71.58 36.11
C LEU EA 118 -105.18 -71.11 36.36
N ALA EA 119 -106.13 -72.05 36.39
CA ALA EA 119 -107.52 -71.66 36.59
C ALA EA 119 -107.83 -71.33 38.05
N ASP EA 120 -107.10 -71.93 38.99
CA ASP EA 120 -107.36 -71.66 40.41
C ASP EA 120 -107.14 -70.18 40.70
N THR EA 121 -108.04 -69.60 41.49
CA THR EA 121 -107.97 -68.16 41.75
C THR EA 121 -106.80 -67.80 42.64
N ALA EA 122 -106.49 -68.64 43.63
CA ALA EA 122 -105.36 -68.37 44.51
C ALA EA 122 -104.05 -68.32 43.73
N ILE EA 123 -103.87 -69.24 42.79
CA ILE EA 123 -102.68 -69.24 41.96
C ILE EA 123 -102.74 -68.16 40.90
N LYS EA 124 -103.94 -67.84 40.42
CA LYS EA 124 -104.08 -66.84 39.37
C LYS EA 124 -103.76 -65.44 39.88
N SER EA 125 -104.03 -65.19 41.17
CA SER EA 125 -103.65 -63.89 41.73
C SER EA 125 -102.13 -63.73 41.75
N THR EA 126 -101.40 -64.84 41.87
CA THR EA 126 -99.95 -64.82 41.80
C THR EA 126 -99.48 -64.18 40.49
N ILE EA 127 -100.05 -64.62 39.37
CA ILE EA 127 -99.60 -64.12 38.08
C ILE EA 127 -100.21 -62.76 37.80
N VAL EA 128 -101.53 -62.68 37.86
CA VAL EA 128 -102.24 -61.50 37.42
C VAL EA 128 -101.95 -60.31 38.32
N ASN EA 129 -101.98 -60.51 39.64
CA ASN EA 129 -101.95 -59.44 40.63
C ASN EA 129 -100.61 -59.33 41.35
N VAL EA 130 -99.67 -60.24 41.09
CA VAL EA 130 -98.30 -60.19 41.61
C VAL EA 130 -98.35 -60.07 43.13
N GLU EA 131 -99.11 -60.96 43.74
CA GLU EA 131 -99.13 -61.13 45.18
C GLU EA 131 -98.37 -62.40 45.52
N HIS EA 132 -97.47 -62.30 46.51
CA HIS EA 132 -96.74 -63.43 47.05
C HIS EA 132 -97.64 -64.28 47.94
N PHE EA 133 -97.27 -65.55 48.07
CA PHE EA 133 -97.86 -66.40 49.09
C PHE EA 133 -97.27 -66.07 50.45
N TYR EA 134 -98.10 -66.09 51.48
CA TYR EA 134 -97.67 -65.76 52.83
C TYR EA 134 -98.44 -66.54 53.92
N PRO FA 1 -94.76 -86.26 -1.93
CA PRO FA 1 -95.33 -86.96 -0.77
C PRO FA 1 -95.44 -86.05 0.43
N ALA FA 2 -96.56 -85.34 0.55
CA ALA FA 2 -96.81 -84.52 1.73
C ALA FA 2 -96.83 -85.39 2.97
N LEU FA 3 -96.26 -84.86 4.04
CA LEU FA 3 -96.16 -85.59 5.30
C LEU FA 3 -97.54 -86.00 5.79
N LYS FA 4 -97.73 -87.30 5.99
CA LYS FA 4 -99.04 -87.84 6.31
C LYS FA 4 -98.87 -89.21 6.91
N PRO FA 5 -99.75 -89.63 7.81
CA PRO FA 5 -99.56 -90.92 8.48
C PRO FA 5 -99.67 -92.06 7.48
N ILE FA 6 -98.85 -93.07 7.68
CA ILE FA 6 -98.80 -94.19 6.75
C ILE FA 6 -99.02 -95.48 7.53
N THR FA 7 -99.65 -96.45 6.88
CA THR FA 7 -100.00 -97.73 7.50
C THR FA 7 -99.13 -98.83 6.91
N LEU FA 8 -98.55 -99.65 7.78
CA LEU FA 8 -97.66 -100.74 7.40
C LEU FA 8 -98.11 -102.01 8.10
N THR FA 9 -97.91 -103.16 7.44
CA THR FA 9 -98.34 -104.44 7.99
C THR FA 9 -97.19 -105.11 8.73
N ASP FA 10 -97.47 -105.62 9.94
CA ASP FA 10 -96.45 -106.30 10.73
C ASP FA 10 -96.38 -107.77 10.29
N HIS FA 11 -95.72 -108.60 11.10
CA HIS FA 11 -95.57 -110.00 10.73
C HIS FA 11 -96.90 -110.73 10.69
N SER FA 12 -97.83 -110.37 11.55
CA SER FA 12 -99.15 -110.97 11.58
C SER FA 12 -100.10 -110.39 10.54
N SER FA 13 -99.59 -109.54 9.64
CA SER FA 13 -100.34 -108.78 8.65
C SER FA 13 -101.30 -107.78 9.29
N ALA FA 14 -101.19 -107.54 10.60
CA ALA FA 14 -102.03 -106.55 11.25
C ALA FA 14 -101.54 -105.14 10.90
N ASP FA 15 -102.49 -104.23 10.67
CA ASP FA 15 -102.14 -102.88 10.32
C ASP FA 15 -101.47 -102.17 11.49
N VAL FA 16 -100.53 -101.28 11.17
CA VAL FA 16 -99.72 -100.55 12.14
C VAL FA 16 -99.58 -99.15 11.60
N ILE FA 17 -100.16 -98.18 12.30
CA ILE FA 17 -100.31 -96.82 11.78
C ILE FA 17 -99.22 -95.94 12.38
N PHE FA 18 -98.29 -95.49 11.54
CA PHE FA 18 -97.25 -94.55 11.94
C PHE FA 18 -97.74 -93.14 11.65
N THR FA 19 -97.87 -92.31 12.71
CA THR FA 19 -98.22 -90.92 12.47
C THR FA 19 -96.95 -90.09 12.30
N PRO FA 20 -97.01 -89.02 11.51
CA PRO FA 20 -95.81 -88.18 11.35
C PRO FA 20 -95.43 -87.53 12.67
N THR FA 21 -94.13 -87.55 12.96
CA THR FA 21 -93.60 -86.95 14.18
C THR FA 21 -92.84 -85.66 13.90
N GLN FA 22 -91.84 -85.71 13.02
CA GLN FA 22 -90.95 -84.55 12.95
C GLN FA 22 -90.32 -84.44 11.57
N ILE FA 23 -90.16 -83.21 11.10
CA ILE FA 23 -89.30 -82.92 9.96
C ILE FA 23 -88.02 -82.30 10.52
N ASP FA 24 -86.89 -82.91 10.19
CA ASP FA 24 -85.63 -82.64 10.88
C ASP FA 24 -85.07 -81.28 10.45
N LYS FA 25 -83.91 -80.95 11.03
CA LYS FA 25 -83.15 -79.80 10.54
C LYS FA 25 -82.48 -80.11 9.21
N ASN FA 26 -82.02 -81.35 9.03
CA ASN FA 26 -81.35 -81.77 7.81
C ASN FA 26 -82.31 -82.23 6.73
N GLY FA 27 -83.57 -82.48 7.07
CA GLY FA 27 -84.55 -83.00 6.13
C GLY FA 27 -85.10 -84.36 6.48
N VAL FA 28 -84.68 -84.95 7.61
CA VAL FA 28 -85.15 -86.28 7.97
C VAL FA 28 -86.61 -86.21 8.41
N ALA FA 29 -87.42 -87.14 7.92
CA ALA FA 29 -88.82 -87.25 8.28
C ALA FA 29 -88.98 -88.43 9.22
N TYR FA 30 -89.54 -88.19 10.39
CA TYR FA 30 -89.70 -89.17 11.46
C TYR FA 30 -91.19 -89.46 11.64
N PHE FA 31 -91.57 -90.73 11.46
CA PHE FA 31 -92.88 -91.24 11.80
C PHE FA 31 -92.77 -92.15 13.02
N ARG FA 32 -93.77 -92.06 13.91
CA ARG FA 32 -93.76 -92.77 15.17
C ARG FA 32 -95.07 -93.55 15.32
N HIS FA 33 -94.96 -94.75 15.86
CA HIS FA 33 -96.11 -95.58 16.22
C HIS FA 33 -95.97 -95.88 17.70
N LEU FA 34 -96.77 -95.20 18.52
CA LEU FA 34 -96.71 -95.38 19.96
C LEU FA 34 -97.34 -96.72 20.35
N GLN FA 35 -97.01 -97.17 21.55
CA GLN FA 35 -97.55 -98.42 22.06
C GLN FA 35 -98.93 -98.17 22.65
N ALA FA 36 -99.51 -99.20 23.27
CA ALA FA 36 -100.81 -99.05 23.90
C ALA FA 36 -100.77 -97.99 24.99
N ASN FA 37 -99.77 -98.06 25.87
CA ASN FA 37 -99.64 -97.15 27.00
C ASN FA 37 -99.05 -95.79 26.61
N GLY FA 38 -98.72 -95.59 25.34
CA GLY FA 38 -98.11 -94.33 24.93
C GLY FA 38 -96.74 -94.09 25.52
N LYS FA 39 -95.91 -95.13 25.60
CA LYS FA 39 -94.56 -94.98 26.12
C LYS FA 39 -93.61 -94.65 24.97
N PRO FA 40 -92.95 -93.49 24.99
CA PRO FA 40 -92.04 -93.14 23.88
C PRO FA 40 -90.96 -94.17 23.66
N ILE FA 41 -90.33 -94.65 24.75
CA ILE FA 41 -89.28 -95.64 24.65
C ILE FA 41 -89.74 -96.89 23.92
N GLY FA 42 -91.04 -97.14 23.88
CA GLY FA 42 -91.56 -98.31 23.20
C GLY FA 42 -92.06 -98.10 21.79
N ALA FA 43 -92.00 -96.88 21.27
CA ALA FA 43 -92.62 -96.59 19.99
C ALA FA 43 -91.74 -97.03 18.83
N TYR FA 44 -92.38 -97.59 17.80
CA TYR FA 44 -91.70 -97.85 16.54
C TYR FA 44 -91.43 -96.54 15.81
N THR FA 45 -90.34 -96.51 15.04
CA THR FA 45 -90.02 -95.31 14.28
C THR FA 45 -89.63 -95.66 12.86
N VAL FA 46 -89.93 -94.75 11.95
CA VAL FA 46 -89.54 -94.86 10.55
C VAL FA 46 -89.01 -93.51 10.09
N SER FA 47 -87.77 -93.49 9.59
CA SER FA 47 -87.11 -92.29 9.13
C SER FA 47 -86.91 -92.34 7.63
N SER FA 48 -87.14 -91.20 6.98
CA SER FA 48 -86.93 -91.11 5.54
C SER FA 48 -86.26 -89.78 5.23
N HIS FA 49 -85.08 -89.83 4.60
CA HIS FA 49 -84.36 -88.62 4.24
C HIS FA 49 -83.70 -88.81 2.88
N VAL FA 50 -83.83 -87.83 2.00
CA VAL FA 50 -83.20 -87.91 0.69
C VAL FA 50 -82.21 -86.75 0.56
N LYS FA 51 -81.00 -87.08 0.11
CA LYS FA 51 -79.91 -86.13 -0.04
C LYS FA 51 -79.65 -85.97 -1.54
N GLU FA 52 -79.91 -84.76 -2.04
CA GLU FA 52 -79.70 -84.39 -3.42
C GLU FA 52 -78.20 -84.27 -3.72
N PRO FA 53 -77.81 -84.40 -4.98
CA PRO FA 53 -76.40 -84.20 -5.34
C PRO FA 53 -76.02 -82.73 -5.39
N GLY FA 54 -74.74 -82.47 -5.13
CA GLY FA 54 -74.22 -81.13 -5.21
C GLY FA 54 -72.81 -81.15 -5.78
N THR FA 55 -72.39 -79.98 -6.26
CA THR FA 55 -71.08 -79.82 -6.91
C THR FA 55 -70.92 -80.88 -8.00
N ASN FA 56 -71.89 -80.92 -8.90
CA ASN FA 56 -71.91 -81.83 -10.04
C ASN FA 56 -71.64 -83.27 -9.61
N GLY FA 57 -72.36 -83.70 -8.57
CA GLY FA 57 -72.33 -85.08 -8.14
C GLY FA 57 -73.38 -85.88 -8.90
N ASP FA 58 -73.01 -87.08 -9.31
CA ASP FA 58 -73.93 -87.90 -10.08
C ASP FA 58 -74.97 -88.59 -9.21
N VAL FA 59 -74.76 -88.66 -7.91
CA VAL FA 59 -75.46 -89.61 -7.04
C VAL FA 59 -76.54 -88.91 -6.22
N PHE FA 60 -77.59 -89.67 -5.93
CA PHE FA 60 -78.64 -89.34 -4.98
C PHE FA 60 -78.55 -90.34 -3.83
N ARG FA 61 -78.67 -89.87 -2.60
CA ARG FA 61 -78.57 -90.76 -1.44
C ARG FA 61 -79.88 -90.73 -0.66
N VAL FA 62 -80.69 -91.76 -0.81
CA VAL FA 62 -82.03 -91.81 -0.21
C VAL FA 62 -82.02 -92.89 0.87
N LYS FA 63 -82.42 -92.52 2.08
CA LYS FA 63 -82.25 -93.37 3.25
C LYS FA 63 -83.59 -93.63 3.91
N LEU FA 64 -83.78 -94.88 4.31
CA LEU FA 64 -84.99 -95.36 4.98
C LEU FA 64 -84.59 -96.19 6.20
N PHE FA 65 -85.07 -95.79 7.36
CA PHE FA 65 -84.78 -96.46 8.63
C PHE FA 65 -86.06 -96.96 9.25
N VAL FA 66 -86.03 -98.19 9.77
CA VAL FA 66 -87.17 -98.78 10.47
C VAL FA 66 -86.65 -99.34 11.78
N ASN FA 67 -87.00 -98.68 12.89
CA ASN FA 67 -86.50 -99.04 14.20
C ASN FA 67 -87.65 -99.63 15.02
N VAL FA 68 -87.46 -100.86 15.51
CA VAL FA 68 -88.41 -101.59 16.34
C VAL FA 68 -87.80 -101.79 17.72
N PRO FA 69 -88.25 -101.08 18.75
CA PRO FA 69 -87.73 -101.35 20.08
C PRO FA 69 -88.56 -102.40 20.80
N GLU FA 70 -87.90 -103.13 21.69
CA GLU FA 70 -88.57 -103.96 22.67
C GLU FA 70 -88.16 -103.47 24.05
N VAL FA 71 -89.16 -103.24 24.89
CA VAL FA 71 -88.99 -102.75 26.26
C VAL FA 71 -88.60 -103.91 27.16
N ALA FA 72 -87.65 -103.69 28.08
CA ALA FA 72 -87.30 -104.70 29.07
C ALA FA 72 -87.78 -104.22 30.43
N THR FA 73 -88.65 -105.00 31.05
CA THR FA 73 -89.20 -104.63 32.35
C THR FA 73 -88.39 -105.24 33.49
N GLU FA 85 -88.16 -100.59 31.71
CA GLU FA 85 -87.39 -99.41 32.06
C GLU FA 85 -86.40 -99.01 30.96
N ILE FA 86 -85.53 -99.92 30.55
CA ILE FA 86 -84.63 -99.69 29.44
C ILE FA 86 -85.00 -100.67 28.34
N ALA FA 87 -84.78 -100.26 27.10
CA ALA FA 87 -85.29 -101.00 25.95
C ALA FA 87 -84.18 -101.14 24.93
N ARG FA 88 -84.15 -102.28 24.25
CA ARG FA 88 -83.17 -102.48 23.20
C ARG FA 88 -83.87 -102.51 21.85
N THR FA 89 -83.21 -101.97 20.84
CA THR FA 89 -83.85 -101.67 19.56
C THR FA 89 -83.23 -102.51 18.46
N ASN FA 90 -84.06 -103.32 17.79
CA ASN FA 90 -83.70 -103.87 16.49
C ASN FA 90 -83.85 -102.77 15.44
N ARG FA 91 -82.91 -102.70 14.51
CA ARG FA 91 -82.97 -101.66 13.49
C ARG FA 91 -82.76 -102.24 12.11
N ALA FA 92 -83.42 -101.63 11.13
CA ALA FA 92 -83.14 -101.85 9.72
C ALA FA 92 -82.78 -100.50 9.11
N GLN FA 93 -81.67 -100.45 8.39
CA GLN FA 93 -81.15 -99.19 7.85
C GLN FA 93 -80.82 -99.41 6.38
N VAL FA 94 -81.55 -98.73 5.49
CA VAL FA 94 -81.39 -98.91 4.04
C VAL FA 94 -80.92 -97.59 3.45
N GLU FA 95 -79.89 -97.66 2.61
CA GLU FA 95 -79.40 -96.52 1.84
C GLU FA 95 -79.40 -96.93 0.37
N PHE FA 96 -80.18 -96.23 -0.44
CA PHE FA 96 -80.15 -96.40 -1.88
C PHE FA 96 -79.27 -95.30 -2.46
N ILE FA 97 -78.37 -95.70 -3.35
CA ILE FA 97 -77.50 -94.80 -4.10
C ILE FA 97 -77.97 -94.83 -5.55
N LEU FA 98 -78.53 -93.72 -6.03
CA LEU FA 98 -79.20 -93.68 -7.31
C LEU FA 98 -78.59 -92.60 -8.20
N PRO FA 99 -77.93 -92.94 -9.31
CA PRO FA 99 -77.43 -91.90 -10.20
C PRO FA 99 -78.55 -91.09 -10.83
N ALA FA 100 -78.21 -89.85 -11.22
CA ALA FA 100 -79.20 -88.91 -11.71
C ALA FA 100 -79.62 -89.20 -13.14
N GLN FA 101 -78.77 -89.85 -13.94
CA GLN FA 101 -79.15 -90.14 -15.33
C GLN FA 101 -80.00 -91.39 -15.46
N SER FA 102 -80.04 -92.25 -14.45
CA SER FA 102 -80.83 -93.48 -14.56
C SER FA 102 -82.30 -93.14 -14.71
N ALA FA 103 -82.92 -93.68 -15.76
CA ALA FA 103 -84.36 -93.54 -15.91
C ALA FA 103 -85.07 -94.26 -14.77
N ALA FA 104 -86.27 -93.78 -14.44
CA ALA FA 104 -86.99 -94.31 -13.29
C ALA FA 104 -87.27 -95.81 -13.40
N THR FA 105 -87.20 -96.38 -14.62
CA THR FA 105 -87.38 -97.82 -14.78
C THR FA 105 -86.41 -98.60 -13.89
N VAL FA 106 -85.16 -98.14 -13.88
CA VAL FA 106 -84.12 -98.86 -13.14
C VAL FA 106 -84.41 -98.83 -11.66
N ARG FA 107 -84.75 -97.64 -11.13
CA ARG FA 107 -85.00 -97.52 -9.71
C ARG FA 107 -86.23 -98.32 -9.31
N GLU FA 108 -87.24 -98.34 -10.17
CA GLU FA 108 -88.44 -99.12 -9.88
C GLU FA 108 -88.08 -100.61 -9.73
N ASP FA 109 -87.39 -101.20 -10.71
CA ASP FA 109 -87.10 -102.64 -10.56
C ASP FA 109 -85.99 -102.90 -9.55
N LEU FA 110 -85.18 -101.89 -9.19
CA LEU FA 110 -84.23 -102.10 -8.10
C LEU FA 110 -84.97 -102.27 -6.79
N VAL FA 111 -85.92 -101.38 -6.50
CA VAL FA 111 -86.76 -101.53 -5.32
C VAL FA 111 -87.49 -102.86 -5.36
N ALA FA 112 -88.03 -103.24 -6.53
CA ALA FA 112 -88.76 -104.49 -6.62
C ALA FA 112 -87.85 -105.67 -6.30
N LEU FA 113 -86.60 -105.60 -6.77
CA LEU FA 113 -85.59 -106.62 -6.45
C LEU FA 113 -85.36 -106.72 -4.96
N LEU FA 114 -85.20 -105.57 -4.30
CA LEU FA 114 -84.93 -105.58 -2.86
C LEU FA 114 -86.09 -106.19 -2.10
N ALA FA 115 -87.33 -105.81 -2.47
CA ALA FA 115 -88.49 -106.34 -1.77
C ALA FA 115 -88.64 -107.83 -2.00
N SER FA 116 -88.40 -108.29 -3.23
CA SER FA 116 -88.48 -109.73 -3.50
C SER FA 116 -87.37 -110.49 -2.78
N ALA FA 117 -86.21 -109.87 -2.59
CA ALA FA 117 -85.14 -110.51 -1.83
C ALA FA 117 -85.53 -110.64 -0.36
N LEU FA 118 -86.17 -109.61 0.18
CA LEU FA 118 -86.70 -109.70 1.55
C LEU FA 118 -87.78 -110.77 1.65
N ALA FA 119 -88.56 -110.97 0.58
CA ALA FA 119 -89.62 -111.97 0.63
C ALA FA 119 -89.10 -113.39 0.43
N ASP FA 120 -87.99 -113.56 -0.29
CA ASP FA 120 -87.45 -114.89 -0.53
C ASP FA 120 -87.10 -115.57 0.78
N THR FA 121 -87.45 -116.85 0.89
CA THR FA 121 -87.30 -117.56 2.16
C THR FA 121 -85.83 -117.72 2.53
N ALA FA 122 -84.97 -118.02 1.56
CA ALA FA 122 -83.56 -118.23 1.84
C ALA FA 122 -82.91 -116.96 2.38
N ILE FA 123 -83.17 -115.83 1.73
CA ILE FA 123 -82.60 -114.56 2.15
C ILE FA 123 -83.23 -114.12 3.47
N LYS FA 124 -84.54 -114.34 3.62
CA LYS FA 124 -85.22 -113.93 4.85
C LYS FA 124 -84.69 -114.70 6.06
N SER FA 125 -84.29 -115.95 5.86
CA SER FA 125 -83.67 -116.72 6.94
C SER FA 125 -82.44 -116.02 7.47
N THR FA 126 -81.66 -115.42 6.58
CA THR FA 126 -80.47 -114.68 6.95
C THR FA 126 -80.75 -113.64 8.04
N ILE FA 127 -81.85 -112.91 7.89
CA ILE FA 127 -82.16 -111.87 8.85
C ILE FA 127 -82.87 -112.44 10.07
N VAL FA 128 -83.92 -113.23 9.84
CA VAL FA 128 -84.80 -113.64 10.91
C VAL FA 128 -84.06 -114.56 11.88
N ASN FA 129 -83.35 -115.56 11.35
CA ASN FA 129 -82.71 -116.60 12.13
C ASN FA 129 -81.23 -116.33 12.36
N VAL FA 130 -80.74 -115.17 11.94
CA VAL FA 130 -79.33 -114.77 11.99
C VAL FA 130 -78.43 -115.97 11.66
N GLU FA 131 -78.65 -116.57 10.49
CA GLU FA 131 -77.83 -117.66 9.97
C GLU FA 131 -76.95 -117.12 8.84
N HIS FA 132 -75.68 -117.55 8.82
CA HIS FA 132 -74.78 -117.27 7.70
C HIS FA 132 -75.15 -118.11 6.47
N PHE FA 133 -74.78 -117.60 5.30
CA PHE FA 133 -74.84 -118.44 4.11
C PHE FA 133 -73.69 -119.44 4.13
N TYR FA 134 -74.00 -120.68 3.78
CA TYR FA 134 -72.99 -121.75 3.79
C TYR FA 134 -73.14 -122.77 2.66
N PRO GA 1 -98.98 -69.55 4.09
CA PRO GA 1 -98.94 -70.39 2.90
C PRO GA 1 -98.39 -71.76 3.22
N ALA GA 2 -99.29 -72.72 3.46
CA ALA GA 2 -98.85 -74.09 3.63
C ALA GA 2 -98.26 -74.61 2.33
N LEU GA 3 -97.31 -75.53 2.46
CA LEU GA 3 -96.63 -76.09 1.30
C LEU GA 3 -97.61 -76.97 0.53
N LYS GA 4 -97.79 -76.68 -0.76
CA LYS GA 4 -98.81 -77.29 -1.60
C LYS GA 4 -98.28 -77.25 -3.03
N PRO GA 5 -98.56 -78.28 -3.84
CA PRO GA 5 -98.25 -78.16 -5.27
C PRO GA 5 -99.03 -76.99 -5.87
N ILE GA 6 -98.31 -76.13 -6.56
CA ILE GA 6 -98.92 -74.93 -7.13
C ILE GA 6 -98.87 -75.04 -8.64
N THR GA 7 -99.96 -74.67 -9.28
CA THR GA 7 -100.09 -74.74 -10.73
C THR GA 7 -99.87 -73.35 -11.31
N LEU GA 8 -98.96 -73.26 -12.28
CA LEU GA 8 -98.64 -72.00 -12.95
C LEU GA 8 -98.88 -72.16 -14.44
N THR GA 9 -99.33 -71.09 -15.09
CA THR GA 9 -99.67 -71.13 -16.51
C THR GA 9 -98.47 -70.66 -17.34
N ASP GA 10 -98.18 -71.39 -18.42
CA ASP GA 10 -97.04 -71.06 -19.26
C ASP GA 10 -97.46 -70.09 -20.37
N HIS GA 11 -96.66 -70.00 -21.43
CA HIS GA 11 -96.98 -69.06 -22.48
C HIS GA 11 -98.26 -69.43 -23.22
N SER GA 12 -98.47 -70.71 -23.47
CA SER GA 12 -99.67 -71.17 -24.15
C SER GA 12 -100.89 -71.22 -23.24
N SER GA 13 -100.78 -70.72 -22.01
CA SER GA 13 -101.79 -70.77 -20.94
C SER GA 13 -102.03 -72.18 -20.43
N ALA GA 14 -101.28 -73.18 -20.90
CA ALA GA 14 -101.38 -74.52 -20.36
C ALA GA 14 -100.88 -74.56 -18.93
N ASP GA 15 -101.48 -75.43 -18.12
CA ASP GA 15 -101.07 -75.54 -16.74
C ASP GA 15 -99.75 -76.29 -16.62
N VAL GA 16 -99.00 -75.96 -15.56
CA VAL GA 16 -97.70 -76.54 -15.27
C VAL GA 16 -97.64 -76.70 -13.76
N ILE GA 17 -97.65 -77.94 -13.30
CA ILE GA 17 -97.78 -78.24 -11.87
C ILE GA 17 -96.39 -78.35 -11.27
N PHE GA 18 -96.11 -77.52 -10.26
CA PHE GA 18 -94.87 -77.59 -9.51
C PHE GA 18 -95.15 -78.27 -8.18
N THR GA 19 -94.53 -79.43 -7.97
CA THR GA 19 -94.66 -80.15 -6.72
C THR GA 19 -93.60 -79.67 -5.73
N PRO GA 20 -93.95 -79.56 -4.45
CA PRO GA 20 -92.96 -79.12 -3.46
C PRO GA 20 -91.83 -80.14 -3.33
N THR GA 21 -90.60 -79.65 -3.38
CA THR GA 21 -89.42 -80.49 -3.26
C THR GA 21 -88.85 -80.50 -1.85
N GLN GA 22 -88.56 -79.35 -1.28
CA GLN GA 22 -87.70 -79.31 -0.11
C GLN GA 22 -87.83 -77.95 0.57
N ILE GA 23 -87.67 -77.94 1.88
CA ILE GA 23 -87.57 -76.71 2.65
C ILE GA 23 -86.13 -76.62 3.17
N ASP GA 24 -85.43 -75.57 2.74
CA ASP GA 24 -83.99 -75.48 2.94
C ASP GA 24 -83.64 -75.28 4.41
N LYS GA 25 -82.34 -75.39 4.71
CA LYS GA 25 -81.86 -75.03 6.05
C LYS GA 25 -81.96 -73.53 6.29
N ASN GA 26 -81.94 -72.72 5.24
CA ASN GA 26 -82.02 -71.28 5.35
C ASN GA 26 -83.43 -70.75 5.24
N GLY GA 27 -84.41 -71.64 5.04
CA GLY GA 27 -85.78 -71.25 4.88
C GLY GA 27 -86.28 -71.25 3.45
N VAL GA 28 -85.40 -71.59 2.49
CA VAL GA 28 -85.80 -71.58 1.10
C VAL GA 28 -86.72 -72.78 0.82
N ALA GA 29 -87.83 -72.50 0.15
CA ALA GA 29 -88.78 -73.53 -0.24
C ALA GA 29 -88.71 -73.71 -1.75
N TYR GA 30 -88.57 -74.95 -2.19
CA TYR GA 30 -88.35 -75.28 -3.60
C TYR GA 30 -89.55 -76.05 -4.16
N PHE GA 31 -90.06 -75.60 -5.30
CA PHE GA 31 -91.06 -76.33 -6.07
C PHE GA 31 -90.47 -76.68 -7.41
N ARG GA 32 -90.64 -77.94 -7.84
CA ARG GA 32 -90.02 -78.41 -9.06
C ARG GA 32 -91.07 -78.99 -10.01
N HIS GA 33 -90.74 -78.90 -11.29
CA HIS GA 33 -91.48 -79.55 -12.37
C HIS GA 33 -90.44 -80.18 -13.29
N LEU GA 34 -90.51 -81.51 -13.43
CA LEU GA 34 -89.47 -82.25 -14.14
C LEU GA 34 -89.53 -81.97 -15.64
N GLN GA 35 -88.42 -82.27 -16.32
CA GLN GA 35 -88.31 -82.04 -17.75
C GLN GA 35 -89.12 -83.06 -18.52
N ALA GA 36 -89.06 -82.96 -19.85
CA ALA GA 36 -89.75 -83.91 -20.72
C ALA GA 36 -89.33 -85.34 -20.41
N ASN GA 37 -88.03 -85.61 -20.39
CA ASN GA 37 -87.53 -86.90 -19.96
C ASN GA 37 -87.75 -87.09 -18.47
N GLY GA 38 -88.01 -88.34 -18.07
CA GLY GA 38 -88.20 -88.63 -16.67
C GLY GA 38 -86.99 -88.41 -15.80
N LYS GA 39 -85.86 -88.08 -16.40
CA LYS GA 39 -84.60 -87.96 -15.67
C LYS GA 39 -84.57 -86.63 -14.91
N PRO GA 40 -84.42 -86.64 -13.58
CA PRO GA 40 -84.43 -85.42 -12.77
C PRO GA 40 -83.05 -84.81 -12.64
N ILE GA 41 -82.53 -84.28 -13.74
CA ILE GA 41 -81.24 -83.62 -13.75
C ILE GA 41 -81.41 -82.11 -13.83
N GLY GA 42 -82.03 -81.62 -14.90
CA GLY GA 42 -82.43 -80.24 -15.00
C GLY GA 42 -83.95 -80.18 -14.89
N ALA GA 43 -84.43 -79.24 -14.09
CA ALA GA 43 -85.85 -79.21 -13.79
C ALA GA 43 -86.27 -77.77 -13.56
N TYR GA 44 -87.49 -77.44 -13.99
CA TYR GA 44 -88.02 -76.12 -13.74
C TYR GA 44 -88.24 -75.93 -12.25
N THR GA 45 -87.77 -74.82 -11.70
CA THR GA 45 -87.81 -74.62 -10.26
C THR GA 45 -88.38 -73.25 -9.90
N VAL GA 46 -89.00 -73.20 -8.72
CA VAL GA 46 -89.50 -71.97 -8.13
C VAL GA 46 -89.07 -71.96 -6.67
N SER GA 47 -88.26 -70.98 -6.30
CA SER GA 47 -87.74 -70.83 -4.96
C SER GA 47 -88.42 -69.66 -4.27
N SER GA 48 -88.82 -69.85 -3.02
CA SER GA 48 -89.41 -68.79 -2.22
C SER GA 48 -88.75 -68.73 -0.86
N HIS GA 49 -88.27 -67.55 -0.48
CA HIS GA 49 -87.64 -67.39 0.82
C HIS GA 49 -87.91 -66.00 1.36
N VAL GA 50 -88.42 -65.91 2.58
CA VAL GA 50 -88.62 -64.63 3.24
C VAL GA 50 -87.63 -64.51 4.38
N LYS GA 51 -87.01 -63.35 4.50
CA LYS GA 51 -86.00 -63.06 5.50
C LYS GA 51 -86.57 -62.00 6.43
N GLU GA 52 -86.77 -62.40 7.69
CA GLU GA 52 -87.23 -61.50 8.74
C GLU GA 52 -86.19 -60.38 8.95
N PRO GA 53 -86.57 -59.30 9.64
CA PRO GA 53 -85.61 -58.23 9.90
C PRO GA 53 -84.81 -58.43 11.18
N GLY GA 54 -83.57 -58.01 11.14
CA GLY GA 54 -82.66 -58.15 12.27
C GLY GA 54 -82.51 -56.81 13.02
N THR GA 55 -82.69 -56.86 14.33
CA THR GA 55 -82.59 -55.68 15.18
C THR GA 55 -83.60 -54.61 14.72
N ASN GA 56 -84.80 -55.07 14.39
CA ASN GA 56 -85.90 -54.21 13.97
C ASN GA 56 -85.49 -53.29 12.81
N GLY GA 57 -84.53 -53.74 12.00
CA GLY GA 57 -84.30 -53.08 10.72
C GLY GA 57 -85.57 -53.12 9.89
N ASP GA 58 -85.94 -51.98 9.33
CA ASP GA 58 -87.27 -51.83 8.72
C ASP GA 58 -87.55 -52.88 7.65
N VAL GA 59 -86.52 -53.49 7.07
CA VAL GA 59 -86.66 -54.26 5.84
C VAL GA 59 -87.04 -55.72 6.12
N PHE GA 60 -87.99 -56.21 5.35
CA PHE GA 60 -88.26 -57.62 5.14
C PHE GA 60 -87.78 -57.95 3.73
N ARG GA 61 -87.01 -59.03 3.59
CA ARG GA 61 -86.44 -59.37 2.28
C ARG GA 61 -87.08 -60.65 1.76
N VAL GA 62 -88.06 -60.51 0.87
CA VAL GA 62 -88.85 -61.64 0.40
C VAL GA 62 -88.50 -61.90 -1.06
N LYS GA 63 -88.05 -63.11 -1.36
CA LYS GA 63 -87.43 -63.42 -2.64
C LYS GA 63 -88.16 -64.56 -3.33
N LEU GA 64 -88.30 -64.41 -4.65
CA LEU GA 64 -88.98 -65.36 -5.51
C LEU GA 64 -88.11 -65.61 -6.75
N PHE GA 65 -87.75 -66.86 -6.99
CA PHE GA 65 -86.91 -67.25 -8.11
C PHE GA 65 -87.65 -68.23 -9.00
N VAL GA 66 -87.54 -68.04 -10.31
CA VAL GA 66 -88.13 -68.93 -11.30
C VAL GA 66 -87.04 -69.30 -12.29
N ASN GA 67 -86.58 -70.54 -12.24
CA ASN GA 67 -85.49 -71.02 -13.08
C ASN GA 67 -86.03 -72.00 -14.11
N VAL GA 68 -85.80 -71.69 -15.37
CA VAL GA 68 -86.22 -72.51 -16.50
C VAL GA 68 -84.97 -73.03 -17.20
N PRO GA 69 -84.57 -74.28 -16.93
CA PRO GA 69 -83.42 -74.85 -17.64
C PRO GA 69 -83.81 -75.50 -18.94
N GLU GA 70 -82.95 -75.32 -19.94
CA GLU GA 70 -82.99 -76.04 -21.20
C GLU GA 70 -81.91 -77.11 -21.17
N VAL GA 71 -82.32 -78.36 -21.39
CA VAL GA 71 -81.49 -79.55 -21.21
C VAL GA 71 -81.14 -80.13 -22.58
N ALA GA 72 -80.05 -80.90 -22.62
CA ALA GA 72 -79.59 -81.55 -23.84
C ALA GA 72 -79.24 -83.00 -23.53
N THR GA 73 -79.76 -83.91 -24.33
CA THR GA 73 -79.45 -85.33 -24.21
C THR GA 73 -78.30 -85.66 -25.16
N ILE GA 74 -77.11 -85.89 -24.61
CA ILE GA 74 -75.91 -86.14 -25.38
C ILE GA 74 -75.55 -87.61 -25.26
N THR GA 75 -75.42 -88.29 -26.40
CA THR GA 75 -74.93 -89.65 -26.41
C THR GA 75 -73.59 -89.68 -27.14
N PRO GA 76 -72.50 -90.10 -26.47
CA PRO GA 76 -71.17 -90.03 -27.10
C PRO GA 76 -71.04 -90.94 -28.30
N ASN GA 77 -69.88 -90.87 -28.97
CA ASN GA 77 -69.69 -91.63 -30.20
C ASN GA 77 -69.51 -93.11 -29.91
N GLY GA 78 -70.28 -93.93 -30.62
CA GLY GA 78 -70.16 -95.39 -30.50
C GLY GA 78 -70.48 -95.93 -29.12
N SER GA 79 -71.36 -95.26 -28.38
CA SER GA 79 -71.71 -95.64 -27.03
C SER GA 79 -73.17 -96.04 -26.94
N ASP GA 80 -73.45 -97.12 -26.20
CA ASP GA 80 -74.81 -97.61 -26.07
C ASP GA 80 -75.71 -96.59 -25.37
N THR GA 81 -75.20 -95.95 -24.32
CA THR GA 81 -76.04 -95.19 -23.40
C THR GA 81 -75.84 -93.69 -23.57
N SER GA 82 -76.94 -92.95 -23.45
CA SER GA 82 -76.94 -91.50 -23.50
C SER GA 82 -77.03 -90.93 -22.10
N SER GA 83 -76.39 -89.77 -21.90
CA SER GA 83 -76.48 -89.06 -20.64
C SER GA 83 -77.04 -87.67 -20.91
N VAL GA 84 -77.66 -87.10 -19.89
CA VAL GA 84 -78.32 -85.81 -20.01
C VAL GA 84 -77.45 -84.74 -19.35
N GLU GA 85 -77.57 -83.51 -19.84
CA GLU GA 85 -76.67 -82.42 -19.45
C GLU GA 85 -77.45 -81.11 -19.47
N ILE GA 86 -77.10 -80.22 -18.55
CA ILE GA 86 -77.79 -78.92 -18.46
C ILE GA 86 -77.17 -77.99 -19.49
N ALA GA 87 -77.93 -77.71 -20.55
CA ALA GA 87 -77.40 -76.90 -21.66
C ALA GA 87 -77.30 -75.43 -21.27
N ARG GA 88 -78.42 -74.84 -20.86
CA ARG GA 88 -78.39 -73.46 -20.38
C ARG GA 88 -79.62 -73.23 -19.52
N THR GA 89 -79.70 -72.05 -18.90
CA THR GA 89 -80.83 -71.75 -18.03
C THR GA 89 -81.25 -70.30 -18.20
N ASN GA 90 -82.55 -70.09 -18.38
CA ASN GA 90 -83.14 -68.77 -18.23
C ASN GA 90 -83.60 -68.60 -16.79
N ARG GA 91 -83.39 -67.42 -16.23
CA ARG GA 91 -83.76 -67.21 -14.83
C ARG GA 91 -84.49 -65.89 -14.66
N ALA GA 92 -85.43 -65.87 -13.73
CA ALA GA 92 -86.06 -64.65 -13.26
C ALA GA 92 -85.87 -64.60 -11.74
N GLN GA 93 -85.35 -63.49 -11.24
CA GLN GA 93 -85.03 -63.37 -9.82
C GLN GA 93 -85.66 -62.09 -9.30
N VAL GA 94 -86.54 -62.21 -8.31
CA VAL GA 94 -87.31 -61.09 -7.78
C VAL GA 94 -87.01 -60.97 -6.29
N GLU GA 95 -86.68 -59.76 -5.87
CA GLU GA 95 -86.51 -59.43 -4.46
C GLU GA 95 -87.41 -58.26 -4.12
N PHE GA 96 -88.35 -58.47 -3.20
CA PHE GA 96 -89.15 -57.39 -2.65
C PHE GA 96 -88.52 -56.99 -1.32
N ILE GA 97 -88.29 -55.69 -1.17
CA ILE GA 97 -87.86 -55.08 0.07
C ILE GA 97 -89.06 -54.37 0.65
N LEU GA 98 -89.57 -54.87 1.79
CA LEU GA 98 -90.82 -54.39 2.35
C LEU GA 98 -90.58 -53.81 3.73
N PRO GA 99 -90.79 -52.52 3.96
CA PRO GA 99 -90.59 -51.97 5.31
C PRO GA 99 -91.58 -52.57 6.30
N ALA GA 100 -91.10 -52.77 7.53
CA ALA GA 100 -91.88 -53.45 8.57
C ALA GA 100 -93.01 -52.60 9.12
N GLN GA 101 -93.21 -51.39 8.61
CA GLN GA 101 -94.27 -50.52 9.10
C GLN GA 101 -95.33 -50.17 8.08
N SER GA 102 -95.13 -50.49 6.80
CA SER GA 102 -96.20 -50.30 5.83
C SER GA 102 -97.23 -51.40 6.01
N ALA GA 103 -98.50 -51.02 5.92
CA ALA GA 103 -99.58 -51.99 6.06
C ALA GA 103 -99.73 -52.82 4.78
N ALA GA 104 -100.52 -53.88 4.87
CA ALA GA 104 -100.63 -54.83 3.77
C ALA GA 104 -101.13 -54.19 2.47
N THR GA 105 -101.84 -53.07 2.56
CA THR GA 105 -102.37 -52.41 1.35
C THR GA 105 -101.24 -52.05 0.40
N VAL GA 106 -100.15 -51.50 0.95
CA VAL GA 106 -99.03 -51.07 0.15
C VAL GA 106 -98.40 -52.25 -0.56
N ARG GA 107 -98.20 -53.36 0.15
CA ARG GA 107 -97.60 -54.52 -0.48
C ARG GA 107 -98.51 -55.12 -1.54
N GLU GA 108 -99.83 -55.10 -1.29
CA GLU GA 108 -100.77 -55.62 -2.27
C GLU GA 108 -100.69 -54.84 -3.57
N ASP GA 109 -100.76 -53.51 -3.50
CA ASP GA 109 -100.73 -52.79 -4.77
C ASP GA 109 -99.32 -52.71 -5.36
N LEU GA 110 -98.26 -52.96 -4.58
CA LEU GA 110 -96.94 -53.14 -5.18
C LEU GA 110 -96.90 -54.39 -6.04
N VAL GA 111 -97.38 -55.50 -5.50
CA VAL GA 111 -97.44 -56.75 -6.27
C VAL GA 111 -98.29 -56.55 -7.52
N ALA GA 112 -99.44 -55.88 -7.38
CA ALA GA 112 -100.30 -55.65 -8.53
C ALA GA 112 -99.60 -54.81 -9.59
N LEU GA 113 -98.85 -53.79 -9.16
CA LEU GA 113 -98.09 -52.98 -10.10
C LEU GA 113 -97.05 -53.82 -10.84
N LEU GA 114 -96.35 -54.70 -10.11
CA LEU GA 114 -95.35 -55.54 -10.76
C LEU GA 114 -95.99 -56.49 -11.78
N ALA GA 115 -97.10 -57.12 -11.42
CA ALA GA 115 -97.75 -58.04 -12.34
C ALA GA 115 -98.29 -57.32 -13.57
N SER GA 116 -98.88 -56.14 -13.36
CA SER GA 116 -99.37 -55.37 -14.51
C SER GA 116 -98.23 -54.86 -15.38
N ALA GA 117 -97.06 -54.58 -14.78
CA ALA GA 117 -95.90 -54.22 -15.58
C ALA GA 117 -95.43 -55.40 -16.42
N LEU GA 118 -95.44 -56.60 -15.84
CA LEU GA 118 -95.11 -57.79 -16.62
C LEU GA 118 -96.12 -58.03 -17.73
N ALA GA 119 -97.38 -57.65 -17.51
CA ALA GA 119 -98.40 -57.86 -18.54
C ALA GA 119 -98.36 -56.81 -19.64
N ASP GA 120 -97.95 -55.58 -19.33
CA ASP GA 120 -97.89 -54.53 -20.34
C ASP GA 120 -97.00 -54.96 -21.50
N THR GA 121 -97.44 -54.65 -22.72
CA THR GA 121 -96.74 -55.12 -23.91
C THR GA 121 -95.38 -54.42 -24.06
N ALA GA 122 -95.33 -53.12 -23.79
CA ALA GA 122 -94.08 -52.38 -23.92
C ALA GA 122 -93.03 -52.90 -22.94
N ILE GA 123 -93.40 -53.06 -21.68
CA ILE GA 123 -92.49 -53.62 -20.68
C ILE GA 123 -92.18 -55.07 -21.01
N LYS GA 124 -93.13 -55.80 -21.59
CA LYS GA 124 -92.92 -57.21 -21.86
C LYS GA 124 -91.88 -57.41 -22.94
N SER GA 125 -91.95 -56.65 -24.02
CA SER GA 125 -90.96 -56.78 -25.10
C SER GA 125 -89.56 -56.53 -24.59
N THR GA 126 -89.41 -55.69 -23.57
CA THR GA 126 -88.10 -55.52 -22.91
C THR GA 126 -87.50 -56.86 -22.53
N ILE GA 127 -88.30 -57.70 -21.87
CA ILE GA 127 -87.79 -59.00 -21.42
C ILE GA 127 -87.76 -59.99 -22.58
N VAL GA 128 -88.91 -60.18 -23.21
CA VAL GA 128 -89.10 -61.26 -24.18
C VAL GA 128 -88.21 -61.05 -25.40
N ASN GA 129 -88.19 -59.82 -25.93
CA ASN GA 129 -87.59 -59.51 -27.22
C ASN GA 129 -86.19 -58.92 -27.09
N VAL GA 130 -85.73 -58.64 -25.87
CA VAL GA 130 -84.40 -58.11 -25.61
C VAL GA 130 -84.20 -56.83 -26.44
N GLU GA 131 -85.17 -55.94 -26.33
CA GLU GA 131 -85.14 -54.63 -26.93
C GLU GA 131 -84.97 -53.61 -25.82
N HIS GA 132 -84.15 -52.60 -26.06
CA HIS GA 132 -84.01 -51.47 -25.17
C HIS GA 132 -85.22 -50.54 -25.30
N PHE GA 133 -85.48 -49.80 -24.22
CA PHE GA 133 -86.44 -48.70 -24.30
C PHE GA 133 -85.81 -47.52 -25.01
N TYR GA 134 -86.61 -46.82 -25.82
CA TYR GA 134 -86.12 -45.67 -26.58
C TYR GA 134 -87.22 -44.65 -26.89
N PRO HA 1 -53.51 50.90 67.71
CA PRO HA 1 -53.16 52.30 67.98
C PRO HA 1 -52.34 52.88 66.83
N ALA HA 2 -52.94 53.85 66.14
CA ALA HA 2 -52.24 54.59 65.10
C ALA HA 2 -50.94 55.17 65.64
N LEU HA 3 -49.84 54.88 64.95
CA LEU HA 3 -48.52 55.30 65.37
C LEU HA 3 -48.49 56.82 65.54
N LYS HA 4 -48.21 57.27 66.75
CA LYS HA 4 -48.23 58.68 67.12
C LYS HA 4 -47.12 58.92 68.12
N PRO HA 5 -46.45 60.08 68.05
CA PRO HA 5 -45.46 60.40 69.08
C PRO HA 5 -46.13 60.47 70.44
N ILE HA 6 -45.49 59.85 71.43
CA ILE HA 6 -46.10 59.74 72.74
C ILE HA 6 -45.22 60.44 73.74
N THR HA 7 -45.84 61.01 74.77
CA THR HA 7 -45.14 61.78 75.79
C THR HA 7 -45.15 60.99 77.10
N LEU HA 8 -43.96 60.80 77.68
CA LEU HA 8 -43.76 60.06 78.92
C LEU HA 8 -43.05 60.95 79.93
N THR HA 9 -43.33 60.72 81.21
CA THR HA 9 -42.72 61.53 82.27
C THR HA 9 -41.46 60.86 82.83
N ASP HA 10 -40.41 61.67 83.03
CA ASP HA 10 -39.16 61.17 83.58
C ASP HA 10 -39.21 61.20 85.10
N HIS HA 11 -38.05 61.18 85.75
CA HIS HA 11 -38.07 61.15 87.21
C HIS HA 11 -38.61 62.43 87.80
N SER HA 12 -38.25 63.57 87.20
CA SER HA 12 -38.71 64.86 87.67
C SER HA 12 -40.13 65.19 87.22
N SER HA 13 -40.84 64.19 86.68
CA SER HA 13 -42.19 64.31 86.13
C SER HA 13 -42.25 65.30 84.97
N ALA HA 14 -41.11 65.70 84.41
CA ALA HA 14 -41.08 66.51 83.21
C ALA HA 14 -41.47 65.67 82.00
N ASP HA 15 -41.93 66.34 80.95
CA ASP HA 15 -42.33 65.62 79.75
C ASP HA 15 -41.12 65.21 78.92
N VAL HA 16 -41.25 64.08 78.24
CA VAL HA 16 -40.22 63.50 77.39
C VAL HA 16 -40.94 62.93 76.18
N ILE HA 17 -40.71 63.52 75.01
CA ILE HA 17 -41.48 63.23 73.82
C ILE HA 17 -40.72 62.22 72.98
N PHE HA 18 -41.30 61.03 72.78
CA PHE HA 18 -40.76 60.00 71.91
C PHE HA 18 -41.46 60.06 70.56
N THR HA 19 -40.70 60.33 69.51
CA THR HA 19 -41.25 60.36 68.16
C THR HA 19 -41.13 58.99 67.52
N PRO HA 20 -42.12 58.57 66.74
CA PRO HA 20 -41.99 57.28 66.05
C PRO HA 20 -40.87 57.32 65.03
N THR HA 21 -40.08 56.26 65.02
CA THR HA 21 -38.96 56.11 64.11
C THR HA 21 -39.23 55.11 62.99
N GLN HA 22 -39.72 53.91 63.33
CA GLN HA 22 -39.73 52.82 62.38
C GLN HA 22 -40.73 51.76 62.83
N ILE HA 23 -41.33 51.10 61.84
CA ILE HA 23 -42.08 49.87 62.07
C ILE HA 23 -41.29 48.75 61.41
N ASP HA 24 -40.93 47.74 62.21
CA ASP HA 24 -39.94 46.75 61.80
C ASP HA 24 -40.54 45.75 60.81
N LYS HA 25 -39.67 44.91 60.25
CA LYS HA 25 -40.13 43.80 59.42
C LYS HA 25 -40.90 42.79 60.24
N ASN HA 26 -40.57 42.66 61.52
CA ASN HA 26 -41.20 41.69 62.42
C ASN HA 26 -42.41 42.25 63.14
N GLY HA 27 -42.78 43.50 62.88
CA GLY HA 27 -43.87 44.13 63.57
C GLY HA 27 -43.46 44.98 64.75
N VAL HA 28 -42.16 45.17 64.97
CA VAL HA 28 -41.68 45.98 66.08
C VAL HA 28 -41.81 47.45 65.73
N ALA HA 29 -42.39 48.23 66.63
CA ALA HA 29 -42.54 49.67 66.47
C ALA HA 29 -41.61 50.37 67.44
N TYR HA 30 -40.84 51.34 66.92
CA TYR HA 30 -39.80 52.00 67.69
C TYR HA 30 -40.11 53.49 67.84
N PHE HA 31 -40.09 53.98 69.07
CA PHE HA 31 -40.14 55.40 69.37
C PHE HA 31 -38.80 55.83 69.94
N ARG HA 32 -38.28 56.96 69.47
CA ARG HA 32 -36.99 57.43 69.92
C ARG HA 32 -37.07 58.85 70.45
N HIS HA 33 -36.17 59.14 71.38
CA HIS HA 33 -35.93 60.46 71.92
C HIS HA 33 -34.42 60.67 71.94
N LEU HA 34 -33.95 61.68 71.21
CA LEU HA 34 -32.52 61.88 71.01
C LEU HA 34 -31.86 62.33 72.31
N GLN HA 35 -30.54 62.18 72.39
CA GLN HA 35 -29.78 62.59 73.57
C GLN HA 35 -29.67 64.10 73.63
N ALA HA 36 -28.93 64.57 74.64
CA ALA HA 36 -28.65 65.99 74.78
C ALA HA 36 -28.04 66.57 73.51
N ASN HA 37 -26.97 65.95 73.02
CA ASN HA 37 -26.41 66.34 71.73
C ASN HA 37 -27.38 66.01 70.61
N GLY HA 38 -27.29 66.79 69.54
CA GLY HA 38 -28.17 66.58 68.40
C GLY HA 38 -27.87 65.31 67.64
N LYS HA 39 -26.81 64.64 68.03
CA LYS HA 39 -26.33 63.43 67.40
C LYS HA 39 -27.18 62.23 67.83
N PRO HA 40 -27.56 61.37 66.88
CA PRO HA 40 -28.50 60.28 67.18
C PRO HA 40 -27.86 58.95 67.59
N ILE HA 41 -26.57 58.92 67.88
CA ILE HA 41 -25.87 57.63 67.96
C ILE HA 41 -26.39 56.81 69.14
N GLY HA 42 -26.60 57.44 70.29
CA GLY HA 42 -27.28 56.79 71.39
C GLY HA 42 -28.55 57.55 71.67
N ALA HA 43 -29.66 56.84 71.89
CA ALA HA 43 -30.92 57.55 72.08
C ALA HA 43 -31.86 56.70 72.91
N TYR HA 44 -32.72 57.37 73.67
CA TYR HA 44 -33.73 56.67 74.45
C TYR HA 44 -34.75 56.05 73.51
N THR HA 45 -35.11 54.79 73.76
CA THR HA 45 -35.98 54.08 72.85
C THR HA 45 -37.09 53.35 73.59
N VAL HA 46 -38.22 53.22 72.91
CA VAL HA 46 -39.36 52.44 73.39
C VAL HA 46 -39.81 51.54 72.25
N SER HA 47 -39.75 50.23 72.46
CA SER HA 47 -40.10 49.24 71.46
C SER HA 47 -41.40 48.55 71.86
N SER HA 48 -42.30 48.38 70.89
CA SER HA 48 -43.56 47.67 71.15
C SER HA 48 -43.80 46.67 70.03
N HIS HA 49 -43.96 45.41 70.42
CA HIS HA 49 -44.27 44.37 69.45
C HIS HA 49 -45.21 43.36 70.07
N VAL HA 50 -46.32 43.08 69.40
CA VAL HA 50 -47.27 42.08 69.87
C VAL HA 50 -47.28 40.93 68.87
N LYS HA 51 -47.15 39.71 69.37
CA LYS HA 51 -47.08 38.50 68.58
C LYS HA 51 -48.38 37.73 68.77
N GLU HA 52 -49.17 37.65 67.70
CA GLU HA 52 -50.42 36.93 67.75
C GLU HA 52 -50.15 35.42 67.81
N PRO HA 53 -51.09 34.65 68.34
CA PRO HA 53 -50.87 33.20 68.48
C PRO HA 53 -51.06 32.46 67.15
N GLY HA 54 -50.48 31.27 67.09
CA GLY HA 54 -50.57 30.43 65.91
C GLY HA 54 -51.05 29.04 66.25
N THR HA 55 -51.75 28.44 65.28
CA THR HA 55 -52.38 27.13 65.47
C THR HA 55 -53.28 27.15 66.71
N ASN HA 56 -54.20 28.12 66.72
CA ASN HA 56 -55.07 28.39 67.87
C ASN HA 56 -54.27 28.45 69.17
N GLY HA 57 -53.07 29.02 69.09
CA GLY HA 57 -52.25 29.15 70.28
C GLY HA 57 -52.99 29.92 71.36
N ASP HA 58 -52.86 29.46 72.59
CA ASP HA 58 -53.60 30.09 73.67
C ASP HA 58 -53.12 31.51 73.94
N VAL HA 59 -51.92 31.88 73.49
CA VAL HA 59 -51.17 32.99 74.05
C VAL HA 59 -50.87 34.05 72.98
N PHE HA 60 -51.28 35.28 73.26
CA PHE HA 60 -50.65 36.48 72.73
C PHE HA 60 -49.40 36.78 73.54
N ARG HA 61 -48.33 37.23 72.86
CA ARG HA 61 -47.10 37.64 73.54
C ARG HA 61 -46.80 39.09 73.20
N VAL HA 62 -47.06 39.99 74.14
CA VAL HA 62 -47.00 41.43 73.88
C VAL HA 62 -45.81 42.00 74.66
N LYS HA 63 -44.90 42.67 73.96
CA LYS HA 63 -43.61 43.05 74.52
C LYS HA 63 -43.42 44.55 74.44
N LEU HA 64 -42.91 45.11 75.54
CA LEU HA 64 -42.62 46.54 75.69
C LEU HA 64 -41.21 46.69 76.23
N PHE HA 65 -40.39 47.45 75.51
CA PHE HA 65 -39.00 47.67 75.86
C PHE HA 65 -38.74 49.15 76.05
N VAL HA 66 -38.01 49.50 77.11
CA VAL HA 66 -37.64 50.86 77.41
C VAL HA 66 -36.14 50.88 77.65
N ASN HA 67 -35.39 51.45 76.70
CA ASN HA 67 -33.94 51.48 76.73
C ASN HA 67 -33.44 52.90 76.98
N VAL HA 68 -32.63 53.05 78.01
CA VAL HA 68 -32.08 54.33 78.42
C VAL HA 68 -30.56 54.24 78.36
N PRO HA 69 -29.94 54.73 77.28
CA PRO HA 69 -28.48 54.75 77.21
C PRO HA 69 -27.88 56.00 77.84
N GLU HA 70 -26.72 55.80 78.46
CA GLU HA 70 -25.80 56.88 78.83
C GLU HA 70 -24.68 56.88 77.81
N VAL HA 71 -24.55 58.00 77.10
CA VAL HA 71 -23.52 58.18 76.09
C VAL HA 71 -22.38 59.00 76.69
N ALA HA 72 -21.19 58.85 76.12
CA ALA HA 72 -20.02 59.61 76.54
C ALA HA 72 -19.37 60.26 75.33
N THR HA 73 -18.92 61.49 75.51
CA THR HA 73 -18.31 62.26 74.44
C THR HA 73 -16.80 62.10 74.54
N ILE HA 74 -16.22 61.35 73.62
CA ILE HA 74 -14.79 61.09 73.59
C ILE HA 74 -14.16 62.02 72.56
N THR HA 75 -13.18 62.81 73.00
CA THR HA 75 -12.46 63.71 72.11
C THR HA 75 -10.97 63.37 72.25
N PRO HA 76 -10.31 62.95 71.17
CA PRO HA 76 -8.89 62.54 71.29
C PRO HA 76 -8.00 63.70 71.69
N ASN HA 77 -6.79 63.35 72.12
CA ASN HA 77 -5.88 64.32 72.74
C ASN HA 77 -5.51 65.41 71.74
N GLY HA 78 -5.83 66.65 72.08
CA GLY HA 78 -5.52 67.80 71.26
C GLY HA 78 -6.24 67.85 69.93
N SER HA 79 -7.50 67.43 69.91
CA SER HA 79 -8.28 67.34 68.68
C SER HA 79 -9.36 68.41 68.66
N ASP HA 80 -9.73 68.83 67.45
CA ASP HA 80 -10.79 69.82 67.30
C ASP HA 80 -12.15 69.23 67.57
N THR HA 81 -12.48 68.11 66.94
CA THR HA 81 -13.82 67.55 66.97
C THR HA 81 -13.86 66.31 67.86
N SER HA 82 -15.04 66.08 68.45
CA SER HA 82 -15.28 64.96 69.34
C SER HA 82 -16.30 64.01 68.72
N SER HA 83 -16.17 62.73 69.05
CA SER HA 83 -17.09 61.70 68.61
C SER HA 83 -17.83 61.13 69.82
N VAL HA 84 -19.06 60.69 69.60
CA VAL HA 84 -19.89 60.20 70.69
C VAL HA 84 -19.93 58.68 70.66
N GLU HA 85 -19.86 58.06 71.84
CA GLU HA 85 -19.80 56.62 72.00
C GLU HA 85 -20.84 56.19 73.03
N ILE HA 86 -21.40 55.00 72.86
CA ILE HA 86 -22.41 54.50 73.78
C ILE HA 86 -21.70 53.92 75.00
N ALA HA 87 -21.75 54.64 76.11
CA ALA HA 87 -21.01 54.24 77.31
C ALA HA 87 -21.64 53.00 77.94
N ARG HA 88 -22.91 53.10 78.33
CA ARG HA 88 -23.61 51.94 78.87
C ARG HA 88 -25.10 52.17 78.69
N THR HA 89 -25.90 51.14 78.98
CA THR HA 89 -27.33 51.23 78.78
C THR HA 89 -28.06 50.57 79.93
N ASN HA 90 -29.05 51.26 80.50
CA ASN HA 90 -30.04 50.64 81.36
C ASN HA 90 -31.22 50.22 80.51
N ARG HA 91 -31.85 49.10 80.85
CA ARG HA 91 -32.96 48.60 80.06
C ARG HA 91 -34.04 48.05 80.96
N ALA HA 92 -35.28 48.13 80.47
CA ALA HA 92 -36.43 47.47 81.09
C ALA HA 92 -37.20 46.73 80.00
N GLN HA 93 -37.46 45.44 80.21
CA GLN HA 93 -38.03 44.58 79.18
C GLN HA 93 -39.22 43.85 79.77
N VAL HA 94 -40.41 44.09 79.20
CA VAL HA 94 -41.67 43.58 79.73
C VAL HA 94 -42.31 42.68 78.68
N GLU HA 95 -42.61 41.45 79.06
CA GLU HA 95 -43.37 40.53 78.22
C GLU HA 95 -44.64 40.17 78.97
N PHE HA 96 -45.78 40.57 78.45
CA PHE HA 96 -47.06 40.07 78.93
C PHE HA 96 -47.43 38.85 78.10
N ILE HA 97 -47.73 37.76 78.80
CA ILE HA 97 -48.27 36.55 78.20
C ILE HA 97 -49.76 36.57 78.47
N LEU HA 98 -50.55 36.92 77.47
CA LEU HA 98 -51.98 36.99 77.70
C LEU HA 98 -52.67 35.85 76.97
N PRO HA 99 -53.66 35.19 77.57
CA PRO HA 99 -54.41 34.18 76.82
C PRO HA 99 -55.51 34.78 75.96
N ALA HA 100 -55.71 34.17 74.78
CA ALA HA 100 -56.74 34.64 73.85
C ALA HA 100 -58.15 34.41 74.38
N GLN HA 101 -58.29 33.67 75.47
CA GLN HA 101 -59.59 33.29 76.01
C GLN HA 101 -60.01 34.15 77.19
N SER HA 102 -59.21 35.13 77.58
CA SER HA 102 -59.48 35.95 78.74
C SER HA 102 -60.41 37.12 78.38
N ALA HA 103 -60.89 37.79 79.43
CA ALA HA 103 -61.69 39.00 79.28
C ALA HA 103 -60.82 40.22 79.55
N ALA HA 104 -61.14 41.32 78.88
CA ALA HA 104 -60.34 42.53 78.97
C ALA HA 104 -60.24 43.06 80.40
N THR HA 105 -61.21 42.75 81.25
CA THR HA 105 -61.13 43.12 82.66
C THR HA 105 -59.85 42.59 83.29
N VAL HA 106 -59.55 41.34 83.00
CA VAL HA 106 -58.38 40.69 83.59
C VAL HA 106 -57.10 41.39 83.15
N ARG HA 107 -56.99 41.69 81.85
CA ARG HA 107 -55.79 42.36 81.37
C ARG HA 107 -55.68 43.76 81.96
N GLU HA 108 -56.82 44.45 82.09
CA GLU HA 108 -56.79 45.80 82.67
C GLU HA 108 -56.25 45.78 84.08
N ASP HA 109 -56.77 44.89 84.94
CA ASP HA 109 -56.23 44.92 86.30
C ASP HA 109 -54.89 44.22 86.43
N LEU HA 110 -54.47 43.40 85.47
CA LEU HA 110 -53.08 42.95 85.46
C LEU HA 110 -52.13 44.12 85.23
N VAL HA 111 -52.43 44.94 84.22
CA VAL HA 111 -51.62 46.13 83.97
C VAL HA 111 -51.63 47.06 85.17
N ALA HA 112 -52.81 47.25 85.77
CA ALA HA 112 -52.90 48.13 86.94
C ALA HA 112 -52.08 47.58 88.10
N LEU HA 113 -52.11 46.26 88.30
CA LEU HA 113 -51.30 45.66 89.35
C LEU HA 113 -49.82 45.85 89.09
N LEU HA 114 -49.39 45.71 87.84
CA LEU HA 114 -47.98 45.93 87.53
C LEU HA 114 -47.57 47.37 87.78
N ALA HA 115 -48.40 48.33 87.36
CA ALA HA 115 -48.07 49.73 87.58
C ALA HA 115 -48.03 50.07 89.07
N SER HA 116 -48.98 49.53 89.84
CA SER HA 116 -48.98 49.79 91.28
C SER HA 116 -47.81 49.09 91.97
N ALA HA 117 -47.37 47.95 91.45
CA ALA HA 117 -46.17 47.31 91.99
C ALA HA 117 -44.94 48.17 91.73
N LEU HA 118 -44.85 48.75 90.52
CA LEU HA 118 -43.76 49.69 90.24
C LEU HA 118 -43.84 50.91 91.14
N ALA HA 119 -45.05 51.35 91.48
CA ALA HA 119 -45.18 52.54 92.33
C ALA HA 119 -44.90 52.25 93.79
N ASP HA 120 -45.13 51.02 94.25
CA ASP HA 120 -44.89 50.68 95.64
C ASP HA 120 -43.43 50.88 95.98
N THR HA 121 -43.17 51.47 97.15
CA THR HA 121 -41.80 51.82 97.52
C THR HA 121 -40.97 50.56 97.83
N ALA HA 122 -41.58 49.57 98.47
CA ALA HA 122 -40.86 48.34 98.79
C ALA HA 122 -40.38 47.64 97.53
N ILE HA 123 -41.23 47.60 96.50
CA ILE HA 123 -40.85 46.99 95.23
C ILE HA 123 -39.93 47.92 94.45
N LYS HA 124 -40.10 49.23 94.59
CA LYS HA 124 -39.29 50.17 93.83
C LYS HA 124 -37.85 50.16 94.31
N SER HA 125 -37.62 49.89 95.60
CA SER HA 125 -36.25 49.78 96.08
C SER HA 125 -35.54 48.59 95.45
N THR HA 126 -36.29 47.55 95.12
CA THR HA 126 -35.75 46.39 94.40
C THR HA 126 -35.07 46.82 93.11
N ILE HA 127 -35.75 47.64 92.31
CA ILE HA 127 -35.20 48.04 91.01
C ILE HA 127 -34.18 49.15 91.20
N VAL HA 128 -34.58 50.23 91.85
CA VAL HA 128 -33.76 51.43 91.91
C VAL HA 128 -32.49 51.19 92.71
N ASN HA 129 -32.62 50.56 93.88
CA ASN HA 129 -31.56 50.46 94.86
C ASN HA 129 -30.91 49.08 94.93
N VAL HA 130 -31.44 48.10 94.18
CA VAL HA 130 -30.86 46.77 94.05
C VAL HA 130 -30.67 46.15 95.43
N GLU HA 131 -31.74 46.20 96.21
CA GLU HA 131 -31.82 45.50 97.48
C GLU HA 131 -32.70 44.27 97.29
N HIS HA 132 -32.21 43.12 97.79
CA HIS HA 132 -32.96 41.87 97.81
C HIS HA 132 -34.03 41.92 98.91
N PHE HA 133 -35.06 41.10 98.71
CA PHE HA 133 -36.00 40.82 99.78
C PHE HA 133 -35.40 39.83 100.77
N TYR HA 134 -35.67 40.05 102.05
CA TYR HA 134 -35.12 39.20 103.10
C TYR HA 134 -36.06 39.06 104.31
N PRO IA 1 -56.43 54.40 50.73
CA PRO IA 1 -57.22 54.09 51.94
C PRO IA 1 -56.34 53.96 53.15
N ALA IA 2 -56.08 55.07 53.84
CA ALA IA 2 -55.33 55.03 55.08
C ALA IA 2 -56.09 54.18 56.10
N LEU IA 3 -55.31 53.41 56.87
CA LEU IA 3 -55.88 52.50 57.85
C LEU IA 3 -56.73 53.27 58.85
N LYS IA 4 -58.00 52.87 58.97
CA LYS IA 4 -58.96 53.62 59.76
C LYS IA 4 -60.13 52.71 60.06
N PRO IA 5 -60.80 52.89 61.20
CA PRO IA 5 -61.87 51.97 61.57
C PRO IA 5 -63.03 52.11 60.60
N ILE IA 6 -63.66 50.99 60.30
CA ILE IA 6 -64.74 50.98 59.33
C ILE IA 6 -65.97 50.35 59.96
N THR IA 7 -67.14 50.83 59.54
CA THR IA 7 -68.41 50.38 60.09
C THR IA 7 -69.15 49.54 59.06
N LEU IA 8 -69.65 48.38 59.49
CA LEU IA 8 -70.37 47.44 58.63
C LEU IA 8 -71.68 47.04 59.31
N THR IA 9 -72.70 46.78 58.51
CA THR IA 9 -74.01 46.44 59.03
C THR IA 9 -74.17 44.91 59.11
N ASP IA 10 -74.66 44.42 60.24
CA ASP IA 10 -74.89 42.99 60.42
C ASP IA 10 -76.25 42.61 59.83
N HIS IA 11 -76.73 41.41 60.16
CA HIS IA 11 -78.00 40.96 59.59
C HIS IA 11 -79.17 41.81 60.06
N SER IA 12 -79.11 42.32 61.28
CA SER IA 12 -80.16 43.16 61.82
C SER IA 12 -80.02 44.61 61.38
N SER IA 13 -79.11 44.89 60.46
CA SER IA 13 -78.73 46.24 60.00
C SER IA 13 -78.12 47.09 61.10
N ALA IA 14 -77.79 46.49 62.25
CA ALA IA 14 -77.11 47.23 63.31
C ALA IA 14 -75.66 47.49 62.95
N ASP IA 15 -75.18 48.68 63.26
CA ASP IA 15 -73.81 49.04 62.96
C ASP IA 15 -72.83 48.20 63.79
N VAL IA 16 -71.69 47.90 63.20
CA VAL IA 16 -70.66 47.05 63.78
C VAL IA 16 -69.33 47.68 63.40
N ILE IA 17 -68.59 48.17 64.39
CA ILE IA 17 -67.42 49.01 64.15
C ILE IA 17 -66.17 48.16 64.31
N PHE IA 18 -65.47 47.93 63.20
CA PHE IA 18 -64.19 47.23 63.21
C PHE IA 18 -63.07 48.25 63.33
N THR IA 19 -62.29 48.18 64.42
CA THR IA 19 -61.14 49.06 64.53
C THR IA 19 -59.92 48.40 63.91
N PRO IA 20 -58.99 49.17 63.36
CA PRO IA 20 -57.79 48.57 62.78
C PRO IA 20 -56.95 47.89 63.85
N THR IA 21 -56.49 46.68 63.55
CA THR IA 21 -55.66 45.90 64.46
C THR IA 21 -54.20 45.87 64.03
N GLN IA 22 -53.93 45.43 62.81
CA GLN IA 22 -52.54 45.14 62.47
C GLN IA 22 -52.29 45.29 60.98
N ILE IA 23 -51.11 45.80 60.63
CA ILE IA 23 -50.60 45.71 59.27
C ILE IA 23 -49.52 44.63 59.28
N ASP IA 24 -49.69 43.64 58.42
CA ASP IA 24 -48.94 42.40 58.50
C ASP IA 24 -47.50 42.60 58.03
N LYS IA 25 -46.73 41.51 58.06
CA LYS IA 25 -45.42 41.52 57.44
C LYS IA 25 -45.54 41.46 55.92
N ASN IA 26 -46.53 40.74 55.41
CA ASN IA 26 -46.75 40.59 53.98
C ASN IA 26 -47.60 41.71 53.39
N GLY IA 27 -48.28 42.49 54.23
CA GLY IA 27 -49.17 43.54 53.77
C GLY IA 27 -50.61 43.34 54.16
N VAL IA 28 -50.94 42.29 54.91
CA VAL IA 28 -52.33 42.04 55.29
C VAL IA 28 -52.77 43.06 56.33
N ALA IA 29 -53.95 43.61 56.13
CA ALA IA 29 -54.55 44.56 57.07
C ALA IA 29 -55.65 43.85 57.83
N TYR IA 30 -55.55 43.87 59.16
CA TYR IA 30 -56.47 43.17 60.06
C TYR IA 30 -57.26 44.20 60.85
N PHE IA 31 -58.59 44.14 60.72
CA PHE IA 31 -59.53 44.89 61.54
C PHE IA 31 -60.26 43.93 62.46
N ARG IA 32 -60.48 44.37 63.69
CA ARG IA 32 -61.07 43.53 64.74
C ARG IA 32 -62.24 44.26 65.36
N HIS IA 33 -63.30 43.51 65.65
CA HIS IA 33 -64.47 44.00 66.38
C HIS IA 33 -64.61 43.11 67.61
N LEU IA 34 -64.21 43.63 68.77
CA LEU IA 34 -64.28 42.86 70.00
C LEU IA 34 -65.72 42.72 70.46
N GLN IA 35 -65.95 41.75 71.34
CA GLN IA 35 -67.27 41.53 71.89
C GLN IA 35 -67.51 42.48 73.06
N ALA IA 36 -68.65 42.31 73.74
CA ALA IA 36 -68.95 43.14 74.90
C ALA IA 36 -67.87 43.00 75.97
N ASN IA 37 -67.52 41.75 76.30
CA ASN IA 37 -66.56 41.45 77.35
C ASN IA 37 -65.11 41.62 76.90
N GLY IA 38 -64.87 41.99 75.65
CA GLY IA 38 -63.51 42.13 75.17
C GLY IA 38 -62.75 40.82 75.11
N LYS IA 39 -63.40 39.73 74.69
CA LYS IA 39 -62.74 38.45 74.57
C LYS IA 39 -62.15 38.30 73.17
N PRO IA 40 -60.83 38.17 73.04
CA PRO IA 40 -60.24 38.05 71.69
C PRO IA 40 -60.82 36.90 70.89
N ILE IA 41 -60.97 35.74 71.53
CA ILE IA 41 -61.51 34.56 70.85
C ILE IA 41 -62.88 34.82 70.26
N GLY IA 42 -63.60 35.83 70.77
CA GLY IA 42 -64.92 36.15 70.26
C GLY IA 42 -64.98 37.26 69.25
N ALA IA 43 -63.86 37.88 68.91
CA ALA IA 43 -63.89 39.07 68.07
C ALA IA 43 -64.06 38.73 66.60
N TYR IA 44 -64.88 39.52 65.91
CA TYR IA 44 -64.95 39.43 64.46
C TYR IA 44 -63.68 40.00 63.83
N THR IA 45 -63.29 39.48 62.68
CA THR IA 45 -62.10 39.98 62.01
C THR IA 45 -62.38 40.18 60.53
N VAL IA 46 -61.69 41.16 59.95
CA VAL IA 46 -61.75 41.44 58.52
C VAL IA 46 -60.33 41.69 58.03
N SER IA 47 -59.89 40.91 57.05
CA SER IA 47 -58.55 40.99 56.49
C SER IA 47 -58.62 41.50 55.06
N SER IA 48 -57.69 42.38 54.71
CA SER IA 48 -57.60 42.89 53.35
C SER IA 48 -56.14 42.96 52.92
N HIS IA 49 -55.80 42.26 51.84
CA HIS IA 49 -54.44 42.25 51.34
C HIS IA 49 -54.46 42.26 49.82
N VAL IA 50 -53.65 43.11 49.22
CA VAL IA 50 -53.56 43.17 47.76
C VAL IA 50 -52.14 42.83 47.34
N LYS IA 51 -52.02 41.92 46.37
CA LYS IA 51 -50.75 41.42 45.85
C LYS IA 51 -50.60 41.95 44.43
N GLU IA 52 -49.60 42.81 44.25
CA GLU IA 52 -49.27 43.40 42.96
C GLU IA 52 -48.62 42.35 42.05
N PRO IA 53 -48.67 42.56 40.73
CA PRO IA 53 -48.00 41.63 39.82
C PRO IA 53 -46.50 41.87 39.77
N GLY IA 54 -45.78 40.80 39.46
CA GLY IA 54 -44.34 40.87 39.32
C GLY IA 54 -43.88 39.97 38.20
N THR IA 55 -42.67 40.26 37.71
CA THR IA 55 -42.09 39.54 36.58
C THR IA 55 -43.07 39.52 35.42
N ASN IA 56 -43.53 40.71 35.04
CA ASN IA 56 -44.44 40.92 33.92
C ASN IA 56 -45.66 40.00 34.02
N GLY IA 57 -46.25 39.96 35.22
CA GLY IA 57 -47.50 39.26 35.43
C GLY IA 57 -48.67 40.18 35.13
N ASP IA 58 -49.68 39.64 34.46
CA ASP IA 58 -50.83 40.45 34.08
C ASP IA 58 -51.79 40.68 35.24
N VAL IA 59 -51.69 39.89 36.29
CA VAL IA 59 -52.78 39.73 37.26
C VAL IA 59 -52.49 40.49 38.55
N PHE IA 60 -53.56 40.95 39.19
CA PHE IA 60 -53.57 41.50 40.53
C PHE IA 60 -54.39 40.56 41.40
N ARG IA 61 -53.92 40.26 42.60
CA ARG IA 61 -54.65 39.34 43.49
C ARG IA 61 -55.05 40.07 44.77
N VAL IA 62 -56.33 40.44 44.87
CA VAL IA 62 -56.82 41.23 45.98
C VAL IA 62 -57.75 40.36 46.82
N LYS IA 63 -57.47 40.26 48.11
CA LYS IA 63 -58.13 39.30 48.98
C LYS IA 63 -58.83 40.01 50.13
N LEU IA 64 -60.04 39.55 50.43
CA LEU IA 64 -60.88 40.06 51.50
C LEU IA 64 -61.43 38.89 52.31
N PHE IA 65 -61.16 38.89 53.61
CA PHE IA 65 -61.60 37.84 54.52
C PHE IA 65 -62.50 38.44 55.59
N VAL IA 66 -63.60 37.75 55.89
CA VAL IA 66 -64.53 38.16 56.95
C VAL IA 66 -64.77 36.94 57.83
N ASN IA 67 -64.22 36.95 59.03
CA ASN IA 67 -64.29 35.82 59.94
C ASN IA 67 -65.21 36.19 61.11
N VAL IA 68 -66.24 35.37 61.31
CA VAL IA 68 -67.22 35.52 62.39
C VAL IA 68 -67.10 34.32 63.33
N PRO IA 69 -66.54 34.47 64.52
CA PRO IA 69 -66.52 33.35 65.44
C PRO IA 69 -67.76 33.33 66.33
N GLU IA 70 -68.14 32.14 66.74
CA GLU IA 70 -69.09 31.94 67.82
C GLU IA 70 -68.40 31.15 68.92
N VAL IA 71 -68.51 31.67 70.14
CA VAL IA 71 -67.91 31.09 71.33
C VAL IA 71 -68.79 29.95 71.84
N ALA IA 72 -68.19 28.83 72.25
CA ALA IA 72 -68.93 27.74 72.86
C ALA IA 72 -68.57 27.69 74.34
N THR IA 73 -69.58 27.84 75.19
CA THR IA 73 -69.35 27.84 76.63
C THR IA 73 -69.56 26.45 77.21
N GLU IA 85 -65.27 28.69 76.07
CA GLU IA 85 -63.86 28.32 76.17
C GLU IA 85 -63.19 28.16 74.81
N ILE IA 86 -63.76 27.31 73.95
CA ILE IA 86 -63.28 27.15 72.59
C ILE IA 86 -64.39 27.61 71.66
N ALA IA 87 -64.01 28.15 70.51
CA ALA IA 87 -64.94 28.82 69.64
C ALA IA 87 -64.74 28.33 68.21
N ARG IA 88 -65.82 28.21 67.46
CA ARG IA 88 -65.71 27.81 66.07
C ARG IA 88 -66.08 28.98 65.18
N THR IA 89 -65.40 29.09 64.04
CA THR IA 89 -65.43 30.29 63.23
C THR IA 89 -66.06 29.99 61.88
N ASN IA 90 -67.15 30.69 61.56
CA ASN IA 90 -67.60 30.79 60.18
C ASN IA 90 -66.71 31.77 59.44
N ARG IA 91 -66.35 31.45 58.21
CA ARG IA 91 -65.48 32.33 57.45
C ARG IA 91 -66.02 32.58 56.06
N ALA IA 92 -65.76 33.78 55.55
CA ALA IA 92 -65.93 34.12 54.14
C ALA IA 92 -64.59 34.56 53.60
N GLN IA 93 -64.17 34.00 52.48
CA GLN IA 93 -62.86 34.27 51.90
C GLN IA 93 -63.02 34.59 50.43
N VAL IA 94 -62.73 35.82 50.03
CA VAL IA 94 -62.91 36.28 48.67
C VAL IA 94 -61.55 36.64 48.09
N GLU IA 95 -61.29 36.15 46.87
CA GLU IA 95 -60.11 36.50 46.11
C GLU IA 95 -60.56 37.01 44.75
N PHE IA 96 -60.26 38.28 44.45
CA PHE IA 96 -60.49 38.85 43.13
C PHE IA 96 -59.18 38.77 42.35
N ILE IA 97 -59.28 38.30 41.11
CA ILE IA 97 -58.17 38.24 40.17
C ILE IA 97 -58.46 39.27 39.09
N LEU IA 98 -57.66 40.33 39.04
CA LEU IA 98 -57.94 41.49 38.21
C LEU IA 98 -56.77 41.77 37.27
N PRO IA 99 -56.91 41.60 35.95
CA PRO IA 99 -55.81 41.96 35.05
C PRO IA 99 -55.51 43.45 35.09
N ALA IA 100 -54.26 43.78 34.73
CA ALA IA 100 -53.78 45.16 34.84
C ALA IA 100 -54.30 46.05 33.72
N GLN IA 101 -54.63 45.49 32.55
CA GLN IA 101 -55.12 46.32 31.46
C GLN IA 101 -56.61 46.64 31.57
N SER IA 102 -57.36 45.91 32.39
CA SER IA 102 -58.79 46.17 32.51
C SER IA 102 -59.03 47.57 33.06
N ALA IA 103 -59.82 48.35 32.34
CA ALA IA 103 -60.23 49.65 32.85
C ALA IA 103 -61.09 49.45 34.10
N ALA IA 104 -61.06 50.46 34.98
CA ALA IA 104 -61.76 50.34 36.26
C ALA IA 104 -63.25 50.09 36.11
N THR IA 105 -63.83 50.39 34.93
CA THR IA 105 -65.25 50.10 34.69
C THR IA 105 -65.55 48.63 34.97
N VAL IA 106 -64.67 47.75 34.48
CA VAL IA 106 -64.91 46.32 34.59
C VAL IA 106 -64.89 45.90 36.05
N ARG IA 107 -63.89 46.37 36.80
CA ARG IA 107 -63.78 45.96 38.20
C ARG IA 107 -64.95 46.50 39.00
N GLU IA 108 -65.39 47.72 38.68
CA GLU IA 108 -66.54 48.29 39.36
C GLU IA 108 -67.78 47.41 39.18
N ASP IA 109 -68.14 47.07 37.93
CA ASP IA 109 -69.36 46.27 37.76
C ASP IA 109 -69.13 44.81 38.15
N LEU IA 110 -67.88 44.33 38.22
CA LEU IA 110 -67.67 42.99 38.75
C LEU IA 110 -68.01 42.94 40.23
N VAL IA 111 -67.50 43.90 41.00
CA VAL IA 111 -67.89 44.01 42.41
C VAL IA 111 -69.39 44.15 42.53
N ALA IA 112 -70.01 44.99 41.70
CA ALA IA 112 -71.44 45.18 41.79
C ALA IA 112 -72.19 43.88 41.54
N LEU IA 113 -71.70 43.08 40.57
CA LEU IA 113 -72.25 41.76 40.30
C LEU IA 113 -72.16 40.86 41.51
N LEU IA 114 -71.00 40.84 42.16
CA LEU IA 114 -70.82 39.97 43.32
C LEU IA 114 -71.77 40.35 44.44
N ALA IA 115 -71.89 41.66 44.70
CA ALA IA 115 -72.76 42.11 45.78
C ALA IA 115 -74.22 41.81 45.46
N SER IA 116 -74.64 42.02 44.21
CA SER IA 116 -76.02 41.70 43.84
C SER IA 116 -76.27 40.20 43.89
N ALA IA 117 -75.26 39.38 43.62
CA ALA IA 117 -75.42 37.93 43.75
C ALA IA 117 -75.59 37.54 45.21
N LEU IA 118 -74.83 38.18 46.10
CA LEU IA 118 -75.04 37.96 47.54
C LEU IA 118 -76.42 38.42 47.99
N ALA IA 119 -76.95 39.47 47.36
CA ALA IA 119 -78.27 39.97 47.76
C ALA IA 119 -79.41 39.14 47.18
N ASP IA 120 -79.19 38.49 46.04
CA ASP IA 120 -80.25 37.69 45.42
C ASP IA 120 -80.67 36.57 46.36
N THR IA 121 -81.98 36.35 46.47
CA THR IA 121 -82.51 35.41 47.44
C THR IA 121 -82.10 33.97 47.10
N ALA IA 122 -82.12 33.61 45.82
CA ALA IA 122 -81.78 32.24 45.42
C ALA IA 122 -80.34 31.92 45.76
N ILE IA 123 -79.42 32.82 45.42
CA ILE IA 123 -78.01 32.61 45.70
C ILE IA 123 -77.75 32.70 47.21
N LYS IA 124 -78.42 33.61 47.90
CA LYS IA 124 -78.21 33.76 49.33
C LYS IA 124 -78.66 32.51 50.08
N SER IA 125 -79.69 31.83 49.57
CA SER IA 125 -80.12 30.57 50.18
C SER IA 125 -78.98 29.56 50.19
N THR IA 126 -78.19 29.55 49.12
CA THR IA 126 -77.04 28.66 49.01
C THR IA 126 -76.13 28.76 50.22
N ILE IA 127 -75.85 29.98 50.66
CA ILE IA 127 -74.94 30.17 51.78
C ILE IA 127 -75.66 29.99 53.10
N VAL IA 128 -76.78 30.69 53.28
CA VAL IA 128 -77.42 30.77 54.57
C VAL IA 128 -77.95 29.40 55.00
N ASN IA 129 -78.64 28.71 54.09
CA ASN IA 129 -79.33 27.47 54.40
C ASN IA 129 -78.53 26.24 53.98
N VAL IA 130 -77.29 26.44 53.51
CA VAL IA 130 -76.41 25.40 52.97
C VAL IA 130 -77.20 24.39 52.15
N GLU IA 131 -77.92 24.90 51.14
CA GLU IA 131 -78.65 24.08 50.19
C GLU IA 131 -77.91 24.06 48.85
N HIS IA 132 -77.84 22.88 48.23
CA HIS IA 132 -77.33 22.73 46.86
C HIS IA 132 -78.31 23.31 45.84
N PHE IA 133 -77.77 23.71 44.70
CA PHE IA 133 -78.65 24.01 43.56
C PHE IA 133 -79.16 22.70 42.96
N TYR IA 134 -80.44 22.67 42.63
CA TYR IA 134 -81.07 21.47 42.08
C TYR IA 134 -82.13 21.75 41.01
N PRO JA 1 -42.09 61.01 59.89
CA PRO JA 1 -42.92 61.22 58.71
C PRO JA 1 -43.98 60.15 58.59
N ALA JA 2 -45.17 60.43 59.09
CA ALA JA 2 -46.28 59.52 58.90
C ALA JA 2 -46.64 59.44 57.42
N LEU JA 3 -47.12 58.27 57.01
CA LEU JA 3 -47.48 58.05 55.61
C LEU JA 3 -48.70 58.89 55.25
N LYS JA 4 -48.57 59.73 54.23
CA LYS JA 4 -49.56 60.73 53.85
C LYS JA 4 -49.42 60.95 52.35
N PRO JA 5 -50.52 61.20 51.63
CA PRO JA 5 -50.39 61.63 50.24
C PRO JA 5 -49.62 62.94 50.18
N ILE JA 6 -48.59 62.98 49.35
CA ILE JA 6 -47.75 64.15 49.26
C ILE JA 6 -47.92 64.76 47.88
N THR JA 7 -48.02 66.08 47.84
CA THR JA 7 -48.22 66.81 46.60
C THR JA 7 -46.88 67.38 46.15
N LEU JA 8 -46.53 67.12 44.89
CA LEU JA 8 -45.28 67.59 44.29
C LEU JA 8 -45.61 68.41 43.06
N THR JA 9 -44.82 69.45 42.81
CA THR JA 9 -45.06 70.35 41.69
C THR JA 9 -44.24 69.92 40.48
N ASP JA 10 -44.87 69.91 39.30
CA ASP JA 10 -44.20 69.47 38.08
C ASP JA 10 -43.52 70.66 37.40
N HIS JA 11 -43.22 70.52 36.11
CA HIS JA 11 -42.51 71.59 35.43
C HIS JA 11 -43.37 72.85 35.29
N SER JA 12 -44.65 72.68 35.02
CA SER JA 12 -45.56 73.81 34.88
C SER JA 12 -46.00 74.39 36.23
N SER JA 13 -45.42 73.90 37.33
CA SER JA 13 -45.76 74.23 38.72
C SER JA 13 -47.14 73.69 39.12
N ALA JA 14 -47.81 72.95 38.26
CA ALA JA 14 -49.07 72.31 38.63
C ALA JA 14 -48.83 71.24 39.68
N ASP JA 15 -49.81 71.06 40.56
CA ASP JA 15 -49.69 70.06 41.60
C ASP JA 15 -49.89 68.65 41.03
N VAL JA 16 -49.25 67.68 41.67
CA VAL JA 16 -49.28 66.28 41.30
C VAL JA 16 -49.33 65.49 42.59
N ILE JA 17 -50.45 64.84 42.87
CA ILE JA 17 -50.69 64.20 44.15
C ILE JA 17 -50.25 62.75 44.07
N PHE JA 18 -49.31 62.36 44.93
CA PHE JA 18 -48.87 60.98 45.05
C PHE JA 18 -49.52 60.37 46.27
N THR JA 19 -50.36 59.36 46.04
CA THR JA 19 -51.00 58.64 47.13
C THR JA 19 -50.11 57.49 47.60
N PRO JA 20 -50.06 57.24 48.90
CA PRO JA 20 -49.23 56.14 49.39
C PRO JA 20 -49.76 54.79 48.90
N THR JA 21 -48.86 53.98 48.38
CA THR JA 21 -49.20 52.67 47.85
C THR JA 21 -48.92 51.54 48.85
N GLN JA 22 -47.69 51.47 49.37
CA GLN JA 22 -47.28 50.25 50.04
C GLN JA 22 -46.02 50.53 50.85
N ILE JA 23 -45.87 49.81 51.95
CA ILE JA 23 -44.64 49.81 52.73
C ILE JA 23 -44.00 48.42 52.57
N ASP JA 24 -42.80 48.40 51.99
CA ASP JA 24 -42.17 47.17 51.54
C ASP JA 24 -41.77 46.30 52.72
N LYS JA 25 -41.37 45.06 52.41
CA LYS JA 25 -40.79 44.19 53.42
C LYS JA 25 -39.42 44.68 53.86
N ASN JA 26 -38.73 45.42 53.01
CA ASN JA 26 -37.41 45.94 53.30
C ASN JA 26 -37.44 47.34 53.89
N GLY JA 27 -38.64 47.92 54.05
CA GLY JA 27 -38.78 49.26 54.56
C GLY JA 27 -39.06 50.30 53.51
N VAL JA 28 -39.10 49.91 52.24
CA VAL JA 28 -39.34 50.87 51.15
C VAL JA 28 -40.79 51.32 51.19
N ALA JA 29 -41.00 52.63 51.11
CA ALA JA 29 -42.32 53.22 51.07
C ALA JA 29 -42.55 53.79 49.67
N TYR JA 30 -43.68 53.43 49.07
CA TYR JA 30 -43.99 53.78 47.69
C TYR JA 30 -45.17 54.74 47.63
N PHE JA 31 -45.02 55.84 46.89
CA PHE JA 31 -46.10 56.74 46.57
C PHE JA 31 -46.30 56.74 45.06
N ARG JA 32 -47.55 56.63 44.62
CA ARG JA 32 -47.83 56.52 43.20
C ARG JA 32 -48.81 57.60 42.75
N HIS JA 33 -48.69 57.95 41.47
CA HIS JA 33 -49.62 58.81 40.76
C HIS JA 33 -49.90 58.15 39.42
N LEU JA 34 -51.16 57.81 39.17
CA LEU JA 34 -51.50 57.02 38.00
C LEU JA 34 -51.36 57.84 36.72
N GLN JA 35 -51.29 57.13 35.59
CA GLN JA 35 -51.11 57.76 34.30
C GLN JA 35 -52.41 58.43 33.85
N ALA JA 36 -52.37 59.01 32.65
CA ALA JA 36 -53.55 59.64 32.08
C ALA JA 36 -54.71 58.65 32.01
N ASN JA 37 -54.47 57.48 31.41
CA ASN JA 37 -55.48 56.43 31.42
C ASN JA 37 -55.63 55.86 32.82
N GLY JA 38 -56.86 55.45 33.15
CA GLY JA 38 -57.13 54.88 34.44
C GLY JA 38 -56.43 53.56 34.71
N LYS JA 39 -55.74 53.03 33.71
CA LYS JA 39 -55.12 51.71 33.82
C LYS JA 39 -53.83 51.80 34.64
N PRO JA 40 -53.71 51.08 35.75
CA PRO JA 40 -52.53 51.15 36.62
C PRO JA 40 -51.44 50.17 36.20
N ILE JA 41 -50.83 50.44 35.05
CA ILE JA 41 -49.75 49.61 34.54
C ILE JA 41 -48.40 50.32 34.71
N GLY JA 42 -48.25 51.49 34.11
CA GLY JA 42 -47.12 52.35 34.36
C GLY JA 42 -47.61 53.56 35.13
N ALA JA 43 -46.87 53.93 36.16
CA ALA JA 43 -47.34 54.97 37.05
C ALA JA 43 -46.14 55.71 37.61
N TYR JA 44 -46.31 57.01 37.81
CA TYR JA 44 -45.25 57.80 38.42
C TYR JA 44 -45.07 57.38 39.87
N THR JA 45 -43.83 57.14 40.27
CA THR JA 45 -43.58 56.58 41.60
C THR JA 45 -42.49 57.36 42.33
N VAL JA 46 -42.60 57.35 43.65
CA VAL JA 46 -41.61 57.94 44.54
C VAL JA 46 -41.35 56.94 45.65
N SER JA 47 -40.12 56.44 45.74
CA SER JA 47 -39.71 55.46 46.72
C SER JA 47 -38.83 56.12 47.77
N SER JA 48 -39.08 55.81 49.04
CA SER JA 48 -38.26 56.31 50.13
C SER JA 48 -37.88 55.17 51.06
N HIS JA 49 -36.59 55.03 51.33
CA HIS JA 49 -36.12 53.98 52.22
C HIS JA 49 -34.90 54.45 52.97
N VAL JA 50 -34.94 54.34 54.30
CA VAL JA 50 -33.78 54.65 55.13
C VAL JA 50 -33.24 53.36 55.71
N LYS JA 51 -31.92 53.21 55.67
CA LYS JA 51 -31.22 52.04 56.16
C LYS JA 51 -30.38 52.46 57.36
N GLU JA 52 -30.75 51.91 58.53
CA GLU JA 52 -30.02 52.13 59.76
C GLU JA 52 -28.60 51.57 59.62
N PRO JA 53 -27.69 51.95 60.52
CA PRO JA 53 -26.33 51.43 60.45
C PRO JA 53 -26.14 50.12 61.21
N GLY JA 54 -25.30 49.27 60.68
CA GLY JA 54 -25.02 47.97 61.28
C GLY JA 54 -23.69 47.97 62.02
N THR JA 55 -23.73 47.51 63.26
CA THR JA 55 -22.52 47.47 64.11
C THR JA 55 -21.94 48.86 64.27
N ASN JA 56 -22.82 49.85 64.46
CA ASN JA 56 -22.45 51.24 64.67
C ASN JA 56 -21.52 51.75 63.56
N GLY JA 57 -21.64 51.17 62.37
CA GLY JA 57 -21.02 51.80 61.21
C GLY JA 57 -21.58 53.20 61.03
N ASP JA 58 -20.68 54.16 60.83
CA ASP JA 58 -21.07 55.56 60.88
C ASP JA 58 -22.21 55.92 59.93
N VAL JA 59 -22.43 55.12 58.89
CA VAL JA 59 -23.27 55.52 57.77
C VAL JA 59 -24.75 55.19 58.01
N PHE JA 60 -25.60 56.15 57.70
CA PHE JA 60 -27.02 55.97 57.46
C PHE JA 60 -27.23 56.09 55.96
N ARG JA 61 -27.97 55.15 55.37
CA ARG JA 61 -28.16 55.16 53.91
C ARG JA 61 -29.61 55.47 53.60
N VAL JA 62 -29.89 56.71 53.24
CA VAL JA 62 -31.26 57.17 53.04
C VAL JA 62 -31.46 57.46 51.56
N LYS JA 63 -32.45 56.81 50.95
CA LYS JA 63 -32.57 56.77 49.50
C LYS JA 63 -33.94 57.28 49.08
N LEU JA 64 -33.95 58.05 47.99
CA LEU JA 64 -35.13 58.65 47.40
C LEU JA 64 -35.10 58.42 45.90
N PHE JA 65 -36.16 57.79 45.38
CA PHE JA 65 -36.27 57.47 43.97
C PHE JA 65 -37.51 58.14 43.40
N VAL JA 66 -37.38 58.71 42.20
CA VAL JA 66 -38.48 59.32 41.48
C VAL JA 66 -38.49 58.76 40.07
N ASN JA 67 -39.46 57.92 39.77
CA ASN JA 67 -39.55 57.23 38.49
C ASN JA 67 -40.73 57.79 37.70
N VAL JA 68 -40.43 58.28 36.49
CA VAL JA 68 -41.41 58.86 35.59
C VAL JA 68 -41.49 57.97 34.35
N PRO JA 69 -42.48 57.08 34.28
CA PRO JA 69 -42.64 56.25 33.08
C PRO JA 69 -43.47 56.93 32.00
N GLU JA 70 -43.04 56.74 30.75
CA GLU JA 70 -43.80 57.10 29.57
C GLU JA 70 -44.39 55.81 28.99
N VAL JA 71 -45.72 55.81 28.83
CA VAL JA 71 -46.51 54.64 28.50
C VAL JA 71 -47.01 54.77 27.05
N ALA JA 72 -47.32 53.62 26.45
CA ALA JA 72 -47.83 53.56 25.08
C ALA JA 72 -49.03 52.62 25.03
N THR JA 73 -50.12 53.09 24.44
CA THR JA 73 -51.31 52.29 24.24
C THR JA 73 -51.26 51.66 22.86
N ILE JA 74 -51.00 50.36 22.81
CA ILE JA 74 -50.84 49.63 21.54
C ILE JA 74 -52.07 48.76 21.32
N THR JA 75 -52.71 48.93 20.18
CA THR JA 75 -53.81 48.06 19.79
C THR JA 75 -53.39 47.27 18.55
N PRO JA 76 -53.34 45.94 18.61
CA PRO JA 76 -52.82 45.16 17.48
C PRO JA 76 -53.70 45.27 16.24
N ASN JA 77 -53.26 44.65 15.15
CA ASN JA 77 -53.95 44.78 13.87
C ASN JA 77 -55.25 43.99 13.88
N GLY JA 78 -56.35 44.65 13.50
CA GLY JA 78 -57.64 43.99 13.39
C GLY JA 78 -58.17 43.43 14.69
N SER JA 79 -57.83 44.06 15.82
CA SER JA 79 -58.24 43.58 17.13
C SER JA 79 -59.13 44.60 17.80
N ASP JA 80 -60.19 44.11 18.47
CA ASP JA 80 -61.13 45.00 19.13
C ASP JA 80 -60.47 45.78 20.25
N THR JA 81 -59.63 45.12 21.05
CA THR JA 81 -59.18 45.65 22.32
C THR JA 81 -57.72 46.09 22.26
N SER JA 82 -57.43 47.20 22.93
CA SER JA 82 -56.08 47.73 23.06
C SER JA 82 -55.49 47.36 24.40
N SER JA 83 -54.18 47.17 24.43
CA SER JA 83 -53.48 46.92 25.68
C SER JA 83 -52.40 47.99 25.86
N VAL JA 84 -52.04 48.24 27.09
CA VAL JA 84 -51.08 49.29 27.43
C VAL JA 84 -49.75 48.65 27.76
N GLU JA 85 -48.67 49.40 27.52
CA GLU JA 85 -47.32 48.88 27.60
C GLU JA 85 -46.38 49.98 28.07
N ILE JA 86 -45.36 49.60 28.85
CA ILE JA 86 -44.41 50.57 29.38
C ILE JA 86 -43.38 50.86 28.29
N ALA JA 87 -43.45 52.06 27.71
CA ALA JA 87 -42.58 52.41 26.60
C ALA JA 87 -41.15 52.68 27.07
N ARG JA 88 -40.98 53.63 28.00
CA ARG JA 88 -39.67 53.86 28.57
C ARG JA 88 -39.86 54.57 29.90
N THR JA 89 -38.76 54.77 30.62
CA THR JA 89 -38.84 55.39 31.94
C THR JA 89 -37.66 56.34 32.13
N ASN JA 90 -37.95 57.56 32.58
CA ASN JA 90 -36.93 58.44 33.12
C ASN JA 90 -36.85 58.23 34.63
N ARG JA 91 -35.64 58.21 35.17
CA ARG JA 91 -35.49 57.96 36.60
C ARG JA 91 -34.52 58.93 37.22
N ALA JA 92 -34.80 59.29 38.47
CA ALA JA 92 -33.86 60.02 39.31
C ALA JA 92 -33.67 59.20 40.58
N GLN JA 93 -32.41 58.94 40.93
CA GLN JA 93 -32.09 58.08 42.06
C GLN JA 93 -31.10 58.80 42.96
N VAL JA 94 -31.48 59.03 44.21
CA VAL JA 94 -30.69 59.81 45.15
C VAL JA 94 -30.37 58.95 46.36
N GLU JA 95 -29.10 58.91 46.73
CA GLU JA 95 -28.65 58.24 47.94
C GLU JA 95 -27.87 59.25 48.77
N PHE JA 96 -28.35 59.53 49.98
CA PHE JA 96 -27.61 60.30 50.96
C PHE JA 96 -26.92 59.34 51.91
N ILE JA 97 -25.62 59.53 52.09
CA ILE JA 97 -24.82 58.83 53.08
C ILE JA 97 -24.57 59.80 54.21
N LEU JA 98 -25.15 59.53 55.37
CA LEU JA 98 -25.12 60.47 56.49
C LEU JA 98 -24.42 59.84 57.68
N PRO JA 99 -23.27 60.37 58.12
CA PRO JA 99 -22.62 59.79 59.31
C PRO JA 99 -23.47 59.94 60.56
N ALA JA 100 -23.41 58.93 61.41
CA ALA JA 100 -24.26 58.85 62.60
C ALA JA 100 -23.86 59.83 63.69
N GLN JA 101 -22.83 60.65 63.46
CA GLN JA 101 -22.39 61.59 64.47
C GLN JA 101 -22.51 63.06 64.06
N SER JA 102 -22.80 63.35 62.80
CA SER JA 102 -23.09 64.73 62.44
C SER JA 102 -24.47 65.12 62.93
N ALA JA 103 -24.60 66.33 63.46
CA ALA JA 103 -25.88 66.81 63.94
C ALA JA 103 -26.78 67.22 62.77
N ALA JA 104 -28.05 67.45 63.08
CA ALA JA 104 -29.04 67.70 62.04
C ALA JA 104 -28.71 68.92 61.18
N THR JA 105 -27.93 69.87 61.70
CA THR JA 105 -27.58 71.07 60.94
C THR JA 105 -26.89 70.70 59.63
N VAL JA 106 -25.95 69.76 59.71
CA VAL JA 106 -25.18 69.35 58.55
C VAL JA 106 -26.10 68.75 57.50
N ARG JA 107 -27.01 67.87 57.92
CA ARG JA 107 -27.90 67.25 56.95
C ARG JA 107 -28.86 68.27 56.35
N GLU JA 108 -29.31 69.24 57.15
CA GLU JA 108 -30.19 70.28 56.64
C GLU JA 108 -29.52 71.08 55.54
N ASP JA 109 -28.30 71.56 55.79
CA ASP JA 109 -27.70 72.37 54.73
C ASP JA 109 -27.15 71.52 53.58
N LEU JA 110 -26.94 70.21 53.79
CA LEU JA 110 -26.66 69.34 52.64
C LEU JA 110 -27.87 69.25 51.71
N VAL JA 111 -29.05 69.00 52.28
CA VAL JA 111 -30.26 68.96 51.48
C VAL JA 111 -30.48 70.29 50.77
N ALA JA 112 -30.25 71.41 51.48
CA ALA JA 112 -30.43 72.71 50.86
C ALA JA 112 -29.45 72.92 49.71
N LEU JA 113 -28.21 72.47 49.87
CA LEU JA 113 -27.23 72.56 48.79
C LEU JA 113 -27.68 71.75 47.59
N LEU JA 114 -28.20 70.55 47.81
CA LEU JA 114 -28.65 69.72 46.69
C LEU JA 114 -29.82 70.36 45.96
N ALA JA 115 -30.81 70.88 46.71
CA ALA JA 115 -31.95 71.51 46.07
C ALA JA 115 -31.55 72.76 45.30
N SER JA 116 -30.66 73.58 45.87
CA SER JA 116 -30.18 74.77 45.16
C SER JA 116 -29.36 74.39 43.94
N ALA JA 117 -28.64 73.27 43.99
CA ALA JA 117 -27.92 72.80 42.81
C ALA JA 117 -28.89 72.39 41.72
N LEU JA 118 -29.98 71.71 42.10
CA LEU JA 118 -31.01 71.38 41.12
C LEU JA 118 -31.67 72.63 40.55
N ALA JA 119 -31.77 73.69 41.34
CA ALA JA 119 -32.40 74.92 40.87
C ALA JA 119 -31.47 75.75 39.98
N ASP JA 120 -30.15 75.71 40.22
CA ASP JA 120 -29.23 76.49 39.42
C ASP JA 120 -29.37 76.14 37.95
N THR JA 121 -29.32 77.15 37.09
CA THR JA 121 -29.56 76.95 35.67
C THR JA 121 -28.44 76.16 35.01
N ALA JA 122 -27.19 76.45 35.39
CA ALA JA 122 -26.06 75.74 34.79
C ALA JA 122 -26.10 74.26 35.14
N ILE JA 123 -26.30 73.94 36.42
CA ILE JA 123 -26.42 72.55 36.83
C ILE JA 123 -27.68 71.92 36.24
N LYS JA 124 -28.73 72.71 36.06
CA LYS JA 124 -29.99 72.16 35.56
C LYS JA 124 -29.86 71.72 34.12
N SER JA 125 -29.24 72.54 33.27
CA SER JA 125 -29.07 72.18 31.87
C SER JA 125 -28.30 70.88 31.72
N THR JA 126 -27.40 70.59 32.66
CA THR JA 126 -26.73 69.30 32.69
C THR JA 126 -27.73 68.15 32.61
N ILE JA 127 -28.76 68.21 33.44
CA ILE JA 127 -29.76 67.14 33.48
C ILE JA 127 -30.73 67.29 32.32
N VAL JA 128 -31.36 68.45 32.24
CA VAL JA 128 -32.50 68.65 31.34
C VAL JA 128 -32.05 68.57 29.89
N ASN JA 129 -30.93 69.21 29.54
CA ASN JA 129 -30.51 69.41 28.17
C ASN JA 129 -29.43 68.42 27.74
N VAL JA 130 -28.93 67.60 28.65
CA VAL JA 130 -27.93 66.57 28.34
C VAL JA 130 -26.73 67.23 27.67
N GLU JA 131 -26.25 68.29 28.30
CA GLU JA 131 -25.06 68.99 27.91
C GLU JA 131 -23.98 68.72 28.95
N HIS JA 132 -22.76 68.51 28.47
CA HIS JA 132 -21.59 68.39 29.35
C HIS JA 132 -21.19 69.77 29.87
N PHE JA 133 -20.54 69.76 31.03
CA PHE JA 133 -19.87 70.96 31.51
C PHE JA 133 -18.57 71.19 30.73
N TYR JA 134 -18.28 72.45 30.45
CA TYR JA 134 -17.07 72.80 29.69
C TYR JA 134 -16.55 74.20 30.02
N PRO KA 1 -78.61 -121.11 5.82
CA PRO KA 1 -79.19 -121.43 4.51
C PRO KA 1 -78.13 -121.91 3.55
N ALA KA 2 -78.24 -123.20 3.17
CA ALA KA 2 -77.37 -123.77 2.16
C ALA KA 2 -77.39 -122.93 0.89
N LEU KA 3 -76.21 -122.55 0.43
CA LEU KA 3 -76.07 -121.69 -0.74
C LEU KA 3 -76.77 -122.32 -1.93
N LYS KA 4 -77.76 -121.62 -2.46
CA LYS KA 4 -78.60 -122.10 -3.56
C LYS KA 4 -78.94 -120.93 -4.44
N PRO KA 5 -79.02 -121.13 -5.76
CA PRO KA 5 -79.46 -120.05 -6.64
C PRO KA 5 -80.88 -119.65 -6.28
N ILE KA 6 -81.11 -118.34 -6.19
CA ILE KA 6 -82.39 -117.85 -5.73
C ILE KA 6 -83.02 -117.04 -6.84
N THR KA 7 -84.35 -117.06 -6.89
CA THR KA 7 -85.10 -116.38 -7.93
C THR KA 7 -85.83 -115.17 -7.33
N LEU KA 8 -85.63 -114.00 -7.92
CA LEU KA 8 -86.23 -112.76 -7.47
C LEU KA 8 -87.01 -112.12 -8.61
N THR KA 9 -88.07 -111.39 -8.27
CA THR KA 9 -88.92 -110.76 -9.28
C THR KA 9 -88.49 -109.32 -9.56
N ASP KA 10 -88.45 -108.95 -10.84
CA ASP KA 10 -88.09 -107.60 -11.25
C ASP KA 10 -89.32 -106.71 -11.24
N HIS KA 11 -89.25 -105.59 -11.96
CA HIS KA 11 -90.39 -104.67 -11.92
C HIS KA 11 -91.61 -105.27 -12.59
N SER KA 12 -91.42 -105.98 -13.69
CA SER KA 12 -92.51 -106.62 -14.42
C SER KA 12 -92.96 -107.93 -13.78
N SER KA 13 -92.52 -108.20 -12.55
CA SER KA 13 -92.77 -109.42 -11.80
C SER KA 13 -92.27 -110.67 -12.52
N ALA KA 14 -91.44 -110.51 -13.55
CA ALA KA 14 -90.80 -111.64 -14.19
C ALA KA 14 -89.71 -112.21 -13.28
N ASP KA 15 -89.35 -113.47 -13.52
CA ASP KA 15 -88.34 -114.12 -12.70
C ASP KA 15 -86.95 -113.68 -13.15
N VAL KA 16 -86.04 -113.62 -12.18
CA VAL KA 16 -84.64 -113.24 -12.38
C VAL KA 16 -83.82 -114.15 -11.48
N ILE KA 17 -83.03 -115.02 -12.07
CA ILE KA 17 -82.34 -116.09 -11.35
C ILE KA 17 -80.92 -115.64 -11.04
N PHE KA 18 -80.60 -115.54 -9.76
CA PHE KA 18 -79.25 -115.24 -9.28
C PHE KA 18 -78.57 -116.53 -8.89
N THR KA 19 -77.47 -116.86 -9.58
CA THR KA 19 -76.69 -118.04 -9.24
C THR KA 19 -75.60 -117.69 -8.25
N PRO KA 20 -75.30 -118.56 -7.30
CA PRO KA 20 -74.20 -118.28 -6.37
C PRO KA 20 -72.88 -118.25 -7.10
N THR KA 21 -72.06 -117.24 -6.77
CA THR KA 21 -70.75 -117.05 -7.36
C THR KA 21 -69.63 -117.41 -6.41
N GLN KA 22 -69.67 -116.91 -5.17
CA GLN KA 22 -68.50 -116.97 -4.31
C GLN KA 22 -68.93 -116.78 -2.85
N ILE KA 23 -68.18 -117.42 -1.96
CA ILE KA 23 -68.26 -117.13 -0.54
C ILE KA 23 -66.91 -116.50 -0.15
N ASP KA 24 -66.98 -115.29 0.40
CA ASP KA 24 -65.80 -114.46 0.55
C ASP KA 24 -64.93 -114.94 1.71
N LYS KA 25 -63.73 -114.33 1.81
CA LYS KA 25 -62.88 -114.59 2.97
C LYS KA 25 -63.51 -114.05 4.24
N ASN KA 26 -64.31 -112.98 4.14
CA ASN KA 26 -64.92 -112.33 5.27
C ASN KA 26 -66.29 -112.90 5.60
N GLY KA 27 -66.76 -113.90 4.86
CA GLY KA 27 -68.07 -114.46 5.05
C GLY KA 27 -69.13 -113.90 4.13
N VAL KA 28 -68.74 -113.06 3.16
CA VAL KA 28 -69.70 -112.47 2.23
C VAL KA 28 -70.05 -113.50 1.16
N ALA KA 29 -71.35 -113.68 0.92
CA ALA KA 29 -71.84 -114.59 -0.10
C ALA KA 29 -72.43 -113.76 -1.24
N TYR KA 30 -72.02 -114.09 -2.47
CA TYR KA 30 -72.39 -113.31 -3.65
C TYR KA 30 -73.22 -114.14 -4.61
N PHE KA 31 -74.38 -113.61 -5.00
CA PHE KA 31 -75.18 -114.16 -6.09
C PHE KA 31 -75.15 -113.20 -7.27
N ARG KA 32 -74.96 -113.74 -8.47
CA ARG KA 32 -74.86 -112.90 -9.65
C ARG KA 32 -75.88 -113.33 -10.70
N HIS KA 33 -76.28 -112.34 -11.50
CA HIS KA 33 -77.11 -112.52 -12.68
C HIS KA 33 -76.47 -111.69 -13.79
N LEU KA 34 -76.05 -112.36 -14.86
CA LEU KA 34 -75.29 -111.70 -15.92
C LEU KA 34 -76.17 -110.72 -16.68
N GLN KA 35 -75.52 -109.79 -17.40
CA GLN KA 35 -76.24 -108.81 -18.19
C GLN KA 35 -76.83 -109.45 -19.44
N ALA KA 36 -77.44 -108.59 -20.28
CA ALA KA 36 -77.96 -109.04 -21.56
C ALA KA 36 -76.89 -109.74 -22.39
N ASN KA 37 -75.75 -109.09 -22.57
CA ASN KA 37 -74.62 -109.73 -23.23
C ASN KA 37 -74.08 -110.86 -22.36
N GLY KA 38 -73.50 -111.86 -23.02
CA GLY KA 38 -72.95 -113.00 -22.30
C GLY KA 38 -71.72 -112.66 -21.50
N LYS KA 39 -71.25 -111.43 -21.64
CA LYS KA 39 -70.04 -110.94 -21.00
C LYS KA 39 -70.33 -110.59 -19.53
N PRO KA 40 -69.45 -110.99 -18.61
CA PRO KA 40 -69.72 -110.83 -17.18
C PRO KA 40 -69.21 -109.54 -16.55
N ILE KA 41 -68.78 -108.55 -17.34
CA ILE KA 41 -68.03 -107.43 -16.78
C ILE KA 41 -68.88 -106.61 -15.82
N GLY KA 42 -70.14 -106.35 -16.18
CA GLY KA 42 -71.07 -105.75 -15.25
C GLY KA 42 -72.21 -106.73 -15.05
N ALA KA 43 -72.64 -106.93 -13.80
CA ALA KA 43 -73.67 -107.91 -13.56
C ALA KA 43 -74.45 -107.56 -12.30
N TYR KA 44 -75.73 -107.94 -12.29
CA TYR KA 44 -76.56 -107.74 -11.12
C TYR KA 44 -76.07 -108.63 -9.99
N THR KA 45 -75.95 -108.07 -8.79
CA THR KA 45 -75.38 -108.81 -7.68
C THR KA 45 -76.22 -108.67 -6.41
N VAL KA 46 -76.19 -109.71 -5.59
CA VAL KA 46 -76.81 -109.72 -4.28
C VAL KA 46 -75.78 -110.27 -3.30
N SER KA 47 -75.41 -109.45 -2.32
CA SER KA 47 -74.41 -109.79 -1.31
C SER KA 47 -75.09 -109.99 0.03
N SER KA 48 -74.71 -111.05 0.74
CA SER KA 48 -75.24 -111.32 2.06
C SER KA 48 -74.10 -111.65 3.01
N HIS KA 49 -73.99 -110.89 4.09
CA HIS KA 49 -72.97 -111.17 5.10
C HIS KA 49 -73.53 -110.86 6.47
N VAL KA 50 -73.43 -111.81 7.39
CA VAL KA 50 -73.87 -111.60 8.76
C VAL KA 50 -72.65 -111.67 9.67
N LYS KA 51 -72.50 -110.67 10.53
CA LYS KA 51 -71.37 -110.52 11.43
C LYS KA 51 -71.86 -110.81 12.85
N GLU KA 52 -71.37 -111.92 13.40
CA GLU KA 52 -71.74 -112.29 14.76
C GLU KA 52 -71.07 -111.34 15.76
N PRO KA 53 -71.64 -111.21 16.95
CA PRO KA 53 -71.08 -110.27 17.93
C PRO KA 53 -69.84 -110.84 18.63
N GLY KA 54 -69.06 -109.94 19.19
CA GLY KA 54 -67.85 -110.30 19.91
C GLY KA 54 -67.81 -109.71 21.29
N THR KA 55 -67.16 -110.44 22.20
CA THR KA 55 -67.11 -110.06 23.62
C THR KA 55 -68.53 -109.85 24.16
N ASN KA 56 -69.35 -110.88 23.98
CA ASN KA 56 -70.78 -110.83 24.32
C ASN KA 56 -71.43 -109.56 23.77
N GLY KA 57 -71.02 -109.16 22.56
CA GLY KA 57 -71.60 -108.00 21.94
C GLY KA 57 -73.10 -108.16 21.80
N ASP KA 58 -73.83 -107.09 22.08
CA ASP KA 58 -75.28 -107.17 22.05
C ASP KA 58 -75.80 -107.42 20.63
N VAL KA 59 -75.01 -107.15 19.60
CA VAL KA 59 -75.52 -106.90 18.26
C VAL KA 59 -74.95 -107.91 17.26
N PHE KA 60 -75.85 -108.59 16.55
CA PHE KA 60 -75.58 -109.13 15.23
C PHE KA 60 -75.72 -108.00 14.20
N ARG KA 61 -74.85 -108.00 13.19
CA ARG KA 61 -74.95 -107.03 12.09
C ARG KA 61 -75.09 -107.79 10.78
N VAL KA 62 -76.30 -107.80 10.23
CA VAL KA 62 -76.63 -108.63 9.07
C VAL KA 62 -76.89 -107.71 7.88
N LYS KA 63 -76.16 -107.92 6.79
CA LYS KA 63 -76.12 -106.98 5.68
C LYS KA 63 -76.54 -107.65 4.39
N LEU KA 64 -77.38 -106.94 3.64
CA LEU KA 64 -77.92 -107.37 2.35
C LEU KA 64 -77.71 -106.25 1.34
N PHE KA 65 -77.03 -106.57 0.24
CA PHE KA 65 -76.73 -105.61 -0.80
C PHE KA 65 -77.33 -106.07 -2.12
N VAL KA 66 -77.93 -105.14 -2.85
CA VAL KA 66 -78.52 -105.40 -4.16
C VAL KA 66 -77.98 -104.35 -5.12
N ASN KA 67 -77.10 -104.77 -6.02
CA ASN KA 67 -76.44 -103.87 -6.95
C ASN KA 67 -76.94 -104.12 -8.37
N VAL KA 68 -77.41 -103.07 -9.01
CA VAL KA 68 -77.97 -103.10 -10.35
C VAL KA 68 -77.14 -102.17 -11.23
N PRO KA 69 -76.18 -102.71 -11.99
CA PRO KA 69 -75.43 -101.87 -12.93
C PRO KA 69 -76.12 -101.73 -14.28
N GLU KA 70 -75.98 -100.55 -14.86
CA GLU KA 70 -76.24 -100.28 -16.27
C GLU KA 70 -74.88 -100.24 -16.98
N VAL KA 71 -74.70 -101.15 -17.93
CA VAL KA 71 -73.47 -101.23 -18.71
C VAL KA 71 -73.72 -100.57 -20.07
N ALA KA 72 -72.63 -100.14 -20.70
CA ALA KA 72 -72.69 -99.53 -22.03
C ALA KA 72 -71.68 -100.21 -22.92
N THR KA 73 -72.08 -100.44 -24.17
CA THR KA 73 -71.24 -101.10 -25.15
C THR KA 73 -70.52 -100.04 -25.98
N ILE KA 74 -69.23 -99.89 -25.75
CA ILE KA 74 -68.41 -98.91 -26.44
C ILE KA 74 -67.67 -99.62 -27.57
N THR KA 75 -67.85 -99.14 -28.80
CA THR KA 75 -67.13 -99.69 -29.94
C THR KA 75 -66.39 -98.55 -30.62
N PRO KA 76 -65.06 -98.60 -30.70
CA PRO KA 76 -64.32 -97.47 -31.26
C PRO KA 76 -64.65 -97.24 -32.73
N ASN KA 77 -64.26 -96.06 -33.23
CA ASN KA 77 -64.68 -95.61 -34.55
C ASN KA 77 -64.14 -96.54 -35.63
N GLY KA 78 -65.05 -97.14 -36.39
CA GLY KA 78 -64.69 -98.02 -37.48
C GLY KA 78 -64.02 -99.31 -37.06
N SER KA 79 -64.45 -99.89 -35.94
CA SER KA 79 -63.83 -101.08 -35.39
C SER KA 79 -64.76 -102.28 -35.52
N ASP KA 80 -64.15 -103.47 -35.62
CA ASP KA 80 -64.92 -104.70 -35.74
C ASP KA 80 -65.57 -105.06 -34.41
N THR KA 81 -64.79 -105.09 -33.34
CA THR KA 81 -65.26 -105.61 -32.06
C THR KA 81 -65.49 -104.48 -31.07
N SER KA 82 -66.44 -104.71 -30.16
CA SER KA 82 -66.82 -103.76 -29.13
C SER KA 82 -66.46 -104.29 -27.75
N SER KA 83 -66.15 -103.37 -26.84
CA SER KA 83 -65.86 -103.71 -25.46
C SER KA 83 -66.94 -103.12 -24.56
N VAL KA 84 -67.19 -103.78 -23.44
CA VAL KA 84 -68.27 -103.38 -22.54
C VAL KA 84 -67.67 -102.66 -21.34
N GLU KA 85 -68.34 -101.58 -20.90
CA GLU KA 85 -67.86 -100.74 -19.81
C GLU KA 85 -69.01 -100.52 -18.83
N ILE KA 86 -68.68 -100.38 -17.55
CA ILE KA 86 -69.71 -100.17 -16.53
C ILE KA 86 -70.08 -98.70 -16.52
N ALA KA 87 -71.27 -98.40 -17.07
CA ALA KA 87 -71.69 -97.00 -17.21
C ALA KA 87 -72.02 -96.39 -15.86
N ARG KA 88 -72.98 -96.96 -15.15
CA ARG KA 88 -73.29 -96.49 -13.80
C ARG KA 88 -73.96 -97.61 -13.05
N THR KA 89 -74.16 -97.42 -11.75
CA THR KA 89 -74.75 -98.46 -10.92
C THR KA 89 -75.75 -97.86 -9.94
N ASN KA 90 -76.94 -98.45 -9.88
CA ASN KA 90 -77.86 -98.21 -8.76
C ASN KA 90 -77.60 -99.26 -7.70
N ARG KA 91 -77.74 -98.87 -6.42
CA ARG KA 91 -77.46 -99.80 -5.34
C ARG KA 91 -78.48 -99.62 -4.23
N ALA KA 92 -78.73 -100.72 -3.51
CA ALA KA 92 -79.50 -100.71 -2.28
C ALA KA 92 -78.74 -101.49 -1.23
N GLN KA 93 -78.53 -100.87 -0.06
CA GLN KA 93 -77.67 -101.44 0.98
C GLN KA 93 -78.42 -101.45 2.29
N VAL KA 94 -78.65 -102.64 2.85
CA VAL KA 94 -79.47 -102.82 4.04
C VAL KA 94 -78.61 -103.42 5.14
N GLU KA 95 -78.58 -102.76 6.28
CA GLU KA 95 -77.93 -103.28 7.49
C GLU KA 95 -79.00 -103.41 8.56
N PHE KA 96 -79.30 -104.64 8.97
CA PHE KA 96 -80.10 -104.87 10.16
C PHE KA 96 -79.16 -105.01 11.34
N ILE KA 97 -79.43 -104.21 12.37
CA ILE KA 97 -78.74 -104.31 13.66
C ILE KA 97 -79.70 -105.06 14.58
N LEU KA 98 -79.42 -106.34 14.81
CA LEU KA 98 -80.32 -107.10 15.64
C LEU KA 98 -79.65 -107.42 16.97
N PRO KA 99 -80.34 -107.31 18.10
CA PRO KA 99 -79.72 -107.75 19.37
C PRO KA 99 -79.81 -109.24 19.58
N ALA KA 100 -78.75 -109.79 20.19
CA ALA KA 100 -78.70 -111.23 20.48
C ALA KA 100 -79.71 -111.64 21.54
N GLN KA 101 -80.35 -110.68 22.21
CA GLN KA 101 -81.26 -110.96 23.31
C GLN KA 101 -82.72 -110.90 22.90
N SER KA 102 -83.01 -110.66 21.63
CA SER KA 102 -84.38 -110.52 21.16
C SER KA 102 -85.00 -111.87 20.84
N ALA KA 103 -86.30 -111.86 20.61
CA ALA KA 103 -87.05 -113.03 20.17
C ALA KA 103 -87.31 -112.94 18.67
N ALA KA 104 -87.36 -114.10 18.02
CA ALA KA 104 -87.51 -114.15 16.57
C ALA KA 104 -88.79 -113.46 16.10
N THR KA 105 -89.81 -113.37 16.95
CA THR KA 105 -91.03 -112.64 16.60
C THR KA 105 -90.69 -111.21 16.21
N VAL KA 106 -89.83 -110.57 17.00
CA VAL KA 106 -89.48 -109.18 16.76
C VAL KA 106 -88.79 -109.02 15.42
N ARG KA 107 -87.82 -109.90 15.13
CA ARG KA 107 -87.14 -109.80 13.83
C ARG KA 107 -88.08 -110.07 12.68
N GLU KA 108 -89.01 -111.02 12.86
CA GLU KA 108 -89.96 -111.31 11.80
C GLU KA 108 -90.80 -110.09 11.47
N ASP KA 109 -91.38 -109.44 12.48
CA ASP KA 109 -92.20 -108.29 12.11
C ASP KA 109 -91.38 -107.03 11.80
N LEU KA 110 -90.11 -106.98 12.19
CA LEU KA 110 -89.26 -105.91 11.67
C LEU KA 110 -89.07 -106.06 10.16
N VAL KA 111 -88.74 -107.27 9.72
CA VAL KA 111 -88.60 -107.51 8.28
C VAL KA 111 -89.91 -107.23 7.57
N ALA KA 112 -91.03 -107.68 8.15
CA ALA KA 112 -92.33 -107.45 7.52
C ALA KA 112 -92.63 -105.96 7.43
N LEU KA 113 -92.29 -105.19 8.47
CA LEU KA 113 -92.49 -103.75 8.42
C LEU KA 113 -91.64 -103.10 7.35
N LEU KA 114 -90.40 -103.55 7.19
CA LEU KA 114 -89.55 -103.00 6.15
C LEU KA 114 -90.11 -103.30 4.76
N ALA KA 115 -90.56 -104.54 4.54
CA ALA KA 115 -91.11 -104.89 3.24
C ALA KA 115 -92.39 -104.12 2.95
N SER KA 116 -93.25 -103.95 3.96
CA SER KA 116 -94.48 -103.18 3.76
C SER KA 116 -94.19 -101.70 3.55
N ALA KA 117 -93.12 -101.19 4.17
CA ALA KA 117 -92.72 -99.81 3.91
C ALA KA 117 -92.24 -99.65 2.47
N LEU KA 118 -91.48 -100.62 1.97
CA LEU KA 118 -91.10 -100.61 0.56
C LEU KA 118 -92.32 -100.69 -0.35
N ALA KA 119 -93.34 -101.44 0.07
CA ALA KA 119 -94.53 -101.58 -0.78
C ALA KA 119 -95.44 -100.36 -0.73
N ASP KA 120 -95.43 -99.61 0.37
CA ASP KA 120 -96.27 -98.43 0.47
C ASP KA 120 -95.90 -97.43 -0.61
N THR KA 121 -96.93 -96.83 -1.23
CA THR KA 121 -96.68 -95.94 -2.36
C THR KA 121 -96.04 -94.64 -1.90
N ALA KA 122 -96.46 -94.11 -0.75
CA ALA KA 122 -95.88 -92.87 -0.25
C ALA KA 122 -94.39 -93.01 0.01
N ILE KA 123 -93.98 -94.14 0.57
CA ILE KA 123 -92.56 -94.39 0.81
C ILE KA 123 -91.86 -94.78 -0.48
N LYS KA 124 -92.56 -95.45 -1.40
CA LYS KA 124 -91.94 -95.89 -2.64
C LYS KA 124 -91.61 -94.71 -3.54
N SER KA 125 -92.41 -93.64 -3.48
CA SER KA 125 -92.08 -92.44 -4.26
C SER KA 125 -90.78 -91.82 -3.77
N THR KA 126 -90.47 -91.97 -2.48
CA THR KA 126 -89.21 -91.51 -1.93
C THR KA 126 -88.03 -92.11 -2.68
N ILE KA 127 -88.05 -93.43 -2.89
CA ILE KA 127 -86.92 -94.09 -3.54
C ILE KA 127 -86.99 -93.90 -5.05
N VAL KA 128 -88.13 -94.28 -5.63
CA VAL KA 128 -88.24 -94.35 -7.08
C VAL KA 128 -88.17 -92.95 -7.69
N ASN KA 129 -88.90 -91.98 -7.12
CA ASN KA 129 -89.12 -90.68 -7.71
C ASN KA 129 -88.33 -89.56 -7.05
N VAL KA 130 -87.61 -89.87 -5.96
CA VAL KA 130 -86.71 -88.93 -5.29
C VAL KA 130 -87.46 -87.66 -4.93
N GLU KA 131 -88.60 -87.85 -4.29
CA GLU KA 131 -89.37 -86.77 -3.70
C GLU KA 131 -89.18 -86.81 -2.19
N HIS KA 132 -88.88 -85.64 -1.62
CA HIS KA 132 -88.79 -85.46 -0.17
C HIS KA 132 -90.17 -85.47 0.47
N PHE KA 133 -90.21 -85.80 1.75
CA PHE KA 133 -91.39 -85.58 2.56
C PHE KA 133 -91.49 -84.11 2.95
N TYR KA 134 -92.72 -83.58 2.94
CA TYR KA 134 -92.95 -82.17 3.25
C TYR KA 134 -94.29 -81.93 3.94
N PRO LA 1 -68.06 -135.14 4.99
CA PRO LA 1 -69.26 -134.73 5.71
C PRO LA 1 -69.74 -133.37 5.27
N ALA LA 2 -70.59 -133.34 4.24
CA ALA LA 2 -71.19 -132.09 3.79
C ALA LA 2 -72.02 -131.50 4.93
N LEU LA 3 -71.95 -130.17 5.03
CA LEU LA 3 -72.64 -129.45 6.10
C LEU LA 3 -74.13 -129.74 6.04
N LYS LA 4 -74.69 -130.24 7.14
CA LYS LA 4 -76.07 -130.70 7.15
C LYS LA 4 -76.52 -130.78 8.60
N PRO LA 5 -77.80 -130.56 8.87
CA PRO LA 5 -78.26 -130.54 10.26
C PRO LA 5 -78.11 -131.92 10.88
N ILE LA 6 -77.75 -131.93 12.15
CA ILE LA 6 -77.50 -133.19 12.84
C ILE LA 6 -78.34 -133.23 14.09
N THR LA 7 -78.78 -134.44 14.47
CA THR LA 7 -79.66 -134.65 15.61
C THR LA 7 -78.88 -135.33 16.73
N LEU LA 8 -79.00 -134.79 17.94
CA LEU LA 8 -78.31 -135.29 19.12
C LEU LA 8 -79.31 -135.47 20.25
N THR LA 9 -79.09 -136.47 21.10
CA THR LA 9 -80.00 -136.77 22.21
C THR LA 9 -79.55 -136.08 23.49
N ASP LA 10 -80.49 -135.42 24.18
CA ASP LA 10 -80.18 -134.74 25.43
C ASP LA 10 -80.23 -135.74 26.58
N HIS LA 11 -80.25 -135.24 27.81
CA HIS LA 11 -80.25 -136.15 28.96
C HIS LA 11 -81.52 -136.99 29.03
N SER LA 12 -82.64 -136.44 28.60
CA SER LA 12 -83.89 -137.16 28.59
C SER LA 12 -84.06 -138.07 27.38
N SER LA 13 -82.99 -138.23 26.58
CA SER LA 13 -82.97 -138.94 25.32
C SER LA 13 -83.87 -138.30 24.27
N ALA LA 14 -84.37 -137.10 24.51
CA ALA LA 14 -85.17 -136.40 23.51
C ALA LA 14 -84.29 -135.87 22.40
N ASP LA 15 -84.77 -135.97 21.17
CA ASP LA 15 -83.99 -135.50 20.03
C ASP LA 15 -83.85 -133.98 20.07
N VAL LA 16 -82.71 -133.50 19.58
CA VAL LA 16 -82.34 -132.09 19.60
C VAL LA 16 -81.64 -131.82 18.27
N ILE LA 17 -82.26 -131.01 17.42
CA ILE LA 17 -81.83 -130.86 16.04
C ILE LA 17 -81.01 -129.58 15.92
N PHE LA 18 -79.72 -129.72 15.65
CA PHE LA 18 -78.83 -128.60 15.39
C PHE LA 18 -78.78 -128.34 13.89
N THR LA 19 -79.23 -127.15 13.47
CA THR LA 19 -79.10 -126.83 12.05
C THR LA 19 -77.76 -126.12 11.80
N PRO LA 20 -77.18 -126.29 10.61
CA PRO LA 20 -75.91 -125.62 10.34
C PRO LA 20 -76.09 -124.11 10.35
N THR LA 21 -75.15 -123.42 10.98
CA THR LA 21 -75.17 -121.96 11.07
C THR LA 21 -74.11 -121.32 10.18
N GLN LA 22 -72.85 -121.70 10.35
CA GLN LA 22 -71.81 -120.92 9.71
C GLN LA 22 -70.58 -121.77 9.44
N ILE LA 23 -69.92 -121.51 8.31
CA ILE LA 23 -68.58 -122.00 8.06
C ILE LA 23 -67.64 -120.80 8.23
N ASP LA 24 -66.66 -120.95 9.11
CA ASP LA 24 -65.88 -119.82 9.60
C ASP LA 24 -64.90 -119.35 8.54
N LYS LA 25 -64.13 -118.32 8.90
CA LYS LA 25 -63.00 -117.91 8.08
C LYS LA 25 -61.85 -118.89 8.20
N ASN LA 26 -61.65 -119.46 9.40
CA ASN LA 26 -60.57 -120.40 9.65
C ASN LA 26 -60.96 -121.84 9.32
N GLY LA 27 -62.24 -122.12 9.13
CA GLY LA 27 -62.72 -123.47 8.87
C GLY LA 27 -63.64 -124.01 9.93
N VAL LA 28 -63.99 -123.22 10.96
CA VAL LA 28 -64.86 -123.71 12.02
C VAL LA 28 -66.28 -123.83 11.49
N ALA LA 29 -66.92 -124.96 11.81
CA ALA LA 29 -68.31 -125.21 11.44
C ALA LA 29 -69.17 -125.05 12.69
N TYR LA 30 -70.17 -124.17 12.61
CA TYR LA 30 -71.05 -123.83 13.71
C TYR LA 30 -72.45 -124.34 13.41
N PHE LA 31 -72.96 -125.20 14.29
CA PHE LA 31 -74.35 -125.62 14.29
C PHE LA 31 -75.06 -125.02 15.50
N ARG LA 32 -76.32 -124.61 15.30
CA ARG LA 32 -77.09 -123.91 16.30
C ARG LA 32 -78.43 -124.60 16.48
N HIS LA 33 -78.87 -124.69 17.72
CA HIS LA 33 -80.21 -125.19 18.08
C HIS LA 33 -80.89 -124.08 18.86
N LEU LA 34 -81.81 -123.38 18.19
CA LEU LA 34 -82.51 -122.27 18.83
C LEU LA 34 -83.52 -122.80 19.84
N GLN LA 35 -83.94 -121.91 20.73
CA GLN LA 35 -84.93 -122.28 21.74
C GLN LA 35 -86.33 -122.16 21.14
N ALA LA 36 -87.35 -122.34 21.99
CA ALA LA 36 -88.72 -122.22 21.52
C ALA LA 36 -88.98 -120.83 20.96
N ASN LA 37 -88.60 -119.79 21.71
CA ASN LA 37 -88.84 -118.41 21.33
C ASN LA 37 -87.85 -117.89 20.29
N GLY LA 38 -86.90 -118.71 19.85
CA GLY LA 38 -85.91 -118.24 18.90
C GLY LA 38 -84.99 -117.16 19.44
N LYS LA 39 -84.56 -117.29 20.70
CA LYS LA 39 -83.64 -116.31 21.28
C LYS LA 39 -82.22 -116.76 21.03
N PRO LA 40 -81.41 -115.97 20.30
CA PRO LA 40 -80.02 -116.39 20.03
C PRO LA 40 -79.23 -116.67 21.29
N ILE LA 41 -79.34 -115.79 22.30
CA ILE LA 41 -78.63 -115.95 23.54
C ILE LA 41 -78.93 -117.29 24.21
N GLY LA 42 -80.07 -117.90 23.87
CA GLY LA 42 -80.43 -119.18 24.46
C GLY LA 42 -80.11 -120.40 23.63
N ALA LA 43 -79.52 -120.23 22.45
CA ALA LA 43 -79.35 -121.35 21.54
C ALA LA 43 -78.14 -122.20 21.93
N TYR LA 44 -78.30 -123.52 21.82
CA TYR LA 44 -77.16 -124.41 21.94
C TYR LA 44 -76.28 -124.32 20.70
N THR LA 45 -74.99 -124.53 20.87
CA THR LA 45 -74.07 -124.48 19.73
C THR LA 45 -73.12 -125.66 19.76
N VAL LA 46 -72.71 -126.08 18.56
CA VAL LA 46 -71.73 -127.14 18.38
C VAL LA 46 -70.75 -126.70 17.30
N SER LA 47 -69.47 -126.66 17.63
CA SER LA 47 -68.41 -126.23 16.74
C SER LA 47 -67.52 -127.42 16.38
N SER LA 48 -67.14 -127.50 15.12
CA SER LA 48 -66.22 -128.54 14.66
C SER LA 48 -65.22 -127.95 13.71
N HIS LA 49 -63.93 -128.07 14.04
CA HIS LA 49 -62.87 -127.55 13.19
C HIS LA 49 -61.69 -128.50 13.20
N VAL LA 50 -61.15 -128.80 12.03
CA VAL LA 50 -59.99 -129.68 11.95
C VAL LA 50 -58.84 -128.90 11.31
N LYS LA 51 -57.67 -128.98 11.95
CA LYS LA 51 -56.46 -128.30 11.54
C LYS LA 51 -55.47 -129.34 11.04
N GLU LA 52 -55.17 -129.27 9.74
CA GLU LA 52 -54.24 -130.16 9.09
C GLU LA 52 -52.81 -129.82 9.49
N PRO LA 53 -51.88 -130.75 9.37
CA PRO LA 53 -50.48 -130.46 9.67
C PRO LA 53 -49.80 -129.69 8.55
N GLY LA 54 -48.79 -128.92 8.94
CA GLY LA 54 -48.01 -128.17 7.97
C GLY LA 54 -46.56 -128.13 8.38
N THR LA 55 -45.71 -127.84 7.39
CA THR LA 55 -44.25 -127.83 7.59
C THR LA 55 -43.81 -129.14 8.23
N ASN LA 56 -44.20 -130.24 7.60
CA ASN LA 56 -43.85 -131.59 8.02
C ASN LA 56 -44.15 -131.82 9.50
N GLY LA 57 -45.36 -131.42 9.89
CA GLY LA 57 -45.86 -131.71 11.23
C GLY LA 57 -46.55 -133.06 11.24
N ASP LA 58 -46.30 -133.82 12.31
CA ASP LA 58 -46.88 -135.16 12.38
C ASP LA 58 -48.34 -135.14 12.82
N VAL LA 59 -48.82 -134.03 13.37
CA VAL LA 59 -50.04 -134.02 14.16
C VAL LA 59 -51.21 -133.41 13.39
N PHE LA 60 -52.40 -133.90 13.69
CA PHE LA 60 -53.68 -133.35 13.27
C PHE LA 60 -54.39 -132.84 14.52
N ARG LA 61 -54.99 -131.65 14.46
CA ARG LA 61 -55.68 -131.11 15.62
C ARG LA 61 -57.16 -130.91 15.30
N VAL LA 62 -58.01 -131.81 15.81
CA VAL LA 62 -59.43 -131.81 15.50
C VAL LA 62 -60.19 -131.43 16.76
N LYS LA 63 -61.05 -130.41 16.66
CA LYS LA 63 -61.66 -129.79 17.82
C LYS LA 63 -63.18 -129.86 17.70
N LEU LA 64 -63.82 -130.19 18.82
CA LEU LA 64 -65.27 -130.29 18.94
C LEU LA 64 -65.72 -129.55 20.19
N PHE LA 65 -66.60 -128.57 20.02
CA PHE LA 65 -67.13 -127.76 21.11
C PHE LA 65 -68.63 -127.94 21.20
N VAL LA 66 -69.13 -128.08 22.43
CA VAL LA 66 -70.56 -128.18 22.69
C VAL LA 66 -70.90 -127.19 23.79
N ASN LA 67 -71.59 -126.11 23.43
CA ASN LA 67 -71.91 -125.03 24.35
C ASN LA 67 -73.40 -125.05 24.64
N VAL LA 68 -73.75 -125.15 25.92
CA VAL LA 68 -75.13 -125.15 26.41
C VAL LA 68 -75.34 -123.91 27.27
N PRO LA 69 -76.06 -122.91 26.80
CA PRO LA 69 -76.34 -121.75 27.66
C PRO LA 69 -77.63 -121.96 28.44
N GLU LA 70 -77.67 -121.35 29.61
CA GLU LA 70 -78.91 -121.16 30.36
C GLU LA 70 -79.14 -119.67 30.53
N VAL LA 71 -80.34 -119.22 30.19
CA VAL LA 71 -80.76 -117.84 30.27
C VAL LA 71 -81.14 -117.50 31.70
N ALA LA 72 -80.74 -116.32 32.19
CA ALA LA 72 -81.16 -115.86 33.50
C ALA LA 72 -82.12 -114.70 33.31
N THR LA 73 -83.34 -114.86 33.83
CA THR LA 73 -84.37 -113.83 33.68
C THR LA 73 -84.38 -112.90 34.89
N GLU LA 85 -82.27 -112.11 30.45
CA GLU LA 85 -81.52 -111.00 29.86
C GLU LA 85 -80.06 -111.36 29.57
N ILE LA 86 -79.34 -111.82 30.59
CA ILE LA 86 -77.97 -112.29 30.42
C ILE LA 86 -77.96 -113.77 30.76
N ALA LA 87 -77.08 -114.51 30.11
CA ALA LA 87 -77.11 -115.97 30.18
C ALA LA 87 -75.70 -116.47 30.44
N ARG LA 88 -75.59 -117.55 31.22
CA ARG LA 88 -74.30 -118.14 31.46
C ARG LA 88 -74.22 -119.50 30.78
N THR LA 89 -73.05 -119.84 30.28
CA THR LA 89 -72.90 -120.96 29.36
C THR LA 89 -72.02 -122.03 29.98
N ASN LA 90 -72.57 -123.23 30.13
CA ASN LA 90 -71.75 -124.42 30.35
C ASN LA 90 -71.12 -124.82 29.02
N ARG LA 91 -69.84 -125.21 29.05
CA ARG LA 91 -69.17 -125.58 27.82
C ARG LA 91 -68.43 -126.90 27.98
N ALA LA 92 -68.37 -127.65 26.88
CA ALA LA 92 -67.48 -128.79 26.73
C ALA LA 92 -66.59 -128.52 25.54
N GLN LA 93 -65.27 -128.70 25.72
CA GLN LA 93 -64.30 -128.38 24.69
C GLN LA 93 -63.35 -129.55 24.55
N VAL LA 94 -63.37 -130.23 23.41
CA VAL LA 94 -62.57 -131.41 23.16
C VAL LA 94 -61.58 -131.13 22.04
N GLU LA 95 -60.32 -131.48 22.26
CA GLU LA 95 -59.28 -131.41 21.25
C GLU LA 95 -58.64 -132.77 21.15
N PHE LA 96 -58.74 -133.40 19.97
CA PHE LA 96 -58.04 -134.63 19.67
C PHE LA 96 -56.76 -134.29 18.92
N ILE LA 97 -55.66 -134.88 19.35
CA ILE LA 97 -54.36 -134.75 18.70
C ILE LA 97 -54.05 -136.12 18.08
N LEU LA 98 -54.04 -136.18 16.75
CA LEU LA 98 -53.96 -137.45 16.03
C LEU LA 98 -52.77 -137.45 15.09
N PRO LA 99 -51.74 -138.27 15.30
CA PRO LA 99 -50.64 -138.34 14.33
C PRO LA 99 -51.10 -138.87 12.99
N ALA LA 100 -50.35 -138.49 11.95
CA ALA LA 100 -50.74 -138.81 10.58
C ALA LA 100 -50.44 -140.26 10.21
N GLN LA 101 -49.47 -140.91 10.86
CA GLN LA 101 -49.18 -142.30 10.54
C GLN LA 101 -50.11 -143.29 11.22
N SER LA 102 -50.84 -142.88 12.24
CA SER LA 102 -51.72 -143.81 12.95
C SER LA 102 -52.81 -144.31 12.00
N ALA LA 103 -52.93 -145.63 11.89
CA ALA LA 103 -54.03 -146.20 11.14
C ALA LA 103 -55.35 -145.85 11.82
N ALA LA 104 -56.42 -145.78 11.02
CA ALA LA 104 -57.70 -145.35 11.54
C ALA LA 104 -58.21 -146.23 12.68
N THR LA 105 -57.70 -147.46 12.81
CA THR LA 105 -58.07 -148.32 13.93
C THR LA 105 -57.88 -147.61 15.27
N VAL LA 106 -56.73 -146.95 15.40
CA VAL LA 106 -56.37 -146.32 16.66
C VAL LA 106 -57.35 -145.20 16.97
N ARG LA 107 -57.63 -144.35 15.98
CA ARG LA 107 -58.52 -143.22 16.22
C ARG LA 107 -59.92 -143.71 16.53
N GLU LA 108 -60.35 -144.77 15.86
CA GLU LA 108 -61.68 -145.33 16.14
C GLU LA 108 -61.79 -145.76 17.60
N ASP LA 109 -60.85 -146.60 18.09
CA ASP LA 109 -61.00 -147.03 19.48
C ASP LA 109 -60.62 -145.94 20.48
N LEU LA 110 -59.89 -144.90 20.07
CA LEU LA 110 -59.69 -143.77 20.97
C LEU LA 110 -61.00 -143.05 21.22
N VAL LA 111 -61.72 -142.73 20.14
CA VAL LA 111 -63.05 -142.14 20.30
C VAL LA 111 -63.93 -143.05 21.15
N ALA LA 112 -63.90 -144.36 20.87
CA ALA LA 112 -64.76 -145.28 21.62
C ALA LA 112 -64.40 -145.24 23.11
N LEU LA 113 -63.10 -145.15 23.42
CA LEU LA 113 -62.65 -145.01 24.79
C LEU LA 113 -63.21 -143.75 25.44
N LEU LA 114 -63.14 -142.63 24.73
CA LEU LA 114 -63.63 -141.38 25.29
C LEU LA 114 -65.12 -141.45 25.58
N ALA LA 115 -65.88 -142.01 24.64
CA ALA LA 115 -67.32 -142.09 24.82
C ALA LA 115 -67.67 -143.02 25.98
N SER LA 116 -66.96 -144.15 26.09
CA SER LA 116 -67.22 -145.07 27.20
C SER LA 116 -66.81 -144.45 28.52
N ALA LA 117 -65.79 -143.60 28.52
CA ALA LA 117 -65.40 -142.90 29.75
C ALA LA 117 -66.48 -141.90 30.16
N LEU LA 118 -67.06 -141.20 29.18
CA LEU LA 118 -68.20 -140.33 29.47
C LEU LA 118 -69.40 -141.12 29.99
N ALA LA 119 -69.57 -142.35 29.51
CA ALA LA 119 -70.71 -143.16 29.94
C ALA LA 119 -70.49 -143.79 31.30
N ASP LA 120 -69.24 -144.06 31.69
CA ASP LA 120 -68.96 -144.68 32.97
C ASP LA 120 -69.46 -143.80 34.10
N THR LA 121 -70.10 -144.44 35.10
CA THR LA 121 -70.75 -143.68 36.16
C THR LA 121 -69.74 -142.93 37.02
N ALA LA 122 -68.60 -143.57 37.32
CA ALA LA 122 -67.60 -142.93 38.17
C ALA LA 122 -67.04 -141.67 37.51
N ILE LA 123 -66.67 -141.77 36.24
CA ILE LA 123 -66.14 -140.63 35.51
C ILE LA 123 -67.21 -139.58 35.28
N LYS LA 124 -68.44 -140.03 34.98
CA LYS LA 124 -69.53 -139.08 34.74
C LYS LA 124 -69.84 -138.27 35.98
N SER LA 125 -69.69 -138.87 37.16
CA SER LA 125 -69.88 -138.13 38.41
C SER LA 125 -68.95 -136.94 38.48
N THR LA 126 -67.71 -137.10 38.00
CA THR LA 126 -66.73 -136.04 37.97
C THR LA 126 -67.28 -134.78 37.31
N ILE LA 127 -67.96 -134.94 36.18
CA ILE LA 127 -68.47 -133.78 35.46
C ILE LA 127 -69.79 -133.32 36.05
N VAL LA 128 -70.73 -134.24 36.21
CA VAL LA 128 -72.10 -133.87 36.55
C VAL LA 128 -72.16 -133.25 37.94
N ASN LA 129 -71.52 -133.89 38.92
CA ASN LA 129 -71.60 -133.50 40.32
C ASN LA 129 -70.41 -132.68 40.77
N VAL LA 130 -69.52 -132.30 39.84
CA VAL LA 130 -68.28 -131.58 40.10
C VAL LA 130 -67.62 -132.09 41.38
N GLU LA 131 -67.37 -133.39 41.44
CA GLU LA 131 -66.65 -134.03 42.55
C GLU LA 131 -65.25 -134.39 42.10
N HIS LA 132 -64.26 -134.16 42.98
CA HIS LA 132 -62.89 -134.62 42.76
C HIS LA 132 -62.78 -136.13 42.94
N PHE LA 133 -61.78 -136.71 42.30
CA PHE LA 133 -61.43 -138.09 42.62
C PHE LA 133 -60.70 -138.14 43.96
N TYR LA 134 -61.06 -139.11 44.79
CA TYR LA 134 -60.45 -139.24 46.12
C TYR LA 134 -60.24 -140.68 46.58
N PRO MA 1 -70.86 -124.00 -9.19
CA PRO MA 1 -70.42 -125.34 -8.82
C PRO MA 1 -70.42 -125.53 -7.33
N ALA MA 2 -71.50 -126.09 -6.80
CA ALA MA 2 -71.53 -126.43 -5.39
C ALA MA 2 -70.51 -127.52 -5.11
N LEU MA 3 -69.98 -127.50 -3.89
CA LEU MA 3 -68.97 -128.47 -3.50
C LEU MA 3 -69.61 -129.85 -3.38
N LYS MA 4 -69.06 -130.82 -4.10
CA LYS MA 4 -69.63 -132.15 -4.26
C LYS MA 4 -68.47 -133.10 -4.52
N PRO MA 5 -68.53 -134.34 -4.01
CA PRO MA 5 -67.54 -135.34 -4.43
C PRO MA 5 -67.64 -135.56 -5.93
N ILE MA 6 -66.51 -135.47 -6.60
CA ILE MA 6 -66.47 -135.59 -8.04
C ILE MA 6 -65.71 -136.85 -8.41
N THR MA 7 -66.23 -137.58 -9.38
CA THR MA 7 -65.64 -138.84 -9.80
C THR MA 7 -64.86 -138.59 -11.10
N LEU MA 8 -63.59 -139.01 -11.11
CA LEU MA 8 -62.72 -138.87 -12.25
C LEU MA 8 -62.22 -140.24 -12.69
N THR MA 9 -62.04 -140.43 -13.99
CA THR MA 9 -61.63 -141.71 -14.53
C THR MA 9 -60.11 -141.75 -14.70
N ASP MA 10 -59.49 -142.86 -14.30
CA ASP MA 10 -58.04 -142.99 -14.37
C ASP MA 10 -57.64 -143.58 -15.73
N HIS MA 11 -56.43 -144.12 -15.80
CA HIS MA 11 -55.97 -144.66 -17.08
C HIS MA 11 -56.76 -145.88 -17.51
N SER MA 12 -57.09 -146.75 -16.57
CA SER MA 12 -57.87 -147.94 -16.88
C SER MA 12 -59.37 -147.66 -17.05
N SER MA 13 -59.77 -146.39 -17.05
CA SER MA 13 -61.14 -145.89 -17.10
C SER MA 13 -61.92 -146.21 -15.81
N ALA MA 14 -61.28 -146.80 -14.81
CA ALA MA 14 -61.93 -147.02 -13.53
C ALA MA 14 -62.22 -145.69 -12.84
N ASP MA 15 -63.31 -145.65 -12.09
CA ASP MA 15 -63.69 -144.44 -11.40
C ASP MA 15 -62.81 -144.22 -10.17
N VAL MA 16 -62.62 -142.95 -9.82
CA VAL MA 16 -61.79 -142.51 -8.71
C VAL MA 16 -62.52 -141.34 -8.07
N ILE MA 17 -63.03 -141.54 -6.87
CA ILE MA 17 -63.91 -140.58 -6.22
C ILE MA 17 -63.07 -139.64 -5.37
N PHE MA 18 -63.13 -138.34 -5.66
CA PHE MA 18 -62.48 -137.31 -4.86
C PHE MA 18 -63.53 -136.66 -3.97
N THR MA 19 -63.36 -136.81 -2.66
CA THR MA 19 -64.25 -136.17 -1.70
C THR MA 19 -63.74 -134.77 -1.38
N PRO MA 20 -64.63 -133.80 -1.22
CA PRO MA 20 -64.19 -132.44 -0.88
C PRO MA 20 -63.54 -132.41 0.50
N THR MA 21 -62.38 -131.78 0.57
CA THR MA 21 -61.63 -131.66 1.81
C THR MA 21 -61.84 -130.33 2.50
N GLN MA 22 -61.62 -129.22 1.79
CA GLN MA 22 -61.48 -127.94 2.48
C GLN MA 22 -61.62 -126.81 1.47
N ILE MA 23 -62.12 -125.68 1.93
CA ILE MA 23 -62.14 -124.45 1.16
C ILE MA 23 -61.17 -123.48 1.83
N ASP MA 24 -60.13 -123.09 1.10
CA ASP MA 24 -59.00 -122.38 1.65
C ASP MA 24 -59.38 -120.97 2.09
N LYS MA 25 -58.47 -120.31 2.79
CA LYS MA 25 -58.64 -118.89 3.11
C LYS MA 25 -58.51 -118.03 1.86
N ASN MA 26 -57.79 -118.52 0.85
CA ASN MA 26 -57.59 -117.78 -0.39
C ASN MA 26 -58.61 -118.13 -1.45
N GLY MA 27 -59.53 -119.04 -1.15
CA GLY MA 27 -60.53 -119.48 -2.10
C GLY MA 27 -60.24 -120.82 -2.74
N VAL MA 28 -59.10 -121.44 -2.39
CA VAL MA 28 -58.74 -122.72 -3.00
C VAL MA 28 -59.65 -123.81 -2.44
N ALA MA 29 -60.20 -124.63 -3.32
CA ALA MA 29 -61.03 -125.76 -2.95
C ALA MA 29 -60.26 -127.04 -3.25
N TYR MA 30 -60.21 -127.93 -2.26
CA TYR MA 30 -59.40 -129.14 -2.33
C TYR MA 30 -60.30 -130.38 -2.33
N PHE MA 31 -60.07 -131.28 -3.29
CA PHE MA 31 -60.69 -132.59 -3.31
C PHE MA 31 -59.62 -133.64 -3.18
N ARG MA 32 -59.83 -134.63 -2.30
CA ARG MA 32 -58.80 -135.62 -2.04
C ARG MA 32 -59.34 -137.03 -2.25
N HIS MA 33 -58.42 -137.92 -2.60
CA HIS MA 33 -58.65 -139.36 -2.68
C HIS MA 33 -57.47 -140.03 -1.99
N LEU MA 34 -57.75 -140.79 -0.93
CA LEU MA 34 -56.69 -141.34 -0.09
C LEU MA 34 -55.94 -142.44 -0.82
N GLN MA 35 -54.75 -142.75 -0.31
CA GLN MA 35 -53.89 -143.75 -0.91
C GLN MA 35 -54.42 -145.16 -0.61
N ALA MA 36 -53.68 -146.16 -1.09
CA ALA MA 36 -54.06 -147.54 -0.83
C ALA MA 36 -54.18 -147.81 0.67
N ASN MA 37 -53.15 -147.45 1.44
CA ASN MA 37 -53.23 -147.54 2.88
C ASN MA 37 -54.18 -146.49 3.42
N GLY MA 38 -54.87 -146.83 4.51
CA GLY MA 38 -55.81 -145.90 5.12
C GLY MA 38 -55.16 -144.66 5.69
N LYS MA 39 -53.84 -144.59 5.69
CA LYS MA 39 -53.11 -143.50 6.32
C LYS MA 39 -53.16 -142.26 5.44
N PRO MA 40 -53.70 -141.12 5.93
CA PRO MA 40 -53.84 -139.90 5.12
C PRO MA 40 -52.60 -139.02 5.20
N ILE MA 41 -51.51 -139.49 4.62
CA ILE MA 41 -50.26 -138.74 4.58
C ILE MA 41 -50.02 -138.16 3.18
N GLY MA 42 -49.92 -139.03 2.18
CA GLY MA 42 -49.91 -138.60 0.79
C GLY MA 42 -51.22 -139.03 0.17
N ALA MA 43 -51.81 -138.12 -0.58
CA ALA MA 43 -53.14 -138.37 -1.11
C ALA MA 43 -53.29 -137.65 -2.44
N TYR MA 44 -54.04 -138.27 -3.34
CA TYR MA 44 -54.31 -137.65 -4.63
C TYR MA 44 -55.19 -136.43 -4.41
N THR MA 45 -54.81 -135.30 -5.01
CA THR MA 45 -55.51 -134.06 -4.74
C THR MA 45 -55.86 -133.33 -6.04
N VAL MA 46 -56.95 -132.57 -5.97
CA VAL MA 46 -57.39 -131.70 -7.05
C VAL MA 46 -57.75 -130.35 -6.43
N SER MA 47 -57.04 -129.32 -6.82
CA SER MA 47 -57.23 -127.96 -6.31
C SER MA 47 -57.88 -127.11 -7.39
N SER MA 48 -58.88 -126.32 -7.00
CA SER MA 48 -59.53 -125.39 -7.90
C SER MA 48 -59.62 -124.03 -7.26
N HIS MA 49 -59.16 -123.00 -7.96
CA HIS MA 49 -59.22 -121.64 -7.43
C HIS MA 49 -59.41 -120.66 -8.58
N VAL MA 50 -60.42 -119.80 -8.47
CA VAL MA 50 -60.64 -118.75 -9.45
C VAL MA 50 -60.33 -117.41 -8.78
N LYS MA 51 -59.60 -116.56 -9.49
CA LYS MA 51 -59.20 -115.25 -9.02
C LYS MA 51 -59.89 -114.21 -9.87
N GLU MA 52 -60.78 -113.43 -9.22
CA GLU MA 52 -61.47 -112.34 -9.86
C GLU MA 52 -60.46 -111.27 -10.32
N PRO MA 53 -60.87 -110.35 -11.18
CA PRO MA 53 -59.95 -109.31 -11.64
C PRO MA 53 -59.96 -108.08 -10.74
N GLY MA 54 -58.80 -107.47 -10.61
CA GLY MA 54 -58.63 -106.29 -9.76
C GLY MA 54 -58.56 -105.02 -10.61
N THR MA 55 -59.38 -104.04 -10.23
CA THR MA 55 -59.44 -102.77 -10.95
C THR MA 55 -59.83 -103.00 -12.41
N ASN MA 56 -60.79 -103.90 -12.62
CA ASN MA 56 -61.31 -104.23 -13.94
C ASN MA 56 -60.19 -104.62 -14.92
N GLY MA 57 -59.09 -105.14 -14.39
CA GLY MA 57 -58.12 -105.79 -15.26
C GLY MA 57 -58.79 -106.93 -16.00
N ASP MA 58 -58.57 -106.98 -17.31
CA ASP MA 58 -59.34 -107.88 -18.16
C ASP MA 58 -59.28 -109.33 -17.72
N VAL MA 59 -58.27 -109.74 -16.95
CA VAL MA 59 -57.96 -111.14 -16.73
C VAL MA 59 -58.72 -111.71 -15.55
N PHE MA 60 -59.27 -112.92 -15.76
CA PHE MA 60 -59.70 -113.83 -14.71
C PHE MA 60 -58.68 -114.95 -14.68
N ARG MA 61 -58.20 -115.30 -13.48
CA ARG MA 61 -57.15 -116.32 -13.36
C ARG MA 61 -57.73 -117.55 -12.69
N VAL MA 62 -58.07 -118.57 -13.49
CA VAL MA 62 -58.76 -119.75 -12.98
C VAL MA 62 -57.80 -120.93 -13.07
N LYS MA 63 -57.54 -121.58 -11.94
CA LYS MA 63 -56.46 -122.55 -11.84
C LYS MA 63 -56.99 -123.89 -11.37
N LEU MA 64 -56.43 -124.95 -11.96
CA LEU MA 64 -56.78 -126.33 -11.68
C LEU MA 64 -55.50 -127.13 -11.51
N PHE MA 65 -55.36 -127.79 -10.35
CA PHE MA 65 -54.18 -128.58 -10.03
C PHE MA 65 -54.58 -130.02 -9.77
N VAL MA 66 -53.79 -130.96 -10.30
CA VAL MA 66 -54.01 -132.38 -10.09
C VAL MA 66 -52.68 -132.97 -9.63
N ASN MA 67 -52.59 -133.34 -8.36
CA ASN MA 67 -51.37 -133.85 -7.77
C ASN MA 67 -51.53 -135.34 -7.46
N VAL MA 68 -50.65 -136.14 -8.02
CA VAL MA 68 -50.63 -137.59 -7.85
C VAL MA 68 -49.35 -137.95 -7.11
N PRO MA 69 -49.43 -138.17 -5.79
CA PRO MA 69 -48.24 -138.60 -5.04
C PRO MA 69 -48.06 -140.12 -5.05
N GLU MA 70 -46.81 -140.53 -5.17
CA GLU MA 70 -46.38 -141.90 -4.96
C GLU MA 70 -45.73 -141.98 -3.59
N VAL MA 71 -46.24 -142.89 -2.76
CA VAL MA 71 -45.89 -143.00 -1.35
C VAL MA 71 -45.06 -144.26 -1.12
N ALA MA 72 -44.29 -144.26 -0.03
CA ALA MA 72 -43.45 -145.39 0.34
C ALA MA 72 -43.63 -145.69 1.81
N THR MA 73 -43.87 -146.96 2.13
CA THR MA 73 -43.98 -147.40 3.52
C THR MA 73 -42.62 -147.91 3.97
N ILE MA 74 -41.95 -147.15 4.83
CA ILE MA 74 -40.61 -147.47 5.30
C ILE MA 74 -40.69 -147.93 6.75
N THR MA 75 -40.18 -149.12 7.02
CA THR MA 75 -40.05 -149.59 8.39
C THR MA 75 -38.58 -149.72 8.73
N PRO MA 76 -38.09 -148.99 9.75
CA PRO MA 76 -36.64 -149.00 10.04
C PRO MA 76 -36.14 -150.35 10.51
N ASN MA 77 -34.83 -150.46 10.72
CA ASN MA 77 -34.22 -151.73 11.06
C ASN MA 77 -34.55 -152.12 12.49
N GLY MA 78 -35.02 -153.35 12.66
CA GLY MA 78 -35.32 -153.88 13.99
C GLY MA 78 -36.38 -153.13 14.75
N SER MA 79 -37.35 -152.53 14.05
CA SER MA 79 -38.38 -151.72 14.67
C SER MA 79 -39.74 -152.36 14.43
N ASP MA 80 -40.57 -152.35 15.47
CA ASP MA 80 -41.90 -152.95 15.37
C ASP MA 80 -42.77 -152.24 14.35
N THR MA 81 -42.72 -150.91 14.33
CA THR MA 81 -43.71 -150.10 13.63
C THR MA 81 -43.13 -149.47 12.37
N SER MA 82 -43.95 -149.43 11.32
CA SER MA 82 -43.59 -148.80 10.06
C SER MA 82 -44.23 -147.41 9.98
N SER MA 83 -43.54 -146.50 9.30
CA SER MA 83 -44.07 -145.18 9.04
C SER MA 83 -44.10 -144.94 7.54
N VAL MA 84 -45.01 -144.07 7.12
CA VAL MA 84 -45.21 -143.80 5.70
C VAL MA 84 -44.57 -142.47 5.35
N GLU MA 85 -44.15 -142.33 4.09
CA GLU MA 85 -43.35 -141.20 3.64
C GLU MA 85 -43.69 -140.89 2.20
N ILE MA 86 -43.66 -139.60 1.86
CA ILE MA 86 -44.00 -139.17 0.50
C ILE MA 86 -42.76 -139.36 -0.37
N ALA MA 87 -42.80 -140.36 -1.26
CA ALA MA 87 -41.64 -140.69 -2.08
C ALA MA 87 -41.43 -139.65 -3.17
N ARG MA 88 -42.44 -139.45 -4.03
CA ARG MA 88 -42.34 -138.41 -5.03
C ARG MA 88 -43.75 -138.04 -5.47
N THR MA 89 -43.86 -137.02 -6.32
CA THR MA 89 -45.17 -136.57 -6.76
C THR MA 89 -45.12 -136.19 -8.24
N ASN MA 90 -46.08 -136.69 -9.00
CA ASN MA 90 -46.36 -136.17 -10.34
C ASN MA 90 -47.42 -135.09 -10.22
N ARG MA 91 -47.26 -134.00 -10.97
CA ARG MA 91 -48.20 -132.91 -10.87
C ARG MA 91 -48.60 -132.41 -12.25
N ALA MA 92 -49.85 -131.98 -12.35
CA ALA MA 92 -50.35 -131.25 -13.51
C ALA MA 92 -50.92 -129.94 -13.00
N GLN MA 93 -50.49 -128.83 -13.59
CA GLN MA 93 -50.89 -127.51 -13.13
C GLN MA 93 -51.40 -126.71 -14.32
N VAL MA 94 -52.65 -126.28 -14.26
CA VAL MA 94 -53.30 -125.59 -15.37
C VAL MA 94 -53.77 -124.23 -14.90
N GLU MA 95 -53.42 -123.20 -15.66
CA GLU MA 95 -53.90 -121.85 -15.43
C GLU MA 95 -54.57 -121.35 -16.71
N PHE MA 96 -55.85 -121.04 -16.63
CA PHE MA 96 -56.56 -120.36 -17.70
C PHE MA 96 -56.60 -118.88 -17.39
N ILE MA 97 -56.18 -118.07 -18.35
CA ILE MA 97 -56.30 -116.62 -18.31
C ILE MA 97 -57.45 -116.25 -19.23
N LEU MA 98 -58.54 -115.74 -18.67
CA LEU MA 98 -59.76 -115.50 -19.42
C LEU MA 98 -60.11 -114.02 -19.37
N PRO MA 99 -60.12 -113.32 -20.50
CA PRO MA 99 -60.49 -111.89 -20.47
C PRO MA 99 -61.95 -111.71 -20.05
N ALA MA 100 -62.19 -110.65 -19.30
CA ALA MA 100 -63.51 -110.39 -18.72
C ALA MA 100 -64.55 -109.95 -19.74
N GLN MA 101 -64.19 -109.88 -21.02
CA GLN MA 101 -65.13 -109.44 -22.04
C GLN MA 101 -65.44 -110.49 -23.09
N SER MA 102 -64.71 -111.60 -23.13
CA SER MA 102 -65.09 -112.68 -24.03
C SER MA 102 -66.30 -113.41 -23.46
N ALA MA 103 -67.24 -113.76 -24.33
CA ALA MA 103 -68.43 -114.48 -23.90
C ALA MA 103 -68.11 -115.94 -23.64
N ALA MA 104 -69.05 -116.65 -23.03
CA ALA MA 104 -68.81 -118.02 -22.60
C ALA MA 104 -68.46 -118.96 -23.76
N THR MA 105 -68.84 -118.62 -24.99
CA THR MA 105 -68.55 -119.48 -26.13
C THR MA 105 -67.05 -119.69 -26.28
N VAL MA 106 -66.28 -118.60 -26.14
CA VAL MA 106 -64.84 -118.65 -26.30
C VAL MA 106 -64.23 -119.56 -25.25
N ARG MA 107 -64.66 -119.43 -23.99
CA ARG MA 107 -64.10 -120.26 -22.95
C ARG MA 107 -64.48 -121.72 -23.15
N GLU MA 108 -65.70 -121.97 -23.61
CA GLU MA 108 -66.14 -123.35 -23.85
C GLU MA 108 -65.25 -124.01 -24.90
N ASP MA 109 -65.05 -123.36 -26.05
CA ASP MA 109 -64.23 -124.04 -27.05
C ASP MA 109 -62.74 -124.01 -26.72
N LEU MA 110 -62.29 -123.10 -25.84
CA LEU MA 110 -60.92 -123.21 -25.33
C LEU MA 110 -60.73 -124.47 -24.50
N VAL MA 111 -61.67 -124.72 -23.58
CA VAL MA 111 -61.61 -125.94 -22.78
C VAL MA 111 -61.67 -127.17 -23.68
N ALA MA 112 -62.55 -127.14 -24.69
CA ALA MA 112 -62.65 -128.28 -25.60
C ALA MA 112 -61.35 -128.50 -26.35
N LEU MA 113 -60.71 -127.42 -26.80
CA LEU MA 113 -59.42 -127.53 -27.47
C LEU MA 113 -58.38 -128.16 -26.55
N LEU MA 114 -58.35 -127.73 -25.29
CA LEU MA 114 -57.37 -128.30 -24.36
C LEU MA 114 -57.61 -129.79 -24.12
N ALA MA 115 -58.87 -130.17 -23.92
CA ALA MA 115 -59.16 -131.59 -23.68
C ALA MA 115 -58.85 -132.43 -24.91
N SER MA 116 -59.18 -131.93 -26.11
CA SER MA 116 -58.86 -132.68 -27.31
C SER MA 116 -57.35 -132.74 -27.54
N ALA MA 117 -56.62 -131.72 -27.12
CA ALA MA 117 -55.16 -131.78 -27.21
C ALA MA 117 -54.61 -132.85 -26.26
N LEU MA 118 -55.17 -132.94 -25.06
CA LEU MA 118 -54.77 -134.01 -24.14
C LEU MA 118 -55.13 -135.39 -24.71
N ALA MA 119 -56.21 -135.47 -25.48
CA ALA MA 119 -56.62 -136.76 -26.03
C ALA MA 119 -55.80 -137.16 -27.25
N ASP MA 120 -55.33 -136.19 -28.05
CA ASP MA 120 -54.56 -136.50 -29.24
C ASP MA 120 -53.33 -137.33 -28.87
N THR MA 121 -53.04 -138.33 -29.70
CA THR MA 121 -51.96 -139.27 -29.38
C THR MA 121 -50.59 -138.59 -29.46
N ALA MA 122 -50.39 -137.75 -30.47
CA ALA MA 122 -49.11 -137.07 -30.63
C ALA MA 122 -48.82 -136.15 -29.46
N ILE MA 123 -49.80 -135.32 -29.08
CA ILE MA 123 -49.64 -134.45 -27.92
C ILE MA 123 -49.55 -135.28 -26.65
N LYS MA 124 -50.22 -136.42 -26.60
CA LYS MA 124 -50.23 -137.22 -25.38
C LYS MA 124 -48.85 -137.82 -25.11
N SER MA 125 -48.21 -138.38 -26.14
CA SER MA 125 -46.89 -138.96 -25.95
C SER MA 125 -45.89 -137.93 -25.43
N THR MA 126 -46.08 -136.66 -25.77
CA THR MA 126 -45.28 -135.60 -25.19
C THR MA 126 -45.25 -135.69 -23.67
N ILE MA 127 -46.44 -135.83 -23.07
CA ILE MA 127 -46.53 -135.89 -21.61
C ILE MA 127 -46.15 -137.27 -21.10
N VAL MA 128 -46.85 -138.28 -21.61
CA VAL MA 128 -46.76 -139.62 -21.06
C VAL MA 128 -45.37 -140.21 -21.27
N ASN MA 129 -44.82 -140.07 -22.47
CA ASN MA 129 -43.61 -140.75 -22.88
C ASN MA 129 -42.37 -139.89 -22.79
N VAL MA 130 -42.52 -138.61 -22.46
CA VAL MA 130 -41.40 -137.68 -22.29
C VAL MA 130 -40.55 -137.69 -23.56
N GLU MA 131 -41.22 -137.53 -24.69
CA GLU MA 131 -40.61 -137.40 -25.98
C GLU MA 131 -40.79 -135.96 -26.45
N HIS MA 132 -39.75 -135.40 -27.06
CA HIS MA 132 -39.82 -134.10 -27.70
C HIS MA 132 -40.57 -134.21 -29.02
N PHE MA 133 -41.16 -133.09 -29.43
CA PHE MA 133 -41.67 -132.98 -30.79
C PHE MA 133 -40.53 -132.78 -31.77
N TYR MA 134 -40.65 -133.40 -32.93
CA TYR MA 134 -39.61 -133.30 -33.96
C TYR MA 134 -40.15 -133.48 -35.39
N PRO NA 1 -91.92 -8.80 72.69
CA PRO NA 1 -93.22 -9.20 72.15
C PRO NA 1 -93.30 -10.71 72.02
N ALA NA 2 -94.18 -11.31 72.82
CA ALA NA 2 -94.46 -12.74 72.71
C ALA NA 2 -94.83 -13.11 71.29
N LEU NA 3 -94.13 -14.11 70.75
CA LEU NA 3 -94.32 -14.53 69.37
C LEU NA 3 -95.78 -14.92 69.14
N LYS NA 4 -96.43 -14.21 68.22
CA LYS NA 4 -97.85 -14.38 67.94
C LYS NA 4 -98.06 -14.17 66.45
N PRO NA 5 -98.96 -14.92 65.83
CA PRO NA 5 -99.29 -14.66 64.43
C PRO NA 5 -99.84 -13.26 64.26
N ILE NA 6 -99.33 -12.56 63.26
CA ILE NA 6 -99.69 -11.16 63.09
C ILE NA 6 -100.39 -11.00 61.75
N THR NA 7 -101.32 -10.06 61.69
CA THR NA 7 -102.12 -9.82 60.50
C THR NA 7 -101.69 -8.49 59.87
N LEU NA 8 -101.37 -8.53 58.58
CA LEU NA 8 -100.92 -7.37 57.81
C LEU NA 8 -101.83 -7.18 56.61
N THR NA 9 -102.00 -5.93 56.18
CA THR NA 9 -102.86 -5.61 55.05
C THR NA 9 -102.08 -5.55 53.74
N ASP NA 10 -102.63 -6.15 52.68
CA ASP NA 10 -102.00 -6.15 51.37
C ASP NA 10 -102.41 -4.89 50.60
N HIS NA 11 -102.26 -4.92 49.28
CA HIS NA 11 -102.58 -3.71 48.52
C HIS NA 11 -104.07 -3.40 48.56
N SER NA 12 -104.91 -4.42 48.49
CA SER NA 12 -106.35 -4.25 48.53
C SER NA 12 -106.88 -4.04 49.95
N SER NA 13 -105.99 -3.81 50.91
CA SER NA 13 -106.29 -3.66 52.33
C SER NA 13 -106.95 -4.89 52.93
N ALA NA 14 -106.93 -6.02 52.23
CA ALA NA 14 -107.38 -7.28 52.77
C ALA NA 14 -106.39 -7.80 53.81
N ASP NA 15 -106.88 -8.66 54.70
CA ASP NA 15 -106.02 -9.20 55.73
C ASP NA 15 -105.15 -10.33 55.18
N VAL NA 16 -103.94 -10.44 55.74
CA VAL NA 16 -102.95 -11.44 55.35
C VAL NA 16 -102.30 -11.90 56.65
N ILE NA 17 -102.52 -13.14 57.03
CA ILE NA 17 -102.14 -13.65 58.34
C ILE NA 17 -100.80 -14.37 58.21
N PHE NA 18 -99.78 -13.86 58.91
CA PHE NA 18 -98.47 -14.48 58.99
C PHE NA 18 -98.37 -15.26 60.29
N THR NA 19 -98.20 -16.58 60.19
CA THR NA 19 -98.03 -17.42 61.37
C THR NA 19 -96.55 -17.55 61.71
N PRO NA 20 -96.20 -17.58 62.98
CA PRO NA 20 -94.79 -17.76 63.35
C PRO NA 20 -94.32 -19.14 62.94
N THR NA 21 -93.13 -19.18 62.36
CA THR NA 21 -92.50 -20.41 61.90
C THR NA 21 -91.35 -20.86 62.80
N GLN NA 22 -90.44 -19.96 63.13
CA GLN NA 22 -89.18 -20.37 63.73
C GLN NA 22 -88.53 -19.18 64.43
N ILE NA 23 -87.81 -19.47 65.50
CA ILE NA 23 -86.88 -18.52 66.11
C ILE NA 23 -85.48 -19.07 65.88
N ASP NA 24 -84.64 -18.26 65.23
CA ASP NA 24 -83.37 -18.74 64.69
C ASP NA 24 -82.34 -18.94 65.80
N LYS NA 25 -81.20 -19.53 65.42
CA LYS NA 25 -80.08 -19.62 66.34
C LYS NA 25 -79.50 -18.25 66.63
N ASN NA 26 -79.61 -17.31 65.68
CA ASN NA 26 -79.05 -15.98 65.82
C ASN NA 26 -80.05 -15.00 66.42
N GLY NA 27 -81.24 -15.44 66.76
CA GLY NA 27 -82.27 -14.56 67.27
C GLY NA 27 -83.25 -14.07 66.24
N VAL NA 28 -83.18 -14.58 65.01
CA VAL NA 28 -84.10 -14.17 63.95
C VAL NA 28 -85.42 -14.88 64.13
N ALA NA 29 -86.52 -14.12 64.08
CA ALA NA 29 -87.86 -14.67 64.19
C ALA NA 29 -88.54 -14.55 62.82
N TYR NA 30 -89.13 -15.65 62.37
CA TYR NA 30 -89.70 -15.75 61.03
C TYR NA 30 -91.21 -15.97 61.11
N PHE NA 31 -91.96 -15.13 60.40
CA PHE NA 31 -93.38 -15.33 60.18
C PHE NA 31 -93.60 -15.66 58.70
N ARG NA 32 -94.43 -16.66 58.43
CA ARG NA 32 -94.68 -17.07 57.06
C ARG NA 32 -96.16 -17.06 56.74
N HIS NA 33 -96.44 -16.83 55.46
CA HIS NA 33 -97.77 -16.95 54.87
C HIS NA 33 -97.61 -17.72 53.58
N LEU NA 34 -98.26 -18.88 53.48
CA LEU NA 34 -98.07 -19.78 52.36
C LEU NA 34 -98.65 -19.19 51.08
N GLN NA 35 -98.21 -19.72 49.94
CA GLN NA 35 -98.70 -19.26 48.65
C GLN NA 35 -100.11 -19.75 48.40
N ALA NA 36 -100.62 -19.44 47.20
CA ALA NA 36 -101.93 -19.93 46.78
C ALA NA 36 -102.02 -21.44 46.89
N ASN NA 37 -101.06 -22.15 46.30
CA ASN NA 37 -100.99 -23.60 46.46
C ASN NA 37 -100.63 -23.94 47.91
N GLY NA 38 -101.10 -25.10 48.35
CA GLY NA 38 -100.83 -25.55 49.71
C GLY NA 38 -99.38 -25.89 49.95
N LYS NA 39 -98.58 -25.85 48.89
CA LYS NA 39 -97.18 -26.22 48.93
C LYS NA 39 -96.36 -25.05 49.51
N PRO NA 40 -95.42 -25.35 50.40
CA PRO NA 40 -94.68 -24.30 51.12
C PRO NA 40 -93.39 -23.84 50.46
N ILE NA 41 -93.10 -24.22 49.22
CA ILE NA 41 -91.75 -24.06 48.69
C ILE NA 41 -91.38 -22.58 48.57
N GLY NA 42 -92.31 -21.76 48.09
CA GLY NA 42 -92.12 -20.33 48.13
C GLY NA 42 -93.20 -19.73 49.00
N ALA NA 43 -92.86 -18.79 49.87
CA ALA NA 43 -93.86 -18.26 50.78
C ALA NA 43 -93.49 -16.85 51.21
N TYR NA 44 -94.51 -16.04 51.47
CA TYR NA 44 -94.28 -14.70 51.97
C TYR NA 44 -93.71 -14.77 53.38
N THR NA 45 -92.67 -13.98 53.65
CA THR NA 45 -91.99 -14.07 54.93
C THR NA 45 -91.74 -12.69 55.52
N VAL NA 46 -91.72 -12.65 56.85
CA VAL NA 46 -91.37 -11.47 57.61
C VAL NA 46 -90.36 -11.89 58.67
N SER NA 47 -89.16 -11.31 58.61
CA SER NA 47 -88.07 -11.63 59.52
C SER NA 47 -87.83 -10.46 60.46
N SER NA 48 -87.65 -10.75 61.73
CA SER NA 48 -87.34 -9.72 62.71
C SER NA 48 -86.20 -10.17 63.59
N HIS NA 49 -85.13 -9.36 63.62
CA HIS NA 49 -84.00 -9.66 64.48
C HIS NA 49 -83.42 -8.37 65.03
N VAL NA 50 -83.26 -8.30 66.34
CA VAL NA 50 -82.66 -7.13 66.97
C VAL NA 50 -81.34 -7.56 67.61
N LYS NA 51 -80.28 -6.81 67.31
CA LYS NA 51 -78.93 -7.10 67.77
C LYS NA 51 -78.56 -6.06 68.82
N GLU NA 52 -78.42 -6.52 70.06
CA GLU NA 52 -78.05 -5.64 71.16
C GLU NA 52 -76.59 -5.23 71.02
N PRO NA 53 -76.20 -4.10 71.58
CA PRO NA 53 -74.82 -3.62 71.44
C PRO NA 53 -73.85 -4.36 72.35
N GLY NA 54 -72.58 -4.29 71.99
CA GLY NA 54 -71.53 -4.94 72.76
C GLY NA 54 -70.41 -3.98 73.10
N THR NA 55 -69.78 -4.22 74.24
CA THR NA 55 -68.75 -3.34 74.79
C THR NA 55 -69.29 -1.91 74.89
N ASN NA 56 -70.42 -1.78 75.57
CA ASN NA 56 -71.15 -0.51 75.68
C ASN NA 56 -71.33 0.14 74.32
N GLY NA 57 -71.55 -0.69 73.29
CA GLY NA 57 -71.77 -0.16 71.96
C GLY NA 57 -72.94 0.82 71.96
N ASP NA 58 -72.76 1.92 71.23
CA ASP NA 58 -73.80 2.94 71.23
C ASP NA 58 -75.08 2.47 70.57
N VAL NA 59 -75.03 1.39 69.78
CA VAL NA 59 -76.04 1.12 68.76
C VAL NA 59 -76.71 -0.23 68.98
N PHE NA 60 -78.03 -0.22 69.09
CA PHE NA 60 -78.88 -1.34 68.74
C PHE NA 60 -79.06 -1.38 67.23
N ARG NA 61 -79.06 -2.59 66.66
CA ARG NA 61 -79.32 -2.77 65.23
C ARG NA 61 -80.54 -3.67 65.04
N VAL NA 62 -81.67 -3.08 64.70
CA VAL NA 62 -82.95 -3.79 64.66
C VAL NA 62 -83.39 -3.92 63.21
N LYS NA 63 -83.64 -5.13 62.75
CA LYS NA 63 -83.82 -5.42 61.34
C LYS NA 63 -85.17 -6.08 61.10
N LEU NA 64 -85.84 -5.60 60.05
CA LEU NA 64 -87.15 -6.08 59.62
C LEU NA 64 -87.09 -6.39 58.13
N PHE NA 65 -87.43 -7.61 57.75
CA PHE NA 65 -87.39 -8.06 56.37
C PHE NA 65 -88.78 -8.51 55.94
N VAL NA 66 -89.18 -8.12 54.73
CA VAL NA 66 -90.45 -8.51 54.15
C VAL NA 66 -90.17 -9.05 52.76
N ASN NA 67 -90.30 -10.36 52.59
CA ASN NA 67 -89.99 -11.03 51.33
C ASN NA 67 -91.27 -11.54 50.69
N VAL NA 68 -91.47 -11.14 49.43
CA VAL NA 68 -92.64 -11.50 48.65
C VAL NA 68 -92.18 -12.25 47.41
N PRO NA 69 -92.23 -13.57 47.42
CA PRO NA 69 -91.89 -14.34 46.22
C PRO NA 69 -93.07 -14.53 45.28
N GLU NA 70 -92.76 -14.51 43.99
CA GLU NA 70 -93.64 -15.00 42.93
C GLU NA 70 -93.13 -16.37 42.54
N VAL NA 71 -93.98 -17.39 42.70
CA VAL NA 71 -93.67 -18.76 42.35
C VAL NA 71 -94.31 -19.09 41.01
N ALA NA 72 -93.76 -20.08 40.32
CA ALA NA 72 -94.30 -20.53 39.05
C ALA NA 72 -94.45 -22.05 39.09
N THR NA 73 -95.55 -22.52 38.52
CA THR NA 73 -95.87 -23.94 38.51
C THR NA 73 -95.39 -24.53 37.19
N ILE NA 74 -94.31 -25.31 37.26
CA ILE NA 74 -93.73 -25.93 36.08
C ILE NA 74 -94.21 -27.38 36.01
N THR NA 75 -94.83 -27.75 34.90
CA THR NA 75 -95.28 -29.12 34.69
C THR NA 75 -94.65 -29.61 33.39
N PRO NA 76 -93.84 -30.67 33.42
CA PRO NA 76 -93.14 -31.12 32.21
C PRO NA 76 -94.11 -31.59 31.15
N ASN NA 77 -93.59 -31.72 29.92
CA ASN NA 77 -94.45 -31.97 28.77
C ASN NA 77 -95.15 -33.32 28.88
N GLY NA 78 -96.48 -33.28 28.89
CA GLY NA 78 -97.28 -34.50 28.96
C GLY NA 78 -97.18 -35.23 30.27
N SER NA 79 -97.09 -34.51 31.38
CA SER NA 79 -96.89 -35.10 32.69
C SER NA 79 -98.15 -34.95 33.54
N ASP NA 80 -98.33 -35.90 34.46
CA ASP NA 80 -99.49 -35.85 35.35
C ASP NA 80 -99.32 -34.77 36.41
N THR NA 81 -98.18 -34.76 37.10
CA THR NA 81 -97.99 -33.90 38.26
C THR NA 81 -97.05 -32.75 37.92
N SER NA 82 -97.25 -31.63 38.62
CA SER NA 82 -96.47 -30.42 38.45
C SER NA 82 -95.67 -30.13 39.71
N SER NA 83 -94.51 -29.51 39.52
CA SER NA 83 -93.65 -29.08 40.62
C SER NA 83 -93.59 -27.56 40.64
N VAL NA 84 -93.40 -27.00 41.83
CA VAL NA 84 -93.40 -25.56 42.00
C VAL NA 84 -91.97 -25.06 42.16
N GLU NA 85 -91.67 -23.92 41.53
CA GLU NA 85 -90.33 -23.35 41.50
C GLU NA 85 -90.43 -21.88 41.87
N ILE NA 86 -89.39 -21.36 42.52
CA ILE NA 86 -89.38 -19.95 42.93
C ILE NA 86 -88.96 -19.12 41.74
N ALA NA 87 -89.92 -18.43 41.12
CA ALA NA 87 -89.65 -17.67 39.90
C ALA NA 87 -88.79 -16.45 40.20
N ARG NA 88 -89.28 -15.56 41.05
CA ARG NA 88 -88.48 -14.40 41.45
C ARG NA 88 -89.01 -13.90 42.78
N THR NA 89 -88.30 -12.95 43.38
CA THR NA 89 -88.68 -12.45 44.70
C THR NA 89 -88.51 -10.95 44.75
N ASN NA 90 -89.54 -10.24 45.23
CA ASN NA 90 -89.38 -8.86 45.66
C ASN NA 90 -89.06 -8.86 47.15
N ARG NA 91 -88.25 -7.90 47.58
CA ARG NA 91 -87.85 -7.85 48.98
C ARG NA 91 -87.80 -6.41 49.47
N ALA NA 92 -88.06 -6.24 50.75
CA ALA NA 92 -87.85 -4.97 51.45
C ALA NA 92 -87.08 -5.25 52.73
N GLN NA 93 -85.97 -4.53 52.94
CA GLN NA 93 -85.06 -4.81 54.03
C GLN NA 93 -84.79 -3.52 54.80
N VAL NA 94 -85.17 -3.49 56.07
CA VAL NA 94 -85.11 -2.29 56.90
C VAL NA 94 -84.16 -2.55 58.06
N GLU NA 95 -83.17 -1.68 58.21
CA GLU NA 95 -82.28 -1.69 59.37
C GLU NA 95 -82.42 -0.36 60.07
N PHE NA 96 -82.94 -0.37 61.29
CA PHE NA 96 -82.89 0.80 62.14
C PHE NA 96 -81.64 0.70 63.00
N ILE NA 97 -80.86 1.78 62.96
CA ILE NA 97 -79.69 1.94 63.83
C ILE NA 97 -80.14 2.88 64.95
N LEU NA 98 -80.41 2.32 66.12
CA LEU NA 98 -80.87 3.17 67.20
C LEU NA 98 -79.78 3.29 68.25
N PRO NA 99 -79.54 4.48 68.82
CA PRO NA 99 -78.59 4.54 69.93
C PRO NA 99 -79.20 4.17 71.27
N ALA NA 100 -78.40 3.51 72.11
CA ALA NA 100 -78.87 3.11 73.43
C ALA NA 100 -79.12 4.28 74.36
N GLN NA 101 -78.71 5.49 73.97
CA GLN NA 101 -78.79 6.66 74.81
C GLN NA 101 -79.98 7.55 74.47
N SER NA 102 -80.81 7.15 73.50
CA SER NA 102 -81.93 7.96 73.05
C SER NA 102 -83.16 7.74 73.94
N ALA NA 103 -84.15 8.59 73.75
CA ALA NA 103 -85.45 8.46 74.40
C ALA NA 103 -86.46 7.87 73.44
N ALA NA 104 -87.41 7.10 73.98
CA ALA NA 104 -88.38 6.39 73.15
C ALA NA 104 -89.20 7.33 72.26
N THR NA 105 -89.34 8.60 72.67
CA THR NA 105 -90.01 9.58 71.82
C THR NA 105 -89.37 9.66 70.45
N VAL NA 106 -88.03 9.69 70.45
CA VAL NA 106 -87.29 9.82 69.19
C VAL NA 106 -87.53 8.61 68.30
N ARG NA 107 -87.48 7.41 68.86
CA ARG NA 107 -87.72 6.23 68.05
C ARG NA 107 -89.15 6.18 67.54
N GLU NA 108 -90.10 6.62 68.38
CA GLU NA 108 -91.50 6.63 67.95
C GLU NA 108 -91.68 7.52 66.74
N ASP NA 109 -91.18 8.76 66.79
CA ASP NA 109 -91.42 9.60 65.61
C ASP NA 109 -90.47 9.29 64.46
N LEU NA 110 -89.37 8.58 64.69
CA LEU NA 110 -88.61 8.06 63.55
C LEU NA 110 -89.43 7.02 62.78
N VAL NA 111 -90.04 6.08 63.51
CA VAL NA 111 -90.88 5.09 62.86
C VAL NA 111 -92.05 5.78 62.16
N ALA NA 112 -92.67 6.76 62.82
CA ALA NA 112 -93.79 7.46 62.21
C ALA NA 112 -93.37 8.20 60.95
N LEU NA 113 -92.18 8.80 60.96
CA LEU NA 113 -91.67 9.48 59.77
C LEU NA 113 -91.44 8.49 58.64
N LEU NA 114 -90.90 7.31 58.97
CA LEU NA 114 -90.69 6.31 57.92
C LEU NA 114 -92.02 5.85 57.32
N ALA NA 115 -93.01 5.59 58.17
CA ALA NA 115 -94.31 5.15 57.67
C ALA NA 115 -94.97 6.22 56.83
N SER NA 116 -94.88 7.49 57.25
CA SER NA 116 -95.46 8.58 56.47
C SER NA 116 -94.71 8.80 55.17
N ALA NA 117 -93.39 8.54 55.17
CA ALA NA 117 -92.65 8.62 53.92
C ALA NA 117 -93.09 7.53 52.94
N LEU NA 118 -93.32 6.32 53.46
CA LEU NA 118 -93.89 5.25 52.63
C LEU NA 118 -95.28 5.62 52.12
N ALA NA 119 -96.06 6.34 52.92
CA ALA NA 119 -97.41 6.69 52.50
C ALA NA 119 -97.42 7.85 51.51
N ASP NA 120 -96.43 8.74 51.56
CA ASP NA 120 -96.38 9.87 50.64
C ASP NA 120 -96.31 9.37 49.21
N THR NA 121 -97.09 10.01 48.32
CA THR NA 121 -97.16 9.54 46.95
C THR NA 121 -95.87 9.79 46.18
N ALA NA 122 -95.23 10.94 46.43
CA ALA NA 122 -93.98 11.26 45.75
C ALA NA 122 -92.91 10.24 46.07
N ILE NA 123 -92.82 9.82 47.33
CA ILE NA 123 -91.86 8.81 47.72
C ILE NA 123 -92.32 7.42 47.29
N LYS NA 124 -93.63 7.19 47.26
CA LYS NA 124 -94.14 5.87 46.91
C LYS NA 124 -93.91 5.57 45.43
N SER NA 125 -93.91 6.60 44.58
CA SER NA 125 -93.59 6.37 43.17
C SER NA 125 -92.15 5.92 43.01
N THR NA 126 -91.27 6.35 43.91
CA THR NA 126 -89.88 5.88 43.91
C THR NA 126 -89.81 4.36 43.98
N ILE NA 127 -90.54 3.77 44.92
CA ILE NA 127 -90.49 2.32 45.11
C ILE NA 127 -91.33 1.61 44.06
N VAL NA 128 -92.60 2.00 43.98
CA VAL NA 128 -93.55 1.25 43.16
C VAL NA 128 -93.22 1.37 41.68
N ASN NA 129 -92.93 2.59 41.22
CA ASN NA 129 -92.82 2.92 39.81
C ASN NA 129 -91.39 3.11 39.34
N VAL NA 130 -90.41 3.07 40.25
CA VAL NA 130 -88.99 3.13 39.93
C VAL NA 130 -88.70 4.36 39.10
N GLU NA 131 -89.17 5.49 39.58
CA GLU NA 131 -88.85 6.79 39.04
C GLU NA 131 -87.85 7.47 39.96
N HIS NA 132 -86.78 8.01 39.38
CA HIS NA 132 -85.79 8.81 40.10
C HIS NA 132 -86.34 10.19 40.43
N PHE NA 133 -85.77 10.80 41.46
CA PHE NA 133 -85.99 12.22 41.71
C PHE NA 133 -85.15 13.05 40.75
N TYR NA 134 -85.74 14.15 40.29
CA TYR NA 134 -85.05 15.02 39.33
C TYR NA 134 -85.43 16.51 39.49
N PRO OA 1 -91.83 -22.36 83.88
CA PRO OA 1 -92.02 -20.90 83.93
C PRO OA 1 -91.97 -20.28 82.56
N ALA OA 2 -93.13 -20.22 81.89
CA ALA OA 2 -93.21 -19.55 80.60
C ALA OA 2 -92.82 -18.08 80.76
N LEU OA 3 -92.11 -17.57 79.76
CA LEU OA 3 -91.62 -16.21 79.78
C LEU OA 3 -92.79 -15.24 79.93
N LYS OA 4 -92.74 -14.40 80.96
CA LYS OA 4 -93.87 -13.55 81.29
C LYS OA 4 -93.36 -12.43 82.20
N PRO OA 5 -93.96 -11.25 82.14
CA PRO OA 5 -93.45 -10.13 82.93
C PRO OA 5 -93.62 -10.42 84.41
N ILE OA 6 -92.63 -9.98 85.19
CA ILE OA 6 -92.65 -10.27 86.62
C ILE OA 6 -92.50 -8.95 87.37
N THR OA 7 -93.13 -8.88 88.54
CA THR OA 7 -93.15 -7.67 89.35
C THR OA 7 -92.28 -7.88 90.59
N LEU OA 8 -91.40 -6.91 90.88
CA LEU OA 8 -90.49 -6.95 92.01
C LEU OA 8 -90.59 -5.66 92.79
N THR OA 9 -90.39 -5.73 94.09
CA THR OA 9 -90.50 -4.56 94.96
C THR OA 9 -89.13 -3.92 95.17
N ASP OA 10 -89.05 -2.60 95.03
CA ASP OA 10 -87.81 -1.88 95.24
C ASP OA 10 -87.62 -1.57 96.72
N HIS OA 11 -86.69 -0.68 97.05
CA HIS OA 11 -86.43 -0.38 98.46
C HIS OA 11 -87.62 0.28 99.13
N SER OA 12 -88.37 1.08 98.40
CA SER OA 12 -89.55 1.75 98.92
C SER OA 12 -90.78 0.85 98.93
N SER OA 13 -90.61 -0.44 98.62
CA SER OA 13 -91.67 -1.44 98.45
C SER OA 13 -92.59 -1.11 97.27
N ALA OA 14 -92.22 -0.14 96.43
CA ALA OA 14 -93.02 0.16 95.25
C ALA OA 14 -92.82 -0.92 94.19
N ASP OA 15 -93.92 -1.29 93.53
CA ASP OA 15 -93.84 -2.31 92.50
C ASP OA 15 -93.03 -1.83 91.31
N VAL OA 16 -92.33 -2.76 90.68
CA VAL OA 16 -91.43 -2.50 89.56
C VAL OA 16 -91.61 -3.66 88.59
N ILE OA 17 -92.14 -3.37 87.41
CA ILE OA 17 -92.60 -4.40 86.48
C ILE OA 17 -91.53 -4.59 85.42
N PHE OA 18 -90.89 -5.75 85.41
CA PHE OA 18 -89.93 -6.13 84.39
C PHE OA 18 -90.65 -6.91 83.29
N THR OA 19 -90.65 -6.36 82.06
CA THR OA 19 -91.24 -7.12 80.97
C THR OA 19 -90.18 -7.99 80.30
N PRO OA 20 -90.56 -9.14 79.76
CA PRO OA 20 -89.56 -9.98 79.11
C PRO OA 20 -88.98 -9.28 77.88
N THR OA 21 -87.66 -9.37 77.74
CA THR OA 21 -86.95 -8.76 76.62
C THR OA 21 -86.47 -9.80 75.63
N GLN OA 22 -85.69 -10.79 76.08
CA GLN OA 22 -85.02 -11.62 75.11
C GLN OA 22 -84.74 -13.01 75.67
N ILE OA 23 -84.86 -14.02 74.81
CA ILE OA 23 -84.33 -15.34 75.10
C ILE OA 23 -83.05 -15.50 74.28
N ASP OA 24 -81.96 -15.80 74.96
CA ASP OA 24 -80.62 -15.68 74.37
C ASP OA 24 -80.36 -16.82 73.39
N LYS OA 25 -79.16 -16.80 72.80
CA LYS OA 25 -78.70 -17.95 72.02
C LYS OA 25 -78.31 -19.10 72.94
N ASN OA 26 -77.75 -18.80 74.11
CA ASN OA 26 -77.32 -19.81 75.06
C ASN OA 26 -78.43 -20.26 76.01
N GLY OA 27 -79.52 -19.51 76.07
CA GLY OA 27 -80.61 -19.80 76.99
C GLY OA 27 -80.86 -18.72 78.01
N VAL OA 28 -80.14 -17.61 77.97
CA VAL OA 28 -80.32 -16.55 78.96
C VAL OA 28 -81.63 -15.84 78.71
N ALA OA 29 -82.39 -15.60 79.77
CA ALA OA 29 -83.65 -14.87 79.70
C ALA OA 29 -83.42 -13.48 80.28
N TYR OA 30 -83.73 -12.46 79.49
CA TYR OA 30 -83.51 -11.06 79.84
C TYR OA 30 -84.86 -10.37 80.02
N PHE OA 31 -85.09 -9.83 81.21
CA PHE OA 31 -86.21 -8.95 81.52
C PHE OA 31 -85.71 -7.53 81.72
N ARG OA 32 -86.46 -6.56 81.22
CA ARG OA 32 -86.07 -5.16 81.22
C ARG OA 32 -87.19 -4.33 81.84
N HIS OA 33 -86.80 -3.34 82.63
CA HIS OA 33 -87.71 -2.35 83.19
C HIS OA 33 -87.20 -0.99 82.73
N LEU OA 34 -87.88 -0.41 81.74
CA LEU OA 34 -87.47 0.88 81.21
C LEU OA 34 -87.79 1.99 82.19
N GLN OA 35 -87.14 3.13 81.99
CA GLN OA 35 -87.39 4.29 82.84
C GLN OA 35 -88.61 5.04 82.35
N ALA OA 36 -88.88 6.20 82.96
CA ALA OA 36 -90.02 7.02 82.54
C ALA OA 36 -89.87 7.41 81.07
N ASN OA 37 -88.70 7.92 80.69
CA ASN OA 37 -88.45 8.42 79.35
C ASN OA 37 -88.16 7.30 78.35
N GLY OA 38 -88.15 6.04 78.78
CA GLY OA 38 -87.83 4.95 77.88
C GLY OA 38 -86.41 4.97 77.36
N LYS OA 39 -85.45 5.30 78.22
CA LYS OA 39 -84.04 5.31 77.83
C LYS OA 39 -83.43 3.94 78.09
N PRO OA 40 -82.96 3.23 77.05
CA PRO OA 40 -82.38 1.90 77.28
C PRO OA 40 -81.25 1.90 78.27
N ILE OA 41 -80.34 2.88 78.16
CA ILE OA 41 -79.20 2.98 79.06
C ILE OA 41 -79.64 3.07 80.51
N GLY OA 42 -80.87 3.50 80.77
CA GLY OA 42 -81.35 3.61 82.13
C GLY OA 42 -82.18 2.45 82.63
N ALA OA 43 -82.42 1.43 81.81
CA ALA OA 43 -83.35 0.38 82.19
C ALA OA 43 -82.71 -0.63 83.13
N TYR OA 44 -83.48 -1.07 84.13
CA TYR OA 44 -83.06 -2.18 84.97
C TYR OA 44 -83.16 -3.48 84.19
N THR OA 45 -82.29 -4.43 84.51
CA THR OA 45 -82.31 -5.71 83.83
C THR OA 45 -82.21 -6.86 84.83
N VAL OA 46 -82.84 -7.98 84.47
CA VAL OA 46 -82.77 -9.21 85.26
C VAL OA 46 -82.55 -10.37 84.29
N SER OA 47 -81.47 -11.12 84.51
CA SER OA 47 -81.09 -12.26 83.66
C SER OA 47 -81.25 -13.54 84.44
N SER OA 48 -81.77 -14.57 83.77
CA SER OA 48 -81.91 -15.89 84.38
C SER OA 48 -81.52 -16.95 83.37
N HIS OA 49 -80.53 -17.75 83.71
CA HIS OA 49 -80.07 -18.82 82.82
C HIS OA 49 -79.71 -20.05 83.64
N VAL OA 50 -80.18 -21.21 83.22
CA VAL OA 50 -79.86 -22.45 83.90
C VAL OA 50 -79.10 -23.37 82.95
N LYS OA 51 -77.99 -23.92 83.44
CA LYS OA 51 -77.10 -24.78 82.68
C LYS OA 51 -77.21 -26.18 83.26
N GLU OA 52 -77.74 -27.10 82.45
CA GLU OA 52 -77.91 -28.49 82.81
C GLU OA 52 -76.56 -29.20 82.81
N PRO OA 53 -76.44 -30.32 83.54
CA PRO OA 53 -75.19 -31.07 83.54
C PRO OA 53 -75.04 -31.91 82.28
N GLY OA 54 -73.78 -32.16 81.91
CA GLY OA 54 -73.48 -32.98 80.77
C GLY OA 54 -72.25 -33.83 81.04
N THR OA 55 -72.13 -34.90 80.25
CA THR OA 55 -71.04 -35.87 80.41
C THR OA 55 -70.97 -36.33 81.87
N ASN OA 56 -72.11 -36.80 82.36
CA ASN OA 56 -72.26 -37.35 83.71
C ASN OA 56 -71.70 -36.38 84.76
N GLY OA 57 -72.09 -35.11 84.62
CA GLY OA 57 -71.77 -34.12 85.62
C GLY OA 57 -72.85 -34.09 86.70
N ASP OA 58 -72.42 -33.98 87.95
CA ASP OA 58 -73.37 -34.00 89.05
C ASP OA 58 -74.09 -32.67 89.24
N VAL OA 59 -73.57 -31.60 88.66
CA VAL OA 59 -73.92 -30.24 89.07
C VAL OA 59 -74.88 -29.58 88.08
N PHE OA 60 -75.72 -28.70 88.61
CA PHE OA 60 -76.56 -27.78 87.88
C PHE OA 60 -76.07 -26.37 88.18
N ARG OA 61 -75.97 -25.52 87.17
CA ARG OA 61 -75.49 -24.14 87.38
C ARG OA 61 -76.57 -23.16 86.99
N VAL OA 62 -77.26 -22.59 87.99
CA VAL OA 62 -78.39 -21.71 87.74
C VAL OA 62 -77.99 -20.29 88.16
N LYS OA 63 -78.14 -19.34 87.25
CA LYS OA 63 -77.60 -18.00 87.41
C LYS OA 63 -78.71 -16.97 87.35
N LEU OA 64 -78.64 -15.99 88.25
CA LEU OA 64 -79.58 -14.88 88.35
C LEU OA 64 -78.80 -13.58 88.48
N PHE OA 65 -79.05 -12.64 87.56
CA PHE OA 65 -78.38 -11.35 87.53
C PHE OA 65 -79.42 -10.25 87.68
N VAL OA 66 -79.10 -9.25 88.49
CA VAL OA 66 -79.96 -8.07 88.69
C VAL OA 66 -79.07 -6.85 88.53
N ASN OA 67 -79.26 -6.13 87.42
CA ASN OA 67 -78.43 -4.98 87.08
C ASN OA 67 -79.26 -3.72 87.21
N VAL OA 68 -78.80 -2.78 88.04
CA VAL OA 68 -79.43 -1.48 88.29
C VAL OA 68 -78.50 -0.39 87.79
N PRO OA 69 -78.79 0.27 86.68
CA PRO OA 69 -77.95 1.38 86.25
C PRO OA 69 -78.44 2.69 86.83
N GLU OA 70 -77.50 3.60 87.03
CA GLU OA 70 -77.81 5.00 87.28
C GLU OA 70 -77.17 5.83 86.17
N VAL OA 71 -77.97 6.70 85.57
CA VAL OA 71 -77.57 7.58 84.48
C VAL OA 71 -76.82 8.78 85.04
N ALA OA 72 -75.73 9.20 84.40
CA ALA OA 72 -75.03 10.42 84.79
C ALA OA 72 -75.26 11.45 83.72
N THR OA 73 -75.84 12.59 84.11
CA THR OA 73 -76.13 13.65 83.15
C THR OA 73 -75.01 14.68 83.12
N GLU OA 85 -75.83 10.95 79.93
CA GLU OA 85 -75.17 10.48 78.71
C GLU OA 85 -74.53 9.10 78.89
N ILE OA 86 -73.66 8.95 79.88
CA ILE OA 86 -73.06 7.67 80.21
C ILE OA 86 -73.54 7.30 81.61
N ALA OA 87 -73.67 6.00 81.85
CA ALA OA 87 -74.32 5.52 83.05
C ALA OA 87 -73.47 4.43 83.67
N ARG OA 88 -73.42 4.37 85.00
CA ARG OA 88 -72.69 3.32 85.67
C ARG OA 88 -73.67 2.38 86.36
N THR OA 89 -73.33 1.09 86.38
CA THR OA 89 -74.29 0.06 86.73
C THR OA 89 -73.82 -0.64 88.00
N ASN OA 90 -74.66 -0.61 89.05
CA ASN OA 90 -74.54 -1.55 90.15
C ASN OA 90 -75.08 -2.89 89.71
N ARG OA 91 -74.39 -3.97 90.09
CA ARG OA 91 -74.83 -5.30 89.68
C ARG OA 91 -74.86 -6.25 90.86
N ALA OA 92 -75.80 -7.18 90.81
CA ALA OA 92 -75.82 -8.35 91.68
C ALA OA 92 -75.79 -9.59 90.80
N GLN OA 93 -74.89 -10.52 91.09
CA GLN OA 93 -74.70 -11.70 90.26
C GLN OA 93 -74.68 -12.93 91.15
N VAL OA 94 -75.67 -13.79 91.01
CA VAL OA 94 -75.82 -14.97 91.86
C VAL OA 94 -75.69 -16.21 91.00
N GLU OA 95 -74.88 -17.16 91.45
CA GLU OA 95 -74.75 -18.47 90.83
C GLU OA 95 -75.01 -19.52 91.90
N PHE OA 96 -76.05 -20.33 91.70
CA PHE OA 96 -76.32 -21.48 92.54
C PHE OA 96 -75.75 -22.71 91.86
N ILE OA 97 -75.04 -23.52 92.63
CA ILE OA 97 -74.50 -24.79 92.20
C ILE OA 97 -75.27 -25.87 92.94
N LEU OA 98 -76.07 -26.64 92.20
CA LEU OA 98 -77.02 -27.58 92.80
C LEU OA 98 -76.78 -28.99 92.29
N PRO OA 99 -76.35 -29.94 93.11
CA PRO OA 99 -76.21 -31.32 92.63
C PRO OA 99 -77.55 -31.92 92.24
N ALA OA 100 -77.48 -32.91 91.35
CA ALA OA 100 -78.69 -33.51 90.78
C ALA OA 100 -79.37 -34.47 91.73
N GLN OA 101 -78.64 -35.07 92.68
CA GLN OA 101 -79.28 -35.99 93.62
C GLN OA 101 -79.96 -35.30 94.78
N SER OA 102 -79.65 -34.03 95.03
CA SER OA 102 -80.27 -33.34 96.17
C SER OA 102 -81.77 -33.23 95.98
N ALA OA 103 -82.53 -33.71 96.96
CA ALA OA 103 -83.96 -33.52 96.93
C ALA OA 103 -84.29 -32.03 97.01
N ALA OA 104 -85.43 -31.65 96.44
CA ALA OA 104 -85.79 -30.24 96.35
C ALA OA 104 -85.87 -29.56 97.72
N THR OA 105 -86.01 -30.34 98.81
CA THR OA 105 -86.02 -29.76 100.15
C THR OA 105 -84.78 -28.91 100.38
N VAL OA 106 -83.63 -29.44 99.97
CA VAL OA 106 -82.36 -28.77 100.23
C VAL OA 106 -82.31 -27.44 99.46
N ARG OA 107 -82.69 -27.47 98.18
CA ARG OA 107 -82.61 -26.25 97.38
C ARG OA 107 -83.60 -25.22 97.91
N GLU OA 108 -84.78 -25.66 98.35
CA GLU OA 108 -85.74 -24.74 98.92
C GLU OA 108 -85.17 -24.01 100.12
N ASP OA 109 -84.64 -24.75 101.12
CA ASP OA 109 -84.13 -24.03 102.30
C ASP OA 109 -82.79 -23.35 102.02
N LEU OA 110 -82.07 -23.73 100.96
CA LEU OA 110 -80.88 -22.96 100.60
C LEU OA 110 -81.27 -21.58 100.12
N VAL OA 111 -82.24 -21.51 99.20
CA VAL OA 111 -82.77 -20.22 98.77
C VAL OA 111 -83.29 -19.43 99.98
N ALA OA 112 -84.03 -20.10 100.86
CA ALA OA 112 -84.58 -19.40 102.01
C ALA OA 112 -83.46 -18.82 102.88
N LEU OA 113 -82.37 -19.57 103.04
CA LEU OA 113 -81.19 -19.11 103.76
C LEU OA 113 -80.60 -17.86 103.11
N LEU OA 114 -80.47 -17.88 101.78
CA LEU OA 114 -79.88 -16.74 101.09
C LEU OA 114 -80.74 -15.50 101.27
N ALA OA 115 -82.06 -15.66 101.13
CA ALA OA 115 -82.95 -14.52 101.25
C ALA OA 115 -82.94 -13.97 102.68
N SER OA 116 -82.93 -14.86 103.68
CA SER OA 116 -82.87 -14.39 105.06
C SER OA 116 -81.53 -13.73 105.37
N ALA OA 117 -80.46 -14.17 104.71
CA ALA OA 117 -79.17 -13.51 104.90
C ALA OA 117 -79.18 -12.11 104.30
N LEU OA 118 -79.83 -11.96 103.14
CA LEU OA 118 -80.01 -10.62 102.57
C LEU OA 118 -80.87 -9.75 103.46
N ALA OA 119 -81.84 -10.35 104.16
CA ALA OA 119 -82.72 -9.56 105.02
C ALA OA 119 -82.06 -9.20 106.35
N ASP OA 120 -81.13 -10.03 106.83
CA ASP OA 120 -80.48 -9.76 108.11
C ASP OA 120 -79.76 -8.42 108.06
N THR OA 121 -79.89 -7.64 109.13
CA THR OA 121 -79.35 -6.28 109.13
C THR OA 121 -77.83 -6.28 109.07
N ALA OA 122 -77.19 -7.19 109.81
CA ALA OA 122 -75.73 -7.23 109.84
C ALA OA 122 -75.16 -7.54 108.46
N ILE OA 123 -75.71 -8.55 107.79
CA ILE OA 123 -75.24 -8.93 106.46
C ILE OA 123 -75.62 -7.87 105.44
N LYS OA 124 -76.81 -7.28 105.57
CA LYS OA 124 -77.24 -6.26 104.63
C LYS OA 124 -76.35 -5.02 104.71
N SER OA 125 -75.83 -4.72 105.90
CA SER OA 125 -74.90 -3.60 106.03
C SER OA 125 -73.68 -3.81 105.15
N THR OA 126 -73.22 -5.05 105.05
CA THR OA 126 -72.08 -5.40 104.20
C THR OA 126 -72.26 -4.89 102.79
N ILE OA 127 -73.45 -5.07 102.22
CA ILE OA 127 -73.67 -4.66 100.85
C ILE OA 127 -74.00 -3.18 100.76
N VAL OA 128 -74.95 -2.73 101.57
CA VAL OA 128 -75.50 -1.40 101.42
C VAL OA 128 -74.45 -0.34 101.74
N ASN OA 129 -73.74 -0.51 102.86
CA ASN OA 129 -72.80 0.47 103.38
C ASN OA 129 -71.36 0.14 103.02
N VAL OA 130 -71.14 -0.90 102.21
CA VAL OA 130 -69.82 -1.41 101.83
C VAL OA 130 -68.86 -1.37 103.01
N GLU OA 131 -69.27 -2.02 104.11
CA GLU OA 131 -68.43 -2.17 105.31
C GLU OA 131 -67.93 -3.60 105.38
N HIS OA 132 -66.65 -3.77 105.75
CA HIS OA 132 -66.07 -5.06 106.04
C HIS OA 132 -66.59 -5.62 107.37
N PHE OA 133 -66.57 -6.94 107.50
CA PHE OA 133 -66.78 -7.54 108.81
C PHE OA 133 -65.53 -7.37 109.67
N TYR OA 134 -65.73 -7.00 110.92
CA TYR OA 134 -64.61 -6.75 111.84
C TYR OA 134 -64.88 -7.19 113.28
N PRO PA 1 -96.85 -23.96 66.40
CA PRO PA 1 -96.96 -24.59 67.72
C PRO PA 1 -96.17 -23.83 68.75
N ALA PA 2 -96.85 -22.94 69.48
CA ALA PA 2 -96.20 -22.26 70.59
C ALA PA 2 -95.86 -23.27 71.67
N LEU PA 3 -94.77 -22.99 72.39
CA LEU PA 3 -94.32 -23.89 73.45
C LEU PA 3 -95.31 -23.86 74.61
N LYS PA 4 -95.81 -25.03 74.98
CA LYS PA 4 -96.90 -25.20 75.93
C LYS PA 4 -96.73 -26.56 76.59
N PRO PA 5 -97.04 -26.70 77.88
CA PRO PA 5 -97.08 -28.04 78.47
C PRO PA 5 -98.13 -28.88 77.76
N ILE PA 6 -97.71 -30.06 77.33
CA ILE PA 6 -98.59 -30.92 76.56
C ILE PA 6 -98.88 -32.16 77.40
N THR PA 7 -100.13 -32.59 77.40
CA THR PA 7 -100.56 -33.74 78.17
C THR PA 7 -100.67 -34.94 77.24
N LEU PA 8 -100.04 -36.05 77.62
CA LEU PA 8 -100.05 -37.28 76.84
C LEU PA 8 -100.61 -38.40 77.71
N THR PA 9 -101.33 -39.33 77.09
CA THR PA 9 -101.97 -40.42 77.81
C THR PA 9 -101.08 -41.64 77.81
N ASP PA 10 -100.94 -42.31 78.97
CA ASP PA 10 -100.07 -43.47 79.08
C ASP PA 10 -100.86 -44.74 78.76
N HIS PA 11 -100.35 -45.89 79.20
CA HIS PA 11 -101.03 -47.13 78.89
C HIS PA 11 -102.37 -47.25 79.59
N SER PA 12 -102.45 -46.80 80.84
CA SER PA 12 -103.70 -46.84 81.58
C SER PA 12 -104.67 -45.73 81.19
N SER PA 13 -104.36 -44.95 80.16
CA SER PA 13 -105.07 -43.77 79.69
C SER PA 13 -104.98 -42.60 80.67
N ALA PA 14 -104.24 -42.73 81.76
CA ALA PA 14 -104.03 -41.62 82.68
C ALA PA 14 -103.21 -40.53 82.00
N ASP PA 15 -103.49 -39.28 82.38
CA ASP PA 15 -102.77 -38.17 81.80
C ASP PA 15 -101.36 -38.07 82.38
N VAL PA 16 -100.45 -37.54 81.58
CA VAL PA 16 -99.04 -37.37 81.92
C VAL PA 16 -98.62 -36.03 81.32
N ILE PA 17 -98.34 -35.06 82.18
CA ILE PA 17 -98.12 -33.69 81.75
C ILE PA 17 -96.62 -33.49 81.54
N PHE PA 18 -96.23 -33.11 80.32
CA PHE PA 18 -94.86 -32.78 80.00
C PHE PA 18 -94.73 -31.26 79.95
N THR PA 19 -93.94 -30.71 80.86
CA THR PA 19 -93.67 -29.29 80.88
C THR PA 19 -92.49 -28.95 79.96
N PRO PA 20 -92.55 -27.83 79.24
CA PRO PA 20 -91.43 -27.46 78.37
C PRO PA 20 -90.18 -27.18 79.18
N THR PA 21 -89.07 -27.77 78.76
CA THR PA 21 -87.79 -27.59 79.43
C THR PA 21 -86.91 -26.55 78.76
N GLN PA 22 -86.67 -26.69 77.46
CA GLN PA 22 -85.57 -25.94 76.84
C GLN PA 22 -85.74 -25.98 75.33
N ILE PA 23 -85.29 -24.92 74.67
CA ILE PA 23 -85.18 -24.88 73.22
C ILE PA 23 -83.70 -24.86 72.87
N ASP PA 24 -83.26 -25.89 72.16
CA ASP PA 24 -81.84 -26.16 71.96
C ASP PA 24 -81.19 -25.09 71.08
N LYS PA 25 -79.86 -25.14 71.00
CA LYS PA 25 -79.14 -24.31 70.04
C LYS PA 25 -79.39 -24.77 68.61
N ASN PA 26 -79.72 -26.05 68.42
CA ASN PA 26 -79.97 -26.60 67.11
C ASN PA 26 -81.44 -26.56 66.72
N GLY PA 27 -82.30 -26.07 67.60
CA GLY PA 27 -83.72 -26.02 67.34
C GLY PA 27 -84.51 -27.08 68.06
N VAL PA 28 -83.84 -27.97 68.80
CA VAL PA 28 -84.54 -29.05 69.49
C VAL PA 28 -85.32 -28.48 70.67
N ALA PA 29 -86.58 -28.87 70.78
CA ALA PA 29 -87.44 -28.47 71.88
C ALA PA 29 -87.70 -29.67 72.76
N TYR PA 30 -87.49 -29.50 74.07
CA TYR PA 30 -87.56 -30.59 75.03
C TYR PA 30 -88.72 -30.39 75.99
N PHE PA 31 -89.54 -31.44 76.16
CA PHE PA 31 -90.58 -31.48 77.17
C PHE PA 31 -90.27 -32.60 78.14
N ARG PA 32 -90.35 -32.32 79.44
CA ARG PA 32 -89.97 -33.31 80.44
C ARG PA 32 -91.11 -33.56 81.42
N HIS PA 33 -91.11 -34.78 81.96
CA HIS PA 33 -91.96 -35.18 83.07
C HIS PA 33 -91.08 -35.92 84.06
N LEU PA 34 -91.00 -35.41 85.29
CA LEU PA 34 -90.06 -35.94 86.26
C LEU PA 34 -90.50 -37.31 86.76
N GLN PA 35 -89.53 -38.04 87.33
CA GLN PA 35 -89.79 -39.38 87.82
C GLN PA 35 -90.61 -39.35 89.11
N ALA PA 36 -90.85 -40.53 89.66
CA ALA PA 36 -91.59 -40.63 90.92
C ALA PA 36 -90.92 -39.81 92.01
N ASN PA 37 -89.62 -40.02 92.22
CA ASN PA 37 -88.87 -39.19 93.14
C ASN PA 37 -88.70 -37.78 92.58
N GLY PA 38 -88.69 -36.80 93.48
CA GLY PA 38 -88.52 -35.43 93.05
C GLY PA 38 -87.19 -35.12 92.43
N LYS PA 39 -86.28 -36.08 92.41
CA LYS PA 39 -84.93 -35.86 91.94
C LYS PA 39 -84.90 -35.85 90.41
N PRO PA 40 -84.45 -34.76 89.77
CA PRO PA 40 -84.46 -34.64 88.30
C PRO PA 40 -83.17 -35.18 87.69
N ILE PA 41 -83.00 -36.49 87.76
CA ILE PA 41 -81.85 -37.16 87.18
C ILE PA 41 -82.23 -37.89 85.90
N GLY PA 42 -83.15 -38.85 86.00
CA GLY PA 42 -83.75 -39.47 84.84
C GLY PA 42 -85.19 -39.00 84.76
N ALA PA 43 -85.61 -38.64 83.56
CA ALA PA 43 -86.92 -38.04 83.40
C ALA PA 43 -87.46 -38.39 82.04
N TYR PA 44 -88.77 -38.58 81.97
CA TYR PA 44 -89.41 -38.85 80.70
C TYR PA 44 -89.32 -37.62 79.81
N THR PA 45 -88.90 -37.80 78.56
CA THR PA 45 -88.63 -36.67 77.69
C THR PA 45 -89.29 -36.85 76.33
N VAL PA 46 -89.63 -35.72 75.72
CA VAL PA 46 -90.15 -35.66 74.36
C VAL PA 46 -89.41 -34.55 73.63
N SER PA 47 -88.67 -34.92 72.59
CA SER PA 47 -87.89 -33.98 71.79
C SER PA 47 -88.56 -33.77 70.45
N SER PA 48 -88.63 -32.51 70.02
CA SER PA 48 -89.18 -32.19 68.70
C SER PA 48 -88.23 -31.24 67.99
N HIS PA 49 -87.85 -31.60 66.76
CA HIS PA 49 -86.96 -30.75 65.97
C HIS PA 49 -87.30 -30.87 64.50
N VAL PA 50 -87.53 -29.74 63.84
CA VAL PA 50 -87.74 -29.73 62.41
C VAL PA 50 -86.54 -29.09 61.73
N LYS PA 51 -86.08 -29.71 60.66
CA LYS PA 51 -84.93 -29.26 59.89
C LYS PA 51 -85.41 -28.81 58.52
N GLU PA 52 -85.26 -27.52 58.25
CA GLU PA 52 -85.59 -26.93 56.97
C GLU PA 52 -84.70 -27.55 55.89
N PRO PA 53 -85.05 -27.37 54.62
CA PRO PA 53 -84.22 -27.92 53.54
C PRO PA 53 -83.13 -26.95 53.08
N GLY PA 54 -82.00 -27.51 52.72
CA GLY PA 54 -80.85 -26.73 52.27
C GLY PA 54 -80.72 -26.77 50.75
N THR PA 55 -80.58 -25.58 50.15
CA THR PA 55 -80.47 -25.46 48.70
C THR PA 55 -81.68 -26.07 48.01
N ASN PA 56 -82.86 -25.81 48.57
CA ASN PA 56 -84.14 -26.28 48.04
C ASN PA 56 -84.13 -27.80 47.80
N GLY PA 57 -83.33 -28.52 48.58
CA GLY PA 57 -83.49 -29.96 48.63
C GLY PA 57 -84.90 -30.31 49.08
N ASP PA 58 -85.54 -31.21 48.34
CA ASP PA 58 -86.97 -31.44 48.54
C ASP PA 58 -87.33 -31.79 49.98
N VAL PA 59 -86.40 -32.26 50.79
CA VAL PA 59 -86.70 -32.91 52.06
C VAL PA 59 -86.80 -31.89 53.20
N PHE PA 60 -87.83 -32.05 54.02
CA PHE PA 60 -87.93 -31.50 55.36
C PHE PA 60 -87.74 -32.66 56.32
N ARG PA 61 -86.89 -32.49 57.33
CA ARG PA 61 -86.58 -33.57 58.25
C ARG PA 61 -87.15 -33.25 59.62
N VAL PA 62 -88.31 -33.81 59.95
CA VAL PA 62 -89.02 -33.46 61.18
C VAL PA 62 -88.99 -34.67 62.11
N LYS PA 63 -88.45 -34.48 63.32
CA LYS PA 63 -88.10 -35.58 64.19
C LYS PA 63 -88.80 -35.43 65.53
N LEU PA 64 -89.26 -36.57 66.05
CA LEU PA 64 -89.98 -36.68 67.32
C LEU PA 64 -89.38 -37.83 68.11
N PHE PA 65 -88.92 -37.55 69.33
CA PHE PA 65 -88.31 -38.54 70.20
C PHE PA 65 -89.09 -38.63 71.49
N VAL PA 66 -89.30 -39.86 71.97
CA VAL PA 66 -89.98 -40.12 73.24
C VAL PA 66 -89.11 -41.08 74.03
N ASN PA 67 -88.47 -40.57 75.08
CA ASN PA 67 -87.54 -41.35 75.89
C ASN PA 67 -88.16 -41.61 77.26
N VAL PA 68 -88.26 -42.89 77.60
CA VAL PA 68 -88.81 -43.34 78.86
C VAL PA 68 -87.69 -44.02 79.66
N PRO PA 69 -87.08 -43.32 80.60
CA PRO PA 69 -86.04 -43.94 81.44
C PRO PA 69 -86.62 -44.64 82.66
N GLU PA 70 -86.05 -45.80 82.96
CA GLU PA 70 -86.28 -46.52 84.21
C GLU PA 70 -85.08 -46.27 85.12
N VAL PA 71 -85.35 -45.77 86.32
CA VAL PA 71 -84.35 -45.28 87.26
C VAL PA 71 -84.24 -46.25 88.43
N ALA PA 72 -83.10 -46.22 89.10
CA ALA PA 72 -82.83 -47.07 90.27
C ALA PA 72 -82.23 -46.22 91.38
N THR PA 73 -82.79 -46.34 92.57
CA THR PA 73 -82.26 -45.66 93.75
C THR PA 73 -81.32 -46.62 94.48
N ILE PA 74 -80.01 -46.35 94.40
CA ILE PA 74 -79.00 -47.21 94.98
C ILE PA 74 -78.42 -46.51 96.21
N THR PA 75 -78.46 -47.19 97.34
CA THR PA 75 -77.80 -46.70 98.54
C THR PA 75 -76.67 -47.66 98.90
N PRO PA 76 -75.42 -47.18 98.93
CA PRO PA 76 -74.29 -48.10 99.17
C PRO PA 76 -74.30 -48.72 100.55
N ASN PA 77 -73.34 -49.62 100.81
CA ASN PA 77 -73.33 -50.36 102.05
C ASN PA 77 -72.89 -49.47 103.20
N GLY PA 78 -73.68 -49.48 104.28
CA GLY PA 78 -73.34 -48.73 105.48
C GLY PA 78 -73.25 -47.24 105.29
N SER PA 79 -74.04 -46.69 104.36
CA SER PA 79 -74.00 -45.27 104.04
C SER PA 79 -75.34 -44.62 104.37
N ASP PA 80 -75.28 -43.42 104.93
CA ASP PA 80 -76.50 -42.72 105.32
C ASP PA 80 -77.35 -42.37 104.11
N THR PA 81 -76.71 -41.92 103.03
CA THR PA 81 -77.42 -41.27 101.93
C THR PA 81 -77.47 -42.17 100.70
N SER PA 82 -78.61 -42.13 100.01
CA SER PA 82 -78.82 -42.85 98.76
C SER PA 82 -78.66 -41.91 97.58
N SER PA 83 -78.17 -42.45 96.47
CA SER PA 83 -78.07 -41.69 95.23
C SER PA 83 -78.86 -42.42 94.15
N VAL PA 84 -79.30 -41.66 93.18
CA VAL PA 84 -80.15 -42.19 92.10
C VAL PA 84 -79.30 -42.36 90.85
N GLU PA 85 -79.71 -43.33 90.01
CA GLU PA 85 -78.91 -43.74 88.86
C GLU PA 85 -79.84 -44.16 87.73
N ILE PA 86 -79.42 -43.89 86.50
CA ILE PA 86 -80.24 -44.24 85.34
C ILE PA 86 -80.01 -45.71 85.02
N ALA PA 87 -81.02 -46.54 85.29
CA ALA PA 87 -80.87 -47.99 85.12
C ALA PA 87 -80.90 -48.37 83.64
N ARG PA 88 -81.96 -48.01 82.94
CA ARG PA 88 -82.01 -48.25 81.50
C ARG PA 88 -83.04 -47.31 80.90
N THR PA 89 -83.13 -47.31 79.57
CA THR PA 89 -84.06 -46.42 78.90
C THR PA 89 -84.72 -47.12 77.73
N ASN PA 90 -86.04 -47.03 77.62
CA ASN PA 90 -86.76 -47.36 76.41
C ASN PA 90 -86.90 -46.10 75.57
N ARG PA 91 -86.74 -46.24 74.26
CA ARG PA 91 -86.80 -45.07 73.40
C ARG PA 91 -87.64 -45.35 72.17
N ALA PA 92 -88.35 -44.32 71.71
CA ALA PA 92 -89.01 -44.32 70.43
C ALA PA 92 -88.50 -43.12 69.65
N GLN PA 93 -88.04 -43.34 68.42
CA GLN PA 93 -87.43 -42.30 67.62
C GLN PA 93 -88.09 -42.28 66.26
N VAL PA 94 -88.70 -41.16 65.90
CA VAL PA 94 -89.47 -41.02 64.67
C VAL PA 94 -88.87 -39.91 63.83
N GLU PA 95 -88.62 -40.20 62.57
CA GLU PA 95 -88.18 -39.21 61.59
C GLU PA 95 -89.14 -39.24 60.42
N PHE PA 96 -89.80 -38.12 60.17
CA PHE PA 96 -90.59 -37.95 58.96
C PHE PA 96 -89.74 -37.17 57.94
N ILE PA 97 -89.67 -37.71 56.74
CA ILE PA 97 -89.05 -37.06 55.59
C ILE PA 97 -90.19 -36.58 54.70
N LEU PA 98 -90.34 -35.27 54.59
CA LEU PA 98 -91.49 -34.69 53.92
C LEU PA 98 -91.03 -33.85 52.73
N PRO PA 99 -91.35 -34.20 51.50
CA PRO PA 99 -90.93 -33.37 50.36
C PRO PA 99 -91.58 -32.00 50.41
N ALA PA 100 -90.82 -30.99 49.98
CA ALA PA 100 -91.23 -29.60 50.07
C ALA PA 100 -92.32 -29.23 49.08
N GLN PA 101 -92.79 -30.17 48.27
CA GLN PA 101 -93.82 -29.88 47.28
C GLN PA 101 -95.12 -30.62 47.50
N SER PA 102 -95.17 -31.61 48.38
CA SER PA 102 -96.45 -32.22 48.71
C SER PA 102 -97.25 -31.28 49.59
N ALA PA 103 -98.56 -31.20 49.32
CA ALA PA 103 -99.43 -30.34 50.11
C ALA PA 103 -99.74 -31.00 51.46
N ALA PA 104 -100.34 -30.21 52.35
CA ALA PA 104 -100.56 -30.67 53.71
C ALA PA 104 -101.42 -31.93 53.80
N THR PA 105 -102.25 -32.19 52.79
CA THR PA 105 -103.12 -33.37 52.81
C THR PA 105 -102.30 -34.64 52.94
N VAL PA 106 -101.21 -34.72 52.18
CA VAL PA 106 -100.36 -35.91 52.18
C VAL PA 106 -99.75 -36.12 53.56
N ARG PA 107 -99.25 -35.05 54.18
CA ARG PA 107 -98.65 -35.21 55.49
C ARG PA 107 -99.69 -35.58 56.53
N GLU PA 108 -100.89 -35.02 56.41
CA GLU PA 108 -101.96 -35.35 57.36
C GLU PA 108 -102.28 -36.84 57.30
N ASP PA 109 -102.51 -37.39 56.10
CA ASP PA 109 -102.87 -38.80 56.10
C ASP PA 109 -101.67 -39.71 56.30
N LEU PA 110 -100.44 -39.22 56.13
CA LEU PA 110 -99.28 -40.00 56.56
C LEU PA 110 -99.25 -40.15 58.08
N VAL PA 111 -99.45 -39.03 58.78
CA VAL PA 111 -99.50 -39.08 60.25
C VAL PA 111 -100.63 -40.00 60.70
N ALA PA 112 -101.80 -39.90 60.05
CA ALA PA 112 -102.92 -40.75 60.43
C ALA PA 112 -102.60 -42.22 60.20
N LEU PA 113 -101.93 -42.54 59.08
CA LEU PA 113 -101.51 -43.91 58.84
C LEU PA 113 -100.57 -44.41 59.91
N LEU PA 114 -99.62 -43.58 60.33
CA LEU PA 114 -98.68 -44.01 61.36
C LEU PA 114 -99.38 -44.25 62.69
N ALA PA 115 -100.29 -43.34 63.08
CA ALA PA 115 -101.00 -43.52 64.34
C ALA PA 115 -101.90 -44.75 64.31
N SER PA 116 -102.58 -44.98 63.19
CA SER PA 116 -103.42 -46.17 63.08
C SER PA 116 -102.59 -47.44 63.04
N ALA PA 117 -101.36 -47.38 62.50
CA ALA PA 117 -100.48 -48.53 62.55
C ALA PA 117 -100.05 -48.82 63.99
N LEU PA 118 -99.76 -47.76 64.76
CA LEU PA 118 -99.46 -47.95 66.18
C LEU PA 118 -100.65 -48.51 66.94
N ALA PA 119 -101.87 -48.17 66.52
CA ALA PA 119 -103.06 -48.65 67.20
C ALA PA 119 -103.41 -50.10 66.83
N ASP PA 120 -103.12 -50.51 65.60
CA ASP PA 120 -103.43 -51.87 65.17
C ASP PA 120 -102.79 -52.89 66.10
N THR PA 121 -103.53 -53.94 66.43
CA THR PA 121 -103.05 -54.91 67.41
C THR PA 121 -101.88 -55.73 66.87
N ALA PA 122 -101.94 -56.12 65.59
CA ALA PA 122 -100.87 -56.91 64.99
C ALA PA 122 -99.56 -56.12 64.96
N ILE PA 123 -99.62 -54.88 64.49
CA ILE PA 123 -98.44 -54.03 64.48
C ILE PA 123 -98.00 -53.70 65.90
N LYS PA 124 -98.96 -53.60 66.83
CA LYS PA 124 -98.62 -53.22 68.20
C LYS PA 124 -97.82 -54.32 68.89
N SER PA 125 -98.26 -55.57 68.74
CA SER PA 125 -97.53 -56.67 69.38
C SER PA 125 -96.08 -56.74 68.90
N THR PA 126 -95.82 -56.31 67.66
CA THR PA 126 -94.45 -56.18 67.18
C THR PA 126 -93.59 -55.39 68.16
N ILE PA 127 -94.09 -54.23 68.59
CA ILE PA 127 -93.34 -53.38 69.49
C ILE PA 127 -93.42 -53.90 70.92
N VAL PA 128 -94.65 -54.04 71.41
CA VAL PA 128 -94.90 -54.30 72.82
C VAL PA 128 -94.35 -55.67 73.21
N ASN PA 129 -94.61 -56.69 72.41
CA ASN PA 129 -94.37 -58.08 72.76
C ASN PA 129 -93.09 -58.62 72.16
N VAL PA 130 -92.41 -57.85 71.32
CA VAL PA 130 -91.14 -58.24 70.72
C VAL PA 130 -91.31 -59.58 70.01
N GLU PA 131 -92.34 -59.65 69.18
CA GLU PA 131 -92.63 -60.77 68.33
C GLU PA 131 -92.36 -60.35 66.89
N HIS PA 132 -91.76 -61.25 66.13
CA HIS PA 132 -91.58 -61.07 64.68
C HIS PA 132 -92.90 -61.28 63.96
N PHE PA 133 -93.02 -60.65 62.80
CA PHE PA 133 -94.11 -60.98 61.89
C PHE PA 133 -93.82 -62.30 61.18
N TYR PA 134 -94.88 -63.10 60.99
CA TYR PA 134 -94.74 -64.40 60.34
C TYR PA 134 -96.01 -64.85 59.61
N PRO QA 1 -82.23 25.28 46.44
CA PRO QA 1 -82.83 26.24 45.50
C PRO QA 1 -82.95 25.61 44.12
N ALA QA 2 -84.20 25.41 43.69
CA ALA QA 2 -84.48 24.95 42.34
C ALA QA 2 -83.79 25.84 41.32
N LEU QA 3 -83.03 25.21 40.42
CA LEU QA 3 -82.25 25.94 39.42
C LEU QA 3 -83.18 26.81 38.60
N LYS QA 4 -82.94 28.12 38.64
CA LYS QA 4 -83.76 29.12 37.98
C LYS QA 4 -82.86 30.22 37.47
N PRO QA 5 -83.17 30.81 36.31
CA PRO QA 5 -82.40 31.96 35.85
C PRO QA 5 -82.53 33.10 36.83
N ILE QA 6 -81.40 33.71 37.16
CA ILE QA 6 -81.39 34.73 38.19
C ILE QA 6 -80.95 36.05 37.57
N THR QA 7 -81.47 37.14 38.11
CA THR QA 7 -81.19 38.47 37.59
C THR QA 7 -80.31 39.22 38.58
N LEU QA 8 -79.19 39.76 38.10
CA LEU QA 8 -78.23 40.50 38.91
C LEU QA 8 -78.01 41.88 38.31
N THR QA 9 -77.71 42.85 39.15
CA THR QA 9 -77.51 44.24 38.70
C THR QA 9 -76.04 44.52 38.43
N ASP QA 10 -75.77 45.20 37.32
CA ASP QA 10 -74.40 45.57 36.95
C ASP QA 10 -74.04 46.91 37.60
N HIS QA 11 -73.03 47.58 37.06
CA HIS QA 11 -72.61 48.82 37.70
C HIS QA 11 -73.66 49.91 37.57
N SER QA 12 -74.33 49.98 36.41
CA SER QA 12 -75.36 50.96 36.18
C SER QA 12 -76.70 50.58 36.80
N SER QA 13 -76.70 49.56 37.66
CA SER QA 13 -77.88 48.99 38.31
C SER QA 13 -78.90 48.45 37.31
N ALA QA 14 -78.51 48.30 36.04
CA ALA QA 14 -79.35 47.65 35.05
C ALA QA 14 -79.41 46.14 35.32
N ASP QA 15 -80.46 45.51 34.82
CA ASP QA 15 -80.62 44.08 35.02
C ASP QA 15 -79.74 43.29 34.06
N VAL QA 16 -79.27 42.13 34.53
CA VAL QA 16 -78.41 41.22 33.79
C VAL QA 16 -78.88 39.82 34.12
N ILE QA 17 -79.43 39.13 33.14
CA ILE QA 17 -80.12 37.86 33.36
C ILE QA 17 -79.15 36.72 33.06
N PHE QA 18 -78.86 35.92 34.08
CA PHE QA 18 -78.04 34.72 33.94
C PHE QA 18 -78.95 33.50 33.84
N THR QA 19 -78.89 32.80 32.72
CA THR QA 19 -79.68 31.59 32.53
C THR QA 19 -78.87 30.38 32.97
N PRO QA 20 -79.50 29.38 33.59
CA PRO QA 20 -78.77 28.19 33.97
C PRO QA 20 -78.30 27.43 32.74
N THR QA 21 -77.04 26.99 32.80
CA THR QA 21 -76.41 26.25 31.71
C THR QA 21 -76.26 24.77 32.03
N GLN QA 22 -75.73 24.43 33.21
CA GLN QA 22 -75.29 23.06 33.46
C GLN QA 22 -75.18 22.83 34.95
N ILE QA 23 -75.44 21.59 35.36
CA ILE QA 23 -75.11 21.12 36.69
C ILE QA 23 -74.00 20.08 36.51
N ASP QA 24 -72.87 20.32 37.18
CA ASP QA 24 -71.64 19.59 36.89
C ASP QA 24 -71.69 18.18 37.47
N LYS QA 25 -70.67 17.38 37.12
CA LYS QA 25 -70.51 16.08 37.75
C LYS QA 25 -70.15 16.21 39.22
N ASN QA 26 -69.48 17.30 39.59
CA ASN QA 26 -69.04 17.53 40.95
C ASN QA 26 -70.05 18.29 41.78
N GLY QA 27 -71.20 18.63 41.20
CA GLY QA 27 -72.19 19.43 41.89
C GLY QA 27 -72.13 20.90 41.61
N VAL QA 28 -71.28 21.33 40.67
CA VAL QA 28 -71.16 22.74 40.33
C VAL QA 28 -72.31 23.14 39.41
N ALA QA 29 -72.97 24.24 39.74
CA ALA QA 29 -74.06 24.77 38.94
C ALA QA 29 -73.60 26.06 38.27
N TYR QA 30 -73.83 26.17 36.97
CA TYR QA 30 -73.31 27.26 36.16
C TYR QA 30 -74.46 28.08 35.59
N PHE QA 31 -74.42 29.40 35.80
CA PHE QA 31 -75.31 30.33 35.13
C PHE QA 31 -74.49 31.19 34.18
N ARG QA 32 -74.99 31.39 32.96
CA ARG QA 32 -74.26 32.13 31.95
C ARG QA 32 -75.10 33.29 31.42
N HIS QA 33 -74.39 34.33 31.00
CA HIS QA 33 -74.94 35.47 30.29
C HIS QA 33 -74.01 35.75 29.11
N LEU QA 34 -74.54 35.64 27.89
CA LEU QA 34 -73.72 35.74 26.69
C LEU QA 34 -73.20 37.16 26.51
N GLN QA 35 -72.14 37.28 25.69
CA GLN QA 35 -71.55 38.59 25.41
C GLN QA 35 -72.44 39.39 24.48
N ALA QA 36 -71.94 40.57 24.10
CA ALA QA 36 -72.64 41.41 23.15
C ALA QA 36 -72.94 40.66 21.86
N ASN QA 37 -71.91 40.05 21.27
CA ASN QA 37 -72.13 39.19 20.11
C ASN QA 37 -72.91 37.95 20.52
N GLY QA 38 -73.67 37.40 19.56
CA GLY QA 38 -74.47 36.22 19.83
C GLY QA 38 -73.64 34.98 20.04
N LYS QA 39 -72.34 35.10 19.85
CA LYS QA 39 -71.39 34.01 19.96
C LYS QA 39 -71.09 33.71 21.42
N PRO QA 40 -71.06 32.44 21.81
CA PRO QA 40 -70.92 32.06 23.22
C PRO QA 40 -69.49 31.84 23.70
N ILE QA 41 -68.47 32.21 22.94
CA ILE QA 41 -67.11 31.73 23.22
C ILE QA 41 -66.61 32.30 24.55
N GLY QA 42 -66.87 33.58 24.80
CA GLY QA 42 -66.60 34.15 26.12
C GLY QA 42 -67.90 34.62 26.68
N ALA QA 43 -68.17 34.36 27.96
CA ALA QA 43 -69.47 34.73 28.52
C ALA QA 43 -69.34 34.92 30.02
N TYR QA 44 -70.17 35.83 30.54
CA TYR QA 44 -70.21 36.06 31.98
C TYR QA 44 -70.79 34.82 32.67
N THR QA 45 -70.14 34.39 33.75
CA THR QA 45 -70.55 33.15 34.41
C THR QA 45 -70.64 33.33 35.91
N VAL QA 46 -71.54 32.55 36.51
CA VAL QA 46 -71.69 32.47 37.95
C VAL QA 46 -71.75 30.99 38.32
N SER QA 47 -70.79 30.54 39.12
CA SER QA 47 -70.67 29.15 39.54
C SER QA 47 -71.02 29.03 41.01
N SER QA 48 -71.81 28.02 41.34
CA SER QA 48 -72.17 27.76 42.73
C SER QA 48 -71.98 26.28 43.03
N HIS QA 49 -71.16 25.98 44.04
CA HIS QA 49 -70.99 24.60 44.46
C HIS QA 49 -70.81 24.55 45.97
N VAL QA 50 -71.59 23.70 46.63
CA VAL QA 50 -71.47 23.52 48.07
C VAL QA 50 -71.03 22.10 48.33
N LYS QA 51 -69.99 21.96 49.15
CA LYS QA 51 -69.37 20.68 49.48
C LYS QA 51 -69.72 20.34 50.92
N GLU QA 52 -70.53 19.29 51.08
CA GLU QA 52 -70.93 18.85 52.40
C GLU QA 52 -69.74 18.20 53.11
N PRO QA 53 -69.74 18.17 54.44
CA PRO QA 53 -68.60 17.60 55.17
C PRO QA 53 -68.62 16.09 55.18
N GLY QA 54 -67.44 15.52 55.45
CA GLY QA 54 -67.30 14.08 55.51
C GLY QA 54 -66.63 13.64 56.80
N THR QA 55 -67.00 12.43 57.23
CA THR QA 55 -66.54 11.90 58.52
C THR QA 55 -66.84 12.88 59.65
N ASN QA 56 -68.12 13.27 59.74
CA ASN QA 56 -68.57 14.30 60.67
C ASN QA 56 -67.69 15.54 60.60
N GLY QA 57 -67.24 15.88 59.39
CA GLY QA 57 -66.42 17.07 59.23
C GLY QA 57 -67.14 18.29 59.75
N ASP QA 58 -66.40 19.15 60.44
CA ASP QA 58 -67.04 20.31 61.04
C ASP QA 58 -67.54 21.30 59.98
N VAL QA 59 -67.07 21.20 58.74
CA VAL QA 59 -67.12 22.31 57.80
C VAL QA 59 -67.90 21.94 56.54
N PHE QA 60 -68.91 22.74 56.22
CA PHE QA 60 -69.40 22.92 54.86
C PHE QA 60 -68.48 23.91 54.15
N ARG QA 61 -68.22 23.64 52.86
CA ARG QA 61 -67.43 24.56 52.03
C ARG QA 61 -68.27 25.01 50.84
N VAL QA 62 -68.77 26.23 50.88
CA VAL QA 62 -69.74 26.72 49.91
C VAL QA 62 -69.06 27.79 49.06
N LYS QA 63 -69.05 27.62 47.74
CA LYS QA 63 -68.24 28.43 46.86
C LYS QA 63 -69.11 29.10 45.80
N LEU QA 64 -68.80 30.39 45.58
CA LEU QA 64 -69.49 31.24 44.62
C LEU QA 64 -68.45 31.93 43.75
N PHE QA 65 -68.57 31.76 42.44
CA PHE QA 65 -67.63 32.33 41.48
C PHE QA 65 -68.37 33.24 40.52
N VAL QA 66 -67.78 34.41 40.24
CA VAL QA 66 -68.33 35.38 39.31
C VAL QA 66 -67.23 35.75 38.34
N ASN QA 67 -67.34 35.28 37.09
CA ASN QA 67 -66.32 35.48 36.08
C ASN QA 67 -66.83 36.43 35.01
N VAL QA 68 -66.07 37.49 34.77
CA VAL QA 68 -66.40 38.54 33.81
C VAL QA 68 -65.29 38.59 32.77
N PRO QA 69 -65.48 37.95 31.61
CA PRO QA 69 -64.48 38.07 30.54
C PRO QA 69 -64.70 39.28 29.65
N GLU QA 70 -63.59 39.85 29.22
CA GLU QA 70 -63.54 40.80 28.09
C GLU QA 70 -63.04 40.03 26.88
N VAL QA 71 -63.88 39.97 25.85
CA VAL QA 71 -63.55 39.31 24.60
C VAL QA 71 -63.11 40.34 23.58
N ALA QA 72 -62.35 39.90 22.59
CA ALA QA 72 -61.89 40.76 21.50
C ALA QA 72 -62.20 40.09 20.17
N THR QA 73 -62.64 40.89 19.22
CA THR QA 73 -63.01 40.42 17.90
C THR QA 73 -61.82 40.58 16.96
N ILE QA 74 -61.17 39.47 16.62
CA ILE QA 74 -60.01 39.48 15.75
C ILE QA 74 -60.47 39.11 14.35
N THR QA 75 -60.17 39.98 13.38
CA THR QA 75 -60.49 39.72 11.98
C THR QA 75 -59.20 39.83 11.19
N PRO QA 76 -58.75 38.77 10.52
CA PRO QA 76 -57.46 38.81 9.81
C PRO QA 76 -57.47 39.84 8.69
N ASN QA 77 -56.27 40.15 8.20
CA ASN QA 77 -56.10 41.25 7.28
C ASN QA 77 -56.82 40.98 5.96
N GLY QA 78 -57.77 41.84 5.62
CA GLY QA 78 -58.52 41.72 4.38
C GLY QA 78 -59.44 40.51 4.31
N SER QA 79 -60.06 40.15 5.44
CA SER QA 79 -60.90 38.97 5.52
C SER QA 79 -62.36 39.35 5.67
N ASP QA 80 -63.23 38.46 5.18
CA ASP QA 80 -64.67 38.70 5.28
C ASP QA 80 -65.16 38.51 6.71
N THR QA 81 -64.83 37.37 7.32
CA THR QA 81 -65.40 36.99 8.60
C THR QA 81 -64.38 37.15 9.72
N SER QA 82 -64.88 37.43 10.92
CA SER QA 82 -64.08 37.62 12.10
C SER QA 82 -64.34 36.52 13.11
N SER QA 83 -63.32 36.20 13.89
CA SER QA 83 -63.43 35.22 14.96
C SER QA 83 -63.23 35.91 16.30
N VAL QA 84 -63.86 35.37 17.34
CA VAL QA 84 -63.83 35.99 18.66
C VAL QA 84 -62.86 35.21 19.56
N GLU QA 85 -62.09 35.95 20.36
CA GLU QA 85 -61.06 35.39 21.21
C GLU QA 85 -61.23 35.96 22.62
N ILE QA 86 -60.88 35.17 23.63
CA ILE QA 86 -61.01 35.62 25.01
C ILE QA 86 -59.80 36.47 25.35
N ALA QA 87 -59.98 37.78 25.42
CA ALA QA 87 -58.87 38.70 25.64
C ALA QA 87 -58.33 38.58 27.06
N ARG QA 88 -59.18 38.84 28.05
CA ARG QA 88 -58.76 38.67 29.44
C ARG QA 88 -60.01 38.46 30.27
N THR QA 89 -59.82 38.12 31.55
CA THR QA 89 -60.95 37.84 32.42
C THR QA 89 -60.70 38.45 33.80
N ASN QA 90 -61.68 39.17 34.31
CA ASN QA 90 -61.73 39.50 35.73
C ASN QA 90 -62.54 38.43 36.46
N ARG QA 91 -62.14 38.13 37.69
CA ARG QA 91 -62.82 37.07 38.44
C ARG QA 91 -62.98 37.46 39.89
N ALA QA 92 -64.03 36.95 40.51
CA ALA QA 92 -64.23 37.04 41.95
C ALA QA 92 -64.60 35.65 42.46
N GLN QA 93 -63.88 35.18 43.48
CA GLN QA 93 -64.01 33.81 43.97
C GLN QA 93 -64.21 33.83 45.47
N VAL QA 94 -65.35 33.33 45.92
CA VAL QA 94 -65.76 33.40 47.32
C VAL QA 94 -65.91 31.99 47.86
N GLU QA 95 -65.22 31.69 48.95
CA GLU QA 95 -65.38 30.43 49.66
C GLU QA 95 -65.82 30.78 51.08
N PHE QA 96 -67.04 30.38 51.43
CA PHE QA 96 -67.48 30.43 52.82
C PHE QA 96 -67.18 29.08 53.45
N ILE QA 97 -66.49 29.12 54.58
CA ILE QA 97 -66.23 27.95 55.41
C ILE QA 97 -67.22 28.04 56.56
N LEU QA 98 -68.28 27.26 56.50
CA LEU QA 98 -69.28 27.33 57.55
C LEU QA 98 -69.22 26.08 58.41
N PRO QA 99 -69.31 26.17 59.73
CA PRO QA 99 -69.40 24.94 60.53
C PRO QA 99 -70.80 24.38 60.60
N ALA QA 100 -70.88 23.03 60.61
CA ALA QA 100 -72.16 22.36 60.69
C ALA QA 100 -72.86 22.54 62.02
N GLN QA 101 -72.17 23.12 63.00
CA GLN QA 101 -72.68 23.26 64.35
C GLN QA 101 -73.22 24.66 64.64
N SER QA 102 -73.18 25.56 63.66
CA SER QA 102 -73.58 26.94 63.86
C SER QA 102 -75.09 27.10 63.69
N ALA QA 103 -75.58 28.27 64.07
CA ALA QA 103 -76.98 28.65 63.87
C ALA QA 103 -77.09 29.58 62.66
N ALA QA 104 -78.23 29.49 61.97
CA ALA QA 104 -78.42 30.24 60.74
C ALA QA 104 -78.29 31.75 60.95
N THR QA 105 -78.54 32.24 62.17
CA THR QA 105 -78.34 33.65 62.48
C THR QA 105 -76.91 34.08 62.14
N VAL QA 106 -75.95 33.24 62.54
CA VAL QA 106 -74.55 33.56 62.33
C VAL QA 106 -74.22 33.65 60.85
N ARG QA 107 -74.70 32.69 60.06
CA ARG QA 107 -74.43 32.74 58.63
C ARG QA 107 -75.12 33.93 57.98
N GLU QA 108 -76.33 34.26 58.44
CA GLU QA 108 -77.02 35.41 57.88
C GLU QA 108 -76.22 36.69 58.09
N ASP QA 109 -75.77 36.95 59.33
CA ASP QA 109 -75.04 38.20 59.49
C ASP QA 109 -73.60 38.12 59.00
N LEU QA 110 -73.05 36.93 58.79
CA LEU QA 110 -71.77 36.85 58.07
C LEU QA 110 -71.94 37.32 56.63
N VAL QA 111 -72.96 36.82 55.95
CA VAL QA 111 -73.23 37.26 54.58
C VAL QA 111 -73.51 38.75 54.56
N ALA QA 112 -74.30 39.25 55.51
CA ALA QA 112 -74.61 40.67 55.55
C ALA QA 112 -73.36 41.50 55.77
N LEU QA 113 -72.45 41.03 56.63
CA LEU QA 113 -71.20 41.73 56.85
C LEU QA 113 -70.35 41.76 55.59
N LEU QA 114 -70.32 40.65 54.86
CA LEU QA 114 -69.55 40.63 53.61
C LEU QA 114 -70.13 41.60 52.59
N ALA QA 115 -71.45 41.62 52.45
CA ALA QA 115 -72.08 42.53 51.50
C ALA QA 115 -71.86 43.98 51.89
N SER QA 116 -71.96 44.29 53.18
CA SER QA 116 -71.72 45.66 53.63
C SER QA 116 -70.26 46.05 53.49
N ALA QA 117 -69.34 45.09 53.62
CA ALA QA 117 -67.94 45.38 53.38
C ALA QA 117 -67.70 45.69 51.91
N LEU QA 118 -68.34 44.94 51.01
CA LEU QA 118 -68.28 45.27 49.59
C LEU QA 118 -68.89 46.64 49.30
N ALA QA 119 -69.92 47.02 50.04
CA ALA QA 119 -70.57 48.31 49.79
C ALA QA 119 -69.76 49.47 50.37
N ASP QA 120 -69.00 49.25 51.44
CA ASP QA 120 -68.20 50.32 52.04
C ASP QA 120 -67.22 50.86 51.03
N THR QA 121 -67.09 52.19 50.99
CA THR QA 121 -66.25 52.83 49.97
C THR QA 121 -64.77 52.57 50.24
N ALA QA 122 -64.36 52.58 51.52
CA ALA QA 122 -62.97 52.34 51.85
C ALA QA 122 -62.52 50.95 51.41
N ILE QA 123 -63.38 49.96 51.60
CA ILE QA 123 -63.07 48.60 51.16
C ILE QA 123 -63.24 48.46 49.66
N LYS QA 124 -64.18 49.21 49.07
CA LYS QA 124 -64.44 49.09 47.64
C LYS QA 124 -63.29 49.67 46.83
N SER QA 125 -62.59 50.68 47.36
CA SER QA 125 -61.42 51.18 46.66
C SER QA 125 -60.32 50.13 46.59
N THR QA 126 -60.27 49.25 47.59
CA THR QA 126 -59.33 48.13 47.58
C THR QA 126 -59.49 47.29 46.32
N ILE QA 127 -60.73 46.92 45.99
CA ILE QA 127 -60.96 46.05 44.85
C ILE QA 127 -60.92 46.86 43.56
N VAL QA 128 -61.72 47.91 43.50
CA VAL QA 128 -61.93 48.63 42.24
C VAL QA 128 -60.65 49.34 41.83
N ASN QA 129 -59.99 50.04 42.76
CA ASN QA 129 -58.90 50.96 42.47
C ASN QA 129 -57.54 50.41 42.85
N VAL QA 130 -57.47 49.24 43.46
CA VAL QA 130 -56.23 48.53 43.79
C VAL QA 130 -55.32 49.45 44.58
N GLU QA 131 -55.87 50.02 45.62
CA GLU QA 131 -55.12 50.78 46.61
C GLU QA 131 -54.97 49.93 47.87
N HIS QA 132 -53.75 49.85 48.39
CA HIS QA 132 -53.46 49.19 49.65
C HIS QA 132 -53.94 50.04 50.82
N PHE QA 133 -54.18 49.37 51.95
CA PHE QA 133 -54.36 50.05 53.22
C PHE QA 133 -53.01 50.49 53.77
N TYR QA 134 -52.98 51.69 54.36
CA TYR QA 134 -51.75 52.24 54.90
C TYR QA 134 -51.98 53.13 56.14
N PRO RA 1 -91.32 11.95 39.47
CA PRO RA 1 -91.35 12.76 40.69
C PRO RA 1 -90.30 13.85 40.66
N ALA RA 2 -90.66 15.01 40.11
CA ALA RA 2 -89.76 16.15 40.13
C ALA RA 2 -89.44 16.53 41.56
N LEU RA 3 -88.19 16.91 41.79
CA LEU RA 3 -87.70 17.25 43.11
C LEU RA 3 -88.52 18.40 43.69
N LYS RA 4 -89.13 18.18 44.85
CA LYS RA 4 -90.07 19.13 45.43
C LYS RA 4 -90.22 18.83 46.89
N PRO RA 5 -90.47 19.82 47.73
CA PRO RA 5 -90.54 19.58 49.17
C PRO RA 5 -91.71 18.69 49.50
N ILE RA 6 -91.51 17.81 50.48
CA ILE RA 6 -92.53 16.84 50.83
C ILE RA 6 -92.82 16.96 52.32
N THR RA 7 -94.06 16.71 52.70
CA THR RA 7 -94.51 16.83 54.09
C THR RA 7 -94.77 15.45 54.66
N LEU RA 8 -94.24 15.20 55.87
CA LEU RA 8 -94.37 13.93 56.55
C LEU RA 8 -94.83 14.17 57.98
N THR RA 9 -95.62 13.24 58.52
CA THR RA 9 -96.17 13.38 59.87
C THR RA 9 -95.27 12.69 60.89
N ASP RA 10 -94.97 13.39 61.99
CA ASP RA 10 -94.14 12.82 63.06
C ASP RA 10 -95.02 11.98 63.99
N HIS RA 11 -94.48 11.63 65.16
CA HIS RA 11 -95.23 10.78 66.07
C HIS RA 11 -96.49 11.48 66.60
N SER RA 12 -96.43 12.79 66.77
CA SER RA 12 -97.56 13.56 67.24
C SER RA 12 -98.54 13.90 66.12
N SER RA 13 -98.35 13.34 64.92
CA SER RA 13 -99.09 13.62 63.70
C SER RA 13 -98.90 15.06 63.23
N ALA RA 14 -97.95 15.80 63.81
CA ALA RA 14 -97.67 17.16 63.36
C ALA RA 14 -96.91 17.12 62.04
N ASP RA 15 -97.28 18.04 61.14
CA ASP RA 15 -96.62 18.08 59.83
C ASP RA 15 -95.16 18.51 59.98
N VAL RA 16 -94.33 17.96 59.10
CA VAL RA 16 -92.88 18.16 59.11
C VAL RA 16 -92.46 18.28 57.66
N ILE RA 17 -92.00 19.46 57.26
CA ILE RA 17 -91.79 19.79 55.85
C ILE RA 17 -90.30 19.64 55.54
N PHE RA 18 -89.96 18.65 54.71
CA PHE RA 18 -88.61 18.46 54.23
C PHE RA 18 -88.46 19.17 52.89
N THR RA 19 -87.54 20.16 52.84
CA THR RA 19 -87.29 20.80 51.56
C THR RA 19 -86.16 20.09 50.83
N PRO RA 20 -86.18 20.08 49.51
CA PRO RA 20 -85.11 19.41 48.77
C PRO RA 20 -83.77 20.11 49.03
N THR RA 21 -82.74 19.30 49.26
CA THR RA 21 -81.39 19.81 49.51
C THR RA 21 -80.46 19.57 48.33
N GLN RA 22 -80.33 18.33 47.89
CA GLN RA 22 -79.26 18.03 46.95
C GLN RA 22 -79.59 16.85 46.06
N ILE RA 23 -79.19 16.92 44.80
CA ILE RA 23 -79.16 15.75 43.93
C ILE RA 23 -77.69 15.35 43.81
N ASP RA 24 -77.40 14.10 44.14
CA ASP RA 24 -76.04 13.65 44.37
C ASP RA 24 -75.30 13.50 43.05
N LYS RA 25 -74.03 13.08 43.15
CA LYS RA 25 -73.29 12.67 41.97
C LYS RA 25 -73.76 11.32 41.46
N ASN RA 26 -74.13 10.42 42.37
CA ASN RA 26 -74.59 9.08 42.02
C ASN RA 26 -76.08 9.02 41.73
N GLY RA 27 -76.83 10.06 42.09
CA GLY RA 27 -78.27 10.08 41.92
C GLY RA 27 -79.06 10.16 43.21
N VAL RA 28 -78.39 10.27 44.36
CA VAL RA 28 -79.09 10.33 45.64
C VAL RA 28 -79.77 11.67 45.77
N ALA RA 29 -81.03 11.65 46.22
CA ALA RA 29 -81.80 12.86 46.47
C ALA RA 29 -81.90 13.06 47.97
N TYR RA 30 -81.47 14.22 48.43
CA TYR RA 30 -81.40 14.57 49.85
C TYR RA 30 -82.42 15.67 50.14
N PHE RA 31 -83.35 15.38 51.05
CA PHE RA 31 -84.27 16.36 51.62
C PHE RA 31 -83.89 16.62 53.07
N ARG RA 32 -83.99 17.88 53.49
CA ARG RA 32 -83.57 18.31 54.81
C ARG RA 32 -84.70 19.08 55.47
N HIS RA 33 -84.87 18.85 56.76
CA HIS RA 33 -85.81 19.60 57.61
C HIS RA 33 -84.98 20.21 58.73
N LEU RA 34 -84.71 21.52 58.62
CA LEU RA 34 -83.91 22.21 59.62
C LEU RA 34 -84.71 22.38 60.91
N GLN RA 35 -83.99 22.65 61.99
CA GLN RA 35 -84.63 22.87 63.28
C GLN RA 35 -85.09 24.32 63.37
N ALA RA 36 -85.58 24.71 64.56
CA ALA RA 36 -86.01 26.09 64.76
C ALA RA 36 -84.86 27.05 64.53
N ASN RA 37 -83.71 26.77 65.14
CA ASN RA 37 -82.55 27.65 65.06
C ASN RA 37 -81.76 27.50 63.77
N GLY RA 38 -82.19 26.62 62.87
CA GLY RA 38 -81.45 26.41 61.64
C GLY RA 38 -80.08 25.80 61.84
N LYS RA 39 -79.95 24.84 62.75
CA LYS RA 39 -78.67 24.19 62.98
C LYS RA 39 -78.56 22.97 62.08
N PRO RA 40 -77.57 22.92 61.18
CA PRO RA 40 -77.46 21.76 60.27
C PRO RA 40 -77.34 20.45 61.01
N ILE RA 41 -76.51 20.41 62.06
CA ILE RA 41 -76.30 19.21 62.84
C ILE RA 41 -77.62 18.67 63.41
N GLY RA 42 -78.63 19.53 63.54
CA GLY RA 42 -79.90 19.10 64.08
C GLY RA 42 -80.96 18.76 63.06
N ALA RA 43 -80.67 18.88 61.77
CA ALA RA 43 -81.71 18.74 60.76
C ALA RA 43 -82.01 17.27 60.47
N TYR RA 44 -83.29 16.97 60.29
CA TYR RA 44 -83.70 15.65 59.80
C TYR RA 44 -83.35 15.54 58.31
N THR RA 45 -83.06 14.32 57.87
CA THR RA 45 -82.74 14.10 56.47
C THR RA 45 -83.49 12.89 55.93
N VAL RA 46 -83.80 12.94 54.65
CA VAL RA 46 -84.42 11.83 53.93
C VAL RA 46 -83.73 11.68 52.59
N SER RA 47 -83.17 10.49 52.33
CA SER RA 47 -82.44 10.19 51.11
C SER RA 47 -83.23 9.19 50.27
N SER RA 48 -83.25 9.42 48.97
CA SER RA 48 -83.90 8.49 48.05
C SER RA 48 -83.03 8.32 46.82
N HIS RA 49 -82.65 7.07 46.53
CA HIS RA 49 -81.83 6.78 45.37
C HIS RA 49 -82.27 5.47 44.76
N VAL RA 50 -82.42 5.44 43.44
CA VAL RA 50 -82.80 4.21 42.75
C VAL RA 50 -81.69 3.84 41.77
N LYS RA 51 -81.30 2.57 41.82
CA LYS RA 51 -80.22 2.02 41.00
C LYS RA 51 -80.85 1.06 40.00
N GLU RA 52 -80.77 1.42 38.72
CA GLU RA 52 -81.29 0.63 37.62
C GLU RA 52 -80.40 -0.60 37.40
N PRO RA 53 -80.94 -1.64 36.76
CA PRO RA 53 -80.11 -2.81 36.45
C PRO RA 53 -79.23 -2.59 35.25
N GLY RA 54 -78.11 -3.29 35.24
CA GLY RA 54 -77.18 -3.23 34.12
C GLY RA 54 -76.58 -4.59 33.85
N THR RA 55 -76.05 -4.75 32.64
CA THR RA 55 -75.49 -6.02 32.17
C THR RA 55 -76.50 -7.14 32.40
N ASN RA 56 -77.70 -6.93 31.88
CA ASN RA 56 -78.79 -7.91 31.94
C ASN RA 56 -79.02 -8.39 33.37
N GLY RA 57 -79.08 -7.44 34.29
CA GLY RA 57 -79.44 -7.74 35.67
C GLY RA 57 -80.95 -7.67 35.83
N ASP RA 58 -81.49 -8.63 36.58
CA ASP RA 58 -82.93 -8.67 36.76
C ASP RA 58 -83.44 -7.67 37.79
N VAL RA 59 -82.55 -7.12 38.62
CA VAL RA 59 -82.95 -6.48 39.86
C VAL RA 59 -82.88 -4.95 39.74
N PHE RA 60 -83.76 -4.30 40.49
CA PHE RA 60 -83.75 -2.87 40.74
C PHE RA 60 -83.46 -2.67 42.22
N ARG RA 61 -82.59 -1.72 42.57
CA ARG RA 61 -82.27 -1.47 43.97
C ARG RA 61 -82.67 -0.05 44.36
N VAL RA 62 -83.78 0.08 45.08
CA VAL RA 62 -84.32 1.38 45.42
C VAL RA 62 -84.19 1.59 46.93
N LYS RA 63 -83.56 2.70 47.33
CA LYS RA 63 -83.15 2.91 48.70
C LYS RA 63 -83.78 4.17 49.25
N LEU RA 64 -84.25 4.08 50.50
CA LEU RA 64 -84.88 5.17 51.24
C LEU RA 64 -84.28 5.24 52.63
N PHE RA 65 -83.71 6.39 52.98
CA PHE RA 65 -83.09 6.62 54.27
C PHE RA 65 -83.81 7.75 54.99
N VAL RA 66 -84.04 7.56 56.29
CA VAL RA 66 -84.66 8.57 57.14
C VAL RA 66 -83.79 8.71 58.38
N ASN RA 67 -83.08 9.83 58.49
CA ASN RA 67 -82.14 10.06 59.57
C ASN RA 67 -82.69 11.15 60.48
N VAL RA 68 -82.83 10.81 61.77
CA VAL RA 68 -83.31 11.72 62.81
C VAL RA 68 -82.19 11.96 63.81
N PRO RA 69 -81.57 13.13 63.82
CA PRO RA 69 -80.55 13.39 64.84
C PRO RA 69 -81.17 14.01 66.08
N GLU RA 70 -80.53 13.74 67.21
CA GLU RA 70 -80.78 14.48 68.44
C GLU RA 70 -79.47 15.13 68.86
N VAL RA 71 -79.54 16.43 69.14
CA VAL RA 71 -78.40 17.24 69.55
C VAL RA 71 -78.13 17.03 71.04
N ALA RA 72 -76.86 16.92 71.43
CA ALA RA 72 -76.51 16.83 72.84
C ALA RA 72 -75.81 18.13 73.23
N THR RA 73 -76.38 18.83 74.20
CA THR RA 73 -75.82 20.11 74.64
C THR RA 73 -74.88 19.91 75.82
N GLU RA 85 -73.66 20.47 71.03
CA GLU RA 85 -72.40 20.52 70.30
C GLU RA 85 -72.20 19.34 69.36
N ILE RA 86 -72.29 18.12 69.90
CA ILE RA 86 -72.22 16.91 69.09
C ILE RA 86 -73.56 16.21 69.23
N ALA RA 87 -73.96 15.51 68.18
CA ALA RA 87 -75.31 14.98 68.08
C ALA RA 87 -75.24 13.53 67.64
N ARG RA 88 -76.14 12.71 68.16
CA ARG RA 88 -76.19 11.31 67.74
C ARG RA 88 -77.47 11.07 66.94
N THR RA 89 -77.37 10.21 65.94
CA THR RA 89 -78.41 10.10 64.93
C THR RA 89 -79.03 8.71 64.98
N ASN RA 90 -80.34 8.66 65.22
CA ASN RA 90 -81.12 7.47 64.91
C ASN RA 90 -81.34 7.39 63.40
N ARG RA 91 -81.22 6.21 62.83
CA ARG RA 91 -81.39 6.07 61.39
C ARG RA 91 -82.33 4.92 61.06
N ALA RA 92 -83.07 5.09 59.97
CA ALA RA 92 -83.80 4.02 59.32
C ALA RA 92 -83.31 3.92 57.89
N GLN RA 93 -82.96 2.70 57.46
CA GLN RA 93 -82.36 2.48 56.15
C GLN RA 93 -83.11 1.34 55.48
N VAL RA 94 -83.82 1.63 54.38
CA VAL RA 94 -84.63 0.65 53.68
C VAL RA 94 -84.07 0.46 52.29
N GLU RA 95 -83.91 -0.80 51.89
CA GLU RA 95 -83.51 -1.16 50.53
C GLU RA 95 -84.55 -2.14 50.00
N PHE RA 96 -85.25 -1.75 48.93
CA PHE RA 96 -86.15 -2.64 48.21
C PHE RA 96 -85.40 -3.22 47.02
N ILE RA 97 -85.50 -4.53 46.84
CA ILE RA 97 -84.95 -5.25 45.71
C ILE RA 97 -86.13 -5.72 44.88
N LEU RA 98 -86.28 -5.17 43.68
CA LEU RA 98 -87.46 -5.36 42.86
C LEU RA 98 -87.08 -5.91 41.49
N PRO RA 99 -87.45 -7.14 41.14
CA PRO RA 99 -87.16 -7.63 39.79
C PRO RA 99 -87.91 -6.85 38.73
N ALA RA 100 -87.34 -6.85 37.52
CA ALA RA 100 -87.87 -6.04 36.43
C ALA RA 100 -89.13 -6.63 35.80
N GLN RA 101 -89.33 -7.95 35.89
CA GLN RA 101 -90.52 -8.55 35.31
C GLN RA 101 -91.74 -8.45 36.20
N SER RA 102 -91.57 -8.18 37.49
CA SER RA 102 -92.71 -8.12 38.40
C SER RA 102 -93.65 -6.98 37.98
N ALA RA 103 -94.92 -7.30 37.78
CA ALA RA 103 -95.91 -6.27 37.53
C ALA RA 103 -96.03 -5.38 38.76
N ALA RA 104 -96.42 -4.12 38.52
CA ALA RA 104 -96.47 -3.14 39.60
C ALA RA 104 -97.40 -3.56 40.73
N THR RA 105 -98.34 -4.49 40.48
CA THR RA 105 -99.21 -5.00 41.55
C THR RA 105 -98.38 -5.49 42.73
N VAL RA 106 -97.34 -6.26 42.42
CA VAL RA 106 -96.53 -6.88 43.46
C VAL RA 106 -95.84 -5.82 44.30
N ARG RA 107 -95.23 -4.84 43.63
CA ARG RA 107 -94.50 -3.81 44.37
C ARG RA 107 -95.45 -2.98 45.21
N GLU RA 108 -96.64 -2.70 44.67
CA GLU RA 108 -97.63 -1.96 45.44
C GLU RA 108 -97.98 -2.68 46.74
N ASP RA 109 -98.36 -3.96 46.67
CA ASP RA 109 -98.74 -4.63 47.93
C ASP RA 109 -97.51 -4.99 48.77
N LEU RA 110 -96.30 -5.02 48.20
CA LEU RA 110 -95.12 -5.19 49.05
C LEU RA 110 -94.93 -3.97 49.93
N VAL RA 111 -94.98 -2.78 49.33
CA VAL RA 111 -94.93 -1.55 50.11
C VAL RA 111 -96.05 -1.53 51.16
N ALA RA 112 -97.26 -1.92 50.75
CA ALA RA 112 -98.37 -1.88 51.68
C ALA RA 112 -98.11 -2.83 52.85
N LEU RA 113 -97.52 -3.99 52.58
CA LEU RA 113 -97.12 -4.94 53.62
C LEU RA 113 -96.12 -4.32 54.58
N LEU RA 114 -95.12 -3.64 54.04
CA LEU RA 114 -94.10 -3.04 54.90
C LEU RA 114 -94.71 -1.99 55.80
N ALA RA 115 -95.57 -1.14 55.25
CA ALA RA 115 -96.18 -0.07 56.03
C ALA RA 115 -97.10 -0.65 57.10
N SER RA 116 -97.87 -1.67 56.76
CA SER RA 116 -98.73 -2.30 57.76
C SER RA 116 -97.92 -3.01 58.84
N ALA RA 117 -96.75 -3.54 58.48
CA ALA RA 117 -95.88 -4.14 59.49
C ALA RA 117 -95.33 -3.10 60.44
N LEU RA 118 -94.97 -1.92 59.91
CA LEU RA 118 -94.57 -0.81 60.77
C LEU RA 118 -95.72 -0.34 61.65
N ALA RA 119 -96.96 -0.43 61.16
CA ALA RA 119 -98.09 0.01 61.96
C ALA RA 119 -98.51 -1.01 63.00
N ASP RA 120 -98.26 -2.30 62.76
CA ASP RA 120 -98.65 -3.33 63.71
C ASP RA 120 -97.95 -3.11 65.05
N THR RA 121 -98.71 -3.26 66.13
CA THR RA 121 -98.18 -2.93 67.45
C THR RA 121 -97.05 -3.88 67.86
N ALA RA 122 -97.19 -5.17 67.56
CA ALA RA 122 -96.18 -6.14 67.95
C ALA RA 122 -94.85 -5.86 67.27
N ILE RA 123 -94.89 -5.61 65.95
CA ILE RA 123 -93.68 -5.32 65.20
C ILE RA 123 -93.12 -3.95 65.58
N LYS RA 124 -94.01 -2.97 65.82
CA LYS RA 124 -93.56 -1.64 66.17
C LYS RA 124 -92.85 -1.64 67.52
N SER RA 125 -93.26 -2.52 68.43
CA SER RA 125 -92.57 -2.65 69.72
C SER RA 125 -91.11 -3.01 69.50
N THR RA 126 -90.85 -3.87 68.51
CA THR RA 126 -89.49 -4.27 68.18
C THR RA 126 -88.57 -3.07 67.97
N ILE RA 127 -89.05 -2.06 67.25
CA ILE RA 127 -88.22 -0.91 66.95
C ILE RA 127 -88.24 0.08 68.12
N VAL RA 128 -89.44 0.44 68.57
CA VAL RA 128 -89.59 1.54 69.51
C VAL RA 128 -88.94 1.19 70.85
N ASN RA 129 -89.23 -0.01 71.37
CA ASN RA 129 -88.80 -0.43 72.70
C ASN RA 129 -87.57 -1.30 72.67
N VAL RA 130 -86.95 -1.47 71.49
CA VAL RA 130 -85.80 -2.35 71.25
C VAL RA 130 -85.94 -3.65 72.05
N GLU RA 131 -87.05 -4.35 71.85
CA GLU RA 131 -87.30 -5.65 72.45
C GLU RA 131 -87.14 -6.74 71.39
N HIS RA 132 -86.50 -7.85 71.76
CA HIS RA 132 -86.42 -9.05 70.93
C HIS RA 132 -87.77 -9.76 70.86
N PHE RA 133 -87.99 -10.50 69.78
CA PHE RA 133 -89.11 -11.43 69.76
C PHE RA 133 -88.78 -12.64 70.61
N TYR RA 134 -89.76 -13.08 71.41
CA TYR RA 134 -89.57 -14.21 72.31
C TYR RA 134 -90.79 -15.11 72.47
N PRO SA 1 -83.00 24.65 29.34
CA PRO SA 1 -84.06 23.63 29.31
C PRO SA 1 -84.13 22.89 30.63
N ALA SA 2 -85.02 23.34 31.51
CA ALA SA 2 -85.25 22.60 32.74
C ALA SA 2 -85.86 21.25 32.42
N LEU SA 3 -85.56 20.27 33.28
CA LEU SA 3 -86.05 18.93 33.07
C LEU SA 3 -87.56 18.88 33.30
N LYS SA 4 -88.31 18.42 32.31
CA LYS SA 4 -89.76 18.47 32.26
C LYS SA 4 -90.22 17.30 31.41
N PRO SA 5 -91.36 16.67 31.75
CA PRO SA 5 -91.94 15.69 30.83
C PRO SA 5 -92.28 16.36 29.50
N ILE SA 6 -91.82 15.77 28.43
CA ILE SA 6 -92.00 16.34 27.11
C ILE SA 6 -92.91 15.43 26.31
N THR SA 7 -93.85 16.02 25.60
CA THR SA 7 -94.82 15.28 24.80
C THR SA 7 -94.37 15.31 23.34
N LEU SA 8 -94.31 14.13 22.72
CA LEU SA 8 -93.91 13.99 21.34
C LEU SA 8 -95.02 13.28 20.58
N THR SA 9 -95.21 13.65 19.32
CA THR SA 9 -96.28 13.10 18.50
C THR SA 9 -95.77 11.91 17.68
N ASP SA 10 -96.54 10.83 17.64
CA ASP SA 10 -96.11 9.62 16.93
C ASP SA 10 -96.60 9.68 15.48
N HIS SA 11 -96.66 8.53 14.81
CA HIS SA 11 -97.06 8.54 13.41
C HIS SA 11 -98.52 8.93 13.23
N SER SA 12 -99.39 8.48 14.12
CA SER SA 12 -100.80 8.82 14.05
C SER SA 12 -101.11 10.21 14.58
N SER SA 13 -100.08 11.00 14.91
CA SER SA 13 -100.15 12.33 15.52
C SER SA 13 -100.65 12.27 16.96
N ALA SA 14 -100.88 11.08 17.52
CA ALA SA 14 -101.24 10.96 18.92
C ALA SA 14 -100.07 11.37 19.81
N ASP SA 15 -100.41 11.94 20.96
CA ASP SA 15 -99.37 12.37 21.89
C ASP SA 15 -98.76 11.18 22.62
N VAL SA 16 -97.49 11.33 22.99
CA VAL SA 16 -96.70 10.31 23.67
C VAL SA 16 -95.85 11.05 24.70
N ILE SA 17 -96.15 10.85 25.97
CA ILE SA 17 -95.54 11.63 27.04
C ILE SA 17 -94.30 10.89 27.54
N PHE SA 18 -93.15 11.55 27.46
CA PHE SA 18 -91.90 11.03 28.00
C PHE SA 18 -91.62 11.73 29.32
N THR SA 19 -91.62 10.94 30.40
CA THR SA 19 -91.30 11.48 31.72
C THR SA 19 -89.79 11.42 31.95
N PRO SA 20 -89.22 12.43 32.59
CA PRO SA 20 -87.77 12.41 32.85
C PRO SA 20 -87.42 11.27 33.80
N THR SA 21 -86.39 10.51 33.42
CA THR SA 21 -85.92 9.39 34.21
C THR SA 21 -84.71 9.73 35.07
N GLN SA 22 -83.66 10.27 34.48
CA GLN SA 22 -82.37 10.31 35.16
C GLN SA 22 -81.44 11.28 34.46
N ILE SA 23 -80.56 11.91 35.22
CA ILE SA 23 -79.47 12.71 34.68
C ILE SA 23 -78.17 11.96 34.96
N ASP SA 24 -77.47 11.59 33.90
CA ASP SA 24 -76.36 10.67 33.98
C ASP SA 24 -75.16 11.30 34.70
N LYS SA 25 -74.16 10.47 35.00
CA LYS SA 25 -72.90 10.99 35.52
C LYS SA 25 -72.13 11.75 34.45
N ASN SA 26 -72.38 11.44 33.18
CA ASN SA 26 -71.70 12.10 32.07
C ASN SA 26 -72.48 13.29 31.52
N GLY SA 27 -73.64 13.58 32.09
CA GLY SA 27 -74.48 14.65 31.63
C GLY SA 27 -75.65 14.22 30.78
N VAL SA 28 -75.79 12.91 30.52
CA VAL SA 28 -76.88 12.43 29.69
C VAL SA 28 -78.19 12.52 30.46
N ALA SA 29 -79.21 13.07 29.80
CA ALA SA 29 -80.54 13.18 30.37
C ALA SA 29 -81.46 12.22 29.64
N TYR SA 30 -82.20 11.40 30.39
CA TYR SA 30 -83.03 10.34 29.84
C TYR SA 30 -84.51 10.63 30.09
N PHE SA 31 -85.31 10.54 29.03
CA PHE SA 31 -86.76 10.59 29.14
C PHE SA 31 -87.32 9.26 28.65
N ARG SA 32 -88.26 8.69 29.42
CA ARG SA 32 -88.77 7.37 29.10
C ARG SA 32 -90.29 7.40 28.97
N HIS SA 33 -90.80 6.49 28.15
CA HIS SA 33 -92.21 6.18 28.02
C HIS SA 33 -92.35 4.67 28.05
N LEU SA 34 -93.09 4.14 29.03
CA LEU SA 34 -93.14 2.71 29.25
C LEU SA 34 -93.93 2.02 28.14
N GLN SA 35 -93.74 0.70 28.03
CA GLN SA 35 -94.39 -0.08 27.01
C GLN SA 35 -95.86 -0.30 27.35
N ALA SA 36 -96.55 -1.05 26.49
CA ALA SA 36 -97.96 -1.37 26.73
C ALA SA 36 -98.14 -2.03 28.09
N ASN SA 37 -97.38 -3.09 28.35
CA ASN SA 37 -97.39 -3.70 29.67
C ASN SA 37 -96.74 -2.79 30.69
N GLY SA 38 -97.24 -2.84 31.92
CA GLY SA 38 -96.69 -2.02 32.97
C GLY SA 38 -95.27 -2.36 33.35
N LYS SA 39 -94.71 -3.39 32.77
CA LYS SA 39 -93.38 -3.88 33.13
C LYS SA 39 -92.31 -3.00 32.52
N PRO SA 40 -91.44 -2.36 33.32
CA PRO SA 40 -90.41 -1.44 32.80
C PRO SA 40 -89.13 -2.18 32.43
N ILE SA 41 -89.19 -2.97 31.37
CA ILE SA 41 -88.03 -3.70 30.88
C ILE SA 41 -87.50 -3.06 29.60
N GLY SA 42 -88.32 -3.00 28.56
CA GLY SA 42 -88.02 -2.25 27.37
C GLY SA 42 -88.94 -1.05 27.34
N ALA SA 43 -88.37 0.11 27.03
CA ALA SA 43 -89.14 1.34 27.12
C ALA SA 43 -88.62 2.31 26.08
N TYR SA 44 -89.53 3.10 25.52
CA TYR SA 44 -89.14 4.13 24.57
C TYR SA 44 -88.33 5.20 25.29
N THR SA 45 -87.18 5.57 24.72
CA THR SA 45 -86.28 6.47 25.42
C THR SA 45 -85.82 7.60 24.50
N VAL SA 46 -85.52 8.73 25.11
CA VAL SA 46 -84.95 9.89 24.45
C VAL SA 46 -83.79 10.40 25.32
N SER SA 47 -82.59 10.36 24.77
CA SER SA 47 -81.39 10.78 25.46
C SER SA 47 -80.90 12.11 24.89
N SER SA 48 -80.52 13.03 25.77
CA SER SA 48 -79.97 14.31 25.35
C SER SA 48 -78.70 14.59 26.12
N HIS SA 49 -77.62 14.89 25.40
CA HIS SA 49 -76.35 15.21 26.07
C HIS SA 49 -75.59 16.23 25.25
N VAL SA 50 -75.17 17.31 25.87
CA VAL SA 50 -74.33 18.31 25.22
C VAL SA 50 -72.95 18.25 25.83
N LYS SA 51 -71.93 18.28 24.97
CA LYS SA 51 -70.54 18.20 25.36
C LYS SA 51 -69.88 19.54 25.03
N GLU SA 52 -69.46 20.25 26.08
CA GLU SA 52 -68.74 21.50 25.96
C GLU SA 52 -67.42 21.26 25.22
N PRO SA 53 -66.78 22.33 24.74
CA PRO SA 53 -65.50 22.15 24.04
C PRO SA 53 -64.30 22.20 24.99
N GLY SA 54 -63.29 21.41 24.68
CA GLY SA 54 -62.09 21.33 25.48
C GLY SA 54 -60.94 22.10 24.84
N THR SA 55 -60.31 22.96 25.65
CA THR SA 55 -59.20 23.80 25.18
C THR SA 55 -59.66 24.69 24.02
N ASN SA 56 -60.87 25.22 24.15
CA ASN SA 56 -61.46 26.13 23.16
C ASN SA 56 -61.46 25.52 21.76
N GLY SA 57 -61.49 24.19 21.68
CA GLY SA 57 -61.79 23.55 20.42
C GLY SA 57 -63.14 24.03 19.92
N ASP SA 58 -63.20 24.41 18.65
CA ASP SA 58 -64.38 25.11 18.13
C ASP SA 58 -65.68 24.33 18.33
N VAL SA 59 -65.61 23.01 18.53
CA VAL SA 59 -66.77 22.15 18.42
C VAL SA 59 -67.52 22.04 19.75
N PHE SA 60 -68.84 22.14 19.66
CA PHE SA 60 -69.79 21.69 20.67
C PHE SA 60 -70.44 20.44 20.13
N ARG SA 61 -70.50 19.37 20.95
CA ARG SA 61 -71.04 18.10 20.48
C ARG SA 61 -72.36 17.82 21.19
N VAL SA 62 -73.47 18.09 20.52
CA VAL SA 62 -74.80 18.00 21.12
C VAL SA 62 -75.54 16.83 20.49
N LYS SA 63 -75.96 15.88 21.31
CA LYS SA 63 -76.44 14.59 20.82
C LYS SA 63 -77.86 14.33 21.32
N LEU SA 64 -78.66 13.76 20.42
CA LEU SA 64 -80.05 13.41 20.67
C LEU SA 64 -80.31 12.00 20.17
N PHE SA 65 -80.78 11.13 21.06
CA PHE SA 65 -81.05 9.74 20.75
C PHE SA 65 -82.52 9.43 20.99
N VAL SA 66 -83.12 8.69 20.06
CA VAL SA 66 -84.51 8.24 20.19
C VAL SA 66 -84.54 6.74 19.94
N ASN SA 67 -84.76 5.97 20.99
CA ASN SA 67 -84.74 4.51 20.92
C ASN SA 67 -86.15 3.98 21.09
N VAL SA 68 -86.60 3.21 20.11
CA VAL SA 68 -87.91 2.59 20.10
C VAL SA 68 -87.73 1.09 20.15
N PRO SA 69 -87.88 0.48 21.33
CA PRO SA 69 -87.78 -0.99 21.43
C PRO SA 69 -89.11 -1.68 21.18
N GLU SA 70 -89.04 -2.79 20.47
CA GLU SA 70 -90.14 -3.74 20.31
C GLU SA 70 -89.87 -4.92 21.25
N VAL SA 71 -90.84 -5.20 22.10
CA VAL SA 71 -90.73 -6.16 23.20
C VAL SA 71 -91.57 -7.39 22.88
N ALA SA 72 -91.21 -8.51 23.52
CA ALA SA 72 -91.92 -9.78 23.35
C ALA SA 72 -92.16 -10.40 24.71
N THR SA 73 -93.40 -10.80 24.95
CA THR SA 73 -93.76 -11.50 26.18
C THR SA 73 -93.70 -13.00 25.94
N ILE SA 74 -92.69 -13.66 26.49
CA ILE SA 74 -92.45 -15.07 26.28
C ILE SA 74 -92.81 -15.82 27.55
N THR SA 75 -93.70 -16.80 27.44
CA THR SA 75 -94.00 -17.68 28.55
C THR SA 75 -93.54 -19.09 28.20
N PRO SA 76 -92.62 -19.67 28.97
CA PRO SA 76 -92.07 -20.99 28.59
C PRO SA 76 -93.10 -22.10 28.64
N ASN SA 77 -92.69 -23.31 28.23
CA ASN SA 77 -93.62 -24.42 28.12
C ASN SA 77 -94.01 -24.94 29.50
N GLY SA 78 -95.32 -25.06 29.72
CA GLY SA 78 -95.82 -25.62 30.97
C GLY SA 78 -95.48 -24.82 32.20
N SER SA 79 -95.33 -23.50 32.06
CA SER SA 79 -94.94 -22.65 33.17
C SER SA 79 -96.05 -21.65 33.48
N ASP SA 80 -96.28 -21.43 34.78
CA ASP SA 80 -97.34 -20.53 35.20
C ASP SA 80 -97.07 -19.09 34.75
N THR SA 81 -95.83 -18.65 34.87
CA THR SA 81 -95.49 -17.23 34.77
C THR SA 81 -94.78 -16.91 33.46
N SER SA 82 -95.11 -15.76 32.89
CA SER SA 82 -94.47 -15.25 31.68
C SER SA 82 -93.45 -14.19 32.05
N SER SA 83 -92.39 -14.13 31.25
CA SER SA 83 -91.38 -13.09 31.40
C SER SA 83 -91.27 -12.31 30.11
N VAL SA 84 -90.83 -11.07 30.22
CA VAL SA 84 -90.76 -10.17 29.08
C VAL SA 84 -89.31 -10.06 28.64
N GLU SA 85 -89.11 -9.78 27.35
CA GLU SA 85 -87.78 -9.82 26.74
C GLU SA 85 -87.72 -8.78 25.63
N ILE SA 86 -86.53 -8.18 25.46
CA ILE SA 86 -86.36 -7.15 24.44
C ILE SA 86 -86.12 -7.83 23.11
N ALA SA 87 -87.12 -7.75 22.22
CA ALA SA 87 -87.05 -8.46 20.94
C ALA SA 87 -86.09 -7.77 19.98
N ARG SA 88 -86.32 -6.49 19.70
CA ARG SA 88 -85.39 -5.74 18.87
C ARG SA 88 -85.61 -4.26 19.14
N THR SA 89 -84.77 -3.41 18.56
CA THR SA 89 -84.86 -1.98 18.78
C THR SA 89 -84.60 -1.23 17.49
N ASN SA 90 -85.47 -0.28 17.17
CA ASN SA 90 -85.17 0.74 16.16
C ASN SA 90 -84.56 1.94 16.86
N ARG SA 91 -83.55 2.54 16.24
CA ARG SA 91 -82.87 3.67 16.87
C ARG SA 91 -82.66 4.79 15.87
N ALA SA 92 -82.74 6.01 16.38
CA ALA SA 92 -82.32 7.19 15.65
C ALA SA 92 -81.30 7.92 16.51
N GLN SA 93 -80.14 8.23 15.92
CA GLN SA 93 -79.04 8.84 16.66
C GLN SA 93 -78.57 10.07 15.92
N VAL SA 94 -78.64 11.22 16.56
CA VAL SA 94 -78.31 12.50 15.94
C VAL SA 94 -77.20 13.15 16.72
N GLU SA 95 -76.17 13.60 16.00
CA GLU SA 95 -75.08 14.37 16.58
C GLU SA 95 -74.96 15.66 15.79
N PHE SA 96 -75.14 16.80 16.47
CA PHE SA 96 -74.85 18.10 15.89
C PHE SA 96 -73.46 18.53 16.36
N ILE SA 97 -72.63 18.91 15.41
CA ILE SA 97 -71.33 19.52 15.66
C ILE SA 97 -71.48 21.01 15.38
N LEU SA 98 -71.38 21.82 16.43
CA LEU SA 98 -71.66 23.24 16.32
C LEU SA 98 -70.43 24.05 16.69
N PRO SA 99 -69.84 24.81 15.76
CA PRO SA 99 -68.67 25.62 16.13
C PRO SA 99 -69.03 26.69 17.15
N ALA SA 100 -68.08 26.95 18.05
CA ALA SA 100 -68.29 27.85 19.17
C ALA SA 100 -68.34 29.31 18.77
N GLN SA 101 -68.22 29.62 17.49
CA GLN SA 101 -68.23 31.01 17.03
C GLN SA 101 -69.39 31.35 16.11
N SER SA 102 -70.14 30.37 15.63
CA SER SA 102 -71.34 30.69 14.87
C SER SA 102 -72.44 31.15 15.83
N ALA SA 103 -73.17 32.20 15.43
CA ALA SA 103 -74.25 32.71 16.25
C ALA SA 103 -75.47 31.80 16.16
N ALA SA 104 -76.44 32.05 17.05
CA ALA SA 104 -77.59 31.15 17.17
C ALA SA 104 -78.40 31.05 15.88
N THR SA 105 -78.32 32.04 14.99
CA THR SA 105 -79.06 32.00 13.74
C THR SA 105 -78.71 30.76 12.92
N VAL SA 106 -77.42 30.47 12.84
CA VAL SA 106 -76.94 29.35 12.06
C VAL SA 106 -77.47 28.04 12.63
N ARG SA 107 -77.43 27.88 13.95
CA ARG SA 107 -77.92 26.64 14.54
C ARG SA 107 -79.43 26.52 14.36
N GLU SA 108 -80.14 27.64 14.45
CA GLU SA 108 -81.60 27.60 14.27
C GLU SA 108 -81.95 27.11 12.88
N ASP SA 109 -81.34 27.69 11.83
CA ASP SA 109 -81.74 27.23 10.51
C ASP SA 109 -81.12 25.88 10.15
N LEU SA 110 -80.06 25.44 10.84
CA LEU SA 110 -79.62 24.06 10.67
C LEU SA 110 -80.67 23.08 11.20
N VAL SA 111 -81.18 23.33 12.40
CA VAL SA 111 -82.23 22.49 12.94
C VAL SA 111 -83.45 22.49 12.03
N ALA SA 112 -83.81 23.67 11.52
CA ALA SA 112 -84.97 23.76 10.63
C ALA SA 112 -84.75 22.95 9.36
N LEU SA 113 -83.53 23.03 8.81
CA LEU SA 113 -83.20 22.22 7.62
C LEU SA 113 -83.33 20.73 7.92
N LEU SA 114 -82.84 20.30 9.07
CA LEU SA 114 -82.93 18.88 9.40
C LEU SA 114 -84.38 18.43 9.55
N ALA SA 115 -85.20 19.23 10.24
CA ALA SA 115 -86.60 18.85 10.43
C ALA SA 115 -87.34 18.84 9.10
N SER SA 116 -87.09 19.82 8.24
CA SER SA 116 -87.73 19.84 6.93
C SER SA 116 -87.25 18.69 6.06
N ALA SA 117 -86.00 18.26 6.22
CA ALA SA 117 -85.52 17.09 5.50
C ALA SA 117 -86.23 15.83 5.97
N LEU SA 118 -86.46 15.71 7.29
CA LEU SA 118 -87.23 14.59 7.80
C LEU SA 118 -88.68 14.64 7.31
N ALA SA 119 -89.21 15.83 7.08
CA ALA SA 119 -90.58 15.95 6.62
C ALA SA 119 -90.73 15.69 5.13
N ASP SA 120 -89.71 16.02 4.33
CA ASP SA 120 -89.79 15.80 2.88
C ASP SA 120 -90.07 14.33 2.59
N THR SA 121 -90.95 14.10 1.60
CA THR SA 121 -91.38 12.74 1.31
C THR SA 121 -90.26 11.91 0.70
N ALA SA 122 -89.47 12.51 -0.19
CA ALA SA 122 -88.37 11.77 -0.81
C ALA SA 122 -87.33 11.34 0.22
N ILE SA 123 -86.91 12.28 1.07
CA ILE SA 123 -85.97 11.93 2.13
C ILE SA 123 -86.61 10.98 3.13
N LYS SA 124 -87.92 11.10 3.35
CA LYS SA 124 -88.58 10.27 4.35
C LYS SA 124 -88.60 8.81 3.91
N SER SA 125 -88.95 8.55 2.65
CA SER SA 125 -88.98 7.17 2.16
C SER SA 125 -87.63 6.49 2.31
N THR SA 126 -86.54 7.27 2.24
CA THR SA 126 -85.21 6.74 2.52
C THR SA 126 -85.20 6.00 3.86
N ILE SA 127 -85.72 6.64 4.90
CA ILE SA 127 -85.72 6.04 6.23
C ILE SA 127 -86.82 5.00 6.35
N VAL SA 128 -88.05 5.44 6.09
CA VAL SA 128 -89.23 4.63 6.39
C VAL SA 128 -89.27 3.38 5.53
N ASN SA 129 -89.00 3.52 4.23
CA ASN SA 129 -89.22 2.47 3.26
C ASN SA 129 -87.94 1.72 2.89
N VAL SA 130 -86.79 2.17 3.40
CA VAL SA 130 -85.51 1.51 3.16
C VAL SA 130 -85.28 1.38 1.66
N GLU SA 131 -85.46 2.49 0.97
CA GLU SA 131 -85.19 2.62 -0.45
C GLU SA 131 -83.96 3.50 -0.62
N HIS SA 132 -83.09 3.12 -1.54
CA HIS SA 132 -81.95 3.94 -1.94
C HIS SA 132 -82.42 5.11 -2.80
N PHE SA 133 -81.63 6.18 -2.79
CA PHE SA 133 -81.82 7.25 -3.75
C PHE SA 133 -81.27 6.83 -5.11
N TYR SA 134 -81.97 7.23 -6.17
CA TYR SA 134 -81.55 6.87 -7.52
C TYR SA 134 -82.01 7.89 -8.57
N PRO TA 1 -53.56 26.30 -43.22
CA PRO TA 1 -54.02 27.68 -43.00
C PRO TA 1 -52.85 28.59 -42.68
N ALA TA 2 -52.59 29.53 -43.60
CA ALA TA 2 -51.58 30.56 -43.39
C ALA TA 2 -51.83 31.27 -42.07
N LEU TA 3 -50.79 31.32 -41.24
CA LEU TA 3 -50.89 31.92 -39.91
C LEU TA 3 -51.36 33.36 -40.02
N LYS TA 4 -52.50 33.65 -39.41
CA LYS TA 4 -53.16 34.95 -39.49
C LYS TA 4 -53.81 35.23 -38.15
N PRO TA 5 -53.81 36.48 -37.69
CA PRO TA 5 -54.54 36.81 -36.47
C PRO TA 5 -56.01 36.52 -36.64
N ILE TA 6 -56.60 35.87 -35.65
CA ILE TA 6 -57.97 35.42 -35.76
C ILE TA 6 -58.80 36.11 -34.69
N THR TA 7 -60.05 36.36 -35.00
CA THR TA 7 -60.96 37.06 -34.11
C THR TA 7 -62.00 36.08 -33.57
N LEU TA 8 -62.14 36.02 -32.25
CA LEU TA 8 -63.06 35.14 -31.55
C LEU TA 8 -63.98 35.96 -30.66
N THR TA 9 -65.20 35.48 -30.47
CA THR TA 9 -66.19 36.19 -29.65
C THR TA 9 -66.17 35.69 -28.21
N ASP TA 10 -66.23 36.64 -27.26
CA ASP TA 10 -66.25 36.31 -25.84
C ASP TA 10 -67.68 36.07 -25.39
N HIS TA 11 -67.93 36.16 -24.08
CA HIS TA 11 -69.27 35.88 -23.61
C HIS TA 11 -70.27 36.92 -24.08
N SER TA 12 -69.87 38.19 -24.09
CA SER TA 12 -70.73 39.27 -24.53
C SER TA 12 -70.81 39.38 -26.04
N SER TA 13 -70.31 38.38 -26.77
CA SER TA 13 -70.22 38.33 -28.22
C SER TA 13 -69.39 39.47 -28.79
N ALA TA 14 -68.62 40.17 -27.96
CA ALA TA 14 -67.67 41.16 -28.44
C ALA TA 14 -66.48 40.48 -29.10
N ASP TA 15 -65.79 41.21 -29.96
CA ASP TA 15 -64.65 40.64 -30.65
C ASP TA 15 -63.41 40.63 -29.75
N VAL TA 16 -62.58 39.62 -29.95
CA VAL TA 16 -61.34 39.40 -29.19
C VAL TA 16 -60.31 38.92 -30.19
N ILE TA 17 -59.29 39.74 -30.45
CA ILE TA 17 -58.35 39.51 -31.54
C ILE TA 17 -57.12 38.82 -30.96
N PHE TA 18 -56.84 37.60 -31.44
CA PHE TA 18 -55.65 36.85 -31.08
C PHE TA 18 -54.63 37.01 -32.20
N THR TA 19 -53.48 37.59 -31.87
CA THR TA 19 -52.40 37.75 -32.84
C THR TA 19 -51.46 36.54 -32.76
N PRO TA 20 -50.94 36.08 -33.90
CA PRO TA 20 -49.99 34.97 -33.85
C PRO TA 20 -48.70 35.41 -33.15
N THR TA 21 -48.22 34.53 -32.28
CA THR TA 21 -47.01 34.76 -31.51
C THR TA 21 -45.83 33.92 -32.00
N GLN TA 22 -46.03 32.62 -32.20
CA GLN TA 22 -44.91 31.73 -32.39
C GLN TA 22 -45.38 30.43 -33.04
N ILE TA 23 -44.51 29.84 -33.84
CA ILE TA 23 -44.67 28.47 -34.31
C ILE TA 23 -43.57 27.65 -33.66
N ASP TA 24 -43.98 26.61 -32.92
CA ASP TA 24 -43.08 25.91 -32.01
C ASP TA 24 -42.11 25.01 -32.77
N LYS TA 25 -41.15 24.45 -32.03
CA LYS TA 25 -40.27 23.43 -32.60
C LYS TA 25 -41.04 22.16 -32.92
N ASN TA 26 -42.10 21.88 -32.16
CA ASN TA 26 -42.90 20.68 -32.33
C ASN TA 26 -44.05 20.86 -33.29
N GLY TA 27 -44.21 22.04 -33.88
CA GLY TA 27 -45.31 22.33 -34.75
C GLY TA 27 -46.48 23.02 -34.08
N VAL TA 28 -46.33 23.42 -32.82
CA VAL TA 28 -47.40 24.10 -32.11
C VAL TA 28 -47.44 25.57 -32.53
N ALA TA 29 -48.63 26.05 -32.86
CA ALA TA 29 -48.83 27.44 -33.25
C ALA TA 29 -49.61 28.14 -32.14
N TYR TA 30 -49.12 29.30 -31.71
CA TYR TA 30 -49.66 30.03 -30.57
C TYR TA 30 -50.23 31.37 -31.01
N PHE TA 31 -51.48 31.64 -30.64
CA PHE TA 31 -52.08 32.95 -30.76
C PHE TA 31 -52.31 33.53 -29.38
N ARG TA 32 -51.97 34.80 -29.19
CA ARG TA 32 -52.09 35.43 -27.90
C ARG TA 32 -52.94 36.69 -27.98
N HIS TA 33 -53.58 36.99 -26.86
CA HIS TA 33 -54.32 38.23 -26.63
C HIS TA 33 -53.92 38.71 -25.25
N LEU TA 34 -53.32 39.90 -25.17
CA LEU TA 34 -52.76 40.41 -23.93
C LEU TA 34 -53.87 40.76 -22.94
N GLN TA 35 -53.49 40.85 -21.66
CA GLN TA 35 -54.46 41.19 -20.62
C GLN TA 35 -54.82 42.66 -20.69
N ALA TA 36 -55.64 43.08 -19.71
CA ALA TA 36 -56.01 44.49 -19.58
C ALA TA 36 -54.77 45.37 -19.51
N ASN TA 37 -53.85 45.07 -18.60
CA ASN TA 37 -52.58 45.76 -18.55
C ASN TA 37 -51.76 45.46 -19.79
N GLY TA 38 -50.91 46.41 -20.17
CA GLY TA 38 -50.07 46.23 -21.34
C GLY TA 38 -49.00 45.19 -21.15
N LYS TA 39 -48.88 44.67 -19.94
CA LYS TA 39 -47.87 43.70 -19.55
C LYS TA 39 -48.27 42.31 -20.05
N PRO TA 40 -47.32 41.57 -20.61
CA PRO TA 40 -47.64 40.29 -21.25
C PRO TA 40 -47.53 39.05 -20.35
N ILE TA 41 -47.39 39.21 -19.03
CA ILE TA 41 -46.98 38.10 -18.20
C ILE TA 41 -48.05 37.00 -18.18
N GLY TA 42 -49.31 37.38 -18.07
CA GLY TA 42 -50.38 36.43 -18.26
C GLY TA 42 -51.21 36.87 -19.44
N ALA TA 43 -51.59 35.95 -20.32
CA ALA TA 43 -52.30 36.35 -21.51
C ALA TA 43 -53.16 35.20 -22.02
N TYR TA 44 -54.28 35.55 -22.65
CA TYR TA 44 -55.15 34.56 -23.25
C TYR TA 44 -54.45 33.92 -24.43
N THR TA 45 -54.50 32.59 -24.53
CA THR TA 45 -53.75 31.89 -25.56
C THR TA 45 -54.62 30.83 -26.25
N VAL TA 46 -54.31 30.61 -27.52
CA VAL TA 46 -54.91 29.56 -28.32
C VAL TA 46 -53.80 28.80 -29.00
N SER TA 47 -53.67 27.51 -28.71
CA SER TA 47 -52.64 26.65 -29.24
C SER TA 47 -53.24 25.67 -30.24
N SER TA 48 -52.58 25.49 -31.38
CA SER TA 48 -53.03 24.53 -32.37
C SER TA 48 -51.86 23.69 -32.84
N HIS TA 49 -51.98 22.38 -32.71
CA HIS TA 49 -50.94 21.48 -33.19
C HIS TA 49 -51.58 20.21 -33.74
N VAL TA 50 -51.22 19.85 -34.96
CA VAL TA 50 -51.72 18.61 -35.56
C VAL TA 50 -50.55 17.68 -35.77
N LYS TA 51 -50.70 16.44 -35.31
CA LYS TA 51 -49.66 15.41 -35.35
C LYS TA 51 -50.07 14.38 -36.40
N GLU TA 52 -49.30 14.34 -37.49
CA GLU TA 52 -49.56 13.39 -38.56
C GLU TA 52 -49.20 11.98 -38.10
N PRO TA 53 -49.80 10.95 -38.69
CA PRO TA 53 -49.53 9.58 -38.26
C PRO TA 53 -48.20 9.05 -38.78
N GLY TA 54 -47.71 8.03 -38.10
CA GLY TA 54 -46.46 7.40 -38.47
C GLY TA 54 -46.60 5.90 -38.64
N THR TA 55 -45.78 5.35 -39.53
CA THR TA 55 -45.85 3.93 -39.89
C THR TA 55 -47.28 3.57 -40.33
N ASN TA 56 -47.79 4.34 -41.29
CA ASN TA 56 -49.17 4.22 -41.77
C ASN TA 56 -50.14 4.21 -40.59
N GLY TA 57 -49.83 5.01 -39.57
CA GLY TA 57 -50.72 5.10 -38.42
C GLY TA 57 -52.12 5.51 -38.86
N ASP TA 58 -53.12 4.88 -38.26
CA ASP TA 58 -54.49 5.17 -38.67
C ASP TA 58 -54.91 6.58 -38.31
N VAL TA 59 -54.20 7.25 -37.40
CA VAL TA 59 -54.74 8.38 -36.65
C VAL TA 59 -53.90 9.63 -36.85
N PHE TA 60 -54.56 10.71 -37.30
CA PHE TA 60 -54.15 12.07 -37.04
C PHE TA 60 -54.58 12.47 -35.63
N ARG TA 61 -53.74 13.22 -34.93
CA ARG TA 61 -54.08 13.73 -33.61
C ARG TA 61 -54.00 15.26 -33.63
N VAL TA 62 -55.15 15.93 -33.67
CA VAL TA 62 -55.21 17.37 -33.88
C VAL TA 62 -55.70 18.01 -32.59
N LYS TA 63 -54.93 18.96 -32.05
CA LYS TA 63 -55.15 19.47 -30.72
C LYS TA 63 -55.35 20.98 -30.75
N LEU TA 64 -56.34 21.44 -29.98
CA LEU TA 64 -56.72 22.83 -29.85
C LEU TA 64 -56.83 23.16 -28.37
N PHE TA 65 -56.07 24.18 -27.93
CA PHE TA 65 -56.04 24.59 -26.54
C PHE TA 65 -56.47 26.05 -26.43
N VAL TA 66 -57.31 26.34 -25.44
CA VAL TA 66 -57.77 27.69 -25.16
C VAL TA 66 -57.54 27.97 -23.68
N ASN TA 67 -56.57 28.81 -23.38
CA ASN TA 67 -56.17 29.11 -22.01
C ASN TA 67 -56.56 30.53 -21.65
N VAL TA 68 -57.30 30.66 -20.57
CA VAL TA 68 -57.81 31.93 -20.08
C VAL TA 68 -57.27 32.15 -18.66
N PRO TA 69 -56.20 32.93 -18.52
CA PRO TA 69 -55.70 33.24 -17.17
C PRO TA 69 -56.38 34.45 -16.57
N GLU TA 70 -56.56 34.39 -15.24
CA GLU TA 70 -56.87 35.54 -14.41
C GLU TA 70 -55.58 35.93 -13.70
N VAL TA 71 -55.13 37.16 -13.95
CA VAL TA 71 -53.93 37.70 -13.35
C VAL TA 71 -54.33 38.61 -12.19
N ALA TA 72 -53.40 38.80 -11.25
CA ALA TA 72 -53.62 39.68 -10.12
C ALA TA 72 -52.44 40.64 -10.00
N THR TA 73 -52.74 41.88 -9.68
CA THR TA 73 -51.74 42.93 -9.56
C THR TA 73 -51.34 43.05 -8.09
N ILE TA 74 -50.15 42.58 -7.77
CA ILE TA 74 -49.63 42.62 -6.41
C ILE TA 74 -48.70 43.82 -6.28
N THR TA 75 -48.99 44.69 -5.32
CA THR TA 75 -48.14 45.85 -5.05
C THR TA 75 -47.74 45.79 -3.59
N PRO TA 76 -46.45 45.70 -3.26
CA PRO TA 76 -46.04 45.54 -1.86
C PRO TA 76 -46.41 46.78 -1.03
N ASN TA 77 -46.36 46.60 0.29
CA ASN TA 77 -46.88 47.60 1.21
C ASN TA 77 -46.09 48.90 1.10
N GLY TA 78 -46.78 49.98 0.74
CA GLY TA 78 -46.16 51.29 0.62
C GLY TA 78 -45.17 51.42 -0.51
N SER TA 79 -45.43 50.78 -1.64
CA SER TA 79 -44.52 50.76 -2.77
C SER TA 79 -45.06 51.58 -3.93
N ASP TA 80 -44.14 52.11 -4.73
CA ASP TA 80 -44.53 52.91 -5.89
C ASP TA 80 -45.08 52.02 -7.00
N THR TA 81 -44.34 50.98 -7.36
CA THR TA 81 -44.65 50.17 -8.53
C THR TA 81 -45.20 48.81 -8.13
N SER TA 82 -46.06 48.27 -9.00
CA SER TA 82 -46.70 46.98 -8.78
C SER TA 82 -46.22 45.99 -9.82
N SER TA 83 -46.20 44.72 -9.42
CA SER TA 83 -45.85 43.62 -10.30
C SER TA 83 -47.05 42.72 -10.51
N VAL TA 84 -47.12 42.09 -11.68
CA VAL TA 84 -48.28 41.27 -12.03
C VAL TA 84 -47.93 39.79 -11.88
N GLU TA 85 -48.86 39.01 -11.34
CA GLU TA 85 -48.68 37.61 -11.05
C GLU TA 85 -49.84 36.82 -11.62
N ILE TA 86 -49.58 35.59 -12.05
CA ILE TA 86 -50.63 34.75 -12.63
C ILE TA 86 -51.41 34.12 -11.48
N ALA TA 87 -52.63 34.62 -11.24
CA ALA TA 87 -53.42 34.16 -10.11
C ALA TA 87 -53.93 32.75 -10.32
N ARG TA 88 -54.69 32.53 -11.38
CA ARG TA 88 -55.14 31.18 -11.72
C ARG TA 88 -55.48 31.15 -13.19
N THR TA 89 -55.76 29.95 -13.71
CA THR TA 89 -56.02 29.80 -15.13
C THR TA 89 -57.16 28.81 -15.35
N ASN TA 90 -58.14 29.21 -16.15
CA ASN TA 90 -59.10 28.26 -16.72
C ASN TA 90 -58.57 27.78 -18.06
N ARG TA 91 -58.83 26.51 -18.38
CA ARG TA 91 -58.31 25.95 -19.62
C ARG TA 91 -59.36 25.05 -20.27
N ALA TA 92 -59.30 24.98 -21.59
CA ALA TA 92 -60.06 24.01 -22.38
C ALA TA 92 -59.12 23.34 -23.36
N GLN TA 93 -59.11 22.01 -23.37
CA GLN TA 93 -58.14 21.24 -24.14
C GLN TA 93 -58.87 20.20 -24.96
N VAL TA 94 -58.76 20.30 -26.29
CA VAL TA 94 -59.50 19.48 -27.23
C VAL TA 94 -58.53 18.67 -28.05
N GLU TA 95 -58.71 17.35 -28.06
CA GLU TA 95 -57.95 16.46 -28.93
C GLU TA 95 -58.95 15.73 -29.82
N PHE TA 96 -58.88 15.99 -31.11
CA PHE TA 96 -59.61 15.18 -32.07
C PHE TA 96 -58.69 14.07 -32.55
N ILE TA 97 -59.18 12.84 -32.45
CA ILE TA 97 -58.51 11.67 -32.99
C ILE TA 97 -59.23 11.36 -34.31
N LEU TA 98 -58.61 11.71 -35.42
CA LEU TA 98 -59.26 11.46 -36.69
C LEU TA 98 -58.54 10.35 -37.43
N PRO TA 99 -59.26 9.42 -38.07
CA PRO TA 99 -58.55 8.43 -38.90
C PRO TA 99 -58.22 8.95 -40.28
N ALA TA 100 -57.05 8.52 -40.79
CA ALA TA 100 -56.62 8.92 -42.12
C ALA TA 100 -57.48 8.34 -43.23
N GLN TA 101 -58.37 7.41 -42.90
CA GLN TA 101 -59.17 6.71 -43.89
C GLN TA 101 -60.59 7.26 -44.00
N SER TA 102 -60.92 8.29 -43.24
CA SER TA 102 -62.27 8.84 -43.22
C SER TA 102 -62.47 9.84 -44.35
N ALA TA 103 -63.73 10.23 -44.54
CA ALA TA 103 -64.11 11.27 -45.49
C ALA TA 103 -64.38 12.57 -44.74
N ALA TA 104 -64.08 13.69 -45.41
CA ALA TA 104 -64.20 14.99 -44.78
C ALA TA 104 -65.61 15.28 -44.28
N THR TA 105 -66.62 14.65 -44.87
CA THR TA 105 -67.99 14.79 -44.36
C THR TA 105 -68.07 14.42 -42.90
N VAL TA 106 -67.43 13.30 -42.54
CA VAL TA 106 -67.48 12.81 -41.18
C VAL TA 106 -66.84 13.80 -40.22
N ARG TA 107 -65.67 14.33 -40.58
CA ARG TA 107 -65.02 15.30 -39.70
C ARG TA 107 -65.84 16.58 -39.59
N GLU TA 108 -66.47 17.00 -40.69
CA GLU TA 108 -67.28 18.20 -40.65
C GLU TA 108 -68.43 18.05 -39.66
N ASP TA 109 -69.19 16.95 -39.75
CA ASP TA 109 -70.30 16.85 -38.80
C ASP TA 109 -69.85 16.42 -37.41
N LEU TA 110 -68.65 15.86 -37.24
CA LEU TA 110 -68.13 15.69 -35.89
C LEU TA 110 -67.88 17.05 -35.24
N VAL TA 111 -67.23 17.96 -35.95
CA VAL TA 111 -67.01 19.30 -35.42
C VAL TA 111 -68.33 19.99 -35.15
N ALA TA 112 -69.29 19.86 -36.08
CA ALA TA 112 -70.60 20.49 -35.89
C ALA TA 112 -71.30 19.92 -34.67
N LEU TA 113 -71.20 18.60 -34.45
CA LEU TA 113 -71.80 18.00 -33.27
C LEU TA 113 -71.15 18.51 -31.99
N LEU TA 114 -69.83 18.67 -32.00
CA LEU TA 114 -69.16 19.21 -30.82
C LEU TA 114 -69.60 20.64 -30.53
N ALA TA 115 -69.68 21.47 -31.57
CA ALA TA 115 -70.10 22.85 -31.37
C ALA TA 115 -71.54 22.93 -30.88
N SER TA 116 -72.42 22.11 -31.44
CA SER TA 116 -73.80 22.10 -30.99
C SER TA 116 -73.94 21.55 -29.58
N ALA TA 117 -73.08 20.62 -29.19
CA ALA TA 117 -73.07 20.14 -27.81
C ALA TA 117 -72.64 21.24 -26.86
N LEU TA 118 -71.64 22.03 -27.25
CA LEU TA 118 -71.25 23.19 -26.46
C LEU TA 118 -72.39 24.21 -26.38
N ALA TA 119 -73.17 24.34 -27.45
CA ALA TA 119 -74.25 25.32 -27.45
C ALA TA 119 -75.46 24.85 -26.66
N ASP TA 120 -75.68 23.53 -26.57
CA ASP TA 120 -76.82 23.02 -25.83
C ASP TA 120 -76.75 23.44 -24.37
N THR TA 121 -77.88 23.86 -23.81
CA THR TA 121 -77.88 24.39 -22.45
C THR TA 121 -77.65 23.29 -21.43
N ALA TA 122 -78.20 22.10 -21.65
CA ALA TA 122 -78.01 21.00 -20.71
C ALA TA 122 -76.54 20.63 -20.60
N ILE TA 123 -75.83 20.60 -21.73
CA ILE TA 123 -74.41 20.30 -21.71
C ILE TA 123 -73.60 21.51 -21.24
N LYS TA 124 -74.08 22.71 -21.52
CA LYS TA 124 -73.34 23.91 -21.14
C LYS TA 124 -73.35 24.11 -19.63
N SER TA 125 -74.42 23.66 -18.95
CA SER TA 125 -74.43 23.74 -17.49
C SER TA 125 -73.36 22.83 -16.89
N THR TA 126 -73.04 21.74 -17.58
CA THR TA 126 -71.96 20.85 -17.16
C THR TA 126 -70.65 21.61 -17.00
N ILE TA 127 -70.30 22.41 -18.01
CA ILE TA 127 -69.02 23.12 -17.99
C ILE TA 127 -69.13 24.36 -17.11
N VAL TA 128 -70.11 25.21 -17.41
CA VAL TA 128 -70.17 26.52 -16.78
C VAL TA 128 -70.49 26.40 -15.30
N ASN TA 129 -71.47 25.56 -14.95
CA ASN TA 129 -72.05 25.50 -13.61
C ASN TA 129 -71.60 24.28 -12.81
N VAL TA 130 -70.84 23.37 -13.42
CA VAL TA 130 -70.24 22.21 -12.76
C VAL TA 130 -71.34 21.42 -12.05
N GLU TA 131 -72.39 21.12 -12.79
CA GLU TA 131 -73.43 20.22 -12.35
C GLU TA 131 -73.25 18.89 -13.07
N HIS TA 132 -73.31 17.79 -12.30
CA HIS TA 132 -73.28 16.44 -12.84
C HIS TA 132 -74.62 16.09 -13.49
N PHE TA 133 -74.58 15.13 -14.40
CA PHE TA 133 -75.79 14.50 -14.89
C PHE TA 133 -76.30 13.49 -13.87
N TYR TA 134 -77.61 13.44 -13.72
CA TYR TA 134 -78.24 12.54 -12.75
C TYR TA 134 -79.61 12.02 -13.20
N PRO UA 1 -39.48 32.01 -52.08
CA PRO UA 1 -40.77 31.36 -52.37
C PRO UA 1 -41.60 31.18 -51.12
N ALA UA 2 -42.41 32.20 -50.80
CA ALA UA 2 -43.33 32.09 -49.68
C ALA UA 2 -44.31 30.96 -49.93
N LEU UA 3 -44.62 30.24 -48.85
CA LEU UA 3 -45.50 29.07 -48.94
C LEU UA 3 -46.85 29.48 -49.50
N LYS UA 4 -47.25 28.83 -50.59
CA LYS UA 4 -48.44 29.24 -51.32
C LYS UA 4 -48.87 28.08 -52.20
N PRO UA 5 -50.17 27.93 -52.46
CA PRO UA 5 -50.64 26.78 -53.23
C PRO UA 5 -50.10 26.85 -54.65
N ILE UA 6 -49.77 25.69 -55.20
CA ILE UA 6 -49.18 25.64 -56.53
C ILE UA 6 -50.01 24.70 -57.39
N THR UA 7 -50.09 25.00 -58.68
CA THR UA 7 -50.88 24.22 -59.63
C THR UA 7 -49.96 23.44 -60.56
N LEU UA 8 -50.24 22.15 -60.73
CA LEU UA 8 -49.45 21.25 -61.56
C LEU UA 8 -50.38 20.51 -62.50
N THR UA 9 -49.89 20.19 -63.69
CA THR UA 9 -50.70 19.51 -64.71
C THR UA 9 -50.47 18.00 -64.63
N ASP UA 10 -51.57 17.23 -64.66
CA ASP UA 10 -51.48 15.78 -64.62
C ASP UA 10 -51.26 15.25 -66.04
N HIS UA 11 -51.44 13.94 -66.24
CA HIS UA 11 -51.20 13.36 -67.54
C HIS UA 11 -52.17 13.88 -68.59
N SER UA 12 -53.39 14.17 -68.20
CA SER UA 12 -54.40 14.69 -69.09
C SER UA 12 -54.28 16.19 -69.31
N SER UA 13 -53.21 16.80 -68.80
CA SER UA 13 -52.98 18.24 -68.77
C SER UA 13 -54.00 19.00 -67.93
N ALA UA 14 -54.83 18.29 -67.16
CA ALA UA 14 -55.78 18.96 -66.28
C ALA UA 14 -55.06 19.54 -65.07
N ASP UA 15 -55.48 20.74 -64.67
CA ASP UA 15 -54.86 21.40 -63.54
C ASP UA 15 -55.15 20.64 -62.25
N VAL UA 16 -54.18 20.67 -61.33
CA VAL UA 16 -54.22 19.95 -60.07
C VAL UA 16 -53.61 20.88 -59.04
N ILE UA 17 -54.41 21.33 -58.08
CA ILE UA 17 -54.04 22.41 -57.18
C ILE UA 17 -53.62 21.79 -55.85
N PHE UA 18 -52.32 21.90 -55.52
CA PHE UA 18 -51.79 21.47 -54.24
C PHE UA 18 -51.80 22.66 -53.29
N THR UA 19 -52.55 22.53 -52.18
CA THR UA 19 -52.50 23.60 -51.18
C THR UA 19 -51.42 23.30 -50.16
N PRO UA 20 -50.80 24.32 -49.58
CA PRO UA 20 -49.76 24.07 -48.57
C PRO UA 20 -50.36 23.39 -47.36
N THR UA 21 -49.66 22.37 -46.86
CA THR UA 21 -50.09 21.62 -45.69
C THR UA 21 -49.24 21.94 -44.46
N GLN UA 22 -47.92 21.77 -44.56
CA GLN UA 22 -47.13 21.81 -43.35
C GLN UA 22 -45.71 22.27 -43.62
N ILE UA 23 -45.15 23.05 -42.70
CA ILE UA 23 -43.72 23.29 -42.66
C ILE UA 23 -43.16 22.45 -41.52
N ASP UA 24 -42.19 21.61 -41.84
CA ASP UA 24 -41.77 20.54 -40.95
C ASP UA 24 -40.93 21.09 -39.79
N LYS UA 25 -40.49 20.18 -38.93
CA LYS UA 25 -39.51 20.54 -37.91
C LYS UA 25 -38.13 20.72 -38.52
N ASN UA 26 -37.79 19.92 -39.52
CA ASN UA 26 -36.50 19.98 -40.19
C ASN UA 26 -36.46 20.99 -41.32
N GLY UA 27 -37.62 21.47 -41.78
CA GLY UA 27 -37.69 22.40 -42.90
C GLY UA 27 -38.44 21.86 -44.09
N VAL UA 28 -39.01 20.65 -44.01
CA VAL UA 28 -39.71 20.08 -45.14
C VAL UA 28 -41.04 20.81 -45.33
N ALA UA 29 -41.34 21.15 -46.59
CA ALA UA 29 -42.60 21.79 -46.95
C ALA UA 29 -43.48 20.76 -47.63
N TYR UA 30 -44.68 20.57 -47.09
CA TYR UA 30 -45.64 19.57 -47.55
C TYR UA 30 -46.84 20.27 -48.18
N PHE UA 31 -47.10 19.99 -49.45
CA PHE UA 31 -48.32 20.39 -50.15
C PHE UA 31 -49.18 19.16 -50.39
N ARG UA 32 -50.49 19.32 -50.26
CA ARG UA 32 -51.44 18.24 -50.34
C ARG UA 32 -52.54 18.61 -51.33
N HIS UA 33 -52.96 17.63 -52.11
CA HIS UA 33 -54.09 17.75 -53.02
C HIS UA 33 -55.08 16.65 -52.64
N LEU UA 34 -56.15 17.04 -51.95
CA LEU UA 34 -57.14 16.08 -51.50
C LEU UA 34 -57.98 15.59 -52.68
N GLN UA 35 -58.64 14.45 -52.46
CA GLN UA 35 -59.50 13.89 -53.49
C GLN UA 35 -60.86 14.57 -53.45
N ALA UA 36 -61.80 14.07 -54.25
CA ALA UA 36 -63.15 14.61 -54.26
C ALA UA 36 -63.79 14.49 -52.88
N ASN UA 37 -63.71 13.30 -52.29
CA ASN UA 37 -64.33 13.03 -51.00
C ASN UA 37 -63.51 13.55 -49.81
N GLY UA 38 -62.36 14.16 -50.06
CA GLY UA 38 -61.54 14.64 -48.96
C GLY UA 38 -60.96 13.53 -48.11
N LYS UA 39 -60.53 12.42 -48.71
CA LYS UA 39 -59.93 11.33 -47.97
C LYS UA 39 -58.43 11.55 -47.87
N PRO UA 40 -57.87 11.68 -46.67
CA PRO UA 40 -56.42 11.92 -46.55
C PRO UA 40 -55.60 10.83 -47.21
N ILE UA 41 -55.97 9.57 -46.98
CA ILE UA 41 -55.24 8.44 -47.56
C ILE UA 41 -55.18 8.54 -49.08
N GLY UA 42 -56.08 9.27 -49.71
CA GLY UA 42 -56.09 9.42 -51.15
C GLY UA 42 -55.42 10.65 -51.69
N ALA UA 43 -54.90 11.53 -50.84
CA ALA UA 43 -54.41 12.82 -51.30
C ALA UA 43 -53.01 12.69 -51.90
N TYR UA 44 -52.78 13.42 -53.00
CA TYR UA 44 -51.44 13.57 -53.53
C TYR UA 44 -50.62 14.48 -52.64
N THR UA 45 -49.31 14.24 -52.59
CA THR UA 45 -48.43 15.07 -51.77
C THR UA 45 -47.18 15.46 -52.55
N VAL UA 46 -46.67 16.64 -52.21
CA VAL UA 46 -45.42 17.14 -52.78
C VAL UA 46 -44.59 17.73 -51.66
N SER UA 47 -43.38 17.23 -51.47
CA SER UA 47 -42.47 17.67 -50.42
C SER UA 47 -41.28 18.38 -51.03
N SER UA 48 -40.87 19.47 -50.39
CA SER UA 48 -39.69 20.22 -50.83
C SER UA 48 -38.88 20.64 -49.61
N HIS UA 49 -37.62 20.21 -49.57
CA HIS UA 49 -36.74 20.55 -48.46
C HIS UA 49 -35.34 20.82 -48.99
N VAL UA 50 -34.72 21.89 -48.55
CA VAL UA 50 -33.36 22.21 -48.95
C VAL UA 50 -32.47 22.23 -47.72
N LYS UA 51 -31.33 21.54 -47.82
CA LYS UA 51 -30.36 21.39 -46.75
C LYS UA 51 -29.11 22.17 -47.14
N GLU UA 52 -28.83 23.23 -46.39
CA GLU UA 52 -27.67 24.07 -46.58
C GLU UA 52 -26.40 23.35 -46.14
N PRO UA 53 -25.25 23.75 -46.66
CA PRO UA 53 -23.99 23.14 -46.21
C PRO UA 53 -23.54 23.67 -44.86
N GLY UA 54 -22.80 22.82 -44.16
CA GLY UA 54 -22.25 23.20 -42.88
C GLY UA 54 -20.87 22.61 -42.69
N THR UA 55 -20.12 23.21 -41.76
CA THR UA 55 -18.74 22.82 -41.51
C THR UA 55 -17.94 22.80 -42.81
N ASN UA 56 -18.01 23.94 -43.52
CA ASN UA 56 -17.28 24.15 -44.77
C ASN UA 56 -17.54 23.01 -45.76
N GLY UA 57 -18.82 22.65 -45.91
CA GLY UA 57 -19.22 21.70 -46.91
C GLY UA 57 -19.51 22.41 -48.22
N ASP UA 58 -19.06 21.80 -49.32
CA ASP UA 58 -19.25 22.44 -50.63
C ASP UA 58 -20.66 22.26 -51.17
N VAL UA 59 -21.44 21.34 -50.62
CA VAL UA 59 -22.62 20.82 -51.29
C VAL UA 59 -23.90 21.40 -50.69
N PHE UA 60 -24.92 21.52 -51.53
CA PHE UA 60 -26.29 21.83 -51.17
C PHE UA 60 -27.13 20.61 -51.52
N ARG UA 61 -28.04 20.20 -50.63
CA ARG UA 61 -28.88 19.02 -50.91
C ARG UA 61 -30.34 19.44 -50.95
N VAL UA 62 -30.90 19.53 -52.15
CA VAL UA 62 -32.27 20.01 -52.34
C VAL UA 62 -33.13 18.85 -52.83
N LYS UA 63 -34.22 18.59 -52.12
CA LYS UA 63 -35.01 17.38 -52.32
C LYS UA 63 -36.44 17.74 -52.68
N LEU UA 64 -36.98 17.01 -53.66
CA LEU UA 64 -38.34 17.16 -54.14
C LEU UA 64 -38.99 15.79 -54.24
N PHE UA 65 -40.12 15.62 -53.55
CA PHE UA 65 -40.86 14.37 -53.52
C PHE UA 65 -42.26 14.59 -54.09
N VAL UA 66 -42.71 13.66 -54.92
CA VAL UA 66 -44.07 13.69 -55.48
C VAL UA 66 -44.68 12.32 -55.27
N ASN UA 67 -45.64 12.23 -54.35
CA ASN UA 67 -46.25 10.97 -53.98
C ASN UA 67 -47.70 10.95 -54.48
N VAL UA 68 -48.01 9.93 -55.28
CA VAL UA 68 -49.34 9.71 -55.84
C VAL UA 68 -49.89 8.41 -55.27
N PRO UA 69 -50.88 8.46 -54.38
CA PRO UA 69 -51.47 7.22 -53.89
C PRO UA 69 -52.67 6.81 -54.76
N GLU UA 70 -52.90 5.52 -54.83
CA GLU UA 70 -54.13 4.96 -55.33
C GLU UA 70 -54.77 4.15 -54.22
N VAL UA 71 -56.05 4.42 -53.97
CA VAL UA 71 -56.85 3.77 -52.94
C VAL UA 71 -57.33 2.42 -53.44
N ALA UA 72 -57.28 1.38 -52.60
CA ALA UA 72 -57.83 0.07 -52.95
C ALA UA 72 -59.08 -0.15 -52.13
N THR UA 73 -60.21 -0.34 -52.80
CA THR UA 73 -61.48 -0.54 -52.11
C THR UA 73 -61.76 -2.03 -51.92
N GLU UA 85 -59.91 1.17 -48.59
CA GLU UA 85 -59.50 1.05 -47.19
C GLU UA 85 -57.99 1.26 -47.01
N ILE UA 86 -57.19 0.48 -47.71
CA ILE UA 86 -55.74 0.64 -47.69
C ILE UA 86 -55.32 1.03 -49.10
N ALA UA 87 -54.26 1.82 -49.19
CA ALA UA 87 -53.87 2.43 -50.45
C ALA UA 87 -52.38 2.24 -50.66
N ARG UA 88 -51.98 2.04 -51.92
CA ARG UA 88 -50.57 1.91 -52.23
C ARG UA 88 -50.12 3.14 -53.02
N THR UA 89 -48.88 3.56 -52.77
CA THR UA 89 -48.42 4.86 -53.23
C THR UA 89 -47.28 4.67 -54.22
N ASN UA 90 -47.47 5.19 -55.44
CA ASN UA 90 -46.35 5.43 -56.35
C ASN UA 90 -45.61 6.69 -55.88
N ARG UA 91 -44.29 6.65 -55.92
CA ARG UA 91 -43.52 7.80 -55.46
C ARG UA 91 -42.44 8.17 -56.47
N ALA UA 92 -42.16 9.46 -56.54
CA ALA UA 92 -40.99 9.99 -57.23
C ALA UA 92 -40.19 10.78 -56.21
N GLN UA 93 -38.89 10.50 -56.12
CA GLN UA 93 -38.02 11.12 -55.11
C GLN UA 93 -36.77 11.64 -55.81
N VAL UA 94 -36.59 12.95 -55.82
CA VAL UA 94 -35.48 13.60 -56.51
C VAL UA 94 -34.60 14.30 -55.48
N GLU UA 95 -33.31 14.08 -55.58
CA GLU UA 95 -32.31 14.78 -54.77
C GLU UA 95 -31.30 15.42 -55.72
N PHE UA 96 -31.22 16.75 -55.69
CA PHE UA 96 -30.19 17.49 -56.42
C PHE UA 96 -29.06 17.80 -55.45
N ILE UA 97 -27.84 17.53 -55.89
CA ILE UA 97 -26.62 17.85 -55.17
C ILE UA 97 -25.93 18.97 -55.93
N LEU UA 98 -25.88 20.16 -55.34
CA LEU UA 98 -25.45 21.37 -56.03
C LEU UA 98 -24.29 22.01 -55.28
N PRO UA 99 -23.07 22.06 -55.83
CA PRO UA 99 -21.99 22.77 -55.15
C PRO UA 99 -22.26 24.26 -55.05
N ALA UA 100 -21.64 24.87 -54.04
CA ALA UA 100 -21.89 26.28 -53.73
C ALA UA 100 -21.21 27.24 -54.70
N GLN UA 101 -20.10 26.82 -55.33
CA GLN UA 101 -19.42 27.72 -56.26
C GLN UA 101 -20.05 27.73 -57.65
N SER UA 102 -20.87 26.74 -57.98
CA SER UA 102 -21.46 26.69 -59.32
C SER UA 102 -22.35 27.90 -59.54
N ALA UA 103 -22.10 28.64 -60.62
CA ALA UA 103 -22.99 29.72 -60.99
C ALA UA 103 -24.36 29.16 -61.36
N ALA UA 104 -25.39 29.98 -61.16
CA ALA UA 104 -26.76 29.51 -61.36
C ALA UA 104 -27.02 29.02 -62.78
N THR UA 105 -26.17 29.39 -63.75
CA THR UA 105 -26.31 28.87 -65.11
C THR UA 105 -26.33 27.35 -65.12
N VAL UA 106 -25.41 26.75 -64.35
CA VAL UA 106 -25.27 25.30 -64.35
C VAL UA 106 -26.53 24.65 -63.80
N ARG UA 107 -27.02 25.16 -62.67
CA ARG UA 107 -28.19 24.56 -62.05
C ARG UA 107 -29.40 24.72 -62.94
N GLU UA 108 -29.52 25.88 -63.62
CA GLU UA 108 -30.63 26.08 -64.54
C GLU UA 108 -30.63 25.03 -65.64
N ASP UA 109 -29.51 24.85 -66.35
CA ASP UA 109 -29.54 23.85 -67.44
C ASP UA 109 -29.50 22.42 -66.92
N LEU UA 110 -29.09 22.20 -65.66
CA LEU UA 110 -29.22 20.84 -65.11
C LEU UA 110 -30.68 20.48 -64.94
N VAL UA 111 -31.45 21.38 -64.33
CA VAL UA 111 -32.90 21.17 -64.24
C VAL UA 111 -33.50 20.99 -65.61
N ALA UA 112 -33.09 21.84 -66.57
CA ALA UA 112 -33.66 21.73 -67.91
C ALA UA 112 -33.36 20.36 -68.52
N LEU UA 113 -32.15 19.86 -68.29
CA LEU UA 113 -31.76 18.52 -68.73
C LEU UA 113 -32.66 17.46 -68.12
N LEU UA 114 -32.90 17.55 -66.81
CA LEU UA 114 -33.72 16.54 -66.15
C LEU UA 114 -35.14 16.54 -66.71
N ALA UA 115 -35.71 17.74 -66.91
CA ALA UA 115 -37.07 17.83 -67.41
C ALA UA 115 -37.15 17.31 -68.84
N SER UA 116 -36.16 17.64 -69.68
CA SER UA 116 -36.16 17.13 -71.04
C SER UA 116 -35.96 15.62 -71.08
N ALA UA 117 -35.21 15.07 -70.12
CA ALA UA 117 -35.06 13.61 -70.04
C ALA UA 117 -36.38 12.95 -69.66
N LEU UA 118 -37.12 13.57 -68.74
CA LEU UA 118 -38.46 13.08 -68.42
C LEU UA 118 -39.40 13.18 -69.62
N ALA UA 119 -39.21 14.20 -70.46
CA ALA UA 119 -40.08 14.36 -71.62
C ALA UA 119 -39.70 13.43 -72.77
N ASP UA 120 -38.43 13.04 -72.87
CA ASP UA 120 -38.01 12.17 -73.96
C ASP UA 120 -38.75 10.85 -73.90
N THR UA 121 -39.19 10.37 -75.06
CA THR UA 121 -40.04 9.18 -75.11
C THR UA 121 -39.29 7.94 -74.65
N ALA UA 122 -38.03 7.80 -75.06
CA ALA UA 122 -37.26 6.61 -74.71
C ALA UA 122 -37.07 6.51 -73.19
N ILE UA 123 -36.67 7.63 -72.57
CA ILE UA 123 -36.46 7.65 -71.12
C ILE UA 123 -37.80 7.52 -70.39
N LYS UA 124 -38.84 8.16 -70.91
CA LYS UA 124 -40.14 8.10 -70.25
C LYS UA 124 -40.69 6.68 -70.26
N SER UA 125 -40.39 5.91 -71.30
CA SER UA 125 -40.80 4.50 -71.34
C SER UA 125 -40.24 3.75 -70.15
N THR UA 126 -39.00 4.07 -69.76
CA THR UA 126 -38.35 3.44 -68.61
C THR UA 126 -39.22 3.52 -67.37
N ILE UA 127 -39.82 4.68 -67.12
CA ILE UA 127 -40.63 4.85 -65.91
C ILE UA 127 -42.04 4.31 -66.12
N VAL UA 128 -42.68 4.74 -67.20
CA VAL UA 128 -44.11 4.48 -67.39
C VAL UA 128 -44.35 2.98 -67.56
N ASN UA 129 -43.57 2.34 -68.42
CA ASN UA 129 -43.77 0.94 -68.80
C ASN UA 129 -42.87 -0.01 -68.04
N VAL UA 130 -42.11 0.50 -67.06
CA VAL UA 130 -41.12 -0.24 -66.28
C VAL UA 130 -40.36 -1.23 -67.17
N GLU UA 131 -39.76 -0.71 -68.24
CA GLU UA 131 -38.91 -1.50 -69.14
C GLU UA 131 -37.45 -1.14 -68.89
N HIS UA 132 -36.58 -2.16 -68.89
CA HIS UA 132 -35.13 -1.96 -68.84
C HIS UA 132 -34.61 -1.43 -70.17
N PHE UA 133 -33.47 -0.73 -70.11
CA PHE UA 133 -32.75 -0.43 -71.34
C PHE UA 133 -32.05 -1.68 -71.85
N TYR UA 134 -32.13 -1.91 -73.16
CA TYR UA 134 -31.54 -3.10 -73.77
C TYR UA 134 -30.94 -2.85 -75.16
N PRO VA 1 -45.13 39.61 -36.47
CA PRO VA 1 -44.33 39.85 -37.67
C PRO VA 1 -44.30 38.63 -38.55
N ALA VA 2 -45.19 38.59 -39.55
CA ALA VA 2 -45.14 37.52 -40.52
C ALA VA 2 -43.85 37.63 -41.33
N LEU VA 3 -43.36 36.48 -41.79
CA LEU VA 3 -42.12 36.44 -42.55
C LEU VA 3 -42.35 37.07 -43.92
N LYS VA 4 -41.55 38.08 -44.25
CA LYS VA 4 -41.71 38.92 -45.43
C LYS VA 4 -40.34 39.43 -45.83
N PRO VA 5 -40.06 39.57 -47.12
CA PRO VA 5 -38.82 40.24 -47.52
C PRO VA 5 -38.83 41.67 -46.99
N ILE VA 6 -37.76 42.04 -46.32
CA ILE VA 6 -37.68 43.36 -45.70
C ILE VA 6 -36.59 44.14 -46.40
N THR VA 7 -36.88 45.41 -46.67
CA THR VA 7 -35.94 46.29 -47.37
C THR VA 7 -35.24 47.17 -46.35
N LEU VA 8 -33.92 47.20 -46.39
CA LEU VA 8 -33.10 48.00 -45.50
C LEU VA 8 -32.23 48.95 -46.32
N THR VA 9 -31.99 50.13 -45.80
CA THR VA 9 -31.23 51.15 -46.51
C THR VA 9 -29.77 51.10 -46.10
N ASP VA 10 -28.86 51.17 -47.08
CA ASP VA 10 -27.43 51.08 -46.81
C ASP VA 10 -26.86 52.48 -46.55
N HIS VA 11 -25.54 52.62 -46.68
CA HIS VA 11 -24.93 53.91 -46.38
C HIS VA 11 -25.34 54.97 -47.39
N SER VA 12 -25.45 54.61 -48.66
CA SER VA 12 -25.85 55.55 -49.69
C SER VA 12 -27.35 55.78 -49.73
N SER VA 13 -28.09 55.25 -48.77
CA SER VA 13 -29.55 55.26 -48.66
C SER VA 13 -30.22 54.42 -49.73
N ALA VA 14 -29.46 53.71 -50.56
CA ALA VA 14 -30.03 52.79 -51.53
C ALA VA 14 -30.70 51.62 -50.83
N ASP VA 15 -31.77 51.11 -51.42
CA ASP VA 15 -32.48 49.99 -50.82
C ASP VA 15 -31.70 48.69 -51.03
N VAL VA 16 -31.89 47.77 -50.09
CA VAL VA 16 -31.22 46.47 -50.07
C VAL VA 16 -32.27 45.47 -49.57
N ILE VA 17 -32.71 44.59 -50.45
CA ILE VA 17 -33.84 43.71 -50.16
C ILE VA 17 -33.30 42.40 -49.60
N PHE VA 18 -33.73 42.06 -48.38
CA PHE VA 18 -33.40 40.79 -47.75
C PHE VA 18 -34.60 39.87 -47.88
N THR VA 19 -34.41 38.77 -48.61
CA THR VA 19 -35.46 37.77 -48.75
C THR VA 19 -35.37 36.75 -47.62
N PRO VA 20 -36.50 36.29 -47.10
CA PRO VA 20 -36.47 35.30 -46.02
C PRO VA 20 -35.87 34.00 -46.51
N THR VA 21 -34.92 33.46 -45.74
CA THR VA 21 -34.25 32.22 -46.06
C THR VA 21 -34.84 31.02 -45.32
N GLN VA 22 -34.94 31.09 -44.01
CA GLN VA 22 -35.16 29.88 -43.23
C GLN VA 22 -35.60 30.26 -41.82
N ILE VA 23 -36.42 29.39 -41.22
CA ILE VA 23 -36.76 29.50 -39.81
C ILE VA 23 -36.11 28.32 -39.09
N ASP VA 24 -35.22 28.63 -38.16
CA ASP VA 24 -34.34 27.64 -37.57
C ASP VA 24 -35.12 26.66 -36.68
N LYS VA 25 -34.42 25.60 -36.27
CA LYS VA 25 -34.99 24.70 -35.26
C LYS VA 25 -35.10 25.36 -33.91
N ASN VA 26 -34.26 26.36 -33.64
CA ASN VA 26 -34.25 27.07 -32.37
C ASN VA 26 -35.13 28.31 -32.39
N GLY VA 27 -35.75 28.61 -33.52
CA GLY VA 27 -36.57 29.79 -33.66
C GLY VA 27 -35.91 30.93 -34.41
N VAL VA 28 -34.65 30.76 -34.82
CA VAL VA 28 -33.94 31.81 -35.52
C VAL VA 28 -34.51 31.97 -36.92
N ALA VA 29 -34.79 33.21 -37.30
CA ALA VA 29 -35.28 33.53 -38.64
C ALA VA 29 -34.18 34.28 -39.39
N TYR VA 30 -33.89 33.81 -40.60
CA TYR VA 30 -32.78 34.33 -41.39
C TYR VA 30 -33.29 35.04 -42.64
N PHE VA 31 -32.81 36.25 -42.88
CA PHE VA 31 -33.04 36.97 -44.11
C PHE VA 31 -31.70 37.19 -44.81
N ARG VA 32 -31.64 36.92 -46.10
CA ARG VA 32 -30.38 36.99 -46.83
C ARG VA 32 -30.50 37.92 -48.03
N HIS VA 33 -29.36 38.51 -48.39
CA HIS VA 33 -29.18 39.27 -49.61
C HIS VA 33 -27.87 38.81 -50.23
N LEU VA 34 -27.94 38.28 -51.45
CA LEU VA 34 -26.77 37.65 -52.06
C LEU VA 34 -25.73 38.68 -52.46
N GLN VA 35 -24.51 38.20 -52.67
CA GLN VA 35 -23.39 39.07 -53.02
C GLN VA 35 -23.51 39.54 -54.47
N ALA VA 36 -22.52 40.32 -54.91
CA ALA VA 36 -22.49 40.80 -56.29
C ALA VA 36 -22.55 39.62 -57.27
N ASN VA 37 -21.67 38.64 -57.09
CA ASN VA 37 -21.75 37.43 -57.90
C ASN VA 37 -22.96 36.60 -57.50
N GLY VA 38 -23.54 35.92 -58.49
CA GLY VA 38 -24.70 35.10 -58.23
C GLY VA 38 -24.44 33.91 -57.32
N LYS VA 39 -23.19 33.70 -56.94
CA LYS VA 39 -22.80 32.54 -56.15
C LYS VA 39 -23.20 32.73 -54.69
N PRO VA 40 -24.03 31.86 -54.11
CA PRO VA 40 -24.50 32.02 -52.72
C PRO VA 40 -23.56 31.35 -51.73
N ILE VA 41 -22.38 31.92 -51.58
CA ILE VA 41 -21.39 31.42 -50.63
C ILE VA 41 -21.31 32.33 -49.41
N GLY VA 42 -20.96 33.60 -49.61
CA GLY VA 42 -21.04 34.60 -48.58
C GLY VA 42 -22.17 35.53 -48.95
N ALA VA 43 -22.99 35.87 -47.95
CA ALA VA 43 -24.19 36.64 -48.23
C ALA VA 43 -24.51 37.48 -47.02
N TYR VA 44 -25.04 38.67 -47.28
CA TYR VA 44 -25.47 39.54 -46.18
C TYR VA 44 -26.66 38.92 -45.48
N THR VA 45 -26.61 38.86 -44.15
CA THR VA 45 -27.63 38.14 -43.40
C THR VA 45 -28.16 38.99 -42.25
N VAL VA 46 -29.41 38.73 -41.90
CA VAL VA 46 -30.07 39.34 -40.75
C VAL VA 46 -30.81 38.23 -40.01
N SER VA 47 -30.40 37.97 -38.77
CA SER VA 47 -30.97 36.93 -37.93
C SER VA 47 -31.82 37.56 -36.85
N SER VA 48 -33.00 37.00 -36.62
CA SER VA 48 -33.88 37.46 -35.55
C SER VA 48 -34.37 36.27 -34.75
N HIS VA 49 -34.20 36.34 -33.43
CA HIS VA 49 -34.65 35.26 -32.56
C HIS VA 49 -35.10 35.83 -31.23
N VAL VA 50 -36.30 35.48 -30.81
CA VAL VA 50 -36.79 35.88 -29.49
C VAL VA 50 -36.90 34.63 -28.62
N LYS VA 51 -36.41 34.75 -27.39
CA LYS VA 51 -36.40 33.67 -26.42
C LYS VA 51 -37.35 34.02 -25.29
N GLU VA 52 -38.42 33.23 -25.17
CA GLU VA 52 -39.39 33.37 -24.11
C GLU VA 52 -38.72 33.13 -22.76
N PRO VA 53 -39.36 33.52 -21.65
CA PRO VA 53 -38.77 33.29 -20.34
C PRO VA 53 -39.13 31.93 -19.74
N GLY VA 54 -38.19 31.36 -19.03
CA GLY VA 54 -38.37 30.05 -18.40
C GLY VA 54 -38.65 30.19 -16.91
N THR VA 55 -39.72 29.53 -16.46
CA THR VA 55 -40.13 29.57 -15.06
C THR VA 55 -40.42 31.01 -14.63
N ASN VA 56 -41.07 31.76 -15.53
CA ASN VA 56 -41.47 33.15 -15.28
C ASN VA 56 -40.28 34.00 -14.85
N GLY VA 57 -39.08 33.63 -15.29
CA GLY VA 57 -37.95 34.54 -15.17
C GLY VA 57 -38.27 35.82 -15.94
N ASP VA 58 -38.02 36.96 -15.28
CA ASP VA 58 -38.51 38.23 -15.81
C ASP VA 58 -38.04 38.52 -17.24
N VAL VA 59 -36.97 37.88 -17.69
CA VAL VA 59 -36.27 38.29 -18.91
C VAL VA 59 -36.87 37.64 -20.15
N PHE VA 60 -37.05 38.46 -21.18
CA PHE VA 60 -37.22 38.05 -22.57
C PHE VA 60 -35.92 38.39 -23.28
N ARG VA 61 -35.38 37.44 -24.04
CA ARG VA 61 -34.08 37.64 -24.71
C ARG VA 61 -34.30 37.72 -26.21
N VAL VA 62 -34.33 38.94 -26.75
CA VAL VA 62 -34.67 39.15 -28.15
C VAL VA 62 -33.42 39.64 -28.87
N LYS VA 63 -33.00 38.92 -29.91
CA LYS VA 63 -31.68 39.11 -30.51
C LYS VA 63 -31.83 39.41 -32.00
N LEU VA 64 -30.98 40.33 -32.45
CA LEU VA 64 -30.93 40.79 -33.83
C LEU VA 64 -29.48 40.82 -34.28
N PHE VA 65 -29.18 40.10 -35.36
CA PHE VA 65 -27.83 40.01 -35.90
C PHE VA 65 -27.81 40.52 -37.34
N VAL VA 66 -26.79 41.29 -37.68
CA VAL VA 66 -26.59 41.80 -39.03
C VAL VA 66 -25.16 41.49 -39.43
N ASN VA 67 -24.99 40.54 -40.35
CA ASN VA 67 -23.67 40.07 -40.76
C ASN VA 67 -23.42 40.53 -42.19
N VAL VA 68 -22.33 41.26 -42.38
CA VAL VA 68 -21.91 41.78 -43.67
C VAL VA 68 -20.60 41.12 -44.05
N PRO VA 69 -20.62 40.08 -44.89
CA PRO VA 69 -19.37 39.45 -45.33
C PRO VA 69 -18.77 40.13 -46.55
N GLU VA 70 -17.45 40.25 -46.54
CA GLU VA 70 -16.66 40.64 -47.70
C GLU VA 70 -16.02 39.39 -48.28
N VAL VA 71 -16.27 39.15 -49.57
CA VAL VA 71 -15.93 37.92 -50.27
C VAL VA 71 -14.77 38.19 -51.22
N ALA VA 72 -14.05 37.13 -51.58
CA ALA VA 72 -12.93 37.21 -52.50
C ALA VA 72 -13.04 36.08 -53.53
N THR VA 73 -12.91 36.42 -54.80
CA THR VA 73 -12.91 35.45 -55.88
C THR VA 73 -11.47 35.09 -56.20
N ILE VA 74 -11.05 33.89 -55.81
CA ILE VA 74 -9.68 33.44 -55.99
C ILE VA 74 -9.66 32.39 -57.11
N THR VA 75 -8.82 32.63 -58.11
CA THR VA 75 -8.59 31.63 -59.15
C THR VA 75 -7.14 31.17 -59.07
N PRO VA 76 -6.89 29.88 -58.83
CA PRO VA 76 -5.51 29.42 -58.64
C PRO VA 76 -4.64 29.57 -59.88
N ASN VA 77 -3.37 29.24 -59.75
CA ASN VA 77 -2.42 29.44 -60.84
C ASN VA 77 -2.64 28.42 -61.95
N GLY VA 78 -2.77 28.92 -63.18
CA GLY VA 78 -2.90 28.05 -64.34
C GLY VA 78 -4.14 27.19 -64.34
N SER VA 79 -5.23 27.66 -63.73
CA SER VA 79 -6.46 26.91 -63.60
C SER VA 79 -7.59 27.61 -64.34
N ASP VA 80 -8.41 26.82 -65.04
CA ASP VA 80 -9.50 27.38 -65.83
C ASP VA 80 -10.52 28.07 -64.92
N THR VA 81 -10.85 27.46 -63.80
CA THR VA 81 -12.02 27.84 -63.02
C THR VA 81 -11.62 28.56 -61.73
N SER VA 82 -12.40 29.58 -61.37
CA SER VA 82 -12.23 30.33 -60.15
C SER VA 82 -13.22 29.86 -59.10
N SER VA 83 -12.81 29.92 -57.84
CA SER VA 83 -13.69 29.61 -56.73
C SER VA 83 -13.78 30.82 -55.80
N VAL VA 84 -14.87 30.90 -55.09
CA VAL VA 84 -15.13 32.05 -54.22
C VAL VA 84 -14.88 31.64 -52.77
N GLU VA 85 -14.51 32.62 -51.95
CA GLU VA 85 -14.06 32.36 -50.59
C GLU VA 85 -14.45 33.52 -49.69
N ILE VA 86 -14.79 33.22 -48.44
CA ILE VA 86 -15.20 34.25 -47.49
C ILE VA 86 -13.96 34.92 -46.94
N ALA VA 87 -13.71 36.16 -47.34
CA ALA VA 87 -12.49 36.86 -46.95
C ALA VA 87 -12.56 37.30 -45.49
N ARG VA 88 -13.58 38.10 -45.15
CA ARG VA 88 -13.76 38.48 -43.76
C ARG VA 88 -15.22 38.90 -43.58
N THR VA 89 -15.60 39.18 -42.34
CA THR VA 89 -16.98 39.56 -42.05
C THR VA 89 -17.02 40.65 -41.01
N ASN VA 90 -17.79 41.70 -41.27
CA ASN VA 90 -18.19 42.66 -40.25
C ASN VA 90 -19.51 42.21 -39.65
N ARG VA 91 -19.65 42.33 -38.34
CA ARG VA 91 -20.86 41.87 -37.69
C ARG VA 91 -21.37 42.91 -36.70
N ALA VA 92 -22.69 43.00 -36.59
CA ALA VA 92 -23.36 43.73 -35.53
C ALA VA 92 -24.29 42.77 -34.82
N GLN VA 93 -24.18 42.69 -33.50
CA GLN VA 93 -24.94 41.73 -32.71
C GLN VA 93 -25.63 42.47 -31.58
N VAL VA 94 -26.96 42.41 -31.54
CA VAL VA 94 -27.76 43.15 -30.58
C VAL VA 94 -28.59 42.17 -29.78
N GLU VA 95 -28.55 42.31 -28.46
CA GLU VA 95 -29.39 41.55 -27.55
C GLU VA 95 -30.14 42.53 -26.68
N PHE VA 96 -31.47 42.50 -26.76
CA PHE VA 96 -32.33 43.23 -25.84
C PHE VA 96 -32.79 42.26 -24.75
N ILE VA 97 -32.61 42.68 -23.51
CA ILE VA 97 -33.12 41.98 -22.33
C ILE VA 97 -34.32 42.78 -21.85
N LEU VA 98 -35.52 42.21 -21.96
CA LEU VA 98 -36.74 42.94 -21.69
C LEU VA 98 -37.50 42.26 -20.55
N PRO VA 99 -37.69 42.92 -19.41
CA PRO VA 99 -38.45 42.28 -18.32
C PRO VA 99 -39.90 42.06 -18.73
N ALA VA 100 -40.46 40.94 -18.26
CA ALA VA 100 -41.79 40.50 -18.64
C ALA VA 100 -42.89 41.34 -18.02
N GLN VA 101 -42.57 42.37 -17.25
CA GLN VA 101 -43.57 43.19 -16.61
C GLN VA 101 -43.56 44.65 -17.05
N SER VA 102 -42.54 45.09 -17.79
CA SER VA 102 -42.60 46.43 -18.35
C SER VA 102 -43.56 46.45 -19.53
N ALA VA 103 -44.35 47.52 -19.62
CA ALA VA 103 -45.30 47.65 -20.71
C ALA VA 103 -44.58 48.06 -21.99
N ALA VA 104 -45.30 48.00 -23.12
CA ALA VA 104 -44.69 48.23 -24.42
C ALA VA 104 -44.07 49.61 -24.55
N THR VA 105 -44.52 50.59 -23.77
CA THR VA 105 -43.97 51.94 -23.85
C THR VA 105 -42.48 51.95 -23.59
N VAL VA 106 -42.05 51.21 -22.57
CA VAL VA 106 -40.65 51.16 -22.19
C VAL VA 106 -39.82 50.57 -23.32
N ARG VA 107 -40.29 49.48 -23.92
CA ARG VA 107 -39.52 48.87 -24.99
C ARG VA 107 -39.48 49.78 -26.22
N GLU VA 108 -40.58 50.49 -26.49
CA GLU VA 108 -40.60 51.40 -27.64
C GLU VA 108 -39.55 52.50 -27.47
N ASP VA 109 -39.52 53.16 -26.31
CA ASP VA 109 -38.54 54.24 -26.20
C ASP VA 109 -37.12 53.71 -25.97
N LEU VA 110 -36.95 52.45 -25.54
CA LEU VA 110 -35.62 51.86 -25.55
C LEU VA 110 -35.10 51.70 -26.97
N VAL VA 111 -35.93 51.14 -27.84
CA VAL VA 111 -35.54 51.00 -29.25
C VAL VA 111 -35.25 52.36 -29.85
N ALA VA 112 -36.08 53.36 -29.54
CA ALA VA 112 -35.86 54.70 -30.09
C ALA VA 112 -34.54 55.28 -29.59
N LEU VA 113 -34.22 55.06 -28.31
CA LEU VA 113 -32.94 55.52 -27.77
C LEU VA 113 -31.77 54.85 -28.49
N LEU VA 114 -31.88 53.55 -28.75
CA LEU VA 114 -30.79 52.86 -29.44
C LEU VA 114 -30.61 53.37 -30.85
N ALA VA 115 -31.71 53.57 -31.58
CA ALA VA 115 -31.60 54.06 -32.96
C ALA VA 115 -31.04 55.47 -32.99
N SER VA 116 -31.49 56.34 -32.07
CA SER VA 116 -30.96 57.69 -32.03
C SER VA 116 -29.49 57.71 -31.61
N ALA VA 117 -29.07 56.75 -30.78
CA ALA VA 117 -27.65 56.64 -30.44
C ALA VA 117 -26.84 56.23 -31.66
N LEU VA 118 -27.37 55.30 -32.47
CA LEU VA 118 -26.70 54.94 -33.71
C LEU VA 118 -26.65 56.13 -34.68
N ALA VA 119 -27.65 57.00 -34.64
CA ALA VA 119 -27.67 58.14 -35.54
C ALA VA 119 -26.76 59.27 -35.08
N ASP VA 120 -26.58 59.44 -33.77
CA ASP VA 120 -25.73 60.52 -33.27
C ASP VA 120 -24.33 60.40 -33.85
N THR VA 121 -23.74 61.55 -34.21
CA THR VA 121 -22.46 61.54 -34.89
C THR VA 121 -21.33 61.10 -33.97
N ALA VA 122 -21.36 61.56 -32.70
CA ALA VA 122 -20.32 61.20 -31.75
C ALA VA 122 -20.31 59.69 -31.49
N ILE VA 123 -21.49 59.13 -31.22
CA ILE VA 123 -21.60 57.68 -31.01
C ILE VA 123 -21.29 56.94 -32.30
N LYS VA 124 -21.62 57.54 -33.45
CA LYS VA 124 -21.41 56.84 -34.72
C LYS VA 124 -19.94 56.68 -35.03
N SER VA 125 -19.15 57.75 -34.83
CA SER VA 125 -17.72 57.66 -35.09
C SER VA 125 -17.06 56.58 -34.25
N THR VA 126 -17.60 56.31 -33.06
CA THR VA 126 -17.13 55.19 -32.26
C THR VA 126 -17.11 53.91 -33.08
N ILE VA 127 -18.19 53.62 -33.77
CA ILE VA 127 -18.29 52.39 -34.55
C ILE VA 127 -17.55 52.54 -35.87
N VAL VA 128 -17.92 53.55 -36.64
CA VAL VA 128 -17.47 53.69 -38.02
C VAL VA 128 -15.97 53.93 -38.07
N ASN VA 129 -15.46 54.83 -37.23
CA ASN VA 129 -14.10 55.34 -37.31
C ASN VA 129 -13.16 54.66 -36.34
N VAL VA 130 -13.67 53.80 -35.45
CA VAL VA 130 -12.86 53.06 -34.49
C VAL VA 130 -12.02 54.04 -33.68
N GLU VA 131 -12.70 55.05 -33.16
CA GLU VA 131 -12.13 56.04 -32.26
C GLU VA 131 -12.70 55.80 -30.87
N HIS VA 132 -11.85 55.91 -29.86
CA HIS VA 132 -12.28 55.88 -28.46
C HIS VA 132 -12.96 57.19 -28.09
N PHE VA 133 -13.83 57.11 -27.10
CA PHE VA 133 -14.34 58.32 -26.47
C PHE VA 133 -13.29 58.92 -25.54
N TYR VA 134 -13.21 60.25 -25.52
CA TYR VA 134 -12.23 60.95 -24.69
C TYR VA 134 -12.69 62.35 -24.27
N PRO WA 1 29.69 85.02 39.83
CA PRO WA 1 29.34 85.87 40.98
C PRO WA 1 30.05 85.38 42.24
N ALA WA 2 30.95 86.22 42.74
CA ALA WA 2 31.62 85.96 44.01
C ALA WA 2 30.59 85.71 45.10
N LEU WA 3 30.75 84.57 45.79
CA LEU WA 3 29.82 84.17 46.82
C LEU WA 3 29.69 85.25 47.88
N LYS WA 4 28.48 85.77 48.05
CA LYS WA 4 28.20 86.87 48.95
C LYS WA 4 26.83 86.65 49.56
N PRO WA 5 26.63 87.01 50.82
CA PRO WA 5 25.29 86.93 51.40
C PRO WA 5 24.34 87.83 50.66
N ILE WA 6 23.17 87.30 50.33
CA ILE WA 6 22.23 88.03 49.50
C ILE WA 6 20.97 88.28 50.29
N THR WA 7 20.31 89.40 50.01
CA THR WA 7 19.11 89.80 50.72
C THR WA 7 17.91 89.67 49.80
N LEU WA 8 16.88 88.95 50.26
CA LEU WA 8 15.65 88.72 49.51
C LEU WA 8 14.45 89.19 50.32
N THR WA 9 13.40 89.61 49.63
CA THR WA 9 12.20 90.13 50.29
C THR WA 9 11.16 89.03 50.47
N ASP WA 10 10.55 88.98 51.66
CA ASP WA 10 9.51 87.99 51.96
C ASP WA 10 8.15 88.54 51.52
N HIS WA 11 7.08 87.98 52.07
CA HIS WA 11 5.76 88.42 51.63
C HIS WA 11 5.49 89.86 52.05
N SER WA 12 5.90 90.23 53.25
CA SER WA 12 5.69 91.58 53.75
C SER WA 12 6.72 92.57 53.20
N SER WA 13 7.48 92.18 52.17
CA SER WA 13 8.55 92.94 51.56
C SER WA 13 9.65 93.31 52.54
N ALA WA 14 9.68 92.68 53.72
CA ALA WA 14 10.78 92.84 54.65
C ALA WA 14 12.02 92.12 54.13
N ASP WA 15 13.19 92.55 54.61
CA ASP WA 15 14.43 91.94 54.18
C ASP WA 15 14.65 90.61 54.90
N VAL WA 16 15.30 89.68 54.18
CA VAL WA 16 15.62 88.34 54.67
C VAL WA 16 17.02 88.03 54.14
N ILE WA 17 17.99 87.93 55.04
CA ILE WA 17 19.39 87.84 54.65
C ILE WA 17 19.81 86.37 54.66
N PHE WA 18 20.21 85.87 53.49
CA PHE WA 18 20.73 84.52 53.34
C PHE WA 18 22.26 84.59 53.31
N THR WA 19 22.89 83.96 54.29
CA THR WA 19 24.35 83.91 54.33
C THR WA 19 24.85 82.66 53.60
N PRO WA 20 25.97 82.75 52.89
CA PRO WA 20 26.51 81.56 52.23
C PRO WA 20 26.96 80.55 53.27
N THR WA 21 26.62 79.28 53.02
CA THR WA 21 26.97 78.17 53.88
C THR WA 21 28.06 77.30 53.30
N GLN WA 22 27.93 76.90 52.04
CA GLN WA 22 28.78 75.83 51.51
C GLN WA 22 28.77 75.88 49.99
N ILE WA 23 29.90 75.49 49.41
CA ILE WA 23 29.98 75.19 47.99
C ILE WA 23 30.22 73.68 47.87
N ASP WA 24 29.32 73.01 47.16
CA ASP WA 24 29.25 71.55 47.19
C ASP WA 24 30.38 70.92 46.37
N LYS WA 25 30.50 69.59 46.49
CA LYS WA 25 31.41 68.86 45.63
C LYS WA 25 30.97 68.90 44.17
N ASN WA 26 29.66 69.01 43.94
CA ASN WA 26 29.10 69.01 42.60
C ASN WA 26 28.97 70.42 42.02
N GLY WA 27 29.38 71.44 42.75
CA GLY WA 27 29.24 72.80 42.31
C GLY WA 27 28.01 73.50 42.85
N VAL WA 28 27.27 72.88 43.76
CA VAL WA 28 26.08 73.48 44.33
C VAL WA 28 26.49 74.48 45.41
N ALA WA 29 25.93 75.68 45.34
CA ALA WA 29 26.18 76.72 46.32
C ALA WA 29 24.93 76.93 47.15
N TYR WA 30 25.08 76.95 48.48
CA TYR WA 30 23.97 76.98 49.42
C TYR WA 30 24.00 78.27 50.23
N PHE WA 31 22.89 78.99 50.25
CA PHE WA 31 22.68 80.11 51.15
C PHE WA 31 21.60 79.72 52.16
N ARG WA 32 21.84 80.04 53.43
CA ARG WA 32 20.90 79.67 54.48
C ARG WA 32 20.49 80.88 55.29
N HIS WA 33 19.27 80.79 55.81
CA HIS WA 33 18.71 81.75 56.76
C HIS WA 33 18.06 80.93 57.87
N LEU WA 34 18.56 81.10 59.10
CA LEU WA 34 18.13 80.26 60.21
C LEU WA 34 16.68 80.56 60.60
N GLN WA 35 16.06 79.63 61.31
CA GLN WA 35 14.69 79.80 61.76
C GLN WA 35 14.61 80.81 62.90
N ALA WA 36 13.41 80.97 63.43
CA ALA WA 36 13.19 81.84 64.58
C ALA WA 36 14.09 81.44 65.74
N ASN WA 37 14.07 80.17 66.12
CA ASN WA 37 15.01 79.67 67.12
C ASN WA 37 16.43 79.71 66.57
N GLY WA 38 17.39 79.87 67.49
CA GLY WA 38 18.80 79.92 67.09
C GLY WA 38 19.32 78.60 66.59
N LYS WA 39 18.50 77.56 66.68
CA LYS WA 39 18.85 76.21 66.29
C LYS WA 39 18.79 76.06 64.77
N PRO WA 40 19.78 75.41 64.17
CA PRO WA 40 19.88 75.34 62.70
C PRO WA 40 19.21 74.14 62.05
N ILE WA 41 18.40 73.36 62.78
CA ILE WA 41 18.01 72.05 62.28
C ILE WA 41 17.13 72.18 61.03
N GLY WA 42 16.19 73.13 61.04
CA GLY WA 42 15.47 73.45 59.83
C GLY WA 42 15.76 74.88 59.48
N ALA WA 43 16.01 75.18 58.20
CA ALA WA 43 16.38 76.54 57.85
C ALA WA 43 16.01 76.82 56.40
N TYR WA 44 15.70 78.08 56.12
CA TYR WA 44 15.40 78.50 54.76
C TYR WA 44 16.67 78.41 53.92
N THR WA 45 16.56 77.84 52.72
CA THR WA 45 17.74 77.61 51.90
C THR WA 45 17.51 78.05 50.46
N VAL WA 46 18.60 78.48 49.83
CA VAL WA 46 18.63 78.81 48.41
C VAL WA 46 19.84 78.11 47.80
N SER WA 47 19.59 77.22 46.85
CA SER WA 47 20.62 76.44 46.18
C SER WA 47 20.78 76.92 44.75
N SER WA 48 22.03 77.07 44.32
CA SER WA 48 22.31 77.46 42.94
C SER WA 48 23.40 76.57 42.38
N HIS WA 49 23.09 75.92 41.26
CA HIS WA 49 24.08 75.08 40.59
C HIS WA 49 23.88 75.18 39.09
N VAL WA 50 24.95 75.48 38.37
CA VAL WA 50 24.90 75.54 36.91
C VAL WA 50 25.79 74.43 36.36
N LYS WA 51 25.24 73.66 35.43
CA LYS WA 51 25.90 72.51 34.83
C LYS WA 51 26.26 72.87 33.40
N GLU WA 52 27.56 72.99 33.13
CA GLU WA 52 28.03 73.31 31.79
C GLU WA 52 27.82 72.10 30.87
N PRO WA 53 27.72 72.33 29.57
CA PRO WA 53 27.47 71.21 28.64
C PRO WA 53 28.73 70.40 28.36
N GLY WA 54 28.50 69.18 27.89
CA GLY WA 54 29.60 68.28 27.57
C GLY WA 54 29.46 67.72 26.16
N THR WA 55 30.62 67.45 25.56
CA THR WA 55 30.69 67.01 24.16
C THR WA 55 29.94 67.99 23.25
N ASN WA 56 30.33 69.27 23.36
CA ASN WA 56 29.67 70.36 22.68
C ASN WA 56 28.15 70.30 22.87
N GLY WA 57 27.73 69.91 24.07
CA GLY WA 57 26.31 69.85 24.35
C GLY WA 57 25.66 71.20 24.13
N ASP WA 58 24.48 71.19 23.54
CA ASP WA 58 23.82 72.45 23.22
C ASP WA 58 23.41 73.20 24.47
N VAL WA 59 23.33 72.55 25.63
CA VAL WA 59 22.53 73.03 26.75
C VAL WA 59 23.40 73.24 27.99
N PHE WA 60 23.34 74.45 28.54
CA PHE WA 60 23.59 74.71 29.94
C PHE WA 60 22.34 74.37 30.74
N ARG WA 61 22.52 73.79 31.93
CA ARG WA 61 21.39 73.49 32.82
C ARG WA 61 21.62 74.21 34.15
N VAL WA 62 20.90 75.31 34.37
CA VAL WA 62 21.13 76.19 35.52
C VAL WA 62 19.94 76.06 36.46
N LYS WA 63 20.21 75.73 37.72
CA LYS WA 63 19.17 75.34 38.65
C LYS WA 63 19.19 76.24 39.88
N LEU WA 64 18.00 76.66 40.30
CA LEU WA 64 17.77 77.52 41.46
C LEU WA 64 16.70 76.89 42.33
N PHE WA 65 17.02 76.66 43.60
CA PHE WA 65 16.12 76.03 44.54
C PHE WA 65 15.87 76.96 45.71
N VAL WA 66 14.62 77.06 46.14
CA VAL WA 66 14.21 77.88 47.28
C VAL WA 66 13.38 77.00 48.19
N ASN WA 67 13.94 76.62 49.33
CA ASN WA 67 13.29 75.71 50.27
C ASN WA 67 12.90 76.46 51.54
N VAL WA 68 11.63 76.37 51.88
CA VAL WA 68 11.05 77.05 53.04
C VAL WA 68 10.47 75.98 53.97
N PRO WA 69 11.20 75.58 55.01
CA PRO WA 69 10.64 74.64 55.98
C PRO WA 69 9.85 75.33 57.08
N GLU WA 70 8.79 74.64 57.51
CA GLU WA 70 8.10 74.92 58.76
C GLU WA 70 8.56 73.88 59.77
N VAL WA 71 9.17 74.34 60.85
CA VAL WA 71 9.65 73.49 61.92
C VAL WA 71 8.65 73.53 63.07
N ALA WA 72 8.66 72.48 63.89
CA ALA WA 72 7.80 72.39 65.06
C ALA WA 72 8.64 72.04 66.28
N THR WA 73 8.33 72.67 67.39
CA THR WA 73 9.05 72.48 68.64
C THR WA 73 8.33 71.42 69.47
N ILE WA 74 8.91 70.22 69.55
CA ILE WA 74 8.32 69.12 70.29
C ILE WA 74 9.01 69.05 71.65
N THR WA 75 8.22 69.11 72.72
CA THR WA 75 8.74 68.98 74.07
C THR WA 75 7.99 67.84 74.74
N PRO WA 76 8.67 66.78 75.17
CA PRO WA 76 7.97 65.63 75.75
C PRO WA 76 7.25 65.99 77.03
N ASN WA 77 6.35 65.09 77.45
CA ASN WA 77 5.43 65.39 78.55
C ASN WA 77 6.20 65.59 79.85
N GLY WA 78 6.05 66.79 80.43
CA GLY WA 78 6.69 67.12 81.69
C GLY WA 78 8.20 67.20 81.63
N SER WA 79 8.74 67.71 80.52
CA SER WA 79 10.18 67.77 80.30
C SER WA 79 10.69 69.19 80.37
N ASP WA 80 11.95 69.35 80.78
CA ASP WA 80 12.55 70.66 80.86
C ASP WA 80 12.86 71.22 79.47
N THR WA 81 13.55 70.43 78.65
CA THR WA 81 14.07 70.93 77.37
C THR WA 81 13.26 70.37 76.21
N SER WA 82 13.20 71.15 75.13
CA SER WA 82 12.48 70.80 73.92
C SER WA 82 13.44 70.60 72.77
N SER WA 83 13.06 69.72 71.85
CA SER WA 83 13.82 69.46 70.64
C SER WA 83 13.02 69.91 69.43
N VAL WA 84 13.72 70.33 68.38
CA VAL WA 84 13.08 70.87 67.19
C VAL WA 84 13.08 69.82 66.09
N GLU WA 85 11.96 69.72 65.36
CA GLU WA 85 11.76 68.73 64.33
C GLU WA 85 11.25 69.42 63.07
N ILE WA 86 11.62 68.88 61.91
CA ILE WA 86 11.20 69.48 60.64
C ILE WA 86 9.79 69.01 60.34
N ALA WA 87 8.81 69.89 60.52
CA ALA WA 87 7.40 69.52 60.36
C ALA WA 87 7.07 69.26 58.90
N ARG WA 88 7.24 70.27 58.05
CA ARG WA 88 7.02 70.08 56.63
C ARG WA 88 7.82 71.15 55.88
N THR WA 89 7.86 71.02 54.56
CA THR WA 89 8.65 71.95 53.76
C THR WA 89 7.90 72.32 52.49
N ASN WA 90 7.81 73.61 52.21
CA ASN WA 90 7.44 74.09 50.88
C ASN WA 90 8.70 74.29 50.06
N ARG WA 91 8.62 74.02 48.76
CA ARG WA 91 9.79 74.13 47.91
C ARG WA 91 9.42 74.72 46.57
N ALA WA 92 10.38 75.42 45.97
CA ALA WA 92 10.29 75.89 44.60
C ALA WA 92 11.59 75.52 43.88
N GLN WA 93 11.47 74.86 42.73
CA GLN WA 93 12.63 74.30 42.03
C GLN WA 93 12.58 74.74 40.58
N VAL WA 94 13.60 75.50 40.16
CA VAL WA 94 13.65 76.11 38.84
C VAL WA 94 14.84 75.57 38.08
N GLU WA 95 14.59 75.02 36.89
CA GLU WA 95 15.65 74.60 35.98
C GLU WA 95 15.49 75.40 34.70
N PHE WA 96 16.47 76.25 34.40
CA PHE WA 96 16.54 76.87 33.09
C PHE WA 96 17.42 76.01 32.20
N ILE WA 97 16.90 75.65 31.05
CA ILE WA 97 17.63 74.95 30.00
C ILE WA 97 18.00 76.02 28.98
N LEU WA 98 19.26 76.46 29.00
CA LEU WA 98 19.66 77.49 28.08
C LEU WA 98 20.58 76.91 27.02
N PRO WA 99 20.42 77.28 25.75
CA PRO WA 99 21.42 76.81 24.75
C PRO WA 99 22.67 77.66 24.73
N ALA WA 100 23.81 77.01 24.48
CA ALA WA 100 25.09 77.69 24.42
C ALA WA 100 25.20 78.60 23.20
N GLN WA 101 24.25 78.53 22.27
CA GLN WA 101 24.30 79.27 21.03
C GLN WA 101 23.42 80.51 21.04
N SER WA 102 22.76 80.80 22.15
CA SER WA 102 21.84 81.92 22.24
C SER WA 102 22.58 83.22 22.58
N ALA WA 103 21.85 84.32 22.46
CA ALA WA 103 22.35 85.63 22.85
C ALA WA 103 21.77 86.02 24.20
N ALA WA 104 22.55 86.77 24.97
CA ALA WA 104 22.15 87.14 26.34
C ALA WA 104 20.83 87.88 26.38
N THR WA 105 20.46 88.57 25.29
CA THR WA 105 19.15 89.23 25.21
C THR WA 105 18.03 88.23 25.49
N VAL WA 106 18.13 87.06 24.86
CA VAL WA 106 17.09 86.05 24.98
C VAL WA 106 16.98 85.58 26.42
N ARG WA 107 18.10 85.30 27.07
CA ARG WA 107 18.05 84.85 28.46
C ARG WA 107 17.51 85.95 29.37
N GLU WA 108 17.89 87.20 29.09
CA GLU WA 108 17.39 88.31 29.91
C GLU WA 108 15.87 88.39 29.85
N ASP WA 109 15.29 88.37 28.65
CA ASP WA 109 13.83 88.49 28.63
C ASP WA 109 13.13 87.18 28.97
N LEU WA 110 13.81 86.03 28.91
CA LEU WA 110 13.22 84.82 29.48
C LEU WA 110 13.06 84.95 30.98
N VAL WA 111 14.12 85.40 31.66
CA VAL WA 111 14.04 85.62 33.10
C VAL WA 111 12.97 86.66 33.42
N ALA WA 112 12.94 87.75 32.64
CA ALA WA 112 11.93 88.78 32.88
C ALA WA 112 10.52 88.25 32.70
N LEU WA 113 10.32 87.40 31.69
CA LEU WA 113 9.00 86.80 31.48
C LEU WA 113 8.63 85.89 32.64
N LEU WA 114 9.58 85.13 33.15
CA LEU WA 114 9.28 84.27 34.29
C LEU WA 114 8.91 85.09 35.52
N ALA WA 115 9.65 86.17 35.79
CA ALA WA 115 9.36 87.00 36.94
C ALA WA 115 8.00 87.69 36.80
N SER WA 116 7.68 88.16 35.59
CA SER WA 116 6.39 88.79 35.37
C SER WA 116 5.25 87.79 35.44
N ALA WA 117 5.51 86.53 35.05
CA ALA WA 117 4.50 85.49 35.22
C ALA WA 117 4.24 85.22 36.69
N LEU WA 118 5.31 85.18 37.49
CA LEU WA 118 5.13 85.05 38.94
C LEU WA 118 4.38 86.23 39.51
N ALA WA 119 4.59 87.43 38.96
CA ALA WA 119 3.91 88.61 39.48
C ALA WA 119 2.45 88.70 39.05
N ASP WA 120 2.10 88.13 37.89
CA ASP WA 120 0.73 88.18 37.42
C ASP WA 120 -0.19 87.49 38.41
N THR WA 121 -1.35 88.10 38.68
CA THR WA 121 -2.25 87.58 39.70
C THR WA 121 -2.90 86.27 39.25
N ALA WA 122 -3.26 86.17 37.96
CA ALA WA 122 -3.88 84.95 37.45
C ALA WA 122 -2.96 83.75 37.61
N ILE WA 123 -1.66 83.94 37.32
CA ILE WA 123 -0.69 82.87 37.49
C ILE WA 123 -0.34 82.68 38.96
N LYS WA 124 -0.36 83.75 39.74
CA LYS WA 124 0.00 83.65 41.15
C LYS WA 124 -1.04 82.87 41.93
N SER WA 125 -2.31 82.94 41.53
CA SER WA 125 -3.33 82.13 42.20
C SER WA 125 -3.08 80.65 41.98
N THR WA 126 -2.48 80.30 40.84
CA THR WA 126 -2.09 78.92 40.56
C THR WA 126 -1.20 78.37 41.66
N ILE WA 127 -0.16 79.13 42.03
CA ILE WA 127 0.79 78.64 43.03
C ILE WA 127 0.21 78.81 44.43
N VAL WA 128 -0.18 80.03 44.75
CA VAL WA 128 -0.54 80.37 46.13
C VAL WA 128 -1.82 79.64 46.55
N ASN WA 129 -2.84 79.65 45.68
CA ASN WA 129 -4.19 79.21 46.02
C ASN WA 129 -4.54 77.85 45.42
N VAL WA 130 -3.66 77.27 44.61
CA VAL WA 130 -3.82 75.92 44.05
C VAL WA 130 -5.17 75.82 43.35
N GLU WA 131 -5.42 76.77 42.48
CA GLU WA 131 -6.56 76.74 41.58
C GLU WA 131 -6.05 76.38 40.18
N HIS WA 132 -6.73 75.43 39.55
CA HIS WA 132 -6.48 75.05 38.16
C HIS WA 132 -7.00 76.12 37.20
N PHE WA 133 -6.42 76.14 36.01
CA PHE WA 133 -7.00 76.89 34.90
C PHE WA 133 -8.17 76.13 34.31
N TYR WA 134 -9.22 76.86 33.94
CA TYR WA 134 -10.42 76.24 33.39
C TYR WA 134 -11.13 77.13 32.36
N PRO XA 1 46.40 83.97 45.18
CA PRO XA 1 45.64 84.65 44.13
C PRO XA 1 44.16 84.38 44.25
N ALA XA 2 43.46 85.20 45.02
CA ALA XA 2 42.01 85.09 45.13
C ALA XA 2 41.39 85.30 43.75
N LEU XA 3 40.34 84.52 43.49
CA LEU XA 3 39.67 84.54 42.20
C LEU XA 3 39.15 85.94 41.92
N LYS XA 4 39.55 86.52 40.80
CA LYS XA 4 39.25 87.91 40.50
C LYS XA 4 39.46 88.13 39.01
N PRO XA 5 38.71 89.03 38.40
CA PRO XA 5 38.81 89.21 36.95
C PRO XA 5 40.18 89.73 36.58
N ILE XA 6 40.69 89.27 35.45
CA ILE XA 6 42.03 89.64 35.03
C ILE XA 6 41.96 90.20 33.62
N THR XA 7 42.83 91.15 33.31
CA THR XA 7 42.85 91.83 32.02
C THR XA 7 44.08 91.39 31.24
N LEU XA 8 43.87 91.03 29.97
CA LEU XA 8 44.93 90.57 29.08
C LEU XA 8 44.86 91.34 27.77
N THR XA 9 46.01 91.56 27.15
CA THR XA 9 46.08 92.34 25.91
C THR XA 9 46.05 91.40 24.70
N ASP XA 10 45.21 91.73 23.71
CA ASP XA 10 45.11 90.93 22.50
C ASP XA 10 46.21 91.35 21.52
N HIS XA 11 46.08 90.92 20.26
CA HIS XA 11 47.12 91.25 19.28
C HIS XA 11 47.21 92.75 19.01
N SER XA 12 46.09 93.45 19.07
CA SER XA 12 46.05 94.88 18.85
C SER XA 12 46.43 95.67 20.10
N SER XA 13 46.88 94.99 21.15
CA SER XA 13 47.17 95.53 22.47
C SER XA 13 45.94 96.08 23.17
N ALA XA 14 44.75 95.81 22.64
CA ALA XA 14 43.52 96.24 23.30
C ALA XA 14 43.25 95.36 24.52
N ASP XA 15 42.79 96.00 25.59
CA ASP XA 15 42.49 95.26 26.81
C ASP XA 15 41.31 94.32 26.60
N VAL XA 16 41.36 93.18 27.29
CA VAL XA 16 40.38 92.11 27.18
C VAL XA 16 40.18 91.57 28.59
N ILE XA 17 38.99 91.76 29.14
CA ILE XA 17 38.73 91.52 30.56
C ILE XA 17 38.04 90.17 30.69
N PHE XA 18 38.74 89.21 31.29
CA PHE XA 18 38.17 87.91 31.61
C PHE XA 18 37.63 87.94 33.03
N THR XA 19 36.30 87.73 33.17
CA THR XA 19 35.74 87.64 34.51
C THR XA 19 35.77 86.20 34.99
N PRO XA 20 35.91 85.97 36.30
CA PRO XA 20 35.91 84.58 36.79
C PRO XA 20 34.56 83.93 36.54
N THR XA 21 34.62 82.68 36.06
CA THR XA 21 33.43 81.89 35.78
C THR XA 21 33.20 80.80 36.80
N GLN XA 22 34.18 79.93 37.00
CA GLN XA 22 33.90 78.73 37.78
C GLN XA 22 35.15 78.21 38.47
N ILE XA 23 34.98 77.69 39.69
CA ILE XA 23 36.00 76.87 40.33
C ILE XA 23 35.50 75.43 40.24
N ASP XA 24 36.34 74.58 39.66
CA ASP XA 24 35.92 73.24 39.23
C ASP XA 24 35.74 72.32 40.43
N LYS XA 25 35.37 71.07 40.14
CA LYS XA 25 35.39 70.03 41.15
C LYS XA 25 36.80 69.59 41.46
N ASN XA 26 37.67 69.56 40.44
CA ASN XA 26 39.06 69.15 40.61
C ASN XA 26 39.97 70.28 41.01
N GLY XA 27 39.52 71.53 40.91
CA GLY XA 27 40.34 72.68 41.23
C GLY XA 27 40.59 73.61 40.04
N VAL XA 28 40.02 73.32 38.87
CA VAL XA 28 40.24 74.15 37.70
C VAL XA 28 39.51 75.47 37.86
N ALA XA 29 40.21 76.57 37.55
CA ALA XA 29 39.63 77.90 37.59
C ALA XA 29 39.38 78.36 36.16
N TYR XA 30 38.13 78.72 35.86
CA TYR XA 30 37.69 79.10 34.53
C TYR XA 30 37.34 80.59 34.54
N PHE XA 31 38.02 81.36 33.68
CA PHE XA 31 37.68 82.74 33.39
C PHE XA 31 37.12 82.83 31.98
N ARG XA 32 36.11 83.68 31.80
CA ARG XA 32 35.39 83.80 30.54
C ARG XA 32 35.34 85.26 30.13
N HIS XA 33 35.50 85.51 28.84
CA HIS XA 33 35.34 86.83 28.24
C HIS XA 33 34.27 86.69 27.17
N LEU XA 34 33.07 87.16 27.47
CA LEU XA 34 31.96 87.06 26.54
C LEU XA 34 32.14 88.04 25.39
N GLN XA 35 31.42 87.78 24.31
CA GLN XA 35 31.47 88.65 23.14
C GLN XA 35 30.53 89.84 23.35
N ALA XA 36 30.39 90.66 22.31
CA ALA XA 36 29.49 91.80 22.39
C ALA XA 36 28.05 91.34 22.67
N ASN XA 37 27.58 90.36 21.91
CA ASN XA 37 26.21 89.86 22.02
C ASN XA 37 26.01 88.91 23.20
N GLY XA 38 27.06 88.63 23.96
CA GLY XA 38 26.93 87.68 25.07
C GLY XA 38 26.62 86.26 24.64
N LYS XA 39 27.25 85.80 23.56
CA LYS XA 39 27.05 84.44 23.09
C LYS XA 39 28.07 83.52 23.75
N PRO XA 40 27.63 82.53 24.55
CA PRO XA 40 28.61 81.65 25.21
C PRO XA 40 29.55 80.96 24.24
N ILE XA 41 29.00 80.44 23.14
CA ILE XA 41 29.81 79.75 22.14
C ILE XA 41 30.93 80.63 21.61
N GLY XA 42 30.80 81.95 21.72
CA GLY XA 42 31.81 82.87 21.25
C GLY XA 42 32.79 83.37 22.29
N ALA XA 43 32.65 82.97 23.55
CA ALA XA 43 33.44 83.56 24.61
C ALA XA 43 34.84 82.96 24.66
N TYR XA 44 35.83 83.81 24.90
CA TYR XA 44 37.17 83.34 25.20
C TYR XA 44 37.22 82.74 26.60
N THR XA 45 38.09 81.75 26.79
CA THR XA 45 38.22 81.12 28.09
C THR XA 45 39.68 80.97 28.47
N VAL XA 46 39.93 81.03 29.78
CA VAL XA 46 41.26 80.80 30.34
C VAL XA 46 41.11 79.91 31.57
N SER XA 47 41.80 78.78 31.56
CA SER XA 47 41.76 77.80 32.63
C SER XA 47 43.09 77.75 33.35
N SER XA 48 43.04 77.65 34.67
CA SER XA 48 44.25 77.52 35.48
C SER XA 48 44.01 76.49 36.57
N HIS XA 49 44.84 75.46 36.59
CA HIS XA 49 44.72 74.42 37.60
C HIS XA 49 46.11 73.95 38.01
N VAL XA 50 46.34 73.83 39.32
CA VAL XA 50 47.62 73.35 39.81
C VAL XA 50 47.40 72.07 40.60
N LYS XA 51 48.21 71.05 40.29
CA LYS XA 51 48.13 69.74 40.89
C LYS XA 51 49.37 69.55 41.76
N GLU XA 52 49.14 69.45 43.07
CA GLU XA 52 50.18 69.24 44.06
C GLU XA 52 50.70 67.81 43.99
N PRO XA 53 51.92 67.57 44.46
CA PRO XA 53 52.44 66.20 44.48
C PRO XA 53 51.87 65.38 45.63
N GLY XA 54 51.82 64.07 45.41
CA GLY XA 54 51.35 63.16 46.42
C GLY XA 54 52.15 61.88 46.39
N THR XA 55 52.08 61.15 47.51
CA THR XA 55 52.85 59.91 47.69
C THR XA 55 54.32 60.16 47.36
N ASN XA 56 54.87 61.17 48.02
CA ASN XA 56 56.29 61.55 47.90
C ASN XA 56 56.68 61.72 46.43
N GLY XA 57 55.85 62.46 45.69
CA GLY XA 57 56.17 62.83 44.33
C GLY XA 57 56.95 64.13 44.33
N ASP XA 58 57.97 64.18 43.48
CA ASP XA 58 58.81 65.37 43.43
C ASP XA 58 58.18 66.52 42.64
N VAL XA 59 57.16 66.24 41.84
CA VAL XA 59 56.74 67.13 40.78
C VAL XA 59 55.46 67.88 41.15
N PHE XA 60 55.35 69.09 40.62
CA PHE XA 60 54.15 69.91 40.62
C PHE XA 60 53.68 70.05 39.18
N ARG XA 61 52.38 69.92 38.93
CA ARG XA 61 51.86 70.02 37.56
C ARG XA 61 50.90 71.20 37.48
N VAL XA 62 51.34 72.31 36.89
CA VAL XA 62 50.56 73.53 36.84
C VAL XA 62 50.17 73.79 35.38
N LYS XA 63 48.88 73.95 35.13
CA LYS XA 63 48.34 73.98 33.78
C LYS XA 63 47.61 75.28 33.52
N LEU XA 64 47.84 75.83 32.33
CA LEU XA 64 47.23 77.08 31.86
C LEU XA 64 46.71 76.87 30.44
N PHE XA 65 45.41 77.10 30.26
CA PHE XA 65 44.75 76.94 28.97
C PHE XA 65 44.16 78.27 28.52
N VAL XA 66 44.33 78.59 27.25
CA VAL XA 66 43.78 79.80 26.65
C VAL XA 66 43.06 79.39 25.37
N ASN XA 67 41.73 79.43 25.39
CA ASN XA 67 40.91 78.97 24.29
C ASN XA 67 40.24 80.18 23.64
N VAL XA 68 40.48 80.35 22.33
CA VAL XA 68 39.91 81.42 21.52
C VAL XA 68 38.99 80.79 20.48
N PRO XA 69 37.67 80.93 20.60
CA PRO XA 69 36.79 80.42 19.55
C PRO XA 69 36.52 81.48 18.51
N GLU XA 70 36.28 81.02 17.29
CA GLU XA 70 35.69 81.85 16.24
C GLU XA 70 34.38 81.20 15.82
N VAL XA 71 33.33 82.01 15.78
CA VAL XA 71 31.98 81.59 15.41
C VAL XA 71 31.87 81.52 13.90
N ALA XA 72 31.21 80.49 13.37
CA ALA XA 72 30.95 80.39 11.94
C ALA XA 72 29.46 80.60 11.73
N THR XA 73 29.12 81.63 10.95
CA THR XA 73 27.71 81.94 10.69
C THR XA 73 27.24 81.27 9.41
N GLU XA 85 26.52 79.73 14.08
CA GLU XA 85 25.84 78.59 14.68
C GLU XA 85 26.79 77.61 15.37
N ILE XA 86 27.77 77.12 14.65
CA ILE XA 86 28.81 76.26 15.22
C ILE XA 86 30.12 77.01 15.10
N ALA XA 87 31.02 76.77 16.04
CA ALA XA 87 32.23 77.56 16.16
C ALA XA 87 33.42 76.64 16.34
N ARG XA 88 34.55 77.02 15.77
CA ARG XA 88 35.77 76.23 15.94
C ARG XA 88 36.75 77.00 16.79
N THR XA 89 37.50 76.27 17.62
CA THR XA 89 38.27 76.89 18.69
C THR XA 89 39.76 76.65 18.45
N ASN XA 90 40.52 77.74 18.34
CA ASN XA 90 41.96 77.66 18.50
C ASN XA 90 42.28 77.55 19.98
N ARG XA 91 43.24 76.70 20.33
CA ARG XA 91 43.59 76.51 21.73
C ARG XA 91 45.09 76.59 21.94
N ALA XA 92 45.46 77.09 23.11
CA ALA XA 92 46.82 77.00 23.63
C ALA XA 92 46.76 76.28 24.97
N GLN XA 93 47.59 75.26 25.14
CA GLN XA 93 47.57 74.42 26.33
C GLN XA 93 48.98 74.28 26.87
N VAL XA 94 49.24 74.83 28.05
CA VAL XA 94 50.57 74.84 28.65
C VAL XA 94 50.54 74.03 29.93
N GLU XA 95 51.51 73.15 30.08
CA GLU XA 95 51.72 72.38 31.30
C GLU XA 95 53.15 72.61 31.76
N PHE XA 96 53.32 73.19 32.94
CA PHE XA 96 54.63 73.32 33.57
C PHE XA 96 54.78 72.18 34.57
N ILE XA 97 55.93 71.53 34.52
CA ILE XA 97 56.32 70.48 35.45
C ILE XA 97 57.45 71.04 36.29
N LEU XA 98 57.19 71.25 37.58
CA LEU XA 98 58.10 71.97 38.46
C LEU XA 98 58.46 71.12 39.67
N PRO XA 99 59.70 70.68 39.84
CA PRO XA 99 60.07 69.95 41.05
C PRO XA 99 59.95 70.80 42.29
N ALA XA 100 59.74 70.11 43.43
CA ALA XA 100 59.48 70.80 44.68
C ALA XA 100 60.73 71.39 45.31
N GLN XA 101 61.92 70.85 45.01
CA GLN XA 101 63.14 71.40 45.59
C GLN XA 101 63.67 72.62 44.85
N SER XA 102 63.22 72.85 43.62
CA SER XA 102 63.73 73.98 42.85
C SER XA 102 63.37 75.29 43.55
N ALA XA 103 64.37 76.12 43.80
CA ALA XA 103 64.11 77.45 44.32
C ALA XA 103 63.33 78.26 43.29
N ALA XA 104 62.55 79.22 43.78
CA ALA XA 104 61.68 79.98 42.90
C ALA XA 104 62.44 80.73 41.80
N THR XA 105 63.75 80.94 41.97
CA THR XA 105 64.55 81.56 40.92
C THR XA 105 64.39 80.82 39.60
N VAL XA 106 64.45 79.49 39.66
CA VAL XA 106 64.42 78.67 38.46
C VAL XA 106 63.07 78.84 37.76
N ARG XA 107 61.99 78.75 38.54
CA ARG XA 107 60.67 78.84 37.92
C ARG XA 107 60.44 80.23 37.34
N GLU XA 108 60.95 81.26 38.02
CA GLU XA 108 60.81 82.61 37.49
C GLU XA 108 61.49 82.74 36.12
N ASP XA 109 62.76 82.33 36.01
CA ASP XA 109 63.40 82.50 34.69
C ASP XA 109 62.93 81.45 33.68
N LEU XA 110 62.32 80.35 34.13
CA LEU XA 110 61.72 79.44 33.15
C LEU XA 110 60.53 80.10 32.48
N VAL XA 111 59.64 80.69 33.29
CA VAL XA 111 58.52 81.45 32.72
C VAL XA 111 59.05 82.56 31.82
N ALA XA 112 60.08 83.27 32.27
CA ALA XA 112 60.60 84.36 31.46
C ALA XA 112 61.12 83.85 30.12
N LEU XA 113 61.76 82.67 30.13
CA LEU XA 113 62.22 82.02 28.91
C LEU XA 113 61.06 81.72 27.98
N LEU XA 114 59.98 81.16 28.53
CA LEU XA 114 58.84 80.80 27.70
C LEU XA 114 58.23 82.04 27.06
N ALA XA 115 58.08 83.10 27.84
CA ALA XA 115 57.47 84.33 27.31
C ALA XA 115 58.37 84.95 26.24
N SER XA 116 59.68 84.97 26.47
CA SER XA 116 60.59 85.51 25.47
C SER XA 116 60.61 84.64 24.21
N ALA XA 117 60.41 83.34 24.35
CA ALA XA 117 60.32 82.48 23.17
C ALA XA 117 59.06 82.77 22.38
N LEU XA 118 57.96 83.01 23.07
CA LEU XA 118 56.74 83.44 22.40
C LEU XA 118 56.92 84.80 21.71
N ALA XA 119 57.73 85.67 22.29
CA ALA XA 119 57.93 86.99 21.70
C ALA XA 119 58.92 86.96 20.53
N ASP XA 120 59.85 86.00 20.52
CA ASP XA 120 60.84 85.93 19.44
C ASP XA 120 60.13 85.72 18.11
N THR XA 121 60.59 86.44 17.09
CA THR XA 121 59.90 86.42 15.80
C THR XA 121 60.00 85.05 15.13
N ALA XA 122 61.17 84.42 15.21
CA ALA XA 122 61.35 83.12 14.56
C ALA XA 122 60.42 82.07 15.16
N ILE XA 123 60.37 82.00 16.49
CA ILE XA 123 59.52 81.04 17.17
C ILE XA 123 58.04 81.40 16.98
N LYS XA 124 57.72 82.70 17.01
CA LYS XA 124 56.34 83.12 16.85
C LYS XA 124 55.82 82.77 15.46
N SER XA 125 56.69 82.80 14.45
CA SER XA 125 56.30 82.38 13.11
C SER XA 125 55.78 80.95 13.12
N THR XA 126 56.42 80.09 13.91
CA THR XA 126 56.02 78.70 14.04
C THR XA 126 54.53 78.57 14.36
N ILE XA 127 54.05 79.38 15.29
CA ILE XA 127 52.65 79.28 15.70
C ILE XA 127 51.75 80.04 14.74
N VAL XA 128 52.09 81.30 14.47
CA VAL XA 128 51.18 82.19 13.76
C VAL XA 128 50.98 81.71 12.32
N ASN XA 129 52.08 81.38 11.63
CA ASN XA 129 52.06 81.04 10.22
C ASN XA 129 52.08 79.54 9.98
N VAL XA 130 51.98 78.73 11.03
CA VAL XA 130 52.08 77.28 11.02
C VAL XA 130 53.14 76.82 10.01
N GLU XA 131 54.36 77.31 10.20
CA GLU XA 131 55.51 76.91 9.40
C GLU XA 131 56.41 76.00 10.23
N HIS XA 132 56.93 74.94 9.61
CA HIS XA 132 57.94 74.07 10.21
C HIS XA 132 59.30 74.77 10.28
N PHE XA 133 60.12 74.36 11.23
CA PHE XA 133 61.52 74.77 11.20
C PHE XA 133 62.25 73.99 10.11
N TYR XA 134 63.08 74.70 9.35
CA TYR XA 134 63.82 74.08 8.24
C TYR XA 134 65.24 74.62 8.06
N PRO YA 1 32.22 82.28 56.56
CA PRO YA 1 33.65 82.59 56.50
C PRO YA 1 34.17 82.48 55.08
N ALA YA 2 34.24 83.61 54.39
CA ALA YA 2 34.85 83.62 53.07
C ALA YA 2 36.34 83.31 53.21
N LEU YA 3 36.89 82.69 52.17
CA LEU YA 3 38.31 82.32 52.18
C LEU YA 3 39.16 83.57 52.09
N LYS YA 4 40.05 83.76 53.05
CA LYS YA 4 40.84 84.97 53.25
C LYS YA 4 42.15 84.57 53.92
N PRO YA 5 43.26 85.21 53.59
CA PRO YA 5 44.49 84.99 54.37
C PRO YA 5 44.25 85.40 55.81
N ILE YA 6 44.57 84.50 56.73
CA ILE YA 6 44.32 84.73 58.13
C ILE YA 6 45.66 84.84 58.85
N THR YA 7 45.77 85.81 59.74
CA THR YA 7 47.00 86.06 60.48
C THR YA 7 46.86 85.45 61.87
N LEU YA 8 47.84 84.64 62.25
CA LEU YA 8 47.87 83.99 63.56
C LEU YA 8 49.14 84.38 64.28
N THR YA 9 49.07 84.52 65.60
CA THR YA 9 50.20 84.95 66.40
C THR YA 9 50.95 83.74 66.95
N ASP YA 10 52.29 83.76 66.88
CA ASP YA 10 53.10 82.64 67.33
C ASP YA 10 53.46 82.82 68.80
N HIS YA 11 54.50 82.12 69.25
CA HIS YA 11 54.84 82.20 70.66
C HIS YA 11 55.36 83.58 71.05
N SER YA 12 56.14 84.20 70.18
CA SER YA 12 56.67 85.53 70.45
C SER YA 12 55.65 86.65 70.19
N SER YA 13 54.39 86.29 69.91
CA SER YA 13 53.29 87.17 69.55
C SER YA 13 53.48 87.80 68.18
N ALA YA 14 54.54 87.44 67.45
CA ALA YA 14 54.72 87.92 66.08
C ALA YA 14 53.64 87.35 65.17
N ASP YA 15 53.24 88.14 64.18
CA ASP YA 15 52.22 87.69 63.25
C ASP YA 15 52.79 86.66 62.27
N VAL YA 16 51.91 85.77 61.80
CA VAL YA 16 52.25 84.69 60.89
C VAL YA 16 51.06 84.58 59.93
N ILE YA 17 51.27 84.93 58.68
CA ILE YA 17 50.19 85.05 57.71
C ILE YA 17 50.06 83.73 56.97
N PHE YA 18 48.87 83.12 57.06
CA PHE YA 18 48.54 81.91 56.32
C PHE YA 18 47.69 82.30 55.11
N THR YA 19 48.23 82.06 53.92
CA THR YA 19 47.48 82.32 52.70
C THR YA 19 46.67 81.09 52.32
N PRO YA 20 45.45 81.29 51.81
CA PRO YA 20 44.63 80.14 51.41
C PRO YA 20 45.27 79.40 50.26
N THR YA 21 45.35 78.07 50.39
CA THR YA 21 45.93 77.21 49.38
C THR YA 21 44.88 76.57 48.48
N GLN YA 22 43.90 75.89 49.06
CA GLN YA 22 43.08 74.98 48.27
C GLN YA 22 41.83 74.63 49.05
N ILE YA 23 40.75 74.37 48.32
CA ILE YA 23 39.52 73.83 48.89
C ILE YA 23 39.37 72.40 48.37
N ASP YA 24 39.38 71.44 49.28
CA ASP YA 24 39.49 70.03 48.92
C ASP YA 24 38.23 69.53 48.22
N LYS YA 25 38.33 68.31 47.68
CA LYS YA 25 37.14 67.65 47.15
C LYS YA 25 36.18 67.25 48.26
N ASN YA 26 36.69 67.06 49.48
CA ASN YA 26 35.86 66.67 50.61
C ASN YA 26 35.38 67.86 51.41
N GLY YA 27 35.75 69.07 51.02
CA GLY YA 27 35.39 70.27 51.75
C GLY YA 27 36.49 70.83 52.61
N VAL YA 28 37.66 70.19 52.66
CA VAL YA 28 38.74 70.67 53.49
C VAL YA 28 39.35 71.92 52.88
N ALA YA 29 39.53 72.95 53.70
CA ALA YA 29 40.14 74.20 53.29
C ALA YA 29 41.51 74.30 53.94
N TYR YA 30 42.53 74.59 53.12
CA TYR YA 30 43.92 74.59 53.56
C TYR YA 30 44.49 76.01 53.50
N PHE YA 31 45.12 76.43 54.59
CA PHE YA 31 45.90 77.66 54.64
C PHE YA 31 47.34 77.32 54.94
N ARG YA 32 48.26 77.90 54.18
CA ARG YA 32 49.67 77.55 54.31
C ARG YA 32 50.51 78.79 54.58
N HIS YA 33 51.63 78.55 55.26
CA HIS YA 33 52.69 79.53 55.48
C HIS YA 33 54.01 78.82 55.20
N LEU YA 34 54.75 79.31 54.22
CA LEU YA 34 55.95 78.62 53.75
C LEU YA 34 57.07 78.69 54.79
N GLN YA 35 58.03 77.79 54.64
CA GLN YA 35 59.16 77.71 55.58
C GLN YA 35 60.12 78.86 55.34
N ALA YA 36 61.21 78.87 56.12
CA ALA YA 36 62.24 79.89 55.96
C ALA YA 36 62.77 79.92 54.53
N ASN YA 37 63.17 78.76 54.02
CA ASN YA 37 63.57 78.67 52.62
C ASN YA 37 62.35 78.82 51.72
N GLY YA 38 62.56 79.43 50.55
CA GLY YA 38 61.48 79.60 49.61
C GLY YA 38 60.92 78.32 49.05
N LYS YA 39 61.51 77.19 49.38
CA LYS YA 39 61.13 75.91 48.81
C LYS YA 39 59.85 75.41 49.47
N PRO YA 40 58.76 75.16 48.72
CA PRO YA 40 57.48 74.74 49.29
C PRO YA 40 57.39 73.23 49.39
N ILE YA 41 58.17 72.66 50.31
CA ILE YA 41 58.17 71.22 50.55
C ILE YA 41 57.46 70.91 51.86
N GLY YA 42 57.98 71.43 52.97
CA GLY YA 42 57.29 71.38 54.25
C GLY YA 42 56.83 72.80 54.57
N ALA YA 43 55.59 72.90 55.02
CA ALA YA 43 55.01 74.21 55.22
C ALA YA 43 54.01 74.14 56.37
N TYR YA 44 53.92 75.22 57.13
CA TYR YA 44 52.95 75.28 58.21
C TYR YA 44 51.55 75.33 57.61
N THR YA 45 50.66 74.49 58.12
CA THR YA 45 49.33 74.36 57.52
C THR YA 45 48.24 74.44 58.57
N VAL YA 46 47.08 74.92 58.13
CA VAL YA 46 45.86 74.97 58.93
C VAL YA 46 44.73 74.45 58.07
N SER YA 47 44.12 73.35 58.48
CA SER YA 47 43.03 72.70 57.77
C SER YA 47 41.72 72.94 58.52
N SER YA 48 40.67 73.28 57.78
CA SER YA 48 39.35 73.46 58.37
C SER YA 48 38.33 72.70 57.52
N HIS YA 49 37.54 71.86 58.18
CA HIS YA 49 36.50 71.11 57.47
C HIS YA 49 35.31 70.89 58.39
N VAL YA 50 34.13 71.26 57.92
CA VAL YA 50 32.90 71.00 58.66
C VAL YA 50 32.11 69.93 57.92
N LYS YA 51 31.59 68.97 58.67
CA LYS YA 51 30.82 67.85 58.13
C LYS YA 51 29.39 67.99 58.64
N GLU YA 52 28.47 68.21 57.69
CA GLU YA 52 27.05 68.29 57.96
C GLU YA 52 26.57 66.94 58.51
N PRO YA 53 25.38 66.90 59.12
CA PRO YA 53 24.86 65.64 59.64
C PRO YA 53 24.06 64.85 58.61
N GLY YA 54 24.16 63.54 58.69
CA GLY YA 54 23.47 62.65 57.77
C GLY YA 54 22.25 62.03 58.42
N THR YA 55 21.12 62.12 57.72
CA THR YA 55 19.86 61.59 58.22
C THR YA 55 19.48 62.24 59.56
N ASN YA 56 19.71 63.55 59.64
CA ASN YA 56 19.40 64.35 60.83
C ASN YA 56 20.03 63.77 62.09
N GLY YA 57 21.15 63.05 61.93
CA GLY YA 57 21.94 62.73 63.10
C GLY YA 57 22.38 64.01 63.79
N ASP YA 58 22.21 64.04 65.11
CA ASP YA 58 22.35 65.28 65.86
C ASP YA 58 23.70 65.96 65.64
N VAL YA 59 24.72 65.22 65.21
CA VAL YA 59 26.11 65.69 65.28
C VAL YA 59 26.49 66.47 64.03
N PHE YA 60 27.17 67.60 64.25
CA PHE YA 60 27.98 68.31 63.28
C PHE YA 60 29.42 68.06 63.64
N ARG YA 61 30.25 67.68 62.67
CA ARG YA 61 31.65 67.35 62.95
C ARG YA 61 32.56 68.40 62.33
N VAL YA 62 33.02 69.34 63.15
CA VAL YA 62 33.79 70.48 62.66
C VAL YA 62 35.22 70.34 63.15
N LYS YA 63 36.18 70.32 62.22
CA LYS YA 63 37.54 69.92 62.51
C LYS YA 63 38.51 71.03 62.12
N LEU YA 64 39.51 71.21 62.96
CA LEU YA 64 40.57 72.22 62.80
C LEU YA 64 41.91 71.56 63.06
N PHE YA 65 42.81 71.64 62.09
CA PHE YA 65 44.14 71.03 62.17
C PHE YA 65 45.20 72.11 62.02
N VAL YA 66 46.24 72.04 62.86
CA VAL YA 66 47.37 72.96 62.78
C VAL YA 66 48.64 72.11 62.77
N ASN YA 67 49.30 72.06 61.62
CA ASN YA 67 50.49 71.24 61.43
C ASN YA 67 51.70 72.13 61.30
N VAL YA 68 52.69 71.91 62.17
CA VAL YA 68 53.93 72.65 62.21
C VAL YA 68 55.06 71.69 61.87
N PRO YA 69 55.53 71.68 60.62
CA PRO YA 69 56.67 70.83 60.26
C PRO YA 69 58.01 71.49 60.51
N GLU YA 70 58.95 70.69 61.00
CA GLU YA 70 60.35 71.05 61.09
C GLU YA 70 61.09 70.36 59.95
N VAL YA 71 61.79 71.15 59.15
CA VAL YA 71 62.41 70.73 57.90
C VAL YA 71 63.93 70.69 58.07
N ALA YA 72 64.58 69.90 57.22
CA ALA YA 72 66.03 69.75 57.23
C ALA YA 72 66.56 69.86 55.81
N THR YA 73 67.56 70.70 55.61
CA THR YA 73 68.22 70.85 54.32
C THR YA 73 69.44 69.92 54.29
N ILE YA 74 69.36 68.84 53.54
CA ILE YA 74 70.41 67.83 53.48
C ILE YA 74 71.10 67.94 52.12
N THR YA 75 72.42 68.11 52.16
CA THR YA 75 73.21 68.08 50.93
C THR YA 75 74.14 66.87 50.99
N PRO YA 76 74.03 65.93 50.04
CA PRO YA 76 74.83 64.70 50.14
C PRO YA 76 76.32 64.94 49.99
N ASN YA 77 77.11 63.88 50.14
CA ASN YA 77 78.56 64.02 50.14
C ASN YA 77 79.08 64.29 48.74
N GLY YA 78 79.90 65.33 48.61
CA GLY YA 78 80.53 65.67 47.36
C GLY YA 78 79.56 66.04 46.25
N SER YA 79 78.41 66.61 46.60
CA SER YA 79 77.37 66.96 45.64
C SER YA 79 77.17 68.47 45.61
N ASP YA 80 76.99 69.00 44.39
CA ASP YA 80 76.82 70.44 44.24
C ASP YA 80 75.54 70.92 44.90
N THR YA 81 74.46 70.16 44.75
CA THR YA 81 73.12 70.65 45.07
C THR YA 81 72.57 70.00 46.34
N SER YA 82 71.87 70.79 47.13
CA SER YA 82 71.20 70.35 48.34
C SER YA 82 69.72 70.15 48.07
N SER YA 83 69.14 69.17 48.77
CA SER YA 83 67.71 68.94 48.70
C SER YA 83 67.12 69.04 50.10
N VAL YA 84 65.85 69.38 50.16
CA VAL YA 84 65.17 69.60 51.43
C VAL YA 84 64.29 68.41 51.75
N GLU YA 85 64.08 68.16 53.04
CA GLU YA 85 63.42 66.95 53.51
C GLU YA 85 62.63 67.26 54.77
N ILE YA 86 61.49 66.59 54.93
CA ILE YA 86 60.63 66.83 56.09
C ILE YA 86 61.19 66.03 57.26
N ALA YA 87 61.76 66.73 58.23
CA ALA YA 87 62.43 66.07 59.35
C ALA YA 87 61.40 65.48 60.33
N ARG YA 88 60.51 66.32 60.85
CA ARG YA 88 59.44 65.82 61.71
C ARG YA 88 58.33 66.85 61.72
N THR YA 89 57.22 66.52 62.36
CA THR YA 89 56.08 67.42 62.40
C THR YA 89 55.42 67.38 63.77
N ASN YA 90 55.17 68.56 64.34
CA ASN YA 90 54.27 68.70 65.47
C ASN YA 90 52.87 68.97 64.94
N ARG YA 91 51.86 68.36 65.56
CA ARG YA 91 50.50 68.53 65.07
C ARG YA 91 49.55 68.80 66.23
N ALA YA 92 48.54 69.61 65.96
CA ALA YA 92 47.41 69.79 66.84
C ALA YA 92 46.15 69.49 66.03
N GLN YA 93 45.29 68.62 66.55
CA GLN YA 93 44.12 68.18 65.82
C GLN YA 93 42.90 68.32 66.73
N VAL YA 94 41.94 69.12 66.30
CA VAL YA 94 40.77 69.46 67.11
C VAL YA 94 39.52 69.03 66.36
N GLU YA 95 38.65 68.30 67.03
CA GLU YA 95 37.34 67.94 66.51
C GLU YA 95 36.28 68.40 67.49
N PHE YA 96 35.40 69.28 67.05
CA PHE YA 96 34.22 69.65 67.81
C PHE YA 96 33.04 68.84 67.30
N ILE YA 97 32.34 68.20 68.22
CA ILE YA 97 31.09 67.50 67.95
C ILE YA 97 29.98 68.38 68.50
N LEU YA 98 29.16 68.93 67.61
CA LEU YA 98 28.16 69.93 67.99
C LEU YA 98 26.77 69.41 67.66
N PRO YA 99 25.90 69.19 68.64
CA PRO YA 99 24.55 68.73 68.32
C PRO YA 99 23.77 69.79 67.54
N ALA YA 100 22.94 69.31 66.61
CA ALA YA 100 22.21 70.17 65.68
C ALA YA 100 21.09 70.94 66.33
N GLN YA 101 20.88 70.79 67.64
CA GLN YA 101 19.80 71.47 68.33
C GLN YA 101 20.26 72.44 69.40
N SER YA 102 21.53 72.45 69.78
CA SER YA 102 22.02 73.47 70.68
C SER YA 102 22.16 74.79 69.93
N ALA YA 103 21.76 75.88 70.58
CA ALA YA 103 21.87 77.19 69.97
C ALA YA 103 23.32 77.68 70.00
N ALA YA 104 23.57 78.77 69.27
CA ALA YA 104 24.95 79.25 69.11
C ALA YA 104 25.62 79.61 70.43
N THR YA 105 24.84 79.94 71.47
CA THR YA 105 25.41 80.31 72.76
C THR YA 105 26.30 79.20 73.30
N VAL YA 106 25.81 77.97 73.21
CA VAL YA 106 26.53 76.82 73.74
C VAL YA 106 27.85 76.64 73.01
N ARG YA 107 27.84 76.76 71.68
CA ARG YA 107 29.07 76.59 70.93
C ARG YA 107 30.05 77.73 71.22
N GLU YA 108 29.53 78.94 71.40
CA GLU YA 108 30.40 80.07 71.70
C GLU YA 108 31.13 79.85 73.02
N ASP YA 109 30.41 79.49 74.08
CA ASP YA 109 31.13 79.32 75.34
C ASP YA 109 31.92 78.02 75.40
N LEU YA 110 31.62 77.04 74.54
CA LEU YA 110 32.51 75.89 74.42
C LEU YA 110 33.86 76.31 73.84
N VAL YA 111 33.83 77.08 72.75
CA VAL YA 111 35.07 77.57 72.16
C VAL YA 111 35.84 78.41 73.18
N ALA YA 112 35.13 79.27 73.92
CA ALA YA 112 35.79 80.10 74.91
C ALA YA 112 36.43 79.25 76.01
N LEU YA 113 35.74 78.19 76.44
CA LEU YA 113 36.32 77.28 77.42
C LEU YA 113 37.59 76.63 76.89
N LEU YA 114 37.56 76.19 75.64
CA LEU YA 114 38.75 75.55 75.07
C LEU YA 114 39.92 76.53 74.98
N ALA YA 115 39.67 77.75 74.52
CA ALA YA 115 40.75 78.72 74.41
C ALA YA 115 41.30 79.09 75.78
N SER YA 116 40.43 79.27 76.77
CA SER YA 116 40.90 79.58 78.12
C SER YA 116 41.66 78.40 78.73
N ALA YA 117 41.28 77.16 78.37
CA ALA YA 117 42.04 76.01 78.82
C ALA YA 117 43.43 76.00 78.20
N LEU YA 118 43.52 76.34 76.92
CA LEU YA 118 44.84 76.47 76.29
C LEU YA 118 45.66 77.58 76.93
N ALA YA 119 45.01 78.63 77.40
CA ALA YA 119 45.73 79.74 78.01
C ALA YA 119 46.17 79.45 79.44
N ASP YA 120 45.40 78.65 80.18
CA ASP YA 120 45.75 78.35 81.57
C ASP YA 120 47.14 77.72 81.63
N THR YA 121 47.92 78.13 82.64
CA THR YA 121 49.31 77.70 82.73
C THR YA 121 49.41 76.21 83.06
N ALA YA 122 48.55 75.74 83.96
CA ALA YA 122 48.60 74.33 84.35
C ALA YA 122 48.26 73.42 83.17
N ILE YA 123 47.18 73.74 82.46
CA ILE YA 123 46.83 72.98 81.27
C ILE YA 123 47.88 73.16 80.18
N LYS YA 124 48.51 74.33 80.11
CA LYS YA 124 49.47 74.60 79.06
C LYS YA 124 50.71 73.74 79.22
N SER YA 125 51.24 73.67 80.45
CA SER YA 125 52.43 72.85 80.69
C SER YA 125 52.21 71.40 80.29
N THR YA 126 50.97 70.92 80.40
CA THR YA 126 50.63 69.59 79.90
C THR YA 126 51.09 69.41 78.46
N ILE YA 127 50.77 70.37 77.60
CA ILE YA 127 51.14 70.28 76.19
C ILE YA 127 52.60 70.64 75.99
N VAL YA 128 52.97 71.83 76.44
CA VAL YA 128 54.27 72.41 76.11
C VAL YA 128 55.39 71.61 76.74
N ASN YA 129 55.25 71.23 78.01
CA ASN YA 129 56.32 70.66 78.81
C ASN YA 129 56.24 69.16 78.91
N VAL YA 130 55.18 68.54 78.39
CA VAL YA 130 55.02 67.08 78.38
C VAL YA 130 55.14 66.57 79.81
N GLU YA 131 54.39 67.19 80.69
CA GLU YA 131 54.25 66.80 82.09
C GLU YA 131 52.85 66.24 82.28
N HIS YA 132 52.76 65.15 83.04
CA HIS YA 132 51.48 64.60 83.47
C HIS YA 132 50.87 65.47 84.56
N PHE YA 133 49.55 65.41 84.66
CA PHE YA 133 48.86 65.97 85.81
C PHE YA 133 49.02 65.05 87.01
N TYR YA 134 49.19 65.65 88.19
CA TYR YA 134 49.38 64.88 89.42
C TYR YA 134 48.89 65.63 90.67
N PRO ZA 1 -29.45 -104.41 -72.66
CA PRO ZA 1 -30.86 -104.32 -73.09
C PRO ZA 1 -31.29 -102.86 -73.14
N ALA ZA 2 -31.57 -102.39 -74.36
CA ALA ZA 2 -32.13 -101.07 -74.56
C ALA ZA 2 -33.37 -100.88 -73.71
N LEU ZA 3 -33.38 -99.80 -72.92
CA LEU ZA 3 -34.48 -99.52 -72.00
C LEU ZA 3 -35.79 -99.45 -72.77
N LYS ZA 4 -36.72 -100.33 -72.42
CA LYS ZA 4 -38.00 -100.47 -73.11
C LYS ZA 4 -39.04 -100.82 -72.06
N PRO ZA 5 -40.27 -100.32 -72.22
CA PRO ZA 5 -41.35 -100.72 -71.30
C PRO ZA 5 -41.59 -102.21 -71.42
N ILE ZA 6 -41.70 -102.87 -70.28
CA ILE ZA 6 -41.80 -104.32 -70.27
C ILE ZA 6 -43.13 -104.71 -69.67
N THR ZA 7 -43.68 -105.82 -70.13
CA THR ZA 7 -44.97 -106.30 -69.69
C THR ZA 7 -44.79 -107.55 -68.84
N LEU ZA 8 -45.38 -107.54 -67.64
CA LEU ZA 8 -45.29 -108.64 -66.69
C LEU ZA 8 -46.69 -109.10 -66.31
N THR ZA 9 -46.84 -110.38 -66.00
CA THR ZA 9 -48.14 -110.94 -65.63
C THR ZA 9 -48.36 -110.93 -64.12
N ASP ZA 10 -49.56 -110.53 -63.69
CA ASP ZA 10 -49.91 -110.50 -62.27
C ASP ZA 10 -50.45 -111.86 -61.85
N HIS ZA 11 -51.17 -111.91 -60.74
CA HIS ZA 11 -51.65 -113.20 -60.27
C HIS ZA 11 -52.68 -113.79 -61.21
N SER ZA 12 -53.56 -112.96 -61.75
CA SER ZA 12 -54.59 -113.42 -62.69
C SER ZA 12 -54.05 -113.63 -64.10
N SER ZA 13 -52.73 -113.61 -64.27
CA SER ZA 13 -52.03 -113.72 -65.54
C SER ZA 13 -52.41 -112.60 -66.51
N ALA ZA 14 -53.05 -111.55 -66.02
CA ALA ZA 14 -53.30 -110.37 -66.83
C ALA ZA 14 -52.01 -109.59 -67.05
N ASP ZA 15 -51.98 -108.79 -68.11
CA ASP ZA 15 -50.79 -108.01 -68.40
C ASP ZA 15 -50.70 -106.78 -67.51
N VAL ZA 16 -49.47 -106.38 -67.19
CA VAL ZA 16 -49.16 -105.24 -66.35
C VAL ZA 16 -47.94 -104.57 -66.98
N ILE ZA 17 -48.13 -103.36 -67.51
CA ILE ZA 17 -47.11 -102.70 -68.31
C ILE ZA 17 -46.33 -101.75 -67.42
N PHE ZA 18 -45.03 -101.99 -67.29
CA PHE ZA 18 -44.11 -101.12 -66.57
C PHE ZA 18 -43.38 -100.24 -67.57
N THR ZA 19 -43.56 -98.93 -67.48
CA THR ZA 19 -42.87 -97.99 -68.34
C THR ZA 19 -41.56 -97.55 -67.68
N PRO ZA 20 -40.50 -97.37 -68.46
CA PRO ZA 20 -39.26 -96.88 -67.88
C PRO ZA 20 -39.43 -95.46 -67.36
N THR ZA 21 -38.91 -95.23 -66.16
CA THR ZA 21 -38.96 -93.93 -65.50
C THR ZA 21 -37.63 -93.20 -65.51
N GLN ZA 22 -36.54 -93.88 -65.12
CA GLN ZA 22 -35.31 -93.19 -64.82
C GLN ZA 22 -34.14 -94.17 -64.87
N ILE ZA 23 -32.98 -93.67 -65.28
CA ILE ZA 23 -31.72 -94.37 -65.10
C ILE ZA 23 -30.91 -93.57 -64.08
N ASP ZA 24 -30.53 -94.24 -62.98
CA ASP ZA 24 -30.01 -93.57 -61.81
C ASP ZA 24 -28.58 -93.09 -62.03
N LYS ZA 25 -28.08 -92.31 -61.06
CA LYS ZA 25 -26.66 -91.94 -61.07
C LYS ZA 25 -25.78 -93.14 -60.84
N ASN ZA 26 -26.28 -94.13 -60.11
CA ASN ZA 26 -25.51 -95.32 -59.77
C ASN ZA 26 -25.68 -96.45 -60.78
N GLY ZA 27 -26.46 -96.23 -61.83
CA GLY ZA 27 -26.73 -97.25 -62.81
C GLY ZA 27 -28.03 -97.99 -62.59
N VAL ZA 28 -28.84 -97.57 -61.63
CA VAL ZA 28 -30.11 -98.23 -61.35
C VAL ZA 28 -31.14 -97.78 -62.38
N ALA ZA 29 -31.84 -98.74 -62.96
CA ALA ZA 29 -32.90 -98.47 -63.93
C ALA ZA 29 -34.24 -98.81 -63.30
N TYR ZA 30 -35.19 -97.88 -63.41
CA TYR ZA 30 -36.48 -97.99 -62.74
C TYR ZA 30 -37.60 -98.08 -63.76
N PHE ZA 31 -38.46 -99.09 -63.62
CA PHE ZA 31 -39.70 -99.19 -64.35
C PHE ZA 31 -40.86 -99.03 -63.37
N ARG ZA 32 -41.86 -98.23 -63.75
CA ARG ZA 32 -42.98 -97.96 -62.87
C ARG ZA 32 -44.30 -98.30 -63.56
N HIS ZA 33 -45.27 -98.67 -62.72
CA HIS ZA 33 -46.65 -98.86 -63.11
C HIS ZA 33 -47.51 -98.16 -62.06
N LEU ZA 34 -48.28 -97.17 -62.49
CA LEU ZA 34 -49.02 -96.32 -61.56
C LEU ZA 34 -50.15 -97.11 -60.89
N GLN ZA 35 -50.64 -96.58 -59.77
CA GLN ZA 35 -51.72 -97.22 -59.05
C GLN ZA 35 -53.04 -97.04 -59.78
N ALA ZA 36 -54.12 -97.52 -59.14
CA ALA ZA 36 -55.46 -97.33 -59.68
C ALA ZA 36 -55.76 -95.86 -59.93
N ASN ZA 37 -55.55 -95.03 -58.91
CA ASN ZA 37 -55.68 -93.58 -59.10
C ASN ZA 37 -54.57 -93.08 -60.02
N GLY ZA 38 -54.87 -92.00 -60.74
CA GLY ZA 38 -53.90 -91.42 -61.65
C GLY ZA 38 -52.74 -90.78 -60.96
N LYS ZA 39 -52.79 -90.73 -59.64
CA LYS ZA 39 -51.78 -90.11 -58.81
C LYS ZA 39 -50.57 -91.02 -58.66
N PRO ZA 40 -49.36 -90.49 -58.78
CA PRO ZA 40 -48.14 -91.32 -58.80
C PRO ZA 40 -47.49 -91.55 -57.45
N ILE ZA 41 -48.14 -91.22 -56.33
CA ILE ZA 41 -47.42 -91.14 -55.05
C ILE ZA 41 -46.93 -92.52 -54.63
N GLY ZA 42 -47.77 -93.55 -54.78
CA GLY ZA 42 -47.31 -94.91 -54.59
C GLY ZA 42 -47.47 -95.65 -55.90
N ALA ZA 43 -46.48 -96.43 -56.29
CA ALA ZA 43 -46.56 -97.08 -57.58
C ALA ZA 43 -45.72 -98.36 -57.58
N TYR ZA 44 -46.17 -99.34 -58.37
CA TYR ZA 44 -45.42 -100.57 -58.51
C TYR ZA 44 -44.11 -100.28 -59.25
N THR ZA 45 -43.00 -100.83 -58.75
CA THR ZA 45 -41.70 -100.52 -59.32
C THR ZA 45 -40.87 -101.78 -59.53
N VAL ZA 46 -40.02 -101.71 -60.53
CA VAL ZA 46 -39.04 -102.76 -60.83
C VAL ZA 46 -37.70 -102.07 -61.04
N SER ZA 47 -36.72 -102.40 -60.19
CA SER ZA 47 -35.39 -101.81 -60.23
C SER ZA 47 -34.40 -102.84 -60.73
N SER ZA 48 -33.51 -102.42 -61.63
CA SER ZA 48 -32.46 -103.31 -62.12
C SER ZA 48 -31.14 -102.58 -62.11
N HIS ZA 49 -30.16 -103.15 -61.41
CA HIS ZA 49 -28.82 -102.57 -61.38
C HIS ZA 49 -27.79 -103.68 -61.35
N VAL ZA 50 -26.82 -103.63 -62.26
CA VAL ZA 50 -25.75 -104.61 -62.28
C VAL ZA 50 -24.44 -103.88 -61.98
N LYS ZA 51 -23.68 -104.42 -61.03
CA LYS ZA 51 -22.43 -103.84 -60.57
C LYS ZA 51 -21.29 -104.71 -61.07
N GLU ZA 52 -20.50 -104.15 -61.98
CA GLU ZA 52 -19.35 -104.86 -62.53
C GLU ZA 52 -18.26 -104.97 -61.47
N PRO ZA 53 -17.38 -105.97 -61.59
CA PRO ZA 53 -16.34 -106.17 -60.57
C PRO ZA 53 -15.19 -105.19 -60.73
N GLY ZA 54 -14.45 -105.03 -59.64
CA GLY ZA 54 -13.30 -104.14 -59.61
C GLY ZA 54 -12.06 -104.83 -59.11
N THR ZA 55 -10.91 -104.39 -59.62
CA THR ZA 55 -9.62 -105.01 -59.33
C THR ZA 55 -9.68 -106.51 -59.63
N ASN ZA 56 -10.08 -106.81 -60.88
CA ASN ZA 56 -10.30 -108.19 -61.32
C ASN ZA 56 -11.17 -108.95 -60.33
N GLY ZA 57 -12.14 -108.26 -59.75
CA GLY ZA 57 -13.04 -108.92 -58.82
C GLY ZA 57 -13.72 -110.10 -59.47
N ASP ZA 58 -13.83 -111.20 -58.72
CA ASP ZA 58 -14.40 -112.40 -59.30
C ASP ZA 58 -15.88 -112.24 -59.62
N VAL ZA 59 -16.56 -111.23 -59.05
CA VAL ZA 59 -18.01 -111.25 -58.92
C VAL ZA 59 -18.63 -110.03 -59.61
N PHE ZA 60 -19.57 -110.31 -60.52
CA PHE ZA 60 -20.65 -109.39 -60.87
C PHE ZA 60 -21.74 -109.49 -59.81
N ARG ZA 61 -22.34 -108.35 -59.46
CA ARG ZA 61 -23.47 -108.34 -58.53
C ARG ZA 61 -24.67 -107.70 -59.22
N VAL ZA 62 -25.63 -108.53 -59.61
CA VAL ZA 62 -26.76 -108.10 -60.44
C VAL ZA 62 -28.02 -108.17 -59.59
N LYS ZA 63 -28.74 -107.05 -59.50
CA LYS ZA 63 -29.82 -106.91 -58.53
C LYS ZA 63 -31.12 -106.55 -59.24
N LEU ZA 64 -32.19 -107.22 -58.81
CA LEU ZA 64 -33.54 -107.04 -59.34
C LEU ZA 64 -34.49 -106.84 -58.17
N PHE ZA 65 -35.23 -105.73 -58.18
CA PHE ZA 65 -36.16 -105.38 -57.11
C PHE ZA 65 -37.55 -105.24 -57.68
N VAL ZA 66 -38.54 -105.80 -56.97
CA VAL ZA 66 -39.94 -105.71 -57.35
C VAL ZA 66 -40.71 -105.22 -56.14
N ASN ZA 67 -41.17 -103.98 -56.18
CA ASN ZA 67 -41.85 -103.35 -55.06
C ASN ZA 67 -43.33 -103.15 -55.39
N VAL ZA 68 -44.18 -103.66 -54.53
CA VAL ZA 68 -45.62 -103.61 -54.68
C VAL ZA 68 -46.21 -102.87 -53.48
N PRO ZA 69 -46.51 -101.58 -53.61
CA PRO ZA 69 -47.16 -100.85 -52.53
C PRO ZA 69 -48.68 -100.96 -52.56
N GLU ZA 70 -49.25 -101.01 -51.36
CA GLU ZA 70 -50.67 -100.78 -51.13
C GLU ZA 70 -50.81 -99.36 -50.60
N VAL ZA 71 -51.54 -98.53 -51.35
CA VAL ZA 71 -51.80 -97.15 -50.97
C VAL ZA 71 -53.19 -97.06 -50.36
N ALA ZA 72 -53.40 -96.03 -49.55
CA ALA ZA 72 -54.69 -95.77 -48.93
C ALA ZA 72 -55.09 -94.32 -49.17
N THR ZA 73 -56.36 -94.11 -49.45
CA THR ZA 73 -56.90 -92.79 -49.75
C THR ZA 73 -57.48 -92.20 -48.47
N ILE ZA 74 -56.78 -91.23 -47.90
CA ILE ZA 74 -57.20 -90.58 -46.67
C ILE ZA 74 -57.89 -89.27 -47.03
N THR ZA 75 -59.13 -89.11 -46.57
CA THR ZA 75 -59.88 -87.88 -46.78
C THR ZA 75 -60.32 -87.36 -45.42
N PRO ZA 76 -59.89 -86.16 -45.01
CA PRO ZA 76 -60.22 -85.68 -43.67
C PRO ZA 76 -61.71 -85.48 -43.49
N ASN ZA 77 -62.12 -85.34 -42.24
CA ASN ZA 77 -63.54 -85.34 -41.89
C ASN ZA 77 -64.25 -84.16 -42.51
N GLY ZA 78 -65.25 -84.45 -43.34
CA GLY ZA 78 -66.05 -83.43 -44.00
C GLY ZA 78 -65.30 -82.59 -45.01
N SER ZA 79 -64.38 -83.20 -45.75
CA SER ZA 79 -63.53 -82.49 -46.69
C SER ZA 79 -63.91 -82.83 -48.13
N ASP ZA 80 -63.66 -81.88 -49.02
CA ASP ZA 80 -63.96 -82.09 -50.43
C ASP ZA 80 -62.95 -83.04 -51.07
N THR ZA 81 -61.66 -82.77 -50.90
CA THR ZA 81 -60.62 -83.49 -51.60
C THR ZA 81 -59.89 -84.45 -50.67
N SER ZA 82 -59.38 -85.54 -51.26
CA SER ZA 82 -58.67 -86.58 -50.54
C SER ZA 82 -57.22 -86.61 -51.00
N SER ZA 83 -56.34 -87.00 -50.07
CA SER ZA 83 -54.93 -87.17 -50.37
C SER ZA 83 -54.55 -88.65 -50.23
N VAL ZA 84 -53.56 -89.08 -50.99
CA VAL ZA 84 -53.16 -90.48 -51.02
C VAL ZA 84 -51.89 -90.66 -50.21
N GLU ZA 85 -51.84 -91.76 -49.45
CA GLU ZA 85 -50.73 -92.05 -48.54
C GLU ZA 85 -50.28 -93.50 -48.79
N ILE ZA 86 -48.99 -93.75 -48.60
CA ILE ZA 86 -48.45 -95.09 -48.81
C ILE ZA 86 -48.72 -95.91 -47.56
N ALA ZA 87 -49.69 -96.82 -47.64
CA ALA ZA 87 -50.10 -97.59 -46.47
C ALA ZA 87 -49.04 -98.59 -46.06
N ARG ZA 88 -48.68 -99.50 -46.97
CA ARG ZA 88 -47.61 -100.45 -46.70
C ARG ZA 88 -47.07 -100.95 -48.02
N THR ZA 89 -45.96 -101.69 -47.97
CA THR ZA 89 -45.33 -102.16 -49.20
C THR ZA 89 -44.86 -103.60 -49.02
N ASN ZA 90 -45.20 -104.46 -49.98
CA ASN ZA 90 -44.54 -105.75 -50.13
C ASN ZA 90 -43.37 -105.59 -51.08
N ARG ZA 91 -42.29 -106.33 -50.83
CA ARG ZA 91 -41.10 -106.20 -51.66
C ARG ZA 91 -40.47 -107.56 -51.90
N ALA ZA 92 -39.82 -107.69 -53.05
CA ALA ZA 92 -38.98 -108.84 -53.37
C ALA ZA 92 -37.65 -108.32 -53.90
N GLN ZA 93 -36.55 -108.79 -53.31
CA GLN ZA 93 -35.22 -108.26 -53.60
C GLN ZA 93 -34.28 -109.42 -53.94
N VAL ZA 94 -33.76 -109.43 -55.15
CA VAL ZA 94 -32.97 -110.53 -55.68
C VAL ZA 94 -31.57 -110.01 -56.01
N GLU ZA 95 -30.56 -110.65 -55.44
CA GLU ZA 95 -29.16 -110.38 -55.77
C GLU ZA 95 -28.56 -111.67 -56.30
N PHE ZA 96 -28.20 -111.67 -57.58
CA PHE ZA 96 -27.39 -112.74 -58.13
C PHE ZA 96 -25.93 -112.35 -58.00
N ILE ZA 97 -25.14 -113.24 -57.40
CA ILE ZA 97 -23.69 -113.10 -57.34
C ILE ZA 97 -23.14 -114.03 -58.41
N LEU ZA 98 -22.72 -113.46 -59.53
CA LEU ZA 98 -22.22 -114.31 -60.60
C LEU ZA 98 -20.72 -114.14 -60.73
N PRO ZA 99 -19.95 -115.20 -60.92
CA PRO ZA 99 -18.52 -115.01 -61.19
C PRO ZA 99 -18.21 -114.67 -62.64
N ALA ZA 100 -17.21 -113.81 -62.84
CA ALA ZA 100 -16.81 -113.41 -64.17
C ALA ZA 100 -16.18 -114.55 -64.96
N GLN ZA 101 -15.89 -115.66 -64.32
CA GLN ZA 101 -15.18 -116.78 -64.93
C GLN ZA 101 -16.12 -117.91 -65.36
N SER ZA 102 -17.42 -117.74 -65.16
CA SER ZA 102 -18.39 -118.79 -65.46
C SER ZA 102 -18.80 -118.75 -66.93
N ALA ZA 103 -19.51 -119.80 -67.35
CA ALA ZA 103 -20.10 -119.88 -68.67
C ALA ZA 103 -21.58 -119.57 -68.60
N ALA ZA 104 -22.10 -118.97 -69.68
CA ALA ZA 104 -23.49 -118.53 -69.70
C ALA ZA 104 -24.47 -119.67 -69.46
N THR ZA 105 -24.08 -120.92 -69.76
CA THR ZA 105 -24.92 -122.07 -69.46
C THR ZA 105 -25.28 -122.11 -67.99
N VAL ZA 106 -24.28 -121.88 -67.14
CA VAL ZA 106 -24.48 -121.94 -65.70
C VAL ZA 106 -25.46 -120.88 -65.25
N ARG ZA 107 -25.31 -119.65 -65.73
CA ARG ZA 107 -26.23 -118.59 -65.33
C ARG ZA 107 -27.64 -118.87 -65.85
N GLU ZA 108 -27.75 -119.42 -67.07
CA GLU ZA 108 -29.06 -119.74 -67.61
C GLU ZA 108 -29.79 -120.75 -66.72
N ASP ZA 109 -29.13 -121.85 -66.35
CA ASP ZA 109 -29.88 -122.80 -65.54
C ASP ZA 109 -29.96 -122.39 -64.06
N LEU ZA 110 -29.12 -121.46 -63.60
CA LEU ZA 110 -29.37 -120.88 -62.29
C LEU ZA 110 -30.67 -120.08 -62.28
N VAL ZA 111 -30.86 -119.23 -63.28
CA VAL ZA 111 -32.11 -118.48 -63.39
C VAL ZA 111 -33.28 -119.43 -63.54
N ALA ZA 112 -33.14 -120.47 -64.36
CA ALA ZA 112 -34.22 -121.42 -64.55
C ALA ZA 112 -34.56 -122.14 -63.25
N LEU ZA 113 -33.53 -122.50 -62.47
CA LEU ZA 113 -33.77 -123.14 -61.17
C LEU ZA 113 -34.50 -122.20 -60.23
N LEU ZA 114 -34.12 -120.93 -60.22
CA LEU ZA 114 -34.82 -119.98 -59.36
C LEU ZA 114 -36.28 -119.83 -59.76
N ALA ZA 115 -36.55 -119.72 -61.06
CA ALA ZA 115 -37.93 -119.58 -61.52
C ALA ZA 115 -38.75 -120.83 -61.21
N SER ZA 116 -38.15 -122.01 -61.38
CA SER ZA 116 -38.87 -123.24 -61.07
C SER ZA 116 -39.07 -123.40 -59.57
N ALA ZA 117 -38.14 -122.89 -58.75
CA ALA ZA 117 -38.36 -122.91 -57.31
C ALA ZA 117 -39.51 -121.99 -56.93
N LEU ZA 118 -39.60 -120.82 -57.55
CA LEU ZA 118 -40.76 -119.96 -57.33
C LEU ZA 118 -42.05 -120.62 -57.79
N ALA ZA 119 -41.99 -121.41 -58.85
CA ALA ZA 119 -43.21 -122.07 -59.35
C ALA ZA 119 -43.61 -123.27 -58.51
N ASP ZA 120 -42.65 -123.94 -57.85
CA ASP ZA 120 -42.97 -125.10 -57.04
C ASP ZA 120 -43.92 -124.70 -55.91
N THR ZA 121 -44.93 -125.53 -55.67
CA THR ZA 121 -45.95 -125.19 -54.69
C THR ZA 121 -45.40 -125.24 -53.26
N ALA ZA 122 -44.54 -126.22 -52.98
CA ALA ZA 122 -43.97 -126.32 -51.64
C ALA ZA 122 -43.15 -125.09 -51.29
N ILE ZA 123 -42.38 -124.58 -52.24
CA ILE ZA 123 -41.60 -123.36 -52.01
C ILE ZA 123 -42.50 -122.14 -52.07
N LYS ZA 124 -43.54 -122.17 -52.88
CA LYS ZA 124 -44.42 -121.01 -53.02
C LYS ZA 124 -45.23 -120.77 -51.76
N SER ZA 125 -45.56 -121.84 -51.02
CA SER ZA 125 -46.25 -121.65 -49.75
C SER ZA 125 -45.37 -120.92 -48.75
N THR ZA 126 -44.05 -121.10 -48.86
CA THR ZA 126 -43.11 -120.38 -48.03
C THR ZA 126 -43.31 -118.87 -48.14
N ILE ZA 127 -43.39 -118.38 -49.38
CA ILE ZA 127 -43.51 -116.93 -49.59
C ILE ZA 127 -44.94 -116.48 -49.36
N VAL ZA 128 -45.87 -117.11 -50.06
CA VAL ZA 128 -47.25 -116.63 -50.09
C VAL ZA 128 -47.90 -116.79 -48.72
N ASN ZA 129 -47.73 -117.96 -48.09
CA ASN ZA 129 -48.48 -118.36 -46.91
C ASN ZA 129 -47.65 -118.29 -45.63
N VAL ZA 130 -46.36 -118.00 -45.72
CA VAL ZA 130 -45.47 -117.78 -44.58
C VAL ZA 130 -45.54 -119.00 -43.66
N GLU ZA 131 -45.36 -120.16 -44.25
CA GLU ZA 131 -45.21 -121.41 -43.53
C GLU ZA 131 -43.73 -121.81 -43.58
N HIS ZA 132 -43.19 -122.16 -42.41
CA HIS ZA 132 -41.84 -122.69 -42.29
C HIS ZA 132 -41.78 -124.14 -42.79
N PHE ZA 133 -40.57 -124.54 -43.19
CA PHE ZA 133 -40.30 -125.95 -43.42
C PHE ZA 133 -40.10 -126.67 -42.09
N TYR ZA 134 -40.62 -127.89 -42.02
CA TYR ZA 134 -40.53 -128.68 -40.79
C TYR ZA 134 -40.43 -130.19 -41.04
N PRO AB 1 -25.03 -90.36 -82.24
CA PRO AB 1 -24.85 -91.81 -82.30
C PRO AB 1 -25.56 -92.51 -81.16
N ALA AB 2 -26.84 -92.85 -81.36
CA ALA AB 2 -27.57 -93.61 -80.37
C ALA AB 2 -26.90 -94.96 -80.15
N LEU AB 3 -26.89 -95.38 -78.88
CA LEU AB 3 -26.23 -96.62 -78.50
C LEU AB 3 -26.82 -97.79 -79.27
N LYS AB 4 -25.98 -98.52 -79.99
CA LYS AB 4 -26.44 -99.57 -80.89
C LYS AB 4 -25.28 -100.48 -81.18
N PRO AB 5 -25.52 -101.76 -81.43
CA PRO AB 5 -24.43 -102.70 -81.64
C PRO AB 5 -23.68 -102.35 -82.91
N ILE AB 6 -22.37 -102.53 -82.87
CA ILE AB 6 -21.53 -102.16 -84.01
C ILE AB 6 -20.69 -103.36 -84.41
N THR AB 7 -20.41 -103.47 -85.70
CA THR AB 7 -19.68 -104.60 -86.26
C THR AB 7 -18.29 -104.14 -86.69
N LEU AB 8 -17.26 -104.89 -86.29
CA LEU AB 8 -15.87 -104.58 -86.59
C LEU AB 8 -15.19 -105.82 -87.16
N THR AB 9 -14.24 -105.61 -88.06
CA THR AB 9 -13.55 -106.72 -88.70
C THR AB 9 -12.26 -107.06 -87.97
N ASP AB 10 -12.03 -108.35 -87.71
CA ASP AB 10 -10.81 -108.79 -87.03
C ASP AB 10 -9.69 -108.95 -88.05
N HIS AB 11 -8.59 -109.60 -87.66
CA HIS AB 11 -7.47 -109.75 -88.56
C HIS AB 11 -7.81 -110.58 -89.78
N SER AB 12 -8.68 -111.57 -89.63
CA SER AB 12 -9.10 -112.41 -90.73
C SER AB 12 -10.20 -111.78 -91.58
N SER AB 13 -10.52 -110.51 -91.32
CA SER AB 13 -11.62 -109.77 -91.92
C SER AB 13 -12.98 -110.34 -91.57
N ALA AB 14 -13.05 -111.27 -90.62
CA ALA AB 14 -14.32 -111.81 -90.18
C ALA AB 14 -15.06 -110.80 -89.31
N ASP AB 15 -16.36 -110.70 -89.52
CA ASP AB 15 -17.16 -109.75 -88.75
C ASP AB 15 -17.20 -110.15 -87.28
N VAL AB 16 -17.26 -109.14 -86.42
CA VAL AB 16 -17.22 -109.29 -84.96
C VAL AB 16 -18.20 -108.27 -84.41
N ILE AB 17 -19.29 -108.74 -83.81
CA ILE AB 17 -20.42 -107.89 -83.45
C ILE AB 17 -20.33 -107.57 -81.97
N PHE AB 18 -20.07 -106.30 -81.64
CA PHE AB 18 -20.07 -105.81 -80.27
C PHE AB 18 -21.46 -105.27 -79.94
N THR AB 19 -22.12 -105.89 -78.95
CA THR AB 19 -23.40 -105.34 -78.53
C THR AB 19 -23.19 -104.33 -77.41
N PRO AB 20 -24.04 -103.31 -77.30
CA PRO AB 20 -23.88 -102.34 -76.23
C PRO AB 20 -24.08 -102.99 -74.87
N THR AB 21 -23.18 -102.66 -73.94
CA THR AB 21 -23.24 -103.19 -72.58
C THR AB 21 -23.70 -102.15 -71.58
N GLN AB 22 -23.03 -101.01 -71.51
CA GLN AB 22 -23.29 -100.11 -70.39
C GLN AB 22 -23.00 -98.67 -70.75
N ILE AB 23 -23.84 -97.76 -70.24
CA ILE AB 23 -23.51 -96.34 -70.23
C ILE AB 23 -23.10 -96.00 -68.80
N ASP AB 24 -21.91 -95.44 -68.65
CA ASP AB 24 -21.26 -95.33 -67.35
C ASP AB 24 -21.90 -94.24 -66.51
N LYS AB 25 -21.36 -94.06 -65.31
CA LYS AB 25 -21.72 -92.89 -64.50
C LYS AB 25 -21.09 -91.62 -65.05
N ASN AB 26 -19.88 -91.72 -65.57
CA ASN AB 26 -19.15 -90.58 -66.11
C ASN AB 26 -19.48 -90.30 -67.57
N GLY AB 27 -20.12 -91.25 -68.25
CA GLY AB 27 -20.42 -91.11 -69.67
C GLY AB 27 -19.75 -92.14 -70.55
N VAL AB 28 -19.00 -93.10 -69.98
CA VAL AB 28 -18.31 -94.09 -70.79
C VAL AB 28 -19.32 -95.08 -71.35
N ALA AB 29 -19.18 -95.37 -72.64
CA ALA AB 29 -20.02 -96.35 -73.33
C ALA AB 29 -19.21 -97.61 -73.53
N TYR AB 30 -19.74 -98.73 -73.04
CA TYR AB 30 -19.08 -100.03 -73.08
C TYR AB 30 -19.85 -100.96 -74.01
N PHE AB 31 -19.15 -101.45 -75.04
CA PHE AB 31 -19.64 -102.51 -75.92
C PHE AB 31 -18.85 -103.79 -75.65
N ARG AB 32 -19.54 -104.92 -75.68
CA ARG AB 32 -18.96 -106.21 -75.33
C ARG AB 32 -19.26 -107.20 -76.45
N HIS AB 33 -18.27 -108.04 -76.74
CA HIS AB 33 -18.41 -109.15 -77.68
C HIS AB 33 -18.05 -110.42 -76.91
N LEU AB 34 -19.06 -111.18 -76.52
CA LEU AB 34 -18.84 -112.39 -75.76
C LEU AB 34 -18.24 -113.48 -76.65
N GLN AB 35 -17.65 -114.48 -76.00
CA GLN AB 35 -17.07 -115.59 -76.72
C GLN AB 35 -18.15 -116.61 -77.06
N ALA AB 36 -17.75 -117.75 -77.62
CA ALA AB 36 -18.71 -118.80 -77.94
C ALA AB 36 -19.44 -119.27 -76.70
N ASN AB 37 -18.69 -119.56 -75.63
CA ASN AB 37 -19.25 -120.09 -74.40
C ASN AB 37 -19.88 -119.02 -73.52
N GLY AB 38 -19.85 -117.75 -73.93
CA GLY AB 38 -20.39 -116.69 -73.12
C GLY AB 38 -19.64 -116.46 -71.82
N LYS AB 39 -18.31 -116.53 -71.86
CA LYS AB 39 -17.51 -116.29 -70.67
C LYS AB 39 -17.16 -114.81 -70.59
N PRO AB 40 -17.59 -114.10 -69.54
CA PRO AB 40 -17.28 -112.66 -69.45
C PRO AB 40 -15.79 -112.37 -69.51
N ILE AB 41 -14.99 -113.14 -68.78
CA ILE AB 41 -13.55 -112.95 -68.75
C ILE AB 41 -12.94 -113.03 -70.15
N GLY AB 42 -13.63 -113.67 -71.09
CA GLY AB 42 -13.12 -113.79 -72.44
C GLY AB 42 -13.66 -112.79 -73.43
N ALA AB 43 -14.54 -111.89 -73.02
CA ALA AB 43 -15.21 -111.02 -73.97
C ALA AB 43 -14.33 -109.84 -74.37
N TYR AB 44 -14.38 -109.50 -75.67
CA TYR AB 44 -13.76 -108.27 -76.13
C TYR AB 44 -14.58 -107.07 -75.67
N THR AB 45 -13.92 -105.95 -75.45
CA THR AB 45 -14.61 -104.74 -75.03
C THR AB 45 -14.14 -103.54 -75.82
N VAL AB 46 -15.05 -102.59 -76.02
CA VAL AB 46 -14.75 -101.32 -76.67
C VAL AB 46 -15.41 -100.20 -75.87
N SER AB 47 -14.62 -99.24 -75.42
CA SER AB 47 -15.09 -98.13 -74.60
C SER AB 47 -14.98 -96.83 -75.40
N SER AB 48 -15.99 -95.99 -75.28
CA SER AB 48 -15.96 -94.68 -75.93
C SER AB 48 -16.53 -93.64 -74.98
N HIS AB 49 -15.72 -92.62 -74.68
CA HIS AB 49 -16.15 -91.56 -73.78
C HIS AB 49 -15.61 -90.23 -74.29
N VAL AB 50 -16.46 -89.21 -74.32
CA VAL AB 50 -16.03 -87.88 -74.75
C VAL AB 50 -16.24 -86.92 -73.60
N LYS AB 51 -15.20 -86.12 -73.31
CA LYS AB 51 -15.18 -85.15 -72.23
C LYS AB 51 -15.18 -83.76 -72.85
N GLU AB 52 -16.27 -83.03 -72.62
CA GLU AB 52 -16.45 -81.67 -73.12
C GLU AB 52 -15.55 -80.71 -72.32
N PRO AB 53 -15.24 -79.55 -72.89
CA PRO AB 53 -14.45 -78.56 -72.15
C PRO AB 53 -15.30 -77.80 -71.14
N GLY AB 54 -14.63 -77.34 -70.09
CA GLY AB 54 -15.28 -76.54 -69.07
C GLY AB 54 -14.36 -75.46 -68.57
N THR AB 55 -14.97 -74.44 -67.95
CA THR AB 55 -14.24 -73.28 -67.47
C THR AB 55 -13.37 -72.70 -68.58
N ASN AB 56 -14.01 -72.43 -69.71
CA ASN AB 56 -13.37 -71.83 -70.89
C ASN AB 56 -12.11 -72.59 -71.28
N GLY AB 57 -12.24 -73.92 -71.33
CA GLY AB 57 -11.17 -74.76 -71.85
C GLY AB 57 -11.30 -74.92 -73.35
N ASP AB 58 -10.17 -74.86 -74.04
CA ASP AB 58 -10.19 -74.95 -75.49
C ASP AB 58 -10.35 -76.37 -75.99
N VAL AB 59 -10.11 -77.37 -75.14
CA VAL AB 59 -9.85 -78.73 -75.59
C VAL AB 59 -11.06 -79.63 -75.36
N PHE AB 60 -11.19 -80.63 -76.25
CA PHE AB 60 -12.10 -81.74 -76.13
C PHE AB 60 -11.27 -83.00 -75.96
N ARG AB 61 -11.65 -83.89 -75.05
CA ARG AB 61 -10.88 -85.12 -74.81
C ARG AB 61 -11.76 -86.33 -75.13
N VAL AB 62 -11.53 -86.95 -76.28
CA VAL AB 62 -12.36 -88.06 -76.74
C VAL AB 62 -11.52 -89.33 -76.71
N LYS AB 63 -12.02 -90.37 -76.04
CA LYS AB 63 -11.24 -91.55 -75.73
C LYS AB 63 -11.92 -92.79 -76.30
N LEU AB 64 -11.10 -93.66 -76.88
CA LEU AB 64 -11.52 -94.92 -77.47
C LEU AB 64 -10.61 -96.03 -76.99
N PHE AB 65 -11.18 -97.06 -76.37
CA PHE AB 65 -10.45 -98.19 -75.84
C PHE AB 65 -10.91 -99.47 -76.52
N VAL AB 66 -9.96 -100.32 -76.88
CA VAL AB 66 -10.25 -101.63 -77.48
C VAL AB 66 -9.45 -102.67 -76.71
N ASN AB 67 -10.13 -103.48 -75.92
CA ASN AB 67 -9.49 -104.47 -75.06
C ASN AB 67 -9.80 -105.85 -75.59
N VAL AB 68 -8.73 -106.62 -75.87
CA VAL AB 68 -8.81 -107.99 -76.36
C VAL AB 68 -8.20 -108.91 -75.31
N PRO AB 69 -8.99 -109.69 -74.59
CA PRO AB 69 -8.40 -110.65 -73.65
C PRO AB 69 -8.15 -111.99 -74.32
N GLU AB 70 -7.14 -112.68 -73.81
CA GLU AB 70 -6.93 -114.09 -74.10
C GLU AB 70 -6.99 -114.85 -72.78
N VAL AB 71 -7.80 -115.90 -72.76
CA VAL AB 71 -8.01 -116.76 -71.59
C VAL AB 71 -6.85 -117.75 -71.48
N ALA AB 72 -6.35 -117.98 -70.26
CA ALA AB 72 -5.33 -118.99 -70.04
C ALA AB 72 -5.98 -120.14 -69.27
N THR AB 73 -5.95 -121.33 -69.86
CA THR AB 73 -6.56 -122.50 -69.23
C THR AB 73 -5.53 -123.28 -68.43
N GLU AB 85 -8.89 -120.02 -66.74
CA GLU AB 85 -9.24 -119.52 -65.41
C GLU AB 85 -8.92 -118.02 -65.24
N ILE AB 86 -7.68 -117.65 -65.48
CA ILE AB 86 -7.28 -116.25 -65.45
C ILE AB 86 -6.84 -115.88 -66.86
N ALA AB 87 -7.03 -114.63 -67.22
CA ALA AB 87 -6.86 -114.19 -68.59
C ALA AB 87 -6.05 -112.91 -68.62
N ARG AB 88 -5.20 -112.75 -69.63
CA ARG AB 88 -4.43 -111.53 -69.76
C ARG AB 88 -4.92 -110.76 -70.98
N THR AB 89 -4.90 -109.44 -70.87
CA THR AB 89 -5.60 -108.59 -71.82
C THR AB 89 -4.60 -107.72 -72.56
N ASN AB 90 -4.57 -107.85 -73.89
CA ASN AB 90 -3.96 -106.83 -74.74
C ASN AB 90 -4.91 -105.65 -74.83
N ARG AB 91 -4.37 -104.44 -74.78
CA ARG AB 91 -5.21 -103.26 -74.83
C ARG AB 91 -4.69 -102.25 -75.83
N ALA AB 92 -5.61 -101.52 -76.44
CA ALA AB 92 -5.31 -100.33 -77.22
C ALA AB 92 -6.09 -99.18 -76.61
N GLN AB 93 -5.42 -98.07 -76.34
CA GLN AB 93 -6.02 -96.93 -75.65
C GLN AB 93 -5.69 -95.66 -76.42
N VAL AB 94 -6.70 -95.02 -77.01
CA VAL AB 94 -6.51 -93.84 -77.84
C VAL AB 94 -7.20 -92.66 -77.17
N GLU AB 95 -6.49 -91.55 -77.09
CA GLU AB 95 -7.04 -90.28 -76.62
C GLU AB 95 -6.77 -89.23 -77.68
N PHE AB 96 -7.85 -88.67 -78.24
CA PHE AB 96 -7.74 -87.54 -79.15
C PHE AB 96 -8.00 -86.26 -78.35
N ILE AB 97 -7.13 -85.28 -78.56
CA ILE AB 97 -7.24 -83.95 -77.98
C ILE AB 97 -7.57 -83.00 -79.11
N LEU AB 98 -8.79 -82.45 -79.09
CA LEU AB 98 -9.32 -81.70 -80.23
C LEU AB 98 -9.74 -80.30 -79.78
N PRO AB 99 -9.08 -79.23 -80.22
CA PRO AB 99 -9.55 -77.88 -79.86
C PRO AB 99 -10.93 -77.59 -80.44
N ALA AB 100 -11.63 -76.66 -79.77
CA ALA AB 100 -13.00 -76.36 -80.13
C ALA AB 100 -13.11 -75.49 -81.37
N GLN AB 101 -12.09 -74.70 -81.70
CA GLN AB 101 -12.17 -73.85 -82.88
C GLN AB 101 -11.80 -74.59 -84.16
N SER AB 102 -11.16 -75.74 -84.08
CA SER AB 102 -10.78 -76.46 -85.28
C SER AB 102 -12.01 -76.88 -86.07
N ALA AB 103 -12.05 -76.49 -87.34
CA ALA AB 103 -13.11 -76.98 -88.22
C ALA AB 103 -13.01 -78.49 -88.38
N ALA AB 104 -14.16 -79.12 -88.63
CA ALA AB 104 -14.20 -80.58 -88.69
C ALA AB 104 -13.28 -81.16 -89.75
N THR AB 105 -12.85 -80.36 -90.73
CA THR AB 105 -11.89 -80.83 -91.73
C THR AB 105 -10.65 -81.40 -91.07
N VAL AB 106 -10.15 -80.68 -90.06
CA VAL AB 106 -8.90 -81.07 -89.41
C VAL AB 106 -9.08 -82.41 -88.71
N ARG AB 107 -10.18 -82.54 -87.95
CA ARG AB 107 -10.39 -83.77 -87.20
C ARG AB 107 -10.58 -84.94 -88.15
N GLU AB 108 -11.28 -84.71 -89.25
CA GLU AB 108 -11.47 -85.77 -90.24
C GLU AB 108 -10.13 -86.28 -90.76
N ASP AB 109 -9.26 -85.39 -91.26
CA ASP AB 109 -7.99 -85.91 -91.79
C ASP AB 109 -7.02 -86.33 -90.68
N LEU AB 110 -7.22 -85.88 -89.44
CA LEU AB 110 -6.40 -86.42 -88.36
C LEU AB 110 -6.72 -87.89 -88.13
N VAL AB 111 -8.02 -88.21 -88.03
CA VAL AB 111 -8.42 -89.61 -87.93
C VAL AB 111 -7.91 -90.39 -89.13
N ALA AB 112 -8.04 -89.82 -90.33
CA ALA AB 112 -7.59 -90.54 -91.52
C ALA AB 112 -6.09 -90.83 -91.45
N LEU AB 113 -5.32 -89.86 -90.94
CA LEU AB 113 -3.89 -90.04 -90.72
C LEU AB 113 -3.61 -91.19 -89.77
N LEU AB 114 -4.35 -91.23 -88.65
CA LEU AB 114 -4.11 -92.27 -87.66
C LEU AB 114 -4.40 -93.65 -88.25
N ALA AB 115 -5.51 -93.75 -88.99
CA ALA AB 115 -5.88 -95.05 -89.56
C ALA AB 115 -4.87 -95.48 -90.62
N SER AB 116 -4.40 -94.54 -91.45
CA SER AB 116 -3.40 -94.88 -92.44
C SER AB 116 -2.07 -95.25 -91.81
N ALA AB 117 -1.75 -94.65 -90.65
CA ALA AB 117 -0.54 -95.02 -89.93
C ALA AB 117 -0.65 -96.43 -89.38
N LEU AB 118 -1.84 -96.79 -88.87
CA LEU AB 118 -2.07 -98.17 -88.45
C LEU AB 118 -2.00 -99.14 -89.63
N ALA AB 119 -2.39 -98.70 -90.82
CA ALA AB 119 -2.36 -99.58 -91.98
C ALA AB 119 -0.96 -99.70 -92.58
N ASP AB 120 -0.11 -98.68 -92.42
CA ASP AB 120 1.22 -98.73 -92.98
C ASP AB 120 2.00 -99.89 -92.39
N THR AB 121 2.74 -100.60 -93.25
CA THR AB 121 3.40 -101.83 -92.80
C THR AB 121 4.51 -101.53 -91.80
N ALA AB 122 5.28 -100.47 -92.04
CA ALA AB 122 6.39 -100.13 -91.15
C ALA AB 122 5.89 -99.81 -89.74
N ILE AB 123 4.86 -98.98 -89.65
CA ILE AB 123 4.30 -98.61 -88.35
C ILE AB 123 3.59 -99.79 -87.72
N LYS AB 124 2.89 -100.60 -88.54
CA LYS AB 124 2.17 -101.75 -87.99
C LYS AB 124 3.13 -102.77 -87.41
N SER AB 125 4.33 -102.89 -87.98
CA SER AB 125 5.34 -103.78 -87.42
C SER AB 125 5.66 -103.40 -85.98
N THR AB 126 5.69 -102.10 -85.71
CA THR AB 126 5.95 -101.59 -84.37
C THR AB 126 5.03 -102.22 -83.33
N ILE AB 127 3.75 -102.33 -83.66
CA ILE AB 127 2.78 -102.87 -82.70
C ILE AB 127 2.79 -104.38 -82.74
N VAL AB 128 2.66 -104.95 -83.94
CA VAL AB 128 2.42 -106.39 -84.07
C VAL AB 128 3.62 -107.18 -83.58
N ASN AB 129 4.82 -106.79 -84.02
CA ASN AB 129 6.06 -107.53 -83.74
C ASN AB 129 6.85 -106.95 -82.59
N VAL AB 130 6.30 -105.95 -81.89
CA VAL AB 130 6.94 -105.21 -80.82
C VAL AB 130 8.42 -104.98 -81.12
N GLU AB 131 8.68 -104.35 -82.28
CA GLU AB 131 10.03 -103.96 -82.69
C GLU AB 131 10.17 -102.45 -82.53
N HIS AB 132 11.34 -102.01 -82.03
CA HIS AB 132 11.69 -100.59 -81.98
C HIS AB 132 12.04 -100.07 -83.37
N PHE AB 133 11.86 -98.77 -83.56
CA PHE AB 133 12.41 -98.14 -84.75
C PHE AB 133 13.93 -98.00 -84.61
N TYR AB 134 14.65 -98.30 -85.69
CA TYR AB 134 16.11 -98.26 -85.67
C TYR AB 134 16.73 -97.78 -86.99
N PRO BB 1 -40.11 -91.01 -71.97
CA PRO BB 1 -39.49 -90.32 -73.10
C PRO BB 1 -38.09 -90.84 -73.36
N ALA BB 2 -37.97 -91.80 -74.29
CA ALA BB 2 -36.65 -92.25 -74.68
C ALA BB 2 -35.91 -91.12 -75.38
N LEU BB 3 -34.59 -91.13 -75.25
CA LEU BB 3 -33.76 -90.09 -75.83
C LEU BB 3 -33.77 -90.23 -77.35
N LYS BB 4 -34.15 -89.16 -78.04
CA LYS BB 4 -34.40 -89.14 -79.48
C LYS BB 4 -34.13 -87.73 -79.97
N PRO BB 5 -33.58 -87.57 -81.18
CA PRO BB 5 -33.50 -86.23 -81.76
C PRO BB 5 -34.90 -85.66 -81.92
N ILE BB 6 -35.09 -84.45 -81.41
CA ILE BB 6 -36.40 -83.84 -81.43
C ILE BB 6 -36.34 -82.63 -82.35
N THR BB 7 -37.37 -82.46 -83.17
CA THR BB 7 -37.45 -81.36 -84.13
C THR BB 7 -38.34 -80.28 -83.55
N LEU BB 8 -37.85 -79.04 -83.53
CA LEU BB 8 -38.59 -77.90 -83.04
C LEU BB 8 -38.68 -76.86 -84.14
N THR BB 9 -39.79 -76.14 -84.17
CA THR BB 9 -40.04 -75.15 -85.22
C THR BB 9 -39.61 -73.76 -84.74
N ASP BB 10 -38.91 -73.01 -85.60
CA ASP BB 10 -38.42 -71.69 -85.22
C ASP BB 10 -39.46 -70.63 -85.57
N HIS BB 11 -39.03 -69.37 -85.67
CA HIS BB 11 -39.98 -68.31 -85.94
C HIS BB 11 -40.58 -68.41 -87.34
N SER BB 12 -39.77 -68.78 -88.32
CA SER BB 12 -40.25 -68.94 -89.68
C SER BB 12 -41.00 -70.25 -89.92
N SER BB 13 -41.26 -71.01 -88.85
CA SER BB 13 -41.86 -72.35 -88.85
C SER BB 13 -40.95 -73.41 -89.48
N ALA BB 14 -39.73 -73.04 -89.87
CA ALA BB 14 -38.77 -74.03 -90.36
C ALA BB 14 -38.36 -74.99 -89.25
N ASP BB 15 -38.09 -76.22 -89.63
CA ASP BB 15 -37.69 -77.22 -88.65
C ASP BB 15 -36.24 -76.99 -88.21
N VAL BB 16 -35.96 -77.39 -86.97
CA VAL BB 16 -34.66 -77.26 -86.33
C VAL BB 16 -34.44 -78.52 -85.51
N ILE BB 17 -33.51 -79.35 -85.94
CA ILE BB 17 -33.33 -80.67 -85.36
C ILE BB 17 -32.30 -80.59 -84.24
N PHE BB 18 -32.71 -80.96 -83.03
CA PHE BB 18 -31.81 -81.05 -81.88
C PHE BB 18 -31.45 -82.51 -81.66
N THR BB 19 -30.16 -82.82 -81.81
CA THR BB 19 -29.67 -84.17 -81.57
C THR BB 19 -29.29 -84.31 -80.10
N PRO BB 20 -29.57 -85.46 -79.50
CA PRO BB 20 -29.20 -85.67 -78.09
C PRO BB 20 -27.69 -85.65 -77.92
N THR BB 21 -27.23 -84.88 -76.94
CA THR BB 21 -25.82 -84.75 -76.64
C THR BB 21 -25.38 -85.63 -75.48
N GLN BB 22 -26.04 -85.55 -74.34
CA GLN BB 22 -25.46 -86.10 -73.12
C GLN BB 22 -26.55 -86.21 -72.06
N ILE BB 23 -26.40 -87.21 -71.19
CA ILE BB 23 -27.23 -87.32 -70.00
C ILE BB 23 -26.32 -87.07 -68.79
N ASP BB 24 -26.65 -86.02 -68.04
CA ASP BB 24 -25.75 -85.50 -67.01
C ASP BB 24 -25.62 -86.46 -65.84
N LYS BB 25 -24.68 -86.16 -64.95
CA LYS BB 25 -24.57 -86.90 -63.69
C LYS BB 25 -25.74 -86.59 -62.77
N ASN BB 26 -26.36 -85.43 -62.93
CA ASN BB 26 -27.49 -85.03 -62.11
C ASN BB 26 -28.83 -85.38 -62.72
N GLY BB 27 -28.83 -85.99 -63.91
CA GLY BB 27 -30.04 -86.33 -64.60
C GLY BB 27 -30.40 -85.40 -65.73
N VAL BB 28 -29.61 -84.35 -65.95
CA VAL BB 28 -29.91 -83.38 -67.00
C VAL BB 28 -29.65 -84.01 -68.36
N ALA BB 29 -30.60 -83.87 -69.26
CA ALA BB 29 -30.48 -84.36 -70.63
C ALA BB 29 -30.35 -83.16 -71.56
N TYR BB 30 -29.34 -83.20 -72.43
CA TYR BB 30 -29.01 -82.07 -73.30
C TYR BB 30 -29.24 -82.44 -74.76
N PHE BB 31 -29.96 -81.58 -75.48
CA PHE BB 31 -30.11 -81.67 -76.93
C PHE BB 31 -29.49 -80.44 -77.56
N ARG BB 32 -28.68 -80.63 -78.59
CA ARG BB 32 -27.97 -79.53 -79.20
C ARG BB 32 -28.25 -79.44 -80.70
N HIS BB 33 -28.14 -78.21 -81.20
CA HIS BB 33 -28.18 -77.90 -82.62
C HIS BB 33 -27.04 -76.93 -82.89
N LEU BB 34 -26.11 -77.34 -83.76
CA LEU BB 34 -24.89 -76.56 -83.95
C LEU BB 34 -25.18 -75.26 -84.71
N GLN BB 35 -24.23 -74.33 -84.61
CA GLN BB 35 -24.38 -73.03 -85.24
C GLN BB 35 -24.18 -73.14 -86.74
N ALA BB 36 -24.25 -71.99 -87.42
CA ALA BB 36 -24.04 -71.96 -88.87
C ALA BB 36 -22.68 -72.55 -89.23
N ASN BB 37 -21.62 -72.06 -88.59
CA ASN BB 37 -20.30 -72.67 -88.77
C ASN BB 37 -20.26 -74.05 -88.12
N GLY BB 38 -19.50 -74.94 -88.75
CA GLY BB 38 -19.36 -76.29 -88.22
C GLY BB 38 -18.69 -76.36 -86.86
N LYS BB 39 -18.20 -75.24 -86.36
CA LYS BB 39 -17.44 -75.22 -85.12
C LYS BB 39 -18.38 -75.34 -83.92
N PRO BB 40 -18.22 -76.36 -83.07
CA PRO BB 40 -19.13 -76.58 -81.92
C PRO BB 40 -18.66 -75.84 -80.68
N ILE BB 41 -18.74 -74.51 -80.72
CA ILE BB 41 -18.37 -73.68 -79.59
C ILE BB 41 -19.61 -73.12 -78.90
N GLY BB 42 -20.43 -72.36 -79.62
CA GLY BB 42 -21.73 -71.95 -79.15
C GLY BB 42 -22.77 -72.71 -79.96
N ALA BB 43 -23.78 -73.23 -79.27
CA ALA BB 43 -24.73 -74.10 -79.91
C ALA BB 43 -26.07 -73.95 -79.23
N TYR BB 44 -27.14 -74.03 -80.02
CA TYR BB 44 -28.48 -73.98 -79.45
C TYR BB 44 -28.72 -75.22 -78.61
N THR BB 45 -29.22 -75.05 -77.39
CA THR BB 45 -29.35 -76.16 -76.47
C THR BB 45 -30.73 -76.21 -75.84
N VAL BB 46 -31.14 -77.43 -75.50
CA VAL BB 46 -32.38 -77.68 -74.77
C VAL BB 46 -32.06 -78.68 -73.66
N SER BB 47 -32.24 -78.24 -72.42
CA SER BB 47 -31.96 -79.05 -71.24
C SER BB 47 -33.26 -79.50 -70.60
N SER BB 48 -33.34 -80.76 -70.22
CA SER BB 48 -34.51 -81.28 -69.52
C SER BB 48 -34.06 -82.07 -68.31
N HIS BB 49 -34.62 -81.73 -67.14
CA HIS BB 49 -34.28 -82.45 -65.92
C HIS BB 49 -35.49 -82.50 -65.00
N VAL BB 50 -35.84 -83.69 -64.55
CA VAL BB 50 -36.91 -83.84 -63.57
C VAL BB 50 -36.31 -84.28 -62.25
N LYS BB 51 -36.76 -83.66 -61.17
CA LYS BB 51 -36.27 -83.92 -59.83
C LYS BB 51 -37.41 -84.55 -59.03
N GLU BB 52 -37.21 -85.80 -58.64
CA GLU BB 52 -38.15 -86.53 -57.80
C GLU BB 52 -38.28 -85.84 -56.45
N PRO BB 53 -39.31 -86.16 -55.67
CA PRO BB 53 -39.48 -85.54 -54.36
C PRO BB 53 -38.75 -86.30 -53.25
N GLY BB 54 -38.23 -85.56 -52.30
CA GLY BB 54 -37.51 -86.12 -51.18
C GLY BB 54 -38.36 -86.16 -49.92
N THR BB 55 -38.41 -87.33 -49.29
CA THR BB 55 -39.21 -87.54 -48.07
C THR BB 55 -40.67 -87.23 -48.35
N ASN BB 56 -41.15 -87.67 -49.51
CA ASN BB 56 -42.55 -87.50 -49.93
C ASN BB 56 -42.99 -86.04 -49.86
N GLY BB 57 -42.03 -85.12 -50.00
CA GLY BB 57 -42.42 -83.74 -50.24
C GLY BB 57 -43.25 -83.65 -51.49
N ASP BB 58 -44.37 -82.94 -51.40
CA ASP BB 58 -45.38 -82.99 -52.47
C ASP BB 58 -44.82 -82.62 -53.84
N VAL BB 59 -43.70 -81.91 -53.90
CA VAL BB 59 -43.25 -81.25 -55.14
C VAL BB 59 -42.41 -82.18 -56.00
N PHE BB 60 -42.71 -82.18 -57.29
CA PHE BB 60 -41.83 -82.64 -58.36
C PHE BB 60 -41.32 -81.40 -59.07
N ARG BB 61 -40.00 -81.34 -59.30
CA ARG BB 61 -39.40 -80.14 -59.90
C ARG BB 61 -38.90 -80.49 -61.30
N VAL BB 62 -39.68 -80.15 -62.32
CA VAL BB 62 -39.37 -80.54 -63.69
C VAL BB 62 -39.00 -79.28 -64.47
N LYS BB 63 -37.81 -79.28 -65.06
CA LYS BB 63 -37.21 -78.07 -65.60
C LYS BB 63 -36.87 -78.27 -67.08
N LEU BB 64 -37.11 -77.20 -67.84
CA LEU BB 64 -36.87 -77.16 -69.28
C LEU BB 64 -36.15 -75.85 -69.61
N PHE BB 65 -35.00 -75.95 -70.24
CA PHE BB 65 -34.17 -74.80 -70.59
C PHE BB 65 -33.98 -74.77 -72.10
N VAL BB 66 -34.08 -73.59 -72.69
CA VAL BB 66 -33.84 -73.37 -74.12
C VAL BB 66 -32.87 -72.21 -74.25
N ASN BB 67 -31.64 -72.50 -74.63
CA ASN BB 67 -30.58 -71.50 -74.72
C ASN BB 67 -30.23 -71.27 -76.19
N VAL BB 68 -30.35 -70.02 -76.62
CA VAL BB 68 -30.06 -69.59 -77.98
C VAL BB 68 -28.86 -68.65 -77.93
N PRO BB 69 -27.66 -69.15 -78.23
CA PRO BB 69 -26.48 -68.28 -78.28
C PRO BB 69 -26.29 -67.62 -79.64
N GLU BB 70 -25.89 -66.36 -79.60
CA GLU BB 70 -25.42 -65.61 -80.75
C GLU BB 70 -23.90 -65.55 -80.68
N VAL BB 71 -23.25 -66.01 -81.75
CA VAL BB 71 -21.81 -66.23 -81.81
C VAL BB 71 -21.19 -65.17 -82.72
N ALA BB 72 -19.89 -64.92 -82.52
CA ALA BB 72 -19.13 -63.96 -83.32
C ALA BB 72 -17.82 -64.60 -83.73
N THR BB 73 -17.51 -64.51 -85.02
CA THR BB 73 -16.23 -64.99 -85.56
C THR BB 73 -15.25 -63.82 -85.60
N ILE BB 74 -14.28 -63.82 -84.70
CA ILE BB 74 -13.32 -62.73 -84.57
C ILE BB 74 -11.97 -63.22 -85.11
N THR BB 75 -11.42 -62.48 -86.06
CA THR BB 75 -10.07 -62.75 -86.54
C THR BB 75 -9.18 -61.57 -86.18
N PRO BB 76 -8.13 -61.78 -85.38
CA PRO BB 76 -7.32 -60.64 -84.92
C PRO BB 76 -6.57 -59.94 -86.04
N ASN BB 77 -5.88 -58.85 -85.70
CA ASN BB 77 -5.23 -58.03 -86.71
C ASN BB 77 -3.99 -58.74 -87.27
N GLY BB 78 -3.91 -58.81 -88.60
CA GLY BB 78 -2.75 -59.39 -89.26
C GLY BB 78 -2.52 -60.85 -88.95
N SER BB 79 -3.58 -61.61 -88.68
CA SER BB 79 -3.48 -63.00 -88.31
C SER BB 79 -4.15 -63.88 -89.35
N ASP BB 80 -3.52 -65.01 -89.68
CA ASP BB 80 -4.05 -65.91 -90.69
C ASP BB 80 -5.39 -66.50 -90.25
N THR BB 81 -5.50 -66.90 -88.99
CA THR BB 81 -6.58 -67.74 -88.53
C THR BB 81 -7.58 -66.96 -87.68
N SER BB 82 -8.86 -67.28 -87.85
CA SER BB 82 -9.94 -66.70 -87.08
C SER BB 82 -10.38 -67.67 -85.99
N SER BB 83 -10.81 -67.12 -84.87
CA SER BB 83 -11.37 -67.93 -83.79
C SER BB 83 -12.78 -67.46 -83.50
N VAL BB 84 -13.58 -68.35 -82.96
CA VAL BB 84 -14.99 -68.07 -82.71
C VAL BB 84 -15.19 -67.83 -81.22
N GLU BB 85 -16.21 -67.03 -80.88
CA GLU BB 85 -16.41 -66.55 -79.53
C GLU BB 85 -17.89 -66.39 -79.26
N ILE BB 86 -18.31 -66.66 -78.03
CA ILE BB 86 -19.72 -66.56 -77.67
C ILE BB 86 -20.04 -65.10 -77.38
N ALA BB 87 -20.79 -64.48 -78.29
CA ALA BB 87 -21.08 -63.05 -78.16
C ALA BB 87 -22.10 -62.78 -77.06
N ARG BB 88 -23.27 -63.39 -77.16
CA ARG BB 88 -24.26 -63.27 -76.09
C ARG BB 88 -25.23 -64.44 -76.21
N THR BB 89 -26.13 -64.54 -75.24
CA THR BB 89 -27.08 -65.65 -75.24
C THR BB 89 -28.45 -65.16 -74.79
N ASN BB 90 -29.48 -65.53 -75.54
CA ASN BB 90 -30.86 -65.43 -75.07
C ASN BB 90 -31.24 -66.75 -74.43
N ARG BB 91 -31.97 -66.68 -73.31
CA ARG BB 91 -32.32 -67.90 -72.59
C ARG BB 91 -33.79 -67.87 -72.21
N ALA BB 92 -34.39 -69.05 -72.21
CA ALA BB 92 -35.71 -69.27 -71.63
C ALA BB 92 -35.57 -70.40 -70.62
N GLN BB 93 -36.04 -70.17 -69.40
CA GLN BB 93 -35.87 -71.14 -68.32
C GLN BB 93 -37.23 -71.37 -67.68
N VAL BB 94 -37.69 -72.62 -67.69
CA VAL BB 94 -39.02 -72.99 -67.22
C VAL BB 94 -38.87 -74.02 -66.11
N GLU BB 95 -39.54 -73.77 -65.00
CA GLU BB 95 -39.62 -74.71 -63.89
C GLU BB 95 -41.09 -74.96 -63.59
N PHE BB 96 -41.53 -76.21 -63.74
CA PHE BB 96 -42.85 -76.62 -63.28
C PHE BB 96 -42.69 -77.28 -61.91
N ILE BB 97 -43.50 -76.81 -60.96
CA ILE BB 97 -43.63 -77.40 -59.64
C ILE BB 97 -44.95 -78.17 -59.64
N LEU BB 98 -44.87 -79.48 -59.55
CA LEU BB 98 -46.05 -80.34 -59.71
C LEU BB 98 -46.26 -81.15 -58.44
N PRO BB 99 -47.37 -80.95 -57.71
CA PRO BB 99 -47.59 -81.76 -56.51
C PRO BB 99 -47.78 -83.23 -56.85
N ALA BB 100 -47.27 -84.09 -55.97
CA ALA BB 100 -47.25 -85.53 -56.19
C ALA BB 100 -48.62 -86.18 -56.08
N GLN BB 101 -49.68 -85.40 -55.83
CA GLN BB 101 -51.01 -85.97 -55.68
C GLN BB 101 -52.00 -85.48 -56.72
N SER BB 102 -51.68 -84.46 -57.51
CA SER BB 102 -52.55 -84.10 -58.61
C SER BB 102 -52.43 -85.11 -59.73
N ALA BB 103 -53.56 -85.47 -60.34
CA ALA BB 103 -53.55 -86.42 -61.44
C ALA BB 103 -53.07 -85.76 -62.72
N ALA BB 104 -52.81 -86.58 -63.73
CA ALA BB 104 -52.20 -86.07 -64.96
C ALA BB 104 -53.04 -85.02 -65.66
N THR BB 105 -54.36 -84.99 -65.41
CA THR BB 105 -55.23 -84.00 -66.05
C THR BB 105 -54.77 -82.59 -65.74
N VAL BB 106 -54.45 -82.35 -64.47
CA VAL BB 106 -54.05 -81.02 -64.02
C VAL BB 106 -52.76 -80.60 -64.72
N ARG BB 107 -51.79 -81.50 -64.81
CA ARG BB 107 -50.54 -81.13 -65.45
C ARG BB 107 -50.74 -80.91 -66.95
N GLU BB 108 -51.62 -81.70 -67.57
CA GLU BB 108 -51.88 -81.52 -68.99
C GLU BB 108 -52.46 -80.14 -69.27
N ASP BB 109 -53.49 -79.74 -68.52
CA ASP BB 109 -54.05 -78.43 -68.85
C ASP BB 109 -53.19 -77.28 -68.32
N LEU BB 110 -52.28 -77.52 -67.37
CA LEU BB 110 -51.28 -76.51 -67.03
C LEU BB 110 -50.35 -76.25 -68.20
N VAL BB 111 -49.82 -77.33 -68.79
CA VAL BB 111 -48.96 -77.18 -69.96
C VAL BB 111 -49.70 -76.48 -71.09
N ALA BB 112 -50.97 -76.86 -71.30
CA ALA BB 112 -51.76 -76.22 -72.37
C ALA BB 112 -51.95 -74.73 -72.09
N LEU BB 113 -52.20 -74.37 -70.84
CA LEU BB 113 -52.32 -72.96 -70.48
C LEU BB 113 -51.03 -72.21 -70.76
N LEU BB 114 -49.89 -72.81 -70.42
CA LEU BB 114 -48.61 -72.14 -70.66
C LEU BB 114 -48.36 -71.94 -72.15
N ALA BB 115 -48.62 -72.98 -72.95
CA ALA BB 115 -48.39 -72.86 -74.39
C ALA BB 115 -49.34 -71.84 -75.02
N SER BB 116 -50.60 -71.83 -74.60
CA SER BB 116 -51.53 -70.83 -75.13
C SER BB 116 -51.17 -69.43 -74.67
N ALA BB 117 -50.59 -69.29 -73.47
CA ALA BB 117 -50.11 -67.99 -73.04
C ALA BB 117 -48.95 -67.52 -73.91
N LEU BB 118 -48.04 -68.44 -74.25
CA LEU BB 118 -46.96 -68.09 -75.17
C LEU BB 118 -47.49 -67.73 -76.54
N ALA BB 119 -48.60 -68.33 -76.95
CA ALA BB 119 -49.16 -68.05 -78.28
C ALA BB 119 -49.94 -66.74 -78.30
N ASP BB 120 -50.58 -66.35 -77.20
CA ASP BB 120 -51.35 -65.11 -77.17
C ASP BB 120 -50.48 -63.93 -77.55
N THR BB 121 -51.04 -63.03 -78.35
CA THR BB 121 -50.26 -61.91 -78.88
C THR BB 121 -49.88 -60.92 -77.79
N ALA BB 122 -50.80 -60.64 -76.86
CA ALA BB 122 -50.53 -59.70 -75.78
C ALA BB 122 -49.41 -60.21 -74.89
N ILE BB 123 -49.50 -61.47 -74.46
CA ILE BB 123 -48.45 -62.07 -73.65
C ILE BB 123 -47.17 -62.20 -74.45
N LYS BB 124 -47.28 -62.43 -75.77
CA LYS BB 124 -46.10 -62.64 -76.58
C LYS BB 124 -45.28 -61.36 -76.69
N SER BB 125 -45.94 -60.23 -76.95
CA SER BB 125 -45.22 -58.96 -77.06
C SER BB 125 -44.45 -58.64 -75.79
N THR BB 126 -44.94 -59.10 -74.64
CA THR BB 126 -44.18 -58.99 -73.39
C THR BB 126 -42.76 -59.52 -73.56
N ILE BB 127 -42.65 -60.72 -74.11
CA ILE BB 127 -41.34 -61.34 -74.28
C ILE BB 127 -40.61 -60.75 -75.47
N VAL BB 128 -41.25 -60.82 -76.63
CA VAL BB 128 -40.60 -60.52 -77.90
C VAL BB 128 -40.22 -59.05 -77.97
N ASN BB 129 -41.13 -58.15 -77.59
CA ASN BB 129 -40.99 -56.72 -77.80
C ASN BB 129 -40.51 -55.97 -76.57
N VAL BB 130 -40.37 -56.65 -75.43
CA VAL BB 130 -39.87 -56.06 -74.19
C VAL BB 130 -40.71 -54.84 -73.85
N GLU BB 131 -42.02 -55.03 -73.87
CA GLU BB 131 -43.00 -54.05 -73.46
C GLU BB 131 -43.62 -54.51 -72.15
N HIS BB 132 -43.83 -53.57 -71.24
CA HIS BB 132 -44.56 -53.81 -70.01
C HIS BB 132 -46.05 -53.91 -70.29
N PHE BB 133 -46.75 -54.63 -69.42
CA PHE BB 133 -48.20 -54.59 -69.42
C PHE BB 133 -48.69 -53.30 -68.79
N TYR BB 134 -49.76 -52.74 -69.36
CA TYR BB 134 -50.31 -51.49 -68.87
C TYR BB 134 -51.83 -51.35 -69.14
N PRO CB 1 94.38 4.83 -70.10
CA PRO CB 1 95.21 6.04 -70.12
C PRO CB 1 96.19 6.02 -68.96
N ALA CB 2 97.48 5.93 -69.31
CA ALA CB 2 98.55 6.02 -68.33
C ALA CB 2 98.39 7.29 -67.50
N LEU CB 3 98.39 7.13 -66.18
CA LEU CB 3 98.18 8.25 -65.26
C LEU CB 3 99.23 9.32 -65.51
N LYS CB 4 98.77 10.52 -65.87
CA LYS CB 4 99.62 11.63 -66.24
C LYS CB 4 98.96 12.91 -65.75
N PRO CB 5 99.74 13.89 -65.29
CA PRO CB 5 99.16 15.18 -64.92
C PRO CB 5 98.50 15.82 -66.12
N ILE CB 6 97.30 16.32 -65.93
CA ILE CB 6 96.51 16.83 -67.04
C ILE CB 6 96.26 18.31 -66.80
N THR CB 7 96.18 19.07 -67.89
CA THR CB 7 95.98 20.51 -67.83
C THR CB 7 94.58 20.85 -68.31
N LEU CB 8 93.84 21.60 -67.50
CA LEU CB 8 92.47 22.02 -67.79
C LEU CB 8 92.38 23.53 -67.73
N THR CB 9 91.47 24.10 -68.52
CA THR CB 9 91.30 25.55 -68.57
C THR CB 9 90.20 26.02 -67.62
N ASP CB 10 90.49 27.11 -66.89
CA ASP CB 10 89.53 27.68 -65.95
C ASP CB 10 88.61 28.66 -66.69
N HIS CB 11 87.96 29.56 -65.95
CA HIS CB 11 87.04 30.47 -66.62
C HIS CB 11 87.75 31.44 -67.53
N SER CB 12 88.91 31.93 -67.11
CA SER CB 12 89.70 32.86 -67.90
C SER CB 12 90.51 32.16 -68.99
N SER CB 13 90.22 30.89 -69.26
CA SER CB 13 90.92 30.03 -70.21
C SER CB 13 92.41 29.88 -69.88
N ALA CB 14 92.82 30.27 -68.68
CA ALA CB 14 94.18 30.02 -68.23
C ALA CB 14 94.36 28.54 -67.91
N ASP CB 15 95.61 28.09 -67.93
CA ASP CB 15 95.90 26.69 -67.65
C ASP CB 15 95.86 26.42 -66.16
N VAL CB 16 95.45 25.20 -65.82
CA VAL CB 16 95.34 24.73 -64.44
C VAL CB 16 95.80 23.28 -64.44
N ILE CB 17 96.93 23.00 -63.81
CA ILE CB 17 97.59 21.71 -63.91
C ILE CB 17 97.19 20.86 -62.72
N PHE CB 18 96.53 19.73 -62.99
CA PHE CB 18 96.18 18.75 -61.98
C PHE CB 18 97.20 17.61 -62.01
N THR CB 19 97.91 17.43 -60.90
CA THR CB 19 98.88 16.35 -60.78
C THR CB 19 98.21 15.11 -60.20
N PRO CB 20 98.57 13.93 -60.66
CA PRO CB 20 97.99 12.71 -60.08
C PRO CB 20 98.43 12.56 -58.63
N THR CB 21 97.47 12.21 -57.78
CA THR CB 21 97.71 12.01 -56.35
C THR CB 21 97.69 10.54 -55.96
N GLN CB 22 96.68 9.80 -56.39
CA GLN CB 22 96.43 8.48 -55.82
C GLN CB 22 95.55 7.66 -56.75
N ILE CB 23 95.77 6.35 -56.75
CA ILE CB 23 94.85 5.40 -57.35
C ILE CB 23 94.25 4.59 -56.20
N ASP CB 24 92.92 4.63 -56.10
CA ASP CB 24 92.22 4.16 -54.91
C ASP CB 24 92.20 2.63 -54.85
N LYS CB 25 91.73 2.11 -53.72
CA LYS CB 25 91.50 0.67 -53.60
C LYS CB 25 90.37 0.22 -54.51
N ASN CB 26 89.41 1.11 -54.78
CA ASN CB 26 88.25 0.80 -55.59
C ASN CB 26 88.46 1.10 -57.07
N GLY CB 27 89.64 1.58 -57.44
CA GLY CB 27 89.91 1.96 -58.81
C GLY CB 27 89.74 3.43 -59.09
N VAL CB 28 89.50 4.25 -58.07
CA VAL CB 28 89.32 5.68 -58.26
C VAL CB 28 90.69 6.33 -58.42
N ALA CB 29 90.83 7.17 -59.44
CA ALA CB 29 92.05 7.91 -59.69
C ALA CB 29 91.81 9.38 -59.40
N TYR CB 30 92.70 9.99 -58.63
CA TYR CB 30 92.54 11.35 -58.13
C TYR CB 30 93.63 12.25 -58.69
N PHE CB 31 93.23 13.37 -59.29
CA PHE CB 31 94.14 14.44 -59.66
C PHE CB 31 93.85 15.66 -58.80
N ARG CB 32 94.89 16.30 -58.28
CA ARG CB 32 94.72 17.44 -57.40
C ARG CB 32 95.48 18.64 -57.91
N HIS CB 33 94.95 19.81 -57.56
CA HIS CB 33 95.58 21.10 -57.79
C HIS CB 33 95.43 21.88 -56.49
N LEU CB 34 96.55 22.25 -55.88
CA LEU CB 34 96.54 22.87 -54.56
C LEU CB 34 95.96 24.28 -54.62
N GLN CB 35 95.54 24.78 -53.47
CA GLN CB 35 94.97 26.12 -53.39
C GLN CB 35 96.06 27.17 -53.52
N ALA CB 36 95.64 28.43 -53.38
CA ALA CB 36 96.58 29.55 -53.40
C ALA CB 36 97.68 29.36 -52.37
N ASN CB 37 97.30 29.11 -51.12
CA ASN CB 37 98.28 28.77 -50.09
C ASN CB 37 98.92 27.42 -50.40
N GLY CB 38 100.16 27.27 -49.96
CA GLY CB 38 100.89 26.02 -50.19
C GLY CB 38 100.33 24.86 -49.41
N LYS CB 39 99.36 25.14 -48.56
CA LYS CB 39 98.75 24.15 -47.68
C LYS CB 39 97.74 23.31 -48.46
N PRO CB 40 97.75 21.99 -48.26
CA PRO CB 40 96.91 21.09 -49.07
C PRO CB 40 95.53 20.78 -48.51
N ILE CB 41 95.07 21.50 -47.49
CA ILE CB 41 93.91 21.03 -46.73
C ILE CB 41 92.65 21.05 -47.60
N GLY CB 42 92.47 22.10 -48.40
CA GLY CB 42 91.41 22.10 -49.39
C GLY CB 42 92.07 22.23 -50.75
N ALA CB 43 91.61 21.45 -51.74
CA ALA CB 43 92.27 21.49 -53.03
C ALA CB 43 91.31 21.07 -54.12
N TYR CB 44 91.51 21.63 -55.31
CA TYR CB 44 90.70 21.25 -56.45
C TYR CB 44 91.01 19.82 -56.85
N THR CB 45 89.97 19.03 -57.10
CA THR CB 45 90.16 17.61 -57.37
C THR CB 45 89.37 17.16 -58.58
N VAL CB 46 89.91 16.15 -59.26
CA VAL CB 46 89.24 15.48 -60.36
C VAL CB 46 89.36 13.98 -60.13
N SER CB 47 88.21 13.32 -59.99
CA SER CB 47 88.15 11.89 -59.72
C SER CB 47 87.64 11.15 -60.95
N SER CB 48 88.29 10.05 -61.29
CA SER CB 48 87.84 9.22 -62.41
C SER CB 48 87.80 7.77 -61.99
N HIS CB 49 86.65 7.14 -62.14
CA HIS CB 49 86.52 5.72 -61.83
C HIS CB 49 85.56 5.07 -62.81
N VAL CB 50 85.98 3.99 -63.44
CA VAL CB 50 85.11 3.26 -64.34
C VAL CB 50 84.87 1.88 -63.76
N LYS CB 51 83.60 1.49 -63.69
CA LYS CB 51 83.16 0.23 -63.11
C LYS CB 51 82.70 -0.68 -64.24
N GLU CB 52 83.47 -1.76 -64.46
CA GLU CB 52 83.13 -2.72 -65.48
C GLU CB 52 81.91 -3.53 -65.07
N PRO CB 53 81.16 -4.08 -66.02
CA PRO CB 53 79.94 -4.82 -65.68
C PRO CB 53 80.23 -6.21 -65.16
N GLY CB 54 79.25 -6.76 -64.46
CA GLY CB 54 79.36 -8.10 -63.89
C GLY CB 54 78.20 -8.97 -64.28
N THR CB 55 78.48 -10.27 -64.38
CA THR CB 55 77.49 -11.25 -64.84
C THR CB 55 76.92 -10.82 -66.20
N ASN CB 56 77.83 -10.58 -67.14
CA ASN CB 56 77.48 -10.05 -68.46
C ASN CB 56 76.57 -8.83 -68.35
N GLY CB 57 76.82 -8.01 -67.32
CA GLY CB 57 76.02 -6.81 -67.15
C GLY CB 57 76.08 -5.94 -68.40
N ASP CB 58 74.94 -5.39 -68.78
CA ASP CB 58 74.89 -4.60 -70.00
C ASP CB 58 75.70 -3.32 -69.89
N VAL CB 59 76.04 -2.88 -68.68
CA VAL CB 59 76.39 -1.49 -68.43
C VAL CB 59 77.79 -1.37 -67.83
N PHE CB 60 78.63 -0.58 -68.48
CA PHE CB 60 79.75 0.11 -67.85
C PHE CB 60 79.24 1.35 -67.14
N ARG CB 61 79.78 1.64 -65.97
CA ARG CB 61 79.43 2.87 -65.24
C ARG CB 61 80.69 3.70 -65.02
N VAL CB 62 80.85 4.77 -65.79
CA VAL CB 62 82.08 5.55 -65.82
C VAL CB 62 81.79 6.91 -65.20
N LYS CB 63 82.56 7.27 -64.17
CA LYS CB 63 82.25 8.43 -63.34
C LYS CB 63 83.40 9.42 -63.33
N LEU CB 64 83.05 10.69 -63.46
CA LEU CB 64 83.97 11.82 -63.48
C LEU CB 64 83.48 12.87 -62.48
N PHE CB 65 84.34 13.23 -61.54
CA PHE CB 65 84.01 14.20 -60.50
C PHE CB 65 84.97 15.37 -60.57
N VAL CB 66 84.44 16.59 -60.44
CA VAL CB 66 85.22 17.81 -60.43
C VAL CB 66 84.80 18.61 -59.21
N ASN CB 67 85.67 18.67 -58.21
CA ASN CB 67 85.37 19.33 -56.94
C ASN CB 67 86.20 20.60 -56.81
N VAL CB 68 85.52 21.72 -56.57
CA VAL CB 68 86.13 23.03 -56.45
C VAL CB 68 85.81 23.57 -55.06
N PRO CB 69 86.72 23.45 -54.11
CA PRO CB 69 86.49 24.04 -52.78
C PRO CB 69 86.94 25.50 -52.71
N GLU CB 70 86.17 26.26 -51.94
CA GLU CB 70 86.58 27.58 -51.45
C GLU CB 70 86.99 27.39 -50.00
N VAL CB 71 88.26 27.71 -49.71
CA VAL CB 71 88.82 27.62 -48.38
C VAL CB 71 88.84 29.01 -47.75
N ALA CB 72 88.85 29.05 -46.42
CA ALA CB 72 88.94 30.31 -45.68
C ALA CB 72 90.05 30.21 -44.65
N THR CB 73 90.79 31.30 -44.51
CA THR CB 73 91.92 31.37 -43.59
C THR CB 73 91.44 31.97 -42.28
N ILE CB 74 91.32 31.13 -41.25
CA ILE CB 74 90.86 31.57 -39.94
C ILE CB 74 92.08 31.77 -39.06
N THR CB 75 92.22 32.97 -38.50
CA THR CB 75 93.31 33.27 -37.58
C THR CB 75 92.68 33.79 -36.28
N PRO CB 76 92.90 33.10 -35.15
CA PRO CB 76 92.24 33.52 -33.91
C PRO CB 76 92.68 34.90 -33.46
N ASN CB 77 91.93 35.47 -32.52
CA ASN CB 77 92.10 36.86 -32.14
C ASN CB 77 93.47 37.08 -31.51
N GLY CB 78 94.26 37.94 -32.13
CA GLY CB 78 95.58 38.28 -31.62
C GLY CB 78 96.58 37.15 -31.69
N SER CB 79 96.53 36.34 -32.73
CA SER CB 79 97.38 35.15 -32.85
C SER CB 79 98.41 35.35 -33.95
N ASP CB 80 99.55 34.69 -33.79
CA ASP CB 80 100.62 34.78 -34.78
C ASP CB 80 100.26 34.00 -36.04
N THR CB 81 99.87 32.73 -35.88
CA THR CB 81 99.68 31.84 -37.01
C THR CB 81 98.19 31.59 -37.28
N SER CB 82 97.89 31.33 -38.54
CA SER CB 82 96.53 31.08 -39.01
C SER CB 82 96.40 29.65 -39.50
N SER CB 83 95.20 29.11 -39.35
CA SER CB 83 94.87 27.78 -39.83
C SER CB 83 93.83 27.87 -40.94
N VAL CB 84 93.87 26.92 -41.87
CA VAL CB 84 92.99 26.96 -43.03
C VAL CB 84 91.85 25.96 -42.84
N GLU CB 85 90.64 26.36 -43.23
CA GLU CB 85 89.44 25.57 -43.05
C GLU CB 85 88.68 25.52 -44.37
N ILE CB 86 87.99 24.41 -44.62
CA ILE CB 86 87.23 24.26 -45.86
C ILE CB 86 85.90 24.97 -45.69
N ALA CB 87 85.78 26.13 -46.34
CA ALA CB 87 84.57 26.95 -46.17
C ALA CB 87 83.37 26.32 -46.83
N ARG CB 88 83.45 26.09 -48.14
CA ARG CB 88 82.38 25.40 -48.85
C ARG CB 88 82.95 24.80 -50.12
N THR CB 89 82.15 23.98 -50.80
CA THR CB 89 82.63 23.31 -52.00
C THR CB 89 81.55 23.32 -53.07
N ASN CB 90 81.91 23.71 -54.28
CA ASN CB 90 81.10 23.44 -55.46
C ASN CB 90 81.55 22.11 -56.07
N ARG CB 91 80.60 21.37 -56.62
CA ARG CB 91 80.94 20.06 -57.17
C ARG CB 91 80.16 19.82 -58.47
N ALA CB 92 80.77 19.04 -59.35
CA ALA CB 92 80.12 18.53 -60.55
C ALA CB 92 80.39 17.03 -60.63
N GLN CB 93 79.32 16.24 -60.79
CA GLN CB 93 79.42 14.79 -60.71
C GLN CB 93 78.74 14.18 -61.93
N VAL CB 94 79.50 13.47 -62.75
CA VAL CB 94 79.05 12.95 -64.03
C VAL CB 94 79.14 11.44 -64.00
N GLU CB 95 78.02 10.77 -64.28
CA GLU CB 95 77.99 9.31 -64.44
C GLU CB 95 77.50 9.03 -65.85
N PHE CB 96 78.35 8.45 -66.68
CA PHE CB 96 77.93 7.92 -67.95
C PHE CB 96 77.58 6.45 -67.75
N ILE CB 97 76.39 6.07 -68.17
CA ILE CB 97 75.94 4.69 -68.21
C ILE CB 97 76.08 4.24 -69.65
N LEU CB 98 77.13 3.48 -69.95
CA LEU CB 98 77.32 3.06 -71.32
C LEU CB 98 77.04 1.58 -71.45
N PRO CB 99 76.35 1.13 -72.51
CA PRO CB 99 76.21 -0.32 -72.69
C PRO CB 99 77.42 -0.97 -73.36
N ALA CB 100 77.72 -2.19 -72.92
CA ALA CB 100 78.85 -2.93 -73.49
C ALA CB 100 78.62 -3.34 -74.93
N GLN CB 101 77.41 -3.17 -75.44
CA GLN CB 101 77.05 -3.61 -76.78
C GLN CB 101 77.05 -2.49 -77.80
N SER CB 102 77.41 -1.27 -77.40
CA SER CB 102 77.36 -0.12 -78.28
C SER CB 102 78.64 0.01 -79.10
N ALA CB 103 78.61 0.89 -80.08
CA ALA CB 103 79.77 1.23 -80.88
C ALA CB 103 80.36 2.55 -80.42
N ALA CB 104 81.68 2.68 -80.55
CA ALA CB 104 82.38 3.85 -80.04
C ALA CB 104 81.88 5.15 -80.66
N THR CB 105 81.30 5.08 -81.87
CA THR CB 105 80.70 6.26 -82.48
C THR CB 105 79.66 6.88 -81.56
N VAL CB 106 78.81 6.03 -80.98
CA VAL CB 106 77.73 6.48 -80.13
C VAL CB 106 78.29 7.19 -78.90
N ARG CB 107 79.29 6.59 -78.26
CA ARG CB 107 79.87 7.22 -77.08
C ARG CB 107 80.55 8.54 -77.43
N GLU CB 108 81.21 8.58 -78.59
CA GLU CB 108 81.88 9.80 -79.01
C GLU CB 108 80.87 10.94 -79.16
N ASP CB 109 79.77 10.72 -79.89
CA ASP CB 109 78.85 11.84 -80.03
C ASP CB 109 77.97 12.05 -78.80
N LEU CB 110 77.86 11.08 -77.88
CA LEU CB 110 77.25 11.38 -76.59
C LEU CB 110 78.10 12.38 -75.81
N VAL CB 111 79.40 12.13 -75.75
CA VAL CB 111 80.30 13.07 -75.07
C VAL CB 111 80.26 14.42 -75.75
N ALA CB 112 80.27 14.44 -77.09
CA ALA CB 112 80.23 15.70 -77.81
C ALA CB 112 78.94 16.46 -77.53
N LEU CB 113 77.81 15.73 -77.46
CA LEU CB 113 76.55 16.37 -77.14
C LEU CB 113 76.56 16.95 -75.74
N LEU CB 114 77.15 16.24 -74.78
CA LEU CB 114 77.22 16.77 -73.42
C LEU CB 114 78.08 18.03 -73.38
N ALA CB 115 79.23 18.02 -74.06
CA ALA CB 115 80.10 19.19 -74.05
C ALA CB 115 79.43 20.38 -74.74
N SER CB 116 78.73 20.14 -75.85
CA SER CB 116 78.03 21.22 -76.52
C SER CB 116 76.85 21.73 -75.70
N ALA CB 117 76.21 20.86 -74.92
CA ALA CB 117 75.16 21.31 -74.02
C ALA CB 117 75.73 22.20 -72.92
N LEU CB 118 76.89 21.84 -72.39
CA LEU CB 118 77.57 22.71 -71.44
C LEU CB 118 77.96 24.04 -72.08
N ALA CB 119 78.32 24.02 -73.36
CA ALA CB 119 78.73 25.25 -74.02
C ALA CB 119 77.54 26.14 -74.39
N ASP CB 120 76.36 25.55 -74.63
CA ASP CB 120 75.20 26.34 -74.99
C ASP CB 120 74.85 27.32 -73.87
N THR CB 121 74.52 28.55 -74.25
CA THR CB 121 74.29 29.59 -73.25
C THR CB 121 72.99 29.34 -72.49
N ALA CB 122 71.95 28.86 -73.18
CA ALA CB 122 70.68 28.60 -72.52
C ALA CB 122 70.83 27.54 -71.44
N ILE CB 123 71.60 26.49 -71.71
CA ILE CB 123 71.85 25.46 -70.72
C ILE CB 123 72.86 25.93 -69.69
N LYS CB 124 73.80 26.78 -70.08
CA LYS CB 124 74.83 27.23 -69.15
C LYS CB 124 74.25 28.16 -68.10
N SER CB 125 73.20 28.90 -68.44
CA SER CB 125 72.54 29.73 -67.42
C SER CB 125 71.90 28.87 -66.36
N THR CB 126 71.46 27.67 -66.72
CA THR CB 126 70.92 26.70 -65.77
C THR CB 126 71.91 26.44 -64.64
N ILE CB 127 73.16 26.15 -65.00
CA ILE CB 127 74.16 25.81 -63.99
C ILE CB 127 74.68 27.07 -63.32
N VAL CB 128 75.18 28.00 -64.12
CA VAL CB 128 75.90 29.14 -63.59
C VAL CB 128 74.97 30.05 -62.80
N ASN CB 129 73.78 30.34 -63.34
CA ASN CB 129 72.88 31.37 -62.84
C ASN CB 129 71.67 30.82 -62.11
N VAL CB 130 71.50 29.49 -62.09
CA VAL CB 130 70.46 28.80 -61.34
C VAL CB 130 69.10 29.38 -61.71
N GLU CB 131 68.86 29.45 -63.00
CA GLU CB 131 67.56 29.79 -63.55
C GLU CB 131 66.91 28.51 -64.08
N HIS CB 132 65.63 28.31 -63.71
CA HIS CB 132 64.82 27.22 -64.21
C HIS CB 132 64.39 27.49 -65.65
N PHE CB 133 64.09 26.41 -66.36
CA PHE CB 133 63.40 26.51 -67.64
C PHE CB 133 61.91 26.78 -67.41
N TYR CB 134 61.34 27.64 -68.26
CA TYR CB 134 59.93 28.00 -68.12
C TYR CB 134 59.27 28.29 -69.47
N PRO DB 1 108.13 -5.13 -65.56
CA PRO DB 1 107.32 -4.88 -66.75
C PRO DB 1 106.29 -3.81 -66.51
N ALA DB 2 106.66 -2.55 -66.73
CA ALA DB 2 105.71 -1.46 -66.63
C ALA DB 2 104.57 -1.66 -67.63
N LEU DB 3 103.37 -1.33 -67.18
CA LEU DB 3 102.18 -1.52 -68.00
C LEU DB 3 102.30 -0.75 -69.31
N LYS DB 4 102.17 -1.46 -70.43
CA LYS DB 4 102.44 -0.88 -71.74
C LYS DB 4 101.79 -1.77 -72.78
N PRO DB 5 101.35 -1.21 -73.89
CA PRO DB 5 100.65 -2.01 -74.90
C PRO DB 5 101.58 -3.04 -75.50
N ILE DB 6 101.04 -4.21 -75.76
CA ILE DB 6 101.85 -5.31 -76.28
C ILE DB 6 101.22 -5.83 -77.56
N THR DB 7 102.07 -6.28 -78.48
CA THR DB 7 101.63 -6.75 -79.79
C THR DB 7 101.77 -8.27 -79.87
N LEU DB 8 100.73 -8.94 -80.34
CA LEU DB 8 100.69 -10.39 -80.46
C LEU DB 8 100.22 -10.77 -81.85
N THR DB 9 100.72 -11.89 -82.36
CA THR DB 9 100.39 -12.33 -83.71
C THR DB 9 99.23 -13.31 -83.68
N ASP DB 10 98.24 -13.12 -84.56
CA ASP DB 10 97.09 -14.01 -84.63
C ASP DB 10 97.44 -15.20 -85.52
N HIS DB 11 96.41 -15.96 -85.93
CA HIS DB 11 96.67 -17.14 -86.74
C HIS DB 11 97.26 -16.81 -88.09
N SER DB 12 96.87 -15.68 -88.66
CA SER DB 12 97.38 -15.23 -89.94
C SER DB 12 98.73 -14.53 -89.83
N SER DB 13 99.34 -14.56 -88.64
CA SER DB 13 100.57 -13.84 -88.30
C SER DB 13 100.41 -12.33 -88.36
N ALA DB 14 99.18 -11.83 -88.50
CA ALA DB 14 98.95 -10.39 -88.49
C ALA DB 14 99.08 -9.85 -87.07
N ASP DB 15 99.70 -8.67 -86.96
CA ASP DB 15 99.90 -8.06 -85.65
C ASP DB 15 98.56 -7.64 -85.06
N VAL DB 16 98.47 -7.74 -83.73
CA VAL DB 16 97.26 -7.46 -82.96
C VAL DB 16 97.71 -6.73 -81.70
N ILE DB 17 97.34 -5.47 -81.57
CA ILE DB 17 97.89 -4.59 -80.55
C ILE DB 17 96.90 -4.51 -79.40
N PHE DB 18 97.26 -5.05 -78.25
CA PHE DB 18 96.48 -4.94 -77.02
C PHE DB 18 96.97 -3.74 -76.23
N THR DB 19 96.08 -2.76 -76.02
CA THR DB 19 96.46 -1.64 -75.17
C THR DB 19 96.08 -1.94 -73.73
N PRO DB 20 96.84 -1.41 -72.76
CA PRO DB 20 96.51 -1.65 -71.35
C PRO DB 20 95.16 -1.04 -71.02
N THR DB 21 94.34 -1.81 -70.29
CA THR DB 21 93.02 -1.35 -69.87
C THR DB 21 92.97 -1.04 -68.39
N GLN DB 22 93.34 -2.00 -67.53
CA GLN DB 22 93.06 -1.80 -66.12
C GLN DB 22 94.05 -2.56 -65.25
N ILE DB 23 94.42 -1.95 -64.12
CA ILE DB 23 95.10 -2.66 -63.04
C ILE DB 23 94.06 -2.89 -61.95
N ASP DB 24 93.88 -4.15 -61.57
CA ASP DB 24 92.73 -4.56 -60.78
C ASP DB 24 92.89 -4.12 -59.33
N LYS DB 25 91.89 -4.47 -58.51
CA LYS DB 25 92.02 -4.31 -57.07
C LYS DB 25 92.95 -5.38 -56.49
N ASN DB 26 92.91 -6.59 -57.04
CA ASN DB 26 93.74 -7.69 -56.57
C ASN DB 26 95.11 -7.72 -57.21
N GLY DB 27 95.32 -6.98 -58.29
CA GLY DB 27 96.58 -6.99 -59.01
C GLY DB 27 96.47 -7.47 -60.44
N VAL DB 28 95.27 -7.80 -60.92
CA VAL DB 28 95.12 -8.30 -62.28
C VAL DB 28 95.33 -7.18 -63.27
N ALA DB 29 96.11 -7.45 -64.31
CA ALA DB 29 96.37 -6.50 -65.38
C ALA DB 29 95.57 -6.93 -66.60
N TYR DB 30 94.74 -6.02 -67.12
CA TYR DB 30 93.84 -6.27 -68.23
C TYR DB 30 94.28 -5.45 -69.42
N PHE DB 31 94.57 -6.14 -70.53
CA PHE DB 31 94.82 -5.53 -71.83
C PHE DB 31 93.66 -5.86 -72.76
N ARG DB 32 93.27 -4.88 -73.58
CA ARG DB 32 92.11 -4.99 -74.45
C ARG DB 32 92.51 -4.62 -75.87
N HIS DB 33 91.96 -5.37 -76.82
CA HIS DB 33 92.11 -5.08 -78.25
C HIS DB 33 90.70 -4.92 -78.80
N LEU DB 34 90.30 -3.67 -79.04
CA LEU DB 34 88.97 -3.40 -79.54
C LEU DB 34 88.86 -3.80 -81.01
N GLN DB 35 87.62 -3.95 -81.46
CA GLN DB 35 87.37 -4.30 -82.85
C GLN DB 35 87.42 -3.04 -83.72
N ALA DB 36 87.09 -3.20 -85.00
CA ALA DB 36 87.07 -2.05 -85.90
C ALA DB 36 86.07 -1.01 -85.41
N ASN DB 37 84.86 -1.43 -85.08
CA ASN DB 37 83.79 -0.53 -84.65
C ASN DB 37 83.91 -0.09 -83.20
N GLY DB 38 84.92 -0.57 -82.48
CA GLY DB 38 85.05 -0.22 -81.08
C GLY DB 38 83.95 -0.76 -80.20
N LYS DB 39 83.51 -1.99 -80.45
CA LYS DB 39 82.48 -2.60 -79.63
C LYS DB 39 83.12 -3.35 -78.46
N PRO DB 40 82.84 -2.96 -77.22
CA PRO DB 40 83.48 -3.65 -76.07
C PRO DB 40 83.21 -5.14 -76.07
N ILE DB 41 81.96 -5.54 -76.32
CA ILE DB 41 81.59 -6.94 -76.33
C ILE DB 41 82.42 -7.74 -77.33
N GLY DB 42 83.01 -7.08 -78.32
CA GLY DB 42 83.82 -7.76 -79.30
C GLY DB 42 85.32 -7.73 -79.07
N ALA DB 43 85.78 -7.09 -78.00
CA ALA DB 43 87.21 -6.87 -77.82
C ALA DB 43 87.88 -8.12 -77.26
N TYR DB 44 89.08 -8.40 -77.78
CA TYR DB 44 89.92 -9.43 -77.18
C TYR DB 44 90.50 -8.92 -75.86
N THR DB 45 90.74 -9.84 -74.92
CA THR DB 45 91.31 -9.46 -73.65
C THR DB 45 92.43 -10.39 -73.25
N VAL DB 46 93.40 -9.85 -72.52
CA VAL DB 46 94.51 -10.62 -71.97
C VAL DB 46 94.72 -10.16 -70.52
N SER DB 47 94.65 -11.11 -69.59
CA SER DB 47 94.80 -10.85 -68.16
C SER DB 47 96.09 -11.47 -67.66
N SER DB 48 96.79 -10.74 -66.80
CA SER DB 48 98.00 -11.26 -66.18
C SER DB 48 98.02 -10.86 -64.71
N HIS DB 49 98.11 -11.86 -63.84
CA HIS DB 49 98.14 -11.60 -62.41
C HIS DB 49 99.09 -12.59 -61.74
N VAL DB 50 99.96 -12.10 -60.87
CA VAL DB 50 100.89 -12.96 -60.15
C VAL DB 50 100.60 -12.85 -58.66
N LYS DB 51 100.50 -13.99 -57.99
CA LYS DB 51 100.19 -14.10 -56.58
C LYS DB 51 101.44 -14.62 -55.88
N GLU DB 52 102.02 -13.77 -55.03
CA GLU DB 52 103.20 -14.08 -54.25
C GLU DB 52 102.84 -15.05 -53.12
N PRO DB 53 103.82 -15.79 -52.60
CA PRO DB 53 103.54 -16.68 -51.47
C PRO DB 53 103.47 -15.93 -50.15
N GLY DB 54 102.70 -16.49 -49.24
CA GLY DB 54 102.56 -15.94 -47.91
C GLY DB 54 102.48 -17.03 -46.87
N THR DB 55 102.77 -16.64 -45.63
CA THR DB 55 102.81 -17.57 -44.51
C THR DB 55 103.71 -18.76 -44.85
N ASN DB 56 104.94 -18.44 -45.26
CA ASN DB 56 105.97 -19.42 -45.59
C ASN DB 56 105.44 -20.46 -46.58
N GLY DB 57 104.79 -19.97 -47.63
CA GLY DB 57 104.38 -20.81 -48.73
C GLY DB 57 105.49 -20.91 -49.75
N ASP DB 58 105.69 -22.12 -50.27
CA ASP DB 58 106.76 -22.33 -51.23
C ASP DB 58 106.41 -21.86 -52.63
N VAL DB 59 105.13 -21.64 -52.92
CA VAL DB 59 104.63 -21.58 -54.28
C VAL DB 59 104.35 -20.14 -54.70
N PHE DB 60 104.52 -19.88 -56.00
CA PHE DB 60 104.10 -18.68 -56.70
C PHE DB 60 103.01 -19.07 -57.68
N ARG DB 61 101.94 -18.29 -57.76
CA ARG DB 61 100.83 -18.61 -58.67
C ARG DB 61 100.68 -17.50 -59.70
N VAL DB 62 101.14 -17.74 -60.92
CA VAL DB 62 101.15 -16.72 -61.97
C VAL DB 62 100.16 -17.13 -63.04
N LYS DB 63 99.23 -16.24 -63.37
CA LYS DB 63 98.08 -16.58 -64.21
C LYS DB 63 98.05 -15.68 -65.43
N LEU DB 64 97.76 -16.30 -66.57
CA LEU DB 64 97.65 -15.64 -67.86
C LEU DB 64 96.36 -16.10 -68.56
N PHE DB 65 95.51 -15.15 -68.90
CA PHE DB 65 94.23 -15.41 -69.55
C PHE DB 65 94.20 -14.73 -70.90
N VAL DB 66 93.70 -15.44 -71.91
CA VAL DB 66 93.54 -14.89 -73.26
C VAL DB 66 92.12 -15.21 -73.70
N ASN DB 67 91.27 -14.19 -73.77
CA ASN DB 67 89.86 -14.35 -74.08
C ASN DB 67 89.58 -13.76 -75.46
N VAL DB 68 89.05 -14.58 -76.36
CA VAL DB 68 88.69 -14.21 -77.72
C VAL DB 68 87.17 -14.33 -77.87
N PRO DB 69 86.44 -13.23 -77.94
CA PRO DB 69 85.00 -13.32 -78.18
C PRO DB 69 84.69 -13.30 -79.67
N GLU DB 70 83.60 -13.96 -80.02
CA GLU DB 70 82.97 -13.79 -81.33
C GLU DB 70 81.55 -13.29 -81.09
N VAL DB 71 81.21 -12.21 -81.80
CA VAL DB 71 79.91 -11.56 -81.73
C VAL DB 71 78.91 -12.34 -82.58
N ALA DB 72 77.68 -12.52 -82.08
CA ALA DB 72 76.62 -13.14 -82.86
C ALA DB 72 75.60 -12.07 -83.20
N THR DB 73 75.38 -11.86 -84.49
CA THR DB 73 74.45 -10.83 -84.95
C THR DB 73 73.07 -11.44 -85.18
N GLU DB 85 74.64 -8.92 -81.19
CA GLU DB 85 74.02 -8.49 -79.94
C GLU DB 85 74.60 -9.18 -78.72
N ILE DB 86 74.61 -10.52 -78.72
CA ILE DB 86 75.23 -11.30 -77.66
C ILE DB 86 76.38 -12.07 -78.29
N ALA DB 87 77.42 -12.31 -77.51
CA ALA DB 87 78.66 -12.84 -78.04
C ALA DB 87 79.12 -13.99 -77.15
N ARG DB 88 79.71 -15.01 -77.76
CA ARG DB 88 80.25 -16.11 -76.98
C ARG DB 88 81.77 -16.09 -77.06
N THR DB 89 82.42 -16.47 -75.97
CA THR DB 89 83.84 -16.23 -75.80
C THR DB 89 84.57 -17.56 -75.70
N ASN DB 90 85.52 -17.80 -76.62
CA ASN DB 90 86.55 -18.81 -76.42
C ASN DB 90 87.57 -18.28 -75.44
N ARG DB 91 88.03 -19.12 -74.52
CA ARG DB 91 88.99 -18.68 -73.52
C ARG DB 91 90.14 -19.65 -73.42
N ALA DB 92 91.32 -19.10 -73.12
CA ALA DB 92 92.48 -19.87 -72.70
C ALA DB 92 92.90 -19.37 -71.33
N GLN DB 93 93.09 -20.27 -70.38
CA GLN DB 93 93.38 -19.91 -68.99
C GLN DB 93 94.58 -20.73 -68.52
N VAL DB 94 95.70 -20.07 -68.26
CA VAL DB 94 96.93 -20.74 -67.87
C VAL DB 94 97.30 -20.30 -66.46
N GLU DB 95 97.62 -21.29 -65.62
CA GLU DB 95 98.13 -21.05 -64.28
C GLU DB 95 99.45 -21.79 -64.14
N PHE DB 96 100.53 -21.05 -63.91
CA PHE DB 96 101.83 -21.63 -63.60
C PHE DB 96 102.00 -21.63 -62.08
N ILE DB 97 102.43 -22.77 -61.55
CA ILE DB 97 102.76 -22.94 -60.14
C ILE DB 97 104.26 -23.11 -60.06
N LEU DB 98 104.94 -22.12 -59.47
CA LEU DB 98 106.40 -22.05 -59.51
C LEU DB 98 106.95 -21.98 -58.09
N PRO DB 99 107.68 -22.98 -57.61
CA PRO DB 99 108.29 -22.87 -56.28
C PRO DB 99 109.35 -21.77 -56.23
N ALA DB 100 109.56 -21.26 -55.02
CA ALA DB 100 110.44 -20.11 -54.84
C ALA DB 100 111.92 -20.48 -54.90
N GLN DB 101 112.28 -21.73 -54.60
CA GLN DB 101 113.69 -22.12 -54.66
C GLN DB 101 114.15 -22.48 -56.07
N SER DB 102 113.24 -22.72 -57.00
CA SER DB 102 113.65 -23.11 -58.35
C SER DB 102 114.42 -21.96 -59.00
N ALA DB 103 115.62 -22.26 -59.48
CA ALA DB 103 116.36 -21.29 -60.25
C ALA DB 103 115.61 -20.96 -61.54
N ALA DB 104 115.82 -19.75 -62.05
CA ALA DB 104 115.08 -19.30 -63.22
C ALA DB 104 115.28 -20.19 -64.44
N THR DB 105 116.34 -21.00 -64.47
CA THR DB 105 116.55 -21.94 -65.57
C THR DB 105 115.32 -22.83 -65.76
N VAL DB 106 114.78 -23.32 -64.65
CA VAL DB 106 113.67 -24.27 -64.71
C VAL DB 106 112.45 -23.58 -65.29
N ARG DB 107 112.14 -22.39 -64.81
CA ARG DB 107 110.95 -21.70 -65.27
C ARG DB 107 111.08 -21.33 -66.74
N GLU DB 108 112.30 -20.94 -67.15
CA GLU DB 108 112.53 -20.63 -68.56
C GLU DB 108 112.22 -21.83 -69.44
N ASP DB 109 112.82 -23.01 -69.16
CA ASP DB 109 112.53 -24.15 -70.05
C ASP DB 109 111.15 -24.74 -69.81
N LEU DB 110 110.50 -24.46 -68.68
CA LEU DB 110 109.11 -24.88 -68.54
C LEU DB 110 108.22 -24.11 -69.51
N VAL DB 111 108.38 -22.78 -69.54
CA VAL DB 111 107.66 -21.98 -70.52
C VAL DB 111 107.98 -22.45 -71.93
N ALA DB 112 109.27 -22.71 -72.21
CA ALA DB 112 109.63 -23.13 -73.55
C ALA DB 112 108.94 -24.44 -73.91
N LEU DB 113 108.84 -25.36 -72.94
CA LEU DB 113 108.12 -26.61 -73.12
C LEU DB 113 106.66 -26.37 -73.46
N LEU DB 114 106.01 -25.47 -72.72
CA LEU DB 114 104.60 -25.20 -72.97
C LEU DB 114 104.39 -24.64 -74.37
N ALA DB 115 105.24 -23.69 -74.76
CA ALA DB 115 105.09 -23.08 -76.07
C ALA DB 115 105.34 -24.09 -77.18
N SER DB 116 106.35 -24.95 -77.02
CA SER DB 116 106.61 -25.98 -78.02
C SER DB 116 105.49 -27.01 -78.07
N ALA DB 117 104.83 -27.27 -76.94
CA ALA DB 117 103.69 -28.17 -76.95
C ALA DB 117 102.52 -27.55 -77.68
N LEU DB 118 102.30 -26.25 -77.52
CA LEU DB 118 101.29 -25.55 -78.30
C LEU DB 118 101.63 -25.56 -79.78
N ALA DB 119 102.92 -25.53 -80.12
CA ALA DB 119 103.32 -25.51 -81.53
C ALA DB 119 103.26 -26.90 -82.16
N ASP DB 120 103.44 -27.96 -81.37
CA ASP DB 120 103.41 -29.31 -81.92
C ASP DB 120 102.07 -29.59 -82.56
N THR DB 121 102.09 -30.23 -83.74
CA THR DB 121 100.87 -30.42 -84.50
C THR DB 121 99.91 -31.38 -83.80
N ALA DB 122 100.44 -32.44 -83.20
CA ALA DB 122 99.59 -33.42 -82.53
C ALA DB 122 98.84 -32.80 -81.36
N ILE DB 123 99.55 -32.06 -80.52
CA ILE DB 123 98.95 -31.40 -79.37
C ILE DB 123 98.03 -30.27 -79.83
N LYS DB 124 98.42 -29.53 -80.86
CA LYS DB 124 97.61 -28.42 -81.33
C LYS DB 124 96.28 -28.92 -81.90
N SER DB 125 96.28 -30.12 -82.48
CA SER DB 125 95.04 -30.71 -82.96
C SER DB 125 94.04 -30.86 -81.82
N THR DB 126 94.54 -31.23 -80.64
CA THR DB 126 93.70 -31.37 -79.45
C THR DB 126 92.85 -30.14 -79.21
N ILE DB 127 93.45 -28.96 -79.32
CA ILE DB 127 92.73 -27.73 -79.05
C ILE DB 127 91.91 -27.30 -80.25
N VAL DB 128 92.55 -27.23 -81.42
CA VAL DB 128 91.93 -26.61 -82.58
C VAL DB 128 90.74 -27.42 -83.05
N ASN DB 129 90.91 -28.75 -83.16
CA ASN DB 129 89.90 -29.64 -83.73
C ASN DB 129 89.08 -30.35 -82.67
N VAL DB 130 89.27 -29.99 -81.39
CA VAL DB 130 88.65 -30.62 -80.23
C VAL DB 130 88.55 -32.14 -80.42
N GLU DB 131 89.70 -32.77 -80.67
CA GLU DB 131 89.81 -34.21 -80.78
C GLU DB 131 90.48 -34.77 -79.53
N HIS DB 132 89.95 -35.90 -79.01
CA HIS DB 132 90.59 -36.65 -77.93
C HIS DB 132 91.85 -37.36 -78.42
N PHE DB 133 92.76 -37.61 -77.49
CA PHE DB 133 93.86 -38.52 -77.80
C PHE DB 133 93.35 -39.95 -77.79
N TYR DB 134 93.78 -40.73 -78.78
CA TYR DB 134 93.33 -42.13 -78.92
C TYR DB 134 94.41 -43.08 -79.42
N PRO EB 1 104.66 11.08 -57.91
CA PRO EB 1 105.72 10.10 -58.14
C PRO EB 1 105.19 8.89 -58.88
N ALA EB 2 105.33 8.88 -60.20
CA ALA EB 2 104.96 7.70 -60.97
C ALA EB 2 105.89 6.56 -60.59
N LEU EB 3 105.36 5.34 -60.68
CA LEU EB 3 106.14 4.16 -60.34
C LEU EB 3 107.22 3.93 -61.37
N LYS EB 4 108.47 3.86 -60.93
CA LYS EB 4 109.66 3.82 -61.76
C LYS EB 4 110.74 3.07 -61.00
N PRO EB 5 111.58 2.29 -61.68
CA PRO EB 5 112.75 1.73 -60.99
C PRO EB 5 113.63 2.85 -60.48
N ILE EB 6 113.97 2.77 -59.20
CA ILE EB 6 114.75 3.83 -58.57
C ILE EB 6 116.10 3.24 -58.19
N THR EB 7 117.15 4.02 -58.43
CA THR EB 7 118.51 3.60 -58.16
C THR EB 7 118.97 4.23 -56.85
N LEU EB 8 119.47 3.41 -55.94
CA LEU EB 8 119.95 3.86 -54.64
C LEU EB 8 121.41 3.45 -54.49
N THR EB 9 122.20 4.29 -53.81
CA THR EB 9 123.63 4.04 -53.65
C THR EB 9 123.89 3.32 -52.33
N ASP EB 10 124.74 2.29 -52.36
CA ASP EB 10 125.03 1.51 -51.16
C ASP EB 10 126.21 2.12 -50.41
N HIS EB 11 126.85 1.33 -49.56
CA HIS EB 11 127.95 1.88 -48.77
C HIS EB 11 129.16 2.21 -49.63
N SER EB 12 129.45 1.39 -50.63
CA SER EB 12 130.57 1.64 -51.53
C SER EB 12 130.25 2.68 -52.60
N SER EB 13 129.10 3.33 -52.52
CA SER EB 13 128.55 4.28 -53.48
C SER EB 13 128.16 3.62 -54.80
N ALA EB 14 128.27 2.30 -54.91
CA ALA EB 14 127.80 1.60 -56.09
C ALA EB 14 126.29 1.69 -56.21
N ASP EB 15 125.80 1.73 -57.44
CA ASP EB 15 124.36 1.82 -57.66
C ASP EB 15 123.70 0.47 -57.39
N VAL EB 16 122.43 0.54 -56.99
CA VAL EB 16 121.60 -0.61 -56.65
C VAL EB 16 120.21 -0.30 -57.15
N ILE EB 17 119.77 -1.01 -58.19
CA ILE EB 17 118.53 -0.69 -58.89
C ILE EB 17 117.40 -1.48 -58.26
N PHE EB 18 116.39 -0.77 -57.76
CA PHE EB 18 115.18 -1.39 -57.24
C PHE EB 18 114.08 -1.27 -58.29
N THR EB 19 113.62 -2.41 -58.78
CA THR EB 19 112.52 -2.44 -59.74
C THR EB 19 111.19 -2.49 -59.01
N PRO EB 20 110.18 -1.79 -59.50
CA PRO EB 20 108.87 -1.82 -58.84
C PRO EB 20 108.27 -3.21 -58.91
N THR EB 21 107.79 -3.68 -57.76
CA THR EB 21 107.19 -5.01 -57.65
C THR EB 21 105.66 -4.96 -57.69
N GLN EB 22 105.03 -4.15 -56.83
CA GLN EB 22 103.62 -4.32 -56.60
C GLN EB 22 103.08 -3.08 -55.89
N ILE EB 23 101.81 -2.77 -56.15
CA ILE EB 23 101.09 -1.74 -55.41
C ILE EB 23 100.02 -2.46 -54.59
N ASP EB 24 100.12 -2.32 -53.26
CA ASP EB 24 99.34 -3.12 -52.34
C ASP EB 24 97.86 -2.76 -52.40
N LYS EB 25 97.04 -3.58 -51.73
CA LYS EB 25 95.64 -3.23 -51.55
C LYS EB 25 95.47 -2.05 -50.60
N ASN EB 26 96.44 -1.84 -49.71
CA ASN EB 26 96.38 -0.75 -48.75
C ASN EB 26 97.09 0.50 -49.24
N GLY EB 27 97.66 0.46 -50.44
CA GLY EB 27 98.39 1.59 -50.98
C GLY EB 27 99.89 1.44 -50.90
N VAL EB 28 100.39 0.35 -50.32
CA VAL EB 28 101.83 0.18 -50.16
C VAL EB 28 102.44 -0.14 -51.53
N ALA EB 29 103.52 0.56 -51.85
CA ALA EB 29 104.27 0.34 -53.08
C ALA EB 29 105.60 -0.29 -52.74
N TYR EB 30 105.93 -1.39 -53.42
CA TYR EB 30 107.11 -2.18 -53.12
C TYR EB 30 108.10 -2.12 -54.27
N PHE EB 31 109.37 -1.83 -53.95
CA PHE EB 31 110.48 -1.91 -54.89
C PHE EB 31 111.45 -2.97 -54.39
N ARG EB 32 111.88 -3.86 -55.28
CA ARG EB 32 112.73 -4.96 -54.87
C ARG EB 32 114.02 -4.99 -55.69
N HIS EB 33 115.05 -5.54 -55.06
CA HIS EB 33 116.33 -5.85 -55.69
C HIS EB 33 116.72 -7.25 -55.24
N LEU EB 34 116.86 -8.17 -56.19
CA LEU EB 34 117.06 -9.57 -55.86
C LEU EB 34 118.45 -9.81 -55.28
N GLN EB 35 118.58 -10.95 -54.61
CA GLN EB 35 119.83 -11.30 -53.96
C GLN EB 35 120.87 -11.72 -54.99
N ALA EB 36 122.05 -12.11 -54.50
CA ALA EB 36 123.11 -12.59 -55.38
C ALA EB 36 122.64 -13.75 -56.23
N ASN EB 37 122.08 -14.78 -55.60
CA ASN EB 37 121.47 -15.87 -56.34
C ASN EB 37 120.19 -15.39 -57.03
N GLY EB 38 119.93 -15.97 -58.20
CA GLY EB 38 118.74 -15.60 -58.94
C GLY EB 38 117.43 -15.98 -58.27
N LYS EB 39 117.51 -16.66 -57.14
CA LYS EB 39 116.33 -17.17 -56.45
C LYS EB 39 115.64 -16.03 -55.69
N PRO EB 40 114.36 -15.73 -55.99
CA PRO EB 40 113.65 -14.61 -55.34
C PRO EB 40 112.96 -15.06 -54.06
N ILE EB 41 113.75 -15.36 -53.04
CA ILE EB 41 113.23 -15.76 -51.74
C ILE EB 41 113.40 -14.62 -50.73
N GLY EB 42 114.63 -14.20 -50.48
CA GLY EB 42 114.91 -13.01 -49.71
C GLY EB 42 115.44 -11.96 -50.66
N ALA EB 43 114.94 -10.74 -50.52
CA ALA EB 43 115.27 -9.70 -51.48
C ALA EB 43 115.24 -8.36 -50.78
N TYR EB 44 116.14 -7.48 -51.19
CA TYR EB 44 116.16 -6.13 -50.64
C TYR EB 44 114.90 -5.40 -51.07
N THR EB 45 114.22 -4.75 -50.12
CA THR EB 45 112.94 -4.15 -50.42
C THR EB 45 112.87 -2.72 -49.89
N VAL EB 46 112.05 -1.92 -50.57
CA VAL EB 46 111.75 -0.55 -50.18
C VAL EB 46 110.24 -0.36 -50.31
N SER EB 47 109.58 -0.09 -49.19
CA SER EB 47 108.14 0.08 -49.14
C SER EB 47 107.82 1.55 -48.93
N SER EB 48 106.84 2.06 -49.67
CA SER EB 48 106.40 3.44 -49.50
C SER EB 48 104.87 3.47 -49.43
N HIS EB 49 104.34 4.10 -48.39
CA HIS EB 49 102.90 4.20 -48.23
C HIS EB 49 102.55 5.51 -47.56
N VAL EB 50 101.66 6.28 -48.17
CA VAL EB 50 101.15 7.51 -47.56
C VAL EB 50 99.71 7.30 -47.17
N LYS EB 51 99.37 7.73 -45.96
CA LYS EB 51 98.02 7.60 -45.41
C LYS EB 51 97.43 8.99 -45.26
N GLU EB 52 96.37 9.25 -46.02
CA GLU EB 52 95.62 10.49 -45.97
C GLU EB 52 95.01 10.65 -44.58
N PRO EB 53 94.56 11.85 -44.23
CA PRO EB 53 93.94 12.06 -42.92
C PRO EB 53 92.44 11.80 -42.92
N GLY EB 54 91.95 11.27 -41.81
CA GLY EB 54 90.54 10.94 -41.66
C GLY EB 54 89.83 11.98 -40.81
N THR EB 55 88.70 12.49 -41.33
CA THR EB 55 87.91 13.51 -40.66
C THR EB 55 88.76 14.76 -40.40
N ASN EB 56 89.56 15.12 -41.40
CA ASN EB 56 90.43 16.30 -41.35
C ASN EB 56 91.31 16.31 -40.11
N GLY EB 57 91.64 15.13 -39.60
CA GLY EB 57 92.71 15.04 -38.62
C GLY EB 57 93.99 15.58 -39.22
N ASP EB 58 94.67 16.45 -38.47
CA ASP EB 58 95.78 17.21 -39.03
C ASP EB 58 96.86 16.33 -39.67
N VAL EB 59 96.95 15.06 -39.29
CA VAL EB 59 98.11 14.24 -39.58
C VAL EB 59 98.00 13.55 -40.94
N PHE EB 60 99.09 13.60 -41.69
CA PHE EB 60 99.37 12.72 -42.81
C PHE EB 60 100.45 11.74 -42.35
N ARG EB 61 100.24 10.45 -42.60
CA ARG EB 61 101.18 9.44 -42.12
C ARG EB 61 101.91 8.81 -43.30
N VAL EB 62 103.13 9.25 -43.57
CA VAL EB 62 103.87 8.84 -44.75
C VAL EB 62 105.05 7.98 -44.30
N LYS EB 63 105.12 6.75 -44.80
CA LYS EB 63 106.01 5.75 -44.26
C LYS EB 63 106.93 5.22 -45.35
N LEU EB 64 108.19 5.00 -44.97
CA LEU EB 64 109.24 4.50 -45.84
C LEU EB 64 109.99 3.40 -45.11
N PHE EB 65 110.05 2.22 -45.72
CA PHE EB 65 110.70 1.04 -45.15
C PHE EB 65 111.81 0.58 -46.08
N VAL EB 66 112.96 0.23 -45.49
CA VAL EB 66 114.09 -0.31 -46.23
C VAL EB 66 114.54 -1.59 -45.53
N ASN EB 67 114.27 -2.73 -46.14
CA ASN EB 67 114.57 -4.03 -45.54
C ASN EB 67 115.72 -4.68 -46.31
N VAL EB 68 116.77 -5.02 -45.58
CA VAL EB 68 117.96 -5.65 -46.12
C VAL EB 68 118.07 -7.05 -45.52
N PRO EB 69 117.63 -8.09 -46.24
CA PRO EB 69 117.78 -9.45 -45.71
C PRO EB 69 119.13 -10.07 -46.06
N GLU EB 70 119.68 -10.80 -45.09
CA GLU EB 70 120.83 -11.66 -45.29
C GLU EB 70 120.32 -13.10 -45.38
N VAL EB 71 120.68 -13.77 -46.48
CA VAL EB 71 120.16 -15.07 -46.86
C VAL EB 71 121.24 -16.13 -46.68
N ALA EB 72 120.82 -17.39 -46.52
CA ALA EB 72 121.71 -18.52 -46.36
C ALA EB 72 121.27 -19.65 -47.27
N THR EB 73 122.21 -20.20 -48.02
CA THR EB 73 121.95 -21.34 -48.88
C THR EB 73 122.32 -22.61 -48.12
N ILE EB 74 121.32 -23.37 -47.69
CA ILE EB 74 121.52 -24.57 -46.88
C ILE EB 74 121.23 -25.78 -47.75
N THR EB 75 122.21 -26.69 -47.84
CA THR EB 75 121.99 -27.96 -48.51
C THR EB 75 122.08 -29.07 -47.47
N PRO EB 76 121.02 -29.87 -47.27
CA PRO EB 76 121.03 -30.87 -46.20
C PRO EB 76 122.06 -31.99 -46.44
N ASN EB 77 122.18 -32.88 -45.47
CA ASN EB 77 123.19 -33.92 -45.53
C ASN EB 77 122.84 -34.97 -46.57
N GLY EB 78 123.80 -35.27 -47.45
CA GLY EB 78 123.62 -36.30 -48.46
C GLY EB 78 122.50 -36.05 -49.44
N SER EB 79 122.21 -34.79 -49.73
CA SER EB 79 121.11 -34.41 -50.60
C SER EB 79 121.65 -33.71 -51.84
N ASP EB 80 121.07 -34.04 -53.00
CA ASP EB 80 121.51 -33.46 -54.26
C ASP EB 80 121.28 -31.95 -54.28
N THR EB 81 120.13 -31.50 -53.81
CA THR EB 81 119.64 -30.15 -54.05
C THR EB 81 119.73 -29.29 -52.79
N SER EB 82 120.10 -28.03 -52.99
CA SER EB 82 120.17 -27.04 -51.93
C SER EB 82 118.94 -26.15 -51.96
N SER EB 83 118.51 -25.70 -50.80
CA SER EB 83 117.42 -24.75 -50.69
C SER EB 83 117.90 -23.51 -49.97
N VAL EB 84 117.25 -22.40 -50.24
CA VAL EB 84 117.65 -21.11 -49.69
C VAL EB 84 116.71 -20.73 -48.57
N GLU EB 85 117.22 -19.94 -47.62
CA GLU EB 85 116.49 -19.65 -46.38
C GLU EB 85 116.86 -18.25 -45.91
N ILE EB 86 115.88 -17.57 -45.31
CA ILE EB 86 116.12 -16.20 -44.84
C ILE EB 86 116.80 -16.27 -43.49
N ALA EB 87 118.09 -15.91 -43.46
CA ALA EB 87 118.88 -16.03 -42.24
C ALA EB 87 118.50 -14.95 -41.22
N ARG EB 88 118.61 -13.69 -41.62
CA ARG EB 88 118.18 -12.61 -40.74
C ARG EB 88 117.93 -11.38 -41.61
N THR EB 89 117.41 -10.32 -40.99
CA THR EB 89 117.09 -9.11 -41.74
C THR EB 89 117.45 -7.88 -40.91
N ASN EB 90 118.16 -6.94 -41.53
CA ASN EB 90 118.30 -5.59 -40.99
C ASN EB 90 117.18 -4.73 -41.57
N ARG EB 91 116.59 -3.87 -40.74
CA ARG EB 91 115.49 -3.06 -41.22
C ARG EB 91 115.66 -1.61 -40.77
N ALA EB 92 115.21 -0.70 -41.63
CA ALA EB 92 115.05 0.69 -41.28
C ALA EB 92 113.61 1.08 -41.57
N GLN EB 93 112.94 1.67 -40.57
CA GLN EB 93 111.52 1.99 -40.68
C GLN EB 93 111.33 3.45 -40.31
N VAL EB 94 110.80 4.24 -41.24
CA VAL EB 94 110.65 5.68 -41.06
C VAL EB 94 109.18 6.04 -41.21
N GLU EB 95 108.67 6.80 -40.24
CA GLU EB 95 107.32 7.35 -40.30
C GLU EB 95 107.42 8.85 -40.12
N PHE EB 96 106.98 9.60 -41.13
CA PHE EB 96 106.81 11.04 -41.01
C PHE EB 96 105.36 11.33 -40.70
N ILE EB 97 105.14 12.12 -39.66
CA ILE EB 97 103.83 12.66 -39.29
C ILE EB 97 103.83 14.11 -39.73
N LEU EB 98 103.01 14.44 -40.71
CA LEU EB 98 103.03 15.76 -41.32
C LEU EB 98 101.68 16.44 -41.14
N PRO EB 99 101.57 17.54 -40.41
CA PRO EB 99 100.27 18.21 -40.28
C PRO EB 99 99.79 18.75 -41.61
N ALA EB 100 98.47 18.69 -41.81
CA ALA EB 100 97.84 19.04 -43.08
C ALA EB 100 97.83 20.53 -43.34
N GLN EB 101 98.40 21.35 -42.45
CA GLN EB 101 98.40 22.78 -42.63
C GLN EB 101 99.78 23.39 -42.76
N SER EB 102 100.85 22.65 -42.50
CA SER EB 102 102.18 23.17 -42.77
C SER EB 102 102.44 23.14 -44.28
N ALA EB 103 103.05 24.20 -44.78
CA ALA EB 103 103.37 24.27 -46.20
C ALA EB 103 104.58 23.40 -46.52
N ALA EB 104 104.82 23.20 -47.82
CA ALA EB 104 105.85 22.27 -48.26
C ALA EB 104 107.24 22.63 -47.76
N THR EB 105 107.49 23.91 -47.42
CA THR EB 105 108.79 24.33 -46.94
C THR EB 105 109.20 23.55 -45.70
N VAL EB 106 108.24 23.40 -44.78
CA VAL EB 106 108.52 22.71 -43.52
C VAL EB 106 108.88 21.26 -43.76
N ARG EB 107 108.13 20.59 -44.64
CA ARG EB 107 108.44 19.19 -44.91
C ARG EB 107 109.77 19.05 -45.63
N GLU EB 108 110.10 19.99 -46.52
CA GLU EB 108 111.37 19.94 -47.22
C GLU EB 108 112.54 20.03 -46.24
N ASP EB 109 112.51 21.01 -45.34
CA ASP EB 109 113.66 21.10 -44.44
C ASP EB 109 113.62 20.05 -43.33
N LEU EB 110 112.46 19.44 -43.06
CA LEU EB 110 112.46 18.27 -42.17
C LEU EB 110 113.20 17.10 -42.81
N VAL EB 111 112.89 16.81 -44.07
CA VAL EB 111 113.59 15.76 -44.78
C VAL EB 111 115.09 16.05 -44.84
N ALA EB 112 115.45 17.31 -45.11
CA ALA EB 112 116.86 17.67 -45.17
C ALA EB 112 117.55 17.47 -43.82
N LEU EB 113 116.85 17.82 -42.73
CA LEU EB 113 117.40 17.59 -41.40
C LEU EB 113 117.62 16.11 -41.14
N LEU EB 114 116.66 15.28 -41.54
CA LEU EB 114 116.82 13.84 -41.32
C LEU EB 114 117.99 13.27 -42.12
N ALA EB 115 118.11 13.67 -43.38
CA ALA EB 115 119.21 13.17 -44.20
C ALA EB 115 120.56 13.64 -43.68
N SER EB 116 120.66 14.90 -43.25
CA SER EB 116 121.91 15.40 -42.69
C SER EB 116 122.22 14.74 -41.35
N ALA EB 117 121.19 14.37 -40.58
CA ALA EB 117 121.43 13.61 -39.36
C ALA EB 117 121.98 12.23 -39.67
N LEU EB 118 121.45 11.58 -40.71
CA LEU EB 118 122.00 10.30 -41.14
C LEU EB 118 123.43 10.44 -41.63
N ALA EB 119 123.77 11.59 -42.22
CA ALA EB 119 125.11 11.79 -42.73
C ALA EB 119 126.12 12.15 -41.63
N ASP EB 120 125.68 12.83 -40.57
CA ASP EB 120 126.58 13.21 -39.49
C ASP EB 120 127.26 11.98 -38.91
N THR EB 121 128.55 12.10 -38.62
CA THR EB 121 129.33 10.94 -38.18
C THR EB 121 128.92 10.50 -36.78
N ALA EB 122 128.66 11.46 -35.89
CA ALA EB 122 128.26 11.12 -34.53
C ALA EB 122 126.93 10.37 -34.50
N ILE EB 123 125.93 10.90 -35.22
CA ILE EB 123 124.64 10.23 -35.32
C ILE EB 123 124.78 8.92 -36.08
N LYS EB 124 125.71 8.86 -37.04
CA LYS EB 124 125.84 7.65 -37.85
C LYS EB 124 126.37 6.50 -37.02
N SER EB 125 127.40 6.74 -36.22
CA SER EB 125 127.96 5.68 -35.38
C SER EB 125 126.92 5.08 -34.45
N THR EB 126 125.93 5.89 -34.04
CA THR EB 126 124.80 5.36 -33.28
C THR EB 126 124.18 4.17 -33.97
N ILE EB 127 123.90 4.29 -35.26
CA ILE EB 127 123.27 3.22 -36.01
C ILE EB 127 124.28 2.15 -36.38
N VAL EB 128 125.35 2.56 -37.07
CA VAL EB 128 126.28 1.64 -37.68
C VAL EB 128 127.03 0.83 -36.63
N ASN EB 129 127.51 1.50 -35.58
CA ASN EB 129 128.43 0.92 -34.61
C ASN EB 129 127.75 0.48 -33.34
N VAL EB 130 126.45 0.74 -33.18
CA VAL EB 130 125.66 0.32 -32.03
C VAL EB 130 126.34 0.82 -30.75
N GLU EB 131 126.67 2.11 -30.76
CA GLU EB 131 127.21 2.82 -29.62
C GLU EB 131 126.14 3.76 -29.10
N HIS EB 132 126.03 3.85 -27.78
CA HIS EB 132 125.18 4.83 -27.13
C HIS EB 132 125.81 6.21 -27.19
N PHE EB 133 124.97 7.23 -27.13
CA PHE EB 133 125.45 8.59 -26.92
C PHE EB 133 125.85 8.78 -25.46
N TYR EB 134 126.93 9.53 -25.26
CA TYR EB 134 127.42 9.78 -23.90
C TYR EB 134 128.19 11.11 -23.77
N PRO FB 1 54.55 21.82 -78.08
CA PRO FB 1 53.87 23.04 -78.58
C PRO FB 1 53.74 24.06 -77.47
N ALA FB 2 54.45 25.19 -77.65
CA ALA FB 2 54.32 26.32 -76.75
C ALA FB 2 52.87 26.72 -76.59
N LEU FB 3 52.42 26.80 -75.34
CA LEU FB 3 51.03 27.12 -75.04
C LEU FB 3 50.65 28.44 -75.67
N LYS FB 4 49.66 28.40 -76.56
CA LYS FB 4 49.22 29.56 -77.33
C LYS FB 4 47.71 29.46 -77.51
N PRO FB 5 47.00 30.59 -77.49
CA PRO FB 5 45.57 30.55 -77.77
C PRO FB 5 45.33 30.05 -79.18
N ILE FB 6 44.38 29.13 -79.31
CA ILE FB 6 44.17 28.48 -80.59
C ILE FB 6 42.77 28.80 -81.06
N THR FB 7 42.60 28.87 -82.37
CA THR FB 7 41.32 29.22 -82.98
C THR FB 7 40.74 27.98 -83.66
N LEU FB 8 39.48 27.66 -83.32
CA LEU FB 8 38.76 26.52 -83.86
C LEU FB 8 37.46 26.98 -84.50
N THR FB 9 37.01 26.25 -85.52
CA THR FB 9 35.79 26.62 -86.23
C THR FB 9 34.58 25.88 -85.67
N ASP FB 10 33.47 26.61 -85.49
CA ASP FB 10 32.22 26.02 -84.98
C ASP FB 10 31.42 25.44 -86.14
N HIS FB 11 30.12 25.26 -85.94
CA HIS FB 11 29.33 24.65 -86.99
C HIS FB 11 29.20 25.57 -88.19
N SER FB 12 29.04 26.87 -87.96
CA SER FB 12 28.92 27.84 -89.02
C SER FB 12 30.27 28.22 -89.63
N SER FB 13 31.33 27.47 -89.31
CA SER FB 13 32.71 27.70 -89.73
C SER FB 13 33.24 29.06 -89.26
N ALA FB 14 32.54 29.72 -88.34
CA ALA FB 14 33.04 30.94 -87.73
C ALA FB 14 34.19 30.61 -86.77
N ASP FB 15 35.03 31.60 -86.49
CA ASP FB 15 36.15 31.39 -85.61
C ASP FB 15 35.70 31.42 -84.15
N VAL FB 16 36.39 30.63 -83.33
CA VAL FB 16 36.13 30.50 -81.89
C VAL FB 16 37.49 30.41 -81.22
N ILE FB 17 37.86 31.43 -80.46
CA ILE FB 17 39.20 31.56 -79.92
C ILE FB 17 39.22 31.01 -78.50
N PHE FB 18 40.03 29.98 -78.28
CA PHE FB 18 40.25 29.40 -76.96
C PHE FB 18 41.56 29.94 -76.41
N THR FB 19 41.49 30.65 -75.29
CA THR FB 19 42.68 31.17 -74.63
C THR FB 19 43.18 30.17 -73.61
N PRO FB 20 44.50 30.01 -73.46
CA PRO FB 20 45.02 29.11 -72.44
C PRO FB 20 44.67 29.62 -71.05
N THR FB 21 44.23 28.70 -70.20
CA THR FB 21 43.84 29.00 -68.83
C THR FB 21 44.86 28.49 -67.82
N GLN FB 22 45.29 27.23 -67.93
CA GLN FB 22 46.02 26.59 -66.84
C GLN FB 22 46.78 25.38 -67.39
N ILE FB 23 47.93 25.12 -66.78
CA ILE FB 23 48.62 23.86 -66.95
C ILE FB 23 48.55 23.13 -65.60
N ASP FB 24 48.00 21.93 -65.62
CA ASP FB 24 47.61 21.23 -64.40
C ASP FB 24 48.82 20.67 -63.67
N LYS FB 25 48.57 20.17 -62.45
CA LYS FB 25 49.61 19.45 -61.72
C LYS FB 25 49.95 18.14 -62.41
N ASN FB 26 48.99 17.55 -63.11
CA ASN FB 26 49.17 16.27 -63.78
C ASN FB 26 49.66 16.42 -65.21
N GLY FB 27 49.88 17.64 -65.68
CA GLY FB 27 50.26 17.88 -67.06
C GLY FB 27 49.12 18.23 -67.98
N VAL FB 28 47.91 18.40 -67.45
CA VAL FB 28 46.76 18.74 -68.28
C VAL FB 28 46.80 20.22 -68.60
N ALA FB 29 46.62 20.54 -69.89
CA ALA FB 29 46.58 21.92 -70.35
C ALA FB 29 45.15 22.25 -70.77
N TYR FB 30 44.65 23.39 -70.29
CA TYR FB 30 43.25 23.78 -70.48
C TYR FB 30 43.16 25.06 -71.30
N PHE FB 31 42.37 25.02 -72.36
CA PHE FB 31 41.99 26.21 -73.11
C PHE FB 31 40.51 26.47 -72.90
N ARG FB 32 40.15 27.73 -72.66
CA ARG FB 32 38.77 28.08 -72.39
C ARG FB 32 38.29 29.16 -73.34
N HIS FB 33 36.98 29.12 -73.60
CA HIS FB 33 36.25 30.14 -74.33
C HIS FB 33 34.99 30.43 -73.54
N LEU FB 34 34.83 31.67 -73.08
CA LEU FB 34 33.74 32.03 -72.18
C LEU FB 34 32.40 31.98 -72.91
N GLN FB 35 31.33 31.90 -72.13
CA GLN FB 35 29.98 31.87 -72.70
C GLN FB 35 29.58 33.24 -73.23
N ALA FB 36 28.34 33.32 -73.69
CA ALA FB 36 27.78 34.59 -74.14
C ALA FB 36 27.89 35.66 -73.06
N ASN FB 37 27.40 35.35 -71.86
CA ASN FB 37 27.59 36.25 -70.73
C ASN FB 37 29.07 36.33 -70.35
N GLY FB 38 29.46 37.47 -69.80
CA GLY FB 38 30.85 37.66 -69.39
C GLY FB 38 31.25 36.81 -68.21
N LYS FB 39 30.29 36.11 -67.65
CA LYS FB 39 30.48 35.28 -66.46
C LYS FB 39 31.14 33.95 -66.85
N PRO FB 40 32.13 33.51 -66.09
CA PRO FB 40 32.92 32.32 -66.46
C PRO FB 40 32.40 30.99 -65.92
N ILE FB 41 31.20 30.93 -65.36
CA ILE FB 41 30.81 29.77 -64.56
C ILE FB 41 30.72 28.51 -65.44
N GLY FB 42 30.15 28.65 -66.63
CA GLY FB 42 30.20 27.56 -67.59
C GLY FB 42 30.93 28.05 -68.81
N ALA FB 43 31.83 27.26 -69.37
CA ALA FB 43 32.62 27.74 -70.49
C ALA FB 43 33.08 26.57 -71.34
N TYR FB 44 33.22 26.84 -72.64
CA TYR FB 44 33.74 25.83 -73.55
C TYR FB 44 35.20 25.55 -73.24
N THR FB 45 35.57 24.28 -73.18
CA THR FB 45 36.92 23.92 -72.77
C THR FB 45 37.53 22.89 -73.70
N VAL FB 46 38.85 22.94 -73.82
CA VAL FB 46 39.64 21.97 -74.55
C VAL FB 46 40.82 21.56 -73.66
N SER FB 47 40.87 20.28 -73.32
CA SER FB 47 41.90 19.73 -72.43
C SER FB 47 42.84 18.86 -73.25
N SER FB 48 44.14 19.02 -73.00
CA SER FB 48 45.14 18.19 -73.67
C SER FB 48 46.13 17.68 -72.64
N HIS FB 49 46.28 16.37 -72.57
CA HIS FB 49 47.26 15.77 -71.67
C HIS FB 49 47.86 14.54 -72.32
N VAL FB 50 49.18 14.47 -72.37
CA VAL FB 50 49.86 13.30 -72.91
C VAL FB 50 50.65 12.65 -71.79
N LYS FB 51 50.47 11.33 -71.64
CA LYS FB 51 51.07 10.54 -70.59
C LYS FB 51 52.15 9.67 -71.21
N GLU FB 52 53.41 9.96 -70.86
CA GLU FB 52 54.52 9.18 -71.38
C GLU FB 52 54.54 7.80 -70.73
N PRO FB 53 55.14 6.82 -71.38
CA PRO FB 53 55.14 5.46 -70.84
C PRO FB 53 56.17 5.28 -69.72
N GLY FB 54 55.94 4.25 -68.92
CA GLY FB 54 56.82 3.94 -67.82
C GLY FB 54 57.28 2.50 -67.84
N THR FB 55 58.49 2.27 -67.34
CA THR FB 55 59.13 0.96 -67.37
C THR FB 55 59.17 0.43 -68.82
N ASN FB 56 59.73 1.26 -69.71
CA ASN FB 56 59.73 0.99 -71.14
C ASN FB 56 58.36 0.59 -71.65
N GLY FB 57 57.32 1.23 -71.09
CA GLY FB 57 55.97 0.94 -71.53
C GLY FB 57 55.84 1.17 -73.03
N ASP FB 58 55.12 0.27 -73.69
CA ASP FB 58 55.01 0.39 -75.13
C ASP FB 58 54.21 1.62 -75.56
N VAL FB 59 53.43 2.21 -74.65
CA VAL FB 59 52.31 3.07 -75.02
C VAL FB 59 52.47 4.48 -74.44
N PHE FB 60 52.43 5.47 -75.32
CA PHE FB 60 52.00 6.82 -74.98
C PHE FB 60 50.48 6.86 -74.96
N ARG FB 61 49.92 7.61 -74.00
CA ARG FB 61 48.47 7.81 -73.92
C ARG FB 61 48.16 9.30 -74.01
N VAL FB 62 47.68 9.75 -75.17
CA VAL FB 62 47.52 11.16 -75.46
C VAL FB 62 46.02 11.46 -75.54
N LYS FB 63 45.55 12.41 -74.73
CA LYS FB 63 44.13 12.63 -74.52
C LYS FB 63 43.75 14.06 -74.88
N LEU FB 64 42.63 14.17 -75.60
CA LEU FB 64 42.06 15.43 -76.05
C LEU FB 64 40.59 15.46 -75.66
N PHE FB 65 40.19 16.50 -74.93
CA PHE FB 65 38.82 16.65 -74.46
C PHE FB 65 38.24 17.96 -74.98
N VAL FB 66 37.00 17.91 -75.45
CA VAL FB 66 36.28 19.08 -75.94
C VAL FB 66 34.93 19.11 -75.24
N ASN FB 67 34.75 20.04 -74.31
CA ASN FB 67 33.55 20.14 -73.50
C ASN FB 67 32.77 21.39 -73.89
N VAL FB 68 31.50 21.18 -74.23
CA VAL FB 68 30.60 22.23 -74.67
C VAL FB 68 29.42 22.28 -73.70
N PRO FB 69 29.44 23.18 -72.72
CA PRO FB 69 28.28 23.34 -71.83
C PRO FB 69 27.22 24.28 -72.39
N GLU FB 70 25.97 23.93 -72.10
CA GLU FB 70 24.83 24.83 -72.21
C GLU FB 70 24.50 25.31 -70.81
N VAL FB 71 24.58 26.62 -70.60
CA VAL FB 71 24.27 27.26 -69.34
C VAL FB 71 22.87 27.84 -69.40
N ALA FB 72 22.25 28.02 -68.24
CA ALA FB 72 20.93 28.63 -68.14
C ALA FB 72 20.97 29.73 -67.10
N THR FB 73 20.29 30.83 -67.41
CA THR FB 73 20.25 31.99 -66.55
C THR FB 73 19.00 31.91 -65.68
N ILE FB 74 19.18 31.61 -64.40
CA ILE FB 74 18.08 31.49 -63.45
C ILE FB 74 17.98 32.79 -62.67
N THR FB 75 16.80 33.40 -62.70
CA THR FB 75 16.55 34.62 -61.94
C THR FB 75 15.33 34.37 -61.05
N PRO FB 76 15.46 34.45 -59.73
CA PRO FB 76 14.33 34.11 -58.85
C PRO FB 76 13.17 35.08 -59.04
N ASN FB 77 12.02 34.68 -58.51
CA ASN FB 77 10.78 35.39 -58.79
C ASN FB 77 10.82 36.81 -58.23
N GLY FB 78 10.68 37.78 -59.12
CA GLY FB 78 10.67 39.18 -58.73
C GLY FB 78 11.99 39.70 -58.19
N SER FB 79 13.11 39.24 -58.77
CA SER FB 79 14.43 39.59 -58.29
C SER FB 79 15.14 40.50 -59.29
N ASP FB 80 16.04 41.34 -58.76
CA ASP FB 80 16.80 42.24 -59.62
C ASP FB 80 17.86 41.49 -60.40
N THR FB 81 18.67 40.68 -59.73
CA THR FB 81 19.83 40.06 -60.34
C THR FB 81 19.61 38.58 -60.58
N SER FB 82 20.27 38.06 -61.61
CA SER FB 82 20.16 36.67 -62.00
C SER FB 82 21.50 35.98 -61.81
N SER FB 83 21.44 34.68 -61.52
CA SER FB 83 22.62 33.85 -61.37
C SER FB 83 22.64 32.80 -62.47
N VAL FB 84 23.83 32.39 -62.88
CA VAL FB 84 23.99 31.46 -63.99
C VAL FB 84 24.31 30.07 -63.45
N GLU FB 85 23.71 29.05 -64.07
CA GLU FB 85 23.82 27.67 -63.63
C GLU FB 85 24.17 26.80 -64.83
N ILE FB 86 24.93 25.74 -64.61
CA ILE FB 86 25.33 24.86 -65.70
C ILE FB 86 24.18 23.89 -65.97
N ALA FB 87 23.46 24.11 -67.07
CA ALA FB 87 22.27 23.32 -67.37
C ALA FB 87 22.64 21.90 -67.77
N ARG FB 88 23.43 21.76 -68.83
CA ARG FB 88 23.91 20.44 -69.22
C ARG FB 88 25.18 20.61 -70.04
N THR FB 89 25.84 19.50 -70.34
CA THR FB 89 27.10 19.57 -71.07
C THR FB 89 27.16 18.46 -72.10
N ASN FB 90 27.52 18.81 -73.34
CA ASN FB 90 27.96 17.83 -74.32
C ASN FB 90 29.48 17.71 -74.23
N ARG FB 91 29.98 16.50 -74.46
CA ARG FB 91 31.41 16.27 -74.35
C ARG FB 91 31.90 15.33 -75.44
N ALA FB 92 33.15 15.52 -75.84
CA ALA FB 92 33.85 14.60 -76.72
C ALA FB 92 35.22 14.29 -76.10
N GLN FB 93 35.54 13.01 -75.96
CA GLN FB 93 36.73 12.58 -75.23
C GLN FB 93 37.51 11.60 -76.10
N VAL FB 94 38.73 11.97 -76.47
CA VAL FB 94 39.55 11.21 -77.40
C VAL FB 94 40.82 10.76 -76.68
N GLU FB 95 41.07 9.46 -76.70
CA GLU FB 95 42.32 8.88 -76.20
C GLU FB 95 42.99 8.17 -77.37
N PHE FB 96 44.15 8.67 -77.78
CA PHE FB 96 44.99 7.94 -78.71
C PHE FB 96 45.97 7.11 -77.90
N ILE FB 97 46.02 5.83 -78.18
CA ILE FB 97 47.00 4.91 -77.62
C ILE FB 97 48.06 4.72 -78.71
N LEU FB 98 49.20 5.38 -78.56
CA LEU FB 98 50.21 5.26 -79.58
C LEU FB 98 51.39 4.45 -79.05
N PRO FB 99 51.96 3.54 -79.83
CA PRO FB 99 53.18 2.86 -79.35
C PRO FB 99 54.44 3.67 -79.57
N ALA FB 100 55.37 3.56 -78.62
CA ALA FB 100 56.64 4.28 -78.71
C ALA FB 100 57.53 3.77 -79.84
N GLN FB 101 57.17 2.65 -80.46
CA GLN FB 101 57.98 2.01 -81.47
C GLN FB 101 57.51 2.30 -82.89
N SER FB 102 56.47 3.12 -83.04
CA SER FB 102 55.90 3.40 -84.35
C SER FB 102 56.64 4.54 -85.04
N ALA FB 103 56.33 4.72 -86.32
CA ALA FB 103 56.84 5.83 -87.10
C ALA FB 103 55.77 6.91 -87.24
N ALA FB 104 56.21 8.16 -87.31
CA ALA FB 104 55.29 9.29 -87.35
C ALA FB 104 54.32 9.22 -88.51
N THR FB 105 54.69 8.53 -89.60
CA THR FB 105 53.77 8.33 -90.72
C THR FB 105 52.48 7.69 -90.24
N VAL FB 106 52.61 6.66 -89.41
CA VAL FB 106 51.45 5.91 -88.94
C VAL FB 106 50.54 6.81 -88.11
N ARG FB 107 51.11 7.61 -87.20
CA ARG FB 107 50.29 8.50 -86.39
C ARG FB 107 49.63 9.57 -87.26
N GLU FB 108 50.35 10.07 -88.26
CA GLU FB 108 49.77 11.08 -89.14
C GLU FB 108 48.54 10.54 -89.85
N ASP FB 109 48.64 9.36 -90.47
CA ASP FB 109 47.44 8.90 -91.16
C ASP FB 109 46.40 8.29 -90.23
N LEU FB 110 46.75 7.94 -88.99
CA LEU FB 110 45.71 7.63 -88.01
C LEU FB 110 44.86 8.85 -87.70
N VAL FB 111 45.53 9.98 -87.43
CA VAL FB 111 44.79 11.22 -87.20
C VAL FB 111 43.97 11.60 -88.41
N ALA FB 112 44.55 11.47 -89.60
CA ALA FB 112 43.82 11.81 -90.82
C ALA FB 112 42.60 10.92 -91.00
N LEU FB 113 42.74 9.62 -90.69
CA LEU FB 113 41.61 8.70 -90.78
C LEU FB 113 40.52 9.09 -89.80
N LEU FB 114 40.90 9.47 -88.58
CA LEU FB 114 39.90 9.89 -87.60
C LEU FB 114 39.16 11.14 -88.06
N ALA FB 115 39.90 12.13 -88.59
CA ALA FB 115 39.26 13.36 -89.06
C ALA FB 115 38.35 13.08 -90.24
N SER FB 116 38.77 12.22 -91.16
CA SER FB 116 37.92 11.89 -92.31
C SER FB 116 36.71 11.08 -91.89
N ALA FB 117 36.84 10.26 -90.84
CA ALA FB 117 35.68 9.55 -90.32
C ALA FB 117 34.69 10.52 -89.71
N LEU FB 118 35.18 11.52 -88.98
CA LEU FB 118 34.29 12.57 -88.48
C LEU FB 118 33.63 13.34 -89.61
N ALA FB 119 34.34 13.52 -90.73
CA ALA FB 119 33.78 14.27 -91.84
C ALA FB 119 32.78 13.45 -92.64
N ASP FB 120 32.94 12.13 -92.68
CA ASP FB 120 32.01 11.29 -93.44
C ASP FB 120 30.60 11.44 -92.91
N THR FB 121 29.63 11.54 -93.81
CA THR FB 121 28.26 11.80 -93.41
C THR FB 121 27.64 10.59 -92.71
N ALA FB 122 27.95 9.39 -93.19
CA ALA FB 122 27.40 8.18 -92.57
C ALA FB 122 27.85 8.06 -91.11
N ILE FB 123 29.12 8.37 -90.85
CA ILE FB 123 29.61 8.33 -89.48
C ILE FB 123 29.15 9.55 -88.69
N LYS FB 124 28.97 10.69 -89.36
CA LYS FB 124 28.58 11.91 -88.66
C LYS FB 124 27.14 11.81 -88.17
N SER FB 125 26.28 11.07 -88.89
CA SER FB 125 24.93 10.87 -88.41
C SER FB 125 24.92 10.08 -87.11
N THR FB 126 25.90 9.20 -86.94
CA THR FB 126 26.07 8.46 -85.69
C THR FB 126 26.15 9.40 -84.50
N ILE FB 127 27.01 10.42 -84.59
CA ILE FB 127 27.22 11.33 -83.47
C ILE FB 127 26.09 12.34 -83.40
N VAL FB 128 25.86 13.04 -84.50
CA VAL FB 128 24.96 14.18 -84.49
C VAL FB 128 23.51 13.74 -84.26
N ASN FB 129 23.08 12.69 -84.97
CA ASN FB 129 21.68 12.28 -85.03
C ASN FB 129 21.37 11.03 -84.22
N VAL FB 130 22.38 10.40 -83.62
CA VAL FB 130 22.22 9.27 -82.71
C VAL FB 130 21.42 8.18 -83.40
N GLU FB 131 21.85 7.84 -84.60
CA GLU FB 131 21.32 6.70 -85.33
C GLU FB 131 22.35 5.57 -85.27
N HIS FB 132 21.89 4.37 -84.94
CA HIS FB 132 22.71 3.16 -84.96
C HIS FB 132 22.96 2.71 -86.40
N PHE FB 133 24.04 1.96 -86.56
CA PHE FB 133 24.27 1.22 -87.79
C PHE FB 133 23.40 -0.03 -87.82
N TYR FB 134 22.85 -0.35 -88.99
CA TYR FB 134 21.98 -1.51 -89.14
C TYR FB 134 22.08 -2.17 -90.52
N PRO GB 1 65.77 31.47 -68.60
CA PRO GB 1 65.80 30.68 -69.84
C PRO GB 1 64.43 30.13 -70.16
N ALA GB 2 63.64 30.91 -70.92
CA ALA GB 2 62.34 30.44 -71.37
C ALA GB 2 62.54 29.20 -72.25
N LEU GB 3 61.62 28.25 -72.10
CA LEU GB 3 61.69 26.99 -72.81
C LEU GB 3 61.69 27.25 -74.32
N LYS GB 4 62.71 26.75 -75.01
CA LYS GB 4 62.92 27.06 -76.41
C LYS GB 4 63.86 26.03 -76.99
N PRO GB 5 63.73 25.71 -78.27
CA PRO GB 5 64.57 24.65 -78.85
C PRO GB 5 66.02 25.08 -78.86
N ILE GB 6 66.90 24.12 -78.61
CA ILE GB 6 68.32 24.43 -78.51
C ILE GB 6 69.07 23.52 -79.47
N THR GB 7 70.17 24.04 -80.02
CA THR GB 7 70.97 23.32 -81.01
C THR GB 7 72.29 22.91 -80.39
N LEU GB 8 72.67 21.63 -80.58
CA LEU GB 8 73.89 21.07 -80.04
C LEU GB 8 74.64 20.34 -81.14
N THR GB 9 75.97 20.35 -81.07
CA THR GB 9 76.81 19.74 -82.09
C THR GB 9 77.17 18.31 -81.70
N ASP GB 10 77.02 17.37 -82.64
CA ASP GB 10 77.36 15.97 -82.40
C ASP GB 10 78.86 15.77 -82.62
N HIS GB 11 79.28 14.51 -82.72
CA HIS GB 11 80.70 14.23 -82.89
C HIS GB 11 81.23 14.74 -84.21
N SER GB 12 80.42 14.73 -85.25
CA SER GB 12 80.81 15.23 -86.55
C SER GB 12 80.69 16.75 -86.67
N SER GB 13 80.41 17.43 -85.56
CA SER GB 13 80.13 18.86 -85.48
C SER GB 13 78.86 19.25 -86.22
N ALA GB 14 78.06 18.28 -86.66
CA ALA GB 14 76.79 18.58 -87.32
C ALA GB 14 75.77 19.06 -86.30
N ASP GB 15 74.99 20.07 -86.67
CA ASP GB 15 73.98 20.61 -85.77
C ASP GB 15 72.88 19.58 -85.52
N VAL GB 16 72.34 19.61 -84.30
CA VAL GB 16 71.33 18.67 -83.83
C VAL GB 16 70.35 19.49 -83.00
N ILE GB 17 69.12 19.61 -83.47
CA ILE GB 17 68.15 20.55 -82.91
C ILE GB 17 67.20 19.79 -82.00
N PHE GB 18 67.29 20.06 -80.70
CA PHE GB 18 66.37 19.50 -79.72
C PHE GB 18 65.21 20.48 -79.52
N THR GB 19 63.99 20.02 -79.83
CA THR GB 19 62.84 20.87 -79.55
C THR GB 19 62.31 20.58 -78.15
N PRO GB 20 61.73 21.57 -77.48
CA PRO GB 20 61.19 21.33 -76.14
C PRO GB 20 60.04 20.33 -76.21
N THR GB 21 60.03 19.38 -75.28
CA THR GB 21 59.00 18.36 -75.20
C THR GB 21 58.06 18.60 -74.02
N GLN GB 22 58.61 18.70 -72.81
CA GLN GB 22 57.72 18.65 -71.65
C GLN GB 22 58.32 19.39 -70.47
N ILE GB 23 57.47 20.07 -69.71
CA ILE GB 23 57.83 20.55 -68.39
C ILE GB 23 57.15 19.63 -67.38
N ASP GB 24 57.94 19.05 -66.50
CA ASP GB 24 57.51 17.93 -65.68
C ASP GB 24 56.56 18.39 -64.58
N LYS GB 25 56.12 17.43 -63.76
CA LYS GB 25 55.40 17.77 -62.54
C LYS GB 25 56.36 18.31 -61.48
N ASN GB 26 57.57 17.77 -61.43
CA ASN GB 26 58.58 18.19 -60.46
C ASN GB 26 59.40 19.38 -60.92
N GLY GB 27 59.34 19.73 -62.20
CA GLY GB 27 60.13 20.81 -62.75
C GLY GB 27 61.12 20.38 -63.81
N VAL GB 28 61.16 19.10 -64.17
CA VAL GB 28 62.11 18.62 -65.18
C VAL GB 28 61.70 19.13 -66.55
N ALA GB 29 62.67 19.63 -67.30
CA ALA GB 29 62.47 20.10 -68.66
C ALA GB 29 63.06 19.07 -69.61
N TYR GB 30 62.23 18.57 -70.52
CA TYR GB 30 62.60 17.52 -71.47
C TYR GB 30 62.62 18.11 -72.88
N PHE GB 31 63.78 18.02 -73.53
CA PHE GB 31 63.95 18.32 -74.95
C PHE GB 31 64.20 17.02 -75.71
N ARG GB 32 63.61 16.92 -76.90
CA ARG GB 32 63.65 15.71 -77.71
C ARG GB 32 64.13 16.07 -79.11
N HIS GB 33 64.95 15.19 -79.67
CA HIS GB 33 65.40 15.27 -81.05
C HIS GB 33 64.99 13.96 -81.73
N LEU GB 34 63.93 14.02 -82.52
CA LEU GB 34 63.44 12.83 -83.18
C LEU GB 34 64.36 12.42 -84.32
N GLN GB 35 64.23 11.17 -84.75
CA GLN GB 35 65.05 10.67 -85.85
C GLN GB 35 64.41 11.07 -87.17
N ALA GB 36 64.98 10.56 -88.28
CA ALA GB 36 64.43 10.85 -89.59
C ALA GB 36 62.99 10.37 -89.70
N ASN GB 37 62.74 9.13 -89.29
CA ASN GB 37 61.43 8.51 -89.39
C ASN GB 37 60.48 8.94 -88.29
N GLY GB 38 60.92 9.78 -87.37
CA GLY GB 38 60.06 10.19 -86.26
C GLY GB 38 59.70 9.06 -85.31
N LYS GB 39 60.66 8.19 -85.01
CA LYS GB 39 60.42 7.09 -84.07
C LYS GB 39 60.75 7.55 -82.66
N PRO GB 40 59.78 7.56 -81.74
CA PRO GB 40 60.08 8.02 -80.37
C PRO GB 40 61.19 7.24 -79.71
N ILE GB 41 61.17 5.91 -79.85
CA ILE GB 41 62.19 5.07 -79.25
C ILE GB 41 63.59 5.45 -79.73
N GLY GB 42 63.71 6.12 -80.87
CA GLY GB 42 65.00 6.52 -81.38
C GLY GB 42 65.42 7.93 -81.07
N ALA GB 43 64.59 8.70 -80.39
CA ALA GB 43 64.86 10.13 -80.22
C ALA GB 43 65.89 10.37 -79.11
N TYR GB 44 66.79 11.32 -79.36
CA TYR GB 44 67.68 11.80 -78.30
C TYR GB 44 66.90 12.66 -77.32
N THR GB 45 67.32 12.65 -76.06
CA THR GB 45 66.65 13.45 -75.05
C THR GB 45 67.66 14.21 -74.20
N VAL GB 46 67.24 15.37 -73.73
CA VAL GB 46 68.04 16.18 -72.81
C VAL GB 46 67.12 16.69 -71.72
N SER GB 47 67.45 16.39 -70.47
CA SER GB 47 66.67 16.78 -69.30
C SER GB 47 67.43 17.80 -68.47
N SER GB 48 66.72 18.81 -67.99
CA SER GB 48 67.31 19.82 -67.12
C SER GB 48 66.35 20.13 -66.00
N HIS GB 49 66.81 19.95 -64.76
CA HIS GB 49 65.99 20.22 -63.58
C HIS GB 49 66.85 20.82 -62.49
N VAL GB 50 66.38 21.90 -61.87
CA VAL GB 50 67.11 22.52 -60.78
C VAL GB 50 66.26 22.46 -59.52
N LYS GB 51 66.86 22.02 -58.43
CA LYS GB 51 66.21 21.85 -57.14
C LYS GB 51 66.79 22.90 -56.19
N GLU GB 52 65.93 23.84 -55.78
CA GLU GB 52 66.28 24.90 -54.85
C GLU GB 52 66.44 24.34 -53.44
N PRO GB 53 67.18 25.03 -52.58
CA PRO GB 53 67.31 24.58 -51.19
C PRO GB 53 66.09 24.93 -50.37
N GLY GB 54 65.87 24.11 -49.34
CA GLY GB 54 64.76 24.32 -48.42
C GLY GB 54 65.17 23.98 -47.01
N THR GB 55 64.41 24.51 -46.06
CA THR GB 55 64.70 24.34 -44.64
C THR GB 55 66.16 24.70 -44.34
N ASN GB 56 66.52 25.91 -44.76
CA ASN GB 56 67.85 26.48 -44.55
C ASN GB 56 68.94 25.51 -45.00
N GLY GB 57 68.76 24.97 -46.21
CA GLY GB 57 69.78 24.16 -46.84
C GLY GB 57 70.74 25.05 -47.63
N ASP GB 58 72.03 24.75 -47.53
CA ASP GB 58 73.02 25.56 -48.22
C ASP GB 58 73.12 25.24 -49.70
N VAL GB 59 72.59 24.11 -50.14
CA VAL GB 59 72.95 23.52 -51.43
C VAL GB 59 71.86 23.74 -52.47
N PHE GB 60 72.29 23.84 -53.72
CA PHE GB 60 71.46 23.81 -54.91
C PHE GB 60 71.81 22.55 -55.69
N ARG GB 61 70.80 21.83 -56.18
CA ARG GB 61 71.06 20.60 -56.93
C ARG GB 61 70.54 20.74 -58.35
N VAL GB 62 71.46 20.96 -59.31
CA VAL GB 62 71.08 21.22 -60.69
C VAL GB 62 71.53 20.03 -61.54
N LYS GB 63 70.60 19.46 -62.29
CA LYS GB 63 70.83 18.18 -62.97
C LYS GB 63 70.62 18.34 -64.46
N LEU GB 64 71.52 17.71 -65.22
CA LEU GB 64 71.51 17.72 -66.68
C LEU GB 64 71.71 16.29 -67.17
N PHE GB 65 70.76 15.80 -67.97
CA PHE GB 65 70.80 14.45 -68.52
C PHE GB 65 70.83 14.52 -70.04
N VAL GB 66 71.67 13.70 -70.66
CA VAL GB 66 71.76 13.59 -72.11
C VAL GB 66 71.68 12.11 -72.46
N ASN GB 67 70.56 11.69 -73.04
CA ASN GB 67 70.32 10.29 -73.35
C ASN GB 67 70.33 10.10 -74.86
N VAL GB 68 71.21 9.22 -75.32
CA VAL GB 68 71.37 8.86 -76.73
C VAL GB 68 70.97 7.40 -76.92
N PRO GB 69 69.83 7.11 -77.53
CA PRO GB 69 69.49 5.72 -77.79
C PRO GB 69 70.00 5.28 -79.16
N GLU GB 70 70.29 4.00 -79.25
CA GLU GB 70 70.50 3.33 -80.54
C GLU GB 70 69.46 2.22 -80.65
N VAL GB 71 68.77 2.22 -81.79
CA VAL GB 71 67.73 1.26 -82.11
C VAL GB 71 68.36 -0.04 -82.59
N ALA GB 72 67.84 -1.20 -82.14
CA ALA GB 72 68.29 -2.48 -82.64
C ALA GB 72 67.19 -3.08 -83.49
N THR GB 73 67.51 -3.34 -84.76
CA THR GB 73 66.52 -3.89 -85.68
C THR GB 73 66.61 -5.41 -85.73
N GLU GB 85 63.37 -2.61 -83.19
CA GLU GB 85 62.24 -2.90 -82.32
C GLU GB 85 62.49 -2.48 -80.86
N ILE GB 86 63.57 -2.96 -80.27
CA ILE GB 86 63.97 -2.54 -78.93
C ILE GB 86 65.32 -1.83 -79.07
N ALA GB 87 65.55 -0.87 -78.19
CA ALA GB 87 66.68 0.03 -78.33
C ALA GB 87 67.39 0.15 -77.00
N ARG GB 88 68.72 0.26 -77.04
CA ARG GB 88 69.48 0.45 -75.81
C ARG GB 88 70.06 1.85 -75.79
N THR GB 89 70.13 2.43 -74.60
CA THR GB 89 70.38 3.86 -74.45
C THR GB 89 71.70 4.07 -73.72
N ASN GB 90 72.64 4.76 -74.37
CA ASN GB 90 73.76 5.36 -73.67
C ASN GB 90 73.28 6.61 -72.95
N ARG GB 91 73.73 6.83 -71.73
CA ARG GB 91 73.29 7.98 -70.96
C ARG GB 91 74.47 8.72 -70.36
N ALA GB 92 74.32 10.04 -70.26
CA ALA GB 92 75.19 10.88 -69.45
C ALA GB 92 74.32 11.60 -68.43
N GLN GB 93 74.72 11.55 -67.16
CA GLN GB 93 73.92 12.10 -66.08
C GLN GB 93 74.82 12.97 -65.20
N VAL GB 94 74.57 14.28 -65.18
CA VAL GB 94 75.41 15.21 -64.45
C VAL GB 94 74.57 15.86 -63.36
N GLU GB 95 75.12 15.90 -62.15
CA GLU GB 95 74.53 16.60 -61.02
C GLU GB 95 75.57 17.57 -60.47
N PHE GB 96 75.26 18.87 -60.53
CA PHE GB 96 76.08 19.89 -59.89
C PHE GB 96 75.46 20.22 -58.54
N ILE GB 97 76.33 20.26 -57.52
CA ILE GB 97 75.95 20.65 -56.16
C ILE GB 97 76.62 22.01 -55.91
N LEU GB 98 75.81 23.05 -55.79
CA LEU GB 98 76.30 24.42 -55.74
C LEU GB 98 75.83 25.11 -54.48
N PRO GB 99 76.70 25.48 -53.54
CA PRO GB 99 76.25 26.23 -52.37
C PRO GB 99 75.72 27.61 -52.75
N ALA GB 100 74.84 28.13 -51.88
CA ALA GB 100 74.15 29.38 -52.17
C ALA GB 100 75.03 30.61 -51.96
N GLN GB 101 76.06 30.52 -51.10
CA GLN GB 101 76.92 31.68 -50.88
C GLN GB 101 78.01 31.83 -51.94
N SER GB 102 78.28 30.78 -52.72
CA SER GB 102 79.34 30.88 -53.73
C SER GB 102 78.98 31.93 -54.77
N ALA GB 103 79.88 32.89 -54.98
CA ALA GB 103 79.68 33.85 -56.05
C ALA GB 103 79.72 33.12 -57.39
N ALA GB 104 79.02 33.71 -58.37
CA ALA GB 104 78.89 33.05 -59.67
C ALA GB 104 80.24 32.77 -60.34
N THR GB 105 81.31 33.47 -59.93
CA THR GB 105 82.64 33.21 -60.48
C THR GB 105 82.99 31.72 -60.34
N VAL GB 106 82.72 31.17 -59.16
CA VAL GB 106 83.10 29.80 -58.87
C VAL GB 106 82.34 28.85 -59.78
N ARG GB 107 81.03 29.04 -59.90
CA ARG GB 107 80.24 28.13 -60.72
C ARG GB 107 80.64 28.24 -62.18
N GLU GB 108 80.95 29.46 -62.63
CA GLU GB 108 81.40 29.63 -64.01
C GLU GB 108 82.66 28.81 -64.28
N ASP GB 109 83.72 28.97 -63.46
CA ASP GB 109 84.93 28.21 -63.76
C ASP GB 109 84.81 26.73 -63.38
N LEU GB 110 83.83 26.35 -62.55
CA LEU GB 110 83.60 24.92 -62.33
C LEU GB 110 83.06 24.28 -63.61
N VAL GB 111 82.05 24.89 -64.21
CA VAL GB 111 81.56 24.42 -65.50
C VAL GB 111 82.68 24.40 -66.52
N ALA GB 112 83.50 25.45 -66.56
CA ALA GB 112 84.57 25.50 -67.54
C ALA GB 112 85.55 24.36 -67.32
N LEU GB 113 85.84 24.04 -66.05
CA LEU GB 113 86.67 22.89 -65.71
C LEU GB 113 86.09 21.59 -66.22
N LEU GB 114 84.78 21.40 -66.01
CA LEU GB 114 84.15 20.15 -66.44
C LEU GB 114 84.22 20.01 -67.96
N ALA GB 115 83.94 21.10 -68.68
CA ALA GB 115 83.97 21.04 -70.14
C ALA GB 115 85.38 20.79 -70.65
N SER GB 116 86.38 21.44 -70.04
CA SER GB 116 87.75 21.19 -70.46
C SER GB 116 88.20 19.78 -70.12
N ALA GB 117 87.68 19.20 -69.04
CA ALA GB 117 87.99 17.81 -68.72
C ALA GB 117 87.39 16.87 -69.74
N LEU GB 118 86.16 17.15 -70.19
CA LEU GB 118 85.57 16.39 -71.27
C LEU GB 118 86.35 16.54 -72.58
N ALA GB 119 86.95 17.71 -72.80
CA ALA GB 119 87.70 17.93 -74.03
C ALA GB 119 89.09 17.31 -73.97
N ASP GB 120 89.68 17.17 -72.78
CA ASP GB 120 91.02 16.61 -72.67
C ASP GB 120 91.03 15.19 -73.20
N THR GB 121 92.08 14.86 -73.97
CA THR GB 121 92.12 13.57 -74.65
C THR GB 121 92.24 12.42 -73.66
N ALA GB 122 93.05 12.59 -72.61
CA ALA GB 122 93.24 11.51 -71.64
C ALA GB 122 91.93 11.17 -70.93
N ILE GB 123 91.21 12.20 -70.46
CA ILE GB 123 89.94 11.99 -69.78
C ILE GB 123 88.89 11.49 -70.74
N LYS GB 124 88.88 12.02 -71.98
CA LYS GB 124 87.89 11.61 -72.95
C LYS GB 124 88.05 10.14 -73.32
N SER GB 125 89.29 9.64 -73.31
CA SER GB 125 89.52 8.22 -73.56
C SER GB 125 88.77 7.37 -72.54
N THR GB 126 88.74 7.82 -71.29
CA THR GB 126 88.02 7.13 -70.22
C THR GB 126 86.59 6.82 -70.62
N ILE GB 127 85.90 7.78 -71.21
CA ILE GB 127 84.50 7.58 -71.56
C ILE GB 127 84.38 6.85 -72.89
N VAL GB 128 85.08 7.35 -73.91
CA VAL GB 128 84.85 6.87 -75.28
C VAL GB 128 85.28 5.42 -75.41
N ASN GB 129 86.48 5.09 -74.90
CA ASN GB 129 87.08 3.78 -75.08
C ASN GB 129 86.89 2.88 -73.87
N VAL GB 130 86.11 3.32 -72.88
CA VAL GB 130 85.88 2.63 -71.61
C VAL GB 130 87.16 1.98 -71.11
N GLU GB 131 88.22 2.79 -70.96
CA GLU GB 131 89.50 2.36 -70.40
C GLU GB 131 89.64 2.91 -69.00
N HIS GB 132 90.14 2.08 -68.08
CA HIS GB 132 90.51 2.52 -66.73
C HIS GB 132 91.77 3.37 -66.76
N PHE GB 133 91.91 4.23 -65.74
CA PHE GB 133 93.19 4.88 -65.53
C PHE GB 133 94.18 3.89 -64.92
N TYR GB 134 95.41 3.90 -65.42
CA TYR GB 134 96.44 2.97 -64.95
C TYR GB 134 97.84 3.57 -64.90
N PRO HB 1 47.86 34.93 -69.30
CA PRO HB 1 49.16 35.53 -68.99
C PRO HB 1 50.27 34.52 -69.15
N ALA HB 2 50.91 34.51 -70.31
CA ALA HB 2 52.08 33.67 -70.49
C ALA HB 2 53.20 34.14 -69.57
N LEU HB 3 54.05 33.21 -69.15
CA LEU HB 3 55.14 33.53 -68.26
C LEU HB 3 56.19 34.35 -69.00
N LYS HB 4 56.51 35.53 -68.48
CA LYS HB 4 57.34 36.53 -69.13
C LYS HB 4 58.02 37.34 -68.04
N PRO HB 5 59.27 37.76 -68.23
CA PRO HB 5 59.86 38.72 -67.28
C PRO HB 5 59.04 39.99 -67.27
N ILE HB 6 58.67 40.41 -66.07
CA ILE HB 6 57.82 41.59 -65.92
C ILE HB 6 58.62 42.68 -65.23
N THR HB 7 58.49 43.90 -65.73
CA THR HB 7 59.21 45.04 -65.20
C THR HB 7 58.29 45.83 -64.29
N LEU HB 8 58.74 46.10 -63.06
CA LEU HB 8 57.98 46.85 -62.08
C LEU HB 8 58.79 48.07 -61.65
N THR HB 9 58.10 49.17 -61.37
CA THR HB 9 58.76 50.43 -61.01
C THR HB 9 58.86 50.56 -59.50
N ASP HB 10 60.03 50.97 -59.01
CA ASP HB 10 60.25 51.09 -57.57
C ASP HB 10 59.87 52.49 -57.09
N HIS HB 11 60.36 52.88 -55.92
CA HIS HB 11 59.98 54.18 -55.39
C HIS HB 11 60.53 55.32 -56.24
N SER HB 12 61.76 55.19 -56.72
CA SER HB 12 62.35 56.21 -57.55
C SER HB 12 61.86 56.19 -59.00
N SER HB 13 60.87 55.36 -59.30
CA SER HB 13 60.31 55.09 -60.62
C SER HB 13 61.29 54.35 -61.54
N ALA HB 14 62.46 53.96 -61.03
CA ALA HB 14 63.38 53.15 -61.80
C ALA HB 14 62.79 51.76 -62.06
N ASP HB 15 63.12 51.19 -63.21
CA ASP HB 15 62.61 49.87 -63.54
C ASP HB 15 63.35 48.80 -62.75
N VAL HB 16 62.65 47.70 -62.51
CA VAL HB 16 63.14 46.55 -61.74
C VAL HB 16 62.58 45.31 -62.43
N ILE HB 17 63.46 44.55 -63.06
CA ILE HB 17 63.05 43.44 -63.92
C ILE HB 17 63.00 42.17 -63.09
N PHE HB 18 61.83 41.54 -63.03
CA PHE HB 18 61.65 40.25 -62.37
C PHE HB 18 61.61 39.17 -63.44
N THR HB 19 62.60 38.28 -63.39
CA THR HB 19 62.63 37.14 -64.32
C THR HB 19 61.86 35.97 -63.73
N PRO HB 20 61.13 35.23 -64.56
CA PRO HB 20 60.38 34.08 -64.05
C PRO HB 20 61.32 33.01 -63.53
N THR HB 21 61.03 32.52 -62.31
CA THR HB 21 61.83 31.50 -61.67
C THR HB 21 61.24 30.10 -61.85
N GLN HB 22 59.99 29.90 -61.48
CA GLN HB 22 59.49 28.55 -61.29
C GLN HB 22 57.97 28.58 -61.26
N ILE HB 23 57.36 27.49 -61.72
CA ILE HB 23 55.93 27.27 -61.58
C ILE HB 23 55.75 26.11 -60.60
N ASP HB 24 55.09 26.40 -59.47
CA ASP HB 24 55.06 25.49 -58.34
C ASP HB 24 54.23 24.24 -58.66
N LYS HB 25 54.31 23.26 -57.75
CA LYS HB 25 53.43 22.10 -57.85
C LYS HB 25 51.98 22.47 -57.55
N ASN HB 26 51.77 23.55 -56.78
CA ASN HB 26 50.43 23.99 -56.41
C ASN HB 26 49.89 25.04 -57.36
N GLY HB 27 50.65 25.43 -58.37
CA GLY HB 27 50.25 26.45 -59.31
C GLY HB 27 50.88 27.80 -59.07
N VAL HB 28 51.70 27.94 -58.03
CA VAL HB 28 52.32 29.21 -57.71
C VAL HB 28 53.39 29.52 -58.74
N ALA HB 29 53.38 30.74 -59.27
CA ALA HB 29 54.37 31.22 -60.21
C ALA HB 29 55.23 32.27 -59.53
N TYR HB 30 56.55 32.10 -59.62
CA TYR HB 30 57.50 32.93 -58.91
C TYR HB 30 58.33 33.76 -59.90
N PHE HB 31 58.41 35.06 -59.65
CA PHE HB 31 59.31 35.96 -60.38
C PHE HB 31 60.31 36.52 -59.38
N ARG HB 32 61.59 36.51 -59.75
CA ARG HB 32 62.64 36.95 -58.84
C ARG HB 32 63.49 38.04 -59.45
N HIS HB 33 64.04 38.88 -58.57
CA HIS HB 33 65.04 39.88 -58.91
C HIS HB 33 66.13 39.78 -57.85
N LEU HB 34 67.35 39.48 -58.28
CA LEU HB 34 68.43 39.19 -57.35
C LEU HB 34 68.88 40.45 -56.62
N GLN HB 35 69.57 40.25 -55.50
CA GLN HB 35 70.04 41.35 -54.67
C GLN HB 35 71.23 42.04 -55.33
N ALA HB 36 71.76 43.05 -54.64
CA ALA HB 36 72.93 43.77 -55.13
C ALA HB 36 74.09 42.81 -55.41
N ASN HB 37 74.43 41.99 -54.42
CA ASN HB 37 75.42 40.95 -54.63
C ASN HB 37 74.87 39.87 -55.56
N GLY HB 38 75.76 39.29 -56.36
CA GLY HB 38 75.34 38.23 -57.26
C GLY HB 38 74.87 36.97 -56.58
N LYS HB 39 74.96 36.92 -55.26
CA LYS HB 39 74.63 35.71 -54.51
C LYS HB 39 73.12 35.56 -54.39
N PRO HB 40 72.53 34.46 -54.88
CA PRO HB 40 71.07 34.27 -54.86
C PRO HB 40 70.61 33.61 -53.57
N ILE HB 41 70.69 34.35 -52.47
CA ILE HB 41 70.25 33.86 -51.17
C ILE HB 41 68.94 34.53 -50.76
N GLY HB 42 68.95 35.85 -50.64
CA GLY HB 42 67.74 36.62 -50.47
C GLY HB 42 67.50 37.40 -51.75
N ALA HB 43 66.26 37.38 -52.21
CA ALA HB 43 65.94 37.96 -53.50
C ALA HB 43 64.53 38.50 -53.48
N TYR HB 44 64.33 39.60 -54.18
CA TYR HB 44 62.99 40.16 -54.29
C TYR HB 44 62.11 39.22 -55.09
N THR HB 45 60.92 38.92 -54.59
CA THR HB 45 60.07 37.91 -55.21
C THR HB 45 58.65 38.42 -55.39
N VAL HB 46 57.99 37.89 -56.42
CA VAL HB 46 56.59 38.15 -56.70
C VAL HB 46 55.94 36.79 -57.00
N SER HB 47 54.99 36.40 -56.17
CA SER HB 47 54.27 35.14 -56.31
C SER HB 47 52.86 35.39 -56.81
N SER HB 48 52.41 34.60 -57.77
CA SER HB 48 51.05 34.69 -58.26
C SER HB 48 50.43 33.30 -58.31
N HIS HB 49 49.25 33.16 -57.71
CA HIS HB 49 48.57 31.87 -57.72
C HIS HB 49 47.07 32.09 -57.73
N VAL HB 50 46.38 31.47 -58.68
CA VAL HB 50 44.93 31.52 -58.72
C VAL HB 50 44.39 30.14 -58.38
N LYS HB 51 43.38 30.11 -57.53
CA LYS HB 51 42.74 28.89 -57.06
C LYS HB 51 41.32 28.86 -57.60
N GLU HB 52 41.06 27.88 -58.48
CA GLU HB 52 39.75 27.63 -59.03
C GLU HB 52 38.77 27.28 -57.91
N PRO HB 53 37.47 27.34 -58.17
CA PRO HB 53 36.49 26.98 -57.14
C PRO HB 53 36.15 25.49 -57.12
N GLY HB 54 35.91 24.98 -55.94
CA GLY HB 54 35.59 23.57 -55.76
C GLY HB 54 34.10 23.38 -55.52
N THR HB 55 33.50 22.45 -56.29
CA THR HB 55 32.07 22.16 -56.19
C THR HB 55 31.25 23.43 -56.47
N ASN HB 56 31.69 24.20 -57.46
CA ASN HB 56 31.02 25.43 -57.90
C ASN HB 56 30.81 26.39 -56.73
N GLY HB 57 31.67 26.31 -55.72
CA GLY HB 57 31.70 27.38 -54.74
C GLY HB 57 31.99 28.70 -55.42
N ASP HB 58 31.21 29.71 -55.09
CA ASP HB 58 31.25 30.96 -55.85
C ASP HB 58 32.64 31.58 -55.95
N VAL HB 59 33.55 31.24 -55.03
CA VAL HB 59 34.78 32.00 -54.84
C VAL HB 59 35.90 31.49 -55.76
N PHE HB 60 36.60 32.44 -56.37
CA PHE HB 60 37.91 32.27 -56.96
C PHE HB 60 38.90 32.95 -56.03
N ARG HB 61 39.99 32.27 -55.69
CA ARG HB 61 40.96 32.83 -54.74
C ARG HB 61 42.26 33.14 -55.46
N VAL HB 62 42.46 34.41 -55.81
CA VAL HB 62 43.60 34.82 -56.62
C VAL HB 62 44.54 35.65 -55.76
N LYS HB 63 45.79 35.22 -55.65
CA LYS HB 63 46.71 35.74 -54.65
C LYS HB 63 47.97 36.28 -55.32
N LEU HB 64 48.43 37.42 -54.80
CA LEU HB 64 49.61 38.12 -55.27
C LEU HB 64 50.48 38.48 -54.08
N PHE HB 65 51.74 38.04 -54.09
CA PHE HB 65 52.67 38.29 -53.01
C PHE HB 65 53.88 39.05 -53.54
N VAL HB 66 54.33 40.06 -52.78
CA VAL HB 66 55.52 40.83 -53.12
C VAL HB 66 56.41 40.85 -51.89
N ASN HB 67 57.53 40.13 -51.95
CA ASN HB 67 58.43 40.00 -50.81
C ASN HB 67 59.73 40.74 -51.12
N VAL HB 68 60.08 41.68 -50.24
CA VAL HB 68 61.27 42.50 -50.35
C VAL HB 68 62.18 42.16 -49.18
N PRO HB 69 63.18 41.30 -49.39
CA PRO HB 69 64.13 41.00 -48.31
C PRO HB 69 65.29 41.99 -48.24
N GLU HB 70 65.66 42.34 -47.02
CA GLU HB 70 66.88 43.08 -46.72
C GLU HB 70 67.91 42.08 -46.19
N VAL HB 71 69.08 42.05 -46.84
CA VAL HB 71 70.12 41.05 -46.64
C VAL HB 71 71.30 41.70 -45.92
N ALA HB 72 72.09 40.87 -45.25
CA ALA HB 72 73.29 41.31 -44.53
C ALA HB 72 74.44 40.39 -44.86
N THR HB 73 75.57 40.99 -45.22
CA THR HB 73 76.80 40.24 -45.49
C THR HB 73 77.63 40.20 -44.23
N ILE HB 74 77.69 39.04 -43.57
CA ILE HB 74 78.39 38.88 -42.31
C ILE HB 74 79.66 38.09 -42.55
N THR HB 75 80.80 38.66 -42.15
CA THR HB 75 82.05 37.92 -42.19
C THR HB 75 82.55 37.73 -40.76
N PRO HB 76 82.71 36.47 -40.31
CA PRO HB 76 83.07 36.24 -38.90
C PRO HB 76 84.45 36.76 -38.54
N ASN HB 77 84.81 36.65 -37.26
CA ASN HB 77 86.06 37.22 -36.79
C ASN HB 77 87.25 36.40 -37.26
N GLY HB 78 88.23 37.08 -37.85
CA GLY HB 78 89.46 36.44 -38.29
C GLY HB 78 89.27 35.38 -39.36
N SER HB 79 88.26 35.53 -40.21
CA SER HB 79 87.93 34.56 -41.23
C SER HB 79 88.09 35.17 -42.61
N ASP HB 80 88.67 34.39 -43.53
CA ASP HB 80 88.91 34.88 -44.88
C ASP HB 80 87.60 35.20 -45.61
N THR HB 81 86.60 34.34 -45.46
CA THR HB 81 85.42 34.36 -46.31
C THR HB 81 84.20 34.88 -45.58
N SER HB 82 83.39 35.66 -46.29
CA SER HB 82 82.13 36.20 -45.78
C SER HB 82 80.97 35.37 -46.30
N SER HB 83 79.92 35.27 -45.49
CA SER HB 83 78.70 34.61 -45.91
C SER HB 83 77.54 35.58 -45.78
N VAL HB 84 76.52 35.35 -46.57
CA VAL HB 84 75.38 36.25 -46.63
C VAL HB 84 74.21 35.63 -45.86
N GLU HB 85 73.34 36.49 -45.33
CA GLU HB 85 72.29 36.07 -44.41
C GLU HB 85 71.07 36.96 -44.60
N ILE HB 86 69.88 36.37 -44.45
CA ILE HB 86 68.64 37.12 -44.62
C ILE HB 86 68.37 37.89 -43.33
N ALA HB 87 68.53 39.21 -43.37
CA ALA HB 87 68.39 40.02 -42.18
C ALA HB 87 66.92 40.17 -41.79
N ARG HB 88 66.10 40.69 -42.70
CA ARG HB 88 64.67 40.78 -42.44
C ARG HB 88 63.95 40.89 -43.77
N THR HB 89 62.62 40.86 -43.73
CA THR HB 89 61.84 40.92 -44.95
C THR HB 89 60.60 41.79 -44.75
N ASN HB 90 60.36 42.71 -45.67
CA ASN HB 90 59.08 43.38 -45.79
C ASN HB 90 58.21 42.59 -46.78
N ARG HB 91 56.94 42.45 -46.46
CA ARG HB 91 56.06 41.68 -47.32
C ARG HB 91 54.75 42.39 -47.56
N ALA HB 92 54.22 42.21 -48.77
CA ALA HB 92 52.86 42.62 -49.09
C ALA HB 92 52.15 41.39 -49.62
N GLN HB 93 50.98 41.09 -49.06
CA GLN HB 93 50.23 39.88 -49.39
C GLN HB 93 48.81 40.26 -49.72
N VAL HB 94 48.38 39.96 -50.95
CA VAL HB 94 47.07 40.36 -51.45
C VAL HB 94 46.29 39.11 -51.85
N GLU HB 95 45.06 39.02 -51.36
CA GLU HB 95 44.14 37.96 -51.75
C GLU HB 95 42.87 38.61 -52.26
N PHE HB 96 42.53 38.36 -53.52
CA PHE HB 96 41.24 38.75 -54.07
C PHE HB 96 40.34 37.53 -54.03
N ILE HB 97 39.14 37.74 -53.48
CA ILE HB 97 38.07 36.76 -53.48
C ILE HB 97 37.06 37.22 -54.51
N LEU HB 98 36.92 36.47 -55.60
CA LEU HB 98 36.11 36.91 -56.74
C LEU HB 98 34.99 35.92 -56.98
N PRO HB 99 33.72 36.30 -56.82
CA PRO HB 99 32.63 35.36 -57.10
C PRO HB 99 32.60 34.94 -58.57
N ALA HB 100 32.25 33.68 -58.80
CA ALA HB 100 32.29 33.10 -60.13
C ALA HB 100 31.18 33.59 -61.04
N GLN HB 101 30.33 34.51 -60.57
CA GLN HB 101 29.24 35.00 -61.38
C GLN HB 101 29.30 36.49 -61.68
N SER HB 102 30.19 37.24 -61.03
CA SER HB 102 30.38 38.63 -61.42
C SER HB 102 31.17 38.70 -62.72
N ALA HB 103 30.76 39.61 -63.61
CA ALA HB 103 31.43 39.77 -64.88
C ALA HB 103 32.74 40.53 -64.69
N ALA HB 104 33.56 40.55 -65.75
CA ALA HB 104 34.90 41.11 -65.64
C ALA HB 104 34.90 42.59 -65.26
N THR HB 105 33.79 43.31 -65.51
CA THR HB 105 33.73 44.73 -65.18
C THR HB 105 33.97 44.95 -63.69
N VAL HB 106 33.32 44.13 -62.88
CA VAL HB 106 33.43 44.26 -61.42
C VAL HB 106 34.86 44.04 -60.97
N ARG HB 107 35.52 43.02 -61.51
CA ARG HB 107 36.90 42.76 -61.10
C ARG HB 107 37.83 43.88 -61.57
N GLU HB 108 37.57 44.42 -62.76
CA GLU HB 108 38.39 45.50 -63.27
C GLU HB 108 38.32 46.72 -62.36
N ASP HB 109 37.10 47.15 -62.00
CA ASP HB 109 37.06 48.35 -61.17
C ASP HB 109 37.42 48.05 -59.71
N LEU HB 110 37.36 46.79 -59.27
CA LEU HB 110 37.93 46.46 -57.96
C LEU HB 110 39.44 46.65 -57.95
N VAL HB 111 40.12 46.13 -58.97
CA VAL HB 111 41.57 46.32 -59.08
C VAL HB 111 41.90 47.80 -59.15
N ALA HB 112 41.12 48.57 -59.93
CA ALA HB 112 41.38 49.99 -60.04
C ALA HB 112 41.19 50.69 -58.70
N LEU HB 113 40.17 50.31 -57.94
CA LEU HB 113 39.96 50.87 -56.62
C LEU HB 113 41.15 50.57 -55.70
N LEU HB 114 41.66 49.34 -55.75
CA LEU HB 114 42.79 48.99 -54.91
C LEU HB 114 44.04 49.78 -55.28
N ALA HB 115 44.32 49.91 -56.57
CA ALA HB 115 45.50 50.65 -57.00
C ALA HB 115 45.38 52.13 -56.65
N SER HB 116 44.19 52.71 -56.83
CA SER HB 116 43.99 54.11 -56.46
C SER HB 116 44.07 54.32 -54.95
N ALA HB 117 43.66 53.31 -54.17
CA ALA HB 117 43.82 53.39 -52.73
C ALA HB 117 45.29 53.37 -52.35
N LEU HB 118 46.08 52.52 -53.02
CA LEU HB 118 47.52 52.53 -52.78
C LEU HB 118 48.15 53.85 -53.19
N ALA HB 119 47.60 54.52 -54.20
CA ALA HB 119 48.15 55.79 -54.66
C ALA HB 119 47.75 56.96 -53.77
N ASP HB 120 46.56 56.91 -53.17
CA ASP HB 120 46.11 58.00 -52.30
C ASP HB 120 47.12 58.24 -51.19
N THR HB 121 47.37 59.52 -50.90
CA THR HB 121 48.39 59.87 -49.93
C THR HB 121 48.00 59.49 -48.52
N ALA HB 122 46.72 59.68 -48.16
CA ALA HB 122 46.25 59.34 -46.82
C ALA HB 122 46.37 57.85 -46.57
N ILE HB 123 45.87 57.04 -47.51
CA ILE HB 123 45.99 55.58 -47.39
C ILE HB 123 47.45 55.17 -47.46
N LYS HB 124 48.26 55.88 -48.23
CA LYS HB 124 49.66 55.49 -48.40
C LYS HB 124 50.44 55.66 -47.11
N SER HB 125 50.26 56.79 -46.43
CA SER HB 125 50.97 57.01 -45.17
C SER HB 125 50.65 55.93 -44.14
N THR HB 126 49.46 55.35 -44.21
CA THR HB 126 49.13 54.20 -43.38
C THR HB 126 50.19 53.12 -43.50
N ILE HB 127 50.55 52.77 -44.73
CA ILE HB 127 51.52 51.71 -44.96
C ILE HB 127 52.94 52.23 -44.73
N VAL HB 128 53.29 53.29 -45.45
CA VAL HB 128 54.67 53.75 -45.53
C VAL HB 128 55.13 54.27 -44.17
N ASN HB 129 54.31 55.07 -43.50
CA ASN HB 129 54.69 55.81 -42.32
C ASN HB 129 54.24 55.16 -41.02
N VAL HB 130 53.47 54.07 -41.11
CA VAL HB 130 53.02 53.32 -39.94
C VAL HB 130 52.30 54.26 -38.98
N GLU HB 131 51.38 55.03 -39.54
CA GLU HB 131 50.49 55.91 -38.80
C GLU HB 131 49.10 55.32 -38.84
N HIS HB 132 48.40 55.39 -37.71
CA HIS HB 132 46.99 55.02 -37.63
C HIS HB 132 46.13 56.10 -38.26
N PHE HB 133 44.96 55.70 -38.73
CA PHE HB 133 43.93 56.66 -39.11
C PHE HB 133 43.28 57.26 -37.88
N TYR HB 134 42.97 58.54 -37.94
CA TYR HB 134 42.36 59.23 -36.81
C TYR HB 134 41.50 60.43 -37.24
N PRO IB 1 121.25 43.86 11.40
CA PRO IB 1 121.21 44.98 10.45
C PRO IB 1 119.92 45.76 10.59
N ALA IB 2 120.05 47.01 11.05
CA ALA IB 2 118.92 47.92 11.11
C ALA IB 2 118.22 48.00 9.76
N LEU IB 3 116.92 47.78 9.77
CA LEU IB 3 116.13 47.77 8.55
C LEU IB 3 116.29 49.09 7.81
N LYS IB 4 116.81 49.02 6.59
CA LYS IB 4 117.11 50.18 5.77
C LYS IB 4 116.83 49.84 4.33
N PRO IB 5 116.33 50.79 3.54
CA PRO IB 5 116.15 50.54 2.11
C PRO IB 5 117.49 50.25 1.47
N ILE IB 6 117.53 49.20 0.65
CA ILE IB 6 118.77 48.75 0.08
C ILE IB 6 118.69 48.87 -1.43
N THR IB 7 119.83 49.14 -2.05
CA THR IB 7 119.92 49.35 -3.48
C THR IB 7 120.63 48.16 -4.12
N LEU IB 8 120.01 47.55 -5.13
CA LEU IB 8 120.54 46.40 -5.86
C LEU IB 8 120.61 46.71 -7.34
N THR IB 9 121.57 46.11 -8.03
CA THR IB 9 121.76 46.35 -9.45
C THR IB 9 121.03 45.31 -10.29
N ASP IB 10 120.35 45.77 -11.35
CA ASP IB 10 119.62 44.89 -12.26
C ASP IB 10 120.57 44.39 -13.35
N HIS IB 11 120.02 43.91 -14.46
CA HIS IB 11 120.87 43.36 -15.50
C HIS IB 11 121.73 44.43 -16.13
N SER IB 12 121.17 45.62 -16.36
CA SER IB 12 121.89 46.73 -16.95
C SER IB 12 122.80 47.45 -15.95
N SER IB 13 123.00 46.87 -14.78
CA SER IB 13 123.76 47.43 -13.66
C SER IB 13 123.20 48.76 -13.18
N ALA IB 14 121.97 49.11 -13.58
CA ALA IB 14 121.29 50.27 -13.03
C ALA IB 14 120.84 50.00 -11.61
N ASP IB 15 120.63 51.07 -10.85
CA ASP IB 15 120.21 50.92 -9.47
C ASP IB 15 118.72 50.62 -9.39
N VAL IB 16 118.36 49.84 -8.37
CA VAL IB 16 116.99 49.43 -8.10
C VAL IB 16 116.82 49.47 -6.58
N ILE IB 17 115.99 50.38 -6.11
CA ILE IB 17 115.89 50.68 -4.68
C ILE IB 17 114.72 49.91 -4.10
N PHE IB 18 115.00 49.01 -3.15
CA PHE IB 18 114.00 48.27 -2.42
C PHE IB 18 113.78 48.95 -1.06
N THR IB 19 112.56 49.42 -0.84
CA THR IB 19 112.21 50.04 0.44
C THR IB 19 111.64 48.98 1.39
N PRO IB 20 111.96 49.06 2.67
CA PRO IB 20 111.39 48.10 3.62
C PRO IB 20 109.88 48.30 3.72
N THR IB 21 109.17 47.17 3.71
CA THR IB 21 107.72 47.14 3.80
C THR IB 21 107.22 46.68 5.15
N GLN IB 22 107.74 45.56 5.66
CA GLN IB 22 107.12 44.90 6.79
C GLN IB 22 108.13 43.96 7.46
N ILE IB 23 107.99 43.82 8.77
CA ILE IB 23 108.66 42.76 9.52
C ILE IB 23 107.56 41.81 10.00
N ASP IB 24 107.68 40.54 9.63
CA ASP IB 24 106.59 39.59 9.76
C ASP IB 24 106.42 39.15 11.20
N LYS IB 25 105.33 38.41 11.46
CA LYS IB 25 105.15 37.78 12.76
C LYS IB 25 106.20 36.70 13.00
N ASN IB 26 106.67 36.07 11.94
CA ASN IB 26 107.64 34.97 12.03
C ASN IB 26 109.08 35.47 11.96
N GLY IB 27 109.29 36.77 11.85
CA GLY IB 27 110.63 37.31 11.71
C GLY IB 27 111.04 37.59 10.29
N VAL IB 28 110.14 37.44 9.33
CA VAL IB 28 110.45 37.69 7.92
C VAL IB 28 110.44 39.18 7.66
N ALA IB 29 111.48 39.69 7.02
CA ALA IB 29 111.59 41.09 6.66
C ALA IB 29 111.46 41.21 5.15
N TYR IB 30 110.59 42.13 4.71
CA TYR IB 30 110.24 42.28 3.30
C TYR IB 30 110.68 43.64 2.78
N PHE IB 31 111.42 43.64 1.67
CA PHE IB 31 111.71 44.85 0.91
C PHE IB 31 111.00 44.78 -0.42
N ARG IB 32 110.37 45.89 -0.81
CA ARG IB 32 109.62 45.91 -2.05
C ARG IB 32 110.09 47.04 -2.96
N HIS IB 33 109.92 46.80 -4.26
CA HIS IB 33 110.14 47.78 -5.31
C HIS IB 33 108.95 47.68 -6.25
N LEU IB 34 108.19 48.77 -6.38
CA LEU IB 34 106.94 48.75 -7.12
C LEU IB 34 107.20 48.58 -8.62
N GLN IB 35 106.15 48.16 -9.34
CA GLN IB 35 106.27 47.97 -10.78
C GLN IB 35 106.32 49.32 -11.50
N ALA IB 36 106.33 49.24 -12.83
CA ALA IB 36 106.29 50.44 -13.67
C ALA IB 36 105.08 51.31 -13.31
N ASN IB 37 103.89 50.70 -13.30
CA ASN IB 37 102.70 51.41 -12.85
C ASN IB 37 102.80 51.70 -11.36
N GLY IB 38 102.16 52.79 -10.93
CA GLY IB 38 102.17 53.16 -9.53
C GLY IB 38 101.41 52.21 -8.64
N LYS IB 39 100.74 51.25 -9.25
CA LYS IB 39 99.90 50.29 -8.57
C LYS IB 39 100.77 49.20 -7.93
N PRO IB 40 100.47 48.81 -6.69
CA PRO IB 40 101.34 47.88 -5.95
C PRO IB 40 100.98 46.41 -6.08
N ILE IB 41 100.10 46.03 -6.99
CA ILE IB 41 99.51 44.69 -6.94
C ILE IB 41 100.57 43.62 -7.18
N GLY IB 42 101.46 43.83 -8.14
CA GLY IB 42 102.61 42.97 -8.30
C GLY IB 42 103.85 43.80 -8.09
N ALA IB 43 104.84 43.29 -7.36
CA ALA IB 43 106.00 44.11 -7.08
C ALA IB 43 107.19 43.21 -6.80
N TYR IB 44 108.38 43.72 -7.15
CA TYR IB 44 109.61 42.99 -6.87
C TYR IB 44 109.84 42.95 -5.37
N THR IB 45 110.20 41.78 -4.84
CA THR IB 45 110.32 41.61 -3.41
C THR IB 45 111.61 40.89 -3.04
N VAL IB 46 112.12 41.23 -1.86
CA VAL IB 46 113.27 40.56 -1.26
C VAL IB 46 112.90 40.23 0.18
N SER IB 47 112.90 38.94 0.52
CA SER IB 47 112.54 38.46 1.84
C SER IB 47 113.78 37.93 2.54
N SER IB 48 113.93 38.29 3.82
CA SER IB 48 115.04 37.79 4.61
C SER IB 48 114.52 37.31 5.96
N HIS IB 49 114.81 36.05 6.28
CA HIS IB 49 114.41 35.51 7.58
C HIS IB 49 115.48 34.54 8.05
N VAL IB 50 115.96 34.73 9.27
CA VAL IB 50 116.94 33.83 9.85
C VAL IB 50 116.30 33.15 11.05
N LYS IB 51 116.41 31.81 11.08
CA LYS IB 51 115.80 30.97 12.12
C LYS IB 51 116.92 30.45 13.01
N GLU IB 52 116.93 30.91 14.25
CA GLU IB 52 117.93 30.46 15.22
C GLU IB 52 117.65 29.02 15.62
N PRO IB 53 118.67 28.29 16.07
CA PRO IB 53 118.48 26.88 16.42
C PRO IB 53 117.81 26.71 17.77
N GLY IB 54 117.23 25.54 17.97
CA GLY IB 54 116.56 25.21 19.21
C GLY IB 54 117.06 23.90 19.80
N THR IB 55 117.02 23.83 21.13
CA THR IB 55 117.57 22.68 21.86
C THR IB 55 119.02 22.44 21.46
N ASN IB 56 119.83 23.49 21.58
CA ASN IB 56 121.21 23.49 21.13
C ASN IB 56 121.34 22.94 19.71
N GLY IB 57 120.36 23.25 18.87
CA GLY IB 57 120.40 22.79 17.49
C GLY IB 57 121.69 23.27 16.82
N ASP IB 58 122.28 22.37 16.04
CA ASP IB 58 123.54 22.70 15.41
C ASP IB 58 123.40 23.81 14.37
N VAL IB 59 122.19 24.09 13.89
CA VAL IB 59 121.99 24.77 12.62
C VAL IB 59 121.18 26.05 12.81
N PHE IB 60 121.75 27.17 12.34
CA PHE IB 60 121.00 28.33 11.90
C PHE IB 60 120.48 28.08 10.49
N ARG IB 61 119.26 28.53 10.21
CA ARG IB 61 118.69 28.43 8.86
C ARG IB 61 118.33 29.82 8.37
N VAL IB 62 119.15 30.36 7.47
CA VAL IB 62 119.03 31.77 7.05
C VAL IB 62 118.57 31.78 5.59
N LYS IB 63 117.47 32.47 5.32
CA LYS IB 63 116.78 32.37 4.04
C LYS IB 63 116.67 33.74 3.39
N LEU IB 64 116.94 33.76 2.09
CA LEU IB 64 116.89 34.95 1.25
C LEU IB 64 116.07 34.65 0.00
N PHE IB 65 115.03 35.44 -0.23
CA PHE IB 65 114.13 35.24 -1.36
C PHE IB 65 114.13 36.49 -2.23
N VAL IB 66 114.18 36.28 -3.55
CA VAL IB 66 114.14 37.37 -4.52
C VAL IB 66 113.07 37.01 -5.54
N ASN IB 67 111.95 37.73 -5.49
CA ASN IB 67 110.80 37.46 -6.34
C ASN IB 67 110.62 38.58 -7.35
N VAL IB 68 110.59 38.20 -8.63
CA VAL IB 68 110.46 39.13 -9.75
C VAL IB 68 109.19 38.77 -10.51
N PRO IB 69 108.09 39.48 -10.27
CA PRO IB 69 106.87 39.25 -11.04
C PRO IB 69 106.83 40.06 -12.34
N GLU IB 70 106.26 39.45 -13.36
CA GLU IB 70 105.80 40.12 -14.56
C GLU IB 70 104.29 40.28 -14.45
N VAL IB 71 103.84 41.53 -14.46
CA VAL IB 71 102.42 41.86 -14.38
C VAL IB 71 101.91 42.17 -15.77
N ALA IB 72 100.60 42.02 -15.97
CA ALA IB 72 99.96 42.34 -17.23
C ALA IB 72 98.76 43.23 -16.97
N THR IB 73 98.58 44.22 -17.85
CA THR IB 73 97.50 45.19 -17.72
C THR IB 73 96.33 44.73 -18.57
N ILE IB 74 95.27 44.24 -17.92
CA ILE IB 74 94.09 43.75 -18.61
C ILE IB 74 93.04 44.85 -18.58
N THR IB 75 92.55 45.24 -19.76
CA THR IB 75 91.50 46.23 -19.88
C THR IB 75 90.36 45.60 -20.68
N PRO IB 76 89.17 45.47 -20.09
CA PRO IB 76 88.07 44.78 -20.81
C PRO IB 76 87.66 45.53 -22.07
N ASN IB 77 86.90 44.83 -22.91
CA ASN IB 77 86.61 45.33 -24.24
C ASN IB 77 85.78 46.60 -24.17
N GLY IB 78 86.33 47.69 -24.74
CA GLY IB 78 85.65 48.96 -24.77
C GLY IB 78 85.46 49.62 -23.42
N SER IB 79 86.44 49.48 -22.53
CA SER IB 79 86.34 50.00 -21.17
C SER IB 79 87.27 51.18 -20.97
N ASP IB 80 86.89 52.06 -20.05
CA ASP IB 80 87.71 53.23 -19.75
C ASP IB 80 88.94 52.84 -18.95
N THR IB 81 88.75 52.11 -17.86
CA THR IB 81 89.82 51.84 -16.91
C THR IB 81 90.31 50.39 -17.03
N SER IB 82 91.59 50.20 -16.72
CA SER IB 82 92.23 48.90 -16.78
C SER IB 82 92.63 48.44 -15.38
N SER IB 83 92.63 47.14 -15.19
CA SER IB 83 93.06 46.53 -13.94
C SER IB 83 94.32 45.71 -14.18
N VAL IB 84 95.17 45.61 -13.16
CA VAL IB 84 96.45 44.93 -13.28
C VAL IB 84 96.37 43.56 -12.64
N GLU IB 85 96.98 42.57 -13.29
CA GLU IB 85 96.93 41.18 -12.87
C GLU IB 85 98.34 40.62 -12.85
N ILE IB 86 98.61 39.69 -11.94
CA ILE IB 86 99.95 39.10 -11.85
C ILE IB 86 100.05 38.00 -12.90
N ALA IB 87 100.79 38.27 -13.98
CA ALA IB 87 100.87 37.33 -15.09
C ALA IB 87 101.68 36.10 -14.71
N ARG IB 88 102.93 36.29 -14.32
CA ARG IB 88 103.74 35.17 -13.86
C ARG IB 88 104.86 35.72 -12.99
N THR IB 89 105.60 34.83 -12.34
CA THR IB 89 106.66 35.27 -11.43
C THR IB 89 107.88 34.38 -11.59
N ASN IB 90 109.05 35.00 -11.73
CA ASN IB 90 110.32 34.31 -11.55
C ASN IB 90 110.75 34.46 -10.09
N ARG IB 91 111.39 33.43 -9.55
CA ARG IB 91 111.79 33.46 -8.16
C ARG IB 91 113.16 32.83 -7.98
N ALA IB 92 113.88 33.32 -6.97
CA ALA IB 92 115.12 32.71 -6.51
C ALA IB 92 115.05 32.58 -5.00
N GLN IB 93 115.30 31.37 -4.50
CA GLN IB 93 115.12 31.06 -3.08
C GLN IB 93 116.38 30.40 -2.54
N VAL IB 94 117.02 31.05 -1.57
CA VAL IB 94 118.31 30.64 -1.04
C VAL IB 94 118.15 30.32 0.43
N GLU IB 95 118.55 29.11 0.82
CA GLU IB 95 118.60 28.70 2.22
C GLU IB 95 120.05 28.34 2.52
N PHE IB 96 120.69 29.12 3.39
CA PHE IB 96 121.97 28.73 3.95
C PHE IB 96 121.71 27.98 5.25
N ILE IB 97 122.30 26.79 5.34
CA ILE IB 97 122.30 25.99 6.56
C ILE IB 97 123.67 26.19 7.19
N LEU IB 98 123.73 27.03 8.22
CA LEU IB 98 125.03 27.28 8.83
C LEU IB 98 125.10 26.63 10.19
N PRO IB 99 126.20 25.99 10.57
CA PRO IB 99 126.30 25.48 11.94
C PRO IB 99 126.72 26.55 12.95
N ALA IB 100 126.15 26.45 14.16
CA ALA IB 100 126.47 27.39 15.22
C ALA IB 100 127.89 27.26 15.72
N GLN IB 101 128.61 26.22 15.29
CA GLN IB 101 129.95 25.93 15.78
C GLN IB 101 131.04 26.38 14.81
N SER IB 102 130.67 27.00 13.70
CA SER IB 102 131.64 27.38 12.67
C SER IB 102 132.24 28.74 12.99
N ALA IB 103 133.29 29.08 12.24
CA ALA IB 103 133.92 30.40 12.30
C ALA IB 103 133.46 31.25 11.14
N ALA IB 104 133.38 32.56 11.37
CA ALA IB 104 132.86 33.48 10.37
C ALA IB 104 133.65 33.44 9.06
N THR IB 105 134.92 33.04 9.12
CA THR IB 105 135.71 32.85 7.90
C THR IB 105 135.02 31.90 6.94
N VAL IB 106 134.52 30.79 7.47
CA VAL IB 106 133.88 29.78 6.65
C VAL IB 106 132.64 30.33 5.98
N ARG IB 107 131.80 31.04 6.74
CA ARG IB 107 130.59 31.61 6.14
C ARG IB 107 130.94 32.66 5.11
N GLU IB 108 131.97 33.45 5.37
CA GLU IB 108 132.38 34.48 4.41
C GLU IB 108 132.76 33.85 3.07
N ASP IB 109 133.63 32.83 3.09
CA ASP IB 109 134.00 32.29 1.79
C ASP IB 109 132.95 31.34 1.22
N LEU IB 110 132.00 30.85 2.02
CA LEU IB 110 130.85 30.18 1.43
C LEU IB 110 130.01 31.15 0.60
N VAL IB 111 129.72 32.32 1.17
CA VAL IB 111 128.98 33.34 0.43
C VAL IB 111 129.76 33.76 -0.81
N ALA IB 112 131.07 33.96 -0.67
CA ALA IB 112 131.89 34.35 -1.81
C ALA IB 112 131.87 33.29 -2.90
N LEU IB 113 131.93 32.01 -2.51
CA LEU IB 113 131.86 30.93 -3.48
C LEU IB 113 130.52 30.92 -4.20
N LEU IB 114 129.44 31.16 -3.47
CA LEU IB 114 128.13 31.20 -4.10
C LEU IB 114 128.03 32.35 -5.10
N ALA IB 115 128.52 33.53 -4.72
CA ALA IB 115 128.47 34.68 -5.62
C ALA IB 115 129.34 34.45 -6.85
N SER IB 116 130.52 33.87 -6.67
CA SER IB 116 131.38 33.59 -7.82
C SER IB 116 130.79 32.49 -8.70
N ALA IB 117 130.07 31.54 -8.12
CA ALA IB 117 129.38 30.54 -8.93
C ALA IB 117 128.28 31.18 -9.77
N LEU IB 118 127.54 32.12 -9.17
CA LEU IB 118 126.55 32.88 -9.94
C LEU IB 118 127.21 33.70 -11.04
N ALA IB 119 128.42 34.21 -10.80
CA ALA IB 119 129.10 35.01 -11.80
C ALA IB 119 129.72 34.17 -12.91
N ASP IB 120 130.10 32.93 -12.62
CA ASP IB 120 130.70 32.08 -13.64
C ASP IB 120 129.73 31.87 -14.79
N THR IB 121 130.24 31.94 -16.01
CA THR IB 121 129.37 31.86 -17.19
C THR IB 121 128.81 30.45 -17.37
N ALA IB 122 129.62 29.43 -17.09
CA ALA IB 122 129.15 28.05 -17.25
C ALA IB 122 127.98 27.77 -16.31
N ILE IB 123 128.05 28.25 -15.08
CA ILE IB 123 126.97 28.08 -14.13
C ILE IB 123 125.82 29.03 -14.44
N LYS IB 124 126.12 30.22 -14.98
CA LYS IB 124 125.08 31.20 -15.25
C LYS IB 124 124.20 30.74 -16.41
N SER IB 125 124.75 29.99 -17.36
CA SER IB 125 123.92 29.46 -18.44
C SER IB 125 122.91 28.46 -17.90
N THR IB 126 123.26 27.77 -16.80
CA THR IB 126 122.32 26.87 -16.14
C THR IB 126 121.04 27.59 -15.75
N ILE IB 127 121.17 28.75 -15.12
CA ILE IB 127 120.00 29.48 -14.64
C ILE IB 127 119.34 30.22 -15.79
N VAL IB 128 120.12 31.06 -16.47
CA VAL IB 128 119.57 31.98 -17.44
C VAL IB 128 119.01 31.24 -18.65
N ASN IB 129 119.76 30.27 -19.17
CA ASN IB 129 119.47 29.63 -20.45
C ASN IB 129 118.91 28.22 -20.30
N VAL IB 130 118.82 27.69 -19.07
CA VAL IB 130 118.20 26.40 -18.77
C VAL IB 130 118.82 25.32 -19.63
N GLU IB 131 120.13 25.28 -19.62
CA GLU IB 131 120.91 24.21 -20.21
C GLU IB 131 121.44 23.31 -19.10
N HIS IB 132 121.26 22.00 -19.28
CA HIS IB 132 121.81 20.99 -18.38
C HIS IB 132 123.31 20.84 -18.58
N PHE IB 133 123.98 20.36 -17.55
CA PHE IB 133 125.35 19.90 -17.68
C PHE IB 133 125.38 18.53 -18.35
N TYR IB 134 126.36 18.33 -19.22
CA TYR IB 134 126.49 17.06 -19.95
C TYR IB 134 127.94 16.68 -20.25
N PRO JB 1 113.85 53.65 23.97
CA PRO JB 1 115.17 53.09 23.67
C PRO JB 1 115.17 52.36 22.34
N ALA JB 2 115.43 53.11 21.26
CA ALA JB 2 115.56 52.48 19.94
C ALA JB 2 116.70 51.48 19.97
N LEU JB 3 116.49 50.35 19.29
CA LEU JB 3 117.47 49.28 19.25
C LEU JB 3 118.79 49.78 18.71
N LYS JB 4 119.86 49.61 19.48
CA LYS JB 4 121.14 50.20 19.13
C LYS JB 4 122.21 49.49 19.94
N PRO JB 5 123.43 49.37 19.41
CA PRO JB 5 124.46 48.61 20.12
C PRO JB 5 124.83 49.30 21.41
N ILE JB 6 125.09 48.49 22.43
CA ILE JB 6 125.38 49.04 23.75
C ILE JB 6 126.71 48.47 24.22
N THR JB 7 127.44 49.28 24.99
CA THR JB 7 128.77 48.91 25.48
C THR JB 7 128.71 48.65 26.98
N LEU JB 8 129.30 47.53 27.41
CA LEU JB 8 129.30 47.12 28.80
C LEU JB 8 130.73 46.75 29.21
N THR JB 9 131.07 47.00 30.47
CA THR JB 9 132.42 46.74 30.96
C THR JB 9 132.50 45.36 31.60
N ASP JB 10 133.53 44.59 31.24
CA ASP JB 10 133.73 43.25 31.81
C ASP JB 10 134.45 43.37 33.16
N HIS JB 11 134.97 42.26 33.67
CA HIS JB 11 135.62 42.28 34.97
C HIS JB 11 136.90 43.11 34.94
N SER JB 12 137.60 43.13 33.82
CA SER JB 12 138.81 43.91 33.67
C SER JB 12 138.54 45.37 33.34
N SER JB 13 137.27 45.79 33.38
CA SER JB 13 136.79 47.10 32.97
C SER JB 13 136.99 47.37 31.49
N ALA JB 14 137.35 46.36 30.71
CA ALA JB 14 137.49 46.53 29.27
C ALA JB 14 136.12 46.62 28.61
N ASP JB 15 136.00 47.51 27.64
CA ASP JB 15 134.72 47.68 26.95
C ASP JB 15 134.38 46.44 26.14
N VAL JB 16 133.08 46.16 26.06
CA VAL JB 16 132.54 44.98 25.39
C VAL JB 16 131.28 45.43 24.67
N ILE JB 17 131.30 45.41 23.34
CA ILE JB 17 130.27 46.03 22.52
C ILE JB 17 129.31 44.95 22.05
N PHE JB 18 128.07 45.01 22.55
CA PHE JB 18 127.00 44.12 22.11
C PHE JB 18 126.23 44.81 20.98
N THR JB 19 126.24 44.19 19.79
CA THR JB 19 125.43 44.75 18.72
C THR JB 19 124.03 44.13 18.74
N PRO JB 20 123.01 44.86 18.31
CA PRO JB 20 121.66 44.29 18.30
C PRO JB 20 121.59 43.12 17.33
N THR JB 21 120.94 42.04 17.77
CA THR JB 21 120.77 40.85 16.96
C THR JB 21 119.34 40.69 16.47
N GLN JB 22 118.37 40.67 17.38
CA GLN JB 22 117.04 40.26 16.96
C GLN JB 22 115.97 40.88 17.84
N ILE JB 23 114.85 41.25 17.23
CA ILE JB 23 113.63 41.56 17.97
C ILE JB 23 112.70 40.37 17.79
N ASP JB 24 112.27 39.79 18.91
CA ASP JB 24 111.64 38.49 18.91
C ASP JB 24 110.21 38.57 18.37
N LYS JB 25 109.55 37.41 18.35
CA LYS JB 25 108.11 37.39 18.07
C LYS JB 25 107.31 37.90 19.27
N ASN JB 26 107.77 37.61 20.48
CA ASN JB 26 107.10 38.03 21.70
C ASN JB 26 107.51 39.42 22.16
N GLY JB 27 108.59 39.96 21.62
CA GLY JB 27 109.10 41.26 22.04
C GLY JB 27 110.49 41.21 22.64
N VAL JB 28 111.13 40.05 22.69
CA VAL JB 28 112.45 39.94 23.29
C VAL JB 28 113.48 40.59 22.37
N ALA JB 29 114.36 41.40 22.97
CA ALA JB 29 115.44 42.03 22.24
C ALA JB 29 116.74 41.33 22.58
N TYR JB 30 117.44 40.84 21.55
CA TYR JB 30 118.66 40.06 21.69
C TYR JB 30 119.84 40.88 21.15
N PHE JB 31 120.82 41.12 22.02
CA PHE JB 31 122.11 41.69 21.65
C PHE JB 31 123.18 40.62 21.77
N ARG JB 32 124.11 40.62 20.82
CA ARG JB 32 125.15 39.60 20.72
C ARG JB 32 126.51 40.28 20.64
N HIS JB 33 127.49 39.67 21.32
CA HIS JB 33 128.89 40.08 21.25
C HIS JB 33 129.67 38.86 20.79
N LEU JB 34 130.06 38.85 19.51
CA LEU JB 34 130.78 37.72 18.97
C LEU JB 34 132.22 37.71 19.49
N GLN JB 35 132.86 36.54 19.36
CA GLN JB 35 134.23 36.39 19.80
C GLN JB 35 135.17 36.90 18.70
N ALA JB 36 136.48 36.71 18.91
CA ALA JB 36 137.46 37.12 17.91
C ALA JB 36 137.21 36.39 16.59
N ASN JB 37 137.05 35.07 16.65
CA ASN JB 37 136.86 34.25 15.46
C ASN JB 37 135.44 34.29 14.91
N GLY JB 38 134.54 35.03 15.54
CA GLY JB 38 133.16 35.07 15.07
C GLY JB 38 132.43 33.74 15.22
N LYS JB 39 132.65 33.03 16.31
CA LYS JB 39 131.97 31.76 16.54
C LYS JB 39 130.66 32.02 17.28
N PRO JB 40 129.50 31.70 16.70
CA PRO JB 40 128.23 31.95 17.40
C PRO JB 40 128.15 31.29 18.76
N ILE JB 41 128.58 30.03 18.85
CA ILE JB 41 128.55 29.29 20.10
C ILE JB 41 129.33 30.01 21.20
N GLY JB 42 130.26 30.88 20.83
CA GLY JB 42 131.05 31.61 21.81
C GLY JB 42 130.58 33.00 22.13
N ALA JB 43 129.50 33.47 21.50
CA ALA JB 43 129.12 34.86 21.66
C ALA JB 43 128.37 35.10 22.96
N TYR JB 44 128.66 36.24 23.60
CA TYR JB 44 127.86 36.68 24.73
C TYR JB 44 126.52 37.19 24.25
N THR JB 45 125.49 37.05 25.07
CA THR JB 45 124.17 37.52 24.71
C THR JB 45 123.53 38.29 25.85
N VAL JB 46 122.69 39.25 25.49
CA VAL JB 46 121.91 40.03 26.45
C VAL JB 46 120.50 40.16 25.92
N SER JB 47 119.52 39.72 26.69
CA SER JB 47 118.11 39.73 26.32
C SER JB 47 117.36 40.73 27.20
N SER JB 48 116.46 41.47 26.58
CA SER JB 48 115.62 42.41 27.32
C SER JB 48 114.20 42.34 26.77
N HIS JB 49 113.25 42.03 27.66
CA HIS JB 49 111.85 41.95 27.26
C HIS JB 49 110.98 42.49 28.37
N VAL JB 50 110.02 43.34 28.03
CA VAL JB 50 109.10 43.89 29.01
C VAL JB 50 107.68 43.45 28.65
N LYS JB 51 106.97 42.95 29.65
CA LYS JB 51 105.60 42.44 29.51
C LYS JB 51 104.67 43.40 30.25
N GLU JB 52 103.81 44.06 29.48
CA GLU JB 52 102.83 45.01 30.00
C GLU JB 52 101.71 44.25 30.71
N PRO JB 53 100.99 44.90 31.62
CA PRO JB 53 99.85 44.26 32.27
C PRO JB 53 98.63 44.21 31.38
N GLY JB 54 97.80 43.20 31.62
CA GLY JB 54 96.56 43.04 30.90
C GLY JB 54 95.47 42.53 31.82
N THR JB 55 94.23 42.74 31.37
CA THR JB 55 93.05 42.38 32.16
C THR JB 55 93.15 42.96 33.56
N ASN JB 56 93.38 44.27 33.61
CA ASN JB 56 93.47 45.02 34.86
C ASN JB 56 94.46 44.38 35.83
N GLY JB 57 95.63 44.03 35.31
CA GLY JB 57 96.71 43.56 36.14
C GLY JB 57 97.54 44.73 36.64
N ASP JB 58 97.93 44.66 37.91
CA ASP JB 58 98.68 45.76 38.50
C ASP JB 58 100.16 45.73 38.12
N VAL JB 59 100.66 44.61 37.61
CA VAL JB 59 102.08 44.33 37.57
C VAL JB 59 102.65 44.52 36.17
N PHE JB 60 103.91 44.92 36.12
CA PHE JB 60 104.76 44.93 34.93
C PHE JB 60 105.88 43.92 35.14
N ARG JB 61 106.18 43.12 34.11
CA ARG JB 61 107.23 42.11 34.25
C ARG JB 61 108.35 42.40 33.25
N VAL JB 62 109.45 42.95 33.75
CA VAL JB 62 110.57 43.36 32.89
C VAL JB 62 111.75 42.45 33.15
N LYS JB 63 112.29 41.85 32.09
CA LYS JB 63 113.26 40.78 32.21
C LYS JB 63 114.54 41.15 31.49
N LEU JB 64 115.67 40.85 32.14
CA LEU JB 64 117.00 41.10 31.62
C LEU JB 64 117.85 39.85 31.80
N PHE JB 65 118.40 39.33 30.72
CA PHE JB 65 119.23 38.13 30.72
C PHE JB 65 120.61 38.47 30.20
N VAL JB 66 121.63 37.94 30.86
CA VAL JB 66 123.03 38.11 30.47
C VAL JB 66 123.67 36.73 30.45
N ASN JB 67 123.94 36.20 29.26
CA ASN JB 67 124.46 34.86 29.08
C ASN JB 67 125.91 34.95 28.61
N VAL JB 68 126.81 34.33 29.35
CA VAL JB 68 128.24 34.27 29.06
C VAL JB 68 128.61 32.82 28.80
N PRO JB 69 128.89 32.43 27.56
CA PRO JB 69 129.34 31.06 27.32
C PRO JB 69 130.86 30.96 27.38
N GLU JB 70 131.33 29.80 27.76
CA GLU JB 70 132.72 29.42 27.60
C GLU JB 70 132.77 28.18 26.72
N VAL JB 71 133.60 28.23 25.68
CA VAL JB 71 133.78 27.16 24.71
C VAL JB 71 134.71 26.10 25.29
N ALA JB 72 134.41 24.82 25.10
CA ALA JB 72 135.29 23.74 25.51
C ALA JB 72 135.88 23.11 24.25
N THR JB 73 137.20 23.14 24.14
CA THR JB 73 137.87 22.58 22.97
C THR JB 73 138.28 21.14 23.22
N GLU JB 85 134.29 22.79 20.75
CA GLU JB 85 133.19 22.14 20.04
C GLU JB 85 131.84 22.34 20.72
N ILE JB 86 131.73 21.99 22.00
CA ILE JB 86 130.53 22.23 22.79
C ILE JB 86 130.91 23.20 23.89
N ALA JB 87 129.97 24.02 24.31
CA ALA JB 87 130.25 25.13 25.20
C ALA JB 87 129.21 25.14 26.31
N ARG JB 88 129.64 25.51 27.52
CA ARG JB 88 128.71 25.62 28.63
C ARG JB 88 128.55 27.08 29.01
N THR JB 89 127.34 27.45 29.41
CA THR JB 89 126.97 28.85 29.53
C THR JB 89 126.66 29.17 30.99
N ASN JB 90 127.40 30.13 31.55
CA ASN JB 90 126.97 30.80 32.77
C ASN JB 90 125.87 31.80 32.41
N ARG JB 91 124.83 31.87 33.24
CA ARG JB 91 123.73 32.78 32.95
C ARG JB 91 123.37 33.61 34.17
N ALA JB 92 122.93 34.84 33.91
CA ALA JB 92 122.28 35.67 34.90
C ALA JB 92 120.90 36.03 34.36
N GLN JB 93 119.87 35.84 35.17
CA GLN JB 93 118.49 36.03 34.75
C GLN JB 93 117.77 36.88 35.79
N VAL JB 94 117.38 38.10 35.41
CA VAL JB 94 116.75 39.04 36.32
C VAL JB 94 115.33 39.31 35.85
N GLU JB 95 114.39 39.24 36.78
CA GLU JB 95 113.00 39.61 36.54
C GLU JB 95 112.60 40.65 37.57
N PHE JB 96 112.25 41.86 37.11
CA PHE JB 96 111.69 42.89 37.97
C PHE JB 96 110.18 42.85 37.84
N ILE JB 97 109.51 42.88 38.97
CA ILE JB 97 108.05 42.96 39.06
C ILE JB 97 107.72 44.33 39.60
N LEU JB 98 107.11 45.17 38.76
CA LEU JB 98 106.91 46.58 39.07
C LEU JB 98 105.44 46.95 38.99
N PRO JB 99 104.77 47.30 40.09
CA PRO JB 99 103.37 47.74 39.98
C PRO JB 99 103.24 49.03 39.20
N ALA JB 100 102.05 49.23 38.62
CA ALA JB 100 101.81 50.35 37.73
C ALA JB 100 101.62 51.66 38.47
N GLN JB 101 101.17 51.63 39.73
CA GLN JB 101 100.97 52.87 40.47
C GLN JB 101 102.26 53.41 41.09
N SER JB 102 103.31 52.58 41.21
CA SER JB 102 104.53 53.06 41.83
C SER JB 102 105.14 54.19 41.00
N ALA JB 103 105.41 55.31 41.65
CA ALA JB 103 106.12 56.39 40.99
C ALA JB 103 107.53 55.94 40.65
N ALA JB 104 108.09 56.53 39.58
CA ALA JB 104 109.39 56.09 39.09
C ALA JB 104 110.49 56.21 40.15
N THR JB 105 110.29 57.01 41.19
CA THR JB 105 111.28 57.10 42.28
C THR JB 105 111.59 55.71 42.83
N VAL JB 106 110.54 54.92 43.05
CA VAL JB 106 110.71 53.61 43.67
C VAL JB 106 111.53 52.71 42.77
N ARG JB 107 111.18 52.67 41.48
CA ARG JB 107 111.89 51.79 40.56
C ARG JB 107 113.34 52.21 40.42
N GLU JB 108 113.58 53.53 40.41
CA GLU JB 108 114.96 54.02 40.33
C GLU JB 108 115.79 53.52 41.51
N ASP JB 109 115.32 53.73 42.75
CA ASP JB 109 116.16 53.27 43.87
C ASP JB 109 116.11 51.75 44.06
N LEU JB 110 115.12 51.07 43.49
CA LEU JB 110 115.18 49.61 43.51
C LEU JB 110 116.32 49.10 42.66
N VAL JB 111 116.42 49.61 41.42
CA VAL JB 111 117.56 49.28 40.58
C VAL JB 111 118.86 49.65 41.27
N ALA JB 112 118.91 50.83 41.89
CA ALA JB 112 120.15 51.25 42.54
C ALA JB 112 120.51 50.29 43.67
N LEU JB 113 119.50 49.80 44.41
CA LEU JB 113 119.71 48.81 45.45
C LEU JB 113 120.30 47.52 44.87
N LEU JB 114 119.73 47.06 43.76
CA LEU JB 114 120.21 45.81 43.17
C LEU JB 114 121.67 45.95 42.73
N ALA JB 115 121.99 47.06 42.09
CA ALA JB 115 123.36 47.26 41.62
C ALA JB 115 124.33 47.39 42.77
N SER JB 116 123.94 48.09 43.84
CA SER JB 116 124.81 48.19 45.00
C SER JB 116 124.97 46.85 45.71
N ALA JB 117 123.94 46.00 45.66
CA ALA JB 117 124.06 44.67 46.24
C ALA JB 117 125.02 43.82 45.43
N LEU JB 118 124.98 43.94 44.10
CA LEU JB 118 125.97 43.27 43.26
C LEU JB 118 127.38 43.79 43.52
N ALA JB 119 127.50 45.08 43.86
CA ALA JB 119 128.83 45.64 44.11
C ALA JB 119 129.36 45.30 45.50
N ASP JB 120 128.47 45.07 46.47
CA ASP JB 120 128.91 44.76 47.82
C ASP JB 120 129.74 43.49 47.82
N THR JB 121 130.85 43.50 48.56
CA THR JB 121 131.79 42.38 48.53
C THR JB 121 131.17 41.11 49.12
N ALA JB 122 130.42 41.24 50.21
CA ALA JB 122 129.82 40.07 50.85
C ALA JB 122 128.84 39.37 49.93
N ILE JB 123 127.95 40.15 49.30
CA ILE JB 123 126.96 39.59 48.38
C ILE JB 123 127.64 39.09 47.12
N LYS JB 124 128.65 39.81 46.62
CA LYS JB 124 129.33 39.39 45.41
C LYS JB 124 130.06 38.06 45.61
N SER JB 125 130.55 37.81 46.82
CA SER JB 125 131.18 36.53 47.13
C SER JB 125 130.19 35.38 46.88
N THR JB 126 128.93 35.60 47.23
CA THR JB 126 127.88 34.61 47.02
C THR JB 126 127.86 34.10 45.59
N ILE JB 127 127.97 35.01 44.62
CA ILE JB 127 127.90 34.61 43.22
C ILE JB 127 129.25 34.11 42.73
N VAL JB 128 130.30 34.91 42.97
CA VAL JB 128 131.60 34.64 42.34
C VAL JB 128 132.19 33.34 42.87
N ASN JB 129 132.17 33.17 44.20
CA ASN JB 129 132.82 32.04 44.86
C ASN JB 129 131.85 30.92 45.20
N VAL JB 130 130.59 31.02 44.77
CA VAL JB 130 129.50 30.10 45.08
C VAL JB 130 129.59 29.62 46.52
N GLU JB 131 129.61 30.58 47.46
CA GLU JB 131 129.59 30.31 48.90
C GLU JB 131 128.21 30.63 49.46
N HIS JB 132 127.71 29.76 50.34
CA HIS JB 132 126.48 30.01 51.10
C HIS JB 132 126.71 31.09 52.16
N PHE JB 133 125.64 31.77 52.53
CA PHE JB 133 125.70 32.60 53.72
C PHE JB 133 125.66 31.73 54.98
N TYR JB 134 126.52 32.05 55.94
CA TYR JB 134 126.62 31.26 57.18
C TYR JB 134 126.87 32.10 58.42
N PRO KB 1 108.06 53.72 6.67
CA PRO KB 1 108.06 54.50 7.90
C PRO KB 1 108.78 53.75 9.01
N ALA KB 2 110.05 54.07 9.20
CA ALA KB 2 110.77 53.51 10.33
C ALA KB 2 110.18 54.03 11.63
N LEU KB 3 110.26 53.20 12.67
CA LEU KB 3 109.72 53.57 13.96
C LEU KB 3 110.54 54.69 14.57
N LYS KB 4 109.90 55.80 14.92
CA LYS KB 4 110.53 57.03 15.34
C LYS KB 4 109.55 57.75 16.26
N PRO KB 5 110.02 58.43 17.31
CA PRO KB 5 109.13 59.31 18.07
C PRO KB 5 108.56 60.38 17.17
N ILE KB 6 107.25 60.51 17.17
CA ILE KB 6 106.58 61.45 16.30
C ILE KB 6 105.94 62.54 17.15
N THR KB 7 106.08 63.78 16.71
CA THR KB 7 105.56 64.93 17.44
C THR KB 7 104.25 65.35 16.79
N LEU KB 8 103.21 65.50 17.61
CA LEU KB 8 101.89 65.91 17.16
C LEU KB 8 101.47 67.16 17.90
N THR KB 9 100.75 68.05 17.23
CA THR KB 9 100.35 69.32 17.83
C THR KB 9 98.95 69.20 18.42
N ASP KB 10 98.76 69.74 19.64
CA ASP KB 10 97.48 69.63 20.32
C ASP KB 10 96.61 70.83 19.96
N HIS KB 11 95.60 71.11 20.78
CA HIS KB 11 94.69 72.20 20.46
C HIS KB 11 95.38 73.56 20.54
N SER KB 12 96.24 73.74 21.52
CA SER KB 12 96.97 75.00 21.68
C SER KB 12 98.15 75.12 20.72
N SER KB 13 98.31 74.19 19.78
CA SER KB 13 99.41 74.06 18.84
C SER KB 13 100.72 73.68 19.52
N ALA KB 14 100.71 73.44 20.83
CA ALA KB 14 101.90 72.96 21.52
C ALA KB 14 102.26 71.56 21.05
N ASP KB 15 103.56 71.27 21.03
CA ASP KB 15 104.01 69.95 20.60
C ASP KB 15 103.75 68.92 21.68
N VAL KB 16 103.56 67.67 21.25
CA VAL KB 16 103.27 66.53 22.11
C VAL KB 16 104.01 65.35 21.50
N ILE KB 17 105.05 64.88 22.18
CA ILE KB 17 105.95 63.88 21.64
C ILE KB 17 105.46 62.50 22.04
N PHE KB 18 105.18 61.66 21.04
CA PHE KB 18 104.81 60.26 21.26
C PHE KB 18 106.03 59.40 20.98
N THR KB 19 106.50 58.71 22.01
CA THR KB 19 107.62 57.79 21.87
C THR KB 19 107.10 56.41 21.49
N PRO KB 20 107.81 55.70 20.61
CA PRO KB 20 107.36 54.35 20.23
C PRO KB 20 107.42 53.41 21.42
N THR KB 21 106.33 52.67 21.62
CA THR KB 21 106.22 51.72 22.72
C THR KB 21 106.50 50.29 22.27
N GLN KB 22 105.82 49.80 21.25
CA GLN KB 22 105.80 48.36 21.01
C GLN KB 22 105.29 48.10 19.61
N ILE KB 23 105.77 47.01 19.02
CA ILE KB 23 105.22 46.50 17.76
C ILE KB 23 104.54 45.18 18.07
N ASP KB 24 103.22 45.14 17.82
CA ASP KB 24 102.37 44.06 18.29
C ASP KB 24 102.69 42.75 17.55
N LYS KB 25 102.11 41.66 18.06
CA LYS KB 25 102.18 40.39 17.34
C LYS KB 25 101.36 40.42 16.06
N ASN KB 26 100.35 41.28 16.00
CA ASN KB 26 99.49 41.40 14.83
C ASN KB 26 99.95 42.48 13.87
N GLY KB 27 101.04 43.16 14.19
CA GLY KB 27 101.54 44.24 13.37
C GLY KB 27 101.21 45.63 13.88
N VAL KB 28 100.47 45.73 14.98
CA VAL KB 28 100.09 47.04 15.51
C VAL KB 28 101.30 47.71 16.12
N ALA KB 29 101.51 48.97 15.77
CA ALA KB 29 102.58 49.78 16.31
C ALA KB 29 101.99 50.84 17.22
N TYR KB 30 102.53 50.95 18.43
CA TYR KB 30 101.98 51.81 19.47
C TYR KB 30 102.97 52.94 19.80
N PHE KB 31 102.47 54.17 19.81
CA PHE KB 31 103.21 55.33 20.28
C PHE KB 31 102.49 55.90 21.49
N ARG KB 32 103.23 56.19 22.56
CA ARG KB 32 102.61 56.65 23.79
C ARG KB 32 103.21 57.98 24.24
N HIS KB 33 102.38 58.73 24.95
CA HIS KB 33 102.77 59.95 25.66
C HIS KB 33 102.17 59.87 27.05
N LEU KB 34 103.01 59.89 28.07
CA LEU KB 34 102.55 59.65 29.43
C LEU KB 34 101.74 60.82 29.96
N GLN KB 35 100.97 60.56 31.01
CA GLN KB 35 100.11 61.58 31.60
C GLN KB 35 100.93 62.59 32.40
N ALA KB 36 100.23 63.55 33.01
CA ALA KB 36 100.89 64.54 33.84
C ALA KB 36 101.72 63.88 34.93
N ASN KB 37 101.12 62.98 35.69
CA ASN KB 37 101.86 62.21 36.67
C ASN KB 37 102.78 61.21 35.97
N GLY KB 38 103.93 60.96 36.58
CA GLY KB 38 104.87 60.02 36.01
C GLY KB 38 104.38 58.59 35.95
N LYS KB 39 103.21 58.33 36.50
CA LYS KB 39 102.69 56.97 36.60
C LYS KB 39 102.13 56.52 35.25
N PRO KB 40 102.64 55.43 34.66
CA PRO KB 40 102.21 54.96 33.34
C PRO KB 40 101.03 54.01 33.44
N ILE KB 41 99.87 54.55 33.82
CA ILE KB 41 98.65 53.77 33.91
C ILE KB 41 97.71 54.10 32.75
N GLY KB 42 97.30 55.36 32.64
CA GLY KB 42 96.59 55.84 31.48
C GLY KB 42 97.52 56.77 30.72
N ALA KB 43 97.55 56.60 29.41
CA ALA KB 43 98.51 57.33 28.61
C ALA KB 43 97.93 57.57 27.23
N TYR KB 44 98.26 58.73 26.66
CA TYR KB 44 97.81 59.04 25.31
C TYR KB 44 98.49 58.10 24.33
N THR KB 45 97.71 57.50 23.43
CA THR KB 45 98.25 56.47 22.55
C THR KB 45 97.85 56.72 21.11
N VAL KB 46 98.71 56.26 20.20
CA VAL KB 46 98.47 56.29 18.77
C VAL KB 46 98.85 54.92 18.22
N SER KB 47 97.88 54.21 17.67
CA SER KB 47 98.07 52.89 17.11
C SER KB 47 98.02 52.95 15.60
N SER KB 48 98.95 52.26 14.94
CA SER KB 48 98.96 52.18 13.48
C SER KB 48 99.12 50.73 13.06
N HIS KB 49 98.23 50.26 12.20
CA HIS KB 49 98.31 48.89 11.70
C HIS KB 49 97.81 48.82 10.28
N VAL KB 50 98.59 48.25 9.39
CA VAL KB 50 98.17 48.04 8.01
C VAL KB 50 98.00 46.54 7.79
N LYS KB 51 96.90 46.17 7.15
CA LYS KB 51 96.55 44.79 6.87
C LYS KB 51 96.61 44.58 5.36
N GLU KB 52 97.56 43.74 4.93
CA GLU KB 52 97.71 43.35 3.55
C GLU KB 52 96.45 42.63 3.07
N PRO KB 53 96.27 42.49 1.75
CA PRO KB 53 95.08 41.78 1.25
C PRO KB 53 95.30 40.28 1.12
N GLY KB 54 94.26 39.52 1.37
CA GLY KB 54 94.31 38.07 1.30
C GLY KB 54 93.66 37.56 0.02
N THR KB 55 94.40 36.69 -0.68
CA THR KB 55 93.92 36.12 -1.95
C THR KB 55 93.63 37.24 -2.96
N ASN KB 56 94.51 38.23 -2.99
CA ASN KB 56 94.42 39.37 -3.91
C ASN KB 56 93.06 40.06 -3.82
N GLY KB 57 92.42 39.98 -2.66
CA GLY KB 57 91.27 40.84 -2.42
C GLY KB 57 91.70 42.29 -2.53
N ASP KB 58 90.92 43.07 -3.28
CA ASP KB 58 91.35 44.41 -3.65
C ASP KB 58 91.73 45.29 -2.46
N VAL KB 59 91.25 44.97 -1.27
CA VAL KB 59 91.30 45.90 -0.14
C VAL KB 59 92.61 45.78 0.64
N PHE KB 60 93.17 46.94 0.97
CA PHE KB 60 94.17 47.12 2.01
C PHE KB 60 93.47 47.81 3.17
N ARG KB 61 93.65 47.30 4.38
CA ARG KB 61 92.95 47.85 5.55
C ARG KB 61 93.96 48.53 6.46
N VAL KB 62 94.05 49.85 6.38
CA VAL KB 62 95.07 50.60 7.11
C VAL KB 62 94.37 51.43 8.19
N LYS KB 63 94.77 51.23 9.44
CA LYS KB 63 94.02 51.75 10.57
C LYS KB 63 94.91 52.62 11.45
N LEU KB 64 94.31 53.71 11.93
CA LEU KB 64 94.98 54.70 12.78
C LEU KB 64 94.05 55.01 13.95
N PHE KB 65 94.56 54.82 15.17
CA PHE KB 65 93.80 55.06 16.38
C PHE KB 65 94.51 56.11 17.24
N VAL KB 66 93.73 57.02 17.80
CA VAL KB 66 94.23 58.06 18.69
C VAL KB 66 93.37 58.04 19.94
N ASN KB 67 93.93 57.56 21.05
CA ASN KB 67 93.20 57.41 22.31
C ASN KB 67 93.73 58.43 23.31
N VAL KB 68 92.82 59.24 23.83
CA VAL KB 68 93.11 60.28 24.80
C VAL KB 68 92.39 59.92 26.10
N PRO KB 69 93.09 59.32 27.06
CA PRO KB 69 92.46 59.01 28.36
C PRO KB 69 92.54 60.19 29.33
N GLU KB 70 91.45 60.37 30.06
CA GLU KB 70 91.39 61.27 31.22
C GLU KB 70 91.46 60.41 32.47
N VAL KB 71 92.43 60.71 33.33
CA VAL KB 71 92.80 59.91 34.49
C VAL KB 71 92.36 60.63 35.77
N ALA KB 72 92.18 59.86 36.84
CA ALA KB 72 91.79 60.39 38.14
C ALA KB 72 92.68 59.78 39.22
N THR KB 73 93.23 60.63 40.07
CA THR KB 73 94.03 60.18 41.21
C THR KB 73 93.13 60.09 42.43
N ILE KB 74 92.81 58.87 42.84
CA ILE KB 74 91.89 58.62 43.95
C ILE KB 74 92.71 58.14 45.15
N THR KB 75 92.56 58.83 46.28
CA THR KB 75 93.16 58.36 47.52
C THR KB 75 92.04 58.02 48.50
N PRO KB 76 91.96 56.76 48.95
CA PRO KB 76 90.83 56.36 49.80
C PRO KB 76 90.82 57.07 51.15
N ASN KB 77 89.78 56.80 51.95
CA ASN KB 77 89.61 57.50 53.20
C ASN KB 77 90.61 57.02 54.25
N GLY KB 78 91.30 57.97 54.87
CA GLY KB 78 92.24 57.65 55.94
C GLY KB 78 93.40 56.78 55.51
N SER KB 79 93.83 56.89 54.26
CA SER KB 79 94.90 56.06 53.71
C SER KB 79 96.08 56.93 53.32
N ASP KB 80 97.29 56.44 53.62
CA ASP KB 80 98.50 57.20 53.32
C ASP KB 80 98.67 57.38 51.82
N THR KB 81 98.42 56.33 51.04
CA THR KB 81 98.83 56.28 49.64
C THR KB 81 97.65 56.43 48.70
N SER KB 82 97.88 57.15 47.61
CA SER KB 82 96.89 57.35 46.55
C SER KB 82 97.20 56.41 45.39
N SER KB 83 96.14 55.97 44.71
CA SER KB 83 96.29 55.17 43.51
C SER KB 83 95.59 55.88 42.36
N VAL KB 84 96.04 55.60 41.15
CA VAL KB 84 95.54 56.26 39.96
C VAL KB 84 94.60 55.30 39.22
N GLU KB 85 93.64 55.88 38.50
CA GLU KB 85 92.56 55.12 37.89
C GLU KB 85 92.14 55.78 36.58
N ILE KB 86 91.76 54.96 35.60
CA ILE KB 86 91.37 55.48 34.30
C ILE KB 86 89.91 55.93 34.39
N ALA KB 87 89.71 57.26 34.37
CA ALA KB 87 88.37 57.81 34.56
C ALA KB 87 87.51 57.61 33.31
N ARG KB 88 87.98 58.12 32.17
CA ARG KB 88 87.27 57.87 30.92
C ARG KB 88 88.25 58.08 29.77
N THR KB 89 87.80 57.80 28.55
CA THR KB 89 88.67 57.93 27.39
C THR KB 89 87.89 58.49 26.21
N ASN KB 90 88.46 59.50 25.57
CA ASN KB 90 88.01 59.92 24.25
C ASN KB 90 88.82 59.17 23.19
N ARG KB 91 88.17 58.73 22.13
CA ARG KB 91 88.86 57.97 21.11
C ARG KB 91 88.51 58.46 19.73
N ALA KB 92 89.49 58.40 18.83
CA ALA KB 92 89.27 58.59 17.41
C ALA KB 92 89.82 57.36 16.70
N GLN KB 93 88.99 56.75 15.85
CA GLN KB 93 89.34 55.50 15.19
C GLN KB 93 89.11 55.66 13.69
N VAL KB 94 90.17 55.50 12.91
CA VAL KB 94 90.13 55.72 11.47
C VAL KB 94 90.53 54.44 10.76
N GLU KB 95 89.72 54.02 9.80
CA GLU KB 95 90.03 52.90 8.93
C GLU KB 95 89.95 53.38 7.48
N PHE KB 96 91.06 53.30 6.77
CA PHE KB 96 91.09 53.52 5.33
C PHE KB 96 91.03 52.16 4.65
N ILE KB 97 90.10 52.03 3.71
CA ILE KB 97 89.99 50.88 2.82
C ILE KB 97 90.52 51.33 1.47
N LEU KB 98 91.65 50.77 1.05
CA LEU KB 98 92.35 51.23 -0.14
C LEU KB 98 92.43 50.10 -1.15
N PRO KB 99 91.81 50.21 -2.33
CA PRO KB 99 91.94 49.13 -3.32
C PRO KB 99 93.36 48.99 -3.81
N ALA KB 100 93.77 47.74 -4.06
CA ALA KB 100 95.14 47.41 -4.42
C ALA KB 100 95.51 47.85 -5.83
N GLN KB 101 94.60 48.48 -6.56
CA GLN KB 101 94.89 48.90 -7.93
C GLN KB 101 94.85 50.40 -8.14
N SER KB 102 94.36 51.18 -7.18
CA SER KB 102 94.46 52.62 -7.31
C SER KB 102 95.90 53.07 -7.04
N ALA KB 103 96.37 54.02 -7.84
CA ALA KB 103 97.72 54.52 -7.67
C ALA KB 103 97.78 55.48 -6.48
N ALA KB 104 99.01 55.83 -6.08
CA ALA KB 104 99.21 56.61 -4.87
C ALA KB 104 98.52 57.97 -4.91
N THR KB 105 98.25 58.50 -6.11
CA THR KB 105 97.59 59.81 -6.23
C THR KB 105 96.25 59.82 -5.52
N VAL KB 106 95.48 58.74 -5.73
CA VAL KB 106 94.15 58.64 -5.15
C VAL KB 106 94.23 58.63 -3.63
N ARG KB 107 95.16 57.86 -3.08
CA ARG KB 107 95.27 57.80 -1.62
C ARG KB 107 95.75 59.13 -1.06
N GLU KB 108 96.65 59.81 -1.79
CA GLU KB 108 97.13 61.11 -1.32
C GLU KB 108 95.98 62.11 -1.22
N ASP KB 109 95.18 62.23 -2.28
CA ASP KB 109 94.12 63.24 -2.16
C ASP KB 109 92.95 62.76 -1.29
N LEU KB 110 92.82 61.45 -1.04
CA LEU KB 110 91.87 61.01 -0.03
C LEU KB 110 92.29 61.48 1.36
N VAL KB 111 93.57 61.29 1.70
CA VAL KB 111 94.08 61.76 2.99
C VAL KB 111 93.91 63.27 3.10
N ALA KB 112 94.21 64.00 2.01
CA ALA KB 112 94.07 65.45 2.04
C ALA KB 112 92.62 65.86 2.25
N LEU KB 113 91.68 65.16 1.61
CA LEU KB 113 90.27 65.43 1.81
C LEU KB 113 89.87 65.21 3.26
N LEU KB 114 90.36 64.12 3.87
CA LEU KB 114 90.00 63.85 5.26
C LEU KB 114 90.57 64.92 6.20
N ALA KB 115 91.82 65.32 5.99
CA ALA KB 115 92.42 66.34 6.85
C ALA KB 115 91.71 67.68 6.68
N SER KB 116 91.38 68.05 5.44
CA SER KB 116 90.66 69.30 5.22
C SER KB 116 89.24 69.24 5.80
N ALA KB 117 88.62 68.05 5.80
CA ALA KB 117 87.32 67.92 6.45
C ALA KB 117 87.44 68.11 7.95
N LEU KB 118 88.50 67.56 8.55
CA LEU KB 118 88.74 67.79 9.98
C LEU KB 118 89.01 69.27 10.26
N ALA KB 119 89.62 69.98 9.31
CA ALA KB 119 89.92 71.39 9.52
C ALA KB 119 88.71 72.29 9.32
N ASP KB 120 87.79 71.91 8.42
CA ASP KB 120 86.61 72.74 8.17
C ASP KB 120 85.84 72.97 9.47
N THR KB 121 85.37 74.20 9.65
CA THR KB 121 84.71 74.57 10.90
C THR KB 121 83.37 73.87 11.07
N ALA KB 122 82.60 73.76 9.98
CA ALA KB 122 81.29 73.10 10.05
C ALA KB 122 81.44 71.64 10.42
N ILE KB 123 82.34 70.92 9.73
CA ILE KB 123 82.59 69.52 10.06
C ILE KB 123 83.21 69.41 11.44
N LYS KB 124 84.01 70.39 11.85
CA LYS KB 124 84.69 70.30 13.12
C LYS KB 124 83.72 70.39 14.28
N SER KB 125 82.77 71.32 14.22
CA SER KB 125 81.79 71.45 15.29
C SER KB 125 81.00 70.17 15.48
N THR KB 126 80.80 69.40 14.41
CA THR KB 126 80.20 68.08 14.53
C THR KB 126 80.89 67.26 15.61
N ILE KB 127 82.22 67.20 15.55
CA ILE KB 127 82.97 66.40 16.51
C ILE KB 127 83.09 67.13 17.84
N VAL KB 128 83.63 68.35 17.79
CA VAL KB 128 84.02 69.07 18.99
C VAL KB 128 82.81 69.41 19.83
N ASN KB 129 81.74 69.92 19.21
CA ASN KB 129 80.60 70.51 19.89
C ASN KB 129 79.42 69.56 19.99
N VAL KB 130 79.50 68.38 19.38
CA VAL KB 130 78.45 67.37 19.45
C VAL KB 130 77.13 67.97 19.00
N GLU KB 131 77.18 68.63 17.86
CA GLU KB 131 76.02 69.20 17.19
C GLU KB 131 75.75 68.37 15.95
N HIS KB 132 74.47 68.11 15.68
CA HIS KB 132 74.04 67.47 14.44
C HIS KB 132 74.10 68.46 13.29
N PHE KB 133 74.26 67.92 12.09
CA PHE KB 133 74.08 68.73 10.89
C PHE KB 133 72.59 68.97 10.64
N TYR KB 134 72.26 70.16 10.17
CA TYR KB 134 70.87 70.53 9.92
C TYR KB 134 70.72 71.60 8.82
N PRO LB 1 53.70 -46.57 -97.94
CA PRO LB 1 53.98 -47.73 -98.81
C PRO LB 1 52.94 -48.81 -98.61
N ALA LB 2 52.16 -49.05 -99.66
CA ALA LB 2 51.20 -50.15 -99.68
C ALA LB 2 51.89 -51.46 -99.33
N LEU LB 3 51.32 -52.16 -98.33
CA LEU LB 3 51.90 -53.39 -97.84
C LEU LB 3 52.05 -54.39 -98.98
N LYS LB 4 53.28 -54.80 -99.24
CA LYS LB 4 53.62 -55.68 -100.35
C LYS LB 4 54.74 -56.59 -99.91
N PRO LB 5 54.74 -57.86 -100.34
CA PRO LB 5 55.87 -58.74 -100.04
C PRO LB 5 57.14 -58.17 -100.64
N ILE LB 6 58.20 -58.16 -99.84
CA ILE LB 6 59.43 -57.52 -100.27
C ILE LB 6 60.53 -58.57 -100.33
N THR LB 7 61.46 -58.39 -101.24
CA THR LB 7 62.54 -59.34 -101.46
C THR LB 7 63.85 -58.72 -100.98
N LEU LB 8 64.57 -59.44 -100.12
CA LEU LB 8 65.85 -59.00 -99.55
C LEU LB 8 66.92 -60.03 -99.84
N THR LB 9 68.16 -59.58 -99.97
CA THR LB 9 69.27 -60.47 -100.27
C THR LB 9 69.98 -60.94 -99.00
N ASP LB 10 70.31 -62.24 -98.95
CA ASP LB 10 70.99 -62.83 -97.81
C ASP LB 10 72.50 -62.68 -98.00
N HIS LB 11 73.28 -63.49 -97.29
CA HIS LB 11 74.72 -63.34 -97.40
C HIS LB 11 75.23 -63.73 -98.78
N SER LB 12 74.67 -64.79 -99.36
CA SER LB 12 75.06 -65.25 -100.67
C SER LB 12 74.43 -64.43 -101.80
N SER LB 13 73.84 -63.28 -101.47
CA SER LB 13 73.12 -62.39 -102.38
C SER LB 13 71.94 -63.08 -103.06
N ALA LB 14 71.53 -64.25 -102.58
CA ALA LB 14 70.32 -64.89 -103.07
C ALA LB 14 69.09 -64.15 -102.57
N ASP LB 15 67.98 -64.33 -103.27
CA ASP LB 15 66.76 -63.64 -102.90
C ASP LB 15 66.08 -64.36 -101.73
N VAL LB 16 65.41 -63.57 -100.89
CA VAL LB 16 64.69 -64.04 -99.72
C VAL LB 16 63.41 -63.23 -99.64
N ILE LB 17 62.27 -63.88 -99.84
CA ILE LB 17 61.00 -63.19 -100.01
C ILE LB 17 60.27 -63.18 -98.66
N PHE LB 18 60.02 -61.98 -98.15
CA PHE LB 18 59.24 -61.79 -96.93
C PHE LB 18 57.82 -61.39 -97.33
N THR LB 19 56.86 -62.24 -96.94
CA THR LB 19 55.45 -61.95 -97.20
C THR LB 19 54.85 -61.19 -96.02
N PRO LB 20 53.96 -60.24 -96.28
CA PRO LB 20 53.32 -59.54 -95.16
C PRO LB 20 52.43 -60.49 -94.38
N THR LB 21 52.53 -60.39 -93.05
CA THR LB 21 51.76 -61.21 -92.14
C THR LB 21 50.64 -60.45 -91.45
N GLN LB 22 50.93 -59.26 -90.90
CA GLN LB 22 50.00 -58.62 -90.00
C GLN LB 22 50.34 -57.13 -89.88
N ILE LB 23 49.31 -56.33 -89.68
CA ILE LB 23 49.46 -54.94 -89.27
C ILE LB 23 48.91 -54.85 -87.85
N ASP LB 24 49.76 -54.40 -86.92
CA ASP LB 24 49.50 -54.53 -85.50
C ASP LB 24 48.45 -53.51 -85.03
N LYS LB 25 48.01 -53.66 -83.78
CA LYS LB 25 47.15 -52.66 -83.17
C LYS LB 25 47.89 -51.34 -82.97
N ASN LB 26 49.20 -51.40 -82.78
CA ASN LB 26 50.03 -50.24 -82.53
C ASN LB 26 50.60 -49.63 -83.81
N GLY LB 27 50.28 -50.19 -84.96
CA GLY LB 27 50.82 -49.73 -86.22
C GLY LB 27 52.03 -50.49 -86.70
N VAL LB 28 52.40 -51.58 -86.02
CA VAL LB 28 53.55 -52.38 -86.42
C VAL LB 28 53.16 -53.27 -87.58
N ALA LB 29 53.98 -53.28 -88.62
CA ALA LB 29 53.77 -54.12 -89.79
C ALA LB 29 54.84 -55.21 -89.81
N TYR LB 30 54.40 -56.45 -89.99
CA TYR LB 30 55.28 -57.62 -89.89
C TYR LB 30 55.36 -58.33 -91.24
N PHE LB 31 56.59 -58.57 -91.69
CA PHE LB 31 56.85 -59.44 -92.83
C PHE LB 31 57.58 -60.69 -92.33
N ARG LB 32 57.15 -61.85 -92.81
CA ARG LB 32 57.74 -63.10 -92.36
C ARG LB 32 58.24 -63.92 -93.55
N HIS LB 33 59.27 -64.71 -93.26
CA HIS LB 33 59.81 -65.72 -94.16
C HIS LB 33 60.00 -66.98 -93.34
N LEU LB 34 59.31 -68.06 -93.73
CA LEU LB 34 59.29 -69.28 -92.94
C LEU LB 34 60.66 -69.97 -92.97
N GLN LB 35 60.88 -70.85 -92.00
CA GLN LB 35 62.14 -71.60 -91.93
C GLN LB 35 62.19 -72.67 -93.01
N ALA LB 36 63.27 -73.45 -92.97
CA ALA LB 36 63.43 -74.58 -93.88
C ALA LB 36 62.23 -75.52 -93.81
N ASN LB 37 61.88 -75.95 -92.60
CA ASN LB 37 60.67 -76.74 -92.41
C ASN LB 37 59.43 -75.88 -92.69
N GLY LB 38 58.37 -76.54 -93.14
CA GLY LB 38 57.14 -75.84 -93.45
C GLY LB 38 56.44 -75.29 -92.22
N LYS LB 39 56.97 -75.62 -91.05
CA LYS LB 39 56.40 -75.23 -89.77
C LYS LB 39 56.74 -73.78 -89.46
N PRO LB 40 55.79 -73.00 -88.98
CA PRO LB 40 55.99 -71.56 -88.78
C PRO LB 40 56.48 -71.14 -87.40
N ILE LB 41 56.93 -72.07 -86.55
CA ILE LB 41 57.11 -71.75 -85.14
C ILE LB 41 58.23 -70.73 -84.96
N GLY LB 42 59.33 -70.90 -85.68
CA GLY LB 42 60.35 -69.87 -85.72
C GLY LB 42 60.48 -69.38 -87.15
N ALA LB 43 60.57 -68.07 -87.35
CA ALA LB 43 60.60 -67.58 -88.72
C ALA LB 43 61.32 -66.23 -88.76
N TYR LB 44 61.97 -65.98 -89.89
CA TYR LB 44 62.64 -64.68 -90.09
C TYR LB 44 61.59 -63.59 -90.20
N THR LB 45 61.81 -62.48 -89.51
CA THR LB 45 60.81 -61.42 -89.44
C THR LB 45 61.43 -60.06 -89.67
N VAL LB 46 60.63 -59.16 -90.24
CA VAL LB 46 60.98 -57.77 -90.43
C VAL LB 46 59.81 -56.94 -89.95
N SER LB 47 60.04 -56.11 -88.93
CA SER LB 47 59.02 -55.27 -88.32
C SER LB 47 59.28 -53.82 -88.68
N SER LB 48 58.22 -53.10 -89.05
CA SER LB 48 58.33 -51.68 -89.36
C SER LB 48 57.21 -50.93 -88.65
N HIS LB 49 57.60 -49.95 -87.83
CA HIS LB 49 56.60 -49.11 -87.17
C HIS LB 49 57.13 -47.69 -87.08
N VAL LB 50 56.33 -46.73 -87.51
CA VAL LB 50 56.70 -45.33 -87.42
C VAL LB 50 55.72 -44.64 -86.47
N LYS LB 51 56.26 -43.90 -85.50
CA LYS LB 51 55.50 -43.23 -84.47
C LYS LB 51 55.55 -41.74 -84.75
N GLU LB 52 54.40 -41.17 -85.11
CA GLU LB 52 54.30 -39.75 -85.38
C GLU LB 52 54.42 -38.97 -84.07
N PRO LB 53 54.84 -37.71 -84.13
CA PRO LB 53 55.02 -36.93 -82.92
C PRO LB 53 53.70 -36.40 -82.36
N GLY LB 54 53.73 -36.06 -81.07
CA GLY LB 54 52.56 -35.54 -80.40
C GLY LB 54 52.85 -34.25 -79.69
N THR LB 55 51.82 -33.40 -79.60
CA THR LB 55 51.95 -32.05 -79.04
C THR LB 55 53.08 -31.29 -79.75
N ASN LB 56 52.97 -31.24 -81.08
CA ASN LB 56 54.00 -30.66 -81.94
C ASN LB 56 55.38 -31.20 -81.58
N GLY LB 57 55.44 -32.48 -81.23
CA GLY LB 57 56.71 -33.09 -80.91
C GLY LB 57 57.68 -32.96 -82.07
N ASP LB 58 58.94 -32.64 -81.74
CA ASP LB 58 59.92 -32.42 -82.79
C ASP LB 58 60.22 -33.69 -83.57
N VAL LB 59 59.89 -34.87 -83.03
CA VAL LB 59 60.53 -36.12 -83.44
C VAL LB 59 59.49 -37.12 -83.96
N PHE LB 60 59.70 -37.60 -85.18
CA PHE LB 60 59.23 -38.89 -85.63
C PHE LB 60 60.18 -39.97 -85.11
N ARG LB 61 59.62 -41.12 -84.70
CA ARG LB 61 60.43 -42.26 -84.27
C ARG LB 61 60.10 -43.46 -85.15
N VAL LB 62 60.99 -43.78 -86.08
CA VAL LB 62 60.73 -44.79 -87.11
C VAL LB 62 61.63 -46.00 -86.83
N LYS LB 63 61.03 -47.17 -86.70
CA LYS LB 63 61.73 -48.34 -86.19
C LYS LB 63 61.66 -49.48 -87.20
N LEU LB 64 62.80 -50.14 -87.39
CA LEU LB 64 62.97 -51.27 -88.29
C LEU LB 64 63.66 -52.39 -87.55
N PHE LB 65 63.04 -53.56 -87.52
CA PHE LB 65 63.56 -54.73 -86.81
C PHE LB 65 63.76 -55.87 -87.78
N VAL LB 66 64.88 -56.56 -87.67
CA VAL LB 66 65.20 -57.72 -88.49
C VAL LB 66 65.61 -58.84 -87.55
N ASN LB 67 64.75 -59.85 -87.41
CA ASN LB 67 64.96 -60.95 -86.48
C ASN LB 67 65.23 -62.23 -87.27
N VAL LB 68 66.35 -62.86 -86.95
CA VAL LB 68 66.81 -64.09 -87.59
C VAL LB 68 66.93 -65.18 -86.53
N PRO LB 69 65.91 -66.04 -86.41
CA PRO LB 69 66.03 -67.17 -85.47
C PRO LB 69 66.70 -68.38 -86.08
N GLU LB 70 67.46 -69.08 -85.24
CA GLU LB 70 67.92 -70.44 -85.49
C GLU LB 70 67.04 -71.37 -84.67
N VAL LB 71 66.32 -72.26 -85.37
CA VAL LB 71 65.45 -73.23 -84.75
C VAL LB 71 66.17 -74.57 -84.69
N ALA LB 72 65.74 -75.42 -83.75
CA ALA LB 72 66.29 -76.75 -83.61
C ALA LB 72 65.15 -77.77 -83.57
N THR LB 73 65.36 -78.90 -84.22
CA THR LB 73 64.37 -79.96 -84.32
C THR LB 73 64.64 -80.98 -83.22
N ILE LB 74 63.80 -80.98 -82.19
CA ILE LB 74 63.95 -81.90 -81.06
C ILE LB 74 63.00 -83.06 -81.28
N THR LB 75 63.53 -84.28 -81.28
CA THR LB 75 62.73 -85.49 -81.41
C THR LB 75 63.03 -86.37 -80.21
N PRO LB 76 62.05 -86.68 -79.36
CA PRO LB 76 62.34 -87.46 -78.15
C PRO LB 76 62.83 -88.86 -78.48
N ASN LB 77 63.40 -89.51 -77.46
CA ASN LB 77 64.10 -90.78 -77.67
C ASN LB 77 63.15 -91.85 -78.17
N GLY LB 78 63.43 -92.38 -79.34
CA GLY LB 78 62.63 -93.45 -79.93
C GLY LB 78 61.23 -93.04 -80.33
N SER LB 79 61.06 -91.82 -80.83
CA SER LB 79 59.75 -91.28 -81.16
C SER LB 79 59.59 -91.15 -82.66
N ASP LB 80 58.34 -91.25 -83.11
CA ASP LB 80 58.04 -91.12 -84.54
C ASP LB 80 58.18 -89.68 -85.00
N THR LB 81 57.52 -88.75 -84.30
CA THR LB 81 57.40 -87.38 -84.75
C THR LB 81 58.30 -86.45 -83.92
N SER LB 82 58.75 -85.38 -84.56
CA SER LB 82 59.62 -84.39 -83.94
C SER LB 82 58.90 -83.06 -83.84
N SER LB 83 59.25 -82.30 -82.81
CA SER LB 83 58.73 -80.96 -82.59
C SER LB 83 59.85 -79.95 -82.74
N VAL LB 84 59.50 -78.74 -83.18
CA VAL LB 84 60.49 -77.70 -83.45
C VAL LB 84 60.48 -76.69 -82.32
N GLU LB 85 61.67 -76.24 -81.92
CA GLU LB 85 61.85 -75.32 -80.80
C GLU LB 85 62.76 -74.18 -81.25
N ILE LB 86 62.53 -73.00 -80.68
CA ILE LB 86 63.33 -71.83 -81.05
C ILE LB 86 64.64 -71.90 -80.25
N ALA LB 87 65.73 -72.24 -80.92
CA ALA LB 87 67.01 -72.44 -80.25
C ALA LB 87 67.58 -71.11 -79.78
N ARG LB 88 67.82 -70.19 -80.72
CA ARG LB 88 68.29 -68.86 -80.34
C ARG LB 88 67.94 -67.90 -81.46
N THR LB 89 68.14 -66.61 -81.22
CA THR LB 89 67.77 -65.60 -82.21
C THR LB 89 68.84 -64.53 -82.28
N ASN LB 90 69.28 -64.20 -83.49
CA ASN LB 90 70.03 -62.97 -83.74
C ASN LB 90 69.04 -61.87 -84.12
N ARG LB 91 69.33 -60.64 -83.71
CA ARG LB 91 68.42 -59.54 -83.97
C ARG LB 91 69.19 -58.29 -84.34
N ALA LB 92 68.56 -57.45 -85.16
CA ALA LB 92 69.04 -56.11 -85.46
C ALA LB 92 67.89 -55.14 -85.30
N GLN LB 93 68.08 -54.08 -84.51
CA GLN LB 93 67.01 -53.17 -84.14
C GLN LB 93 67.46 -51.74 -84.42
N VAL LB 94 66.75 -51.06 -85.31
CA VAL LB 94 67.12 -49.74 -85.80
C VAL LB 94 66.02 -48.76 -85.43
N GLU LB 95 66.39 -47.68 -84.74
CA GLU LB 95 65.48 -46.58 -84.45
C GLU LB 95 66.08 -45.33 -85.07
N PHE LB 96 65.41 -44.78 -86.07
CA PHE LB 96 65.76 -43.45 -86.56
C PHE LB 96 64.91 -42.43 -85.81
N ILE LB 97 65.58 -41.44 -85.24
CA ILE LB 97 64.94 -40.30 -84.61
C ILE LB 97 65.03 -39.16 -85.63
N LEU LB 98 63.94 -38.88 -86.31
CA LEU LB 98 64.00 -37.84 -87.32
C LEU LB 98 63.22 -36.62 -86.84
N PRO LB 99 63.71 -35.40 -87.03
CA PRO LB 99 62.88 -34.24 -86.68
C PRO LB 99 61.88 -33.87 -87.77
N ALA LB 100 60.70 -33.41 -87.34
CA ALA LB 100 59.66 -33.02 -88.28
C ALA LB 100 60.02 -31.77 -89.07
N GLN LB 101 61.09 -31.09 -88.70
CA GLN LB 101 61.48 -29.82 -89.30
C GLN LB 101 62.59 -29.97 -90.32
N SER LB 102 63.05 -31.19 -90.58
CA SER LB 102 64.17 -31.43 -91.48
C SER LB 102 63.68 -31.52 -92.93
N ALA LB 103 64.65 -31.51 -93.85
CA ALA LB 103 64.40 -31.71 -95.27
C ALA LB 103 64.76 -33.15 -95.65
N ALA LB 104 64.02 -33.68 -96.63
CA ALA LB 104 64.19 -35.07 -97.04
C ALA LB 104 65.61 -35.38 -97.49
N THR LB 105 66.36 -34.36 -97.97
CA THR LB 105 67.76 -34.56 -98.33
C THR LB 105 68.54 -35.12 -97.16
N VAL LB 106 68.31 -34.56 -95.97
CA VAL LB 106 69.04 -34.96 -94.78
C VAL LB 106 68.74 -36.41 -94.44
N ARG LB 107 67.46 -36.80 -94.48
CA ARG LB 107 67.12 -38.19 -94.17
C ARG LB 107 67.69 -39.14 -95.21
N GLU LB 108 67.68 -38.72 -96.49
CA GLU LB 108 68.23 -39.57 -97.53
C GLU LB 108 69.70 -39.86 -97.28
N ASP LB 109 70.51 -38.82 -97.03
CA ASP LB 109 71.93 -39.14 -96.83
C ASP LB 109 72.22 -39.68 -95.44
N LEU LB 110 71.32 -39.53 -94.47
CA LEU LB 110 71.48 -40.29 -93.22
C LEU LB 110 71.36 -41.78 -93.46
N VAL LB 111 70.30 -42.17 -94.20
CA VAL LB 111 70.13 -43.58 -94.54
C VAL LB 111 71.32 -44.08 -95.36
N ALA LB 112 71.76 -43.27 -96.33
CA ALA LB 112 72.90 -43.69 -97.15
C ALA LB 112 74.16 -43.86 -96.31
N LEU LB 113 74.38 -42.96 -95.35
CA LEU LB 113 75.52 -43.08 -94.45
C LEU LB 113 75.44 -44.35 -93.62
N LEU LB 114 74.25 -44.68 -93.12
CA LEU LB 114 74.09 -45.89 -92.34
C LEU LB 114 74.37 -47.14 -93.19
N ALA LB 115 73.86 -47.16 -94.42
CA ALA LB 115 74.09 -48.31 -95.29
C ALA LB 115 75.57 -48.44 -95.65
N SER LB 116 76.23 -47.32 -95.92
CA SER LB 116 77.65 -47.37 -96.25
C SER LB 116 78.48 -47.75 -95.03
N ALA LB 117 78.04 -47.38 -93.82
CA ALA LB 117 78.73 -47.82 -92.62
C ALA LB 117 78.59 -49.32 -92.44
N LEU LB 118 77.40 -49.87 -92.72
CA LEU LB 118 77.23 -51.31 -92.70
C LEU LB 118 78.10 -52.00 -93.76
N ALA LB 119 78.29 -51.33 -94.91
CA ALA LB 119 79.09 -51.94 -95.97
C ALA LB 119 80.59 -51.85 -95.69
N ASP LB 120 81.03 -50.83 -94.95
CA ASP LB 120 82.45 -50.69 -94.65
C ASP LB 120 82.96 -51.89 -93.89
N THR LB 121 84.14 -52.38 -94.27
CA THR LB 121 84.66 -53.60 -93.67
C THR LB 121 85.08 -53.38 -92.23
N ALA LB 122 85.66 -52.22 -91.92
CA ALA LB 122 86.09 -51.94 -90.56
C ALA LB 122 84.90 -51.94 -89.60
N ILE LB 123 83.78 -51.36 -90.03
CA ILE LB 123 82.58 -51.35 -89.21
C ILE LB 123 81.89 -52.71 -89.24
N LYS LB 124 81.99 -53.42 -90.36
CA LYS LB 124 81.32 -54.71 -90.47
C LYS LB 124 81.97 -55.76 -89.58
N SER LB 125 83.27 -55.65 -89.34
CA SER LB 125 83.93 -56.56 -88.41
C SER LB 125 83.40 -56.37 -87.00
N THR LB 126 82.98 -55.14 -86.66
CA THR LB 126 82.36 -54.86 -85.38
C THR LB 126 81.15 -55.76 -85.15
N ILE LB 127 80.26 -55.84 -86.14
CA ILE LB 127 79.04 -56.62 -85.97
C ILE LB 127 79.33 -58.10 -86.16
N VAL LB 128 79.92 -58.44 -87.30
CA VAL LB 128 80.04 -59.84 -87.68
C VAL LB 128 80.99 -60.57 -86.75
N ASN LB 129 82.15 -59.97 -86.46
CA ASN LB 129 83.26 -60.63 -85.78
C ASN LB 129 83.42 -60.21 -84.32
N VAL LB 130 82.62 -59.24 -83.86
CA VAL LB 130 82.59 -58.81 -82.46
C VAL LB 130 83.98 -58.44 -82.00
N GLU LB 131 84.62 -57.60 -82.79
CA GLU LB 131 85.89 -56.99 -82.42
C GLU LB 131 85.62 -55.54 -82.05
N HIS LB 132 86.19 -55.12 -80.91
CA HIS LB 132 86.15 -53.73 -80.46
C HIS LB 132 87.09 -52.87 -81.28
N PHE LB 133 86.80 -51.57 -81.31
CA PHE LB 133 87.75 -50.59 -81.80
C PHE LB 133 88.81 -50.32 -80.75
N TYR LB 134 90.06 -50.17 -81.21
CA TYR LB 134 91.18 -49.93 -80.30
C TYR LB 134 92.27 -49.05 -80.91
N PRO MB 1 36.44 -48.02 -100.99
CA PRO MB 1 37.55 -47.13 -101.38
C PRO MB 1 38.86 -47.60 -100.81
N ALA MB 2 39.55 -48.47 -101.55
CA ALA MB 2 40.88 -48.91 -101.15
C ALA MB 2 41.82 -47.71 -101.07
N LEU MB 3 42.68 -47.73 -100.06
CA LEU MB 3 43.60 -46.62 -99.82
C LEU MB 3 44.49 -46.40 -101.04
N LYS MB 4 44.46 -45.18 -101.57
CA LYS MB 4 45.13 -44.89 -102.83
C LYS MB 4 45.29 -43.39 -102.93
N PRO MB 5 46.34 -42.91 -103.59
CA PRO MB 5 46.59 -41.47 -103.63
C PRO MB 5 45.49 -40.77 -104.40
N ILE MB 6 45.14 -39.58 -103.94
CA ILE MB 6 44.03 -38.85 -104.55
C ILE MB 6 44.54 -37.47 -104.93
N THR MB 7 43.98 -36.92 -106.01
CA THR MB 7 44.39 -35.63 -106.54
C THR MB 7 43.28 -34.61 -106.30
N LEU MB 8 43.67 -33.43 -105.78
CA LEU MB 8 42.75 -32.35 -105.45
C LEU MB 8 43.27 -31.06 -106.06
N THR MB 9 42.35 -30.18 -106.45
CA THR MB 9 42.73 -28.92 -107.09
C THR MB 9 42.80 -27.80 -106.05
N ASP MB 10 43.88 -27.01 -106.09
CA ASP MB 10 44.05 -25.90 -105.17
C ASP MB 10 43.31 -24.67 -105.71
N HIS MB 11 43.60 -23.50 -105.15
CA HIS MB 11 42.89 -22.30 -105.58
C HIS MB 11 43.21 -21.94 -107.02
N SER MB 12 44.42 -22.20 -107.48
CA SER MB 12 44.82 -21.94 -108.85
C SER MB 12 44.38 -23.01 -109.82
N SER MB 13 43.57 -23.97 -109.36
CA SER MB 13 43.13 -25.17 -110.08
C SER MB 13 44.29 -26.09 -110.42
N ALA MB 14 45.48 -25.86 -109.85
CA ALA MB 14 46.60 -26.76 -110.08
C ALA MB 14 46.41 -28.06 -109.30
N ASP MB 15 46.76 -29.17 -109.93
CA ASP MB 15 46.61 -30.46 -109.27
C ASP MB 15 47.57 -30.58 -108.09
N VAL MB 16 47.11 -31.29 -107.06
CA VAL MB 16 47.83 -31.46 -105.80
C VAL MB 16 47.59 -32.91 -105.37
N ILE MB 17 48.65 -33.71 -105.37
CA ILE MB 17 48.55 -35.16 -105.22
C ILE MB 17 48.86 -35.52 -103.78
N PHE MB 18 47.85 -36.00 -103.06
CA PHE MB 18 48.02 -36.50 -101.70
C PHE MB 18 48.26 -38.01 -101.76
N THR MB 19 49.44 -38.45 -101.29
CA THR MB 19 49.66 -39.88 -101.23
C THR MB 19 49.21 -40.42 -99.86
N PRO MB 20 48.75 -41.67 -99.81
CA PRO MB 20 48.33 -42.22 -98.52
C PRO MB 20 49.50 -42.31 -97.57
N THR MB 21 49.28 -41.91 -96.32
CA THR MB 21 50.29 -41.95 -95.27
C THR MB 21 50.04 -43.06 -94.27
N GLN MB 22 48.86 -43.06 -93.65
CA GLN MB 22 48.69 -43.95 -92.50
C GLN MB 22 47.24 -44.36 -92.32
N ILE MB 23 47.03 -45.60 -91.91
CA ILE MB 23 45.74 -46.05 -91.39
C ILE MB 23 45.89 -46.14 -89.87
N ASP MB 24 45.03 -45.44 -89.16
CA ASP MB 24 45.22 -45.18 -87.75
C ASP MB 24 44.92 -46.44 -86.92
N LYS MB 25 45.06 -46.30 -85.61
CA LYS MB 25 44.59 -47.35 -84.69
C LYS MB 25 43.07 -47.34 -84.61
N ASN MB 26 42.46 -46.15 -84.65
CA ASN MB 26 41.01 -46.01 -84.56
C ASN MB 26 40.31 -46.15 -85.91
N GLY MB 27 41.05 -46.08 -87.00
CA GLY MB 27 40.47 -46.13 -88.34
C GLY MB 27 40.69 -44.89 -89.16
N VAL MB 28 41.42 -43.90 -88.65
CA VAL MB 28 41.63 -42.66 -89.38
C VAL MB 28 42.60 -42.91 -90.53
N ALA MB 29 42.26 -42.40 -91.70
CA ALA MB 29 43.10 -42.50 -92.88
C ALA MB 29 43.74 -41.14 -93.13
N TYR MB 30 45.07 -41.12 -93.19
CA TYR MB 30 45.87 -39.91 -93.34
C TYR MB 30 46.54 -39.91 -94.71
N PHE MB 31 46.25 -38.88 -95.51
CA PHE MB 31 46.95 -38.60 -96.75
C PHE MB 31 47.80 -37.35 -96.59
N ARG MB 32 48.98 -37.37 -97.17
CA ARG MB 32 49.96 -36.30 -97.01
C ARG MB 32 50.43 -35.85 -98.39
N HIS MB 33 50.61 -34.54 -98.53
CA HIS MB 33 51.19 -33.92 -99.71
C HIS MB 33 52.41 -33.14 -99.24
N LEU MB 34 53.59 -33.68 -99.47
CA LEU MB 34 54.81 -33.03 -99.04
C LEU MB 34 55.11 -31.82 -99.92
N GLN MB 35 55.97 -30.94 -99.40
CA GLN MB 35 56.36 -29.75 -100.15
C GLN MB 35 57.48 -30.11 -101.13
N ALA MB 36 58.02 -29.08 -101.79
CA ALA MB 36 59.13 -29.31 -102.72
C ALA MB 36 60.32 -29.93 -102.00
N ASN MB 37 60.70 -29.36 -100.87
CA ASN MB 37 61.86 -29.81 -100.11
C ASN MB 37 61.59 -31.05 -99.26
N GLY MB 38 60.37 -31.57 -99.28
CA GLY MB 38 60.05 -32.72 -98.45
C GLY MB 38 60.10 -32.43 -96.96
N LYS MB 39 59.63 -31.27 -96.53
CA LYS MB 39 59.60 -30.94 -95.11
C LYS MB 39 58.29 -31.40 -94.50
N PRO MB 40 58.31 -32.31 -93.53
CA PRO MB 40 57.04 -32.79 -92.94
C PRO MB 40 56.20 -31.66 -92.37
N ILE MB 41 56.82 -30.74 -91.64
CA ILE MB 41 56.11 -29.62 -91.05
C ILE MB 41 55.36 -28.81 -92.09
N GLY MB 42 55.77 -28.88 -93.35
CA GLY MB 42 55.11 -28.14 -94.40
C GLY MB 42 54.08 -28.90 -95.20
N ALA MB 43 53.86 -30.17 -94.92
CA ALA MB 43 53.02 -31.00 -95.76
C ALA MB 43 51.53 -30.76 -95.48
N TYR MB 44 50.73 -30.72 -96.54
CA TYR MB 44 49.29 -30.73 -96.39
C TYR MB 44 48.82 -32.11 -95.97
N THR MB 45 47.73 -32.15 -95.21
CA THR MB 45 47.18 -33.42 -94.75
C THR MB 45 45.68 -33.47 -94.96
N VAL MB 46 45.17 -34.67 -95.20
CA VAL MB 46 43.74 -34.92 -95.32
C VAL MB 46 43.42 -36.19 -94.54
N SER MB 47 42.51 -36.09 -93.58
CA SER MB 47 42.11 -37.20 -92.72
C SER MB 47 40.67 -37.59 -93.03
N SER MB 48 40.42 -38.89 -93.07
CA SER MB 48 39.07 -39.40 -93.28
C SER MB 48 38.82 -40.57 -92.34
N HIS MB 49 37.80 -40.46 -91.51
CA HIS MB 49 37.46 -41.53 -90.57
C HIS MB 49 35.96 -41.63 -90.45
N VAL MB 50 35.43 -42.85 -90.52
CA VAL MB 50 33.99 -43.06 -90.37
C VAL MB 50 33.75 -43.95 -89.16
N LYS MB 51 32.82 -43.52 -88.31
CA LYS MB 51 32.46 -44.20 -87.06
C LYS MB 51 31.06 -44.76 -87.24
N GLU MB 52 30.97 -46.09 -87.23
CA GLU MB 52 29.73 -46.83 -87.35
C GLU MB 52 28.92 -46.71 -86.05
N PRO MB 53 27.61 -46.91 -86.12
CA PRO MB 53 26.80 -46.88 -84.91
C PRO MB 53 26.91 -48.17 -84.11
N GLY MB 54 26.72 -48.03 -82.80
CA GLY MB 54 26.74 -49.17 -81.92
C GLY MB 54 25.69 -49.03 -80.83
N THR MB 55 25.35 -50.16 -80.23
CA THR MB 55 24.30 -50.23 -79.22
C THR MB 55 23.02 -49.56 -79.72
N ASN MB 56 22.58 -50.03 -80.89
CA ASN MB 56 21.36 -49.55 -81.54
C ASN MB 56 21.33 -48.04 -81.64
N GLY MB 57 22.45 -47.47 -82.10
CA GLY MB 57 22.52 -46.06 -82.39
C GLY MB 57 22.07 -45.80 -83.83
N ASP MB 58 21.30 -44.74 -84.01
CA ASP MB 58 20.78 -44.44 -85.34
C ASP MB 58 21.80 -43.76 -86.23
N VAL MB 59 22.88 -43.24 -85.66
CA VAL MB 59 23.71 -42.25 -86.35
C VAL MB 59 25.01 -42.86 -86.84
N PHE MB 60 25.52 -42.31 -87.94
CA PHE MB 60 26.84 -42.54 -88.48
C PHE MB 60 27.61 -41.24 -88.38
N ARG MB 61 28.87 -41.30 -87.95
CA ARG MB 61 29.68 -40.09 -87.81
C ARG MB 61 30.89 -40.15 -88.73
N VAL MB 62 30.83 -39.43 -89.84
CA VAL MB 62 31.88 -39.49 -90.86
C VAL MB 62 32.61 -38.16 -90.89
N LYS MB 63 33.93 -38.19 -90.74
CA LYS MB 63 34.73 -37.00 -90.52
C LYS MB 63 35.77 -36.86 -91.61
N LEU MB 64 35.93 -35.61 -92.07
CA LEU MB 64 36.89 -35.23 -93.10
C LEU MB 64 37.65 -33.99 -92.64
N PHE MB 65 38.97 -34.08 -92.58
CA PHE MB 65 39.84 -33.00 -92.15
C PHE MB 65 40.78 -32.63 -93.28
N VAL MB 66 40.97 -31.33 -93.50
CA VAL MB 66 41.90 -30.81 -94.49
C VAL MB 66 42.75 -29.76 -93.80
N ASN MB 67 44.02 -30.09 -93.58
CA ASN MB 67 44.94 -29.21 -92.85
C ASN MB 67 45.98 -28.68 -93.82
N VAL MB 68 46.08 -27.35 -93.88
CA VAL MB 68 47.03 -26.63 -94.73
C VAL MB 68 47.98 -25.85 -93.83
N PRO MB 69 49.24 -26.28 -93.69
CA PRO MB 69 50.18 -25.48 -92.90
C PRO MB 69 50.90 -24.47 -93.78
N GLU MB 70 51.28 -23.37 -93.15
CA GLU MB 70 52.24 -22.44 -93.72
C GLU MB 70 53.43 -22.36 -92.78
N VAL MB 71 54.63 -22.52 -93.34
CA VAL MB 71 55.89 -22.50 -92.62
C VAL MB 71 56.30 -21.05 -92.36
N ALA MB 72 56.80 -20.74 -91.17
CA ALA MB 72 57.34 -19.41 -90.88
C ALA MB 72 58.84 -19.53 -90.75
N THR MB 73 59.57 -18.81 -91.59
CA THR MB 73 61.03 -18.86 -91.57
C THR MB 73 61.60 -17.75 -90.69
N GLU MB 85 60.94 -22.54 -89.52
CA GLU MB 85 61.22 -23.34 -88.33
C GLU MB 85 59.93 -23.85 -87.64
N ILE MB 86 59.03 -22.94 -87.30
CA ILE MB 86 57.74 -23.30 -86.74
C ILE MB 86 56.68 -22.85 -87.73
N ALA MB 87 55.57 -23.56 -87.78
CA ALA MB 87 54.59 -23.37 -88.82
C ALA MB 87 53.20 -23.31 -88.19
N ARG MB 88 52.33 -22.49 -88.74
CA ARG MB 88 50.96 -22.42 -88.24
C ARG MB 88 50.02 -22.99 -89.29
N THR MB 89 48.97 -23.65 -88.83
CA THR MB 89 48.15 -24.48 -89.69
C THR MB 89 46.74 -23.92 -89.75
N ASN MB 90 46.28 -23.58 -90.95
CA ASN MB 90 44.86 -23.42 -91.21
C ASN MB 90 44.22 -24.80 -91.31
N ARG MB 91 43.03 -24.95 -90.73
CA ARG MB 91 42.36 -26.24 -90.75
C ARG MB 91 40.92 -26.10 -91.18
N ALA MB 92 40.43 -27.14 -91.86
CA ALA MB 92 39.01 -27.33 -92.11
C ALA MB 92 38.62 -28.68 -91.53
N GLN MB 93 37.56 -28.71 -90.74
CA GLN MB 93 37.14 -29.92 -90.03
C GLN MB 93 35.66 -30.13 -90.26
N VAL MB 94 35.28 -31.19 -90.95
CA VAL MB 94 33.89 -31.47 -91.31
C VAL MB 94 33.47 -32.76 -90.64
N GLU MB 95 32.31 -32.73 -90.00
CA GLU MB 95 31.67 -33.91 -89.42
C GLU MB 95 30.27 -34.00 -89.99
N PHE MB 96 29.99 -35.09 -90.72
CA PHE MB 96 28.65 -35.40 -91.18
C PHE MB 96 28.03 -36.40 -90.21
N ILE MB 97 26.80 -36.11 -89.81
CA ILE MB 97 25.99 -36.98 -88.96
C ILE MB 97 24.87 -37.53 -89.84
N LEU MB 98 24.90 -38.82 -90.11
CA LEU MB 98 24.02 -39.43 -91.10
C LEU MB 98 23.22 -40.56 -90.47
N PRO MB 99 21.90 -40.47 -90.33
CA PRO MB 99 21.13 -41.60 -89.81
C PRO MB 99 21.17 -42.81 -90.73
N ALA MB 100 20.98 -43.98 -90.15
CA ALA MB 100 21.12 -45.23 -90.88
C ALA MB 100 19.93 -45.52 -91.79
N GLN MB 101 18.75 -44.99 -91.48
CA GLN MB 101 17.58 -45.25 -92.33
C GLN MB 101 17.51 -44.33 -93.54
N SER MB 102 18.25 -43.23 -93.55
CA SER MB 102 18.19 -42.30 -94.68
C SER MB 102 18.69 -43.00 -95.95
N ALA MB 103 17.87 -42.98 -97.00
CA ALA MB 103 18.31 -43.48 -98.29
C ALA MB 103 19.45 -42.61 -98.81
N ALA MB 104 20.31 -43.21 -99.62
CA ALA MB 104 21.50 -42.51 -100.09
C ALA MB 104 21.17 -41.24 -100.86
N THR MB 105 19.94 -41.09 -101.36
CA THR MB 105 19.54 -39.85 -102.03
C THR MB 105 19.80 -38.64 -101.15
N VAL MB 106 19.43 -38.76 -99.87
CA VAL MB 106 19.53 -37.64 -98.95
C VAL MB 106 20.99 -37.26 -98.76
N ARG MB 107 21.85 -38.26 -98.52
CA ARG MB 107 23.25 -37.97 -98.27
C ARG MB 107 23.91 -37.38 -99.50
N GLU MB 108 23.52 -37.87 -100.68
CA GLU MB 108 24.06 -37.32 -101.92
C GLU MB 108 23.74 -35.83 -102.03
N ASP MB 109 22.46 -35.44 -101.92
CA ASP MB 109 22.17 -34.01 -102.07
C ASP MB 109 22.59 -33.20 -100.85
N LEU MB 110 22.82 -33.82 -99.69
CA LEU MB 110 23.39 -33.06 -98.58
C LEU MB 110 24.82 -32.64 -98.91
N VAL MB 111 25.63 -33.60 -99.36
CA VAL MB 111 26.97 -33.27 -99.82
C VAL MB 111 26.93 -32.21 -100.92
N ALA MB 112 26.00 -32.37 -101.88
CA ALA MB 112 25.93 -31.41 -102.97
C ALA MB 112 25.61 -30.02 -102.43
N LEU MB 113 24.72 -29.94 -101.43
CA LEU MB 113 24.40 -28.68 -100.77
C LEU MB 113 25.64 -28.06 -100.13
N LEU MB 114 26.41 -28.87 -99.42
CA LEU MB 114 27.59 -28.34 -98.75
C LEU MB 114 28.59 -27.79 -99.76
N ALA MB 115 28.81 -28.53 -100.85
CA ALA MB 115 29.78 -28.09 -101.85
C ALA MB 115 29.30 -26.82 -102.54
N SER MB 116 28.00 -26.73 -102.84
CA SER MB 116 27.47 -25.53 -103.46
C SER MB 116 27.52 -24.34 -102.51
N ALA MB 117 27.38 -24.59 -101.20
CA ALA MB 117 27.51 -23.52 -100.23
C ALA MB 117 28.95 -23.02 -100.16
N LEU MB 118 29.92 -23.94 -100.25
CA LEU MB 118 31.32 -23.53 -100.34
C LEU MB 118 31.59 -22.76 -101.62
N ALA MB 119 30.89 -23.09 -102.70
CA ALA MB 119 31.12 -22.39 -103.96
C ALA MB 119 30.43 -21.03 -104.02
N ASP MB 120 29.32 -20.86 -103.29
CA ASP MB 120 28.61 -19.59 -103.32
C ASP MB 120 29.51 -18.47 -102.83
N THR MB 121 29.45 -17.33 -103.53
CA THR MB 121 30.38 -16.24 -103.23
C THR MB 121 30.11 -15.64 -101.86
N ALA MB 122 28.84 -15.48 -101.48
CA ALA MB 122 28.50 -14.88 -100.20
C ALA MB 122 29.02 -15.72 -99.04
N ILE MB 123 28.77 -17.03 -99.11
CA ILE MB 123 29.23 -17.94 -98.05
C ILE MB 123 30.75 -18.07 -98.08
N LYS MB 124 31.34 -18.11 -99.27
CA LYS MB 124 32.78 -18.24 -99.38
C LYS MB 124 33.50 -17.04 -98.79
N SER MB 125 32.88 -15.85 -98.90
CA SER MB 125 33.45 -14.66 -98.27
C SER MB 125 33.61 -14.85 -96.77
N THR MB 126 32.64 -15.53 -96.15
CA THR MB 126 32.68 -15.82 -94.73
C THR MB 126 33.99 -16.48 -94.31
N ILE MB 127 34.44 -17.45 -95.10
CA ILE MB 127 35.66 -18.17 -94.75
C ILE MB 127 36.89 -17.40 -95.20
N VAL MB 128 36.91 -17.00 -96.47
CA VAL MB 128 38.13 -16.47 -97.07
C VAL MB 128 38.51 -15.15 -96.42
N ASN MB 129 37.54 -14.24 -96.26
CA ASN MB 129 37.78 -12.88 -95.78
C ASN MB 129 37.47 -12.72 -94.30
N VAL MB 130 37.15 -13.82 -93.60
CA VAL MB 130 36.74 -13.85 -92.20
C VAL MB 130 35.84 -12.66 -91.88
N GLU MB 131 34.75 -12.53 -92.64
CA GLU MB 131 33.73 -11.51 -92.41
C GLU MB 131 32.48 -12.16 -91.80
N HIS MB 132 31.89 -11.50 -90.80
CA HIS MB 132 30.60 -11.90 -90.25
C HIS MB 132 29.46 -11.62 -91.22
N PHE MB 133 28.37 -12.37 -91.08
CA PHE MB 133 27.15 -12.00 -91.77
C PHE MB 133 26.51 -10.81 -91.06
N TYR MB 134 26.03 -9.85 -91.85
CA TYR MB 134 25.43 -8.64 -91.29
C TYR MB 134 24.24 -8.10 -92.10
N PRO NB 1 47.13 -62.40 -97.50
CA PRO NB 1 45.85 -62.00 -98.09
C PRO NB 1 45.64 -60.51 -97.96
N ALA NB 2 45.98 -59.76 -99.00
CA ALA NB 2 45.67 -58.34 -99.00
C ALA NB 2 44.16 -58.15 -99.04
N LEU NB 3 43.71 -57.06 -98.44
CA LEU NB 3 42.29 -56.76 -98.39
C LEU NB 3 41.78 -56.41 -99.78
N LYS NB 4 40.77 -57.13 -100.24
CA LYS NB 4 40.25 -57.08 -101.60
C LYS NB 4 38.79 -57.45 -101.54
N PRO NB 5 37.94 -56.84 -102.38
CA PRO NB 5 36.56 -57.33 -102.50
C PRO NB 5 36.57 -58.77 -103.00
N ILE NB 6 35.87 -59.63 -102.28
CA ILE NB 6 35.86 -61.04 -102.61
C ILE NB 6 34.46 -61.43 -103.06
N THR NB 7 34.39 -62.22 -104.11
CA THR NB 7 33.13 -62.64 -104.69
C THR NB 7 32.82 -64.05 -104.22
N LEU NB 8 31.62 -64.25 -103.67
CA LEU NB 8 31.18 -65.55 -103.17
C LEU NB 8 29.90 -65.94 -103.90
N THR NB 9 29.72 -67.23 -104.14
CA THR NB 9 28.58 -67.73 -104.89
C THR NB 9 27.47 -68.15 -103.93
N ASP NB 10 26.23 -67.77 -104.22
CA ASP NB 10 25.10 -68.08 -103.35
C ASP NB 10 24.48 -69.42 -103.75
N HIS NB 11 23.25 -69.66 -103.33
CA HIS NB 11 22.64 -70.95 -103.62
C HIS NB 11 22.38 -71.13 -105.11
N SER NB 12 21.96 -70.08 -105.80
CA SER NB 12 21.71 -70.15 -107.23
C SER NB 12 22.98 -70.08 -108.07
N SER NB 13 24.15 -70.12 -107.43
CA SER NB 13 25.48 -69.97 -108.02
C SER NB 13 25.73 -68.55 -108.54
N ALA NB 14 24.80 -67.63 -108.34
CA ALA NB 14 25.03 -66.23 -108.70
C ALA NB 14 26.12 -65.62 -107.82
N ASP NB 15 26.88 -64.71 -108.41
CA ASP NB 15 27.94 -64.05 -107.66
C ASP NB 15 27.38 -63.03 -106.68
N VAL NB 16 28.10 -62.83 -105.58
CA VAL NB 16 27.74 -61.91 -104.51
C VAL NB 16 29.03 -61.27 -104.05
N ILE NB 17 29.18 -59.97 -104.32
CA ILE NB 17 30.45 -59.27 -104.11
C ILE NB 17 30.43 -58.65 -102.71
N PHE NB 18 31.40 -59.05 -101.88
CA PHE NB 18 31.59 -58.47 -100.56
C PHE NB 18 32.74 -57.47 -100.64
N THR NB 19 32.42 -56.20 -100.39
CA THR NB 19 33.45 -55.16 -100.36
C THR NB 19 34.04 -55.05 -98.96
N PRO NB 20 35.33 -54.81 -98.84
CA PRO NB 20 35.94 -54.67 -97.52
C PRO NB 20 35.41 -53.44 -96.80
N THR NB 21 35.00 -53.62 -95.55
CA THR NB 21 34.46 -52.55 -94.74
C THR NB 21 35.50 -51.95 -93.80
N GLN NB 22 36.16 -52.78 -92.99
CA GLN NB 22 36.90 -52.24 -91.85
C GLN NB 22 37.84 -53.30 -91.32
N ILE NB 23 38.97 -52.85 -90.78
CA ILE NB 23 39.88 -53.72 -90.05
C ILE NB 23 39.82 -53.31 -88.58
N ASP NB 24 39.40 -54.25 -87.73
CA ASP NB 24 39.04 -53.95 -86.36
C ASP NB 24 40.27 -53.58 -85.54
N LYS NB 25 40.02 -53.10 -84.31
CA LYS NB 25 41.11 -52.89 -83.36
C LYS NB 25 41.69 -54.21 -82.89
N ASN NB 26 40.91 -55.28 -82.93
CA ASN NB 26 41.36 -56.60 -82.49
C ASN NB 26 41.93 -57.43 -83.62
N GLY NB 27 41.93 -56.91 -84.84
CA GLY NB 27 42.40 -57.63 -86.00
C GLY NB 27 41.31 -58.18 -86.87
N VAL NB 28 40.04 -58.00 -86.50
CA VAL NB 28 38.93 -58.53 -87.28
C VAL NB 28 38.78 -57.74 -88.56
N ALA NB 29 38.66 -58.44 -89.68
CA ALA NB 29 38.46 -57.84 -90.99
C ALA NB 29 37.03 -58.15 -91.43
N TYR NB 30 36.31 -57.10 -91.85
CA TYR NB 30 34.90 -57.21 -92.19
C TYR NB 30 34.69 -56.96 -93.68
N PHE NB 31 33.96 -57.85 -94.34
CA PHE NB 31 33.50 -57.66 -95.71
C PHE NB 31 31.98 -57.63 -95.70
N ARG NB 32 31.40 -56.65 -96.39
CA ARG NB 32 29.94 -56.48 -96.36
C ARG NB 32 29.38 -56.48 -97.76
N HIS NB 33 28.11 -56.91 -97.85
CA HIS NB 33 27.28 -56.82 -99.03
C HIS NB 33 25.93 -56.29 -98.59
N LEU NB 34 25.54 -55.13 -99.13
CA LEU NB 34 24.33 -54.45 -98.65
C LEU NB 34 23.08 -55.20 -99.07
N GLN NB 35 21.98 -54.88 -98.38
CA GLN NB 35 20.70 -55.53 -98.64
C GLN NB 35 20.09 -55.02 -99.94
N ALA NB 36 18.90 -55.53 -100.25
CA ALA NB 36 18.18 -55.09 -101.44
C ALA NB 36 17.99 -53.58 -101.44
N ASN NB 37 17.45 -53.04 -100.35
CA ASN NB 37 17.35 -51.61 -100.21
C ASN NB 37 18.74 -50.99 -99.99
N GLY NB 38 18.92 -49.78 -100.51
CA GLY NB 38 20.19 -49.10 -100.37
C GLY NB 38 20.54 -48.74 -98.94
N LYS NB 39 19.65 -49.00 -98.00
CA LYS NB 39 19.84 -48.60 -96.62
C LYS NB 39 20.80 -49.56 -95.92
N PRO NB 40 21.94 -49.08 -95.39
CA PRO NB 40 22.94 -49.96 -94.76
C PRO NB 40 22.66 -50.16 -93.28
N ILE NB 41 21.60 -50.89 -92.98
CA ILE NB 41 21.23 -51.21 -91.61
C ILE NB 41 21.54 -52.66 -91.29
N GLY NB 42 20.94 -53.59 -92.01
CA GLY NB 42 21.31 -55.00 -91.96
C GLY NB 42 22.01 -55.34 -93.26
N ALA NB 43 23.11 -56.05 -93.16
CA ALA NB 43 23.93 -56.32 -94.32
C ALA NB 43 24.62 -57.66 -94.15
N TYR NB 44 24.77 -58.36 -95.27
CA TYR NB 44 25.48 -59.63 -95.24
C TYR NB 44 26.96 -59.37 -94.92
N THR NB 45 27.51 -60.12 -93.97
CA THR NB 45 28.86 -59.84 -93.50
C THR NB 45 29.69 -61.11 -93.46
N VAL NB 46 31.00 -60.93 -93.63
CA VAL NB 46 31.99 -61.97 -93.51
C VAL NB 46 33.14 -61.43 -92.69
N SER NB 47 33.38 -62.02 -91.53
CA SER NB 47 34.42 -61.61 -90.59
C SER NB 47 35.56 -62.62 -90.63
N SER NB 48 36.79 -62.12 -90.66
CA SER NB 48 37.97 -62.99 -90.61
C SER NB 48 38.94 -62.45 -89.58
N HIS NB 49 39.36 -63.31 -88.65
CA HIS NB 49 40.32 -62.90 -87.63
C HIS NB 49 41.21 -64.06 -87.27
N VAL NB 50 42.52 -63.86 -87.33
CA VAL NB 50 43.48 -64.87 -86.89
C VAL NB 50 44.14 -64.39 -85.61
N LYS NB 51 44.25 -65.30 -84.64
CA LYS NB 51 44.84 -65.00 -83.34
C LYS NB 51 46.12 -65.81 -83.22
N GLU NB 52 47.25 -65.09 -83.15
CA GLU NB 52 48.56 -65.67 -82.95
C GLU NB 52 48.60 -66.40 -81.60
N PRO NB 53 49.59 -67.26 -81.37
CA PRO NB 53 49.68 -67.95 -80.09
C PRO NB 53 50.49 -67.17 -79.05
N GLY NB 54 50.07 -67.29 -77.81
CA GLY NB 54 50.71 -66.59 -76.70
C GLY NB 54 51.60 -67.55 -75.90
N THR NB 55 52.84 -67.11 -75.68
CA THR NB 55 53.82 -67.92 -74.95
C THR NB 55 54.04 -69.27 -75.64
N ASN NB 56 54.10 -69.24 -76.97
CA ASN NB 56 54.34 -70.41 -77.80
C ASN NB 56 53.34 -71.53 -77.49
N GLY NB 57 52.14 -71.15 -77.03
CA GLY NB 57 51.06 -72.12 -76.99
C GLY NB 57 50.79 -72.64 -78.39
N ASP NB 58 50.68 -73.95 -78.52
CA ASP NB 58 50.68 -74.58 -79.85
C ASP NB 58 49.59 -74.02 -80.76
N VAL NB 59 48.54 -73.41 -80.22
CA VAL NB 59 47.33 -73.14 -80.97
C VAL NB 59 47.40 -71.79 -81.68
N PHE NB 60 46.96 -71.80 -82.94
CA PHE NB 60 46.57 -70.63 -83.71
C PHE NB 60 45.05 -70.67 -83.81
N ARG NB 61 44.39 -69.56 -83.51
CA ARG NB 61 42.92 -69.52 -83.51
C ARG NB 61 42.43 -68.67 -84.67
N VAL NB 62 42.03 -69.30 -85.76
CA VAL NB 62 41.67 -68.59 -86.98
C VAL NB 62 40.16 -68.74 -87.19
N LYS NB 63 39.45 -67.62 -87.29
CA LYS NB 63 38.00 -67.62 -87.20
C LYS NB 63 37.42 -66.95 -88.44
N LEU NB 64 36.32 -67.54 -88.93
CA LEU NB 64 35.59 -67.08 -90.11
C LEU NB 64 34.10 -67.07 -89.78
N PHE NB 65 33.47 -65.91 -89.95
CA PHE NB 65 32.06 -65.72 -89.65
C PHE NB 65 31.34 -65.28 -90.91
N VAL NB 66 30.15 -65.85 -91.14
CA VAL NB 66 29.30 -65.48 -92.27
C VAL NB 66 27.90 -65.22 -91.71
N ASN NB 67 27.50 -63.95 -91.69
CA ASN NB 67 26.23 -63.54 -91.12
C ASN NB 67 25.30 -63.09 -92.22
N VAL NB 68 24.14 -63.73 -92.31
CA VAL NB 68 23.11 -63.44 -93.29
C VAL NB 68 21.89 -62.90 -92.56
N PRO NB 69 21.71 -61.57 -92.52
CA PRO NB 69 20.52 -61.01 -91.89
C PRO NB 69 19.33 -60.92 -92.85
N GLU NB 70 18.15 -61.21 -92.32
CA GLU NB 70 16.87 -60.97 -92.98
C GLU NB 70 16.26 -59.73 -92.34
N VAL NB 71 15.95 -58.74 -93.19
CA VAL NB 71 15.53 -57.40 -92.78
C VAL NB 71 14.04 -57.23 -93.07
N ALA NB 72 13.41 -56.30 -92.35
CA ALA NB 72 12.00 -55.98 -92.53
C ALA NB 72 11.83 -54.48 -92.59
N THR NB 73 11.10 -54.01 -93.60
CA THR NB 73 10.78 -52.59 -93.74
C THR NB 73 9.42 -52.34 -93.10
N ILE NB 74 9.41 -51.68 -91.95
CA ILE NB 74 8.19 -51.44 -91.19
C ILE NB 74 7.85 -49.96 -91.30
N THR NB 75 6.63 -49.68 -91.76
CA THR NB 75 6.13 -48.31 -91.76
C THR NB 75 4.95 -48.22 -90.79
N PRO NB 76 5.05 -47.38 -89.76
CA PRO NB 76 3.98 -47.34 -88.73
C PRO NB 76 2.65 -46.85 -89.28
N ASN NB 77 1.62 -46.87 -88.42
CA ASN NB 77 0.28 -46.53 -88.87
C ASN NB 77 0.14 -45.03 -89.11
N GLY NB 78 -0.36 -44.67 -90.27
CA GLY NB 78 -0.62 -43.28 -90.61
C GLY NB 78 0.61 -42.41 -90.64
N SER NB 79 1.76 -42.98 -91.00
CA SER NB 79 3.02 -42.26 -91.01
C SER NB 79 3.57 -42.20 -92.43
N ASP NB 80 4.11 -41.04 -92.80
CA ASP NB 80 4.65 -40.85 -94.14
C ASP NB 80 5.83 -41.77 -94.40
N THR NB 81 6.73 -41.92 -93.43
CA THR NB 81 8.04 -42.49 -93.65
C THR NB 81 8.14 -43.88 -93.03
N SER NB 82 8.83 -44.78 -93.74
CA SER NB 82 9.10 -46.13 -93.29
C SER NB 82 10.52 -46.22 -92.74
N SER NB 83 10.70 -47.07 -91.75
CA SER NB 83 12.02 -47.35 -91.21
C SER NB 83 12.31 -48.84 -91.34
N VAL NB 84 13.58 -49.17 -91.40
CA VAL NB 84 14.01 -50.55 -91.60
C VAL NB 84 14.50 -51.12 -90.28
N GLU NB 85 14.38 -52.44 -90.14
CA GLU NB 85 14.63 -53.11 -88.86
C GLU NB 85 15.19 -54.50 -89.14
N ILE NB 86 16.08 -54.95 -88.25
CA ILE NB 86 16.71 -56.27 -88.42
C ILE NB 86 15.74 -57.31 -87.88
N ALA NB 87 15.15 -58.09 -88.78
CA ALA NB 87 14.14 -59.07 -88.39
C ALA NB 87 14.77 -60.27 -87.70
N ARG NB 88 15.69 -60.94 -88.39
CA ARG NB 88 16.42 -62.04 -87.76
C ARG NB 88 17.71 -62.26 -88.53
N THR NB 89 18.56 -63.16 -88.04
CA THR NB 89 19.84 -63.40 -88.68
C THR NB 89 20.16 -64.88 -88.65
N ASN NB 90 20.55 -65.44 -89.79
CA ASN NB 90 21.20 -66.73 -89.84
C ASN NB 90 22.71 -66.53 -89.77
N ARG NB 91 23.39 -67.39 -89.03
CA ARG NB 91 24.82 -67.22 -88.85
C ARG NB 91 25.55 -68.55 -89.02
N ALA NB 92 26.75 -68.47 -89.59
CA ALA NB 92 27.68 -69.59 -89.61
C ALA NB 92 28.97 -69.09 -88.97
N GLN NB 93 29.48 -69.84 -87.99
CA GLN NB 93 30.65 -69.43 -87.23
C GLN NB 93 31.64 -70.57 -87.21
N VAL NB 94 32.84 -70.34 -87.74
CA VAL NB 94 33.86 -71.38 -87.91
C VAL NB 94 35.11 -70.95 -87.15
N GLU NB 95 35.63 -71.84 -86.33
CA GLU NB 95 36.89 -71.65 -85.64
C GLU NB 95 37.79 -72.83 -85.97
N PHE NB 96 38.93 -72.55 -86.60
CA PHE NB 96 39.98 -73.54 -86.79
C PHE NB 96 41.02 -73.34 -85.70
N ILE NB 97 41.35 -74.44 -85.02
CA ILE NB 97 42.43 -74.51 -84.06
C ILE NB 97 43.57 -75.24 -84.74
N LEU NB 98 44.67 -74.54 -85.00
CA LEU NB 98 45.76 -75.08 -85.80
C LEU NB 98 47.04 -75.10 -84.98
N PRO NB 99 47.60 -76.27 -84.67
CA PRO NB 99 48.86 -76.30 -83.91
C PRO NB 99 50.00 -75.66 -84.69
N ALA NB 100 50.88 -74.96 -83.95
CA ALA NB 100 51.96 -74.18 -84.55
C ALA NB 100 53.07 -75.04 -85.12
N GLN NB 101 52.96 -76.37 -85.06
CA GLN NB 101 53.99 -77.24 -85.57
C GLN NB 101 53.55 -78.13 -86.72
N SER NB 102 52.26 -78.21 -87.03
CA SER NB 102 51.84 -78.92 -88.23
C SER NB 102 52.17 -78.09 -89.47
N ALA NB 103 52.66 -78.75 -90.50
CA ALA NB 103 52.98 -78.06 -91.75
C ALA NB 103 51.71 -77.75 -92.52
N ALA NB 104 51.86 -76.92 -93.56
CA ALA NB 104 50.70 -76.42 -94.29
C ALA NB 104 49.88 -77.53 -94.93
N THR NB 105 50.47 -78.71 -95.18
CA THR NB 105 49.74 -79.81 -95.80
C THR NB 105 48.53 -80.20 -94.96
N VAL NB 106 48.73 -80.28 -93.65
CA VAL NB 106 47.67 -80.68 -92.74
C VAL NB 106 46.52 -79.68 -92.78
N ARG NB 107 46.85 -78.39 -92.74
CA ARG NB 107 45.79 -77.39 -92.76
C ARG NB 107 45.07 -77.38 -94.11
N GLU NB 108 45.80 -77.62 -95.20
CA GLU NB 108 45.17 -77.66 -96.51
C GLU NB 108 44.14 -78.78 -96.58
N ASP NB 109 44.52 -80.01 -96.19
CA ASP NB 109 43.53 -81.06 -96.31
C ASP NB 109 42.47 -81.00 -95.21
N LEU NB 110 42.71 -80.30 -94.11
CA LEU NB 110 41.63 -80.03 -93.17
C LEU NB 110 40.57 -79.14 -93.80
N VAL NB 111 40.99 -78.05 -94.43
CA VAL NB 111 40.05 -77.16 -95.11
C VAL NB 111 39.31 -77.93 -96.19
N ALA NB 112 40.02 -78.77 -96.95
CA ALA NB 112 39.37 -79.54 -98.00
C ALA NB 112 38.34 -80.50 -97.42
N LEU NB 113 38.65 -81.14 -96.29
CA LEU NB 113 37.70 -82.01 -95.63
C LEU NB 113 36.45 -81.24 -95.20
N LEU NB 114 36.64 -80.04 -94.64
CA LEU NB 114 35.48 -79.26 -94.21
C LEU NB 114 34.61 -78.85 -95.39
N ALA NB 115 35.23 -78.40 -96.49
CA ALA NB 115 34.44 -77.99 -97.66
C ALA NB 115 33.71 -79.18 -98.28
N SER NB 116 34.38 -80.34 -98.35
CA SER NB 116 33.70 -81.52 -98.89
C SER NB 116 32.61 -82.00 -97.97
N ALA NB 117 32.75 -81.81 -96.65
CA ALA NB 117 31.67 -82.14 -95.74
C ALA NB 117 30.48 -81.22 -95.96
N LEU NB 118 30.73 -79.93 -96.18
CA LEU NB 118 29.65 -79.01 -96.51
C LEU NB 118 28.99 -79.38 -97.83
N ALA NB 119 29.75 -79.93 -98.77
CA ALA NB 119 29.18 -80.30 -100.06
C ALA NB 119 28.39 -81.61 -100.01
N ASP NB 120 28.79 -82.55 -99.16
CA ASP NB 120 28.09 -83.83 -99.07
C ASP NB 120 26.62 -83.61 -98.76
N THR NB 121 25.76 -84.39 -99.43
CA THR NB 121 24.32 -84.17 -99.31
C THR NB 121 23.81 -84.56 -97.93
N ALA NB 122 24.33 -85.66 -97.36
CA ALA NB 122 23.89 -86.10 -96.04
C ALA NB 122 24.25 -85.07 -94.98
N ILE NB 123 25.49 -84.60 -94.98
CA ILE NB 123 25.91 -83.56 -94.04
C ILE NB 123 25.18 -82.26 -94.33
N LYS NB 124 24.87 -82.00 -95.60
CA LYS NB 124 24.24 -80.73 -95.95
C LYS NB 124 22.82 -80.65 -95.40
N SER NB 125 22.05 -81.73 -95.56
CA SER NB 125 20.68 -81.74 -95.04
C SER NB 125 20.64 -81.47 -93.54
N THR NB 126 21.68 -81.88 -92.82
CA THR NB 126 21.81 -81.55 -91.41
C THR NB 126 21.63 -80.05 -91.19
N ILE NB 127 22.34 -79.24 -91.97
CA ILE NB 127 22.27 -77.79 -91.81
C ILE NB 127 21.01 -77.24 -92.45
N VAL NB 128 20.83 -77.53 -93.74
CA VAL NB 128 19.80 -76.90 -94.54
C VAL NB 128 18.41 -77.28 -94.06
N ASN NB 129 18.20 -78.57 -93.80
CA ASN NB 129 16.88 -79.13 -93.55
C ASN NB 129 16.59 -79.33 -92.07
N VAL NB 130 17.57 -79.10 -91.20
CA VAL NB 130 17.40 -79.20 -89.75
C VAL NB 130 16.86 -80.59 -89.41
N GLU NB 131 17.53 -81.59 -89.96
CA GLU NB 131 17.27 -82.99 -89.68
C GLU NB 131 18.43 -83.53 -88.86
N HIS NB 132 18.11 -84.35 -87.87
CA HIS NB 132 19.11 -85.08 -87.10
C HIS NB 132 19.66 -86.24 -87.93
N PHE NB 133 20.88 -86.64 -87.60
CA PHE NB 133 21.42 -87.89 -88.12
C PHE NB 133 20.81 -89.07 -87.39
N TYR NB 134 20.54 -90.14 -88.13
CA TYR NB 134 19.92 -91.33 -87.54
C TYR NB 134 20.29 -92.63 -88.29
N PRO OB 1 29.42 -9.92 -95.37
CA PRO OB 1 28.40 -10.17 -96.40
C PRO OB 1 27.02 -9.79 -95.89
N ALA OB 2 26.45 -8.76 -96.52
CA ALA OB 2 25.08 -8.35 -96.24
C ALA OB 2 24.14 -9.54 -96.37
N LEU OB 3 23.34 -9.77 -95.32
CA LEU OB 3 22.44 -10.92 -95.28
C LEU OB 3 21.50 -10.87 -96.47
N LYS OB 4 21.56 -11.91 -97.30
CA LYS OB 4 20.80 -11.99 -98.53
C LYS OB 4 20.38 -13.44 -98.74
N PRO OB 5 19.19 -13.69 -99.27
CA PRO OB 5 18.81 -15.07 -99.60
C PRO OB 5 19.77 -15.65 -100.63
N ILE OB 6 20.22 -16.86 -100.39
CA ILE OB 6 21.25 -17.45 -101.23
C ILE OB 6 20.66 -18.69 -101.88
N THR OB 7 21.11 -18.99 -103.09
CA THR OB 7 20.63 -20.11 -103.87
C THR OB 7 21.72 -21.18 -103.94
N LEU OB 8 21.37 -22.41 -103.57
CA LEU OB 8 22.27 -23.55 -103.57
C LEU OB 8 21.69 -24.67 -104.42
N THR OB 9 22.56 -25.47 -105.03
CA THR OB 9 22.13 -26.56 -105.89
C THR OB 9 22.03 -27.89 -105.12
N ASP OB 10 20.95 -28.63 -105.36
CA ASP OB 10 20.73 -29.92 -104.73
C ASP OB 10 21.41 -31.02 -105.54
N HIS OB 11 20.99 -32.26 -105.35
CA HIS OB 11 21.66 -33.34 -106.05
C HIS OB 11 21.39 -33.28 -107.55
N SER OB 12 20.18 -32.93 -107.94
CA SER OB 12 19.81 -32.83 -109.34
C SER OB 12 20.27 -31.51 -109.97
N SER OB 13 21.13 -30.77 -109.28
CA SER OB 13 21.64 -29.46 -109.68
C SER OB 13 20.52 -28.42 -109.85
N ALA OB 14 19.31 -28.72 -109.37
CA ALA OB 14 18.24 -27.74 -109.35
C ALA OB 14 18.51 -26.68 -108.28
N ASP OB 15 17.89 -25.53 -108.45
CA ASP OB 15 18.09 -24.44 -107.49
C ASP OB 15 17.25 -24.68 -106.24
N VAL OB 16 17.79 -24.22 -105.10
CA VAL OB 16 17.16 -24.32 -103.79
C VAL OB 16 17.45 -23.02 -103.07
N ILE OB 17 16.42 -22.23 -102.82
CA ILE OB 17 16.57 -20.86 -102.33
C ILE OB 17 16.40 -20.87 -100.83
N PHE OB 18 17.45 -20.47 -100.11
CA PHE OB 18 17.42 -20.31 -98.66
C PHE OB 18 17.23 -18.83 -98.34
N THR OB 19 16.12 -18.52 -97.68
CA THR OB 19 15.85 -17.14 -97.26
C THR OB 19 16.41 -16.91 -95.86
N PRO OB 20 16.95 -15.73 -95.58
CA PRO OB 20 17.42 -15.45 -94.23
C PRO OB 20 16.26 -15.42 -93.25
N THR OB 21 16.48 -16.06 -92.10
CA THR OB 21 15.48 -16.14 -91.04
C THR OB 21 15.83 -15.26 -89.85
N GLN OB 22 17.05 -15.32 -89.36
CA GLN OB 22 17.37 -14.74 -88.06
C GLN OB 22 18.88 -14.54 -87.94
N ILE OB 23 19.26 -13.49 -87.22
CA ILE OB 23 20.63 -13.31 -86.74
C ILE OB 23 20.60 -13.48 -85.23
N ASP OB 24 21.38 -14.42 -84.72
CA ASP OB 24 21.26 -14.89 -83.36
C ASP OB 24 21.85 -13.88 -82.38
N LYS OB 25 21.61 -14.14 -81.08
CA LYS OB 25 22.27 -13.35 -80.04
C LYS OB 25 23.77 -13.58 -80.04
N ASN OB 26 24.21 -14.77 -80.45
CA ASN OB 26 25.61 -15.13 -80.45
C ASN OB 26 26.31 -14.80 -81.76
N GLY OB 27 25.60 -14.23 -82.72
CA GLY OB 27 26.16 -13.94 -84.02
C GLY OB 27 25.86 -14.99 -85.07
N VAL OB 28 25.03 -15.98 -84.76
CA VAL OB 28 24.69 -17.04 -85.70
C VAL OB 28 23.64 -16.51 -86.67
N ALA OB 29 23.88 -16.71 -87.96
CA ALA OB 29 22.95 -16.32 -89.01
C ALA OB 29 22.33 -17.57 -89.63
N TYR OB 30 21.00 -17.57 -89.74
CA TYR OB 30 20.26 -18.75 -90.17
C TYR OB 30 19.54 -18.47 -91.48
N PHE OB 31 19.74 -19.35 -92.46
CA PHE OB 31 18.96 -19.36 -93.69
C PHE OB 31 18.11 -20.62 -93.71
N ARG OB 32 16.84 -20.48 -94.08
CA ARG OB 32 15.92 -21.61 -94.09
C ARG OB 32 15.28 -21.77 -95.46
N HIS OB 33 14.93 -23.03 -95.74
CA HIS OB 33 14.16 -23.42 -96.90
C HIS OB 33 13.10 -24.40 -96.40
N LEU OB 34 11.83 -24.04 -96.56
CA LEU OB 34 10.74 -24.82 -96.00
C LEU OB 34 10.59 -26.16 -96.70
N GLN OB 35 9.91 -27.10 -96.04
CA GLN OB 35 9.69 -28.42 -96.61
C GLN OB 35 8.65 -28.36 -97.72
N ALA OB 36 8.33 -29.54 -98.24
CA ALA OB 36 7.28 -29.67 -99.25
C ALA OB 36 5.98 -29.05 -98.78
N ASN OB 37 5.52 -29.45 -97.60
CA ASN OB 37 4.35 -28.83 -96.99
C ASN OB 37 4.67 -27.39 -96.60
N GLY OB 38 3.64 -26.55 -96.60
CA GLY OB 38 3.82 -25.15 -96.26
C GLY OB 38 4.14 -24.93 -94.80
N LYS OB 39 4.11 -26.01 -94.02
CA LYS OB 39 4.33 -25.99 -92.59
C LYS OB 39 5.83 -25.89 -92.30
N PRO OB 40 6.23 -25.04 -91.35
CA PRO OB 40 7.65 -24.79 -91.10
C PRO OB 40 8.31 -25.66 -90.04
N ILE OB 41 7.66 -26.73 -89.59
CA ILE OB 41 8.12 -27.40 -88.37
C ILE OB 41 9.49 -28.05 -88.58
N GLY OB 42 9.70 -28.69 -89.73
CA GLY OB 42 11.02 -29.14 -90.09
C GLY OB 42 11.42 -28.43 -91.37
N ALA OB 43 12.66 -27.95 -91.44
CA ALA OB 43 13.06 -27.18 -92.61
C ALA OB 43 14.56 -27.28 -92.81
N TYR OB 44 14.98 -27.20 -94.07
CA TYR OB 44 16.39 -27.20 -94.40
C TYR OB 44 17.02 -25.90 -93.90
N THR OB 45 18.18 -26.01 -93.25
CA THR OB 45 18.80 -24.84 -92.64
C THR OB 45 20.28 -24.76 -92.96
N VAL OB 46 20.76 -23.53 -93.02
CA VAL OB 46 22.18 -23.23 -93.17
C VAL OB 46 22.56 -22.20 -92.13
N SER OB 47 23.47 -22.55 -91.23
CA SER OB 47 23.91 -21.69 -90.14
C SER OB 47 25.33 -21.21 -90.41
N SER OB 48 25.58 -19.93 -90.20
CA SER OB 48 26.92 -19.38 -90.35
C SER OB 48 27.25 -18.52 -89.14
N HIS OB 49 28.35 -18.84 -88.47
CA HIS OB 49 28.80 -18.04 -87.35
C HIS OB 49 30.31 -18.00 -87.33
N VAL OB 50 30.89 -16.81 -87.26
CA VAL OB 50 32.34 -16.66 -87.17
C VAL OB 50 32.66 -16.04 -85.82
N LYS OB 51 33.60 -16.65 -85.11
CA LYS OB 51 34.01 -16.25 -83.78
C LYS OB 51 35.40 -15.64 -83.87
N GLU OB 52 35.48 -14.33 -83.62
CA GLU OB 52 36.75 -13.64 -83.65
C GLU OB 52 37.59 -14.03 -82.45
N PRO OB 53 38.91 -13.90 -82.55
CA PRO OB 53 39.79 -14.32 -81.45
C PRO OB 53 39.82 -13.31 -80.32
N GLY OB 54 40.21 -13.79 -79.14
CA GLY OB 54 40.30 -12.95 -77.97
C GLY OB 54 41.67 -13.05 -77.32
N THR OB 55 42.08 -11.93 -76.69
CA THR OB 55 43.40 -11.82 -76.09
C THR OB 55 44.48 -12.16 -77.13
N ASN OB 56 44.41 -11.44 -78.25
CA ASN OB 56 45.27 -11.69 -79.41
C ASN OB 56 45.30 -13.18 -79.77
N GLY OB 57 44.16 -13.84 -79.62
CA GLY OB 57 44.08 -15.25 -79.96
C GLY OB 57 44.50 -15.47 -81.41
N ASP OB 58 45.26 -16.54 -81.62
CA ASP OB 58 45.77 -16.78 -82.96
C ASP OB 58 44.66 -17.14 -83.94
N VAL OB 59 43.48 -17.53 -83.46
CA VAL OB 59 42.53 -18.30 -84.24
C VAL OB 59 41.19 -17.58 -84.36
N PHE OB 60 40.75 -17.37 -85.60
CA PHE OB 60 39.34 -17.25 -85.94
C PHE OB 60 38.72 -18.64 -86.02
N ARG OB 61 37.48 -18.77 -85.54
CA ARG OB 61 36.74 -20.04 -85.65
C ARG OB 61 35.46 -19.80 -86.43
N VAL OB 62 35.42 -20.23 -87.69
CA VAL OB 62 34.33 -19.91 -88.59
C VAL OB 62 33.57 -21.20 -88.89
N LYS OB 63 32.27 -21.19 -88.64
CA LYS OB 63 31.46 -22.41 -88.63
C LYS OB 63 30.31 -22.30 -89.63
N LEU OB 64 30.12 -23.38 -90.38
CA LEU OB 64 29.08 -23.52 -91.39
C LEU OB 64 28.33 -24.81 -91.15
N PHE OB 65 27.02 -24.73 -90.99
CA PHE OB 65 26.17 -25.89 -90.72
C PHE OB 65 25.12 -26.02 -91.81
N VAL OB 66 24.91 -27.25 -92.27
CA VAL OB 66 23.90 -27.55 -93.28
C VAL OB 66 23.07 -28.70 -92.76
N ASN OB 67 21.82 -28.42 -92.37
CA ASN OB 67 20.93 -29.39 -91.77
C ASN OB 67 19.80 -29.73 -92.73
N VAL OB 68 19.65 -31.01 -93.02
CA VAL OB 68 18.65 -31.53 -93.93
C VAL OB 68 17.74 -32.49 -93.16
N PRO OB 69 16.58 -32.03 -92.71
CA PRO OB 69 15.63 -32.95 -92.05
C PRO OB 69 14.72 -33.65 -93.03
N GLU OB 70 14.41 -34.90 -92.70
CA GLU OB 70 13.29 -35.65 -93.27
C GLU OB 70 12.16 -35.61 -92.27
N VAL OB 71 11.02 -35.04 -92.68
CA VAL OB 71 9.83 -34.94 -91.85
C VAL OB 71 8.87 -36.04 -92.27
N ALA OB 72 7.97 -36.41 -91.35
CA ALA OB 72 6.95 -37.41 -91.61
C ALA OB 72 5.59 -36.85 -91.19
N THR OB 73 4.58 -37.13 -92.00
CA THR OB 73 3.23 -36.64 -91.77
C THR OB 73 2.45 -37.73 -91.03
N ILE OB 74 2.20 -37.51 -89.75
CA ILE OB 74 1.47 -38.46 -88.92
C ILE OB 74 0.03 -37.99 -88.82
N THR OB 75 -0.91 -38.87 -89.20
CA THR OB 75 -2.33 -38.57 -89.09
C THR OB 75 -2.96 -39.68 -88.27
N PRO OB 76 -3.56 -39.37 -87.11
CA PRO OB 76 -4.11 -40.42 -86.25
C PRO OB 76 -5.24 -41.17 -86.93
N ASN OB 77 -5.57 -42.33 -86.34
CA ASN OB 77 -6.50 -43.26 -86.98
C ASN OB 77 -7.88 -42.64 -87.12
N GLY OB 78 -8.34 -42.54 -88.37
CA GLY OB 78 -9.67 -41.99 -88.66
C GLY OB 78 -9.82 -40.52 -88.34
N SER OB 79 -8.78 -39.72 -88.58
CA SER OB 79 -8.78 -38.31 -88.24
C SER OB 79 -8.82 -37.46 -89.49
N ASP OB 80 -9.39 -36.26 -89.36
CA ASP OB 80 -9.48 -35.34 -90.48
C ASP OB 80 -8.11 -34.72 -90.78
N THR OB 81 -7.46 -34.17 -89.76
CA THR OB 81 -6.25 -33.39 -89.95
C THR OB 81 -5.01 -34.16 -89.50
N SER OB 82 -3.89 -33.86 -90.14
CA SER OB 82 -2.62 -34.50 -89.87
C SER OB 82 -1.64 -33.48 -89.30
N SER OB 83 -0.74 -33.96 -88.45
CA SER OB 83 0.32 -33.15 -87.88
C SER OB 83 1.67 -33.65 -88.38
N VAL OB 84 2.62 -32.73 -88.48
CA VAL OB 84 3.94 -33.05 -89.04
C VAL OB 84 4.95 -33.19 -87.90
N GLU OB 85 5.83 -34.19 -88.02
CA GLU OB 85 6.81 -34.52 -87.00
C GLU OB 85 8.17 -34.66 -87.65
N ILE OB 86 9.23 -34.31 -86.93
CA ILE OB 86 10.58 -34.39 -87.47
C ILE OB 86 11.05 -35.82 -87.34
N ALA OB 87 11.09 -36.54 -88.46
CA ALA OB 87 11.43 -37.97 -88.43
C ALA OB 87 12.90 -38.17 -88.12
N ARG OB 88 13.78 -37.62 -88.94
CA ARG OB 88 15.21 -37.71 -88.66
C ARG OB 88 15.90 -36.56 -89.39
N THR OB 89 17.19 -36.38 -89.12
CA THR OB 89 17.92 -35.28 -89.73
C THR OB 89 19.31 -35.75 -90.14
N ASN OB 90 19.70 -35.44 -91.37
CA ASN OB 90 21.10 -35.50 -91.77
C ASN OB 90 21.74 -34.13 -91.55
N ARG OB 91 23.01 -34.13 -91.17
CA ARG OB 91 23.68 -32.86 -90.89
C ARG OB 91 25.10 -32.89 -91.41
N ALA OB 92 25.60 -31.70 -91.77
CA ALA OB 92 27.00 -31.49 -92.09
C ALA OB 92 27.48 -30.26 -91.32
N GLN OB 93 28.58 -30.41 -90.59
CA GLN OB 93 29.06 -29.36 -89.68
C GLN OB 93 30.53 -29.10 -89.95
N VAL OB 94 30.84 -27.87 -90.38
CA VAL OB 94 32.18 -27.50 -90.81
C VAL OB 94 32.71 -26.41 -89.89
N GLU OB 95 33.87 -26.64 -89.31
CA GLU OB 95 34.59 -25.63 -88.52
C GLU OB 95 35.93 -25.41 -89.19
N PHE OB 96 36.14 -24.21 -89.73
CA PHE OB 96 37.47 -23.80 -90.17
C PHE OB 96 38.14 -23.08 -89.01
N ILE OB 97 39.34 -23.54 -88.68
CA ILE OB 97 40.21 -22.88 -87.70
C ILE OB 97 41.23 -22.10 -88.53
N LEU OB 98 41.05 -20.79 -88.61
CA LEU OB 98 41.98 -20.02 -89.41
C LEU OB 98 42.84 -19.16 -88.50
N PRO OB 99 44.15 -19.05 -88.75
CA PRO OB 99 44.94 -18.11 -87.95
C PRO OB 99 44.85 -16.67 -88.44
N ALA OB 100 44.86 -15.74 -87.48
CA ALA OB 100 44.78 -14.32 -87.82
C ALA OB 100 46.03 -13.82 -88.52
N GLN OB 101 47.08 -14.62 -88.60
CA GLN OB 101 48.36 -14.22 -89.15
C GLN OB 101 48.57 -14.72 -90.57
N SER OB 102 47.59 -15.42 -91.14
CA SER OB 102 47.72 -16.01 -92.47
C SER OB 102 47.38 -15.00 -93.55
N ALA OB 103 47.68 -15.37 -94.80
CA ALA OB 103 47.31 -14.60 -95.97
C ALA OB 103 46.10 -15.22 -96.64
N ALA OB 104 45.27 -14.38 -97.25
CA ALA OB 104 44.02 -14.82 -97.85
C ALA OB 104 44.23 -15.90 -98.91
N THR OB 105 45.40 -15.93 -99.54
CA THR OB 105 45.72 -16.99 -100.50
C THR OB 105 45.56 -18.35 -99.86
N VAL OB 106 46.07 -18.50 -98.64
CA VAL OB 106 46.04 -19.77 -97.95
C VAL OB 106 44.61 -20.20 -97.68
N ARG OB 107 43.77 -19.27 -97.20
CA ARG OB 107 42.38 -19.62 -96.94
C ARG OB 107 41.65 -19.95 -98.23
N GLU OB 108 41.95 -19.24 -99.30
CA GLU OB 108 41.30 -19.51 -100.58
C GLU OB 108 41.59 -20.93 -101.04
N ASP OB 109 42.87 -21.34 -101.04
CA ASP OB 109 43.11 -22.70 -101.52
C ASP OB 109 42.80 -23.77 -100.48
N LEU OB 110 42.67 -23.42 -99.20
CA LEU OB 110 42.11 -24.37 -98.25
C LEU OB 110 40.65 -24.69 -98.59
N VAL OB 111 39.85 -23.63 -98.82
CA VAL OB 111 38.47 -23.84 -99.21
C VAL OB 111 38.39 -24.62 -100.51
N ALA OB 112 39.23 -24.27 -101.48
CA ALA OB 112 39.23 -24.98 -102.76
C ALA OB 112 39.59 -26.45 -102.59
N LEU OB 113 40.56 -26.74 -101.71
CA LEU OB 113 40.92 -28.12 -101.44
C LEU OB 113 39.76 -28.88 -100.81
N LEU OB 114 39.05 -28.23 -99.88
CA LEU OB 114 37.91 -28.90 -99.26
C LEU OB 114 36.82 -29.19 -100.28
N ALA OB 115 36.52 -28.22 -101.15
CA ALA OB 115 35.49 -28.43 -102.16
C ALA OB 115 35.89 -29.52 -103.15
N SER OB 116 37.16 -29.54 -103.56
CA SER OB 116 37.61 -30.58 -104.46
C SER OB 116 37.64 -31.95 -103.79
N ALA OB 117 37.90 -31.99 -102.48
CA ALA OB 117 37.82 -33.25 -101.76
C ALA OB 117 36.39 -33.76 -101.72
N LEU OB 118 35.42 -32.85 -101.51
CA LEU OB 118 34.02 -33.23 -101.58
C LEU OB 118 33.65 -33.71 -102.99
N ALA OB 119 34.26 -33.12 -104.01
CA ALA OB 119 33.92 -33.51 -105.38
C ALA OB 119 34.58 -34.83 -105.77
N ASP OB 120 35.73 -35.17 -105.20
CA ASP OB 120 36.41 -36.41 -105.54
C ASP OB 120 35.53 -37.60 -105.22
N THR OB 121 35.48 -38.57 -106.13
CA THR OB 121 34.57 -39.70 -105.97
C THR OB 121 35.02 -40.62 -104.84
N ALA OB 122 36.34 -40.82 -104.69
CA ALA OB 122 36.84 -41.68 -103.62
C ALA OB 122 36.46 -41.14 -102.25
N ILE OB 123 36.57 -39.82 -102.08
CA ILE OB 123 36.18 -39.20 -100.81
C ILE OB 123 34.66 -39.11 -100.70
N LYS OB 124 33.96 -38.94 -101.83
CA LYS OB 124 32.51 -38.79 -101.78
C LYS OB 124 31.84 -40.09 -101.39
N SER OB 125 32.44 -41.24 -101.75
CA SER OB 125 31.89 -42.52 -101.30
C SER OB 125 31.95 -42.64 -99.79
N THR OB 126 32.96 -42.02 -99.17
CA THR OB 126 33.07 -41.99 -97.72
C THR OB 126 31.81 -41.42 -97.09
N ILE OB 127 31.34 -40.28 -97.59
CA ILE OB 127 30.18 -39.63 -96.99
C ILE OB 127 28.90 -40.31 -97.46
N VAL OB 128 28.73 -40.40 -98.77
CA VAL OB 128 27.46 -40.82 -99.33
C VAL OB 128 27.19 -42.29 -99.00
N ASN OB 129 28.19 -43.15 -99.18
CA ASN OB 129 28.02 -44.60 -99.13
C ASN OB 129 28.57 -45.23 -97.86
N VAL OB 130 29.21 -44.45 -96.98
CA VAL OB 130 29.67 -44.89 -95.67
C VAL OB 130 30.56 -46.12 -95.83
N GLU OB 131 31.52 -45.99 -96.71
CA GLU OB 131 32.58 -46.96 -96.88
C GLU OB 131 33.86 -46.40 -96.25
N HIS OB 132 34.52 -47.23 -95.44
CA HIS OB 132 35.82 -46.91 -94.86
C HIS OB 132 36.92 -47.01 -95.91
N PHE OB 133 38.01 -46.28 -95.66
CA PHE OB 133 39.25 -46.49 -96.40
C PHE OB 133 39.95 -47.75 -95.90
N TYR OB 134 40.52 -48.51 -96.83
CA TYR OB 134 41.21 -49.75 -96.49
C TYR OB 134 42.39 -50.06 -97.41
N PRO PB 1 21.53 5.09 -90.67
CA PRO PB 1 22.74 4.68 -91.40
C PRO PB 1 22.82 3.17 -91.54
N ALA PB 2 22.23 2.63 -92.60
CA ALA PB 2 22.34 1.20 -92.87
C ALA PB 2 23.80 0.83 -93.07
N LEU PB 3 24.16 -0.34 -92.56
CA LEU PB 3 25.53 -0.81 -92.62
C LEU PB 3 25.99 -0.90 -94.07
N LYS PB 4 27.08 -0.21 -94.40
CA LYS PB 4 27.53 -0.09 -95.77
C LYS PB 4 28.97 0.36 -95.77
N PRO PB 5 29.76 -0.04 -96.76
CA PRO PB 5 31.18 0.28 -96.74
C PRO PB 5 31.38 1.79 -96.86
N ILE PB 6 32.38 2.28 -96.16
CA ILE PB 6 32.62 3.72 -96.12
C ILE PB 6 34.07 3.98 -96.52
N THR PB 7 34.29 5.11 -97.18
CA THR PB 7 35.61 5.48 -97.69
C THR PB 7 36.17 6.63 -96.86
N LEU PB 8 37.43 6.49 -96.43
CA LEU PB 8 38.12 7.50 -95.62
C LEU PB 8 39.47 7.80 -96.24
N THR PB 9 39.92 9.04 -96.09
CA THR PB 9 41.19 9.47 -96.67
C THR PB 9 42.32 9.34 -95.65
N ASP PB 10 43.45 8.76 -96.07
CA ASP PB 10 44.59 8.60 -95.19
C ASP PB 10 45.43 9.88 -95.21
N HIS PB 11 46.67 9.82 -94.70
CA HIS PB 11 47.49 11.01 -94.63
C HIS PB 11 47.85 11.53 -96.01
N SER PB 12 48.02 10.64 -96.98
CA SER PB 12 48.33 11.02 -98.34
C SER PB 12 47.10 11.43 -99.15
N SER PB 13 45.95 11.57 -98.49
CA SER PB 13 44.65 11.82 -99.09
C SER PB 13 44.18 10.69 -100.00
N ALA PB 14 44.86 9.55 -99.99
CA ALA PB 14 44.44 8.42 -100.79
C ALA PB 14 43.22 7.76 -100.16
N ASP PB 15 42.27 7.35 -101.00
CA ASP PB 15 41.06 6.72 -100.50
C ASP PB 15 41.37 5.36 -99.88
N VAL PB 16 40.60 5.02 -98.84
CA VAL PB 16 40.79 3.80 -98.05
C VAL PB 16 39.39 3.30 -97.74
N ILE PB 17 39.04 2.14 -98.29
CA ILE PB 17 37.66 1.65 -98.29
C ILE PB 17 37.53 0.60 -97.18
N PHE PB 18 36.76 0.94 -96.14
CA PHE PB 18 36.43 0.01 -95.06
C PHE PB 18 35.13 -0.69 -95.39
N THR PB 19 35.18 -2.02 -95.54
CA THR PB 19 33.94 -2.74 -95.75
C THR PB 19 33.36 -3.18 -94.41
N PRO PB 20 32.03 -3.27 -94.30
CA PRO PB 20 31.44 -3.71 -93.03
C PRO PB 20 31.85 -5.13 -92.70
N THR PB 21 32.21 -5.35 -91.45
CA THR PB 21 32.62 -6.67 -90.97
C THR PB 21 31.56 -7.31 -90.08
N GLN PB 22 31.15 -6.63 -89.01
CA GLN PB 22 30.35 -7.32 -88.03
C GLN PB 22 29.44 -6.36 -87.28
N ILE PB 23 28.23 -6.81 -86.96
CA ILE PB 23 27.38 -6.15 -85.99
C ILE PB 23 27.43 -6.99 -84.71
N ASP PB 24 27.82 -6.35 -83.62
CA ASP PB 24 28.21 -7.06 -82.41
C ASP PB 24 26.99 -7.62 -81.68
N LYS PB 25 27.25 -8.28 -80.55
CA LYS PB 25 26.16 -8.68 -79.66
C LYS PB 25 25.61 -7.47 -78.90
N ASN PB 26 26.49 -6.52 -78.55
CA ASN PB 26 26.09 -5.34 -77.81
C ASN PB 26 25.62 -4.20 -78.71
N GLY PB 27 25.89 -4.29 -80.02
CA GLY PB 27 25.54 -3.23 -80.95
C GLY PB 27 26.72 -2.61 -81.64
N VAL PB 28 27.95 -3.08 -81.39
CA VAL PB 28 29.13 -2.49 -82.00
C VAL PB 28 29.17 -2.85 -83.47
N ALA PB 29 29.45 -1.86 -84.31
CA ALA PB 29 29.61 -2.05 -85.74
C ALA PB 29 31.08 -1.99 -86.09
N TYR PB 30 31.59 -3.04 -86.73
CA TYR PB 30 33.00 -3.20 -87.06
C TYR PB 30 33.15 -3.13 -88.58
N PHE PB 31 33.96 -2.17 -89.05
CA PHE PB 31 34.39 -2.08 -90.43
C PHE PB 31 35.88 -2.40 -90.51
N ARG PB 32 36.27 -3.12 -91.56
CA ARG PB 32 37.62 -3.62 -91.72
C ARG PB 32 38.14 -3.22 -93.09
N HIS PB 33 39.41 -2.84 -93.15
CA HIS PB 33 40.12 -2.57 -94.38
C HIS PB 33 41.34 -3.49 -94.41
N LEU PB 34 41.25 -4.55 -95.20
CA LEU PB 34 42.32 -5.52 -95.28
C LEU PB 34 43.51 -4.93 -96.05
N GLN PB 35 44.67 -5.56 -95.87
CA GLN PB 35 45.86 -5.12 -96.56
C GLN PB 35 45.89 -5.72 -97.96
N ALA PB 36 47.00 -5.51 -98.68
CA ALA PB 36 47.14 -6.08 -100.01
C ALA PB 36 47.05 -7.60 -99.98
N ASN PB 37 47.79 -8.22 -99.07
CA ASN PB 37 47.85 -9.67 -98.96
C ASN PB 37 46.65 -10.27 -98.22
N GLY PB 38 45.72 -9.44 -97.76
CA GLY PB 38 44.59 -9.95 -97.01
C GLY PB 38 44.95 -10.57 -95.67
N LYS PB 39 45.89 -9.96 -94.95
CA LYS PB 39 46.27 -10.46 -93.65
C LYS PB 39 45.40 -9.82 -92.57
N PRO PB 40 44.62 -10.61 -91.82
CA PRO PB 40 43.75 -10.00 -90.79
C PRO PB 40 44.51 -9.16 -89.79
N ILE PB 41 45.65 -9.68 -89.30
CA ILE PB 41 46.46 -8.96 -88.33
C ILE PB 41 46.88 -7.58 -88.84
N GLY PB 42 46.87 -7.38 -90.15
CA GLY PB 42 47.26 -6.10 -90.71
C GLY PB 42 46.13 -5.17 -91.06
N ALA PB 43 44.87 -5.58 -90.85
CA ALA PB 43 43.75 -4.79 -91.33
C ALA PB 43 43.45 -3.63 -90.40
N TYR PB 44 43.11 -2.48 -91.00
CA TYR PB 44 42.59 -1.36 -90.23
C TYR PB 44 41.15 -1.66 -89.79
N THR PB 45 40.77 -1.12 -88.64
CA THR PB 45 39.42 -1.33 -88.15
C THR PB 45 38.81 -0.02 -87.68
N VAL PB 46 37.49 0.07 -87.81
CA VAL PB 46 36.71 1.21 -87.32
C VAL PB 46 35.47 0.68 -86.63
N SER PB 47 35.29 1.02 -85.36
CA SER PB 47 34.16 0.58 -84.56
C SER PB 47 33.24 1.75 -84.24
N SER PB 48 31.95 1.50 -84.31
CA SER PB 48 30.96 2.52 -83.97
C SER PB 48 29.85 1.89 -83.16
N HIS PB 49 29.63 2.40 -81.95
CA HIS PB 49 28.58 1.87 -81.09
C HIS PB 49 27.92 3.02 -80.33
N VAL PB 50 26.60 3.05 -80.30
CA VAL PB 50 25.88 4.08 -79.57
C VAL PB 50 25.04 3.42 -78.48
N LYS PB 51 25.15 3.95 -77.27
CA LYS PB 51 24.47 3.45 -76.08
C LYS PB 51 23.40 4.47 -75.68
N GLU PB 52 22.14 4.06 -75.80
CA GLU PB 52 21.00 4.87 -75.44
C GLU PB 52 20.89 5.00 -73.92
N PRO PB 53 20.22 6.03 -73.43
CA PRO PB 53 20.02 6.17 -71.99
C PRO PB 53 18.92 5.26 -71.47
N GLY PB 54 19.05 4.87 -70.20
CA GLY PB 54 18.05 4.06 -69.55
C GLY PB 54 17.88 4.48 -68.11
N THR PB 55 16.73 4.08 -67.56
CA THR PB 55 16.34 4.46 -66.20
C THR PB 55 16.46 5.97 -66.02
N ASN PB 56 15.80 6.69 -66.92
CA ASN PB 56 15.74 8.14 -66.90
C ASN PB 56 17.13 8.76 -66.81
N GLY PB 57 18.04 8.25 -67.65
CA GLY PB 57 19.36 8.84 -67.77
C GLY PB 57 19.34 9.94 -68.83
N ASP PB 58 20.03 11.03 -68.52
CA ASP PB 58 20.03 12.16 -69.44
C ASP PB 58 20.98 11.96 -70.61
N VAL PB 59 21.91 11.01 -70.52
CA VAL PB 59 23.10 10.98 -71.37
C VAL PB 59 22.97 9.92 -72.46
N PHE PB 60 23.60 10.21 -73.60
CA PHE PB 60 23.84 9.28 -74.69
C PHE PB 60 25.34 9.06 -74.78
N ARG PB 61 25.78 7.80 -74.96
CA ARG PB 61 27.21 7.52 -75.05
C ARG PB 61 27.53 6.91 -76.41
N VAL PB 62 28.11 7.72 -77.30
CA VAL PB 62 28.38 7.30 -78.67
C VAL PB 62 29.89 7.19 -78.85
N LYS PB 63 30.34 6.03 -79.31
CA LYS PB 63 31.76 5.70 -79.32
C LYS PB 63 32.22 5.38 -80.73
N LEU PB 64 33.40 5.90 -81.07
CA LEU PB 64 34.04 5.71 -82.37
C LEU PB 64 35.50 5.33 -82.15
N PHE PB 65 35.90 4.19 -82.69
CA PHE PB 65 37.26 3.67 -82.56
C PHE PB 65 37.88 3.54 -83.94
N VAL PB 66 39.14 3.94 -84.07
CA VAL PB 66 39.90 3.81 -85.30
C VAL PB 66 41.24 3.17 -84.95
N ASN PB 67 41.42 1.91 -85.33
CA ASN PB 67 42.60 1.15 -84.99
C ASN PB 67 43.43 0.91 -86.24
N VAL PB 68 44.69 1.35 -86.20
CA VAL PB 68 45.66 1.20 -87.27
C VAL PB 68 46.78 0.29 -86.81
N PRO PB 69 46.86 -0.95 -87.28
CA PRO PB 69 48.00 -1.79 -86.90
C PRO PB 69 49.14 -1.64 -87.88
N GLU PB 70 50.35 -1.84 -87.36
CA GLU PB 70 51.53 -2.04 -88.19
C GLU PB 70 52.10 -3.41 -87.85
N VAL PB 71 52.35 -4.19 -88.90
CA VAL PB 71 52.89 -5.54 -88.80
C VAL PB 71 54.40 -5.48 -88.59
N ALA PB 72 54.94 -6.32 -87.71
CA ALA PB 72 56.39 -6.41 -87.54
C ALA PB 72 56.84 -7.75 -88.09
N THR PB 73 57.73 -7.71 -89.08
CA THR PB 73 58.22 -8.93 -89.71
C THR PB 73 59.51 -9.40 -89.05
N GLU PB 85 54.90 -11.09 -88.26
CA GLU PB 85 54.33 -12.13 -87.41
C GLU PB 85 53.43 -11.57 -86.30
N ILE PB 86 53.96 -10.67 -85.50
CA ILE PB 86 53.18 -9.99 -84.48
C ILE PB 86 53.16 -8.51 -84.84
N ALA PB 87 52.07 -7.84 -84.49
CA ALA PB 87 51.83 -6.49 -84.96
C ALA PB 87 51.41 -5.62 -83.77
N ARG PB 88 51.82 -4.36 -83.79
CA ARG PB 88 51.42 -3.44 -82.74
C ARG PB 88 50.48 -2.40 -83.32
N THR PB 89 49.49 -1.99 -82.53
CA THR PB 89 48.37 -1.22 -83.04
C THR PB 89 48.36 0.16 -82.41
N ASN PB 90 48.44 1.20 -83.23
CA ASN PB 90 48.05 2.54 -82.81
C ASN PB 90 46.53 2.62 -82.78
N ARG PB 91 45.99 3.27 -81.76
CA ARG PB 91 44.54 3.37 -81.64
C ARG PB 91 44.11 4.80 -81.37
N ALA PB 92 42.93 5.13 -81.88
CA ALA PB 92 42.22 6.34 -81.50
C ALA PB 92 40.85 5.92 -80.97
N GLN PB 93 40.48 6.43 -79.81
CA GLN PB 93 39.25 6.01 -79.13
C GLN PB 93 38.50 7.26 -78.70
N VAL PB 94 37.33 7.51 -79.28
CA VAL PB 94 36.55 8.71 -79.02
C VAL PB 94 35.22 8.29 -78.39
N GLU PB 95 34.87 8.97 -77.30
CA GLU PB 95 33.57 8.80 -76.66
C GLU PB 95 32.92 10.18 -76.56
N PHE PB 96 31.78 10.35 -77.21
CA PHE PB 96 30.96 11.55 -77.06
C PHE PB 96 29.87 11.27 -76.04
N ILE PB 97 29.70 12.19 -75.11
CA ILE PB 97 28.65 12.16 -74.10
C ILE PB 97 27.68 13.29 -74.45
N LEU PB 98 26.47 12.92 -74.87
CA LEU PB 98 25.52 13.88 -75.42
C LEU PB 98 24.21 13.84 -74.64
N PRO PB 99 23.83 14.89 -73.92
CA PRO PB 99 22.52 14.89 -73.25
C PRO PB 99 21.38 14.84 -74.24
N ALA PB 100 20.25 14.32 -73.76
CA ALA PB 100 19.09 14.10 -74.63
C ALA PB 100 18.32 15.37 -74.94
N GLN PB 101 18.39 16.39 -74.09
CA GLN PB 101 17.68 17.63 -74.36
C GLN PB 101 18.44 18.56 -75.31
N SER PB 102 19.73 18.35 -75.52
CA SER PB 102 20.48 19.24 -76.39
C SER PB 102 19.96 19.15 -77.81
N ALA PB 103 19.60 20.30 -78.38
CA ALA PB 103 19.23 20.35 -79.79
C ALA PB 103 20.43 19.95 -80.64
N ALA PB 104 20.13 19.40 -81.83
CA ALA PB 104 21.19 18.88 -82.69
C ALA PB 104 22.21 19.95 -83.08
N THR PB 105 21.85 21.24 -82.96
CA THR PB 105 22.81 22.31 -83.24
C THR PB 105 24.09 22.13 -82.44
N VAL PB 106 23.91 21.82 -81.15
CA VAL PB 106 25.05 21.71 -80.25
C VAL PB 106 25.95 20.56 -80.67
N ARG PB 107 25.35 19.41 -80.95
CA ARG PB 107 26.16 18.24 -81.31
C ARG PB 107 26.87 18.48 -82.62
N GLU PB 108 26.19 19.14 -83.56
CA GLU PB 108 26.84 19.45 -84.84
C GLU PB 108 28.09 20.30 -84.63
N ASP PB 109 27.99 21.43 -83.91
CA ASP PB 109 29.20 22.25 -83.76
C ASP PB 109 30.18 21.65 -82.76
N LEU PB 110 29.76 20.72 -81.90
CA LEU PB 110 30.74 20.02 -81.08
C LEU PB 110 31.63 19.14 -81.94
N VAL PB 111 31.02 18.34 -82.82
CA VAL PB 111 31.80 17.57 -83.78
C VAL PB 111 32.69 18.47 -84.61
N ALA PB 112 32.15 19.60 -85.08
CA ALA PB 112 32.94 20.48 -85.91
C ALA PB 112 34.14 21.01 -85.13
N LEU PB 113 33.95 21.31 -83.84
CA LEU PB 113 35.04 21.73 -82.96
C LEU PB 113 36.11 20.66 -82.87
N LEU PB 114 35.69 19.41 -82.67
CA LEU PB 114 36.66 18.32 -82.52
C LEU PB 114 37.47 18.16 -83.80
N ALA PB 115 36.80 18.19 -84.95
CA ALA PB 115 37.50 18.02 -86.22
C ALA PB 115 38.46 19.17 -86.47
N SER PB 116 38.04 20.41 -86.17
CA SER PB 116 38.94 21.54 -86.35
C SER PB 116 40.11 21.50 -85.38
N ALA PB 117 39.91 20.94 -84.19
CA ALA PB 117 41.01 20.77 -83.25
C ALA PB 117 42.00 19.74 -83.77
N LEU PB 118 41.51 18.66 -84.37
CA LEU PB 118 42.39 17.69 -85.02
C LEU PB 118 43.14 18.33 -86.20
N ALA PB 119 42.51 19.26 -86.89
CA ALA PB 119 43.16 19.89 -88.04
C ALA PB 119 44.16 20.96 -87.63
N ASP PB 120 43.95 21.60 -86.48
CA ASP PB 120 44.86 22.66 -86.04
C ASP PB 120 46.27 22.10 -85.87
N THR PB 121 47.26 22.86 -86.33
CA THR PB 121 48.63 22.36 -86.35
C THR PB 121 49.18 22.17 -84.94
N ALA PB 122 48.87 23.10 -84.02
CA ALA PB 122 49.39 23.01 -82.66
C ALA PB 122 48.87 21.77 -81.96
N ILE PB 123 47.56 21.53 -82.05
CA ILE PB 123 46.95 20.37 -81.42
C ILE PB 123 47.39 19.09 -82.13
N LYS PB 124 47.50 19.13 -83.46
CA LYS PB 124 47.90 17.94 -84.20
C LYS PB 124 49.32 17.52 -83.84
N SER PB 125 50.19 18.50 -83.54
CA SER PB 125 51.54 18.17 -83.10
C SER PB 125 51.51 17.29 -81.85
N THR PB 126 50.56 17.58 -80.95
CA THR PB 126 50.39 16.80 -79.72
C THR PB 126 50.30 15.30 -80.02
N ILE PB 127 49.52 14.94 -81.03
CA ILE PB 127 49.31 13.53 -81.33
C ILE PB 127 50.44 12.99 -82.18
N VAL PB 128 50.75 13.69 -83.28
CA VAL PB 128 51.66 13.15 -84.28
C VAL PB 128 53.07 13.02 -83.72
N ASN PB 129 53.56 14.07 -83.04
CA ASN PB 129 54.93 14.14 -82.57
C ASN PB 129 55.06 13.79 -81.10
N VAL PB 130 53.97 13.34 -80.47
CA VAL PB 130 53.87 13.04 -79.04
C VAL PB 130 54.67 14.05 -78.22
N GLU PB 131 54.34 15.34 -78.39
CA GLU PB 131 54.92 16.43 -77.63
C GLU PB 131 53.90 16.94 -76.61
N HIS PB 132 54.35 17.22 -75.39
CA HIS PB 132 53.54 17.88 -74.37
C HIS PB 132 53.32 19.35 -74.70
N PHE PB 133 52.22 19.91 -74.20
CA PHE PB 133 52.08 21.36 -74.23
C PHE PB 133 52.99 21.99 -73.18
N TYR PB 134 53.66 23.07 -73.56
CA TYR PB 134 54.59 23.75 -72.66
C TYR PB 134 54.60 25.27 -72.79
N PRO QB 1 12.34 -10.35 -93.92
CA PRO QB 1 12.20 -8.90 -93.85
C PRO QB 1 13.51 -8.25 -93.46
N ALA QB 2 14.27 -7.80 -94.45
CA ALA QB 2 15.48 -7.04 -94.15
C ALA QB 2 15.10 -5.72 -93.51
N LEU QB 3 15.99 -5.23 -92.64
CA LEU QB 3 15.74 -3.98 -91.93
C LEU QB 3 15.80 -2.82 -92.91
N LYS QB 4 14.72 -2.03 -92.96
CA LYS QB 4 14.50 -0.98 -93.94
C LYS QB 4 13.61 0.07 -93.30
N PRO QB 5 13.81 1.35 -93.59
CA PRO QB 5 12.85 2.36 -93.15
C PRO QB 5 11.49 2.06 -93.76
N ILE QB 6 10.47 2.01 -92.92
CA ILE QB 6 9.13 1.66 -93.37
C ILE QB 6 8.24 2.87 -93.21
N THR QB 7 7.41 3.12 -94.20
CA THR QB 7 6.52 4.27 -94.21
C THR QB 7 5.12 3.80 -93.81
N LEU QB 8 4.53 4.47 -92.83
CA LEU QB 8 3.20 4.15 -92.35
C LEU QB 8 2.32 5.39 -92.47
N THR QB 9 1.04 5.18 -92.76
CA THR QB 9 0.11 6.28 -92.97
C THR QB 9 -0.63 6.60 -91.68
N ASP QB 10 -0.75 7.89 -91.36
CA ASP QB 10 -1.40 8.31 -90.12
C ASP QB 10 -2.90 8.52 -90.36
N HIS QB 11 -3.56 9.26 -89.47
CA HIS QB 11 -5.00 9.43 -89.61
C HIS QB 11 -5.35 10.25 -90.86
N SER QB 12 -4.57 11.28 -91.16
CA SER QB 12 -4.80 12.10 -92.33
C SER QB 12 -4.32 11.46 -93.62
N SER QB 13 -3.89 10.19 -93.58
CA SER QB 13 -3.30 9.43 -94.67
C SER QB 13 -1.93 9.96 -95.07
N ALA QB 14 -1.39 10.96 -94.38
CA ALA QB 14 -0.04 11.44 -94.64
C ALA QB 14 0.97 10.36 -94.27
N ASP QB 15 2.07 10.33 -95.02
CA ASP QB 15 3.12 9.35 -94.74
C ASP QB 15 3.92 9.74 -93.51
N VAL QB 16 4.44 8.72 -92.83
CA VAL QB 16 5.22 8.86 -91.61
C VAL QB 16 6.33 7.82 -91.68
N ILE QB 17 7.56 8.28 -91.85
CA ILE QB 17 8.69 7.40 -92.12
C ILE QB 17 9.34 7.01 -90.80
N PHE QB 18 9.38 5.70 -90.54
CA PHE QB 18 10.08 5.16 -89.38
C PHE QB 18 11.42 4.61 -89.83
N THR QB 19 12.50 5.21 -89.33
CA THR QB 19 13.84 4.73 -89.64
C THR QB 19 14.25 3.66 -88.62
N PRO QB 20 14.95 2.62 -89.07
CA PRO QB 20 15.38 1.57 -88.14
C PRO QB 20 16.37 2.13 -87.13
N THR QB 21 16.13 1.83 -85.86
CA THR QB 21 16.98 2.28 -84.76
C THR QB 21 17.98 1.23 -84.32
N GLN QB 22 17.51 0.03 -83.98
CA GLN QB 22 18.34 -0.90 -83.23
C GLN QB 22 17.74 -2.29 -83.29
N ILE QB 23 18.61 -3.30 -83.25
CA ILE QB 23 18.18 -4.68 -83.10
C ILE QB 23 18.63 -5.14 -81.71
N ASP QB 24 17.65 -5.51 -80.88
CA ASP QB 24 17.88 -5.73 -79.47
C ASP QB 24 18.73 -6.98 -79.23
N LYS QB 25 19.16 -7.16 -77.98
CA LYS QB 25 19.82 -8.39 -77.59
C LYS QB 25 18.83 -9.56 -77.58
N ASN QB 26 17.55 -9.28 -77.39
CA ASN QB 26 16.53 -10.32 -77.35
C ASN QB 26 15.89 -10.56 -78.70
N GLY QB 27 16.31 -9.83 -79.73
CA GLY QB 27 15.73 -9.96 -81.05
C GLY QB 27 14.76 -8.86 -81.41
N VAL QB 28 14.49 -7.93 -80.50
CA VAL QB 28 13.54 -6.86 -80.76
C VAL QB 28 14.15 -5.87 -81.76
N ALA QB 29 13.38 -5.52 -82.78
CA ALA QB 29 13.78 -4.55 -83.78
C ALA QB 29 12.94 -3.29 -83.60
N TYR QB 30 13.62 -2.15 -83.53
CA TYR QB 30 12.98 -0.88 -83.23
C TYR QB 30 13.04 0.07 -84.43
N PHE QB 31 11.90 0.63 -84.79
CA PHE QB 31 11.83 1.70 -85.79
C PHE QB 31 11.30 2.96 -85.12
N ARG QB 32 11.95 4.08 -85.35
CA ARG QB 32 11.58 5.32 -84.67
C ARG QB 32 11.27 6.43 -85.68
N HIS QB 33 10.42 7.34 -85.24
CA HIS QB 33 10.12 8.59 -85.94
C HIS QB 33 10.14 9.68 -84.89
N LEU QB 34 11.03 10.67 -85.06
CA LEU QB 34 11.25 11.67 -84.03
C LEU QB 34 10.06 12.62 -83.93
N GLN QB 35 10.00 13.33 -82.81
CA GLN QB 35 8.91 14.25 -82.54
C GLN QB 35 9.07 15.52 -83.38
N ALA QB 36 8.14 16.46 -83.19
CA ALA QB 36 8.22 17.74 -83.89
C ALA QB 36 9.55 18.43 -83.62
N ASN QB 37 9.91 18.57 -82.35
CA ASN QB 37 11.22 19.10 -82.01
C ASN QB 37 12.30 18.09 -82.36
N GLY QB 38 13.46 18.62 -82.77
CA GLY QB 38 14.57 17.74 -83.11
C GLY QB 38 15.12 16.93 -81.96
N LYS QB 39 14.62 17.16 -80.76
CA LYS QB 39 15.15 16.51 -79.56
C LYS QB 39 14.65 15.08 -79.47
N PRO QB 40 15.54 14.08 -79.45
CA PRO QB 40 15.14 12.66 -79.42
C PRO QB 40 14.93 12.15 -78.00
N ILE QB 41 13.89 12.63 -77.35
CA ILE QB 41 13.54 12.20 -76.01
C ILE QB 41 12.32 11.28 -76.04
N GLY QB 42 11.20 11.77 -76.53
CA GLY QB 42 10.04 10.95 -76.79
C GLY QB 42 9.89 10.85 -78.30
N ALA QB 43 9.64 9.63 -78.77
CA ALA QB 43 9.63 9.40 -80.21
C ALA QB 43 8.65 8.28 -80.51
N TYR QB 44 7.99 8.39 -81.65
CA TYR QB 44 7.07 7.35 -82.09
C TYR QB 44 7.88 6.10 -82.42
N THR QB 45 7.45 4.95 -81.90
CA THR QB 45 8.23 3.73 -82.05
C THR QB 45 7.37 2.58 -82.52
N VAL QB 46 8.01 1.65 -83.24
CA VAL QB 46 7.41 0.41 -83.68
C VAL QB 46 8.39 -0.71 -83.38
N SER QB 47 7.99 -1.64 -82.52
CA SER QB 47 8.82 -2.76 -82.11
C SER QB 47 8.30 -4.04 -82.75
N SER QB 48 9.21 -4.86 -83.26
CA SER QB 48 8.84 -6.14 -83.83
C SER QB 48 9.77 -7.22 -83.28
N HIS QB 49 9.18 -8.29 -82.74
CA HIS QB 49 9.98 -9.38 -82.21
C HIS QB 49 9.25 -10.70 -82.40
N VAL QB 50 9.92 -11.66 -83.00
CA VAL QB 50 9.36 -13.01 -83.15
C VAL QB 50 10.13 -13.95 -82.25
N LYS QB 51 9.39 -14.80 -81.54
CA LYS QB 51 9.95 -15.77 -80.61
C LYS QB 51 9.69 -17.16 -81.15
N GLU QB 52 10.78 -17.86 -81.50
CA GLU QB 52 10.73 -19.23 -81.96
C GLU QB 52 10.16 -20.12 -80.86
N PRO QB 53 9.74 -21.35 -81.20
CA PRO QB 53 9.21 -22.24 -80.17
C PRO QB 53 10.29 -23.10 -79.51
N GLY QB 54 10.11 -23.36 -78.23
CA GLY QB 54 11.05 -24.13 -77.44
C GLY QB 54 10.54 -25.56 -77.23
N THR QB 55 11.41 -26.52 -77.53
CA THR QB 55 11.08 -27.94 -77.40
C THR QB 55 9.86 -28.28 -78.26
N ASN QB 56 9.84 -27.73 -79.48
CA ASN QB 56 8.78 -27.96 -80.45
C ASN QB 56 7.40 -27.68 -79.88
N GLY QB 57 7.33 -26.78 -78.89
CA GLY QB 57 6.03 -26.25 -78.50
C GLY QB 57 5.37 -25.58 -79.69
N ASP QB 58 4.11 -25.91 -79.91
CA ASP QB 58 3.45 -25.52 -81.15
C ASP QB 58 3.50 -24.03 -81.43
N VAL QB 59 3.72 -23.20 -80.41
CA VAL QB 59 3.47 -21.76 -80.52
C VAL QB 59 4.70 -21.03 -81.04
N PHE QB 60 4.46 -20.10 -81.97
CA PHE QB 60 5.36 -19.02 -82.33
C PHE QB 60 4.75 -17.75 -81.77
N ARG QB 61 5.56 -16.94 -81.08
CA ARG QB 61 5.05 -15.73 -80.43
C ARG QB 61 5.59 -14.50 -81.15
N VAL QB 62 4.79 -13.90 -82.02
CA VAL QB 62 5.24 -12.80 -82.87
C VAL QB 62 4.53 -11.53 -82.42
N LYS QB 63 5.30 -10.51 -82.05
CA LYS QB 63 4.77 -9.35 -81.35
C LYS QB 63 5.10 -8.08 -82.12
N LEU QB 64 4.12 -7.18 -82.14
CA LEU QB 64 4.20 -5.89 -82.81
C LEU QB 64 3.69 -4.81 -81.86
N PHE QB 65 4.51 -3.81 -81.60
CA PHE QB 65 4.19 -2.72 -80.70
C PHE QB 65 4.26 -1.39 -81.45
N VAL QB 66 3.27 -0.53 -81.21
CA VAL QB 66 3.24 0.81 -81.79
C VAL QB 66 3.00 1.80 -80.65
N ASN QB 67 4.02 2.56 -80.30
CA ASN QB 67 3.98 3.50 -79.18
C ASN QB 67 3.98 4.92 -79.73
N VAL QB 68 2.96 5.68 -79.35
CA VAL QB 68 2.78 7.07 -79.75
C VAL QB 68 2.88 7.93 -78.50
N PRO QB 69 4.04 8.53 -78.24
CA PRO QB 69 4.17 9.43 -77.08
C PRO QB 69 3.77 10.86 -77.41
N GLU QB 70 3.07 11.48 -76.45
CA GLU QB 70 2.80 12.91 -76.45
C GLU QB 70 3.76 13.57 -75.47
N VAL QB 71 4.51 14.56 -75.96
CA VAL QB 71 5.62 15.19 -75.26
C VAL QB 71 5.21 16.61 -74.86
N ALA QB 72 5.90 17.14 -73.84
CA ALA QB 72 5.66 18.48 -73.33
C ALA QB 72 6.98 19.18 -73.14
N THR QB 73 7.09 20.40 -73.66
CA THR QB 73 8.27 21.23 -73.49
C THR QB 73 8.04 22.15 -72.29
N ILE QB 74 8.72 21.87 -71.18
CA ILE QB 74 8.55 22.61 -69.94
C ILE QB 74 9.78 23.48 -69.72
N THR QB 75 9.57 24.78 -69.56
CA THR QB 75 10.65 25.67 -69.19
C THR QB 75 10.37 26.23 -67.79
N PRO QB 76 11.25 26.00 -66.82
CA PRO QB 76 10.94 26.41 -65.43
C PRO QB 76 10.88 27.92 -65.27
N ASN QB 77 10.54 28.37 -64.07
CA ASN QB 77 10.33 29.79 -63.83
C ASN QB 77 11.66 30.55 -63.81
N GLY QB 78 11.72 31.62 -64.58
CA GLY QB 78 12.90 32.47 -64.61
C GLY QB 78 14.16 31.78 -65.09
N SER QB 79 14.03 30.81 -65.97
CA SER QB 79 15.16 30.03 -66.46
C SER QB 79 15.33 30.24 -67.95
N ASP QB 80 16.59 30.37 -68.39
CA ASP QB 80 16.88 30.61 -69.79
C ASP QB 80 16.45 29.43 -70.65
N THR QB 81 16.71 28.21 -70.19
CA THR QB 81 16.63 27.03 -71.04
C THR QB 81 15.42 26.16 -70.69
N SER QB 82 14.81 25.60 -71.72
CA SER QB 82 13.68 24.70 -71.60
C SER QB 82 14.15 23.26 -71.74
N SER QB 83 13.48 22.35 -71.04
CA SER QB 83 13.75 20.94 -71.18
C SER QB 83 12.47 20.23 -71.58
N VAL QB 84 12.63 19.10 -72.24
CA VAL QB 84 11.49 18.34 -72.77
C VAL QB 84 11.22 17.15 -71.86
N GLU QB 85 9.97 16.71 -71.84
CA GLU QB 85 9.51 15.70 -70.89
C GLU QB 85 8.41 14.86 -71.54
N ILE QB 86 8.38 13.58 -71.19
CA ILE QB 86 7.38 12.68 -71.77
C ILE QB 86 6.09 12.85 -70.99
N ALA QB 87 5.09 13.46 -71.63
CA ALA QB 87 3.84 13.77 -70.94
C ALA QB 87 3.00 12.51 -70.75
N ARG QB 88 2.67 11.82 -71.84
CA ARG QB 88 1.95 10.56 -71.73
C ARG QB 88 2.19 9.77 -73.01
N THR QB 89 1.69 8.54 -73.04
CA THR QB 89 1.90 7.69 -74.20
C THR QB 89 0.64 6.88 -74.48
N ASN QB 90 0.20 6.88 -75.74
CA ASN QB 90 -0.77 5.91 -76.22
C ASN QB 90 -0.01 4.71 -76.79
N ARG QB 91 -0.51 3.51 -76.53
CA ARG QB 91 0.19 2.32 -76.99
C ARG QB 91 -0.79 1.34 -77.61
N ALA QB 92 -0.31 0.63 -78.62
CA ALA QB 92 -1.00 -0.52 -79.19
C ALA QB 92 -0.03 -1.69 -79.13
N GLN QB 93 -0.48 -2.81 -78.56
CA GLN QB 93 0.39 -3.97 -78.35
C GLN QB 93 -0.31 -5.20 -78.91
N VAL QB 94 0.31 -5.85 -79.87
CA VAL QB 94 -0.28 -6.98 -80.59
C VAL QB 94 0.63 -8.19 -80.41
N GLU QB 95 0.03 -9.30 -80.01
CA GLU QB 95 0.72 -10.59 -79.93
C GLU QB 95 -0.06 -11.60 -80.75
N PHE QB 96 0.58 -12.14 -81.79
CA PHE QB 96 0.03 -13.27 -82.53
C PHE QB 96 0.66 -14.54 -81.98
N ILE QB 97 -0.19 -15.50 -81.66
CA ILE QB 97 0.21 -16.85 -81.28
C ILE QB 97 -0.09 -17.74 -82.47
N LEU QB 98 0.95 -18.27 -83.10
CA LEU QB 98 0.80 -19.00 -84.35
C LEU QB 98 1.30 -20.42 -84.18
N PRO QB 99 0.44 -21.44 -84.30
CA PRO QB 99 0.93 -22.82 -84.17
C PRO QB 99 1.89 -23.17 -85.30
N ALA QB 100 2.91 -23.97 -84.95
CA ALA QB 100 3.99 -24.31 -85.86
C ALA QB 100 3.57 -25.27 -86.96
N GLN QB 101 2.30 -25.68 -87.01
CA GLN QB 101 1.84 -26.62 -88.03
C GLN QB 101 0.78 -26.05 -88.96
N SER QB 102 0.22 -24.89 -88.67
CA SER QB 102 -0.67 -24.26 -89.63
C SER QB 102 0.15 -23.67 -90.78
N ALA QB 103 -0.36 -23.84 -92.01
CA ALA QB 103 0.33 -23.30 -93.17
C ALA QB 103 0.11 -21.80 -93.27
N ALA QB 104 0.86 -21.16 -94.17
CA ALA QB 104 0.86 -19.70 -94.26
C ALA QB 104 -0.52 -19.14 -94.58
N THR QB 105 -1.40 -19.92 -95.21
CA THR QB 105 -2.73 -19.45 -95.56
C THR QB 105 -3.49 -18.96 -94.32
N VAL QB 106 -3.41 -19.76 -93.26
CA VAL QB 106 -4.12 -19.43 -92.02
C VAL QB 106 -3.62 -18.12 -91.44
N ARG QB 107 -2.30 -17.94 -91.41
CA ARG QB 107 -1.76 -16.72 -90.85
C ARG QB 107 -2.10 -15.51 -91.72
N GLU QB 108 -2.11 -15.71 -93.05
CA GLU QB 108 -2.47 -14.62 -93.95
C GLU QB 108 -3.90 -14.14 -93.69
N ASP QB 109 -4.86 -15.07 -93.64
CA ASP QB 109 -6.22 -14.57 -93.44
C ASP QB 109 -6.48 -14.18 -91.99
N LEU QB 110 -5.67 -14.62 -91.03
CA LEU QB 110 -5.77 -14.06 -89.68
C LEU QB 110 -5.37 -12.59 -89.67
N VAL QB 111 -4.24 -12.28 -90.30
CA VAL QB 111 -3.81 -10.87 -90.40
C VAL QB 111 -4.86 -10.05 -91.12
N ALA QB 112 -5.42 -10.59 -92.20
CA ALA QB 112 -6.45 -9.86 -92.95
C ALA QB 112 -7.68 -9.61 -92.08
N LEU QB 113 -8.09 -10.61 -91.29
CA LEU QB 113 -9.21 -10.43 -90.37
C LEU QB 113 -8.93 -9.33 -89.36
N LEU QB 114 -7.71 -9.31 -88.81
CA LEU QB 114 -7.38 -8.29 -87.83
C LEU QB 114 -7.40 -6.89 -88.45
N ALA QB 115 -6.82 -6.74 -89.64
CA ALA QB 115 -6.80 -5.43 -90.30
C ALA QB 115 -8.21 -4.97 -90.66
N SER QB 116 -9.05 -5.89 -91.16
CA SER QB 116 -10.42 -5.53 -91.48
C SER QB 116 -11.22 -5.21 -90.23
N ALA QB 117 -10.90 -5.85 -89.10
CA ALA QB 117 -11.55 -5.50 -87.84
C ALA QB 117 -11.15 -4.09 -87.41
N LEU QB 118 -9.86 -3.74 -87.58
CA LEU QB 118 -9.44 -2.37 -87.28
C LEU QB 118 -10.11 -1.37 -88.21
N ALA QB 119 -10.41 -1.77 -89.45
CA ALA QB 119 -11.03 -0.85 -90.39
C ALA QB 119 -12.53 -0.70 -90.16
N ASP QB 120 -13.21 -1.75 -89.67
CA ASP QB 120 -14.65 -1.67 -89.44
C ASP QB 120 -14.96 -0.52 -88.50
N THR QB 121 -16.04 0.21 -88.81
CA THR QB 121 -16.37 1.41 -88.04
C THR QB 121 -16.82 1.07 -86.63
N ALA QB 122 -17.62 0.00 -86.48
CA ALA QB 122 -18.11 -0.39 -85.16
C ALA QB 122 -16.95 -0.79 -84.25
N ILE QB 123 -16.07 -1.65 -84.75
CA ILE QB 123 -14.90 -2.05 -83.97
C ILE QB 123 -13.97 -0.85 -83.75
N LYS QB 124 -13.92 0.07 -84.72
CA LYS QB 124 -13.00 1.19 -84.61
C LYS QB 124 -13.42 2.13 -83.50
N SER QB 125 -14.71 2.46 -83.41
CA SER QB 125 -15.18 3.35 -82.35
C SER QB 125 -14.87 2.79 -80.97
N THR QB 126 -14.82 1.47 -80.84
CA THR QB 126 -14.37 0.85 -79.60
C THR QB 126 -13.04 1.43 -79.14
N ILE QB 127 -12.08 1.49 -80.06
CA ILE QB 127 -10.75 1.99 -79.72
C ILE QB 127 -10.74 3.51 -79.68
N VAL QB 128 -11.16 4.12 -80.77
CA VAL QB 128 -10.99 5.56 -80.96
C VAL QB 128 -11.83 6.34 -79.97
N ASN QB 129 -13.09 5.94 -79.79
CA ASN QB 129 -14.08 6.71 -79.06
C ASN QB 129 -14.28 6.22 -77.63
N VAL QB 130 -13.65 5.11 -77.25
CA VAL QB 130 -13.72 4.56 -75.90
C VAL QB 130 -15.19 4.35 -75.53
N GLU QB 131 -15.91 3.69 -76.43
CA GLU QB 131 -17.28 3.28 -76.23
C GLU QB 131 -17.30 1.77 -76.07
N HIS QB 132 -18.12 1.29 -75.14
CA HIS QB 132 -18.38 -0.13 -74.98
C HIS QB 132 -19.30 -0.62 -76.09
N PHE QB 133 -19.20 -1.91 -76.39
CA PHE QB 133 -20.20 -2.56 -77.23
C PHE QB 133 -21.47 -2.81 -76.43
N TYR QB 134 -22.61 -2.63 -77.10
CA TYR QB 134 -23.91 -2.82 -76.45
C TYR QB 134 -25.01 -3.25 -77.43
N PRO RB 1 130.16 33.65 53.24
CA PRO RB 1 130.15 34.98 53.86
C PRO RB 1 129.40 34.94 55.17
N ALA RB 2 130.15 35.16 56.26
CA ALA RB 2 129.55 35.29 57.59
C ALA RB 2 128.47 36.35 57.57
N LEU RB 3 127.27 35.96 58.05
CA LEU RB 3 126.12 36.84 58.04
C LEU RB 3 126.43 38.13 58.80
N LYS RB 4 126.36 39.25 58.09
CA LYS RB 4 126.71 40.56 58.62
C LYS RB 4 125.76 41.58 58.03
N PRO RB 5 125.37 42.60 58.80
CA PRO RB 5 124.55 43.67 58.23
C PRO RB 5 125.31 44.38 57.12
N ILE RB 6 124.63 44.60 56.00
CA ILE RB 6 125.30 45.13 54.83
C ILE RB 6 124.67 46.47 54.50
N THR RB 7 125.47 47.37 53.95
CA THR RB 7 125.04 48.71 53.62
C THR RB 7 124.96 48.86 52.10
N LEU RB 8 123.80 49.31 51.61
CA LEU RB 8 123.55 49.50 50.19
C LEU RB 8 123.13 50.94 49.93
N THR RB 9 123.44 51.45 48.75
CA THR RB 9 123.11 52.83 48.39
C THR RB 9 121.77 52.92 47.65
N ASP RB 10 120.95 53.90 48.03
CA ASP RB 10 119.65 54.11 47.39
C ASP RB 10 119.83 55.01 46.17
N HIS RB 11 118.75 55.63 45.72
CA HIS RB 11 118.85 56.44 44.51
C HIS RB 11 119.71 57.68 44.75
N SER RB 12 119.57 58.30 45.91
CA SER RB 12 120.34 59.48 46.26
C SER RB 12 121.76 59.15 46.71
N SER RB 13 122.21 57.91 46.51
CA SER RB 13 123.50 57.38 46.93
C SER RB 13 123.69 57.45 48.44
N ALA RB 14 122.62 57.71 49.20
CA ALA RB 14 122.69 57.64 50.66
C ALA RB 14 122.79 56.19 51.11
N ASP RB 15 123.31 56.00 52.32
CA ASP RB 15 123.45 54.65 52.85
C ASP RB 15 122.12 54.13 53.38
N VAL RB 16 121.95 52.81 53.25
CA VAL RB 16 120.75 52.09 53.69
C VAL RB 16 121.24 50.78 54.29
N ILE RB 17 121.06 50.63 55.59
CA ILE RB 17 121.66 49.52 56.32
C ILE RB 17 120.62 48.41 56.48
N PHE RB 18 120.92 47.24 55.91
CA PHE RB 18 120.09 46.05 56.04
C PHE RB 18 120.70 45.16 57.13
N THR RB 19 119.94 44.93 58.19
CA THR RB 19 120.38 44.05 59.26
C THR RB 19 119.92 42.62 58.99
N PRO RB 20 120.72 41.62 59.31
CA PRO RB 20 120.27 40.24 59.11
C PRO RB 20 119.11 39.93 60.05
N THR RB 21 118.10 39.26 59.50
CA THR RB 21 116.90 38.87 60.23
C THR RB 21 116.87 37.38 60.52
N GLN RB 22 117.11 36.53 59.53
CA GLN RB 22 116.80 35.11 59.66
C GLN RB 22 117.57 34.33 58.62
N ILE RB 23 117.93 33.10 58.98
CA ILE RB 23 118.42 32.11 58.02
C ILE RB 23 117.34 31.02 57.96
N ASP RB 24 116.82 30.77 56.76
CA ASP RB 24 115.62 29.98 56.58
C ASP RB 24 115.90 28.49 56.76
N LYS RB 25 114.83 27.70 56.78
CA LYS RB 25 114.97 26.26 56.78
C LYS RB 25 115.55 25.77 55.47
N ASN RB 26 115.30 26.48 54.38
CA ASN RB 26 115.75 26.11 53.05
C ASN RB 26 117.11 26.70 52.70
N GLY RB 27 117.73 27.43 53.61
CA GLY RB 27 118.98 28.09 53.35
C GLY RB 27 118.86 29.54 52.91
N VAL RB 28 117.66 30.10 52.94
CA VAL RB 28 117.45 31.48 52.54
C VAL RB 28 117.88 32.40 53.68
N ALA RB 29 118.68 33.41 53.34
CA ALA RB 29 119.13 34.40 54.32
C ALA RB 29 118.45 35.73 54.01
N TYR RB 30 117.88 36.35 55.04
CA TYR RB 30 117.07 37.56 54.88
C TYR RB 30 117.73 38.73 55.60
N PHE RB 31 117.90 39.84 54.88
CA PHE RB 31 118.29 41.11 55.47
C PHE RB 31 117.12 42.08 55.35
N ARG RB 32 116.83 42.80 56.43
CA ARG RB 32 115.71 43.72 56.44
C ARG RB 32 116.15 45.13 56.82
N HIS RB 33 115.40 46.10 56.31
CA HIS RB 33 115.51 47.50 56.65
C HIS RB 33 114.10 48.01 56.87
N LEU RB 34 113.81 48.47 58.08
CA LEU RB 34 112.44 48.84 58.45
C LEU RB 34 112.00 50.10 57.71
N GLN RB 35 110.69 50.30 57.67
CA GLN RB 35 110.13 51.48 57.00
C GLN RB 35 110.37 52.73 57.84
N ALA RB 36 109.82 53.85 57.34
CA ALA RB 36 109.88 55.11 58.08
C ALA RB 36 109.31 54.95 59.49
N ASN RB 37 108.10 54.42 59.60
CA ASN RB 37 107.54 54.10 60.91
C ASN RB 37 108.33 52.98 61.55
N GLY RB 38 108.34 52.98 62.89
CA GLY RB 38 109.07 51.96 63.63
C GLY RB 38 108.44 50.59 63.53
N LYS RB 39 107.28 50.53 62.89
CA LYS RB 39 106.50 49.31 62.74
C LYS RB 39 107.09 48.44 61.63
N PRO RB 40 107.21 47.13 61.86
CA PRO RB 40 107.90 46.25 60.92
C PRO RB 40 107.01 45.59 59.86
N ILE RB 41 105.76 46.02 59.70
CA ILE RB 41 104.81 45.21 58.93
C ILE RB 41 105.21 45.15 57.46
N GLY RB 42 105.65 46.27 56.89
CA GLY RB 42 106.24 46.24 55.57
C GLY RB 42 107.66 46.71 55.69
N ALA RB 43 108.60 46.05 55.02
CA ALA RB 43 109.99 46.43 55.19
C ALA RB 43 110.79 46.02 53.96
N TYR RB 44 111.83 46.81 53.67
CA TYR RB 44 112.72 46.49 52.56
C TYR RB 44 113.50 45.23 52.89
N THR RB 45 113.59 44.31 51.92
CA THR RB 45 114.21 43.03 52.18
C THR RB 45 115.18 42.64 51.08
N VAL RB 46 116.20 41.89 51.46
CA VAL RB 46 117.16 41.31 50.55
C VAL RB 46 117.32 39.84 50.92
N SER RB 47 116.98 38.95 49.98
CA SER RB 47 117.03 37.50 50.19
C SER RB 47 118.17 36.92 49.38
N SER RB 48 118.93 36.03 49.98
CA SER RB 48 120.01 35.34 49.29
C SER RB 48 119.95 33.85 49.59
N HIS RB 49 119.85 33.05 48.53
CA HIS RB 49 119.85 31.60 48.69
C HIS RB 49 120.60 30.96 47.53
N VAL RB 50 121.56 30.11 47.83
CA VAL RB 50 122.29 29.39 46.80
C VAL RB 50 121.98 27.90 46.94
N LYS RB 51 121.61 27.28 45.83
CA LYS RB 51 121.21 25.87 45.78
C LYS RB 51 122.32 25.10 45.07
N GLU RB 52 122.99 24.24 45.84
CA GLU RB 52 124.06 23.42 45.28
C GLU RB 52 123.46 22.35 44.39
N PRO RB 53 124.23 21.83 43.43
CA PRO RB 53 123.71 20.83 42.50
C PRO RB 53 123.64 19.44 43.13
N GLY RB 54 122.80 18.61 42.52
CA GLY RB 54 122.62 17.25 42.99
C GLY RB 54 122.80 16.24 41.87
N THR RB 55 123.28 15.05 42.25
CA THR RB 55 123.62 14.00 41.29
C THR RB 55 124.59 14.54 40.24
N ASN RB 56 125.70 15.11 40.72
CA ASN RB 56 126.68 15.78 39.89
C ASN RB 56 126.02 16.76 38.93
N GLY RB 57 124.96 17.43 39.41
CA GLY RB 57 124.29 18.41 38.59
C GLY RB 57 125.26 19.47 38.11
N ASP RB 58 125.12 19.86 36.84
CA ASP RB 58 126.05 20.82 36.28
C ASP RB 58 125.92 22.19 36.92
N VAL RB 59 124.80 22.47 37.60
CA VAL RB 59 124.37 23.85 37.85
C VAL RB 59 124.23 24.12 39.35
N PHE RB 60 124.93 25.16 39.81
CA PHE RB 60 124.53 25.92 40.98
C PHE RB 60 123.44 26.92 40.59
N ARG RB 61 122.46 27.10 41.47
CA ARG RB 61 121.40 28.09 41.26
C ARG RB 61 121.42 29.10 42.41
N VAL RB 62 121.94 30.29 42.15
CA VAL RB 62 122.17 31.28 43.20
C VAL RB 62 121.20 32.45 42.98
N LYS RB 63 120.41 32.76 44.00
CA LYS RB 63 119.29 33.68 43.87
C LYS RB 63 119.43 34.84 44.82
N LEU RB 64 119.15 36.03 44.29
CA LEU RB 64 119.20 37.30 45.02
C LEU RB 64 117.89 38.05 44.77
N PHE RB 65 117.21 38.41 45.85
CA PHE RB 65 115.93 39.10 45.79
C PHE RB 65 116.03 40.42 46.51
N VAL RB 66 115.47 41.47 45.91
CA VAL RB 66 115.43 42.81 46.50
C VAL RB 66 113.99 43.29 46.43
N ASN RB 67 113.33 43.34 47.58
CA ASN RB 67 111.92 43.71 47.66
C ASN RB 67 111.78 45.07 48.33
N VAL RB 68 111.09 45.97 47.65
CA VAL RB 68 110.87 47.34 48.09
C VAL RB 68 109.37 47.57 48.21
N PRO RB 69 108.80 47.45 49.41
CA PRO RB 69 107.38 47.77 49.58
C PRO RB 69 107.12 49.24 49.84
N GLU RB 70 106.00 49.72 49.31
CA GLU RB 70 105.37 50.97 49.70
C GLU RB 70 104.21 50.62 50.61
N VAL RB 71 104.27 51.11 51.85
CA VAL RB 71 103.24 50.90 52.84
C VAL RB 71 102.35 52.15 52.91
N ALA RB 72 101.12 51.97 53.38
CA ALA RB 72 100.19 53.07 53.56
C ALA RB 72 99.61 53.00 54.96
N THR RB 73 99.46 54.18 55.58
CA THR RB 73 98.96 54.30 56.93
C THR RB 73 97.46 54.56 56.87
N ILE RB 74 96.67 53.55 57.21
CA ILE RB 74 95.22 53.66 57.19
C ILE RB 74 94.74 53.94 58.60
N THR RB 75 94.00 55.03 58.78
CA THR RB 75 93.42 55.38 60.08
C THR RB 75 91.91 55.52 59.89
N PRO RB 76 91.09 54.72 60.56
CA PRO RB 76 89.64 54.77 60.33
C PRO RB 76 89.06 56.12 60.73
N ASN RB 77 87.83 56.36 60.28
CA ASN RB 77 87.22 57.68 60.40
C ASN RB 77 87.02 58.04 61.87
N GLY RB 78 87.64 59.14 62.29
CA GLY RB 78 87.52 59.63 63.66
C GLY RB 78 88.14 58.74 64.70
N SER RB 79 89.27 58.11 64.39
CA SER RB 79 89.92 57.16 65.28
C SER RB 79 91.22 57.73 65.83
N ASP RB 80 91.57 57.27 67.03
CA ASP RB 80 92.81 57.73 67.66
C ASP RB 80 94.03 57.12 66.99
N THR RB 81 94.04 55.81 66.83
CA THR RB 81 95.22 55.09 66.38
C THR RB 81 95.06 54.62 64.93
N SER RB 82 96.20 54.52 64.24
CA SER RB 82 96.25 54.12 62.85
C SER RB 82 96.98 52.79 62.72
N SER RB 83 96.59 52.01 61.72
CA SER RB 83 97.23 50.74 61.42
C SER RB 83 97.91 50.83 60.05
N VAL RB 84 98.98 50.08 59.88
CA VAL RB 84 99.77 50.14 58.65
C VAL RB 84 99.46 48.93 57.79
N GLU RB 85 99.35 49.15 56.47
CA GLU RB 85 98.98 48.14 55.51
C GLU RB 85 99.96 48.16 54.36
N ILE RB 86 100.23 47.00 53.76
CA ILE RB 86 101.17 46.92 52.65
C ILE RB 86 100.44 47.33 51.38
N ALA RB 87 100.73 48.54 50.89
CA ALA RB 87 100.01 49.08 49.74
C ALA RB 87 100.39 48.35 48.47
N ARG RB 88 101.68 48.36 48.12
CA ARG RB 88 102.14 47.62 46.95
C ARG RB 88 103.63 47.36 47.12
N THR RB 89 104.19 46.54 46.23
CA THR RB 89 105.60 46.19 46.35
C THR RB 89 106.24 46.17 44.98
N ASN RB 90 107.40 46.82 44.84
CA ASN RB 90 108.28 46.61 43.71
C ASN RB 90 109.29 45.52 44.08
N ARG RB 91 109.67 44.71 43.10
CA ARG RB 91 110.57 43.61 43.37
C ARG RB 91 111.57 43.45 42.24
N ALA RB 92 112.77 42.97 42.59
CA ALA RB 92 113.77 42.55 41.63
C ALA RB 92 114.28 41.17 42.03
N GLN RB 93 114.25 40.23 41.09
CA GLN RB 93 114.55 38.83 41.38
C GLN RB 93 115.59 38.32 40.39
N VAL RB 94 116.76 37.93 40.91
CA VAL RB 94 117.90 37.55 40.10
C VAL RB 94 118.24 36.10 40.38
N GLU RB 95 118.30 35.28 39.33
CA GLU RB 95 118.76 33.91 39.41
C GLU RB 95 119.97 33.78 38.50
N PHE RB 96 121.14 33.53 39.09
CA PHE RB 96 122.30 33.14 38.31
C PHE RB 96 122.33 31.62 38.24
N ILE RB 97 122.43 31.11 37.02
CA ILE RB 97 122.64 29.69 36.77
C ILE RB 97 124.11 29.54 36.44
N LEU RB 98 124.89 29.05 37.41
CA LEU RB 98 126.31 28.92 37.16
C LEU RB 98 126.68 27.45 37.03
N PRO RB 99 127.53 27.06 36.08
CA PRO RB 99 127.98 25.67 36.06
C PRO RB 99 129.12 25.39 37.03
N ALA RB 100 129.10 24.19 37.62
CA ALA RB 100 130.13 23.78 38.56
C ALA RB 100 131.49 23.60 37.90
N GLN RB 101 131.55 23.61 36.56
CA GLN RB 101 132.76 23.34 35.82
C GLN RB 101 133.45 24.61 35.33
N SER RB 102 132.91 25.78 35.65
CA SER RB 102 133.45 27.05 35.16
C SER RB 102 134.58 27.54 36.06
N ALA RB 103 135.29 28.56 35.58
CA ALA RB 103 136.31 29.24 36.35
C ALA RB 103 135.76 30.55 36.89
N ALA RB 104 136.27 30.95 38.07
CA ALA RB 104 135.76 32.13 38.75
C ALA RB 104 135.89 33.40 37.91
N THR RB 105 136.83 33.43 36.96
CA THR RB 105 136.94 34.56 36.04
C THR RB 105 135.62 34.80 35.32
N VAL RB 106 135.02 33.72 34.84
CA VAL RB 106 133.79 33.82 34.07
C VAL RB 106 132.67 34.38 34.93
N ARG RB 107 132.53 33.90 36.16
CA ARG RB 107 131.48 34.42 37.02
C ARG RB 107 131.73 35.87 37.39
N GLU RB 108 132.99 36.24 37.59
CA GLU RB 108 133.31 37.62 37.91
C GLU RB 108 132.88 38.56 36.78
N ASP RB 109 133.26 38.24 35.54
CA ASP RB 109 132.85 39.18 34.50
C ASP RB 109 131.38 39.01 34.08
N LEU RB 110 130.73 37.90 34.42
CA LEU RB 110 129.27 37.85 34.26
C LEU RB 110 128.60 38.84 35.20
N VAL RB 111 129.00 38.84 36.47
CA VAL RB 111 128.45 39.79 37.42
C VAL RB 111 128.75 41.22 36.98
N ALA RB 112 129.99 41.46 36.53
CA ALA RB 112 130.36 42.79 36.09
C ALA RB 112 129.53 43.24 34.89
N LEU RB 113 129.27 42.31 33.96
CA LEU RB 113 128.43 42.63 32.80
C LEU RB 113 127.01 42.96 33.24
N LEU RB 114 126.48 42.21 34.21
CA LEU RB 114 125.13 42.51 34.68
C LEU RB 114 125.07 43.89 35.34
N ALA RB 115 126.06 44.21 36.17
CA ALA RB 115 126.07 45.50 36.84
C ALA RB 115 126.22 46.64 35.84
N SER RB 116 127.08 46.46 34.83
CA SER RB 116 127.24 47.49 33.81
C SER RB 116 126.00 47.62 32.94
N ALA RB 117 125.27 46.52 32.73
CA ALA RB 117 124.00 46.61 32.01
C ALA RB 117 122.98 47.39 32.80
N LEU RB 118 122.93 47.17 34.12
CA LEU RB 118 122.07 47.98 34.97
C LEU RB 118 122.48 49.45 34.97
N ALA RB 119 123.78 49.71 34.85
CA ALA RB 119 124.24 51.10 34.85
C ALA RB 119 124.02 51.80 33.51
N ASP RB 120 123.99 51.05 32.40
CA ASP RB 120 123.78 51.64 31.09
C ASP RB 120 122.43 52.33 31.04
N THR RB 121 122.39 53.53 30.46
CA THR RB 121 121.16 54.31 30.45
C THR RB 121 120.11 53.70 29.55
N ALA RB 122 120.52 53.16 28.40
CA ALA RB 122 119.58 52.55 27.47
C ALA RB 122 118.86 51.37 28.12
N ILE RB 123 119.60 50.55 28.88
CA ILE RB 123 118.99 49.42 29.57
C ILE RB 123 118.26 49.90 30.82
N LYS RB 124 118.72 50.96 31.45
CA LYS RB 124 118.09 51.44 32.67
C LYS RB 124 116.71 52.04 32.39
N SER RB 125 116.53 52.62 31.19
CA SER RB 125 115.21 53.13 30.84
C SER RB 125 114.21 51.98 30.71
N THR RB 126 114.69 50.81 30.33
CA THR RB 126 113.85 49.61 30.28
C THR RB 126 113.19 49.35 31.62
N ILE RB 127 113.97 49.37 32.69
CA ILE RB 127 113.43 49.05 34.01
C ILE RB 127 112.69 50.25 34.58
N VAL RB 128 113.38 51.38 34.64
CA VAL RB 128 112.86 52.53 35.36
C VAL RB 128 111.64 53.10 34.66
N ASN RB 129 111.70 53.26 33.33
CA ASN RB 129 110.71 54.00 32.55
C ASN RB 129 109.79 53.10 31.75
N VAL RB 130 110.03 51.78 31.75
CA VAL RB 130 109.15 50.79 31.12
C VAL RB 130 108.94 51.15 29.67
N GLU RB 131 110.04 51.40 28.98
CA GLU RB 131 110.06 51.57 27.54
C GLU RB 131 110.62 50.31 26.90
N HIS RB 132 109.93 49.81 25.88
CA HIS RB 132 110.39 48.69 25.07
C HIS RB 132 111.52 49.11 24.14
N PHE RB 133 112.32 48.13 23.74
CA PHE RB 133 113.25 48.32 22.65
C PHE RB 133 112.51 48.26 21.31
N TYR RB 134 112.92 49.11 20.38
CA TYR RB 134 112.28 49.19 19.08
C TYR RB 134 113.24 49.57 17.95
N PRO SB 1 132.53 25.85 68.81
CA PRO SB 1 133.32 26.14 67.61
C PRO SB 1 132.53 26.93 66.59
N ALA SB 2 132.57 28.27 66.72
CA ALA SB 2 131.93 29.13 65.73
C ALA SB 2 132.55 28.88 64.36
N LEU SB 3 131.68 28.91 63.34
CA LEU SB 3 132.10 28.63 61.98
C LEU SB 3 133.17 29.62 61.55
N LYS SB 4 134.32 29.10 61.14
CA LYS SB 4 135.48 29.93 60.86
C LYS SB 4 136.45 29.14 60.00
N PRO SB 5 137.21 29.79 59.13
CA PRO SB 5 138.09 29.04 58.23
C PRO SB 5 139.16 28.34 59.02
N ILE SB 6 139.51 27.14 58.56
CA ILE SB 6 140.48 26.32 59.27
C ILE SB 6 141.59 25.93 58.30
N THR SB 7 142.80 25.80 58.82
CA THR SB 7 143.97 25.49 58.02
C THR SB 7 144.44 24.07 58.32
N LEU SB 8 144.69 23.29 57.25
CA LEU SB 8 145.11 21.90 57.35
C LEU SB 8 146.34 21.69 56.48
N THR SB 9 147.22 20.79 56.91
CA THR SB 9 148.47 20.53 56.18
C THR SB 9 148.29 19.35 55.22
N ASP SB 10 148.74 19.52 53.98
CA ASP SB 10 148.65 18.44 52.99
C ASP SB 10 149.85 17.50 53.15
N HIS SB 11 150.07 16.65 52.15
CA HIS SB 11 151.16 15.68 52.26
C HIS SB 11 152.52 16.36 52.28
N SER SB 12 152.67 17.48 51.60
CA SER SB 12 153.91 18.22 51.57
C SER SB 12 154.07 19.13 52.79
N SER SB 13 153.18 19.03 53.77
CA SER SB 13 153.08 19.89 54.94
C SER SB 13 152.74 21.34 54.59
N ALA SB 14 152.37 21.61 53.34
CA ALA SB 14 151.97 22.96 52.95
C ALA SB 14 150.59 23.26 53.50
N ASP SB 15 150.41 24.49 53.98
CA ASP SB 15 149.13 24.89 54.53
C ASP SB 15 148.06 24.95 53.44
N VAL SB 16 146.83 24.61 53.83
CA VAL SB 16 145.68 24.52 52.94
C VAL SB 16 144.51 25.09 53.71
N ILE SB 17 143.98 26.22 53.26
CA ILE SB 17 143.01 27.00 54.01
C ILE SB 17 141.61 26.69 53.48
N PHE SB 18 140.79 26.03 54.29
CA PHE SB 18 139.40 25.78 53.98
C PHE SB 18 138.55 26.90 54.55
N THR SB 19 137.85 27.64 53.67
CA THR SB 19 136.94 28.65 54.19
C THR SB 19 135.55 28.06 54.38
N PRO SB 20 134.78 28.54 55.36
CA PRO SB 20 133.44 28.00 55.56
C PRO SB 20 132.56 28.28 54.35
N THR SB 21 131.81 27.26 53.94
CA THR SB 21 130.91 27.37 52.80
C THR SB 21 129.44 27.41 53.23
N GLN SB 22 128.99 26.42 53.99
CA GLN SB 22 127.55 26.31 54.19
C GLN SB 22 127.23 25.62 55.51
N ILE SB 23 126.18 26.08 56.17
CA ILE SB 23 125.56 25.33 57.26
C ILE SB 23 124.28 24.73 56.70
N ASP SB 24 124.15 23.41 56.81
CA ASP SB 24 123.16 22.66 56.07
C ASP SB 24 121.77 22.87 56.67
N LYS SB 25 120.78 22.20 56.07
CA LYS SB 25 119.45 22.13 56.68
C LYS SB 25 119.45 21.17 57.86
N ASN SB 26 120.22 20.10 57.78
CA ASN SB 26 120.29 19.10 58.84
C ASN SB 26 121.32 19.44 59.91
N GLY SB 27 122.22 20.39 59.63
CA GLY SB 27 123.28 20.74 60.55
C GLY SB 27 124.67 20.49 60.02
N VAL SB 28 124.81 20.03 58.78
CA VAL SB 28 126.13 19.74 58.22
C VAL SB 28 126.86 21.06 57.95
N ALA SB 29 128.12 21.12 58.33
CA ALA SB 29 128.97 22.26 58.09
C ALA SB 29 129.95 21.90 56.98
N TYR SB 30 129.96 22.72 55.91
CA TYR SB 30 130.75 22.49 54.71
C TYR SB 30 131.81 23.57 54.63
N PHE SB 31 133.08 23.16 54.59
CA PHE SB 31 134.22 24.01 54.30
C PHE SB 31 134.78 23.64 52.93
N ARG SB 32 135.20 24.64 52.17
CA ARG SB 32 135.65 24.47 50.81
C ARG SB 32 137.01 25.14 50.64
N HIS SB 33 137.89 24.48 49.90
CA HIS SB 33 139.18 25.03 49.49
C HIS SB 33 139.21 25.02 47.97
N LEU SB 34 139.03 26.18 47.37
CA LEU SB 34 139.01 26.28 45.93
C LEU SB 34 140.42 26.13 45.36
N GLN SB 35 140.49 25.83 44.07
CA GLN SB 35 141.77 25.69 43.40
C GLN SB 35 142.29 27.05 43.00
N ALA SB 36 143.41 27.06 42.25
CA ALA SB 36 143.96 28.32 41.78
C ALA SB 36 142.97 29.06 40.90
N ASN SB 37 142.38 28.36 39.93
CA ASN SB 37 141.46 28.96 38.98
C ASN SB 37 140.05 29.15 39.55
N GLY SB 38 139.80 28.77 40.79
CA GLY SB 38 138.48 28.89 41.36
C GLY SB 38 137.44 28.01 40.71
N LYS SB 39 137.81 26.77 40.36
CA LYS SB 39 136.87 25.84 39.76
C LYS SB 39 136.16 25.05 40.85
N PRO SB 40 134.83 25.15 40.98
CA PRO SB 40 134.14 24.40 42.04
C PRO SB 40 134.39 22.92 41.98
N ILE SB 41 134.31 22.34 40.78
CA ILE SB 41 134.53 20.91 40.60
C ILE SB 41 135.89 20.47 41.14
N GLY SB 42 136.84 21.39 41.25
CA GLY SB 42 138.16 21.05 41.75
C GLY SB 42 138.39 21.31 43.22
N ALA SB 43 137.41 21.85 43.94
CA ALA SB 43 137.65 22.29 45.30
C ALA SB 43 137.63 21.13 46.28
N TYR SB 44 138.55 21.16 47.25
CA TYR SB 44 138.48 20.23 48.37
C TYR SB 44 137.34 20.61 49.29
N THR SB 45 136.76 19.61 49.95
CA THR SB 45 135.67 19.87 50.88
C THR SB 45 135.87 19.10 52.17
N VAL SB 46 135.38 19.69 53.26
CA VAL SB 46 135.39 19.06 54.58
C VAL SB 46 134.02 19.29 55.22
N SER SB 47 133.36 18.21 55.59
CA SER SB 47 132.03 18.24 56.19
C SER SB 47 132.10 17.79 57.64
N SER SB 48 131.37 18.49 58.50
CA SER SB 48 131.30 18.11 59.91
C SER SB 48 129.87 18.25 60.39
N HIS SB 49 129.31 17.15 60.89
CA HIS SB 49 127.94 17.15 61.39
C HIS SB 49 127.85 16.27 62.62
N VAL SB 50 127.21 16.76 63.68
CA VAL SB 50 127.03 15.97 64.88
C VAL SB 50 125.54 15.79 65.13
N LYS SB 51 125.15 14.54 65.39
CA LYS SB 51 123.77 14.13 65.62
C LYS SB 51 123.63 13.76 67.09
N GLU SB 52 122.84 14.53 67.81
CA GLU SB 52 122.56 14.33 69.23
C GLU SB 52 121.64 13.13 69.39
N PRO SB 53 121.62 12.51 70.57
CA PRO SB 53 120.70 11.41 70.82
C PRO SB 53 119.29 11.89 71.11
N GLY SB 54 118.33 11.03 70.78
CA GLY SB 54 116.94 11.32 71.05
C GLY SB 54 116.20 10.07 71.47
N THR SB 55 115.06 10.29 72.12
CA THR SB 55 114.25 9.20 72.66
C THR SB 55 115.12 8.28 73.53
N ASN SB 56 115.80 8.90 74.49
CA ASN SB 56 116.65 8.20 75.44
C ASN SB 56 117.64 7.27 74.74
N GLY SB 57 118.29 7.80 73.71
CA GLY SB 57 119.36 7.10 73.05
C GLY SB 57 120.68 7.39 73.74
N ASP SB 58 121.50 6.34 73.89
CA ASP SB 58 122.76 6.50 74.58
C ASP SB 58 123.83 7.14 73.71
N VAL SB 59 123.65 7.15 72.40
CA VAL SB 59 124.73 7.35 71.45
C VAL SB 59 124.71 8.77 70.87
N PHE SB 60 125.91 9.26 70.55
CA PHE SB 60 126.14 10.47 69.77
C PHE SB 60 126.79 10.05 68.46
N ARG SB 61 126.35 10.62 67.34
CA ARG SB 61 126.92 10.25 66.03
C ARG SB 61 127.57 11.48 65.40
N VAL SB 62 128.89 11.55 65.44
CA VAL SB 62 129.63 12.71 64.97
C VAL SB 62 130.41 12.31 63.71
N LYS SB 63 130.21 13.04 62.62
CA LYS SB 63 130.70 12.65 61.32
C LYS SB 63 131.62 13.72 60.75
N LEU SB 64 132.72 13.26 60.15
CA LEU SB 64 133.73 14.10 59.53
C LEU SB 64 134.06 13.53 58.16
N PHE SB 65 133.90 14.34 57.12
CA PHE SB 65 134.15 13.96 55.74
C PHE SB 65 135.24 14.85 55.16
N VAL SB 66 136.17 14.24 54.42
CA VAL SB 66 137.25 14.96 53.73
C VAL SB 66 137.27 14.46 52.30
N ASN SB 67 136.83 15.30 51.37
CA ASN SB 67 136.72 14.93 49.96
C ASN SB 67 137.78 15.69 49.17
N VAL SB 68 138.61 14.94 48.45
CA VAL SB 68 139.67 15.47 47.59
C VAL SB 68 139.36 15.10 46.15
N PRO SB 69 138.95 16.03 45.31
CA PRO SB 69 138.73 15.70 43.91
C PRO SB 69 140.00 15.93 43.10
N GLU SB 70 140.14 15.14 42.04
CA GLU SB 70 141.10 15.41 40.99
C GLU SB 70 140.33 15.59 39.69
N VAL SB 71 140.64 16.68 38.98
CA VAL SB 71 140.02 17.05 37.72
C VAL SB 71 140.65 16.26 36.60
N ALA SB 72 139.85 15.76 35.66
CA ALA SB 72 140.38 15.09 34.47
C ALA SB 72 140.13 16.00 33.27
N THR SB 73 141.20 16.38 32.60
CA THR SB 73 141.09 17.28 31.44
C THR SB 73 141.02 16.47 30.15
N GLU SB 85 137.26 18.53 32.68
CA GLU SB 85 135.82 18.60 32.49
C GLU SB 85 135.03 17.83 33.55
N ILE SB 86 135.33 16.54 33.71
CA ILE SB 86 134.73 15.73 34.76
C ILE SB 86 135.85 15.30 35.69
N ALA SB 87 135.51 15.13 36.96
CA ALA SB 87 136.51 14.94 38.00
C ALA SB 87 136.09 13.77 38.88
N ARG SB 88 137.07 13.01 39.34
CA ARG SB 88 136.77 11.90 40.25
C ARG SB 88 137.32 12.22 41.62
N THR SB 89 136.59 11.80 42.65
CA THR SB 89 136.83 12.27 44.01
C THR SB 89 137.28 11.11 44.88
N ASN SB 90 138.47 11.21 45.47
CA ASN SB 90 138.84 10.39 46.61
C ASN SB 90 138.13 10.94 47.84
N ARG SB 91 137.62 10.04 48.68
CA ARG SB 91 136.91 10.48 49.88
C ARG SB 91 137.40 9.74 51.11
N ALA SB 92 137.37 10.45 52.24
CA ALA SB 92 137.51 9.85 53.56
C ALA SB 92 136.27 10.19 54.35
N GLN SB 93 135.65 9.18 54.97
CA GLN SB 93 134.39 9.35 55.68
C GLN SB 93 134.51 8.71 57.06
N VAL SB 94 134.47 9.51 58.11
CA VAL SB 94 134.65 9.04 59.48
C VAL SB 94 133.37 9.27 60.25
N GLU SB 95 132.91 8.25 60.96
CA GLU SB 95 131.79 8.34 61.88
C GLU SB 95 132.25 7.85 63.24
N PHE SB 96 132.21 8.74 64.24
CA PHE SB 96 132.46 8.37 65.62
C PHE SB 96 131.11 8.14 66.31
N ILE SB 97 131.01 7.03 67.02
CA ILE SB 97 129.86 6.69 67.84
C ILE SB 97 130.29 6.79 69.29
N LEU SB 98 129.74 7.78 70.00
CA LEU SB 98 130.22 8.13 71.33
C LEU SB 98 129.07 8.06 72.33
N PRO SB 99 129.08 7.15 73.30
CA PRO SB 99 128.02 7.15 74.32
C PRO SB 99 128.06 8.40 75.19
N ALA SB 100 126.89 8.73 75.75
CA ALA SB 100 126.74 9.97 76.49
C ALA SB 100 127.36 9.91 77.88
N GLN SB 101 127.47 8.71 78.47
CA GLN SB 101 128.06 8.61 79.81
C GLN SB 101 129.58 8.59 79.80
N SER SB 102 130.21 8.34 78.65
CA SER SB 102 131.66 8.28 78.61
C SER SB 102 132.25 9.65 78.96
N ALA SB 103 133.14 9.67 79.95
CA ALA SB 103 133.87 10.88 80.25
C ALA SB 103 134.75 11.27 79.07
N ALA SB 104 135.00 12.58 78.95
CA ALA SB 104 135.74 13.07 77.78
C ALA SB 104 137.14 12.45 77.65
N THR SB 105 137.68 11.88 78.74
CA THR SB 105 138.97 11.19 78.66
C THR SB 105 138.96 10.14 77.57
N VAL SB 106 137.88 9.36 77.51
CA VAL SB 106 137.80 8.25 76.57
C VAL SB 106 137.80 8.78 75.15
N ARG SB 107 136.98 9.80 74.88
CA ARG SB 107 136.89 10.32 73.53
C ARG SB 107 138.20 10.95 73.10
N GLU SB 108 138.87 11.63 74.04
CA GLU SB 108 140.18 12.21 73.73
C GLU SB 108 141.17 11.14 73.28
N ASP SB 109 141.35 10.07 74.07
CA ASP SB 109 142.34 9.07 73.64
C ASP SB 109 141.82 8.19 72.50
N LEU SB 110 140.51 8.15 72.26
CA LEU SB 110 140.04 7.45 71.07
C LEU SB 110 140.48 8.20 69.81
N VAL SB 111 140.25 9.51 69.79
CA VAL SB 111 140.75 10.33 68.68
C VAL SB 111 142.25 10.17 68.54
N ALA SB 112 142.98 10.21 69.67
CA ALA SB 112 144.43 10.10 69.61
C ALA SB 112 144.84 8.76 69.00
N LEU SB 113 144.12 7.69 69.35
CA LEU SB 113 144.35 6.37 68.77
C LEU SB 113 144.14 6.39 67.26
N LEU SB 114 143.05 7.01 66.81
CA LEU SB 114 142.77 7.04 65.38
C LEU SB 114 143.86 7.79 64.62
N ALA SB 115 144.28 8.93 65.16
CA ALA SB 115 145.32 9.72 64.49
C ALA SB 115 146.65 8.98 64.47
N SER SB 116 147.01 8.31 65.58
CA SER SB 116 148.24 7.55 65.59
C SER SB 116 148.16 6.34 64.66
N ALA SB 117 146.97 5.77 64.47
CA ALA SB 117 146.83 4.68 63.51
C ALA SB 117 147.00 5.18 62.09
N LEU SB 118 146.48 6.38 61.79
CA LEU SB 118 146.73 6.99 60.50
C LEU SB 118 148.21 7.31 60.29
N ALA SB 119 148.92 7.64 61.37
CA ALA SB 119 150.33 7.97 61.25
C ALA SB 119 151.22 6.73 61.15
N ASP SB 120 150.78 5.60 61.71
CA ASP SB 120 151.58 4.39 61.67
C ASP SB 120 151.81 3.96 60.22
N THR SB 121 153.04 3.56 59.92
CA THR SB 121 153.41 3.27 58.55
C THR SB 121 152.68 2.05 58.01
N ALA SB 122 152.53 1.01 58.83
CA ALA SB 122 151.86 -0.22 58.39
C ALA SB 122 150.40 0.05 58.03
N ILE SB 123 149.70 0.76 58.90
CA ILE SB 123 148.30 1.08 58.64
C ILE SB 123 148.17 2.07 57.49
N LYS SB 124 149.08 3.04 57.42
CA LYS SB 124 149.02 4.04 56.36
C LYS SB 124 149.23 3.40 55.00
N SER SB 125 150.04 2.34 54.93
CA SER SB 125 150.22 1.61 53.68
C SER SB 125 148.89 1.08 53.17
N THR SB 126 148.04 0.62 54.09
CA THR SB 126 146.71 0.12 53.73
C THR SB 126 145.94 1.11 52.88
N ILE SB 127 145.97 2.39 53.26
CA ILE SB 127 145.21 3.39 52.52
C ILE SB 127 145.96 3.86 51.30
N VAL SB 128 147.23 4.25 51.49
CA VAL SB 128 147.97 4.92 50.43
C VAL SB 128 148.21 3.99 49.26
N ASN SB 129 148.67 2.77 49.53
CA ASN SB 129 149.07 1.81 48.51
C ASN SB 129 148.00 0.79 48.20
N VAL SB 130 146.79 0.95 48.78
CA VAL SB 130 145.67 0.03 48.67
C VAL SB 130 146.16 -1.42 48.70
N GLU SB 131 146.89 -1.77 49.76
CA GLU SB 131 147.36 -3.14 50.00
C GLU SB 131 146.52 -3.76 51.12
N HIS SB 132 146.15 -5.03 50.95
CA HIS SB 132 145.52 -5.82 52.01
C HIS SB 132 146.52 -6.18 53.10
N PHE SB 133 146.02 -6.42 54.31
CA PHE SB 133 146.85 -7.04 55.33
C PHE SB 133 147.01 -8.52 55.03
N TYR SB 134 148.23 -9.03 55.18
CA TYR SB 134 148.53 -10.43 54.88
C TYR SB 134 149.55 -11.07 55.82
N PRO TB 1 120.73 39.55 66.28
CA PRO TB 1 121.50 38.84 67.29
C PRO TB 1 122.29 37.70 66.69
N ALA TB 2 123.55 37.94 66.36
CA ALA TB 2 124.41 36.86 65.90
C ALA TB 2 124.62 35.87 67.03
N LEU TB 3 124.81 34.61 66.65
CA LEU TB 3 125.00 33.54 67.64
C LEU TB 3 126.35 33.72 68.32
N LYS TB 4 126.33 33.81 69.64
CA LYS TB 4 127.50 34.15 70.46
C LYS TB 4 127.30 33.49 71.82
N PRO TB 5 128.36 33.01 72.46
CA PRO TB 5 128.23 32.57 73.86
C PRO TB 5 127.79 33.73 74.72
N ILE TB 6 126.73 33.50 75.49
CA ILE TB 6 126.15 34.55 76.31
C ILE TB 6 126.36 34.20 77.76
N THR TB 7 126.74 35.18 78.55
CA THR TB 7 127.00 34.99 79.97
C THR TB 7 125.81 35.47 80.76
N LEU TB 8 125.30 34.61 81.66
CA LEU TB 8 124.16 34.91 82.51
C LEU TB 8 124.57 34.77 83.96
N THR TB 9 124.01 35.60 84.82
CA THR TB 9 124.37 35.61 86.24
C THR TB 9 123.39 34.74 87.03
N ASP TB 10 123.91 33.91 87.94
CA ASP TB 10 123.07 33.01 88.71
C ASP TB 10 122.62 33.69 90.00
N HIS TB 11 122.20 32.91 90.99
CA HIS TB 11 121.71 33.50 92.21
C HIS TB 11 122.81 34.21 93.00
N SER TB 12 124.01 33.63 93.02
CA SER TB 12 125.13 34.24 93.72
C SER TB 12 125.78 35.37 92.94
N SER TB 13 125.20 35.77 91.81
CA SER TB 13 125.70 36.75 90.85
C SER TB 13 126.94 36.26 90.11
N ALA TB 14 127.38 35.02 90.33
CA ALA TB 14 128.48 34.46 89.57
C ALA TB 14 128.09 34.28 88.11
N ASP TB 15 129.07 34.44 87.22
CA ASP TB 15 128.79 34.29 85.80
C ASP TB 15 128.64 32.82 85.43
N VAL TB 16 127.85 32.57 84.39
CA VAL TB 16 127.54 31.25 83.88
C VAL TB 16 127.50 31.37 82.36
N ILE TB 17 128.46 30.78 81.69
CA ILE TB 17 128.66 30.97 80.26
C ILE TB 17 127.90 29.88 79.51
N PHE TB 18 126.96 30.29 78.67
CA PHE TB 18 126.23 29.37 77.79
C PHE TB 18 126.83 29.46 76.39
N THR TB 19 127.40 28.35 75.94
CA THR TB 19 127.95 28.28 74.58
C THR TB 19 126.86 27.86 73.61
N PRO TB 20 126.84 28.43 72.41
CA PRO TB 20 125.82 28.04 71.42
C PRO TB 20 126.01 26.59 71.01
N THR TB 21 124.91 25.84 71.02
CA THR TB 21 124.91 24.43 70.66
C THR TB 21 124.46 24.20 69.22
N GLN TB 22 123.29 24.71 68.84
CA GLN TB 22 122.66 24.24 67.61
C GLN TB 22 121.56 25.22 67.21
N ILE TB 23 121.34 25.32 65.90
CA ILE TB 23 120.20 26.05 65.36
C ILE TB 23 119.26 25.02 64.74
N ASP TB 24 118.04 24.94 65.28
CA ASP TB 24 117.13 23.85 64.98
C ASP TB 24 116.63 23.94 63.53
N LYS TB 25 115.94 22.88 63.11
CA LYS TB 25 115.25 22.91 61.81
C LYS TB 25 114.06 23.87 61.85
N ASN TB 26 113.50 24.10 63.02
CA ASN TB 26 112.35 24.98 63.18
C ASN TB 26 112.74 26.41 63.51
N GLY TB 27 114.04 26.68 63.63
CA GLY TB 27 114.51 27.99 63.99
C GLY TB 27 114.94 28.13 65.43
N VAL TB 28 114.80 27.07 66.23
CA VAL TB 28 115.16 27.15 67.64
C VAL TB 28 116.67 27.20 67.78
N ALA TB 29 117.16 28.13 68.59
CA ALA TB 29 118.58 28.27 68.88
C ALA TB 29 118.83 27.85 70.31
N TYR TB 30 119.80 26.97 70.51
CA TYR TB 30 120.08 26.36 71.81
C TYR TB 30 121.44 26.83 72.33
N PHE TB 31 121.48 27.29 73.58
CA PHE TB 31 122.71 27.57 74.29
C PHE TB 31 122.79 26.65 75.50
N ARG TB 32 123.95 26.03 75.71
CA ARG TB 32 124.10 25.05 76.77
C ARG TB 32 125.25 25.41 77.69
N HIS TB 33 125.12 24.97 78.93
CA HIS TB 33 126.17 25.02 79.94
C HIS TB 33 126.19 23.66 80.63
N LEU TB 34 127.32 22.97 80.53
CA LEU TB 34 127.40 21.59 81.01
C LEU TB 34 127.35 21.53 82.53
N GLN TB 35 127.03 20.33 83.03
CA GLN TB 35 126.90 20.11 84.47
C GLN TB 35 128.28 20.07 85.12
N ALA TB 36 128.28 19.85 86.44
CA ALA TB 36 129.53 19.74 87.17
C ALA TB 36 130.44 18.67 86.58
N ASN TB 37 129.90 17.46 86.39
CA ASN TB 37 130.64 16.41 85.70
C ASN TB 37 130.77 16.75 84.22
N GLY TB 38 131.90 16.35 83.64
CA GLY TB 38 132.12 16.60 82.23
C GLY TB 38 131.17 15.88 81.31
N LYS TB 39 130.31 15.03 81.85
CA LYS TB 39 129.42 14.20 81.05
C LYS TB 39 128.25 15.04 80.53
N PRO TB 40 128.06 15.15 79.20
CA PRO TB 40 126.98 15.98 78.62
C PRO TB 40 125.68 15.20 78.48
N ILE TB 41 125.06 14.88 79.61
CA ILE TB 41 123.79 14.18 79.63
C ILE TB 41 122.65 15.13 79.99
N GLY TB 42 122.72 15.73 81.17
CA GLY TB 42 121.83 16.80 81.55
C GLY TB 42 122.63 18.08 81.59
N ALA TB 43 122.07 19.14 81.02
CA ALA TB 43 122.83 20.37 80.88
C ALA TB 43 121.87 21.54 80.93
N TYR TB 44 122.33 22.63 81.52
CA TYR TB 44 121.53 23.85 81.57
C TYR TB 44 121.37 24.39 80.17
N THR TB 45 120.13 24.72 79.79
CA THR TB 45 119.86 25.11 78.41
C THR TB 45 119.03 26.39 78.35
N VAL TB 46 119.23 27.14 77.26
CA VAL TB 46 118.46 28.33 76.95
C VAL TB 46 118.07 28.24 75.48
N SER TB 47 116.77 28.18 75.22
CA SER TB 47 116.22 28.08 73.88
C SER TB 47 115.59 29.40 73.48
N SER TB 48 115.86 29.84 72.25
CA SER TB 48 115.26 31.05 71.73
C SER TB 48 114.70 30.78 70.33
N HIS TB 49 113.43 31.12 70.13
CA HIS TB 49 112.81 30.92 68.82
C HIS TB 49 111.78 31.99 68.57
N VAL TB 50 111.89 32.67 67.43
CA VAL TB 50 110.90 33.66 67.04
C VAL TB 50 110.12 33.11 65.85
N LYS TB 51 108.81 33.26 65.89
CA LYS TB 51 107.90 32.79 64.86
C LYS TB 51 107.27 33.99 64.19
N GLU TB 52 107.59 34.17 62.90
CA GLU TB 52 107.01 35.21 62.08
C GLU TB 52 105.51 35.01 61.97
N PRO TB 53 104.77 36.03 61.53
CA PRO TB 53 103.32 35.89 61.38
C PRO TB 53 102.91 35.36 60.01
N GLY TB 54 101.86 34.56 60.01
CA GLY TB 54 101.34 33.96 58.79
C GLY TB 54 100.10 34.68 58.29
N THR TB 55 100.12 35.04 57.01
CA THR TB 55 99.01 35.77 56.39
C THR TB 55 98.76 37.09 57.12
N ASN TB 56 99.85 37.77 57.46
CA ASN TB 56 99.82 39.07 58.14
C ASN TB 56 98.95 39.03 59.40
N GLY TB 57 98.85 37.86 60.02
CA GLY TB 57 98.30 37.81 61.36
C GLY TB 57 99.14 38.68 62.29
N ASP TB 58 98.46 39.51 63.07
CA ASP TB 58 99.16 40.55 63.82
C ASP TB 58 100.27 40.02 64.71
N VAL TB 59 100.25 38.74 65.08
CA VAL TB 59 101.07 38.22 66.16
C VAL TB 59 102.43 37.77 65.66
N PHE TB 60 103.46 38.15 66.41
CA PHE TB 60 104.79 37.54 66.39
C PHE TB 60 104.91 36.73 67.66
N ARG TB 61 105.37 35.48 67.55
CA ARG TB 61 105.45 34.59 68.71
C ARG TB 61 106.91 34.33 69.05
N VAL TB 62 107.43 35.04 70.04
CA VAL TB 62 108.85 34.98 70.37
C VAL TB 62 109.00 34.29 71.73
N LYS TB 63 109.77 33.21 71.76
CA LYS TB 63 109.78 32.31 72.91
C LYS TB 63 111.19 32.16 73.44
N LEU TB 64 111.28 32.13 74.78
CA LEU TB 64 112.53 31.99 75.52
C LEU TB 64 112.34 30.93 76.59
N PHE TB 65 113.19 29.92 76.57
CA PHE TB 65 113.12 28.81 77.53
C PHE TB 65 114.43 28.72 78.30
N VAL TB 66 114.35 28.50 79.61
CA VAL TB 66 115.51 28.33 80.47
C VAL TB 66 115.28 27.06 81.28
N ASN TB 67 116.02 26.00 80.96
CA ASN TB 67 115.85 24.70 81.60
C ASN TB 67 117.07 24.42 82.49
N VAL TB 68 116.81 24.17 83.76
CA VAL TB 68 117.81 23.88 84.76
C VAL TB 68 117.60 22.44 85.23
N PRO TB 69 118.36 21.48 84.70
CA PRO TB 69 118.25 20.10 85.18
C PRO TB 69 119.12 19.83 86.39
N GLU TB 70 118.58 19.05 87.32
CA GLU TB 70 119.30 18.46 88.44
C GLU TB 70 119.56 17.00 88.11
N VAL TB 71 120.83 16.60 88.14
CA VAL TB 71 121.31 15.32 87.67
C VAL TB 71 121.72 14.46 88.88
N ALA TB 72 121.73 13.14 88.68
CA ALA TB 72 122.11 12.19 89.72
C ALA TB 72 123.06 11.17 89.13
N THR TB 73 124.18 10.94 89.80
CA THR TB 73 125.15 9.94 89.41
C THR TB 73 124.85 8.65 90.17
N ILE TB 74 124.31 7.66 89.47
CA ILE TB 74 123.90 6.39 90.08
C ILE TB 74 124.89 5.32 89.66
N THR TB 75 125.47 4.64 90.64
CA THR TB 75 126.30 3.48 90.37
C THR TB 75 125.63 2.24 90.96
N PRO TB 76 125.29 1.24 90.12
CA PRO TB 76 124.53 0.09 90.63
C PRO TB 76 125.32 -0.75 91.64
N ASN TB 77 124.67 -1.76 92.19
CA ASN TB 77 125.29 -2.56 93.25
C ASN TB 77 126.37 -3.47 92.68
N GLY TB 78 127.55 -3.41 93.29
CA GLY TB 78 128.65 -4.29 92.91
C GLY TB 78 129.14 -4.08 91.50
N SER TB 79 129.04 -2.86 90.98
CA SER TB 79 129.42 -2.56 89.61
C SER TB 79 130.57 -1.57 89.59
N ASP TB 80 131.53 -1.80 88.69
CA ASP TB 80 132.70 -0.94 88.60
C ASP TB 80 132.32 0.48 88.19
N THR TB 81 131.40 0.61 87.23
CA THR TB 81 131.17 1.87 86.53
C THR TB 81 129.85 2.51 86.94
N SER TB 82 129.87 3.83 87.07
CA SER TB 82 128.69 4.62 87.38
C SER TB 82 128.13 5.24 86.11
N SER TB 83 126.82 5.40 86.07
CA SER TB 83 126.16 6.09 84.97
C SER TB 83 125.37 7.26 85.51
N VAL TB 84 125.17 8.26 84.69
CA VAL TB 84 124.49 9.49 85.10
C VAL TB 84 123.07 9.48 84.56
N GLU TB 85 122.18 10.18 85.27
CA GLU TB 85 120.74 10.11 85.00
C GLU TB 85 120.11 11.45 85.32
N ILE TB 86 119.11 11.83 84.55
CA ILE TB 86 118.43 13.11 84.75
C ILE TB 86 117.42 12.95 85.87
N ALA TB 87 117.71 13.53 87.04
CA ALA TB 87 116.86 13.35 88.21
C ALA TB 87 115.57 14.15 88.08
N ARG TB 88 115.68 15.46 87.90
CA ARG TB 88 114.49 16.27 87.66
C ARG TB 88 114.93 17.56 86.97
N THR TB 89 113.96 18.38 86.59
CA THR TB 89 114.28 19.62 85.88
C THR TB 89 113.35 20.73 86.36
N ASN TB 90 113.93 21.88 86.68
CA ASN TB 90 113.18 23.12 86.83
C ASN TB 90 113.17 23.84 85.49
N ARG TB 91 112.04 24.41 85.12
CA ARG TB 91 111.93 25.07 83.83
C ARG TB 91 111.25 26.42 83.98
N ALA TB 92 111.69 27.37 83.16
CA ALA TB 92 111.01 28.64 82.96
C ALA TB 92 110.73 28.78 81.47
N GLN TB 93 109.47 29.06 81.13
CA GLN TB 93 109.06 29.11 79.73
C GLN TB 93 108.32 30.42 79.50
N VAL TB 94 108.83 31.25 78.59
CA VAL TB 94 108.30 32.58 78.34
C VAL TB 94 107.89 32.68 76.89
N GLU TB 95 106.68 33.14 76.65
CA GLU TB 95 106.18 33.43 75.31
C GLU TB 95 105.71 34.88 75.28
N PHE TB 96 106.33 35.68 74.43
CA PHE TB 96 105.84 37.02 74.14
C PHE TB 96 105.03 36.97 72.85
N ILE TB 97 103.82 37.52 72.92
CA ILE TB 97 102.96 37.73 71.77
C ILE TB 97 103.03 39.21 71.44
N LEU TB 98 103.60 39.54 70.29
CA LEU TB 98 103.87 40.93 69.94
C LEU TB 98 103.14 41.29 68.66
N PRO TB 99 102.18 42.21 68.69
CA PRO TB 99 101.50 42.59 67.45
C PRO TB 99 102.45 43.24 66.46
N ALA TB 100 102.23 42.97 65.18
CA ALA TB 100 103.12 43.41 64.11
C ALA TB 100 103.03 44.89 63.82
N GLN TB 101 102.20 45.64 64.56
CA GLN TB 101 102.04 47.06 64.33
C GLN TB 101 102.46 47.94 65.49
N SER TB 102 102.72 47.37 66.67
CA SER TB 102 103.28 48.18 67.75
C SER TB 102 104.75 48.46 67.47
N ALA TB 103 105.17 49.69 67.75
CA ALA TB 103 106.56 50.06 67.53
C ALA TB 103 107.45 49.49 68.66
N ALA TB 104 108.76 49.57 68.45
CA ALA TB 104 109.70 48.95 69.37
C ALA TB 104 109.58 49.47 70.80
N THR TB 105 109.07 50.69 70.98
CA THR TB 105 108.94 51.26 72.32
C THR TB 105 108.10 50.37 73.21
N VAL TB 106 106.98 49.89 72.68
CA VAL TB 106 106.06 49.07 73.44
C VAL TB 106 106.74 47.77 73.87
N ARG TB 107 107.46 47.13 72.95
CA ARG TB 107 108.12 45.88 73.31
C ARG TB 107 109.23 46.12 74.33
N GLU TB 108 109.94 47.25 74.21
CA GLU TB 108 111.00 47.55 75.15
C GLU TB 108 110.44 47.69 76.57
N ASP TB 109 109.38 48.49 76.73
CA ASP TB 109 108.90 48.63 78.10
C ASP TB 109 108.09 47.43 78.57
N LEU TB 110 107.61 46.57 77.66
CA LEU TB 110 107.06 45.29 78.11
C LEU TB 110 108.15 44.40 78.72
N VAL TB 111 109.28 44.29 78.03
CA VAL TB 111 110.39 43.51 78.57
C VAL TB 111 110.85 44.09 79.90
N ALA TB 112 110.92 45.42 79.99
CA ALA TB 112 111.34 46.05 81.25
C ALA TB 112 110.35 45.76 82.36
N LEU TB 113 109.06 45.79 82.06
CA LEU TB 113 108.05 45.44 83.05
C LEU TB 113 108.22 44.00 83.54
N LEU TB 114 108.47 43.07 82.60
CA LEU TB 114 108.64 41.68 83.00
C LEU TB 114 109.87 41.49 83.88
N ALA TB 115 111.00 42.12 83.51
CA ALA TB 115 112.21 41.98 84.31
C ALA TB 115 112.03 42.60 85.69
N SER TB 116 111.39 43.77 85.76
CA SER TB 116 111.15 44.39 87.06
C SER TB 116 110.17 43.58 87.90
N ALA TB 117 109.22 42.89 87.26
CA ALA TB 117 108.33 42.00 87.99
C ALA TB 117 109.11 40.82 88.57
N LEU TB 118 110.05 40.27 87.79
CA LEU TB 118 110.90 39.20 88.31
C LEU TB 118 111.78 39.71 89.45
N ALA TB 119 112.16 40.98 89.42
CA ALA TB 119 113.01 41.51 90.48
C ALA TB 119 112.23 41.86 91.75
N ASP TB 120 110.97 42.26 91.62
CA ASP TB 120 110.18 42.61 92.79
C ASP TB 120 110.13 41.45 93.76
N THR TB 121 110.24 41.76 95.06
CA THR TB 121 110.33 40.71 96.07
C THR TB 121 109.01 39.97 96.22
N ALA TB 122 107.89 40.69 96.18
CA ALA TB 122 106.59 40.05 96.33
C ALA TB 122 106.32 39.08 95.18
N ILE TB 123 106.55 39.53 93.95
CA ILE TB 123 106.38 38.64 92.80
C ILE TB 123 107.42 37.54 92.82
N LYS TB 124 108.61 37.81 93.35
CA LYS TB 124 109.68 36.82 93.34
C LYS TB 124 109.35 35.65 94.26
N SER TB 125 108.86 35.95 95.48
CA SER TB 125 108.52 34.88 96.41
C SER TB 125 107.46 33.96 95.83
N THR TB 126 106.59 34.48 94.96
CA THR TB 126 105.64 33.63 94.24
C THR TB 126 106.36 32.46 93.56
N ILE TB 127 107.44 32.76 92.84
CA ILE TB 127 108.18 31.72 92.13
C ILE TB 127 109.07 30.95 93.07
N VAL TB 128 109.94 31.67 93.77
CA VAL TB 128 111.01 31.05 94.54
C VAL TB 128 110.45 30.24 95.70
N ASN TB 129 109.49 30.80 96.43
CA ASN TB 129 109.02 30.25 97.69
C ASN TB 129 107.73 29.46 97.55
N VAL TB 130 107.12 29.46 96.36
CA VAL TB 130 105.90 28.70 96.09
C VAL TB 130 104.83 29.09 97.10
N GLU TB 131 104.65 30.39 97.24
CA GLU TB 131 103.61 30.99 98.06
C GLU TB 131 102.58 31.61 97.13
N HIS TB 132 101.31 31.45 97.47
CA HIS TB 132 100.22 32.12 96.80
C HIS TB 132 100.17 33.59 97.19
N PHE TB 133 99.61 34.41 96.30
CA PHE TB 133 99.27 35.77 96.65
C PHE TB 133 98.01 35.79 97.51
N TYR TB 134 97.98 36.67 98.50
CA TYR TB 134 96.83 36.78 99.40
C TYR TB 134 96.65 38.19 99.99
N PRO UB 1 21.18 45.50 124.48
CA PRO UB 1 20.30 46.68 124.53
C PRO UB 1 18.86 46.27 124.28
N ALA UB 2 18.03 46.42 125.31
CA ALA UB 2 16.60 46.20 125.18
C ALA UB 2 16.03 47.02 124.03
N LEU UB 3 15.32 46.33 123.13
CA LEU UB 3 14.77 46.96 121.95
C LEU UB 3 13.87 48.13 122.34
N LYS UB 4 14.24 49.33 121.89
CA LYS UB 4 13.55 50.57 122.24
C LYS UB 4 13.57 51.48 121.04
N PRO UB 5 12.51 52.24 120.81
CA PRO UB 5 12.54 53.23 119.72
C PRO UB 5 13.64 54.24 119.98
N ILE UB 6 14.41 54.53 118.94
CA ILE UB 6 15.57 55.39 119.10
C ILE UB 6 15.38 56.61 118.24
N THR UB 7 15.91 57.74 118.69
CA THR UB 7 15.78 59.01 118.01
C THR UB 7 17.12 59.41 117.41
N LEU UB 8 17.13 59.72 116.11
CA LEU UB 8 18.32 60.11 115.37
C LEU UB 8 18.09 61.46 114.71
N THR UB 9 19.17 62.23 114.55
CA THR UB 9 19.07 63.57 113.95
C THR UB 9 19.34 63.52 112.45
N ASP UB 10 18.51 64.25 111.69
CA ASP UB 10 18.66 64.32 110.24
C ASP UB 10 19.63 65.44 109.88
N HIS UB 11 19.57 65.91 108.63
CA HIS UB 11 20.54 66.94 108.23
C HIS UB 11 20.29 68.25 108.96
N SER UB 12 19.03 68.61 109.15
CA SER UB 12 18.67 69.84 109.84
C SER UB 12 18.76 69.71 111.37
N SER UB 13 19.37 68.62 111.85
CA SER UB 13 19.49 68.28 113.27
C SER UB 13 18.14 68.12 113.95
N ALA UB 14 17.05 68.03 113.19
CA ALA UB 14 15.74 67.72 113.74
C ALA UB 14 15.68 66.25 114.17
N ASP UB 15 14.77 65.95 115.07
CA ASP UB 15 14.64 64.59 115.56
C ASP UB 15 13.87 63.73 114.55
N VAL UB 16 14.24 62.45 114.51
CA VAL UB 16 13.64 61.45 113.62
C VAL UB 16 13.53 60.17 114.43
N ILE UB 17 12.32 59.75 114.74
CA ILE UB 17 12.07 58.66 115.67
C ILE UB 17 11.87 57.38 114.88
N PHE UB 18 12.76 56.40 115.12
CA PHE UB 18 12.66 55.07 114.53
C PHE UB 18 12.05 54.13 115.57
N THR UB 19 10.90 53.57 115.25
CA THR UB 19 10.23 52.61 116.13
C THR UB 19 10.67 51.20 115.77
N PRO UB 20 10.87 50.32 116.75
CA PRO UB 20 11.22 48.94 116.43
C PRO UB 20 10.08 48.26 115.71
N THR UB 21 10.43 47.52 114.66
CA THR UB 21 9.49 46.78 113.84
C THR UB 21 9.54 45.28 114.08
N GLN UB 22 10.73 44.69 114.07
CA GLN UB 22 10.85 43.25 114.00
C GLN UB 22 12.23 42.81 114.46
N ILE UB 23 12.29 41.64 115.07
CA ILE UB 23 13.54 40.94 115.31
C ILE UB 23 13.53 39.70 114.43
N ASP UB 24 14.54 39.57 113.58
CA ASP UB 24 14.53 38.62 112.47
C ASP UB 24 14.79 37.20 112.98
N LYS UB 25 14.61 36.23 112.08
CA LYS UB 25 15.00 34.85 112.39
C LYS UB 25 16.51 34.73 112.55
N ASN UB 26 17.27 35.58 111.86
CA ASN UB 26 18.72 35.52 111.88
C ASN UB 26 19.32 36.41 112.96
N GLY UB 27 18.50 37.09 113.75
CA GLY UB 27 18.97 38.00 114.75
C GLY UB 27 19.01 39.45 114.32
N VAL UB 28 18.48 39.76 113.14
CA VAL UB 28 18.47 41.13 112.65
C VAL UB 28 17.33 41.89 113.31
N ALA UB 29 17.64 43.08 113.83
CA ALA UB 29 16.66 43.95 114.45
C ALA UB 29 16.43 45.16 113.56
N TYR UB 30 15.16 45.47 113.29
CA TYR UB 30 14.77 46.50 112.35
C TYR UB 30 14.05 47.63 113.06
N PHE UB 31 14.50 48.86 112.84
CA PHE UB 31 13.78 50.06 113.25
C PHE UB 31 13.32 50.79 112.00
N ARG UB 32 12.07 51.25 112.01
CA ARG UB 32 11.50 51.92 110.85
C ARG UB 32 10.96 53.29 111.23
N HIS UB 33 10.99 54.17 110.23
CA HIS UB 33 10.37 55.49 110.29
C HIS UB 33 9.62 55.68 108.98
N LEU UB 34 8.30 55.84 109.05
CA LEU UB 34 7.47 55.87 107.87
C LEU UB 34 7.72 57.14 107.06
N GLN UB 35 7.32 57.10 105.78
CA GLN UB 35 7.49 58.25 104.90
C GLN UB 35 6.50 59.35 105.25
N ALA UB 36 6.53 60.42 104.44
CA ALA UB 36 5.58 61.51 104.59
C ALA UB 36 4.14 61.01 104.56
N ASN UB 37 3.80 60.24 103.53
CA ASN UB 37 2.49 59.59 103.48
C ASN UB 37 2.39 58.53 104.57
N GLY UB 38 1.16 58.30 105.03
CA GLY UB 38 0.93 57.32 106.09
C GLY UB 38 1.16 55.90 105.63
N LYS UB 39 1.41 55.74 104.34
CA LYS UB 39 1.58 54.44 103.70
C LYS UB 39 2.99 53.91 103.99
N PRO UB 40 3.12 52.63 104.34
CA PRO UB 40 4.40 52.07 104.76
C PRO UB 40 5.26 51.45 103.66
N ILE UB 41 4.93 51.67 102.39
CA ILE UB 41 5.53 50.85 101.33
C ILE UB 41 7.04 51.12 101.23
N GLY UB 42 7.43 52.39 101.30
CA GLY UB 42 8.85 52.71 101.41
C GLY UB 42 9.06 53.41 102.73
N ALA UB 43 10.11 53.07 103.47
CA ALA UB 43 10.29 53.68 104.77
C ALA UB 43 11.77 53.65 105.15
N TYR UB 44 12.16 54.66 105.92
CA TYR UB 44 13.53 54.73 106.42
C TYR UB 44 13.77 53.60 107.41
N THR UB 45 14.89 52.90 107.28
CA THR UB 45 15.14 51.72 108.11
C THR UB 45 16.54 51.74 108.68
N VAL UB 46 16.67 51.13 109.86
CA VAL UB 46 17.95 50.92 110.51
C VAL UB 46 17.99 49.46 110.97
N SER UB 47 18.95 48.71 110.45
CA SER UB 47 19.12 47.29 110.73
C SER UB 47 20.35 47.09 111.60
N SER UB 48 20.23 46.26 112.63
CA SER UB 48 21.35 45.92 113.48
C SER UB 48 21.41 44.42 113.69
N HIS UB 49 22.54 43.82 113.35
CA HIS UB 49 22.72 42.40 113.57
C HIS UB 49 24.16 42.13 113.95
N VAL UB 50 24.38 41.43 115.06
CA VAL UB 50 25.72 41.06 115.48
C VAL UB 50 25.84 39.54 115.42
N LYS UB 51 26.91 39.07 114.78
CA LYS UB 51 27.15 37.65 114.55
C LYS UB 51 28.32 37.23 115.44
N GLU UB 52 28.02 36.40 116.44
CA GLU UB 52 29.03 35.91 117.34
C GLU UB 52 29.94 34.91 116.61
N PRO UB 53 31.18 34.75 117.07
CA PRO UB 53 32.10 33.84 116.39
C PRO UB 53 31.82 32.37 116.70
N GLY UB 54 32.32 31.52 115.81
CA GLY UB 54 32.16 30.08 115.97
C GLY UB 54 33.48 29.35 115.88
N THR UB 55 33.54 28.22 116.60
CA THR UB 55 34.77 27.44 116.72
C THR UB 55 35.92 28.34 117.21
N ASN UB 56 35.67 29.00 118.34
CA ASN UB 56 36.59 29.99 118.89
C ASN UB 56 37.05 30.98 117.83
N GLY UB 57 36.13 31.35 116.93
CA GLY UB 57 36.46 32.32 115.90
C GLY UB 57 36.95 33.60 116.52
N ASP UB 58 37.99 34.18 115.92
CA ASP UB 58 38.57 35.39 116.48
C ASP UB 58 37.62 36.57 116.41
N VAL UB 59 36.59 36.51 115.56
CA VAL UB 59 35.91 37.71 115.07
C VAL UB 59 34.42 37.67 115.42
N PHE UB 60 33.96 38.73 116.10
CA PHE UB 60 32.58 39.18 116.03
C PHE UB 60 32.38 40.00 114.77
N ARG UB 61 31.23 39.84 114.13
CA ARG UB 61 30.88 40.64 112.94
C ARG UB 61 29.59 41.40 113.22
N VAL UB 62 29.70 42.70 113.47
CA VAL UB 62 28.59 43.51 113.92
C VAL UB 62 28.22 44.49 112.81
N LYS UB 63 26.96 44.46 112.39
CA LYS UB 63 26.54 45.15 111.18
C LYS UB 63 25.42 46.14 111.48
N LEU UB 64 25.55 47.33 110.90
CA LEU UB 64 24.60 48.43 111.03
C LEU UB 64 24.26 48.95 109.65
N PHE UB 65 22.97 48.97 109.33
CA PHE UB 65 22.48 49.41 108.03
C PHE UB 65 21.53 50.58 108.21
N VAL UB 66 21.68 51.59 107.35
CA VAL UB 66 20.81 52.76 107.35
C VAL UB 66 20.33 52.98 105.93
N ASN UB 67 19.05 52.69 105.69
CA ASN UB 67 18.46 52.77 104.36
C ASN UB 67 17.48 53.93 104.29
N VAL UB 68 17.70 54.80 103.32
CA VAL UB 68 16.91 55.99 103.09
C VAL UB 68 16.29 55.91 101.69
N PRO UB 69 15.04 55.47 101.58
CA PRO UB 69 14.37 55.47 100.27
C PRO UB 69 13.71 56.80 99.95
N GLU UB 70 13.75 57.14 98.66
CA GLU UB 70 12.92 58.16 98.06
C GLU UB 70 11.80 57.44 97.32
N VAL UB 71 10.56 57.71 97.73
CA VAL UB 71 9.38 57.13 97.13
C VAL UB 71 8.76 58.15 96.18
N ALA UB 72 7.99 57.66 95.21
CA ALA UB 72 7.28 58.51 94.26
C ALA UB 72 5.83 58.09 94.21
N THR UB 73 4.95 59.08 94.13
CA THR UB 73 3.51 58.87 94.10
C THR UB 73 3.06 58.84 92.65
N ILE UB 74 2.72 57.67 92.15
CA ILE UB 74 2.28 57.50 90.77
C ILE UB 74 0.76 57.42 90.77
N THR UB 75 0.12 58.29 90.01
CA THR UB 75 -1.32 58.29 89.86
C THR UB 75 -1.65 58.18 88.37
N PRO UB 76 -2.32 57.12 87.93
CA PRO UB 76 -2.56 56.95 86.49
C PRO UB 76 -3.43 58.06 85.92
N ASN UB 77 -3.44 58.14 84.59
CA ASN UB 77 -4.05 59.27 83.91
C ASN UB 77 -5.55 59.32 84.16
N GLY UB 78 -6.00 60.43 84.76
CA GLY UB 78 -7.41 60.63 85.05
C GLY UB 78 -7.98 59.71 86.09
N SER UB 79 -7.20 59.38 87.12
CA SER UB 79 -7.60 58.42 88.13
C SER UB 79 -7.87 59.12 89.46
N ASP UB 80 -8.75 58.53 90.25
CA ASP UB 80 -9.07 59.09 91.57
C ASP UB 80 -7.93 58.85 92.54
N THR UB 81 -7.48 57.61 92.67
CA THR UB 81 -6.54 57.22 93.70
C THR UB 81 -5.14 57.01 93.12
N SER UB 82 -4.14 57.25 93.95
CA SER UB 82 -2.73 57.12 93.59
C SER UB 82 -2.10 55.99 94.39
N SER UB 83 -1.11 55.34 93.78
CA SER UB 83 -0.34 54.29 94.43
C SER UB 83 1.11 54.76 94.58
N VAL UB 84 1.77 54.27 95.63
CA VAL UB 84 3.12 54.70 95.94
C VAL UB 84 4.12 53.62 95.50
N GLU UB 85 5.24 54.06 94.94
CA GLU UB 85 6.26 53.17 94.39
C GLU UB 85 7.62 53.59 94.92
N ILE UB 86 8.51 52.63 95.10
CA ILE UB 86 9.84 52.94 95.62
C ILE UB 86 10.70 53.42 94.46
N ALA UB 87 10.96 54.73 94.42
CA ALA UB 87 11.68 55.31 93.29
C ALA UB 87 13.15 54.91 93.31
N ARG UB 88 13.86 55.24 94.39
CA ARG UB 88 15.25 54.80 94.52
C ARG UB 88 15.61 54.82 96.00
N THR UB 89 16.78 54.29 96.32
CA THR UB 89 17.18 54.19 97.71
C THR UB 89 18.66 54.54 97.86
N ASN UB 90 18.97 55.42 98.80
CA ASN UB 90 20.34 55.59 99.29
C ASN UB 90 20.55 54.65 100.47
N ARG UB 91 21.77 54.12 100.60
CA ARG UB 91 22.05 53.18 101.67
C ARG UB 91 23.43 53.43 102.24
N ALA UB 92 23.58 53.11 103.53
CA ALA UB 92 24.87 53.08 104.20
C ALA UB 92 24.97 51.77 104.97
N GLN UB 93 26.06 51.02 104.75
CA GLN UB 93 26.20 49.67 105.28
C GLN UB 93 27.54 49.56 105.98
N VAL UB 94 27.51 49.31 107.29
CA VAL UB 94 28.70 49.31 108.14
C VAL UB 94 28.88 47.92 108.73
N GLU UB 95 30.05 47.33 108.52
CA GLU UB 95 30.43 46.07 109.15
C GLU UB 95 31.68 46.34 109.99
N PHE UB 96 31.55 46.22 111.31
CA PHE UB 96 32.71 46.21 112.18
C PHE UB 96 33.13 44.76 112.37
N ILE UB 97 34.41 44.50 112.11
CA ILE UB 97 35.04 43.22 112.39
C ILE UB 97 35.82 43.40 113.68
N LEU UB 98 35.28 42.90 114.78
CA LEU UB 98 35.96 43.10 116.05
C LEU UB 98 36.54 41.77 116.52
N PRO UB 99 37.76 41.73 117.04
CA PRO UB 99 38.24 40.47 117.63
C PRO UB 99 37.75 40.25 119.05
N ALA UB 100 37.48 38.98 119.37
CA ALA UB 100 37.03 38.62 120.71
C ALA UB 100 38.09 38.81 121.77
N GLN UB 101 39.33 39.08 121.37
CA GLN UB 101 40.45 39.17 122.29
C GLN UB 101 40.81 40.62 122.62
N SER UB 102 40.08 41.59 122.08
CA SER UB 102 40.40 43.00 122.27
C SER UB 102 39.81 43.53 123.56
N ALA UB 103 40.23 44.74 123.93
CA ALA UB 103 39.68 45.46 125.07
C ALA UB 103 38.70 46.51 124.58
N ALA UB 104 37.68 46.78 125.40
CA ALA UB 104 36.63 47.70 125.02
C ALA UB 104 37.14 49.09 124.70
N THR UB 105 38.30 49.48 125.25
CA THR UB 105 38.92 50.76 124.91
C THR UB 105 39.13 50.87 123.41
N VAL UB 106 39.64 49.80 122.82
CA VAL UB 106 39.96 49.79 121.40
C VAL UB 106 38.69 49.97 120.57
N ARG UB 107 37.63 49.25 120.92
CA ARG UB 107 36.38 49.40 120.16
C ARG UB 107 35.79 50.80 120.34
N GLU UB 108 35.90 51.35 121.55
CA GLU UB 108 35.39 52.69 121.79
C GLU UB 108 36.07 53.71 120.89
N ASP UB 109 37.41 53.70 120.86
CA ASP UB 109 38.04 54.72 120.01
C ASP UB 109 38.02 54.35 118.52
N LEU UB 110 37.77 53.10 118.16
CA LEU UB 110 37.49 52.80 116.76
C LEU UB 110 36.18 53.45 116.32
N VAL UB 111 35.12 53.30 117.13
CA VAL UB 111 33.85 53.95 116.82
C VAL UB 111 34.02 55.46 116.79
N ALA UB 112 34.76 56.01 117.75
CA ALA UB 112 34.97 57.46 117.79
C ALA UB 112 35.73 57.93 116.56
N LEU UB 113 36.72 57.16 116.11
CA LEU UB 113 37.46 57.52 114.91
C LEU UB 113 36.56 57.49 113.69
N LEU UB 114 35.67 56.49 113.60
CA LEU UB 114 34.75 56.43 112.47
C LEU UB 114 33.80 57.64 112.46
N ALA UB 115 33.26 57.98 113.64
CA ALA UB 115 32.34 59.11 113.71
C ALA UB 115 33.05 60.43 113.38
N SER UB 116 34.29 60.59 113.86
CA SER UB 116 35.04 61.80 113.54
C SER UB 116 35.44 61.84 112.07
N ALA UB 117 35.68 60.69 111.45
CA ALA UB 117 35.93 60.66 110.02
C ALA UB 117 34.70 61.08 109.24
N LEU UB 118 33.53 60.62 109.67
CA LEU UB 118 32.28 61.08 109.05
C LEU UB 118 32.08 62.58 109.25
N ALA UB 119 32.52 63.11 110.39
CA ALA UB 119 32.34 64.53 110.66
C ALA UB 119 33.35 65.39 109.91
N ASP UB 120 34.54 64.87 109.60
CA ASP UB 120 35.55 65.65 108.90
C ASP UB 120 35.02 66.06 107.53
N THR UB 121 35.28 67.31 107.15
CA THR UB 121 34.72 67.84 105.91
C THR UB 121 35.38 67.21 104.69
N ALA UB 122 36.70 66.97 104.77
CA ALA UB 122 37.39 66.37 103.64
C ALA UB 122 36.86 64.98 103.33
N ILE UB 123 36.58 64.19 104.37
CA ILE UB 123 36.01 62.87 104.18
C ILE UB 123 34.53 62.95 103.85
N LYS UB 124 33.83 63.96 104.37
CA LYS UB 124 32.40 64.08 104.13
C LYS UB 124 32.11 64.45 102.69
N SER UB 125 33.02 65.20 102.04
CA SER UB 125 32.83 65.49 100.63
C SER UB 125 32.90 64.23 99.79
N THR UB 126 33.68 63.25 100.25
CA THR UB 126 33.75 61.94 99.59
C THR UB 126 32.38 61.32 99.45
N ILE UB 127 31.62 61.30 100.55
CA ILE UB 127 30.31 60.65 100.53
C ILE UB 127 29.28 61.57 99.88
N VAL UB 128 29.16 62.78 100.41
CA VAL UB 128 28.08 63.67 100.03
C VAL UB 128 28.22 64.11 98.58
N ASN UB 129 29.43 64.51 98.17
CA ASN UB 129 29.69 65.17 96.91
C ASN UB 129 30.35 64.27 95.87
N VAL UB 130 30.72 63.05 96.25
CA VAL UB 130 31.27 62.04 95.35
C VAL UB 130 32.48 62.61 94.61
N GLU UB 131 33.38 63.18 95.38
CA GLU UB 131 34.68 63.61 94.89
C GLU UB 131 35.73 62.61 95.36
N HIS UB 132 36.58 62.18 94.43
CA HIS UB 132 37.72 61.32 94.71
C HIS UB 132 38.83 62.11 95.41
N PHE UB 133 39.67 61.39 96.14
CA PHE UB 133 40.92 61.95 96.62
C PHE UB 133 41.94 61.99 95.48
N TYR UB 134 42.73 63.06 95.45
CA TYR UB 134 43.72 63.24 94.40
C TYR UB 134 44.97 64.00 94.88
N PRO VB 1 9.31 35.65 132.88
CA PRO VB 1 10.60 36.29 133.19
C PRO VB 1 11.10 37.09 132.01
N ALA VB 2 10.70 38.35 131.93
CA ALA VB 2 11.21 39.24 130.90
C ALA VB 2 12.73 39.37 131.03
N LEU VB 3 13.39 39.40 129.89
CA LEU VB 3 14.85 39.47 129.84
C LEU VB 3 15.34 40.70 130.58
N LYS VB 4 16.19 40.50 131.58
CA LYS VB 4 16.61 41.57 132.47
C LYS VB 4 17.88 41.13 133.18
N PRO VB 5 18.76 42.06 133.51
CA PRO VB 5 20.03 41.67 134.12
C PRO VB 5 19.81 41.05 135.48
N ILE VB 6 20.61 40.04 135.79
CA ILE VB 6 20.44 39.32 137.03
C ILE VB 6 21.75 39.31 137.79
N THR VB 7 21.67 39.32 139.11
CA THR VB 7 22.84 39.39 139.98
C THR VB 7 23.03 38.05 140.68
N LEU VB 8 24.27 37.55 140.66
CA LEU VB 8 24.62 36.26 141.25
C LEU VB 8 25.86 36.44 142.13
N THR VB 9 25.94 35.67 143.21
CA THR VB 9 27.05 35.78 144.15
C THR VB 9 28.14 34.79 143.81
N ASP VB 10 29.40 35.25 143.79
CA ASP VB 10 30.53 34.38 143.51
C ASP VB 10 30.97 33.67 144.79
N HIS VB 11 32.16 33.07 144.76
CA HIS VB 11 32.61 32.33 145.93
C HIS VB 11 32.85 33.23 147.13
N SER VB 12 33.27 34.46 146.90
CA SER VB 12 33.49 35.42 147.96
C SER VB 12 32.21 36.11 148.41
N SER VB 13 31.06 35.66 147.92
CA SER VB 13 29.74 36.26 148.12
C SER VB 13 29.64 37.66 147.52
N ALA VB 14 30.62 38.08 146.72
CA ALA VB 14 30.54 39.37 146.05
C ALA VB 14 29.54 39.32 144.90
N ASP VB 15 28.76 40.38 144.75
CA ASP VB 15 27.77 40.42 143.69
C ASP VB 15 28.44 40.47 142.32
N VAL VB 16 27.78 39.84 141.34
CA VAL VB 16 28.28 39.70 139.98
C VAL VB 16 27.08 39.88 139.07
N ILE VB 17 27.08 40.95 138.29
CA ILE VB 17 25.90 41.39 137.55
C ILE VB 17 26.05 40.92 136.10
N PHE VB 18 25.19 39.98 135.69
CA PHE VB 18 25.12 39.53 134.30
C PHE VB 18 24.06 40.34 133.57
N THR VB 19 24.50 41.08 132.54
CA THR VB 19 23.52 41.80 131.74
C THR VB 19 23.05 40.92 130.59
N PRO VB 20 21.80 41.07 130.13
CA PRO VB 20 21.33 40.26 129.01
C PRO VB 20 22.12 40.57 127.75
N THR VB 21 22.51 39.53 127.04
CA THR VB 21 23.26 39.66 125.79
C THR VB 21 22.41 39.35 124.57
N GLN VB 22 21.81 38.17 124.52
CA GLN VB 22 21.20 37.75 123.26
C GLN VB 22 20.05 36.80 123.49
N ILE VB 23 19.01 36.92 122.67
CA ILE VB 23 17.99 35.89 122.55
C ILE VB 23 18.26 35.16 121.23
N ASP VB 24 18.42 33.85 121.31
CA ASP VB 24 18.97 33.06 120.22
C ASP VB 24 17.95 32.89 119.10
N LYS VB 25 18.36 32.18 118.05
CA LYS VB 25 17.41 31.74 117.04
C LYS VB 25 16.54 30.61 117.55
N ASN VB 26 17.10 29.72 118.36
CA ASN VB 26 16.37 28.59 118.92
C ASN VB 26 15.62 28.93 120.20
N GLY VB 27 15.92 30.05 120.83
CA GLY VB 27 15.31 30.43 122.09
C GLY VB 27 16.29 30.55 123.23
N VAL VB 28 17.59 30.36 123.00
CA VAL VB 28 18.56 30.43 124.08
C VAL VB 28 18.73 31.88 124.50
N ALA VB 29 18.75 32.11 125.82
CA ALA VB 29 18.97 33.42 126.40
C ALA VB 29 20.37 33.46 126.97
N TYR VB 30 21.16 34.43 126.51
CA TYR VB 30 22.57 34.59 126.88
C TYR VB 30 22.73 35.85 127.71
N PHE VB 31 23.23 35.69 128.93
CA PHE VB 31 23.66 36.79 129.80
C PHE VB 31 25.18 36.77 129.91
N ARG VB 32 25.77 37.96 129.91
CA ARG VB 32 27.22 38.12 129.90
C ARG VB 32 27.62 39.06 131.03
N HIS VB 33 28.73 38.73 131.67
CA HIS VB 33 29.37 39.57 132.68
C HIS VB 33 30.79 39.83 132.21
N LEU VB 34 31.02 41.04 131.69
CA LEU VB 34 32.32 41.39 131.17
C LEU VB 34 33.31 41.60 132.32
N GLN VB 35 34.59 41.56 131.98
CA GLN VB 35 35.63 41.77 132.97
C GLN VB 35 35.86 43.28 133.16
N ALA VB 36 36.88 43.63 133.95
CA ALA VB 36 37.19 45.03 134.16
C ALA VB 36 37.53 45.72 132.84
N ASN VB 37 38.41 45.11 132.05
CA ASN VB 37 38.87 45.68 130.79
C ASN VB 37 37.87 45.49 129.65
N GLY VB 38 36.73 44.86 129.89
CA GLY VB 38 35.78 44.62 128.83
C GLY VB 38 36.28 43.69 127.74
N LYS VB 39 36.99 42.63 128.12
CA LYS VB 39 37.48 41.65 127.15
C LYS VB 39 36.44 40.57 126.95
N PRO VB 40 35.90 40.39 125.75
CA PRO VB 40 34.87 39.36 125.54
C PRO VB 40 35.35 37.96 125.93
N ILE VB 41 36.57 37.62 125.53
CA ILE VB 41 37.13 36.31 125.84
C ILE VB 41 37.15 36.03 127.34
N GLY VB 42 37.12 37.09 128.17
CA GLY VB 42 37.14 36.92 129.60
C GLY VB 42 35.79 36.97 130.29
N ALA VB 43 34.71 37.17 129.55
CA ALA VB 43 33.41 37.40 130.18
C ALA VB 43 32.77 36.09 130.63
N TYR VB 44 32.15 36.12 131.81
CA TYR VB 44 31.31 35.00 132.24
C TYR VB 44 30.01 34.99 131.44
N THR VB 45 29.47 33.79 131.23
CA THR VB 45 28.22 33.67 130.50
C THR VB 45 27.27 32.74 131.22
N VAL VB 46 25.97 33.02 131.05
CA VAL VB 46 24.90 32.17 131.58
C VAL VB 46 23.85 32.03 130.50
N SER VB 47 23.54 30.79 130.13
CA SER VB 47 22.58 30.46 129.09
C SER VB 47 21.37 29.78 129.71
N SER VB 48 20.18 30.15 129.22
CA SER VB 48 18.95 29.54 129.68
C SER VB 48 18.04 29.30 128.48
N HIS VB 49 17.67 28.05 128.26
CA HIS VB 49 16.78 27.70 127.16
C HIS VB 49 15.82 26.61 127.59
N VAL VB 50 14.54 26.78 127.29
CA VAL VB 50 13.55 25.77 127.62
C VAL VB 50 12.92 25.26 126.33
N LYS VB 51 12.84 23.93 126.22
CA LYS VB 51 12.31 23.23 125.04
C LYS VB 51 11.00 22.58 125.46
N GLU VB 52 9.90 23.05 124.87
CA GLU VB 52 8.57 22.54 125.12
C GLU VB 52 8.40 21.18 124.44
N PRO VB 53 7.46 20.37 124.91
CA PRO VB 53 7.20 19.08 124.26
C PRO VB 53 6.39 19.24 122.99
N GLY VB 54 6.60 18.29 122.08
CA GLY VB 54 5.86 18.26 120.84
C GLY VB 54 5.54 16.83 120.44
N THR VB 55 4.54 16.71 119.57
CA THR VB 55 4.05 15.41 119.13
C THR VB 55 3.72 14.53 120.33
N ASN VB 56 2.91 15.08 121.22
CA ASN VB 56 2.44 14.40 122.43
C ASN VB 56 3.60 13.81 123.22
N GLY VB 57 4.63 14.64 123.42
CA GLY VB 57 5.74 14.28 124.29
C GLY VB 57 5.43 14.68 125.71
N ASP VB 58 5.77 13.80 126.65
CA ASP VB 58 5.47 14.07 128.05
C ASP VB 58 6.47 15.04 128.69
N VAL VB 59 7.62 15.26 128.05
CA VAL VB 59 8.78 15.83 128.73
C VAL VB 59 8.98 17.29 128.35
N PHE VB 60 9.53 18.05 129.29
CA PHE VB 60 10.04 19.40 129.10
C PHE VB 60 11.54 19.35 129.32
N ARG VB 61 12.31 20.03 128.46
CA ARG VB 61 13.77 20.01 128.60
C ARG VB 61 14.27 21.43 128.84
N VAL VB 62 14.62 21.74 130.08
CA VAL VB 62 15.02 23.09 130.47
C VAL VB 62 16.51 23.07 130.82
N LYS VB 63 17.29 23.94 130.18
CA LYS VB 63 18.73 23.89 130.25
C LYS VB 63 19.28 25.20 130.79
N LEU VB 64 20.28 25.06 131.67
CA LEU VB 64 20.98 26.18 132.30
C LEU VB 64 22.48 25.94 132.21
N PHE VB 65 23.20 26.88 131.61
CA PHE VB 65 24.64 26.80 131.44
C PHE VB 65 25.30 27.98 132.14
N VAL VB 66 26.40 27.70 132.84
CA VAL VB 66 27.19 28.72 133.52
C VAL VB 66 28.64 28.50 133.13
N ASN VB 67 29.18 29.40 132.31
CA ASN VB 67 30.52 29.27 131.77
C ASN VB 67 31.40 30.35 132.40
N VAL VB 68 32.49 29.91 133.02
CA VAL VB 68 33.48 30.78 133.66
C VAL VB 68 34.82 30.61 132.93
N PRO VB 69 35.24 31.59 132.15
CA PRO VB 69 36.56 31.47 131.52
C PRO VB 69 37.63 32.08 132.40
N GLU VB 70 38.84 31.54 132.27
CA GLU VB 70 40.04 32.17 132.78
C GLU VB 70 40.97 32.43 131.60
N VAL VB 71 41.46 33.66 131.52
CA VAL VB 71 42.35 34.13 130.47
C VAL VB 71 43.78 33.69 130.78
N ALA VB 72 44.51 33.22 129.76
CA ALA VB 72 45.92 32.90 129.94
C ALA VB 72 46.75 33.94 129.19
N THR VB 73 47.61 34.63 129.92
CA THR VB 73 48.43 35.68 129.32
C THR VB 73 49.80 35.13 128.91
N GLU VB 85 45.82 35.94 126.02
CA GLU VB 85 45.55 35.77 124.60
C GLU VB 85 44.52 34.68 124.31
N ILE VB 86 44.75 33.47 124.80
CA ILE VB 86 43.79 32.39 124.69
C ILE VB 86 43.36 32.02 126.10
N ALA VB 87 42.13 31.57 126.23
CA ALA VB 87 41.52 31.39 127.53
C ALA VB 87 40.85 30.02 127.58
N ARG VB 88 40.89 29.38 128.74
CA ARG VB 88 40.22 28.10 128.90
C ARG VB 88 39.04 28.27 129.84
N THR VB 89 37.97 27.53 129.57
CA THR VB 89 36.68 27.79 130.19
C THR VB 89 36.28 26.60 131.04
N ASN VB 90 36.08 26.82 132.33
CA ASN VB 90 35.31 25.89 133.16
C ASN VB 90 33.83 26.06 132.86
N ARG VB 91 33.11 24.95 132.77
CA ARG VB 91 31.70 25.03 132.45
C ARG VB 91 30.87 24.19 133.41
N ALA VB 92 29.66 24.65 133.68
CA ALA VB 92 28.63 23.87 134.33
C ALA VB 92 27.43 23.82 133.40
N GLN VB 93 26.90 22.62 133.15
CA GLN VB 93 25.82 22.42 132.19
C GLN VB 93 24.75 21.57 132.85
N VAL VB 94 23.57 22.15 133.07
CA VAL VB 94 22.47 21.48 133.75
C VAL VB 94 21.31 21.34 132.78
N GLU VB 95 20.75 20.12 132.73
CA GLU VB 95 19.55 19.83 131.97
C GLU VB 95 18.53 19.20 132.92
N PHE VB 96 17.39 19.87 133.12
CA PHE VB 96 16.28 19.32 133.86
C PHE VB 96 15.29 18.72 132.86
N ILE VB 97 14.85 17.50 133.14
CA ILE VB 97 13.83 16.80 132.37
C ILE VB 97 12.59 16.73 133.26
N LEU VB 98 11.54 17.45 132.87
CA LEU VB 98 10.37 17.63 133.72
C LEU VB 98 9.11 17.18 133.00
N PRO VB 99 8.43 16.11 133.44
CA PRO VB 99 7.17 15.73 132.79
C PRO VB 99 6.10 16.79 132.97
N ALA VB 100 5.15 16.79 132.03
CA ALA VB 100 4.13 17.83 131.99
C ALA VB 100 3.04 17.64 133.04
N GLN VB 101 2.80 16.40 133.49
CA GLN VB 101 1.77 16.17 134.51
C GLN VB 101 2.25 16.45 135.92
N SER VB 102 3.55 16.53 136.15
CA SER VB 102 4.05 16.76 137.51
C SER VB 102 3.59 18.12 138.01
N ALA VB 103 2.94 18.13 139.17
CA ALA VB 103 2.60 19.39 139.80
C ALA VB 103 3.87 20.14 140.18
N ALA VB 104 3.77 21.47 140.22
CA ALA VB 104 4.95 22.30 140.46
C ALA VB 104 5.63 21.99 141.79
N THR VB 105 4.92 21.34 142.73
CA THR VB 105 5.55 20.94 143.99
C THR VB 105 6.81 20.11 143.74
N VAL VB 106 6.70 19.17 142.80
CA VAL VB 106 7.81 18.26 142.55
C VAL VB 106 9.00 19.02 142.00
N ARG VB 107 8.76 19.89 141.03
CA ARG VB 107 9.86 20.63 140.42
C ARG VB 107 10.51 21.56 141.43
N GLU VB 108 9.69 22.17 142.29
CA GLU VB 108 10.24 23.04 143.33
C GLU VB 108 11.21 22.27 144.24
N ASP VB 109 10.77 21.13 144.80
CA ASP VB 109 11.70 20.43 145.70
C ASP VB 109 12.80 19.69 144.94
N LEU VB 110 12.64 19.44 143.64
CA LEU VB 110 13.77 18.90 142.88
C LEU VB 110 14.88 19.92 142.78
N VAL VB 111 14.52 21.15 142.40
CA VAL VB 111 15.51 22.23 142.39
C VAL VB 111 16.13 22.40 143.78
N ALA VB 112 15.30 22.36 144.82
CA ALA VB 112 15.83 22.55 146.17
C ALA VB 112 16.82 21.44 146.51
N LEU VB 113 16.53 20.21 146.08
CA LEU VB 113 17.44 19.08 146.25
C LEU VB 113 18.76 19.33 145.55
N LEU VB 114 18.71 19.80 144.31
CA LEU VB 114 19.94 20.03 143.56
C LEU VB 114 20.80 21.10 144.24
N ALA VB 115 20.15 22.18 144.68
CA ALA VB 115 20.91 23.26 145.32
C ALA VB 115 21.51 22.80 146.64
N SER VB 116 20.75 22.03 147.43
CA SER VB 116 21.29 21.51 148.68
C SER VB 116 22.41 20.51 148.44
N ALA VB 117 22.35 19.77 147.33
CA ALA VB 117 23.45 18.86 147.00
C ALA VB 117 24.70 19.64 146.63
N LEU VB 118 24.54 20.74 145.89
CA LEU VB 118 25.66 21.61 145.62
C LEU VB 118 26.23 22.24 146.90
N ALA VB 119 25.37 22.50 147.88
CA ALA VB 119 25.84 23.10 149.12
C ALA VB 119 26.49 22.09 150.05
N ASP VB 120 26.09 20.82 149.98
CA ASP VB 120 26.66 19.80 150.86
C ASP VB 120 28.16 19.70 150.64
N THR VB 121 28.91 19.60 151.75
CA THR VB 121 30.36 19.64 151.65
C THR VB 121 30.91 18.41 150.93
N ALA VB 122 30.35 17.23 151.20
CA ALA VB 122 30.84 16.01 150.58
C ALA VB 122 30.68 16.05 149.06
N ILE VB 123 29.49 16.45 148.60
CA ILE VB 123 29.22 16.54 147.18
C ILE VB 123 30.01 17.68 146.55
N LYS VB 124 30.13 18.80 147.25
CA LYS VB 124 30.87 19.94 146.72
C LYS VB 124 32.34 19.61 146.54
N SER VB 125 32.89 18.75 147.40
CA SER VB 125 34.27 18.31 147.23
C SER VB 125 34.47 17.64 145.88
N THR VB 126 33.47 16.87 145.45
CA THR VB 126 33.50 16.19 144.16
C THR VB 126 33.83 17.16 143.03
N ILE VB 127 33.20 18.33 143.04
CA ILE VB 127 33.40 19.28 141.95
C ILE VB 127 34.67 20.10 142.19
N VAL VB 128 34.77 20.68 143.38
CA VAL VB 128 35.82 21.66 143.64
C VAL VB 128 37.20 21.02 143.58
N ASN VB 129 37.35 19.87 144.24
CA ASN VB 129 38.65 19.21 144.39
C ASN VB 129 38.85 18.07 143.40
N VAL VB 130 37.91 17.90 142.47
CA VAL VB 130 37.88 16.81 141.49
C VAL VB 130 38.34 15.50 142.12
N GLU VB 131 37.66 15.11 143.21
CA GLU VB 131 37.90 13.84 143.89
C GLU VB 131 36.76 12.88 143.57
N HIS VB 132 37.09 11.61 143.31
CA HIS VB 132 36.10 10.54 143.18
C HIS VB 132 35.49 10.18 144.52
N PHE VB 133 34.27 9.64 144.49
CA PHE VB 133 33.72 9.02 145.68
C PHE VB 133 34.39 7.67 145.91
N TYR VB 134 34.75 7.40 147.16
CA TYR VB 134 35.43 6.15 147.51
C TYR VB 134 35.01 5.56 148.86
N PRO WB 1 4.90 47.08 119.37
CA PRO WB 1 4.36 46.36 120.51
C PRO WB 1 5.42 45.52 121.18
N ALA WB 2 6.04 46.05 122.22
CA ALA WB 2 6.98 45.25 123.00
C ALA WB 2 6.23 44.13 123.69
N LEU WB 3 6.93 43.01 123.89
CA LEU WB 3 6.33 41.85 124.53
C LEU WB 3 6.07 42.15 126.01
N LYS WB 4 4.82 41.99 126.43
CA LYS WB 4 4.33 42.40 127.74
C LYS WB 4 3.17 41.48 128.10
N PRO WB 5 3.01 41.10 129.36
CA PRO WB 5 1.79 40.41 129.76
C PRO WB 5 0.58 41.29 129.49
N ILE WB 6 -0.39 40.73 128.79
CA ILE WB 6 -1.57 41.49 128.41
C ILE WB 6 -2.77 40.92 129.13
N THR WB 7 -3.61 41.80 129.64
CA THR WB 7 -4.80 41.41 130.39
C THR WB 7 -6.01 41.50 129.48
N LEU WB 8 -6.79 40.42 129.41
CA LEU WB 8 -7.99 40.35 128.59
C LEU WB 8 -9.17 40.02 129.48
N THR WB 9 -10.33 40.57 129.15
CA THR WB 9 -11.54 40.38 129.96
C THR WB 9 -12.36 39.23 129.42
N ASP WB 10 -12.85 38.36 130.31
CA ASP WB 10 -13.61 37.19 129.90
C ASP WB 10 -15.10 37.53 129.83
N HIS WB 11 -15.96 36.51 129.87
CA HIS WB 11 -17.38 36.78 129.75
C HIS WB 11 -17.93 37.53 130.95
N SER WB 12 -17.47 37.19 132.15
CA SER WB 12 -17.90 37.86 133.36
C SER WB 12 -17.24 39.22 133.57
N SER WB 13 -16.47 39.69 132.59
CA SER WB 13 -15.66 40.91 132.62
C SER WB 13 -14.48 40.81 133.59
N ALA WB 14 -14.27 39.66 134.21
CA ALA WB 14 -13.10 39.46 135.06
C ALA WB 14 -11.83 39.48 134.22
N ASP WB 15 -10.75 39.97 134.82
CA ASP WB 15 -9.48 40.03 134.11
C ASP WB 15 -8.84 38.64 134.01
N VAL WB 16 -8.07 38.44 132.95
CA VAL WB 16 -7.39 37.19 132.65
C VAL WB 16 -6.03 37.58 132.09
N ILE WB 17 -4.98 37.31 132.84
CA ILE WB 17 -3.64 37.80 132.51
C ILE WB 17 -2.93 36.73 131.68
N PHE WB 18 -2.52 37.10 130.46
CA PHE WB 18 -1.72 36.23 129.61
C PHE WB 18 -0.27 36.69 129.69
N THR WB 19 0.58 35.80 130.19
CA THR WB 19 2.01 36.08 130.26
C THR WB 19 2.69 35.64 128.96
N PRO WB 20 3.65 36.40 128.48
CA PRO WB 20 4.35 36.01 127.24
C PRO WB 20 5.13 34.72 127.45
N THR WB 21 4.95 33.79 126.52
CA THR WB 21 5.62 32.50 126.56
C THR WB 21 6.86 32.45 125.69
N GLN WB 22 6.74 32.78 124.41
CA GLN WB 22 7.79 32.43 123.46
C GLN WB 22 7.60 33.23 122.19
N ILE WB 23 8.71 33.53 121.52
CA ILE WB 23 8.70 34.11 120.19
C ILE WB 23 9.24 33.05 119.22
N ASP WB 24 8.38 32.65 118.29
CA ASP WB 24 8.64 31.48 117.46
C ASP WB 24 9.80 31.73 116.49
N LYS WB 25 10.23 30.64 115.83
CA LYS WB 25 11.20 30.78 114.75
C LYS WB 25 10.59 31.47 113.54
N ASN WB 26 9.28 31.37 113.38
CA ASN WB 26 8.58 31.98 112.25
C ASN WB 26 8.06 33.37 112.56
N GLY WB 27 8.28 33.86 113.77
CA GLY WB 27 7.79 35.16 114.19
C GLY WB 27 6.56 35.11 115.04
N VAL WB 28 6.03 33.92 115.32
CA VAL WB 28 4.82 33.81 116.12
C VAL WB 28 5.13 34.11 117.58
N ALA WB 29 4.32 34.96 118.19
CA ALA WB 29 4.45 35.31 119.59
C ALA WB 29 3.29 34.70 120.36
N TYR WB 30 3.61 34.00 121.44
CA TYR WB 30 2.64 33.24 122.21
C TYR WB 30 2.46 33.84 123.60
N PHE WB 31 1.21 34.07 124.00
CA PHE WB 31 0.86 34.45 125.35
C PHE WB 31 -0.01 33.36 125.95
N ARG WB 32 0.29 32.95 127.17
CA ARG WB 32 -0.42 31.84 127.79
C ARG WB 32 -1.00 32.24 129.14
N HIS WB 33 -2.10 31.57 129.49
CA HIS WB 33 -2.72 31.63 130.80
C HIS WB 33 -3.03 30.21 131.21
N LEU WB 34 -2.44 29.76 132.33
CA LEU WB 34 -2.53 28.36 132.72
C LEU WB 34 -3.94 28.02 133.19
N GLN WB 35 -4.23 26.71 133.21
CA GLN WB 35 -5.54 26.22 133.60
C GLN WB 35 -5.72 26.34 135.11
N ALA WB 36 -6.88 25.87 135.59
CA ALA WB 36 -7.16 25.88 137.02
C ALA WB 36 -6.08 25.12 137.79
N ASN WB 37 -5.80 23.89 137.37
CA ASN WB 37 -4.69 23.15 137.96
C ASN WB 37 -3.37 23.76 137.54
N GLY WB 38 -2.39 23.68 138.44
CA GLY WB 38 -1.08 24.22 138.15
C GLY WB 38 -0.34 23.51 137.03
N LYS WB 39 -0.91 22.43 136.51
CA LYS WB 39 -0.25 21.61 135.51
C LYS WB 39 -0.32 22.29 134.15
N PRO WB 40 0.82 22.59 133.50
CA PRO WB 40 0.83 23.29 132.21
C PRO WB 40 0.75 22.32 131.03
N ILE WB 41 -0.40 21.69 130.87
CA ILE WB 41 -0.64 20.78 129.78
C ILE WB 41 -1.55 21.41 128.73
N GLY WB 42 -2.75 21.79 129.11
CA GLY WB 42 -3.63 22.59 128.28
C GLY WB 42 -3.72 23.97 128.90
N ALA WB 43 -3.61 24.99 128.05
CA ALA WB 43 -3.53 26.34 128.55
C ALA WB 43 -4.14 27.27 127.54
N TYR WB 44 -4.79 28.32 128.04
CA TYR WB 44 -5.36 29.32 127.16
C TYR WB 44 -4.24 30.08 126.46
N THR WB 45 -4.34 30.22 125.14
CA THR WB 45 -3.23 30.80 124.38
C THR WB 45 -3.73 31.89 123.43
N VAL WB 46 -2.85 32.84 123.16
CA VAL WB 46 -3.07 33.90 122.19
C VAL WB 46 -1.81 34.01 121.34
N SER WB 47 -1.95 33.75 120.05
CA SER WB 47 -0.84 33.78 119.10
C SER WB 47 -0.97 35.02 118.21
N SER WB 48 0.14 35.71 118.00
CA SER WB 48 0.17 36.86 117.11
C SER WB 48 1.35 36.74 116.16
N HIS WB 49 1.07 36.86 114.86
CA HIS WB 49 2.14 36.79 113.86
C HIS WB 49 1.81 37.68 112.69
N VAL WB 50 2.74 38.56 112.33
CA VAL WB 50 2.57 39.39 111.15
C VAL WB 50 3.56 38.93 110.09
N LYS WB 51 3.08 38.82 108.86
CA LYS WB 51 3.88 38.37 107.72
C LYS WB 51 4.02 39.54 106.76
N GLU WB 52 5.27 40.00 106.61
CA GLU WB 52 5.62 41.04 105.67
C GLU WB 52 5.31 40.59 104.24
N PRO WB 53 5.26 41.52 103.28
CA PRO WB 53 4.98 41.13 101.90
C PRO WB 53 6.24 40.78 101.12
N GLY WB 54 6.11 39.82 100.23
CA GLY WB 54 7.23 39.35 99.41
C GLY WB 54 7.14 39.91 98.00
N THR WB 55 8.25 40.48 97.54
CA THR WB 55 8.32 41.09 96.21
C THR WB 55 7.27 42.18 96.06
N ASN WB 56 7.11 42.98 97.12
CA ASN WB 56 6.19 44.11 97.15
C ASN WB 56 4.76 43.68 96.77
N GLY WB 57 4.43 42.42 97.02
CA GLY WB 57 3.03 42.03 96.97
C GLY WB 57 2.23 42.85 97.96
N ASP WB 58 1.11 43.40 97.49
CA ASP WB 58 0.39 44.40 98.27
C ASP WB 58 0.02 43.94 99.67
N VAL WB 59 -0.03 42.63 99.93
CA VAL WB 59 -0.66 42.08 101.12
C VAL WB 59 0.33 42.00 102.29
N PHE WB 60 -0.15 42.43 103.45
CA PHE WB 60 0.41 42.11 104.76
C PHE WB 60 -0.54 41.11 105.40
N ARG WB 61 0.00 40.01 105.94
CA ARG WB 61 -0.85 38.97 106.51
C ARG WB 61 -0.65 38.92 108.02
N VAL WB 62 -1.57 39.53 108.76
CA VAL WB 62 -1.43 39.68 110.21
C VAL WB 62 -2.49 38.81 110.88
N LYS WB 63 -2.03 37.90 111.74
CA LYS WB 63 -2.88 36.82 112.24
C LYS WB 63 -2.91 36.86 113.77
N LEU WB 64 -4.11 36.60 114.30
CA LEU WB 64 -4.39 36.58 115.73
C LEU WB 64 -5.19 35.32 116.05
N PHE WB 65 -4.69 34.50 116.96
CA PHE WB 65 -5.33 33.26 117.36
C PHE WB 65 -5.62 33.28 118.84
N VAL WB 66 -6.81 32.82 119.22
CA VAL WB 66 -7.21 32.70 120.62
C VAL WB 66 -7.74 31.29 120.83
N ASN WB 67 -6.97 30.48 121.55
CA ASN WB 67 -7.31 29.08 121.77
C ASN WB 67 -7.69 28.87 123.23
N VAL WB 68 -8.89 28.35 123.45
CA VAL WB 68 -9.44 28.08 124.76
C VAL WB 68 -9.61 26.57 124.90
N PRO WB 69 -8.67 25.88 125.55
CA PRO WB 69 -8.83 24.44 125.77
C PRO WB 69 -9.62 24.12 127.02
N GLU WB 70 -10.47 23.11 126.92
CA GLU WB 70 -11.14 22.48 128.04
C GLU WB 70 -10.42 21.17 128.34
N VAL WB 71 -9.97 21.03 129.59
CA VAL WB 71 -9.10 19.96 130.04
C VAL WB 71 -9.89 18.99 130.93
N ALA WB 72 -9.40 17.76 131.04
CA ALA WB 72 -10.02 16.73 131.85
C ALA WB 72 -8.95 16.03 132.67
N THR WB 73 -9.18 15.90 133.97
CA THR WB 73 -8.28 15.18 134.86
C THR WB 73 -8.79 13.74 134.99
N ILE WB 74 -8.08 12.81 134.37
CA ILE WB 74 -8.47 11.40 134.34
C ILE WB 74 -7.54 10.62 135.26
N THR WB 75 -8.11 9.90 136.21
CA THR WB 75 -7.34 8.99 137.04
C THR WB 75 -7.79 7.56 136.76
N PRO WB 76 -6.90 6.68 136.29
CA PRO WB 76 -7.33 5.34 135.89
C PRO WB 76 -7.82 4.50 137.06
N ASN WB 77 -8.30 3.29 136.76
CA ASN WB 77 -8.90 2.45 137.79
C ASN WB 77 -7.84 1.89 138.72
N GLY WB 78 -8.06 2.05 140.02
CA GLY WB 78 -7.17 1.49 141.03
C GLY WB 78 -5.76 2.03 140.98
N SER WB 79 -5.60 3.28 140.56
CA SER WB 79 -4.29 3.89 140.42
C SER WB 79 -4.15 5.07 141.37
N ASP WB 80 -2.98 5.19 141.99
CA ASP WB 80 -2.74 6.26 142.95
C ASP WB 80 -2.80 7.63 142.28
N THR WB 81 -2.22 7.76 141.09
CA THR WB 81 -1.94 9.06 140.50
C THR WB 81 -2.86 9.33 139.32
N SER WB 82 -3.28 10.60 139.21
CA SER WB 82 -4.11 11.08 138.12
C SER WB 82 -3.25 11.81 137.10
N SER WB 83 -3.65 11.72 135.84
CA SER WB 83 -2.99 12.46 134.78
C SER WB 83 -4.01 13.34 134.08
N VAL WB 84 -3.53 14.41 133.48
CA VAL WB 84 -4.40 15.40 132.85
C VAL WB 84 -4.34 15.22 131.34
N GLU WB 85 -5.42 15.59 130.66
CA GLU WB 85 -5.59 15.30 129.25
C GLU WB 85 -6.39 16.42 128.60
N ILE WB 86 -6.08 16.73 127.34
CA ILE WB 86 -6.76 17.81 126.63
C ILE WB 86 -8.07 17.25 126.09
N ALA WB 87 -9.19 17.66 126.68
CA ALA WB 87 -10.49 17.12 126.30
C ALA WB 87 -10.94 17.67 124.96
N ARG WB 88 -11.04 18.99 124.84
CA ARG WB 88 -11.38 19.59 123.56
C ARG WB 88 -10.91 21.03 123.58
N THR WB 89 -11.03 21.71 122.44
CA THR WB 89 -10.57 23.10 122.35
C THR WB 89 -11.55 23.91 121.51
N ASN WB 90 -11.94 25.08 122.02
CA ASN WB 90 -12.59 26.10 121.22
C ASN WB 90 -11.52 27.03 120.67
N ARG WB 91 -11.66 27.44 119.42
CA ARG WB 91 -10.66 28.29 118.81
C ARG WB 91 -11.30 29.44 118.05
N ALA WB 92 -10.62 30.58 118.08
CA ALA WB 92 -10.95 31.71 117.22
C ALA WB 92 -9.69 32.07 116.44
N GLN WB 93 -9.82 32.15 115.12
CA GLN WB 93 -8.67 32.38 114.25
C GLN WB 93 -8.98 33.55 113.33
N VAL WB 94 -8.17 34.61 113.41
CA VAL WB 94 -8.41 35.83 112.67
C VAL WB 94 -7.21 36.10 111.78
N GLU WB 95 -7.47 36.37 110.51
CA GLU WB 95 -6.45 36.79 109.56
C GLU WB 95 -6.90 38.10 108.94
N PHE WB 96 -6.12 39.16 109.13
CA PHE WB 96 -6.31 40.41 108.42
C PHE WB 96 -5.36 40.43 107.23
N ILE WB 97 -5.91 40.73 106.06
CA ILE WB 97 -5.15 40.96 104.85
C ILE WB 97 -5.17 42.47 104.61
N LEU WB 98 -4.01 43.10 104.72
CA LEU WB 98 -3.92 44.56 104.69
C LEU WB 98 -3.05 44.99 103.53
N PRO WB 99 -3.58 45.70 102.53
CA PRO WB 99 -2.73 46.16 101.43
C PRO WB 99 -1.68 47.15 101.90
N ALA WB 100 -0.49 47.06 101.30
CA ALA WB 100 0.66 47.86 101.73
C ALA WB 100 0.55 49.33 101.36
N GLN WB 101 -0.56 49.75 100.74
CA GLN WB 101 -0.71 51.13 100.35
C GLN WB 101 -1.87 51.86 101.03
N SER WB 102 -2.75 51.15 101.73
CA SER WB 102 -3.76 51.83 102.52
C SER WB 102 -3.12 52.44 103.77
N ALA WB 103 -3.53 53.65 104.11
CA ALA WB 103 -3.00 54.31 105.29
C ALA WB 103 -3.63 53.73 106.55
N ALA WB 104 -3.07 54.10 107.71
CA ALA WB 104 -3.49 53.50 108.97
C ALA WB 104 -4.96 53.74 109.28
N THR WB 105 -5.57 54.78 108.71
CA THR WB 105 -6.98 55.07 108.98
C THR WB 105 -7.86 53.88 108.60
N VAL WB 106 -7.59 53.31 107.43
CA VAL WB 106 -8.38 52.20 106.93
C VAL WB 106 -8.27 51.00 107.86
N ARG WB 107 -7.06 50.69 108.31
CA ARG WB 107 -6.90 49.54 109.19
C ARG WB 107 -7.56 49.79 110.54
N GLU WB 108 -7.48 51.04 111.02
CA GLU WB 108 -8.11 51.37 112.30
C GLU WB 108 -9.62 51.14 112.24
N ASP WB 109 -10.28 51.68 111.21
CA ASP WB 109 -11.73 51.49 111.19
C ASP WB 109 -12.13 50.08 110.75
N LEU WB 110 -11.24 49.32 110.10
CA LEU WB 110 -11.52 47.90 109.89
C LEU WB 110 -11.55 47.15 111.21
N VAL WB 111 -10.54 47.38 112.06
CA VAL WB 111 -10.52 46.74 113.37
C VAL WB 111 -11.75 47.14 114.17
N ALA WB 112 -12.11 48.44 114.12
CA ALA WB 112 -13.29 48.89 114.85
C ALA WB 112 -14.56 48.21 114.35
N LEU WB 113 -14.68 48.05 113.02
CA LEU WB 113 -15.82 47.34 112.47
C LEU WB 113 -15.88 45.91 112.96
N LEU WB 114 -14.74 45.23 113.00
CA LEU WB 114 -14.73 43.85 113.45
C LEU WB 114 -15.12 43.74 114.92
N ALA WB 115 -14.58 44.63 115.77
CA ALA WB 115 -14.92 44.57 117.18
C ALA WB 115 -16.40 44.89 117.42
N SER WB 116 -16.93 45.89 116.69
CA SER WB 116 -18.35 46.21 116.83
C SER WB 116 -19.23 45.09 116.30
N ALA WB 117 -18.76 44.36 115.28
CA ALA WB 117 -19.50 43.20 114.82
C ALA WB 117 -19.53 42.11 115.87
N LEU WB 118 -18.39 41.89 116.55
CA LEU WB 118 -18.37 40.94 117.65
C LEU WB 118 -19.28 41.37 118.80
N ALA WB 119 -19.43 42.68 118.99
CA ALA WB 119 -20.27 43.18 120.08
C ALA WB 119 -21.75 43.14 119.73
N ASP WB 120 -22.12 43.30 118.46
CA ASP WB 120 -23.52 43.28 118.07
C ASP WB 120 -24.17 41.98 118.50
N THR WB 121 -25.40 42.07 119.00
CA THR WB 121 -26.07 40.89 119.55
C THR WB 121 -26.44 39.89 118.47
N ALA WB 122 -26.91 40.38 117.32
CA ALA WB 122 -27.29 39.49 116.23
C ALA WB 122 -26.09 38.71 115.71
N ILE WB 123 -24.98 39.40 115.44
CA ILE WB 123 -23.76 38.74 115.01
C ILE WB 123 -23.22 37.85 116.13
N LYS WB 124 -23.41 38.25 117.38
CA LYS WB 124 -22.84 37.50 118.49
C LYS WB 124 -23.53 36.14 118.63
N SER WB 125 -24.86 36.12 118.55
CA SER WB 125 -25.58 34.85 118.68
C SER WB 125 -25.15 33.86 117.60
N THR WB 126 -24.74 34.36 116.44
CA THR WB 126 -24.15 33.49 115.42
C THR WB 126 -23.05 32.62 115.99
N ILE WB 127 -22.12 33.25 116.72
CA ILE WB 127 -21.00 32.51 117.28
C ILE WB 127 -21.42 31.76 118.55
N VAL WB 128 -21.98 32.50 119.50
CA VAL WB 128 -22.21 31.96 120.84
C VAL WB 128 -23.26 30.86 120.80
N ASN WB 129 -24.36 31.09 120.09
CA ASN WB 129 -25.55 30.24 120.14
C ASN WB 129 -25.61 29.27 118.97
N VAL WB 130 -24.70 29.36 118.01
CA VAL WB 130 -24.65 28.45 116.87
C VAL WB 130 -26.00 28.44 116.16
N GLU WB 131 -26.49 29.64 115.88
CA GLU WB 131 -27.70 29.87 115.11
C GLU WB 131 -27.29 30.44 113.77
N HIS WB 132 -27.97 29.97 112.72
CA HIS WB 132 -27.82 30.55 111.38
C HIS WB 132 -28.53 31.88 111.30
N PHE WB 133 -28.08 32.73 110.38
CA PHE WB 133 -28.82 33.92 110.01
C PHE WB 133 -30.00 33.54 109.13
N TYR WB 134 -31.13 34.21 109.32
CA TYR WB 134 -32.33 33.93 108.54
C TYR WB 134 -33.25 35.15 108.41
N PRO XB 1 -85.04 -37.41 -36.95
CA PRO XB 1 -85.98 -38.49 -37.32
C PRO XB 1 -86.33 -39.32 -36.09
N ALA XB 2 -87.60 -39.26 -35.70
CA ALA XB 2 -88.12 -40.08 -34.63
C ALA XB 2 -87.82 -41.55 -34.91
N LEU XB 3 -87.21 -42.21 -33.92
CA LEU XB 3 -86.80 -43.60 -34.07
C LEU XB 3 -88.00 -44.46 -34.42
N LYS XB 4 -87.94 -45.11 -35.57
CA LYS XB 4 -89.03 -45.90 -36.11
C LYS XB 4 -88.44 -47.10 -36.84
N PRO XB 5 -89.08 -48.26 -36.77
CA PRO XB 5 -88.61 -49.41 -37.56
C PRO XB 5 -88.66 -49.08 -39.04
N ILE XB 6 -87.59 -49.40 -39.74
CA ILE XB 6 -87.48 -49.01 -41.13
C ILE XB 6 -87.39 -50.27 -41.97
N THR XB 7 -87.91 -50.21 -43.18
CA THR XB 7 -87.95 -51.34 -44.10
C THR XB 7 -86.97 -51.09 -45.24
N LEU XB 8 -86.08 -52.07 -45.48
CA LEU XB 8 -85.07 -51.99 -46.53
C LEU XB 8 -85.20 -53.20 -47.44
N THR XB 9 -84.84 -53.03 -48.70
CA THR XB 9 -84.94 -54.12 -49.69
C THR XB 9 -83.63 -54.88 -49.81
N ASP XB 10 -83.73 -56.22 -49.86
CA ASP XB 10 -82.56 -57.08 -50.01
C ASP XB 10 -82.23 -57.26 -51.48
N HIS XB 11 -81.48 -58.30 -51.81
CA HIS XB 11 -81.10 -58.47 -53.21
C HIS XB 11 -82.30 -58.80 -54.08
N SER XB 12 -83.21 -59.62 -53.58
CA SER XB 12 -84.41 -60.01 -54.31
C SER XB 12 -85.48 -58.94 -54.28
N SER XB 13 -85.16 -57.73 -53.81
CA SER XB 13 -86.05 -56.60 -53.62
C SER XB 13 -87.19 -56.91 -52.65
N ALA XB 14 -87.10 -58.00 -51.90
CA ALA XB 14 -88.04 -58.29 -50.84
C ALA XB 14 -87.83 -57.35 -49.66
N ASP XB 15 -88.87 -57.18 -48.86
CA ASP XB 15 -88.78 -56.29 -47.72
C ASP XB 15 -88.04 -56.97 -46.56
N VAL XB 16 -87.32 -56.15 -45.79
CA VAL XB 16 -86.54 -56.59 -44.64
C VAL XB 16 -86.73 -55.52 -43.58
N ILE XB 17 -87.39 -55.86 -42.49
CA ILE XB 17 -87.81 -54.89 -41.49
C ILE XB 17 -86.80 -54.87 -40.36
N PHE XB 18 -86.17 -53.71 -40.15
CA PHE XB 18 -85.25 -53.49 -39.05
C PHE XB 18 -85.98 -52.75 -37.94
N THR XB 19 -86.07 -53.39 -36.78
CA THR XB 19 -86.71 -52.75 -35.63
C THR XB 19 -85.66 -52.02 -34.79
N PRO XB 20 -85.99 -50.87 -34.23
CA PRO XB 20 -85.03 -50.18 -33.37
C PRO XB 20 -84.76 -50.99 -32.12
N THR XB 21 -83.48 -51.08 -31.77
CA THR XB 21 -83.02 -51.80 -30.59
C THR XB 21 -82.59 -50.89 -29.46
N GLN XB 22 -81.76 -49.89 -29.75
CA GLN XB 22 -81.09 -49.14 -28.69
C GLN XB 22 -80.60 -47.81 -29.22
N ILE XB 23 -80.59 -46.82 -28.33
CA ILE XB 23 -79.88 -45.56 -28.58
C ILE XB 23 -78.72 -45.53 -27.59
N ASP XB 24 -77.50 -45.39 -28.13
CA ASP XB 24 -76.29 -45.62 -27.37
C ASP XB 24 -76.00 -44.45 -26.43
N LYS XB 25 -75.00 -44.65 -25.56
CA LYS XB 25 -74.51 -43.55 -24.73
C LYS XB 25 -73.85 -42.48 -25.58
N ASN XB 26 -73.27 -42.86 -26.71
CA ASN XB 26 -72.55 -41.95 -27.58
C ASN XB 26 -73.44 -41.33 -28.65
N GLY XB 27 -74.73 -41.67 -28.67
CA GLY XB 27 -75.64 -41.20 -29.69
C GLY XB 27 -75.84 -42.16 -30.83
N VAL XB 28 -75.30 -43.37 -30.74
CA VAL XB 28 -75.46 -44.36 -31.80
C VAL XB 28 -76.83 -45.00 -31.69
N ALA XB 29 -77.55 -45.06 -32.81
CA ALA XB 29 -78.86 -45.69 -32.87
C ALA XB 29 -78.75 -46.97 -33.67
N TYR XB 30 -79.29 -48.07 -33.12
CA TYR XB 30 -79.14 -49.39 -33.69
C TYR XB 30 -80.50 -49.95 -34.11
N PHE XB 31 -80.59 -50.40 -35.35
CA PHE XB 31 -81.73 -51.17 -35.84
C PHE XB 31 -81.28 -52.60 -36.12
N ARG XB 32 -82.08 -53.57 -35.69
CA ARG XB 32 -81.71 -54.96 -35.85
C ARG XB 32 -82.80 -55.73 -36.58
N HIS XB 33 -82.37 -56.77 -37.28
CA HIS XB 33 -83.23 -57.75 -37.93
C HIS XB 33 -82.64 -59.12 -37.60
N LEU XB 34 -83.42 -59.95 -36.91
CA LEU XB 34 -82.92 -61.22 -36.40
C LEU XB 34 -82.66 -62.20 -37.55
N GLN XB 35 -81.85 -63.22 -37.27
CA GLN XB 35 -81.53 -64.22 -38.26
C GLN XB 35 -82.72 -65.15 -38.50
N ALA XB 36 -82.49 -66.16 -39.35
CA ALA XB 36 -83.50 -67.17 -39.61
C ALA XB 36 -83.98 -67.82 -38.32
N ASN XB 37 -83.05 -68.31 -37.50
CA ASN XB 37 -83.41 -68.81 -36.18
C ASN XB 37 -83.90 -67.67 -35.30
N GLY XB 38 -84.78 -68.00 -34.35
CA GLY XB 38 -85.31 -67.00 -33.45
C GLY XB 38 -84.28 -66.47 -32.47
N LYS XB 39 -83.09 -67.04 -32.50
CA LYS XB 39 -82.01 -66.70 -31.60
C LYS XB 39 -81.34 -65.41 -32.07
N PRO XB 40 -81.05 -64.49 -31.14
CA PRO XB 40 -80.53 -63.16 -31.51
C PRO XB 40 -79.01 -63.04 -31.56
N ILE XB 41 -78.26 -64.14 -31.52
CA ILE XB 41 -76.82 -64.03 -31.25
C ILE XB 41 -76.11 -63.33 -32.41
N GLY XB 42 -76.46 -63.66 -33.64
CA GLY XB 42 -75.99 -62.90 -34.77
C GLY XB 42 -77.18 -62.29 -35.46
N ALA XB 43 -77.10 -61.02 -35.85
CA ALA XB 43 -78.26 -60.38 -36.45
C ALA XB 43 -77.82 -59.24 -37.36
N TYR XB 44 -78.62 -59.00 -38.39
CA TYR XB 44 -78.35 -57.89 -39.30
C TYR XB 44 -78.58 -56.58 -38.56
N THR XB 45 -77.65 -55.64 -38.73
CA THR XB 45 -77.71 -54.39 -37.96
C THR XB 45 -77.47 -53.19 -38.86
N VAL XB 46 -78.09 -52.08 -38.47
CA VAL XB 46 -77.89 -50.79 -39.11
C VAL XB 46 -77.65 -49.77 -37.99
N SER XB 47 -76.47 -49.14 -38.01
CA SER XB 47 -76.07 -48.17 -37.01
C SER XB 47 -76.04 -46.79 -37.62
N SER XB 48 -76.59 -45.81 -36.90
CA SER XB 48 -76.57 -44.43 -37.35
C SER XB 48 -76.12 -43.53 -36.21
N HIS XB 49 -75.06 -42.76 -36.45
CA HIS XB 49 -74.58 -41.81 -35.45
C HIS XB 49 -74.06 -40.57 -36.14
N VAL XB 50 -74.55 -39.41 -35.74
CA VAL XB 50 -74.07 -38.15 -36.29
C VAL XB 50 -73.37 -37.37 -35.18
N LYS XB 51 -72.16 -36.90 -35.47
CA LYS XB 51 -71.31 -36.19 -34.52
C LYS XB 51 -71.27 -34.74 -34.93
N GLU XB 52 -71.86 -33.88 -34.09
CA GLU XB 52 -71.87 -32.45 -34.35
C GLU XB 52 -70.47 -31.87 -34.13
N PRO XB 53 -70.16 -30.75 -34.77
CA PRO XB 53 -68.82 -30.18 -34.64
C PRO XB 53 -68.62 -29.44 -33.33
N GLY XB 54 -67.35 -29.27 -32.97
CA GLY XB 54 -66.99 -28.59 -31.75
C GLY XB 54 -65.99 -27.47 -32.00
N THR XB 55 -66.08 -26.44 -31.16
CA THR XB 55 -65.26 -25.24 -31.34
C THR XB 55 -65.42 -24.68 -32.75
N ASN XB 56 -66.68 -24.44 -33.12
CA ASN XB 56 -67.05 -24.01 -34.47
C ASN XB 56 -66.39 -24.90 -35.52
N GLY XB 57 -66.28 -26.19 -35.23
CA GLY XB 57 -65.70 -27.10 -36.19
C GLY XB 57 -66.44 -27.05 -37.50
N ASP XB 58 -65.69 -27.07 -38.60
CA ASP XB 58 -66.32 -26.96 -39.90
C ASP XB 58 -67.19 -28.16 -40.23
N VAL XB 59 -67.01 -29.29 -39.54
CA VAL XB 59 -67.43 -30.59 -40.05
C VAL XB 59 -68.42 -31.26 -39.10
N PHE XB 60 -69.58 -31.63 -39.63
CA PHE XB 60 -70.40 -32.73 -39.12
C PHE XB 60 -69.82 -34.04 -39.63
N ARG XB 61 -69.83 -35.06 -38.77
CA ARG XB 61 -69.39 -36.41 -39.17
C ARG XB 61 -70.55 -37.39 -38.96
N VAL XB 62 -71.18 -37.79 -40.05
CA VAL XB 62 -72.42 -38.59 -39.98
C VAL XB 62 -72.10 -39.99 -40.51
N LYS XB 63 -72.39 -41.01 -39.71
CA LYS XB 63 -71.92 -42.35 -39.98
C LYS XB 63 -73.10 -43.32 -40.06
N LEU XB 64 -73.04 -44.19 -41.06
CA LEU XB 64 -74.04 -45.21 -41.33
C LEU XB 64 -73.34 -46.55 -41.51
N PHE XB 65 -73.74 -47.54 -40.72
CA PHE XB 65 -73.13 -48.86 -40.75
C PHE XB 65 -74.20 -49.90 -41.07
N VAL XB 66 -73.85 -50.84 -41.95
CA VAL XB 66 -74.74 -51.93 -42.33
C VAL XB 66 -73.95 -53.23 -42.18
N ASN XB 67 -74.28 -54.02 -41.16
CA ASN XB 67 -73.57 -55.25 -40.84
C ASN XB 67 -74.45 -56.45 -41.14
N VAL XB 68 -73.92 -57.36 -41.95
CA VAL XB 68 -74.61 -58.57 -42.38
C VAL XB 68 -73.79 -59.77 -41.93
N PRO XB 69 -74.15 -60.39 -40.81
CA PRO XB 69 -73.46 -61.61 -40.39
C PRO XB 69 -74.05 -62.86 -41.01
N GLU XB 70 -73.16 -63.81 -41.30
CA GLU XB 70 -73.50 -65.20 -41.57
C GLU XB 70 -73.20 -65.99 -40.31
N VAL XB 71 -74.23 -66.61 -39.74
CA VAL XB 71 -74.12 -67.42 -38.55
C VAL XB 71 -74.08 -68.89 -38.95
N ALA XB 72 -73.51 -69.73 -38.09
CA ALA XB 72 -73.45 -71.16 -38.30
C ALA XB 72 -73.97 -71.88 -37.07
N THR XB 73 -74.73 -72.94 -37.29
CA THR XB 73 -75.33 -73.72 -36.22
C THR XB 73 -74.42 -74.90 -35.92
N ILE XB 74 -73.72 -74.85 -34.79
CA ILE XB 74 -72.80 -75.89 -34.37
C ILE XB 74 -73.52 -76.78 -33.36
N THR XB 75 -73.58 -78.08 -33.64
CA THR XB 75 -74.18 -79.03 -32.73
C THR XB 75 -73.14 -80.11 -32.45
N PRO XB 76 -72.71 -80.29 -31.19
CA PRO XB 76 -71.65 -81.26 -30.90
C PRO XB 76 -72.06 -82.68 -31.23
N ASN XB 77 -71.07 -83.56 -31.28
CA ASN XB 77 -71.27 -84.91 -31.78
C ASN XB 77 -72.23 -85.68 -30.88
N GLY XB 78 -73.34 -86.12 -31.46
CA GLY XB 78 -74.34 -86.90 -30.74
C GLY XB 78 -75.07 -86.13 -29.66
N SER XB 79 -75.36 -84.85 -29.89
CA SER XB 79 -75.97 -83.99 -28.90
C SER XB 79 -77.41 -83.66 -29.29
N ASP XB 80 -78.23 -83.40 -28.28
CA ASP XB 80 -79.62 -83.05 -28.52
C ASP XB 80 -79.74 -81.62 -29.05
N THR XB 81 -79.13 -80.67 -28.37
CA THR XB 81 -79.31 -79.25 -28.66
C THR XB 81 -78.09 -78.67 -29.35
N SER XB 82 -78.34 -77.66 -30.18
CA SER XB 82 -77.31 -76.98 -30.94
C SER XB 82 -77.19 -75.53 -30.47
N SER XB 83 -75.97 -75.00 -30.58
CA SER XB 83 -75.69 -73.61 -30.25
C SER XB 83 -75.28 -72.87 -31.51
N VAL XB 84 -75.57 -71.57 -31.55
CA VAL XB 84 -75.31 -70.77 -32.74
C VAL XB 84 -74.07 -69.91 -32.51
N GLU XB 85 -73.24 -69.81 -33.56
CA GLU XB 85 -71.97 -69.10 -33.49
C GLU XB 85 -71.88 -68.15 -34.68
N ILE XB 86 -71.21 -67.02 -34.49
CA ILE XB 86 -71.07 -66.04 -35.56
C ILE XB 86 -69.93 -66.48 -36.47
N ALA XB 87 -70.29 -66.99 -37.66
CA ALA XB 87 -69.29 -67.55 -38.56
C ALA XB 87 -68.42 -66.45 -39.16
N ARG XB 88 -69.04 -65.51 -39.86
CA ARG XB 88 -68.30 -64.37 -40.39
C ARG XB 88 -69.27 -63.24 -40.63
N THR XB 89 -68.73 -62.06 -40.96
CA THR XB 89 -69.58 -60.89 -41.14
C THR XB 89 -69.11 -60.08 -42.33
N ASN XB 90 -70.03 -59.72 -43.22
CA ASN XB 90 -69.80 -58.67 -44.20
C ASN XB 90 -70.26 -57.34 -43.62
N ARG XB 91 -69.55 -56.27 -43.96
CA ARG XB 91 -69.88 -54.97 -43.41
C ARG XB 91 -69.73 -53.89 -44.46
N ALA XB 92 -70.54 -52.84 -44.31
CA ALA XB 92 -70.41 -51.61 -45.10
C ALA XB 92 -70.44 -50.44 -44.15
N GLN XB 93 -69.45 -49.55 -44.23
CA GLN XB 93 -69.27 -48.47 -43.28
C GLN XB 93 -69.11 -47.16 -44.04
N VAL XB 94 -70.04 -46.23 -43.82
CA VAL XB 94 -70.11 -44.98 -44.56
C VAL XB 94 -69.95 -43.83 -43.59
N GLU XB 95 -68.98 -42.96 -43.87
CA GLU XB 95 -68.79 -41.71 -43.13
C GLU XB 95 -68.94 -40.57 -44.12
N PHE XB 96 -69.98 -39.76 -43.95
CA PHE XB 96 -70.07 -38.50 -44.67
C PHE XB 96 -69.45 -37.42 -43.80
N ILE XB 97 -68.52 -36.68 -44.39
CA ILE XB 97 -67.92 -35.50 -43.79
C ILE XB 97 -68.62 -34.30 -44.43
N LEU XB 98 -69.55 -33.70 -43.71
CA LEU XB 98 -70.27 -32.58 -44.28
C LEU XB 98 -69.84 -31.30 -43.61
N PRO XB 99 -69.63 -30.19 -44.35
CA PRO XB 99 -69.35 -28.93 -43.66
C PRO XB 99 -70.61 -28.22 -43.19
N ALA XB 100 -70.50 -27.56 -42.04
CA ALA XB 100 -71.62 -26.82 -41.47
C ALA XB 100 -72.00 -25.60 -42.28
N GLN XB 101 -71.19 -25.23 -43.27
CA GLN XB 101 -71.39 -24.03 -44.06
C GLN XB 101 -72.02 -24.30 -45.42
N SER XB 102 -72.35 -25.56 -45.71
CA SER XB 102 -72.88 -25.93 -47.01
C SER XB 102 -74.39 -25.74 -47.06
N ALA XB 103 -74.94 -25.84 -48.26
CA ALA XB 103 -76.38 -25.81 -48.48
C ALA XB 103 -76.90 -27.22 -48.70
N ALA XB 104 -78.14 -27.46 -48.27
CA ALA XB 104 -78.73 -28.80 -48.32
C ALA XB 104 -78.76 -29.36 -49.74
N THR XB 105 -78.78 -28.51 -50.76
CA THR XB 105 -78.71 -28.97 -52.14
C THR XB 105 -77.48 -29.83 -52.36
N VAL XB 106 -76.34 -29.36 -51.83
CA VAL XB 106 -75.08 -30.07 -52.03
C VAL XB 106 -75.14 -31.45 -51.38
N ARG XB 107 -75.65 -31.52 -50.14
CA ARG XB 107 -75.73 -32.82 -49.48
C ARG XB 107 -76.70 -33.74 -50.20
N GLU XB 108 -77.81 -33.19 -50.71
CA GLU XB 108 -78.77 -34.01 -51.43
C GLU XB 108 -78.13 -34.65 -52.65
N ASP XB 109 -77.44 -33.86 -53.49
CA ASP XB 109 -76.87 -34.51 -54.66
C ASP XB 109 -75.58 -35.28 -54.36
N LEU XB 110 -74.93 -35.04 -53.22
CA LEU XB 110 -73.87 -35.95 -52.81
C LEU XB 110 -74.43 -37.33 -52.51
N VAL XB 111 -75.51 -37.40 -51.72
CA VAL XB 111 -76.15 -38.67 -51.44
C VAL XB 111 -76.63 -39.33 -52.73
N ALA XB 112 -77.24 -38.55 -53.62
CA ALA XB 112 -77.72 -39.10 -54.88
C ALA XB 112 -76.58 -39.65 -55.72
N LEU XB 113 -75.44 -38.94 -55.73
CA LEU XB 113 -74.28 -39.44 -56.47
C LEU XB 113 -73.77 -40.73 -55.87
N LEU XB 114 -73.75 -40.84 -54.55
CA LEU XB 114 -73.30 -42.08 -53.92
C LEU XB 114 -74.23 -43.24 -54.26
N ALA XB 115 -75.54 -43.00 -54.20
CA ALA XB 115 -76.50 -44.06 -54.51
C ALA XB 115 -76.39 -44.48 -55.97
N SER XB 116 -76.23 -43.51 -56.88
CA SER XB 116 -76.09 -43.85 -58.29
C SER XB 116 -74.77 -44.55 -58.58
N ALA XB 117 -73.72 -44.23 -57.81
CA ALA XB 117 -72.46 -44.96 -57.95
C ALA XB 117 -72.61 -46.40 -57.51
N LEU XB 118 -73.36 -46.62 -56.41
CA LEU XB 118 -73.66 -47.99 -55.99
C LEU XB 118 -74.51 -48.71 -57.04
N ALA XB 119 -75.39 -47.99 -57.73
CA ALA XB 119 -76.23 -48.63 -58.73
C ALA XB 119 -75.49 -48.92 -60.03
N ASP XB 120 -74.47 -48.12 -60.36
CA ASP XB 120 -73.73 -48.34 -61.60
C ASP XB 120 -73.08 -49.72 -61.58
N THR XB 121 -73.15 -50.41 -62.72
CA THR XB 121 -72.67 -51.79 -62.78
C THR XB 121 -71.15 -51.83 -62.69
N ALA XB 122 -70.46 -50.88 -63.33
CA ALA XB 122 -69.00 -50.87 -63.30
C ALA XB 122 -68.49 -50.71 -61.87
N ILE XB 123 -69.13 -49.84 -61.10
CA ILE XB 123 -68.75 -49.65 -59.70
C ILE XB 123 -69.25 -50.80 -58.84
N LYS XB 124 -70.39 -51.39 -59.20
CA LYS XB 124 -70.95 -52.47 -58.40
C LYS XB 124 -70.12 -53.73 -58.50
N SER XB 125 -69.46 -53.95 -59.64
CA SER XB 125 -68.57 -55.10 -59.75
C SER XB 125 -67.38 -54.96 -58.81
N THR XB 126 -66.98 -53.72 -58.52
CA THR XB 126 -65.92 -53.46 -57.55
C THR XB 126 -66.24 -54.08 -56.20
N ILE XB 127 -67.47 -53.83 -55.72
CA ILE XB 127 -67.84 -54.33 -54.39
C ILE XB 127 -68.21 -55.80 -54.46
N VAL XB 128 -69.15 -56.14 -55.35
CA VAL XB 128 -69.73 -57.47 -55.35
C VAL XB 128 -68.70 -58.50 -55.78
N ASN XB 129 -67.95 -58.22 -56.84
CA ASN XB 129 -67.09 -59.19 -57.52
C ASN XB 129 -65.62 -58.99 -57.23
N VAL XB 130 -65.24 -57.93 -56.51
CA VAL XB 130 -63.88 -57.67 -56.06
C VAL XB 130 -62.94 -57.69 -57.26
N GLU XB 131 -63.31 -56.93 -58.26
CA GLU XB 131 -62.46 -56.67 -59.42
C GLU XB 131 -61.91 -55.24 -59.29
N HIS XB 132 -60.60 -55.11 -59.49
CA HIS XB 132 -59.94 -53.82 -59.54
C HIS XB 132 -60.24 -53.10 -60.85
N PHE XB 133 -60.11 -51.78 -60.81
CA PHE XB 133 -60.09 -50.99 -62.03
C PHE XB 133 -58.72 -51.10 -62.71
N TYR XB 134 -58.72 -51.17 -64.02
CA TYR XB 134 -57.48 -51.31 -64.78
C TYR XB 134 -57.54 -50.63 -66.16
N PRO YB 1 -93.57 -34.50 -21.86
CA PRO YB 1 -93.41 -33.85 -23.16
C PRO YB 1 -92.56 -34.68 -24.10
N ALA YB 2 -93.20 -35.58 -24.84
CA ALA YB 2 -92.49 -36.36 -25.84
C ALA YB 2 -91.90 -35.42 -26.89
N LEU YB 3 -90.69 -35.76 -27.33
CA LEU YB 3 -89.96 -34.93 -28.29
C LEU YB 3 -90.78 -34.77 -29.56
N LYS YB 4 -91.06 -33.52 -29.94
CA LYS YB 4 -91.97 -33.23 -31.04
C LYS YB 4 -91.72 -31.81 -31.50
N PRO YB 5 -91.92 -31.51 -32.78
CA PRO YB 5 -91.61 -30.18 -33.28
C PRO YB 5 -92.53 -29.16 -32.65
N ILE YB 6 -91.99 -27.98 -32.37
CA ILE YB 6 -92.76 -26.95 -31.69
C ILE YB 6 -92.70 -25.68 -32.52
N THR YB 7 -93.77 -24.90 -32.48
CA THR YB 7 -93.90 -23.69 -33.27
C THR YB 7 -93.82 -22.46 -32.35
N LEU YB 8 -92.99 -21.49 -32.73
CA LEU YB 8 -92.79 -20.27 -31.95
C LEU YB 8 -92.94 -19.07 -32.87
N THR YB 9 -93.43 -17.96 -32.32
CA THR YB 9 -93.66 -16.75 -33.10
C THR YB 9 -92.46 -15.81 -33.01
N ASP YB 10 -92.01 -15.29 -34.15
CA ASP YB 10 -90.89 -14.36 -34.19
C ASP YB 10 -91.40 -12.94 -33.90
N HIS YB 11 -90.56 -11.94 -34.18
CA HIS YB 11 -90.95 -10.57 -33.89
C HIS YB 11 -92.13 -10.12 -34.74
N SER YB 12 -92.22 -10.61 -35.96
CA SER YB 12 -93.32 -10.27 -36.86
C SER YB 12 -94.57 -11.11 -36.60
N SER YB 13 -94.57 -11.89 -35.53
CA SER YB 13 -95.61 -12.86 -35.18
C SER YB 13 -95.74 -13.98 -36.20
N ALA YB 14 -94.79 -14.10 -37.13
CA ALA YB 14 -94.82 -15.20 -38.09
C ALA YB 14 -94.40 -16.49 -37.41
N ASP YB 15 -95.07 -17.58 -37.76
CA ASP YB 15 -94.76 -18.87 -37.17
C ASP YB 15 -93.38 -19.34 -37.62
N VAL YB 16 -92.70 -20.05 -36.72
CA VAL YB 16 -91.34 -20.53 -36.91
C VAL YB 16 -91.30 -21.92 -36.30
N ILE YB 17 -91.10 -22.93 -37.13
CA ILE YB 17 -91.28 -24.33 -36.73
C ILE YB 17 -89.90 -24.92 -36.45
N PHE YB 18 -89.63 -25.24 -35.19
CA PHE YB 18 -88.42 -25.93 -34.79
C PHE YB 18 -88.68 -27.42 -34.76
N THR YB 19 -87.96 -28.19 -35.60
CA THR YB 19 -88.09 -29.63 -35.54
C THR YB 19 -87.08 -30.21 -34.56
N PRO YB 20 -87.41 -31.32 -33.90
CA PRO YB 20 -86.44 -31.91 -32.97
C PRO YB 20 -85.20 -32.38 -33.71
N THR YB 21 -84.04 -32.08 -33.12
CA THR YB 21 -82.76 -32.47 -33.70
C THR YB 21 -82.11 -33.61 -32.92
N GLN YB 22 -81.90 -33.43 -31.62
CA GLN YB 22 -81.06 -34.38 -30.91
C GLN YB 22 -81.43 -34.47 -29.44
N ILE YB 23 -81.35 -35.67 -28.89
CA ILE YB 23 -81.35 -35.87 -27.45
C ILE YB 23 -79.92 -36.18 -27.04
N ASP YB 24 -79.38 -35.38 -26.12
CA ASP YB 24 -77.96 -35.36 -25.84
C ASP YB 24 -77.52 -36.59 -25.06
N LYS YB 25 -76.22 -36.64 -24.75
CA LYS YB 25 -75.73 -37.66 -23.83
C LYS YB 25 -76.12 -37.31 -22.40
N ASN YB 26 -76.13 -36.03 -22.06
CA ASN YB 26 -76.47 -35.56 -20.72
C ASN YB 26 -77.97 -35.38 -20.52
N GLY YB 27 -78.75 -35.35 -21.59
CA GLY YB 27 -80.17 -35.11 -21.50
C GLY YB 27 -80.64 -33.86 -22.22
N VAL YB 28 -79.74 -33.12 -22.88
CA VAL YB 28 -80.13 -31.89 -23.55
C VAL YB 28 -80.94 -32.23 -24.79
N ALA YB 29 -82.04 -31.51 -24.98
CA ALA YB 29 -82.90 -31.65 -26.15
C ALA YB 29 -82.66 -30.46 -27.06
N TYR YB 30 -82.30 -30.74 -28.31
CA TYR YB 30 -81.96 -29.73 -29.31
C TYR YB 30 -83.02 -29.73 -30.39
N PHE YB 31 -83.66 -28.58 -30.59
CA PHE YB 31 -84.55 -28.31 -31.71
C PHE YB 31 -83.89 -27.32 -32.65
N ARG YB 32 -84.06 -27.53 -33.95
CA ARG YB 32 -83.40 -26.74 -34.99
C ARG YB 32 -84.45 -26.25 -35.97
N HIS YB 33 -84.27 -25.00 -36.41
CA HIS YB 33 -85.08 -24.40 -37.46
C HIS YB 33 -84.11 -23.97 -38.56
N LEU YB 34 -84.07 -24.74 -39.64
CA LEU YB 34 -83.16 -24.45 -40.73
C LEU YB 34 -83.65 -23.24 -41.52
N GLN YB 35 -82.74 -22.65 -42.29
CA GLN YB 35 -83.08 -21.50 -43.11
C GLN YB 35 -83.71 -21.98 -44.42
N ALA YB 36 -83.95 -21.04 -45.33
CA ALA YB 36 -84.52 -21.39 -46.63
C ALA YB 36 -83.59 -22.36 -47.37
N ASN YB 37 -82.30 -22.02 -47.43
CA ASN YB 37 -81.32 -22.82 -48.16
C ASN YB 37 -80.85 -24.05 -47.40
N GLY YB 38 -81.35 -24.27 -46.20
CA GLY YB 38 -80.90 -25.41 -45.40
C GLY YB 38 -79.45 -25.33 -44.98
N LYS YB 39 -78.97 -24.14 -44.60
CA LYS YB 39 -77.60 -23.99 -44.15
C LYS YB 39 -77.53 -24.20 -42.64
N PRO YB 40 -76.79 -25.21 -42.16
CA PRO YB 40 -76.73 -25.45 -40.71
C PRO YB 40 -76.26 -24.24 -39.93
N ILE YB 41 -75.21 -23.57 -40.42
CA ILE YB 41 -74.66 -22.40 -39.76
C ILE YB 41 -75.71 -21.31 -39.56
N GLY YB 42 -76.77 -21.33 -40.36
CA GLY YB 42 -77.82 -20.34 -40.25
C GLY YB 42 -79.03 -20.74 -39.44
N ALA YB 43 -79.08 -21.96 -38.92
CA ALA YB 43 -80.29 -22.46 -38.29
C ALA YB 43 -80.44 -21.93 -36.87
N TYR YB 44 -81.67 -21.58 -36.51
CA TYR YB 44 -81.99 -21.28 -35.13
C TYR YB 44 -82.00 -22.55 -34.29
N THR YB 45 -81.65 -22.43 -33.02
CA THR YB 45 -81.64 -23.59 -32.14
C THR YB 45 -82.31 -23.27 -30.82
N VAL YB 46 -82.91 -24.29 -30.22
CA VAL YB 46 -83.52 -24.19 -28.90
C VAL YB 46 -83.15 -25.43 -28.11
N SER YB 47 -82.52 -25.25 -26.96
CA SER YB 47 -82.06 -26.32 -26.10
C SER YB 47 -82.87 -26.34 -24.81
N SER YB 48 -83.22 -27.54 -24.37
CA SER YB 48 -83.94 -27.70 -23.11
C SER YB 48 -83.37 -28.89 -22.36
N HIS YB 49 -82.89 -28.64 -21.14
CA HIS YB 49 -82.33 -29.70 -20.31
C HIS YB 49 -82.71 -29.48 -18.86
N VAL YB 50 -83.17 -30.52 -18.19
CA VAL YB 50 -83.53 -30.42 -16.78
C VAL YB 50 -82.64 -31.37 -15.98
N LYS YB 51 -82.07 -30.84 -14.90
CA LYS YB 51 -81.15 -31.56 -14.03
C LYS YB 51 -81.85 -31.77 -12.69
N GLU YB 52 -82.13 -33.04 -12.38
CA GLU YB 52 -82.76 -33.44 -11.15
C GLU YB 52 -81.80 -33.30 -9.98
N PRO YB 53 -82.31 -33.19 -8.75
CA PRO YB 53 -81.42 -33.12 -7.59
C PRO YB 53 -80.89 -34.48 -7.20
N GLY YB 54 -79.72 -34.46 -6.58
CA GLY YB 54 -79.09 -35.68 -6.09
C GLY YB 54 -78.39 -35.42 -4.79
N THR YB 55 -78.15 -36.52 -4.06
CA THR YB 55 -77.54 -36.46 -2.72
C THR YB 55 -78.30 -35.46 -1.85
N ASN YB 56 -79.61 -35.67 -1.77
CA ASN YB 56 -80.50 -34.87 -0.95
C ASN YB 56 -80.33 -33.38 -1.22
N GLY YB 57 -80.29 -33.03 -2.50
CA GLY YB 57 -80.29 -31.64 -2.92
C GLY YB 57 -81.71 -31.13 -3.05
N ASP YB 58 -81.93 -29.90 -2.58
CA ASP YB 58 -83.26 -29.33 -2.61
C ASP YB 58 -83.64 -28.80 -3.99
N VAL YB 59 -82.67 -28.61 -4.88
CA VAL YB 59 -82.85 -27.77 -6.05
C VAL YB 59 -83.02 -28.60 -7.32
N PHE YB 60 -83.78 -28.04 -8.26
CA PHE YB 60 -83.91 -28.51 -9.63
C PHE YB 60 -83.33 -27.44 -10.54
N ARG YB 61 -82.54 -27.84 -11.53
CA ARG YB 61 -81.93 -26.86 -12.44
C ARG YB 61 -82.42 -27.10 -13.86
N VAL YB 62 -83.34 -26.26 -14.33
CA VAL YB 62 -83.97 -26.43 -15.62
C VAL YB 62 -83.51 -25.30 -16.54
N LYS YB 63 -82.97 -25.66 -17.70
CA LYS YB 63 -82.29 -24.72 -18.57
C LYS YB 63 -82.94 -24.68 -19.94
N LEU YB 64 -83.08 -23.46 -20.46
CA LEU YB 64 -83.68 -23.19 -21.77
C LEU YB 64 -82.77 -22.22 -22.52
N PHE YB 65 -82.32 -22.62 -23.71
CA PHE YB 65 -81.44 -21.82 -24.54
C PHE YB 65 -82.13 -21.54 -25.87
N VAL YB 66 -82.03 -20.30 -26.34
CA VAL YB 66 -82.56 -19.89 -27.65
C VAL YB 66 -81.45 -19.15 -28.38
N ASN YB 67 -80.90 -19.79 -29.41
CA ASN YB 67 -79.78 -19.24 -30.15
C ASN YB 67 -80.24 -18.85 -31.54
N VAL YB 68 -80.03 -17.57 -31.88
CA VAL YB 68 -80.37 -17.00 -33.17
C VAL YB 68 -79.09 -16.57 -33.88
N PRO YB 69 -78.65 -17.28 -34.92
CA PRO YB 69 -77.47 -16.83 -35.65
C PRO YB 69 -77.86 -15.91 -36.79
N GLU YB 70 -76.95 -15.01 -37.12
CA GLU YB 70 -77.01 -14.27 -38.37
C GLU YB 70 -75.73 -14.56 -39.15
N VAL YB 71 -75.92 -14.93 -40.41
CA VAL YB 71 -74.84 -15.28 -41.34
C VAL YB 71 -74.21 -14.01 -41.88
N ALA YB 72 -72.88 -13.97 -41.98
CA ALA YB 72 -72.19 -12.84 -42.60
C ALA YB 72 -71.61 -13.32 -43.93
N THR YB 73 -72.03 -12.68 -45.02
CA THR YB 73 -71.57 -13.06 -46.33
C THR YB 73 -70.36 -12.23 -46.75
N GLU YB 85 -70.38 -16.85 -44.90
CA GLU YB 85 -69.34 -17.83 -44.60
C GLU YB 85 -69.20 -18.10 -43.10
N ILE YB 86 -69.00 -17.06 -42.31
CA ILE YB 86 -68.95 -17.18 -40.85
C ILE YB 86 -70.12 -16.38 -40.31
N ALA YB 87 -70.66 -16.82 -39.18
CA ALA YB 87 -71.89 -16.29 -38.66
C ALA YB 87 -71.72 -15.99 -37.18
N ARG YB 88 -72.36 -14.92 -36.71
CA ARG YB 88 -72.31 -14.60 -35.29
C ARG YB 88 -73.69 -14.81 -34.68
N THR YB 89 -73.71 -15.27 -33.44
CA THR YB 89 -74.94 -15.78 -32.84
C THR YB 89 -75.33 -14.91 -31.66
N ASN YB 90 -76.53 -14.33 -31.71
CA ASN YB 90 -77.18 -13.82 -30.52
C ASN YB 90 -77.73 -14.99 -29.72
N ARG YB 91 -77.59 -14.94 -28.40
CA ARG YB 91 -78.07 -16.04 -27.57
C ARG YB 91 -78.89 -15.53 -26.41
N ALA YB 92 -79.87 -16.32 -26.02
CA ALA YB 92 -80.59 -16.15 -24.76
C ALA YB 92 -80.43 -17.44 -23.96
N GLN YB 93 -80.03 -17.33 -22.70
CA GLN YB 93 -79.74 -18.49 -21.86
C GLN YB 93 -80.45 -18.31 -20.54
N VAL YB 94 -81.42 -19.17 -20.25
CA VAL YB 94 -82.23 -19.07 -19.04
C VAL YB 94 -81.99 -20.31 -18.20
N GLU YB 95 -81.75 -20.09 -16.90
CA GLU YB 95 -81.64 -21.16 -15.92
C GLU YB 95 -82.63 -20.87 -14.80
N PHE YB 96 -83.60 -21.76 -14.61
CA PHE YB 96 -84.51 -21.70 -13.48
C PHE YB 96 -84.00 -22.64 -12.39
N ILE YB 97 -83.95 -22.13 -11.17
CA ILE YB 97 -83.58 -22.89 -9.99
C ILE YB 97 -84.85 -23.05 -9.15
N LEU YB 98 -85.34 -24.28 -9.06
CA LEU YB 98 -86.65 -24.54 -8.48
C LEU YB 98 -86.53 -25.54 -7.32
N PRO YB 99 -86.79 -25.15 -6.08
CA PRO YB 99 -86.77 -26.13 -4.99
C PRO YB 99 -87.84 -27.19 -5.14
N ALA YB 100 -87.58 -28.36 -4.55
CA ALA YB 100 -88.46 -29.52 -4.71
C ALA YB 100 -89.74 -29.41 -3.88
N GLN YB 101 -89.71 -28.66 -2.77
CA GLN YB 101 -90.91 -28.55 -1.95
C GLN YB 101 -91.90 -27.51 -2.48
N SER YB 102 -91.46 -26.61 -3.36
CA SER YB 102 -92.37 -25.57 -3.85
C SER YB 102 -93.52 -26.20 -4.62
N ALA YB 103 -94.74 -25.86 -4.23
CA ALA YB 103 -95.89 -26.30 -5.01
C ALA YB 103 -95.86 -25.66 -6.38
N ALA YB 104 -96.46 -26.34 -7.36
CA ALA YB 104 -96.39 -25.88 -8.74
C ALA YB 104 -96.97 -24.47 -8.93
N THR YB 105 -97.79 -24.00 -7.99
CA THR YB 105 -98.31 -22.62 -8.07
C THR YB 105 -97.17 -21.62 -8.21
N VAL YB 106 -96.12 -21.81 -7.41
CA VAL YB 106 -95.03 -20.86 -7.38
C VAL YB 106 -94.31 -20.85 -8.72
N ARG YB 107 -94.01 -22.04 -9.25
CA ARG YB 107 -93.28 -22.11 -10.51
C ARG YB 107 -94.12 -21.54 -11.65
N GLU YB 108 -95.43 -21.78 -11.61
CA GLU YB 108 -96.31 -21.22 -12.63
C GLU YB 108 -96.24 -19.70 -12.64
N ASP YB 109 -96.44 -19.05 -11.49
CA ASP YB 109 -96.41 -17.57 -11.52
C ASP YB 109 -95.00 -17.03 -11.63
N LEU YB 110 -93.96 -17.83 -11.34
CA LEU YB 110 -92.61 -17.35 -11.61
C LEU YB 110 -92.37 -17.24 -13.10
N VAL YB 111 -92.73 -18.29 -13.85
CA VAL YB 111 -92.67 -18.23 -15.30
C VAL YB 111 -93.50 -17.06 -15.82
N ALA YB 112 -94.72 -16.90 -15.28
CA ALA YB 112 -95.57 -15.81 -15.76
C ALA YB 112 -94.92 -14.46 -15.52
N LEU YB 113 -94.25 -14.31 -14.37
CA LEU YB 113 -93.50 -13.10 -14.06
C LEU YB 113 -92.40 -12.85 -15.08
N LEU YB 114 -91.64 -13.90 -15.41
CA LEU YB 114 -90.55 -13.73 -16.37
C LEU YB 114 -91.07 -13.31 -17.73
N ALA YB 115 -92.14 -13.95 -18.18
CA ALA YB 115 -92.69 -13.62 -19.49
C ALA YB 115 -93.25 -12.20 -19.51
N SER YB 116 -93.93 -11.79 -18.45
CA SER YB 116 -94.44 -10.43 -18.38
C SER YB 116 -93.31 -9.41 -18.30
N ALA YB 117 -92.19 -9.78 -17.68
CA ALA YB 117 -91.04 -8.88 -17.65
C ALA YB 117 -90.43 -8.73 -19.04
N LEU YB 118 -90.37 -9.83 -19.80
CA LEU YB 118 -89.94 -9.74 -21.19
C LEU YB 118 -90.90 -8.91 -22.02
N ALA YB 119 -92.19 -8.94 -21.70
CA ALA YB 119 -93.17 -8.17 -22.47
C ALA YB 119 -93.18 -6.69 -22.09
N ASP YB 120 -92.82 -6.37 -20.84
CA ASP YB 120 -92.83 -4.97 -20.41
C ASP YB 120 -91.87 -4.15 -21.27
N THR YB 121 -92.33 -2.95 -21.66
CA THR YB 121 -91.55 -2.14 -22.60
C THR YB 121 -90.24 -1.67 -21.98
N ALA YB 122 -90.27 -1.27 -20.71
CA ALA YB 122 -89.06 -0.76 -20.06
C ALA YB 122 -87.99 -1.83 -19.99
N ILE YB 123 -88.36 -3.04 -19.56
CA ILE YB 123 -87.42 -4.15 -19.45
C ILE YB 123 -86.99 -4.61 -20.83
N LYS YB 124 -87.92 -4.63 -21.79
CA LYS YB 124 -87.59 -5.09 -23.13
C LYS YB 124 -86.59 -4.15 -23.80
N SER YB 125 -86.66 -2.85 -23.47
CA SER YB 125 -85.68 -1.91 -24.00
C SER YB 125 -84.26 -2.31 -23.58
N THR YB 126 -84.12 -2.81 -22.36
CA THR YB 126 -82.84 -3.27 -21.85
C THR YB 126 -82.17 -4.25 -22.79
N ILE YB 127 -82.94 -5.21 -23.32
CA ILE YB 127 -82.37 -6.22 -24.19
C ILE YB 127 -82.26 -5.71 -25.62
N VAL YB 128 -83.35 -5.18 -26.14
CA VAL YB 128 -83.42 -4.86 -27.56
C VAL YB 128 -82.45 -3.76 -27.92
N ASN YB 129 -82.44 -2.67 -27.13
CA ASN YB 129 -81.66 -1.48 -27.42
C ASN YB 129 -80.36 -1.43 -26.66
N VAL YB 130 -80.01 -2.50 -25.93
CA VAL YB 130 -78.84 -2.60 -25.06
C VAL YB 130 -78.60 -1.28 -24.33
N GLU YB 131 -79.62 -0.82 -23.61
CA GLU YB 131 -79.54 0.37 -22.76
C GLU YB 131 -79.48 -0.05 -21.29
N HIS YB 132 -78.62 0.61 -20.51
CA HIS YB 132 -78.58 0.44 -19.07
C HIS YB 132 -79.80 1.10 -18.40
N PHE YB 133 -80.15 0.60 -17.22
CA PHE YB 133 -81.10 1.32 -16.39
C PHE YB 133 -80.42 2.53 -15.76
N TYR YB 134 -81.12 3.67 -15.77
CA TYR YB 134 -80.56 4.90 -15.23
C TYR YB 134 -81.58 5.79 -14.51
N PRO ZB 1 -89.69 -51.25 -27.98
CA PRO ZB 1 -90.57 -50.50 -27.08
C PRO ZB 1 -90.23 -49.04 -27.09
N ALA ZB 2 -90.94 -48.27 -27.91
CA ALA ZB 2 -90.77 -46.83 -27.87
C ALA ZB 2 -91.24 -46.29 -26.52
N LEU ZB 3 -90.63 -45.19 -26.09
CA LEU ZB 3 -90.96 -44.59 -24.81
C LEU ZB 3 -92.36 -43.97 -24.88
N LYS ZB 4 -93.24 -44.38 -23.98
CA LYS ZB 4 -94.65 -44.05 -24.00
C LYS ZB 4 -95.14 -44.09 -22.56
N PRO ZB 5 -96.06 -43.20 -22.18
CA PRO ZB 5 -96.70 -43.35 -20.86
C PRO ZB 5 -97.43 -44.68 -20.79
N ILE ZB 6 -97.15 -45.44 -19.75
CA ILE ZB 6 -97.72 -46.77 -19.60
C ILE ZB 6 -98.65 -46.76 -18.41
N THR ZB 7 -99.82 -47.38 -18.57
CA THR ZB 7 -100.82 -47.43 -17.53
C THR ZB 7 -100.73 -48.79 -16.84
N LEU ZB 8 -100.65 -48.77 -15.51
CA LEU ZB 8 -100.57 -49.98 -14.70
C LEU ZB 8 -101.72 -49.97 -13.71
N THR ZB 9 -102.25 -51.15 -13.40
CA THR ZB 9 -103.40 -51.29 -12.51
C THR ZB 9 -102.93 -51.56 -11.08
N ASP ZB 10 -103.53 -50.87 -10.11
CA ASP ZB 10 -103.12 -51.02 -8.72
C ASP ZB 10 -103.94 -52.13 -8.06
N HIS ZB 11 -103.99 -52.13 -6.73
CA HIS ZB 11 -104.70 -53.20 -6.03
C HIS ZB 11 -106.20 -53.14 -6.29
N SER ZB 12 -106.77 -51.95 -6.32
CA SER ZB 12 -108.19 -51.78 -6.57
C SER ZB 12 -108.56 -51.91 -8.05
N SER ZB 13 -107.61 -52.28 -8.90
CA SER ZB 13 -107.71 -52.37 -10.35
C SER ZB 13 -107.84 -51.00 -11.01
N ALA ZB 14 -107.77 -49.91 -10.25
CA ALA ZB 14 -107.78 -48.57 -10.82
C ALA ZB 14 -106.50 -48.34 -11.63
N ASP ZB 15 -106.63 -47.56 -12.70
CA ASP ZB 15 -105.48 -47.26 -13.53
C ASP ZB 15 -104.56 -46.26 -12.84
N VAL ZB 16 -103.27 -46.36 -13.18
CA VAL ZB 16 -102.21 -45.52 -12.62
C VAL ZB 16 -101.25 -45.24 -13.78
N ILE ZB 17 -101.21 -44.00 -14.23
CA ILE ZB 17 -100.48 -43.64 -15.44
C ILE ZB 17 -99.07 -43.20 -15.05
N PHE ZB 18 -98.08 -43.90 -15.59
CA PHE ZB 18 -96.67 -43.53 -15.41
C PHE ZB 18 -96.20 -42.83 -16.67
N THR ZB 19 -95.83 -41.56 -16.52
CA THR ZB 19 -95.28 -40.79 -17.63
C THR ZB 19 -93.77 -40.98 -17.70
N PRO ZB 20 -93.21 -41.07 -18.90
CA PRO ZB 20 -91.76 -41.23 -19.03
C PRO ZB 20 -91.03 -40.00 -18.50
N THR ZB 21 -90.03 -40.24 -17.66
CA THR ZB 21 -89.23 -39.17 -17.07
C THR ZB 21 -87.92 -38.94 -17.81
N GLN ZB 22 -87.12 -39.99 -17.99
CA GLN ZB 22 -85.73 -39.78 -18.37
C GLN ZB 22 -85.14 -41.09 -18.87
N ILE ZB 23 -84.19 -40.97 -19.80
CA ILE ZB 23 -83.39 -42.10 -20.23
C ILE ZB 23 -81.97 -41.87 -19.74
N ASP ZB 24 -81.49 -42.77 -18.89
CA ASP ZB 24 -80.26 -42.58 -18.14
C ASP ZB 24 -79.04 -42.59 -19.05
N LYS ZB 25 -77.89 -42.22 -18.48
CA LYS ZB 25 -76.63 -42.37 -19.18
C LYS ZB 25 -76.25 -43.84 -19.34
N ASN ZB 26 -76.73 -44.69 -18.44
CA ASN ZB 26 -76.44 -46.12 -18.48
C ASN ZB 26 -77.47 -46.92 -19.24
N GLY ZB 27 -78.51 -46.27 -19.76
CA GLY ZB 27 -79.57 -46.94 -20.46
C GLY ZB 27 -80.84 -47.12 -19.66
N VAL ZB 28 -80.85 -46.69 -18.40
CA VAL ZB 28 -82.01 -46.87 -17.56
C VAL ZB 28 -83.12 -45.91 -18.01
N ALA ZB 29 -84.32 -46.43 -18.15
CA ALA ZB 29 -85.48 -45.64 -18.53
C ALA ZB 29 -86.41 -45.56 -17.32
N TYR ZB 30 -86.83 -44.34 -16.98
CA TYR ZB 30 -87.61 -44.09 -15.77
C TYR ZB 30 -89.01 -43.61 -16.14
N PHE ZB 31 -90.02 -44.23 -15.53
CA PHE ZB 31 -91.41 -43.78 -15.62
C PHE ZB 31 -91.87 -43.39 -14.22
N ARG ZB 32 -92.50 -42.24 -14.10
CA ARG ZB 32 -92.90 -41.75 -12.79
C ARG ZB 32 -94.39 -41.45 -12.74
N HIS ZB 33 -94.94 -41.56 -11.54
CA HIS ZB 33 -96.29 -41.14 -11.20
C HIS ZB 33 -96.21 -40.38 -9.89
N LEU ZB 34 -96.62 -39.10 -9.92
CA LEU ZB 34 -96.42 -38.23 -8.77
C LEU ZB 34 -97.35 -38.61 -7.61
N GLN ZB 35 -96.99 -38.14 -6.42
CA GLN ZB 35 -97.75 -38.45 -5.22
C GLN ZB 35 -99.06 -37.66 -5.20
N ALA ZB 36 -99.82 -37.84 -4.12
CA ALA ZB 36 -101.07 -37.11 -3.94
C ALA ZB 36 -100.84 -35.61 -4.04
N ASN ZB 37 -99.90 -35.10 -3.26
CA ASN ZB 37 -99.51 -33.70 -3.36
C ASN ZB 37 -98.78 -33.45 -4.67
N GLY ZB 38 -98.98 -32.26 -5.23
CA GLY ZB 38 -98.30 -31.92 -6.47
C GLY ZB 38 -96.81 -31.82 -6.37
N LYS ZB 39 -96.26 -31.97 -5.17
CA LYS ZB 39 -94.83 -31.79 -4.94
C LYS ZB 39 -94.07 -33.02 -5.41
N PRO ZB 40 -93.12 -32.89 -6.36
CA PRO ZB 40 -92.38 -34.04 -6.92
C PRO ZB 40 -91.13 -34.35 -6.11
N ILE ZB 41 -91.33 -34.85 -4.89
CA ILE ZB 41 -90.23 -35.23 -4.03
C ILE ZB 41 -90.11 -36.75 -3.95
N GLY ZB 42 -91.15 -37.42 -3.49
CA GLY ZB 42 -91.24 -38.86 -3.56
C GLY ZB 42 -92.31 -39.20 -4.59
N ALA ZB 43 -91.99 -40.16 -5.45
CA ALA ZB 43 -92.87 -40.46 -6.56
C ALA ZB 43 -92.76 -41.93 -6.90
N TYR ZB 44 -93.87 -42.52 -7.31
CA TYR ZB 44 -93.86 -43.91 -7.73
C TYR ZB 44 -93.06 -44.03 -9.02
N THR ZB 45 -92.14 -44.99 -9.07
CA THR ZB 45 -91.23 -45.09 -10.21
C THR ZB 45 -91.16 -46.51 -10.74
N VAL ZB 46 -90.88 -46.61 -12.04
CA VAL ZB 46 -90.65 -47.87 -12.73
C VAL ZB 46 -89.42 -47.69 -13.60
N SER ZB 47 -88.38 -48.47 -13.30
CA SER ZB 47 -87.11 -48.41 -14.01
C SER ZB 47 -86.97 -49.65 -14.89
N SER ZB 48 -86.52 -49.44 -16.13
CA SER ZB 48 -86.27 -50.56 -17.04
C SER ZB 48 -84.90 -50.38 -17.68
N HIS ZB 49 -84.07 -51.41 -17.59
CA HIS ZB 49 -82.75 -51.35 -18.19
C HIS ZB 49 -82.34 -52.74 -18.69
N VAL ZB 50 -81.95 -52.83 -19.95
CA VAL ZB 50 -81.44 -54.08 -20.50
C VAL ZB 50 -79.94 -53.92 -20.75
N LYS ZB 51 -79.18 -54.92 -20.36
CA LYS ZB 51 -77.73 -54.94 -20.50
C LYS ZB 51 -77.36 -56.03 -21.50
N GLU ZB 52 -76.81 -55.59 -22.64
CA GLU ZB 52 -76.32 -56.48 -23.68
C GLU ZB 52 -75.19 -57.34 -23.12
N PRO ZB 53 -74.83 -58.43 -23.80
CA PRO ZB 53 -73.74 -59.28 -23.33
C PRO ZB 53 -72.37 -58.83 -23.84
N GLY ZB 54 -71.36 -59.00 -23.00
CA GLY ZB 54 -70.01 -58.61 -23.34
C GLY ZB 54 -69.16 -59.82 -23.71
N THR ZB 55 -68.49 -59.72 -24.85
CA THR ZB 55 -67.65 -60.81 -25.36
C THR ZB 55 -68.48 -62.08 -25.56
N ASN ZB 56 -69.69 -61.90 -26.09
CA ASN ZB 56 -70.61 -62.99 -26.38
C ASN ZB 56 -70.85 -63.88 -25.16
N GLY ZB 57 -70.72 -63.31 -23.97
CA GLY ZB 57 -71.21 -63.99 -22.79
C GLY ZB 57 -72.70 -64.26 -22.94
N ASP ZB 58 -73.10 -65.50 -22.66
CA ASP ZB 58 -74.45 -65.93 -23.00
C ASP ZB 58 -75.54 -65.04 -22.41
N VAL ZB 59 -75.25 -64.28 -21.36
CA VAL ZB 59 -76.28 -63.65 -20.54
C VAL ZB 59 -76.67 -62.28 -21.10
N PHE ZB 60 -77.98 -62.04 -21.15
CA PHE ZB 60 -78.59 -60.72 -21.24
C PHE ZB 60 -79.16 -60.40 -19.87
N ARG ZB 61 -78.89 -59.20 -19.35
CA ARG ZB 61 -79.34 -58.85 -18.00
C ARG ZB 61 -80.40 -57.76 -18.10
N VAL ZB 62 -81.67 -58.15 -18.01
CA VAL ZB 62 -82.79 -57.23 -18.21
C VAL ZB 62 -83.48 -57.02 -16.87
N LYS ZB 63 -83.58 -55.77 -16.45
CA LYS ZB 63 -83.97 -55.44 -15.08
C LYS ZB 63 -85.18 -54.51 -15.09
N LEU ZB 64 -86.08 -54.78 -14.15
CA LEU ZB 64 -87.32 -54.03 -13.97
C LEU ZB 64 -87.48 -53.71 -12.48
N PHE ZB 65 -87.62 -52.43 -12.16
CA PHE ZB 65 -87.75 -51.97 -10.79
C PHE ZB 65 -89.06 -51.22 -10.63
N VAL ZB 66 -89.76 -51.47 -9.53
CA VAL ZB 66 -91.00 -50.79 -9.19
C VAL ZB 66 -90.88 -50.28 -7.76
N ASN ZB 67 -90.74 -48.97 -7.61
CA ASN ZB 67 -90.52 -48.35 -6.30
C ASN ZB 67 -91.77 -47.57 -5.91
N VAL ZB 68 -92.33 -47.91 -4.76
CA VAL ZB 68 -93.51 -47.28 -4.20
C VAL ZB 68 -93.12 -46.56 -2.92
N PRO ZB 69 -92.89 -45.24 -2.97
CA PRO ZB 69 -92.57 -44.50 -1.75
C PRO ZB 69 -93.82 -44.03 -1.02
N GLU ZB 70 -93.75 -44.12 0.30
CA GLU ZB 70 -94.72 -43.51 1.21
C GLU ZB 70 -94.09 -42.24 1.79
N VAL ZB 71 -94.78 -41.12 1.62
CA VAL ZB 71 -94.28 -39.78 1.90
C VAL ZB 71 -94.99 -39.24 3.15
N ALA ZB 72 -94.34 -38.28 3.81
CA ALA ZB 72 -94.88 -37.63 5.00
C ALA ZB 72 -94.71 -36.12 4.87
N THR ZB 73 -95.79 -35.39 5.11
CA THR ZB 73 -95.76 -33.93 5.10
C THR ZB 73 -95.55 -33.45 6.54
N ILE ZB 74 -94.34 -32.95 6.83
CA ILE ZB 74 -93.98 -32.52 8.17
C ILE ZB 74 -93.92 -31.01 8.19
N THR ZB 75 -94.66 -30.40 9.12
CA THR ZB 75 -94.57 -28.97 9.33
C THR ZB 75 -94.02 -28.73 10.73
N PRO ZB 76 -92.86 -28.05 10.86
CA PRO ZB 76 -92.24 -27.90 12.18
C PRO ZB 76 -93.07 -27.06 13.14
N ASN ZB 77 -92.60 -26.94 14.38
CA ASN ZB 77 -93.38 -26.25 15.41
C ASN ZB 77 -93.35 -24.75 15.19
N GLY ZB 78 -94.54 -24.14 15.20
CA GLY ZB 78 -94.66 -22.70 15.08
C GLY ZB 78 -94.15 -22.14 13.77
N SER ZB 79 -94.23 -22.91 12.69
CA SER ZB 79 -93.70 -22.50 11.40
C SER ZB 79 -94.84 -22.40 10.38
N ASP ZB 80 -94.79 -21.35 9.55
CA ASP ZB 80 -95.84 -21.14 8.57
C ASP ZB 80 -95.88 -22.27 7.54
N THR ZB 81 -94.72 -22.72 7.08
CA THR ZB 81 -94.62 -23.55 5.89
C THR ZB 81 -94.28 -25.00 6.26
N SER ZB 82 -94.89 -25.93 5.54
CA SER ZB 82 -94.63 -27.35 5.68
C SER ZB 82 -93.70 -27.83 4.58
N SER ZB 83 -92.89 -28.82 4.91
CA SER ZB 83 -92.02 -29.45 3.92
C SER ZB 83 -92.33 -30.94 3.87
N VAL ZB 84 -92.05 -31.54 2.73
CA VAL ZB 84 -92.37 -32.94 2.51
C VAL ZB 84 -91.10 -33.77 2.62
N GLU ZB 85 -91.24 -35.03 3.01
CA GLU ZB 85 -90.11 -35.89 3.34
C GLU ZB 85 -90.45 -37.33 2.97
N ILE ZB 86 -89.43 -38.07 2.53
CA ILE ZB 86 -89.64 -39.46 2.13
C ILE ZB 86 -89.63 -40.32 3.39
N ALA ZB 87 -90.82 -40.83 3.76
CA ALA ZB 87 -90.94 -41.59 5.00
C ALA ZB 87 -90.34 -42.98 4.86
N ARG ZB 88 -90.81 -43.76 3.89
CA ARG ZB 88 -90.21 -45.06 3.64
C ARG ZB 88 -90.57 -45.47 2.21
N THR ZB 89 -90.01 -46.58 1.76
CA THR ZB 89 -90.25 -47.05 0.40
C THR ZB 89 -90.39 -48.56 0.38
N ASN ZB 90 -91.44 -49.04 -0.29
CA ASN ZB 90 -91.53 -50.44 -0.67
C ASN ZB 90 -90.95 -50.59 -2.07
N ARG ZB 91 -90.20 -51.67 -2.30
CA ARG ZB 91 -89.57 -51.86 -3.58
C ARG ZB 91 -89.75 -53.27 -4.07
N ALA ZB 92 -89.88 -53.41 -5.39
CA ALA ZB 92 -89.81 -54.69 -6.07
C ALA ZB 92 -88.72 -54.60 -7.12
N GLN ZB 93 -87.79 -55.55 -7.11
CA GLN ZB 93 -86.64 -55.51 -8.00
C GLN ZB 93 -86.53 -56.84 -8.72
N VAL ZB 94 -86.61 -56.83 -10.04
CA VAL ZB 94 -86.63 -58.04 -10.85
C VAL ZB 94 -85.45 -58.00 -11.82
N GLU ZB 95 -84.70 -59.09 -11.85
CA GLU ZB 95 -83.62 -59.27 -12.81
C GLU ZB 95 -83.87 -60.57 -13.55
N PHE ZB 96 -84.05 -60.49 -14.88
CA PHE ZB 96 -84.08 -61.66 -15.72
C PHE ZB 96 -82.69 -61.85 -16.34
N ILE ZB 97 -82.17 -63.06 -16.21
CA ILE ZB 97 -80.95 -63.48 -16.87
C ILE ZB 97 -81.36 -64.37 -18.03
N LEU ZB 98 -81.13 -63.91 -19.25
CA LEU ZB 98 -81.63 -64.60 -20.44
C LEU ZB 98 -80.46 -65.01 -21.32
N PRO ZB 99 -80.23 -66.30 -21.54
CA PRO ZB 99 -79.13 -66.70 -22.43
C PRO ZB 99 -79.37 -66.24 -23.86
N ALA ZB 100 -78.29 -65.87 -24.53
CA ALA ZB 100 -78.35 -65.28 -25.87
C ALA ZB 100 -78.69 -66.30 -26.95
N GLN ZB 101 -78.93 -67.56 -26.59
CA GLN ZB 101 -79.24 -68.59 -27.57
C GLN ZB 101 -80.62 -69.21 -27.41
N SER ZB 102 -81.32 -68.94 -26.31
CA SER ZB 102 -82.70 -69.41 -26.22
C SER ZB 102 -83.59 -68.52 -27.09
N ALA ZB 103 -84.54 -69.16 -27.78
CA ALA ZB 103 -85.45 -68.41 -28.64
C ALA ZB 103 -86.52 -67.72 -27.79
N ALA ZB 104 -87.28 -66.83 -28.43
CA ALA ZB 104 -88.23 -66.00 -27.71
C ALA ZB 104 -89.30 -66.81 -26.98
N THR ZB 105 -89.56 -68.05 -27.41
CA THR ZB 105 -90.58 -68.88 -26.75
C THR ZB 105 -90.25 -69.07 -25.28
N VAL ZB 106 -88.98 -69.36 -24.99
CA VAL ZB 106 -88.54 -69.62 -23.63
C VAL ZB 106 -88.75 -68.38 -22.76
N ARG ZB 107 -88.38 -67.21 -23.27
CA ARG ZB 107 -88.54 -65.99 -22.48
C ARG ZB 107 -90.02 -65.67 -22.28
N GLU ZB 108 -90.85 -65.93 -23.30
CA GLU ZB 108 -92.27 -65.67 -23.16
C GLU ZB 108 -92.87 -66.51 -22.05
N ASP ZB 109 -92.61 -67.83 -22.05
CA ASP ZB 109 -93.24 -68.61 -20.99
C ASP ZB 109 -92.54 -68.44 -19.64
N LEU ZB 110 -91.30 -67.94 -19.61
CA LEU ZB 110 -90.72 -67.55 -18.33
C LEU ZB 110 -91.46 -66.38 -17.72
N VAL ZB 111 -91.71 -65.34 -18.53
CA VAL ZB 111 -92.48 -64.19 -18.05
C VAL ZB 111 -93.87 -64.63 -17.60
N ALA ZB 112 -94.51 -65.52 -18.38
CA ALA ZB 112 -95.84 -65.99 -18.00
C ALA ZB 112 -95.81 -66.75 -16.68
N LEU ZB 113 -94.77 -67.57 -16.47
CA LEU ZB 113 -94.62 -68.27 -15.21
C LEU ZB 113 -94.46 -67.30 -14.05
N LEU ZB 114 -93.67 -66.25 -14.23
CA LEU ZB 114 -93.48 -65.28 -13.16
C LEU ZB 114 -94.77 -64.54 -12.83
N ALA ZB 115 -95.51 -64.11 -13.87
CA ALA ZB 115 -96.76 -63.41 -13.62
C ALA ZB 115 -97.80 -64.31 -12.95
N SER ZB 116 -97.89 -65.57 -13.39
CA SER ZB 116 -98.81 -66.50 -12.76
C SER ZB 116 -98.39 -66.82 -11.32
N ALA ZB 117 -97.09 -66.83 -11.04
CA ALA ZB 117 -96.63 -67.00 -9.67
C ALA ZB 117 -97.04 -65.82 -8.80
N LEU ZB 118 -96.93 -64.60 -9.36
CA LEU ZB 118 -97.40 -63.43 -8.62
C LEU ZB 118 -98.90 -63.47 -8.41
N ALA ZB 119 -99.65 -64.08 -9.34
CA ALA ZB 119 -101.10 -64.15 -9.20
C ALA ZB 119 -101.54 -65.24 -8.23
N ASP ZB 120 -100.80 -66.34 -8.13
CA ASP ZB 120 -101.18 -67.43 -7.23
C ASP ZB 120 -101.32 -66.91 -5.81
N THR ZB 121 -102.35 -67.39 -5.12
CA THR ZB 121 -102.66 -66.87 -3.78
C THR ZB 121 -101.59 -67.29 -2.77
N ALA ZB 122 -101.12 -68.54 -2.86
CA ALA ZB 122 -100.11 -69.02 -1.92
C ALA ZB 122 -98.82 -68.24 -2.06
N ILE ZB 123 -98.34 -68.07 -3.29
CA ILE ZB 123 -97.14 -67.28 -3.52
C ILE ZB 123 -97.39 -65.81 -3.19
N LYS ZB 124 -98.62 -65.34 -3.37
CA LYS ZB 124 -98.91 -63.93 -3.14
C LYS ZB 124 -98.83 -63.59 -1.67
N SER ZB 125 -99.41 -64.44 -0.81
CA SER ZB 125 -99.37 -64.18 0.63
C SER ZB 125 -97.93 -64.11 1.13
N THR ZB 126 -97.01 -64.84 0.50
CA THR ZB 126 -95.60 -64.70 0.81
C THR ZB 126 -95.17 -63.24 0.79
N ILE ZB 127 -95.52 -62.52 -0.27
CA ILE ZB 127 -95.12 -61.13 -0.41
C ILE ZB 127 -96.01 -60.23 0.44
N VAL ZB 128 -97.31 -60.32 0.21
CA VAL ZB 128 -98.27 -59.37 0.77
C VAL ZB 128 -98.32 -59.49 2.28
N ASN ZB 129 -98.40 -60.72 2.79
CA ASN ZB 129 -98.69 -60.99 4.19
C ASN ZB 129 -97.44 -61.28 5.00
N VAL ZB 130 -96.27 -61.38 4.37
CA VAL ZB 130 -95.00 -61.62 5.05
C VAL ZB 130 -95.11 -62.88 5.90
N GLU ZB 131 -95.60 -63.94 5.26
CA GLU ZB 131 -95.69 -65.27 5.85
C GLU ZB 131 -94.67 -66.15 5.16
N HIS ZB 132 -94.00 -66.99 5.94
CA HIS ZB 132 -93.11 -68.02 5.41
C HIS ZB 132 -93.92 -69.16 4.82
N PHE ZB 133 -93.32 -69.86 3.88
CA PHE ZB 133 -93.86 -71.13 3.41
C PHE ZB 133 -93.59 -72.22 4.46
N TYR ZB 134 -94.57 -73.11 4.63
CA TYR ZB 134 -94.45 -74.19 5.60
C TYR ZB 134 -95.26 -75.43 5.23
N PRO AC 1 -9.72 79.60 20.87
CA PRO AC 1 -11.08 80.15 20.84
C PRO AC 1 -11.90 79.58 21.98
N ALA AC 2 -12.28 80.47 22.90
CA ALA AC 2 -13.18 80.11 23.99
C ALA AC 2 -14.46 79.48 23.43
N LEU AC 3 -14.78 78.30 23.95
CA LEU AC 3 -15.93 77.53 23.48
C LEU AC 3 -17.19 78.38 23.60
N LYS AC 4 -17.83 78.62 22.47
CA LYS AC 4 -19.01 79.48 22.38
C LYS AC 4 -19.95 78.90 21.33
N PRO AC 5 -21.25 78.99 21.54
CA PRO AC 5 -22.19 78.55 20.50
C PRO AC 5 -21.99 79.39 19.25
N ILE AC 6 -21.95 78.72 18.11
CA ILE AC 6 -21.63 79.39 16.86
C ILE AC 6 -22.81 79.25 15.92
N THR AC 7 -23.01 80.27 15.09
CA THR AC 7 -24.14 80.31 14.17
C THR AC 7 -23.62 80.12 12.75
N LEU AC 8 -24.20 79.16 12.03
CA LEU AC 8 -23.84 78.83 10.65
C LEU AC 8 -25.06 78.92 9.76
N THR AC 9 -24.85 79.27 8.49
CA THR AC 9 -25.95 79.42 7.54
C THR AC 9 -26.18 78.13 6.75
N ASP AC 10 -27.45 77.76 6.60
CA ASP AC 10 -27.83 76.57 5.85
C ASP AC 10 -27.97 76.91 4.37
N HIS AC 11 -28.68 76.08 3.61
CA HIS AC 11 -28.79 76.35 2.19
C HIS AC 11 -29.59 77.60 1.90
N SER AC 12 -30.66 77.82 2.66
CA SER AC 12 -31.48 79.00 2.49
C SER AC 12 -30.89 80.25 3.13
N SER AC 13 -29.62 80.18 3.54
CA SER AC 13 -28.90 81.24 4.24
C SER AC 13 -29.54 81.62 5.57
N ALA AC 14 -30.48 80.80 6.06
CA ALA AC 14 -31.03 81.00 7.39
C ALA AC 14 -30.01 80.62 8.46
N ASP AC 15 -30.18 81.17 9.65
CA ASP AC 15 -29.26 80.88 10.74
C ASP AC 15 -29.54 79.52 11.35
N VAL AC 16 -28.48 78.86 11.81
CA VAL AC 16 -28.52 77.55 12.44
C VAL AC 16 -27.52 77.59 13.59
N ILE AC 17 -28.02 77.52 14.81
CA ILE AC 17 -27.22 77.76 16.01
C ILE AC 17 -26.76 76.42 16.56
N PHE AC 18 -25.45 76.21 16.59
CA PHE AC 18 -24.83 75.03 17.19
C PHE AC 18 -24.34 75.39 18.59
N THR AC 19 -24.90 74.72 19.60
CA THR AC 19 -24.48 74.94 20.98
C THR AC 19 -23.37 73.96 21.34
N PRO AC 20 -22.38 74.38 22.12
CA PRO AC 20 -21.34 73.45 22.53
C PRO AC 20 -21.92 72.37 23.43
N THR AC 21 -21.51 71.13 23.17
CA THR AC 21 -21.94 69.97 23.91
C THR AC 21 -20.86 69.43 24.84
N GLN AC 22 -19.64 69.24 24.35
CA GLN AC 22 -18.65 68.45 25.07
C GLN AC 22 -17.26 68.77 24.54
N ILE AC 23 -16.29 68.71 25.44
CA ILE AC 23 -14.88 68.69 25.06
C ILE AC 23 -14.35 67.30 25.41
N ASP AC 24 -13.82 66.61 24.42
CA ASP AC 24 -13.53 65.19 24.53
C ASP AC 24 -12.29 64.93 25.38
N LYS AC 25 -12.05 63.65 25.68
CA LYS AC 25 -10.80 63.27 26.33
C LYS AC 25 -9.61 63.48 25.41
N ASN AC 26 -9.82 63.38 24.10
CA ASN AC 26 -8.76 63.53 23.12
C ASN AC 26 -8.59 64.96 22.63
N GLY AC 27 -9.37 65.89 23.15
CA GLY AC 27 -9.33 67.26 22.71
C GLY AC 27 -10.36 67.62 21.67
N VAL AC 28 -11.29 66.71 21.36
CA VAL AC 28 -12.33 66.97 20.37
C VAL AC 28 -13.42 67.83 21.01
N ALA AC 29 -13.80 68.89 20.32
CA ALA AC 29 -14.88 69.77 20.77
C ALA AC 29 -16.08 69.59 19.86
N TYR AC 30 -17.25 69.39 20.46
CA TYR AC 30 -18.46 69.06 19.74
C TYR AC 30 -19.51 70.16 19.90
N PHE AC 31 -20.04 70.64 18.78
CA PHE AC 31 -21.20 71.53 18.76
C PHE AC 31 -22.37 70.78 18.15
N ARG AC 32 -23.54 70.89 18.76
CA ARG AC 32 -24.71 70.18 18.30
C ARG AC 32 -25.86 71.13 18.04
N HIS AC 33 -26.71 70.72 17.10
CA HIS AC 33 -27.98 71.37 16.79
C HIS AC 33 -29.01 70.27 16.66
N LEU AC 34 -30.02 70.29 17.53
CA LEU AC 34 -31.00 69.20 17.60
C LEU AC 34 -31.87 69.16 16.35
N GLN AC 35 -32.51 68.01 16.12
CA GLN AC 35 -33.38 67.85 14.97
C GLN AC 35 -34.69 68.61 15.18
N ALA AC 36 -35.59 68.44 14.21
CA ALA AC 36 -36.92 69.03 14.31
C ALA AC 36 -37.62 68.61 15.59
N ASN AC 37 -37.68 67.31 15.85
CA ASN AC 37 -38.20 66.82 17.12
C ASN AC 37 -37.27 67.22 18.25
N GLY AC 38 -37.84 67.39 19.44
CA GLY AC 38 -37.06 67.77 20.61
C GLY AC 38 -36.13 66.68 21.08
N LYS AC 39 -36.22 65.51 20.46
CA LYS AC 39 -35.45 64.34 20.82
C LYS AC 39 -34.03 64.45 20.25
N PRO AC 40 -33.02 64.12 21.05
CA PRO AC 40 -31.63 64.33 20.65
C PRO AC 40 -30.95 63.16 19.95
N ILE AC 41 -31.69 62.14 19.53
CA ILE AC 41 -31.06 60.88 19.14
C ILE AC 41 -30.20 61.07 17.88
N GLY AC 42 -30.72 61.81 16.90
CA GLY AC 42 -29.89 62.20 15.77
C GLY AC 42 -29.81 63.70 15.76
N ALA AC 43 -28.63 64.27 15.52
CA ALA AC 43 -28.50 65.71 15.59
C ALA AC 43 -27.33 66.17 14.72
N TYR AC 44 -27.47 67.38 14.19
CA TYR AC 44 -26.39 67.97 13.39
C TYR AC 44 -25.22 68.28 14.30
N THR AC 45 -24.01 67.92 13.86
CA THR AC 45 -22.84 68.06 14.71
C THR AC 45 -21.68 68.71 13.95
N VAL AC 46 -20.86 69.42 14.71
CA VAL AC 46 -19.62 70.00 14.20
C VAL AC 46 -18.52 69.67 15.20
N SER AC 47 -17.51 68.94 14.74
CA SER AC 47 -16.40 68.49 15.57
C SER AC 47 -15.14 69.24 15.18
N SER AC 48 -14.39 69.70 16.18
CA SER AC 48 -13.13 70.38 15.93
C SER AC 48 -12.06 69.82 16.84
N HIS AC 49 -10.97 69.32 16.25
CA HIS AC 49 -9.86 68.82 17.04
C HIS AC 49 -8.56 69.15 16.34
N VAL AC 50 -7.62 69.76 17.05
CA VAL AC 50 -6.32 70.07 16.50
C VAL AC 50 -5.28 69.27 17.27
N LYS AC 51 -4.42 68.58 16.54
CA LYS AC 51 -3.38 67.71 17.08
C LYS AC 51 -2.03 68.38 16.88
N GLU AC 52 -1.42 68.78 17.98
CA GLU AC 52 -0.11 69.41 17.93
C GLU AC 52 0.96 68.37 17.56
N PRO AC 53 2.07 68.80 16.99
CA PRO AC 53 3.11 67.85 16.58
C PRO AC 53 3.95 67.35 17.75
N GLY AC 54 4.59 66.22 17.52
CA GLY AC 54 5.43 65.60 18.53
C GLY AC 54 6.81 65.29 17.99
N THR AC 55 7.79 65.35 18.89
CA THR AC 55 9.20 65.18 18.52
C THR AC 55 9.58 66.16 17.41
N ASN AC 56 9.32 67.44 17.67
CA ASN AC 56 9.49 68.50 16.68
C ASN AC 56 8.85 68.13 15.35
N GLY AC 57 7.70 67.45 15.41
CA GLY AC 57 7.02 67.08 14.19
C GLY AC 57 6.71 68.32 13.35
N ASP AC 58 6.90 68.19 12.04
CA ASP AC 58 6.70 69.33 11.19
C ASP AC 58 5.24 69.77 11.14
N VAL AC 59 4.30 68.91 11.54
CA VAL AC 59 2.90 69.03 11.12
C VAL AC 59 1.98 69.16 12.32
N PHE AC 60 1.18 70.23 12.32
CA PHE AC 60 -0.10 70.28 13.00
C PHE AC 60 -1.15 69.57 12.14
N ARG AC 61 -2.05 68.83 12.79
CA ARG AC 61 -3.16 68.18 12.07
C ARG AC 61 -4.48 68.68 12.66
N VAL AC 62 -5.16 69.56 11.92
CA VAL AC 62 -6.34 70.25 12.43
C VAL AC 62 -7.56 69.74 11.66
N LYS AC 63 -8.56 69.24 12.38
CA LYS AC 63 -9.65 68.50 11.77
C LYS AC 63 -10.98 69.16 12.11
N LEU AC 64 -11.84 69.27 11.09
CA LEU AC 64 -13.17 69.85 11.18
C LEU AC 64 -14.15 68.89 10.55
N PHE AC 65 -15.18 68.49 11.31
CA PHE AC 65 -16.19 67.55 10.86
C PHE AC 65 -17.56 68.20 10.92
N VAL AC 66 -18.36 67.99 9.88
CA VAL AC 66 -19.73 68.50 9.81
C VAL AC 66 -20.63 67.33 9.44
N ASN AC 67 -21.42 66.86 10.39
CA ASN AC 67 -22.27 65.70 10.22
C ASN AC 67 -23.73 66.12 10.20
N VAL AC 68 -24.43 65.74 9.14
CA VAL AC 68 -25.82 66.07 8.91
C VAL AC 68 -26.61 64.77 8.81
N PRO AC 69 -27.26 64.33 9.89
CA PRO AC 69 -28.11 63.15 9.81
C PRO AC 69 -29.53 63.47 9.38
N GLU AC 70 -30.10 62.54 8.62
CA GLU AC 70 -31.53 62.45 8.37
C GLU AC 70 -32.08 61.35 9.26
N VAL AC 71 -33.00 61.72 10.15
CA VAL AC 71 -33.64 60.79 11.06
C VAL AC 71 -35.01 60.44 10.51
N ALA AC 72 -35.52 59.27 10.92
CA ALA AC 72 -36.85 58.83 10.53
C ALA AC 72 -37.63 58.42 11.78
N THR AC 73 -38.91 58.77 11.79
CA THR AC 73 -39.80 58.50 12.91
C THR AC 73 -40.53 57.20 12.64
N ILE AC 74 -40.15 56.13 13.35
CA ILE AC 74 -40.77 54.82 13.18
C ILE AC 74 -41.79 54.64 14.29
N THR AC 75 -43.03 54.36 13.91
CA THR AC 75 -44.09 54.09 14.88
C THR AC 75 -44.68 52.73 14.54
N PRO AC 76 -44.62 51.76 15.45
CA PRO AC 76 -45.10 50.40 15.12
C PRO AC 76 -46.60 50.39 14.85
N ASN AC 77 -47.05 49.28 14.24
CA ASN AC 77 -48.42 49.21 13.74
C ASN AC 77 -49.43 49.31 14.87
N GLY AC 78 -50.28 50.33 14.79
CA GLY AC 78 -51.32 50.54 15.79
C GLY AC 78 -50.81 50.92 17.17
N SER AC 79 -49.75 51.71 17.24
CA SER AC 79 -49.11 52.06 18.50
C SER AC 79 -49.35 53.54 18.82
N ASP AC 80 -49.36 53.83 20.12
CA ASP AC 80 -49.56 55.21 20.56
C ASP AC 80 -48.32 56.05 20.31
N THR AC 81 -47.16 55.57 20.76
CA THR AC 81 -45.94 56.36 20.74
C THR AC 81 -44.98 55.88 19.66
N SER AC 82 -44.19 56.82 19.16
CA SER AC 82 -43.22 56.57 18.10
C SER AC 82 -41.81 56.76 18.63
N SER AC 83 -40.88 56.00 18.06
CA SER AC 83 -39.47 56.11 18.39
C SER AC 83 -38.70 56.61 17.18
N VAL AC 84 -37.60 57.33 17.43
CA VAL AC 84 -36.83 57.94 16.36
C VAL AC 84 -35.58 57.13 16.10
N GLU AC 85 -35.22 56.96 14.82
CA GLU AC 85 -34.10 56.15 14.40
C GLU AC 85 -33.26 56.95 13.42
N ILE AC 86 -31.95 56.71 13.41
CA ILE AC 86 -31.05 57.43 12.53
C ILE AC 86 -31.10 56.76 11.16
N ALA AC 87 -31.78 57.41 10.21
CA ALA AC 87 -31.98 56.81 8.89
C ALA AC 87 -30.68 56.76 8.10
N ARG AC 88 -30.07 57.93 7.86
CA ARG AC 88 -28.78 57.96 7.19
C ARG AC 88 -28.09 59.26 7.55
N THR AC 89 -26.83 59.39 7.16
CA THR AC 89 -26.06 60.58 7.51
C THR AC 89 -25.21 61.02 6.34
N ASN AC 90 -25.27 62.30 6.01
CA ASN AC 90 -24.27 62.94 5.15
C ASN AC 90 -23.17 63.51 6.03
N ARG AC 91 -21.93 63.46 5.53
CA ARG AC 91 -20.81 63.94 6.34
C ARG AC 91 -19.82 64.69 5.46
N ALA AC 92 -19.13 65.65 6.07
CA ALA AC 92 -18.00 66.33 5.46
C ALA AC 92 -16.86 66.35 6.47
N GLN AC 93 -15.69 65.88 6.05
CA GLN AC 93 -14.55 65.69 6.95
C GLN AC 93 -13.33 66.37 6.36
N VAL AC 94 -12.79 67.35 7.07
CA VAL AC 94 -11.71 68.19 6.59
C VAL AC 94 -10.52 68.02 7.52
N GLU AC 95 -9.37 67.67 6.95
CA GLU AC 95 -8.10 67.62 7.66
C GLU AC 95 -7.15 68.59 6.98
N PHE AC 96 -6.78 69.64 7.70
CA PHE AC 96 -5.68 70.50 7.25
C PHE AC 96 -4.40 69.98 7.87
N ILE AC 97 -3.40 69.75 7.01
CA ILE AC 97 -2.05 69.40 7.43
C ILE AC 97 -1.24 70.69 7.31
N LEU AC 98 -0.98 71.33 8.43
CA LEU AC 98 -0.24 72.57 8.37
C LEU AC 98 1.16 72.37 8.93
N PRO AC 99 2.21 72.92 8.32
CA PRO AC 99 3.53 72.84 8.95
C PRO AC 99 3.76 73.90 10.01
N ALA AC 100 4.47 73.51 11.07
CA ALA AC 100 4.78 74.43 12.16
C ALA AC 100 5.73 75.55 11.74
N GLN AC 101 6.30 75.46 10.55
CA GLN AC 101 7.30 76.41 10.09
C GLN AC 101 6.73 77.45 9.13
N SER AC 102 5.43 77.40 8.86
CA SER AC 102 4.81 78.30 7.90
C SER AC 102 4.42 79.63 8.56
N ALA AC 103 4.05 80.58 7.72
CA ALA AC 103 3.54 81.87 8.15
C ALA AC 103 2.03 81.89 8.03
N ALA AC 104 1.38 82.64 8.93
CA ALA AC 104 -0.08 82.66 8.98
C ALA AC 104 -0.71 83.14 7.68
N THR AC 105 0.03 83.92 6.88
CA THR AC 105 -0.46 84.33 5.57
C THR AC 105 -0.82 83.11 4.72
N VAL AC 106 0.06 82.11 4.74
CA VAL AC 106 -0.14 80.92 3.93
C VAL AC 106 -1.40 80.18 4.36
N ARG AC 107 -1.59 80.01 5.68
CA ARG AC 107 -2.78 79.32 6.15
C ARG AC 107 -4.04 80.12 5.83
N GLU AC 108 -3.96 81.44 5.94
CA GLU AC 108 -5.12 82.27 5.63
C GLU AC 108 -5.55 82.07 4.18
N ASP AC 109 -4.61 82.17 3.23
CA ASP AC 109 -5.09 82.02 1.85
C ASP AC 109 -5.30 80.55 1.47
N LEU AC 110 -4.77 79.58 2.21
CA LEU AC 110 -5.20 78.20 2.00
C LEU AC 110 -6.68 78.04 2.34
N VAL AC 111 -7.07 78.55 3.51
CA VAL AC 111 -8.48 78.48 3.90
C VAL AC 111 -9.35 79.23 2.89
N ALA AC 112 -8.90 80.41 2.47
CA ALA AC 112 -9.66 81.18 1.50
C ALA AC 112 -9.81 80.44 0.18
N LEU AC 113 -8.73 79.77 -0.26
CA LEU AC 113 -8.80 78.97 -1.48
C LEU AC 113 -9.79 77.83 -1.33
N LEU AC 114 -9.79 77.17 -0.18
CA LEU AC 114 -10.75 76.08 0.03
C LEU AC 114 -12.18 76.59 0.01
N ALA AC 115 -12.44 77.72 0.67
CA ALA AC 115 -13.79 78.26 0.69
C ALA AC 115 -14.24 78.69 -0.71
N SER AC 116 -13.33 79.32 -1.47
CA SER AC 116 -13.68 79.72 -2.83
C SER AC 116 -13.86 78.52 -3.74
N ALA AC 117 -13.13 77.43 -3.50
CA ALA AC 117 -13.35 76.21 -4.26
C ALA AC 117 -14.73 75.63 -3.96
N LEU AC 118 -15.13 75.65 -2.69
CA LEU AC 118 -16.49 75.23 -2.35
C LEU AC 118 -17.53 76.14 -2.99
N ALA AC 119 -17.23 77.43 -3.13
CA ALA AC 119 -18.19 78.36 -3.71
C ALA AC 119 -18.26 78.24 -5.23
N ASP AC 120 -17.16 77.83 -5.88
CA ASP AC 120 -17.17 77.71 -7.33
C ASP AC 120 -18.21 76.69 -7.77
N THR AC 121 -18.95 77.03 -8.83
CA THR AC 121 -20.05 76.16 -9.26
C THR AC 121 -19.54 74.87 -9.88
N ALA AC 122 -18.44 74.93 -10.62
CA ALA AC 122 -17.88 73.73 -11.25
C ALA AC 122 -17.46 72.72 -10.19
N ILE AC 123 -16.85 73.20 -9.11
CA ILE AC 123 -16.45 72.31 -8.02
C ILE AC 123 -17.65 71.93 -7.17
N LYS AC 124 -18.64 72.81 -7.05
CA LYS AC 124 -19.79 72.53 -6.21
C LYS AC 124 -20.66 71.45 -6.82
N SER AC 125 -20.70 71.36 -8.15
CA SER AC 125 -21.44 70.27 -8.78
C SER AC 125 -20.82 68.92 -8.46
N THR AC 126 -19.51 68.89 -8.24
CA THR AC 126 -18.81 67.68 -7.82
C THR AC 126 -19.43 67.12 -6.54
N ILE AC 127 -19.62 67.97 -5.54
CA ILE AC 127 -20.13 67.50 -4.26
C ILE AC 127 -21.64 67.31 -4.33
N VAL AC 128 -22.34 68.37 -4.73
CA VAL AC 128 -23.79 68.38 -4.64
C VAL AC 128 -24.41 67.36 -5.60
N ASN AC 129 -23.93 67.33 -6.84
CA ASN AC 129 -24.56 66.60 -7.93
C ASN AC 129 -23.81 65.33 -8.32
N VAL AC 130 -22.65 65.07 -7.71
CA VAL AC 130 -21.88 63.84 -7.89
C VAL AC 130 -21.62 63.61 -9.37
N GLU AC 131 -21.11 64.64 -10.02
CA GLU AC 131 -20.62 64.57 -11.38
C GLU AC 131 -19.10 64.56 -11.34
N HIS AC 132 -18.50 63.63 -12.09
CA HIS AC 132 -17.06 63.56 -12.27
C HIS AC 132 -16.58 64.66 -13.22
N PHE AC 133 -15.30 65.01 -13.08
CA PHE AC 133 -14.64 65.83 -14.09
C PHE AC 133 -14.28 64.97 -15.30
N TYR AC 134 -14.43 65.56 -16.49
CA TYR AC 134 -14.15 64.83 -17.72
C TYR AC 134 -13.62 65.75 -18.84
N PRO BC 1 -9.23 80.73 38.41
CA PRO BC 1 -8.66 81.43 37.25
C PRO BC 1 -9.16 80.86 35.95
N ALA BC 2 -10.29 81.41 35.46
CA ALA BC 2 -10.80 81.01 34.16
C ALA BC 2 -9.78 81.34 33.09
N LEU BC 3 -9.67 80.42 32.11
CA LEU BC 3 -8.70 80.56 31.04
C LEU BC 3 -8.93 81.87 30.30
N LYS BC 4 -7.90 82.71 30.22
CA LYS BC 4 -8.03 84.05 29.68
C LYS BC 4 -6.65 84.55 29.34
N PRO BC 5 -6.51 85.40 28.32
CA PRO BC 5 -5.19 85.85 27.90
C PRO BC 5 -4.55 86.68 28.99
N ILE BC 6 -3.24 86.52 29.14
CA ILE BC 6 -2.53 87.21 30.21
C ILE BC 6 -1.37 87.99 29.59
N THR BC 7 -1.04 89.12 30.20
CA THR BC 7 -0.01 90.01 29.70
C THR BC 7 1.20 89.96 30.62
N LEU BC 8 2.39 89.80 30.04
CA LEU BC 8 3.64 89.71 30.77
C LEU BC 8 4.66 90.68 30.17
N THR BC 9 5.54 91.22 31.00
CA THR BC 9 6.52 92.19 30.56
C THR BC 9 7.84 91.50 30.22
N ASP BC 10 8.42 91.85 29.06
CA ASP BC 10 9.69 91.27 28.66
C ASP BC 10 10.84 92.06 29.29
N HIS BC 11 12.06 91.85 28.79
CA HIS BC 11 13.21 92.53 29.39
C HIS BC 11 13.14 94.03 29.21
N SER BC 12 12.58 94.50 28.10
CA SER BC 12 12.44 95.91 27.83
C SER BC 12 11.21 96.52 28.52
N SER BC 13 10.55 95.76 29.38
CA SER BC 13 9.29 96.10 30.04
C SER BC 13 8.13 96.28 29.06
N ALA BC 14 8.32 95.89 27.80
CA ALA BC 14 7.24 95.97 26.82
C ALA BC 14 6.23 94.85 27.09
N ASP BC 15 4.95 95.19 26.95
CA ASP BC 15 3.90 94.20 27.18
C ASP BC 15 3.95 93.11 26.11
N VAL BC 16 3.59 91.89 26.53
CA VAL BC 16 3.64 90.70 25.70
C VAL BC 16 2.40 89.89 26.06
N ILE BC 17 1.48 89.75 25.11
CA ILE BC 17 0.15 89.22 25.38
C ILE BC 17 0.11 87.76 24.94
N PHE BC 18 0.00 86.85 25.91
CA PHE BC 18 -0.16 85.43 25.65
C PHE BC 18 -1.66 85.11 25.61
N THR BC 19 -2.15 84.63 24.45
CA THR BC 19 -3.53 84.21 24.40
C THR BC 19 -3.63 82.73 24.75
N PRO BC 20 -4.74 82.30 25.35
CA PRO BC 20 -4.88 80.88 25.68
C PRO BC 20 -4.91 80.03 24.42
N THR BC 21 -4.17 78.92 24.45
CA THR BC 21 -4.10 77.99 23.33
C THR BC 21 -4.86 76.71 23.60
N GLN BC 22 -4.54 76.02 24.69
CA GLN BC 22 -5.07 74.66 24.82
C GLN BC 22 -5.20 74.27 26.28
N ILE BC 23 -6.25 73.52 26.60
CA ILE BC 23 -6.35 72.80 27.87
C ILE BC 23 -6.08 71.33 27.55
N ASP BC 24 -5.09 70.76 28.22
CA ASP BC 24 -4.53 69.49 27.84
C ASP BC 24 -5.47 68.34 28.19
N LYS BC 25 -5.02 67.11 27.88
CA LYS BC 25 -5.73 65.93 28.36
C LYS BC 25 -5.46 65.71 29.85
N ASN BC 26 -4.25 66.04 30.31
CA ASN BC 26 -3.87 65.86 31.71
C ASN BC 26 -4.23 67.05 32.57
N GLY BC 27 -4.56 68.19 31.96
CA GLY BC 27 -4.86 69.41 32.70
C GLY BC 27 -3.91 70.55 32.43
N VAL BC 28 -2.94 70.37 31.53
CA VAL BC 28 -1.98 71.43 31.25
C VAL BC 28 -2.66 72.55 30.47
N ALA BC 29 -2.41 73.79 30.88
CA ALA BC 29 -2.93 74.97 30.20
C ALA BC 29 -1.79 75.62 29.43
N TYR BC 30 -1.99 75.79 28.13
CA TYR BC 30 -0.99 76.32 27.21
C TYR BC 30 -1.44 77.68 26.71
N PHE BC 31 -0.62 78.70 26.96
CA PHE BC 31 -0.77 80.03 26.38
C PHE BC 31 0.34 80.27 25.37
N ARG BC 32 -0.01 80.93 24.26
CA ARG BC 32 0.90 81.14 23.16
C ARG BC 32 0.92 82.62 22.80
N HIS BC 33 2.12 83.11 22.48
CA HIS BC 33 2.32 84.47 21.97
C HIS BC 33 3.00 84.32 20.62
N LEU BC 34 2.24 84.50 19.55
CA LEU BC 34 2.78 84.36 18.21
C LEU BC 34 3.68 85.55 17.87
N GLN BC 35 4.52 85.37 16.86
CA GLN BC 35 5.40 86.43 16.40
C GLN BC 35 4.65 87.36 15.47
N ALA BC 36 5.38 88.32 14.88
CA ALA BC 36 4.76 89.23 13.94
C ALA BC 36 4.16 88.48 12.75
N ASN BC 37 4.94 87.57 12.17
CA ASN BC 37 4.52 86.82 10.98
C ASN BC 37 3.60 85.66 11.31
N GLY BC 38 3.29 85.43 12.58
CA GLY BC 38 2.45 84.31 12.94
C GLY BC 38 3.07 82.95 12.68
N LYS BC 39 4.37 82.82 12.95
CA LYS BC 39 5.05 81.54 12.76
C LYS BC 39 4.96 80.72 14.04
N PRO BC 40 4.33 79.55 14.02
CA PRO BC 40 4.22 78.75 15.26
C PRO BC 40 5.57 78.43 15.88
N ILE BC 41 6.53 78.04 15.06
CA ILE BC 41 7.87 77.70 15.55
C ILE BC 41 8.50 78.86 16.31
N GLY BC 42 8.04 80.09 16.07
CA GLY BC 42 8.59 81.23 16.76
C GLY BC 42 7.81 81.72 17.96
N ALA BC 43 6.70 81.08 18.30
CA ALA BC 43 5.83 81.61 19.34
C ALA BC 43 6.36 81.28 20.73
N TYR BC 44 6.24 82.24 21.64
CA TYR BC 44 6.49 81.98 23.05
C TYR BC 44 5.35 81.15 23.64
N THR BC 45 5.68 80.33 24.63
CA THR BC 45 4.66 79.51 25.27
C THR BC 45 4.78 79.57 26.78
N VAL BC 46 3.66 79.45 27.45
CA VAL BC 46 3.59 79.37 28.91
C VAL BC 46 2.63 78.27 29.29
N SER BC 47 3.10 77.29 30.07
CA SER BC 47 2.33 76.14 30.50
C SER BC 47 2.09 76.21 32.00
N SER BC 48 0.88 75.87 32.42
CA SER BC 48 0.54 75.83 33.83
C SER BC 48 -0.31 74.60 34.10
N HIS BC 49 0.17 73.74 35.00
CA HIS BC 49 -0.56 72.53 35.36
C HIS BC 49 -0.40 72.27 36.84
N VAL BC 50 -1.50 71.97 37.52
CA VAL BC 50 -1.46 71.65 38.94
C VAL BC 50 -1.96 70.22 39.15
N LYS BC 51 -1.19 69.45 39.92
CA LYS BC 51 -1.47 68.06 40.20
C LYS BC 51 -1.85 67.95 41.68
N GLU BC 52 -3.10 67.58 41.92
CA GLU BC 52 -3.64 67.40 43.25
C GLU BC 52 -3.08 66.13 43.88
N PRO BC 53 -3.08 66.03 45.21
CA PRO BC 53 -2.64 64.80 45.86
C PRO BC 53 -3.68 63.70 45.81
N GLY BC 54 -3.19 62.47 45.83
CA GLY BC 54 -4.06 61.31 45.85
C GLY BC 54 -3.48 60.23 46.73
N THR BC 55 -4.37 59.31 47.14
CA THR BC 55 -4.02 58.23 48.05
C THR BC 55 -3.31 58.80 49.29
N ASN BC 56 -3.98 59.76 49.92
CA ASN BC 56 -3.52 60.40 51.14
C ASN BC 56 -2.08 60.91 50.99
N GLY BC 57 -1.82 61.59 49.88
CA GLY BC 57 -0.56 62.26 49.67
C GLY BC 57 -0.62 63.67 50.25
N ASP BC 58 0.48 64.06 50.90
CA ASP BC 58 0.50 65.37 51.54
C ASP BC 58 0.77 66.49 50.54
N VAL BC 59 1.26 66.18 49.35
CA VAL BC 59 1.90 67.16 48.49
C VAL BC 59 0.99 67.58 47.34
N PHE BC 60 1.17 68.82 46.91
CA PHE BC 60 0.60 69.39 45.70
C PHE BC 60 1.76 69.70 44.76
N ARG BC 61 1.61 69.37 43.47
CA ARG BC 61 2.70 69.63 42.51
C ARG BC 61 2.20 70.59 41.44
N VAL BC 62 2.63 71.85 41.54
CA VAL BC 62 2.16 72.90 40.64
C VAL BC 62 3.32 73.34 39.76
N LYS BC 63 3.11 73.30 38.44
CA LYS BC 63 4.19 73.46 37.48
C LYS BC 63 3.90 74.64 36.56
N LEU BC 64 4.94 75.43 36.30
CA LEU BC 64 4.90 76.60 35.44
C LEU BC 64 6.09 76.55 34.48
N PHE BC 65 5.81 76.58 33.18
CA PHE BC 65 6.82 76.52 32.14
C PHE BC 65 6.75 77.78 31.30
N VAL BC 66 7.91 78.35 30.98
CA VAL BC 66 8.02 79.53 30.11
C VAL BC 66 9.06 79.22 29.05
N ASN BC 67 8.62 79.01 27.82
CA ASN BC 67 9.49 78.61 26.72
C ASN BC 67 9.61 79.77 25.74
N VAL BC 68 10.85 80.21 25.49
CA VAL BC 68 11.17 81.29 24.56
C VAL BC 68 12.00 80.70 23.42
N PRO BC 69 11.44 80.57 22.23
CA PRO BC 69 12.26 80.10 21.11
C PRO BC 69 12.89 81.26 20.36
N GLU BC 70 14.04 80.99 19.78
CA GLU BC 70 14.64 81.86 18.78
C GLU BC 70 14.77 81.07 17.49
N VAL BC 71 14.30 81.67 16.40
CA VAL BC 71 14.32 81.08 15.07
C VAL BC 71 15.70 81.26 14.46
N ALA BC 72 16.22 80.24 13.78
CA ALA BC 72 17.47 80.35 13.06
C ALA BC 72 17.17 80.32 11.56
N THR BC 73 17.54 81.38 10.86
CA THR BC 73 17.27 81.46 9.43
C THR BC 73 18.46 80.97 8.63
N GLU BC 85 14.29 78.51 9.73
CA GLU BC 85 13.78 77.18 9.42
C GLU BC 85 13.66 76.29 10.67
N ILE BC 86 14.75 76.12 11.40
CA ILE BC 86 14.74 75.38 12.65
C ILE BC 86 15.10 76.37 13.76
N ALA BC 87 14.55 76.13 14.94
CA ALA BC 87 14.63 77.10 16.02
C ALA BC 87 15.05 76.40 17.30
N ARG BC 88 15.84 77.08 18.12
CA ARG BC 88 16.23 76.50 19.40
C ARG BC 88 15.58 77.28 20.53
N THR BC 89 15.21 76.58 21.58
CA THR BC 89 14.32 77.12 22.60
C THR BC 89 15.06 77.20 23.93
N ASN BC 90 15.15 78.41 24.47
CA ASN BC 90 15.46 78.59 25.88
C ASN BC 90 14.22 78.26 26.70
N ARG BC 91 14.39 77.56 27.82
CA ARG BC 91 13.24 77.19 28.64
C ARG BC 91 13.49 77.51 30.10
N ALA BC 92 12.42 77.85 30.79
CA ALA BC 92 12.39 77.92 32.24
C ALA BC 92 11.30 76.98 32.72
N GLN BC 93 11.63 76.12 33.68
CA GLN BC 93 10.71 75.09 34.15
C GLN BC 93 10.69 75.12 35.68
N VAL BC 94 9.55 75.48 36.26
CA VAL BC 94 9.41 75.63 37.70
C VAL BC 94 8.41 74.61 38.20
N GLU BC 95 8.77 73.91 39.26
CA GLU BC 95 7.88 72.99 39.97
C GLU BC 95 7.86 73.39 41.44
N PHE BC 96 6.68 73.78 41.93
CA PHE BC 96 6.47 74.03 43.35
C PHE BC 96 5.86 72.79 43.97
N ILE BC 97 6.43 72.38 45.10
CA ILE BC 97 5.92 71.26 45.90
C ILE BC 97 5.36 71.87 47.17
N LEU BC 98 4.04 71.79 47.34
CA LEU BC 98 3.34 72.50 48.41
C LEU BC 98 2.54 71.52 49.25
N PRO BC 99 2.87 71.31 50.52
CA PRO BC 99 2.04 70.44 51.37
C PRO BC 99 0.65 71.02 51.58
N ALA BC 100 -0.30 70.12 51.85
CA ALA BC 100 -1.70 70.51 51.96
C ALA BC 100 -2.02 71.21 53.27
N GLN BC 101 -1.26 70.95 54.34
CA GLN BC 101 -1.54 71.61 55.61
C GLN BC 101 -0.97 73.01 55.71
N SER BC 102 -0.02 73.38 54.84
CA SER BC 102 0.57 74.70 54.93
C SER BC 102 -0.48 75.77 54.67
N ALA BC 103 -0.60 76.71 55.60
CA ALA BC 103 -1.47 77.86 55.38
C ALA BC 103 -0.94 78.68 54.22
N ALA BC 104 -1.85 79.37 53.53
CA ALA BC 104 -1.49 80.11 52.33
C ALA BC 104 -0.42 81.16 52.58
N THR BC 105 -0.21 81.58 53.84
CA THR BC 105 0.87 82.53 54.16
C THR BC 105 2.21 82.02 53.65
N VAL BC 106 2.46 80.73 53.87
CA VAL BC 106 3.76 80.15 53.53
C VAL BC 106 3.94 80.18 52.02
N ARG BC 107 2.92 79.77 51.27
CA ARG BC 107 3.05 79.71 49.82
C ARG BC 107 3.20 81.11 49.26
N GLU BC 108 2.49 82.07 49.84
CA GLU BC 108 2.63 83.45 49.38
C GLU BC 108 4.07 83.94 49.52
N ASP BC 109 4.67 83.82 50.72
CA ASP BC 109 6.04 84.33 50.85
C ASP BC 109 7.07 83.41 50.19
N LEU BC 110 6.73 82.16 49.90
CA LEU BC 110 7.65 81.34 49.12
C LEU BC 110 7.74 81.87 47.69
N VAL BC 111 6.59 82.13 47.07
CA VAL BC 111 6.59 82.76 45.75
C VAL BC 111 7.33 84.10 45.80
N ALA BC 112 7.07 84.89 46.84
CA ALA BC 112 7.73 86.20 46.92
C ALA BC 112 9.24 86.03 47.00
N LEU BC 113 9.70 85.01 47.74
CA LEU BC 113 11.12 84.69 47.83
C LEU BC 113 11.68 84.34 46.46
N LEU BC 114 10.97 83.51 45.71
CA LEU BC 114 11.47 83.10 44.40
C LEU BC 114 11.59 84.29 43.47
N ALA BC 115 10.57 85.15 43.47
CA ALA BC 115 10.60 86.32 42.59
C ALA BC 115 11.71 87.28 42.98
N SER BC 116 11.91 87.49 44.28
CA SER BC 116 12.99 88.36 44.73
C SER BC 116 14.36 87.77 44.42
N ALA BC 117 14.46 86.43 44.44
CA ALA BC 117 15.72 85.80 44.06
C ALA BC 117 16.00 85.98 42.57
N LEU BC 118 14.96 85.89 41.74
CA LEU BC 118 15.11 86.21 40.32
C LEU BC 118 15.48 87.67 40.10
N ALA BC 119 14.99 88.56 40.97
CA ALA BC 119 15.30 89.98 40.80
C ALA BC 119 16.69 90.33 41.32
N ASP BC 120 17.21 89.60 42.31
CA ASP BC 120 18.52 89.90 42.86
C ASP BC 120 19.58 89.80 41.77
N THR BC 121 20.50 90.77 41.76
CA THR BC 121 21.48 90.85 40.68
C THR BC 121 22.45 89.67 40.70
N ALA BC 122 22.89 89.26 41.89
CA ALA BC 122 23.83 88.15 41.99
C ALA BC 122 23.24 86.86 41.45
N ILE BC 123 22.00 86.55 41.87
CA ILE BC 123 21.34 85.34 41.41
C ILE BC 123 20.98 85.44 39.93
N LYS BC 124 20.55 86.64 39.49
CA LYS BC 124 20.17 86.82 38.10
C LYS BC 124 21.37 86.63 37.18
N SER BC 125 22.58 87.00 37.64
CA SER BC 125 23.78 86.77 36.86
C SER BC 125 23.94 85.29 36.55
N THR BC 126 23.60 84.43 37.52
CA THR BC 126 23.69 82.99 37.35
C THR BC 126 22.96 82.53 36.09
N ILE BC 127 21.76 83.06 35.86
CA ILE BC 127 20.97 82.63 34.71
C ILE BC 127 21.41 83.37 33.45
N VAL BC 128 21.46 84.69 33.53
CA VAL BC 128 21.64 85.51 32.34
C VAL BC 128 23.02 85.26 31.72
N ASN BC 129 24.07 85.28 32.55
CA ASN BC 129 25.44 85.20 32.09
C ASN BC 129 26.03 83.80 32.19
N VAL BC 130 25.20 82.82 32.56
CA VAL BC 130 25.59 81.43 32.80
C VAL BC 130 26.94 81.36 33.50
N GLU BC 131 27.05 82.03 34.65
CA GLU BC 131 28.23 81.99 35.51
C GLU BC 131 27.94 81.14 36.72
N HIS BC 132 28.93 80.31 37.12
CA HIS BC 132 28.87 79.57 38.37
C HIS BC 132 29.07 80.48 39.58
N PHE BC 133 28.55 80.05 40.72
CA PHE BC 133 28.91 80.72 41.97
C PHE BC 133 30.32 80.29 42.37
N TYR BC 134 31.12 81.27 42.80
CA TYR BC 134 32.51 81.01 43.19
C TYR BC 134 33.00 81.83 44.38
N PRO CC 1 -23.72 74.43 29.27
CA PRO CC 1 -23.30 75.00 30.55
C PRO CC 1 -21.82 75.25 30.56
N ALA CC 2 -21.41 76.47 30.25
CA ALA CC 2 -20.00 76.83 30.37
C ALA CC 2 -19.60 76.79 31.84
N LEU CC 3 -18.34 76.48 32.07
CA LEU CC 3 -17.82 76.38 33.43
C LEU CC 3 -17.77 77.76 34.06
N LYS CC 4 -18.41 77.93 35.20
CA LYS CC 4 -18.63 79.22 35.86
C LYS CC 4 -18.75 78.95 37.35
N PRO CC 5 -18.25 79.83 38.21
CA PRO CC 5 -18.55 79.71 39.64
C PRO CC 5 -20.04 79.80 39.86
N ILE CC 6 -20.58 78.82 40.58
CA ILE CC 6 -22.01 78.76 40.80
C ILE CC 6 -22.28 78.99 42.28
N THR CC 7 -23.29 79.77 42.57
CA THR CC 7 -23.64 80.11 43.94
C THR CC 7 -24.83 79.26 44.36
N LEU CC 8 -24.70 78.58 45.50
CA LEU CC 8 -25.75 77.72 46.05
C LEU CC 8 -26.11 78.22 47.44
N THR CC 9 -27.37 78.09 47.80
CA THR CC 9 -27.87 78.57 49.09
C THR CC 9 -27.87 77.45 50.12
N ASP CC 10 -27.39 77.74 51.33
CA ASP CC 10 -27.30 76.72 52.37
C ASP CC 10 -28.58 76.69 53.18
N HIS CC 11 -28.52 76.12 54.39
CA HIS CC 11 -29.73 76.01 55.18
C HIS CC 11 -30.25 77.38 55.64
N SER CC 12 -29.34 78.28 56.01
CA SER CC 12 -29.73 79.62 56.43
C SER CC 12 -30.08 80.55 55.27
N SER CC 13 -30.12 80.02 54.04
CA SER CC 13 -30.32 80.73 52.78
C SER CC 13 -29.14 81.62 52.43
N ALA CC 14 -28.07 81.60 53.20
CA ALA CC 14 -26.86 82.34 52.84
C ALA CC 14 -26.22 81.76 51.60
N ASP CC 15 -25.61 82.62 50.79
CA ASP CC 15 -24.96 82.15 49.58
C ASP CC 15 -23.65 81.45 49.90
N VAL CC 16 -23.29 80.51 49.02
CA VAL CC 16 -22.09 79.69 49.14
C VAL CC 16 -21.55 79.54 47.73
N ILE CC 17 -20.41 80.15 47.45
CA ILE CC 17 -19.87 80.23 46.10
C ILE CC 17 -18.93 79.06 45.86
N PHE CC 18 -19.24 78.24 44.86
CA PHE CC 18 -18.38 77.14 44.44
C PHE CC 18 -17.62 77.57 43.20
N THR CC 19 -16.30 77.65 43.31
CA THR CC 19 -15.45 77.98 42.18
C THR CC 19 -15.08 76.71 41.43
N PRO CC 20 -15.03 76.77 40.10
CA PRO CC 20 -14.65 75.58 39.32
C PRO CC 20 -13.21 75.18 39.61
N THR CC 21 -13.01 73.90 39.88
CA THR CC 21 -11.70 73.36 40.18
C THR CC 21 -11.04 72.70 38.97
N GLN CC 22 -11.72 71.76 38.33
CA GLN CC 22 -11.04 70.87 37.40
C GLN CC 22 -12.07 70.16 36.54
N ILE CC 23 -11.67 69.84 35.31
CA ILE CC 23 -12.45 68.98 34.43
C ILE CC 23 -11.68 67.68 34.27
N ASP CC 24 -12.30 66.58 34.70
CA ASP CC 24 -11.62 65.31 34.86
C ASP CC 24 -11.24 64.72 33.50
N LYS CC 25 -10.43 63.65 33.55
CA LYS CC 25 -10.15 62.88 32.33
C LYS CC 25 -11.39 62.13 31.85
N ASN CC 26 -12.31 61.82 32.76
CA ASN CC 26 -13.51 61.08 32.43
C ASN CC 26 -14.69 61.99 32.12
N GLY CC 27 -14.49 63.31 32.19
CA GLY CC 27 -15.55 64.27 31.96
C GLY CC 27 -16.13 64.87 33.22
N VAL CC 28 -15.67 64.44 34.39
CA VAL CC 28 -16.21 64.95 35.64
C VAL CC 28 -15.75 66.40 35.84
N ALA CC 29 -16.69 67.27 36.18
CA ALA CC 29 -16.40 68.67 36.47
C ALA CC 29 -16.60 68.90 37.96
N TYR CC 30 -15.60 69.51 38.58
CA TYR CC 30 -15.58 69.70 40.03
C TYR CC 30 -15.67 71.18 40.39
N PHE CC 31 -16.58 71.51 41.31
CA PHE CC 31 -16.67 72.84 41.89
C PHE CC 31 -16.41 72.72 43.39
N ARG CC 32 -15.56 73.59 43.92
CA ARG CC 32 -15.17 73.49 45.32
C ARG CC 32 -15.44 74.79 46.05
N HIS CC 33 -15.67 74.65 47.36
CA HIS CC 33 -15.77 75.76 48.30
C HIS CC 33 -14.94 75.36 49.51
N LEU CC 34 -13.92 76.15 49.82
CA LEU CC 34 -12.96 75.78 50.86
C LEU CC 34 -13.59 75.88 52.24
N GLN CC 35 -12.95 75.22 53.21
CA GLN CC 35 -13.44 75.18 54.58
C GLN CC 35 -13.19 76.51 55.26
N ALA CC 36 -13.58 76.58 56.54
CA ALA CC 36 -13.35 77.79 57.34
C ALA CC 36 -11.87 78.17 57.33
N ASN CC 37 -11.00 77.22 57.68
CA ASN CC 37 -9.57 77.45 57.57
C ASN CC 37 -9.15 77.53 56.11
N GLY CC 38 -8.14 78.36 55.84
CA GLY CC 38 -7.66 78.50 54.49
C GLY CC 38 -7.02 77.27 53.92
N LYS CC 39 -6.87 76.22 54.72
CA LYS CC 39 -6.17 75.02 54.31
C LYS CC 39 -7.07 74.17 53.41
N PRO CC 40 -6.65 73.88 52.16
CA PRO CC 40 -7.47 73.12 51.20
C PRO CC 40 -7.25 71.62 51.34
N ILE CC 41 -7.71 71.06 52.45
CA ILE CC 41 -7.61 69.63 52.68
C ILE CC 41 -8.98 68.95 52.51
N GLY CC 42 -9.96 69.36 53.31
CA GLY CC 42 -11.33 68.96 53.11
C GLY CC 42 -12.10 70.17 52.63
N ALA CC 43 -12.92 69.97 51.61
CA ALA CC 43 -13.59 71.10 50.99
C ALA CC 43 -14.93 70.62 50.45
N TYR CC 44 -15.91 71.52 50.51
CA TYR CC 44 -17.23 71.21 49.97
C TYR CC 44 -17.12 71.10 48.45
N THR CC 45 -17.67 70.03 47.89
CA THR CC 45 -17.50 69.77 46.47
C THR CC 45 -18.83 69.46 45.79
N VAL CC 46 -18.89 69.79 44.51
CA VAL CC 46 -20.02 69.47 43.65
C VAL CC 46 -19.45 68.91 42.34
N SER CC 47 -19.77 67.66 42.05
CA SER CC 47 -19.29 66.96 40.87
C SER CC 47 -20.44 66.81 39.87
N SER CC 48 -20.17 67.08 38.60
CA SER CC 48 -21.16 66.90 37.55
C SER CC 48 -20.53 66.14 36.40
N HIS CC 49 -21.19 65.05 35.97
CA HIS CC 49 -20.68 64.26 34.87
C HIS CC 49 -21.84 63.67 34.08
N VAL CC 50 -21.86 63.88 32.78
CA VAL CC 50 -22.86 63.27 31.91
C VAL CC 50 -22.18 62.23 31.04
N LYS CC 51 -22.81 61.07 30.93
CA LYS CC 51 -22.30 59.94 30.16
C LYS CC 51 -23.23 59.72 28.98
N GLU CC 52 -22.69 59.94 27.77
CA GLU CC 52 -23.40 59.69 26.54
C GLU CC 52 -23.75 58.21 26.43
N PRO CC 53 -24.67 57.84 25.53
CA PRO CC 53 -25.03 56.43 25.37
C PRO CC 53 -24.14 55.70 24.37
N GLY CC 54 -23.87 54.45 24.64
CA GLY CC 54 -23.03 53.62 23.78
C GLY CC 54 -23.88 52.67 22.94
N THR CC 55 -23.60 52.68 21.64
CA THR CC 55 -24.33 51.84 20.68
C THR CC 55 -25.82 52.16 20.72
N ASN CC 56 -26.13 53.45 20.81
CA ASN CC 56 -27.50 53.96 20.84
C ASN CC 56 -28.34 53.28 21.91
N GLY CC 57 -27.69 52.84 22.99
CA GLY CC 57 -28.44 52.46 24.17
C GLY CC 57 -29.24 53.64 24.67
N ASP CC 58 -30.52 53.41 24.95
CA ASP CC 58 -31.44 54.52 25.20
C ASP CC 58 -30.99 55.45 26.31
N VAL CC 59 -30.11 55.01 27.20
CA VAL CC 59 -29.85 55.70 28.46
C VAL CC 59 -28.75 56.76 28.30
N PHE CC 60 -29.01 57.93 28.87
CA PHE CC 60 -28.03 58.94 29.21
C PHE CC 60 -27.86 58.90 30.72
N ARG CC 61 -26.62 58.86 31.19
CA ARG CC 61 -26.37 58.74 32.64
C ARG CC 61 -25.76 60.04 33.15
N VAL CC 62 -26.58 60.89 33.76
CA VAL CC 62 -26.15 62.22 34.17
C VAL CC 62 -26.13 62.26 35.70
N LYS CC 63 -24.97 62.58 36.27
CA LYS CC 63 -24.73 62.40 37.69
C LYS CC 63 -24.32 63.72 38.33
N LEU CC 64 -24.84 63.94 39.54
CA LEU CC 64 -24.59 65.12 40.34
C LEU CC 64 -24.26 64.70 41.76
N PHE CC 65 -23.10 65.11 42.26
CA PHE CC 65 -22.64 64.76 43.59
C PHE CC 65 -22.42 66.03 44.41
N VAL CC 66 -22.84 66.01 45.67
CA VAL CC 66 -22.65 67.11 46.59
C VAL CC 66 -22.05 66.53 47.86
N ASN CC 67 -20.77 66.82 48.10
CA ASN CC 67 -20.04 66.27 49.24
C ASN CC 67 -19.74 67.39 50.23
N VAL CC 68 -20.19 67.20 51.46
CA VAL CC 68 -20.01 68.13 52.56
C VAL CC 68 -19.12 67.48 53.60
N PRO CC 69 -17.83 67.78 53.61
CA PRO CC 69 -16.94 67.22 54.65
C PRO CC 69 -16.92 68.07 55.91
N GLU CC 70 -16.90 67.38 57.05
CA GLU CC 70 -16.62 67.98 58.35
C GLU CC 70 -15.19 67.66 58.72
N VAL CC 71 -14.42 68.69 59.02
CA VAL CC 71 -12.97 68.63 59.21
C VAL CC 71 -12.65 68.84 60.68
N ALA CC 72 -11.49 68.34 61.10
CA ALA CC 72 -11.01 68.47 62.47
C ALA CC 72 -9.55 68.92 62.46
N THR CC 73 -9.26 69.95 63.24
CA THR CC 73 -7.89 70.44 63.40
C THR CC 73 -7.28 69.79 64.63
N ILE CC 74 -6.37 68.85 64.42
CA ILE CC 74 -5.74 68.09 65.50
C ILE CC 74 -4.31 68.57 65.67
N THR CC 75 -3.97 68.98 66.89
CA THR CC 75 -2.59 69.30 67.21
C THR CC 75 -2.08 68.30 68.24
N PRO CC 76 -1.03 67.55 67.93
CA PRO CC 76 -0.58 66.48 68.84
C PRO CC 76 -0.04 67.02 70.15
N ASN CC 77 0.31 66.11 71.06
CA ASN CC 77 0.73 66.52 72.40
C ASN CC 77 2.12 67.13 72.37
N GLY CC 78 2.25 68.32 72.98
CA GLY CC 78 3.53 68.98 73.09
C GLY CC 78 4.16 69.35 71.78
N SER CC 79 3.35 69.63 70.76
CA SER CC 79 3.84 69.94 69.42
C SER CC 79 3.47 71.37 69.04
N ASP CC 80 4.40 72.07 68.40
CA ASP CC 80 4.16 73.46 68.02
C ASP CC 80 3.03 73.56 67.00
N THR CC 81 3.01 72.65 66.02
CA THR CC 81 2.20 72.82 64.82
C THR CC 81 1.01 71.87 64.82
N SER CC 82 -0.13 72.37 64.35
CA SER CC 82 -1.34 71.59 64.19
C SER CC 82 -1.51 71.17 62.74
N SER CC 83 -2.10 69.99 62.56
CA SER CC 83 -2.43 69.52 61.22
C SER CC 83 -3.93 69.27 61.13
N VAL CC 84 -4.46 69.34 59.93
CA VAL CC 84 -5.89 69.20 59.71
C VAL CC 84 -6.17 67.82 59.14
N GLU CC 85 -7.39 67.31 59.40
CA GLU CC 85 -7.74 65.94 59.09
C GLU CC 85 -9.22 65.87 58.75
N ILE CC 86 -9.56 64.99 57.82
CA ILE CC 86 -10.95 64.84 57.38
C ILE CC 86 -11.68 63.96 58.40
N ALA CC 87 -12.56 64.57 59.19
CA ALA CC 87 -13.24 63.86 60.26
C ALA CC 87 -14.31 62.93 59.71
N ARG CC 88 -15.27 63.48 58.96
CA ARG CC 88 -16.27 62.65 58.31
C ARG CC 88 -16.86 63.43 57.16
N THR CC 89 -17.73 62.79 56.38
CA THR CC 89 -18.32 63.45 55.23
C THR CC 89 -19.78 63.04 55.09
N ASN CC 90 -20.66 64.03 54.90
CA ASN CC 90 -22.01 63.79 54.43
C ASN CC 90 -22.02 63.90 52.92
N ARG CC 91 -22.76 63.01 52.27
CA ARG CC 91 -22.77 63.01 50.81
C ARG CC 91 -24.18 62.88 50.29
N ALA CC 92 -24.44 63.53 49.16
CA ALA CC 92 -25.64 63.33 48.38
C ALA CC 92 -25.22 62.96 46.97
N GLN CC 93 -25.76 61.86 46.46
CA GLN CC 93 -25.35 61.34 45.15
C GLN CC 93 -26.60 61.10 44.32
N VAL CC 94 -26.68 61.77 43.17
CA VAL CC 94 -27.86 61.73 42.32
C VAL CC 94 -27.46 61.22 40.95
N GLU CC 95 -28.19 60.23 40.45
CA GLU CC 95 -28.02 59.73 39.09
C GLU CC 95 -29.37 59.80 38.39
N PHE CC 96 -29.44 60.57 37.31
CA PHE CC 96 -30.58 60.58 36.43
C PHE CC 96 -30.28 59.66 35.25
N ILE CC 97 -31.21 58.75 34.99
CA ILE CC 97 -31.19 57.90 33.81
C ILE CC 97 -32.25 58.45 32.86
N LEU CC 98 -31.80 58.98 31.72
CA LEU CC 98 -32.68 59.69 30.81
C LEU CC 98 -32.70 59.00 29.45
N PRO CC 99 -33.81 58.44 29.00
CA PRO CC 99 -33.84 57.81 27.68
C PRO CC 99 -33.60 58.82 26.57
N ALA CC 100 -32.88 58.37 25.53
CA ALA CC 100 -32.45 59.24 24.45
C ALA CC 100 -33.59 59.65 23.53
N GLN CC 101 -34.82 59.24 23.80
CA GLN CC 101 -35.94 59.57 22.95
C GLN CC 101 -37.02 60.41 23.62
N SER CC 102 -36.97 60.57 24.94
CA SER CC 102 -37.89 61.50 25.59
C SER CC 102 -37.46 62.93 25.31
N ALA CC 103 -38.43 63.79 25.03
CA ALA CC 103 -38.13 65.19 24.77
C ALA CC 103 -37.83 65.92 26.08
N ALA CC 104 -37.33 67.15 25.95
CA ALA CC 104 -36.86 67.90 27.11
C ALA CC 104 -37.96 68.15 28.15
N THR CC 105 -39.24 68.12 27.73
CA THR CC 105 -40.34 68.36 28.66
C THR CC 105 -40.30 67.35 29.81
N VAL CC 106 -40.08 66.08 29.46
CA VAL CC 106 -40.08 65.01 30.45
C VAL CC 106 -38.96 65.23 31.46
N ARG CC 107 -37.77 65.57 30.97
CA ARG CC 107 -36.65 65.77 31.89
C ARG CC 107 -36.88 67.00 32.77
N GLU CC 108 -37.49 68.05 32.21
CA GLU CC 108 -37.76 69.25 32.99
C GLU CC 108 -38.69 68.93 34.15
N ASP CC 109 -39.82 68.25 33.88
CA ASP CC 109 -40.72 68.00 34.99
C ASP CC 109 -40.23 66.88 35.91
N LEU CC 110 -39.31 66.03 35.44
CA LEU CC 110 -38.65 65.10 36.37
C LEU CC 110 -37.78 65.86 37.38
N VAL CC 111 -36.98 66.80 36.90
CA VAL CC 111 -36.17 67.61 37.79
C VAL CC 111 -37.05 68.38 38.76
N ALA CC 112 -38.16 68.94 38.24
CA ALA CC 112 -39.06 69.70 39.11
C ALA CC 112 -39.67 68.80 40.18
N LEU CC 113 -40.05 67.58 39.81
CA LEU CC 113 -40.57 66.62 40.79
C LEU CC 113 -39.54 66.32 41.87
N LEU CC 114 -38.28 66.12 41.47
CA LEU CC 114 -37.24 65.82 42.45
C LEU CC 114 -37.02 66.99 43.40
N ALA CC 115 -36.95 68.21 42.87
CA ALA CC 115 -36.75 69.37 43.72
C ALA CC 115 -37.92 69.59 44.67
N SER CC 116 -39.15 69.42 44.17
CA SER CC 116 -40.31 69.57 45.04
C SER CC 116 -40.38 68.46 46.08
N ALA CC 117 -39.88 67.26 45.75
CA ALA CC 117 -39.80 66.20 46.75
C ALA CC 117 -38.80 66.56 47.83
N LEU CC 118 -37.65 67.14 47.45
CA LEU CC 118 -36.70 67.61 48.45
C LEU CC 118 -37.28 68.73 49.30
N ALA CC 119 -38.17 69.54 48.73
CA ALA CC 119 -38.76 70.63 49.49
C ALA CC 119 -39.88 70.18 50.41
N ASP CC 120 -40.63 69.13 50.04
CA ASP CC 120 -41.71 68.65 50.87
C ASP CC 120 -41.20 68.30 52.27
N THR CC 121 -41.98 68.66 53.28
CA THR CC 121 -41.54 68.49 54.66
C THR CC 121 -41.47 67.01 55.05
N ALA CC 122 -42.46 66.22 54.61
CA ALA CC 122 -42.48 64.80 54.95
C ALA CC 122 -41.28 64.08 54.34
N ILE CC 123 -41.03 64.31 53.05
CA ILE CC 123 -39.87 63.71 52.40
C ILE CC 123 -38.58 64.28 52.99
N LYS CC 124 -38.60 65.55 53.42
CA LYS CC 124 -37.38 66.17 53.92
C LYS CC 124 -36.96 65.55 55.24
N SER CC 125 -37.90 65.35 56.16
CA SER CC 125 -37.57 64.74 57.45
C SER CC 125 -36.94 63.37 57.27
N THR CC 126 -37.31 62.65 56.21
CA THR CC 126 -36.64 61.39 55.87
C THR CC 126 -35.13 61.56 55.83
N ILE CC 127 -34.66 62.58 55.13
CA ILE CC 127 -33.23 62.82 55.01
C ILE CC 127 -32.68 63.48 56.26
N VAL CC 128 -33.26 64.61 56.62
CA VAL CC 128 -32.69 65.48 57.64
C VAL CC 128 -32.72 64.79 59.00
N ASN CC 129 -33.86 64.18 59.34
CA ASN CC 129 -34.13 63.69 60.68
C ASN CC 129 -33.90 62.19 60.82
N VAL CC 130 -33.60 61.49 59.72
CA VAL CC 130 -33.32 60.06 59.73
C VAL CC 130 -34.48 59.32 60.39
N GLU CC 131 -35.68 59.64 59.92
CA GLU CC 131 -36.91 58.98 60.32
C GLU CC 131 -37.39 58.14 59.15
N HIS CC 132 -37.87 56.94 59.45
CA HIS CC 132 -38.53 56.10 58.46
C HIS CC 132 -39.93 56.62 58.16
N PHE CC 133 -40.42 56.31 56.97
CA PHE CC 133 -41.82 56.51 56.66
C PHE CC 133 -42.67 55.44 57.33
N TYR CC 134 -43.84 55.85 57.81
CA TYR CC 134 -44.74 54.92 58.50
C TYR CC 134 -46.22 55.32 58.39
N PRO DC 1 -97.63 -77.29 58.52
CA PRO DC 1 -98.44 -76.83 59.65
C PRO DC 1 -98.36 -75.31 59.78
N ALA DC 2 -99.50 -74.66 59.54
CA ALA DC 2 -99.62 -73.23 59.76
C ALA DC 2 -99.18 -72.86 61.16
N LEU DC 3 -98.25 -71.90 61.24
CA LEU DC 3 -97.68 -71.49 62.52
C LEU DC 3 -98.79 -71.03 63.45
N LYS DC 4 -98.90 -71.71 64.59
CA LYS DC 4 -99.96 -71.48 65.56
C LYS DC 4 -99.38 -71.69 66.95
N PRO DC 5 -99.80 -70.91 67.93
CA PRO DC 5 -99.36 -71.15 69.31
C PRO DC 5 -99.81 -72.53 69.75
N ILE DC 6 -98.90 -73.27 70.37
CA ILE DC 6 -99.18 -74.65 70.72
C ILE DC 6 -99.10 -74.79 72.22
N THR DC 7 -99.90 -75.68 72.77
CA THR DC 7 -99.98 -75.90 74.21
C THR DC 7 -99.35 -77.25 74.55
N LEU DC 8 -98.41 -77.24 75.49
CA LEU DC 8 -97.70 -78.44 75.94
C LEU DC 8 -97.85 -78.59 77.44
N THR DC 9 -97.84 -79.83 77.92
CA THR DC 9 -98.01 -80.11 79.34
C THR DC 9 -96.66 -80.24 80.05
N ASP DC 10 -96.55 -79.61 81.23
CA ASP DC 10 -95.33 -79.66 82.03
C ASP DC 10 -95.35 -80.91 82.92
N HIS DC 11 -94.55 -80.91 83.97
CA HIS DC 11 -94.49 -82.11 84.80
C HIS DC 11 -95.79 -82.34 85.55
N SER DC 12 -96.42 -81.28 86.02
CA SER DC 12 -97.68 -81.37 86.74
C SER DC 12 -98.87 -81.54 85.80
N SER DC 13 -98.63 -81.82 84.52
CA SER DC 13 -99.62 -81.93 83.46
C SER DC 13 -100.44 -80.66 83.27
N ALA DC 14 -99.99 -79.54 83.85
CA ALA DC 14 -100.61 -78.25 83.59
C ALA DC 14 -100.27 -77.77 82.18
N ASP DC 15 -101.11 -76.88 81.66
CA ASP DC 15 -100.88 -76.37 80.32
C ASP DC 15 -99.80 -75.29 80.33
N VAL DC 16 -99.04 -75.23 79.22
CA VAL DC 16 -97.96 -74.29 79.02
C VAL DC 16 -98.04 -73.85 77.56
N ILE DC 17 -98.38 -72.59 77.34
CA ILE DC 17 -98.69 -72.09 76.00
C ILE DC 17 -97.44 -71.44 75.41
N PHE DC 18 -96.97 -71.99 74.30
CA PHE DC 18 -95.86 -71.43 73.54
C PHE DC 18 -96.41 -70.65 72.36
N THR DC 19 -96.14 -69.34 72.34
CA THR DC 19 -96.57 -68.50 71.23
C THR DC 19 -95.47 -68.44 70.17
N PRO DC 20 -95.83 -68.42 68.89
CA PRO DC 20 -94.81 -68.30 67.85
C PRO DC 20 -94.14 -66.94 67.93
N THR DC 21 -92.80 -66.97 67.82
CA THR DC 21 -91.97 -65.78 67.86
C THR DC 21 -91.44 -65.38 66.49
N GLN DC 22 -90.87 -66.33 65.76
CA GLN DC 22 -90.08 -65.98 64.58
C GLN DC 22 -89.94 -67.19 63.67
N ILE DC 23 -89.87 -66.92 62.37
CA ILE DC 23 -89.45 -67.91 61.39
C ILE DC 23 -88.09 -67.44 60.85
N ASP DC 24 -87.09 -68.29 60.98
CA ASP DC 24 -85.70 -67.89 60.79
C ASP DC 24 -85.38 -67.73 59.30
N LYS DC 25 -84.19 -67.20 59.03
CA LYS DC 25 -83.69 -67.15 57.65
C LYS DC 25 -83.42 -68.55 57.13
N ASN DC 26 -83.07 -69.48 58.01
CA ASN DC 26 -82.73 -70.84 57.64
C ASN DC 26 -83.93 -71.77 57.65
N GLY DC 27 -85.11 -71.26 57.96
CA GLY DC 27 -86.30 -72.08 58.07
C GLY DC 27 -86.63 -72.53 59.47
N VAL DC 28 -85.90 -72.04 60.48
CA VAL DC 28 -86.15 -72.42 61.86
C VAL DC 28 -87.35 -71.63 62.38
N ALA DC 29 -88.29 -72.34 63.01
CA ALA DC 29 -89.46 -71.73 63.60
C ALA DC 29 -89.35 -71.82 65.12
N TYR DC 30 -89.56 -70.70 65.80
CA TYR DC 30 -89.36 -70.59 67.24
C TYR DC 30 -90.68 -70.30 67.94
N PHE DC 31 -90.99 -71.10 68.96
CA PHE DC 31 -92.08 -70.83 69.88
C PHE DC 31 -91.50 -70.51 71.25
N ARG DC 32 -92.01 -69.47 71.90
CA ARG DC 32 -91.49 -69.06 73.19
C ARG DC 32 -92.59 -69.01 74.23
N HIS DC 33 -92.18 -69.23 75.48
CA HIS DC 33 -93.01 -69.06 76.66
C HIS DC 33 -92.16 -68.31 77.67
N LEU DC 34 -92.62 -67.12 78.07
CA LEU DC 34 -91.83 -66.24 78.91
C LEU DC 34 -91.70 -66.82 80.33
N GLN DC 35 -90.69 -66.32 81.06
CA GLN DC 35 -90.47 -66.77 82.43
C GLN DC 35 -91.53 -66.20 83.36
N ALA DC 36 -91.35 -66.51 84.65
CA ALA DC 36 -92.23 -65.97 85.69
C ALA DC 36 -92.29 -64.44 85.61
N ASN DC 37 -91.13 -63.79 85.62
CA ASN DC 37 -91.08 -62.36 85.41
C ASN DC 37 -91.52 -62.01 83.98
N GLY DC 38 -92.08 -60.81 83.83
CA GLY DC 38 -92.53 -60.37 82.52
C GLY DC 38 -91.40 -60.10 81.55
N LYS DC 39 -90.19 -60.18 82.05
CA LYS DC 39 -88.98 -59.90 81.28
C LYS DC 39 -88.63 -61.09 80.38
N PRO DC 40 -88.28 -60.83 79.12
CA PRO DC 40 -88.07 -61.91 78.15
C PRO DC 40 -86.65 -62.43 78.04
N ILE DC 41 -85.74 -62.09 78.96
CA ILE DC 41 -84.32 -62.32 78.72
C ILE DC 41 -84.02 -63.82 78.66
N GLY DC 42 -84.60 -64.60 79.56
CA GLY DC 42 -84.52 -66.05 79.45
C GLY DC 42 -85.93 -66.57 79.29
N ALA DC 43 -86.14 -67.52 78.38
CA ALA DC 43 -87.49 -67.99 78.13
C ALA DC 43 -87.47 -69.40 77.58
N TYR DC 44 -88.51 -70.16 77.90
CA TYR DC 44 -88.64 -71.51 77.38
C TYR DC 44 -88.88 -71.45 75.88
N THR DC 45 -88.17 -72.29 75.13
CA THR DC 45 -88.23 -72.22 73.67
C THR DC 45 -88.40 -73.60 73.06
N VAL DC 46 -89.07 -73.63 71.91
CA VAL DC 46 -89.23 -74.82 71.10
C VAL DC 46 -88.89 -74.45 69.67
N SER DC 47 -87.86 -75.08 69.11
CA SER DC 47 -87.38 -74.81 67.76
C SER DC 47 -87.72 -75.98 66.85
N SER DC 48 -88.22 -75.68 65.66
CA SER DC 48 -88.52 -76.72 64.68
C SER DC 48 -87.95 -76.31 63.34
N HIS DC 49 -87.11 -77.18 62.77
CA HIS DC 49 -86.57 -76.92 61.43
C HIS DC 49 -86.42 -78.23 60.70
N VAL DC 50 -86.97 -78.30 59.49
CA VAL DC 50 -86.83 -79.49 58.66
C VAL DC 50 -86.02 -79.11 57.42
N LYS DC 51 -84.99 -79.92 57.14
CA LYS DC 51 -84.06 -79.71 56.04
C LYS DC 51 -84.35 -80.74 54.97
N GLU DC 52 -84.85 -80.28 53.83
CA GLU DC 52 -85.13 -81.16 52.71
C GLU DC 52 -83.83 -81.65 52.09
N PRO DC 53 -83.85 -82.80 51.43
CA PRO DC 53 -82.62 -83.34 50.84
C PRO DC 53 -82.23 -82.64 49.54
N GLY DC 54 -80.95 -82.78 49.20
CA GLY DC 54 -80.42 -82.18 47.99
C GLY DC 54 -79.69 -83.19 47.13
N THR DC 55 -79.74 -82.96 45.82
CA THR DC 55 -79.18 -83.89 44.84
C THR DC 55 -79.76 -85.29 45.06
N ASN DC 56 -81.09 -85.37 45.06
CA ASN DC 56 -81.83 -86.58 45.36
C ASN DC 56 -81.30 -87.24 46.63
N GLY DC 57 -80.94 -86.42 47.61
CA GLY DC 57 -80.45 -86.95 48.88
C GLY DC 57 -81.49 -87.87 49.49
N ASP DC 58 -81.03 -88.98 50.04
CA ASP DC 58 -81.95 -89.95 50.59
C ASP DC 58 -82.69 -89.41 51.81
N VAL DC 59 -82.18 -88.36 52.46
CA VAL DC 59 -82.51 -88.05 53.84
C VAL DC 59 -83.12 -86.66 53.97
N PHE DC 60 -84.32 -86.61 54.57
CA PHE DC 60 -84.80 -85.44 55.28
C PHE DC 60 -84.17 -85.40 56.68
N ARG DC 61 -83.82 -84.21 57.14
CA ARG DC 61 -83.29 -84.03 58.50
C ARG DC 61 -84.19 -83.07 59.26
N VAL DC 62 -85.02 -83.61 60.17
CA VAL DC 62 -86.05 -82.83 60.84
C VAL DC 62 -85.66 -82.71 62.32
N LYS DC 63 -85.59 -81.48 62.80
CA LYS DC 63 -85.00 -81.20 64.10
C LYS DC 63 -86.00 -80.48 65.00
N LEU DC 64 -86.05 -80.92 66.26
CA LEU DC 64 -86.92 -80.39 67.29
C LEU DC 64 -86.08 -80.11 68.53
N PHE DC 65 -86.12 -78.87 69.01
CA PHE DC 65 -85.35 -78.43 70.16
C PHE DC 65 -86.29 -77.92 71.24
N VAL DC 66 -86.03 -78.31 72.48
CA VAL DC 66 -86.80 -77.86 73.64
C VAL DC 66 -85.81 -77.35 74.68
N ASN DC 67 -85.77 -76.04 74.87
CA ASN DC 67 -84.82 -75.39 75.76
C ASN DC 67 -85.55 -74.83 76.97
N VAL DC 68 -85.10 -75.23 78.15
CA VAL DC 68 -85.67 -74.84 79.43
C VAL DC 68 -84.59 -74.11 80.24
N PRO DC 69 -84.59 -72.79 80.22
CA PRO DC 69 -83.63 -72.05 81.07
C PRO DC 69 -84.15 -71.81 82.48
N GLU DC 70 -83.22 -71.86 83.42
CA GLU DC 70 -83.41 -71.34 84.77
C GLU DC 70 -82.69 -69.99 84.83
N VAL DC 71 -83.46 -68.93 85.11
CA VAL DC 71 -82.94 -67.59 85.23
C VAL DC 71 -82.77 -67.25 86.70
N ALA DC 72 -81.90 -66.30 86.99
CA ALA DC 72 -81.68 -65.82 88.34
C ALA DC 72 -81.76 -64.30 88.36
N THR DC 73 -82.39 -63.78 89.41
CA THR DC 73 -82.59 -62.35 89.57
C THR DC 73 -81.46 -61.80 90.43
N ILE DC 74 -80.53 -61.07 89.81
CA ILE DC 74 -79.39 -60.49 90.50
C ILE DC 74 -79.71 -59.02 90.78
N THR DC 75 -79.64 -58.64 92.05
CA THR DC 75 -79.85 -57.25 92.45
C THR DC 75 -78.61 -56.80 93.22
N PRO DC 76 -77.88 -55.79 92.75
CA PRO DC 76 -76.64 -55.38 93.43
C PRO DC 76 -76.90 -54.88 94.83
N ASN DC 77 -75.82 -54.79 95.61
CA ASN DC 77 -75.93 -54.51 97.03
C ASN DC 77 -76.53 -53.13 97.27
N GLY DC 78 -77.66 -53.09 97.96
CA GLY DC 78 -78.33 -51.85 98.30
C GLY DC 78 -78.89 -51.09 97.10
N SER DC 79 -79.42 -51.81 96.11
CA SER DC 79 -79.91 -51.20 94.88
C SER DC 79 -81.42 -51.29 94.81
N ASP DC 80 -82.01 -50.32 94.11
CA ASP DC 80 -83.46 -50.31 93.94
C ASP DC 80 -83.92 -51.38 92.96
N THR DC 81 -83.31 -51.44 91.79
CA THR DC 81 -83.77 -52.29 90.71
C THR DC 81 -82.86 -53.49 90.52
N SER DC 82 -83.44 -54.59 90.05
CA SER DC 82 -82.74 -55.84 89.82
C SER DC 82 -82.73 -56.17 88.33
N SER DC 83 -81.67 -56.84 87.91
CA SER DC 83 -81.53 -57.29 86.53
C SER DC 83 -81.56 -58.82 86.50
N VAL DC 84 -82.04 -59.38 85.40
CA VAL DC 84 -82.20 -60.82 85.27
C VAL DC 84 -81.08 -61.39 84.41
N GLU DC 85 -80.55 -62.54 84.81
CA GLU DC 85 -79.43 -63.18 84.15
C GLU DC 85 -79.77 -64.64 83.90
N ILE DC 86 -79.24 -65.21 82.82
CA ILE DC 86 -79.52 -66.61 82.49
C ILE DC 86 -78.58 -67.48 83.31
N ALA DC 87 -79.12 -68.12 84.34
CA ALA DC 87 -78.29 -68.91 85.26
C ALA DC 87 -77.77 -70.17 84.59
N ARG DC 88 -78.67 -71.03 84.12
CA ARG DC 88 -78.25 -72.21 83.39
C ARG DC 88 -79.42 -72.68 82.53
N THR DC 89 -79.17 -73.65 81.67
CA THR DC 89 -80.20 -74.11 80.75
C THR DC 89 -80.15 -75.62 80.63
N ASN DC 90 -81.31 -76.28 80.77
CA ASN DC 90 -81.47 -77.65 80.34
C ASN DC 90 -81.97 -77.66 78.91
N ARG DC 91 -81.54 -78.65 78.13
CA ARG DC 91 -81.92 -78.71 76.73
C ARG DC 91 -82.20 -80.14 76.31
N ALA DC 92 -83.10 -80.28 75.34
CA ALA DC 92 -83.35 -81.55 74.67
C ALA DC 92 -83.34 -81.29 73.16
N GLN DC 93 -82.54 -82.07 72.43
CA GLN DC 93 -82.31 -81.82 71.01
C GLN DC 93 -82.54 -83.12 70.24
N VAL DC 94 -83.52 -83.11 69.34
CA VAL DC 94 -83.96 -84.31 68.63
C VAL DC 94 -83.73 -84.08 67.14
N GLU DC 95 -83.01 -84.99 66.50
CA GLU DC 95 -82.84 -85.02 65.06
C GLU DC 95 -83.39 -86.34 64.55
N PHE DC 96 -84.47 -86.29 63.78
CA PHE DC 96 -84.92 -87.45 63.04
C PHE DC 96 -84.29 -87.41 61.66
N ILE DC 97 -83.65 -88.52 61.30
CA ILE DC 97 -83.12 -88.73 59.96
C ILE DC 97 -84.12 -89.63 59.26
N LEU DC 98 -84.93 -89.05 58.39
CA LEU DC 98 -85.93 -89.86 57.71
C LEU DC 98 -85.55 -90.03 56.25
N PRO DC 99 -85.69 -91.22 55.66
CA PRO DC 99 -85.46 -91.32 54.22
C PRO DC 99 -86.66 -90.90 53.38
N ALA DC 100 -86.38 -90.27 52.24
CA ALA DC 100 -87.44 -89.83 51.33
C ALA DC 100 -88.18 -90.99 50.69
N GLN DC 101 -87.70 -92.21 50.84
CA GLN DC 101 -88.26 -93.37 50.18
C GLN DC 101 -89.14 -94.20 51.10
N SER DC 102 -89.33 -93.78 52.35
CA SER DC 102 -90.09 -94.53 53.32
C SER DC 102 -91.59 -94.23 53.20
N ALA DC 103 -92.39 -95.04 53.89
CA ALA DC 103 -93.83 -94.83 54.00
C ALA DC 103 -94.16 -94.20 55.34
N ALA DC 104 -95.21 -93.39 55.36
CA ALA DC 104 -95.58 -92.64 56.55
C ALA DC 104 -95.87 -93.54 57.74
N THR DC 105 -96.25 -94.80 57.50
CA THR DC 105 -96.44 -95.76 58.59
C THR DC 105 -95.18 -95.88 59.43
N VAL DC 106 -94.04 -95.98 58.75
CA VAL DC 106 -92.77 -96.17 59.44
C VAL DC 106 -92.46 -94.95 60.30
N ARG DC 107 -92.64 -93.74 59.78
CA ARG DC 107 -92.36 -92.56 60.58
C ARG DC 107 -93.33 -92.44 61.75
N GLU DC 108 -94.59 -92.82 61.53
CA GLU DC 108 -95.56 -92.77 62.62
C GLU DC 108 -95.14 -93.67 63.77
N ASP DC 109 -94.80 -94.93 63.49
CA ASP DC 109 -94.44 -95.77 64.62
C ASP DC 109 -93.01 -95.52 65.13
N LEU DC 110 -92.15 -94.87 64.34
CA LEU DC 110 -90.89 -94.39 64.91
C LEU DC 110 -91.14 -93.33 65.98
N VAL DC 111 -91.99 -92.35 65.66
CA VAL DC 111 -92.34 -91.32 66.64
C VAL DC 111 -93.00 -91.96 67.85
N ALA DC 112 -93.92 -92.91 67.61
CA ALA DC 112 -94.60 -93.56 68.73
C ALA DC 112 -93.62 -94.32 69.60
N LEU DC 113 -92.64 -94.99 68.99
CA LEU DC 113 -91.62 -95.70 69.75
C LEU DC 113 -90.78 -94.74 70.59
N LEU DC 114 -90.44 -93.58 70.02
CA LEU DC 114 -89.67 -92.61 70.78
C LEU DC 114 -90.47 -92.08 71.97
N ALA DC 115 -91.75 -91.77 71.75
CA ALA DC 115 -92.58 -91.27 72.85
C ALA DC 115 -92.76 -92.32 73.93
N SER DC 116 -92.97 -93.58 73.54
CA SER DC 116 -93.11 -94.64 74.52
C SER DC 116 -91.80 -94.92 75.25
N ALA DC 117 -90.66 -94.73 74.59
CA ALA DC 117 -89.39 -94.86 75.26
C ALA DC 117 -89.21 -93.76 76.29
N LEU DC 118 -89.62 -92.53 75.96
CA LEU DC 118 -89.61 -91.45 76.94
C LEU DC 118 -90.55 -91.75 78.11
N ALA DC 119 -91.67 -92.42 77.83
CA ALA DC 119 -92.63 -92.71 78.89
C ALA DC 119 -92.18 -93.88 79.77
N ASP DC 120 -91.40 -94.82 79.23
CA ASP DC 120 -90.95 -95.96 80.02
C ASP DC 120 -90.12 -95.48 81.20
N THR DC 121 -90.35 -96.08 82.36
CA THR DC 121 -89.68 -95.62 83.58
C THR DC 121 -88.20 -95.96 83.57
N ALA DC 122 -87.84 -97.13 83.04
CA ALA DC 122 -86.43 -97.52 82.99
C ALA DC 122 -85.63 -96.55 82.13
N ILE DC 123 -86.19 -96.13 81.01
CA ILE DC 123 -85.51 -95.16 80.15
C ILE DC 123 -85.62 -93.75 80.73
N LYS DC 124 -86.71 -93.45 81.44
CA LYS DC 124 -86.90 -92.12 81.98
C LYS DC 124 -85.92 -91.84 83.12
N SER DC 125 -85.53 -92.88 83.87
CA SER DC 125 -84.53 -92.69 84.91
C SER DC 125 -83.19 -92.30 84.30
N THR DC 126 -82.92 -92.76 83.08
CA THR DC 126 -81.72 -92.36 82.35
C THR DC 126 -81.62 -90.86 82.22
N ILE DC 127 -82.70 -90.22 81.79
CA ILE DC 127 -82.68 -88.77 81.57
C ILE DC 127 -82.82 -88.04 82.89
N VAL DC 128 -83.87 -88.35 83.63
CA VAL DC 128 -84.23 -87.57 84.80
C VAL DC 128 -83.19 -87.72 85.90
N ASN DC 129 -82.76 -88.97 86.17
CA ASN DC 129 -81.96 -89.31 87.33
C ASN DC 129 -80.49 -89.58 87.00
N VAL DC 130 -80.14 -89.58 85.70
CA VAL DC 130 -78.76 -89.71 85.24
C VAL DC 130 -78.14 -90.97 85.83
N GLU DC 131 -78.85 -92.07 85.67
CA GLU DC 131 -78.36 -93.39 86.00
C GLU DC 131 -78.01 -94.11 84.69
N HIS DC 132 -76.82 -94.71 84.65
CA HIS DC 132 -76.39 -95.54 83.54
C HIS DC 132 -77.10 -96.89 83.57
N PHE DC 133 -77.18 -97.52 82.40
CA PHE DC 133 -77.56 -98.92 82.31
C PHE DC 133 -76.39 -99.81 82.72
N TYR DC 134 -76.70 -100.88 83.44
CA TYR DC 134 -75.67 -101.80 83.92
C TYR DC 134 -76.14 -103.25 84.00
N PRO EC 1 -102.67 -63.64 48.68
CA PRO EC 1 -102.93 -65.08 48.76
C PRO EC 1 -102.21 -65.71 49.92
N ALA EC 2 -102.86 -65.72 51.09
CA ALA EC 2 -102.30 -66.40 52.24
C ALA EC 2 -102.12 -67.89 51.94
N LEU EC 3 -101.02 -68.44 52.43
CA LEU EC 3 -100.68 -69.83 52.16
C LEU EC 3 -101.79 -70.74 52.67
N LYS EC 4 -102.33 -71.57 51.78
CA LYS EC 4 -103.51 -72.37 52.09
C LYS EC 4 -103.60 -73.49 51.07
N PRO EC 5 -104.13 -74.64 51.45
CA PRO EC 5 -104.16 -75.77 50.53
C PRO EC 5 -105.05 -75.47 49.35
N ILE EC 6 -104.64 -75.94 48.18
CA ILE EC 6 -105.38 -75.64 46.97
C ILE EC 6 -105.70 -76.95 46.26
N THR EC 7 -106.85 -76.98 45.59
CA THR EC 7 -107.35 -78.18 44.91
C THR EC 7 -107.24 -78.00 43.41
N LEU EC 8 -106.69 -79.01 42.73
CA LEU EC 8 -106.48 -79.00 41.28
C LEU EC 8 -107.03 -80.29 40.69
N THR EC 9 -107.53 -80.21 39.46
CA THR EC 9 -108.14 -81.36 38.80
C THR EC 9 -107.10 -82.07 37.92
N ASP EC 10 -107.03 -83.39 38.03
CA ASP EC 10 -106.10 -84.17 37.22
C ASP EC 10 -106.74 -84.47 35.86
N HIS EC 11 -106.15 -85.40 35.11
CA HIS EC 11 -106.67 -85.69 33.78
C HIS EC 11 -108.07 -86.29 33.82
N SER EC 12 -108.37 -87.05 34.86
CA SER EC 12 -109.69 -87.65 35.03
C SER EC 12 -110.70 -86.70 35.65
N SER EC 13 -110.33 -85.42 35.80
CA SER EC 13 -111.09 -84.38 36.48
C SER EC 13 -111.29 -84.67 37.96
N ALA EC 14 -110.58 -85.66 38.50
CA ALA EC 14 -110.67 -85.94 39.94
C ALA EC 14 -109.90 -84.88 40.73
N ASP EC 15 -110.47 -84.47 41.85
CA ASP EC 15 -109.83 -83.46 42.68
C ASP EC 15 -108.55 -84.00 43.29
N VAL EC 16 -107.57 -83.11 43.45
CA VAL EC 16 -106.23 -83.42 43.93
C VAL EC 16 -105.83 -82.27 44.84
N ILE EC 17 -105.70 -82.55 46.13
CA ILE EC 17 -105.55 -81.51 47.15
C ILE EC 17 -104.08 -81.38 47.51
N PHE EC 18 -103.47 -80.25 47.15
CA PHE EC 18 -102.09 -79.93 47.53
C PHE EC 18 -102.12 -79.13 48.83
N THR EC 19 -101.51 -79.69 49.89
CA THR EC 19 -101.41 -78.91 51.12
C THR EC 19 -100.11 -78.11 51.12
N PRO EC 20 -100.10 -76.94 51.76
CA PRO EC 20 -98.86 -76.16 51.80
C PRO EC 20 -97.78 -76.90 52.55
N THR EC 21 -96.56 -76.88 51.99
CA THR EC 21 -95.41 -77.53 52.59
C THR EC 21 -94.43 -76.54 53.18
N GLN EC 22 -93.96 -75.59 52.37
CA GLN EC 22 -92.83 -74.80 52.84
C GLN EC 22 -92.82 -73.42 52.19
N ILE EC 23 -92.43 -72.41 52.96
CA ILE EC 23 -92.06 -71.11 52.42
C ILE EC 23 -90.54 -71.03 52.47
N ASP EC 24 -89.94 -70.78 51.31
CA ASP EC 24 -88.51 -70.98 51.13
C ASP EC 24 -87.72 -69.86 51.82
N LYS EC 25 -86.39 -69.94 51.70
CA LYS EC 25 -85.54 -68.83 52.10
C LYS EC 25 -85.62 -67.68 51.10
N ASN EC 26 -85.76 -68.01 49.81
CA ASN EC 26 -85.83 -67.00 48.76
C ASN EC 26 -87.25 -66.50 48.52
N GLY EC 27 -88.26 -67.19 49.04
CA GLY EC 27 -89.65 -66.83 48.81
C GLY EC 27 -90.45 -67.88 48.09
N VAL EC 28 -89.86 -69.03 47.75
CA VAL EC 28 -90.57 -70.07 47.02
C VAL EC 28 -91.60 -70.72 47.94
N ALA EC 29 -92.81 -70.90 47.42
CA ALA EC 29 -93.89 -71.57 48.15
C ALA EC 29 -94.06 -72.96 47.56
N TYR EC 30 -93.97 -73.97 48.41
CA TYR EC 30 -94.02 -75.38 48.02
C TYR EC 30 -95.30 -75.99 48.58
N PHE EC 31 -96.14 -76.52 47.68
CA PHE EC 31 -97.30 -77.34 48.02
C PHE EC 31 -97.04 -78.77 47.60
N ARG EC 32 -97.48 -79.71 48.44
CA ARG EC 32 -97.22 -81.12 48.26
C ARG EC 32 -98.53 -81.89 48.32
N HIS EC 33 -98.66 -82.89 47.46
CA HIS EC 33 -99.77 -83.84 47.47
C HIS EC 33 -99.17 -85.22 47.62
N LEU EC 34 -99.26 -85.77 48.83
CA LEU EC 34 -98.70 -87.09 49.09
C LEU EC 34 -99.54 -88.17 48.44
N GLN EC 35 -98.94 -89.35 48.29
CA GLN EC 35 -99.63 -90.48 47.71
C GLN EC 35 -100.47 -91.18 48.78
N ALA EC 36 -101.07 -92.31 48.42
CA ALA EC 36 -101.86 -93.07 49.38
C ALA EC 36 -101.00 -93.50 50.57
N ASN EC 37 -99.84 -94.07 50.29
CA ASN EC 37 -98.94 -94.58 51.32
C ASN EC 37 -98.12 -93.50 52.01
N GLY EC 38 -98.28 -92.24 51.61
CA GLY EC 38 -97.49 -91.18 52.20
C GLY EC 38 -96.00 -91.27 51.90
N LYS EC 39 -95.64 -91.64 50.68
CA LYS EC 39 -94.24 -91.72 50.29
C LYS EC 39 -93.79 -90.39 49.73
N PRO EC 40 -92.81 -89.72 50.36
CA PRO EC 40 -92.37 -88.41 49.85
C PRO EC 40 -91.92 -88.45 48.40
N ILE EC 41 -91.12 -89.47 48.05
CA ILE EC 41 -90.62 -89.62 46.69
C ILE EC 41 -91.76 -89.68 45.68
N GLY EC 42 -92.97 -90.04 46.10
CA GLY EC 42 -94.09 -90.12 45.20
C GLY EC 42 -95.00 -88.91 45.17
N ALA EC 43 -94.72 -87.89 45.98
CA ALA EC 43 -95.66 -86.78 46.11
C ALA EC 43 -95.56 -85.80 44.95
N TYR EC 44 -96.71 -85.32 44.50
CA TYR EC 44 -96.72 -84.21 43.55
C TYR EC 44 -96.35 -82.92 44.25
N THR EC 45 -95.72 -82.01 43.50
CA THR EC 45 -95.33 -80.74 44.07
C THR EC 45 -95.71 -79.59 43.15
N VAL EC 46 -96.00 -78.44 43.76
CA VAL EC 46 -96.28 -77.21 43.04
C VAL EC 46 -95.54 -76.07 43.72
N SER EC 47 -94.69 -75.37 42.97
CA SER EC 47 -93.88 -74.27 43.48
C SER EC 47 -94.36 -72.96 42.87
N SER EC 48 -94.40 -71.92 43.69
CA SER EC 48 -94.77 -70.59 43.22
C SER EC 48 -93.86 -69.57 43.88
N HIS EC 49 -93.15 -68.80 43.06
CA HIS EC 49 -92.25 -67.77 43.56
C HIS EC 49 -92.32 -66.55 42.66
N VAL EC 50 -92.43 -65.37 43.24
CA VAL EC 50 -92.45 -64.14 42.46
C VAL EC 50 -91.27 -63.28 42.87
N LYS EC 51 -90.54 -62.78 41.87
CA LYS EC 51 -89.34 -61.97 42.04
C LYS EC 51 -89.68 -60.56 41.59
N GLU EC 52 -89.66 -59.62 42.53
CA GLU EC 52 -89.93 -58.22 42.29
C GLU EC 52 -88.74 -57.59 41.57
N PRO EC 53 -88.96 -56.47 40.88
CA PRO EC 53 -87.85 -55.78 40.23
C PRO EC 53 -87.03 -54.95 41.20
N GLY EC 54 -85.76 -54.79 40.87
CA GLY EC 54 -84.87 -53.98 41.68
C GLY EC 54 -83.92 -53.20 40.79
N THR EC 55 -83.35 -52.14 41.39
CA THR EC 55 -82.46 -51.23 40.67
C THR EC 55 -83.13 -50.76 39.38
N ASN EC 56 -84.34 -50.21 39.55
CA ASN EC 56 -85.12 -49.66 38.45
C ASN EC 56 -85.24 -50.64 37.29
N GLY EC 57 -85.57 -51.88 37.62
CA GLY EC 57 -85.87 -52.88 36.61
C GLY EC 57 -87.35 -52.83 36.25
N ASP EC 58 -87.63 -52.97 34.97
CA ASP EC 58 -89.01 -52.88 34.51
C ASP EC 58 -89.78 -54.17 34.73
N VAL EC 59 -89.09 -55.28 34.99
CA VAL EC 59 -89.67 -56.61 34.84
C VAL EC 59 -90.01 -57.22 36.19
N PHE EC 60 -91.05 -58.05 36.18
CA PHE EC 60 -91.42 -58.95 37.27
C PHE EC 60 -91.23 -60.37 36.78
N ARG EC 61 -90.66 -61.24 37.60
CA ARG EC 61 -90.43 -62.63 37.19
C ARG EC 61 -91.21 -63.56 38.11
N VAL EC 62 -92.32 -64.10 37.62
CA VAL EC 62 -93.22 -64.93 38.43
C VAL EC 62 -93.16 -66.35 37.89
N LYS EC 63 -92.86 -67.31 38.76
CA LYS EC 63 -92.55 -68.67 38.36
C LYS EC 63 -93.52 -69.64 39.02
N LEU EC 64 -93.97 -70.62 38.22
CA LEU EC 64 -94.88 -71.67 38.65
C LEU EC 64 -94.35 -73.01 38.15
N PHE EC 65 -94.13 -73.94 39.08
CA PHE EC 65 -93.61 -75.26 38.79
C PHE EC 65 -94.63 -76.31 39.21
N VAL EC 66 -94.83 -77.32 38.36
CA VAL EC 66 -95.71 -78.44 38.66
C VAL EC 66 -94.94 -79.72 38.37
N ASN EC 67 -94.55 -80.43 39.41
CA ASN EC 67 -93.73 -81.63 39.28
C ASN EC 67 -94.57 -82.85 39.64
N VAL EC 68 -94.65 -83.80 38.70
CA VAL EC 68 -95.37 -85.06 38.84
C VAL EC 68 -94.37 -86.20 38.80
N PRO EC 69 -94.08 -86.85 39.92
CA PRO EC 69 -93.19 -88.01 39.86
C PRO EC 69 -93.98 -89.29 39.64
N GLU EC 70 -93.33 -90.25 39.00
CA GLU EC 70 -93.79 -91.64 38.97
C GLU EC 70 -92.71 -92.50 39.60
N VAL EC 71 -93.13 -93.34 40.54
CA VAL EC 71 -92.26 -94.24 41.29
C VAL EC 71 -91.97 -95.47 40.44
N ALA EC 72 -90.72 -95.95 40.43
CA ALA EC 72 -90.39 -97.19 39.75
C ALA EC 72 -90.08 -98.24 40.81
N THR EC 73 -90.83 -99.33 40.80
CA THR EC 73 -90.64 -100.39 41.79
C THR EC 73 -89.71 -101.47 41.24
N GLU EC 85 -88.59 -97.74 44.34
CA GLU EC 85 -87.37 -97.33 45.03
C GLU EC 85 -86.84 -95.98 44.52
N ILE EC 86 -86.61 -95.86 43.22
CA ILE EC 86 -86.21 -94.60 42.61
C ILE EC 86 -87.31 -94.19 41.66
N ALA EC 87 -87.49 -92.90 41.49
CA ALA EC 87 -88.64 -92.36 40.79
C ALA EC 87 -88.17 -91.31 39.81
N ARG EC 88 -88.84 -91.24 38.66
CA ARG EC 88 -88.50 -90.22 37.68
C ARG EC 88 -89.65 -89.22 37.58
N THR EC 89 -89.30 -87.96 37.37
CA THR EC 89 -90.26 -86.88 37.53
C THR EC 89 -90.48 -86.18 36.20
N ASN EC 90 -91.74 -86.17 35.74
CA ASN EC 90 -92.16 -85.22 34.71
C ASN EC 90 -92.32 -83.85 35.35
N ARG EC 91 -91.87 -82.81 34.65
CA ARG EC 91 -91.97 -81.47 35.20
C ARG EC 91 -92.57 -80.49 34.19
N ALA EC 92 -93.30 -79.52 34.70
CA ALA EC 92 -93.71 -78.34 33.95
C ALA EC 92 -93.17 -77.13 34.68
N GLN EC 93 -92.50 -76.23 33.94
CA GLN EC 93 -91.85 -75.07 34.53
C GLN EC 93 -92.24 -73.84 33.74
N VAL EC 94 -92.97 -72.92 34.36
CA VAL EC 94 -93.48 -71.73 33.69
C VAL EC 94 -92.86 -70.51 34.34
N GLU EC 95 -92.35 -69.60 33.51
CA GLU EC 95 -91.86 -68.30 33.96
C GLU EC 95 -92.59 -67.23 33.16
N PHE EC 96 -93.34 -66.38 33.86
CA PHE EC 96 -93.95 -65.20 33.26
C PHE EC 96 -93.05 -64.00 33.53
N ILE EC 97 -92.80 -63.23 32.49
CA ILE EC 97 -92.04 -61.98 32.55
C ILE EC 97 -93.04 -60.86 32.31
N LEU EC 98 -93.30 -60.05 33.33
CA LEU EC 98 -94.38 -59.07 33.29
C LEU EC 98 -93.84 -57.68 33.59
N PRO EC 99 -93.85 -56.74 32.65
CA PRO EC 99 -93.42 -55.37 32.96
C PRO EC 99 -94.32 -54.71 33.97
N ALA EC 100 -93.76 -53.74 34.68
CA ALA EC 100 -94.47 -53.08 35.79
C ALA EC 100 -95.51 -52.08 35.31
N GLN EC 101 -95.34 -51.51 34.11
CA GLN EC 101 -96.32 -50.54 33.62
C GLN EC 101 -97.54 -51.19 32.99
N SER EC 102 -97.47 -52.47 32.64
CA SER EC 102 -98.61 -53.11 31.99
C SER EC 102 -99.80 -53.15 32.94
N ALA EC 103 -100.93 -52.62 32.48
CA ALA EC 103 -102.16 -52.74 33.25
C ALA EC 103 -102.55 -54.22 33.38
N ALA EC 104 -103.25 -54.54 34.46
CA ALA EC 104 -103.58 -55.93 34.74
C ALA EC 104 -104.39 -56.58 33.63
N THR EC 105 -105.04 -55.79 32.76
CA THR EC 105 -105.76 -56.35 31.62
C THR EC 105 -104.86 -57.27 30.80
N VAL EC 106 -103.64 -56.80 30.55
CA VAL EC 106 -102.72 -57.54 29.68
C VAL EC 106 -102.36 -58.86 30.33
N ARG EC 107 -102.01 -58.83 31.63
CA ARG EC 107 -101.60 -60.06 32.29
C ARG EC 107 -102.75 -61.04 32.36
N GLU EC 108 -103.97 -60.53 32.59
CA GLU EC 108 -105.14 -61.40 32.62
C GLU EC 108 -105.31 -62.14 31.29
N ASP EC 109 -105.33 -61.43 30.16
CA ASP EC 109 -105.53 -62.15 28.90
C ASP EC 109 -104.28 -62.90 28.45
N LEU EC 110 -103.10 -62.57 28.98
CA LEU EC 110 -101.93 -63.41 28.69
C LEU EC 110 -102.09 -64.78 29.33
N VAL EC 111 -102.45 -64.79 30.62
CA VAL EC 111 -102.74 -66.07 31.28
C VAL EC 111 -103.84 -66.81 30.53
N ALA EC 112 -104.90 -66.10 30.14
CA ALA EC 112 -106.01 -66.76 29.46
C ALA EC 112 -105.52 -67.39 28.15
N LEU EC 113 -104.63 -66.69 27.44
CA LEU EC 113 -104.02 -67.21 26.22
C LEU EC 113 -103.24 -68.49 26.49
N LEU EC 114 -102.44 -68.48 27.55
CA LEU EC 114 -101.64 -69.66 27.86
C LEU EC 114 -102.53 -70.86 28.18
N ALA EC 115 -103.58 -70.63 28.98
CA ALA EC 115 -104.46 -71.72 29.34
C ALA EC 115 -105.22 -72.26 28.13
N SER EC 116 -105.67 -71.36 27.25
CA SER EC 116 -106.36 -71.81 26.05
C SER EC 116 -105.42 -72.53 25.10
N ALA EC 117 -104.13 -72.15 25.10
CA ALA EC 117 -103.15 -72.88 24.29
C ALA EC 117 -102.92 -74.28 24.83
N LEU EC 118 -102.89 -74.41 26.16
CA LEU EC 118 -102.81 -75.74 26.77
C LEU EC 118 -104.06 -76.56 26.47
N ALA EC 119 -105.22 -75.91 26.35
CA ALA EC 119 -106.45 -76.65 26.08
C ALA EC 119 -106.60 -77.01 24.61
N ASP EC 120 -106.01 -76.24 23.71
CA ASP EC 120 -106.12 -76.53 22.28
C ASP EC 120 -105.54 -77.90 21.97
N THR EC 121 -106.25 -78.66 21.13
CA THR EC 121 -105.86 -80.04 20.88
C THR EC 121 -104.52 -80.12 20.15
N ALA EC 122 -104.31 -79.23 19.17
CA ALA EC 122 -103.08 -79.27 18.39
C ALA EC 122 -101.86 -79.01 19.27
N ILE EC 123 -101.94 -77.98 20.11
CA ILE EC 123 -100.83 -77.63 21.00
C ILE EC 123 -100.68 -78.69 22.08
N LYS EC 124 -101.79 -79.22 22.60
CA LYS EC 124 -101.72 -80.22 23.64
C LYS EC 124 -101.07 -81.49 23.14
N SER EC 125 -101.25 -81.82 21.86
CA SER EC 125 -100.58 -82.98 21.27
C SER EC 125 -99.07 -82.84 21.40
N THR EC 126 -98.57 -81.62 21.23
CA THR EC 126 -97.14 -81.34 21.36
C THR EC 126 -96.58 -81.86 22.67
N ILE EC 127 -97.30 -81.63 23.77
CA ILE EC 127 -96.80 -82.04 25.07
C ILE EC 127 -97.10 -83.51 25.32
N VAL EC 128 -98.37 -83.89 25.14
CA VAL EC 128 -98.81 -85.21 25.58
C VAL EC 128 -98.13 -86.30 24.76
N ASN EC 129 -98.10 -86.15 23.44
CA ASN EC 129 -97.61 -87.17 22.53
C ASN EC 129 -96.18 -86.92 22.09
N VAL EC 130 -95.52 -85.91 22.65
CA VAL EC 130 -94.17 -85.46 22.29
C VAL EC 130 -93.97 -85.55 20.78
N GLU EC 131 -94.85 -84.87 20.03
CA GLU EC 131 -94.75 -84.75 18.59
C GLU EC 131 -94.28 -83.34 18.23
N HIS EC 132 -93.37 -83.24 17.25
CA HIS EC 132 -92.97 -81.96 16.67
C HIS EC 132 -94.07 -81.37 15.80
N PHE EC 133 -94.06 -80.05 15.66
CA PHE EC 133 -94.89 -79.43 14.64
C PHE EC 133 -94.27 -79.65 13.26
N TYR EC 134 -95.11 -80.00 12.29
CA TYR EC 134 -94.64 -80.28 10.93
C TYR EC 134 -95.58 -79.82 9.83
N PRO FC 1 -97.85 -61.97 66.20
CA PRO FC 1 -98.59 -61.33 65.12
C PRO FC 1 -98.49 -62.12 63.84
N ALA FC 2 -99.48 -62.96 63.58
CA ALA FC 2 -99.53 -63.66 62.31
C ALA FC 2 -99.75 -62.65 61.18
N LEU FC 3 -99.22 -62.98 60.02
CA LEU FC 3 -99.33 -62.10 58.87
C LEU FC 3 -100.77 -62.06 58.38
N LYS FC 4 -101.35 -60.86 58.31
CA LYS FC 4 -102.76 -60.63 58.06
C LYS FC 4 -102.89 -59.27 57.38
N PRO FC 5 -103.81 -59.11 56.42
CA PRO FC 5 -104.09 -57.76 55.92
C PRO FC 5 -104.57 -56.87 57.06
N ILE FC 6 -103.94 -55.72 57.19
CA ILE FC 6 -104.25 -54.82 58.29
C ILE FC 6 -104.86 -53.56 57.71
N THR FC 7 -105.91 -53.07 58.35
CA THR FC 7 -106.62 -51.89 57.90
C THR FC 7 -106.18 -50.70 58.72
N LEU FC 8 -105.79 -49.62 58.05
CA LEU FC 8 -105.33 -48.40 58.70
C LEU FC 8 -106.19 -47.24 58.23
N THR FC 9 -106.45 -46.29 59.11
CA THR FC 9 -107.32 -45.16 58.80
C THR FC 9 -106.50 -43.97 58.33
N ASP FC 10 -106.94 -43.31 57.25
CA ASP FC 10 -106.20 -42.19 56.70
C ASP FC 10 -106.65 -40.88 57.35
N HIS FC 11 -106.39 -39.76 56.68
CA HIS FC 11 -106.74 -38.48 57.29
C HIS FC 11 -108.25 -38.29 57.38
N SER FC 12 -108.99 -38.72 56.37
CA SER FC 12 -110.43 -38.62 56.37
C SER FC 12 -111.12 -39.68 57.22
N SER FC 13 -110.35 -40.49 57.96
CA SER FC 13 -110.78 -41.63 58.75
C SER FC 13 -111.27 -42.79 57.89
N ALA FC 14 -111.19 -42.68 56.56
CA ALA FC 14 -111.54 -43.79 55.69
C ALA FC 14 -110.54 -44.93 55.86
N ASP FC 15 -111.04 -46.16 55.71
CA ASP FC 15 -110.17 -47.32 55.84
C ASP FC 15 -109.28 -47.48 54.62
N VAL FC 16 -108.11 -48.07 54.85
CA VAL FC 16 -107.09 -48.30 53.83
C VAL FC 16 -106.48 -49.67 54.15
N ILE FC 17 -106.74 -50.63 53.28
CA ILE FC 17 -106.39 -52.03 53.55
C ILE FC 17 -105.01 -52.30 52.97
N PHE FC 18 -104.07 -52.71 53.81
CA PHE FC 18 -102.74 -53.12 53.40
C PHE FC 18 -102.69 -54.64 53.40
N THR FC 19 -102.49 -55.22 52.21
CA THR FC 19 -102.35 -56.67 52.08
C THR FC 19 -100.89 -57.05 52.26
N PRO FC 20 -100.63 -58.18 52.92
CA PRO FC 20 -99.24 -58.61 53.09
C PRO FC 20 -98.60 -58.96 51.76
N THR FC 21 -97.40 -58.43 51.53
CA THR FC 21 -96.67 -58.66 50.31
C THR FC 21 -95.61 -59.75 50.45
N GLN FC 22 -94.73 -59.64 51.43
CA GLN FC 22 -93.51 -60.44 51.41
C GLN FC 22 -92.87 -60.42 52.79
N ILE FC 23 -92.20 -61.51 53.13
CA ILE FC 23 -91.36 -61.57 54.32
C ILE FC 23 -89.91 -61.67 53.85
N ASP FC 24 -89.11 -60.67 54.21
CA ASP FC 24 -87.79 -60.47 53.64
C ASP FC 24 -86.83 -61.58 54.09
N LYS FC 25 -85.65 -61.60 53.46
CA LYS FC 25 -84.58 -62.47 53.93
C LYS FC 25 -84.04 -62.02 55.27
N ASN FC 26 -84.16 -60.73 55.58
CA ASN FC 26 -83.66 -60.17 56.83
C ASN FC 26 -84.71 -60.14 57.92
N GLY FC 27 -85.93 -60.60 57.62
CA GLY FC 27 -87.01 -60.57 58.57
C GLY FC 27 -88.00 -59.45 58.35
N VAL FC 28 -87.78 -58.60 57.36
CA VAL FC 28 -88.68 -57.48 57.11
C VAL FC 28 -89.99 -58.00 56.51
N ALA FC 29 -91.10 -57.54 57.06
CA ALA FC 29 -92.42 -57.89 56.58
C ALA FC 29 -93.04 -56.65 55.93
N TYR FC 30 -93.54 -56.82 54.71
CA TYR FC 30 -94.04 -55.72 53.90
C TYR FC 30 -95.55 -55.85 53.69
N PHE FC 31 -96.28 -54.77 53.95
CA PHE FC 31 -97.70 -54.67 53.61
C PHE FC 31 -97.88 -53.54 52.61
N ARG FC 32 -98.63 -53.80 51.54
CA ARG FC 32 -98.77 -52.83 50.48
C ARG FC 32 -100.24 -52.51 50.22
N HIS FC 33 -100.46 -51.30 49.73
CA HIS FC 33 -101.74 -50.83 49.22
C HIS FC 33 -101.47 -50.12 47.91
N LEU FC 34 -102.05 -50.62 46.82
CA LEU FC 34 -101.73 -50.13 45.50
C LEU FC 34 -102.29 -48.73 45.28
N GLN FC 35 -101.74 -48.06 44.27
CA GLN FC 35 -102.14 -46.69 43.96
C GLN FC 35 -103.50 -46.67 43.28
N ALA FC 36 -103.95 -45.48 42.92
CA ALA FC 36 -105.22 -45.32 42.22
C ALA FC 36 -105.25 -46.16 40.95
N ASN FC 37 -104.24 -46.01 40.10
CA ASN FC 37 -104.11 -46.87 38.93
C ASN FC 37 -103.76 -48.29 39.36
N GLY FC 38 -104.25 -49.26 38.59
CA GLY FC 38 -103.96 -50.65 38.90
C GLY FC 38 -102.50 -51.03 38.75
N LYS FC 39 -101.68 -50.12 38.28
CA LYS FC 39 -100.28 -50.41 37.98
C LYS FC 39 -99.47 -50.44 39.28
N PRO FC 40 -98.81 -51.56 39.61
CA PRO FC 40 -98.06 -51.69 40.86
C PRO FC 40 -96.63 -51.22 40.72
N ILE FC 41 -96.45 -49.92 40.56
CA ILE FC 41 -95.12 -49.32 40.44
C ILE FC 41 -94.75 -48.58 41.72
N GLY FC 42 -95.55 -47.59 42.09
CA GLY FC 42 -95.44 -46.95 43.39
C GLY FC 42 -96.65 -47.34 44.21
N ALA FC 43 -96.40 -47.70 45.46
CA ALA FC 43 -97.47 -48.24 46.28
C ALA FC 43 -97.21 -47.86 47.73
N TYR FC 44 -98.29 -47.61 48.46
CA TYR FC 44 -98.17 -47.32 49.88
C TYR FC 44 -97.69 -48.57 50.60
N THR FC 45 -96.66 -48.41 51.45
CA THR FC 45 -96.04 -49.57 52.08
C THR FC 45 -95.89 -49.38 53.58
N VAL FC 46 -95.92 -50.48 54.30
CA VAL FC 46 -95.66 -50.53 55.73
C VAL FC 46 -94.71 -51.69 55.99
N SER FC 47 -93.53 -51.38 56.50
CA SER FC 47 -92.49 -52.35 56.79
C SER FC 47 -92.38 -52.55 58.29
N SER FC 48 -92.27 -53.81 58.72
CA SER FC 48 -92.07 -54.11 60.13
C SER FC 48 -90.94 -55.11 60.26
N HIS FC 49 -89.97 -54.79 61.12
CA HIS FC 49 -88.84 -55.70 61.34
C HIS FC 49 -88.37 -55.57 62.77
N VAL FC 50 -88.27 -56.70 63.48
CA VAL FC 50 -87.72 -56.71 64.82
C VAL FC 50 -86.38 -57.42 64.79
N LYS FC 51 -85.39 -56.84 65.45
CA LYS FC 51 -84.04 -57.35 65.51
C LYS FC 51 -83.76 -57.78 66.94
N GLU FC 52 -83.55 -59.10 67.12
CA GLU FC 52 -83.20 -59.68 68.40
C GLU FC 52 -81.85 -59.12 68.86
N PRO FC 53 -81.50 -59.29 70.14
CA PRO FC 53 -80.21 -58.80 70.62
C PRO FC 53 -79.09 -59.83 70.46
N GLY FC 54 -77.90 -59.32 70.17
CA GLY FC 54 -76.73 -60.17 69.99
C GLY FC 54 -75.82 -60.15 71.20
N THR FC 55 -75.47 -61.35 71.67
CA THR FC 55 -74.61 -61.50 72.86
C THR FC 55 -75.26 -60.83 74.07
N ASN FC 56 -76.58 -61.02 74.19
CA ASN FC 56 -77.38 -60.49 75.30
C ASN FC 56 -77.17 -58.99 75.48
N GLY FC 57 -76.85 -58.29 74.38
CA GLY FC 57 -76.94 -56.85 74.41
C GLY FC 57 -78.36 -56.43 74.73
N ASP FC 58 -78.49 -55.50 75.68
CA ASP FC 58 -79.80 -55.20 76.25
C ASP FC 58 -80.84 -54.81 75.20
N VAL FC 59 -80.42 -54.38 74.02
CA VAL FC 59 -81.32 -53.70 73.07
C VAL FC 59 -82.04 -54.70 72.17
N PHE FC 60 -83.34 -54.48 72.00
CA PHE FC 60 -84.15 -55.01 70.92
C PHE FC 60 -84.43 -53.85 69.97
N ARG FC 61 -84.22 -54.06 68.68
CA ARG FC 61 -84.39 -52.98 67.71
C ARG FC 61 -85.60 -53.26 66.83
N VAL FC 62 -86.73 -52.65 67.14
CA VAL FC 62 -87.99 -52.93 66.46
C VAL FC 62 -88.38 -51.72 65.62
N LYS FC 63 -88.55 -51.93 64.32
CA LYS FC 63 -88.66 -50.84 63.37
C LYS FC 63 -89.96 -50.93 62.59
N LEU FC 64 -90.57 -49.76 62.37
CA LEU FC 64 -91.82 -49.61 61.65
C LEU FC 64 -91.67 -48.48 60.64
N PHE FC 65 -91.92 -48.77 59.37
CA PHE FC 65 -91.79 -47.80 58.29
C PHE FC 65 -93.14 -47.66 57.59
N VAL FC 66 -93.50 -46.42 57.27
CA VAL FC 66 -94.72 -46.11 56.53
C VAL FC 66 -94.33 -45.19 55.38
N ASN FC 67 -94.37 -45.71 54.16
CA ASN FC 67 -93.95 -44.97 52.97
C ASN FC 67 -95.17 -44.66 52.12
N VAL FC 68 -95.38 -43.38 51.86
CA VAL FC 68 -96.48 -42.88 51.06
C VAL FC 68 -95.90 -42.25 49.79
N PRO FC 69 -95.89 -42.98 48.67
CA PRO FC 69 -95.42 -42.40 47.41
C PRO FC 69 -96.50 -41.65 46.66
N GLU FC 70 -96.12 -40.53 46.08
CA GLU FC 70 -96.92 -39.79 45.12
C GLU FC 70 -96.38 -40.08 43.73
N VAL FC 71 -97.26 -40.55 42.84
CA VAL FC 71 -96.91 -41.08 41.53
C VAL FC 71 -97.38 -40.10 40.46
N ALA FC 72 -96.75 -40.18 39.29
CA ALA FC 72 -97.08 -39.34 38.15
C ALA FC 72 -97.18 -40.20 36.90
N THR FC 73 -98.27 -40.04 36.16
CA THR FC 73 -98.47 -40.74 34.89
C THR FC 73 -97.99 -39.83 33.76
N ILE FC 74 -96.86 -40.15 33.16
CA ILE FC 74 -96.24 -39.33 32.12
C ILE FC 74 -96.42 -40.05 30.79
N THR FC 75 -97.00 -39.35 29.82
CA THR FC 75 -97.08 -39.88 28.46
C THR FC 75 -96.26 -38.98 27.56
N PRO FC 76 -95.22 -39.51 26.89
CA PRO FC 76 -94.33 -38.64 26.10
C PRO FC 76 -95.03 -38.01 24.90
N ASN FC 77 -94.30 -37.15 24.18
CA ASN FC 77 -94.90 -36.40 23.08
C ASN FC 77 -95.16 -37.30 21.89
N GLY FC 78 -96.40 -37.25 21.38
CA GLY FC 78 -96.76 -37.99 20.18
C GLY FC 78 -96.66 -39.49 20.34
N SER FC 79 -96.88 -40.01 21.54
CA SER FC 79 -96.75 -41.43 21.82
C SER FC 79 -98.09 -42.00 22.25
N ASP FC 80 -98.40 -43.20 21.75
CA ASP FC 80 -99.68 -43.84 22.06
C ASP FC 80 -99.78 -44.15 23.54
N THR FC 81 -98.72 -44.65 24.15
CA THR FC 81 -98.77 -45.27 25.47
C THR FC 81 -98.13 -44.39 26.53
N SER FC 82 -98.75 -44.38 27.70
CA SER FC 82 -98.26 -43.66 28.87
C SER FC 82 -97.55 -44.62 29.82
N SER FC 83 -96.54 -44.12 30.50
CA SER FC 83 -95.85 -44.89 31.53
C SER FC 83 -95.92 -44.15 32.84
N VAL FC 84 -95.84 -44.89 33.92
CA VAL FC 84 -95.98 -44.33 35.26
C VAL FC 84 -94.60 -44.21 35.91
N GLU FC 85 -94.46 -43.24 36.81
CA GLU FC 85 -93.16 -42.88 37.38
C GLU FC 85 -93.35 -42.42 38.81
N ILE FC 86 -92.37 -42.73 39.66
CA ILE FC 86 -92.46 -42.35 41.07
C ILE FC 86 -92.02 -40.90 41.19
N ALA FC 87 -92.99 -40.01 41.47
CA ALA FC 87 -92.71 -38.58 41.52
C ALA FC 87 -91.94 -38.21 42.79
N ARG FC 88 -92.50 -38.53 43.95
CA ARG FC 88 -91.79 -38.30 45.20
C ARG FC 88 -92.40 -39.19 46.26
N THR FC 89 -91.80 -39.20 47.45
CA THR FC 89 -92.29 -40.05 48.52
C THR FC 89 -92.20 -39.33 49.85
N ASN FC 90 -93.30 -39.36 50.62
CA ASN FC 90 -93.26 -39.00 52.03
C ASN FC 90 -93.00 -40.26 52.84
N ARG FC 91 -92.18 -40.15 53.87
CA ARG FC 91 -91.84 -41.33 54.66
C ARG FC 91 -91.92 -41.01 56.14
N ALA FC 92 -92.34 -42.01 56.91
CA ALA FC 92 -92.24 -41.99 58.37
C ALA FC 92 -91.46 -43.23 58.78
N GLN FC 93 -90.42 -43.04 59.59
CA GLN FC 93 -89.53 -44.13 59.98
C GLN FC 93 -89.39 -44.12 61.49
N VAL FC 94 -89.77 -45.22 62.13
CA VAL FC 94 -89.80 -45.32 63.58
C VAL FC 94 -88.91 -46.47 64.01
N GLU FC 95 -88.03 -46.21 64.96
CA GLU FC 95 -87.21 -47.23 65.58
C GLU FC 95 -87.42 -47.17 67.08
N PHE FC 96 -87.91 -48.25 67.66
CA PHE FC 96 -87.97 -48.41 69.10
C PHE FC 96 -86.76 -49.22 69.55
N ILE FC 97 -86.04 -48.70 70.53
CA ILE FC 97 -84.95 -49.39 71.20
C ILE FC 97 -85.49 -49.82 72.56
N LEU FC 98 -85.62 -51.13 72.75
CA LEU FC 98 -86.29 -51.67 73.94
C LEU FC 98 -85.32 -52.54 74.72
N PRO FC 99 -84.93 -52.18 75.94
CA PRO FC 99 -84.03 -53.04 76.71
C PRO FC 99 -84.68 -54.38 77.03
N ALA FC 100 -83.85 -55.43 77.01
CA ALA FC 100 -84.32 -56.80 77.18
C ALA FC 100 -84.75 -57.13 78.59
N GLN FC 101 -84.70 -56.17 79.51
CA GLN FC 101 -85.07 -56.42 80.89
C GLN FC 101 -86.26 -55.61 81.37
N SER FC 102 -86.72 -54.61 80.62
CA SER FC 102 -87.95 -53.93 80.99
C SER FC 102 -89.14 -54.82 80.67
N ALA FC 103 -90.12 -54.84 81.57
CA ALA FC 103 -91.31 -55.65 81.37
C ALA FC 103 -92.24 -54.96 80.37
N ALA FC 104 -93.26 -55.71 79.93
CA ALA FC 104 -94.13 -55.23 78.86
C ALA FC 104 -94.85 -53.92 79.22
N THR FC 105 -95.02 -53.63 80.51
CA THR FC 105 -95.71 -52.40 80.93
C THR FC 105 -95.02 -51.17 80.36
N VAL FC 106 -93.69 -51.16 80.45
CA VAL FC 106 -92.91 -50.02 79.99
C VAL FC 106 -93.09 -49.82 78.49
N ARG FC 107 -93.03 -50.91 77.73
CA ARG FC 107 -93.18 -50.77 76.29
C ARG FC 107 -94.60 -50.34 75.92
N GLU FC 108 -95.60 -50.83 76.66
CA GLU FC 108 -96.97 -50.44 76.39
C GLU FC 108 -97.16 -48.94 76.57
N ASP FC 109 -96.70 -48.40 77.72
CA ASP FC 109 -96.94 -46.96 77.89
C ASP FC 109 -95.97 -46.11 77.07
N LEU FC 110 -94.85 -46.66 76.59
CA LEU FC 110 -94.05 -45.95 75.61
C LEU FC 110 -94.80 -45.78 74.30
N VAL FC 111 -95.39 -46.87 73.80
CA VAL FC 111 -96.19 -46.80 72.59
C VAL FC 111 -97.35 -45.83 72.77
N ALA FC 112 -98.01 -45.87 73.93
CA ALA FC 112 -99.12 -44.97 74.17
C ALA FC 112 -98.66 -43.51 74.19
N LEU FC 113 -97.50 -43.25 74.77
CA LEU FC 113 -96.94 -41.90 74.76
C LEU FC 113 -96.67 -41.44 73.33
N LEU FC 114 -96.11 -42.30 72.50
CA LEU FC 114 -95.82 -41.92 71.13
C LEU FC 114 -97.10 -41.63 70.35
N ALA FC 115 -98.12 -42.48 70.50
CA ALA FC 115 -99.37 -42.26 69.79
C ALA FC 115 -100.06 -40.97 70.25
N SER FC 116 -100.06 -40.72 71.56
CA SER FC 116 -100.65 -39.50 72.07
C SER FC 116 -99.86 -38.27 71.64
N ALA FC 117 -98.55 -38.40 71.49
CA ALA FC 117 -97.76 -37.29 70.95
C ALA FC 117 -98.12 -37.02 69.51
N LEU FC 118 -98.33 -38.08 68.71
CA LEU FC 118 -98.79 -37.89 67.34
C LEU FC 118 -100.18 -37.26 67.30
N ALA FC 119 -101.02 -37.54 68.29
CA ALA FC 119 -102.37 -36.99 68.31
C ALA FC 119 -102.40 -35.54 68.79
N ASP FC 120 -101.49 -35.14 69.69
CA ASP FC 120 -101.47 -33.78 70.20
C ASP FC 120 -101.35 -32.80 69.05
N THR FC 121 -102.10 -31.70 69.13
CA THR FC 121 -102.16 -30.74 68.03
C THR FC 121 -100.84 -29.99 67.87
N ALA FC 122 -100.21 -29.61 68.99
CA ALA FC 122 -98.95 -28.89 68.93
C ALA FC 122 -97.86 -29.73 68.30
N ILE FC 123 -97.71 -30.98 68.76
CA ILE FC 123 -96.74 -31.89 68.16
C ILE FC 123 -97.12 -32.22 66.73
N LYS FC 124 -98.42 -32.26 66.43
CA LYS FC 124 -98.86 -32.64 65.09
C LYS FC 124 -98.48 -31.58 64.07
N SER FC 125 -98.72 -30.31 64.40
CA SER FC 125 -98.37 -29.24 63.46
C SER FC 125 -96.88 -29.25 63.12
N THR FC 126 -96.05 -29.70 64.05
CA THR FC 126 -94.63 -29.91 63.76
C THR FC 126 -94.44 -30.73 62.49
N ILE FC 127 -95.15 -31.86 62.40
CA ILE FC 127 -95.00 -32.74 61.24
C ILE FC 127 -95.80 -32.20 60.07
N VAL FC 128 -97.09 -31.98 60.28
CA VAL FC 128 -98.01 -31.70 59.19
C VAL FC 128 -97.69 -30.36 58.54
N ASN FC 129 -97.45 -29.33 59.36
CA ASN FC 129 -97.35 -27.95 58.91
C ASN FC 129 -95.92 -27.48 58.74
N VAL FC 130 -94.94 -28.30 59.13
CA VAL FC 130 -93.52 -27.98 58.98
C VAL FC 130 -93.23 -26.64 59.65
N GLU FC 131 -93.69 -26.54 60.89
CA GLU FC 131 -93.44 -25.40 61.77
C GLU FC 131 -92.48 -25.85 62.85
N HIS FC 132 -91.53 -24.99 63.19
CA HIS FC 132 -90.65 -25.20 64.33
C HIS FC 132 -91.38 -24.93 65.62
N PHE FC 133 -90.92 -25.56 66.69
CA PHE FC 133 -91.36 -25.19 68.03
C PHE FC 133 -90.69 -23.89 68.46
N TYR FC 134 -91.45 -23.05 69.16
CA TYR FC 134 -90.94 -21.76 69.62
C TYR FC 134 -91.62 -21.26 70.90
N PRO GC 1 -69.52 -4.03 110.15
CA PRO GC 1 -70.35 -4.80 111.09
C PRO GC 1 -69.48 -5.67 111.97
N ALA GC 2 -69.49 -5.36 113.27
CA ALA GC 2 -68.81 -6.17 114.26
C ALA GC 2 -69.25 -7.62 114.15
N LEU GC 3 -68.27 -8.52 114.04
CA LEU GC 3 -68.54 -9.94 113.86
C LEU GC 3 -69.40 -10.45 115.00
N LYS GC 4 -70.58 -10.96 114.67
CA LYS GC 4 -71.57 -11.40 115.64
C LYS GC 4 -72.29 -12.61 115.06
N PRO GC 5 -72.64 -13.59 115.88
CA PRO GC 5 -73.44 -14.71 115.39
C PRO GC 5 -74.77 -14.21 114.88
N ILE GC 6 -75.16 -14.69 113.71
CA ILE GC 6 -76.36 -14.17 113.06
C ILE GC 6 -77.35 -15.31 112.91
N THR GC 7 -78.63 -14.98 112.98
CA THR GC 7 -79.70 -15.96 112.91
C THR GC 7 -80.43 -15.81 111.57
N LEU GC 8 -80.56 -16.93 110.85
CA LEU GC 8 -81.21 -16.97 109.55
C LEU GC 8 -82.33 -18.00 109.56
N THR GC 9 -83.38 -17.76 108.78
CA THR GC 9 -84.52 -18.66 108.74
C THR GC 9 -84.38 -19.69 107.62
N ASP GC 10 -84.71 -20.95 107.93
CA ASP GC 10 -84.65 -22.04 106.95
C ASP GC 10 -85.97 -22.11 106.18
N HIS GC 11 -86.24 -23.25 105.56
CA HIS GC 11 -87.46 -23.33 104.77
C HIS GC 11 -88.71 -23.28 105.64
N SER GC 12 -88.66 -23.92 106.79
CA SER GC 12 -89.79 -23.93 107.72
C SER GC 12 -89.88 -22.65 108.54
N SER GC 13 -89.11 -21.61 108.17
CA SER GC 13 -89.01 -20.35 108.87
C SER GC 13 -88.51 -20.49 110.30
N ALA GC 14 -87.98 -21.66 110.66
CA ALA GC 14 -87.34 -21.85 111.96
C ALA GC 14 -86.00 -21.13 111.98
N ASP GC 15 -85.54 -20.82 113.19
CA ASP GC 15 -84.27 -20.12 113.34
C ASP GC 15 -83.10 -21.08 113.16
N VAL GC 16 -82.00 -20.55 112.61
CA VAL GC 16 -80.77 -21.29 112.36
C VAL GC 16 -79.63 -20.33 112.69
N ILE GC 17 -78.88 -20.65 113.74
CA ILE GC 17 -77.90 -19.72 114.30
C ILE GC 17 -76.53 -20.07 113.74
N PHE GC 18 -75.92 -19.13 113.02
CA PHE GC 18 -74.57 -19.25 112.50
C PHE GC 18 -73.62 -18.50 113.42
N THR GC 19 -72.69 -19.23 114.02
CA THR GC 19 -71.69 -18.62 114.88
C THR GC 19 -70.45 -18.25 114.07
N PRO GC 20 -69.81 -17.13 114.36
CA PRO GC 20 -68.58 -16.78 113.64
C PRO GC 20 -67.48 -17.78 113.96
N THR GC 21 -66.77 -18.20 112.91
CA THR GC 21 -65.68 -19.15 113.01
C THR GC 21 -64.32 -18.49 112.83
N GLN GC 22 -64.15 -17.68 111.80
CA GLN GC 22 -62.81 -17.26 111.41
C GLN GC 22 -62.91 -16.01 110.54
N ILE GC 23 -61.89 -15.16 110.64
CA ILE GC 23 -61.66 -14.08 109.69
C ILE GC 23 -60.38 -14.44 108.93
N ASP GC 24 -60.49 -14.52 107.61
CA ASP GC 24 -59.45 -15.12 106.78
C ASP GC 24 -58.26 -14.17 106.63
N LYS GC 25 -57.19 -14.69 106.03
CA LYS GC 25 -56.06 -13.84 105.66
C LYS GC 25 -56.44 -12.86 104.58
N ASN GC 26 -57.39 -13.22 103.73
CA ASN GC 26 -57.81 -12.40 102.60
C ASN GC 26 -58.97 -11.48 102.96
N GLY GC 27 -59.43 -11.51 104.19
CA GLY GC 27 -60.58 -10.71 104.60
C GLY GC 27 -61.89 -11.46 104.58
N VAL GC 28 -61.88 -12.77 104.32
CA VAL GC 28 -63.10 -13.56 104.29
C VAL GC 28 -63.53 -13.87 105.72
N ALA GC 29 -64.81 -13.63 106.00
CA ALA GC 29 -65.38 -13.93 107.30
C ALA GC 29 -66.34 -15.11 107.16
N TYR GC 30 -66.19 -16.10 108.04
CA TYR GC 30 -66.92 -17.35 107.96
C TYR GC 30 -67.84 -17.52 109.16
N PHE GC 31 -69.12 -17.80 108.90
CA PHE GC 31 -70.06 -18.20 109.93
C PHE GC 31 -70.45 -19.66 109.67
N ARG GC 32 -70.48 -20.46 110.73
CA ARG GC 32 -70.78 -21.88 110.59
C ARG GC 32 -71.94 -22.28 111.49
N HIS GC 33 -72.66 -23.30 111.03
CA HIS GC 33 -73.71 -23.97 111.78
C HIS GC 33 -73.48 -25.46 111.59
N LEU GC 34 -73.23 -26.17 112.70
CA LEU GC 34 -72.85 -27.57 112.64
C LEU GC 34 -74.01 -28.44 112.18
N GLN GC 35 -73.70 -29.65 111.71
CA GLN GC 35 -74.72 -30.58 111.26
C GLN GC 35 -75.49 -31.16 112.44
N ALA GC 36 -76.39 -32.09 112.13
CA ALA GC 36 -77.13 -32.80 113.15
C ALA GC 36 -76.20 -33.47 114.15
N ASN GC 37 -75.24 -34.25 113.65
CA ASN GC 37 -74.21 -34.81 114.52
C ASN GC 37 -73.32 -33.70 115.07
N GLY GC 38 -72.77 -33.94 116.26
CA GLY GC 38 -71.91 -32.96 116.89
C GLY GC 38 -70.58 -32.79 116.17
N LYS GC 39 -70.35 -33.62 115.18
CA LYS GC 39 -69.11 -33.64 114.41
C LYS GC 39 -69.10 -32.50 113.39
N PRO GC 40 -67.98 -31.79 113.28
CA PRO GC 40 -67.92 -30.58 112.44
C PRO GC 40 -67.47 -30.81 110.99
N ILE GC 41 -67.40 -32.05 110.51
CA ILE GC 41 -66.70 -32.31 109.26
C ILE GC 41 -67.42 -31.65 108.08
N GLY GC 42 -68.75 -31.74 108.05
CA GLY GC 42 -69.52 -30.98 107.09
C GLY GC 42 -70.42 -30.03 107.84
N ALA GC 43 -70.51 -28.78 107.41
CA ALA GC 43 -71.30 -27.83 108.17
C ALA GC 43 -71.80 -26.72 107.26
N TYR GC 44 -72.97 -26.19 107.59
CA TYR GC 44 -73.53 -25.06 106.84
C TYR GC 44 -72.66 -23.84 107.06
N THR GC 45 -72.34 -23.12 105.98
CA THR GC 45 -71.42 -22.00 106.07
C THR GC 45 -71.96 -20.78 105.33
N VAL GC 46 -71.58 -19.61 105.84
CA VAL GC 46 -71.86 -18.33 105.20
C VAL GC 46 -70.57 -17.54 105.18
N SER GC 47 -70.10 -17.21 103.98
CA SER GC 47 -68.85 -16.48 103.77
C SER GC 47 -69.16 -15.07 103.30
N SER GC 48 -68.47 -14.09 103.87
CA SER GC 48 -68.62 -12.70 103.45
C SER GC 48 -67.26 -12.07 103.25
N HIS GC 49 -67.01 -11.56 102.05
CA HIS GC 49 -65.75 -10.87 101.79
C HIS GC 49 -66.01 -9.70 100.85
N VAL GC 50 -65.55 -8.52 101.23
CA VAL GC 50 -65.69 -7.35 100.37
C VAL GC 50 -64.29 -6.89 99.96
N LYS GC 51 -64.10 -6.68 98.66
CA LYS GC 51 -62.82 -6.30 98.08
C LYS GC 51 -62.92 -4.85 97.64
N GLU GC 52 -62.16 -3.99 98.32
CA GLU GC 52 -62.14 -2.59 97.98
C GLU GC 52 -61.40 -2.38 96.66
N PRO GC 53 -61.69 -1.29 95.96
CA PRO GC 53 -61.05 -1.06 94.65
C PRO GC 53 -59.62 -0.55 94.79
N GLY GC 54 -58.86 -0.72 93.70
CA GLY GC 54 -57.49 -0.28 93.66
C GLY GC 54 -57.21 0.59 92.46
N THR GC 55 -56.26 1.51 92.63
CA THR GC 55 -55.93 2.50 91.61
C THR GC 55 -57.21 3.25 91.18
N ASN GC 56 -57.89 3.82 92.17
CA ASN GC 56 -59.18 4.47 91.98
C ASN GC 56 -60.13 3.59 91.17
N GLY GC 57 -60.06 2.28 91.41
CA GLY GC 57 -60.95 1.37 90.70
C GLY GC 57 -62.40 1.75 90.93
N ASP GC 58 -63.19 1.69 89.87
CA ASP GC 58 -64.58 2.09 89.99
C ASP GC 58 -65.38 1.18 90.90
N VAL GC 59 -64.90 -0.04 91.16
CA VAL GC 59 -65.74 -1.13 91.62
C VAL GC 59 -65.28 -1.67 92.98
N PHE GC 60 -66.20 -1.69 93.93
CA PHE GC 60 -66.18 -2.62 95.04
C PHE GC 60 -66.73 -3.96 94.59
N ARG GC 61 -66.13 -5.05 95.06
CA ARG GC 61 -66.62 -6.40 94.76
C ARG GC 61 -66.96 -7.11 96.07
N VAL GC 62 -68.26 -7.22 96.37
CA VAL GC 62 -68.71 -7.71 97.67
C VAL GC 62 -69.38 -9.07 97.45
N LYS GC 63 -68.90 -10.09 98.17
CA LYS GC 63 -69.27 -11.47 97.88
C LYS GC 63 -69.88 -12.12 99.12
N LEU GC 64 -70.96 -12.85 98.88
CA LEU GC 64 -71.71 -13.58 99.90
C LEU GC 64 -71.92 -15.01 99.43
N PHE GC 65 -71.49 -15.96 100.23
CA PHE GC 65 -71.57 -17.38 99.91
C PHE GC 65 -72.40 -18.09 100.98
N VAL GC 66 -73.29 -18.98 100.53
CA VAL GC 66 -74.12 -19.79 101.41
C VAL GC 66 -73.98 -21.23 100.96
N ASN GC 67 -73.29 -22.05 101.76
CA ASN GC 67 -73.00 -23.43 101.43
C ASN GC 67 -73.77 -24.36 102.35
N VAL GC 68 -74.54 -25.26 101.75
CA VAL GC 68 -75.38 -26.22 102.45
C VAL GC 68 -74.93 -27.62 102.07
N PRO GC 69 -74.11 -28.26 102.90
CA PRO GC 69 -73.74 -29.65 102.62
C PRO GC 69 -74.74 -30.67 103.18
N GLU GC 70 -74.90 -31.74 102.42
CA GLU GC 70 -75.52 -32.97 102.90
C GLU GC 70 -74.40 -33.96 103.18
N VAL GC 71 -74.32 -34.39 104.45
CA VAL GC 71 -73.31 -35.34 104.89
C VAL GC 71 -73.96 -36.72 104.98
N ALA GC 72 -73.13 -37.75 104.90
CA ALA GC 72 -73.60 -39.13 105.03
C ALA GC 72 -72.73 -39.85 106.05
N THR GC 73 -73.37 -40.68 106.87
CA THR GC 73 -72.70 -41.42 107.92
C THR GC 73 -72.36 -42.81 107.39
N ILE GC 74 -71.08 -43.04 107.12
CA ILE GC 74 -70.61 -44.31 106.61
C ILE GC 74 -70.06 -45.13 107.77
N THR GC 75 -70.58 -46.33 107.97
CA THR GC 75 -70.09 -47.23 109.00
C THR GC 75 -69.71 -48.54 108.33
N PRO GC 76 -68.44 -48.96 108.40
CA PRO GC 76 -68.02 -50.17 107.68
C PRO GC 76 -68.72 -51.41 108.20
N ASN GC 77 -68.63 -52.49 107.42
CA ASN GC 77 -69.42 -53.70 107.69
C ASN GC 77 -69.02 -54.32 109.02
N GLY GC 78 -69.98 -54.41 109.92
CA GLY GC 78 -69.76 -55.01 111.23
C GLY GC 78 -68.83 -54.24 112.13
N SER GC 79 -68.89 -52.91 112.10
CA SER GC 79 -67.99 -52.05 112.85
C SER GC 79 -68.73 -51.35 113.97
N ASP GC 80 -68.00 -51.05 115.04
CA ASP GC 80 -68.59 -50.35 116.17
C ASP GC 80 -68.84 -48.89 115.85
N THR GC 81 -67.84 -48.19 115.34
CA THR GC 81 -67.91 -46.75 115.17
C THR GC 81 -68.06 -46.38 113.69
N SER GC 82 -68.72 -45.24 113.46
CA SER GC 82 -68.99 -44.72 112.13
C SER GC 82 -68.24 -43.42 111.91
N SER GC 83 -67.88 -43.18 110.66
CA SER GC 83 -67.21 -41.95 110.26
C SER GC 83 -68.13 -41.16 109.33
N VAL GC 84 -68.02 -39.84 109.35
CA VAL GC 84 -68.89 -38.98 108.56
C VAL GC 84 -68.14 -38.47 107.34
N GLU GC 85 -68.84 -38.43 106.21
CA GLU GC 85 -68.26 -38.06 104.92
C GLU GC 85 -69.16 -37.01 104.26
N ILE GC 86 -68.56 -36.10 103.51
CA ILE GC 86 -69.33 -35.06 102.84
C ILE GC 86 -69.93 -35.64 101.56
N ALA GC 87 -71.23 -35.90 101.58
CA ALA GC 87 -71.88 -36.57 100.45
C ALA GC 87 -71.96 -35.64 99.25
N ARG GC 88 -72.63 -34.51 99.41
CA ARG GC 88 -72.68 -33.52 98.33
C ARG GC 88 -72.98 -32.17 98.96
N THR GC 89 -72.91 -31.12 98.14
CA THR GC 89 -73.12 -29.76 98.66
C THR GC 89 -73.94 -28.95 97.66
N ASN GC 90 -74.97 -28.29 98.16
CA ASN GC 90 -75.62 -27.21 97.42
C ASN GC 90 -74.97 -25.89 97.80
N ARG GC 91 -74.87 -24.97 96.83
CA ARG GC 91 -74.21 -23.71 97.09
C ARG GC 91 -74.95 -22.57 96.41
N ALA GC 92 -74.87 -21.39 97.02
CA ALA GC 92 -75.32 -20.15 96.42
C ALA GC 92 -74.22 -19.11 96.56
N GLN GC 93 -73.83 -18.48 95.45
CA GLN GC 93 -72.68 -17.59 95.42
C GLN GC 93 -73.10 -16.27 94.79
N VAL GC 94 -73.01 -15.19 95.55
CA VAL GC 94 -73.49 -13.87 95.14
C VAL GC 94 -72.32 -12.91 95.11
N GLU GC 95 -72.11 -12.27 93.96
CA GLU GC 95 -71.13 -11.20 93.81
C GLU GC 95 -71.88 -9.94 93.41
N PHE GC 96 -71.89 -8.94 94.28
CA PHE GC 96 -72.35 -7.61 93.90
C PHE GC 96 -71.15 -6.82 93.43
N ILE GC 97 -71.28 -6.25 92.23
CA ILE GC 97 -70.30 -5.31 91.68
C ILE GC 97 -70.90 -3.93 91.90
N LEU GC 98 -70.39 -3.21 92.89
CA LEU GC 98 -70.94 -1.90 93.16
C LEU GC 98 -69.93 -0.83 92.75
N PRO GC 99 -70.35 0.26 92.11
CA PRO GC 99 -69.40 1.35 91.87
C PRO GC 99 -69.21 2.27 93.06
N ALA GC 100 -67.96 2.74 93.23
CA ALA GC 100 -67.64 3.64 94.33
C ALA GC 100 -68.30 5.00 94.18
N GLN GC 101 -68.89 5.29 93.03
CA GLN GC 101 -69.46 6.60 92.74
C GLN GC 101 -70.97 6.63 92.91
N SER GC 102 -71.59 5.53 93.33
CA SER GC 102 -73.03 5.45 93.46
C SER GC 102 -73.50 5.99 94.81
N ALA GC 103 -74.81 6.17 94.92
CA ALA GC 103 -75.45 6.55 96.17
C ALA GC 103 -76.08 5.33 96.83
N ALA GC 104 -76.10 5.34 98.16
CA ALA GC 104 -76.59 4.19 98.92
C ALA GC 104 -78.02 3.82 98.58
N THR GC 105 -78.82 4.78 98.10
CA THR GC 105 -80.18 4.48 97.64
C THR GC 105 -80.16 3.39 96.58
N VAL GC 106 -79.24 3.51 95.63
CA VAL GC 106 -79.17 2.57 94.53
C VAL GC 106 -78.84 1.17 95.04
N ARG GC 107 -77.86 1.07 95.95
CA ARG GC 107 -77.51 -0.25 96.48
C ARG GC 107 -78.65 -0.83 97.30
N GLU GC 108 -79.36 0.02 98.05
CA GLU GC 108 -80.48 -0.47 98.84
C GLU GC 108 -81.55 -1.09 97.95
N ASP GC 109 -81.96 -0.39 96.89
CA ASP GC 109 -83.02 -1.01 96.09
C ASP GC 109 -82.48 -2.07 95.13
N LEU GC 110 -81.17 -2.13 94.88
CA LEU GC 110 -80.64 -3.31 94.19
C LEU GC 110 -80.78 -4.55 95.06
N VAL GC 111 -80.39 -4.45 96.34
CA VAL GC 111 -80.57 -5.57 97.25
C VAL GC 111 -82.03 -5.94 97.38
N ALA GC 112 -82.90 -4.94 97.49
CA ALA GC 112 -84.33 -5.20 97.62
C ALA GC 112 -84.87 -5.91 96.37
N LEU GC 113 -84.41 -5.49 95.19
CA LEU GC 113 -84.83 -6.14 93.96
C LEU GC 113 -84.36 -7.58 93.92
N LEU GC 114 -83.14 -7.85 94.37
CA LEU GC 114 -82.65 -9.22 94.38
C LEU GC 114 -83.47 -10.08 95.34
N ALA GC 115 -83.77 -9.56 96.53
CA ALA GC 115 -84.56 -10.33 97.49
C ALA GC 115 -85.96 -10.59 96.97
N SER GC 116 -86.57 -9.58 96.34
CA SER GC 116 -87.92 -9.76 95.80
C SER GC 116 -87.90 -10.72 94.61
N ALA GC 117 -86.81 -10.74 93.85
CA ALA GC 117 -86.69 -11.72 92.76
C ALA GC 117 -86.60 -13.13 93.32
N LEU GC 118 -85.84 -13.31 94.41
CA LEU GC 118 -85.80 -14.60 95.08
C LEU GC 118 -87.17 -14.98 95.63
N ALA GC 119 -87.95 -14.00 96.08
CA ALA GC 119 -89.26 -14.30 96.64
C ALA GC 119 -90.30 -14.59 95.57
N ASP GC 120 -90.15 -14.02 94.37
CA ASP GC 120 -91.11 -14.26 93.30
C ASP GC 120 -91.17 -15.74 92.96
N THR GC 121 -92.38 -16.25 92.77
CA THR GC 121 -92.54 -17.69 92.54
C THR GC 121 -92.02 -18.10 91.17
N ALA GC 122 -92.22 -17.26 90.15
CA ALA GC 122 -91.74 -17.59 88.81
C ALA GC 122 -90.23 -17.72 88.80
N ILE GC 123 -89.53 -16.83 89.50
CA ILE GC 123 -88.07 -16.90 89.58
C ILE GC 123 -87.64 -18.01 90.54
N LYS GC 124 -88.44 -18.26 91.58
CA LYS GC 124 -88.06 -19.26 92.56
C LYS GC 124 -88.13 -20.67 91.98
N SER GC 125 -89.05 -20.89 91.03
CA SER GC 125 -89.09 -22.20 90.37
C SER GC 125 -87.82 -22.45 89.57
N THR GC 126 -87.20 -21.38 89.07
CA THR GC 126 -85.93 -21.49 88.37
C THR GC 126 -84.88 -22.17 89.25
N ILE GC 127 -84.75 -21.71 90.49
CA ILE GC 127 -83.72 -22.26 91.38
C ILE GC 127 -84.17 -23.59 91.95
N VAL GC 128 -85.34 -23.59 92.58
CA VAL GC 128 -85.78 -24.74 93.36
C VAL GC 128 -86.06 -25.93 92.46
N ASN GC 129 -86.78 -25.70 91.34
CA ASN GC 129 -87.32 -26.75 90.50
C ASN GC 129 -86.57 -26.93 89.19
N VAL GC 130 -85.58 -26.09 88.90
CA VAL GC 130 -84.69 -26.20 87.75
C VAL GC 130 -85.52 -26.29 86.48
N GLU GC 131 -86.44 -25.36 86.34
CA GLU GC 131 -87.20 -25.16 85.12
C GLU GC 131 -86.65 -23.93 84.41
N HIS GC 132 -86.41 -24.07 83.11
CA HIS GC 132 -86.00 -22.97 82.24
C HIS GC 132 -87.18 -22.06 81.94
N PHE GC 133 -86.86 -20.82 81.60
CA PHE GC 133 -87.85 -19.92 81.03
C PHE GC 133 -88.07 -20.25 79.56
N TYR GC 134 -89.33 -20.17 79.13
CA TYR GC 134 -89.68 -20.50 77.75
C TYR GC 134 -90.85 -19.67 77.21
N PRO HC 1 -57.51 -1.04 122.62
CA PRO HC 1 -58.55 -0.29 121.92
C PRO HC 1 -59.32 -1.17 120.97
N ALA HC 2 -60.37 -1.82 121.47
CA ALA HC 2 -61.25 -2.61 120.60
C ALA HC 2 -61.87 -1.72 119.54
N LEU HC 3 -61.97 -2.27 118.33
CA LEU HC 3 -62.49 -1.53 117.20
C LEU HC 3 -63.90 -1.02 117.49
N LYS HC 4 -64.10 0.28 117.39
CA LYS HC 4 -65.35 0.90 117.80
C LYS HC 4 -65.43 2.27 117.17
N PRO HC 5 -66.63 2.76 116.86
CA PRO HC 5 -66.75 4.04 116.17
C PRO HC 5 -66.25 5.16 117.05
N ILE HC 6 -65.60 6.14 116.44
CA ILE HC 6 -65.01 7.23 117.19
C ILE HC 6 -65.53 8.55 116.63
N THR HC 7 -65.68 9.54 117.49
CA THR HC 7 -66.22 10.83 117.12
C THR HC 7 -65.10 11.88 117.15
N LEU HC 8 -65.02 12.68 116.09
CA LEU HC 8 -64.01 13.72 115.93
C LEU HC 8 -64.68 15.03 115.55
N THR HC 9 -64.11 16.14 115.99
CA THR HC 9 -64.69 17.46 115.72
C THR HC 9 -64.06 18.08 114.47
N ASP HC 10 -64.89 18.61 113.59
CA ASP HC 10 -64.40 19.25 112.37
C ASP HC 10 -64.03 20.71 112.67
N HIS HC 11 -63.84 21.51 111.63
CA HIS HC 11 -63.43 22.90 111.85
C HIS HC 11 -64.50 23.70 112.56
N SER HC 12 -65.76 23.40 112.32
CA SER HC 12 -66.87 24.08 112.97
C SER HC 12 -67.18 23.54 114.36
N SER HC 13 -66.32 22.65 114.86
CA SER HC 13 -66.49 21.91 116.12
C SER HC 13 -67.69 20.97 116.09
N ALA HC 14 -68.29 20.76 114.92
CA ALA HC 14 -69.40 19.82 114.82
C ALA HC 14 -68.89 18.39 114.89
N ASP HC 15 -69.62 17.54 115.60
CA ASP HC 15 -69.22 16.14 115.74
C ASP HC 15 -69.30 15.43 114.39
N VAL HC 16 -68.39 14.48 114.20
CA VAL HC 16 -68.24 13.73 112.96
C VAL HC 16 -67.92 12.29 113.37
N ILE HC 17 -68.83 11.37 113.10
CA ILE HC 17 -68.77 10.02 113.64
C ILE HC 17 -68.20 9.09 112.57
N PHE HC 18 -67.00 8.58 112.81
CA PHE HC 18 -66.38 7.58 111.94
C PHE HC 18 -66.73 6.19 112.47
N THR HC 19 -67.43 5.40 111.64
CA THR HC 19 -67.68 4.03 112.06
C THR HC 19 -66.57 3.11 111.56
N PRO HC 20 -66.26 2.04 112.28
CA PRO HC 20 -65.21 1.14 111.81
C PRO HC 20 -65.60 0.49 110.50
N THR HC 21 -64.65 0.44 109.57
CA THR HC 21 -64.86 -0.17 108.27
C THR HC 21 -64.15 -1.51 108.12
N GLN HC 22 -62.84 -1.53 108.35
CA GLN HC 22 -62.10 -2.74 107.97
C GLN HC 22 -60.86 -2.90 108.83
N ILE HC 23 -60.54 -4.15 109.16
CA ILE HC 23 -59.23 -4.51 109.69
C ILE HC 23 -58.47 -5.20 108.55
N ASP HC 24 -57.30 -4.66 108.23
CA ASP HC 24 -56.60 -4.99 107.00
C ASP HC 24 -55.98 -6.38 107.09
N LYS HC 25 -55.31 -6.77 106.01
CA LYS HC 25 -54.48 -7.97 106.04
C LYS HC 25 -53.20 -7.72 106.82
N ASN HC 26 -52.64 -6.51 106.73
CA ASN HC 26 -51.41 -6.15 107.41
C ASN HC 26 -51.64 -5.64 108.82
N GLY HC 27 -52.87 -5.32 109.17
CA GLY HC 27 -53.19 -4.76 110.48
C GLY HC 27 -53.76 -3.36 110.44
N VAL HC 28 -53.97 -2.78 109.26
CA VAL HC 28 -54.47 -1.42 109.17
C VAL HC 28 -55.94 -1.41 109.56
N ALA HC 29 -56.32 -0.44 110.39
CA ALA HC 29 -57.70 -0.25 110.80
C ALA HC 29 -58.26 0.97 110.07
N TYR HC 30 -59.36 0.77 109.36
CA TYR HC 30 -60.00 1.77 108.52
C TYR HC 30 -61.35 2.15 109.13
N PHE HC 31 -61.51 3.44 109.46
CA PHE HC 31 -62.78 4.02 109.85
C PHE HC 31 -63.26 4.95 108.74
N ARG HC 32 -64.57 4.93 108.49
CA ARG HC 32 -65.18 5.66 107.40
C ARG HC 32 -66.33 6.51 107.94
N HIS HC 33 -66.46 7.71 107.41
CA HIS HC 33 -67.57 8.61 107.69
C HIS HC 33 -68.21 8.93 106.35
N LEU HC 34 -69.36 8.30 106.07
CA LEU HC 34 -70.04 8.51 104.80
C LEU HC 34 -70.70 9.88 104.78
N GLN HC 35 -71.02 10.34 103.58
CA GLN HC 35 -71.69 11.61 103.41
C GLN HC 35 -73.19 11.45 103.63
N ALA HC 36 -73.94 12.53 103.38
CA ALA HC 36 -75.38 12.47 103.52
C ALA HC 36 -75.97 11.41 102.58
N ASN HC 37 -75.57 11.45 101.31
CA ASN HC 37 -76.11 10.54 100.30
C ASN HC 37 -75.48 9.16 100.34
N GLY HC 38 -74.54 8.91 101.26
CA GLY HC 38 -73.89 7.62 101.31
C GLY HC 38 -73.04 7.30 100.09
N LYS HC 39 -72.32 8.30 99.58
CA LYS HC 39 -71.44 8.08 98.43
C LYS HC 39 -70.06 7.67 98.92
N PRO HC 40 -69.57 6.47 98.58
CA PRO HC 40 -68.25 6.07 99.06
C PRO HC 40 -67.14 7.02 98.67
N ILE HC 41 -67.15 7.49 97.41
CA ILE HC 41 -66.14 8.41 96.93
C ILE HC 41 -66.09 9.67 97.77
N GLY HC 42 -67.16 10.00 98.48
CA GLY HC 42 -67.18 11.19 99.31
C GLY HC 42 -66.88 10.99 100.77
N ALA HC 43 -66.63 9.75 101.21
CA ALA HC 43 -66.51 9.47 102.63
C ALA HC 43 -65.14 9.85 103.16
N TYR HC 44 -65.11 10.43 104.36
CA TYR HC 44 -63.85 10.64 105.07
C TYR HC 44 -63.33 9.31 105.57
N THR HC 45 -62.00 9.19 105.66
CA THR HC 45 -61.40 7.97 106.17
C THR HC 45 -60.30 8.28 107.17
N VAL HC 46 -60.13 7.36 108.12
CA VAL HC 46 -59.07 7.43 109.12
C VAL HC 46 -58.45 6.05 109.26
N SER HC 47 -57.14 5.96 109.03
CA SER HC 47 -56.41 4.70 109.09
C SER HC 47 -55.45 4.72 110.28
N SER HC 48 -55.37 3.60 110.97
CA SER HC 48 -54.44 3.45 112.09
C SER HC 48 -53.79 2.09 112.02
N HIS HC 49 -52.46 2.07 111.96
CA HIS HC 49 -51.72 0.81 111.90
C HIS HC 49 -50.44 0.95 112.71
N VAL HC 50 -50.15 -0.03 113.54
CA VAL HC 50 -48.92 -0.03 114.34
C VAL HC 50 -48.09 -1.24 113.95
N LYS HC 51 -46.80 -0.99 113.70
CA LYS HC 51 -45.84 -2.00 113.28
C LYS HC 51 -44.86 -2.20 114.42
N GLU HC 52 -44.88 -3.39 115.00
CA GLU HC 52 -44.01 -3.79 116.09
C GLU HC 52 -42.59 -4.01 115.56
N PRO HC 53 -41.58 -3.93 116.43
CA PRO HC 53 -40.21 -4.21 116.00
C PRO HC 53 -39.93 -5.69 115.88
N GLY HC 54 -39.00 -6.02 114.99
CA GLY HC 54 -38.59 -7.39 114.81
C GLY HC 54 -37.09 -7.47 114.55
N THR HC 55 -36.55 -8.66 114.78
CA THR HC 55 -35.11 -8.91 114.65
C THR HC 55 -34.34 -7.88 115.48
N ASN HC 56 -34.71 -7.78 116.76
CA ASN HC 56 -34.05 -6.90 117.71
C ASN HC 56 -33.98 -5.46 117.19
N GLY HC 57 -35.10 -4.99 116.66
CA GLY HC 57 -35.23 -3.60 116.26
C GLY HC 57 -35.68 -2.75 117.43
N ASP HC 58 -35.08 -1.57 117.57
CA ASP HC 58 -35.43 -0.72 118.70
C ASP HC 58 -36.73 0.04 118.50
N VAL HC 59 -37.22 0.12 117.27
CA VAL HC 59 -38.21 1.12 116.88
C VAL HC 59 -39.59 0.50 116.75
N PHE HC 60 -40.60 1.31 117.04
CA PHE HC 60 -42.01 1.06 116.78
C PHE HC 60 -42.47 2.06 115.75
N ARG HC 61 -43.24 1.61 114.74
CA ARG HC 61 -43.72 2.53 113.70
C ARG HC 61 -45.24 2.59 113.72
N VAL HC 62 -45.79 3.66 114.25
CA VAL HC 62 -47.23 3.80 114.42
C VAL HC 62 -47.74 4.89 113.49
N LYS HC 63 -48.73 4.56 112.66
CA LYS HC 63 -49.14 5.42 111.56
C LYS HC 63 -50.61 5.76 111.70
N LEU HC 64 -50.91 7.04 111.44
CA LEU HC 64 -52.26 7.59 111.49
C LEU HC 64 -52.51 8.40 110.23
N PHE HC 65 -53.55 8.05 109.48
CA PHE HC 65 -53.91 8.73 108.24
C PHE HC 65 -55.31 9.31 108.38
N VAL HC 66 -55.48 10.54 107.90
CA VAL HC 66 -56.78 11.21 107.89
C VAL HC 66 -56.99 11.76 106.48
N ASN HC 67 -57.90 11.14 105.72
CA ASN HC 67 -58.15 11.50 104.34
C ASN HC 67 -59.52 12.16 104.23
N VAL HC 68 -59.54 13.37 103.69
CA VAL HC 68 -60.73 14.16 103.47
C VAL HC 68 -60.92 14.36 101.97
N PRO HC 69 -61.89 13.69 101.34
CA PRO HC 69 -62.12 13.95 99.92
C PRO HC 69 -63.14 15.06 99.72
N GLU HC 70 -63.00 15.76 98.61
CA GLU HC 70 -64.04 16.65 98.10
C GLU HC 70 -64.44 16.15 96.72
N VAL HC 71 -65.74 15.99 96.52
CA VAL HC 71 -66.33 15.52 95.29
C VAL HC 71 -66.41 16.67 94.29
N ALA HC 72 -66.08 16.41 93.02
CA ALA HC 72 -66.25 17.41 91.97
C ALA HC 72 -67.40 16.97 91.08
N THR HC 73 -68.42 17.82 90.98
CA THR HC 73 -69.59 17.50 90.17
C THR HC 73 -69.45 18.08 88.76
N GLU HC 85 -68.60 13.40 90.24
CA GLU HC 85 -68.17 12.18 89.55
C GLU HC 85 -66.79 11.70 89.98
N ILE HC 86 -65.79 12.57 89.88
CA ILE HC 86 -64.44 12.26 90.34
C ILE HC 86 -64.14 13.24 91.47
N ALA HC 87 -63.33 12.80 92.42
CA ALA HC 87 -63.12 13.56 93.65
C ALA HC 87 -61.64 13.62 93.95
N ARG HC 88 -61.19 14.74 94.50
CA ARG HC 88 -59.79 14.87 94.88
C ARG HC 88 -59.68 14.91 96.39
N THR HC 89 -58.62 14.33 96.91
CA THR HC 89 -58.53 14.04 98.33
C THR HC 89 -57.39 14.83 98.94
N ASN HC 90 -57.69 15.67 99.93
CA ASN HC 90 -56.68 16.18 100.84
C ASN HC 90 -56.33 15.08 101.84
N ARG HC 91 -55.04 14.93 102.15
CA ARG HC 91 -54.62 13.89 103.07
C ARG HC 91 -53.69 14.44 104.13
N ALA HC 92 -53.77 13.85 105.31
CA ALA HC 92 -52.78 14.02 106.37
C ALA HC 92 -52.25 12.65 106.72
N GLN HC 93 -50.92 12.52 106.76
CA GLN HC 93 -50.26 11.23 106.97
C GLN HC 93 -49.21 11.40 108.06
N VAL HC 94 -49.40 10.77 109.21
CA VAL HC 94 -48.50 10.90 110.34
C VAL HC 94 -47.87 9.56 110.63
N GLU HC 95 -46.56 9.55 110.81
CA GLU HC 95 -45.80 8.38 111.23
C GLU HC 95 -45.01 8.76 112.47
N PHE HC 96 -45.30 8.10 113.59
CA PHE HC 96 -44.51 8.23 114.81
C PHE HC 96 -43.51 7.08 114.86
N ILE HC 97 -42.26 7.42 115.15
CA ILE HC 97 -41.18 6.46 115.34
C ILE HC 97 -40.83 6.49 116.83
N LEU HC 98 -41.12 5.40 117.54
CA LEU HC 98 -41.03 5.38 118.99
C LEU HC 98 -40.10 4.26 119.44
N PRO HC 99 -38.95 4.54 120.04
CA PRO HC 99 -38.10 3.46 120.56
C PRO HC 99 -38.78 2.70 121.69
N ALA HC 100 -38.36 1.45 121.85
CA ALA HC 100 -39.01 0.56 122.82
C ALA HC 100 -38.60 0.85 124.26
N GLN HC 101 -37.42 1.43 124.49
CA GLN HC 101 -37.00 1.73 125.86
C GLN HC 101 -37.59 3.03 126.40
N SER HC 102 -38.11 3.90 125.54
CA SER HC 102 -38.65 5.16 126.02
C SER HC 102 -39.84 4.91 126.93
N ALA HC 103 -39.79 5.47 128.14
CA ALA HC 103 -40.95 5.42 129.02
C ALA HC 103 -42.10 6.19 128.40
N ALA HC 104 -43.32 5.79 128.74
CA ALA HC 104 -44.51 6.37 128.13
C ALA HC 104 -44.59 7.89 128.35
N THR HC 105 -43.88 8.43 129.34
CA THR HC 105 -43.85 9.88 129.55
C THR HC 105 -43.46 10.60 128.27
N VAL HC 106 -42.42 10.09 127.61
CA VAL HC 106 -41.87 10.75 126.44
C VAL HC 106 -42.90 10.75 125.32
N ARG HC 107 -43.54 9.60 125.08
CA ARG HC 107 -44.50 9.52 123.98
C ARG HC 107 -45.70 10.39 124.27
N GLU HC 108 -46.12 10.45 125.54
CA GLU HC 108 -47.24 11.31 125.90
C GLU HC 108 -46.95 12.77 125.56
N ASP HC 109 -45.80 13.31 126.03
CA ASP HC 109 -45.56 14.73 125.73
C ASP HC 109 -45.12 14.95 124.28
N LEU HC 110 -44.67 13.90 123.57
CA LEU HC 110 -44.42 14.08 122.14
C LEU HC 110 -45.73 14.31 121.41
N VAL HC 111 -46.73 13.47 121.67
CA VAL HC 111 -48.06 13.69 121.10
C VAL HC 111 -48.57 15.07 121.48
N ALA HC 112 -48.41 15.44 122.76
CA ALA HC 112 -48.92 16.74 123.20
C ALA HC 112 -48.24 17.87 122.43
N LEU HC 113 -46.93 17.72 122.17
CA LEU HC 113 -46.19 18.69 121.37
C LEU HC 113 -46.76 18.79 119.97
N LEU HC 114 -47.03 17.64 119.34
CA LEU HC 114 -47.55 17.66 117.97
C LEU HC 114 -48.91 18.35 117.92
N ALA HC 115 -49.77 18.04 118.88
CA ALA HC 115 -51.10 18.64 118.88
C ALA HC 115 -51.03 20.13 119.13
N SER HC 116 -50.16 20.57 120.05
CA SER HC 116 -49.99 22.00 120.30
C SER HC 116 -49.39 22.71 119.10
N ALA HC 117 -48.53 22.02 118.34
CA ALA HC 117 -47.99 22.62 117.13
C ALA HC 117 -49.06 22.79 116.07
N LEU HC 118 -49.96 21.80 115.96
CA LEU HC 118 -51.11 21.95 115.07
C LEU HC 118 -52.03 23.08 115.53
N ALA HC 119 -52.12 23.31 116.83
CA ALA HC 119 -53.00 24.36 117.33
C ALA HC 119 -52.37 25.75 117.21
N ASP HC 120 -51.04 25.83 117.24
CA ASP HC 120 -50.37 27.14 117.14
C ASP HC 120 -50.73 27.81 115.83
N THR HC 121 -51.00 29.11 115.89
CA THR HC 121 -51.50 29.83 114.72
C THR HC 121 -50.43 29.91 113.63
N ALA HC 122 -49.18 30.15 114.02
CA ALA HC 122 -48.10 30.29 113.04
C ALA HC 122 -47.91 29.00 112.26
N ILE HC 123 -47.84 27.87 112.96
CA ILE HC 123 -47.66 26.57 112.32
C ILE HC 123 -48.91 26.19 111.55
N LYS HC 124 -50.09 26.48 112.08
CA LYS HC 124 -51.33 26.13 111.41
C LYS HC 124 -51.47 26.89 110.09
N SER HC 125 -50.94 28.11 110.03
CA SER HC 125 -50.95 28.87 108.77
C SER HC 125 -50.21 28.10 107.69
N THR HC 126 -49.12 27.44 108.06
CA THR HC 126 -48.34 26.63 107.12
C THR HC 126 -49.21 25.64 106.36
N ILE HC 127 -50.11 24.97 107.07
CA ILE HC 127 -50.93 23.95 106.43
C ILE HC 127 -52.14 24.60 105.75
N VAL HC 128 -52.86 25.43 106.48
CA VAL HC 128 -54.15 25.92 106.02
C VAL HC 128 -53.97 26.80 104.80
N ASN HC 129 -53.03 27.75 104.87
CA ASN HC 129 -52.84 28.76 103.83
C ASN HC 129 -51.71 28.42 102.87
N VAL HC 130 -51.14 27.22 102.99
CA VAL HC 130 -49.99 26.75 102.23
C VAL HC 130 -48.98 27.88 102.02
N GLU HC 131 -48.53 28.48 103.13
CA GLU HC 131 -47.50 29.51 103.11
C GLU HC 131 -46.19 28.91 103.64
N HIS HC 132 -45.07 29.25 102.99
CA HIS HC 132 -43.74 28.92 103.47
C HIS HC 132 -43.36 29.75 104.70
N PHE HC 133 -42.47 29.20 105.52
CA PHE HC 133 -41.85 30.03 106.55
C PHE HC 133 -40.83 30.96 105.92
N TYR HC 134 -40.84 32.22 106.35
CA TYR HC 134 -39.93 33.23 105.81
C TYR HC 134 -39.41 34.23 106.83
N PRO IC 1 -65.18 -17.38 119.96
CA PRO IC 1 -64.47 -16.57 120.95
C PRO IC 1 -64.10 -15.23 120.37
N ALA IC 2 -64.92 -14.22 120.61
CA ALA IC 2 -64.58 -12.87 120.21
C ALA IC 2 -63.36 -12.40 121.01
N LEU IC 3 -62.57 -11.55 120.39
CA LEU IC 3 -61.36 -11.04 121.02
C LEU IC 3 -61.74 -10.11 122.17
N LYS IC 4 -61.24 -10.41 123.36
CA LYS IC 4 -61.62 -9.76 124.61
C LYS IC 4 -60.44 -9.85 125.55
N PRO IC 5 -60.20 -8.83 126.38
CA PRO IC 5 -59.19 -8.99 127.44
C PRO IC 5 -59.60 -10.11 128.37
N ILE IC 6 -58.68 -11.03 128.60
CA ILE IC 6 -58.98 -12.20 129.42
C ILE IC 6 -58.14 -12.12 130.68
N THR IC 7 -58.77 -12.44 131.81
CA THR IC 7 -58.12 -12.37 133.11
C THR IC 7 -57.69 -13.78 133.50
N LEU IC 8 -56.43 -13.94 133.87
CA LEU IC 8 -55.87 -15.22 134.29
C LEU IC 8 -55.30 -15.08 135.69
N THR IC 9 -55.40 -16.13 136.49
CA THR IC 9 -54.95 -16.09 137.88
C THR IC 9 -53.52 -16.64 137.98
N ASP IC 10 -52.67 -15.94 138.73
CA ASP IC 10 -51.27 -16.34 138.86
C ASP IC 10 -51.11 -17.31 140.04
N HIS IC 11 -49.88 -17.45 140.53
CA HIS IC 11 -49.66 -18.41 141.61
C HIS IC 11 -50.34 -17.97 142.90
N SER IC 12 -50.33 -16.69 143.20
CA SER IC 12 -50.97 -16.16 144.40
C SER IC 12 -52.48 -16.03 144.26
N SER IC 13 -53.05 -16.51 143.16
CA SER IC 13 -54.45 -16.40 142.77
C SER IC 13 -54.86 -14.97 142.43
N ALA IC 14 -53.92 -14.03 142.44
CA ALA IC 14 -54.21 -12.66 142.01
C ALA IC 14 -54.52 -12.64 140.52
N ASP IC 15 -55.40 -11.72 140.13
CA ASP IC 15 -55.77 -11.60 138.73
C ASP IC 15 -54.67 -10.93 137.92
N VAL IC 16 -54.60 -11.29 136.65
CA VAL IC 16 -53.60 -10.79 135.70
C VAL IC 16 -54.34 -10.60 134.38
N ILE IC 17 -54.51 -9.36 133.97
CA ILE IC 17 -55.35 -9.03 132.82
C ILE IC 17 -54.47 -8.98 131.57
N PHE IC 18 -54.80 -9.82 130.59
CA PHE IC 18 -54.14 -9.82 129.29
C PHE IC 18 -55.04 -9.09 128.30
N THR IC 19 -54.54 -7.96 127.78
CA THR IC 19 -55.27 -7.22 126.77
C THR IC 19 -54.91 -7.75 125.38
N PRO IC 20 -55.87 -7.82 124.47
CA PRO IC 20 -55.58 -8.30 123.12
C PRO IC 20 -54.62 -7.34 122.41
N THR IC 21 -53.59 -7.90 121.81
CA THR IC 21 -52.59 -7.13 121.08
C THR IC 21 -52.83 -7.13 119.58
N GLN IC 22 -52.95 -8.29 118.96
CA GLN IC 22 -52.84 -8.36 117.51
C GLN IC 22 -53.38 -9.69 117.03
N ILE IC 23 -53.92 -9.70 115.82
CA ILE IC 23 -54.31 -10.93 115.13
C ILE IC 23 -53.36 -11.09 113.94
N ASP IC 24 -52.59 -12.17 113.96
CA ASP IC 24 -51.47 -12.35 113.05
C ASP IC 24 -51.96 -12.54 111.61
N LYS IC 25 -51.00 -12.51 110.67
CA LYS IC 25 -51.31 -12.87 109.29
C LYS IC 25 -51.61 -14.36 109.16
N ASN IC 26 -51.09 -15.18 110.06
CA ASN IC 26 -51.29 -16.62 110.02
C ASN IC 26 -52.47 -17.06 110.87
N GLY IC 27 -53.15 -16.13 111.53
CA GLY IC 27 -54.26 -16.45 112.39
C GLY IC 27 -53.93 -16.42 113.87
N VAL IC 28 -52.68 -16.17 114.22
CA VAL IC 28 -52.28 -16.16 115.62
C VAL IC 28 -52.85 -14.92 116.31
N ALA IC 29 -53.47 -15.14 117.47
CA ALA IC 29 -54.01 -14.06 118.29
C ALA IC 29 -53.15 -13.91 119.53
N TYR IC 30 -52.74 -12.68 119.82
CA TYR IC 30 -51.80 -12.40 120.89
C TYR IC 30 -52.48 -11.56 121.98
N PHE IC 31 -52.35 -12.01 123.24
CA PHE IC 31 -52.77 -11.24 124.40
C PHE IC 31 -51.53 -10.93 125.24
N ARG IC 32 -51.39 -9.68 125.66
CA ARG IC 32 -50.19 -9.27 126.38
C ARG IC 32 -50.56 -8.64 127.72
N HIS IC 33 -49.62 -8.77 128.65
CA HIS IC 33 -49.65 -8.09 129.94
C HIS IC 33 -48.24 -7.53 130.17
N LEU IC 34 -48.16 -6.20 130.31
CA LEU IC 34 -46.86 -5.54 130.36
C LEU IC 34 -46.14 -5.83 131.68
N GLN IC 35 -44.83 -5.60 131.67
CA GLN IC 35 -44.00 -5.87 132.83
C GLN IC 35 -44.23 -4.81 133.91
N ALA IC 36 -43.49 -4.94 135.00
CA ALA IC 36 -43.57 -3.97 136.09
C ALA IC 36 -43.31 -2.55 135.58
N ASN IC 37 -42.19 -2.37 134.89
CA ASN IC 37 -41.91 -1.10 134.24
C ASN IC 37 -42.87 -0.87 133.07
N GLY IC 38 -43.22 0.38 132.85
CA GLY IC 38 -44.10 0.73 131.75
C GLY IC 38 -43.53 0.45 130.38
N LYS IC 39 -42.27 0.04 130.31
CA LYS IC 39 -41.59 -0.15 129.04
C LYS IC 39 -42.04 -1.46 128.39
N PRO IC 40 -42.60 -1.43 127.18
CA PRO IC 40 -43.11 -2.65 126.51
C PRO IC 40 -42.03 -3.33 125.68
N ILE IC 41 -41.05 -3.90 126.36
CA ILE IC 41 -39.97 -4.63 125.72
C ILE IC 41 -40.16 -6.13 125.90
N GLY IC 42 -40.17 -6.60 127.14
CA GLY IC 42 -40.54 -7.97 127.46
C GLY IC 42 -41.88 -7.93 128.16
N ALA IC 43 -42.77 -8.83 127.74
CA ALA IC 43 -44.14 -8.77 128.23
C ALA IC 43 -44.69 -10.18 128.27
N TYR IC 44 -45.53 -10.45 129.27
CA TYR IC 44 -46.17 -11.74 129.36
C TYR IC 44 -47.17 -11.89 128.21
N THR IC 45 -47.11 -13.02 127.52
CA THR IC 45 -47.91 -13.19 126.31
C THR IC 45 -48.65 -14.52 126.31
N VAL IC 46 -49.79 -14.52 125.64
CA VAL IC 46 -50.61 -15.71 125.42
C VAL IC 46 -50.99 -15.72 123.95
N SER IC 47 -50.55 -16.74 123.23
CA SER IC 47 -50.82 -16.89 121.81
C SER IC 47 -51.83 -18.02 121.59
N SER IC 48 -52.81 -17.78 120.73
CA SER IC 48 -53.79 -18.80 120.39
C SER IC 48 -53.94 -18.87 118.87
N HIS IC 49 -53.80 -20.07 118.33
CA HIS IC 49 -53.94 -20.25 116.88
C HIS IC 49 -54.54 -21.62 116.59
N VAL IC 50 -55.61 -21.65 115.82
CA VAL IC 50 -56.20 -22.90 115.38
C VAL IC 50 -55.96 -23.06 113.88
N LYS IC 51 -55.55 -24.27 113.49
CA LYS IC 51 -55.24 -24.59 112.11
C LYS IC 51 -56.26 -25.61 111.62
N GLU IC 52 -57.06 -25.19 110.65
CA GLU IC 52 -58.06 -26.04 110.01
C GLU IC 52 -57.35 -27.19 109.31
N PRO IC 53 -58.09 -28.25 108.94
CA PRO IC 53 -57.46 -29.37 108.24
C PRO IC 53 -57.43 -29.20 106.73
N GLY IC 54 -56.38 -29.69 106.11
CA GLY IC 54 -56.20 -29.59 104.67
C GLY IC 54 -56.51 -30.91 103.98
N THR IC 55 -57.36 -30.83 102.95
CA THR IC 55 -57.78 -32.02 102.20
C THR IC 55 -58.46 -33.03 103.13
N ASN IC 56 -59.29 -32.50 104.04
CA ASN IC 56 -60.05 -33.31 104.98
C ASN IC 56 -59.16 -34.26 105.78
N GLY IC 57 -57.89 -33.88 105.96
CA GLY IC 57 -57.08 -34.57 106.94
C GLY IC 57 -57.72 -34.46 108.30
N ASP IC 58 -57.81 -35.60 109.00
CA ASP IC 58 -58.63 -35.68 110.20
C ASP IC 58 -58.25 -34.63 111.25
N VAL IC 59 -57.03 -34.09 111.20
CA VAL IC 59 -56.47 -33.34 112.32
C VAL IC 59 -56.85 -31.86 112.24
N PHE IC 60 -57.24 -31.31 113.40
CA PHE IC 60 -57.28 -29.90 113.69
C PHE IC 60 -56.11 -29.62 114.63
N ARG IC 61 -55.32 -28.58 114.34
CA ARG IC 61 -54.13 -28.29 115.15
C ARG IC 61 -54.34 -26.99 115.91
N VAL IC 62 -54.71 -27.09 117.18
CA VAL IC 62 -55.08 -25.91 117.97
C VAL IC 62 -54.00 -25.71 119.03
N LYS IC 63 -53.39 -24.53 119.04
CA LYS IC 63 -52.18 -24.28 119.80
C LYS IC 63 -52.38 -23.11 120.75
N LEU IC 64 -51.83 -23.27 121.95
CA LEU IC 64 -51.89 -22.28 123.02
C LEU IC 64 -50.50 -22.12 123.62
N PHE IC 65 -50.00 -20.88 123.62
CA PHE IC 65 -48.68 -20.56 124.12
C PHE IC 65 -48.79 -19.56 125.27
N VAL IC 66 -48.02 -19.77 126.32
CA VAL IC 66 -47.96 -18.86 127.46
C VAL IC 66 -46.49 -18.58 127.74
N ASN IC 67 -46.06 -17.36 127.43
CA ASN IC 67 -44.66 -16.97 127.57
C ASN IC 67 -44.53 -15.97 128.71
N VAL IC 68 -43.68 -16.31 129.67
CA VAL IC 68 -43.41 -15.49 130.84
C VAL IC 68 -41.96 -15.05 130.78
N PRO IC 69 -41.69 -13.82 130.32
CA PRO IC 69 -40.32 -13.32 130.30
C PRO IC 69 -39.91 -12.66 131.62
N GLU IC 70 -38.68 -12.92 132.03
CA GLU IC 70 -38.01 -12.21 133.12
C GLU IC 70 -37.05 -11.21 132.50
N VAL IC 71 -37.21 -9.94 132.89
CA VAL IC 71 -36.54 -8.80 132.28
C VAL IC 71 -35.50 -8.26 133.25
N ALA IC 72 -34.50 -7.56 132.71
CA ALA IC 72 -33.43 -6.95 133.49
C ALA IC 72 -33.22 -5.52 133.03
N THR IC 73 -33.19 -4.59 133.98
CA THR IC 73 -32.90 -3.19 133.69
C THR IC 73 -31.42 -2.95 133.89
N ILE IC 74 -30.69 -2.78 132.79
CA ILE IC 74 -29.23 -2.61 132.83
C ILE IC 74 -28.91 -1.16 132.51
N THR IC 75 -28.17 -0.51 133.40
CA THR IC 75 -27.66 0.83 133.14
C THR IC 75 -26.15 0.77 133.05
N PRO IC 76 -25.54 1.14 131.91
CA PRO IC 76 -24.09 0.98 131.76
C PRO IC 76 -23.29 1.87 132.70
N ASN IC 77 -21.97 1.73 132.66
CA ASN IC 77 -21.11 2.45 133.60
C ASN IC 77 -21.03 3.92 133.23
N GLY IC 78 -21.27 4.78 134.23
CA GLY IC 78 -21.15 6.21 134.04
C GLY IC 78 -22.10 6.80 133.03
N SER IC 79 -23.29 6.20 132.87
CA SER IC 79 -24.26 6.62 131.87
C SER IC 79 -25.53 7.10 132.56
N ASP IC 80 -26.09 8.20 132.05
CA ASP IC 80 -27.29 8.77 132.64
C ASP IC 80 -28.48 7.82 132.53
N THR IC 81 -28.63 7.16 131.39
CA THR IC 81 -29.87 6.47 131.05
C THR IC 81 -29.70 4.96 131.11
N SER IC 82 -30.73 4.28 131.60
CA SER IC 82 -30.78 2.83 131.66
C SER IC 82 -31.62 2.29 130.51
N SER IC 83 -31.24 1.11 130.05
CA SER IC 83 -32.03 0.42 129.03
C SER IC 83 -32.44 -0.94 129.56
N VAL IC 84 -33.53 -1.45 129.03
CA VAL IC 84 -34.10 -2.71 129.50
C VAL IC 84 -33.77 -3.81 128.50
N GLU IC 85 -33.69 -5.05 129.00
CA GLU IC 85 -33.19 -6.17 128.22
C GLU IC 85 -33.91 -7.45 128.66
N ILE IC 86 -34.15 -8.34 127.71
CA ILE IC 86 -34.85 -9.59 128.01
C ILE IC 86 -33.83 -10.58 128.59
N ALA IC 87 -33.94 -10.83 129.90
CA ALA IC 87 -32.97 -11.68 130.58
C ALA IC 87 -33.17 -13.15 130.21
N ARG IC 88 -34.37 -13.67 130.46
CA ARG IC 88 -34.68 -15.05 130.05
C ARG IC 88 -36.18 -15.19 129.97
N THR IC 89 -36.65 -16.35 129.51
CA THR IC 89 -38.07 -16.57 129.35
C THR IC 89 -38.43 -17.99 129.75
N ASN IC 90 -39.45 -18.14 130.57
CA ASN IC 90 -40.11 -19.42 130.78
C ASN IC 90 -41.26 -19.54 129.79
N ARG IC 91 -41.44 -20.72 129.22
CA ARG IC 91 -42.48 -20.89 128.22
C ARG IC 91 -43.27 -22.17 128.48
N ALA IC 92 -44.56 -22.12 128.18
CA ALA IC 92 -45.42 -23.29 128.12
C ALA IC 92 -46.04 -23.32 126.74
N GLN IC 93 -45.94 -24.45 126.05
CA GLN IC 93 -46.41 -24.58 124.68
C GLN IC 93 -47.29 -25.80 124.57
N VAL IC 94 -48.55 -25.62 124.19
CA VAL IC 94 -49.54 -26.68 124.15
C VAL IC 94 -50.07 -26.80 122.74
N GLU IC 95 -50.08 -28.03 122.22
CA GLU IC 95 -50.68 -28.33 120.93
C GLU IC 95 -51.69 -29.45 121.14
N PHE IC 96 -52.96 -29.17 120.85
CA PHE IC 96 -53.99 -30.19 120.80
C PHE IC 96 -54.16 -30.61 119.34
N ILE IC 97 -54.12 -31.92 119.12
CA ILE IC 97 -54.44 -32.53 117.84
C ILE IC 97 -55.81 -33.16 117.99
N LEU IC 98 -56.79 -32.62 117.27
CA LEU IC 98 -58.18 -33.02 117.46
C LEU IC 98 -58.73 -33.59 116.16
N PRO IC 99 -59.10 -34.87 116.09
CA PRO IC 99 -59.68 -35.40 114.85
C PRO IC 99 -61.00 -34.73 114.51
N ALA IC 100 -61.22 -34.53 113.21
CA ALA IC 100 -62.38 -33.81 112.71
C ALA IC 100 -63.68 -34.58 112.86
N GLN IC 101 -63.66 -35.78 113.42
CA GLN IC 101 -64.86 -36.59 113.55
C GLN IC 101 -65.25 -36.89 114.99
N SER IC 102 -64.40 -36.60 115.96
CA SER IC 102 -64.81 -36.74 117.35
C SER IC 102 -65.73 -35.57 117.73
N ALA IC 103 -66.78 -35.89 118.48
CA ALA IC 103 -67.72 -34.86 118.90
C ALA IC 103 -67.13 -34.05 120.05
N ALA IC 104 -67.80 -32.93 120.37
CA ALA IC 104 -67.26 -32.00 121.34
C ALA IC 104 -67.05 -32.63 122.72
N THR IC 105 -67.76 -33.71 123.04
CA THR IC 105 -67.61 -34.35 124.35
C THR IC 105 -66.18 -34.78 124.59
N VAL IC 106 -65.58 -35.39 123.56
CA VAL IC 106 -64.22 -35.90 123.67
C VAL IC 106 -63.25 -34.76 123.93
N ARG IC 107 -63.39 -33.66 123.20
CA ARG IC 107 -62.47 -32.55 123.40
C ARG IC 107 -62.67 -31.91 124.77
N GLU IC 108 -63.92 -31.85 125.24
CA GLU IC 108 -64.18 -31.29 126.56
C GLU IC 108 -63.48 -32.09 127.64
N ASP IC 109 -63.66 -33.42 127.64
CA ASP IC 109 -63.01 -34.16 128.72
C ASP IC 109 -61.50 -34.32 128.50
N LEU IC 110 -60.99 -34.13 127.28
CA LEU IC 110 -59.54 -34.04 127.10
C LEU IC 110 -58.99 -32.79 127.78
N VAL IC 111 -59.63 -31.65 127.56
CA VAL IC 111 -59.20 -30.41 128.23
C VAL IC 111 -59.29 -30.58 129.73
N ALA IC 112 -60.37 -31.19 130.23
CA ALA IC 112 -60.52 -31.39 131.66
C ALA IC 112 -59.42 -32.28 132.22
N LEU IC 113 -59.07 -33.34 131.48
CA LEU IC 113 -57.96 -34.20 131.89
C LEU IC 113 -56.66 -33.43 131.97
N LEU IC 114 -56.39 -32.58 130.98
CA LEU IC 114 -55.15 -31.81 130.99
C LEU IC 114 -55.10 -30.85 132.17
N ALA IC 115 -56.21 -30.14 132.43
CA ALA IC 115 -56.23 -29.20 133.54
C ALA IC 115 -56.09 -29.92 134.88
N SER IC 116 -56.76 -31.06 135.05
CA SER IC 116 -56.63 -31.82 136.28
C SER IC 116 -55.23 -32.40 136.44
N ALA IC 117 -54.57 -32.73 135.33
CA ALA IC 117 -53.18 -33.17 135.40
C ALA IC 117 -52.28 -32.03 135.86
N LEU IC 118 -52.51 -30.83 135.35
CA LEU IC 118 -51.76 -29.67 135.83
C LEU IC 118 -52.03 -29.38 137.30
N ALA IC 119 -53.24 -29.70 137.78
CA ALA IC 119 -53.57 -29.44 139.17
C ALA IC 119 -53.01 -30.51 140.11
N ASP IC 120 -52.89 -31.75 139.65
CA ASP IC 120 -52.38 -32.82 140.50
C ASP IC 120 -51.00 -32.46 141.02
N THR IC 121 -50.75 -32.77 142.30
CA THR IC 121 -49.50 -32.35 142.93
C THR IC 121 -48.31 -33.13 142.38
N ALA IC 122 -48.48 -34.43 142.13
CA ALA IC 122 -47.39 -35.24 141.61
C ALA IC 122 -46.98 -34.76 140.22
N ILE IC 123 -47.95 -34.57 139.33
CA ILE IC 123 -47.66 -34.05 138.00
C ILE IC 123 -47.14 -32.62 138.08
N LYS IC 124 -47.60 -31.85 139.07
CA LYS IC 124 -47.21 -30.45 139.17
C LYS IC 124 -45.74 -30.33 139.53
N SER IC 125 -45.29 -31.11 140.52
CA SER IC 125 -43.88 -31.05 140.92
C SER IC 125 -42.95 -31.36 139.75
N THR IC 126 -43.40 -32.19 138.82
CA THR IC 126 -42.65 -32.43 137.59
C THR IC 126 -42.26 -31.12 136.92
N ILE IC 127 -43.22 -30.22 136.76
CA ILE IC 127 -42.97 -28.95 136.09
C ILE IC 127 -42.28 -27.98 137.04
N VAL IC 128 -42.92 -27.74 138.19
CA VAL IC 128 -42.51 -26.67 139.07
C VAL IC 128 -41.13 -26.95 139.67
N ASN IC 129 -40.91 -28.18 140.13
CA ASN IC 129 -39.74 -28.53 140.92
C ASN IC 129 -38.65 -29.21 140.10
N VAL IC 130 -38.91 -29.50 138.82
CA VAL IC 130 -37.94 -30.10 137.92
C VAL IC 130 -37.41 -31.40 138.54
N GLU IC 131 -38.35 -32.22 138.96
CA GLU IC 131 -38.09 -33.56 139.48
C GLU IC 131 -38.58 -34.56 138.45
N HIS IC 132 -37.80 -35.62 138.26
CA HIS IC 132 -38.22 -36.75 137.44
C HIS IC 132 -39.23 -37.60 138.19
N PHE IC 133 -40.06 -38.32 137.44
CA PHE IC 133 -40.89 -39.35 138.02
C PHE IC 133 -40.05 -40.59 138.31
N TYR IC 134 -40.35 -41.24 139.44
CA TYR IC 134 -39.60 -42.43 139.84
C TYR IC 134 -40.44 -43.39 140.70
N PRO JC 1 -83.33 3.28 -20.22
CA PRO JC 1 -84.66 3.38 -19.59
C PRO JC 1 -84.55 4.02 -18.21
N ALA JC 2 -85.13 5.21 -18.08
CA ALA JC 2 -85.22 5.89 -16.80
C ALA JC 2 -85.86 4.97 -15.76
N LEU JC 3 -85.18 4.81 -14.63
CA LEU JC 3 -85.64 3.91 -13.58
C LEU JC 3 -87.03 4.30 -13.13
N LYS JC 4 -87.97 3.38 -13.29
CA LYS JC 4 -89.38 3.61 -12.99
C LYS JC 4 -89.97 2.33 -12.44
N PRO JC 5 -90.89 2.42 -11.48
CA PRO JC 5 -91.56 1.21 -10.99
C PRO JC 5 -92.33 0.56 -12.13
N ILE JC 6 -92.19 -0.75 -12.25
CA ILE JC 6 -92.77 -1.46 -13.38
C ILE JC 6 -93.78 -2.45 -12.85
N THR JC 7 -94.82 -2.70 -13.63
CA THR JC 7 -95.90 -3.60 -13.25
C THR JC 7 -95.83 -4.86 -14.09
N LEU JC 8 -95.82 -6.02 -13.41
CA LEU JC 8 -95.74 -7.33 -14.06
C LEU JC 8 -96.92 -8.18 -13.61
N THR JC 9 -97.36 -9.08 -14.49
CA THR JC 9 -98.51 -9.93 -14.19
C THR JC 9 -98.06 -11.28 -13.60
N ASP JC 10 -98.77 -11.72 -12.55
CA ASP JC 10 -98.48 -13.00 -11.91
C ASP JC 10 -99.22 -14.12 -12.62
N HIS JC 11 -99.40 -15.25 -11.94
CA HIS JC 11 -100.05 -16.36 -12.62
C HIS JC 11 -101.52 -16.07 -12.91
N SER JC 12 -102.20 -15.41 -11.97
CA SER JC 12 -103.61 -15.06 -12.14
C SER JC 12 -103.80 -13.83 -13.01
N SER JC 13 -102.75 -13.39 -13.71
CA SER JC 13 -102.71 -12.19 -14.54
C SER JC 13 -103.04 -10.92 -13.76
N ALA JC 14 -103.03 -10.98 -12.42
CA ALA JC 14 -103.16 -9.79 -11.60
C ALA JC 14 -101.89 -8.96 -11.67
N ASP JC 15 -102.02 -7.67 -11.37
CA ASP JC 15 -100.87 -6.78 -11.40
C ASP JC 15 -100.01 -6.95 -10.16
N VAL JC 16 -98.70 -6.77 -10.34
CA VAL JC 16 -97.70 -6.88 -9.29
C VAL JC 16 -96.70 -5.76 -9.53
N ILE JC 17 -96.65 -4.79 -8.63
CA ILE JC 17 -95.90 -3.56 -8.85
C ILE JC 17 -94.54 -3.70 -8.17
N PHE JC 18 -93.47 -3.64 -8.96
CA PHE JC 18 -92.10 -3.64 -8.46
C PHE JC 18 -91.60 -2.21 -8.43
N THR JC 19 -91.26 -1.71 -7.23
CA THR JC 19 -90.70 -0.39 -7.09
C THR JC 19 -89.18 -0.44 -7.15
N PRO JC 20 -88.54 0.54 -7.77
CA PRO JC 20 -87.07 0.54 -7.79
C PRO JC 20 -86.53 0.74 -6.39
N THR JC 21 -85.50 -0.06 -6.07
CA THR JC 21 -84.85 -0.04 -4.77
C THR JC 21 -83.46 0.61 -4.83
N GLN JC 22 -82.63 0.20 -5.79
CA GLN JC 22 -81.22 0.55 -5.73
C GLN JC 22 -80.59 0.39 -7.11
N ILE JC 23 -79.60 1.22 -7.39
CA ILE JC 23 -78.70 1.03 -8.52
C ILE JC 23 -77.34 0.71 -7.94
N ASP JC 24 -76.80 -0.45 -8.32
CA ASP JC 24 -75.64 -1.03 -7.64
C ASP JC 24 -74.36 -0.29 -8.03
N LYS JC 25 -73.27 -0.64 -7.32
CA LYS JC 25 -71.96 -0.15 -7.71
C LYS JC 25 -71.52 -0.72 -9.05
N ASN JC 26 -71.99 -1.91 -9.38
CA ASN JC 26 -71.61 -2.60 -10.60
C ASN JC 26 -72.55 -2.29 -11.77
N GLY JC 27 -73.56 -1.45 -11.54
CA GLY JC 27 -74.55 -1.17 -12.56
C GLY JC 27 -75.81 -1.99 -12.46
N VAL JC 28 -75.96 -2.80 -11.42
CA VAL JC 28 -77.15 -3.62 -11.24
C VAL JC 28 -78.28 -2.76 -10.71
N ALA JC 29 -79.45 -2.87 -11.34
CA ALA JC 29 -80.64 -2.15 -10.92
C ALA JC 29 -81.63 -3.15 -10.34
N TYR JC 30 -82.16 -2.84 -9.15
CA TYR JC 30 -83.01 -3.75 -8.40
C TYR JC 30 -84.41 -3.17 -8.25
N PHE JC 31 -85.42 -3.95 -8.61
CA PHE JC 31 -86.81 -3.65 -8.32
C PHE JC 31 -87.33 -4.67 -7.32
N ARG JC 32 -88.05 -4.19 -6.31
CA ARG JC 32 -88.55 -5.07 -5.27
C ARG JC 32 -90.06 -4.93 -5.11
N HIS JC 33 -90.67 -6.03 -4.68
CA HIS JC 33 -92.07 -6.10 -4.29
C HIS JC 33 -92.11 -6.86 -2.97
N LEU JC 34 -92.60 -6.20 -1.91
CA LEU JC 34 -92.56 -6.77 -0.57
C LEU JC 34 -93.50 -7.96 -0.46
N GLN JC 35 -93.28 -8.78 0.57
CA GLN JC 35 -94.12 -9.95 0.81
C GLN JC 35 -95.47 -9.52 1.37
N ALA JC 36 -96.29 -10.53 1.70
CA ALA JC 36 -97.57 -10.29 2.33
C ALA JC 36 -97.42 -9.45 3.59
N ASN JC 37 -96.55 -9.87 4.50
CA ASN JC 37 -96.23 -9.07 5.67
C ASN JC 37 -95.50 -7.80 5.25
N GLY JC 38 -95.67 -6.74 6.05
CA GLY JC 38 -95.04 -5.47 5.76
C GLY JC 38 -93.54 -5.51 5.93
N LYS JC 39 -93.03 -6.62 6.42
CA LYS JC 39 -91.63 -6.82 6.71
C LYS JC 39 -90.86 -7.10 5.41
N PRO JC 40 -89.70 -6.48 5.22
CA PRO JC 40 -88.96 -6.58 3.95
C PRO JC 40 -87.94 -7.70 3.88
N ILE JC 41 -87.92 -8.65 4.82
CA ILE JC 41 -86.76 -9.54 4.94
C ILE JC 41 -86.65 -10.45 3.72
N GLY JC 42 -87.77 -10.98 3.24
CA GLY JC 42 -87.78 -11.69 1.97
C GLY JC 42 -88.70 -10.95 1.04
N ALA JC 43 -88.29 -10.76 -0.22
CA ALA JC 43 -89.11 -9.97 -1.12
C ALA JC 43 -88.83 -10.39 -2.56
N TYR JC 44 -89.88 -10.27 -3.39
CA TYR JC 44 -89.73 -10.55 -4.81
C TYR JC 44 -88.83 -9.50 -5.45
N THR JC 45 -87.88 -9.94 -6.27
CA THR JC 45 -86.90 -9.02 -6.83
C THR JC 45 -86.71 -9.25 -8.32
N VAL JC 46 -86.38 -8.16 -9.01
CA VAL JC 46 -86.03 -8.18 -10.43
C VAL JC 46 -84.75 -7.38 -10.59
N SER JC 47 -83.69 -8.04 -11.06
CA SER JC 47 -82.38 -7.44 -11.24
C SER JC 47 -82.10 -7.28 -12.73
N SER JC 48 -81.58 -6.12 -13.10
CA SER JC 48 -81.19 -5.87 -14.48
C SER JC 48 -79.81 -5.25 -14.53
N HIS JC 49 -78.90 -5.90 -15.25
CA HIS JC 49 -77.56 -5.35 -15.42
C HIS JC 49 -77.06 -5.66 -16.81
N VAL JC 50 -76.59 -4.65 -17.53
CA VAL JC 50 -76.03 -4.85 -18.85
C VAL JC 50 -74.56 -4.48 -18.80
N LYS JC 51 -73.71 -5.37 -19.31
CA LYS JC 51 -72.27 -5.22 -19.29
C LYS JC 51 -71.80 -4.94 -20.71
N GLU JC 52 -71.30 -3.72 -20.93
CA GLU JC 52 -70.81 -3.33 -22.25
C GLU JC 52 -69.49 -4.04 -22.53
N PRO JC 53 -69.15 -4.22 -23.81
CA PRO JC 53 -67.92 -4.95 -24.15
C PRO JC 53 -66.67 -4.10 -23.96
N GLY JC 54 -65.55 -4.79 -23.84
CA GLY JC 54 -64.26 -4.14 -23.67
C GLY JC 54 -63.24 -4.62 -24.68
N THR JC 55 -62.33 -3.71 -25.03
CA THR JC 55 -61.33 -3.97 -26.07
C THR JC 55 -62.02 -4.42 -27.37
N ASN JC 56 -62.97 -3.60 -27.81
CA ASN JC 56 -63.81 -3.91 -28.96
C ASN JC 56 -64.41 -5.31 -28.84
N GLY JC 57 -64.76 -5.70 -27.63
CA GLY JC 57 -65.36 -7.00 -27.43
C GLY JC 57 -66.61 -7.15 -28.27
N ASP JC 58 -66.77 -8.32 -28.87
CA ASP JC 58 -67.90 -8.53 -29.75
C ASP JC 58 -69.23 -8.50 -29.00
N VAL JC 59 -69.22 -8.68 -27.67
CA VAL JC 59 -70.40 -9.11 -26.93
C VAL JC 59 -70.80 -8.10 -25.87
N PHE JC 60 -72.06 -7.65 -25.93
CA PHE JC 60 -72.78 -7.17 -24.77
C PHE JC 60 -73.32 -8.36 -23.99
N ARG JC 61 -73.29 -8.26 -22.66
CA ARG JC 61 -73.86 -9.30 -21.79
C ARG JC 61 -74.93 -8.68 -20.92
N VAL JC 62 -76.19 -8.94 -21.25
CA VAL JC 62 -77.33 -8.28 -20.61
C VAL JC 62 -78.09 -9.32 -19.78
N LYS JC 63 -78.25 -9.05 -18.49
CA LYS JC 63 -78.73 -10.04 -17.55
C LYS JC 63 -80.00 -9.55 -16.85
N LEU JC 64 -80.96 -10.47 -16.73
CA LEU JC 64 -82.25 -10.24 -16.10
C LEU JC 64 -82.50 -11.36 -15.11
N PHE JC 65 -82.75 -11.00 -13.86
CA PHE JC 65 -82.98 -11.95 -12.78
C PHE JC 65 -84.36 -11.71 -12.16
N VAL JC 66 -85.07 -12.79 -11.91
CA VAL JC 66 -86.39 -12.74 -11.27
C VAL JC 66 -86.37 -13.73 -10.12
N ASN JC 67 -86.35 -13.21 -8.89
CA ASN JC 67 -86.25 -14.02 -7.70
C ASN JC 67 -87.56 -13.97 -6.92
N VAL JC 68 -88.12 -15.14 -6.66
CA VAL JC 68 -89.39 -15.31 -5.95
C VAL JC 68 -89.13 -16.11 -4.68
N PRO JC 69 -88.99 -15.46 -3.54
CA PRO JC 69 -88.85 -16.19 -2.28
C PRO JC 69 -90.18 -16.55 -1.65
N GLU JC 70 -90.20 -17.73 -1.03
CA GLU JC 70 -91.22 -18.13 -0.07
C GLU JC 70 -90.63 -17.95 1.32
N VAL JC 71 -91.27 -17.09 2.12
CA VAL JC 71 -90.86 -16.82 3.48
C VAL JC 71 -91.75 -17.61 4.43
N ALA JC 72 -91.24 -17.87 5.64
CA ALA JC 72 -92.00 -18.56 6.67
C ALA JC 72 -91.93 -17.77 7.96
N THR JC 73 -93.05 -17.71 8.66
CA THR JC 73 -93.17 -16.96 9.90
C THR JC 73 -92.93 -17.91 11.07
N ILE JC 74 -91.77 -17.78 11.71
CA ILE JC 74 -91.41 -18.64 12.83
C ILE JC 74 -91.69 -17.86 14.12
N THR JC 75 -92.49 -18.46 14.99
CA THR JC 75 -92.79 -17.86 16.28
C THR JC 75 -92.42 -18.87 17.36
N PRO JC 76 -91.48 -18.56 18.25
CA PRO JC 76 -91.04 -19.56 19.24
C PRO JC 76 -92.16 -19.96 20.19
N ASN JC 77 -91.95 -21.06 20.90
CA ASN JC 77 -93.00 -21.68 21.70
C ASN JC 77 -93.46 -20.74 22.80
N GLY JC 78 -94.74 -20.39 22.79
CA GLY JC 78 -95.33 -19.53 23.80
C GLY JC 78 -94.81 -18.11 23.79
N SER JC 79 -94.55 -17.54 22.61
CA SER JC 79 -93.98 -16.22 22.49
C SER JC 79 -95.00 -15.24 21.93
N ASP JC 80 -94.83 -13.97 22.29
CA ASP JC 80 -95.73 -12.93 21.81
C ASP JC 80 -95.47 -12.61 20.35
N THR JC 81 -94.21 -12.34 20.01
CA THR JC 81 -93.87 -11.85 18.68
C THR JC 81 -93.20 -12.92 17.84
N SER JC 82 -93.39 -12.82 16.53
CA SER JC 82 -92.85 -13.76 15.56
C SER JC 82 -91.82 -13.07 14.68
N SER JC 83 -90.84 -13.84 14.23
CA SER JC 83 -89.82 -13.37 13.31
C SER JC 83 -89.95 -14.09 11.98
N VAL JC 84 -89.58 -13.42 10.90
CA VAL JC 84 -89.74 -13.96 9.56
C VAL JC 84 -88.39 -14.46 9.05
N GLU JC 85 -88.41 -15.61 8.37
CA GLU JC 85 -87.21 -16.27 7.89
C GLU JC 85 -87.42 -16.64 6.42
N ILE JC 86 -86.34 -16.63 5.65
CA ILE JC 86 -86.44 -16.95 4.22
C ILE JC 86 -86.43 -18.47 4.09
N ALA JC 87 -87.60 -19.04 3.79
CA ALA JC 87 -87.73 -20.50 3.74
C ALA JC 87 -87.01 -21.07 2.53
N ARG JC 88 -87.41 -20.65 1.33
CA ARG JC 88 -86.70 -21.08 0.13
C ARG JC 88 -86.96 -20.07 -0.96
N THR JC 89 -86.26 -20.21 -2.08
CA THR JC 89 -86.40 -19.25 -3.17
C THR JC 89 -86.42 -19.97 -4.50
N ASN JC 90 -87.39 -19.62 -5.35
CA ASN JC 90 -87.34 -19.96 -6.77
C ASN JC 90 -86.68 -18.80 -7.51
N ARG JC 91 -85.92 -19.13 -8.55
CA ARG JC 91 -85.21 -18.09 -9.30
C ARG JC 91 -85.25 -18.39 -10.78
N ALA JC 92 -85.21 -17.31 -11.58
CA ALA JC 92 -85.03 -17.40 -13.02
C ALA JC 92 -83.94 -16.40 -13.41
N GLN JC 93 -82.94 -16.88 -14.14
CA GLN JC 93 -81.75 -16.09 -14.46
C GLN JC 93 -81.49 -16.14 -15.95
N VAL JC 94 -81.56 -14.98 -16.60
CA VAL JC 94 -81.47 -14.88 -18.05
C VAL JC 94 -80.25 -14.04 -18.41
N GLU JC 95 -79.38 -14.61 -19.25
CA GLU JC 95 -78.24 -13.88 -19.80
C GLU JC 95 -78.40 -13.89 -21.31
N PHE JC 96 -78.60 -12.73 -21.90
CA PHE JC 96 -78.53 -12.58 -23.35
C PHE JC 96 -77.10 -12.18 -23.70
N ILE JC 97 -76.50 -12.93 -24.62
CA ILE JC 97 -75.21 -12.61 -25.19
C ILE JC 97 -75.49 -12.00 -26.55
N LEU JC 98 -75.40 -10.68 -26.65
CA LEU JC 98 -75.71 -10.05 -27.93
C LEU JC 98 -74.43 -9.53 -28.55
N PRO JC 99 -74.22 -9.69 -29.86
CA PRO JC 99 -73.05 -9.05 -30.48
C PRO JC 99 -73.27 -7.58 -30.82
N ALA JC 100 -72.21 -6.79 -30.66
CA ALA JC 100 -72.28 -5.36 -30.97
C ALA JC 100 -72.46 -5.09 -32.44
N GLN JC 101 -72.33 -6.09 -33.29
CA GLN JC 101 -72.38 -5.94 -34.74
C GLN JC 101 -73.73 -6.31 -35.34
N SER JC 102 -74.69 -6.69 -34.50
CA SER JC 102 -76.00 -7.14 -34.98
C SER JC 102 -76.92 -5.96 -35.22
N ALA JC 103 -78.06 -6.25 -35.86
CA ALA JC 103 -79.12 -5.28 -36.06
C ALA JC 103 -80.25 -5.54 -35.07
N ALA JC 104 -80.92 -4.45 -34.67
CA ALA JC 104 -81.95 -4.54 -33.64
C ALA JC 104 -83.07 -5.49 -34.02
N THR JC 105 -83.29 -5.73 -35.31
CA THR JC 105 -84.28 -6.70 -35.76
C THR JC 105 -84.00 -8.08 -35.13
N VAL JC 106 -82.72 -8.47 -35.17
CA VAL JC 106 -82.33 -9.77 -34.66
C VAL JC 106 -82.61 -9.88 -33.18
N ARG JC 107 -82.25 -8.85 -32.41
CA ARG JC 107 -82.51 -8.91 -30.97
C ARG JC 107 -84.00 -8.90 -30.68
N GLU JC 108 -84.78 -8.15 -31.46
CA GLU JC 108 -86.22 -8.13 -31.25
C GLU JC 108 -86.82 -9.52 -31.44
N ASP JC 109 -86.49 -10.20 -32.54
CA ASP JC 109 -87.12 -11.52 -32.68
C ASP JC 109 -86.44 -12.59 -31.84
N LEU JC 110 -85.22 -12.37 -31.34
CA LEU JC 110 -84.69 -13.28 -30.33
C LEU JC 110 -85.51 -13.20 -29.05
N VAL JC 111 -85.79 -11.98 -28.58
CA VAL JC 111 -86.64 -11.82 -27.40
C VAL JC 111 -88.02 -12.41 -27.65
N ALA JC 112 -88.59 -12.15 -28.83
CA ALA JC 112 -89.91 -12.69 -29.14
C ALA JC 112 -89.91 -14.20 -29.14
N LEU JC 113 -88.85 -14.81 -29.69
CA LEU JC 113 -88.73 -16.27 -29.68
C LEU JC 113 -88.64 -16.80 -28.26
N LEU JC 114 -87.89 -16.13 -27.40
CA LEU JC 114 -87.79 -16.57 -26.02
C LEU JC 114 -89.14 -16.48 -25.31
N ALA JC 115 -89.86 -15.38 -25.51
CA ALA JC 115 -91.17 -15.24 -24.87
C ALA JC 115 -92.16 -16.27 -25.39
N SER JC 116 -92.15 -16.53 -26.69
CA SER JC 116 -93.04 -17.54 -27.24
C SER JC 116 -92.66 -18.94 -26.80
N ALA JC 117 -91.36 -19.19 -26.57
CA ALA JC 117 -90.95 -20.48 -26.02
C ALA JC 117 -91.46 -20.64 -24.60
N LEU JC 118 -91.39 -19.57 -23.80
CA LEU JC 118 -91.97 -19.61 -22.46
C LEU JC 118 -93.49 -19.82 -22.52
N ALA JC 119 -94.14 -19.28 -23.55
CA ALA JC 119 -95.59 -19.42 -23.64
C ALA JC 119 -96.00 -20.80 -24.15
N ASP JC 120 -95.15 -21.46 -24.95
CA ASP JC 120 -95.50 -22.77 -25.48
C ASP JC 120 -95.70 -23.76 -24.33
N THR JC 121 -96.75 -24.58 -24.45
CA THR JC 121 -97.09 -25.49 -23.36
C THR JC 121 -96.07 -26.61 -23.20
N ALA JC 122 -95.54 -27.12 -24.33
CA ALA JC 122 -94.56 -28.19 -24.27
C ALA JC 122 -93.30 -27.73 -23.54
N ILE JC 123 -92.86 -26.50 -23.81
CA ILE JC 123 -91.70 -25.96 -23.12
C ILE JC 123 -92.05 -25.53 -21.70
N LYS JC 124 -93.28 -25.08 -21.49
CA LYS JC 124 -93.67 -24.61 -20.17
C LYS JC 124 -93.76 -25.76 -19.17
N SER JC 125 -94.10 -26.97 -19.65
CA SER JC 125 -94.10 -28.12 -18.75
C SER JC 125 -92.70 -28.43 -18.27
N THR JC 126 -91.69 -28.14 -19.09
CA THR JC 126 -90.29 -28.29 -18.70
C THR JC 126 -90.01 -27.53 -17.41
N ILE JC 127 -90.40 -26.26 -17.36
CA ILE JC 127 -90.09 -25.43 -16.20
C ILE JC 127 -91.05 -25.73 -15.06
N VAL JC 128 -92.35 -25.64 -15.34
CA VAL JC 128 -93.35 -25.69 -14.29
C VAL JC 128 -93.40 -27.09 -13.67
N ASN JC 129 -93.41 -28.13 -14.49
CA ASN JC 129 -93.69 -29.50 -14.08
C ASN JC 129 -92.45 -30.38 -14.02
N VAL JC 130 -91.29 -29.87 -14.44
CA VAL JC 130 -90.00 -30.55 -14.33
C VAL JC 130 -90.09 -31.92 -15.00
N GLU JC 131 -90.59 -31.92 -16.22
CA GLU JC 131 -90.59 -33.09 -17.08
C GLU JC 131 -89.51 -32.91 -18.13
N HIS JC 132 -88.69 -33.95 -18.31
CA HIS JC 132 -87.68 -34.00 -19.36
C HIS JC 132 -88.33 -34.23 -20.72
N PHE JC 133 -87.62 -33.82 -21.76
CA PHE JC 133 -87.97 -34.22 -23.12
C PHE JC 133 -87.51 -35.65 -23.37
N TYR JC 134 -88.33 -36.40 -24.10
CA TYR JC 134 -88.03 -37.81 -24.39
C TYR JC 134 -88.56 -38.26 -25.74
N PRO KC 1 -78.68 19.05 -13.98
CA PRO KC 1 -79.05 18.46 -15.28
C PRO KC 1 -79.43 17.01 -15.13
N ALA KC 2 -80.70 16.74 -14.85
CA ALA KC 2 -81.19 15.36 -14.80
C ALA KC 2 -80.99 14.69 -16.15
N LEU KC 3 -80.61 13.42 -16.10
CA LEU KC 3 -80.32 12.66 -17.30
C LEU KC 3 -81.54 12.63 -18.21
N LYS KC 4 -81.37 13.08 -19.44
CA LYS KC 4 -82.49 13.26 -20.36
C LYS KC 4 -81.95 13.35 -21.76
N PRO KC 5 -82.70 12.90 -22.76
CA PRO KC 5 -82.17 12.89 -24.13
C PRO KC 5 -81.94 14.30 -24.62
N ILE KC 6 -80.88 14.48 -25.39
CA ILE KC 6 -80.51 15.81 -25.85
C ILE KC 6 -80.37 15.78 -27.35
N THR KC 7 -80.71 16.89 -28.00
CA THR KC 7 -80.69 17.00 -29.46
C THR KC 7 -79.54 17.90 -29.89
N LEU KC 8 -78.77 17.43 -30.87
CA LEU KC 8 -77.61 18.15 -31.40
C LEU KC 8 -77.70 18.20 -32.92
N THR KC 9 -77.19 19.27 -33.50
CA THR KC 9 -77.25 19.47 -34.95
C THR KC 9 -75.98 18.96 -35.61
N ASP KC 10 -76.13 18.19 -36.69
CA ASP KC 10 -74.97 17.67 -37.42
C ASP KC 10 -74.48 18.73 -38.42
N HIS KC 11 -73.64 18.32 -39.36
CA HIS KC 11 -73.09 19.28 -40.31
C HIS KC 11 -74.16 19.86 -41.22
N SER KC 12 -75.18 19.07 -41.55
CA SER KC 12 -76.27 19.52 -42.38
C SER KC 12 -77.34 20.29 -41.60
N SER KC 13 -77.06 20.60 -40.33
CA SER KC 13 -77.99 21.22 -39.38
C SER KC 13 -79.19 20.34 -39.08
N ALA KC 14 -79.17 19.07 -39.50
CA ALA KC 14 -80.26 18.16 -39.18
C ALA KC 14 -80.18 17.74 -37.72
N ASP KC 15 -81.33 17.66 -37.06
CA ASP KC 15 -81.37 17.27 -35.67
C ASP KC 15 -80.94 15.82 -35.50
N VAL KC 16 -80.28 15.54 -34.38
CA VAL KC 16 -79.72 14.24 -34.06
C VAL KC 16 -79.97 14.02 -32.56
N ILE KC 17 -80.80 13.05 -32.23
CA ILE KC 17 -81.32 12.89 -30.87
C ILE KC 17 -80.52 11.79 -30.18
N PHE KC 18 -79.73 12.17 -29.17
CA PHE KC 18 -79.01 11.23 -28.34
C PHE KC 18 -79.86 10.89 -27.12
N THR KC 19 -80.22 9.60 -26.98
CA THR KC 19 -80.94 9.22 -25.78
C THR KC 19 -79.96 8.78 -24.70
N PRO KC 20 -80.29 8.98 -23.43
CA PRO KC 20 -79.37 8.55 -22.37
C PRO KC 20 -79.21 7.04 -22.38
N THR KC 21 -77.95 6.60 -22.24
CA THR KC 21 -77.63 5.18 -22.22
C THR KC 21 -77.26 4.70 -20.82
N GLN KC 22 -76.27 5.34 -20.19
CA GLN KC 22 -75.73 4.73 -18.98
C GLN KC 22 -75.14 5.78 -18.06
N ILE KC 23 -75.31 5.59 -16.75
CA ILE KC 23 -74.54 6.32 -15.75
C ILE KC 23 -73.50 5.35 -15.21
N ASP KC 24 -72.23 5.75 -15.29
CA ASP KC 24 -71.12 4.83 -15.11
C ASP KC 24 -70.94 4.49 -13.63
N LYS KC 25 -69.92 3.66 -13.36
CA LYS KC 25 -69.50 3.43 -11.98
C LYS KC 25 -68.76 4.63 -11.43
N ASN KC 26 -67.97 5.30 -12.28
CA ASN KC 26 -67.20 6.47 -11.87
C ASN KC 26 -67.98 7.77 -11.96
N GLY KC 27 -69.12 7.77 -12.64
CA GLY KC 27 -69.90 8.98 -12.82
C GLY KC 27 -70.05 9.40 -14.27
N VAL KC 28 -69.52 8.63 -15.22
CA VAL KC 28 -69.60 9.00 -16.63
C VAL KC 28 -71.04 8.81 -17.12
N ALA KC 29 -71.54 9.79 -17.85
CA ALA KC 29 -72.86 9.74 -18.45
C ALA KC 29 -72.70 9.50 -19.93
N TYR KC 30 -73.34 8.44 -20.44
CA TYR KC 30 -73.23 8.01 -21.82
C TYR KC 30 -74.58 8.20 -22.50
N PHE KC 31 -74.59 9.00 -23.56
CA PHE KC 31 -75.72 9.15 -24.47
C PHE KC 31 -75.39 8.50 -25.81
N ARG KC 32 -76.37 7.83 -26.40
CA ARG KC 32 -76.20 7.06 -27.63
C ARG KC 32 -77.23 7.49 -28.64
N HIS KC 33 -76.81 7.58 -29.90
CA HIS KC 33 -77.69 7.82 -31.03
C HIS KC 33 -77.50 6.65 -31.99
N LEU KC 34 -78.46 5.73 -31.99
CA LEU KC 34 -78.37 4.56 -32.85
C LEU KC 34 -78.61 4.94 -34.31
N GLN KC 35 -78.20 4.05 -35.21
CA GLN KC 35 -78.39 4.28 -36.63
C GLN KC 35 -79.79 3.85 -37.03
N ALA KC 36 -80.06 3.88 -38.33
CA ALA KC 36 -81.37 3.46 -38.83
C ALA KC 36 -81.64 2.01 -38.46
N ASN KC 37 -80.67 1.13 -38.72
CA ASN KC 37 -80.82 -0.30 -38.48
C ASN KC 37 -80.63 -0.69 -37.01
N GLY KC 38 -80.34 0.26 -36.14
CA GLY KC 38 -80.09 -0.05 -34.74
C GLY KC 38 -78.85 -0.88 -34.51
N LYS KC 39 -77.77 -0.60 -35.23
CA LYS KC 39 -76.52 -1.31 -35.04
C LYS KC 39 -75.68 -0.62 -33.98
N PRO KC 40 -75.37 -1.27 -32.85
CA PRO KC 40 -74.58 -0.61 -31.81
C PRO KC 40 -73.24 -0.10 -32.32
N ILE KC 41 -72.54 -0.91 -33.10
CA ILE KC 41 -71.24 -0.52 -33.64
C ILE KC 41 -71.32 0.78 -34.44
N GLY KC 42 -72.51 1.13 -34.94
CA GLY KC 42 -72.67 2.34 -35.70
C GLY KC 42 -73.18 3.55 -34.94
N ALA KC 43 -73.46 3.41 -33.65
CA ALA KC 43 -74.12 4.48 -32.92
C ALA KC 43 -73.13 5.58 -32.52
N TYR KC 44 -73.58 6.83 -32.64
CA TYR KC 44 -72.83 7.94 -32.08
C TYR KC 44 -72.92 7.93 -30.56
N THR KC 45 -71.88 8.42 -29.90
CA THR KC 45 -71.88 8.46 -28.44
C THR KC 45 -71.39 9.81 -27.95
N VAL KC 46 -71.91 10.22 -26.80
CA VAL KC 46 -71.49 11.44 -26.12
C VAL KC 46 -71.34 11.13 -24.63
N SER KC 47 -70.15 11.37 -24.09
CA SER KC 47 -69.84 11.10 -22.70
C SER KC 47 -69.61 12.41 -21.95
N SER KC 48 -70.13 12.47 -20.74
CA SER KC 48 -69.93 13.65 -19.89
C SER KC 48 -69.65 13.20 -18.46
N HIS KC 49 -68.50 13.60 -17.94
CA HIS KC 49 -68.13 13.23 -16.58
C HIS KC 49 -67.43 14.40 -15.92
N VAL KC 50 -67.81 14.74 -14.70
CA VAL KC 50 -67.16 15.81 -13.95
C VAL KC 50 -66.53 15.23 -12.70
N LYS KC 51 -65.26 15.60 -12.46
CA LYS KC 51 -64.47 15.13 -11.34
C LYS KC 51 -64.25 16.32 -10.40
N GLU KC 52 -64.82 16.22 -9.21
CA GLU KC 52 -64.71 17.23 -8.18
C GLU KC 52 -63.30 17.20 -7.58
N PRO KC 53 -62.86 18.31 -6.96
CA PRO KC 53 -61.55 18.31 -6.30
C PRO KC 53 -61.60 17.62 -4.95
N GLY KC 54 -60.45 17.08 -4.56
CA GLY KC 54 -60.30 16.44 -3.27
C GLY KC 54 -58.94 16.72 -2.68
N THR KC 55 -58.86 16.54 -1.37
CA THR KC 55 -57.64 16.84 -0.61
C THR KC 55 -57.16 18.25 -0.93
N ASN KC 56 -58.08 19.20 -0.75
CA ASN KC 56 -57.80 20.63 -0.95
C ASN KC 56 -57.18 20.89 -2.31
N GLY KC 57 -57.75 20.28 -3.34
CA GLY KC 57 -57.35 20.56 -4.71
C GLY KC 57 -58.13 21.75 -5.25
N ASP KC 58 -57.43 22.62 -5.98
CA ASP KC 58 -58.08 23.81 -6.50
C ASP KC 58 -58.91 23.54 -7.74
N VAL KC 59 -58.70 22.39 -8.40
CA VAL KC 59 -59.13 22.19 -9.78
C VAL KC 59 -60.37 21.32 -9.86
N PHE KC 60 -61.18 21.58 -10.88
CA PHE KC 60 -62.29 20.74 -11.31
C PHE KC 60 -61.95 20.20 -12.69
N ARG KC 61 -62.21 18.91 -12.92
CA ARG KC 61 -61.89 18.31 -14.23
C ARG KC 61 -63.17 17.82 -14.88
N VAL KC 62 -63.66 18.56 -15.87
CA VAL KC 62 -64.93 18.26 -16.52
C VAL KC 62 -64.65 17.82 -17.95
N LYS KC 63 -65.14 16.65 -18.33
CA LYS KC 63 -64.77 16.00 -19.58
C LYS KC 63 -66.00 15.76 -20.43
N LEU KC 64 -65.85 16.03 -21.73
CA LEU KC 64 -66.89 15.84 -22.73
C LEU KC 64 -66.29 15.11 -23.94
N PHE KC 65 -66.88 13.97 -24.29
CA PHE KC 65 -66.43 13.15 -25.40
C PHE KC 65 -67.54 13.03 -26.43
N VAL KC 66 -67.19 13.16 -27.70
CA VAL KC 66 -68.13 12.99 -28.82
C VAL KC 66 -67.49 12.03 -29.80
N ASN KC 67 -68.02 10.81 -29.89
CA ASN KC 67 -67.47 9.76 -30.72
C ASN KC 67 -68.42 9.50 -31.87
N VAL KC 68 -67.90 9.61 -33.10
CA VAL KC 68 -68.63 9.38 -34.34
C VAL KC 68 -68.01 8.17 -35.05
N PRO KC 69 -68.66 7.02 -35.07
CA PRO KC 69 -68.10 5.90 -35.83
C PRO KC 69 -68.62 5.89 -37.25
N GLU KC 70 -67.79 5.37 -38.15
CA GLU KC 70 -68.23 5.00 -39.48
C GLU KC 70 -67.99 3.51 -39.65
N VAL KC 71 -69.03 2.81 -40.11
CA VAL KC 71 -69.03 1.37 -40.33
C VAL KC 71 -68.35 1.07 -41.65
N ALA KC 72 -67.51 0.03 -41.70
CA ALA KC 72 -66.91 -0.42 -42.96
C ALA KC 72 -67.53 -1.75 -43.33
N THR KC 73 -68.16 -1.81 -44.49
CA THR KC 73 -68.81 -3.02 -44.94
C THR KC 73 -67.88 -3.85 -45.83
N GLU KC 85 -68.91 -4.51 -41.01
CA GLU KC 85 -68.50 -5.49 -40.01
C GLU KC 85 -67.65 -4.86 -38.89
N ILE KC 86 -66.56 -4.20 -39.26
CA ILE KC 86 -65.73 -3.49 -38.30
C ILE KC 86 -65.80 -2.01 -38.67
N ALA KC 87 -65.69 -1.16 -37.67
CA ALA KC 87 -65.95 0.26 -37.84
C ALA KC 87 -64.83 1.06 -37.21
N ARG KC 88 -64.47 2.19 -37.82
CA ARG KC 88 -63.46 3.05 -37.23
C ARG KC 88 -64.10 4.34 -36.76
N THR KC 89 -63.59 4.87 -35.66
CA THR KC 89 -64.28 5.93 -34.93
C THR KC 89 -63.43 7.19 -34.95
N ASN KC 90 -64.00 8.27 -35.50
CA ASN KC 90 -63.48 9.61 -35.24
C ASN KC 90 -63.91 10.04 -33.83
N ARG KC 91 -63.01 10.67 -33.09
CA ARG KC 91 -63.34 11.08 -31.73
C ARG KC 91 -62.96 12.52 -31.49
N ALA KC 92 -63.74 13.19 -30.65
CA ALA KC 92 -63.39 14.48 -30.07
C ALA KC 92 -63.41 14.32 -28.56
N GLN KC 93 -62.34 14.76 -27.90
CA GLN KC 93 -62.18 14.57 -26.47
C GLN KC 93 -61.78 15.90 -25.84
N VAL KC 94 -62.65 16.47 -25.02
CA VAL KC 94 -62.43 17.77 -24.41
C VAL KC 94 -62.34 17.61 -22.91
N GLU KC 95 -61.31 18.22 -22.32
CA GLU KC 95 -61.15 18.28 -20.87
C GLU KC 95 -61.00 19.75 -20.49
N PHE KC 96 -61.94 20.25 -19.69
CA PHE KC 96 -61.84 21.58 -19.10
C PHE KC 96 -61.29 21.44 -17.69
N ILE KC 97 -60.30 22.27 -17.38
CA ILE KC 97 -59.70 22.37 -16.06
C ILE KC 97 -60.12 23.71 -15.48
N LEU KC 98 -60.95 23.68 -14.44
CA LEU KC 98 -61.60 24.89 -13.93
C LEU KC 98 -61.28 25.06 -12.45
N PRO KC 99 -60.55 26.09 -12.03
CA PRO KC 99 -60.33 26.31 -10.60
C PRO KC 99 -61.63 26.64 -9.88
N ALA KC 100 -61.64 26.34 -8.57
CA ALA KC 100 -62.84 26.49 -7.77
C ALA KC 100 -63.14 27.93 -7.40
N GLN KC 101 -62.13 28.81 -7.36
CA GLN KC 101 -62.39 30.21 -7.01
C GLN KC 101 -62.86 31.03 -8.20
N SER KC 102 -62.68 30.56 -9.43
CA SER KC 102 -63.10 31.34 -10.58
C SER KC 102 -64.60 31.54 -10.57
N ALA KC 103 -65.03 32.81 -10.65
CA ALA KC 103 -66.45 33.09 -10.80
C ALA KC 103 -66.95 32.53 -12.13
N ALA KC 104 -68.24 32.19 -12.16
CA ALA KC 104 -68.80 31.56 -13.35
C ALA KC 104 -68.65 32.39 -14.61
N THR KC 105 -68.42 33.71 -14.48
CA THR KC 105 -68.17 34.56 -15.65
C THR KC 105 -67.06 33.99 -16.50
N VAL KC 106 -65.97 33.58 -15.85
CA VAL KC 106 -64.78 33.12 -16.57
C VAL KC 106 -65.11 31.85 -17.33
N ARG KC 107 -65.78 30.90 -16.67
CA ARG KC 107 -66.06 29.64 -17.33
C ARG KC 107 -67.02 29.85 -18.48
N GLU KC 108 -67.99 30.76 -18.31
CA GLU KC 108 -68.92 31.06 -19.40
C GLU KC 108 -68.17 31.56 -20.63
N ASP KC 109 -67.33 32.59 -20.49
CA ASP KC 109 -66.65 33.09 -21.70
C ASP KC 109 -65.53 32.17 -22.15
N LEU KC 110 -65.03 31.27 -21.30
CA LEU KC 110 -64.09 30.27 -21.79
C LEU KC 110 -64.77 29.32 -22.75
N VAL KC 111 -65.93 28.80 -22.35
CA VAL KC 111 -66.72 27.97 -23.26
C VAL KC 111 -67.05 28.74 -24.53
N ALA KC 112 -67.45 30.00 -24.40
CA ALA KC 112 -67.81 30.78 -25.58
C ALA KC 112 -66.60 30.91 -26.51
N LEU KC 113 -65.41 31.11 -25.94
CA LEU KC 113 -64.17 31.16 -26.70
C LEU KC 113 -63.94 29.86 -27.46
N LEU KC 114 -64.12 28.73 -26.79
CA LEU KC 114 -63.87 27.45 -27.44
C LEU KC 114 -64.84 27.24 -28.60
N ALA KC 115 -66.11 27.57 -28.39
CA ALA KC 115 -67.10 27.38 -29.44
C ALA KC 115 -66.84 28.30 -30.62
N SER KC 116 -66.46 29.56 -30.35
CA SER KC 116 -66.12 30.47 -31.44
C SER KC 116 -64.86 30.05 -32.17
N ALA KC 117 -63.92 29.42 -31.47
CA ALA KC 117 -62.74 28.90 -32.14
C ALA KC 117 -63.09 27.73 -33.05
N LEU KC 118 -64.00 26.87 -32.61
CA LEU KC 118 -64.51 25.81 -33.48
C LEU KC 118 -65.25 26.37 -34.68
N ALA KC 119 -65.93 27.52 -34.51
CA ALA KC 119 -66.68 28.10 -35.62
C ALA KC 119 -65.78 28.87 -36.58
N ASP KC 120 -64.65 29.40 -36.12
CA ASP KC 120 -63.76 30.16 -36.99
C ASP KC 120 -63.26 29.27 -38.12
N THR KC 121 -63.24 29.84 -39.33
CA THR KC 121 -62.92 29.04 -40.51
C THR KC 121 -61.47 28.58 -40.49
N ALA KC 122 -60.55 29.43 -40.06
CA ALA KC 122 -59.13 29.08 -40.05
C ALA KC 122 -58.87 27.91 -39.10
N ILE KC 123 -59.41 28.00 -37.89
CA ILE KC 123 -59.24 26.94 -36.90
C ILE KC 123 -59.98 25.68 -37.32
N LYS KC 124 -61.18 25.84 -37.89
CA LYS KC 124 -61.96 24.69 -38.31
C LYS KC 124 -61.27 23.92 -39.42
N SER KC 125 -60.53 24.62 -40.28
CA SER KC 125 -59.75 23.95 -41.32
C SER KC 125 -58.77 22.97 -40.70
N THR KC 126 -58.16 23.35 -39.57
CA THR KC 126 -57.22 22.50 -38.86
C THR KC 126 -57.80 21.12 -38.60
N ILE KC 127 -59.06 21.06 -38.16
CA ILE KC 127 -59.67 19.78 -37.83
C ILE KC 127 -60.20 19.09 -39.07
N VAL KC 128 -60.99 19.83 -39.86
CA VAL KC 128 -61.74 19.21 -40.94
C VAL KC 128 -60.80 18.69 -42.02
N ASN KC 129 -59.83 19.52 -42.42
CA ASN KC 129 -58.93 19.21 -43.54
C ASN KC 129 -57.59 18.68 -43.09
N VAL KC 130 -57.43 18.42 -41.78
CA VAL KC 130 -56.18 17.99 -41.15
C VAL KC 130 -54.99 18.69 -41.78
N GLU KC 131 -55.02 20.03 -41.76
CA GLU KC 131 -53.92 20.87 -42.23
C GLU KC 131 -53.20 21.48 -41.02
N HIS KC 132 -51.86 21.50 -41.07
CA HIS KC 132 -51.06 22.21 -40.08
C HIS KC 132 -51.16 23.72 -40.26
N PHE KC 133 -50.93 24.46 -39.17
CA PHE KC 133 -50.74 25.89 -39.31
C PHE KC 133 -49.36 26.17 -39.88
N TYR KC 134 -49.30 27.11 -40.84
CA TYR KC 134 -48.04 27.45 -41.50
C TYR KC 134 -47.88 28.93 -41.83
N PRO LC 1 -87.45 6.61 -3.92
CA PRO LC 1 -87.16 8.04 -4.02
C PRO LC 1 -86.26 8.32 -5.20
N ALA LC 2 -86.86 8.69 -6.33
CA ALA LC 2 -86.07 9.12 -7.47
C ALA LC 2 -85.33 10.41 -7.13
N LEU LC 3 -84.16 10.58 -7.74
CA LEU LC 3 -83.35 11.75 -7.48
C LEU LC 3 -84.03 12.99 -8.07
N LYS LC 4 -84.26 14.00 -7.24
CA LYS LC 4 -85.05 15.18 -7.57
C LYS LC 4 -84.55 16.32 -6.71
N PRO LC 5 -84.51 17.54 -7.23
CA PRO LC 5 -84.23 18.70 -6.36
C PRO LC 5 -85.28 18.78 -5.26
N ILE LC 6 -84.82 18.87 -4.04
CA ILE LC 6 -85.72 18.89 -2.90
C ILE LC 6 -85.62 20.25 -2.23
N THR LC 7 -86.77 20.80 -1.86
CA THR LC 7 -86.85 22.11 -1.24
C THR LC 7 -87.01 21.93 0.26
N LEU LC 8 -86.15 22.61 1.03
CA LEU LC 8 -86.18 22.55 2.49
C LEU LC 8 -86.35 23.96 3.03
N THR LC 9 -87.05 24.08 4.14
CA THR LC 9 -87.35 25.39 4.73
C THR LC 9 -86.32 25.72 5.81
N ASP LC 10 -85.82 26.95 5.80
CA ASP LC 10 -84.79 27.37 6.75
C ASP LC 10 -85.45 27.93 8.01
N HIS LC 11 -84.70 28.70 8.79
CA HIS LC 11 -85.25 29.21 10.04
C HIS LC 11 -86.35 30.23 9.79
N SER LC 12 -86.20 31.08 8.78
CA SER LC 12 -87.22 32.06 8.45
C SER LC 12 -88.40 31.48 7.67
N SER LC 13 -88.44 30.16 7.52
CA SER LC 13 -89.42 29.40 6.72
C SER LC 13 -89.26 29.64 5.23
N ALA LC 14 -88.27 30.42 4.80
CA ALA LC 14 -87.99 30.59 3.38
C ALA LC 14 -87.52 29.29 2.76
N ASP LC 15 -87.88 29.08 1.50
CA ASP LC 15 -87.48 27.86 0.81
C ASP LC 15 -86.00 27.92 0.43
N VAL LC 16 -85.39 26.73 0.36
CA VAL LC 16 -83.98 26.55 0.05
C VAL LC 16 -83.90 25.31 -0.82
N ILE LC 17 -83.57 25.48 -2.09
CA ILE LC 17 -83.64 24.40 -3.07
C ILE LC 17 -82.28 23.72 -3.14
N PHE LC 18 -82.26 22.42 -2.87
CA PHE LC 18 -81.06 21.60 -3.01
C PHE LC 18 -81.17 20.80 -4.30
N THR LC 19 -80.25 21.08 -5.23
CA THR LC 19 -80.20 20.35 -6.48
C THR LC 19 -79.33 19.10 -6.31
N PRO LC 20 -79.71 17.99 -6.93
CA PRO LC 20 -78.90 16.77 -6.82
C PRO LC 20 -77.55 16.97 -7.49
N THR LC 21 -76.49 16.60 -6.76
CA THR LC 21 -75.12 16.72 -7.25
C THR LC 21 -74.59 15.41 -7.82
N GLN LC 22 -74.65 14.32 -7.06
CA GLN LC 22 -73.86 13.15 -7.41
C GLN LC 22 -74.37 11.95 -6.62
N ILE LC 23 -74.24 10.78 -7.23
CA ILE LC 23 -74.49 9.51 -6.54
C ILE LC 23 -73.14 8.80 -6.39
N ASP LC 24 -72.74 8.58 -5.14
CA ASP LC 24 -71.39 8.15 -4.82
C ASP LC 24 -71.14 6.73 -5.30
N LYS LC 25 -69.86 6.32 -5.23
CA LYS LC 25 -69.52 4.92 -5.48
C LYS LC 25 -70.03 4.02 -4.36
N ASN LC 26 -70.22 4.56 -3.16
CA ASN LC 26 -70.69 3.79 -2.02
C ASN LC 26 -72.20 3.85 -1.86
N GLY LC 27 -72.89 4.59 -2.73
CA GLY LC 27 -74.32 4.74 -2.64
C GLY LC 27 -74.77 6.07 -2.06
N VAL LC 28 -73.82 6.93 -1.66
CA VAL LC 28 -74.18 8.20 -1.07
C VAL LC 28 -74.73 9.13 -2.15
N ALA LC 29 -75.86 9.76 -1.85
CA ALA LC 29 -76.48 10.73 -2.75
C ALA LC 29 -76.34 12.11 -2.14
N TYR LC 30 -75.85 13.06 -2.93
CA TYR LC 30 -75.54 14.40 -2.46
C TYR LC 30 -76.46 15.43 -3.11
N PHE LC 31 -77.06 16.30 -2.29
CA PHE LC 31 -77.81 17.44 -2.75
C PHE LC 31 -77.12 18.70 -2.25
N ARG LC 32 -76.93 19.67 -3.14
CA ARG LC 32 -76.19 20.87 -2.78
C ARG LC 32 -77.01 22.13 -3.05
N HIS LC 33 -76.71 23.15 -2.26
CA HIS LC 33 -77.21 24.51 -2.45
C HIS LC 33 -76.02 25.45 -2.30
N LEU LC 34 -75.72 26.21 -3.35
CA LEU LC 34 -74.52 27.02 -3.38
C LEU LC 34 -74.62 28.20 -2.43
N GLN LC 35 -73.46 28.77 -2.10
CA GLN LC 35 -73.39 29.88 -1.17
C GLN LC 35 -73.89 31.16 -1.83
N ALA LC 36 -73.83 32.26 -1.08
CA ALA LC 36 -74.22 33.57 -1.62
C ALA LC 36 -73.43 33.90 -2.87
N ASN LC 37 -72.10 33.82 -2.80
CA ASN LC 37 -71.27 33.98 -3.97
C ASN LC 37 -71.44 32.79 -4.92
N GLY LC 38 -71.36 33.07 -6.22
CA GLY LC 38 -71.49 32.01 -7.20
C GLY LC 38 -70.40 30.98 -7.17
N LYS LC 39 -69.40 31.17 -6.32
CA LYS LC 39 -68.24 30.30 -6.28
C LYS LC 39 -68.57 29.01 -5.54
N PRO LC 40 -68.45 27.84 -6.17
CA PRO LC 40 -68.83 26.55 -5.54
C PRO LC 40 -67.66 25.95 -4.77
N ILE LC 41 -67.29 26.58 -3.66
CA ILE LC 41 -66.23 26.08 -2.80
C ILE LC 41 -66.80 25.48 -1.53
N GLY LC 42 -67.53 26.27 -0.75
CA GLY LC 42 -68.29 25.77 0.36
C GLY LC 42 -69.76 25.87 0.00
N ALA LC 43 -70.51 24.81 0.29
CA ALA LC 43 -71.89 24.76 -0.16
C ALA LC 43 -72.68 23.94 0.83
N TYR LC 44 -73.94 24.33 1.03
CA TYR LC 44 -74.82 23.57 1.90
C TYR LC 44 -75.10 22.22 1.28
N THR LC 45 -74.97 21.15 2.06
CA THR LC 45 -75.09 19.81 1.50
C THR LC 45 -76.02 18.94 2.34
N VAL LC 46 -76.64 17.98 1.66
CA VAL LC 46 -77.48 16.97 2.28
C VAL LC 46 -77.10 15.62 1.67
N SER LC 47 -76.59 14.73 2.51
CA SER LC 47 -76.15 13.40 2.09
C SER LC 47 -77.15 12.37 2.57
N SER LC 48 -77.49 11.42 1.70
CA SER LC 48 -78.37 10.33 2.07
C SER LC 48 -77.77 9.01 1.60
N HIS LC 49 -77.65 8.05 2.52
CA HIS LC 49 -77.10 6.75 2.15
C HIS LC 49 -77.76 5.66 3.00
N VAL LC 50 -78.29 4.65 2.35
CA VAL LC 50 -78.85 3.50 3.05
C VAL LC 50 -77.94 2.30 2.82
N LYS LC 51 -77.67 1.56 3.89
CA LYS LC 51 -76.81 0.40 3.87
C LYS LC 51 -77.65 -0.82 4.18
N GLU LC 52 -77.76 -1.70 3.18
CA GLU LC 52 -78.47 -2.97 3.31
C GLU LC 52 -77.78 -3.83 4.37
N PRO LC 53 -78.45 -4.88 4.86
CA PRO LC 53 -77.83 -5.74 5.86
C PRO LC 53 -77.02 -6.88 5.25
N GLY LC 54 -75.94 -7.24 5.91
CA GLY LC 54 -75.06 -8.30 5.44
C GLY LC 54 -75.28 -9.58 6.24
N THR LC 55 -75.47 -10.69 5.50
CA THR LC 55 -75.72 -12.00 6.11
C THR LC 55 -76.97 -11.94 6.99
N ASN LC 56 -77.99 -11.26 6.49
CA ASN LC 56 -79.29 -11.13 7.16
C ASN LC 56 -79.13 -10.61 8.60
N GLY LC 57 -78.08 -9.84 8.84
CA GLY LC 57 -78.01 -9.07 10.07
C GLY LC 57 -79.21 -8.14 10.15
N ASP LC 58 -79.87 -8.15 11.30
CA ASP LC 58 -81.17 -7.47 11.41
C ASP LC 58 -81.13 -6.00 10.99
N VAL LC 59 -79.97 -5.37 11.01
CA VAL LC 59 -79.87 -3.91 10.93
C VAL LC 59 -79.83 -3.43 9.49
N PHE LC 60 -80.61 -2.37 9.23
CA PHE LC 60 -80.46 -1.49 8.08
C PHE LC 60 -79.88 -0.19 8.61
N ARG LC 61 -78.85 0.33 7.96
CA ARG LC 61 -78.19 1.55 8.44
C ARG LC 61 -78.45 2.69 7.47
N VAL LC 62 -79.40 3.55 7.80
CA VAL LC 62 -79.85 4.61 6.90
C VAL LC 62 -79.41 5.94 7.49
N LYS LC 63 -78.64 6.72 6.72
CA LYS LC 63 -77.95 7.88 7.24
C LYS LC 63 -78.32 9.12 6.46
N LEU LC 64 -78.48 10.22 7.18
CA LEU LC 64 -78.85 11.52 6.66
C LEU LC 64 -77.93 12.57 7.26
N PHE LC 65 -77.23 13.33 6.41
CA PHE LC 65 -76.30 14.35 6.83
C PHE LC 65 -76.73 15.70 6.28
N VAL LC 66 -76.65 16.74 7.10
CA VAL LC 66 -76.95 18.11 6.70
C VAL LC 66 -75.80 18.98 7.14
N ASN LC 67 -75.01 19.45 6.19
CA ASN LC 67 -73.81 20.23 6.45
C ASN LC 67 -74.04 21.67 6.01
N VAL LC 68 -73.88 22.59 6.94
CA VAL LC 68 -74.05 24.02 6.72
C VAL LC 68 -72.69 24.69 6.90
N PRO LC 69 -71.97 24.97 5.82
CA PRO LC 69 -70.69 25.69 5.95
C PRO LC 69 -70.85 27.19 5.95
N GLU LC 70 -70.07 27.85 6.81
CA GLU LC 70 -69.89 29.29 6.81
C GLU LC 70 -68.55 29.60 6.14
N VAL LC 71 -68.60 30.44 5.11
CA VAL LC 71 -67.48 30.71 4.22
C VAL LC 71 -66.96 32.13 4.49
N ALA LC 72 -65.70 32.36 4.12
CA ALA LC 72 -65.06 33.65 4.27
C ALA LC 72 -64.33 34.01 2.99
N THR LC 73 -64.56 35.23 2.50
CA THR LC 73 -63.87 35.73 1.32
C THR LC 73 -62.66 36.54 1.78
N ILE LC 74 -61.47 35.99 1.59
CA ILE LC 74 -60.22 36.60 2.05
C ILE LC 74 -59.48 37.13 0.83
N THR LC 75 -59.15 38.41 0.86
CA THR LC 75 -58.30 38.99 -0.17
C THR LC 75 -56.99 39.44 0.48
N PRO LC 76 -55.84 38.90 0.05
CA PRO LC 76 -54.57 39.21 0.74
C PRO LC 76 -54.16 40.67 0.58
N ASN LC 77 -53.07 41.04 1.23
CA ASN LC 77 -52.65 42.44 1.26
C ASN LC 77 -52.07 42.86 -0.09
N GLY LC 78 -52.57 43.97 -0.62
CA GLY LC 78 -52.06 44.53 -1.86
C GLY LC 78 -52.25 43.63 -3.07
N SER LC 79 -53.29 42.81 -3.08
CA SER LC 79 -53.53 41.86 -4.15
C SER LC 79 -54.83 42.19 -4.86
N ASP LC 80 -54.81 42.08 -6.20
CA ASP LC 80 -55.99 42.40 -6.99
C ASP LC 80 -57.15 41.46 -6.68
N THR LC 81 -56.86 40.17 -6.55
CA THR LC 81 -57.88 39.14 -6.57
C THR LC 81 -58.10 38.55 -5.17
N SER LC 82 -59.36 38.27 -4.86
CA SER LC 82 -59.76 37.63 -3.62
C SER LC 82 -60.02 36.15 -3.85
N SER LC 83 -59.74 35.35 -2.83
CA SER LC 83 -60.05 33.93 -2.88
C SER LC 83 -60.96 33.59 -1.70
N VAL LC 84 -61.73 32.54 -1.87
CA VAL LC 84 -62.71 32.13 -0.89
C VAL LC 84 -62.18 30.93 -0.11
N GLU LC 85 -62.64 30.79 1.14
CA GLU LC 85 -62.09 29.81 2.07
C GLU LC 85 -63.19 29.33 3.00
N ILE LC 86 -63.12 28.05 3.38
CA ILE LC 86 -64.13 27.48 4.25
C ILE LC 86 -63.79 27.85 5.69
N ALA LC 87 -64.57 28.75 6.28
CA ALA LC 87 -64.27 29.25 7.62
C ALA LC 87 -64.60 28.21 8.68
N ARG LC 88 -65.84 27.74 8.72
CA ARG LC 88 -66.19 26.67 9.64
C ARG LC 88 -67.46 26.00 9.12
N THR LC 89 -67.87 24.93 9.79
CA THR LC 89 -69.04 24.19 9.34
C THR LC 89 -69.85 23.73 10.56
N ASN LC 90 -71.16 23.97 10.52
CA ASN LC 90 -72.09 23.31 11.41
C ASN LC 90 -72.61 22.05 10.74
N ARG LC 91 -72.74 20.97 11.50
CA ARG LC 91 -73.17 19.72 10.91
C ARG LC 91 -74.24 19.06 11.77
N ALA LC 92 -75.16 18.38 11.11
CA ALA LC 92 -76.11 17.49 11.75
C ALA LC 92 -75.97 16.13 11.08
N GLN LC 93 -75.79 15.09 11.88
CA GLN LC 93 -75.54 13.75 11.37
C GLN LC 93 -76.50 12.78 12.03
N VAL LC 94 -77.34 12.11 11.24
CA VAL LC 94 -78.39 11.24 11.74
C VAL LC 94 -78.17 9.85 11.19
N GLU LC 95 -78.18 8.85 12.07
CA GLU LC 95 -78.13 7.46 11.69
C GLU LC 95 -79.33 6.75 12.30
N PHE LC 96 -80.19 6.19 11.45
CA PHE LC 96 -81.26 5.31 11.90
C PHE LC 96 -80.79 3.87 11.73
N ILE LC 97 -80.92 3.10 12.80
CA ILE LC 97 -80.71 1.67 12.80
C ILE LC 97 -82.07 1.01 12.83
N LEU LC 98 -82.43 0.33 11.74
CA LEU LC 98 -83.78 -0.20 11.58
C LEU LC 98 -83.73 -1.70 11.43
N PRO LC 99 -84.28 -2.48 12.36
CA PRO LC 99 -84.27 -3.94 12.19
C PRO LC 99 -85.08 -4.38 10.98
N ALA LC 100 -84.58 -5.42 10.32
CA ALA LC 100 -85.16 -5.89 9.06
C ALA LC 100 -86.49 -6.60 9.24
N GLN LC 101 -87.01 -6.69 10.46
CA GLN LC 101 -88.27 -7.38 10.70
C GLN LC 101 -89.37 -6.48 11.24
N SER LC 102 -89.06 -5.26 11.66
CA SER LC 102 -90.13 -4.34 12.04
C SER LC 102 -90.83 -3.83 10.77
N ALA LC 103 -92.16 -3.73 10.85
CA ALA LC 103 -92.93 -3.24 9.72
C ALA LC 103 -92.81 -1.72 9.62
N ALA LC 104 -93.29 -1.18 8.50
CA ALA LC 104 -93.11 0.24 8.22
C ALA LC 104 -93.74 1.15 9.27
N THR LC 105 -94.74 0.65 10.00
CA THR LC 105 -95.40 1.47 11.03
C THR LC 105 -94.40 1.96 12.06
N VAL LC 106 -93.52 1.06 12.50
CA VAL LC 106 -92.55 1.39 13.52
C VAL LC 106 -91.60 2.47 13.03
N ARG LC 107 -91.12 2.34 11.79
CA ARG LC 107 -90.20 3.34 11.27
C ARG LC 107 -90.91 4.68 11.08
N GLU LC 108 -92.18 4.65 10.66
CA GLU LC 108 -92.93 5.89 10.48
C GLU LC 108 -93.04 6.65 11.80
N ASP LC 109 -93.47 5.97 12.86
CA ASP LC 109 -93.62 6.73 14.11
C ASP LC 109 -92.28 7.01 14.79
N LEU LC 110 -91.22 6.29 14.45
CA LEU LC 110 -89.88 6.69 14.90
C LEU LC 110 -89.48 8.03 14.28
N VAL LC 111 -89.65 8.14 12.96
CA VAL LC 111 -89.35 9.41 12.28
C VAL LC 111 -90.20 10.53 12.86
N ALA LC 112 -91.50 10.26 13.10
CA ALA LC 112 -92.36 11.28 13.65
C ALA LC 112 -91.90 11.71 15.04
N LEU LC 113 -91.48 10.75 15.87
CA LEU LC 113 -90.95 11.07 17.18
C LEU LC 113 -89.72 11.95 17.07
N LEU LC 114 -88.82 11.63 16.15
CA LEU LC 114 -87.61 12.44 16.00
C LEU LC 114 -87.94 13.87 15.56
N ALA LC 115 -88.84 14.01 14.58
CA ALA LC 115 -89.19 15.34 14.11
C ALA LC 115 -89.89 16.15 15.20
N SER LC 116 -90.79 15.51 15.95
CA SER LC 116 -91.45 16.22 17.04
C SER LC 116 -90.48 16.57 18.16
N ALA LC 117 -89.45 15.74 18.37
CA ALA LC 117 -88.42 16.09 19.34
C ALA LC 117 -87.63 17.30 18.88
N LEU LC 118 -87.32 17.37 17.58
CA LEU LC 118 -86.66 18.56 17.04
C LEU LC 118 -87.54 19.79 17.15
N ALA LC 119 -88.86 19.61 17.07
CA ALA LC 119 -89.77 20.75 17.16
C ALA LC 119 -89.99 21.21 18.60
N ASP LC 120 -89.95 20.30 19.57
CA ASP LC 120 -90.17 20.68 20.96
C ASP LC 120 -89.18 21.76 21.38
N THR LC 121 -89.67 22.74 22.13
CA THR LC 121 -88.84 23.89 22.49
C THR LC 121 -87.74 23.50 23.46
N ALA LC 122 -88.05 22.64 24.43
CA ALA LC 122 -87.04 22.22 25.40
C ALA LC 122 -85.91 21.47 24.74
N ILE LC 123 -86.25 20.49 23.89
CA ILE LC 123 -85.23 19.75 23.15
C ILE LC 123 -84.52 20.67 22.16
N LYS LC 124 -85.23 21.65 21.63
CA LYS LC 124 -84.62 22.52 20.61
C LYS LC 124 -83.55 23.40 21.21
N SER LC 125 -83.82 24.00 22.37
CA SER LC 125 -82.82 24.85 23.03
C SER LC 125 -81.53 24.08 23.31
N THR LC 126 -81.64 22.77 23.54
CA THR LC 126 -80.45 21.93 23.67
C THR LC 126 -79.51 22.13 22.50
N ILE LC 127 -80.05 22.08 21.28
CA ILE LC 127 -79.22 22.21 20.09
C ILE LC 127 -78.89 23.67 19.83
N VAL LC 128 -79.93 24.49 19.72
CA VAL LC 128 -79.80 25.86 19.25
C VAL LC 128 -78.99 26.69 20.24
N ASN LC 129 -79.29 26.58 21.52
CA ASN LC 129 -78.77 27.47 22.55
C ASN LC 129 -77.61 26.87 23.32
N VAL LC 130 -77.26 25.61 23.06
CA VAL LC 130 -76.13 24.94 23.69
C VAL LC 130 -76.28 25.03 25.21
N GLU LC 131 -77.46 24.66 25.68
CA GLU LC 131 -77.79 24.56 27.09
C GLU LC 131 -77.93 23.09 27.43
N HIS LC 132 -77.40 22.71 28.60
CA HIS LC 132 -77.61 21.38 29.14
C HIS LC 132 -79.02 21.24 29.70
N PHE LC 133 -79.50 20.00 29.72
CA PHE LC 133 -80.72 19.69 30.47
C PHE LC 133 -80.43 19.66 31.95
N TYR LC 134 -81.37 20.17 32.74
CA TYR LC 134 -81.21 20.21 34.20
C TYR LC 134 -82.55 20.16 34.95
CA CA MC . 39.07 62.90 -36.37
CA CA NC . -14.37 77.74 29.34
CA CA OC . -45.91 32.27 -43.45
CA CA PC . 11.81 42.30 125.09
CA CA QC . 35.86 83.15 47.16
CA CA RC . -29.04 -4.00 -78.73
CA CA SC . -88.79 -41.08 -28.63
CA CA TC . 114.10 50.25 13.66
CA CA UC . 102.00 3.45 -64.24
CA CA VC . 45.91 -52.37 -98.38
CA CA WC . -12.09 65.97 -22.71
CA CA XC . 43.27 -136.31 -62.22
CA CA YC . -55.32 -49.47 -69.01
CA CA ZC . -63.89 -7.64 117.35
CA CA AD . -50.54 55.08 59.49
CA CA BD . -72.12 -126.24 0.51
CA CA CD . -37.23 37.60 108.07
CA CA DD . -85.12 20.66 38.27
CA CA ED . -96.84 -79.37 5.84
CA CA FD . -59.11 -143.67 49.31
CA CA GD . -92.96 -18.35 74.06
CA CA HD . -82.84 9.24 -12.46
CA CA ID . 68.97 74.91 6.13
CA CA JD . 19.93 -96.85 -89.56
CA CA KD . 55.96 29.15 -71.91
CA CA LD . 95.88 -46.82 -80.68
CA CA MD . 21.17 -5.37 -92.97
CA CA ND . 127.59 32.65 62.54
CA CA OD . 152.01 -14.18 57.21
CA CA PD . 35.20 2.77 152.00
#